data_6WJN
#
_entry.id   6WJN
#
_cell.length_a   1.00
_cell.length_b   1.00
_cell.length_c   1.00
_cell.angle_alpha   90.00
_cell.angle_beta   90.00
_cell.angle_gamma   90.00
#
_symmetry.space_group_name_H-M   'P 1'
#
loop_
_entity.id
_entity.type
_entity.pdbx_description
1 polymer '26S proteasome non-ATPase regulatory subunit 1'
2 polymer '26S proteasome non-ATPase regulatory subunit 3'
3 polymer '26S proteasome non-ATPase regulatory subunit 12'
4 polymer '26S proteasome non-ATPase regulatory subunit 11'
5 polymer '26S proteasome non-ATPase regulatory subunit 6'
6 polymer '26S proteasome non-ATPase regulatory subunit 7'
7 polymer '26S proteasome non-ATPase regulatory subunit 13'
8 polymer '26S proteasome non-ATPase regulatory subunit 4'
9 polymer '26S proteasome non-ATPase regulatory subunit 14'
10 polymer '26S proteasome non-ATPase regulatory subunit 8'
11 polymer '26S proteasome complex subunit SEM1'
12 polymer 'Proteasome subunit alpha type-6'
13 polymer 'Proteasome subunit alpha type-2'
14 polymer 'Proteasome subunit alpha type-4'
15 polymer 'Proteasome subunit alpha type-7'
16 polymer 'Proteasome subunit alpha type-5'
17 polymer 'Proteasome subunit alpha type-1'
18 polymer 'Proteasome subunit alpha type-3'
19 polymer 'Proteasome subunit beta type-6'
20 polymer 'Proteasome subunit beta type-7'
21 polymer 'Proteasome subunit beta type-3'
22 polymer 'Proteasome subunit beta type-2'
23 polymer 'Proteasome subunit beta type-5'
24 polymer 'Proteasome subunit beta type-1'
25 polymer 'Proteasome subunit beta type-4'
26 polymer '26S proteasome regulatory subunit 7'
27 polymer '26S proteasome regulatory subunit 4'
28 polymer '26S proteasome regulatory subunit 8'
29 polymer '26S proteasome regulatory subunit 6B'
30 polymer '26S proteasome regulatory subunit 10B'
31 polymer '26S proteasome regulatory subunit 6A'
32 polymer '26S proteasome non-ATPase regulatory subunit 2'
33 non-polymer 'ZINC ION'
34 non-polymer 'PHOSPHOTHIOPHOSPHORIC ACID-ADENYLATE ESTER'
#
loop_
_entity_poly.entity_id
_entity_poly.type
_entity_poly.pdbx_seq_one_letter_code
_entity_poly.pdbx_strand_id
1 'polypeptide(L)'
;GIISLLDEDEPQLKEFALHKLNAVVNDFWAEISESVDKIEVLYEDEGFRSRQFAALVASKVFYHLGAFEESLNYALGAGD
LFNVNDNSEYVETIIAKCIDHYTKQCVENADLPEGEKKPIDQRLEGIVNKMFQRCLDDHKYKQAIGIALETRRLDVFEKT
ILESNDVPGMLAYSLKLCMSLMQNKQFRNKVLRVLVKIYMNLEKPDFINVCQCLIFLDDPQAVSDILEKLVKEDNLLMAY
QICFDLYESASQQFLSSVIQNLRTVGTPIASVPGSTNTGTVPGSEKDSDSMETEEKTSSAFVGKTPEASPEPKDQTLKMI
KILSGEMAIELHLQFLIRNNNTDLMILKNTKDAVRNSVCHTATVIANSFMHCGTTSDQFLRDNLEWLARATNWAKFTATA
SLGVIHKGHEKEALQLMATYLPKDTSPGSAYQEGGGLYALGLIHANHGGDIIDYLLNQLKNASNDIVRHGGSLGLGLAAM
GTARQDVYDLLKTNLYQDDAVTGEAAGLALGLVMLGSKNAQAIEDMVGYAQETQHEKILRGLAVGIALVMYGRMEEADAL
IESLCRDKDPILRRSGMYTVAMAYCGSGNNKAIRRLLHVAVSDVNDDVRRAAVESLGFILFRTPEQCPSVVSLLSESYNP
HVRYGAAMALGICCAGTGNKEAINLLEPMTNDPVNYVRQGALIASALIMIQQTEITCPKVNQFRQLYSKVINDKHDDVMA
KFGAILAQGILDAGGHNVTISLQSRTGHTHMPSVVGVLVFTQFWFWFPLSHFLSLAYTPTCVIGLNKDLKMPKVQYKSNC
KPSTFAYPAPLEVPKEKEKEKVSTAVLSITAKAKKKEKEKEKKEEEKMEVDEAEKKEEKEKKKEPEPNFQLLDNPARVMP
AQLKVLTMPETCRYQPFKPLSIGGIIILKDT
;
U
2 'polypeptide(L)'
;PPGGGEQEPPPPPAPQDVEMKEEAATGGGSTGEADGKTAAAAAEHSQRELDTVTLEDIKEHVKQLEKAVSGKEPRFVLRA
LRMLPSTSRRLNHYVLYKAVQGFFTSNNATRDFLLPFLEEPMDTEADLQFRPRTGKAASTPLLPEVEAYLQLLVVIFMMN
SKRYKEAQKISDDLMQKISTQNRRALDLVAAKCYYYHARVYEFLDKLDVVRSFLHARLRTATLRHDADGQATLLNLLLRN
YLHYSLYDQAEKLVSKSVFPEQANNNEWARYLYYTGRIKAIQLEYSEARRTMTNALRKAPQHTAVGFKQTVHKLLIVVEL
LLGEIPDRLQFRQPSLKRSLMPYFLLTQAVRTGNLAKFNQVLDQFGEKFQADGTYTLIIRLRHNVIKTGVRMISLSYSRI
SLADIAQKLQLDSPEDAEFIVAKAIRDGVIEASINHEKGYVQSKEMIDIYSTREPQLAFHQRISFCLDIHNMSVKAMRFP
;
V
3 'polypeptide(L)'
;MADGGSERADGRIVKMEVDYSATVDQRLPECAKLAKEGRLQEVIETLLSLEKQTRTASDMVSTSRILVAVVKMCYEAKEW
DLLNENIMLLSKRRSQLKQAVAKMVQQCCTYVEEITDLPIKLRLIDTLRMVTEGKIYVEIERARLTKTLATIKEQNGDVK
EAASILQELQVETYGSMEKKERVEFILEQMRLCLAVKDYIRTQIISKKINTKFFQEENTEKLKLKYYNLMIQLDQHEGSY
LSICKHYRAIYDTPCIQAESEKWQQALKSVVLYVILAPFDNEQSDLVHRISGDKKLEEIPKYKDLLKLFTTMELMRWSTL
VEDYGMELRKGSLESPATDVFGSTEEGEKRWKDLKNRVVEHNIRIMAKYYTRITMKRMAQLLDLSVDESEAFLSNLVVNK
TIFAKVDRLAGIINFQRPKDPNNLLNDWSQKLNSLMSLVNKTTHLIAKEEMIHNLQ
;
W
4 'polypeptide(L)'
;VQVKEQSILELGSLLAKTGQAAELGGLLKYVRPFLNSISKAKAARLVRSLLDLFLDMEAATGQEVELCLECIEWAKSEKR
TFLRQALEARLVSLYFDTKRYQEALHLGSQLLRELKKMDDKALLVEVQLLESKTYHALSNLPKARAALTSARTTANAIYC
PPKLQATLDMQSGIIHAAEEKDWKTAYSYFYEAFEGYDSIDSPKAITSLKYMLLCKIMLNTPEDVQALVSGKLALRYAGR
QTEALKCVAQASKNRSLADFEKALTDYRAELRDDPIISTHLAKLYDNLLEQNLIRVIEPFSRVQIEHISSLIKLSKADVE
RKLSQMILDKKFHGILDQGEGVLIIFDEPPVDKTYEAALETIQNMSKVVDSLYNKAKKLT
;
X
5 'polypeptide(L)'
;PKNPDLRIAQLRFLLSLPEHRGDAAVRDELMAAVRDNNMAPYYEALCKSLDWQIDVDLLNKMKKANEDELKRLDEELEDA
EKNLGESEIRDAMMAKAEYLCRIGDKEGALTAFRKTYDKTVALGHRLDIVFYLLRIGLFYMDNDLITRNTEKAKSLIEEG
GDWDRRNRLKVYQGLYCVAIRDFKQAAELFLDTVSTFTSYELMDYKTFVTYTVYVSMIALERPDLREKVIKGAEILEVLH
SLPAVRQYLFSLYECRYSVFFQSLAVVEQEMKKDWLFAPHYRYYVREMRIHAYSQLLESYRSLTLGYMAEAFGVGVEFID
QELSRFIAAGRLHCKIDKVNEIVETNRPDSKNWQYQETIKKGDLLLNRVQKLSRVINM
;
Y
6 'polypeptide(L)'
;AVQKVVVHPLVLLSVVDHFNRIGKVGNQKRVVGVLLGSWQKKVLDVSNSFAVPFDEDDKDDSVWFLDHDYLENMYGMFKK
VNARERIVGWYHTGPKLHKNDIAINELMKRYCPNSVLVIIDVKPKDLGLPTEAYISVEEVHDDGTPTSKTFEHVTSEIGA
EEAEEVGVEHLLRDIKDTTVGTLSQRITNQVHGLKGLNSKLLDIRSYLEKVATGKLPINHQIIYQLQDVFNLLPDVSLQE
FVKAFYLKTNDQMVVVYLASLIRSVVALHNLINNKIANRDAEKKEG
;
Z
7 'polypeptide(L)'
;VPGFLQQSQNSGPGQPAVWHRLEELYTKKLWHQLTLQVLDFVQDPCFAQGDGLIKLYENFISEFEHRVNPLSLVEIILHV
VRQMTDPNVALTFLEKTREKVKSSDEAVILCKTAIGALKLNIGDLQVTKETIEDVEEMLNNLPGVTSVHSRFYDLSSKYY
QTIGNHASYYKDALRFLGCVDIKDLPVSEQQERAFTLGLAGLLGEGVFNFGELLMHPVLESLRNTDRQWLIDTLYAFNSG
NVERFQTLKTAWGQQPDLAANEAQLLRKIQLLCLMEMTFTRPANHRQLTFEEIAKSAKITVNEVELLVMKALSVGLVKGS
IDEVDKRVHMTWVQPRVLDLQQIKGMKDRLEFWCTDVKSMEMLVEHQAHDILT
;
a
8 'polypeptide(L)'
;MVLESTMVCVDNSEYMRNGDFLPTRLQAQQDAVNIVCHSKTRSNPENNVGLITLANDCEVLTTLTPDTGRILSKLHTVQP
KGKITFCTGIRVAHLALKHRQGKNHKMRIIAFVGSPVEDNEKDLVKLAKRLKKEKVNVDIINFGEEEVNTEKLTAFVNTL
NGKDGTGSHLVTVPPGPSLADALISSPILAG
;
b
9 'polypeptide(L)'
;AVDTAEQVYISSLALLKMLKHGRAGVPMEVMGLMLGEFVDDYTVRVIDVFAMPQSGTGVSVEAVDPVFQAKMLDMLKQTG
RPEMVVGWYHSHPGFGCWLSGVDINTQQSFEALSERAVAVVVDPIQSVKGKVVIDAFRLINANMMVLGHEPRQTTSNLGH
LNKPSIQALIHGLNRHYYSITINYRKNELEQKMLLNLHKKSWMEGLTLQDYSEHCKHNESVVKEMLELAKNYNKAVEEED
KMTPEQLAIKNVGKQDPKRHLEEHVDVLMTSNIVQCLAAMLDTVVFK
;
c
10 'polypeptide(L)'
;MYEQLKGEWNRKSPNLSKCGEELGRLKLVLLELNFLPTTGTKLTKQQLILARDILEIGAQWSILRKDIPSFERYMAQLKC
YYFDYKEQLPESAYMHQLLGLNLLFLLSQNRVAEFHTELERLPAKDIQTNVYIKHPVSLEQYLMEGSYNKVFLAKGNIPA
ESYTFFIDILLDTIRDEIAGCIEKAYEKILFTEATRILFFNTPKKMTDYAKKRGWVLGPNNYYSFASQQQKPEDTTIPST
ELAKQVIEYARQLEMIV
;
d
11 'polypeptide(L)' MSEKKQPVDLGLLEEDDEFEEFPAEDWAGLDEDEDAHVWEDNWDDDNVEDDFSNQLRAELEKHGYKMETS e
12 'polypeptide(L)'
;SSAGFDRHITIFSPEGRLYQVEYAFKAINQGGLTSVAVRGKDCAVIVTQKKVPDKLLDSSTVTHLFKITENIGCVMTGMT
ADSRSQVQRARYEAANWKYKYGYEIPVDMLCKRIADISQVYTQNAEMRPLGCCMILIGIDEEQGPQVYKCDPAGYYCGFK
ATAAGVKQTESTSFLEKKVKKKFDWTFEQTVETAITCLSTVLSIDFKPSEIEVGVVTVENPKFRILTEAEIDAHLVALAE
;
G,g
13 'polypeptide(L)'
;ERGYSFSLTTFSPSGKLVQIEYALAAVAGGAPSVGIKAANGVVLATEKKQKSILYDERSVHKVEPITKHIGLVYSGMGPD
YRVLVHRARKLAQQYYLVYQEPIPTAQLVQRVASVMQEYTQSGGVRPFGVSLLICGWNEGRPYLFQSDPSGAYFAWKATA
MGKNYVNGKTFLEKRYNEDLELEDAIHTAILTLKESFEGQMTEDNIEVGICNEAGFRRLTPTEVKDYLAAIA
;
H,h
14 'polypeptide(L)'
;SRRYDSRTTIFSPEGRLYQVEYAMEAIGHAGTCLGILANDGVLLAAERRNIHKLLDEVFFSEKIYKLNEDMACSVAGITS
DANVLTNELRLIAQRYLLQYQEPIPCEQLVTALCDIKQAYTQFGGKRPFGVSLLYIGWDKHYGFQLYQSDPSGNYGGWKA
TCIGNNSAAAVSMLKQDYKEGEMTLKSALALAIKVLNKTMDVSKLSAEKVEIATLTRENGKTVIRVLKQKEVEQLIKKHE
EEEAKAEREK
;
I,i
15 'polypeptide(L)'
;SYDRAITVFSPDGHLFQVEYAQEAVKKGSTAVGVRGRDIVVLGVEKKSVAKLQDERTVRKICALDDNVCMAFAGLTADAR
IVINRARVECQSHRLTVEDPVTVEYITRYIASLKQRYTQSNGRRPFGISALIVGFDFDGTPRLYQTDPSGTYHAWKANAI
GRGAKSVREFLEKNYTDEAIETDDLTIKLVIKALLEVVQSGGKNIELAVMRRDQSLKILNPEEIEKYVAEIEKEKEENEK
KKQ
;
J,j
16 'polypeptide(L)'
;YDRGVNTFSPEGRLFQVEYAIEAIKLGSTAIGIQTSEGVCLAVEKRITSPLMEPSSIEKIVEIDAHIGCAMSGLIADAKT
LIDKARVETQNHWFTYNETMTVESVTQAVSNLALQFGEEDADPGAMSRPFGVALLFGGVDEKGPQLFHMDPSGTFVQCDA
RAIGSASEGAQSSLQEVYHKSMTLKEAIKSSLIILKQVMEEKLNATNIELATVQPGQNFHMFTKEELEEVIKDI
;
K,k
17 'polypeptide(L)'
;NQYDNDVTVWSPQGRIHQIEYAMEAVKQGSATVGLKSKTHAVLVALKRAQSELAAHQKKILHVDNHIGISIAGLTADARL
LCNFMRQECLDSRFVFDRPLPVSRLVSLIGSKTQIPTQRYGRRPYGVGLLIAGYDDMGPHIFQTCPSANYFDCRAMSIGA
RSQSARTYLERHMSEFMECNLNELVKHGLRALRETLPAEQDLTTKNVSIGIVGKDLEFTIYDDDDVSPFLEGLEERPQ
;
L,l
18 'polypeptide(L)'
;SSIGTGYDLSASTFSPDGRVFQVEYAMKAVENSSTAIGIRCKDGVVFGVEKLVLSKLYEEGSNKRLFNVDRHVGMAVAGL
LADARSLADIAREEASNFRSNFGYNIPLKHLADRVAMYVHAYTLYSAVRPFGCSFMLGSYSVNDGAQLYMIDPSGVSYGY
WGCAIGKARQAAKTEIEKLQMKEMTCRDIVKEVAKIIYIVHDEVKDKAFELELSWVGELTNGRHEIVPKDIREEAEKYAK
ESLKE
;
M,m
19 'polypeptide(L)'
;TTIMAVQFDGGVVLGADSRTTTGSYIANRVTDKLTPIHDRIFCCRSGSAADTQAVADAVTYQLGFHSIELNEPPLVHTAA
SLFKEMCYRYREDLMAGIIIAGWDPQEGGQVYSVPMGGMMVRQSFAIGGSGSSYIYGYVDATYREGMTKEECLQFTANAL
ALAMERDGSSGGVIRLAAIAESGVERQVLLG
;
N,n
20 'polypeptide(L)'
;TTIAGVVYKDGIVLGADTRATEGMVVADKNCSKIHFISPNIYCCGAGTAADTDMTTQLISSNLELHSLSTGRLPRVVTAN
RMLKQMLFRYQGYIGAALVLGGVDVTGPHLYSIYPHGSTDKLPYVTMGSGSLAAMAVFEDKFRPDMEEEEAKNLVSEAIA
AGIFNDLGSGSNIDLCVISKNKLDFLRPYTVPNKKGTRLGRYRCEKGTTAVLTEKITPLE
;
O,o
21 'polypeptide(L)'
;SIMSYNGGAVMAMKGKNCVAIAADRRFGIQAQMVTTDFQKIFPMGDRLYIGLAGLATDVQTVAQRLKFRLNLYELKEGRQ
IKPYTLMSMVANLLYEKRFGPYYTEPVIAGLDPKTFKPFICSLDLIGCPMVTDDFVVSGTCAEQMYGMCESLWEPNMDPD
HLFETISQAMLNAVDRDAVSGMGVIVHIIEKDKITTRTLKARMD
;
P,p
22 'polypeptide(L)'
;MEYLIGIQGPDYVLVASDRVAASNIVQMKDDHDKMFKMSEKILLLCVGEAGDTVQFAEYIQKNVQLYKMRNGYELSPTAA
ANFTRRNLADCLRSRTPYHVNLLLAGYDEHEGPALYYMDYLAALAKAPFAAHGYGAFLTLSILDRYYTPTISRERAVELL
RKCLEELQKRFILNLPTFSVRIIDKNGIHDLDNISFPKQ
;
Q,q
23 'polypeptide(L)'
;TTTLAFKFRHGVIVAADSRATAGAYIASQTVKKVIEINPYLLGTMAGGAADCSFWERLLARQCRIYELRNKERISVAAAS
KLLANMVYQYKGMGLSMGTMICGWDKRGPGLYYVDSEGNRISGATFSVGSGSVYAYGVMDRGYSYDLEVEQAYDLARRAI
YQATYRDAYSGGAVNLYHVREDGWIRVSSDNVADLHEKYSG
;
R,r
24 'polypeptide(L)'
;RFSPYVFNGGTILAIAGEDFAIVASDTRLSEGFSIHTRDSPKCYKLTDKTVIGCSGFHGDCLTLTKIIEARLKMYKHSNN
KAMTTGAIAAMLSTILYSRRFFPYYVYNIIGGLDEEGKGAVYSFDPVGSYQRDSFKAGGSASAMLQPLLDNQVGFKNMQN
VEHVPLSLDRAMRLVKDVFISAAERDVYTGDALRICIVTKEGIREETVSLRKD
;
S,s
25 'polypeptide(L)'
;TQNPMVTGTSVLGVKFEGGVVIAADMLGSYGSLARFRNISRIMRVNNSTMLGASGDYADFQYLKQVLGQMVIDEELLGDG
HSYSPRAIHSWLTRAMYSRRSKMNPLWNTMVIGGYADGESFLGYVDMLGVAYEAPSLATGYGAYLAQPLLREVLEKQPVL
SQTEARDLVERCMRVLYYRDARSYNRFQIATVTEKGVEIEGPLSTETNWDIAHMI
;
T,t
26 'polypeptide(L)'
;TYGQSTYSRQIKQVEDDIQQLLKKINELTGIKESDTGLAPPALWDLAADKQTLQSEQPLQVARCTKIINADSEDPKYIIN
VKQFAKFVVDLSDQVAPTDIEEGMRVGVDRNKYQIHIPLPPKIDPTVTMMQVEEKPDVTYSDVGGCKEQIEKLREVVETP
LLHPERFVNLGIEPPKGVLLFGPPGTGKTLCARAVANRTDACFIRVIGSELVQKYVGEGARMVRELFEMARTKKACLIFF
DEIDAIGGARFDDGAGGDNEVQRTMLELINQLDGFDPRGNIKVLMATNRPDTLDPALMRPGRLDRKIEFSLPDLEGRTHI
FKIHARSMSVERDIRFELLARLCPNSTGAEIRSVCTEAGMFAIRARRKIATEKDFLEAVNKVIKSYAKFSATPRYMTYN
;
A
27 'polypeptide(L)'
;VTPHTQCRLKLLKLERIKDYLLMEEEFIRNQEQMKPLEEKQEEERSKVDDLRGTPMSVGTLEEIIDDNHAIVSTSVGSEH
YVSILSFVDKDLLEPGCSVLLNHKVHAVIGVLMDDTDPLVTVMKVEKAPQETYADIGGLDNQIQEIKESVELPLTHPEYY
EEMGIKPPKGVILYGPPGTGKTLLAKAVANQTSATFLRVVGSELIQKYLGDGPKLVRELFRVAEEHAPSIVFIDEIDAIG
TKRYDSNSGGEREIQRTMLELLNQLDGFDSRGDVKVIMATNRIETLDPALIRPGRIDRKIEFPLPDEKTKKRIFQIHTSR
MTLADDVTLDDLIMAKDDLSGADIKAICTEAGLMALRERRMKVTNEDFKKSKENVLYKKQEGTPEGLYL
;
B
28 'polypeptide(L)'
;LEEGKAGSGLRQYYLSKIEELQLIVNDKSQNLRRLQAQRNELNAKVRLLREELQLLQEQGSYVGEVVRAMDKKKVLVKVH
PEGKFVVDVDKNIDINDVTPNCRVALRNDSYTLHKILPNKVDPLVSLMMVEKVPDSTYEMIGGLDKQIKEIKEVIELPVK
HPELFEALGIAQPKGVLLYGPPGTGKTLLARAVAHHTDCTFIRVSGSELVQKFIGEGARMVRELFVMAREHAPSIIFMDE
IDSIGSSRLEGGSGGDSEVQRTMLELLNQLDGFEATKNIKVIMATNRIDILDSALLRPGRIDRKIEFPPPNEEARLDILK
IHSRKMNLTRGINLRKIAELMPGASGAEVKGVCTEAGMYALRERRVHVTQEDFEMAVAKVMQKDSEKNMSIK
;
C
29 'polypeptide(L)'
;DLYSRYKKLQQELEFLEVQEEYIKDEQKNLKKEFLHAQEEVKRIQSIPLVIGQFLEAVDQNTAIVGSTTGSNYYVRILST
IDRELLKPNASVALHKHSNALVDVLPPEADSSIMMLTSDQKPDVMYADIGGMDIQKQEVREAVELPLTHFELYKQIGIDP
PRGVLMYGPPGCGKTMLAKAVAHHTTAAFIRVVGSEFVQKYLGEGPRMVRDVFRLAKENAPAIIFIDEIDAIATKRFDAQ
TGADREVQRILLELLNQMDGFDQNVNVKVIMATNRADTLDPALLRPGRLDRKIEFPLPDRRQKRLIFSTITSKMNLSEEV
DLEDYVARPDKISGADINSICQESGMLAVRENRYIVLAKDFEKAYKTVIKKDEQEHEFYK
;
D
30 'polypeptide(L)'
;KLLEHKEIDGRLKELREQLKELTKQYEKSENDLKALQSVGQIVGEVLKQLTEEKFIVKATNGPRYVVGCRRQLDKSKLKP
GTRVALDMTTLTIMRYLPREVDPLVYNMSHEDPGNVSYSEIGGLSEQIRELREVIELPLTNPELFQRVGIIPPKGCLLYG
PPGTGKTLLARAVASQLDCNFLKVVSSSIVDKYIGESARLIREMFNYARDHQPCIIFMDEIDAIGGRRFSEGTSADREIQ
RTLMELLNQMDGFDTLHRVKMIMATNRPDTLDPALLRPGRLDRKIHIDLPNEQARLDILKIHAGPITKHGEIDYEAIVKL
SDGFNGADLRNVCTEAGMFAIRADHDFVVQEDFMKAVRKVADSKKLESKLDYKPV
;
E
31 'polypeptide(L)'
;RTRLLDSEIKIMKSEVLRVTHELQAMKDKIKENSEKIKVNKTLPYLVSNVIELLDVDPNDQEEDGANIDLDSQRKGKCAV
IKTSTRQTYFLPVIGLVDAEKLKPGDLVGVNKDSYLILETLPTEYDSRVKAMEVDERPTEQYSDIGGLDKQIQELVEAIV
LPMNHKEKFENLGIQPPKGVLMYGPPGTGKTLLARACAAQTKATFLKLAGPQLVQMFIGDGAKLVRDAFALAKEKAPSII
FIDELDAIGTKRFDSEKAGDREVQRTMLELLNQLDGFQPNTQVKVIAATNRVDILDPALLRSGRLDRKIEFPMPNEEARA
RIMQIHSRKMNVSPDVNYEELARCTDDFNGAQCKAVCVEAGMIALRRGATELTHEDYMEGILEVQAKKKANLQYYA
;
F
32 'polypeptide(L)'
;MEEGGRDKAPVQPQQSPAAAPGGTDEKPSGKERRDAGDKDKEQELSEEDKQLQDELEMLVERLGEKDTSLYRPALEELRR
QIRSSTTSMTSVPKPLKFLRPHYGKLKEIYENMAPGENKRFAADIISVLAMTMSGERECLKYRLVGSQEELASWGHEYVR
HLAGEVAKEWQELDDAEKVQREPLLTLVKEIVPYNMAHNAEHEACDLLMEIEQVDMLEKDIDENAYAKVCLYLTSCVNYV
PEPENSALLRCALGVFRKFSRFPEALRLALMLNDMELVEDIFTSCKDVVVQKQMAFMLGRHGVFLELSEDVEEYEDLTEI
MSNVQLNSNFLALARELDIMEPKVPDDIYKTHLENNRFGGSGSQVDSARMNLASSFVNGFVNAAFGQDKLLTDDGNKWLY
KNKDHGMLSAAASLGMILLWDVDGGLTQIDKYLYSSEDYIKSGALLACGIVNSGVRNECDPALALLSDYVLHNSNTMRLG
SIFGLGLAYAGSNREDVLTLLLPVMGDSKSSMEVAGVTALACGMIAVGSCNGDVTSTILQTIMEKSETELKDTYARWLPL
GLGLNHLGKGEAIEAILAALEVVSEPFRSFANTLVDVCAYAGSGNVLKVQQLLHICSEHFDSKEKEEDKDKKEKKDKDKK
EAPADMGAHQGVAVLGIALIAMGEEIGAEMALRTFGHLLRYGEPTLRRAVPLALALISVSNPRLNILDTLSKFSHDADPE
VSYNSIFAMGMVGSGTNNARLAAMLRQLAQYHAKDPNNLFMVRLAQGLTHLGKGTLTLCPYHSDRQLMSQVAVAGLLTVL
VSFLDVRNIILGKSHYVLYGLVAAMQPRMLVTFDEELRPLPVSVRVGQAVDVVGQAGKPKTITGFQTHTTPVLLAHGERA
ELATEEFLPVTPILEGFVILRKNPNYDL
;
f
#
loop_
_chem_comp.id
_chem_comp.type
_chem_comp.name
_chem_comp.formula
AGS non-polymer 'PHOSPHOTHIOPHOSPHORIC ACID-ADENYLATE ESTER' 'C10 H16 N5 O12 P3 S'
ZN non-polymer 'ZINC ION' 'Zn 2'
#
# COMPACT_ATOMS: atom_id res chain seq x y z
N GLY A 1 1.50 -100.68 -95.98
CA GLY A 1 2.08 -100.80 -97.31
C GLY A 1 1.45 -101.90 -98.14
N ILE A 2 0.34 -101.59 -98.80
CA ILE A 2 -0.39 -102.56 -99.60
C ILE A 2 -0.52 -102.12 -101.06
N ILE A 3 -0.01 -100.95 -101.41
CA ILE A 3 -0.21 -100.38 -102.73
C ILE A 3 1.06 -100.48 -103.57
N SER A 4 2.23 -100.63 -102.93
CA SER A 4 3.46 -100.91 -103.66
C SER A 4 3.44 -102.30 -104.30
N LEU A 5 2.57 -103.18 -103.83
CA LEU A 5 2.28 -104.46 -104.48
C LEU A 5 1.33 -104.31 -105.67
N LEU A 6 1.58 -103.33 -106.55
CA LEU A 6 0.76 -103.13 -107.73
C LEU A 6 1.56 -102.85 -108.99
N ASP A 7 2.86 -103.16 -108.99
CA ASP A 7 3.70 -102.92 -110.18
C ASP A 7 3.30 -103.80 -111.37
N GLU A 8 2.60 -104.90 -111.13
CA GLU A 8 1.95 -105.66 -112.20
C GLU A 8 0.80 -104.83 -112.75
N ASP A 9 0.97 -104.32 -113.98
CA ASP A 9 0.13 -103.25 -114.52
C ASP A 9 -1.21 -103.71 -115.06
N GLU A 10 -1.59 -104.97 -114.84
CA GLU A 10 -2.92 -105.45 -115.19
C GLU A 10 -3.88 -105.17 -114.03
N PRO A 11 -5.20 -105.33 -114.20
CA PRO A 11 -6.07 -105.34 -113.03
C PRO A 11 -6.00 -106.60 -112.18
N GLN A 12 -5.24 -107.63 -112.58
CA GLN A 12 -5.25 -108.92 -111.90
C GLN A 12 -4.42 -108.94 -110.62
N LEU A 13 -3.74 -107.86 -110.28
CA LEU A 13 -3.18 -107.68 -108.95
C LEU A 13 -3.82 -106.50 -108.23
N LYS A 14 -4.46 -105.60 -108.97
CA LYS A 14 -5.41 -104.67 -108.39
C LYS A 14 -6.56 -105.40 -107.71
N GLU A 15 -6.95 -106.56 -108.25
CA GLU A 15 -7.98 -107.37 -107.62
C GLU A 15 -7.50 -108.02 -106.33
N PHE A 16 -6.23 -108.39 -106.25
CA PHE A 16 -5.71 -108.91 -104.98
C PHE A 16 -5.55 -107.80 -103.97
N ALA A 17 -5.21 -106.60 -104.44
CA ALA A 17 -5.21 -105.43 -103.57
C ALA A 17 -6.62 -105.11 -103.07
N LEU A 18 -7.64 -105.31 -103.91
CA LEU A 18 -8.99 -105.05 -103.44
C LEU A 18 -9.47 -106.16 -102.52
N HIS A 19 -8.97 -107.39 -102.71
CA HIS A 19 -9.23 -108.49 -101.79
C HIS A 19 -8.54 -108.26 -100.45
N LYS A 20 -7.50 -107.45 -100.44
CA LYS A 20 -6.94 -106.93 -99.19
C LYS A 20 -7.74 -105.75 -98.64
N LEU A 21 -8.27 -104.90 -99.52
CA LEU A 21 -9.08 -103.75 -99.14
C LEU A 21 -10.32 -104.17 -98.37
N ASN A 22 -11.17 -104.97 -99.00
CA ASN A 22 -12.42 -105.39 -98.34
C ASN A 22 -12.19 -106.36 -97.18
N ALA A 23 -10.94 -106.75 -96.91
CA ALA A 23 -10.57 -107.45 -95.67
C ALA A 23 -10.23 -106.46 -94.56
N VAL A 24 -9.22 -105.60 -94.76
CA VAL A 24 -8.67 -104.82 -93.65
C VAL A 24 -8.64 -103.31 -93.90
N VAL A 25 -9.62 -102.79 -94.65
CA VAL A 25 -9.60 -101.36 -94.98
C VAL A 25 -9.83 -100.46 -93.78
N ASN A 26 -10.55 -100.91 -92.75
CA ASN A 26 -10.79 -100.04 -91.59
C ASN A 26 -9.56 -99.94 -90.71
N ASP A 27 -8.78 -101.01 -90.61
CA ASP A 27 -7.47 -100.93 -89.97
C ASP A 27 -6.52 -100.06 -90.79
N PHE A 28 -6.52 -100.25 -92.11
CA PHE A 28 -5.64 -99.51 -93.01
C PHE A 28 -6.29 -98.25 -93.58
N TRP A 29 -7.17 -97.61 -92.81
CA TRP A 29 -7.66 -96.28 -93.14
C TRP A 29 -6.54 -95.25 -93.21
N ALA A 30 -5.47 -95.46 -92.43
CA ALA A 30 -4.28 -94.61 -92.54
C ALA A 30 -3.56 -94.79 -93.87
N GLU A 31 -3.72 -95.95 -94.50
CA GLU A 31 -2.87 -96.35 -95.61
C GLU A 31 -3.37 -95.82 -96.96
N ILE A 32 -4.69 -95.79 -97.15
CA ILE A 32 -5.26 -95.50 -98.46
C ILE A 32 -5.26 -94.00 -98.74
N SER A 33 -5.11 -93.20 -97.69
CA SER A 33 -5.14 -91.74 -97.82
C SER A 33 -3.99 -91.21 -98.65
N GLU A 34 -2.85 -91.91 -98.63
CA GLU A 34 -1.78 -91.59 -99.57
C GLU A 34 -2.06 -92.20 -100.93
N SER A 35 -2.84 -93.27 -100.97
CA SER A 35 -3.11 -94.04 -102.18
C SER A 35 -4.27 -93.48 -102.99
N VAL A 36 -4.85 -92.36 -102.56
CA VAL A 36 -5.85 -91.59 -103.30
C VAL A 36 -5.43 -91.37 -104.75
N ASP A 37 -4.15 -91.07 -104.97
CA ASP A 37 -3.61 -90.86 -106.30
C ASP A 37 -3.70 -92.11 -107.17
N LYS A 38 -3.35 -93.27 -106.64
CA LYS A 38 -3.44 -94.47 -107.47
C LYS A 38 -4.87 -94.99 -107.57
N ILE A 39 -5.75 -94.62 -106.64
CA ILE A 39 -7.17 -94.87 -106.85
C ILE A 39 -7.70 -94.00 -107.99
N GLU A 40 -7.18 -92.78 -108.11
CA GLU A 40 -7.47 -91.95 -109.28
C GLU A 40 -6.94 -92.59 -110.55
N VAL A 41 -5.73 -93.17 -110.49
CA VAL A 41 -5.15 -93.92 -111.61
C VAL A 41 -6.06 -95.08 -112.01
N LEU A 42 -6.66 -95.75 -111.04
CA LEU A 42 -7.60 -96.83 -111.34
C LEU A 42 -8.91 -96.32 -111.94
N TYR A 43 -9.40 -95.18 -111.47
CA TYR A 43 -10.64 -94.67 -112.04
C TYR A 43 -10.44 -94.16 -113.47
N GLU A 44 -9.31 -93.50 -113.73
CA GLU A 44 -9.06 -92.95 -115.06
C GLU A 44 -8.87 -94.04 -116.10
N ASP A 45 -8.43 -95.22 -115.68
CA ASP A 45 -8.12 -96.30 -116.62
C ASP A 45 -9.40 -97.03 -116.99
N GLU A 46 -9.81 -96.89 -118.26
CA GLU A 46 -10.97 -97.61 -118.75
C GLU A 46 -10.68 -99.08 -118.97
N GLY A 47 -9.42 -99.42 -119.25
CA GLY A 47 -9.00 -100.81 -119.30
C GLY A 47 -9.09 -101.50 -117.95
N PHE A 48 -9.01 -100.74 -116.86
CA PHE A 48 -9.32 -101.27 -115.54
C PHE A 48 -10.82 -101.43 -115.44
N ARG A 49 -11.29 -102.64 -115.73
CA ARG A 49 -12.71 -102.93 -115.82
C ARG A 49 -13.38 -103.02 -114.46
N SER A 50 -12.61 -103.04 -113.37
CA SER A 50 -13.13 -102.97 -112.02
C SER A 50 -13.17 -101.55 -111.49
N ARG A 51 -13.32 -100.56 -112.40
CA ARG A 51 -13.35 -99.15 -112.00
C ARG A 51 -14.57 -98.82 -111.16
N GLN A 52 -15.62 -99.65 -111.27
CA GLN A 52 -16.72 -99.63 -110.33
C GLN A 52 -16.20 -99.79 -108.90
N PHE A 53 -15.35 -100.80 -108.68
CA PHE A 53 -14.84 -101.02 -107.33
C PHE A 53 -13.81 -99.97 -106.94
N ALA A 54 -13.10 -99.41 -107.92
CA ALA A 54 -12.21 -98.29 -107.67
C ALA A 54 -12.98 -97.10 -107.09
N ALA A 55 -14.09 -96.75 -107.74
CA ALA A 55 -14.94 -95.68 -107.22
C ALA A 55 -15.64 -96.08 -105.92
N LEU A 56 -15.93 -97.37 -105.72
CA LEU A 56 -16.43 -97.88 -104.43
C LEU A 56 -15.51 -97.57 -103.27
N VAL A 57 -14.28 -98.10 -103.31
CA VAL A 57 -13.36 -97.84 -102.19
C VAL A 57 -12.87 -96.40 -102.20
N ALA A 58 -12.99 -95.70 -103.32
CA ALA A 58 -12.77 -94.25 -103.33
C ALA A 58 -13.79 -93.53 -102.47
N SER A 59 -15.07 -93.81 -102.70
CA SER A 59 -16.11 -93.21 -101.87
C SER A 59 -16.06 -93.72 -100.44
N LYS A 60 -15.56 -94.94 -100.23
CA LYS A 60 -15.31 -95.44 -98.88
C LYS A 60 -14.26 -94.62 -98.15
N VAL A 61 -13.08 -94.42 -98.77
CA VAL A 61 -12.01 -93.71 -98.09
C VAL A 61 -12.32 -92.22 -98.03
N PHE A 62 -13.16 -91.72 -98.91
CA PHE A 62 -13.52 -90.30 -98.83
C PHE A 62 -14.64 -90.07 -97.83
N TYR A 63 -15.49 -91.08 -97.64
CA TYR A 63 -16.39 -91.14 -96.50
C TYR A 63 -15.63 -91.24 -95.18
N HIS A 64 -14.45 -91.84 -95.21
CA HIS A 64 -13.59 -91.84 -94.02
C HIS A 64 -12.95 -90.47 -93.78
N LEU A 65 -12.32 -89.90 -94.81
CA LEU A 65 -11.63 -88.62 -94.67
C LEU A 65 -12.57 -87.43 -94.60
N GLY A 66 -13.85 -87.60 -94.90
CA GLY A 66 -14.76 -86.48 -94.88
C GLY A 66 -14.85 -85.69 -96.17
N ALA A 67 -14.56 -86.31 -97.31
CA ALA A 67 -14.86 -85.71 -98.59
C ALA A 67 -16.28 -86.11 -98.98
N PHE A 68 -17.04 -85.16 -99.51
CA PHE A 68 -18.44 -85.48 -99.74
C PHE A 68 -18.88 -85.22 -101.17
N GLU A 69 -18.39 -84.16 -101.81
CA GLU A 69 -18.70 -83.96 -103.22
C GLU A 69 -17.92 -84.93 -104.10
N GLU A 70 -16.71 -85.30 -103.70
CA GLU A 70 -16.02 -86.35 -104.44
C GLU A 70 -16.55 -87.72 -104.06
N SER A 71 -17.08 -87.86 -102.84
CA SER A 71 -17.89 -89.02 -102.50
C SER A 71 -19.11 -89.11 -103.40
N LEU A 72 -19.68 -87.97 -103.79
CA LEU A 72 -20.78 -87.94 -104.76
C LEU A 72 -20.32 -88.33 -106.16
N ASN A 73 -19.18 -87.77 -106.61
CA ASN A 73 -18.59 -88.10 -107.92
C ASN A 73 -18.34 -89.60 -108.06
N TYR A 74 -17.60 -90.17 -107.13
CA TYR A 74 -17.30 -91.59 -107.21
C TYR A 74 -18.41 -92.46 -106.66
N ALA A 75 -19.42 -91.85 -106.03
CA ALA A 75 -20.65 -92.55 -105.70
C ALA A 75 -21.48 -92.79 -106.95
N LEU A 76 -21.52 -91.79 -107.84
CA LEU A 76 -22.08 -92.01 -109.16
C LEU A 76 -21.19 -92.94 -109.97
N GLY A 77 -19.87 -92.83 -109.81
CA GLY A 77 -18.97 -93.76 -110.49
C GLY A 77 -18.98 -95.17 -109.95
N ALA A 78 -19.63 -95.41 -108.80
CA ALA A 78 -19.60 -96.72 -108.15
C ALA A 78 -20.37 -97.77 -108.94
N GLY A 79 -21.46 -97.40 -109.59
CA GLY A 79 -22.17 -98.35 -110.45
C GLY A 79 -23.59 -98.69 -110.06
N ASP A 80 -24.06 -99.87 -110.48
CA ASP A 80 -25.44 -100.28 -110.26
C ASP A 80 -25.64 -100.97 -108.92
N LEU A 81 -24.59 -101.59 -108.36
CA LEU A 81 -24.68 -102.19 -107.03
C LEU A 81 -24.60 -101.17 -105.91
N PHE A 82 -24.57 -99.88 -106.25
CA PHE A 82 -24.43 -98.76 -105.34
C PHE A 82 -25.73 -98.45 -104.61
N ASN A 83 -26.81 -98.19 -105.37
CA ASN A 83 -28.07 -97.75 -104.77
C ASN A 83 -28.79 -98.88 -104.05
N VAL A 84 -28.59 -100.13 -104.50
CA VAL A 84 -29.43 -101.25 -104.09
C VAL A 84 -29.22 -101.63 -102.62
N ASN A 85 -28.14 -101.16 -102.01
CA ASN A 85 -27.76 -101.58 -100.66
C ASN A 85 -28.77 -101.08 -99.62
N ASP A 86 -28.90 -101.85 -98.55
CA ASP A 86 -29.80 -101.54 -97.44
C ASP A 86 -29.06 -101.16 -96.16
N ASN A 87 -27.76 -100.93 -96.24
CA ASN A 87 -26.92 -100.65 -95.08
C ASN A 87 -27.33 -99.32 -94.42
N SER A 88 -26.97 -99.16 -93.15
CA SER A 88 -27.53 -98.12 -92.33
C SER A 88 -26.58 -96.95 -92.05
N GLU A 89 -25.31 -97.01 -92.48
CA GLU A 89 -24.49 -95.82 -92.35
C GLU A 89 -24.10 -95.29 -93.72
N TYR A 90 -23.32 -96.11 -94.42
CA TYR A 90 -22.56 -95.68 -95.59
C TYR A 90 -23.49 -95.28 -96.73
N VAL A 91 -24.26 -96.26 -97.21
CA VAL A 91 -25.05 -96.06 -98.41
C VAL A 91 -26.18 -95.07 -98.18
N GLU A 92 -26.75 -95.01 -96.96
CA GLU A 92 -27.89 -94.11 -96.81
C GLU A 92 -27.47 -92.67 -96.56
N THR A 93 -26.31 -92.42 -95.92
CA THR A 93 -25.84 -91.04 -95.85
C THR A 93 -25.37 -90.56 -97.22
N ILE A 94 -24.76 -91.43 -98.02
CA ILE A 94 -24.27 -90.91 -99.29
C ILE A 94 -25.38 -90.83 -100.35
N ILE A 95 -26.42 -91.65 -100.26
CA ILE A 95 -27.57 -91.40 -101.13
C ILE A 95 -28.44 -90.29 -100.58
N ALA A 96 -28.33 -89.99 -99.27
CA ALA A 96 -28.95 -88.79 -98.74
C ALA A 96 -28.36 -87.55 -99.36
N LYS A 97 -27.02 -87.45 -99.36
CA LYS A 97 -26.36 -86.33 -100.02
C LYS A 97 -26.53 -86.38 -101.54
N CYS A 98 -26.68 -87.58 -102.12
CA CYS A 98 -26.85 -87.69 -103.56
C CYS A 98 -28.23 -87.20 -104.01
N ILE A 99 -29.29 -87.64 -103.35
CA ILE A 99 -30.61 -87.18 -103.75
C ILE A 99 -30.87 -85.79 -103.18
N ASP A 100 -30.07 -85.35 -102.20
CA ASP A 100 -30.03 -83.94 -101.88
C ASP A 100 -29.46 -83.13 -103.03
N HIS A 101 -28.43 -83.67 -103.69
CA HIS A 101 -27.95 -83.03 -104.90
C HIS A 101 -28.99 -83.13 -106.02
N TYR A 102 -29.77 -84.20 -106.05
CA TYR A 102 -30.83 -84.33 -107.05
C TYR A 102 -31.90 -83.27 -106.85
N THR A 103 -32.31 -83.01 -105.60
CA THR A 103 -33.35 -82.01 -105.41
C THR A 103 -32.81 -80.59 -105.54
N LYS A 104 -31.57 -80.32 -105.10
CA LYS A 104 -31.05 -78.98 -105.33
C LYS A 104 -30.69 -78.77 -106.79
N GLN A 105 -30.40 -79.86 -107.50
CA GLN A 105 -30.16 -79.80 -108.94
C GLN A 105 -31.46 -79.56 -109.69
N CYS A 106 -32.55 -80.20 -109.24
CA CYS A 106 -33.85 -79.96 -109.84
C CYS A 106 -34.42 -78.60 -109.44
N VAL A 107 -33.93 -78.01 -108.35
CA VAL A 107 -34.29 -76.63 -108.04
C VAL A 107 -33.54 -75.67 -108.95
N GLU A 108 -32.23 -75.87 -109.09
CA GLU A 108 -31.42 -75.01 -109.96
C GLU A 108 -31.82 -75.14 -111.42
N ASN A 109 -32.20 -76.35 -111.85
CA ASN A 109 -32.69 -76.54 -113.20
C ASN A 109 -34.17 -76.23 -113.33
N ALA A 110 -34.91 -76.21 -112.23
CA ALA A 110 -36.21 -75.58 -112.22
C ALA A 110 -36.08 -74.07 -112.20
N ASP A 111 -34.93 -73.56 -111.79
CA ASP A 111 -34.55 -72.17 -111.97
C ASP A 111 -33.84 -71.93 -113.29
N LEU A 112 -33.86 -72.91 -114.19
CA LEU A 112 -33.16 -72.82 -115.47
C LEU A 112 -34.14 -73.16 -116.58
N PRO A 113 -34.62 -72.16 -117.32
CA PRO A 113 -35.74 -72.38 -118.26
C PRO A 113 -35.29 -73.13 -119.51
N GLU A 114 -36.00 -74.22 -119.81
CA GLU A 114 -35.96 -74.94 -121.09
C GLU A 114 -34.57 -75.48 -121.41
N GLY A 115 -34.11 -76.43 -120.61
CA GLY A 115 -32.89 -77.12 -120.94
C GLY A 115 -31.64 -76.46 -120.38
N GLU A 116 -30.54 -76.56 -121.15
CA GLU A 116 -29.16 -76.16 -120.82
C GLU A 116 -28.73 -76.63 -119.42
N LYS A 117 -29.21 -77.81 -119.02
CA LYS A 117 -29.06 -78.31 -117.66
C LYS A 117 -27.76 -79.08 -117.50
N LYS A 118 -27.51 -79.52 -116.27
CA LYS A 118 -26.57 -80.59 -116.02
C LYS A 118 -27.32 -81.92 -116.18
N PRO A 119 -26.90 -82.79 -117.09
CA PRO A 119 -27.70 -83.99 -117.39
C PRO A 119 -27.65 -85.00 -116.25
N ILE A 120 -28.57 -85.95 -116.33
CA ILE A 120 -28.62 -87.07 -115.40
C ILE A 120 -27.36 -87.90 -115.60
N ASP A 121 -26.48 -87.90 -114.60
CA ASP A 121 -25.34 -88.81 -114.64
C ASP A 121 -25.86 -90.23 -114.49
N GLN A 122 -25.14 -91.17 -115.08
CA GLN A 122 -25.73 -92.48 -115.42
C GLN A 122 -25.93 -93.41 -114.23
N ARG A 123 -25.74 -92.93 -113.00
CA ARG A 123 -26.06 -93.70 -111.82
C ARG A 123 -26.87 -92.86 -110.82
N LEU A 124 -27.67 -91.94 -111.33
CA LEU A 124 -28.77 -91.39 -110.54
C LEU A 124 -29.99 -92.27 -110.78
N GLU A 125 -31.12 -91.85 -110.20
CA GLU A 125 -32.48 -92.29 -110.48
C GLU A 125 -32.76 -93.72 -109.98
N GLY A 126 -31.72 -94.45 -109.54
CA GLY A 126 -31.83 -95.80 -109.03
C GLY A 126 -32.73 -95.97 -107.83
N ILE A 127 -32.31 -95.44 -106.67
CA ILE A 127 -33.24 -95.52 -105.54
C ILE A 127 -34.32 -94.47 -105.60
N VAL A 128 -34.25 -93.50 -106.52
CA VAL A 128 -35.37 -92.63 -106.82
C VAL A 128 -36.55 -93.52 -107.21
N ASN A 129 -36.43 -94.25 -108.32
CA ASN A 129 -37.55 -95.09 -108.73
C ASN A 129 -37.56 -96.47 -108.08
N LYS A 130 -36.65 -96.75 -107.15
CA LYS A 130 -36.68 -98.03 -106.45
C LYS A 130 -37.14 -97.92 -105.00
N MET A 131 -36.66 -96.94 -104.24
CA MET A 131 -37.25 -96.59 -102.95
C MET A 131 -38.54 -95.81 -103.14
N PHE A 132 -38.76 -95.24 -104.33
CA PHE A 132 -40.04 -94.65 -104.64
C PHE A 132 -41.11 -95.70 -104.74
N GLN A 133 -40.78 -96.89 -105.24
CA GLN A 133 -41.74 -97.97 -105.23
C GLN A 133 -41.94 -98.56 -103.84
N ARG A 134 -40.94 -98.45 -102.97
CA ARG A 134 -41.16 -98.77 -101.55
C ARG A 134 -42.18 -97.82 -100.94
N CYS A 135 -42.04 -96.52 -101.24
CA CYS A 135 -42.98 -95.52 -100.75
C CYS A 135 -44.37 -95.67 -101.36
N LEU A 136 -44.43 -96.07 -102.64
CA LEU A 136 -45.71 -96.27 -103.31
C LEU A 136 -46.42 -97.53 -102.82
N ASP A 137 -45.74 -98.67 -102.91
CA ASP A 137 -46.30 -99.96 -102.54
C ASP A 137 -46.33 -100.19 -101.04
N ASP A 138 -45.84 -99.23 -100.25
CA ASP A 138 -46.14 -99.16 -98.83
C ASP A 138 -47.43 -98.39 -98.58
N HIS A 139 -48.10 -97.96 -99.66
CA HIS A 139 -49.48 -97.48 -99.67
C HIS A 139 -49.69 -96.25 -98.79
N LYS A 140 -48.64 -95.44 -98.67
CA LYS A 140 -48.75 -94.08 -98.16
C LYS A 140 -47.96 -93.18 -99.10
N TYR A 141 -48.66 -92.30 -99.81
CA TYR A 141 -48.11 -91.58 -100.94
C TYR A 141 -47.49 -90.25 -100.57
N LYS A 142 -47.24 -90.01 -99.28
CA LYS A 142 -46.77 -88.69 -98.85
C LYS A 142 -45.33 -88.45 -99.26
N GLN A 143 -44.50 -89.49 -99.29
CA GLN A 143 -43.20 -89.36 -99.91
C GLN A 143 -43.32 -89.27 -101.43
N ALA A 144 -44.31 -89.94 -102.01
CA ALA A 144 -44.47 -89.97 -103.46
C ALA A 144 -44.86 -88.60 -104.00
N ILE A 145 -45.49 -87.78 -103.17
CA ILE A 145 -45.72 -86.37 -103.49
C ILE A 145 -44.65 -85.47 -102.85
N GLY A 146 -43.88 -85.98 -101.87
CA GLY A 146 -42.77 -85.20 -101.34
C GLY A 146 -41.62 -85.04 -102.33
N ILE A 147 -41.39 -86.06 -103.15
CA ILE A 147 -40.44 -85.90 -104.26
C ILE A 147 -40.94 -84.87 -105.26
N ALA A 148 -42.26 -84.83 -105.49
CA ALA A 148 -42.87 -83.83 -106.37
C ALA A 148 -42.73 -82.41 -105.82
N LEU A 149 -42.74 -82.28 -104.48
CA LEU A 149 -42.25 -81.05 -103.86
C LEU A 149 -40.80 -80.80 -104.20
N GLU A 150 -39.95 -81.81 -103.98
CA GLU A 150 -38.51 -81.59 -104.00
C GLU A 150 -37.95 -81.42 -105.40
N THR A 151 -38.68 -81.79 -106.44
CA THR A 151 -38.15 -81.64 -107.79
C THR A 151 -38.62 -80.35 -108.47
N ARG A 152 -39.69 -79.72 -107.97
CA ARG A 152 -40.37 -78.59 -108.62
C ARG A 152 -40.66 -78.85 -110.10
N ARG A 153 -41.23 -80.02 -110.36
CA ARG A 153 -41.39 -80.47 -111.74
C ARG A 153 -42.56 -81.46 -111.80
N LEU A 154 -43.36 -81.35 -112.85
CA LEU A 154 -44.55 -82.17 -113.01
C LEU A 154 -44.26 -83.36 -113.92
N ASP A 155 -43.44 -84.28 -113.43
CA ASP A 155 -43.39 -85.63 -113.97
C ASP A 155 -43.74 -86.67 -112.91
N VAL A 156 -43.02 -86.67 -111.80
CA VAL A 156 -43.37 -87.48 -110.64
C VAL A 156 -44.63 -86.93 -110.00
N PHE A 157 -44.89 -85.63 -110.17
CA PHE A 157 -46.14 -85.04 -109.73
C PHE A 157 -47.33 -85.63 -110.48
N GLU A 158 -47.21 -85.73 -111.81
CA GLU A 158 -48.29 -86.27 -112.62
C GLU A 158 -48.42 -87.77 -112.46
N LYS A 159 -47.33 -88.48 -112.19
CA LYS A 159 -47.48 -89.90 -111.89
C LYS A 159 -48.06 -90.12 -110.49
N THR A 160 -47.93 -89.15 -109.59
CA THR A 160 -48.46 -89.27 -108.24
C THR A 160 -49.65 -88.37 -107.98
N ILE A 161 -50.30 -87.89 -109.03
CA ILE A 161 -51.69 -87.49 -108.95
C ILE A 161 -52.58 -88.37 -109.81
N LEU A 162 -52.02 -89.07 -110.79
CA LEU A 162 -52.66 -90.18 -111.48
C LEU A 162 -52.25 -91.51 -110.84
N GLU A 163 -51.92 -91.47 -109.55
CA GLU A 163 -51.43 -92.62 -108.80
C GLU A 163 -52.56 -93.54 -108.38
N SER A 164 -52.28 -94.44 -107.44
CA SER A 164 -53.20 -95.50 -107.07
C SER A 164 -53.84 -95.15 -105.73
N ASN A 165 -54.58 -96.13 -105.19
CA ASN A 165 -55.65 -95.83 -104.25
C ASN A 165 -55.13 -95.41 -102.89
N ASP A 166 -55.45 -94.18 -102.52
CA ASP A 166 -55.57 -93.76 -101.13
C ASP A 166 -56.81 -92.89 -101.12
N VAL A 167 -57.00 -92.11 -100.07
CA VAL A 167 -58.04 -91.07 -100.12
C VAL A 167 -57.57 -90.03 -101.14
N PRO A 168 -58.41 -89.66 -102.12
CA PRO A 168 -58.06 -88.54 -103.00
C PRO A 168 -58.00 -87.21 -102.28
N GLY A 169 -58.59 -87.11 -101.09
CA GLY A 169 -58.56 -85.91 -100.27
C GLY A 169 -57.20 -85.58 -99.70
N MET A 170 -56.24 -86.52 -99.78
CA MET A 170 -54.82 -86.19 -99.66
C MET A 170 -54.48 -85.00 -100.51
N LEU A 171 -54.87 -85.05 -101.79
CA LEU A 171 -54.64 -83.95 -102.71
C LEU A 171 -55.49 -82.72 -102.34
N ALA A 172 -56.63 -82.92 -101.67
CA ALA A 172 -57.50 -81.80 -101.31
C ALA A 172 -56.91 -80.95 -100.20
N TYR A 173 -56.43 -81.58 -99.11
CA TYR A 173 -55.70 -80.76 -98.14
C TYR A 173 -54.30 -80.42 -98.65
N SER A 174 -53.76 -81.18 -99.59
CA SER A 174 -52.50 -80.84 -100.22
C SER A 174 -52.58 -79.58 -101.06
N LEU A 175 -53.77 -79.21 -101.52
CA LEU A 175 -53.96 -77.89 -102.15
C LEU A 175 -53.54 -76.77 -101.20
N LYS A 176 -54.10 -76.77 -100.00
CA LYS A 176 -53.76 -75.73 -99.03
C LYS A 176 -52.35 -75.90 -98.50
N LEU A 177 -51.83 -77.13 -98.45
CA LEU A 177 -50.49 -77.31 -97.92
C LEU A 177 -49.41 -76.96 -98.94
N CYS A 178 -49.63 -77.25 -100.23
CA CYS A 178 -48.79 -76.69 -101.29
C CYS A 178 -48.83 -75.18 -101.28
N MET A 179 -50.03 -74.62 -101.09
CA MET A 179 -50.17 -73.18 -100.88
C MET A 179 -49.46 -72.69 -99.60
N SER A 180 -49.23 -73.57 -98.62
CA SER A 180 -48.59 -73.17 -97.38
C SER A 180 -47.07 -73.09 -97.54
N LEU A 181 -46.51 -73.94 -98.39
CA LEU A 181 -45.08 -73.92 -98.68
C LEU A 181 -44.80 -73.29 -100.04
N MET A 182 -45.79 -72.66 -100.65
CA MET A 182 -45.59 -72.01 -101.94
C MET A 182 -44.70 -70.80 -101.78
N GLN A 183 -43.81 -70.61 -102.75
CA GLN A 183 -42.91 -69.47 -102.76
C GLN A 183 -43.13 -68.55 -103.95
N ASN A 184 -43.55 -69.09 -105.09
CA ASN A 184 -43.63 -68.34 -106.32
C ASN A 184 -45.04 -68.39 -106.90
N LYS A 185 -45.24 -67.59 -107.94
CA LYS A 185 -46.45 -67.65 -108.75
C LYS A 185 -46.27 -68.55 -109.96
N GLN A 186 -45.17 -69.30 -110.02
CA GLN A 186 -44.76 -69.96 -111.24
C GLN A 186 -45.25 -71.39 -111.35
N PHE A 187 -45.11 -72.20 -110.31
CA PHE A 187 -45.80 -73.49 -110.29
C PHE A 187 -46.98 -73.51 -109.33
N ARG A 188 -47.29 -72.36 -108.72
CA ARG A 188 -48.52 -72.24 -107.95
C ARG A 188 -49.73 -72.38 -108.85
N ASN A 189 -49.80 -71.55 -109.90
CA ASN A 189 -50.87 -71.67 -110.87
C ASN A 189 -50.81 -72.98 -111.66
N LYS A 190 -49.61 -73.56 -111.85
CA LYS A 190 -49.46 -74.84 -112.54
C LYS A 190 -50.11 -75.97 -111.75
N VAL A 191 -49.67 -76.17 -110.50
CA VAL A 191 -50.27 -77.16 -109.61
C VAL A 191 -51.74 -76.85 -109.36
N LEU A 192 -52.09 -75.57 -109.33
CA LEU A 192 -53.45 -75.11 -109.07
C LEU A 192 -54.39 -75.44 -110.22
N ARG A 193 -53.89 -75.42 -111.46
CA ARG A 193 -54.70 -75.76 -112.62
C ARG A 193 -54.59 -77.21 -113.03
N VAL A 194 -53.63 -77.96 -112.49
CA VAL A 194 -53.53 -79.36 -112.85
C VAL A 194 -54.12 -80.27 -111.77
N LEU A 195 -54.27 -79.81 -110.53
CA LEU A 195 -54.98 -80.62 -109.56
C LEU A 195 -56.48 -80.57 -109.80
N VAL A 196 -57.00 -79.43 -110.26
CA VAL A 196 -58.41 -79.37 -110.63
C VAL A 196 -58.67 -80.25 -111.86
N LYS A 197 -57.69 -80.38 -112.75
CA LYS A 197 -57.85 -81.24 -113.91
C LYS A 197 -57.54 -82.70 -113.61
N ILE A 198 -56.81 -83.01 -112.54
CA ILE A 198 -56.68 -84.40 -112.14
C ILE A 198 -57.90 -84.82 -111.32
N TYR A 199 -58.63 -83.85 -110.76
CA TYR A 199 -59.96 -84.15 -110.26
C TYR A 199 -60.96 -84.29 -111.39
N MET A 200 -60.73 -83.61 -112.50
CA MET A 200 -61.49 -83.89 -113.71
C MET A 200 -61.02 -85.15 -114.42
N ASN A 201 -59.84 -85.68 -114.05
CA ASN A 201 -59.35 -86.96 -114.55
C ASN A 201 -59.82 -88.12 -113.67
N LEU A 202 -59.87 -87.92 -112.36
CA LEU A 202 -60.52 -88.88 -111.48
C LEU A 202 -62.03 -88.77 -111.72
N GLU A 203 -62.71 -89.92 -111.61
CA GLU A 203 -64.11 -89.99 -112.04
C GLU A 203 -65.02 -89.17 -111.14
N LYS A 204 -64.75 -89.13 -109.85
CA LYS A 204 -65.50 -88.30 -108.93
C LYS A 204 -65.12 -86.84 -109.14
N PRO A 205 -66.02 -85.98 -109.64
CA PRO A 205 -65.67 -84.58 -109.77
C PRO A 205 -65.65 -83.91 -108.41
N ASP A 206 -64.95 -82.79 -108.33
CA ASP A 206 -64.78 -82.09 -107.07
C ASP A 206 -65.26 -80.66 -107.23
N PHE A 207 -65.63 -80.05 -106.09
CA PHE A 207 -66.10 -78.67 -106.04
C PHE A 207 -65.28 -77.78 -105.12
N ILE A 208 -64.57 -78.34 -104.14
CA ILE A 208 -63.65 -77.53 -103.33
C ILE A 208 -62.47 -77.08 -104.18
N ASN A 209 -62.11 -77.85 -105.21
CA ASN A 209 -61.04 -77.47 -106.12
C ASN A 209 -61.38 -76.21 -106.90
N VAL A 210 -62.63 -76.08 -107.35
CA VAL A 210 -63.00 -74.87 -108.09
C VAL A 210 -63.33 -73.74 -107.11
N CYS A 211 -63.81 -74.08 -105.90
CA CYS A 211 -63.97 -73.13 -104.82
C CYS A 211 -62.65 -72.46 -104.45
N GLN A 212 -61.54 -73.17 -104.62
CA GLN A 212 -60.21 -72.62 -104.38
C GLN A 212 -59.57 -72.03 -105.63
N CYS A 213 -59.76 -72.63 -106.80
CA CYS A 213 -59.06 -72.15 -107.98
C CYS A 213 -59.77 -70.97 -108.63
N LEU A 214 -61.01 -70.68 -108.27
CA LEU A 214 -61.62 -69.44 -108.70
C LEU A 214 -61.03 -68.24 -107.98
N ILE A 215 -60.59 -68.43 -106.75
CA ILE A 215 -60.07 -67.33 -105.94
C ILE A 215 -58.55 -67.34 -105.88
N PHE A 216 -57.90 -68.36 -106.41
CA PHE A 216 -56.44 -68.35 -106.56
C PHE A 216 -55.94 -68.46 -108.00
N LEU A 217 -56.77 -68.93 -108.94
CA LEU A 217 -56.36 -69.20 -110.31
C LEU A 217 -57.08 -68.32 -111.33
N ASP A 218 -58.10 -67.57 -110.88
CA ASP A 218 -58.93 -66.57 -111.57
C ASP A 218 -59.28 -66.90 -113.02
N ASP A 219 -59.98 -68.03 -113.20
CA ASP A 219 -60.47 -68.45 -114.52
C ASP A 219 -61.96 -68.18 -114.62
N PRO A 220 -62.40 -67.12 -115.29
CA PRO A 220 -63.84 -66.88 -115.45
C PRO A 220 -64.51 -67.74 -116.49
N GLN A 221 -63.75 -68.54 -117.26
CA GLN A 221 -64.34 -69.36 -118.30
C GLN A 221 -64.54 -70.81 -117.88
N ALA A 222 -63.70 -71.33 -116.97
CA ALA A 222 -63.88 -72.69 -116.49
C ALA A 222 -65.07 -72.78 -115.54
N VAL A 223 -65.29 -71.71 -114.77
CA VAL A 223 -66.51 -71.62 -113.98
C VAL A 223 -67.71 -71.44 -114.89
N SER A 224 -67.56 -70.85 -116.09
CA SER A 224 -68.66 -70.80 -117.03
C SER A 224 -68.95 -72.17 -117.62
N ASP A 225 -67.90 -72.97 -117.83
CA ASP A 225 -68.06 -74.33 -118.31
C ASP A 225 -68.78 -75.20 -117.29
N ILE A 226 -68.28 -75.22 -116.04
CA ILE A 226 -68.98 -76.02 -115.04
C ILE A 226 -70.23 -75.34 -114.51
N LEU A 227 -70.50 -74.09 -114.88
CA LEU A 227 -71.81 -73.50 -114.61
C LEU A 227 -72.82 -73.87 -115.68
N GLU A 228 -72.37 -74.11 -116.91
CA GLU A 228 -73.21 -74.85 -117.83
C GLU A 228 -73.43 -76.28 -117.36
N LYS A 229 -72.45 -76.86 -116.65
CA LYS A 229 -72.73 -78.10 -115.94
C LYS A 229 -73.72 -77.89 -114.78
N LEU A 230 -73.76 -76.69 -114.18
CA LEU A 230 -74.75 -76.43 -113.15
C LEU A 230 -76.15 -76.23 -113.73
N VAL A 231 -76.24 -75.81 -114.99
CA VAL A 231 -77.53 -75.64 -115.65
C VAL A 231 -77.97 -76.98 -116.21
N LYS A 232 -77.02 -77.80 -116.65
CA LYS A 232 -77.26 -79.07 -117.32
C LYS A 232 -77.43 -80.23 -116.34
N GLU A 233 -76.44 -80.40 -115.44
CA GLU A 233 -76.53 -81.37 -114.35
C GLU A 233 -77.63 -81.01 -113.36
N ASP A 234 -77.97 -79.71 -113.28
CA ASP A 234 -79.22 -79.13 -112.75
C ASP A 234 -79.28 -79.16 -111.23
N ASN A 235 -78.30 -79.73 -110.54
CA ASN A 235 -78.36 -79.81 -109.09
C ASN A 235 -77.82 -78.51 -108.49
N LEU A 236 -78.74 -77.62 -108.13
CA LEU A 236 -78.40 -76.40 -107.39
C LEU A 236 -77.90 -76.70 -105.99
N LEU A 237 -78.25 -77.85 -105.42
CA LEU A 237 -77.97 -78.13 -104.02
C LEU A 237 -76.53 -78.56 -103.79
N MET A 238 -75.90 -79.22 -104.77
CA MET A 238 -74.46 -79.39 -104.72
C MET A 238 -73.72 -78.14 -105.19
N ALA A 239 -74.41 -77.25 -105.92
CA ALA A 239 -73.79 -76.09 -106.56
C ALA A 239 -73.40 -74.98 -105.59
N TYR A 240 -73.72 -75.14 -104.30
CA TYR A 240 -73.60 -74.04 -103.32
C TYR A 240 -72.16 -73.56 -103.19
N GLN A 241 -71.21 -74.49 -103.19
CA GLN A 241 -69.79 -74.16 -103.01
C GLN A 241 -69.32 -73.18 -104.07
N ILE A 242 -69.46 -73.54 -105.34
CA ILE A 242 -69.00 -72.66 -106.41
C ILE A 242 -69.86 -71.40 -106.50
N CYS A 243 -71.18 -71.53 -106.32
CA CYS A 243 -72.08 -70.38 -106.50
C CYS A 243 -71.86 -69.31 -105.44
N PHE A 244 -71.98 -69.67 -104.17
CA PHE A 244 -71.89 -68.64 -103.16
C PHE A 244 -70.49 -68.48 -102.59
N ASP A 245 -69.51 -69.28 -103.00
CA ASP A 245 -68.13 -68.81 -102.83
C ASP A 245 -67.78 -67.80 -103.92
N LEU A 246 -68.33 -67.98 -105.13
CA LEU A 246 -68.22 -66.96 -106.16
C LEU A 246 -68.89 -65.67 -105.73
N TYR A 247 -69.96 -65.77 -104.96
CA TYR A 247 -70.50 -64.54 -104.37
C TYR A 247 -69.65 -64.06 -103.20
N GLU A 248 -69.19 -64.98 -102.33
CA GLU A 248 -68.56 -64.65 -101.07
C GLU A 248 -67.16 -64.06 -101.21
N SER A 249 -66.24 -64.83 -101.77
CA SER A 249 -64.82 -64.53 -101.65
C SER A 249 -64.18 -64.08 -102.96
N ALA A 250 -64.96 -63.52 -103.87
CA ALA A 250 -64.42 -63.15 -105.18
C ALA A 250 -64.05 -61.67 -105.21
N SER A 251 -63.02 -61.37 -105.99
CA SER A 251 -62.67 -59.99 -106.30
C SER A 251 -63.76 -59.34 -107.13
N GLN A 252 -64.10 -58.08 -106.81
CA GLN A 252 -65.17 -57.36 -107.49
C GLN A 252 -64.84 -57.11 -108.95
N GLN A 253 -63.57 -56.85 -109.26
CA GLN A 253 -63.10 -56.83 -110.63
C GLN A 253 -63.27 -58.19 -111.30
N PHE A 254 -62.90 -59.26 -110.59
CA PHE A 254 -63.17 -60.60 -111.09
C PHE A 254 -64.66 -60.90 -111.10
N LEU A 255 -65.45 -60.27 -110.21
CA LEU A 255 -66.90 -60.45 -110.24
C LEU A 255 -67.51 -59.86 -111.51
N SER A 256 -67.08 -58.66 -111.91
CA SER A 256 -67.58 -58.06 -113.13
C SER A 256 -67.13 -58.84 -114.36
N SER A 257 -65.87 -59.28 -114.38
CA SER A 257 -65.41 -60.10 -115.50
C SER A 257 -66.09 -61.48 -115.52
N VAL A 258 -66.49 -62.00 -114.35
CA VAL A 258 -67.05 -63.34 -114.36
C VAL A 258 -68.55 -63.29 -114.68
N ILE A 259 -69.25 -62.20 -114.34
CA ILE A 259 -70.63 -62.06 -114.80
C ILE A 259 -70.65 -61.67 -116.27
N GLN A 260 -69.53 -61.13 -116.79
CA GLN A 260 -69.37 -61.00 -118.23
C GLN A 260 -69.23 -62.37 -118.89
N ASN A 261 -68.36 -63.23 -118.36
CA ASN A 261 -68.10 -64.51 -119.01
C ASN A 261 -69.19 -65.56 -118.76
N LEU A 262 -70.03 -65.39 -117.74
CA LEU A 262 -70.93 -66.46 -117.32
C LEU A 262 -72.23 -66.53 -118.10
N ARG A 263 -72.81 -65.39 -118.48
CA ARG A 263 -74.16 -65.41 -119.04
C ARG A 263 -74.23 -66.00 -120.44
N THR A 264 -73.09 -66.24 -121.10
CA THR A 264 -73.08 -66.90 -122.41
C THR A 264 -73.27 -68.40 -122.25
N ASP A 314 -85.51 -71.47 -111.13
CA ASP A 314 -84.60 -72.08 -112.08
C ASP A 314 -83.24 -71.41 -112.07
N GLN A 315 -82.19 -72.17 -112.41
CA GLN A 315 -80.88 -71.55 -112.50
C GLN A 315 -80.71 -70.66 -113.73
N THR A 316 -81.67 -70.65 -114.65
CA THR A 316 -81.68 -69.72 -115.78
C THR A 316 -81.63 -68.27 -115.32
N LEU A 317 -82.29 -67.95 -114.21
CA LEU A 317 -82.15 -66.64 -113.58
C LEU A 317 -81.47 -66.70 -112.23
N LYS A 318 -81.36 -67.87 -111.60
CA LYS A 318 -80.56 -67.96 -110.38
C LYS A 318 -79.07 -67.85 -110.68
N MET A 319 -78.63 -68.03 -111.93
CA MET A 319 -77.26 -67.73 -112.32
C MET A 319 -76.94 -66.25 -112.24
N ILE A 320 -77.94 -65.38 -112.25
CA ILE A 320 -77.75 -63.95 -112.07
C ILE A 320 -78.04 -63.61 -110.62
N LYS A 321 -78.97 -64.37 -110.02
CA LYS A 321 -79.32 -64.12 -108.62
C LYS A 321 -78.23 -64.54 -107.63
N ILE A 322 -77.36 -65.48 -108.00
CA ILE A 322 -76.24 -65.80 -107.11
C ILE A 322 -75.17 -64.71 -107.17
N LEU A 323 -75.03 -64.05 -108.32
CA LEU A 323 -73.95 -63.08 -108.49
C LEU A 323 -74.32 -61.75 -107.86
N SER A 324 -75.57 -61.32 -108.04
CA SER A 324 -76.09 -60.22 -107.24
C SER A 324 -76.13 -60.62 -105.76
N GLY A 325 -76.57 -61.84 -105.48
CA GLY A 325 -76.49 -62.45 -104.16
C GLY A 325 -77.16 -61.70 -103.04
N GLU A 326 -78.26 -61.00 -103.35
CA GLU A 326 -78.90 -60.10 -102.39
C GLU A 326 -79.60 -60.84 -101.26
N MET A 327 -79.82 -62.14 -101.41
CA MET A 327 -80.56 -62.91 -100.41
C MET A 327 -79.85 -62.93 -99.06
N ALA A 328 -78.54 -63.21 -99.08
CA ALA A 328 -77.75 -63.20 -97.86
C ALA A 328 -77.64 -61.80 -97.29
N ILE A 329 -77.61 -60.79 -98.16
CA ILE A 329 -77.58 -59.39 -97.72
C ILE A 329 -78.82 -59.04 -96.91
N GLU A 330 -80.00 -59.33 -97.46
CA GLU A 330 -81.20 -58.91 -96.74
C GLU A 330 -81.55 -59.80 -95.56
N LEU A 331 -81.16 -61.08 -95.55
CA LEU A 331 -81.41 -61.83 -94.32
C LEU A 331 -80.34 -61.56 -93.26
N HIS A 332 -79.14 -61.17 -93.69
CA HIS A 332 -78.15 -60.59 -92.78
C HIS A 332 -78.65 -59.29 -92.17
N LEU A 333 -79.31 -58.46 -92.97
CA LEU A 333 -79.95 -57.24 -92.49
C LEU A 333 -81.08 -57.55 -91.52
N GLN A 334 -81.82 -58.63 -91.80
CA GLN A 334 -82.86 -59.09 -90.89
C GLN A 334 -82.27 -59.51 -89.55
N PHE A 335 -81.11 -60.18 -89.59
CA PHE A 335 -80.40 -60.47 -88.33
C PHE A 335 -79.98 -59.19 -87.61
N LEU A 336 -79.49 -58.21 -88.37
CA LEU A 336 -79.03 -56.96 -87.78
C LEU A 336 -80.16 -56.09 -87.23
N ILE A 337 -81.41 -56.34 -87.63
CA ILE A 337 -82.50 -55.63 -86.97
C ILE A 337 -83.07 -56.47 -85.82
N ARG A 338 -83.07 -57.80 -85.94
CA ARG A 338 -83.69 -58.59 -84.88
C ARG A 338 -82.81 -58.72 -83.64
N ASN A 339 -81.52 -58.97 -83.80
CA ASN A 339 -80.66 -59.22 -82.64
C ASN A 339 -80.09 -57.92 -82.10
N ASN A 340 -79.99 -57.82 -80.78
CA ASN A 340 -79.49 -56.64 -80.12
C ASN A 340 -79.13 -56.98 -78.68
N ASN A 341 -78.12 -56.27 -78.17
CA ASN A 341 -77.82 -56.20 -76.74
C ASN A 341 -77.09 -54.90 -76.46
N THR A 342 -77.80 -53.90 -75.94
CA THR A 342 -77.24 -52.57 -75.74
C THR A 342 -76.67 -52.39 -74.34
N ASP A 343 -75.92 -51.31 -74.17
CA ASP A 343 -75.52 -50.82 -72.86
C ASP A 343 -75.61 -49.29 -72.93
N LEU A 344 -76.79 -48.76 -72.62
CA LEU A 344 -77.10 -47.35 -72.79
C LEU A 344 -76.60 -46.49 -71.63
N MET A 345 -76.40 -47.11 -70.45
CA MET A 345 -75.82 -46.39 -69.32
C MET A 345 -74.40 -45.94 -69.62
N ILE A 346 -73.62 -46.80 -70.29
CA ILE A 346 -72.31 -46.40 -70.79
C ILE A 346 -72.45 -45.31 -71.85
N LEU A 347 -73.51 -45.38 -72.66
CA LEU A 347 -73.72 -44.35 -73.67
C LEU A 347 -74.01 -42.98 -73.04
N LYS A 348 -74.65 -42.95 -71.87
CA LYS A 348 -74.84 -41.68 -71.17
C LYS A 348 -73.58 -41.23 -70.44
N ASN A 349 -72.91 -42.14 -69.74
CA ASN A 349 -71.69 -41.79 -69.02
C ASN A 349 -70.48 -41.60 -69.93
N THR A 350 -70.62 -41.82 -71.24
CA THR A 350 -69.69 -41.33 -72.23
C THR A 350 -70.22 -40.12 -72.99
N LYS A 351 -71.54 -39.99 -73.08
CA LYS A 351 -72.23 -38.81 -73.60
C LYS A 351 -71.97 -37.56 -72.77
N ASP A 352 -71.54 -37.73 -71.53
CA ASP A 352 -71.16 -36.59 -70.68
C ASP A 352 -69.92 -35.83 -71.20
N ALA A 353 -69.11 -36.45 -72.06
CA ALA A 353 -67.90 -35.82 -72.56
C ALA A 353 -67.90 -35.74 -74.08
N VAL A 354 -69.02 -35.33 -74.66
CA VAL A 354 -69.08 -35.11 -76.10
C VAL A 354 -68.51 -33.73 -76.42
N ARG A 355 -67.89 -33.63 -77.60
CA ARG A 355 -67.36 -32.39 -78.13
C ARG A 355 -67.51 -32.46 -79.64
N ASN A 356 -66.70 -31.67 -80.34
CA ASN A 356 -66.41 -31.91 -81.75
C ASN A 356 -65.42 -33.08 -81.83
N SER A 357 -65.84 -34.27 -81.39
CA SER A 357 -64.92 -35.31 -80.99
C SER A 357 -65.52 -36.68 -81.32
N VAL A 358 -64.86 -37.71 -80.80
CA VAL A 358 -65.19 -39.08 -81.14
C VAL A 358 -66.51 -39.53 -80.54
N CYS A 359 -66.93 -38.93 -79.41
CA CYS A 359 -68.20 -39.32 -78.77
C CYS A 359 -69.38 -39.12 -79.71
N HIS A 360 -69.44 -37.94 -80.35
CA HIS A 360 -70.40 -37.65 -81.40
C HIS A 360 -70.32 -38.61 -82.58
N THR A 361 -69.17 -39.25 -82.81
CA THR A 361 -69.03 -40.20 -83.90
C THR A 361 -69.01 -41.65 -83.44
N ALA A 362 -68.47 -41.96 -82.26
CA ALA A 362 -68.37 -43.35 -81.88
C ALA A 362 -69.58 -43.84 -81.13
N THR A 363 -70.50 -42.96 -80.71
CA THR A 363 -71.81 -43.47 -80.32
C THR A 363 -72.54 -44.09 -81.52
N VAL A 364 -72.50 -43.43 -82.68
CA VAL A 364 -73.18 -44.00 -83.84
C VAL A 364 -72.34 -45.11 -84.46
N ILE A 365 -71.00 -45.03 -84.34
CA ILE A 365 -70.16 -46.17 -84.71
C ILE A 365 -70.45 -47.38 -83.83
N ALA A 366 -70.71 -47.16 -82.55
CA ALA A 366 -71.05 -48.24 -81.63
C ALA A 366 -72.36 -48.92 -82.02
N ASN A 367 -73.47 -48.18 -81.99
CA ASN A 367 -74.73 -48.86 -82.31
C ASN A 367 -74.97 -49.02 -83.82
N SER A 368 -74.00 -48.69 -84.67
CA SER A 368 -74.07 -49.00 -86.08
C SER A 368 -73.14 -50.13 -86.50
N PHE A 369 -72.13 -50.43 -85.69
CA PHE A 369 -71.42 -51.69 -85.88
C PHE A 369 -72.15 -52.80 -85.16
N MET A 370 -72.86 -52.45 -84.09
CA MET A 370 -73.91 -53.32 -83.57
C MET A 370 -75.00 -53.54 -84.63
N HIS A 371 -75.45 -52.47 -85.28
CA HIS A 371 -76.55 -52.52 -86.23
C HIS A 371 -76.15 -51.88 -87.56
N CYS A 372 -75.60 -52.69 -88.46
CA CYS A 372 -75.30 -52.23 -89.81
C CYS A 372 -76.62 -52.22 -90.59
N GLY A 373 -77.38 -51.14 -90.47
CA GLY A 373 -78.69 -51.11 -91.09
C GLY A 373 -79.82 -51.57 -90.19
N THR A 374 -79.97 -50.96 -89.03
CA THR A 374 -81.18 -51.20 -88.23
C THR A 374 -82.41 -50.57 -88.85
N THR A 375 -82.22 -49.59 -89.75
CA THR A 375 -83.26 -48.74 -90.33
C THR A 375 -84.18 -48.10 -89.28
N SER A 376 -83.63 -47.81 -88.11
CA SER A 376 -84.41 -47.26 -87.02
C SER A 376 -83.61 -46.19 -86.33
N ASP A 377 -84.29 -45.12 -85.93
CA ASP A 377 -83.69 -44.02 -85.20
C ASP A 377 -83.86 -44.28 -83.70
N GLN A 378 -82.75 -44.21 -82.96
CA GLN A 378 -82.80 -44.10 -81.51
C GLN A 378 -81.99 -42.95 -80.98
N PHE A 379 -80.83 -42.65 -81.57
CA PHE A 379 -80.07 -41.47 -81.19
C PHE A 379 -80.61 -40.21 -81.86
N LEU A 380 -81.32 -40.35 -82.97
CA LEU A 380 -82.09 -39.22 -83.50
C LEU A 380 -83.30 -38.95 -82.62
N ARG A 381 -83.88 -40.00 -82.05
CA ARG A 381 -85.15 -39.86 -81.35
C ARG A 381 -84.96 -39.34 -79.93
N ASP A 382 -83.91 -39.79 -79.23
CA ASP A 382 -83.83 -39.54 -77.80
C ASP A 382 -83.44 -38.10 -77.45
N ASN A 383 -82.85 -37.35 -78.38
CA ASN A 383 -82.38 -36.01 -78.07
C ASN A 383 -82.20 -35.21 -79.36
N LEU A 384 -82.05 -33.90 -79.18
CA LEU A 384 -81.69 -33.04 -80.29
C LEU A 384 -80.58 -32.09 -79.86
N GLU A 385 -80.49 -31.79 -78.55
CA GLU A 385 -79.48 -30.86 -78.06
C GLU A 385 -78.10 -31.48 -78.00
N TRP A 386 -78.04 -32.77 -77.68
CA TRP A 386 -76.80 -33.52 -77.84
C TRP A 386 -76.44 -33.65 -79.31
N LEU A 387 -77.44 -33.74 -80.17
CA LEU A 387 -77.26 -33.64 -81.61
C LEU A 387 -76.97 -32.21 -82.07
N ALA A 388 -77.09 -31.22 -81.19
CA ALA A 388 -76.88 -29.81 -81.52
C ALA A 388 -75.51 -29.33 -81.06
N ARG A 389 -74.49 -30.17 -81.18
CA ARG A 389 -73.12 -29.78 -80.91
C ARG A 389 -72.36 -29.97 -82.23
N ALA A 390 -72.93 -29.43 -83.30
CA ALA A 390 -72.54 -29.75 -84.66
C ALA A 390 -71.74 -28.60 -85.27
N THR A 391 -70.46 -28.86 -85.57
CA THR A 391 -69.61 -27.88 -86.24
C THR A 391 -68.66 -28.57 -87.22
N ASN A 392 -69.13 -28.70 -88.47
CA ASN A 392 -68.46 -29.05 -89.71
C ASN A 392 -68.02 -30.52 -89.76
N TRP A 393 -67.64 -31.08 -88.63
CA TRP A 393 -67.36 -32.51 -88.65
C TRP A 393 -68.37 -33.24 -87.81
N ALA A 394 -68.81 -32.61 -86.73
CA ALA A 394 -70.07 -33.04 -86.17
C ALA A 394 -71.24 -32.65 -87.08
N LYS A 395 -71.09 -31.66 -87.97
CA LYS A 395 -72.13 -31.47 -89.00
C LYS A 395 -72.04 -32.54 -90.09
N PHE A 396 -70.82 -32.77 -90.61
CA PHE A 396 -70.57 -33.85 -91.56
C PHE A 396 -71.03 -35.19 -91.02
N THR A 397 -70.77 -35.44 -89.73
CA THR A 397 -71.14 -36.67 -89.06
C THR A 397 -72.63 -36.72 -88.75
N ALA A 398 -73.24 -35.59 -88.38
CA ALA A 398 -74.66 -35.56 -88.08
C ALA A 398 -75.53 -35.71 -89.32
N THR A 399 -74.95 -35.59 -90.52
CA THR A 399 -75.67 -36.02 -91.70
C THR A 399 -75.13 -37.30 -92.36
N ALA A 400 -73.90 -37.71 -92.05
CA ALA A 400 -73.37 -38.96 -92.57
C ALA A 400 -73.73 -40.16 -91.71
N SER A 401 -74.11 -39.91 -90.46
CA SER A 401 -74.39 -40.97 -89.51
C SER A 401 -75.67 -41.71 -89.84
N LEU A 402 -76.54 -41.11 -90.66
CA LEU A 402 -77.72 -41.82 -91.09
C LEU A 402 -77.34 -43.01 -91.97
N GLY A 403 -76.40 -42.82 -92.89
CA GLY A 403 -75.88 -43.94 -93.66
C GLY A 403 -74.88 -44.79 -92.94
N VAL A 404 -74.24 -44.25 -91.89
CA VAL A 404 -73.46 -45.08 -90.99
C VAL A 404 -74.34 -46.14 -90.34
N ILE A 405 -75.48 -45.72 -89.78
CA ILE A 405 -76.41 -46.63 -89.10
C ILE A 405 -77.29 -47.37 -90.13
N HIS A 406 -77.07 -47.12 -91.42
CA HIS A 406 -77.86 -47.77 -92.47
C HIS A 406 -76.95 -48.42 -93.50
N LYS A 407 -76.01 -49.25 -93.04
CA LYS A 407 -75.25 -50.07 -93.97
C LYS A 407 -76.16 -51.14 -94.57
N GLY A 408 -75.99 -51.40 -95.87
CA GLY A 408 -76.92 -52.27 -96.55
C GLY A 408 -78.25 -51.58 -96.74
N HIS A 409 -79.31 -52.39 -96.83
CA HIS A 409 -80.71 -51.95 -96.99
C HIS A 409 -80.84 -51.08 -98.24
N GLU A 410 -80.55 -51.73 -99.37
CA GLU A 410 -80.03 -51.04 -100.54
C GLU A 410 -81.09 -50.21 -101.26
N LYS A 411 -82.31 -50.73 -101.39
CA LYS A 411 -83.32 -50.06 -102.19
C LYS A 411 -83.83 -48.79 -101.51
N GLU A 412 -84.01 -48.83 -100.19
CA GLU A 412 -84.62 -47.72 -99.48
C GLU A 412 -83.61 -46.62 -99.13
N ALA A 413 -82.43 -46.62 -99.76
CA ALA A 413 -81.42 -45.59 -99.54
C ALA A 413 -81.95 -44.20 -99.87
N LEU A 414 -82.37 -44.00 -101.12
CA LEU A 414 -82.85 -42.70 -101.58
C LEU A 414 -84.14 -42.30 -100.87
N GLN A 415 -85.07 -43.23 -100.74
CA GLN A 415 -86.35 -42.89 -100.13
C GLN A 415 -86.32 -42.93 -98.61
N LEU A 416 -85.19 -43.30 -98.00
CA LEU A 416 -84.98 -43.09 -96.58
C LEU A 416 -84.21 -41.81 -96.33
N MET A 417 -83.41 -41.37 -97.29
CA MET A 417 -82.79 -40.05 -97.25
C MET A 417 -83.53 -39.11 -98.19
N ALA A 418 -84.84 -39.32 -98.29
CA ALA A 418 -85.76 -38.31 -98.81
C ALA A 418 -85.53 -36.95 -98.18
N THR A 419 -85.32 -36.91 -96.86
CA THR A 419 -84.91 -35.68 -96.19
C THR A 419 -83.54 -35.20 -96.67
N TYR A 420 -82.68 -36.11 -97.13
CA TYR A 420 -81.31 -35.77 -97.47
C TYR A 420 -81.01 -35.88 -98.96
N LEU A 421 -81.94 -35.44 -99.81
CA LEU A 421 -81.62 -35.11 -101.19
C LEU A 421 -80.80 -33.82 -101.20
N PRO A 422 -80.00 -33.57 -102.26
CA PRO A 422 -79.16 -32.38 -102.22
C PRO A 422 -79.84 -31.05 -102.56
N LYS A 423 -81.06 -30.82 -102.05
CA LYS A 423 -81.56 -29.46 -101.86
C LYS A 423 -82.44 -29.38 -100.62
N ASP A 424 -82.45 -30.43 -99.80
CA ASP A 424 -83.46 -30.59 -98.76
C ASP A 424 -82.89 -30.57 -97.35
N THR A 425 -81.73 -29.92 -97.18
CA THR A 425 -81.10 -29.78 -95.84
C THR A 425 -81.43 -28.39 -95.29
N SER A 426 -81.40 -27.38 -96.17
CA SER A 426 -81.68 -25.96 -95.82
C SER A 426 -80.76 -25.52 -94.68
N PRO A 427 -79.43 -25.73 -94.78
CA PRO A 427 -78.49 -25.34 -93.73
C PRO A 427 -77.50 -24.27 -94.22
N GLY A 428 -77.04 -23.40 -93.31
CA GLY A 428 -76.07 -22.35 -93.67
C GLY A 428 -74.67 -22.95 -93.78
N SER A 429 -74.59 -24.20 -94.23
CA SER A 429 -73.33 -24.92 -94.38
C SER A 429 -73.50 -26.17 -95.22
N ALA A 430 -72.56 -26.39 -96.14
CA ALA A 430 -72.58 -27.47 -97.11
C ALA A 430 -72.11 -28.82 -96.57
N TYR A 431 -71.65 -28.89 -95.32
CA TYR A 431 -71.18 -30.17 -94.81
C TYR A 431 -72.32 -31.00 -94.27
N GLN A 432 -73.30 -30.32 -93.69
CA GLN A 432 -74.59 -30.87 -93.30
C GLN A 432 -75.40 -31.36 -94.50
N GLU A 433 -75.03 -31.01 -95.73
CA GLU A 433 -75.62 -31.61 -96.91
C GLU A 433 -74.65 -32.47 -97.70
N GLY A 434 -73.35 -32.42 -97.37
CA GLY A 434 -72.37 -33.20 -98.11
C GLY A 434 -72.17 -34.58 -97.53
N GLY A 435 -72.14 -34.65 -96.19
CA GLY A 435 -72.06 -35.95 -95.54
C GLY A 435 -73.26 -36.84 -95.81
N GLY A 436 -74.40 -36.24 -96.16
CA GLY A 436 -75.55 -37.05 -96.57
C GLY A 436 -75.31 -37.78 -97.88
N LEU A 437 -74.71 -37.10 -98.87
CA LEU A 437 -74.39 -37.79 -100.11
C LEU A 437 -73.23 -38.76 -99.91
N TYR A 438 -72.33 -38.44 -98.98
CA TYR A 438 -71.40 -39.44 -98.48
C TYR A 438 -72.12 -40.64 -97.88
N ALA A 439 -73.24 -40.42 -97.22
CA ALA A 439 -73.98 -41.53 -96.62
C ALA A 439 -74.69 -42.36 -97.68
N LEU A 440 -75.14 -41.72 -98.76
CA LEU A 440 -75.54 -42.48 -99.96
C LEU A 440 -74.40 -43.32 -100.48
N GLY A 441 -73.18 -42.78 -100.47
CA GLY A 441 -72.02 -43.57 -100.86
C GLY A 441 -71.71 -44.71 -99.90
N LEU A 442 -71.99 -44.51 -98.62
CA LEU A 442 -71.87 -45.56 -97.62
C LEU A 442 -72.81 -46.71 -97.91
N ILE A 443 -74.08 -46.39 -98.18
CA ILE A 443 -75.08 -47.43 -98.47
C ILE A 443 -74.74 -48.15 -99.77
N HIS A 444 -74.41 -47.40 -100.81
CA HIS A 444 -74.21 -47.97 -102.13
C HIS A 444 -72.81 -48.55 -102.28
N ALA A 445 -72.41 -49.43 -101.36
CA ALA A 445 -71.09 -50.04 -101.37
C ALA A 445 -71.12 -51.32 -102.18
N ASN A 446 -70.36 -51.34 -103.28
CA ASN A 446 -70.03 -52.50 -104.12
C ASN A 446 -71.20 -53.02 -104.94
N HIS A 447 -72.40 -52.48 -104.75
CA HIS A 447 -73.59 -52.87 -105.50
C HIS A 447 -74.42 -51.60 -105.68
N GLY A 448 -74.19 -50.93 -106.79
CA GLY A 448 -74.86 -49.69 -107.15
C GLY A 448 -75.95 -49.98 -108.16
N GLY A 449 -75.63 -49.78 -109.44
CA GLY A 449 -76.62 -49.85 -110.49
C GLY A 449 -76.55 -48.58 -111.28
N ASP A 450 -77.53 -47.70 -111.10
CA ASP A 450 -77.45 -46.36 -111.64
C ASP A 450 -77.00 -45.34 -110.61
N ILE A 451 -77.12 -45.66 -109.31
CA ILE A 451 -76.91 -44.65 -108.27
C ILE A 451 -75.42 -44.34 -108.11
N ILE A 452 -74.53 -45.24 -108.54
CA ILE A 452 -73.12 -44.88 -108.74
C ILE A 452 -73.02 -43.71 -109.70
N ASP A 453 -73.62 -43.86 -110.88
CA ASP A 453 -73.65 -42.78 -111.86
C ASP A 453 -74.47 -41.58 -111.39
N TYR A 454 -75.36 -41.76 -110.42
CA TYR A 454 -76.15 -40.65 -109.94
C TYR A 454 -75.41 -39.81 -108.90
N LEU A 455 -74.59 -40.45 -108.06
CA LEU A 455 -73.66 -39.67 -107.25
C LEU A 455 -72.60 -39.01 -108.12
N LEU A 456 -72.19 -39.71 -109.18
CA LEU A 456 -71.29 -39.13 -110.19
C LEU A 456 -71.90 -37.87 -110.80
N ASN A 457 -73.17 -37.95 -111.20
CA ASN A 457 -73.85 -36.80 -111.78
C ASN A 457 -74.12 -35.71 -110.75
N GLN A 458 -74.37 -36.07 -109.48
CA GLN A 458 -74.47 -35.08 -108.41
C GLN A 458 -73.18 -34.30 -108.27
N LEU A 459 -72.05 -34.98 -108.42
CA LEU A 459 -70.77 -34.28 -108.50
C LEU A 459 -70.65 -33.47 -109.78
N LYS A 460 -71.34 -33.89 -110.84
CA LYS A 460 -71.24 -33.19 -112.10
C LYS A 460 -72.48 -32.35 -112.42
N ASN A 461 -73.32 -32.05 -111.43
CA ASN A 461 -74.40 -31.06 -111.61
C ASN A 461 -73.86 -29.66 -111.35
N ALA A 462 -72.81 -29.31 -112.08
CA ALA A 462 -72.08 -28.04 -112.04
C ALA A 462 -71.76 -27.55 -110.64
N SER A 463 -71.41 -28.46 -109.74
CA SER A 463 -71.22 -28.14 -108.33
C SER A 463 -69.78 -28.39 -107.94
N ASN A 464 -69.09 -27.32 -107.57
CA ASN A 464 -67.71 -27.41 -107.10
C ASN A 464 -67.67 -27.40 -105.58
N ASP A 465 -66.98 -28.41 -105.01
CA ASP A 465 -66.43 -28.54 -103.67
C ASP A 465 -67.35 -28.08 -102.52
N ILE A 466 -68.66 -28.16 -102.72
CA ILE A 466 -69.61 -28.03 -101.63
C ILE A 466 -70.50 -29.26 -101.53
N VAL A 467 -70.89 -29.83 -102.67
CA VAL A 467 -71.42 -31.18 -102.72
C VAL A 467 -70.29 -32.19 -102.60
N ARG A 468 -69.13 -31.85 -103.17
CA ARG A 468 -68.03 -32.80 -103.29
C ARG A 468 -67.45 -33.15 -101.94
N HIS A 469 -67.60 -32.23 -100.96
CA HIS A 469 -67.27 -32.30 -99.55
C HIS A 469 -67.48 -33.67 -98.92
N GLY A 470 -68.64 -34.28 -99.17
CA GLY A 470 -68.84 -35.65 -98.81
C GLY A 470 -69.12 -36.54 -100.01
N GLY A 471 -69.72 -35.98 -101.06
CA GLY A 471 -70.16 -36.79 -102.18
C GLY A 471 -69.03 -37.41 -102.98
N SER A 472 -67.83 -36.84 -102.93
CA SER A 472 -66.71 -37.41 -103.65
C SER A 472 -66.15 -38.62 -102.92
N LEU A 473 -66.02 -38.51 -101.59
CA LEU A 473 -65.74 -39.65 -100.73
C LEU A 473 -66.78 -40.76 -100.95
N GLY A 474 -68.05 -40.37 -101.03
CA GLY A 474 -69.12 -41.34 -101.21
C GLY A 474 -69.06 -42.03 -102.56
N LEU A 475 -68.77 -41.25 -103.62
CA LEU A 475 -68.69 -41.81 -104.97
C LEU A 475 -67.52 -42.76 -105.12
N GLY A 476 -66.35 -42.39 -104.59
CA GLY A 476 -65.21 -43.29 -104.62
C GLY A 476 -65.43 -44.55 -103.81
N LEU A 477 -66.07 -44.39 -102.64
CA LEU A 477 -66.49 -45.56 -101.86
C LEU A 477 -67.48 -46.42 -102.62
N ALA A 478 -68.33 -45.81 -103.44
CA ALA A 478 -69.36 -46.56 -104.14
C ALA A 478 -68.78 -47.36 -105.30
N ALA A 479 -68.12 -46.69 -106.24
CA ALA A 479 -67.51 -47.40 -107.37
C ALA A 479 -66.14 -47.95 -107.04
N MET A 480 -66.00 -48.68 -105.94
CA MET A 480 -64.69 -49.12 -105.46
C MET A 480 -64.26 -50.38 -106.18
N GLY A 481 -63.09 -50.33 -106.82
CA GLY A 481 -62.56 -51.48 -107.51
C GLY A 481 -63.21 -51.80 -108.85
N THR A 482 -64.28 -51.11 -109.22
CA THR A 482 -64.98 -51.35 -110.48
C THR A 482 -64.20 -50.87 -111.68
N ALA A 483 -63.15 -50.06 -111.47
CA ALA A 483 -62.27 -49.50 -112.50
C ALA A 483 -63.07 -48.74 -113.57
N ARG A 484 -63.75 -47.70 -113.11
CA ARG A 484 -64.53 -46.88 -114.01
C ARG A 484 -63.63 -45.89 -114.75
N GLN A 485 -64.24 -45.16 -115.67
CA GLN A 485 -63.57 -44.13 -116.45
C GLN A 485 -64.04 -42.73 -116.09
N ASP A 486 -65.36 -42.55 -115.95
CA ASP A 486 -65.94 -41.22 -115.74
C ASP A 486 -65.52 -40.63 -114.40
N VAL A 487 -65.46 -41.47 -113.37
CA VAL A 487 -65.05 -40.99 -112.04
C VAL A 487 -63.57 -40.62 -112.07
N TYR A 488 -62.76 -41.31 -112.88
CA TYR A 488 -61.38 -40.87 -113.08
C TYR A 488 -61.33 -39.56 -113.85
N ASP A 489 -62.25 -39.37 -114.79
CA ASP A 489 -62.26 -38.17 -115.63
C ASP A 489 -62.59 -36.92 -114.82
N LEU A 490 -63.56 -37.02 -113.92
CA LEU A 490 -63.92 -35.88 -113.08
C LEU A 490 -63.08 -35.81 -111.81
N LEU A 491 -62.50 -36.93 -111.37
CA LEU A 491 -61.53 -36.81 -110.31
C LEU A 491 -60.18 -36.32 -110.79
N LYS A 492 -59.95 -36.20 -112.10
CA LYS A 492 -58.76 -35.46 -112.51
C LYS A 492 -58.90 -33.97 -112.26
N THR A 493 -60.08 -33.38 -112.50
CA THR A 493 -60.23 -31.98 -112.10
C THR A 493 -60.46 -31.85 -110.61
N ASN A 494 -60.94 -32.90 -109.94
CA ASN A 494 -60.93 -32.89 -108.48
C ASN A 494 -59.49 -32.97 -107.95
N LEU A 495 -58.63 -33.71 -108.66
CA LEU A 495 -57.21 -33.79 -108.34
C LEU A 495 -56.53 -32.44 -108.52
N TYR A 496 -56.92 -31.73 -109.57
CA TYR A 496 -56.34 -30.44 -109.88
C TYR A 496 -57.19 -29.28 -109.37
N GLN A 497 -58.08 -29.53 -108.40
CA GLN A 497 -58.74 -28.48 -107.64
C GLN A 497 -57.78 -27.49 -107.00
N ASP A 498 -56.62 -27.99 -106.55
CA ASP A 498 -55.68 -27.25 -105.69
C ASP A 498 -56.38 -26.81 -104.41
N ASP A 499 -57.15 -27.72 -103.83
CA ASP A 499 -57.79 -27.51 -102.53
C ASP A 499 -57.97 -28.89 -101.92
N ALA A 500 -57.24 -29.17 -100.85
CA ALA A 500 -57.15 -30.54 -100.36
C ALA A 500 -58.38 -30.97 -99.57
N VAL A 501 -59.28 -30.05 -99.21
CA VAL A 501 -60.51 -30.45 -98.52
C VAL A 501 -61.38 -31.30 -99.43
N THR A 502 -61.29 -31.10 -100.73
CA THR A 502 -61.79 -32.04 -101.72
C THR A 502 -60.69 -32.78 -102.45
N GLY A 503 -59.44 -32.28 -102.39
CA GLY A 503 -58.35 -32.96 -103.06
C GLY A 503 -57.94 -34.28 -102.41
N GLU A 504 -58.01 -34.35 -101.09
CA GLU A 504 -57.75 -35.62 -100.42
C GLU A 504 -58.84 -36.61 -100.72
N ALA A 505 -60.07 -36.12 -100.81
CA ALA A 505 -61.18 -36.93 -101.29
C ALA A 505 -60.92 -37.42 -102.70
N ALA A 506 -60.32 -36.58 -103.54
CA ALA A 506 -59.96 -36.98 -104.91
C ALA A 506 -58.93 -38.11 -104.91
N GLY A 507 -57.84 -37.92 -104.16
CA GLY A 507 -56.80 -38.94 -104.10
C GLY A 507 -57.28 -40.26 -103.51
N LEU A 508 -57.97 -40.17 -102.36
CA LEU A 508 -58.52 -41.36 -101.71
C LEU A 508 -59.54 -42.06 -102.57
N ALA A 509 -60.51 -41.30 -103.12
CA ALA A 509 -61.57 -41.86 -103.91
C ALA A 509 -61.06 -42.40 -105.24
N LEU A 510 -59.98 -41.83 -105.76
CA LEU A 510 -59.44 -42.30 -107.02
C LEU A 510 -58.63 -43.58 -106.82
N GLY A 511 -57.91 -43.67 -105.70
CA GLY A 511 -57.35 -44.96 -105.30
C GLY A 511 -58.41 -46.01 -105.06
N LEU A 512 -59.55 -45.63 -104.48
CA LEU A 512 -60.64 -46.55 -104.25
C LEU A 512 -61.23 -47.09 -105.55
N VAL A 513 -61.50 -46.19 -106.51
CA VAL A 513 -62.04 -46.64 -107.79
C VAL A 513 -60.99 -47.27 -108.68
N MET A 514 -59.71 -47.19 -108.32
CA MET A 514 -58.70 -47.85 -109.13
C MET A 514 -57.96 -48.91 -108.34
N LEU A 515 -58.70 -49.75 -107.60
CA LEU A 515 -58.11 -50.76 -106.72
C LEU A 515 -57.33 -51.83 -107.49
N GLY A 516 -56.05 -51.95 -107.14
CA GLY A 516 -55.11 -52.88 -107.74
C GLY A 516 -55.09 -52.79 -109.25
N SER A 517 -54.99 -51.56 -109.77
CA SER A 517 -55.35 -51.33 -111.16
C SER A 517 -54.27 -51.80 -112.12
N LYS A 518 -53.01 -51.45 -111.83
CA LYS A 518 -51.92 -51.42 -112.80
C LYS A 518 -52.37 -50.67 -114.05
N ASN A 519 -52.88 -49.46 -113.83
CA ASN A 519 -53.14 -48.55 -114.93
C ASN A 519 -51.84 -47.90 -115.36
N ALA A 520 -51.76 -47.55 -116.64
CA ALA A 520 -50.63 -46.79 -117.15
C ALA A 520 -50.82 -45.29 -116.95
N GLN A 521 -51.98 -44.87 -116.45
CA GLN A 521 -52.26 -43.46 -116.23
C GLN A 521 -52.74 -43.13 -114.84
N ALA A 522 -53.36 -44.05 -114.10
CA ALA A 522 -53.69 -43.76 -112.71
C ALA A 522 -52.44 -43.69 -111.85
N ILE A 523 -51.55 -44.67 -111.99
CA ILE A 523 -50.30 -44.71 -111.22
C ILE A 523 -49.40 -43.52 -111.58
N GLU A 524 -49.14 -43.33 -112.86
CA GLU A 524 -48.25 -42.27 -113.29
C GLU A 524 -48.87 -40.89 -113.10
N ASP A 525 -50.14 -40.75 -113.41
CA ASP A 525 -50.82 -39.46 -113.32
C ASP A 525 -51.34 -39.15 -111.93
N MET A 526 -51.15 -40.05 -110.95
CA MET A 526 -51.28 -39.68 -109.56
C MET A 526 -49.95 -39.55 -108.84
N VAL A 527 -48.88 -40.20 -109.32
CA VAL A 527 -47.58 -39.93 -108.75
C VAL A 527 -47.06 -38.60 -109.28
N GLY A 528 -47.57 -38.15 -110.44
CA GLY A 528 -47.12 -36.89 -111.00
C GLY A 528 -47.55 -35.69 -110.17
N TYR A 529 -48.82 -35.63 -109.79
CA TYR A 529 -49.33 -34.55 -108.96
C TYR A 529 -48.76 -34.57 -107.54
N ALA A 530 -48.14 -35.68 -107.13
CA ALA A 530 -47.66 -35.84 -105.76
C ALA A 530 -46.53 -34.85 -105.43
N GLN A 531 -45.63 -34.60 -106.37
CA GLN A 531 -44.42 -33.88 -106.00
C GLN A 531 -44.63 -32.38 -105.91
N GLU A 532 -45.30 -31.78 -106.89
CA GLU A 532 -45.34 -30.34 -107.01
C GLU A 532 -46.50 -29.69 -106.25
N THR A 533 -47.25 -30.46 -105.47
CA THR A 533 -48.26 -29.83 -104.63
C THR A 533 -47.59 -29.10 -103.45
N GLN A 534 -48.32 -28.12 -102.90
CA GLN A 534 -47.77 -27.27 -101.85
C GLN A 534 -48.26 -27.66 -100.47
N HIS A 535 -48.86 -28.83 -100.32
CA HIS A 535 -49.23 -29.37 -99.02
C HIS A 535 -48.82 -30.84 -98.99
N GLU A 536 -49.05 -31.47 -97.85
CA GLU A 536 -48.74 -32.89 -97.71
C GLU A 536 -49.83 -33.70 -97.02
N LYS A 537 -50.88 -33.07 -96.54
CA LYS A 537 -52.07 -33.84 -96.19
C LYS A 537 -52.83 -34.22 -97.44
N ILE A 538 -52.74 -33.38 -98.49
CA ILE A 538 -53.02 -33.81 -99.85
C ILE A 538 -52.15 -35.02 -100.23
N LEU A 539 -50.91 -35.07 -99.73
CA LEU A 539 -50.09 -36.26 -99.95
C LEU A 539 -50.49 -37.42 -99.08
N ARG A 540 -51.18 -37.19 -97.96
CA ARG A 540 -51.80 -38.32 -97.25
C ARG A 540 -52.93 -38.92 -98.07
N GLY A 541 -53.78 -38.06 -98.63
CA GLY A 541 -54.83 -38.47 -99.55
C GLY A 541 -54.32 -39.26 -100.73
N LEU A 542 -53.43 -38.63 -101.52
CA LEU A 542 -52.78 -39.32 -102.63
C LEU A 542 -51.94 -40.51 -102.18
N ALA A 543 -51.45 -40.49 -100.94
CA ALA A 543 -50.62 -41.57 -100.40
C ALA A 543 -51.41 -42.85 -100.31
N VAL A 544 -52.53 -42.79 -99.59
CA VAL A 544 -53.37 -43.96 -99.47
C VAL A 544 -54.04 -44.30 -100.81
N GLY A 545 -54.25 -43.29 -101.67
CA GLY A 545 -54.77 -43.56 -103.01
C GLY A 545 -53.82 -44.38 -103.87
N ILE A 546 -52.55 -43.97 -103.93
CA ILE A 546 -51.57 -44.73 -104.72
C ILE A 546 -51.06 -45.95 -104.00
N ALA A 547 -51.41 -46.12 -102.72
CA ALA A 547 -51.26 -47.42 -102.10
C ALA A 547 -52.35 -48.37 -102.59
N LEU A 548 -53.59 -47.87 -102.64
CA LEU A 548 -54.71 -48.73 -102.97
C LEU A 548 -54.73 -49.07 -104.45
N VAL A 549 -54.08 -48.24 -105.28
CA VAL A 549 -54.04 -48.46 -106.72
C VAL A 549 -53.21 -49.69 -107.10
N MET A 550 -52.36 -50.19 -106.20
CA MET A 550 -51.56 -51.40 -106.43
C MET A 550 -51.72 -52.30 -105.22
N TYR A 551 -52.60 -53.29 -105.34
CA TYR A 551 -52.86 -54.22 -104.26
C TYR A 551 -52.44 -55.61 -104.69
N GLY A 552 -51.63 -56.26 -103.85
CA GLY A 552 -51.37 -57.69 -103.96
C GLY A 552 -50.67 -58.15 -105.22
N ARG A 553 -49.89 -57.26 -105.86
CA ARG A 553 -49.22 -57.64 -107.09
C ARG A 553 -48.06 -58.58 -106.84
N MET A 554 -47.43 -58.45 -105.67
CA MET A 554 -46.53 -59.41 -105.03
C MET A 554 -45.15 -59.52 -105.69
N GLU A 555 -44.97 -58.99 -106.89
CA GLU A 555 -43.63 -58.76 -107.40
C GLU A 555 -43.58 -57.53 -108.31
N GLU A 556 -44.73 -56.95 -108.61
CA GLU A 556 -44.76 -55.92 -109.65
C GLU A 556 -44.39 -54.55 -109.09
N ALA A 557 -44.90 -54.21 -107.92
CA ALA A 557 -44.81 -52.86 -107.38
C ALA A 557 -43.43 -52.52 -106.83
N ASP A 558 -42.44 -53.39 -106.99
CA ASP A 558 -41.11 -53.17 -106.42
C ASP A 558 -40.47 -51.92 -106.99
N ALA A 559 -40.71 -51.64 -108.27
CA ALA A 559 -40.23 -50.41 -108.91
C ALA A 559 -40.82 -49.18 -108.25
N LEU A 560 -42.11 -49.23 -107.91
CA LEU A 560 -42.77 -48.09 -107.29
C LEU A 560 -42.33 -47.92 -105.83
N ILE A 561 -42.20 -49.03 -105.10
CA ILE A 561 -41.78 -48.97 -103.70
C ILE A 561 -40.37 -48.43 -103.59
N GLU A 562 -39.48 -48.91 -104.46
CA GLU A 562 -38.11 -48.42 -104.46
C GLU A 562 -38.04 -46.98 -104.96
N SER A 563 -38.90 -46.60 -105.90
CA SER A 563 -38.93 -45.23 -106.39
C SER A 563 -39.44 -44.25 -105.35
N LEU A 564 -40.35 -44.68 -104.48
CA LEU A 564 -40.95 -43.76 -103.52
C LEU A 564 -40.22 -43.76 -102.19
N CYS A 565 -39.72 -44.90 -101.74
CA CYS A 565 -38.82 -44.94 -100.60
C CYS A 565 -37.41 -44.48 -100.97
N ARG A 566 -37.15 -44.33 -102.28
CA ARG A 566 -35.97 -43.64 -102.76
C ARG A 566 -35.95 -42.20 -102.25
N ASP A 567 -37.10 -41.53 -102.30
CA ASP A 567 -37.21 -40.13 -101.91
C ASP A 567 -37.01 -39.95 -100.41
N LYS A 568 -36.97 -38.69 -99.97
CA LYS A 568 -36.61 -38.30 -98.62
C LYS A 568 -37.81 -37.99 -97.74
N ASP A 569 -39.01 -37.90 -98.31
CA ASP A 569 -40.17 -37.39 -97.60
C ASP A 569 -40.76 -38.50 -96.75
N PRO A 570 -40.81 -38.35 -95.41
CA PRO A 570 -41.43 -39.37 -94.55
C PRO A 570 -42.91 -39.59 -94.84
N ILE A 571 -43.55 -38.59 -95.43
CA ILE A 571 -44.92 -38.75 -95.89
C ILE A 571 -44.96 -39.57 -97.18
N LEU A 572 -44.04 -39.28 -98.10
CA LEU A 572 -43.99 -40.05 -99.34
C LEU A 572 -43.38 -41.44 -99.10
N ARG A 573 -42.40 -41.54 -98.20
CA ARG A 573 -41.94 -42.87 -97.81
C ARG A 573 -43.00 -43.61 -97.01
N ARG A 574 -43.82 -42.86 -96.27
CA ARG A 574 -44.97 -43.43 -95.57
C ARG A 574 -45.98 -43.98 -96.58
N SER A 575 -46.19 -43.24 -97.67
CA SER A 575 -46.97 -43.71 -98.81
C SER A 575 -46.39 -45.00 -99.37
N GLY A 576 -45.07 -45.06 -99.49
CA GLY A 576 -44.42 -46.27 -99.95
C GLY A 576 -44.62 -47.44 -99.02
N MET A 577 -44.69 -47.17 -97.71
CA MET A 577 -44.92 -48.25 -96.77
C MET A 577 -46.37 -48.73 -96.80
N TYR A 578 -47.32 -47.82 -96.98
CA TYR A 578 -48.70 -48.23 -97.23
C TYR A 578 -48.80 -49.05 -98.52
N THR A 579 -48.11 -48.60 -99.56
CA THR A 579 -48.16 -49.28 -100.85
C THR A 579 -47.48 -50.65 -100.80
N VAL A 580 -46.46 -50.81 -99.95
CA VAL A 580 -45.85 -52.12 -99.79
C VAL A 580 -46.64 -52.96 -98.79
N ALA A 581 -47.49 -52.35 -97.99
CA ALA A 581 -48.45 -53.12 -97.21
C ALA A 581 -49.54 -53.68 -98.08
N MET A 582 -49.86 -53.00 -99.17
CA MET A 582 -50.92 -53.49 -100.03
C MET A 582 -50.42 -54.34 -101.19
N ALA A 583 -49.21 -54.10 -101.66
CA ALA A 583 -48.63 -54.97 -102.66
C ALA A 583 -48.18 -56.29 -102.05
N TYR A 584 -47.75 -56.26 -100.79
CA TYR A 584 -47.29 -57.43 -100.07
C TYR A 584 -48.17 -57.67 -98.86
N CYS A 585 -48.80 -58.84 -98.80
CA CYS A 585 -49.55 -59.26 -97.61
C CYS A 585 -49.43 -60.78 -97.52
N GLY A 586 -48.48 -61.23 -96.71
CA GLY A 586 -48.30 -62.66 -96.52
C GLY A 586 -47.00 -63.12 -97.13
N SER A 587 -46.66 -62.54 -98.28
CA SER A 587 -45.48 -62.91 -99.04
C SER A 587 -44.21 -62.36 -98.41
N GLY A 588 -43.83 -62.91 -97.25
CA GLY A 588 -42.57 -62.58 -96.62
C GLY A 588 -41.40 -63.23 -97.32
N ASN A 589 -41.13 -62.79 -98.55
CA ASN A 589 -40.07 -63.29 -99.42
C ASN A 589 -38.70 -62.68 -99.08
N ASN A 590 -38.67 -61.87 -98.02
CA ASN A 590 -37.60 -61.02 -97.47
C ASN A 590 -37.32 -59.82 -98.36
N LYS A 591 -37.85 -59.82 -99.59
CA LYS A 591 -37.85 -58.62 -100.42
C LYS A 591 -38.73 -57.55 -99.80
N ALA A 592 -39.80 -58.00 -99.14
CA ALA A 592 -40.76 -57.08 -98.48
C ALA A 592 -40.63 -57.21 -96.97
N ILE A 593 -39.39 -57.37 -96.47
CA ILE A 593 -39.15 -57.52 -95.01
C ILE A 593 -37.80 -56.88 -94.66
N ARG A 594 -36.72 -57.29 -95.35
CA ARG A 594 -35.39 -56.74 -95.08
C ARG A 594 -35.33 -55.22 -95.13
N ARG A 595 -35.57 -54.64 -96.30
CA ARG A 595 -35.57 -53.18 -96.41
C ARG A 595 -36.79 -52.58 -95.73
N LEU A 596 -37.91 -53.32 -95.67
CA LEU A 596 -39.10 -52.87 -94.96
C LEU A 596 -38.81 -52.70 -93.48
N LEU A 597 -38.00 -53.58 -92.90
CA LEU A 597 -37.69 -53.58 -91.49
C LEU A 597 -36.60 -52.56 -91.19
N HIS A 598 -35.61 -52.48 -92.07
CA HIS A 598 -34.64 -51.40 -92.13
C HIS A 598 -35.28 -50.03 -92.01
N VAL A 599 -36.16 -49.69 -92.95
CA VAL A 599 -36.81 -48.38 -92.90
C VAL A 599 -37.89 -48.35 -91.82
N ALA A 600 -38.35 -49.52 -91.37
CA ALA A 600 -39.36 -49.57 -90.32
C ALA A 600 -38.82 -49.08 -89.00
N VAL A 601 -37.62 -49.52 -88.61
CA VAL A 601 -37.23 -49.32 -87.22
C VAL A 601 -35.90 -48.57 -87.16
N SER A 602 -35.26 -48.33 -88.29
CA SER A 602 -34.01 -47.59 -88.25
C SER A 602 -34.17 -46.12 -88.61
N ASP A 603 -35.37 -45.72 -89.02
CA ASP A 603 -35.55 -44.43 -89.67
C ASP A 603 -35.71 -43.32 -88.63
N VAL A 604 -35.72 -42.08 -89.12
CA VAL A 604 -35.64 -40.90 -88.25
C VAL A 604 -37.00 -40.26 -87.94
N ASN A 605 -38.03 -40.51 -88.74
CA ASN A 605 -39.34 -39.93 -88.52
C ASN A 605 -40.32 -41.04 -88.23
N ASP A 606 -41.14 -40.85 -87.21
CA ASP A 606 -41.93 -41.93 -86.64
C ASP A 606 -43.23 -42.19 -87.37
N ASP A 607 -43.59 -41.39 -88.37
CA ASP A 607 -44.85 -41.61 -89.08
C ASP A 607 -44.71 -42.68 -90.15
N VAL A 608 -43.62 -42.64 -90.92
CA VAL A 608 -43.32 -43.73 -91.84
C VAL A 608 -43.01 -45.02 -91.06
N ARG A 609 -42.44 -44.87 -89.85
CA ARG A 609 -42.25 -46.02 -88.97
C ARG A 609 -43.59 -46.58 -88.50
N ARG A 610 -44.54 -45.69 -88.23
CA ARG A 610 -45.90 -46.08 -87.87
C ARG A 610 -46.60 -46.81 -89.01
N ALA A 611 -46.46 -46.31 -90.24
CA ALA A 611 -47.06 -46.99 -91.38
C ALA A 611 -46.38 -48.33 -91.65
N ALA A 612 -45.10 -48.45 -91.34
CA ALA A 612 -44.42 -49.71 -91.51
C ALA A 612 -44.88 -50.74 -90.47
N VAL A 613 -45.10 -50.32 -89.23
CA VAL A 613 -45.62 -51.29 -88.27
C VAL A 613 -47.12 -51.53 -88.45
N GLU A 614 -47.81 -50.71 -89.24
CA GLU A 614 -49.12 -51.10 -89.75
C GLU A 614 -49.01 -52.07 -90.92
N SER A 615 -47.89 -52.02 -91.65
CA SER A 615 -47.64 -52.96 -92.75
C SER A 615 -47.32 -54.35 -92.24
N LEU A 616 -46.66 -54.41 -91.08
CA LEU A 616 -46.32 -55.68 -90.44
C LEU A 616 -47.55 -56.54 -90.16
N GLY A 617 -48.61 -55.91 -89.65
CA GLY A 617 -49.85 -56.62 -89.38
C GLY A 617 -50.57 -57.12 -90.61
N PHE A 618 -50.25 -56.56 -91.78
CA PHE A 618 -50.82 -57.02 -93.04
C PHE A 618 -49.98 -58.12 -93.67
N ILE A 619 -48.66 -58.08 -93.49
CA ILE A 619 -47.82 -59.16 -94.01
C ILE A 619 -47.71 -60.32 -93.03
N LEU A 620 -48.28 -60.21 -91.83
CA LEU A 620 -48.21 -61.28 -90.85
C LEU A 620 -49.60 -61.76 -90.43
N PHE A 621 -50.52 -61.93 -91.37
CA PHE A 621 -51.84 -62.42 -91.00
C PHE A 621 -51.87 -63.93 -90.85
N ARG A 622 -51.05 -64.65 -91.62
CA ARG A 622 -51.26 -66.07 -91.86
C ARG A 622 -50.98 -66.90 -90.61
N THR A 623 -49.82 -66.70 -90.00
CA THR A 623 -49.43 -67.39 -88.78
C THR A 623 -49.21 -66.36 -87.66
N PRO A 624 -50.28 -66.00 -86.93
CA PRO A 624 -50.11 -65.09 -85.78
C PRO A 624 -49.52 -65.75 -84.54
N GLU A 625 -48.97 -66.96 -84.67
CA GLU A 625 -48.28 -67.58 -83.55
C GLU A 625 -46.96 -66.88 -83.24
N GLN A 626 -46.17 -66.59 -84.26
CA GLN A 626 -44.87 -65.96 -84.07
C GLN A 626 -45.01 -64.46 -83.82
N CYS A 627 -46.18 -63.90 -84.11
CA CYS A 627 -46.39 -62.46 -84.00
C CYS A 627 -46.31 -61.88 -82.57
N PRO A 628 -46.73 -62.57 -81.50
CA PRO A 628 -46.34 -62.08 -80.16
C PRO A 628 -44.83 -62.00 -79.98
N SER A 629 -44.10 -63.03 -80.41
CA SER A 629 -42.65 -63.08 -80.24
C SER A 629 -41.90 -62.00 -81.01
N VAL A 630 -42.54 -61.29 -81.94
CA VAL A 630 -41.84 -60.27 -82.69
C VAL A 630 -42.40 -58.89 -82.34
N VAL A 631 -43.68 -58.80 -81.99
CA VAL A 631 -44.24 -57.49 -81.73
C VAL A 631 -44.09 -57.12 -80.24
N SER A 632 -44.01 -58.11 -79.35
CA SER A 632 -43.53 -57.85 -77.99
C SER A 632 -42.10 -57.34 -78.01
N LEU A 633 -41.29 -57.81 -78.94
CA LEU A 633 -40.00 -57.21 -79.16
C LEU A 633 -40.12 -55.79 -79.71
N LEU A 634 -41.11 -55.56 -80.58
CA LEU A 634 -41.33 -54.22 -81.14
C LEU A 634 -41.75 -53.22 -80.08
N SER A 635 -42.48 -53.68 -79.07
CA SER A 635 -42.96 -52.92 -77.91
C SER A 635 -41.92 -52.01 -77.27
N GLU A 636 -40.67 -52.46 -77.27
CA GLU A 636 -39.53 -51.84 -76.62
C GLU A 636 -39.14 -50.46 -77.14
N SER A 637 -39.88 -49.93 -78.11
CA SER A 637 -39.60 -48.66 -78.78
C SER A 637 -39.49 -47.48 -77.82
N TYR A 638 -38.85 -46.41 -78.32
CA TYR A 638 -38.40 -45.29 -77.51
C TYR A 638 -39.26 -44.06 -77.69
N ASN A 639 -40.25 -44.12 -78.58
CA ASN A 639 -40.87 -42.98 -79.21
C ASN A 639 -42.39 -43.13 -79.24
N PRO A 640 -43.12 -42.00 -79.12
CA PRO A 640 -44.59 -42.08 -78.95
C PRO A 640 -45.37 -42.70 -80.09
N HIS A 641 -45.13 -42.24 -81.33
CA HIS A 641 -45.86 -42.76 -82.48
C HIS A 641 -45.61 -44.24 -82.70
N VAL A 642 -44.43 -44.73 -82.34
CA VAL A 642 -44.04 -46.09 -82.68
C VAL A 642 -44.44 -47.01 -81.52
N ARG A 643 -44.47 -46.49 -80.30
CA ARG A 643 -45.20 -47.15 -79.21
C ARG A 643 -46.65 -47.39 -79.61
N TYR A 644 -47.29 -46.33 -80.11
CA TYR A 644 -48.68 -46.44 -80.57
C TYR A 644 -48.79 -47.35 -81.79
N GLY A 645 -47.81 -47.32 -82.69
CA GLY A 645 -47.88 -48.17 -83.86
C GLY A 645 -47.64 -49.62 -83.53
N ALA A 646 -46.83 -49.90 -82.52
CA ALA A 646 -46.68 -51.26 -82.03
C ALA A 646 -47.99 -51.76 -81.44
N ALA A 647 -48.69 -50.88 -80.72
CA ALA A 647 -50.03 -51.20 -80.26
C ALA A 647 -50.98 -51.47 -81.43
N MET A 648 -50.86 -50.69 -82.51
CA MET A 648 -51.69 -50.94 -83.67
C MET A 648 -51.31 -52.22 -84.39
N ALA A 649 -50.03 -52.62 -84.30
CA ALA A 649 -49.61 -53.88 -84.88
C ALA A 649 -50.20 -55.05 -84.11
N LEU A 650 -50.22 -54.94 -82.78
CA LEU A 650 -50.98 -55.88 -81.95
C LEU A 650 -52.45 -55.91 -82.35
N GLY A 651 -53.04 -54.75 -82.60
CA GLY A 651 -54.44 -54.67 -82.96
C GLY A 651 -54.78 -55.32 -84.30
N ILE A 652 -54.27 -54.75 -85.39
CA ILE A 652 -54.66 -55.22 -86.72
C ILE A 652 -53.99 -56.53 -87.07
N CYS A 653 -52.87 -56.88 -86.42
CA CYS A 653 -52.27 -58.18 -86.67
C CYS A 653 -53.06 -59.27 -85.96
N CYS A 654 -53.15 -59.17 -84.64
CA CYS A 654 -53.91 -60.10 -83.83
C CYS A 654 -55.30 -59.56 -83.61
N ALA A 655 -56.10 -59.56 -84.68
CA ALA A 655 -57.51 -59.23 -84.52
C ALA A 655 -58.30 -60.41 -83.99
N GLY A 656 -58.34 -61.51 -84.74
CA GLY A 656 -59.12 -62.67 -84.39
C GLY A 656 -58.46 -63.69 -83.49
N THR A 657 -57.31 -63.38 -82.91
CA THR A 657 -56.57 -64.38 -82.15
C THR A 657 -57.13 -64.53 -80.75
N GLY A 658 -56.72 -65.60 -80.08
CA GLY A 658 -57.08 -65.83 -78.69
C GLY A 658 -55.88 -65.60 -77.80
N ASN A 659 -55.07 -64.60 -78.15
CA ASN A 659 -53.86 -64.32 -77.41
C ASN A 659 -54.19 -63.62 -76.10
N LYS A 660 -53.45 -63.99 -75.05
CA LYS A 660 -53.46 -63.26 -73.79
C LYS A 660 -52.20 -62.42 -73.61
N GLU A 661 -51.12 -62.80 -74.29
CA GLU A 661 -49.86 -62.05 -74.22
C GLU A 661 -50.01 -60.65 -74.83
N ALA A 662 -50.92 -60.48 -75.79
CA ALA A 662 -51.18 -59.15 -76.35
C ALA A 662 -51.83 -58.24 -75.31
N ILE A 663 -52.78 -58.78 -74.55
CA ILE A 663 -53.37 -58.06 -73.41
C ILE A 663 -52.30 -57.74 -72.37
N ASN A 664 -51.42 -58.71 -72.11
CA ASN A 664 -50.31 -58.51 -71.18
C ASN A 664 -49.35 -57.43 -71.68
N LEU A 665 -49.21 -57.30 -72.99
CA LEU A 665 -48.44 -56.19 -73.56
C LEU A 665 -49.15 -54.86 -73.33
N LEU A 666 -50.46 -54.81 -73.64
CA LEU A 666 -51.16 -53.53 -73.65
C LEU A 666 -51.39 -52.97 -72.25
N GLU A 667 -51.36 -53.80 -71.22
CA GLU A 667 -51.62 -53.28 -69.87
C GLU A 667 -50.56 -52.29 -69.37
N PRO A 668 -49.25 -52.54 -69.50
CA PRO A 668 -48.33 -51.42 -69.30
C PRO A 668 -48.39 -50.37 -70.40
N MET A 669 -48.93 -50.69 -71.57
CA MET A 669 -49.06 -49.65 -72.59
C MET A 669 -50.19 -48.68 -72.29
N THR A 670 -51.17 -49.08 -71.49
CA THR A 670 -52.06 -48.09 -70.89
C THR A 670 -51.59 -47.65 -69.52
N ASN A 671 -50.53 -48.26 -69.00
CA ASN A 671 -49.80 -47.65 -67.89
C ASN A 671 -48.64 -46.79 -68.41
N ASP A 672 -48.92 -45.87 -69.34
CA ASP A 672 -47.90 -45.10 -70.03
C ASP A 672 -48.32 -43.63 -70.05
N PRO A 673 -47.44 -42.70 -69.62
CA PRO A 673 -47.80 -41.26 -69.62
C PRO A 673 -48.25 -40.67 -70.94
N VAL A 674 -47.86 -41.25 -72.07
CA VAL A 674 -48.44 -40.84 -73.35
C VAL A 674 -49.90 -41.27 -73.37
N ASN A 675 -50.79 -40.29 -73.56
CA ASN A 675 -52.23 -40.57 -73.48
C ASN A 675 -52.73 -41.37 -74.68
N TYR A 676 -52.22 -41.08 -75.87
CA TYR A 676 -52.78 -41.81 -76.99
C TYR A 676 -52.14 -43.18 -77.17
N VAL A 677 -51.07 -43.51 -76.46
CA VAL A 677 -50.71 -44.92 -76.49
C VAL A 677 -51.58 -45.68 -75.48
N ARG A 678 -52.11 -44.98 -74.47
CA ARG A 678 -53.17 -45.56 -73.66
C ARG A 678 -54.42 -45.79 -74.49
N GLN A 679 -54.74 -44.87 -75.41
CA GLN A 679 -55.85 -45.16 -76.30
C GLN A 679 -55.48 -46.21 -77.34
N GLY A 680 -54.19 -46.38 -77.63
CA GLY A 680 -53.77 -47.49 -78.45
C GLY A 680 -54.05 -48.81 -77.78
N ALA A 681 -53.75 -48.89 -76.48
CA ALA A 681 -54.14 -50.02 -75.67
C ALA A 681 -55.65 -50.23 -75.68
N LEU A 682 -56.43 -49.15 -75.48
CA LEU A 682 -57.89 -49.15 -75.59
C LEU A 682 -58.41 -49.78 -76.89
N ILE A 683 -58.03 -49.18 -78.02
CA ILE A 683 -58.59 -49.57 -79.31
C ILE A 683 -58.03 -50.91 -79.77
N ALA A 684 -56.74 -51.17 -79.52
CA ALA A 684 -56.15 -52.45 -79.90
C ALA A 684 -56.69 -53.58 -79.05
N SER A 685 -56.92 -53.32 -77.76
CA SER A 685 -57.57 -54.33 -76.94
C SER A 685 -59.02 -54.51 -77.31
N ALA A 686 -59.66 -53.47 -77.83
CA ALA A 686 -60.98 -53.67 -78.43
C ALA A 686 -60.89 -54.59 -79.65
N LEU A 687 -59.80 -54.48 -80.40
CA LEU A 687 -59.55 -55.36 -81.52
C LEU A 687 -59.08 -56.76 -81.11
N ILE A 688 -58.63 -56.94 -79.86
CA ILE A 688 -58.38 -58.29 -79.34
C ILE A 688 -59.60 -58.82 -78.62
N MET A 689 -60.60 -57.97 -78.34
CA MET A 689 -61.81 -58.39 -77.67
C MET A 689 -63.02 -58.38 -78.60
N ILE A 690 -62.82 -58.18 -79.90
CA ILE A 690 -63.83 -58.59 -80.86
C ILE A 690 -63.89 -60.12 -80.86
N GLN A 691 -65.07 -60.64 -81.27
CA GLN A 691 -65.29 -62.02 -81.69
C GLN A 691 -65.17 -63.03 -80.54
N GLN A 692 -64.81 -62.59 -79.33
CA GLN A 692 -64.46 -63.48 -78.24
C GLN A 692 -65.12 -63.04 -76.94
N THR A 693 -65.40 -64.02 -76.09
CA THR A 693 -66.17 -63.82 -74.87
C THR A 693 -65.26 -63.97 -73.65
N GLU A 694 -65.88 -64.00 -72.47
CA GLU A 694 -65.16 -64.10 -71.21
C GLU A 694 -64.49 -65.45 -71.06
N ILE A 695 -65.11 -66.51 -71.60
CA ILE A 695 -64.56 -67.84 -71.51
C ILE A 695 -63.28 -67.96 -72.37
N THR A 696 -63.09 -67.07 -73.33
CA THR A 696 -61.87 -67.07 -74.12
C THR A 696 -60.69 -66.57 -73.29
N CYS A 697 -60.82 -65.41 -72.67
CA CYS A 697 -59.79 -64.87 -71.80
C CYS A 697 -60.42 -64.04 -70.70
N PRO A 698 -59.85 -64.04 -69.49
CA PRO A 698 -60.54 -63.44 -68.34
C PRO A 698 -60.31 -61.94 -68.20
N LYS A 699 -59.76 -61.30 -69.22
CA LYS A 699 -59.55 -59.86 -69.20
C LYS A 699 -60.62 -59.10 -69.97
N VAL A 700 -61.58 -59.83 -70.56
CA VAL A 700 -62.63 -59.22 -71.36
C VAL A 700 -63.49 -58.28 -70.53
N ASN A 701 -64.19 -58.83 -69.54
CA ASN A 701 -65.08 -58.02 -68.71
C ASN A 701 -64.32 -57.06 -67.82
N GLN A 702 -63.08 -57.44 -67.45
CA GLN A 702 -62.15 -56.54 -66.78
C GLN A 702 -61.97 -55.24 -67.56
N PHE A 703 -61.68 -55.35 -68.85
CA PHE A 703 -61.50 -54.14 -69.64
C PHE A 703 -62.82 -53.48 -70.00
N ARG A 704 -63.90 -54.28 -70.15
CA ARG A 704 -65.23 -53.74 -70.43
C ARG A 704 -65.68 -52.79 -69.34
N GLN A 705 -65.61 -53.21 -68.08
CA GLN A 705 -65.94 -52.27 -67.01
C GLN A 705 -64.80 -51.31 -66.72
N LEU A 706 -63.57 -51.65 -67.08
CA LEU A 706 -62.43 -50.81 -66.76
C LEU A 706 -62.34 -49.59 -67.64
N TYR A 707 -62.92 -49.64 -68.84
CA TYR A 707 -62.87 -48.48 -69.72
C TYR A 707 -63.88 -47.44 -69.27
N SER A 708 -65.05 -47.88 -68.81
CA SER A 708 -65.94 -46.98 -68.11
C SER A 708 -65.35 -46.51 -66.80
N LYS A 709 -64.54 -47.36 -66.16
CA LYS A 709 -63.91 -46.97 -64.89
C LYS A 709 -62.88 -45.86 -65.10
N VAL A 710 -62.15 -45.90 -66.22
CA VAL A 710 -61.20 -44.84 -66.50
C VAL A 710 -61.87 -43.65 -67.18
N ILE A 711 -63.07 -43.82 -67.73
CA ILE A 711 -63.81 -42.64 -68.16
C ILE A 711 -64.54 -41.99 -66.99
N ASN A 712 -64.66 -42.70 -65.86
CA ASN A 712 -65.11 -42.05 -64.62
C ASN A 712 -64.15 -40.97 -64.17
N ASP A 713 -62.84 -41.24 -64.26
CA ASP A 713 -61.83 -40.21 -64.05
C ASP A 713 -62.04 -39.08 -65.04
N LYS A 714 -62.45 -37.92 -64.52
CA LYS A 714 -62.75 -36.76 -65.34
C LYS A 714 -61.48 -36.01 -65.73
N HIS A 715 -60.41 -36.16 -64.96
CA HIS A 715 -59.19 -35.39 -65.13
C HIS A 715 -58.20 -36.09 -66.04
N ASP A 716 -58.58 -37.21 -66.63
CA ASP A 716 -57.82 -37.75 -67.73
C ASP A 716 -57.99 -36.87 -68.95
N ASP A 717 -57.03 -36.96 -69.86
CA ASP A 717 -57.21 -36.36 -71.18
C ASP A 717 -58.40 -36.99 -71.87
N VAL A 718 -59.13 -36.18 -72.64
CA VAL A 718 -60.10 -36.78 -73.55
C VAL A 718 -59.38 -37.33 -74.77
N MET A 719 -58.09 -37.03 -74.92
CA MET A 719 -57.26 -37.82 -75.83
C MET A 719 -56.90 -39.17 -75.21
N ALA A 720 -56.81 -39.27 -73.88
CA ALA A 720 -56.56 -40.58 -73.26
C ALA A 720 -57.78 -41.50 -73.37
N LYS A 721 -58.99 -40.93 -73.38
CA LYS A 721 -60.23 -41.66 -73.55
C LYS A 721 -60.92 -41.30 -74.85
N PHE A 722 -60.13 -40.83 -75.82
CA PHE A 722 -60.63 -40.35 -77.11
C PHE A 722 -61.38 -41.45 -77.84
N GLY A 723 -60.69 -42.56 -78.10
CA GLY A 723 -61.41 -43.71 -78.58
C GLY A 723 -61.82 -44.67 -77.47
N ALA A 724 -62.29 -44.16 -76.33
CA ALA A 724 -62.82 -45.08 -75.31
C ALA A 724 -64.25 -45.49 -75.64
N ILE A 725 -65.06 -44.52 -76.08
CA ILE A 725 -66.37 -44.82 -76.65
C ILE A 725 -66.22 -45.70 -77.89
N LEU A 726 -65.17 -45.51 -78.67
CA LEU A 726 -64.92 -46.36 -79.82
C LEU A 726 -64.41 -47.75 -79.40
N ALA A 727 -63.67 -47.84 -78.30
CA ALA A 727 -63.25 -49.15 -77.81
C ALA A 727 -64.43 -49.93 -77.27
N GLN A 728 -65.40 -49.24 -76.68
CA GLN A 728 -66.66 -49.89 -76.32
C GLN A 728 -67.44 -50.32 -77.57
N GLY A 729 -67.42 -49.49 -78.62
CA GLY A 729 -68.18 -49.81 -79.82
C GLY A 729 -67.60 -50.99 -80.59
N ILE A 730 -66.29 -50.97 -80.81
CA ILE A 730 -65.59 -52.10 -81.41
C ILE A 730 -65.66 -53.31 -80.49
N LEU A 731 -65.64 -53.07 -79.17
CA LEU A 731 -65.81 -54.11 -78.16
C LEU A 731 -67.12 -54.87 -78.27
N ASP A 732 -68.11 -54.28 -78.93
CA ASP A 732 -69.36 -54.94 -79.28
C ASP A 732 -69.66 -54.73 -80.75
N ALA A 733 -68.66 -54.94 -81.60
CA ALA A 733 -68.86 -54.84 -83.05
C ALA A 733 -69.78 -55.97 -83.50
N GLY A 734 -71.04 -55.64 -83.79
CA GLY A 734 -72.10 -56.61 -83.86
C GLY A 734 -72.74 -56.93 -82.53
N GLY A 735 -72.04 -56.67 -81.43
CA GLY A 735 -72.36 -57.31 -80.17
C GLY A 735 -71.71 -58.67 -80.08
N HIS A 736 -70.50 -58.81 -80.64
CA HIS A 736 -69.82 -60.06 -81.00
C HIS A 736 -70.62 -60.89 -82.01
N ASN A 737 -71.48 -60.24 -82.79
CA ASN A 737 -72.18 -60.95 -83.86
C ASN A 737 -71.30 -61.11 -85.08
N VAL A 738 -70.62 -60.04 -85.48
CA VAL A 738 -69.81 -60.02 -86.68
C VAL A 738 -68.34 -60.01 -86.29
N THR A 739 -67.47 -60.20 -87.28
CA THR A 739 -66.03 -60.17 -87.08
C THR A 739 -65.34 -59.56 -88.28
N ILE A 740 -64.06 -59.25 -88.09
CA ILE A 740 -63.18 -58.83 -89.17
C ILE A 740 -63.05 -59.93 -90.23
N SER A 741 -62.84 -59.52 -91.48
CA SER A 741 -62.47 -60.47 -92.51
C SER A 741 -61.26 -59.96 -93.28
N LEU A 742 -60.08 -60.14 -92.72
CA LEU A 742 -58.87 -59.77 -93.46
C LEU A 742 -58.34 -60.96 -94.23
N GLN A 743 -58.51 -62.16 -93.69
CA GLN A 743 -58.28 -63.40 -94.41
C GLN A 743 -59.48 -64.29 -94.16
N SER A 744 -60.26 -64.53 -95.20
CA SER A 744 -61.51 -65.27 -95.04
C SER A 744 -61.24 -66.76 -94.83
N ARG A 745 -62.24 -67.44 -94.27
CA ARG A 745 -62.15 -68.88 -94.06
C ARG A 745 -62.15 -69.66 -95.37
N THR A 746 -62.61 -69.03 -96.46
CA THR A 746 -62.59 -69.64 -97.79
C THR A 746 -61.17 -69.94 -98.26
N GLY A 747 -60.20 -69.14 -97.84
CA GLY A 747 -58.82 -69.33 -98.26
C GLY A 747 -58.23 -68.06 -98.81
N HIS A 748 -59.09 -67.17 -99.29
CA HIS A 748 -58.68 -65.96 -100.00
C HIS A 748 -58.96 -64.74 -99.14
N THR A 749 -58.11 -63.73 -99.27
CA THR A 749 -58.28 -62.51 -98.51
C THR A 749 -59.49 -61.73 -98.99
N HIS A 750 -60.04 -60.91 -98.11
CA HIS A 750 -61.25 -60.15 -98.38
C HIS A 750 -60.85 -58.68 -98.43
N MET A 751 -60.56 -58.20 -99.64
CA MET A 751 -59.92 -56.91 -99.85
C MET A 751 -60.69 -55.64 -99.46
N PRO A 752 -62.03 -55.53 -99.48
CA PRO A 752 -62.63 -54.28 -98.99
C PRO A 752 -62.55 -54.14 -97.47
N SER A 753 -62.45 -55.25 -96.75
CA SER A 753 -62.18 -55.17 -95.32
C SER A 753 -60.77 -54.66 -95.05
N VAL A 754 -59.81 -55.11 -95.88
CA VAL A 754 -58.44 -54.62 -95.81
C VAL A 754 -58.41 -53.12 -96.10
N VAL A 755 -59.17 -52.69 -97.11
CA VAL A 755 -59.35 -51.27 -97.40
C VAL A 755 -59.91 -50.53 -96.20
N GLY A 756 -60.98 -51.08 -95.61
CA GLY A 756 -61.59 -50.49 -94.43
C GLY A 756 -60.62 -50.27 -93.28
N VAL A 757 -59.82 -51.29 -92.96
CA VAL A 757 -58.94 -51.18 -91.79
C VAL A 757 -57.77 -50.24 -92.08
N LEU A 758 -57.17 -50.31 -93.29
CA LEU A 758 -55.97 -49.50 -93.50
C LEU A 758 -56.31 -48.04 -93.74
N VAL A 759 -57.46 -47.73 -94.34
CA VAL A 759 -57.82 -46.34 -94.40
C VAL A 759 -58.42 -45.92 -93.05
N PHE A 760 -58.88 -46.89 -92.25
CA PHE A 760 -59.45 -46.62 -90.93
C PHE A 760 -58.41 -46.16 -89.92
N THR A 761 -57.15 -46.57 -90.10
CA THR A 761 -56.04 -46.34 -89.16
C THR A 761 -55.88 -44.96 -88.51
N GLN A 762 -55.63 -43.90 -89.28
CA GLN A 762 -55.08 -42.65 -88.72
C GLN A 762 -56.11 -41.52 -88.68
N PHE A 763 -57.18 -41.77 -87.93
CA PHE A 763 -58.41 -40.99 -88.04
C PHE A 763 -58.35 -39.59 -87.41
N TRP A 766 -58.00 -37.22 -90.44
CA TRP A 766 -59.25 -37.10 -91.16
C TRP A 766 -60.29 -37.88 -90.36
N PHE A 767 -61.21 -37.18 -89.72
CA PHE A 767 -62.30 -37.81 -88.98
C PHE A 767 -63.17 -38.83 -89.74
N PRO A 768 -63.40 -38.72 -91.06
CA PRO A 768 -64.06 -39.84 -91.76
C PRO A 768 -63.29 -41.15 -91.79
N LEU A 769 -61.98 -41.15 -91.49
CA LEU A 769 -61.26 -42.42 -91.41
C LEU A 769 -61.82 -43.31 -90.31
N SER A 770 -62.31 -42.70 -89.23
CA SER A 770 -62.99 -43.44 -88.18
C SER A 770 -64.36 -43.95 -88.63
N HIS A 771 -64.99 -43.29 -89.59
CA HIS A 771 -66.24 -43.80 -90.14
C HIS A 771 -65.99 -44.94 -91.11
N PHE A 772 -64.84 -44.95 -91.78
CA PHE A 772 -64.58 -45.81 -92.94
C PHE A 772 -64.56 -47.31 -92.70
N LEU A 773 -64.77 -47.78 -91.48
CA LEU A 773 -64.73 -49.22 -91.23
C LEU A 773 -66.06 -49.91 -91.54
N SER A 774 -66.62 -49.66 -92.72
CA SER A 774 -67.92 -50.22 -93.09
C SER A 774 -67.78 -51.66 -93.55
N LEU A 775 -66.98 -51.86 -94.60
CA LEU A 775 -66.88 -53.13 -95.33
C LEU A 775 -66.04 -54.17 -94.61
N ALA A 776 -65.72 -53.94 -93.35
CA ALA A 776 -64.77 -54.74 -92.61
C ALA A 776 -65.40 -55.88 -91.81
N TYR A 777 -66.71 -56.06 -91.88
CA TYR A 777 -67.37 -56.97 -90.96
C TYR A 777 -68.31 -57.93 -91.68
N THR A 778 -68.15 -59.21 -91.38
CA THR A 778 -68.88 -60.36 -91.87
C THR A 778 -69.50 -61.12 -90.71
N PRO A 779 -70.70 -61.69 -90.87
CA PRO A 779 -71.40 -62.28 -89.73
C PRO A 779 -70.83 -63.62 -89.29
N THR A 780 -70.83 -63.84 -87.98
CA THR A 780 -70.61 -65.14 -87.38
C THR A 780 -71.97 -65.66 -86.92
N CYS A 781 -72.68 -66.29 -87.85
CA CYS A 781 -73.99 -66.86 -87.55
C CYS A 781 -74.18 -68.10 -88.41
N VAL A 782 -75.37 -68.70 -88.32
CA VAL A 782 -75.69 -69.96 -89.01
C VAL A 782 -77.10 -69.90 -89.59
N ILE A 783 -77.21 -70.18 -90.89
CA ILE A 783 -78.39 -69.84 -91.69
C ILE A 783 -78.81 -71.05 -92.50
N GLY A 784 -80.04 -71.51 -92.27
CA GLY A 784 -80.57 -72.64 -93.01
C GLY A 784 -81.36 -72.29 -94.25
N LEU A 785 -80.68 -71.85 -95.30
CA LEU A 785 -81.35 -71.38 -96.50
C LEU A 785 -81.35 -72.50 -97.54
N ASN A 786 -82.44 -73.26 -97.56
CA ASN A 786 -82.66 -74.24 -98.61
C ASN A 786 -83.35 -73.63 -99.83
N LYS A 787 -84.44 -72.91 -99.59
CA LYS A 787 -85.06 -72.05 -100.59
C LYS A 787 -85.04 -70.64 -100.04
N ASP A 788 -84.87 -69.66 -100.94
CA ASP A 788 -84.40 -68.32 -100.61
C ASP A 788 -85.32 -67.57 -99.63
N LEU A 789 -86.60 -67.91 -99.59
CA LEU A 789 -87.52 -67.31 -98.63
C LEU A 789 -87.91 -68.27 -97.52
N LYS A 790 -87.61 -69.56 -97.67
CA LYS A 790 -88.14 -70.58 -96.78
C LYS A 790 -87.49 -70.54 -95.40
N MET A 791 -88.33 -70.62 -94.36
CA MET A 791 -87.88 -70.72 -92.98
C MET A 791 -88.24 -72.08 -92.37
N PRO A 792 -87.36 -73.08 -92.48
CA PRO A 792 -87.65 -74.38 -91.87
C PRO A 792 -87.25 -74.43 -90.41
N LYS A 793 -87.40 -75.60 -89.79
CA LYS A 793 -87.11 -75.78 -88.36
C LYS A 793 -86.11 -76.92 -88.19
N VAL A 794 -84.84 -76.57 -88.00
CA VAL A 794 -83.76 -77.53 -87.82
C VAL A 794 -83.22 -77.33 -86.40
N GLN A 795 -82.76 -78.42 -85.78
CA GLN A 795 -82.13 -78.35 -84.45
C GLN A 795 -80.91 -79.27 -84.42
N TYR A 796 -79.73 -78.70 -84.64
CA TYR A 796 -78.49 -79.43 -84.43
C TYR A 796 -77.89 -79.02 -83.09
N LYS A 797 -76.69 -79.51 -82.80
CA LYS A 797 -76.07 -79.29 -81.49
C LYS A 797 -74.72 -78.59 -81.63
N SER A 798 -74.41 -77.76 -80.63
CA SER A 798 -73.07 -77.23 -80.43
C SER A 798 -72.51 -77.91 -79.18
N ASN A 799 -71.43 -78.66 -79.35
CA ASN A 799 -70.89 -79.50 -78.30
C ASN A 799 -70.00 -78.77 -77.31
N CYS A 800 -69.96 -77.44 -77.32
CA CYS A 800 -69.28 -76.72 -76.26
C CYS A 800 -70.03 -76.85 -74.94
N LYS A 801 -69.36 -76.45 -73.87
CA LYS A 801 -70.06 -76.21 -72.62
C LYS A 801 -71.02 -75.03 -72.81
N PRO A 802 -72.17 -75.00 -72.10
CA PRO A 802 -73.19 -73.98 -72.40
C PRO A 802 -72.88 -72.60 -71.84
N SER A 803 -71.65 -72.39 -71.36
CA SER A 803 -71.19 -71.07 -70.96
C SER A 803 -70.48 -70.34 -72.09
N THR A 804 -70.28 -70.99 -73.24
CA THR A 804 -69.90 -70.29 -74.46
C THR A 804 -71.09 -69.61 -75.11
N PHE A 805 -72.29 -69.79 -74.57
CA PHE A 805 -73.50 -69.06 -74.94
C PHE A 805 -73.52 -67.63 -74.40
N ALA A 806 -72.44 -67.22 -73.72
CA ALA A 806 -72.32 -65.89 -73.16
C ALA A 806 -72.32 -64.85 -74.28
N TYR A 807 -73.41 -64.10 -74.38
CA TYR A 807 -73.70 -63.26 -75.54
C TYR A 807 -73.85 -61.80 -75.08
N PRO A 808 -72.75 -61.05 -75.00
CA PRO A 808 -72.89 -59.61 -74.74
C PRO A 808 -73.11 -58.81 -76.02
N THR A 830 -72.58 -78.93 -72.50
CA THR A 830 -74.02 -79.13 -72.46
C THR A 830 -74.40 -80.46 -73.08
N ALA A 831 -75.69 -80.66 -73.30
CA ALA A 831 -76.17 -81.79 -74.07
C ALA A 831 -76.31 -81.45 -75.55
N LYS A 832 -76.90 -80.30 -75.87
CA LYS A 832 -77.08 -79.87 -77.26
C LYS A 832 -77.33 -78.37 -77.28
N ALA A 833 -77.67 -77.84 -78.45
CA ALA A 833 -77.91 -76.41 -78.63
C ALA A 833 -79.09 -76.22 -79.55
N LYS A 834 -79.46 -74.96 -79.76
CA LYS A 834 -80.49 -74.55 -80.71
C LYS A 834 -79.96 -73.32 -81.45
N LYS A 835 -79.34 -73.53 -82.62
CA LYS A 835 -78.81 -72.40 -83.39
C LYS A 835 -79.30 -72.47 -84.83
N LYS A 836 -80.55 -72.07 -85.04
CA LYS A 836 -81.24 -72.03 -86.34
C LYS A 836 -82.31 -70.96 -86.29
N GLU A 837 -83.38 -71.17 -87.08
CA GLU A 837 -84.66 -70.44 -87.03
C GLU A 837 -84.55 -68.98 -87.43
N LYS A 838 -84.15 -68.73 -88.67
CA LYS A 838 -84.20 -67.40 -89.27
C LYS A 838 -85.64 -66.92 -89.42
N ASN A 874 -84.36 -64.33 -87.05
CA ASN A 874 -82.96 -64.15 -87.39
C ASN A 874 -82.14 -65.43 -87.22
N PRO A 875 -80.99 -65.52 -87.89
CA PRO A 875 -80.03 -66.57 -87.52
C PRO A 875 -79.50 -66.38 -86.11
N ALA A 876 -78.91 -67.45 -85.59
CA ALA A 876 -78.36 -67.42 -84.24
C ALA A 876 -76.88 -67.04 -84.29
N MET A 879 -70.04 -68.38 -82.16
CA MET A 879 -68.64 -68.36 -81.77
C MET A 879 -67.82 -69.20 -82.74
N PRO A 880 -66.61 -68.78 -83.09
CA PRO A 880 -65.76 -69.62 -83.96
C PRO A 880 -65.35 -70.92 -83.31
N ALA A 881 -65.15 -70.92 -81.99
CA ALA A 881 -64.92 -72.18 -81.27
C ALA A 881 -66.14 -73.09 -81.33
N GLN A 882 -67.34 -72.49 -81.37
CA GLN A 882 -68.54 -73.29 -81.61
C GLN A 882 -68.62 -73.79 -83.05
N LEU A 883 -67.95 -73.13 -83.99
CA LEU A 883 -67.98 -73.56 -85.39
C LEU A 883 -67.07 -74.74 -85.67
N LYS A 884 -66.28 -75.21 -84.71
CA LYS A 884 -65.42 -76.37 -84.93
C LYS A 884 -65.84 -77.59 -84.13
N VAL A 885 -66.90 -77.51 -83.34
CA VAL A 885 -67.36 -78.60 -82.50
C VAL A 885 -68.75 -79.07 -82.88
N LEU A 886 -69.26 -78.64 -84.04
CA LEU A 886 -70.65 -78.84 -84.38
C LEU A 886 -70.91 -80.27 -84.86
N THR A 887 -72.19 -80.62 -84.96
CA THR A 887 -72.64 -81.92 -85.42
C THR A 887 -74.00 -81.74 -86.08
N MET A 888 -74.18 -82.38 -87.24
CA MET A 888 -75.43 -82.31 -87.99
C MET A 888 -76.57 -83.00 -87.22
N PRO A 889 -77.83 -82.65 -87.51
CA PRO A 889 -78.95 -83.29 -86.81
C PRO A 889 -79.38 -84.58 -87.50
N GLU A 890 -80.13 -85.39 -86.73
CA GLU A 890 -80.54 -86.72 -87.18
C GLU A 890 -82.04 -86.92 -87.29
N THR A 891 -82.85 -86.10 -86.63
CA THR A 891 -84.28 -86.33 -86.54
C THR A 891 -85.13 -85.30 -87.26
N CYS A 892 -84.51 -84.25 -87.79
CA CYS A 892 -85.26 -83.20 -88.48
C CYS A 892 -85.80 -83.68 -89.81
N ARG A 893 -86.70 -82.87 -90.38
CA ARG A 893 -87.12 -83.03 -91.77
C ARG A 893 -85.99 -82.64 -92.73
N TYR A 894 -85.05 -81.82 -92.28
CA TYR A 894 -84.01 -81.24 -93.13
C TYR A 894 -82.64 -81.58 -92.54
N GLN A 895 -82.12 -82.76 -92.88
CA GLN A 895 -80.77 -83.14 -92.50
C GLN A 895 -79.82 -82.69 -93.60
N PRO A 896 -78.84 -81.83 -93.30
CA PRO A 896 -78.10 -81.10 -94.35
C PRO A 896 -77.23 -81.96 -95.26
N PHE A 897 -76.64 -81.32 -96.27
CA PHE A 897 -75.93 -82.00 -97.34
C PHE A 897 -74.42 -81.99 -97.17
N LYS A 898 -73.82 -80.82 -96.99
CA LYS A 898 -72.38 -80.71 -96.84
C LYS A 898 -71.98 -80.79 -95.38
N PRO A 899 -70.88 -81.47 -95.05
CA PRO A 899 -70.28 -81.32 -93.73
C PRO A 899 -69.94 -79.86 -93.45
N LEU A 900 -70.46 -79.36 -92.32
CA LEU A 900 -70.48 -77.93 -92.05
C LEU A 900 -69.24 -77.52 -91.27
N SER A 901 -68.53 -76.52 -91.77
CA SER A 901 -67.47 -75.90 -91.00
C SER A 901 -67.35 -74.40 -91.22
N ILE A 902 -68.09 -73.80 -92.16
CA ILE A 902 -68.03 -72.37 -92.42
C ILE A 902 -69.30 -71.73 -91.85
N GLY A 903 -69.14 -70.54 -91.28
CA GLY A 903 -70.26 -69.81 -90.71
C GLY A 903 -70.98 -68.98 -91.76
N GLY A 904 -71.88 -68.13 -91.25
CA GLY A 904 -72.67 -67.31 -92.15
C GLY A 904 -73.82 -68.07 -92.75
N ILE A 905 -74.02 -67.91 -94.06
CA ILE A 905 -75.13 -68.55 -94.77
C ILE A 905 -74.61 -69.84 -95.40
N ILE A 906 -75.30 -70.96 -95.15
CA ILE A 906 -74.81 -72.27 -95.55
C ILE A 906 -75.91 -73.17 -96.11
N ILE A 907 -75.55 -74.45 -96.33
CA ILE A 907 -76.36 -75.44 -97.03
C ILE A 907 -77.50 -76.02 -96.20
N LEU A 908 -78.42 -76.70 -96.89
CA LEU A 908 -79.48 -77.49 -96.27
C LEU A 908 -80.01 -78.44 -97.33
N LYS A 909 -80.36 -79.66 -96.91
CA LYS A 909 -81.05 -80.61 -97.78
C LYS A 909 -82.18 -81.26 -97.02
N ASP A 910 -83.31 -81.47 -97.69
CA ASP A 910 -84.37 -82.29 -97.12
C ASP A 910 -83.98 -83.75 -97.17
N THR A 911 -84.31 -84.48 -96.10
CA THR A 911 -84.15 -85.93 -96.07
C THR A 911 -85.45 -86.59 -95.62
N PRO B 9 -25.10 -103.31 -40.81
CA PRO B 9 -26.51 -102.92 -41.00
C PRO B 9 -26.89 -101.46 -40.62
N PRO B 10 -26.13 -100.71 -39.81
CA PRO B 10 -26.26 -99.24 -39.84
C PRO B 10 -25.46 -98.52 -40.94
N PRO B 11 -24.29 -98.99 -41.39
CA PRO B 11 -23.67 -98.33 -42.59
C PRO B 11 -24.40 -98.56 -43.92
N PRO B 12 -24.93 -99.76 -44.27
CA PRO B 12 -25.62 -99.91 -45.60
C PRO B 12 -26.80 -98.98 -45.86
N PRO B 13 -27.46 -98.35 -44.83
CA PRO B 13 -28.30 -97.19 -45.15
C PRO B 13 -27.63 -96.04 -45.89
N ALA B 14 -26.30 -95.87 -45.82
CA ALA B 14 -25.70 -94.80 -46.63
C ALA B 14 -25.68 -95.16 -48.12
N PRO B 15 -25.35 -96.40 -48.55
CA PRO B 15 -25.66 -96.75 -49.95
C PRO B 15 -27.15 -96.77 -50.26
N GLN B 16 -28.01 -97.14 -49.30
CA GLN B 16 -29.45 -97.06 -49.51
C GLN B 16 -29.91 -95.64 -49.83
N ASP B 17 -29.30 -94.65 -49.20
CA ASP B 17 -29.66 -93.26 -49.46
C ASP B 17 -29.08 -92.77 -50.78
N VAL B 18 -27.78 -93.00 -51.00
CA VAL B 18 -27.14 -92.43 -52.19
C VAL B 18 -27.60 -93.14 -53.45
N GLU B 19 -28.05 -94.39 -53.34
CA GLU B 19 -28.58 -95.12 -54.48
C GLU B 19 -29.88 -94.50 -54.97
N MET B 20 -30.78 -94.18 -54.03
CA MET B 20 -32.03 -93.55 -54.42
C MET B 20 -31.80 -92.11 -54.87
N LYS B 21 -30.86 -91.39 -54.24
CA LYS B 21 -30.51 -90.06 -54.72
C LYS B 21 -29.93 -90.07 -56.13
N GLU B 22 -29.23 -91.15 -56.49
CA GLU B 22 -28.75 -91.28 -57.86
C GLU B 22 -29.86 -91.58 -58.85
N GLU B 23 -30.58 -92.70 -58.67
CA GLU B 23 -31.52 -92.97 -59.76
C GLU B 23 -32.81 -92.16 -59.68
N ALA B 24 -33.07 -91.41 -58.61
CA ALA B 24 -34.15 -90.43 -58.63
C ALA B 24 -33.85 -89.40 -59.70
N ALA B 25 -32.70 -88.73 -59.55
CA ALA B 25 -32.19 -87.80 -60.55
C ALA B 25 -32.11 -88.43 -61.92
N THR B 26 -31.40 -89.57 -62.04
CA THR B 26 -31.15 -90.22 -63.33
C THR B 26 -32.44 -90.69 -63.98
N GLY B 27 -33.09 -91.72 -63.43
CA GLY B 27 -34.37 -92.21 -63.92
C GLY B 27 -35.46 -91.16 -64.07
N GLY B 28 -35.99 -90.64 -62.95
CA GLY B 28 -37.13 -89.77 -63.09
C GLY B 28 -36.76 -88.41 -63.63
N GLY B 29 -35.71 -87.81 -63.07
CA GLY B 29 -35.36 -86.47 -63.47
C GLY B 29 -34.74 -86.40 -64.85
N SER B 30 -33.75 -87.24 -65.20
CA SER B 30 -33.23 -87.14 -66.56
C SER B 30 -34.17 -87.79 -67.57
N THR B 31 -35.13 -88.62 -67.17
CA THR B 31 -36.16 -89.01 -68.12
C THR B 31 -37.09 -87.84 -68.41
N GLY B 32 -37.41 -87.03 -67.39
CA GLY B 32 -38.12 -85.79 -67.65
C GLY B 32 -37.27 -84.73 -68.34
N GLU B 33 -35.95 -84.84 -68.22
CA GLU B 33 -35.02 -84.01 -68.96
C GLU B 33 -34.68 -84.59 -70.33
N ALA B 34 -35.26 -85.75 -70.66
CA ALA B 34 -35.19 -86.28 -72.00
C ALA B 34 -36.50 -86.18 -72.77
N ASP B 35 -37.65 -86.16 -72.07
CA ASP B 35 -38.98 -86.13 -72.67
C ASP B 35 -39.18 -85.01 -73.69
N GLY B 36 -39.27 -83.77 -73.24
CA GLY B 36 -38.92 -82.67 -74.10
C GLY B 36 -38.01 -81.69 -73.40
N LYS B 37 -36.71 -81.79 -73.67
CA LYS B 37 -35.66 -80.88 -73.19
C LYS B 37 -34.51 -80.94 -74.19
N THR B 38 -33.32 -80.59 -73.73
CA THR B 38 -32.05 -80.66 -74.45
C THR B 38 -32.08 -79.77 -75.69
N ALA B 39 -32.17 -78.47 -75.44
CA ALA B 39 -32.04 -77.48 -76.49
C ALA B 39 -30.61 -77.39 -76.99
N ALA B 40 -29.64 -77.33 -76.07
CA ALA B 40 -28.28 -77.76 -76.36
C ALA B 40 -27.93 -78.99 -75.52
N ALA B 41 -27.95 -78.84 -74.20
CA ALA B 41 -28.03 -79.98 -73.29
C ALA B 41 -28.71 -79.54 -71.99
N ALA B 42 -30.02 -79.69 -71.90
CA ALA B 42 -30.74 -79.41 -70.67
C ALA B 42 -30.80 -80.62 -69.75
N ALA B 43 -30.08 -81.69 -70.09
CA ALA B 43 -29.94 -82.84 -69.23
C ALA B 43 -28.82 -82.57 -68.21
N GLU B 44 -29.12 -81.69 -67.26
CA GLU B 44 -28.17 -81.37 -66.21
C GLU B 44 -28.04 -82.50 -65.20
N HIS B 45 -29.04 -83.37 -65.11
CA HIS B 45 -28.91 -84.59 -64.31
C HIS B 45 -27.93 -85.58 -64.92
N SER B 46 -27.57 -85.44 -66.20
CA SER B 46 -26.52 -86.26 -66.77
C SER B 46 -25.16 -85.90 -66.16
N GLN B 47 -24.86 -84.60 -66.07
CA GLN B 47 -23.64 -84.20 -65.41
C GLN B 47 -23.72 -84.41 -63.90
N ARG B 48 -24.92 -84.30 -63.33
CA ARG B 48 -25.13 -84.68 -61.94
C ARG B 48 -24.83 -86.16 -61.71
N GLU B 49 -25.22 -87.02 -62.65
CA GLU B 49 -24.99 -88.44 -62.49
C GLU B 49 -23.53 -88.80 -62.73
N LEU B 50 -22.84 -88.07 -63.61
CA LEU B 50 -21.39 -88.30 -63.74
C LEU B 50 -20.65 -87.81 -62.50
N ASP B 51 -21.16 -86.76 -61.85
CA ASP B 51 -20.65 -86.37 -60.54
C ASP B 51 -20.86 -87.48 -59.51
N THR B 52 -22.03 -88.13 -59.55
CA THR B 52 -22.25 -89.22 -58.60
C THR B 52 -21.46 -90.47 -58.96
N VAL B 53 -21.10 -90.63 -60.24
CA VAL B 53 -20.23 -91.75 -60.61
C VAL B 53 -18.81 -91.49 -60.10
N THR B 54 -18.35 -90.24 -60.16
CA THR B 54 -17.11 -89.88 -59.48
C THR B 54 -17.25 -90.02 -57.96
N LEU B 55 -18.45 -89.83 -57.43
CA LEU B 55 -18.70 -90.02 -56.01
C LEU B 55 -18.67 -91.50 -55.62
N GLU B 56 -19.15 -92.39 -56.49
CA GLU B 56 -19.03 -93.83 -56.28
C GLU B 56 -17.65 -94.35 -56.60
N ASP B 57 -16.83 -93.58 -57.28
CA ASP B 57 -15.44 -93.92 -57.45
C ASP B 57 -14.57 -93.42 -56.30
N ILE B 58 -14.99 -92.35 -55.62
CA ILE B 58 -14.36 -91.97 -54.37
C ILE B 58 -14.67 -93.00 -53.28
N LYS B 59 -15.95 -93.23 -53.03
CA LYS B 59 -16.41 -94.18 -52.04
C LYS B 59 -16.35 -95.58 -52.64
N GLU B 60 -16.67 -96.61 -51.84
CA GLU B 60 -17.15 -97.85 -52.43
C GLU B 60 -18.47 -97.56 -53.15
N HIS B 61 -18.71 -98.26 -54.24
CA HIS B 61 -19.83 -97.91 -55.12
C HIS B 61 -21.20 -98.11 -54.48
N VAL B 62 -21.65 -99.36 -54.32
CA VAL B 62 -22.81 -99.61 -53.47
C VAL B 62 -22.65 -100.84 -52.58
N LYS B 63 -22.33 -102.01 -53.16
CA LYS B 63 -22.39 -103.29 -52.46
C LYS B 63 -21.18 -104.18 -52.76
N GLN B 64 -19.97 -103.65 -52.63
CA GLN B 64 -18.80 -104.50 -52.79
C GLN B 64 -18.64 -105.45 -51.61
N LEU B 65 -18.58 -104.93 -50.39
CA LEU B 65 -18.91 -105.76 -49.23
C LEU B 65 -20.07 -105.14 -48.46
N GLU B 66 -19.83 -103.95 -47.89
CA GLU B 66 -20.79 -103.18 -47.10
C GLU B 66 -21.44 -104.02 -45.99
N LYS B 67 -20.59 -104.75 -45.26
CA LYS B 67 -20.93 -105.57 -44.08
C LYS B 67 -21.97 -106.67 -44.36
N ALA B 68 -22.24 -106.96 -45.62
CA ALA B 68 -23.28 -107.90 -46.01
C ALA B 68 -22.89 -108.49 -47.35
N VAL B 69 -23.85 -109.04 -48.08
CA VAL B 69 -23.62 -109.35 -49.49
C VAL B 69 -24.90 -109.11 -50.30
N SER B 70 -24.76 -108.32 -51.37
CA SER B 70 -25.67 -108.32 -52.52
C SER B 70 -27.10 -107.89 -52.17
N GLY B 71 -27.23 -106.63 -51.76
CA GLY B 71 -28.54 -106.13 -51.41
C GLY B 71 -29.27 -105.26 -52.41
N LYS B 72 -28.58 -104.30 -53.05
CA LYS B 72 -29.30 -103.27 -53.80
C LYS B 72 -29.58 -103.70 -55.24
N GLU B 73 -28.62 -104.35 -55.88
CA GLU B 73 -28.80 -104.76 -57.28
C GLU B 73 -29.92 -105.76 -57.51
N PRO B 74 -30.20 -106.76 -56.64
CA PRO B 74 -31.47 -107.49 -56.78
C PRO B 74 -32.69 -106.64 -56.45
N ARG B 75 -32.54 -105.56 -55.70
CA ARG B 75 -33.68 -104.83 -55.19
C ARG B 75 -34.24 -103.83 -56.18
N PHE B 76 -33.47 -102.81 -56.52
CA PHE B 76 -34.01 -101.63 -57.19
C PHE B 76 -34.18 -101.80 -58.69
N VAL B 77 -33.66 -102.89 -59.26
CA VAL B 77 -33.72 -103.03 -60.72
C VAL B 77 -35.11 -103.45 -61.18
N LEU B 78 -35.98 -103.85 -60.25
CA LEU B 78 -37.35 -104.17 -60.56
C LEU B 78 -38.16 -102.90 -60.88
N ARG B 79 -39.36 -103.13 -61.40
CA ARG B 79 -40.56 -102.28 -61.38
C ARG B 79 -40.42 -100.76 -61.52
N ALA B 80 -39.90 -100.29 -62.66
CA ALA B 80 -39.92 -98.85 -62.94
C ALA B 80 -41.24 -98.39 -63.55
N LEU B 81 -41.66 -99.04 -64.64
CA LEU B 81 -42.98 -99.08 -65.28
C LEU B 81 -43.41 -97.83 -66.05
N ARG B 82 -42.90 -96.64 -65.69
CA ARG B 82 -43.22 -95.31 -66.27
C ARG B 82 -44.68 -95.19 -66.72
N MET B 83 -45.61 -95.08 -65.78
CA MET B 83 -47.03 -95.19 -66.08
C MET B 83 -47.81 -94.02 -65.50
N LEU B 84 -49.12 -94.24 -65.29
CA LEU B 84 -50.07 -93.45 -64.49
C LEU B 84 -49.40 -92.91 -63.23
N PRO B 85 -49.76 -91.69 -62.77
CA PRO B 85 -48.87 -90.94 -61.87
C PRO B 85 -48.68 -91.49 -60.46
N SER B 86 -49.11 -92.73 -60.21
CA SER B 86 -48.78 -93.47 -58.99
C SER B 86 -47.57 -94.40 -59.19
N THR B 87 -46.58 -93.99 -59.98
CA THR B 87 -45.30 -94.68 -60.01
C THR B 87 -44.36 -94.18 -58.93
N SER B 88 -44.70 -93.07 -58.28
CA SER B 88 -44.08 -92.77 -56.99
C SER B 88 -44.43 -93.80 -55.92
N ARG B 89 -45.50 -94.59 -56.12
CA ARG B 89 -45.73 -95.76 -55.28
C ARG B 89 -44.75 -96.89 -55.59
N ARG B 90 -44.28 -96.99 -56.84
CA ARG B 90 -43.18 -97.92 -57.11
C ARG B 90 -41.87 -97.40 -56.51
N LEU B 91 -41.74 -96.08 -56.45
CA LEU B 91 -40.66 -95.49 -55.67
C LEU B 91 -40.83 -95.76 -54.17
N ASN B 92 -42.07 -95.80 -53.68
CA ASN B 92 -42.32 -96.17 -52.29
C ASN B 92 -41.98 -97.63 -52.04
N HIS B 93 -42.22 -98.51 -53.02
CA HIS B 93 -41.70 -99.87 -52.97
C HIS B 93 -40.19 -99.88 -52.83
N TYR B 94 -39.50 -99.13 -53.69
CA TYR B 94 -38.04 -98.99 -53.65
C TYR B 94 -37.55 -98.52 -52.28
N VAL B 95 -38.30 -97.60 -51.65
CA VAL B 95 -37.88 -97.07 -50.35
C VAL B 95 -38.17 -98.06 -49.23
N LEU B 96 -39.35 -98.67 -49.21
CA LEU B 96 -39.75 -99.51 -48.10
C LEU B 96 -39.37 -100.98 -48.27
N TYR B 97 -38.57 -101.31 -49.29
CA TYR B 97 -37.87 -102.59 -49.29
C TYR B 97 -36.67 -102.62 -48.34
N LYS B 98 -36.31 -101.48 -47.76
CA LYS B 98 -35.07 -101.34 -47.01
C LYS B 98 -35.14 -101.87 -45.59
N ALA B 99 -36.20 -102.59 -45.23
CA ALA B 99 -36.21 -103.34 -43.99
C ALA B 99 -35.49 -104.68 -44.13
N VAL B 100 -35.13 -105.07 -45.36
CA VAL B 100 -34.49 -106.36 -45.58
C VAL B 100 -33.05 -106.34 -45.08
N GLN B 101 -32.32 -105.26 -45.35
CA GLN B 101 -30.92 -105.18 -44.92
C GLN B 101 -30.79 -104.93 -43.42
N GLY B 102 -31.60 -104.03 -42.87
CA GLY B 102 -31.51 -103.75 -41.45
C GLY B 102 -32.12 -104.87 -40.60
N PHE B 103 -33.30 -105.34 -40.98
CA PHE B 103 -34.09 -106.24 -40.15
C PHE B 103 -33.93 -107.70 -40.59
N PHE B 104 -34.18 -107.98 -41.86
CA PHE B 104 -34.23 -109.35 -42.37
C PHE B 104 -32.82 -109.89 -42.65
N THR B 105 -32.74 -111.01 -43.34
CA THR B 105 -31.48 -111.67 -43.64
C THR B 105 -31.03 -111.34 -45.07
N SER B 106 -29.82 -110.84 -45.20
CA SER B 106 -29.26 -110.57 -46.52
C SER B 106 -28.87 -111.88 -47.21
N ASN B 107 -29.00 -111.90 -48.54
CA ASN B 107 -28.65 -113.07 -49.33
C ASN B 107 -27.96 -112.63 -50.62
N ASN B 108 -27.19 -113.55 -51.19
CA ASN B 108 -26.33 -113.23 -52.32
C ASN B 108 -27.14 -113.34 -53.61
N ALA B 109 -27.41 -112.20 -54.24
CA ALA B 109 -28.06 -112.15 -55.55
C ALA B 109 -27.40 -111.09 -56.43
N THR B 110 -26.06 -111.05 -56.45
CA THR B 110 -25.34 -110.26 -57.43
C THR B 110 -24.28 -111.11 -58.13
N ARG B 111 -23.96 -110.69 -59.36
CA ARG B 111 -22.88 -111.16 -60.23
C ARG B 111 -23.16 -112.55 -60.80
N ASP B 112 -24.24 -113.18 -60.37
CA ASP B 112 -24.74 -114.44 -60.88
C ASP B 112 -26.20 -114.36 -61.26
N PHE B 113 -27.01 -113.72 -60.42
CA PHE B 113 -28.44 -113.57 -60.66
C PHE B 113 -28.77 -112.31 -61.45
N LEU B 114 -27.75 -111.55 -61.86
CA LEU B 114 -27.98 -110.30 -62.57
C LEU B 114 -28.45 -110.50 -64.00
N LEU B 115 -28.27 -111.70 -64.55
CA LEU B 115 -28.58 -111.97 -65.94
C LEU B 115 -30.09 -111.90 -66.26
N PRO B 116 -31.02 -112.29 -65.37
CA PRO B 116 -32.40 -111.85 -65.56
C PRO B 116 -32.75 -110.52 -64.87
N PHE B 117 -31.90 -110.04 -63.96
CA PHE B 117 -32.17 -108.74 -63.33
C PHE B 117 -32.08 -107.61 -64.35
N LEU B 118 -31.19 -107.73 -65.33
CA LEU B 118 -31.10 -106.74 -66.39
C LEU B 118 -32.30 -106.81 -67.33
N GLU B 119 -32.92 -107.98 -67.45
CA GLU B 119 -34.09 -108.16 -68.28
C GLU B 119 -35.39 -107.89 -67.54
N GLU B 120 -35.32 -107.69 -66.21
CA GLU B 120 -36.51 -107.29 -65.47
C GLU B 120 -37.09 -105.93 -65.86
N PRO B 121 -36.31 -104.83 -66.01
CA PRO B 121 -36.96 -103.56 -66.42
C PRO B 121 -37.47 -103.54 -67.85
N MET B 122 -37.20 -104.58 -68.66
CA MET B 122 -37.85 -104.74 -69.95
C MET B 122 -39.05 -105.68 -69.88
N ASP B 123 -39.01 -106.68 -68.99
CA ASP B 123 -40.06 -107.68 -68.90
C ASP B 123 -41.12 -107.35 -67.85
N THR B 124 -41.00 -106.21 -67.16
CA THR B 124 -42.13 -105.74 -66.37
C THR B 124 -43.26 -105.27 -67.28
N GLU B 125 -42.99 -104.27 -68.11
CA GLU B 125 -43.99 -103.66 -68.97
C GLU B 125 -43.20 -102.90 -70.04
N ALA B 126 -43.92 -102.34 -71.00
CA ALA B 126 -43.33 -101.35 -71.90
C ALA B 126 -43.12 -100.08 -71.09
N ASP B 127 -41.99 -100.02 -70.39
CA ASP B 127 -41.63 -99.00 -69.40
C ASP B 127 -41.69 -97.62 -70.03
N LEU B 128 -40.74 -97.30 -70.91
CA LEU B 128 -40.70 -96.01 -71.56
C LEU B 128 -39.99 -96.18 -72.89
N GLN B 129 -39.69 -95.07 -73.56
CA GLN B 129 -39.16 -95.12 -74.92
C GLN B 129 -37.67 -94.79 -75.01
N PHE B 130 -37.15 -94.01 -74.08
CA PHE B 130 -35.80 -93.47 -74.20
C PHE B 130 -34.75 -94.47 -73.71
N ARG B 131 -33.61 -94.46 -74.40
CA ARG B 131 -32.41 -95.20 -74.05
C ARG B 131 -31.59 -94.78 -72.80
N PRO B 132 -31.58 -93.52 -72.31
CA PRO B 132 -30.83 -93.26 -71.05
C PRO B 132 -31.35 -94.00 -69.83
N ARG B 133 -32.61 -94.42 -69.81
CA ARG B 133 -33.06 -95.33 -68.77
C ARG B 133 -32.51 -96.73 -68.99
N THR B 134 -32.34 -97.15 -70.25
CA THR B 134 -31.74 -98.45 -70.53
C THR B 134 -30.26 -98.43 -70.23
N GLY B 135 -29.57 -97.35 -70.64
CA GLY B 135 -28.19 -97.16 -70.26
C GLY B 135 -28.01 -97.05 -68.76
N LYS B 136 -28.98 -96.44 -68.08
CA LYS B 136 -29.04 -96.46 -66.62
C LYS B 136 -29.11 -97.89 -66.10
N ALA B 137 -30.05 -98.68 -66.62
CA ALA B 137 -30.32 -100.03 -66.12
C ALA B 137 -29.19 -101.00 -66.43
N ALA B 138 -28.35 -100.69 -67.41
CA ALA B 138 -27.18 -101.52 -67.66
C ALA B 138 -25.87 -100.87 -67.25
N SER B 139 -25.91 -99.65 -66.70
CA SER B 139 -24.70 -98.97 -66.26
C SER B 139 -24.66 -98.85 -64.74
N THR B 140 -25.66 -98.23 -64.15
CA THR B 140 -25.79 -98.04 -62.71
C THR B 140 -25.82 -99.32 -61.88
N PRO B 141 -26.27 -100.51 -62.39
CA PRO B 141 -25.89 -101.74 -61.69
C PRO B 141 -24.46 -102.18 -61.94
N LEU B 142 -24.01 -102.11 -63.19
CA LEU B 142 -22.84 -102.85 -63.62
C LEU B 142 -21.53 -102.08 -63.48
N LEU B 143 -21.58 -100.76 -63.39
CA LEU B 143 -20.39 -100.00 -63.03
C LEU B 143 -20.01 -100.19 -61.55
N PRO B 144 -20.94 -100.41 -60.60
CA PRO B 144 -20.51 -100.92 -59.28
C PRO B 144 -19.92 -102.32 -59.25
N GLU B 145 -19.63 -102.97 -60.38
CA GLU B 145 -19.06 -104.31 -60.40
C GLU B 145 -17.65 -104.36 -60.97
N VAL B 146 -17.21 -103.31 -61.67
CA VAL B 146 -16.00 -103.33 -62.49
C VAL B 146 -14.71 -103.08 -61.69
N GLU B 147 -14.76 -102.32 -60.61
CA GLU B 147 -13.55 -101.93 -59.89
C GLU B 147 -13.13 -102.94 -58.84
N ALA B 148 -13.49 -104.20 -58.99
CA ALA B 148 -13.06 -105.25 -58.07
C ALA B 148 -12.32 -106.36 -58.81
N TYR B 149 -11.37 -105.99 -59.67
CA TYR B 149 -10.80 -106.93 -60.64
C TYR B 149 -9.80 -107.90 -60.00
N LEU B 150 -10.29 -108.71 -59.08
CA LEU B 150 -9.47 -109.73 -58.45
C LEU B 150 -9.37 -111.03 -59.27
N GLN B 151 -9.87 -111.02 -60.51
CA GLN B 151 -9.68 -112.05 -61.53
C GLN B 151 -10.18 -113.45 -61.16
N LEU B 152 -10.97 -113.56 -60.10
CA LEU B 152 -11.53 -114.84 -59.69
C LEU B 152 -13.03 -114.62 -59.49
N LEU B 153 -13.83 -115.16 -60.42
CA LEU B 153 -15.30 -115.11 -60.40
C LEU B 153 -15.81 -113.66 -60.40
N VAL B 154 -15.01 -112.72 -60.92
CA VAL B 154 -15.44 -111.33 -60.89
C VAL B 154 -15.15 -110.64 -62.22
N VAL B 155 -14.25 -111.19 -63.03
CA VAL B 155 -13.75 -110.48 -64.20
C VAL B 155 -14.38 -111.06 -65.46
N ILE B 156 -14.72 -112.34 -65.42
CA ILE B 156 -15.61 -112.92 -66.44
C ILE B 156 -16.99 -112.29 -66.35
N PHE B 157 -17.37 -111.76 -65.19
CA PHE B 157 -18.66 -111.12 -65.01
C PHE B 157 -18.63 -109.65 -65.37
N MET B 158 -17.48 -108.98 -65.17
CA MET B 158 -17.25 -107.70 -65.83
C MET B 158 -17.28 -107.85 -67.35
N MET B 159 -16.72 -108.96 -67.83
CA MET B 159 -16.68 -109.28 -69.25
C MET B 159 -18.10 -109.41 -69.81
N ASN B 160 -18.93 -110.24 -69.16
CA ASN B 160 -20.31 -110.39 -69.62
C ASN B 160 -21.17 -109.15 -69.36
N SER B 161 -20.89 -108.40 -68.30
CA SER B 161 -21.65 -107.17 -68.04
C SER B 161 -21.36 -106.13 -69.11
N LYS B 162 -20.12 -106.09 -69.58
CA LYS B 162 -19.83 -105.21 -70.69
C LYS B 162 -20.13 -105.85 -72.04
N ARG B 163 -20.43 -107.15 -72.09
CA ARG B 163 -21.14 -107.66 -73.27
C ARG B 163 -22.58 -107.16 -73.30
N TYR B 164 -23.21 -107.03 -72.13
CA TYR B 164 -24.48 -106.31 -72.07
C TYR B 164 -24.31 -104.84 -72.42
N LYS B 165 -23.16 -104.26 -72.11
CA LYS B 165 -22.90 -102.89 -72.57
C LYS B 165 -22.60 -102.85 -74.08
N GLU B 166 -22.15 -103.96 -74.66
CA GLU B 166 -22.10 -104.01 -76.13
C GLU B 166 -23.49 -104.14 -76.71
N ALA B 167 -24.40 -104.83 -76.01
CA ALA B 167 -25.81 -104.72 -76.34
C ALA B 167 -26.34 -103.31 -76.12
N GLN B 168 -25.73 -102.55 -75.21
CA GLN B 168 -26.05 -101.12 -75.09
C GLN B 168 -25.48 -100.32 -76.25
N LYS B 169 -24.38 -100.75 -76.85
CA LYS B 169 -23.98 -100.18 -78.14
C LYS B 169 -25.03 -100.46 -79.21
N ILE B 170 -25.55 -101.69 -79.22
CA ILE B 170 -26.58 -102.08 -80.20
C ILE B 170 -27.84 -101.25 -80.01
N SER B 171 -28.27 -101.06 -78.75
CA SER B 171 -29.41 -100.22 -78.41
C SER B 171 -29.03 -98.76 -78.22
N ASP B 172 -27.81 -98.38 -78.58
CA ASP B 172 -27.47 -97.00 -78.83
C ASP B 172 -27.52 -96.70 -80.32
N ASP B 173 -27.24 -97.73 -81.13
CA ASP B 173 -27.18 -97.60 -82.57
C ASP B 173 -28.53 -97.76 -83.25
N LEU B 174 -29.45 -98.53 -82.67
CA LEU B 174 -30.73 -98.79 -83.31
C LEU B 174 -31.93 -98.37 -82.47
N MET B 175 -31.70 -97.44 -81.54
CA MET B 175 -32.80 -96.96 -80.63
C MET B 175 -33.65 -95.93 -81.39
N GLN B 176 -34.74 -96.37 -82.00
CA GLN B 176 -35.65 -95.48 -82.77
C GLN B 176 -34.79 -94.67 -83.76
N THR B 180 -33.05 -88.44 -81.98
CA THR B 180 -33.31 -88.07 -80.59
C THR B 180 -31.97 -88.07 -79.86
N GLN B 181 -31.52 -86.88 -79.46
CA GLN B 181 -30.13 -86.72 -79.01
C GLN B 181 -29.91 -87.20 -77.58
N ASN B 182 -30.25 -88.46 -77.29
CA ASN B 182 -29.88 -89.10 -76.03
C ASN B 182 -28.42 -89.50 -75.97
N ARG B 183 -27.64 -89.23 -77.01
CA ARG B 183 -26.21 -89.46 -76.97
C ARG B 183 -25.49 -88.48 -76.05
N ARG B 184 -26.10 -87.34 -75.75
CA ARG B 184 -25.54 -86.41 -74.76
C ARG B 184 -25.83 -86.83 -73.33
N ALA B 185 -26.39 -88.02 -73.14
CA ALA B 185 -26.33 -88.75 -71.89
C ALA B 185 -25.57 -90.07 -72.05
N LEU B 186 -25.85 -90.82 -73.12
CA LEU B 186 -25.26 -92.14 -73.22
C LEU B 186 -23.79 -92.11 -73.65
N ASP B 187 -23.34 -91.14 -74.44
CA ASP B 187 -21.91 -91.02 -74.69
C ASP B 187 -21.18 -90.46 -73.48
N LEU B 188 -21.87 -89.64 -72.68
CA LEU B 188 -21.28 -89.14 -71.44
C LEU B 188 -21.07 -90.26 -70.42
N VAL B 189 -21.99 -91.22 -70.38
CA VAL B 189 -21.78 -92.41 -69.54
C VAL B 189 -20.85 -93.40 -70.25
N ALA B 190 -20.93 -93.45 -71.57
CA ALA B 190 -20.20 -94.42 -72.37
C ALA B 190 -18.73 -94.09 -72.48
N ALA B 191 -18.34 -92.83 -72.26
CA ALA B 191 -16.92 -92.46 -72.20
C ALA B 191 -16.27 -93.23 -71.06
N LYS B 192 -16.79 -93.00 -69.84
CA LYS B 192 -16.43 -93.76 -68.65
C LYS B 192 -16.46 -95.27 -68.88
N CYS B 193 -17.61 -95.80 -69.32
CA CYS B 193 -17.74 -97.25 -69.33
C CYS B 193 -16.96 -97.90 -70.47
N TYR B 194 -16.67 -97.17 -71.54
CA TYR B 194 -15.80 -97.71 -72.58
C TYR B 194 -14.34 -97.62 -72.17
N TYR B 195 -13.97 -96.63 -71.34
CA TYR B 195 -12.65 -96.72 -70.72
C TYR B 195 -12.57 -97.95 -69.83
N TYR B 196 -13.63 -98.25 -69.08
CA TYR B 196 -13.61 -99.46 -68.25
C TYR B 196 -13.68 -100.72 -69.09
N HIS B 197 -14.32 -100.66 -70.26
CA HIS B 197 -14.21 -101.71 -71.28
C HIS B 197 -12.76 -101.98 -71.62
N ALA B 198 -12.03 -100.94 -72.02
CA ALA B 198 -10.63 -101.11 -72.39
C ALA B 198 -9.79 -101.59 -71.22
N ARG B 199 -10.12 -101.12 -70.01
CA ARG B 199 -9.45 -101.58 -68.80
C ARG B 199 -9.64 -103.08 -68.59
N VAL B 200 -10.88 -103.55 -68.55
CA VAL B 200 -11.13 -104.96 -68.24
C VAL B 200 -10.70 -105.86 -69.40
N TYR B 201 -10.80 -105.36 -70.63
CA TYR B 201 -10.34 -106.15 -71.78
C TYR B 201 -8.82 -106.29 -71.76
N GLU B 202 -8.10 -105.26 -71.31
CA GLU B 202 -6.65 -105.30 -71.29
C GLU B 202 -6.06 -105.54 -69.91
N PHE B 203 -6.87 -105.98 -68.95
CA PHE B 203 -6.33 -106.60 -67.74
C PHE B 203 -5.85 -108.01 -68.00
N LEU B 204 -6.23 -108.59 -69.14
CA LEU B 204 -5.90 -109.97 -69.47
C LEU B 204 -5.03 -110.09 -70.72
N ASP B 205 -5.44 -109.48 -71.83
CA ASP B 205 -4.74 -109.57 -73.11
C ASP B 205 -5.00 -108.29 -73.88
N LYS B 206 -4.26 -108.10 -74.97
CA LYS B 206 -4.61 -107.01 -75.87
C LYS B 206 -5.92 -107.32 -76.58
N LEU B 207 -6.67 -106.27 -76.89
CA LEU B 207 -7.98 -106.41 -77.50
C LEU B 207 -7.84 -106.29 -79.02
N ASP B 208 -8.50 -107.21 -79.73
CA ASP B 208 -8.22 -107.41 -81.15
C ASP B 208 -9.39 -107.02 -82.03
N VAL B 209 -10.57 -107.61 -81.80
CA VAL B 209 -11.77 -107.25 -82.54
C VAL B 209 -12.53 -106.15 -81.83
N VAL B 210 -12.19 -105.88 -80.56
CA VAL B 210 -12.63 -104.66 -79.89
C VAL B 210 -12.05 -103.42 -80.58
N ARG B 211 -10.94 -103.58 -81.30
CA ARG B 211 -10.46 -102.51 -82.18
C ARG B 211 -11.48 -102.18 -83.27
N SER B 212 -12.11 -103.18 -83.87
CA SER B 212 -13.10 -102.90 -84.91
C SER B 212 -14.44 -102.46 -84.33
N PHE B 213 -14.79 -103.00 -83.14
CA PHE B 213 -15.82 -102.43 -82.28
C PHE B 213 -15.65 -100.93 -82.12
N LEU B 214 -14.44 -100.51 -81.74
CA LEU B 214 -14.13 -99.11 -81.52
C LEU B 214 -14.13 -98.32 -82.82
N HIS B 215 -13.65 -98.93 -83.91
CA HIS B 215 -13.67 -98.29 -85.22
C HIS B 215 -15.09 -97.98 -85.67
N ALA B 216 -15.94 -99.00 -85.73
CA ALA B 216 -17.33 -98.81 -86.14
C ALA B 216 -18.12 -97.97 -85.15
N ARG B 217 -17.72 -97.99 -83.87
CA ARG B 217 -18.36 -97.13 -82.88
C ARG B 217 -17.96 -95.68 -83.06
N LEU B 218 -16.75 -95.45 -83.57
CA LEU B 218 -16.35 -94.11 -83.99
C LEU B 218 -17.08 -93.70 -85.26
N ARG B 219 -17.29 -94.67 -86.15
CA ARG B 219 -17.99 -94.42 -87.42
C ARG B 219 -19.43 -93.99 -87.20
N THR B 220 -20.15 -94.69 -86.31
CA THR B 220 -21.57 -94.41 -86.12
C THR B 220 -21.81 -93.06 -85.45
N ALA B 221 -20.81 -92.50 -84.77
CA ALA B 221 -20.93 -91.21 -84.10
C ALA B 221 -20.39 -90.07 -84.94
N THR B 222 -20.51 -90.16 -86.27
CA THR B 222 -19.80 -89.24 -87.14
C THR B 222 -20.48 -87.87 -87.26
N LEU B 223 -21.71 -87.83 -87.76
CA LEU B 223 -22.37 -86.54 -87.99
C LEU B 223 -23.75 -86.43 -87.35
N ARG B 224 -24.53 -87.53 -87.38
CA ARG B 224 -25.90 -87.50 -86.89
C ARG B 224 -25.96 -87.18 -85.40
N HIS B 225 -25.03 -87.72 -84.60
CA HIS B 225 -24.86 -87.37 -83.19
C HIS B 225 -23.36 -87.29 -82.94
N ASP B 226 -22.79 -86.12 -83.15
CA ASP B 226 -21.36 -85.90 -82.95
C ASP B 226 -21.20 -85.05 -81.69
N ALA B 227 -21.34 -85.71 -80.54
CA ALA B 227 -21.35 -85.01 -79.25
C ALA B 227 -20.70 -85.92 -78.22
N ASP B 228 -19.45 -85.60 -77.88
CA ASP B 228 -18.62 -86.20 -76.82
C ASP B 228 -18.26 -87.67 -77.12
N GLY B 229 -18.62 -88.19 -78.28
CA GLY B 229 -18.33 -89.58 -78.57
C GLY B 229 -17.04 -89.72 -79.32
N GLN B 230 -16.84 -88.84 -80.32
CA GLN B 230 -15.72 -88.95 -81.24
C GLN B 230 -14.39 -88.76 -80.51
N ALA B 231 -14.29 -87.72 -79.68
CA ALA B 231 -13.05 -87.42 -78.97
C ALA B 231 -12.71 -88.48 -77.93
N THR B 232 -13.73 -89.00 -77.23
CA THR B 232 -13.48 -89.99 -76.17
C THR B 232 -13.12 -91.35 -76.76
N LEU B 233 -13.84 -91.80 -77.79
CA LEU B 233 -13.47 -93.03 -78.49
C LEU B 233 -12.13 -92.87 -79.20
N LEU B 234 -11.77 -91.65 -79.56
CA LEU B 234 -10.46 -91.40 -80.14
C LEU B 234 -9.36 -91.45 -79.10
N ASN B 235 -9.66 -91.04 -77.86
CA ASN B 235 -8.74 -91.29 -76.75
C ASN B 235 -8.53 -92.78 -76.52
N LEU B 236 -9.62 -93.54 -76.58
CA LEU B 236 -9.55 -95.00 -76.51
C LEU B 236 -8.68 -95.58 -77.62
N LEU B 237 -8.91 -95.14 -78.85
CA LEU B 237 -8.14 -95.61 -80.00
C LEU B 237 -6.68 -95.18 -79.91
N LEU B 238 -6.44 -93.99 -79.36
CA LEU B 238 -5.09 -93.47 -79.26
C LEU B 238 -4.30 -94.25 -78.23
N ARG B 239 -4.88 -94.48 -77.05
CA ARG B 239 -4.22 -95.27 -76.02
C ARG B 239 -4.11 -96.74 -76.42
N ASN B 240 -5.04 -97.22 -77.26
CA ASN B 240 -4.91 -98.53 -77.88
C ASN B 240 -3.64 -98.60 -78.73
N TYR B 241 -3.48 -97.66 -79.65
CA TYR B 241 -2.30 -97.64 -80.52
C TYR B 241 -1.04 -97.25 -79.76
N LEU B 242 -1.18 -96.73 -78.55
CA LEU B 242 -0.07 -96.36 -77.68
C LEU B 242 0.46 -97.56 -76.89
N HIS B 243 -0.44 -98.38 -76.33
CA HIS B 243 -0.02 -99.48 -75.50
C HIS B 243 0.65 -100.60 -76.31
N TYR B 244 0.32 -100.68 -77.59
CA TYR B 244 0.79 -101.74 -78.47
C TYR B 244 1.67 -101.10 -79.55
N SER B 245 2.10 -101.90 -80.53
CA SER B 245 2.99 -101.46 -81.60
C SER B 245 2.37 -100.33 -82.41
N LEU B 246 3.25 -99.57 -83.06
CA LEU B 246 2.97 -98.19 -83.44
C LEU B 246 2.98 -98.09 -84.97
N TYR B 247 1.82 -98.36 -85.56
CA TYR B 247 1.67 -98.45 -87.00
C TYR B 247 0.67 -97.45 -87.57
N ASP B 248 -0.35 -97.07 -86.80
CA ASP B 248 -1.49 -96.33 -87.30
C ASP B 248 -1.58 -94.93 -86.71
N GLN B 249 -0.43 -94.27 -86.56
CA GLN B 249 -0.39 -92.84 -86.28
C GLN B 249 -0.40 -92.04 -87.57
N ALA B 250 -0.04 -92.70 -88.66
CA ALA B 250 -0.36 -92.19 -89.99
C ALA B 250 -1.85 -92.02 -90.22
N GLU B 251 -2.70 -92.74 -89.47
CA GLU B 251 -4.14 -92.52 -89.55
C GLU B 251 -4.51 -91.15 -89.01
N LYS B 252 -3.87 -90.71 -87.94
CA LYS B 252 -4.06 -89.33 -87.51
C LYS B 252 -3.37 -88.36 -88.45
N LEU B 253 -2.31 -88.79 -89.11
CA LEU B 253 -1.65 -87.92 -90.07
C LEU B 253 -2.45 -87.73 -91.36
N VAL B 254 -3.38 -88.63 -91.67
CA VAL B 254 -4.20 -88.51 -92.88
C VAL B 254 -5.66 -88.17 -92.59
N SER B 255 -6.14 -88.37 -91.37
CA SER B 255 -7.56 -88.24 -91.04
C SER B 255 -7.73 -87.41 -89.78
N LYS B 256 -7.06 -86.27 -89.73
CA LYS B 256 -7.01 -85.43 -88.53
C LYS B 256 -8.35 -84.72 -88.42
N SER B 257 -9.29 -85.33 -87.70
CA SER B 257 -10.64 -84.81 -87.52
C SER B 257 -10.94 -84.63 -86.04
N VAL B 258 -10.02 -84.04 -85.29
CA VAL B 258 -9.88 -84.26 -83.87
C VAL B 258 -10.40 -83.08 -83.05
N PHE B 259 -11.25 -82.25 -83.64
CA PHE B 259 -11.57 -80.92 -83.10
C PHE B 259 -13.05 -80.81 -82.74
N PRO B 260 -13.46 -81.16 -81.52
CA PRO B 260 -14.83 -80.89 -81.11
C PRO B 260 -14.95 -79.53 -80.45
N GLU B 261 -16.01 -79.36 -79.67
CA GLU B 261 -16.17 -78.24 -78.75
C GLU B 261 -15.17 -78.31 -77.58
N GLN B 262 -14.39 -79.40 -77.51
CA GLN B 262 -13.50 -79.80 -76.42
C GLN B 262 -14.23 -79.67 -75.08
N ALA B 263 -15.26 -80.51 -74.93
CA ALA B 263 -16.33 -80.30 -73.94
C ALA B 263 -15.89 -80.54 -72.51
N ASN B 264 -15.40 -81.74 -72.19
CA ASN B 264 -15.18 -82.10 -70.77
C ASN B 264 -14.02 -81.38 -70.10
N ASN B 265 -13.23 -80.57 -70.81
CA ASN B 265 -12.25 -79.60 -70.30
C ASN B 265 -11.04 -80.26 -69.61
N ASN B 266 -11.09 -81.55 -69.40
CA ASN B 266 -9.95 -82.36 -68.99
C ASN B 266 -9.67 -83.46 -70.00
N GLU B 267 -10.72 -83.93 -70.68
CA GLU B 267 -10.57 -84.86 -71.80
C GLU B 267 -9.68 -84.27 -72.87
N TRP B 268 -9.87 -83.00 -73.19
CA TRP B 268 -9.03 -82.32 -74.17
C TRP B 268 -7.61 -82.13 -73.66
N ALA B 269 -7.47 -81.87 -72.36
CA ALA B 269 -6.16 -81.71 -71.76
C ALA B 269 -5.33 -82.99 -71.85
N ARG B 270 -5.86 -84.08 -71.32
CA ARG B 270 -5.17 -85.36 -71.41
C ARG B 270 -5.11 -85.88 -72.84
N TYR B 271 -6.02 -85.46 -73.71
CA TYR B 271 -5.94 -85.80 -75.13
C TYR B 271 -4.71 -85.16 -75.77
N LEU B 272 -4.52 -83.87 -75.50
CA LEU B 272 -3.32 -83.19 -75.96
C LEU B 272 -2.07 -83.76 -75.30
N TYR B 273 -2.18 -84.26 -74.08
CA TYR B 273 -1.05 -84.95 -73.45
C TYR B 273 -0.69 -86.23 -74.21
N TYR B 274 -1.70 -87.05 -74.52
CA TYR B 274 -1.44 -88.32 -75.21
C TYR B 274 -0.88 -88.09 -76.60
N THR B 275 -1.45 -87.13 -77.34
CA THR B 275 -0.86 -86.85 -78.65
C THR B 275 0.45 -86.08 -78.55
N GLY B 276 0.75 -85.48 -77.40
CA GLY B 276 2.09 -84.98 -77.18
C GLY B 276 3.09 -86.09 -76.99
N ARG B 277 2.68 -87.16 -76.29
CA ARG B 277 3.51 -88.36 -76.22
C ARG B 277 3.70 -88.99 -77.60
N ILE B 278 2.66 -88.94 -78.45
CA ILE B 278 2.73 -89.36 -79.84
C ILE B 278 3.78 -88.58 -80.61
N LYS B 279 3.65 -87.26 -80.67
CA LYS B 279 4.64 -86.45 -81.39
C LYS B 279 6.01 -86.49 -80.73
N ALA B 280 6.07 -86.79 -79.43
CA ALA B 280 7.33 -87.05 -78.77
C ALA B 280 7.97 -88.33 -79.29
N ILE B 281 7.16 -89.34 -79.58
CA ILE B 281 7.69 -90.62 -80.02
C ILE B 281 7.75 -90.70 -81.55
N GLN B 282 7.02 -89.84 -82.27
CA GLN B 282 7.24 -89.77 -83.71
C GLN B 282 8.62 -89.20 -84.01
N LEU B 283 8.73 -87.86 -83.95
CA LEU B 283 9.92 -87.06 -83.66
C LEU B 283 9.47 -85.61 -83.54
N GLU B 284 9.69 -84.98 -82.39
CA GLU B 284 9.47 -83.54 -82.25
C GLU B 284 10.13 -83.05 -80.97
N TYR B 285 10.68 -81.84 -81.02
CA TYR B 285 10.94 -81.05 -79.82
C TYR B 285 9.87 -79.98 -79.63
N SER B 286 9.77 -79.04 -80.55
CA SER B 286 9.02 -77.78 -80.40
C SER B 286 7.51 -77.95 -80.20
N GLU B 287 6.83 -78.52 -81.20
CA GLU B 287 5.39 -78.69 -81.12
C GLU B 287 4.99 -79.64 -80.01
N ALA B 288 5.82 -80.66 -79.77
CA ALA B 288 5.54 -81.61 -78.70
C ALA B 288 5.70 -80.96 -77.34
N ARG B 289 6.76 -80.16 -77.15
CA ARG B 289 6.92 -79.53 -75.84
C ARG B 289 5.89 -78.43 -75.62
N ARG B 290 5.40 -77.80 -76.69
CA ARG B 290 4.37 -76.79 -76.45
C ARG B 290 3.00 -77.43 -76.17
N THR B 291 2.69 -78.58 -76.76
CA THR B 291 1.43 -79.21 -76.36
C THR B 291 1.56 -79.93 -75.02
N MET B 292 2.77 -80.39 -74.65
CA MET B 292 3.01 -80.83 -73.28
C MET B 292 2.87 -79.69 -72.29
N THR B 293 3.33 -78.50 -72.69
CA THR B 293 3.21 -77.32 -71.84
C THR B 293 1.75 -76.93 -71.68
N ASN B 294 0.98 -76.95 -72.76
CA ASN B 294 -0.43 -76.60 -72.72
C ASN B 294 -1.23 -77.62 -71.91
N ALA B 295 -0.86 -78.89 -71.97
CA ALA B 295 -1.52 -79.87 -71.11
C ALA B 295 -1.07 -79.74 -69.66
N LEU B 296 0.17 -79.29 -69.45
CA LEU B 296 0.69 -79.07 -68.11
C LEU B 296 -0.05 -77.94 -67.42
N ARG B 297 -0.11 -76.77 -68.06
CA ARG B 297 -0.89 -75.66 -67.54
C ARG B 297 -2.39 -75.92 -67.63
N LYS B 298 -2.81 -76.89 -68.44
CA LYS B 298 -4.18 -77.34 -68.48
C LYS B 298 -4.37 -78.58 -67.59
N ALA B 299 -3.53 -78.72 -66.58
CA ALA B 299 -3.86 -79.61 -65.49
C ALA B 299 -5.09 -79.04 -64.80
N PRO B 300 -6.16 -79.82 -64.62
CA PRO B 300 -7.43 -79.22 -64.16
C PRO B 300 -7.39 -78.69 -62.74
N GLN B 301 -7.02 -79.53 -61.78
CA GLN B 301 -6.74 -79.14 -60.40
C GLN B 301 -5.66 -80.09 -59.90
N HIS B 302 -5.29 -79.91 -58.63
CA HIS B 302 -4.77 -81.01 -57.84
C HIS B 302 -5.79 -81.29 -56.73
N THR B 303 -6.82 -82.05 -57.12
CA THR B 303 -7.79 -82.62 -56.22
C THR B 303 -7.76 -84.15 -56.26
N ALA B 304 -6.84 -84.72 -57.04
CA ALA B 304 -6.67 -86.15 -57.16
C ALA B 304 -5.22 -86.47 -56.85
N VAL B 305 -5.00 -87.25 -55.80
CA VAL B 305 -3.69 -87.39 -55.15
C VAL B 305 -2.63 -88.06 -56.02
N GLY B 306 -1.60 -87.28 -56.36
CA GLY B 306 -0.40 -87.77 -57.03
C GLY B 306 -0.61 -88.44 -58.37
N PHE B 307 -1.61 -88.00 -59.12
CA PHE B 307 -1.87 -88.58 -60.43
C PHE B 307 -1.27 -87.78 -61.56
N LYS B 308 -0.99 -86.51 -61.32
CA LYS B 308 -0.17 -85.71 -62.21
C LYS B 308 1.28 -86.19 -62.24
N GLN B 309 1.71 -86.96 -61.25
CA GLN B 309 3.13 -87.08 -60.94
C GLN B 309 3.89 -88.06 -61.84
N THR B 310 3.46 -89.32 -61.91
CA THR B 310 4.08 -90.28 -62.82
C THR B 310 3.89 -89.84 -64.26
N VAL B 311 2.70 -89.30 -64.56
CA VAL B 311 2.40 -88.88 -65.92
C VAL B 311 3.19 -87.61 -66.27
N HIS B 312 3.63 -86.85 -65.26
CA HIS B 312 4.51 -85.71 -65.49
C HIS B 312 5.97 -86.11 -65.63
N LYS B 313 6.38 -87.15 -64.90
CA LYS B 313 7.67 -87.79 -65.13
C LYS B 313 7.81 -88.22 -66.58
N LEU B 314 6.75 -88.78 -67.16
CA LEU B 314 6.83 -89.09 -68.58
C LEU B 314 6.49 -87.89 -69.47
N LEU B 315 5.92 -86.81 -68.91
CA LEU B 315 5.60 -85.63 -69.69
C LEU B 315 6.86 -84.84 -70.08
N ILE B 316 7.74 -84.58 -69.12
CA ILE B 316 8.82 -83.63 -69.41
C ILE B 316 10.10 -84.37 -69.79
N VAL B 317 9.94 -85.60 -70.30
CA VAL B 317 11.06 -86.30 -70.93
C VAL B 317 11.59 -85.51 -72.11
N VAL B 318 10.71 -84.84 -72.86
CA VAL B 318 11.16 -84.03 -73.99
C VAL B 318 11.86 -82.76 -73.51
N GLU B 319 11.49 -82.24 -72.35
CA GLU B 319 12.20 -81.07 -71.82
C GLU B 319 13.56 -81.46 -71.29
N LEU B 320 13.68 -82.67 -70.75
CA LEU B 320 14.99 -83.25 -70.47
C LEU B 320 15.80 -83.38 -71.76
N LEU B 321 15.14 -83.80 -72.84
CA LEU B 321 15.78 -83.91 -74.14
C LEU B 321 16.07 -82.55 -74.78
N LEU B 322 15.54 -81.47 -74.22
CA LEU B 322 15.98 -80.15 -74.67
C LEU B 322 17.40 -79.87 -74.20
N GLY B 323 17.73 -80.24 -72.97
CA GLY B 323 18.99 -79.90 -72.36
C GLY B 323 19.01 -78.57 -71.63
N GLU B 324 18.00 -77.73 -71.86
CA GLU B 324 17.88 -76.41 -71.23
C GLU B 324 16.97 -76.44 -70.02
N ILE B 325 16.94 -77.57 -69.33
CA ILE B 325 16.06 -77.73 -68.17
C ILE B 325 16.92 -77.73 -66.91
N PRO B 326 16.50 -77.06 -65.86
CA PRO B 326 17.12 -77.24 -64.55
C PRO B 326 16.57 -78.45 -63.84
N ASP B 327 16.88 -78.61 -62.57
CA ASP B 327 16.19 -79.60 -61.77
C ASP B 327 14.72 -79.21 -61.63
N ARG B 328 13.87 -80.23 -61.71
CA ARG B 328 12.44 -80.13 -61.89
C ARG B 328 11.66 -80.20 -60.59
N LEU B 329 12.27 -79.82 -59.47
CA LEU B 329 11.84 -80.32 -58.18
C LEU B 329 10.50 -79.76 -57.70
N GLN B 330 10.01 -78.67 -58.29
CA GLN B 330 8.76 -78.07 -57.84
C GLN B 330 7.54 -78.97 -58.04
N PHE B 331 7.66 -79.97 -58.93
CA PHE B 331 6.58 -80.94 -59.15
C PHE B 331 6.58 -82.07 -58.14
N ARG B 332 7.67 -82.27 -57.40
CA ARG B 332 7.95 -83.55 -56.76
C ARG B 332 7.02 -83.81 -55.57
N GLN B 333 6.13 -84.77 -55.75
CA GLN B 333 5.45 -85.39 -54.62
C GLN B 333 6.48 -86.14 -53.79
N PRO B 334 6.46 -86.02 -52.47
CA PRO B 334 7.37 -86.84 -51.64
C PRO B 334 7.12 -88.34 -51.71
N SER B 335 5.92 -88.76 -52.09
CA SER B 335 5.68 -90.18 -52.37
C SER B 335 6.16 -90.59 -53.75
N LEU B 336 6.47 -89.61 -54.62
CA LEU B 336 7.11 -89.88 -55.90
C LEU B 336 8.63 -89.94 -55.78
N LYS B 337 9.18 -89.51 -54.63
CA LYS B 337 10.64 -89.44 -54.46
C LYS B 337 11.29 -90.81 -54.53
N ARG B 338 10.65 -91.81 -53.91
CA ARG B 338 11.21 -93.16 -53.92
C ARG B 338 11.10 -93.83 -55.29
N SER B 339 10.29 -93.27 -56.19
CA SER B 339 10.25 -93.72 -57.58
C SER B 339 11.09 -92.86 -58.51
N LEU B 340 11.41 -91.63 -58.12
CA LEU B 340 12.29 -90.78 -58.92
C LEU B 340 13.72 -90.77 -58.42
N MET B 341 14.04 -91.63 -57.45
CA MET B 341 15.41 -92.05 -57.13
C MET B 341 16.27 -92.32 -58.39
N PRO B 342 15.72 -92.91 -59.50
CA PRO B 342 16.43 -92.77 -60.78
C PRO B 342 16.34 -91.38 -61.40
N TYR B 343 15.15 -90.78 -61.32
CA TYR B 343 14.82 -89.67 -62.21
C TYR B 343 15.45 -88.37 -61.74
N PHE B 344 15.63 -88.23 -60.42
CA PHE B 344 16.36 -87.11 -59.85
C PHE B 344 17.83 -87.12 -60.28
N LEU B 345 18.47 -88.28 -60.20
CA LEU B 345 19.84 -88.39 -60.68
C LEU B 345 19.91 -88.31 -62.20
N LEU B 346 18.80 -88.60 -62.90
CA LEU B 346 18.79 -88.44 -64.35
C LEU B 346 18.80 -86.96 -64.74
N THR B 347 17.97 -86.14 -64.11
CA THR B 347 18.07 -84.71 -64.40
C THR B 347 19.34 -84.09 -63.83
N GLN B 348 19.94 -84.73 -62.81
CA GLN B 348 21.29 -84.34 -62.42
C GLN B 348 22.31 -84.69 -63.50
N ALA B 349 22.13 -85.82 -64.18
CA ALA B 349 22.97 -86.18 -65.31
C ALA B 349 22.70 -85.32 -66.53
N VAL B 350 21.55 -84.66 -66.59
CA VAL B 350 21.31 -83.62 -67.57
C VAL B 350 22.10 -82.36 -67.24
N ARG B 351 22.13 -81.99 -65.96
CA ARG B 351 22.91 -80.81 -65.59
C ARG B 351 24.41 -81.06 -65.65
N THR B 352 24.87 -82.31 -65.49
CA THR B 352 26.29 -82.62 -65.58
C THR B 352 26.67 -83.03 -67.00
N GLY B 353 27.91 -82.71 -67.37
CA GLY B 353 28.46 -83.11 -68.65
C GLY B 353 29.32 -84.35 -68.63
N ASN B 354 29.33 -85.10 -67.53
CA ASN B 354 30.14 -86.30 -67.43
C ASN B 354 29.62 -87.40 -68.35
N LEU B 355 30.53 -88.13 -68.98
CA LEU B 355 30.20 -89.22 -69.88
C LEU B 355 30.05 -90.54 -69.13
N ALA B 356 30.99 -90.82 -68.22
CA ALA B 356 30.90 -92.02 -67.40
C ALA B 356 29.69 -91.98 -66.48
N LYS B 357 29.28 -90.80 -66.04
CA LYS B 357 28.03 -90.69 -65.30
C LYS B 357 26.81 -90.73 -66.23
N PHE B 358 26.96 -90.26 -67.48
CA PHE B 358 25.89 -90.36 -68.47
C PHE B 358 25.53 -91.81 -68.77
N ASN B 359 26.52 -92.70 -68.76
CA ASN B 359 26.21 -94.12 -68.93
C ASN B 359 26.10 -94.88 -67.62
N GLN B 360 26.54 -94.30 -66.50
CA GLN B 360 26.41 -94.99 -65.22
C GLN B 360 25.05 -94.75 -64.58
N VAL B 361 24.38 -93.64 -64.91
CA VAL B 361 22.97 -93.51 -64.59
C VAL B 361 22.14 -94.54 -65.35
N LEU B 362 22.49 -94.80 -66.62
CA LEU B 362 21.86 -95.87 -67.38
C LEU B 362 22.16 -97.24 -66.78
N ASP B 363 23.43 -97.50 -66.46
CA ASP B 363 23.89 -98.75 -65.84
C ASP B 363 23.33 -98.93 -64.43
N GLN B 364 22.87 -97.85 -63.80
CA GLN B 364 22.28 -97.88 -62.48
C GLN B 364 20.76 -97.99 -62.53
N PHE B 365 20.11 -97.48 -63.57
CA PHE B 365 18.66 -97.37 -63.56
C PHE B 365 18.01 -97.79 -64.87
N GLY B 366 18.61 -98.73 -65.60
CA GLY B 366 18.01 -99.19 -66.84
C GLY B 366 16.66 -99.87 -66.68
N GLU B 367 16.38 -100.43 -65.51
CA GLU B 367 15.09 -101.05 -65.29
C GLU B 367 13.97 -100.03 -65.16
N LYS B 368 14.23 -98.92 -64.46
CA LYS B 368 13.23 -97.85 -64.43
C LYS B 368 13.18 -97.11 -65.76
N PHE B 369 14.29 -97.11 -66.49
CA PHE B 369 14.26 -96.56 -67.85
C PHE B 369 13.42 -97.44 -68.78
N GLN B 370 13.37 -98.75 -68.52
CA GLN B 370 12.43 -99.65 -69.20
C GLN B 370 11.01 -99.46 -68.69
N ALA B 371 10.84 -99.10 -67.42
CA ALA B 371 9.53 -98.74 -66.91
C ALA B 371 8.99 -97.51 -67.63
N ASP B 372 9.88 -96.57 -67.94
CA ASP B 372 9.58 -95.56 -68.95
C ASP B 372 9.38 -96.22 -70.31
N GLY B 373 10.36 -97.00 -70.76
CA GLY B 373 10.22 -97.72 -72.01
C GLY B 373 10.38 -96.87 -73.24
N THR B 374 11.08 -95.74 -73.08
CA THR B 374 11.34 -94.80 -74.19
C THR B 374 12.86 -94.78 -74.46
N TYR B 375 13.27 -95.41 -75.57
CA TYR B 375 14.71 -95.43 -75.96
C TYR B 375 15.04 -94.09 -76.62
N THR B 376 14.01 -93.43 -77.17
CA THR B 376 14.14 -92.11 -77.83
C THR B 376 14.91 -91.15 -76.91
N LEU B 377 14.80 -91.29 -75.58
CA LEU B 377 15.53 -90.35 -74.75
C LEU B 377 17.03 -90.62 -74.80
N ILE B 378 17.43 -91.89 -74.69
CA ILE B 378 18.86 -92.16 -74.59
C ILE B 378 19.50 -92.22 -75.97
N ILE B 379 18.69 -92.37 -77.03
CA ILE B 379 19.24 -92.37 -78.38
C ILE B 379 19.64 -90.96 -78.82
N ARG B 380 19.17 -89.93 -78.10
CA ARG B 380 19.55 -88.56 -78.41
C ARG B 380 20.04 -87.81 -77.19
N LEU B 381 20.19 -88.45 -76.04
CA LEU B 381 20.54 -87.69 -74.85
C LEU B 381 22.04 -87.39 -74.79
N ARG B 382 22.87 -88.24 -75.40
CA ARG B 382 24.28 -87.90 -75.58
C ARG B 382 24.44 -86.71 -76.51
N HIS B 383 23.70 -86.73 -77.62
CA HIS B 383 23.65 -85.59 -78.53
C HIS B 383 23.09 -84.36 -77.82
N ASN B 384 22.18 -84.56 -76.88
CA ASN B 384 21.69 -83.46 -76.05
C ASN B 384 22.77 -82.92 -75.14
N VAL B 385 23.65 -83.78 -74.63
CA VAL B 385 24.76 -83.32 -73.79
C VAL B 385 25.72 -82.46 -74.61
N ILE B 386 26.01 -82.90 -75.84
CA ILE B 386 26.92 -82.09 -76.65
C ILE B 386 26.22 -80.82 -77.15
N LYS B 387 24.90 -80.84 -77.32
CA LYS B 387 24.20 -79.61 -77.69
C LYS B 387 24.06 -78.66 -76.51
N THR B 388 23.96 -79.18 -75.29
CA THR B 388 24.02 -78.34 -74.10
C THR B 388 25.36 -77.65 -74.00
N GLY B 389 26.44 -78.41 -74.23
CA GLY B 389 27.77 -77.83 -74.30
C GLY B 389 27.90 -76.75 -75.36
N VAL B 390 27.35 -77.00 -76.55
CA VAL B 390 27.55 -76.02 -77.62
C VAL B 390 26.68 -74.79 -77.38
N ARG B 391 25.48 -74.95 -76.79
CA ARG B 391 24.64 -73.80 -76.50
C ARG B 391 25.27 -72.91 -75.44
N MET B 392 25.76 -73.52 -74.35
CA MET B 392 26.42 -72.78 -73.28
C MET B 392 27.66 -72.06 -73.77
N ILE B 393 28.60 -72.79 -74.37
CA ILE B 393 29.88 -72.20 -74.70
C ILE B 393 29.79 -71.29 -75.93
N SER B 394 28.86 -71.56 -76.84
CA SER B 394 28.67 -70.71 -78.01
C SER B 394 27.87 -69.47 -77.68
N LEU B 395 27.05 -69.51 -76.63
CA LEU B 395 26.50 -68.28 -76.09
C LEU B 395 27.53 -67.55 -75.23
N SER B 396 28.56 -68.26 -74.77
CA SER B 396 29.53 -67.65 -73.86
C SER B 396 30.51 -66.73 -74.60
N TYR B 397 31.27 -67.29 -75.53
CA TYR B 397 32.41 -66.57 -76.09
C TYR B 397 32.21 -66.23 -77.56
N SER B 398 32.74 -65.06 -77.94
CA SER B 398 32.58 -64.57 -79.30
C SER B 398 33.43 -65.37 -80.29
N ARG B 399 34.76 -65.31 -80.14
CA ARG B 399 35.66 -66.07 -81.00
C ARG B 399 36.37 -67.08 -80.12
N ILE B 400 35.72 -68.22 -79.89
CA ILE B 400 36.30 -69.33 -79.17
C ILE B 400 37.13 -70.11 -80.17
N SER B 401 37.97 -71.03 -79.72
CA SER B 401 38.58 -72.02 -80.58
C SER B 401 37.82 -73.34 -80.43
N LEU B 402 37.81 -74.13 -81.51
CA LEU B 402 37.24 -75.46 -81.43
C LEU B 402 38.08 -76.40 -80.58
N ALA B 403 39.37 -76.10 -80.43
CA ALA B 403 40.24 -76.91 -79.60
C ALA B 403 39.95 -76.70 -78.13
N ASP B 404 39.65 -75.45 -77.73
CA ASP B 404 39.34 -75.15 -76.34
C ASP B 404 38.11 -75.92 -75.86
N ILE B 405 37.01 -75.79 -76.58
CA ILE B 405 35.78 -76.50 -76.23
C ILE B 405 35.93 -78.00 -76.46
N ALA B 406 36.68 -78.40 -77.50
CA ALA B 406 36.89 -79.80 -77.86
C ALA B 406 37.63 -80.55 -76.77
N GLN B 407 38.87 -80.15 -76.48
CA GLN B 407 39.62 -80.74 -75.39
C GLN B 407 39.25 -80.16 -74.02
N LYS B 408 38.16 -79.40 -73.93
CA LYS B 408 37.47 -79.18 -72.68
C LYS B 408 36.33 -80.17 -72.48
N LEU B 409 35.82 -80.75 -73.56
CA LEU B 409 34.83 -81.82 -73.50
C LEU B 409 35.32 -83.12 -74.09
N GLN B 410 36.65 -83.32 -74.15
CA GLN B 410 37.33 -84.58 -74.48
C GLN B 410 37.03 -85.08 -75.88
N LEU B 411 37.32 -84.27 -76.89
CA LEU B 411 37.06 -84.64 -78.27
C LEU B 411 38.29 -85.16 -79.00
N ASP B 412 39.49 -84.75 -78.56
CA ASP B 412 40.80 -85.34 -78.85
C ASP B 412 41.30 -85.05 -80.27
N SER B 413 40.49 -84.42 -81.12
CA SER B 413 40.90 -84.17 -82.48
C SER B 413 40.19 -82.93 -83.00
N PRO B 414 40.76 -82.27 -84.01
CA PRO B 414 40.06 -81.12 -84.60
C PRO B 414 38.88 -81.49 -85.49
N GLU B 415 38.94 -82.61 -86.21
CA GLU B 415 37.98 -82.83 -87.30
C GLU B 415 36.61 -83.28 -86.80
N ASP B 416 36.54 -83.98 -85.67
CA ASP B 416 35.21 -84.24 -85.13
C ASP B 416 34.64 -83.04 -84.42
N ALA B 417 35.49 -82.15 -83.90
CA ALA B 417 35.01 -80.84 -83.45
C ALA B 417 34.52 -80.01 -84.62
N GLU B 418 35.14 -80.17 -85.80
CA GLU B 418 34.65 -79.53 -87.02
C GLU B 418 33.29 -80.07 -87.41
N PHE B 419 33.12 -81.39 -87.32
CA PHE B 419 31.81 -81.98 -87.61
C PHE B 419 30.77 -81.58 -86.58
N ILE B 420 31.17 -81.37 -85.33
CA ILE B 420 30.25 -80.86 -84.30
C ILE B 420 29.82 -79.44 -84.62
N VAL B 421 30.77 -78.56 -84.90
CA VAL B 421 30.46 -77.17 -85.25
C VAL B 421 29.68 -77.10 -86.55
N ALA B 422 29.97 -77.99 -87.49
CA ALA B 422 29.27 -78.00 -88.77
C ALA B 422 27.83 -78.47 -88.63
N LYS B 423 27.61 -79.54 -87.86
CA LYS B 423 26.24 -79.98 -87.61
C LYS B 423 25.52 -79.07 -86.63
N ALA B 424 26.23 -78.19 -85.94
CA ALA B 424 25.59 -77.16 -85.14
C ALA B 424 25.18 -75.95 -85.98
N ILE B 425 25.96 -75.63 -87.01
CA ILE B 425 25.51 -74.66 -88.01
C ILE B 425 24.33 -75.21 -88.77
N ARG B 426 24.39 -76.50 -89.13
CA ARG B 426 23.28 -77.20 -89.76
C ARG B 426 22.05 -77.24 -88.85
N ASP B 427 22.28 -77.35 -87.54
CA ASP B 427 21.19 -77.23 -86.57
C ASP B 427 20.92 -75.79 -86.16
N GLY B 428 21.77 -74.84 -86.57
CA GLY B 428 21.47 -73.43 -86.50
C GLY B 428 21.27 -72.80 -85.13
N VAL B 429 22.33 -72.75 -84.32
CA VAL B 429 22.27 -72.06 -83.05
C VAL B 429 23.06 -70.75 -83.06
N ILE B 430 24.23 -70.71 -83.69
CA ILE B 430 25.12 -69.57 -83.64
C ILE B 430 25.81 -69.49 -85.01
N GLU B 431 26.48 -68.37 -85.27
CA GLU B 431 27.08 -68.10 -86.57
C GLU B 431 28.37 -68.87 -86.80
N ALA B 432 28.95 -69.45 -85.74
CA ALA B 432 30.38 -69.77 -85.61
C ALA B 432 31.04 -70.52 -86.77
N SER B 433 32.00 -69.88 -87.43
CA SER B 433 32.71 -70.42 -88.58
C SER B 433 34.14 -70.80 -88.18
N ILE B 434 34.90 -71.24 -89.15
CA ILE B 434 36.23 -71.81 -88.92
C ILE B 434 37.25 -70.97 -89.68
N ASN B 435 38.28 -70.47 -88.98
CA ASN B 435 39.40 -69.80 -89.62
C ASN B 435 40.28 -70.88 -90.26
N HIS B 436 39.84 -71.34 -91.44
CA HIS B 436 40.32 -72.59 -92.02
C HIS B 436 41.80 -72.50 -92.37
N GLU B 437 42.64 -72.98 -91.45
CA GLU B 437 43.98 -73.45 -91.79
C GLU B 437 44.18 -74.84 -91.20
N LYS B 438 43.82 -75.01 -89.92
CA LYS B 438 43.79 -76.31 -89.25
C LYS B 438 42.63 -76.37 -88.26
N GLY B 439 41.57 -75.63 -88.53
CA GLY B 439 40.50 -75.45 -87.55
C GLY B 439 40.50 -74.03 -87.00
N TYR B 440 40.57 -73.93 -85.65
CA TYR B 440 40.79 -72.66 -84.94
C TYR B 440 39.70 -71.63 -85.20
N VAL B 441 38.50 -71.87 -84.64
CA VAL B 441 37.25 -71.15 -84.94
C VAL B 441 37.40 -69.64 -84.89
N GLN B 442 36.94 -68.96 -85.95
CA GLN B 442 36.74 -67.52 -85.96
C GLN B 442 35.24 -67.26 -86.01
N SER B 443 34.72 -66.53 -85.03
CA SER B 443 33.29 -66.51 -84.82
C SER B 443 32.88 -65.21 -84.15
N LYS B 444 31.62 -65.18 -83.72
CA LYS B 444 31.01 -64.01 -83.11
C LYS B 444 29.74 -64.43 -82.41
N GLU B 445 29.31 -63.60 -81.47
CA GLU B 445 27.99 -63.72 -80.86
C GLU B 445 26.99 -62.97 -81.73
N MET B 446 25.77 -62.74 -81.22
CA MET B 446 24.85 -61.87 -81.93
C MET B 446 23.98 -61.02 -81.00
N ILE B 447 24.54 -59.87 -80.61
CA ILE B 447 23.76 -58.72 -80.20
C ILE B 447 23.84 -57.69 -81.31
N ASP B 448 23.02 -56.65 -81.20
CA ASP B 448 22.62 -55.79 -82.32
C ASP B 448 22.13 -56.66 -83.47
N ILE B 449 21.21 -57.56 -83.12
CA ILE B 449 20.58 -58.42 -84.12
C ILE B 449 19.34 -57.75 -84.71
N TYR B 450 18.30 -57.49 -83.88
CA TYR B 450 17.25 -56.49 -84.10
C TYR B 450 16.37 -56.37 -82.86
N SER B 451 15.73 -55.22 -82.63
CA SER B 451 14.91 -55.11 -81.43
C SER B 451 13.64 -54.26 -81.51
N THR B 452 13.26 -53.69 -82.67
CA THR B 452 12.12 -52.77 -82.67
C THR B 452 10.97 -53.19 -83.59
N ARG B 453 11.19 -53.32 -84.89
CA ARG B 453 10.17 -53.78 -85.83
C ARG B 453 9.87 -55.27 -85.66
N GLU B 454 10.80 -56.02 -85.12
CA GLU B 454 10.64 -57.45 -84.89
C GLU B 454 9.71 -57.77 -83.71
N PRO B 455 9.74 -57.08 -82.56
CA PRO B 455 8.63 -57.25 -81.60
C PRO B 455 7.26 -56.97 -82.17
N GLN B 456 7.11 -55.89 -82.95
CA GLN B 456 5.79 -55.54 -83.45
C GLN B 456 5.35 -56.43 -84.60
N LEU B 457 6.24 -57.26 -85.14
CA LEU B 457 5.79 -58.41 -85.91
C LEU B 457 5.00 -59.38 -85.04
N ALA B 458 5.56 -59.77 -83.90
CA ALA B 458 4.88 -60.71 -83.02
C ALA B 458 3.73 -60.08 -82.26
N PHE B 459 3.65 -58.75 -82.23
CA PHE B 459 2.59 -58.09 -81.48
C PHE B 459 1.26 -58.18 -82.20
N HIS B 460 1.29 -58.35 -83.53
CA HIS B 460 0.10 -58.75 -84.26
C HIS B 460 -0.48 -60.05 -83.72
N GLN B 461 0.37 -61.04 -83.47
CA GLN B 461 -0.11 -62.30 -82.91
C GLN B 461 -0.53 -62.17 -81.46
N ARG B 462 0.21 -61.39 -80.66
CA ARG B 462 -0.19 -61.00 -79.31
C ARG B 462 -1.61 -60.48 -79.23
N ILE B 463 -1.87 -59.38 -79.94
CA ILE B 463 -3.14 -58.70 -79.75
C ILE B 463 -4.24 -59.33 -80.62
N SER B 464 -3.88 -59.99 -81.73
CA SER B 464 -4.88 -60.77 -82.45
C SER B 464 -5.32 -61.97 -81.64
N PHE B 465 -4.39 -62.56 -80.88
CA PHE B 465 -4.74 -63.58 -79.90
C PHE B 465 -5.61 -63.00 -78.79
N CYS B 466 -5.30 -61.79 -78.34
CA CYS B 466 -6.11 -61.12 -77.33
C CYS B 466 -7.53 -60.85 -77.83
N LEU B 467 -7.68 -60.45 -79.10
CA LEU B 467 -9.02 -60.13 -79.60
C LEU B 467 -9.80 -61.39 -79.93
N ASP B 468 -9.09 -62.47 -80.29
CA ASP B 468 -9.70 -63.79 -80.34
C ASP B 468 -10.31 -64.15 -79.00
N ILE B 469 -9.56 -63.93 -77.91
CA ILE B 469 -10.09 -64.28 -76.60
C ILE B 469 -11.15 -63.27 -76.14
N HIS B 470 -11.09 -62.03 -76.64
CA HIS B 470 -12.19 -61.08 -76.48
C HIS B 470 -13.49 -61.65 -77.02
N ASN B 471 -13.48 -62.01 -78.30
CA ASN B 471 -14.67 -62.58 -78.94
C ASN B 471 -15.08 -63.91 -78.34
N MET B 472 -14.11 -64.68 -77.83
CA MET B 472 -14.46 -65.92 -77.13
C MET B 472 -15.15 -65.63 -75.80
N SER B 473 -14.68 -64.62 -75.08
CA SER B 473 -15.40 -64.19 -73.88
C SER B 473 -16.74 -63.57 -74.22
N VAL B 474 -16.91 -63.05 -75.43
CA VAL B 474 -18.20 -62.54 -75.87
C VAL B 474 -19.14 -63.71 -76.09
N LYS B 475 -18.68 -64.70 -76.86
CA LYS B 475 -19.45 -65.93 -77.10
C LYS B 475 -19.59 -66.80 -75.86
N ALA B 476 -18.82 -66.53 -74.81
CA ALA B 476 -19.02 -67.13 -73.50
C ALA B 476 -19.92 -66.30 -72.61
N MET B 477 -19.96 -64.99 -72.83
CA MET B 477 -20.92 -64.10 -72.19
C MET B 477 -22.31 -64.36 -72.71
N ARG B 478 -22.41 -64.93 -73.91
CA ARG B 478 -23.69 -65.33 -74.50
C ARG B 478 -24.42 -66.40 -73.69
N PHE B 479 -23.72 -67.20 -72.87
CA PHE B 479 -24.34 -68.37 -72.23
C PHE B 479 -25.42 -68.15 -71.18
N MET C 1 35.73 49.03 -31.18
CA MET C 1 34.42 49.57 -31.52
C MET C 1 34.43 50.11 -32.93
N ALA C 2 33.29 50.65 -33.37
CA ALA C 2 33.23 51.27 -34.70
C ALA C 2 34.29 52.35 -34.84
N ASP C 3 34.18 53.40 -34.03
CA ASP C 3 35.28 54.35 -33.91
C ASP C 3 36.52 53.69 -33.36
N GLY C 4 36.35 52.65 -32.54
CA GLY C 4 37.50 51.94 -31.98
C GLY C 4 38.39 51.33 -33.04
N GLY C 5 37.83 50.93 -34.17
CA GLY C 5 38.62 50.41 -35.26
C GLY C 5 38.93 51.47 -36.28
N SER C 6 38.02 52.45 -36.40
CA SER C 6 38.26 53.57 -37.30
C SER C 6 39.53 54.32 -36.91
N GLU C 7 39.76 54.50 -35.60
CA GLU C 7 40.98 55.17 -35.16
C GLU C 7 42.22 54.42 -35.60
N ARG C 8 42.27 53.11 -35.31
CA ARG C 8 43.41 52.29 -35.68
C ARG C 8 43.68 52.35 -37.18
N ALA C 9 42.65 52.08 -37.98
CA ALA C 9 42.81 52.07 -39.43
C ALA C 9 43.22 53.45 -39.93
N ASP C 10 42.37 54.46 -39.72
CA ASP C 10 42.63 55.81 -40.19
C ASP C 10 43.94 56.38 -39.69
N GLY C 11 44.53 55.81 -38.64
CA GLY C 11 45.83 56.29 -38.20
C GLY C 11 46.98 55.58 -38.88
N ARG C 12 46.92 54.26 -38.96
CA ARG C 12 48.05 53.47 -39.41
C ARG C 12 48.24 53.47 -40.92
N ILE C 13 47.62 54.40 -41.65
CA ILE C 13 47.70 54.37 -43.10
C ILE C 13 49.08 54.72 -43.65
N VAL C 14 49.96 55.29 -42.82
CA VAL C 14 51.33 55.59 -43.25
C VAL C 14 52.30 55.00 -42.22
N LYS C 15 51.78 54.57 -41.08
CA LYS C 15 52.62 53.98 -40.04
C LYS C 15 53.41 52.77 -40.53
N MET C 16 53.03 52.19 -41.67
CA MET C 16 53.76 51.07 -42.25
C MET C 16 54.17 51.30 -43.69
N GLU C 17 53.70 52.38 -44.32
CA GLU C 17 54.03 52.65 -45.72
C GLU C 17 55.54 52.70 -45.93
N VAL C 18 56.22 53.62 -45.25
CA VAL C 18 57.67 53.67 -45.20
C VAL C 18 58.19 53.40 -43.80
N ASP C 19 57.50 53.93 -42.79
CA ASP C 19 57.77 53.55 -41.41
C ASP C 19 57.73 52.04 -41.27
N TYR C 20 58.62 51.51 -40.44
CA TYR C 20 58.77 50.07 -40.31
C TYR C 20 57.48 49.45 -39.79
N SER C 21 57.37 48.13 -39.96
CA SER C 21 56.23 47.39 -39.42
C SER C 21 56.48 47.10 -37.94
N ALA C 22 56.80 48.14 -37.18
CA ALA C 22 56.81 48.08 -35.73
C ALA C 22 55.60 48.74 -35.12
N THR C 23 55.07 49.78 -35.79
CA THR C 23 53.73 50.27 -35.45
C THR C 23 52.68 49.18 -35.60
N VAL C 24 52.97 48.14 -36.38
CA VAL C 24 52.15 46.94 -36.36
C VAL C 24 52.16 46.33 -34.96
N ASP C 25 53.35 46.10 -34.41
CA ASP C 25 53.45 45.66 -33.03
C ASP C 25 52.80 46.66 -32.08
N GLN C 26 52.81 47.95 -32.45
CA GLN C 26 52.07 48.96 -31.72
C GLN C 26 50.59 48.95 -32.05
N ARG C 27 50.18 48.22 -33.09
CA ARG C 27 48.78 48.11 -33.47
C ARG C 27 48.24 46.70 -33.34
N LEU C 28 49.06 45.73 -32.97
CA LEU C 28 48.56 44.36 -32.83
C LEU C 28 47.52 44.23 -31.73
N PRO C 29 47.72 44.73 -30.51
CA PRO C 29 46.61 44.73 -29.54
C PRO C 29 45.45 45.59 -30.00
N GLU C 30 45.71 46.63 -30.79
CA GLU C 30 44.64 47.45 -31.33
C GLU C 30 43.68 46.61 -32.15
N CYS C 31 44.17 45.97 -33.22
CA CYS C 31 43.30 45.13 -34.04
C CYS C 31 42.76 43.95 -33.25
N ALA C 32 43.57 43.42 -32.33
CA ALA C 32 43.12 42.31 -31.49
C ALA C 32 41.84 42.68 -30.74
N LYS C 33 41.88 43.78 -29.98
CA LYS C 33 40.73 44.17 -29.18
C LYS C 33 39.61 44.74 -30.04
N LEU C 34 39.93 45.29 -31.21
CA LEU C 34 38.88 45.68 -32.14
C LEU C 34 38.06 44.47 -32.56
N ALA C 35 38.73 43.38 -32.94
CA ALA C 35 38.01 42.15 -33.25
C ALA C 35 37.29 41.61 -32.02
N LYS C 36 37.96 41.63 -30.87
CA LYS C 36 37.35 41.17 -29.62
C LYS C 36 36.00 41.83 -29.38
N GLU C 37 35.93 43.15 -29.54
CA GLU C 37 34.67 43.86 -29.37
C GLU C 37 33.62 43.32 -30.33
N GLY C 38 33.96 43.24 -31.61
CA GLY C 38 33.18 42.47 -32.57
C GLY C 38 31.71 42.81 -32.70
N ARG C 39 31.42 43.88 -33.45
CA ARG C 39 30.04 44.34 -33.77
C ARG C 39 29.31 43.22 -34.51
N LEU C 40 28.00 43.05 -34.27
CA LEU C 40 27.28 41.89 -34.75
C LEU C 40 27.46 41.70 -36.26
N GLN C 41 27.02 42.67 -37.05
CA GLN C 41 26.78 42.43 -38.47
C GLN C 41 27.94 42.87 -39.37
N GLU C 42 28.18 44.16 -39.49
CA GLU C 42 29.10 44.61 -40.54
C GLU C 42 30.17 45.61 -40.11
N VAL C 43 29.96 46.41 -39.05
CA VAL C 43 30.81 47.58 -38.83
C VAL C 43 32.23 47.15 -38.48
N ILE C 44 32.40 46.47 -37.35
CA ILE C 44 33.73 46.03 -36.95
C ILE C 44 34.30 45.04 -37.95
N GLU C 45 33.45 44.35 -38.72
CA GLU C 45 33.98 43.55 -39.82
C GLU C 45 34.58 44.42 -40.91
N THR C 46 33.95 45.55 -41.22
CA THR C 46 34.57 46.48 -42.18
C THR C 46 35.87 47.03 -41.63
N LEU C 47 35.91 47.36 -40.34
CA LEU C 47 37.14 47.83 -39.73
C LEU C 47 38.24 46.80 -39.85
N LEU C 48 37.96 45.55 -39.43
CA LEU C 48 38.93 44.47 -39.56
C LEU C 48 39.30 44.22 -41.01
N SER C 49 38.39 44.50 -41.94
CA SER C 49 38.73 44.36 -43.35
C SER C 49 39.78 45.38 -43.75
N LEU C 50 39.57 46.65 -43.38
CA LEU C 50 40.59 47.66 -43.61
C LEU C 50 41.90 47.28 -42.93
N GLU C 51 41.81 46.72 -41.72
CA GLU C 51 43.01 46.34 -40.96
C GLU C 51 43.76 45.23 -41.67
N LYS C 52 43.05 44.18 -42.08
CA LYS C 52 43.71 43.06 -42.75
C LYS C 52 44.17 43.44 -44.15
N GLN C 53 43.57 44.46 -44.77
CA GLN C 53 44.10 44.91 -46.06
C GLN C 53 45.37 45.73 -45.89
N THR C 54 45.42 46.57 -44.85
CA THR C 54 46.69 47.17 -44.47
C THR C 54 47.71 46.09 -44.16
N ARG C 55 47.25 44.98 -43.57
CA ARG C 55 48.14 43.86 -43.30
C ARG C 55 48.54 43.15 -44.59
N THR C 56 47.70 43.20 -45.62
CA THR C 56 48.11 42.66 -46.93
C THR C 56 49.19 43.54 -47.55
N ALA C 57 49.05 44.86 -47.40
CA ALA C 57 50.14 45.75 -47.78
C ALA C 57 51.40 45.43 -47.00
N SER C 58 51.26 45.18 -45.70
CA SER C 58 52.41 44.78 -44.88
C SER C 58 52.99 43.46 -45.33
N ASP C 59 52.15 42.55 -45.82
CA ASP C 59 52.64 41.32 -46.42
C ASP C 59 53.43 41.61 -47.68
N MET C 60 52.94 42.52 -48.52
CA MET C 60 53.68 42.92 -49.71
C MET C 60 55.05 43.48 -49.35
N VAL C 61 55.11 44.25 -48.26
CA VAL C 61 56.36 44.92 -47.88
C VAL C 61 57.29 44.05 -47.05
N SER C 62 56.77 43.05 -46.33
CA SER C 62 57.61 42.22 -45.48
C SER C 62 57.62 40.76 -45.92
N THR C 63 56.44 40.13 -46.04
CA THR C 63 56.38 38.73 -46.43
C THR C 63 56.47 38.53 -47.93
N SER C 64 56.12 39.54 -48.72
CA SER C 64 56.30 39.47 -50.17
C SER C 64 57.53 40.22 -50.64
N ARG C 65 58.12 41.07 -49.81
CA ARG C 65 59.35 41.76 -50.15
C ARG C 65 60.58 41.15 -49.47
N ILE C 66 60.54 41.01 -48.15
CA ILE C 66 61.66 40.38 -47.45
C ILE C 66 61.51 38.86 -47.41
N LEU C 67 60.28 38.36 -47.47
CA LEU C 67 60.01 36.94 -47.68
C LEU C 67 60.66 36.07 -46.60
N VAL C 68 60.75 36.58 -45.38
CA VAL C 68 61.54 35.90 -44.34
C VAL C 68 60.96 34.55 -44.00
N ALA C 69 59.66 34.36 -44.21
CA ALA C 69 58.91 33.18 -43.78
C ALA C 69 58.80 33.17 -42.26
N VAL C 70 59.45 34.14 -41.60
CA VAL C 70 59.35 34.35 -40.17
C VAL C 70 58.43 35.54 -39.96
N VAL C 71 58.47 36.51 -40.87
CA VAL C 71 57.46 37.56 -40.85
C VAL C 71 56.13 37.02 -41.34
N LYS C 72 56.16 36.02 -42.24
CA LYS C 72 54.93 35.35 -42.62
C LYS C 72 54.33 34.61 -41.43
N MET C 73 55.15 33.86 -40.71
CA MET C 73 54.66 33.19 -39.52
C MET C 73 54.27 34.19 -38.44
N CYS C 74 54.86 35.39 -38.47
CA CYS C 74 54.48 36.42 -37.51
C CYS C 74 53.09 36.98 -37.83
N TYR C 75 52.81 37.26 -39.10
CA TYR C 75 51.48 37.70 -39.49
C TYR C 75 50.45 36.60 -39.23
N GLU C 76 50.83 35.36 -39.49
CA GLU C 76 49.92 34.24 -39.25
C GLU C 76 49.66 34.07 -37.76
N ALA C 77 50.67 34.29 -36.91
CA ALA C 77 50.46 34.26 -35.47
C ALA C 77 49.64 35.44 -34.98
N LYS C 78 49.77 36.59 -35.65
CA LYS C 78 48.91 37.73 -35.32
C LYS C 78 47.46 37.39 -35.57
N GLU C 79 47.14 36.96 -36.80
CA GLU C 79 45.78 36.51 -37.09
C GLU C 79 45.39 35.32 -36.22
N TRP C 80 46.36 34.51 -35.79
CA TRP C 80 46.08 33.37 -34.94
C TRP C 80 45.59 33.81 -33.57
N ASP C 81 46.34 34.71 -32.92
CA ASP C 81 45.88 35.25 -31.64
C ASP C 81 44.57 36.00 -31.80
N LEU C 82 44.41 36.73 -32.91
CA LEU C 82 43.16 37.44 -33.16
C LEU C 82 41.98 36.47 -33.18
N LEU C 83 42.09 35.39 -33.95
CA LEU C 83 41.06 34.35 -33.93
C LEU C 83 41.00 33.60 -32.61
N ASN C 84 42.05 33.66 -31.78
CA ASN C 84 41.98 33.08 -30.45
C ASN C 84 41.08 33.90 -29.56
N GLU C 85 40.99 35.21 -29.79
CA GLU C 85 40.08 36.09 -29.09
C GLU C 85 38.85 36.43 -29.92
N ASN C 86 38.45 35.54 -30.85
CA ASN C 86 37.31 35.78 -31.73
C ASN C 86 36.66 34.46 -32.08
N ILE C 87 35.33 34.42 -32.05
CA ILE C 87 34.60 33.20 -32.32
C ILE C 87 34.70 32.83 -33.80
N MET C 88 34.19 33.71 -34.66
CA MET C 88 34.13 33.49 -36.11
C MET C 88 33.37 32.20 -36.45
N LEU C 89 32.10 32.19 -36.04
CA LEU C 89 31.16 31.14 -36.41
C LEU C 89 30.50 31.41 -37.75
N LEU C 90 31.20 32.05 -38.68
CA LEU C 90 30.57 32.81 -39.76
C LEU C 90 29.55 33.76 -39.14
N SER C 91 29.99 34.50 -38.13
CA SER C 91 29.13 35.34 -37.30
C SER C 91 29.10 36.77 -37.79
N LYS C 92 29.10 36.94 -39.12
CA LYS C 92 29.09 38.23 -39.80
C LYS C 92 30.37 39.03 -39.56
N ARG C 93 31.34 38.46 -38.83
CA ARG C 93 32.65 39.07 -38.66
C ARG C 93 33.68 38.00 -39.02
N ARG C 94 33.96 37.87 -40.31
CA ARG C 94 34.97 36.94 -40.78
C ARG C 94 35.82 37.50 -41.90
N SER C 95 35.46 38.65 -42.49
CA SER C 95 36.31 39.30 -43.49
C SER C 95 37.73 39.49 -42.97
N GLN C 96 37.89 39.55 -41.64
CA GLN C 96 39.20 39.39 -41.04
C GLN C 96 39.91 38.14 -41.52
N LEU C 97 39.17 37.13 -41.98
CA LEU C 97 39.76 35.87 -42.42
C LEU C 97 39.50 35.55 -43.88
N LYS C 98 38.27 35.65 -44.37
CA LYS C 98 37.95 35.13 -45.69
C LYS C 98 38.78 35.78 -46.78
N GLN C 99 38.59 37.08 -47.03
CA GLN C 99 39.36 37.72 -48.07
C GLN C 99 40.81 37.97 -47.65
N ALA C 100 41.08 38.00 -46.34
CA ALA C 100 42.46 38.05 -45.88
C ALA C 100 43.24 36.85 -46.40
N VAL C 101 42.76 35.65 -46.12
CA VAL C 101 43.39 34.44 -46.62
C VAL C 101 43.24 34.30 -48.12
N ALA C 102 42.21 34.91 -48.71
CA ALA C 102 42.11 34.94 -50.17
C ALA C 102 43.29 35.66 -50.78
N LYS C 103 43.58 36.88 -50.30
CA LYS C 103 44.76 37.58 -50.75
C LYS C 103 46.04 36.89 -50.29
N MET C 104 45.98 36.15 -49.18
CA MET C 104 47.15 35.39 -48.75
C MET C 104 47.49 34.30 -49.75
N VAL C 105 46.48 33.58 -50.25
CA VAL C 105 46.73 32.53 -51.23
C VAL C 105 46.99 33.12 -52.60
N GLN C 106 46.52 34.35 -52.86
CA GLN C 106 46.96 35.03 -54.08
C GLN C 106 48.43 35.43 -53.96
N GLN C 107 48.84 35.91 -52.79
CA GLN C 107 50.25 36.06 -52.49
C GLN C 107 51.00 34.76 -52.73
N CYS C 108 50.43 33.63 -52.29
CA CYS C 108 51.02 32.33 -52.56
C CYS C 108 51.18 32.10 -54.06
N CYS C 109 50.13 32.37 -54.83
CA CYS C 109 50.20 32.30 -56.28
C CYS C 109 51.39 33.09 -56.80
N THR C 110 51.58 34.31 -56.28
CA THR C 110 52.73 35.12 -56.63
C THR C 110 54.03 34.63 -55.99
N TYR C 111 53.94 33.69 -55.05
CA TYR C 111 55.09 33.24 -54.27
C TYR C 111 55.74 32.00 -54.86
N VAL C 112 54.97 30.92 -55.02
CA VAL C 112 55.49 29.70 -55.63
C VAL C 112 56.15 30.02 -56.97
N GLU C 113 55.61 31.00 -57.69
CA GLU C 113 56.25 31.44 -58.93
C GLU C 113 57.49 32.27 -58.66
N GLU C 114 57.53 33.01 -57.53
CA GLU C 114 58.62 33.92 -57.24
C GLU C 114 59.43 33.48 -56.01
N ILE C 115 58.78 33.28 -54.87
CA ILE C 115 59.51 32.83 -53.69
C ILE C 115 59.86 31.35 -53.83
N THR C 116 60.89 30.93 -53.12
CA THR C 116 61.18 29.51 -53.02
C THR C 116 59.96 28.77 -52.48
N ASP C 117 59.71 27.59 -53.03
CA ASP C 117 58.47 26.91 -52.70
C ASP C 117 58.38 26.51 -51.23
N LEU C 118 59.49 26.56 -50.49
CA LEU C 118 59.44 26.14 -49.09
C LEU C 118 58.79 27.19 -48.19
N PRO C 119 59.16 28.47 -48.23
CA PRO C 119 58.41 29.44 -47.42
C PRO C 119 56.95 29.56 -47.82
N ILE C 120 56.64 29.51 -49.11
CA ILE C 120 55.24 29.61 -49.49
C ILE C 120 54.48 28.36 -49.09
N LYS C 121 55.12 27.18 -49.11
CA LYS C 121 54.42 25.99 -48.64
C LYS C 121 54.29 25.96 -47.13
N LEU C 122 55.17 26.66 -46.40
CA LEU C 122 54.92 26.90 -44.99
C LEU C 122 53.68 27.77 -44.80
N ARG C 123 53.62 28.89 -45.53
CA ARG C 123 52.40 29.69 -45.57
C ARG C 123 51.19 28.83 -45.95
N LEU C 124 51.41 27.80 -46.76
CA LEU C 124 50.32 26.92 -47.20
C LEU C 124 49.88 25.98 -46.08
N ILE C 125 50.83 25.41 -45.34
CA ILE C 125 50.44 24.59 -44.21
C ILE C 125 49.77 25.43 -43.14
N ASP C 126 50.06 26.74 -43.12
CA ASP C 126 49.33 27.62 -42.21
C ASP C 126 47.95 27.97 -42.74
N THR C 127 47.82 28.09 -44.06
CA THR C 127 46.50 28.27 -44.66
C THR C 127 45.65 27.01 -44.48
N LEU C 128 46.29 25.85 -44.41
CA LEU C 128 45.60 24.63 -44.02
C LEU C 128 44.82 24.86 -42.73
N ARG C 129 45.51 25.38 -41.71
CA ARG C 129 44.81 25.83 -40.51
C ARG C 129 43.73 26.83 -40.86
N MET C 130 44.12 27.92 -41.52
CA MET C 130 43.23 29.06 -41.77
C MET C 130 41.87 28.64 -42.29
N VAL C 131 41.81 27.57 -43.08
CA VAL C 131 40.50 27.18 -43.60
C VAL C 131 40.00 25.87 -42.97
N THR C 132 40.80 24.80 -43.04
CA THR C 132 40.36 23.52 -42.50
C THR C 132 39.88 23.64 -41.06
N GLU C 133 40.50 24.51 -40.27
CA GLU C 133 39.94 24.86 -38.97
C GLU C 133 39.08 26.12 -39.04
N GLY C 134 39.34 26.99 -39.99
CA GLY C 134 38.57 28.21 -40.14
C GLY C 134 37.45 28.11 -41.16
N LYS C 135 36.56 27.13 -40.96
CA LYS C 135 35.32 27.00 -41.72
C LYS C 135 35.60 27.06 -43.24
N ILE C 136 36.18 25.96 -43.72
CA ILE C 136 36.58 25.81 -45.12
C ILE C 136 35.53 26.35 -46.07
N TYR C 137 35.94 27.18 -47.02
CA TYR C 137 35.03 27.74 -48.01
C TYR C 137 35.33 27.19 -49.40
N VAL C 138 34.29 27.13 -50.23
CA VAL C 138 34.38 26.50 -51.54
C VAL C 138 35.54 27.06 -52.35
N GLU C 139 35.45 28.35 -52.71
CA GLU C 139 36.48 28.92 -53.57
C GLU C 139 37.81 29.04 -52.85
N ILE C 140 37.79 29.27 -51.54
CA ILE C 140 39.03 29.18 -50.79
C ILE C 140 39.60 27.78 -50.86
N GLU C 141 38.74 26.78 -50.86
CA GLU C 141 39.24 25.42 -51.04
C GLU C 141 39.39 25.03 -52.50
N ARG C 142 38.86 25.81 -53.45
CA ARG C 142 39.31 25.68 -54.82
C ARG C 142 40.74 26.18 -54.95
N ALA C 143 41.06 27.27 -54.25
CA ALA C 143 42.46 27.67 -54.10
C ALA C 143 43.25 26.59 -53.37
N ARG C 144 42.62 25.88 -52.45
CA ARG C 144 43.27 24.71 -51.85
C ARG C 144 43.56 23.65 -52.90
N LEU C 145 42.61 23.42 -53.81
CA LEU C 145 42.83 22.48 -54.90
C LEU C 145 44.04 22.90 -55.73
N THR C 146 44.09 24.15 -56.14
CA THR C 146 45.22 24.59 -56.95
C THR C 146 46.50 24.66 -56.14
N LYS C 147 46.42 24.81 -54.81
CA LYS C 147 47.64 24.85 -54.01
C LYS C 147 48.18 23.46 -53.74
N THR C 148 47.32 22.46 -53.62
CA THR C 148 47.83 21.10 -53.59
C THR C 148 48.29 20.69 -54.98
N LEU C 149 47.71 21.29 -56.02
CA LEU C 149 48.29 21.18 -57.35
C LEU C 149 49.69 21.79 -57.39
N ALA C 150 49.90 22.87 -56.65
CA ALA C 150 51.23 23.46 -56.54
C ALA C 150 52.17 22.53 -55.78
N THR C 151 51.67 21.91 -54.72
CA THR C 151 52.47 20.90 -54.02
C THR C 151 52.86 19.77 -54.96
N ILE C 152 51.93 19.39 -55.84
CA ILE C 152 52.27 18.47 -56.93
C ILE C 152 53.41 19.03 -57.76
N LYS C 153 53.18 20.20 -58.37
CA LYS C 153 54.10 20.81 -59.33
C LYS C 153 55.45 21.16 -58.73
N GLU C 154 55.59 21.11 -57.41
CA GLU C 154 56.92 21.20 -56.80
C GLU C 154 57.87 20.23 -57.48
N GLN C 155 57.48 18.95 -57.53
CA GLN C 155 58.20 17.92 -58.27
C GLN C 155 57.36 17.35 -59.40
N ASN C 156 56.33 18.10 -59.83
CA ASN C 156 55.26 17.60 -60.69
C ASN C 156 54.52 16.44 -60.04
N GLY C 157 54.64 16.31 -58.72
CA GLY C 157 53.91 15.30 -57.97
C GLY C 157 54.60 13.96 -57.97
N ASP C 158 54.06 13.07 -57.13
CA ASP C 158 54.52 11.71 -56.98
C ASP C 158 53.46 10.96 -56.18
N VAL C 159 53.77 9.74 -55.75
CA VAL C 159 52.85 8.97 -54.93
C VAL C 159 52.41 9.77 -53.72
N LYS C 160 53.32 10.57 -53.16
CA LYS C 160 52.97 11.44 -52.03
C LYS C 160 51.89 12.44 -52.44
N GLU C 161 52.11 13.16 -53.54
CA GLU C 161 51.12 14.13 -53.98
C GLU C 161 49.89 13.47 -54.56
N ALA C 162 50.02 12.25 -55.08
CA ALA C 162 48.85 11.48 -55.44
C ALA C 162 47.97 11.24 -54.22
N ALA C 163 48.57 10.76 -53.14
CA ALA C 163 47.84 10.60 -51.88
C ALA C 163 47.28 11.93 -51.40
N SER C 164 48.02 13.01 -51.61
CA SER C 164 47.54 14.34 -51.24
C SER C 164 46.23 14.65 -51.94
N ILE C 165 46.27 14.72 -53.28
CA ILE C 165 45.08 15.11 -54.03
C ILE C 165 43.93 14.15 -53.78
N LEU C 166 44.23 12.85 -53.65
CA LEU C 166 43.18 11.88 -53.37
C LEU C 166 42.52 12.14 -52.02
N GLN C 167 43.33 12.37 -50.98
CA GLN C 167 42.78 12.74 -49.69
C GLN C 167 41.99 14.05 -49.75
N GLU C 168 42.32 14.91 -50.71
CA GLU C 168 41.61 16.16 -50.89
C GLU C 168 40.50 16.03 -51.93
N LEU C 169 40.21 14.82 -52.40
CA LEU C 169 39.11 14.62 -53.34
C LEU C 169 37.77 14.53 -52.62
N GLN C 170 37.60 13.51 -51.79
CA GLN C 170 36.29 13.09 -51.30
C GLN C 170 35.90 13.77 -50.01
N VAL C 171 36.61 14.83 -49.63
CA VAL C 171 36.37 15.51 -48.37
C VAL C 171 35.51 16.76 -48.57
N GLU C 172 35.70 17.44 -49.70
CA GLU C 172 35.17 18.77 -49.90
C GLU C 172 33.97 18.82 -50.83
N THR C 173 33.68 17.71 -51.52
CA THR C 173 32.60 17.70 -52.51
C THR C 173 31.28 18.18 -51.95
N TYR C 174 31.14 18.19 -50.62
CA TYR C 174 29.93 18.64 -49.95
C TYR C 174 30.14 19.89 -49.13
N GLY C 175 31.36 20.12 -48.63
CA GLY C 175 31.76 21.44 -48.22
C GLY C 175 31.93 22.39 -49.39
N SER C 176 32.09 21.85 -50.60
CA SER C 176 32.14 22.62 -51.84
C SER C 176 30.99 22.13 -52.71
N MET C 177 29.87 22.84 -52.67
CA MET C 177 28.69 22.48 -53.45
C MET C 177 28.97 22.78 -54.92
N GLU C 178 29.83 21.97 -55.53
CA GLU C 178 30.49 22.31 -56.78
C GLU C 178 29.99 21.42 -57.90
N LYS C 179 29.77 22.02 -59.07
CA LYS C 179 29.27 21.30 -60.23
C LYS C 179 30.32 21.07 -61.32
N LYS C 180 31.28 21.98 -61.48
CA LYS C 180 32.22 21.93 -62.59
C LYS C 180 33.65 21.70 -62.14
N GLU C 181 34.16 22.54 -61.25
CA GLU C 181 35.52 22.35 -60.74
C GLU C 181 35.63 21.06 -59.95
N ARG C 182 34.59 20.69 -59.21
CA ARG C 182 34.59 19.38 -58.57
C ARG C 182 34.68 18.27 -59.62
N VAL C 183 34.00 18.45 -60.75
CA VAL C 183 34.13 17.49 -61.85
C VAL C 183 35.53 17.56 -62.44
N GLU C 184 35.98 18.76 -62.79
CA GLU C 184 37.29 18.96 -63.41
C GLU C 184 38.45 18.72 -62.44
N PHE C 185 38.15 18.31 -61.21
CA PHE C 185 39.12 18.08 -60.15
C PHE C 185 39.14 16.65 -59.68
N ILE C 186 37.97 16.04 -59.49
CA ILE C 186 37.87 14.60 -59.30
C ILE C 186 38.48 13.83 -60.47
N LEU C 187 38.69 14.51 -61.60
CA LEU C 187 39.48 13.96 -62.70
C LEU C 187 40.93 14.40 -62.66
N GLU C 188 41.24 15.49 -61.96
CA GLU C 188 42.60 16.00 -61.98
C GLU C 188 43.59 14.94 -61.57
N GLN C 189 43.24 14.15 -60.56
CA GLN C 189 44.09 13.05 -60.12
C GLN C 189 43.94 11.80 -60.98
N MET C 190 43.17 11.84 -62.06
CA MET C 190 43.09 10.66 -62.92
C MET C 190 44.47 10.26 -63.44
N ARG C 191 45.35 11.25 -63.66
CA ARG C 191 46.73 10.95 -64.01
C ARG C 191 47.51 10.46 -62.78
N LEU C 192 47.48 11.24 -61.70
CA LEU C 192 48.17 10.88 -60.47
C LEU C 192 47.78 9.50 -59.94
N CYS C 193 46.68 8.94 -60.47
CA CYS C 193 46.28 7.58 -60.18
C CYS C 193 46.50 6.64 -61.36
N LEU C 194 46.65 7.18 -62.57
CA LEU C 194 47.05 6.39 -63.73
C LEU C 194 48.54 6.50 -64.02
N ALA C 195 49.16 7.65 -63.72
CA ALA C 195 50.60 7.69 -63.65
C ALA C 195 51.10 6.83 -62.49
N VAL C 196 50.26 6.63 -61.47
CA VAL C 196 50.51 5.58 -60.48
C VAL C 196 50.63 4.24 -61.17
N LYS C 197 49.94 4.06 -62.31
CA LYS C 197 50.00 2.85 -63.12
C LYS C 197 49.51 1.65 -62.32
N ASP C 198 48.26 1.74 -61.90
CA ASP C 198 47.56 0.66 -61.22
C ASP C 198 46.12 0.66 -61.71
N TYR C 199 45.72 -0.41 -62.40
CA TYR C 199 44.35 -0.50 -62.91
C TYR C 199 43.35 -0.27 -61.80
N ILE C 200 43.52 -0.97 -60.67
CA ILE C 200 42.52 -0.89 -59.61
C ILE C 200 42.60 0.45 -58.89
N ARG C 201 43.73 1.13 -58.92
CA ARG C 201 43.76 2.49 -58.37
C ARG C 201 42.86 3.41 -59.19
N THR C 202 43.01 3.37 -60.51
CA THR C 202 42.10 4.13 -61.38
C THR C 202 40.66 3.69 -61.18
N GLN C 203 40.44 2.40 -60.94
CA GLN C 203 39.08 1.92 -60.76
C GLN C 203 38.51 2.34 -59.42
N ILE C 204 39.36 2.51 -58.41
CA ILE C 204 38.90 3.05 -57.12
C ILE C 204 38.53 4.51 -57.28
N ILE C 205 39.38 5.29 -57.94
CA ILE C 205 39.03 6.69 -58.16
C ILE C 205 37.86 6.82 -59.11
N SER C 206 37.56 5.78 -59.89
CA SER C 206 36.37 5.80 -60.73
C SER C 206 35.12 5.44 -59.93
N LYS C 207 35.23 4.45 -59.03
CA LYS C 207 34.22 4.24 -58.00
C LYS C 207 33.93 5.55 -57.26
N LYS C 208 34.96 6.39 -57.12
CA LYS C 208 34.72 7.75 -56.66
C LYS C 208 34.00 8.56 -57.72
N ILE C 209 34.40 8.40 -58.99
CA ILE C 209 33.83 9.18 -60.08
C ILE C 209 32.33 8.97 -60.18
N ASN C 210 31.86 7.75 -59.91
CA ASN C 210 30.44 7.45 -60.08
C ASN C 210 29.56 8.38 -59.27
N THR C 211 30.08 8.90 -58.16
CA THR C 211 29.33 9.86 -57.36
C THR C 211 28.89 11.06 -58.18
N LYS C 212 29.77 11.56 -59.05
CA LYS C 212 29.46 12.69 -59.92
C LYS C 212 29.07 12.17 -61.30
N PHE C 213 27.86 12.51 -61.74
CA PHE C 213 27.41 12.14 -63.07
C PHE C 213 26.38 13.15 -63.53
N PHE C 214 25.69 12.82 -64.63
CA PHE C 214 25.02 13.82 -65.48
C PHE C 214 26.03 14.89 -65.88
N GLN C 215 27.29 14.48 -65.99
CA GLN C 215 28.37 15.39 -66.33
C GLN C 215 28.21 15.96 -67.73
N GLU C 216 27.42 15.30 -68.59
CA GLU C 216 27.23 15.73 -69.97
C GLU C 216 26.99 17.23 -70.05
N GLU C 217 27.82 17.90 -70.85
CA GLU C 217 27.69 19.34 -71.10
C GLU C 217 27.69 20.14 -69.81
N ASN C 218 28.80 20.11 -69.07
CA ASN C 218 28.97 21.06 -67.98
C ASN C 218 29.09 22.48 -68.54
N THR C 219 30.12 22.73 -69.33
CA THR C 219 30.11 23.82 -70.29
C THR C 219 29.60 23.24 -71.61
N GLU C 220 29.62 24.06 -72.66
CA GLU C 220 29.22 23.58 -73.97
C GLU C 220 29.97 22.31 -74.36
N LYS C 221 31.26 22.25 -74.01
CA LYS C 221 32.07 21.09 -74.37
C LYS C 221 32.97 20.63 -73.22
N LEU C 222 32.57 20.88 -71.97
CA LEU C 222 33.39 20.41 -70.85
C LEU C 222 33.50 18.88 -70.87
N LYS C 223 32.50 18.21 -71.40
CA LYS C 223 32.59 16.76 -71.51
C LYS C 223 33.42 16.32 -72.70
N LEU C 224 33.51 17.13 -73.76
CA LEU C 224 34.54 16.85 -74.75
C LEU C 224 35.94 16.99 -74.18
N LYS C 225 36.09 17.60 -73.00
CA LYS C 225 37.36 17.65 -72.30
C LYS C 225 37.50 16.54 -71.26
N TYR C 226 36.42 16.15 -70.59
CA TYR C 226 36.54 15.12 -69.56
C TYR C 226 36.42 13.71 -70.11
N TYR C 227 35.57 13.48 -71.11
CA TYR C 227 35.34 12.13 -71.60
C TYR C 227 36.61 11.50 -72.15
N ASN C 228 37.57 12.30 -72.62
CA ASN C 228 38.88 11.75 -72.93
C ASN C 228 39.46 11.00 -71.75
N LEU C 229 39.32 11.56 -70.55
CA LEU C 229 39.81 10.91 -69.34
C LEU C 229 38.85 9.81 -68.88
N MET C 230 37.55 10.06 -68.96
CA MET C 230 36.56 9.07 -68.59
C MET C 230 36.76 7.77 -69.35
N ILE C 231 37.01 7.86 -70.65
CA ILE C 231 37.36 6.68 -71.42
C ILE C 231 38.81 6.27 -71.18
N GLN C 232 39.68 7.23 -70.86
CA GLN C 232 41.04 6.91 -70.47
C GLN C 232 41.08 6.00 -69.24
N LEU C 233 39.99 5.92 -68.49
CA LEU C 233 39.89 4.97 -67.40
C LEU C 233 40.15 3.54 -67.88
N ASP C 234 39.64 3.22 -69.08
CA ASP C 234 39.80 1.89 -69.66
C ASP C 234 40.13 1.99 -71.14
N GLN C 235 41.00 2.93 -71.51
CA GLN C 235 41.18 3.26 -72.92
C GLN C 235 41.95 2.19 -73.67
N HIS C 236 43.21 1.97 -73.31
CA HIS C 236 44.10 1.09 -74.05
C HIS C 236 44.21 -0.30 -73.43
N GLU C 237 43.88 -0.42 -72.15
CA GLU C 237 43.99 -1.69 -71.43
C GLU C 237 42.65 -2.23 -70.96
N GLY C 238 41.58 -1.42 -71.05
CA GLY C 238 40.30 -1.82 -70.50
C GLY C 238 39.67 -2.98 -71.23
N SER C 239 38.51 -3.40 -70.70
CA SER C 239 37.78 -4.52 -71.28
C SER C 239 37.39 -4.21 -72.72
N TYR C 240 37.50 -5.23 -73.58
CA TYR C 240 37.29 -5.05 -75.00
C TYR C 240 35.85 -4.70 -75.36
N LEU C 241 34.91 -4.87 -74.44
CA LEU C 241 33.50 -4.66 -74.74
C LEU C 241 32.82 -3.59 -73.90
N SER C 242 33.25 -3.39 -72.67
CA SER C 242 32.65 -2.38 -71.80
C SER C 242 32.92 -0.98 -72.25
N ILE C 243 33.44 -0.83 -73.46
CA ILE C 243 33.83 0.45 -74.01
C ILE C 243 32.71 0.97 -74.92
N CYS C 244 31.49 0.43 -74.73
CA CYS C 244 30.33 0.72 -75.56
C CYS C 244 30.17 2.21 -75.88
N LYS C 245 30.00 3.03 -74.84
CA LYS C 245 30.02 4.47 -75.03
C LYS C 245 31.42 5.04 -74.80
N HIS C 246 32.24 4.33 -74.04
CA HIS C 246 33.64 4.69 -73.86
C HIS C 246 34.35 4.82 -75.20
N TYR C 247 34.43 3.72 -75.94
CA TYR C 247 35.00 3.75 -77.28
C TYR C 247 34.04 4.34 -78.30
N ARG C 248 32.93 4.92 -77.84
CA ARG C 248 32.06 5.75 -78.68
C ARG C 248 32.32 7.23 -78.48
N ALA C 249 32.64 7.65 -77.26
CA ALA C 249 32.81 9.05 -76.92
C ALA C 249 33.87 9.75 -77.77
N ILE C 250 34.68 8.98 -78.52
CA ILE C 250 35.68 9.58 -79.38
C ILE C 250 35.10 10.11 -80.69
N TYR C 251 33.96 9.59 -81.12
CA TYR C 251 33.41 9.99 -82.41
C TYR C 251 32.80 11.39 -82.37
N ASP C 252 32.15 11.73 -81.25
CA ASP C 252 31.36 12.96 -81.19
C ASP C 252 32.23 14.21 -81.30
N THR C 253 33.43 14.19 -80.71
CA THR C 253 34.26 15.40 -80.71
C THR C 253 34.53 15.93 -82.10
N PRO C 254 35.09 15.15 -83.04
CA PRO C 254 35.22 15.65 -84.41
C PRO C 254 33.96 15.44 -85.24
N CYS C 255 32.93 14.82 -84.68
CA CYS C 255 31.60 14.94 -85.26
C CYS C 255 30.99 16.31 -84.93
N ILE C 256 31.21 16.78 -83.70
CA ILE C 256 30.93 18.18 -83.41
C ILE C 256 31.75 19.08 -84.32
N GLN C 257 33.02 18.74 -84.50
CA GLN C 257 33.83 19.39 -85.53
C GLN C 257 33.44 18.85 -86.91
N ALA C 258 34.19 19.29 -87.91
CA ALA C 258 34.12 18.72 -89.24
C ALA C 258 35.46 18.13 -89.65
N GLU C 259 36.15 17.48 -88.72
CA GLU C 259 37.52 17.05 -88.93
C GLU C 259 37.60 15.96 -89.99
N SER C 260 38.82 15.68 -90.42
CA SER C 260 39.07 14.66 -91.43
C SER C 260 39.88 13.48 -90.91
N GLU C 261 41.05 13.71 -90.31
CA GLU C 261 41.86 12.64 -89.74
C GLU C 261 41.55 12.39 -88.28
N LYS C 262 41.43 13.45 -87.48
CA LYS C 262 40.94 13.31 -86.12
C LYS C 262 39.54 12.71 -86.12
N TRP C 263 38.70 13.14 -87.06
CA TRP C 263 37.41 12.47 -87.20
C TRP C 263 37.59 11.05 -87.74
N GLN C 264 38.69 10.78 -88.43
CA GLN C 264 38.87 9.42 -88.93
C GLN C 264 39.34 8.48 -87.83
N GLN C 265 40.21 8.94 -86.93
CA GLN C 265 40.48 8.11 -85.76
C GLN C 265 39.25 8.01 -84.87
N ALA C 266 38.45 9.07 -84.79
CA ALA C 266 37.16 8.99 -84.11
C ALA C 266 36.33 7.84 -84.67
N LEU C 267 36.17 7.81 -85.99
CA LEU C 267 35.37 6.77 -86.64
C LEU C 267 35.99 5.39 -86.43
N LYS C 268 37.24 5.21 -86.88
CA LYS C 268 37.91 3.92 -86.80
C LYS C 268 38.33 3.58 -85.39
N SER C 269 37.85 4.34 -84.42
CA SER C 269 37.80 3.90 -83.04
C SER C 269 36.39 3.54 -82.62
N VAL C 270 35.38 4.26 -83.11
CA VAL C 270 34.00 3.97 -82.78
C VAL C 270 33.54 2.71 -83.50
N VAL C 271 34.39 2.16 -84.36
CA VAL C 271 34.09 0.91 -85.04
C VAL C 271 35.16 -0.16 -84.81
N LEU C 272 36.44 0.20 -84.94
CA LEU C 272 37.49 -0.82 -84.88
C LEU C 272 37.76 -1.32 -83.46
N TYR C 273 36.90 -0.97 -82.52
CA TYR C 273 37.01 -1.48 -81.15
C TYR C 273 36.11 -2.68 -80.89
N VAL C 274 34.92 -2.72 -81.51
CA VAL C 274 34.00 -3.81 -81.21
C VAL C 274 34.50 -5.13 -81.75
N ILE C 275 35.33 -5.11 -82.81
CA ILE C 275 35.96 -6.36 -83.24
C ILE C 275 36.82 -6.92 -82.11
N LEU C 276 37.33 -6.04 -81.25
CA LEU C 276 37.95 -6.52 -80.02
C LEU C 276 36.88 -7.03 -79.06
N ALA C 277 35.73 -6.37 -79.02
CA ALA C 277 34.67 -6.78 -78.11
C ALA C 277 34.21 -8.19 -78.45
N PRO C 278 33.95 -9.03 -77.44
CA PRO C 278 33.41 -10.36 -77.72
C PRO C 278 32.07 -10.29 -78.43
N PHE C 279 31.70 -11.42 -79.03
CA PHE C 279 30.48 -11.50 -79.81
C PHE C 279 29.26 -11.18 -78.94
N ASP C 280 28.32 -10.43 -79.53
CA ASP C 280 27.08 -10.08 -78.87
C ASP C 280 26.15 -9.47 -79.90
N ASN C 281 24.86 -9.47 -79.57
CA ASN C 281 23.89 -8.78 -80.42
C ASN C 281 24.20 -7.28 -80.46
N GLU C 282 24.51 -6.69 -79.30
CA GLU C 282 24.72 -5.24 -79.20
C GLU C 282 25.76 -4.79 -80.19
N GLN C 283 26.99 -5.30 -80.06
CA GLN C 283 28.04 -5.05 -81.04
C GLN C 283 27.51 -5.23 -82.46
N SER C 284 27.00 -6.43 -82.74
CA SER C 284 26.53 -6.75 -84.09
C SER C 284 25.43 -5.79 -84.54
N ASP C 285 24.38 -5.63 -83.72
CA ASP C 285 23.29 -4.76 -84.14
C ASP C 285 23.73 -3.30 -84.23
N LEU C 286 24.49 -2.83 -83.24
CA LEU C 286 24.84 -1.41 -83.20
C LEU C 286 25.74 -1.00 -84.34
N VAL C 287 26.74 -1.84 -84.68
CA VAL C 287 27.70 -1.43 -85.70
C VAL C 287 27.03 -1.19 -87.05
N HIS C 288 25.83 -1.73 -87.26
CA HIS C 288 25.05 -1.39 -88.44
C HIS C 288 23.92 -0.42 -88.13
N ARG C 289 23.51 -0.30 -86.86
CA ARG C 289 22.73 0.86 -86.45
C ARG C 289 23.51 2.14 -86.72
N ILE C 290 24.77 2.17 -86.27
CA ILE C 290 25.62 3.33 -86.52
C ILE C 290 25.99 3.44 -87.99
N SER C 291 25.77 2.38 -88.77
CA SER C 291 26.00 2.48 -90.20
C SER C 291 25.09 3.54 -90.80
N GLY C 292 25.57 4.17 -91.87
CA GLY C 292 24.96 5.37 -92.42
C GLY C 292 25.87 6.56 -92.42
N ASP C 293 27.06 6.43 -91.84
CA ASP C 293 28.07 7.47 -91.90
C ASP C 293 28.43 7.77 -93.36
N LYS C 294 29.00 8.95 -93.57
CA LYS C 294 29.52 9.33 -94.88
C LYS C 294 31.04 9.36 -94.94
N LYS C 295 31.69 9.77 -93.85
CA LYS C 295 33.14 9.77 -93.77
C LYS C 295 33.72 8.39 -93.52
N LEU C 296 32.89 7.41 -93.16
CA LEU C 296 33.40 6.13 -92.73
C LEU C 296 33.64 5.18 -93.90
N GLU C 297 32.69 5.09 -94.83
CA GLU C 297 32.88 4.24 -96.00
C GLU C 297 34.01 4.71 -96.88
N GLU C 298 34.60 5.87 -96.58
CA GLU C 298 35.77 6.37 -97.29
C GLU C 298 37.04 5.66 -96.86
N ILE C 299 36.93 4.58 -96.10
CA ILE C 299 38.07 3.83 -95.60
C ILE C 299 37.95 2.40 -96.11
N PRO C 300 38.87 1.92 -96.94
CA PRO C 300 38.82 0.50 -97.35
C PRO C 300 38.85 -0.45 -96.17
N LYS C 301 39.49 -0.06 -95.08
CA LYS C 301 39.56 -0.92 -93.91
C LYS C 301 38.20 -1.00 -93.21
N TYR C 302 37.50 0.13 -93.08
CA TYR C 302 36.17 0.09 -92.51
C TYR C 302 35.24 -0.78 -93.35
N LYS C 303 35.25 -0.59 -94.67
CA LYS C 303 34.45 -1.44 -95.54
C LYS C 303 34.82 -2.90 -95.37
N ASP C 304 36.12 -3.19 -95.31
CA ASP C 304 36.57 -4.57 -95.19
C ASP C 304 36.07 -5.22 -93.91
N LEU C 305 36.18 -4.52 -92.78
CA LEU C 305 35.72 -5.09 -91.52
C LEU C 305 34.21 -5.10 -91.41
N LEU C 306 33.53 -4.15 -92.05
CA LEU C 306 32.07 -4.13 -92.02
C LEU C 306 31.49 -5.29 -92.82
N LYS C 307 32.13 -5.62 -93.94
CA LYS C 307 31.74 -6.81 -94.68
C LYS C 307 31.89 -8.07 -93.83
N LEU C 308 32.87 -8.07 -92.91
CA LEU C 308 33.10 -9.21 -92.03
C LEU C 308 31.88 -9.56 -91.19
N PHE C 309 30.83 -8.73 -91.20
CA PHE C 309 29.65 -8.98 -90.40
C PHE C 309 28.67 -9.93 -91.07
N THR C 310 29.14 -10.71 -92.05
CA THR C 310 28.33 -11.75 -92.68
C THR C 310 29.27 -12.78 -93.28
N THR C 311 28.94 -14.06 -93.10
CA THR C 311 29.73 -15.20 -93.57
C THR C 311 31.12 -15.22 -92.95
N MET C 312 31.39 -14.26 -92.07
CA MET C 312 32.62 -14.13 -91.29
C MET C 312 33.80 -13.75 -92.17
N GLU C 313 33.63 -13.83 -93.49
CA GLU C 313 34.74 -13.67 -94.42
C GLU C 313 35.95 -14.49 -93.96
N LEU C 314 35.79 -15.80 -94.07
CA LEU C 314 36.83 -16.73 -93.61
C LEU C 314 38.03 -16.53 -94.51
N MET C 315 38.71 -15.40 -94.32
CA MET C 315 39.73 -14.91 -95.23
C MET C 315 41.11 -15.32 -94.74
N ARG C 316 42.03 -15.47 -95.69
CA ARG C 316 43.42 -15.69 -95.33
C ARG C 316 43.88 -14.59 -94.39
N TRP C 317 44.20 -14.98 -93.16
CA TRP C 317 44.41 -13.98 -92.10
C TRP C 317 45.48 -12.97 -92.48
N SER C 318 46.49 -13.40 -93.26
CA SER C 318 47.52 -12.47 -93.70
C SER C 318 46.98 -11.42 -94.65
N THR C 319 45.94 -11.73 -95.42
CA THR C 319 45.34 -10.73 -96.29
C THR C 319 44.73 -9.59 -95.46
N LEU C 320 43.96 -9.95 -94.44
CA LEU C 320 43.44 -8.94 -93.53
C LEU C 320 44.57 -8.24 -92.78
N VAL C 321 45.66 -8.95 -92.50
CA VAL C 321 46.84 -8.33 -91.91
C VAL C 321 47.38 -7.24 -92.83
N GLU C 322 47.36 -7.50 -94.14
CA GLU C 322 47.69 -6.45 -95.10
C GLU C 322 46.70 -5.30 -95.00
N ASP C 323 45.41 -5.61 -95.08
CA ASP C 323 44.37 -4.59 -95.11
C ASP C 323 44.44 -3.68 -93.88
N TYR C 324 44.93 -4.19 -92.76
CA TYR C 324 44.97 -3.44 -91.51
C TYR C 324 46.38 -3.25 -90.98
N GLY C 325 47.39 -3.42 -91.83
CA GLY C 325 48.75 -3.09 -91.49
C GLY C 325 49.19 -1.92 -92.35
N MET C 326 48.57 -1.82 -93.52
CA MET C 326 48.72 -0.65 -94.37
C MET C 326 47.97 0.56 -93.84
N GLU C 327 47.15 0.39 -92.80
CA GLU C 327 46.63 1.54 -92.08
C GLU C 327 47.79 2.36 -91.48
N LEU C 328 48.79 1.67 -90.92
CA LEU C 328 50.01 2.33 -90.49
C LEU C 328 50.79 2.91 -91.66
N ARG C 329 50.46 2.51 -92.88
CA ARG C 329 51.07 3.02 -94.11
C ARG C 329 50.14 4.01 -94.82
N LYS C 330 49.46 4.86 -94.06
CA LYS C 330 48.50 5.79 -94.60
C LYS C 330 49.15 7.15 -94.83
N GLY C 331 49.20 7.58 -96.09
CA GLY C 331 49.62 8.92 -96.43
C GLY C 331 48.48 9.90 -96.26
N SER C 332 47.59 9.54 -95.34
CA SER C 332 46.37 10.27 -95.03
C SER C 332 46.08 10.02 -93.56
N LEU C 333 44.83 10.19 -93.16
CA LEU C 333 44.41 9.90 -91.80
C LEU C 333 44.93 8.55 -91.34
N GLU C 334 45.85 8.58 -90.38
CA GLU C 334 46.52 7.39 -89.89
C GLU C 334 46.33 7.18 -88.39
N SER C 335 45.90 8.20 -87.67
CA SER C 335 45.53 8.09 -86.26
C SER C 335 44.57 6.94 -86.02
N PRO C 336 43.68 6.58 -86.97
CA PRO C 336 43.03 5.27 -86.86
C PRO C 336 43.99 4.11 -86.62
N ALA C 337 45.05 4.02 -87.42
CA ALA C 337 46.01 2.93 -87.28
C ALA C 337 46.67 2.94 -85.91
N THR C 338 47.14 4.11 -85.47
CA THR C 338 47.83 4.18 -84.18
C THR C 338 46.88 3.86 -83.04
N ASP C 339 45.61 4.27 -83.16
CA ASP C 339 44.61 3.84 -82.18
C ASP C 339 44.38 2.35 -82.23
N VAL C 340 44.61 1.71 -83.39
CA VAL C 340 44.36 0.29 -83.53
C VAL C 340 45.66 -0.51 -83.49
N PHE C 341 46.54 -0.29 -84.46
CA PHE C 341 47.72 -1.12 -84.61
C PHE C 341 49.03 -0.34 -84.53
N GLY C 342 48.98 0.93 -84.14
CA GLY C 342 50.18 1.58 -83.66
C GLY C 342 50.54 1.22 -82.25
N SER C 343 49.76 0.34 -81.63
CA SER C 343 49.96 -0.11 -80.26
C SER C 343 50.62 -1.49 -80.26
N THR C 344 51.31 -1.80 -79.16
CA THR C 344 52.09 -3.04 -79.05
C THR C 344 51.52 -4.00 -78.01
N GLU C 345 51.43 -3.60 -76.75
CA GLU C 345 50.93 -4.49 -75.71
C GLU C 345 49.42 -4.69 -75.80
N GLU C 346 48.73 -3.87 -76.57
CA GLU C 346 47.32 -4.08 -76.87
C GLU C 346 47.02 -4.12 -78.36
N GLY C 347 47.72 -3.32 -79.15
CA GLY C 347 47.54 -3.39 -80.60
C GLY C 347 47.91 -4.74 -81.16
N GLU C 348 49.08 -5.25 -80.78
CA GLU C 348 49.40 -6.63 -81.14
C GLU C 348 48.46 -7.60 -80.44
N LYS C 349 48.09 -7.30 -79.19
CA LYS C 349 47.02 -8.03 -78.55
C LYS C 349 45.71 -7.88 -79.32
N ARG C 350 45.53 -6.75 -80.02
CA ARG C 350 44.38 -6.63 -80.90
C ARG C 350 44.48 -7.60 -82.07
N TRP C 351 45.68 -7.78 -82.63
CA TRP C 351 45.87 -8.82 -83.64
C TRP C 351 45.53 -10.20 -83.08
N LYS C 352 45.93 -10.45 -81.82
CA LYS C 352 45.67 -11.76 -81.21
C LYS C 352 44.17 -12.00 -81.03
N ASP C 353 43.49 -11.05 -80.40
CA ASP C 353 42.05 -11.18 -80.27
C ASP C 353 41.34 -11.13 -81.62
N LEU C 354 42.01 -10.63 -82.65
CA LEU C 354 41.46 -10.71 -84.00
C LEU C 354 41.56 -12.14 -84.54
N LYS C 355 42.65 -12.83 -84.23
CA LYS C 355 42.69 -14.28 -84.47
C LYS C 355 41.55 -14.96 -83.73
N ASN C 356 41.33 -14.58 -82.47
CA ASN C 356 40.18 -15.06 -81.71
C ASN C 356 38.89 -14.82 -82.47
N ARG C 357 38.72 -13.60 -82.98
CA ARG C 357 37.55 -13.25 -83.77
C ARG C 357 37.37 -14.19 -84.95
N VAL C 358 38.39 -14.29 -85.79
CA VAL C 358 38.23 -15.06 -87.01
C VAL C 358 37.85 -16.50 -86.67
N VAL C 359 38.54 -17.11 -85.70
CA VAL C 359 38.27 -18.51 -85.43
C VAL C 359 36.87 -18.70 -84.83
N GLU C 360 36.52 -17.90 -83.82
CA GLU C 360 35.26 -18.16 -83.12
C GLU C 360 34.05 -17.77 -83.96
N HIS C 361 34.16 -16.67 -84.71
CA HIS C 361 33.06 -16.30 -85.58
C HIS C 361 32.98 -17.22 -86.79
N ASN C 362 34.10 -17.84 -87.21
CA ASN C 362 33.99 -18.88 -88.24
C ASN C 362 33.30 -20.12 -87.69
N ILE C 363 33.59 -20.47 -86.44
CA ILE C 363 32.84 -21.51 -85.75
C ILE C 363 31.36 -21.20 -85.80
N ARG C 364 31.01 -19.93 -85.52
CA ARG C 364 29.63 -19.49 -85.65
C ARG C 364 29.09 -19.77 -87.05
N ILE C 365 29.73 -19.20 -88.07
CA ILE C 365 29.13 -19.17 -89.40
C ILE C 365 29.05 -20.57 -90.01
N MET C 366 30.02 -21.43 -89.75
CA MET C 366 30.10 -22.71 -90.43
C MET C 366 29.23 -23.78 -89.79
N ALA C 367 28.28 -23.40 -88.96
CA ALA C 367 27.50 -24.38 -88.19
C ALA C 367 26.53 -25.16 -89.03
N LYS C 368 26.54 -25.04 -90.35
CA LYS C 368 25.49 -25.63 -91.16
C LYS C 368 25.83 -27.04 -91.62
N TYR C 369 26.95 -27.21 -92.33
CA TYR C 369 27.30 -28.47 -92.96
C TYR C 369 27.92 -29.48 -92.00
N TYR C 370 27.80 -29.25 -90.70
CA TYR C 370 28.55 -30.00 -89.70
C TYR C 370 28.03 -31.43 -89.56
N THR C 371 28.36 -32.05 -88.43
CA THR C 371 28.17 -33.46 -88.05
C THR C 371 29.18 -34.35 -88.74
N ARG C 372 29.91 -33.85 -89.73
CA ARG C 372 31.03 -34.56 -90.34
C ARG C 372 32.11 -33.52 -90.61
N ILE C 373 33.15 -33.52 -89.78
CA ILE C 373 34.28 -32.62 -90.03
C ILE C 373 35.48 -33.10 -89.24
N THR C 374 36.66 -33.01 -89.85
CA THR C 374 37.88 -33.58 -89.30
C THR C 374 38.72 -32.50 -88.63
N MET C 375 39.44 -32.92 -87.59
CA MET C 375 40.32 -32.00 -86.89
C MET C 375 41.34 -31.36 -87.82
N LYS C 376 41.87 -32.14 -88.75
CA LYS C 376 42.86 -31.64 -89.70
C LYS C 376 42.20 -30.69 -90.70
N ARG C 377 41.20 -31.19 -91.43
CA ARG C 377 40.52 -30.34 -92.40
C ARG C 377 39.80 -29.18 -91.72
N MET C 378 39.53 -29.28 -90.41
CA MET C 378 39.09 -28.11 -89.67
C MET C 378 40.09 -26.98 -89.82
N ALA C 379 41.33 -27.23 -89.41
CA ALA C 379 42.41 -26.26 -89.60
C ALA C 379 42.55 -25.86 -91.06
N GLN C 380 42.38 -26.83 -91.97
CA GLN C 380 42.48 -26.54 -93.39
C GLN C 380 41.48 -25.47 -93.81
N LEU C 381 40.25 -25.56 -93.30
CA LEU C 381 39.21 -24.58 -93.57
C LEU C 381 39.10 -23.52 -92.48
N LEU C 382 40.15 -23.31 -91.70
CA LEU C 382 40.13 -22.37 -90.59
C LEU C 382 41.07 -21.19 -90.76
N ASP C 383 41.97 -21.22 -91.75
CA ASP C 383 43.03 -20.23 -91.90
C ASP C 383 43.92 -20.17 -90.66
N LEU C 384 44.14 -21.34 -90.05
CA LEU C 384 44.98 -21.45 -88.87
C LEU C 384 45.31 -22.92 -88.65
N SER C 385 46.40 -23.16 -87.93
CA SER C 385 47.00 -24.49 -87.85
C SER C 385 46.11 -25.44 -87.04
N VAL C 386 46.51 -26.72 -87.05
CA VAL C 386 45.73 -27.77 -86.40
C VAL C 386 45.85 -27.69 -84.89
N ASP C 387 47.08 -27.63 -84.38
CA ASP C 387 47.22 -27.46 -82.94
C ASP C 387 46.88 -26.04 -82.52
N GLU C 388 47.03 -25.08 -83.43
CA GLU C 388 46.34 -23.81 -83.28
C GLU C 388 44.84 -24.04 -83.20
N SER C 389 44.30 -24.84 -84.12
CA SER C 389 42.91 -25.25 -84.02
C SER C 389 42.68 -26.08 -82.77
N GLU C 390 43.68 -26.82 -82.30
CA GLU C 390 43.51 -27.58 -81.06
C GLU C 390 43.26 -26.64 -79.89
N ALA C 391 44.09 -25.62 -79.74
CA ALA C 391 43.88 -24.64 -78.68
C ALA C 391 42.58 -23.88 -78.86
N PHE C 392 42.19 -23.63 -80.13
CA PHE C 392 40.95 -22.91 -80.37
C PHE C 392 39.73 -23.75 -80.00
N LEU C 393 39.69 -25.00 -80.46
CA LEU C 393 38.72 -25.96 -79.96
C LEU C 393 38.70 -25.96 -78.44
N SER C 394 39.88 -26.03 -77.82
CA SER C 394 39.95 -26.12 -76.36
C SER C 394 39.26 -24.93 -75.70
N ASN C 395 39.62 -23.72 -76.12
CA ASN C 395 39.07 -22.54 -75.44
C ASN C 395 37.58 -22.38 -75.76
N LEU C 396 37.19 -22.53 -77.02
CA LEU C 396 35.79 -22.41 -77.37
C LEU C 396 34.95 -23.53 -76.78
N VAL C 397 35.57 -24.62 -76.34
CA VAL C 397 34.84 -25.80 -75.94
C VAL C 397 34.77 -25.87 -74.42
N VAL C 398 35.74 -25.25 -73.75
CA VAL C 398 35.61 -25.08 -72.31
C VAL C 398 34.75 -23.85 -72.02
N ASN C 399 34.82 -22.84 -72.89
CA ASN C 399 33.82 -21.79 -72.87
C ASN C 399 32.44 -22.37 -73.14
N LYS C 400 32.36 -23.34 -74.06
CA LYS C 400 31.17 -24.14 -74.36
C LYS C 400 29.89 -23.33 -74.40
N THR C 401 29.97 -22.06 -74.84
CA THR C 401 28.75 -21.30 -75.05
C THR C 401 27.83 -21.99 -76.06
N ILE C 402 28.41 -22.80 -76.94
CA ILE C 402 27.64 -23.71 -77.78
C ILE C 402 27.88 -25.12 -77.26
N PHE C 403 26.97 -26.02 -77.62
CA PHE C 403 27.10 -27.42 -77.24
C PHE C 403 27.45 -28.25 -78.47
N ALA C 404 28.73 -28.58 -78.60
CA ALA C 404 29.21 -29.49 -79.62
C ALA C 404 29.45 -30.87 -79.00
N LYS C 405 29.99 -31.77 -79.79
CA LYS C 405 30.47 -33.05 -79.27
C LYS C 405 31.65 -33.48 -80.12
N VAL C 406 32.76 -33.78 -79.44
CA VAL C 406 34.03 -34.05 -80.11
C VAL C 406 34.79 -35.10 -79.32
N ASP C 407 35.70 -35.78 -80.00
CA ASP C 407 36.52 -36.83 -79.42
C ASP C 407 37.63 -37.18 -80.40
N ARG C 408 38.84 -37.38 -79.89
CA ARG C 408 39.91 -37.81 -80.76
C ARG C 408 39.93 -39.32 -80.96
N LEU C 409 38.85 -40.03 -80.61
CA LEU C 409 38.69 -41.40 -81.06
C LEU C 409 38.79 -41.48 -82.56
N ALA C 410 38.36 -40.42 -83.26
CA ALA C 410 38.56 -40.30 -84.69
C ALA C 410 39.13 -38.95 -85.10
N GLY C 411 38.94 -37.90 -84.31
CA GLY C 411 39.28 -36.56 -84.73
C GLY C 411 38.33 -35.96 -85.73
N ILE C 412 37.51 -36.78 -86.40
CA ILE C 412 36.50 -36.28 -87.32
C ILE C 412 35.26 -36.03 -86.48
N ILE C 413 35.23 -34.85 -85.84
CA ILE C 413 34.08 -34.37 -85.08
C ILE C 413 34.05 -32.86 -85.21
N ASN C 414 32.98 -32.25 -84.73
CA ASN C 414 32.58 -30.96 -85.26
C ASN C 414 32.03 -30.06 -84.15
N PHE C 415 32.06 -28.76 -84.42
CA PHE C 415 31.46 -27.75 -83.55
C PHE C 415 29.94 -27.81 -83.73
N GLN C 416 29.36 -28.89 -83.20
CA GLN C 416 28.01 -29.29 -83.55
C GLN C 416 26.95 -28.59 -82.72
N ARG C 417 25.71 -28.77 -83.15
CA ARG C 417 24.46 -28.57 -82.43
C ARG C 417 24.21 -29.87 -81.67
N PRO C 418 23.09 -30.02 -80.90
CA PRO C 418 22.93 -31.21 -80.05
C PRO C 418 23.07 -32.57 -80.74
N LYS C 419 23.41 -32.60 -82.02
CA LYS C 419 23.69 -33.83 -82.76
C LYS C 419 22.47 -34.73 -82.88
N ASP C 420 21.28 -34.12 -82.87
CA ASP C 420 20.02 -34.76 -83.26
C ASP C 420 19.76 -36.05 -82.50
N PRO C 421 19.65 -36.02 -81.17
CA PRO C 421 19.34 -37.25 -80.43
C PRO C 421 17.84 -37.46 -80.27
N ASN C 422 17.04 -36.70 -81.02
CA ASN C 422 15.63 -36.56 -80.69
C ASN C 422 14.79 -37.64 -81.34
N ASN C 423 13.64 -37.89 -80.71
CA ASN C 423 12.63 -38.82 -81.18
C ASN C 423 11.78 -38.21 -82.27
N LEU C 424 10.61 -38.81 -82.50
CA LEU C 424 9.64 -38.48 -83.54
C LEU C 424 9.45 -36.99 -83.76
N LEU C 425 9.71 -36.17 -82.73
CA LEU C 425 9.62 -34.73 -82.85
C LEU C 425 10.13 -34.24 -84.19
N ASN C 426 11.33 -34.68 -84.58
CA ASN C 426 11.83 -34.40 -85.91
C ASN C 426 10.85 -34.88 -86.98
N ASP C 427 10.54 -36.18 -86.96
CA ASP C 427 9.55 -36.72 -87.89
C ASP C 427 8.22 -35.99 -87.76
N TRP C 428 7.84 -35.63 -86.54
CA TRP C 428 6.55 -34.99 -86.34
C TRP C 428 6.48 -33.67 -87.09
N SER C 429 7.36 -32.75 -86.73
CA SER C 429 7.51 -31.50 -87.48
C SER C 429 7.49 -31.78 -88.97
N GLN C 430 8.40 -32.63 -89.44
CA GLN C 430 8.55 -32.85 -90.88
C GLN C 430 7.22 -33.27 -91.51
N LYS C 431 6.72 -34.44 -91.13
CA LYS C 431 5.50 -34.97 -91.72
C LYS C 431 4.37 -33.96 -91.65
N LEU C 432 4.07 -33.49 -90.45
CA LEU C 432 2.92 -32.62 -90.24
C LEU C 432 3.04 -31.36 -91.08
N ASN C 433 4.07 -30.56 -90.84
CA ASN C 433 4.19 -29.27 -91.51
C ASN C 433 4.31 -29.43 -93.01
N SER C 434 5.04 -30.45 -93.48
CA SER C 434 5.18 -30.67 -94.91
C SER C 434 3.83 -30.99 -95.53
N LEU C 435 3.13 -31.97 -94.97
CA LEU C 435 1.79 -32.30 -95.46
C LEU C 435 0.88 -31.09 -95.44
N MET C 436 1.01 -30.25 -94.42
CA MET C 436 0.24 -29.01 -94.36
C MET C 436 0.57 -28.10 -95.53
N SER C 437 1.85 -27.90 -95.79
CA SER C 437 2.28 -27.16 -96.97
C SER C 437 1.67 -27.76 -98.23
N LEU C 438 1.47 -29.07 -98.24
CA LEU C 438 0.90 -29.72 -99.42
C LEU C 438 -0.60 -29.41 -99.56
N VAL C 439 -1.34 -29.40 -98.45
CA VAL C 439 -2.73 -28.98 -98.54
C VAL C 439 -2.80 -27.53 -99.00
N ASN C 440 -1.84 -26.72 -98.55
CA ASN C 440 -1.78 -25.34 -99.03
C ASN C 440 -1.51 -25.30 -100.52
N LYS C 441 -0.62 -26.18 -100.99
CA LYS C 441 -0.40 -26.37 -102.40
C LYS C 441 -1.73 -26.52 -103.08
N THR C 442 -2.45 -27.60 -102.76
CA THR C 442 -3.75 -27.87 -103.37
C THR C 442 -4.65 -26.63 -103.37
N THR C 443 -4.79 -26.02 -102.20
CA THR C 443 -5.78 -24.97 -102.03
C THR C 443 -5.46 -23.73 -102.83
N HIS C 444 -4.19 -23.50 -103.15
CA HIS C 444 -3.90 -22.42 -104.08
C HIS C 444 -3.70 -22.92 -105.50
N LEU C 445 -3.48 -24.21 -105.67
CA LEU C 445 -3.43 -24.81 -107.01
C LEU C 445 -4.74 -24.56 -107.72
N ILE C 446 -5.84 -24.94 -107.08
CA ILE C 446 -7.16 -24.67 -107.63
C ILE C 446 -7.26 -23.20 -108.02
N ALA C 447 -6.91 -22.32 -107.09
CA ALA C 447 -7.08 -20.88 -107.29
C ALA C 447 -6.29 -20.40 -108.51
N LYS C 448 -4.97 -20.55 -108.47
CA LYS C 448 -4.12 -19.94 -109.48
C LYS C 448 -4.31 -20.62 -110.84
N GLU C 449 -4.58 -21.92 -110.87
CA GLU C 449 -4.89 -22.56 -112.13
C GLU C 449 -6.19 -22.00 -112.72
N GLU C 450 -7.19 -21.77 -111.87
CA GLU C 450 -8.39 -21.10 -112.36
C GLU C 450 -8.07 -19.72 -112.90
N MET C 451 -7.22 -18.99 -112.19
CA MET C 451 -6.86 -17.63 -112.61
C MET C 451 -6.20 -17.64 -113.98
N ILE C 452 -5.22 -18.51 -114.18
CA ILE C 452 -4.59 -18.61 -115.48
C ILE C 452 -5.54 -19.20 -116.52
N HIS C 453 -6.64 -19.80 -116.08
CA HIS C 453 -7.69 -20.26 -116.98
C HIS C 453 -8.83 -19.28 -117.11
N ASN C 454 -8.70 -18.08 -116.53
CA ASN C 454 -9.79 -17.10 -116.58
C ASN C 454 -10.15 -16.73 -118.01
N LEU C 455 -9.15 -16.30 -118.79
CA LEU C 455 -9.39 -15.87 -120.16
C LEU C 455 -10.01 -16.98 -121.00
N GLN C 456 -9.89 -18.23 -120.56
CA GLN C 456 -10.44 -19.34 -121.31
C GLN C 456 -11.66 -19.90 -120.58
N VAL D 1 61.00 -26.51 11.43
CA VAL D 1 59.88 -27.17 10.74
C VAL D 1 59.84 -26.74 9.28
N GLN D 2 59.72 -25.43 9.05
CA GLN D 2 59.61 -24.91 7.69
C GLN D 2 60.94 -25.01 6.93
N VAL D 3 62.08 -24.97 7.65
CA VAL D 3 63.38 -25.07 6.99
C VAL D 3 63.69 -26.44 6.41
N LYS D 4 63.01 -27.48 6.89
CA LYS D 4 63.07 -28.77 6.21
C LYS D 4 61.93 -28.91 5.19
N GLU D 5 60.86 -28.14 5.37
CA GLU D 5 59.75 -28.15 4.40
C GLU D 5 60.25 -27.49 3.12
N GLN D 6 60.92 -26.35 3.25
CA GLN D 6 61.40 -25.66 2.06
C GLN D 6 62.66 -26.31 1.49
N SER D 7 63.37 -27.12 2.28
CA SER D 7 64.51 -27.86 1.76
C SER D 7 64.06 -28.97 0.82
N ILE D 8 62.88 -29.52 1.06
CA ILE D 8 62.31 -30.49 0.12
C ILE D 8 61.87 -30.03 -1.26
N LEU D 9 61.11 -28.93 -1.25
CA LEU D 9 60.59 -28.22 -2.45
C LEU D 9 61.76 -27.48 -3.09
N GLU D 10 62.79 -27.18 -2.28
CA GLU D 10 64.03 -26.55 -2.81
C GLU D 10 64.67 -27.63 -3.69
N LEU D 11 64.68 -28.88 -3.19
CA LEU D 11 65.17 -30.05 -3.96
C LEU D 11 64.10 -30.34 -5.02
N GLY D 12 62.82 -30.10 -4.69
CA GLY D 12 61.75 -30.27 -5.65
C GLY D 12 61.74 -29.55 -6.99
N SER D 13 62.19 -28.29 -6.95
CA SER D 13 62.32 -27.45 -8.17
C SER D 13 63.61 -27.88 -8.87
N LEU D 14 64.59 -28.33 -8.06
CA LEU D 14 65.88 -28.83 -8.60
C LEU D 14 65.55 -30.04 -9.49
N LEU D 15 64.75 -30.97 -8.98
CA LEU D 15 64.32 -32.12 -9.77
C LEU D 15 63.50 -31.69 -10.98
N ALA D 16 62.88 -30.51 -10.91
CA ALA D 16 62.05 -30.04 -12.01
C ALA D 16 62.87 -29.33 -13.08
N LYS D 17 63.75 -28.40 -12.66
CA LYS D 17 64.44 -27.56 -13.62
C LYS D 17 65.53 -28.21 -14.48
N THR D 18 66.37 -29.04 -13.87
CA THR D 18 67.48 -29.65 -14.59
C THR D 18 67.13 -31.03 -15.24
N GLY D 19 65.84 -31.36 -15.19
CA GLY D 19 65.32 -32.48 -15.95
C GLY D 19 65.59 -33.92 -15.57
N GLN D 20 65.06 -34.36 -14.45
CA GLN D 20 65.06 -35.77 -14.07
C GLN D 20 63.72 -36.14 -13.46
N ALA D 21 63.23 -37.33 -13.81
CA ALA D 21 61.86 -37.74 -13.53
C ALA D 21 61.75 -38.90 -12.56
N ALA D 22 62.74 -39.80 -12.58
CA ALA D 22 62.77 -40.98 -11.69
C ALA D 22 62.81 -40.51 -10.23
N GLU D 23 63.71 -39.59 -9.92
CA GLU D 23 63.82 -39.03 -8.54
C GLU D 23 62.61 -38.12 -8.29
N LEU D 24 62.13 -37.46 -9.35
CA LEU D 24 60.95 -36.57 -9.26
C LEU D 24 59.70 -37.41 -8.97
N GLY D 25 59.65 -38.62 -9.54
CA GLY D 25 58.51 -39.50 -9.33
C GLY D 25 58.52 -40.13 -7.95
N GLY D 26 59.72 -40.36 -7.40
CA GLY D 26 59.81 -40.75 -6.01
C GLY D 26 59.42 -39.63 -5.06
N LEU D 27 59.65 -38.38 -5.47
CA LEU D 27 59.27 -37.24 -4.63
C LEU D 27 57.81 -36.95 -4.31
N ARG D 32 53.63 -37.84 -0.45
CA ARG D 32 52.35 -38.58 -0.30
C ARG D 32 51.75 -38.26 1.08
N PRO D 33 52.46 -38.58 2.19
CA PRO D 33 51.98 -38.27 3.54
C PRO D 33 52.53 -36.93 4.05
N PHE D 34 53.38 -36.27 3.27
CA PHE D 34 54.00 -34.98 3.66
C PHE D 34 52.97 -33.85 3.56
N LEU D 35 52.25 -33.79 2.43
CA LEU D 35 51.23 -32.78 2.18
C LEU D 35 50.29 -32.68 3.38
N ASN D 36 50.02 -33.82 4.01
CA ASN D 36 49.15 -33.88 5.17
C ASN D 36 49.37 -35.21 5.86
N SER D 37 49.86 -35.18 7.09
CA SER D 37 50.13 -36.39 7.84
C SER D 37 49.20 -36.54 9.04
N ALA D 41 40.80 -38.60 4.54
CA ALA D 41 40.25 -38.33 3.20
C ALA D 41 41.33 -37.70 2.31
N LYS D 42 42.44 -37.31 2.95
CA LYS D 42 43.65 -36.77 2.29
C LYS D 42 44.72 -37.88 2.26
N ALA D 43 44.32 -39.10 2.64
CA ALA D 43 45.20 -40.30 2.64
C ALA D 43 45.23 -40.88 1.23
N ALA D 44 44.26 -40.49 0.40
CA ALA D 44 44.17 -40.89 -1.03
C ALA D 44 45.27 -40.15 -1.79
N ARG D 45 45.61 -38.93 -1.32
CA ARG D 45 46.71 -38.12 -1.91
C ARG D 45 47.94 -39.04 -2.01
N LEU D 46 48.20 -39.82 -0.96
CA LEU D 46 49.31 -40.80 -1.02
C LEU D 46 48.91 -41.89 -2.03
N VAL D 47 47.60 -42.10 -2.17
CA VAL D 47 47.06 -43.10 -3.12
C VAL D 47 46.90 -42.46 -4.50
N ARG D 48 47.17 -41.15 -4.66
CA ARG D 48 46.98 -40.67 -6.02
C ARG D 48 48.25 -40.05 -6.61
N SER D 49 49.00 -39.33 -5.77
CA SER D 49 50.23 -38.70 -6.22
C SER D 49 51.31 -39.72 -6.50
N LEU D 50 51.45 -40.71 -5.62
CA LEU D 50 52.47 -41.74 -5.81
C LEU D 50 52.09 -42.68 -6.94
N LEU D 51 50.80 -42.85 -7.21
CA LEU D 51 50.38 -43.68 -8.34
C LEU D 51 50.64 -42.98 -9.67
N ASP D 52 50.43 -41.67 -9.73
CA ASP D 52 50.67 -40.93 -10.95
C ASP D 52 52.16 -40.82 -11.25
N LEU D 53 52.99 -40.71 -10.20
CA LEU D 53 54.43 -40.75 -10.39
C LEU D 53 54.89 -42.16 -10.74
N PHE D 54 54.10 -43.17 -10.39
CA PHE D 54 54.42 -44.54 -10.77
C PHE D 54 54.10 -44.79 -12.23
N LEU D 55 52.96 -44.29 -12.70
CA LEU D 55 52.49 -44.65 -14.03
C LEU D 55 53.17 -43.84 -15.13
N ASP D 56 53.54 -42.58 -14.84
CA ASP D 56 54.01 -41.66 -15.86
C ASP D 56 55.50 -41.79 -16.14
N MET D 57 56.10 -42.94 -15.83
CA MET D 57 57.50 -43.20 -16.11
C MET D 57 57.71 -43.75 -17.53
N GLU D 58 57.10 -44.89 -17.80
CA GLU D 58 57.34 -45.67 -19.01
C GLU D 58 56.23 -46.70 -19.10
N ALA D 59 55.90 -47.10 -20.34
CA ALA D 59 54.90 -48.14 -20.58
C ALA D 59 55.51 -49.48 -20.17
N ALA D 60 55.46 -49.75 -18.87
CA ALA D 60 55.93 -51.00 -18.28
C ALA D 60 54.68 -51.75 -17.82
N THR D 61 54.09 -52.52 -18.73
CA THR D 61 52.79 -53.12 -18.51
C THR D 61 52.82 -54.36 -17.62
N GLY D 62 53.98 -54.74 -17.08
CA GLY D 62 54.04 -55.93 -16.25
C GLY D 62 53.55 -55.72 -14.84
N GLN D 63 53.61 -54.49 -14.33
CA GLN D 63 53.33 -54.23 -12.92
C GLN D 63 52.26 -53.18 -12.68
N GLU D 64 51.83 -52.46 -13.71
CA GLU D 64 50.94 -51.32 -13.50
C GLU D 64 49.53 -51.79 -13.15
N VAL D 65 48.94 -52.64 -13.99
CA VAL D 65 47.57 -53.09 -13.74
C VAL D 65 47.52 -54.09 -12.60
N GLU D 66 48.65 -54.72 -12.28
CA GLU D 66 48.65 -55.72 -11.22
C GLU D 66 48.73 -55.01 -9.88
N LEU D 67 49.60 -54.00 -9.76
CA LEU D 67 49.69 -53.24 -8.51
C LEU D 67 48.39 -52.48 -8.22
N CYS D 68 47.71 -52.03 -9.28
CA CYS D 68 46.39 -51.43 -9.08
C CYS D 68 45.32 -52.38 -8.55
N LEU D 69 45.30 -53.62 -9.04
CA LEU D 69 44.36 -54.61 -8.51
C LEU D 69 44.72 -55.05 -7.09
N GLU D 70 46.00 -54.94 -6.71
CA GLU D 70 46.39 -55.25 -5.34
C GLU D 70 45.79 -54.46 -4.21
N CYS D 71 45.83 -53.12 -4.32
CA CYS D 71 45.26 -52.29 -3.28
C CYS D 71 43.71 -52.03 -3.39
N ILE D 72 43.18 -52.54 -4.50
CA ILE D 72 41.74 -52.64 -4.68
C ILE D 72 41.40 -53.77 -3.71
N GLU D 73 42.19 -54.85 -3.74
CA GLU D 73 42.00 -55.93 -2.78
C GLU D 73 42.35 -55.50 -1.37
N TRP D 74 43.24 -54.50 -1.22
CA TRP D 74 43.44 -53.90 0.09
C TRP D 74 42.23 -53.06 0.47
N ALA D 75 41.60 -52.41 -0.52
CA ALA D 75 40.39 -51.65 -0.23
C ALA D 75 39.20 -52.57 -0.02
N LYS D 76 39.27 -53.81 -0.52
CA LYS D 76 38.30 -54.81 -0.09
C LYS D 76 38.50 -55.15 1.38
N SER D 77 39.75 -55.11 1.84
CA SER D 77 40.14 -55.51 3.18
C SER D 77 40.20 -54.33 4.16
N GLU D 78 39.96 -53.11 3.70
CA GLU D 78 40.06 -51.96 4.60
C GLU D 78 38.80 -51.11 4.53
N LYS D 79 38.13 -51.13 3.38
CA LYS D 79 36.81 -50.53 3.14
C LYS D 79 36.83 -49.02 3.37
N ARG D 80 37.59 -48.34 2.53
CA ARG D 80 37.51 -46.89 2.40
C ARG D 80 36.89 -46.55 1.06
N THR D 81 35.79 -45.78 1.10
CA THR D 81 35.01 -45.55 -0.11
C THR D 81 35.75 -44.61 -1.05
N PHE D 82 36.28 -43.51 -0.52
CA PHE D 82 36.89 -42.50 -1.39
C PHE D 82 38.22 -42.99 -1.95
N LEU D 83 38.92 -43.87 -1.23
CA LEU D 83 40.19 -44.36 -1.73
C LEU D 83 40.00 -45.40 -2.82
N ARG D 84 39.02 -46.29 -2.67
CA ARG D 84 38.78 -47.28 -3.71
C ARG D 84 38.24 -46.64 -4.97
N GLN D 85 37.45 -45.57 -4.84
CA GLN D 85 36.95 -44.86 -6.01
C GLN D 85 38.07 -44.10 -6.71
N ALA D 86 39.07 -43.67 -5.94
CA ALA D 86 40.25 -43.07 -6.55
C ALA D 86 41.04 -44.09 -7.35
N LEU D 87 41.04 -45.34 -6.88
CA LEU D 87 41.80 -46.38 -7.56
C LEU D 87 41.05 -46.92 -8.76
N GLU D 88 39.72 -46.98 -8.67
CA GLU D 88 38.93 -47.49 -9.78
C GLU D 88 38.96 -46.54 -10.96
N ALA D 89 38.93 -45.24 -10.69
CA ALA D 89 38.91 -44.24 -11.75
C ALA D 89 40.16 -44.17 -12.61
N ARG D 90 41.33 -44.44 -12.03
CA ARG D 90 42.54 -44.49 -12.84
C ARG D 90 42.74 -45.84 -13.52
N LEU D 91 42.17 -46.90 -12.94
CA LEU D 91 42.34 -48.24 -13.45
C LEU D 91 41.56 -48.31 -14.76
N VAL D 92 40.35 -47.75 -14.78
CA VAL D 92 39.56 -47.75 -16.00
C VAL D 92 40.14 -46.77 -17.01
N SER D 93 40.88 -45.75 -16.53
CA SER D 93 41.64 -44.92 -17.45
C SER D 93 42.82 -45.68 -18.02
N LEU D 94 43.44 -46.54 -17.21
CA LEU D 94 44.52 -47.38 -17.70
C LEU D 94 44.01 -48.44 -18.65
N TYR D 95 42.78 -48.92 -18.43
CA TYR D 95 42.18 -49.88 -19.36
C TYR D 95 41.96 -49.29 -20.74
N PHE D 96 41.65 -48.00 -20.80
CA PHE D 96 41.48 -47.33 -22.08
C PHE D 96 42.80 -47.06 -22.76
N ASP D 97 43.90 -47.05 -22.00
CA ASP D 97 45.21 -46.73 -22.57
C ASP D 97 45.64 -47.83 -23.50
N THR D 98 45.27 -49.09 -23.22
CA THR D 98 45.45 -50.18 -24.15
C THR D 98 44.15 -50.44 -24.88
N LYS D 99 43.09 -49.69 -24.53
CA LYS D 99 41.73 -49.84 -25.06
C LYS D 99 41.26 -51.29 -24.90
N ARG D 100 40.99 -51.65 -23.64
CA ARG D 100 40.46 -52.97 -23.37
C ARG D 100 38.99 -53.01 -23.71
N TYR D 101 38.54 -54.14 -24.24
CA TYR D 101 37.31 -54.17 -25.01
C TYR D 101 36.08 -54.21 -24.10
N GLN D 102 35.93 -55.26 -23.31
CA GLN D 102 34.76 -55.41 -22.44
C GLN D 102 34.99 -54.99 -21.00
N GLU D 103 36.16 -55.30 -20.44
CA GLU D 103 36.36 -55.14 -19.01
C GLU D 103 36.51 -53.67 -18.63
N ALA D 104 36.89 -52.82 -19.58
CA ALA D 104 36.87 -51.38 -19.32
C ALA D 104 35.43 -50.92 -19.19
N LEU D 105 34.55 -51.43 -20.03
CA LEU D 105 33.13 -51.10 -19.93
C LEU D 105 32.50 -51.78 -18.73
N HIS D 106 32.92 -53.01 -18.43
CA HIS D 106 32.38 -53.74 -17.29
C HIS D 106 32.83 -53.17 -15.96
N LEU D 107 34.01 -52.56 -15.92
CA LEU D 107 34.42 -51.87 -14.70
C LEU D 107 33.66 -50.56 -14.54
N GLY D 108 33.37 -49.89 -15.66
CA GLY D 108 32.57 -48.68 -15.60
C GLY D 108 31.12 -48.95 -15.25
N SER D 109 30.63 -50.15 -15.58
CA SER D 109 29.28 -50.52 -15.18
C SER D 109 29.21 -50.78 -13.69
N GLN D 110 30.15 -51.57 -13.16
CA GLN D 110 30.08 -52.02 -11.78
C GLN D 110 30.37 -50.90 -10.78
N LEU D 111 31.05 -49.84 -11.20
CA LEU D 111 31.27 -48.68 -10.33
C LEU D 111 30.11 -47.70 -10.38
N LEU D 112 29.53 -47.48 -11.55
CA LEU D 112 28.40 -46.59 -11.68
C LEU D 112 27.08 -47.21 -11.23
N ARG D 113 27.09 -48.46 -10.79
CA ARG D 113 25.94 -48.96 -10.02
C ARG D 113 25.89 -48.29 -8.65
N GLU D 114 27.04 -47.85 -8.14
CA GLU D 114 27.13 -47.26 -6.82
C GLU D 114 27.33 -45.76 -6.83
N LEU D 115 27.97 -45.21 -7.87
CA LEU D 115 28.31 -43.79 -7.87
C LEU D 115 27.17 -42.77 -7.88
N LYS D 116 26.10 -43.11 -8.60
CA LYS D 116 24.86 -42.28 -8.63
C LYS D 116 23.99 -42.73 -7.45
N LYS D 117 24.38 -43.83 -6.79
CA LYS D 117 23.69 -44.41 -5.66
C LYS D 117 24.28 -43.70 -4.44
N MET D 118 25.58 -43.43 -4.45
CA MET D 118 26.23 -42.79 -3.30
C MET D 118 26.01 -41.28 -3.35
N ASP D 119 26.76 -40.56 -2.51
CA ASP D 119 26.50 -39.15 -2.24
C ASP D 119 27.31 -38.20 -3.13
N ASP D 120 28.48 -38.63 -3.59
CA ASP D 120 29.38 -37.74 -4.32
C ASP D 120 28.80 -37.41 -5.70
N LYS D 121 29.25 -36.28 -6.25
CA LYS D 121 28.75 -35.81 -7.53
C LYS D 121 29.88 -35.51 -8.50
N ALA D 122 31.01 -35.01 -7.98
CA ALA D 122 32.07 -34.49 -8.84
C ALA D 122 32.85 -35.46 -9.72
N LEU D 123 33.11 -36.68 -9.23
CA LEU D 123 33.79 -37.67 -10.07
C LEU D 123 32.85 -38.49 -11.00
N LEU D 124 31.56 -38.27 -10.79
CA LEU D 124 30.54 -38.98 -11.57
C LEU D 124 30.61 -38.32 -12.94
N VAL D 125 30.95 -37.03 -12.98
CA VAL D 125 31.01 -36.32 -14.24
C VAL D 125 32.16 -36.84 -15.10
N GLU D 126 33.24 -37.25 -14.45
CA GLU D 126 34.39 -37.73 -15.20
C GLU D 126 34.16 -39.14 -15.73
N VAL D 127 33.56 -40.02 -14.92
CA VAL D 127 33.43 -41.40 -15.34
C VAL D 127 32.29 -41.58 -16.32
N GLN D 128 31.29 -40.68 -16.30
CA GLN D 128 30.36 -40.62 -17.42
C GLN D 128 31.06 -40.15 -18.68
N LEU D 129 32.00 -39.21 -18.52
CA LEU D 129 32.70 -38.66 -19.68
C LEU D 129 33.70 -39.66 -20.24
N LEU D 130 34.27 -40.49 -19.37
CA LEU D 130 35.24 -41.46 -19.83
C LEU D 130 34.57 -42.61 -20.58
N GLU D 131 33.33 -42.93 -20.23
CA GLU D 131 32.58 -43.91 -21.01
C GLU D 131 32.22 -43.37 -22.39
N SER D 132 32.00 -42.06 -22.52
CA SER D 132 31.69 -41.50 -23.84
C SER D 132 32.81 -41.56 -24.84
N LYS D 133 34.05 -41.66 -24.37
CA LYS D 133 35.16 -41.97 -25.26
C LYS D 133 35.14 -43.43 -25.69
N THR D 134 34.83 -44.33 -24.76
CA THR D 134 35.00 -45.75 -25.05
C THR D 134 33.75 -46.20 -25.79
N TYR D 135 32.61 -45.55 -25.60
CA TYR D 135 31.49 -45.85 -26.48
C TYR D 135 31.75 -45.35 -27.89
N LYS D 143 24.85 -44.08 -28.89
CA LYS D 143 24.98 -44.31 -27.46
C LYS D 143 25.96 -43.32 -26.83
N ALA D 144 27.01 -42.95 -27.56
CA ALA D 144 27.99 -41.99 -27.04
C ALA D 144 27.39 -40.59 -26.96
N ARG D 145 26.51 -40.25 -27.90
CA ARG D 145 25.72 -39.02 -27.80
C ARG D 145 24.82 -39.08 -26.56
N ALA D 146 24.26 -40.26 -26.27
CA ALA D 146 23.39 -40.39 -25.13
C ALA D 146 24.15 -40.28 -23.81
N ALA D 147 25.34 -40.88 -23.74
CA ALA D 147 26.10 -40.84 -22.50
C ALA D 147 26.71 -39.46 -22.27
N LEU D 148 26.99 -38.73 -23.35
CA LEU D 148 27.54 -37.39 -23.20
C LEU D 148 26.50 -36.43 -22.65
N THR D 149 25.25 -36.56 -23.11
CA THR D 149 24.19 -35.66 -22.67
C THR D 149 23.84 -35.88 -21.21
N SER D 150 23.90 -37.14 -20.77
CA SER D 150 23.72 -37.44 -19.35
C SER D 150 24.89 -36.91 -18.53
N ALA D 151 26.05 -36.73 -19.15
CA ALA D 151 27.15 -36.09 -18.46
C ALA D 151 26.94 -34.59 -18.49
N ARG D 152 26.20 -34.08 -19.50
CA ARG D 152 25.94 -32.64 -19.57
C ARG D 152 25.07 -32.19 -18.41
N THR D 153 23.94 -32.85 -18.21
CA THR D 153 23.02 -32.47 -17.13
C THR D 153 23.53 -32.74 -15.72
N THR D 154 24.54 -33.59 -15.58
CA THR D 154 25.13 -33.82 -14.27
C THR D 154 26.16 -32.75 -13.97
N ALA D 155 26.80 -32.22 -15.01
CA ALA D 155 27.95 -31.33 -14.86
C ALA D 155 27.57 -29.95 -14.34
N ASN D 156 26.29 -29.63 -14.27
CA ASN D 156 25.87 -28.27 -13.98
C ASN D 156 25.64 -28.02 -12.49
N ALA D 157 26.16 -28.87 -11.61
CA ALA D 157 25.88 -28.75 -10.18
C ALA D 157 27.13 -29.03 -9.35
N LEU D 164 36.78 -27.79 -17.25
CA LEU D 164 36.70 -29.27 -17.41
C LEU D 164 35.57 -29.61 -18.38
N GLN D 165 34.41 -28.95 -18.23
CA GLN D 165 33.24 -29.20 -19.11
C GLN D 165 33.54 -28.63 -20.50
N ALA D 166 34.16 -27.45 -20.56
CA ALA D 166 34.50 -26.82 -21.83
C ALA D 166 35.29 -27.78 -22.70
N THR D 167 36.32 -28.41 -22.12
CA THR D 167 37.04 -29.45 -22.82
C THR D 167 36.10 -30.59 -23.21
N LEU D 168 35.10 -30.87 -22.37
CA LEU D 168 34.20 -31.98 -22.65
C LEU D 168 33.25 -31.69 -23.79
N ASP D 169 32.83 -30.44 -23.95
CA ASP D 169 31.99 -30.08 -25.08
C ASP D 169 32.82 -29.98 -26.36
N MET D 170 34.02 -29.41 -26.26
CA MET D 170 34.94 -29.50 -27.37
C MET D 170 35.16 -30.96 -27.78
N GLN D 171 35.19 -31.87 -26.80
CA GLN D 171 35.17 -33.29 -27.09
C GLN D 171 33.90 -33.68 -27.81
N SER D 172 32.74 -33.48 -27.18
CA SER D 172 31.48 -33.90 -27.76
C SER D 172 31.28 -33.34 -29.18
N GLY D 173 32.12 -32.41 -29.60
CA GLY D 173 32.20 -32.06 -31.01
C GLY D 173 33.28 -32.83 -31.75
N ILE D 174 34.46 -32.94 -31.13
CA ILE D 174 35.56 -33.67 -31.76
C ILE D 174 35.17 -35.13 -31.96
N ILE D 175 34.71 -35.78 -30.90
CA ILE D 175 34.06 -37.09 -30.98
C ILE D 175 33.04 -37.12 -32.12
N HIS D 176 32.14 -36.13 -32.16
CA HIS D 176 31.15 -36.07 -33.23
C HIS D 176 31.80 -35.93 -34.59
N ALA D 177 33.09 -35.65 -34.64
CA ALA D 177 33.88 -35.76 -35.86
C ALA D 177 34.79 -36.99 -35.88
N ALA D 178 34.84 -37.76 -34.78
CA ALA D 178 35.71 -38.91 -34.62
C ALA D 178 34.93 -40.19 -34.43
N GLU D 179 33.98 -40.21 -33.49
CA GLU D 179 32.86 -41.11 -33.61
C GLU D 179 31.88 -40.61 -34.68
N GLU D 180 32.15 -39.42 -35.22
CA GLU D 180 31.69 -38.97 -36.53
C GLU D 180 30.16 -38.87 -36.61
N LYS D 181 29.64 -37.90 -35.87
CA LYS D 181 28.28 -37.44 -36.13
C LYS D 181 28.18 -36.85 -37.54
N ASP D 182 28.84 -35.72 -37.76
CA ASP D 182 28.86 -35.06 -39.07
C ASP D 182 29.77 -33.84 -39.05
N TRP D 183 30.22 -33.39 -40.23
CA TRP D 183 31.04 -32.19 -40.32
C TRP D 183 30.29 -30.97 -39.81
N LYS D 184 29.07 -30.77 -40.28
CA LYS D 184 28.32 -29.58 -39.86
C LYS D 184 27.91 -29.67 -38.40
N THR D 185 27.64 -30.88 -37.90
CA THR D 185 27.33 -31.05 -36.49
C THR D 185 28.55 -30.73 -35.63
N ALA D 186 29.67 -31.40 -35.89
CA ALA D 186 30.90 -31.13 -35.16
C ALA D 186 31.34 -29.68 -35.33
N TYR D 187 30.94 -29.03 -36.42
CA TYR D 187 31.32 -27.64 -36.62
C TYR D 187 30.45 -26.67 -35.85
N SER D 188 29.15 -26.95 -35.74
CA SER D 188 28.32 -26.20 -34.80
C SER D 188 28.84 -26.39 -33.38
N TYR D 189 29.27 -27.62 -33.05
CA TYR D 189 29.96 -27.83 -31.79
C TYR D 189 31.25 -27.03 -31.72
N PHE D 190 31.90 -26.80 -32.86
CA PHE D 190 33.09 -25.98 -32.86
C PHE D 190 32.77 -24.51 -32.64
N TYR D 191 31.57 -24.09 -33.03
CA TYR D 191 31.10 -22.77 -32.61
C TYR D 191 30.89 -22.74 -31.10
N GLU D 192 30.14 -23.71 -30.58
CA GLU D 192 29.91 -23.78 -29.13
C GLU D 192 31.23 -23.84 -28.38
N ALA D 193 32.26 -24.40 -29.02
CA ALA D 193 33.62 -24.30 -28.51
C ALA D 193 34.12 -22.86 -28.61
N PHE D 194 34.04 -22.29 -29.81
CA PHE D 194 34.52 -20.95 -30.14
C PHE D 194 33.90 -19.92 -29.20
N GLU D 195 32.59 -19.73 -29.30
CA GLU D 195 31.92 -18.81 -28.38
C GLU D 195 31.83 -19.36 -26.97
N GLY D 196 32.29 -20.59 -26.74
CA GLY D 196 32.42 -21.13 -25.40
C GLY D 196 33.76 -20.87 -24.77
N TYR D 197 34.72 -20.36 -25.54
CA TYR D 197 36.01 -19.96 -24.98
C TYR D 197 35.90 -18.56 -24.40
N ASP D 198 34.92 -18.35 -23.53
CA ASP D 198 34.74 -17.10 -22.82
C ASP D 198 35.60 -17.10 -21.57
N SER D 199 36.55 -16.16 -21.50
CA SER D 199 37.48 -16.06 -20.36
C SER D 199 38.28 -17.34 -20.20
N ILE D 200 38.90 -17.78 -21.30
CA ILE D 200 39.75 -18.97 -21.29
C ILE D 200 41.19 -18.54 -21.54
N ASP D 201 42.11 -19.12 -20.78
CA ASP D 201 43.54 -18.84 -20.91
C ASP D 201 43.97 -18.86 -22.37
N SER D 202 44.82 -17.92 -22.75
CA SER D 202 45.21 -17.80 -24.15
C SER D 202 45.84 -19.07 -24.70
N PRO D 203 46.88 -19.66 -24.09
CA PRO D 203 47.31 -20.99 -24.52
C PRO D 203 46.21 -22.03 -24.46
N LYS D 204 45.22 -21.87 -23.58
CA LYS D 204 44.05 -22.75 -23.54
C LYS D 204 42.94 -22.29 -24.47
N ALA D 205 43.02 -21.08 -25.00
CA ALA D 205 42.04 -20.56 -25.94
C ALA D 205 42.57 -20.34 -27.34
N ILE D 206 43.85 -19.99 -27.49
CA ILE D 206 44.41 -19.79 -28.83
C ILE D 206 44.66 -21.13 -29.50
N THR D 207 44.94 -22.18 -28.73
CA THR D 207 44.92 -23.53 -29.28
C THR D 207 43.51 -24.12 -29.30
N SER D 208 42.61 -23.56 -28.48
CA SER D 208 41.21 -23.91 -28.58
C SER D 208 40.60 -23.47 -29.91
N LEU D 209 41.23 -22.50 -30.58
CA LEU D 209 40.84 -22.11 -31.92
C LEU D 209 41.74 -22.71 -33.00
N LYS D 210 42.90 -23.26 -32.62
CA LYS D 210 43.83 -23.83 -33.59
C LYS D 210 43.19 -24.99 -34.33
N TYR D 211 42.91 -26.08 -33.62
CA TYR D 211 42.26 -27.23 -34.24
C TYR D 211 40.93 -26.84 -34.87
N MET D 212 40.27 -25.82 -34.31
CA MET D 212 38.97 -25.41 -34.83
C MET D 212 39.10 -24.76 -36.20
N LEU D 213 40.02 -23.80 -36.34
CA LEU D 213 40.19 -23.19 -37.65
C LEU D 213 40.81 -24.17 -38.63
N LEU D 214 41.59 -25.14 -38.13
CA LEU D 214 42.02 -26.24 -38.98
C LEU D 214 40.84 -26.98 -39.57
N CYS D 215 39.96 -27.51 -38.71
CA CYS D 215 38.76 -28.19 -39.18
C CYS D 215 37.83 -27.26 -39.96
N LYS D 216 37.97 -25.95 -39.77
CA LYS D 216 37.15 -25.00 -40.52
C LYS D 216 37.62 -24.91 -41.96
N ILE D 217 38.90 -24.61 -42.16
CA ILE D 217 39.51 -24.73 -43.48
C ILE D 217 39.24 -26.12 -44.06
N MET D 218 39.07 -27.11 -43.19
CA MET D 218 38.83 -28.48 -43.63
C MET D 218 37.42 -28.66 -44.17
N LEU D 219 36.43 -28.05 -43.51
CA LEU D 219 35.04 -28.34 -43.84
C LEU D 219 34.64 -27.85 -45.22
N ASN D 220 35.56 -27.25 -45.96
CA ASN D 220 35.35 -26.79 -47.34
C ASN D 220 34.36 -25.64 -47.37
N THR D 221 33.78 -25.32 -46.21
CA THR D 221 32.78 -24.28 -46.05
C THR D 221 32.67 -23.88 -44.59
N PRO D 222 33.20 -22.72 -44.18
CA PRO D 222 32.89 -22.22 -42.84
C PRO D 222 31.39 -22.14 -42.59
N GLU D 223 30.63 -21.61 -43.55
CA GLU D 223 29.20 -21.85 -43.66
C GLU D 223 28.36 -21.16 -42.58
N ASP D 224 29.02 -20.66 -41.54
CA ASP D 224 28.33 -19.99 -40.42
C ASP D 224 29.04 -18.69 -40.10
N VAL D 225 29.28 -17.88 -41.14
CA VAL D 225 30.22 -16.77 -41.05
C VAL D 225 29.78 -15.75 -40.02
N GLN D 226 28.59 -15.18 -40.19
CA GLN D 226 28.22 -13.94 -39.50
C GLN D 226 28.02 -14.11 -38.00
N ALA D 227 28.30 -15.29 -37.45
CA ALA D 227 28.35 -15.48 -36.01
C ALA D 227 29.63 -16.12 -35.52
N LEU D 228 30.30 -16.92 -36.37
CA LEU D 228 31.57 -17.53 -35.99
C LEU D 228 32.73 -16.59 -36.28
N VAL D 229 32.92 -16.22 -37.55
CA VAL D 229 34.05 -15.35 -37.89
C VAL D 229 33.64 -13.89 -37.96
N SER D 230 32.38 -13.57 -37.65
CA SER D 230 31.99 -12.20 -37.37
C SER D 230 32.02 -11.87 -35.88
N GLY D 231 32.20 -12.89 -35.03
CA GLY D 231 32.48 -12.63 -33.64
C GLY D 231 33.92 -12.20 -33.44
N LYS D 232 34.11 -11.26 -32.51
CA LYS D 232 35.43 -10.66 -32.31
C LYS D 232 36.44 -11.60 -31.69
N LEU D 233 36.06 -12.84 -31.35
CA LEU D 233 37.00 -13.76 -30.71
C LEU D 233 38.16 -14.09 -31.63
N ALA D 234 37.88 -14.40 -32.90
CA ALA D 234 38.94 -14.63 -33.86
C ALA D 234 39.88 -13.43 -33.97
N LEU D 235 39.44 -12.25 -33.53
CA LEU D 235 40.27 -11.06 -33.40
C LEU D 235 40.52 -10.72 -31.94
N ARG D 236 40.57 -11.72 -31.06
CA ARG D 236 40.70 -11.48 -29.63
C ARG D 236 41.76 -12.35 -28.97
N TYR D 237 42.76 -12.81 -29.71
CA TYR D 237 43.85 -13.59 -29.15
C TYR D 237 45.18 -12.91 -29.45
N ALA D 238 46.18 -13.21 -28.62
CA ALA D 238 47.44 -12.47 -28.63
C ALA D 238 48.51 -13.14 -29.49
N GLY D 239 48.86 -14.38 -29.17
CA GLY D 239 50.02 -15.01 -29.79
C GLY D 239 49.88 -15.17 -31.29
N ARG D 240 51.03 -15.25 -31.96
CA ARG D 240 51.06 -15.43 -33.41
C ARG D 240 50.36 -16.70 -33.86
N GLN D 241 50.06 -17.61 -32.94
CA GLN D 241 49.21 -18.75 -33.23
C GLN D 241 47.89 -18.30 -33.88
N THR D 242 47.21 -17.32 -33.26
CA THR D 242 45.96 -16.85 -33.83
C THR D 242 46.18 -16.08 -35.13
N GLU D 243 47.36 -15.49 -35.32
CA GLU D 243 47.57 -14.76 -36.58
C GLU D 243 47.84 -15.72 -37.73
N ALA D 244 48.47 -16.87 -37.45
CA ALA D 244 48.49 -17.94 -38.45
C ALA D 244 47.09 -18.48 -38.68
N LEU D 245 46.30 -18.59 -37.61
CA LEU D 245 44.89 -18.97 -37.78
C LEU D 245 44.13 -17.96 -38.63
N LYS D 246 44.57 -16.71 -38.64
CA LYS D 246 43.92 -15.71 -39.49
C LYS D 246 44.04 -16.09 -40.96
N CYS D 247 45.25 -16.45 -41.40
CA CYS D 247 45.40 -16.89 -42.78
C CYS D 247 44.76 -18.26 -42.99
N VAL D 248 44.68 -19.07 -41.94
CA VAL D 248 43.93 -20.32 -42.02
C VAL D 248 42.48 -20.03 -42.41
N ALA D 249 41.86 -19.08 -41.73
CA ALA D 249 40.48 -18.72 -42.02
C ALA D 249 40.36 -18.02 -43.38
N GLN D 250 41.38 -17.23 -43.74
CA GLN D 250 41.44 -16.65 -45.07
C GLN D 250 41.35 -17.74 -46.14
N ALA D 251 42.16 -18.78 -45.98
CA ALA D 251 42.08 -19.94 -46.87
C ALA D 251 40.69 -20.56 -46.83
N SER D 252 40.19 -20.85 -45.62
CA SER D 252 38.85 -21.41 -45.47
C SER D 252 37.83 -20.66 -46.33
N LYS D 253 37.88 -19.34 -46.29
CA LYS D 253 37.10 -18.56 -47.25
C LYS D 253 37.45 -18.97 -48.68
N ASN D 254 38.71 -18.79 -49.07
CA ASN D 254 39.06 -19.00 -50.46
C ASN D 254 39.17 -20.50 -50.79
N ARG D 255 40.09 -21.20 -50.14
CA ARG D 255 40.36 -22.61 -50.40
C ARG D 255 40.62 -22.86 -51.89
N SER D 256 41.56 -22.10 -52.43
CA SER D 256 41.88 -22.15 -53.85
C SER D 256 42.89 -23.26 -54.11
N LEU D 257 42.59 -24.12 -55.10
CA LEU D 257 43.60 -25.06 -55.58
C LEU D 257 44.86 -24.32 -56.02
N ALA D 258 44.70 -23.10 -56.53
CA ALA D 258 45.84 -22.25 -56.83
C ALA D 258 46.51 -21.70 -55.58
N ASP D 259 45.96 -21.96 -54.40
CA ASP D 259 46.59 -21.55 -53.15
C ASP D 259 46.68 -22.68 -52.13
N PHE D 260 45.75 -23.62 -52.15
CA PHE D 260 45.74 -24.66 -51.14
C PHE D 260 46.81 -25.72 -51.39
N GLU D 261 46.72 -26.42 -52.53
CA GLU D 261 47.63 -27.53 -52.80
C GLU D 261 49.07 -27.07 -52.91
N LYS D 262 49.28 -25.84 -53.40
CA LYS D 262 50.61 -25.24 -53.37
C LYS D 262 51.18 -25.22 -51.95
N ALA D 263 50.32 -25.08 -50.96
CA ALA D 263 50.71 -24.77 -49.59
C ALA D 263 50.79 -26.00 -48.69
N LEU D 264 51.22 -27.15 -49.23
CA LEU D 264 51.49 -28.31 -48.38
C LEU D 264 52.52 -27.97 -47.31
N THR D 265 53.35 -26.96 -47.54
CA THR D 265 54.32 -26.47 -46.57
C THR D 265 53.84 -25.23 -45.83
N ASP D 266 53.19 -24.29 -46.53
CA ASP D 266 52.59 -23.16 -45.84
C ASP D 266 51.47 -23.59 -44.89
N TYR D 267 50.85 -24.75 -45.15
CA TYR D 267 49.92 -25.35 -44.21
C TYR D 267 50.55 -26.51 -43.44
N ARG D 268 51.89 -26.58 -43.39
CA ARG D 268 52.56 -27.70 -42.74
C ARG D 268 52.70 -27.47 -41.25
N ALA D 269 53.16 -26.28 -40.86
CA ALA D 269 52.98 -25.85 -39.48
C ALA D 269 51.51 -25.86 -39.10
N GLU D 270 50.62 -25.75 -40.09
CA GLU D 270 49.19 -25.93 -39.93
C GLU D 270 48.78 -27.38 -40.11
N LEU D 271 49.60 -28.19 -40.79
CA LEU D 271 49.46 -29.64 -40.75
C LEU D 271 50.04 -30.24 -39.48
N ARG D 272 50.64 -29.40 -38.63
CA ARG D 272 51.26 -29.88 -37.40
C ARG D 272 50.24 -30.07 -36.28
N ASP D 273 49.16 -29.29 -36.29
CA ASP D 273 48.14 -29.35 -35.26
C ASP D 273 46.86 -30.04 -35.76
N ASP D 274 46.91 -30.65 -36.95
CA ASP D 274 45.74 -31.23 -37.60
C ASP D 274 45.07 -32.24 -36.68
N PRO D 275 43.80 -32.03 -36.31
CA PRO D 275 43.12 -33.03 -35.45
C PRO D 275 43.05 -34.42 -36.07
N ILE D 276 42.54 -34.54 -37.30
CA ILE D 276 42.51 -35.81 -38.01
C ILE D 276 43.22 -35.62 -39.34
N ILE D 277 44.12 -36.56 -39.66
CA ILE D 277 44.79 -36.56 -40.95
C ILE D 277 44.20 -37.61 -41.88
N SER D 278 43.01 -38.12 -41.57
CA SER D 278 42.32 -39.08 -42.41
C SER D 278 41.25 -38.45 -43.28
N THR D 279 40.82 -37.23 -42.95
CA THR D 279 39.67 -36.63 -43.61
C THR D 279 39.90 -35.21 -44.10
N HIS D 280 40.79 -34.43 -43.46
CA HIS D 280 40.84 -32.99 -43.61
C HIS D 280 41.03 -32.53 -45.06
N LEU D 281 42.23 -32.75 -45.59
CA LEU D 281 42.50 -32.41 -46.98
C LEU D 281 42.15 -33.58 -47.90
N ALA D 282 41.96 -34.76 -47.32
CA ALA D 282 41.50 -35.91 -48.09
C ALA D 282 40.17 -35.59 -48.78
N LYS D 283 39.17 -35.16 -48.03
CA LYS D 283 37.89 -34.83 -48.64
C LYS D 283 38.01 -33.64 -49.59
N LEU D 284 38.88 -32.68 -49.27
CA LEU D 284 39.11 -31.57 -50.19
C LEU D 284 39.52 -32.09 -51.56
N TYR D 285 40.58 -32.88 -51.62
CA TYR D 285 41.04 -33.38 -52.91
C TYR D 285 40.06 -34.40 -53.49
N ASP D 286 39.28 -35.08 -52.65
CA ASP D 286 38.21 -35.94 -53.16
C ASP D 286 37.24 -35.12 -53.99
N ASN D 287 36.65 -34.09 -53.39
CA ASN D 287 35.81 -33.17 -54.13
C ASN D 287 36.53 -32.61 -55.35
N LEU D 288 37.80 -32.22 -55.17
CA LEU D 288 38.57 -31.63 -56.26
C LEU D 288 38.71 -32.61 -57.43
N LEU D 289 38.66 -33.90 -57.17
CA LEU D 289 38.71 -34.88 -58.24
C LEU D 289 37.60 -34.62 -59.25
N GLU D 290 36.35 -34.73 -58.80
CA GLU D 290 35.22 -34.44 -59.68
C GLU D 290 35.17 -32.97 -60.08
N GLN D 291 35.79 -32.11 -59.26
CA GLN D 291 35.87 -30.65 -59.55
C GLN D 291 36.81 -30.47 -60.74
N ASN D 292 37.78 -31.38 -60.87
CA ASN D 292 38.74 -31.39 -62.00
C ASN D 292 38.19 -32.31 -63.10
N LEU D 293 37.19 -33.14 -62.75
CA LEU D 293 36.53 -34.06 -63.70
C LEU D 293 35.46 -33.30 -64.47
N ILE D 294 35.07 -32.12 -63.96
CA ILE D 294 34.05 -31.26 -64.64
C ILE D 294 34.79 -30.11 -65.34
N ARG D 295 36.00 -30.40 -65.84
CA ARG D 295 36.86 -29.44 -66.57
C ARG D 295 37.48 -30.18 -67.76
N VAL D 296 37.65 -31.50 -67.61
CA VAL D 296 38.20 -32.37 -68.69
C VAL D 296 37.02 -33.02 -69.42
N ILE D 297 35.88 -33.14 -68.72
CA ILE D 297 34.63 -33.70 -69.30
C ILE D 297 33.63 -32.57 -69.51
N GLU D 298 33.99 -31.35 -69.07
CA GLU D 298 33.11 -30.17 -69.23
C GLU D 298 33.02 -29.81 -70.72
N PRO D 299 34.14 -29.83 -71.48
CA PRO D 299 34.12 -29.50 -72.91
C PRO D 299 33.19 -30.39 -73.75
N PHE D 300 33.33 -31.72 -73.64
CA PHE D 300 32.48 -32.64 -74.45
C PHE D 300 32.24 -33.96 -73.70
N SER D 301 31.24 -34.71 -74.17
CA SER D 301 30.85 -35.99 -73.61
C SER D 301 31.95 -37.02 -73.81
N ARG D 302 32.32 -37.25 -75.08
CA ARG D 302 33.32 -38.28 -75.47
C ARG D 302 34.72 -37.67 -75.48
N VAL D 303 35.70 -38.44 -75.05
CA VAL D 303 37.09 -37.98 -74.98
C VAL D 303 38.04 -39.15 -74.80
N GLN D 304 39.26 -39.01 -75.32
CA GLN D 304 40.34 -39.92 -74.97
C GLN D 304 40.59 -39.87 -73.48
N ILE D 305 40.73 -41.04 -72.85
CA ILE D 305 40.91 -41.09 -71.40
C ILE D 305 42.32 -40.67 -71.02
N GLU D 306 43.15 -40.40 -72.03
CA GLU D 306 44.54 -40.04 -71.77
C GLU D 306 44.70 -38.52 -71.64
N HIS D 307 44.36 -37.78 -72.69
CA HIS D 307 44.53 -36.33 -72.63
C HIS D 307 43.48 -35.69 -71.76
N ILE D 308 42.31 -36.33 -71.60
CA ILE D 308 41.36 -35.88 -70.59
C ILE D 308 42.01 -35.91 -69.21
N SER D 309 42.94 -36.84 -69.00
CA SER D 309 43.64 -37.00 -67.75
C SER D 309 45.09 -36.54 -67.83
N SER D 310 45.54 -36.08 -68.99
CA SER D 310 46.76 -35.29 -69.04
C SER D 310 46.61 -34.00 -68.24
N LEU D 311 45.39 -33.47 -68.14
CA LEU D 311 45.15 -32.35 -67.24
C LEU D 311 45.31 -32.77 -65.80
N ILE D 312 44.71 -33.89 -65.41
CA ILE D 312 45.00 -34.47 -64.10
C ILE D 312 46.38 -35.13 -64.10
N LYS D 313 47.05 -35.17 -65.25
CA LYS D 313 48.46 -35.51 -65.37
C LYS D 313 48.70 -37.00 -65.16
N LEU D 314 47.66 -37.74 -64.80
CA LEU D 314 47.73 -39.19 -64.71
C LEU D 314 46.64 -39.76 -65.60
N SER D 315 47.04 -40.34 -66.73
CA SER D 315 46.08 -40.82 -67.70
C SER D 315 45.38 -42.11 -67.28
N LYS D 316 46.06 -42.95 -66.48
CA LYS D 316 45.46 -44.18 -66.02
C LYS D 316 45.75 -44.52 -64.56
N ALA D 317 46.51 -43.70 -63.83
CA ALA D 317 46.93 -44.06 -62.48
C ALA D 317 45.71 -44.32 -61.58
N ASP D 318 44.96 -43.27 -61.29
CA ASP D 318 43.78 -43.39 -60.44
C ASP D 318 42.52 -42.84 -61.07
N VAL D 319 42.63 -42.02 -62.13
CA VAL D 319 41.47 -41.52 -62.86
C VAL D 319 40.52 -42.66 -63.20
N GLU D 320 41.07 -43.83 -63.55
CA GLU D 320 40.24 -44.92 -64.03
C GLU D 320 39.22 -45.35 -62.98
N ARG D 321 39.70 -45.88 -61.85
CA ARG D 321 38.78 -46.40 -60.85
C ARG D 321 38.01 -45.28 -60.16
N LYS D 322 38.60 -44.10 -60.04
CA LYS D 322 37.87 -42.96 -59.49
C LYS D 322 36.63 -42.66 -60.32
N LEU D 323 36.83 -42.40 -61.62
CA LEU D 323 35.71 -42.09 -62.50
C LEU D 323 34.73 -43.25 -62.58
N SER D 324 35.24 -44.49 -62.54
CA SER D 324 34.37 -45.65 -62.47
C SER D 324 33.44 -45.55 -61.27
N GLN D 325 34.02 -45.44 -60.07
CA GLN D 325 33.26 -45.23 -58.86
C GLN D 325 32.21 -44.14 -59.04
N MET D 326 32.61 -43.01 -59.63
CA MET D 326 31.66 -41.95 -59.91
C MET D 326 30.49 -42.45 -60.75
N ILE D 327 30.79 -43.25 -61.78
CA ILE D 327 29.74 -43.82 -62.61
C ILE D 327 28.82 -44.71 -61.78
N LEU D 328 29.39 -45.45 -60.84
CA LEU D 328 28.63 -46.42 -60.05
C LEU D 328 27.52 -45.76 -59.24
N ASP D 329 27.65 -44.47 -58.94
CA ASP D 329 26.70 -43.75 -58.11
C ASP D 329 25.96 -42.67 -58.89
N LYS D 330 25.85 -42.83 -60.21
CA LYS D 330 25.23 -41.88 -61.12
C LYS D 330 25.92 -40.51 -61.12
N LYS D 331 27.08 -40.39 -60.47
CA LYS D 331 27.84 -39.16 -60.62
C LYS D 331 28.30 -38.98 -62.06
N PHE D 332 28.55 -40.07 -62.78
CA PHE D 332 28.91 -40.00 -64.18
C PHE D 332 28.14 -41.06 -64.94
N HIS D 333 27.81 -40.77 -66.19
CA HIS D 333 26.97 -41.63 -67.01
C HIS D 333 27.57 -41.73 -68.41
N GLY D 334 28.23 -42.85 -68.69
CA GLY D 334 28.94 -43.02 -69.93
C GLY D 334 29.95 -44.14 -69.80
N ILE D 335 30.72 -44.33 -70.87
CA ILE D 335 31.65 -45.44 -70.96
C ILE D 335 33.05 -44.89 -71.16
N LEU D 336 34.00 -45.39 -70.38
CA LEU D 336 35.41 -45.05 -70.48
C LEU D 336 36.08 -46.05 -71.42
N ASP D 337 37.41 -46.06 -71.45
CA ASP D 337 38.10 -47.02 -72.30
C ASP D 337 39.54 -47.16 -71.87
N GLN D 338 40.04 -48.39 -71.97
CA GLN D 338 41.47 -48.66 -71.97
C GLN D 338 41.94 -49.40 -73.21
N GLY D 339 41.11 -50.28 -73.78
CA GLY D 339 41.45 -50.87 -75.06
C GLY D 339 41.55 -49.85 -76.17
N GLU D 340 40.85 -48.72 -76.04
CA GLU D 340 41.02 -47.59 -76.93
C GLU D 340 41.38 -46.30 -76.21
N GLY D 341 41.33 -46.29 -74.87
CA GLY D 341 41.69 -45.11 -74.11
C GLY D 341 40.80 -43.92 -74.38
N VAL D 342 39.57 -44.15 -74.83
CA VAL D 342 38.67 -43.09 -75.25
C VAL D 342 37.35 -43.23 -74.52
N LEU D 343 37.07 -42.30 -73.61
CA LEU D 343 35.83 -42.30 -72.85
C LEU D 343 34.72 -41.62 -73.65
N ILE D 344 33.48 -42.09 -73.45
CA ILE D 344 32.30 -41.51 -74.08
C ILE D 344 31.19 -41.42 -73.05
N ILE D 345 30.52 -40.27 -73.00
CA ILE D 345 29.47 -40.01 -72.02
C ILE D 345 28.12 -40.16 -72.70
N PHE D 346 27.14 -40.68 -71.95
CA PHE D 346 25.79 -40.87 -72.48
C PHE D 346 24.86 -41.19 -71.33
N ASP D 347 23.66 -40.61 -71.38
CA ASP D 347 22.54 -41.05 -70.56
C ASP D 347 21.28 -40.39 -71.09
N GLU D 348 20.27 -41.19 -71.38
CA GLU D 348 18.94 -40.70 -71.75
C GLU D 348 17.90 -41.64 -71.16
N PRO D 349 17.75 -41.62 -69.83
CA PRO D 349 16.87 -42.58 -69.15
C PRO D 349 15.40 -42.39 -69.50
N PRO D 350 14.83 -41.18 -69.36
CA PRO D 350 13.40 -41.09 -69.03
C PRO D 350 12.52 -41.61 -70.15
N VAL D 351 11.72 -42.63 -69.83
CA VAL D 351 10.68 -43.15 -70.72
C VAL D 351 9.42 -43.29 -69.88
N ASP D 352 8.58 -42.25 -69.87
CA ASP D 352 7.36 -42.31 -69.09
C ASP D 352 6.40 -43.34 -69.67
N LYS D 353 6.42 -43.54 -70.99
CA LYS D 353 5.57 -44.54 -71.61
C LYS D 353 5.83 -45.92 -71.01
N THR D 354 7.05 -46.43 -71.19
CA THR D 354 7.34 -47.79 -70.76
C THR D 354 7.18 -47.92 -69.25
N TYR D 355 7.94 -47.14 -68.47
CA TYR D 355 7.87 -47.24 -67.02
C TYR D 355 6.43 -47.14 -66.55
N GLU D 356 5.79 -46.01 -66.87
CA GLU D 356 4.45 -45.71 -66.39
C GLU D 356 3.47 -46.80 -66.78
N ALA D 357 3.27 -47.00 -68.09
CA ALA D 357 2.28 -47.96 -68.55
C ALA D 357 2.58 -49.37 -68.06
N ALA D 358 3.84 -49.81 -68.16
CA ALA D 358 4.18 -51.17 -67.77
C ALA D 358 3.91 -51.41 -66.29
N LEU D 359 4.30 -50.46 -65.44
CA LEU D 359 4.05 -50.64 -64.01
C LEU D 359 2.56 -50.62 -63.71
N GLU D 360 1.81 -49.74 -64.38
CA GLU D 360 0.37 -49.73 -64.22
C GLU D 360 -0.23 -51.06 -64.63
N THR D 361 0.28 -51.65 -65.70
CA THR D 361 -0.20 -52.97 -66.11
C THR D 361 0.16 -54.03 -65.10
N ILE D 362 1.35 -53.93 -64.50
CA ILE D 362 1.73 -54.86 -63.43
C ILE D 362 0.71 -54.80 -62.30
N GLN D 363 0.37 -53.59 -61.88
CA GLN D 363 -0.66 -53.42 -60.87
C GLN D 363 -1.99 -53.99 -61.35
N ASN D 364 -2.31 -53.81 -62.63
CA ASN D 364 -3.52 -54.40 -63.19
C ASN D 364 -3.49 -55.91 -63.07
N MET D 365 -2.33 -56.52 -63.31
CA MET D 365 -2.19 -57.96 -63.17
C MET D 365 -2.47 -58.38 -61.73
N SER D 366 -1.91 -57.63 -60.77
CA SER D 366 -2.22 -57.91 -59.37
C SER D 366 -3.71 -57.80 -59.10
N LYS D 367 -4.37 -56.78 -59.65
CA LYS D 367 -5.80 -56.60 -59.44
C LYS D 367 -6.59 -57.74 -60.04
N VAL D 368 -6.18 -58.23 -61.21
CA VAL D 368 -6.85 -59.36 -61.82
C VAL D 368 -6.65 -60.60 -60.97
N VAL D 369 -5.46 -60.78 -60.42
CA VAL D 369 -5.21 -61.87 -59.49
C VAL D 369 -6.20 -61.79 -58.33
N ASP D 370 -6.40 -60.58 -57.81
CA ASP D 370 -7.41 -60.37 -56.77
C ASP D 370 -8.78 -60.84 -57.24
N SER D 371 -9.23 -60.31 -58.38
CA SER D 371 -10.55 -60.63 -58.91
C SER D 371 -10.73 -62.12 -59.17
N LEU D 372 -9.63 -62.83 -59.44
CA LEU D 372 -9.70 -64.28 -59.66
C LEU D 372 -10.42 -64.99 -58.53
N TYR D 373 -10.24 -64.51 -57.30
CA TYR D 373 -10.84 -65.18 -56.16
C TYR D 373 -12.30 -64.82 -56.00
N ASN D 374 -12.69 -63.57 -56.28
CA ASN D 374 -14.10 -63.27 -56.42
C ASN D 374 -14.76 -64.19 -57.42
N LYS D 375 -14.08 -64.42 -58.55
CA LYS D 375 -14.62 -65.31 -59.58
C LYS D 375 -14.76 -66.73 -59.05
N ALA D 376 -13.67 -67.30 -58.54
CA ALA D 376 -13.69 -68.66 -58.04
C ALA D 376 -14.69 -68.84 -56.90
N LYS D 377 -15.00 -67.75 -56.18
CA LYS D 377 -15.98 -67.83 -55.11
C LYS D 377 -17.40 -67.84 -55.66
N LYS D 378 -17.76 -66.82 -56.44
CA LYS D 378 -19.11 -66.75 -56.99
C LYS D 378 -19.42 -67.96 -57.85
N LEU D 379 -18.40 -68.56 -58.45
CA LEU D 379 -18.57 -69.84 -59.12
C LEU D 379 -18.97 -70.93 -58.12
N THR D 380 -18.11 -71.17 -57.14
CA THR D 380 -18.37 -72.22 -56.15
C THR D 380 -17.65 -71.92 -54.83
N PRO E 1 16.79 -65.27 -20.94
CA PRO E 1 18.21 -65.54 -20.71
C PRO E 1 18.78 -66.49 -21.76
N LYS E 2 18.56 -66.17 -23.02
CA LYS E 2 18.93 -67.07 -24.10
C LYS E 2 20.33 -66.84 -24.64
N ASN E 3 20.99 -65.75 -24.26
CA ASN E 3 22.36 -65.52 -24.68
C ASN E 3 23.28 -66.67 -24.31
N PRO E 4 23.36 -67.12 -23.05
CA PRO E 4 24.17 -68.33 -22.78
C PRO E 4 23.57 -69.56 -23.43
N ASP E 5 22.25 -69.62 -23.54
CA ASP E 5 21.65 -70.73 -24.27
C ASP E 5 21.80 -70.58 -25.77
N LEU E 6 22.01 -69.37 -26.28
CA LEU E 6 22.46 -69.22 -27.66
C LEU E 6 23.88 -69.75 -27.83
N ARG E 7 24.73 -69.53 -26.82
CA ARG E 7 26.05 -70.17 -26.86
C ARG E 7 25.93 -71.68 -26.79
N ILE E 8 24.92 -72.20 -26.08
CA ILE E 8 24.68 -73.63 -26.06
C ILE E 8 24.18 -74.11 -27.42
N ALA E 9 23.41 -73.27 -28.12
CA ALA E 9 23.02 -73.58 -29.49
C ALA E 9 24.25 -73.66 -30.39
N GLN E 10 25.19 -72.74 -30.21
CA GLN E 10 26.45 -72.80 -30.94
C GLN E 10 27.23 -74.04 -30.55
N LEU E 11 27.10 -74.48 -29.29
CA LEU E 11 27.66 -75.76 -28.88
C LEU E 11 27.06 -76.90 -29.68
N ARG E 12 25.75 -76.87 -29.88
CA ARG E 12 25.09 -77.91 -30.67
C ARG E 12 25.52 -77.86 -32.12
N PHE E 13 25.76 -76.65 -32.64
CA PHE E 13 26.23 -76.54 -34.02
C PHE E 13 27.66 -77.05 -34.15
N LEU E 14 28.51 -76.76 -33.17
CA LEU E 14 29.85 -77.34 -33.13
C LEU E 14 29.77 -78.86 -33.06
N LEU E 15 28.78 -79.37 -32.34
CA LEU E 15 28.50 -80.81 -32.36
C LEU E 15 28.03 -81.25 -33.74
N SER E 16 27.39 -80.36 -34.50
CA SER E 16 26.76 -80.72 -35.77
C SER E 16 27.69 -80.51 -36.96
N LEU E 17 28.15 -79.27 -37.15
CA LEU E 17 28.90 -78.96 -38.36
C LEU E 17 30.32 -79.51 -38.31
N PRO E 18 31.17 -79.12 -37.34
CA PRO E 18 32.52 -79.71 -37.31
C PRO E 18 32.56 -81.02 -36.53
N GLU E 19 32.85 -82.10 -37.24
CA GLU E 19 33.11 -83.39 -36.61
C GLU E 19 34.61 -83.66 -36.47
N HIS E 20 35.39 -82.60 -36.26
CA HIS E 20 36.83 -82.74 -36.21
C HIS E 20 37.27 -83.35 -34.88
N ARG E 21 36.98 -82.68 -33.78
CA ARG E 21 37.27 -83.18 -32.43
C ARG E 21 35.93 -83.29 -31.69
N GLY E 22 35.28 -84.45 -31.83
CA GLY E 22 34.01 -84.67 -31.17
C GLY E 22 34.07 -84.59 -29.66
N ASP E 23 35.26 -84.67 -29.07
CA ASP E 23 35.41 -84.47 -27.64
C ASP E 23 35.21 -83.02 -27.24
N ALA E 24 35.55 -82.07 -28.12
CA ALA E 24 35.30 -80.66 -27.83
C ALA E 24 33.80 -80.41 -27.63
N ALA E 25 32.96 -81.01 -28.47
CA ALA E 25 31.53 -80.97 -28.21
C ALA E 25 31.20 -81.67 -26.90
N VAL E 26 31.80 -82.84 -26.67
CA VAL E 26 31.68 -83.49 -25.37
C VAL E 26 32.26 -82.59 -24.28
N ARG E 27 33.35 -81.89 -24.57
CA ARG E 27 33.97 -81.00 -23.59
C ARG E 27 32.97 -79.95 -23.10
N ASP E 28 32.49 -79.10 -24.01
CA ASP E 28 31.63 -78.01 -23.57
C ASP E 28 30.24 -78.47 -23.17
N GLU E 29 29.78 -79.63 -23.67
CA GLU E 29 28.51 -80.17 -23.18
C GLU E 29 28.65 -80.63 -21.72
N LEU E 30 29.76 -81.30 -21.38
CA LEU E 30 29.98 -81.67 -19.99
C LEU E 30 30.22 -80.43 -19.13
N MET E 31 30.86 -79.41 -19.70
CA MET E 31 31.08 -78.17 -18.95
C MET E 31 29.77 -77.45 -18.67
N ALA E 32 28.83 -77.50 -19.61
CA ALA E 32 27.51 -76.93 -19.38
C ALA E 32 26.61 -77.83 -18.54
N ALA E 33 26.98 -79.11 -18.38
CA ALA E 33 26.18 -80.01 -17.57
C ALA E 33 26.65 -80.07 -16.11
N VAL E 34 27.93 -79.87 -15.83
CA VAL E 34 28.42 -79.98 -14.46
C VAL E 34 27.83 -78.89 -13.57
N ARG E 35 27.36 -77.79 -14.14
CA ARG E 35 26.59 -76.79 -13.41
C ARG E 35 25.41 -76.37 -14.27
N ASP E 36 24.58 -75.49 -13.72
CA ASP E 36 23.34 -75.03 -14.34
C ASP E 36 22.35 -76.15 -14.62
N ASN E 37 22.64 -77.36 -14.13
CA ASN E 37 21.78 -78.54 -14.24
C ASN E 37 21.50 -78.93 -15.68
N ASN E 38 22.20 -78.35 -16.65
CA ASN E 38 21.85 -78.52 -18.06
C ASN E 38 22.22 -79.95 -18.49
N MET E 39 21.24 -80.85 -18.39
CA MET E 39 21.42 -82.23 -18.82
C MET E 39 21.13 -82.43 -20.30
N ALA E 40 20.20 -81.66 -20.86
CA ALA E 40 19.97 -81.70 -22.30
C ALA E 40 21.26 -81.57 -23.11
N PRO E 41 22.21 -80.69 -22.78
CA PRO E 41 23.53 -80.79 -23.41
C PRO E 41 24.12 -82.18 -23.31
N TYR E 42 23.90 -82.87 -22.19
CA TYR E 42 24.59 -84.13 -21.98
C TYR E 42 23.98 -85.25 -22.82
N TYR E 43 22.64 -85.32 -22.93
CA TYR E 43 22.07 -86.26 -23.89
C TYR E 43 22.45 -85.89 -25.32
N GLU E 44 22.50 -84.59 -25.62
CA GLU E 44 22.83 -84.15 -26.97
C GLU E 44 24.23 -84.60 -27.37
N ALA E 45 25.19 -84.48 -26.45
CA ALA E 45 26.54 -84.97 -26.73
C ALA E 45 26.57 -86.50 -26.78
N LEU E 46 25.82 -87.16 -25.89
CA LEU E 46 25.73 -88.61 -25.91
C LEU E 46 25.29 -89.11 -27.29
N CYS E 47 24.39 -88.39 -27.94
CA CYS E 47 23.87 -88.86 -29.23
C CYS E 47 24.88 -88.65 -30.35
N LYS E 48 25.23 -87.40 -30.63
CA LYS E 48 26.03 -87.05 -31.80
C LYS E 48 27.53 -87.07 -31.53
N SER E 49 27.97 -86.43 -30.45
CA SER E 49 29.38 -86.41 -30.09
C SER E 49 29.75 -87.77 -29.49
N LEU E 50 30.88 -87.82 -28.77
CA LEU E 50 31.24 -89.02 -28.05
C LEU E 50 30.08 -89.48 -27.18
N ASP E 51 30.10 -90.76 -26.81
CA ASP E 51 28.97 -91.35 -26.12
C ASP E 51 29.13 -91.16 -24.61
N TRP E 52 29.70 -90.00 -24.24
CA TRP E 52 30.01 -89.66 -22.85
C TRP E 52 31.04 -90.62 -22.25
N GLN E 53 32.26 -90.42 -22.74
CA GLN E 53 33.46 -91.12 -22.29
C GLN E 53 33.45 -91.39 -20.79
N ILE E 54 33.31 -90.34 -19.96
CA ILE E 54 32.97 -90.50 -18.55
C ILE E 54 31.85 -89.51 -18.25
N ASP E 55 30.60 -89.93 -18.48
CA ASP E 55 29.47 -89.24 -17.90
C ASP E 55 28.30 -90.17 -17.59
N VAL E 56 28.56 -91.45 -17.35
CA VAL E 56 27.48 -92.41 -17.07
C VAL E 56 26.71 -91.98 -15.82
N ASP E 57 27.43 -91.76 -14.73
CA ASP E 57 26.80 -91.35 -13.48
C ASP E 57 27.17 -89.93 -13.06
N LEU E 58 28.29 -89.41 -13.54
CA LEU E 58 28.70 -88.04 -13.21
C LEU E 58 27.69 -87.02 -13.70
N LEU E 59 26.92 -87.34 -14.74
CA LEU E 59 25.81 -86.50 -15.16
C LEU E 59 24.45 -87.14 -14.90
N ASN E 60 24.40 -88.43 -14.60
CA ASN E 60 23.15 -89.01 -14.13
C ASN E 60 22.77 -88.50 -12.74
N LYS E 61 23.78 -88.14 -11.93
CA LYS E 61 23.47 -87.51 -10.65
C LYS E 61 22.79 -86.17 -10.84
N MET E 62 23.30 -85.35 -11.77
CA MET E 62 22.66 -84.07 -12.03
C MET E 62 21.38 -84.26 -12.84
N LYS E 63 21.24 -85.38 -13.55
CA LYS E 63 19.96 -85.71 -14.15
C LYS E 63 18.93 -86.02 -13.08
N LYS E 64 19.34 -86.69 -12.00
CA LYS E 64 18.45 -86.88 -10.86
C LYS E 64 18.15 -85.57 -10.15
N ALA E 65 19.12 -84.67 -10.12
CA ALA E 65 18.86 -83.31 -9.63
C ALA E 65 17.79 -82.62 -10.47
N ASN E 66 17.91 -82.72 -11.79
CA ASN E 66 16.90 -82.19 -12.69
C ASN E 66 15.56 -82.90 -12.53
N GLU E 67 15.60 -84.19 -12.19
CA GLU E 67 14.38 -84.95 -11.94
C GLU E 67 13.65 -84.44 -10.71
N ASP E 68 14.38 -84.26 -9.61
CA ASP E 68 13.80 -83.67 -8.40
C ASP E 68 13.32 -82.25 -8.68
N GLU E 69 14.08 -81.50 -9.49
CA GLU E 69 13.70 -80.15 -9.86
C GLU E 69 12.37 -80.13 -10.62
N LEU E 70 12.23 -80.99 -11.62
CA LEU E 70 11.00 -81.04 -12.39
C LEU E 70 9.84 -81.55 -11.54
N LYS E 71 10.09 -82.51 -10.66
CA LYS E 71 9.01 -83.03 -9.83
C LYS E 71 8.54 -81.98 -8.82
N ARG E 72 9.46 -81.18 -8.28
CA ARG E 72 9.03 -80.13 -7.36
C ARG E 72 8.41 -78.96 -8.12
N LEU E 73 8.82 -78.74 -9.38
CA LEU E 73 8.11 -77.78 -10.23
C LEU E 73 6.67 -78.21 -10.43
N ASP E 74 6.47 -79.48 -10.78
CA ASP E 74 5.11 -79.97 -11.02
C ASP E 74 4.32 -80.13 -9.73
N GLU E 75 5.01 -80.19 -8.58
CA GLU E 75 4.31 -80.20 -7.30
C GLU E 75 3.89 -78.79 -6.89
N GLU E 76 4.79 -77.82 -7.00
CA GLU E 76 4.40 -76.42 -6.82
C GLU E 76 3.37 -76.00 -7.84
N LEU E 77 3.26 -76.72 -8.96
CA LEU E 77 2.14 -76.51 -9.88
C LEU E 77 0.81 -76.57 -9.15
N GLU E 78 0.62 -77.59 -8.30
CA GLU E 78 -0.62 -77.68 -7.53
C GLU E 78 -0.55 -76.92 -6.23
N ASP E 79 0.65 -76.76 -5.66
CA ASP E 79 0.78 -76.03 -4.40
C ASP E 79 0.47 -74.55 -4.58
N ALA E 80 0.73 -74.00 -5.77
CA ALA E 80 0.49 -72.60 -6.07
C ALA E 80 -0.86 -72.34 -6.68
N GLU E 81 -1.34 -73.22 -7.57
CA GLU E 81 -2.71 -73.11 -8.04
C GLU E 81 -3.71 -73.49 -6.96
N LYS E 82 -3.24 -74.11 -5.88
CA LYS E 82 -4.02 -74.12 -4.64
C LYS E 82 -4.40 -72.70 -4.26
N ASN E 83 -3.44 -71.79 -4.28
CA ASN E 83 -3.71 -70.37 -4.18
C ASN E 83 -4.16 -69.82 -5.53
N LEU E 84 -4.61 -68.58 -5.53
CA LEU E 84 -5.04 -67.93 -6.76
C LEU E 84 -3.84 -67.29 -7.44
N GLY E 85 -3.67 -67.58 -8.73
CA GLY E 85 -2.64 -66.93 -9.53
C GLY E 85 -3.17 -66.60 -10.90
N GLU E 86 -3.02 -65.35 -11.34
CA GLU E 86 -3.59 -64.92 -12.61
C GLU E 86 -2.81 -65.55 -13.76
N SER E 87 -3.04 -66.84 -13.99
CA SER E 87 -2.24 -67.67 -14.89
C SER E 87 -0.76 -67.66 -14.51
N GLU E 88 -0.44 -67.18 -13.31
CA GLU E 88 0.95 -67.05 -12.88
C GLU E 88 1.49 -68.37 -12.33
N ILE E 89 0.62 -69.25 -11.83
CA ILE E 89 1.05 -70.61 -11.54
C ILE E 89 1.60 -71.25 -12.80
N ARG E 90 0.77 -71.30 -13.84
CA ARG E 90 1.18 -71.88 -15.11
C ARG E 90 2.30 -71.06 -15.75
N ASP E 91 2.34 -69.76 -15.50
CA ASP E 91 3.45 -68.93 -16.00
C ASP E 91 4.77 -69.34 -15.36
N ALA E 92 4.79 -69.47 -14.04
CA ALA E 92 5.99 -69.91 -13.36
C ALA E 92 6.40 -71.31 -13.82
N MET E 93 5.43 -72.21 -13.98
CA MET E 93 5.79 -73.57 -14.38
C MET E 93 6.32 -73.60 -15.81
N MET E 94 5.77 -72.78 -16.71
CA MET E 94 6.29 -72.75 -18.07
C MET E 94 7.67 -72.11 -18.12
N ALA E 95 7.90 -71.07 -17.33
CA ALA E 95 9.23 -70.44 -17.32
C ALA E 95 10.28 -71.42 -16.79
N LYS E 96 10.03 -71.99 -15.61
CA LYS E 96 10.99 -72.92 -15.03
C LYS E 96 11.08 -74.22 -15.83
N ALA E 97 10.05 -74.56 -16.62
CA ALA E 97 10.12 -75.78 -17.41
C ALA E 97 10.77 -75.53 -18.77
N GLU E 98 10.77 -74.30 -19.26
CA GLU E 98 11.67 -73.96 -20.37
C GLU E 98 13.11 -73.93 -19.88
N ILE E 103 16.52 -77.58 -19.57
CA ILE E 103 17.47 -77.98 -18.49
C ILE E 103 17.80 -79.47 -18.64
N GLY E 104 16.79 -80.33 -18.45
CA GLY E 104 16.99 -81.79 -18.57
C GLY E 104 16.59 -82.30 -19.94
N ASP E 105 15.66 -83.25 -20.00
CA ASP E 105 15.19 -83.80 -21.27
C ASP E 105 14.00 -83.00 -21.77
N LYS E 106 13.38 -83.47 -22.85
CA LYS E 106 12.19 -82.85 -23.40
C LYS E 106 11.00 -82.96 -22.44
N GLU E 107 11.20 -83.63 -21.31
CA GLU E 107 10.20 -83.59 -20.24
C GLU E 107 9.94 -82.14 -19.80
N GLY E 108 11.01 -81.36 -19.64
CA GLY E 108 10.84 -79.96 -19.28
C GLY E 108 10.10 -79.17 -20.34
N ALA E 109 10.36 -79.47 -21.61
CA ALA E 109 9.65 -78.79 -22.69
C ALA E 109 8.16 -79.16 -22.68
N LEU E 110 7.86 -80.45 -22.51
CA LEU E 110 6.46 -80.87 -22.53
C LEU E 110 5.69 -80.46 -21.29
N THR E 111 6.39 -80.16 -20.19
CA THR E 111 5.74 -79.51 -19.05
C THR E 111 5.92 -78.01 -19.08
N ALA E 112 6.54 -77.47 -20.13
CA ALA E 112 6.68 -76.03 -20.32
C ALA E 112 5.58 -75.47 -21.22
N PHE E 113 5.49 -75.96 -22.45
CA PHE E 113 4.58 -75.40 -23.43
C PHE E 113 3.18 -76.01 -23.35
N ARG E 114 3.03 -77.17 -22.71
CA ARG E 114 1.71 -77.70 -22.43
C ARG E 114 1.05 -77.03 -21.23
N LYS E 115 1.70 -76.05 -20.61
CA LYS E 115 1.16 -75.37 -19.45
C LYS E 115 1.22 -73.86 -19.56
N THR E 116 1.51 -73.32 -20.74
CA THR E 116 1.47 -71.87 -20.92
C THR E 116 0.48 -71.46 -22.01
N TYR E 117 0.57 -72.11 -23.17
CA TYR E 117 -0.27 -71.75 -24.31
C TYR E 117 -1.74 -71.90 -24.01
N ASP E 118 -2.10 -72.73 -23.03
CA ASP E 118 -3.49 -72.91 -22.64
C ASP E 118 -4.03 -71.73 -21.84
N LYS E 119 -3.18 -71.13 -20.99
CA LYS E 119 -3.58 -69.98 -20.20
C LYS E 119 -2.61 -68.81 -20.35
N THR E 120 -1.97 -68.68 -21.51
CA THR E 120 -1.28 -67.45 -21.86
C THR E 120 -2.29 -66.31 -21.88
N VAL E 121 -2.17 -65.36 -20.95
CA VAL E 121 -3.22 -64.37 -20.71
C VAL E 121 -2.86 -63.01 -21.28
N ALA E 122 -1.73 -62.43 -20.87
CA ALA E 122 -1.38 -61.08 -21.28
C ALA E 122 -0.15 -61.09 -22.18
N LEU E 123 0.33 -59.90 -22.56
CA LEU E 123 1.42 -59.81 -23.52
C LEU E 123 2.67 -60.53 -23.00
N GLY E 124 2.97 -60.39 -21.72
CA GLY E 124 4.18 -61.01 -21.18
C GLY E 124 4.08 -62.53 -21.14
N HIS E 125 2.91 -63.06 -20.76
CA HIS E 125 2.67 -64.50 -20.78
C HIS E 125 3.08 -65.12 -22.10
N ARG E 126 2.94 -64.38 -23.19
CA ARG E 126 3.42 -64.82 -24.48
C ARG E 126 4.69 -64.12 -24.92
N LEU E 127 4.99 -62.94 -24.39
CA LEU E 127 6.28 -62.31 -24.67
C LEU E 127 7.42 -63.27 -24.36
N ASP E 128 7.51 -63.69 -23.09
CA ASP E 128 8.56 -64.63 -22.72
C ASP E 128 8.35 -65.98 -23.38
N ILE E 129 7.09 -66.38 -23.61
CA ILE E 129 6.84 -67.68 -24.22
C ILE E 129 7.40 -67.75 -25.63
N VAL E 130 7.30 -66.64 -26.36
CA VAL E 130 7.74 -66.64 -27.75
C VAL E 130 9.23 -66.38 -27.83
N PHE E 131 9.76 -65.54 -26.93
CA PHE E 131 11.22 -65.41 -26.84
C PHE E 131 11.85 -66.78 -26.57
N TYR E 132 11.29 -67.54 -25.64
CA TYR E 132 11.89 -68.80 -25.26
C TYR E 132 11.50 -69.94 -26.18
N LEU E 133 10.45 -69.80 -26.98
CA LEU E 133 10.26 -70.73 -28.09
C LEU E 133 11.26 -70.46 -29.20
N LEU E 134 11.57 -69.18 -29.44
CA LEU E 134 12.68 -68.85 -30.33
C LEU E 134 13.97 -69.46 -29.82
N ARG E 135 14.17 -69.48 -28.50
CA ARG E 135 15.39 -70.08 -27.98
C ARG E 135 15.36 -71.61 -28.11
N ILE E 136 14.23 -72.26 -27.81
CA ILE E 136 14.18 -73.71 -27.93
C ILE E 136 14.31 -74.14 -29.39
N GLY E 137 13.92 -73.27 -30.32
CA GLY E 137 14.14 -73.55 -31.72
C GLY E 137 15.59 -73.36 -32.11
N LEU E 138 16.18 -72.23 -31.68
CA LEU E 138 17.54 -71.90 -32.05
C LEU E 138 18.57 -72.82 -31.42
N PHE E 139 18.20 -73.59 -30.38
CA PHE E 139 19.14 -74.58 -29.86
C PHE E 139 19.55 -75.58 -30.94
N TYR E 140 18.62 -75.94 -31.81
CA TYR E 140 18.94 -76.58 -33.07
C TYR E 140 18.84 -75.53 -34.17
N MET E 141 18.96 -75.92 -35.44
CA MET E 141 18.71 -75.00 -36.53
C MET E 141 17.25 -75.01 -36.97
N ASP E 142 16.34 -74.74 -36.04
CA ASP E 142 14.91 -74.85 -36.30
C ASP E 142 14.36 -73.60 -36.96
N ASN E 143 13.23 -73.78 -37.64
CA ASN E 143 12.41 -72.67 -38.12
C ASN E 143 10.93 -72.85 -37.80
N ASP E 144 10.47 -74.07 -37.55
CA ASP E 144 9.08 -74.29 -37.14
C ASP E 144 8.81 -73.60 -35.80
N LEU E 145 9.68 -73.83 -34.82
CA LEU E 145 9.48 -73.22 -33.51
C LEU E 145 9.64 -71.70 -33.58
N ILE E 146 10.79 -71.23 -34.08
CA ILE E 146 11.18 -69.83 -33.97
C ILE E 146 10.33 -68.89 -34.81
N THR E 147 9.42 -69.41 -35.63
CA THR E 147 8.48 -68.57 -36.37
C THR E 147 7.02 -68.96 -36.18
N ARG E 148 6.74 -70.23 -35.90
CA ARG E 148 5.40 -70.60 -35.44
C ARG E 148 5.07 -69.89 -34.14
N ASN E 149 6.06 -69.73 -33.25
CA ASN E 149 5.85 -68.94 -32.05
C ASN E 149 5.60 -67.47 -32.38
N THR E 150 6.24 -66.94 -33.44
CA THR E 150 5.92 -65.59 -33.86
C THR E 150 4.50 -65.49 -34.41
N GLU E 151 4.01 -66.57 -35.02
CA GLU E 151 2.60 -66.62 -35.40
C GLU E 151 1.69 -66.50 -34.18
N LYS E 152 1.92 -67.36 -33.18
CA LYS E 152 1.16 -67.24 -31.93
C LYS E 152 1.28 -65.83 -31.36
N ALA E 153 2.49 -65.27 -31.38
CA ALA E 153 2.73 -63.92 -30.90
C ALA E 153 1.83 -62.91 -31.61
N LYS E 154 1.81 -62.95 -32.94
CA LYS E 154 0.90 -62.12 -33.71
C LYS E 154 -0.53 -62.30 -33.22
N SER E 155 -0.91 -63.53 -32.90
CA SER E 155 -2.21 -63.73 -32.29
C SER E 155 -2.23 -63.25 -30.84
N LEU E 156 -1.09 -63.30 -30.15
CA LEU E 156 -1.10 -63.17 -28.70
C LEU E 156 -0.30 -61.98 -28.16
N ILE E 157 0.97 -61.84 -28.52
CA ILE E 157 1.88 -61.02 -27.71
C ILE E 157 1.56 -59.52 -27.78
N GLU E 158 1.78 -58.92 -28.95
CA GLU E 158 2.12 -57.50 -28.96
C GLU E 158 0.89 -56.64 -28.67
N GLU E 159 -0.09 -56.66 -29.58
CA GLU E 159 -1.34 -55.93 -29.39
C GLU E 159 -1.06 -54.47 -29.01
N GLY E 160 0.06 -53.92 -29.49
CA GLY E 160 0.53 -52.63 -29.06
C GLY E 160 1.88 -52.73 -28.36
N GLY E 161 2.02 -53.75 -27.50
CA GLY E 161 3.28 -54.09 -26.87
C GLY E 161 4.07 -52.95 -26.28
N ASP E 162 5.39 -53.10 -26.24
CA ASP E 162 6.28 -52.04 -25.80
C ASP E 162 6.99 -51.42 -26.99
N TRP E 163 7.44 -50.17 -26.78
CA TRP E 163 8.44 -49.60 -27.68
C TRP E 163 9.78 -50.31 -27.55
N ASP E 164 9.89 -51.28 -26.67
CA ASP E 164 11.11 -52.03 -26.41
C ASP E 164 11.01 -53.50 -26.81
N ARG E 165 9.97 -54.19 -26.34
CA ARG E 165 9.87 -55.63 -26.59
C ARG E 165 9.46 -55.93 -28.03
N ARG E 166 8.63 -55.07 -28.63
CA ARG E 166 8.18 -55.34 -29.99
C ARG E 166 9.32 -55.21 -30.99
N ASN E 167 10.19 -54.23 -30.79
CA ASN E 167 11.44 -54.18 -31.55
C ASN E 167 12.22 -55.47 -31.40
N ARG E 168 12.12 -56.10 -30.22
CA ARG E 168 12.83 -57.35 -30.00
C ARG E 168 12.21 -58.49 -30.81
N LEU E 169 10.88 -58.56 -30.85
CA LEU E 169 10.22 -59.54 -31.73
C LEU E 169 10.61 -59.32 -33.19
N LYS E 170 10.62 -58.06 -33.63
CA LYS E 170 11.00 -57.75 -35.00
C LYS E 170 12.45 -58.17 -35.26
N VAL E 171 13.33 -57.99 -34.28
CA VAL E 171 14.71 -58.40 -34.44
C VAL E 171 14.82 -59.92 -34.47
N TYR E 172 13.94 -60.64 -33.77
CA TYR E 172 13.87 -62.09 -33.94
C TYR E 172 13.53 -62.45 -35.38
N GLN E 173 12.51 -61.79 -35.93
CA GLN E 173 12.12 -62.05 -37.30
C GLN E 173 13.28 -61.80 -38.27
N GLY E 174 13.98 -60.67 -38.09
CA GLY E 174 15.14 -60.40 -38.90
C GLY E 174 16.29 -61.37 -38.66
N LEU E 175 16.41 -61.87 -37.44
CA LEU E 175 17.49 -62.81 -37.13
C LEU E 175 17.26 -64.12 -37.86
N TYR E 176 16.01 -64.56 -38.00
CA TYR E 176 15.81 -65.72 -38.86
C TYR E 176 15.91 -65.34 -40.34
N CYS E 177 15.51 -64.11 -40.70
CA CYS E 177 15.64 -63.69 -42.09
C CYS E 177 17.09 -63.73 -42.57
N VAL E 178 18.04 -63.50 -41.67
CA VAL E 178 19.45 -63.70 -42.01
C VAL E 178 19.87 -65.15 -41.79
N ALA E 179 19.24 -65.86 -40.84
CA ALA E 179 19.50 -67.29 -40.71
C ALA E 179 19.11 -68.03 -41.98
N ILE E 180 17.94 -67.69 -42.54
CA ILE E 180 17.51 -68.21 -43.83
C ILE E 180 18.05 -67.30 -44.92
N ARG E 181 17.97 -67.73 -46.18
CA ARG E 181 18.44 -66.88 -47.28
C ARG E 181 17.41 -65.82 -47.60
N ASP E 182 16.89 -65.12 -46.59
CA ASP E 182 16.00 -63.99 -46.80
C ASP E 182 16.85 -62.72 -46.68
N PHE E 183 17.59 -62.44 -47.75
CA PHE E 183 18.74 -61.55 -47.66
C PHE E 183 18.39 -60.08 -47.51
N LYS E 184 17.14 -59.72 -47.24
CA LYS E 184 16.78 -58.31 -47.08
C LYS E 184 16.08 -58.01 -45.76
N GLN E 185 15.04 -58.78 -45.42
CA GLN E 185 14.21 -58.44 -44.27
C GLN E 185 14.95 -58.57 -42.95
N ALA E 186 16.08 -59.25 -42.93
CA ALA E 186 16.93 -59.27 -41.75
C ALA E 186 17.43 -57.86 -41.43
N ALA E 187 18.22 -57.29 -42.35
CA ALA E 187 18.71 -55.92 -42.16
C ALA E 187 17.55 -54.94 -42.03
N GLU E 188 16.45 -55.18 -42.73
CA GLU E 188 15.26 -54.36 -42.52
C GLU E 188 14.83 -54.39 -41.06
N LEU E 189 14.69 -55.59 -40.50
CA LEU E 189 14.34 -55.77 -39.10
C LEU E 189 15.53 -55.56 -38.17
N PHE E 190 16.75 -55.56 -38.70
CA PHE E 190 17.93 -55.17 -37.96
C PHE E 190 18.29 -53.71 -38.18
N LEU E 191 17.41 -52.94 -38.83
CA LEU E 191 17.61 -51.51 -39.01
C LEU E 191 17.35 -50.72 -37.74
N ASP E 192 16.97 -51.38 -36.64
CA ASP E 192 16.67 -50.66 -35.41
C ASP E 192 17.90 -49.94 -34.86
N THR E 193 18.91 -50.70 -34.44
CA THR E 193 20.18 -50.17 -33.93
C THR E 193 19.99 -49.15 -32.80
N VAL E 194 18.78 -49.02 -32.27
CA VAL E 194 18.51 -48.13 -31.16
C VAL E 194 17.69 -48.91 -30.14
N SER E 195 17.43 -50.19 -30.43
CA SER E 195 16.61 -51.01 -29.56
C SER E 195 17.15 -52.42 -29.38
N THR E 196 18.39 -52.68 -29.78
CA THR E 196 19.03 -53.98 -29.56
C THR E 196 20.44 -53.77 -29.03
N PHE E 197 20.56 -52.90 -28.02
CA PHE E 197 21.85 -52.68 -27.38
C PHE E 197 22.35 -53.94 -26.71
N THR E 198 21.62 -54.43 -25.71
CA THR E 198 22.01 -55.63 -24.98
C THR E 198 20.76 -56.25 -24.38
N SER E 199 20.54 -57.55 -24.62
CA SER E 199 19.35 -58.21 -24.14
C SER E 199 19.64 -59.69 -23.95
N TYR E 200 18.83 -60.33 -23.09
CA TYR E 200 18.90 -61.77 -22.92
C TYR E 200 18.58 -62.53 -24.20
N GLU E 201 18.13 -61.82 -25.24
CA GLU E 201 18.00 -62.39 -26.58
C GLU E 201 19.23 -62.12 -27.45
N LEU E 202 20.02 -61.11 -27.12
CA LEU E 202 21.19 -60.73 -27.91
C LEU E 202 22.38 -61.47 -27.34
N MET E 203 22.63 -62.67 -27.87
CA MET E 203 23.77 -63.48 -27.43
C MET E 203 25.05 -62.66 -27.41
N ASP E 204 25.20 -61.75 -28.36
CA ASP E 204 26.30 -60.78 -28.39
C ASP E 204 25.94 -59.71 -29.39
N TYR E 205 25.97 -58.44 -28.98
CA TYR E 205 25.71 -57.37 -29.92
C TYR E 205 26.75 -57.35 -31.05
N LYS E 206 27.96 -57.83 -30.79
CA LYS E 206 28.91 -58.02 -31.88
C LYS E 206 28.45 -59.14 -32.81
N THR E 207 27.87 -60.20 -32.25
CA THR E 207 27.28 -61.21 -33.12
C THR E 207 26.03 -60.67 -33.81
N PHE E 208 25.30 -59.77 -33.16
CA PHE E 208 24.25 -59.02 -33.83
C PHE E 208 24.83 -58.32 -35.06
N VAL E 209 26.00 -57.69 -34.91
CA VAL E 209 26.65 -57.02 -36.04
C VAL E 209 27.02 -58.05 -37.11
N THR E 210 27.45 -59.24 -36.70
CA THR E 210 27.80 -60.28 -37.66
C THR E 210 26.59 -60.66 -38.50
N TYR E 211 25.50 -61.05 -37.84
CA TYR E 211 24.26 -61.39 -38.54
C TYR E 211 23.80 -60.23 -39.41
N THR E 212 23.97 -59.01 -38.93
CA THR E 212 23.54 -57.83 -39.67
C THR E 212 24.35 -57.66 -40.94
N VAL E 213 25.67 -57.72 -40.86
CA VAL E 213 26.48 -57.52 -42.05
C VAL E 213 26.32 -58.66 -43.03
N TYR E 214 26.10 -59.90 -42.53
CA TYR E 214 25.93 -61.08 -43.37
C TYR E 214 24.61 -61.12 -44.06
N VAL E 215 23.88 -60.02 -43.92
CA VAL E 215 22.69 -59.76 -44.71
C VAL E 215 22.67 -58.37 -45.32
N SER E 216 23.48 -57.45 -44.82
CA SER E 216 23.52 -56.08 -45.31
C SER E 216 24.51 -55.88 -46.45
N MET E 217 25.56 -56.70 -46.52
CA MET E 217 26.40 -56.61 -47.70
C MET E 217 25.70 -57.16 -48.94
N ILE E 218 24.43 -57.56 -48.82
CA ILE E 218 23.63 -58.05 -49.94
C ILE E 218 22.34 -57.25 -50.09
N ALA E 219 21.58 -57.11 -49.00
CA ALA E 219 20.37 -56.29 -49.03
C ALA E 219 20.68 -54.86 -49.44
N LEU E 220 21.69 -54.27 -48.78
CA LEU E 220 22.00 -52.86 -48.98
C LEU E 220 22.67 -52.67 -50.33
N GLU E 221 21.91 -52.21 -51.32
CA GLU E 221 22.53 -51.65 -52.50
C GLU E 221 23.41 -50.47 -52.10
N ARG E 222 24.36 -50.12 -52.98
CA ARG E 222 25.30 -49.02 -52.75
C ARG E 222 24.70 -47.82 -52.03
N PRO E 223 23.54 -47.28 -52.44
CA PRO E 223 22.92 -46.23 -51.61
C PRO E 223 22.52 -46.72 -50.23
N ASP E 224 21.82 -47.86 -50.14
CA ASP E 224 21.49 -48.39 -48.82
C ASP E 224 22.72 -48.87 -48.09
N LEU E 225 23.73 -49.37 -48.83
CA LEU E 225 25.01 -49.70 -48.23
C LEU E 225 25.55 -48.52 -47.42
N ARG E 226 25.79 -47.41 -48.11
CA ARG E 226 26.30 -46.24 -47.39
C ARG E 226 25.29 -45.72 -46.37
N GLU E 227 23.99 -45.86 -46.64
CA GLU E 227 22.97 -45.37 -45.70
C GLU E 227 23.09 -46.07 -44.36
N LYS E 228 23.17 -47.39 -44.36
CA LYS E 228 23.15 -48.11 -43.09
C LYS E 228 24.52 -48.28 -42.46
N VAL E 229 25.50 -48.68 -43.29
CA VAL E 229 26.89 -48.91 -42.79
C VAL E 229 27.59 -47.57 -42.54
N ILE E 230 27.84 -46.80 -43.61
CA ILE E 230 28.54 -45.48 -43.51
C ILE E 230 27.70 -44.50 -42.69
N LYS E 231 26.63 -43.95 -43.31
CA LYS E 231 25.73 -42.96 -42.66
C LYS E 231 25.35 -43.44 -41.25
N GLY E 232 24.76 -44.63 -41.14
CA GLY E 232 24.36 -45.18 -39.83
C GLY E 232 25.56 -45.47 -38.95
N ALA E 233 26.27 -44.43 -38.53
CA ALA E 233 27.44 -44.57 -37.68
C ALA E 233 27.09 -45.06 -36.29
N GLU E 234 25.81 -45.33 -36.03
CA GLU E 234 25.41 -45.88 -34.74
C GLU E 234 25.98 -47.29 -34.57
N ILE E 235 25.88 -48.12 -35.61
CA ILE E 235 26.50 -49.43 -35.58
C ILE E 235 28.02 -49.32 -35.69
N LEU E 236 28.53 -48.20 -36.20
CA LEU E 236 29.97 -48.01 -36.33
C LEU E 236 30.65 -47.86 -34.98
N GLU E 237 30.03 -47.12 -34.06
CA GLU E 237 30.57 -47.00 -32.71
C GLU E 237 30.76 -48.36 -32.04
N VAL E 238 30.09 -49.40 -32.55
CA VAL E 238 30.20 -50.75 -32.03
C VAL E 238 30.92 -51.66 -33.00
N LEU E 239 30.61 -51.59 -34.30
CA LEU E 239 31.36 -52.38 -35.26
C LEU E 239 32.81 -51.93 -35.37
N HIS E 240 33.20 -50.89 -34.64
CA HIS E 240 34.61 -50.58 -34.44
C HIS E 240 35.38 -51.78 -33.89
N SER E 241 34.68 -52.78 -33.35
CA SER E 241 35.30 -53.94 -32.74
C SER E 241 35.60 -55.06 -33.73
N LEU E 242 34.95 -55.08 -34.89
CA LEU E 242 35.18 -56.10 -35.91
C LEU E 242 35.54 -55.43 -37.22
N PRO E 243 36.80 -54.99 -37.36
CA PRO E 243 37.18 -54.20 -38.54
C PRO E 243 37.44 -55.01 -39.80
N ALA E 244 37.50 -56.34 -39.72
CA ALA E 244 37.78 -57.12 -40.92
C ALA E 244 36.69 -56.96 -41.97
N VAL E 245 35.48 -57.42 -41.64
CA VAL E 245 34.36 -57.27 -42.56
C VAL E 245 33.99 -55.81 -42.75
N ARG E 246 34.29 -54.96 -41.75
CA ARG E 246 34.05 -53.53 -41.91
C ARG E 246 34.87 -52.96 -43.06
N GLN E 247 36.19 -53.18 -43.03
CA GLN E 247 37.04 -52.75 -44.11
C GLN E 247 36.70 -53.45 -45.42
N TYR E 248 36.21 -54.70 -45.33
CA TYR E 248 35.66 -55.35 -46.51
C TYR E 248 34.54 -54.50 -47.12
N LEU E 249 33.63 -54.03 -46.27
CA LEU E 249 32.53 -53.19 -46.74
C LEU E 249 33.04 -51.85 -47.25
N PHE E 250 34.11 -51.35 -46.66
CA PHE E 250 34.70 -50.11 -47.13
C PHE E 250 35.19 -50.26 -48.56
N SER E 251 35.94 -51.33 -48.82
CA SER E 251 36.29 -51.67 -50.20
C SER E 251 35.03 -51.94 -51.02
N LEU E 252 33.96 -52.40 -50.39
CA LEU E 252 32.72 -52.71 -51.08
C LEU E 252 32.08 -51.49 -51.72
N TYR E 253 32.60 -50.29 -51.45
CA TYR E 253 32.21 -49.10 -52.18
C TYR E 253 33.20 -48.75 -53.28
N GLU E 254 34.49 -48.66 -52.94
CA GLU E 254 35.51 -48.40 -53.95
C GLU E 254 35.72 -49.59 -54.88
N CYS E 255 35.17 -50.75 -54.55
CA CYS E 255 35.26 -51.94 -55.39
C CYS E 255 36.71 -52.38 -55.58
N ARG E 256 37.35 -52.73 -54.47
CA ARG E 256 38.73 -53.22 -54.46
C ARG E 256 38.67 -54.75 -54.46
N TYR E 257 38.80 -55.34 -55.64
CA TYR E 257 38.49 -56.75 -55.82
C TYR E 257 39.58 -57.67 -55.27
N SER E 258 40.83 -57.20 -55.19
CA SER E 258 41.87 -57.99 -54.55
C SER E 258 41.51 -58.30 -53.11
N VAL E 259 41.37 -57.26 -52.29
CA VAL E 259 40.96 -57.47 -50.91
C VAL E 259 39.55 -58.04 -50.85
N PHE E 260 38.74 -57.78 -51.89
CA PHE E 260 37.46 -58.47 -52.00
C PHE E 260 37.67 -59.97 -51.93
N PHE E 261 38.62 -60.49 -52.70
CA PHE E 261 38.86 -61.93 -52.71
C PHE E 261 39.55 -62.41 -51.45
N GLN E 262 40.43 -61.59 -50.87
CA GLN E 262 41.03 -61.96 -49.58
C GLN E 262 39.94 -62.15 -48.53
N SER E 263 39.22 -61.08 -48.22
CA SER E 263 38.12 -61.17 -47.27
C SER E 263 37.03 -62.11 -47.75
N LEU E 264 36.98 -62.39 -49.05
CA LEU E 264 35.99 -63.33 -49.58
C LEU E 264 36.32 -64.74 -49.12
N ALA E 265 37.58 -65.15 -49.30
CA ALA E 265 38.04 -66.40 -48.72
C ALA E 265 37.80 -66.40 -47.21
N VAL E 266 38.17 -65.30 -46.55
CA VAL E 266 38.05 -65.22 -45.09
C VAL E 266 36.61 -65.50 -44.66
N VAL E 267 35.67 -64.69 -45.12
CA VAL E 267 34.27 -64.84 -44.79
C VAL E 267 33.71 -66.16 -45.29
N GLU E 268 34.26 -66.71 -46.37
CA GLU E 268 33.84 -68.03 -46.80
C GLU E 268 34.13 -69.07 -45.73
N GLN E 269 35.37 -69.10 -45.24
CA GLN E 269 35.68 -70.02 -44.14
C GLN E 269 34.83 -69.71 -42.92
N GLU E 270 34.62 -68.41 -42.65
CA GLU E 270 33.85 -68.02 -41.48
C GLU E 270 32.44 -68.59 -41.52
N MET E 271 31.74 -68.38 -42.64
CA MET E 271 30.40 -68.95 -42.79
C MET E 271 30.46 -70.48 -42.78
N LYS E 272 31.50 -71.05 -43.38
CA LYS E 272 31.72 -72.48 -43.30
C LYS E 272 31.79 -72.98 -41.87
N LYS E 273 32.15 -72.10 -40.94
CA LYS E 273 32.27 -72.43 -39.53
C LYS E 273 31.34 -71.56 -38.70
N ASP E 274 30.11 -71.37 -39.16
CA ASP E 274 29.16 -70.53 -38.45
C ASP E 274 27.77 -71.14 -38.53
N TRP E 275 27.00 -70.93 -37.46
CA TRP E 275 25.71 -71.57 -37.24
C TRP E 275 24.72 -71.24 -38.35
N LEU E 276 23.65 -72.04 -38.40
CA LEU E 276 22.49 -71.87 -39.27
C LEU E 276 22.86 -71.46 -40.69
N PHE E 277 24.01 -71.93 -41.16
CA PHE E 277 24.44 -71.71 -42.54
C PHE E 277 25.02 -72.95 -43.18
N ALA E 278 25.28 -74.02 -42.41
CA ALA E 278 26.03 -75.17 -42.93
C ALA E 278 25.51 -75.68 -44.27
N PRO E 279 24.23 -75.99 -44.44
CA PRO E 279 23.79 -76.54 -45.73
C PRO E 279 23.36 -75.50 -46.74
N HIS E 280 23.64 -74.21 -46.52
CA HIS E 280 23.16 -73.21 -47.47
C HIS E 280 24.15 -72.13 -47.88
N TYR E 281 25.28 -71.93 -47.17
CA TYR E 281 26.11 -70.75 -47.41
C TYR E 281 26.74 -70.71 -48.79
N ARG E 282 26.47 -71.71 -49.62
CA ARG E 282 27.11 -71.85 -50.92
C ARG E 282 27.00 -70.60 -51.78
N TYR E 283 25.83 -69.99 -51.88
CA TYR E 283 25.65 -68.93 -52.87
C TYR E 283 26.34 -67.64 -52.48
N TYR E 284 26.12 -67.19 -51.23
CA TYR E 284 26.49 -65.85 -50.80
C TYR E 284 27.80 -65.34 -51.39
N VAL E 285 28.83 -66.18 -51.38
CA VAL E 285 30.15 -65.73 -51.83
C VAL E 285 30.18 -65.54 -53.35
N ARG E 286 29.72 -66.54 -54.10
CA ARG E 286 29.70 -66.38 -55.55
C ARG E 286 28.71 -65.31 -55.98
N GLU E 287 27.70 -65.07 -55.16
CA GLU E 287 26.80 -63.95 -55.41
C GLU E 287 27.54 -62.63 -55.26
N MET E 288 28.31 -62.47 -54.18
CA MET E 288 29.16 -61.30 -54.05
C MET E 288 30.06 -61.16 -55.27
N ARG E 289 30.62 -62.28 -55.73
CA ARG E 289 31.47 -62.27 -56.91
C ARG E 289 30.74 -61.68 -58.11
N ILE E 290 29.63 -62.30 -58.51
CA ILE E 290 28.91 -61.87 -59.70
C ILE E 290 28.42 -60.43 -59.56
N HIS E 291 27.92 -60.07 -58.38
CA HIS E 291 27.42 -58.72 -58.18
C HIS E 291 28.53 -57.70 -58.35
N ALA E 292 29.71 -57.96 -57.79
CA ALA E 292 30.81 -57.02 -57.94
C ALA E 292 31.27 -56.96 -59.39
N TYR E 293 31.34 -58.11 -60.06
CA TYR E 293 31.71 -58.11 -61.47
C TYR E 293 30.72 -57.32 -62.29
N SER E 294 29.45 -57.31 -61.88
CA SER E 294 28.43 -56.55 -62.60
C SER E 294 28.83 -55.09 -62.71
N GLN E 295 29.02 -54.42 -61.56
CA GLN E 295 29.42 -53.02 -61.57
C GLN E 295 30.78 -52.83 -62.23
N LEU E 296 31.72 -53.74 -61.97
CA LEU E 296 33.07 -53.58 -62.53
C LEU E 296 33.01 -53.52 -64.05
N LEU E 297 32.30 -54.45 -64.67
CA LEU E 297 32.09 -54.38 -66.11
C LEU E 297 31.27 -53.15 -66.47
N GLU E 298 30.28 -52.81 -65.64
CA GLU E 298 29.45 -51.65 -65.91
C GLU E 298 30.27 -50.37 -66.00
N SER E 299 31.49 -50.38 -65.46
CA SER E 299 32.41 -49.25 -65.67
C SER E 299 32.44 -48.85 -67.14
N TYR E 300 32.89 -49.75 -67.99
CA TYR E 300 32.89 -49.51 -69.43
C TYR E 300 33.10 -50.85 -70.13
N ARG E 301 33.26 -50.80 -71.46
CA ARG E 301 33.23 -51.99 -72.28
C ARG E 301 34.62 -52.44 -72.74
N SER E 302 35.35 -51.58 -73.45
CA SER E 302 36.60 -52.04 -74.06
C SER E 302 37.64 -52.30 -72.98
N LEU E 303 37.39 -53.34 -72.18
CA LEU E 303 38.16 -53.67 -71.00
C LEU E 303 38.41 -55.18 -71.01
N THR E 304 39.33 -55.60 -70.15
CA THR E 304 39.77 -56.99 -70.13
C THR E 304 39.66 -57.57 -68.72
N LEU E 305 39.42 -58.87 -68.66
CA LEU E 305 39.52 -59.58 -67.39
C LEU E 305 40.95 -59.64 -66.90
N GLY E 306 41.91 -59.66 -67.81
CA GLY E 306 43.31 -59.69 -67.41
C GLY E 306 43.72 -58.41 -66.69
N TYR E 307 43.29 -57.26 -67.22
CA TYR E 307 43.47 -56.01 -66.49
C TYR E 307 42.86 -56.09 -65.10
N MET E 308 41.82 -56.90 -64.95
CA MET E 308 41.22 -57.17 -63.65
C MET E 308 41.72 -58.47 -63.04
N ALA E 309 42.38 -59.33 -63.82
CA ALA E 309 43.00 -60.52 -63.24
C ALA E 309 43.97 -60.16 -62.13
N GLU E 310 44.63 -59.00 -62.26
CA GLU E 310 45.40 -58.46 -61.15
C GLU E 310 44.53 -58.33 -59.90
N ALA E 311 43.40 -57.61 -60.04
CA ALA E 311 42.42 -57.57 -58.97
C ALA E 311 41.83 -58.95 -58.69
N PHE E 312 41.74 -59.78 -59.72
CA PHE E 312 41.34 -61.17 -59.52
C PHE E 312 42.43 -62.02 -58.92
N GLY E 313 43.59 -61.44 -58.58
CA GLY E 313 44.72 -62.21 -58.15
C GLY E 313 45.53 -62.68 -59.34
N VAL E 314 45.35 -63.94 -59.72
CA VAL E 314 45.87 -64.45 -60.99
C VAL E 314 44.65 -64.89 -61.79
N GLY E 315 43.55 -64.18 -61.61
CA GLY E 315 42.25 -64.64 -62.08
C GLY E 315 41.99 -64.51 -63.55
N VAL E 316 42.66 -65.35 -64.35
CA VAL E 316 42.33 -65.53 -65.76
C VAL E 316 41.58 -66.84 -65.96
N GLU E 317 42.20 -67.96 -65.60
CA GLU E 317 41.50 -69.23 -65.61
C GLU E 317 40.48 -69.30 -64.49
N PHE E 318 40.76 -68.71 -63.33
CA PHE E 318 39.81 -68.73 -62.23
C PHE E 318 38.47 -68.18 -62.70
N ILE E 319 38.48 -66.92 -63.14
CA ILE E 319 37.27 -66.30 -63.65
C ILE E 319 36.86 -66.90 -64.97
N ASP E 320 37.77 -67.59 -65.68
CA ASP E 320 37.35 -68.24 -66.92
C ASP E 320 36.24 -69.22 -66.61
N GLN E 321 36.55 -70.28 -65.86
CA GLN E 321 35.52 -71.24 -65.47
C GLN E 321 34.45 -70.58 -64.63
N GLU E 322 34.83 -69.64 -63.77
CA GLU E 322 33.86 -68.98 -62.90
C GLU E 322 32.75 -68.31 -63.72
N LEU E 323 33.10 -67.33 -64.54
CA LEU E 323 32.11 -66.60 -65.30
C LEU E 323 31.50 -67.46 -66.40
N SER E 324 32.23 -68.46 -66.90
CA SER E 324 31.62 -69.42 -67.80
C SER E 324 30.40 -70.05 -67.16
N ARG E 325 30.58 -70.63 -65.97
CA ARG E 325 29.47 -71.26 -65.28
C ARG E 325 28.49 -70.25 -64.71
N PHE E 326 28.90 -68.99 -64.57
CA PHE E 326 28.00 -67.97 -64.03
C PHE E 326 27.03 -67.48 -65.10
N ILE E 327 27.56 -67.13 -66.27
CA ILE E 327 26.69 -66.87 -67.42
C ILE E 327 25.90 -68.13 -67.75
N ALA E 328 26.52 -69.30 -67.56
CA ALA E 328 25.78 -70.55 -67.63
C ALA E 328 24.71 -70.61 -66.55
N ALA E 329 25.01 -70.05 -65.38
CA ALA E 329 23.98 -69.90 -64.37
C ALA E 329 22.98 -68.81 -64.74
N GLY E 330 23.07 -68.25 -65.93
CA GLY E 330 22.16 -67.21 -66.37
C GLY E 330 22.31 -65.94 -65.56
N ARG E 331 23.51 -65.35 -65.60
CA ARG E 331 23.83 -64.19 -64.79
C ARG E 331 24.51 -63.12 -65.62
N LEU E 332 24.18 -61.87 -65.31
CA LEU E 332 25.03 -60.73 -65.65
C LEU E 332 25.30 -60.66 -67.16
N HIS E 333 24.26 -60.29 -67.90
CA HIS E 333 24.42 -59.99 -69.32
C HIS E 333 25.64 -59.11 -69.54
N CYS E 334 26.57 -59.60 -70.35
CA CYS E 334 27.85 -58.94 -70.62
C CYS E 334 28.57 -59.77 -71.67
N LYS E 335 29.73 -59.27 -72.09
CA LYS E 335 30.53 -59.93 -73.12
C LYS E 335 31.98 -60.01 -72.69
N ILE E 336 32.58 -61.18 -72.91
CA ILE E 336 33.96 -61.43 -72.52
C ILE E 336 34.46 -62.60 -73.36
N ASP E 337 35.74 -62.56 -73.69
CA ASP E 337 36.37 -63.57 -74.54
C ASP E 337 37.62 -64.12 -73.86
N LYS E 338 38.25 -65.08 -74.54
CA LYS E 338 39.59 -65.54 -74.18
C LYS E 338 40.64 -65.03 -75.15
N VAL E 339 40.43 -65.24 -76.44
CA VAL E 339 41.34 -64.68 -77.44
C VAL E 339 41.21 -63.18 -77.58
N ASN E 340 40.15 -62.59 -77.01
CA ASN E 340 39.96 -61.15 -77.04
C ASN E 340 39.78 -60.53 -75.67
N GLU E 341 39.21 -61.27 -74.72
CA GLU E 341 39.09 -60.83 -73.32
C GLU E 341 38.27 -59.54 -73.22
N ILE E 342 37.01 -59.66 -73.67
CA ILE E 342 36.12 -58.50 -73.75
C ILE E 342 35.58 -58.14 -72.37
N VAL E 343 34.99 -56.95 -72.28
CA VAL E 343 34.19 -56.51 -71.16
C VAL E 343 33.04 -55.71 -71.78
N GLU E 344 31.91 -55.63 -71.08
CA GLU E 344 30.75 -55.01 -71.70
C GLU E 344 29.92 -54.25 -70.69
N THR E 345 29.18 -53.26 -71.20
CA THR E 345 28.10 -52.59 -70.50
C THR E 345 26.87 -52.70 -71.39
N ASN E 346 25.90 -53.52 -70.98
CA ASN E 346 24.73 -53.78 -71.80
C ASN E 346 23.55 -54.07 -70.89
N ARG E 347 22.51 -54.68 -71.45
CA ARG E 347 21.28 -55.06 -70.77
C ARG E 347 20.50 -53.83 -70.27
N PRO E 348 19.96 -53.02 -71.17
CA PRO E 348 18.99 -52.00 -70.74
C PRO E 348 17.57 -52.54 -70.71
N ASP E 349 16.89 -52.41 -69.57
CA ASP E 349 15.53 -52.92 -69.48
C ASP E 349 14.63 -52.22 -70.48
N SER E 350 14.74 -50.91 -70.61
CA SER E 350 13.96 -50.19 -71.61
C SER E 350 14.62 -50.32 -72.96
N LYS E 351 14.95 -51.55 -73.36
CA LYS E 351 15.27 -51.86 -74.74
C LYS E 351 14.23 -52.81 -75.32
N ASN E 352 14.06 -53.99 -74.72
CA ASN E 352 12.86 -54.79 -74.96
C ASN E 352 12.24 -55.37 -73.70
N TRP E 353 13.02 -55.63 -72.64
CA TRP E 353 12.47 -56.36 -71.50
C TRP E 353 11.40 -55.54 -70.79
N GLN E 354 11.67 -54.24 -70.56
CA GLN E 354 10.66 -53.37 -70.01
C GLN E 354 9.39 -53.36 -70.86
N TYR E 355 9.47 -53.87 -72.07
CA TYR E 355 8.34 -54.07 -72.95
C TYR E 355 8.02 -55.56 -73.12
N GLN E 356 8.89 -56.45 -72.64
CA GLN E 356 8.63 -57.87 -72.77
C GLN E 356 7.83 -58.41 -71.59
N GLU E 357 8.12 -57.91 -70.38
CA GLU E 357 7.27 -58.20 -69.23
C GLU E 357 5.80 -58.01 -69.57
N THR E 358 5.50 -57.02 -70.41
CA THR E 358 4.14 -56.75 -70.84
C THR E 358 3.43 -58.04 -71.22
N ILE E 359 3.93 -58.74 -72.24
CA ILE E 359 3.28 -59.98 -72.64
C ILE E 359 3.64 -61.11 -71.69
N LYS E 360 4.85 -61.11 -71.13
CA LYS E 360 5.24 -62.11 -70.15
C LYS E 360 4.16 -62.32 -69.10
N LYS E 361 3.46 -61.24 -68.75
CA LYS E 361 2.40 -61.34 -67.74
C LYS E 361 1.01 -61.26 -68.35
N GLY E 362 0.83 -60.44 -69.39
CA GLY E 362 -0.47 -60.31 -70.03
C GLY E 362 -0.77 -61.44 -70.98
N ASP E 363 0.04 -62.48 -70.92
CA ASP E 363 -0.25 -63.78 -71.52
C ASP E 363 -0.33 -64.87 -70.47
N LEU E 364 0.60 -64.86 -69.50
CA LEU E 364 0.50 -65.75 -68.35
C LEU E 364 -0.87 -65.62 -67.69
N LEU E 365 -1.18 -64.43 -67.20
CA LEU E 365 -2.46 -64.19 -66.56
C LEU E 365 -3.60 -64.21 -67.58
N LEU E 366 -3.32 -63.82 -68.81
CA LEU E 366 -4.33 -63.90 -69.86
C LEU E 366 -4.87 -65.32 -69.97
N ASN E 367 -3.99 -66.30 -70.14
CA ASN E 367 -4.44 -67.67 -70.27
C ASN E 367 -4.87 -68.26 -68.92
N ARG E 368 -4.29 -67.76 -67.83
CA ARG E 368 -4.79 -68.09 -66.50
C ARG E 368 -6.29 -67.83 -66.42
N VAL E 369 -6.70 -66.58 -66.67
CA VAL E 369 -8.11 -66.24 -66.60
C VAL E 369 -8.87 -66.90 -67.74
N GLN E 370 -8.20 -67.14 -68.87
CA GLN E 370 -8.84 -67.81 -69.99
C GLN E 370 -9.36 -69.17 -69.58
N LYS E 371 -8.46 -70.07 -69.20
CA LYS E 371 -8.89 -71.38 -68.72
C LYS E 371 -9.79 -71.26 -67.50
N LEU E 372 -9.47 -70.31 -66.62
CA LEU E 372 -10.36 -70.03 -65.50
C LEU E 372 -11.75 -69.64 -65.99
N SER E 373 -11.81 -68.83 -67.05
CA SER E 373 -13.07 -68.46 -67.66
C SER E 373 -13.48 -69.43 -68.76
N ARG E 374 -12.82 -70.57 -68.88
CA ARG E 374 -13.29 -71.64 -69.74
C ARG E 374 -14.21 -72.60 -68.99
N VAL E 375 -13.75 -73.09 -67.84
CA VAL E 375 -14.55 -73.99 -67.03
C VAL E 375 -15.78 -73.33 -66.44
N ILE E 376 -15.88 -72.00 -66.51
CA ILE E 376 -17.12 -71.33 -66.13
C ILE E 376 -18.26 -71.81 -67.03
N ASN E 377 -17.93 -72.22 -68.24
CA ASN E 377 -18.89 -72.82 -69.17
C ASN E 377 -18.49 -74.22 -69.60
N MET E 378 -17.20 -74.49 -69.72
CA MET E 378 -16.71 -75.82 -70.10
C MET E 378 -15.23 -75.97 -69.74
N ALA F 1 -5.79 -7.31 -98.30
CA ALA F 1 -5.19 -8.49 -97.69
C ALA F 1 -6.07 -9.05 -96.60
N VAL F 2 -6.67 -10.21 -96.87
CA VAL F 2 -7.57 -10.88 -95.92
C VAL F 2 -7.27 -12.37 -95.97
N GLN F 3 -6.99 -12.96 -94.81
CA GLN F 3 -6.78 -14.41 -94.74
C GLN F 3 -8.09 -15.15 -94.50
N LYS F 4 -9.05 -14.50 -93.85
CA LYS F 4 -10.32 -15.16 -93.55
C LYS F 4 -11.37 -14.11 -93.18
N VAL F 5 -12.62 -14.44 -93.47
CA VAL F 5 -13.76 -13.69 -92.99
C VAL F 5 -14.75 -14.67 -92.37
N VAL F 6 -15.63 -14.15 -91.54
CA VAL F 6 -16.72 -14.94 -90.96
C VAL F 6 -17.73 -15.15 -92.08
N VAL F 7 -17.74 -16.35 -92.66
CA VAL F 7 -18.74 -16.70 -93.67
C VAL F 7 -19.91 -17.29 -92.89
N HIS F 8 -20.77 -16.41 -92.41
CA HIS F 8 -21.89 -16.83 -91.58
C HIS F 8 -23.02 -17.37 -92.44
N PRO F 9 -23.40 -18.63 -92.28
CA PRO F 9 -24.38 -19.24 -93.19
C PRO F 9 -25.72 -18.51 -93.26
N LEU F 10 -25.96 -17.52 -92.41
CA LEU F 10 -27.16 -16.72 -92.54
C LEU F 10 -27.13 -15.91 -93.82
N VAL F 11 -26.01 -15.26 -94.10
CA VAL F 11 -25.88 -14.58 -95.38
C VAL F 11 -25.88 -15.59 -96.51
N LEU F 12 -25.42 -16.82 -96.25
CA LEU F 12 -25.58 -17.89 -97.24
C LEU F 12 -27.04 -18.10 -97.58
N LEU F 13 -27.89 -18.19 -96.56
CA LEU F 13 -29.30 -18.42 -96.81
C LEU F 13 -29.94 -17.23 -97.51
N SER F 14 -29.50 -16.02 -97.16
CA SER F 14 -29.95 -14.84 -97.88
C SER F 14 -29.61 -14.96 -99.37
N VAL F 15 -28.36 -15.33 -99.66
CA VAL F 15 -27.94 -15.53 -101.04
C VAL F 15 -28.81 -16.58 -101.71
N VAL F 16 -29.11 -17.67 -101.00
CA VAL F 16 -29.84 -18.77 -101.61
C VAL F 16 -31.27 -18.36 -101.92
N ASP F 17 -31.91 -17.65 -100.98
CA ASP F 17 -33.28 -17.25 -101.23
C ASP F 17 -33.36 -16.20 -102.33
N HIS F 18 -32.37 -15.32 -102.42
CA HIS F 18 -32.42 -14.37 -103.51
C HIS F 18 -32.01 -15.00 -104.84
N PHE F 19 -31.27 -16.11 -104.82
CA PHE F 19 -31.07 -16.88 -106.04
C PHE F 19 -32.37 -17.54 -106.46
N ASN F 20 -33.11 -18.08 -105.50
CA ASN F 20 -34.48 -18.52 -105.79
C ASN F 20 -35.29 -17.38 -106.37
N ARG F 21 -35.09 -16.17 -105.86
CA ARG F 21 -35.75 -14.98 -106.38
C ARG F 21 -35.42 -14.77 -107.86
N ILE F 22 -34.12 -14.65 -108.17
CA ILE F 22 -33.72 -14.38 -109.54
C ILE F 22 -34.13 -15.52 -110.46
N GLY F 23 -34.31 -16.73 -109.92
CA GLY F 23 -34.80 -17.82 -110.74
C GLY F 23 -36.30 -17.78 -110.98
N LYS F 24 -37.07 -17.34 -110.00
CA LYS F 24 -38.52 -17.37 -110.10
C LYS F 24 -39.12 -16.12 -110.72
N VAL F 25 -38.43 -14.98 -110.62
CA VAL F 25 -38.96 -13.75 -111.22
C VAL F 25 -38.84 -13.77 -112.74
N GLY F 26 -38.06 -14.68 -113.30
CA GLY F 26 -37.85 -14.71 -114.73
C GLY F 26 -36.59 -15.45 -115.14
N ASN F 27 -35.76 -14.80 -115.96
CA ASN F 27 -34.60 -15.45 -116.55
C ASN F 27 -33.29 -14.74 -116.23
N GLN F 28 -33.30 -13.73 -115.37
CA GLN F 28 -32.05 -13.13 -114.90
C GLN F 28 -31.21 -14.22 -114.26
N LYS F 29 -30.05 -14.53 -114.85
CA LYS F 29 -29.33 -15.73 -114.51
C LYS F 29 -28.29 -15.50 -113.41
N ARG F 30 -27.34 -14.60 -113.64
CA ARG F 30 -26.22 -14.44 -112.72
C ARG F 30 -26.65 -13.68 -111.49
N VAL F 31 -26.74 -14.38 -110.36
CA VAL F 31 -27.04 -13.74 -109.08
C VAL F 31 -25.88 -12.83 -108.70
N VAL F 32 -26.16 -11.54 -108.53
CA VAL F 32 -25.17 -10.55 -108.19
C VAL F 32 -25.78 -9.58 -107.19
N GLY F 33 -25.10 -9.36 -106.08
CA GLY F 33 -25.56 -8.40 -105.10
C GLY F 33 -24.43 -7.89 -104.24
N VAL F 34 -24.75 -7.05 -103.25
CA VAL F 34 -23.76 -6.28 -102.52
C VAL F 34 -23.45 -6.98 -101.20
N LEU F 35 -22.17 -7.21 -100.95
CA LEU F 35 -21.72 -7.83 -99.71
C LEU F 35 -21.41 -6.75 -98.69
N LEU F 36 -21.95 -6.92 -97.48
CA LEU F 36 -21.74 -5.97 -96.41
C LEU F 36 -20.87 -6.62 -95.33
N GLY F 37 -20.05 -5.81 -94.67
CA GLY F 37 -19.13 -6.36 -93.70
C GLY F 37 -18.53 -5.28 -92.82
N SER F 38 -17.97 -5.72 -91.71
CA SER F 38 -17.32 -4.85 -90.74
C SER F 38 -15.84 -5.24 -90.67
N TRP F 39 -14.97 -4.38 -91.17
CA TRP F 39 -13.54 -4.64 -91.14
C TRP F 39 -13.04 -4.48 -89.72
N GLN F 40 -12.91 -5.60 -89.01
CA GLN F 40 -12.25 -5.58 -87.72
C GLN F 40 -10.73 -5.56 -87.88
N LYS F 41 -10.22 -6.39 -88.77
CA LYS F 41 -8.80 -6.52 -89.01
C LYS F 41 -8.63 -7.04 -90.44
N LYS F 42 -7.46 -7.60 -90.73
CA LYS F 42 -7.36 -8.51 -91.87
C LYS F 42 -8.48 -9.55 -91.82
N VAL F 43 -8.88 -9.96 -90.63
CA VAL F 43 -10.05 -10.79 -90.45
C VAL F 43 -11.30 -9.92 -90.50
N LEU F 44 -12.41 -10.51 -90.93
CA LEU F 44 -13.63 -9.76 -91.17
C LEU F 44 -14.83 -10.68 -90.90
N ASP F 45 -16.02 -10.09 -90.90
CA ASP F 45 -17.25 -10.85 -90.72
C ASP F 45 -18.18 -10.59 -91.90
N VAL F 46 -18.77 -11.66 -92.41
CA VAL F 46 -19.79 -11.58 -93.45
C VAL F 46 -20.99 -12.34 -92.92
N SER F 47 -21.94 -11.60 -92.36
CA SER F 47 -23.16 -12.20 -91.84
C SER F 47 -24.36 -11.50 -92.46
N ASN F 48 -24.18 -10.23 -92.80
CA ASN F 48 -25.22 -9.42 -93.44
C ASN F 48 -24.73 -8.93 -94.79
N SER F 49 -25.59 -9.05 -95.78
CA SER F 49 -25.36 -8.55 -97.13
C SER F 49 -26.70 -8.57 -97.84
N PHE F 50 -26.70 -8.32 -99.14
CA PHE F 50 -27.95 -8.33 -99.89
C PHE F 50 -27.67 -8.38 -101.38
N ALA F 51 -28.68 -8.79 -102.13
CA ALA F 51 -28.62 -8.74 -103.59
C ALA F 51 -29.22 -7.43 -104.07
N VAL F 52 -28.59 -6.86 -105.10
CA VAL F 52 -29.06 -5.61 -105.69
C VAL F 52 -29.80 -5.94 -106.98
N PRO F 53 -30.93 -5.28 -107.28
CA PRO F 53 -31.59 -5.54 -108.55
C PRO F 53 -30.73 -5.07 -109.71
N PHE F 54 -30.16 -6.03 -110.43
CA PHE F 54 -29.17 -5.75 -111.46
C PHE F 54 -29.41 -6.70 -112.63
N ASP F 55 -29.01 -6.26 -113.82
CA ASP F 55 -29.05 -7.10 -115.01
C ASP F 55 -27.73 -6.99 -115.75
N GLU F 56 -27.34 -8.09 -116.39
CA GLU F 56 -26.15 -8.15 -117.22
C GLU F 56 -26.57 -8.46 -118.64
N ASP F 57 -26.25 -7.55 -119.57
CA ASP F 57 -26.52 -7.81 -120.99
C ASP F 57 -25.65 -8.97 -121.46
N ASP F 58 -26.22 -9.77 -122.37
CA ASP F 58 -25.54 -10.97 -122.85
C ASP F 58 -24.13 -10.66 -123.35
N LYS F 59 -24.02 -9.69 -124.24
CA LYS F 59 -22.72 -9.17 -124.67
C LYS F 59 -22.38 -7.94 -123.85
N ASP F 60 -21.09 -7.63 -123.77
CA ASP F 60 -20.60 -6.51 -122.97
C ASP F 60 -21.04 -6.68 -121.51
N ASP F 61 -20.42 -7.67 -120.86
CA ASP F 61 -20.68 -7.92 -119.44
C ASP F 61 -20.68 -6.64 -118.62
N SER F 62 -19.99 -5.60 -119.09
CA SER F 62 -19.97 -4.33 -118.38
C SER F 62 -21.33 -3.66 -118.51
N VAL F 63 -22.36 -4.34 -118.03
CA VAL F 63 -23.72 -3.85 -117.99
C VAL F 63 -24.26 -4.21 -116.61
N TRP F 64 -24.72 -3.21 -115.88
CA TRP F 64 -25.07 -3.40 -114.48
C TRP F 64 -26.01 -2.29 -114.07
N PHE F 65 -26.70 -2.51 -112.95
CA PHE F 65 -27.74 -1.58 -112.50
C PHE F 65 -27.75 -1.62 -110.98
N LEU F 66 -27.19 -0.58 -110.36
CA LEU F 66 -27.04 -0.50 -108.91
C LEU F 66 -27.77 0.75 -108.44
N ASP F 67 -29.06 0.59 -108.13
CA ASP F 67 -29.93 1.72 -107.68
C ASP F 67 -29.38 2.31 -106.38
N HIS F 68 -29.35 3.64 -106.29
CA HIS F 68 -28.87 4.35 -105.07
C HIS F 68 -29.98 4.32 -104.01
N ASP F 69 -31.22 4.16 -104.45
CA ASP F 69 -32.39 4.11 -103.52
C ASP F 69 -32.50 2.70 -102.92
N TYR F 70 -31.90 1.71 -103.59
CA TYR F 70 -31.92 0.30 -103.12
C TYR F 70 -30.57 -0.05 -102.47
N LEU F 71 -29.65 0.91 -102.45
CA LEU F 71 -28.31 0.70 -101.84
C LEU F 71 -27.98 1.86 -100.90
N GLU F 72 -27.52 2.99 -101.46
CA GLU F 72 -27.17 4.18 -100.66
C GLU F 72 -28.33 4.54 -99.72
N ASN F 73 -29.54 4.64 -100.26
CA ASN F 73 -30.74 4.97 -99.44
C ASN F 73 -30.96 3.89 -98.38
N MET F 74 -30.99 2.62 -98.81
CA MET F 74 -31.19 1.47 -97.88
C MET F 74 -30.09 1.49 -96.81
N TYR F 75 -28.86 1.83 -97.21
CA TYR F 75 -27.74 1.89 -96.28
C TYR F 75 -28.03 2.79 -95.10
N GLY F 76 -28.75 3.89 -95.33
CA GLY F 76 -29.07 4.79 -94.24
C GLY F 76 -30.12 4.22 -93.31
N MET F 77 -31.11 3.53 -93.87
CA MET F 77 -32.07 2.84 -93.01
C MET F 77 -31.40 1.69 -92.26
N PHE F 78 -30.40 1.09 -92.90
CA PHE F 78 -29.64 -0.03 -92.31
C PHE F 78 -28.59 0.53 -91.35
N LYS F 79 -28.23 1.81 -91.55
CA LYS F 79 -27.23 2.50 -90.68
C LYS F 79 -27.82 2.68 -89.28
N LYS F 80 -29.14 2.91 -89.20
CA LYS F 80 -29.83 3.09 -87.90
C LYS F 80 -30.05 1.73 -87.26
N VAL F 81 -30.07 0.66 -88.08
CA VAL F 81 -30.26 -0.73 -87.58
C VAL F 81 -28.93 -1.24 -87.03
N ASN F 82 -27.86 -1.15 -87.83
CA ASN F 82 -26.51 -1.61 -87.41
C ASN F 82 -25.45 -1.04 -88.36
N ALA F 83 -24.64 -0.10 -87.86
CA ALA F 83 -23.58 0.52 -88.64
C ALA F 83 -22.35 -0.37 -88.81
N ARG F 84 -22.23 -1.45 -88.06
CA ARG F 84 -21.02 -2.27 -88.10
C ARG F 84 -20.80 -2.88 -89.48
N GLU F 85 -21.75 -3.72 -89.92
CA GLU F 85 -21.57 -4.48 -91.15
C GLU F 85 -21.68 -3.54 -92.34
N ARG F 86 -20.66 -2.71 -92.53
CA ARG F 86 -20.67 -1.65 -93.52
C ARG F 86 -20.61 -2.22 -94.93
N ILE F 87 -20.78 -1.32 -95.91
CA ILE F 87 -20.57 -1.71 -97.30
C ILE F 87 -19.13 -2.23 -97.43
N VAL F 88 -19.00 -3.51 -97.78
CA VAL F 88 -17.68 -4.12 -97.85
C VAL F 88 -17.36 -4.73 -99.20
N GLY F 89 -18.35 -5.08 -100.02
CA GLY F 89 -18.06 -5.74 -101.27
C GLY F 89 -19.32 -6.20 -101.97
N TRP F 90 -19.17 -7.22 -102.80
CA TRP F 90 -20.30 -7.73 -103.57
C TRP F 90 -19.99 -9.18 -103.97
N TYR F 91 -20.76 -9.71 -104.90
CA TYR F 91 -20.63 -11.10 -105.28
C TYR F 91 -21.25 -11.32 -106.66
N HIS F 92 -20.94 -12.46 -107.24
CA HIS F 92 -21.56 -12.87 -108.49
C HIS F 92 -21.62 -14.40 -108.52
N THR F 93 -22.67 -14.93 -109.14
CA THR F 93 -22.72 -16.36 -109.40
C THR F 93 -22.15 -16.61 -110.79
N GLY F 94 -22.14 -17.86 -111.23
CA GLY F 94 -21.46 -18.22 -112.44
C GLY F 94 -20.05 -18.66 -112.10
N PRO F 95 -19.69 -19.86 -112.54
CA PRO F 95 -18.47 -20.50 -112.03
C PRO F 95 -17.19 -19.70 -112.21
N LYS F 96 -16.85 -19.35 -113.44
CA LYS F 96 -15.56 -18.70 -113.67
C LYS F 96 -15.63 -17.20 -113.41
N LEU F 97 -16.31 -16.47 -114.29
CA LEU F 97 -16.40 -15.01 -114.23
C LEU F 97 -17.18 -14.44 -115.41
N HIS F 98 -17.36 -13.13 -115.41
CA HIS F 98 -17.65 -12.39 -116.64
C HIS F 98 -16.70 -11.21 -116.70
N LYS F 99 -16.92 -10.30 -117.65
CA LYS F 99 -15.94 -9.24 -117.87
C LYS F 99 -16.13 -8.05 -116.94
N ASN F 100 -17.32 -7.89 -116.37
CA ASN F 100 -17.65 -6.68 -115.63
C ASN F 100 -17.13 -6.68 -114.20
N ASP F 101 -16.92 -7.86 -113.60
CA ASP F 101 -16.60 -7.96 -112.18
C ASP F 101 -15.60 -6.91 -111.71
N ILE F 102 -14.56 -6.70 -112.50
CA ILE F 102 -13.51 -5.74 -112.13
C ILE F 102 -14.09 -4.33 -112.10
N ALA F 103 -14.79 -3.94 -113.16
CA ALA F 103 -15.36 -2.59 -113.21
C ALA F 103 -16.38 -2.37 -112.10
N ILE F 104 -17.18 -3.39 -111.81
CA ILE F 104 -18.17 -3.30 -110.74
C ILE F 104 -17.48 -3.07 -109.41
N ASN F 105 -16.49 -3.92 -109.09
CA ASN F 105 -15.80 -3.80 -107.82
C ASN F 105 -15.07 -2.46 -107.72
N GLU F 106 -14.57 -1.94 -108.82
CA GLU F 106 -13.86 -0.67 -108.75
C GLU F 106 -14.82 0.51 -108.65
N LEU F 107 -16.00 0.39 -109.26
CA LEU F 107 -17.06 1.37 -109.00
C LEU F 107 -17.38 1.42 -107.52
N MET F 108 -17.60 0.26 -106.91
CA MET F 108 -17.94 0.23 -105.49
C MET F 108 -16.74 0.45 -104.59
N LYS F 109 -15.52 0.46 -105.16
CA LYS F 109 -14.32 0.72 -104.36
C LYS F 109 -14.42 2.00 -103.56
N ARG F 110 -15.14 3.00 -104.07
CA ARG F 110 -15.35 4.22 -103.30
C ARG F 110 -16.02 3.93 -101.97
N TYR F 111 -16.99 3.00 -101.96
CA TYR F 111 -17.67 2.66 -100.71
C TYR F 111 -16.72 1.96 -99.75
N CYS F 112 -16.19 0.81 -100.15
CA CYS F 112 -15.26 0.08 -99.31
C CYS F 112 -13.85 0.21 -99.86
N PRO F 113 -12.89 0.71 -99.08
CA PRO F 113 -11.51 0.81 -99.57
C PRO F 113 -10.94 -0.51 -100.02
N ASN F 114 -11.39 -1.61 -99.42
CA ASN F 114 -11.04 -2.96 -99.87
C ASN F 114 -12.37 -3.65 -100.18
N SER F 115 -12.86 -3.45 -101.40
CA SER F 115 -14.12 -4.03 -101.81
C SER F 115 -13.89 -5.42 -102.39
N VAL F 116 -14.87 -6.29 -102.18
CA VAL F 116 -14.71 -7.70 -102.54
C VAL F 116 -15.83 -8.12 -103.49
N LEU F 117 -15.49 -9.02 -104.41
CA LEU F 117 -16.47 -9.75 -105.19
C LEU F 117 -16.30 -11.22 -104.86
N VAL F 118 -17.40 -11.96 -104.86
CA VAL F 118 -17.38 -13.35 -104.45
C VAL F 118 -18.09 -14.19 -105.50
N ILE F 119 -17.36 -15.17 -106.07
CA ILE F 119 -17.99 -16.15 -106.93
C ILE F 119 -18.86 -17.03 -106.06
N ILE F 120 -20.17 -16.83 -106.11
CA ILE F 120 -21.07 -17.51 -105.19
C ILE F 120 -21.61 -18.77 -105.86
N ASP F 121 -21.73 -19.82 -105.07
CA ASP F 121 -22.23 -21.11 -105.53
C ASP F 121 -23.75 -21.15 -105.36
N VAL F 122 -24.46 -21.44 -106.44
CA VAL F 122 -25.90 -21.64 -106.38
C VAL F 122 -26.27 -23.11 -106.31
N LYS F 123 -25.32 -24.02 -106.49
CA LYS F 123 -25.57 -25.46 -106.42
C LYS F 123 -24.44 -26.11 -105.65
N PRO F 124 -24.63 -26.45 -104.38
CA PRO F 124 -23.55 -27.09 -103.64
C PRO F 124 -23.31 -28.50 -104.13
N LYS F 125 -22.27 -28.65 -104.92
CA LYS F 125 -21.84 -29.92 -105.46
C LYS F 125 -20.34 -30.10 -105.31
N ASP F 126 -19.67 -29.14 -104.68
CA ASP F 126 -18.23 -29.12 -104.60
C ASP F 126 -17.69 -30.33 -103.86
N LEU F 127 -16.41 -30.61 -104.10
CA LEU F 127 -15.70 -31.55 -103.25
C LEU F 127 -15.51 -30.98 -101.85
N GLY F 128 -15.20 -29.68 -101.76
CA GLY F 128 -14.91 -29.03 -100.51
C GLY F 128 -15.81 -27.86 -100.18
N LEU F 129 -15.23 -26.66 -100.16
CA LEU F 129 -15.79 -25.41 -99.67
C LEU F 129 -16.46 -24.62 -100.78
N PRO F 130 -17.56 -23.99 -100.43
CA PRO F 130 -18.28 -23.10 -101.36
C PRO F 130 -17.58 -21.77 -101.60
N THR F 131 -18.36 -20.81 -102.09
CA THR F 131 -17.93 -19.49 -102.53
C THR F 131 -16.78 -18.88 -101.74
N GLU F 132 -15.83 -18.27 -102.45
CA GLU F 132 -14.66 -17.65 -101.85
C GLU F 132 -14.57 -16.20 -102.31
N ALA F 133 -13.72 -15.43 -101.63
CA ALA F 133 -13.67 -13.98 -101.79
C ALA F 133 -12.41 -13.53 -102.50
N TYR F 134 -12.52 -12.40 -103.20
CA TYR F 134 -11.42 -11.87 -104.02
C TYR F 134 -11.41 -10.35 -103.88
N ILE F 135 -10.42 -9.83 -103.15
CA ILE F 135 -10.27 -8.40 -102.91
C ILE F 135 -9.46 -7.75 -104.02
N SER F 136 -9.47 -6.42 -104.07
CA SER F 136 -8.67 -5.67 -105.03
C SER F 136 -7.20 -6.05 -104.93
N VAL F 137 -6.58 -6.29 -106.08
CA VAL F 137 -5.21 -6.76 -106.16
C VAL F 137 -4.46 -5.99 -107.25
N GLU F 138 -3.15 -5.83 -107.05
CA GLU F 138 -2.26 -5.16 -107.99
C GLU F 138 -1.11 -6.13 -108.25
N GLU F 139 -1.23 -6.92 -109.31
CA GLU F 139 -0.43 -8.13 -109.47
C GLU F 139 0.03 -8.31 -110.91
N VAL F 140 0.31 -7.21 -111.60
CA VAL F 140 0.30 -7.20 -113.06
C VAL F 140 1.20 -8.27 -113.68
N HIS F 141 2.51 -8.14 -113.50
CA HIS F 141 3.44 -9.06 -114.15
C HIS F 141 4.86 -8.66 -113.77
N ASP F 142 5.80 -9.56 -114.06
CA ASP F 142 7.18 -9.13 -114.25
C ASP F 142 7.26 -8.12 -115.39
N ASP F 143 6.50 -8.35 -116.45
CA ASP F 143 6.26 -7.33 -117.46
C ASP F 143 5.78 -6.04 -116.80
N GLY F 144 4.92 -6.15 -115.79
CA GLY F 144 4.41 -5.00 -115.07
C GLY F 144 3.65 -4.03 -115.97
N THR F 145 2.66 -4.53 -116.68
CA THR F 145 1.83 -3.73 -117.58
C THR F 145 0.96 -2.80 -116.75
N PRO F 146 0.15 -1.95 -117.39
CA PRO F 146 -0.89 -1.24 -116.64
C PRO F 146 -1.65 -2.20 -115.73
N THR F 147 -1.76 -1.82 -114.46
CA THR F 147 -2.11 -2.74 -113.39
C THR F 147 -3.44 -3.44 -113.65
N SER F 148 -3.39 -4.74 -113.89
CA SER F 148 -4.61 -5.53 -113.95
C SER F 148 -5.18 -5.70 -112.56
N LYS F 149 -6.51 -5.78 -112.49
CA LYS F 149 -7.21 -5.87 -111.21
C LYS F 149 -8.09 -7.11 -111.12
N THR F 150 -7.75 -8.18 -111.84
CA THR F 150 -8.46 -9.45 -111.69
C THR F 150 -8.22 -9.97 -110.28
N PHE F 151 -9.25 -9.91 -109.46
CA PHE F 151 -9.10 -10.03 -108.02
C PHE F 151 -8.70 -11.44 -107.62
N GLU F 152 -7.54 -11.54 -106.98
CA GLU F 152 -6.94 -12.83 -106.70
C GLU F 152 -7.70 -13.55 -105.59
N HIS F 153 -7.33 -14.81 -105.39
CA HIS F 153 -7.99 -15.67 -104.41
C HIS F 153 -7.62 -15.17 -103.02
N VAL F 154 -8.45 -14.30 -102.47
CA VAL F 154 -8.24 -13.75 -101.15
C VAL F 154 -8.87 -14.75 -100.19
N THR F 155 -8.04 -15.68 -99.71
CA THR F 155 -8.51 -16.83 -98.97
C THR F 155 -9.41 -16.44 -97.80
N SER F 156 -10.32 -17.33 -97.47
CA SER F 156 -11.17 -17.22 -96.30
C SER F 156 -11.77 -18.59 -96.01
N GLU F 157 -12.64 -18.65 -95.01
CA GLU F 157 -13.24 -19.91 -94.59
C GLU F 157 -14.57 -19.61 -93.93
N ILE F 158 -15.32 -20.67 -93.67
CA ILE F 158 -16.70 -20.53 -93.21
C ILE F 158 -16.70 -20.14 -91.74
N GLY F 159 -16.69 -18.85 -91.46
CA GLY F 159 -16.75 -18.38 -90.09
C GLY F 159 -18.17 -18.43 -89.55
N ALA F 160 -18.33 -19.12 -88.44
CA ALA F 160 -19.57 -19.11 -87.67
C ALA F 160 -19.32 -18.21 -86.48
N GLU F 161 -19.56 -16.91 -86.66
CA GLU F 161 -19.26 -15.93 -85.63
C GLU F 161 -19.91 -16.28 -84.31
N GLU F 162 -21.20 -16.60 -84.31
CA GLU F 162 -21.87 -17.08 -83.13
C GLU F 162 -22.55 -18.41 -83.41
N ALA F 163 -22.91 -19.11 -82.36
CA ALA F 163 -23.57 -20.39 -82.52
C ALA F 163 -24.91 -20.22 -83.21
N GLU F 164 -25.86 -19.58 -82.54
CA GLU F 164 -27.21 -19.33 -83.04
C GLU F 164 -27.85 -20.59 -83.63
N GLU F 165 -27.30 -21.75 -83.30
CA GLU F 165 -27.81 -23.01 -83.79
C GLU F 165 -29.00 -23.50 -82.99
N VAL F 166 -29.54 -22.64 -82.13
CA VAL F 166 -30.81 -22.92 -81.48
C VAL F 166 -31.83 -23.39 -82.50
N GLY F 167 -31.77 -22.85 -83.71
CA GLY F 167 -32.53 -23.37 -84.82
C GLY F 167 -31.68 -24.10 -85.83
N VAL F 168 -30.47 -23.59 -86.08
CA VAL F 168 -29.60 -24.15 -87.12
C VAL F 168 -29.33 -25.62 -86.83
N GLU F 169 -28.77 -25.91 -85.65
CA GLU F 169 -28.68 -27.28 -85.19
C GLU F 169 -30.02 -27.96 -85.27
N HIS F 170 -31.09 -27.28 -84.86
CA HIS F 170 -32.41 -27.87 -84.89
C HIS F 170 -32.87 -28.19 -86.31
N LEU F 171 -32.07 -27.85 -87.32
CA LEU F 171 -32.39 -28.17 -88.71
C LEU F 171 -31.69 -29.41 -89.21
N LEU F 172 -30.52 -29.75 -88.67
CA LEU F 172 -29.70 -30.82 -89.25
C LEU F 172 -30.43 -32.16 -89.19
N ARG F 173 -30.92 -32.55 -88.00
CA ARG F 173 -31.61 -33.85 -87.74
C ARG F 173 -30.92 -35.00 -88.47
N ASP F 174 -29.58 -34.97 -88.62
CA ASP F 174 -28.95 -36.04 -89.37
C ASP F 174 -27.71 -36.63 -88.70
N ILE F 175 -26.90 -35.81 -88.04
CA ILE F 175 -25.54 -36.20 -87.67
C ILE F 175 -25.41 -36.29 -86.15
N LYS F 176 -24.27 -36.83 -85.72
CA LYS F 176 -23.86 -36.90 -84.33
C LYS F 176 -22.47 -36.30 -84.20
N ASP F 177 -21.94 -36.30 -82.98
CA ASP F 177 -20.51 -36.04 -82.78
C ASP F 177 -19.77 -37.31 -83.20
N THR F 178 -19.32 -37.33 -84.45
CA THR F 178 -18.67 -38.51 -84.99
C THR F 178 -17.41 -38.81 -84.22
N THR F 179 -17.47 -39.81 -83.34
CA THR F 179 -16.32 -40.19 -82.47
C THR F 179 -15.10 -40.55 -83.33
N SER F 184 -15.86 -42.21 -89.30
CA SER F 184 -15.66 -40.82 -89.67
C SER F 184 -14.26 -40.62 -90.26
N GLN F 185 -13.26 -41.21 -89.61
CA GLN F 185 -11.92 -41.23 -90.17
C GLN F 185 -11.92 -41.74 -91.60
N ARG F 186 -12.66 -42.83 -91.86
CA ARG F 186 -12.70 -43.37 -93.21
C ARG F 186 -13.32 -42.38 -94.19
N ILE F 187 -14.37 -41.68 -93.75
CA ILE F 187 -14.95 -40.62 -94.57
C ILE F 187 -13.87 -39.60 -94.94
N THR F 188 -13.16 -39.11 -93.93
CA THR F 188 -12.08 -38.16 -94.17
C THR F 188 -11.07 -38.73 -95.16
N ASN F 189 -10.75 -40.03 -95.01
CA ASN F 189 -9.71 -40.63 -95.84
C ASN F 189 -10.14 -40.68 -97.30
N GLN F 190 -11.33 -41.20 -97.56
CA GLN F 190 -11.80 -41.30 -98.93
C GLN F 190 -11.94 -39.92 -99.56
N VAL F 191 -12.50 -38.97 -98.80
CA VAL F 191 -12.63 -37.61 -99.33
C VAL F 191 -11.27 -37.06 -99.68
N HIS F 192 -10.34 -37.07 -98.72
CA HIS F 192 -9.01 -36.50 -98.94
C HIS F 192 -8.34 -37.13 -100.15
N GLY F 193 -8.38 -38.45 -100.24
CA GLY F 193 -7.70 -39.13 -101.33
C GLY F 193 -8.32 -38.68 -102.62
N LEU F 194 -9.59 -39.03 -102.84
CA LEU F 194 -10.24 -38.74 -104.11
C LEU F 194 -10.13 -37.27 -104.48
N LYS F 195 -10.06 -36.38 -103.48
CA LYS F 195 -9.98 -34.95 -103.80
C LYS F 195 -8.59 -34.60 -104.31
N GLY F 196 -7.55 -35.05 -103.61
CA GLY F 196 -6.21 -34.91 -104.15
C GLY F 196 -6.10 -35.47 -105.55
N LEU F 197 -6.74 -36.61 -105.78
CA LEU F 197 -6.61 -37.31 -107.06
C LEU F 197 -7.30 -36.56 -108.19
N ASN F 198 -8.56 -36.17 -107.99
CA ASN F 198 -9.25 -35.40 -109.02
C ASN F 198 -8.59 -34.04 -109.22
N SER F 199 -8.07 -33.43 -108.15
CA SER F 199 -7.29 -32.21 -108.31
C SER F 199 -6.11 -32.44 -109.24
N LYS F 200 -5.33 -33.50 -108.98
CA LYS F 200 -4.21 -33.83 -109.83
C LYS F 200 -4.64 -34.13 -111.26
N LEU F 201 -5.83 -34.69 -111.44
CA LEU F 201 -6.32 -34.94 -112.79
C LEU F 201 -6.62 -33.63 -113.51
N LEU F 202 -7.26 -32.71 -112.80
CA LEU F 202 -7.42 -31.36 -113.33
C LEU F 202 -6.07 -30.76 -113.68
N ASP F 203 -5.08 -31.00 -112.83
CA ASP F 203 -3.72 -30.51 -113.08
C ASP F 203 -3.18 -31.06 -114.40
N ILE F 204 -3.14 -32.38 -114.51
CA ILE F 204 -2.53 -33.00 -115.68
C ILE F 204 -3.27 -32.61 -116.95
N ARG F 205 -4.59 -32.49 -116.89
CA ARG F 205 -5.31 -32.07 -118.09
C ARG F 205 -4.99 -30.61 -118.42
N SER F 206 -4.91 -29.75 -117.40
CA SER F 206 -4.55 -28.36 -117.64
C SER F 206 -3.18 -28.25 -118.27
N TYR F 207 -2.24 -29.09 -117.83
CA TYR F 207 -0.87 -28.98 -118.32
C TYR F 207 -0.72 -29.59 -119.70
N LEU F 208 -1.50 -30.64 -119.98
CA LEU F 208 -1.57 -31.15 -121.34
C LEU F 208 -2.15 -30.11 -122.27
N GLU F 209 -3.09 -29.31 -121.79
CA GLU F 209 -3.56 -28.16 -122.55
C GLU F 209 -2.45 -27.14 -122.73
N LYS F 210 -1.70 -26.86 -121.65
CA LYS F 210 -0.59 -25.92 -121.72
C LYS F 210 0.39 -26.30 -122.81
N VAL F 211 0.81 -27.57 -122.81
CA VAL F 211 1.66 -28.08 -123.88
C VAL F 211 0.95 -27.97 -125.22
N ALA F 212 -0.33 -28.31 -125.25
CA ALA F 212 -1.08 -28.35 -126.50
C ALA F 212 -1.57 -26.97 -126.91
N THR F 213 -2.48 -26.39 -126.13
CA THR F 213 -3.12 -25.13 -126.51
C THR F 213 -3.05 -24.09 -125.40
N GLY F 214 -2.24 -24.32 -124.38
CA GLY F 214 -2.15 -23.37 -123.28
C GLY F 214 -1.42 -22.11 -123.65
N LYS F 215 -1.80 -21.02 -122.98
CA LYS F 215 -1.27 -19.71 -123.27
C LYS F 215 0.09 -19.55 -122.60
N LEU F 216 0.64 -18.34 -122.65
CA LEU F 216 1.88 -17.97 -121.98
C LEU F 216 1.89 -18.30 -120.49
N PRO F 217 0.72 -18.26 -119.80
CA PRO F 217 0.70 -18.76 -118.41
C PRO F 217 1.00 -20.24 -118.27
N ILE F 218 1.44 -20.89 -119.34
CA ILE F 218 1.85 -22.30 -119.33
C ILE F 218 2.70 -22.59 -118.10
N ASN F 219 3.64 -21.70 -117.80
CA ASN F 219 4.43 -21.74 -116.56
C ASN F 219 4.49 -20.35 -115.95
N HIS F 220 3.32 -19.73 -115.82
CA HIS F 220 3.17 -18.28 -115.65
C HIS F 220 4.11 -17.65 -114.63
N GLN F 221 3.87 -17.92 -113.35
CA GLN F 221 4.67 -17.30 -112.31
C GLN F 221 5.05 -18.23 -111.18
N ILE F 222 4.27 -19.28 -110.91
CA ILE F 222 4.54 -20.19 -109.80
C ILE F 222 4.42 -21.64 -110.20
N ILE F 223 3.78 -21.94 -111.32
CA ILE F 223 3.58 -23.32 -111.77
C ILE F 223 4.87 -24.10 -111.69
N TYR F 224 6.00 -23.44 -111.94
CA TYR F 224 7.30 -24.06 -111.72
C TYR F 224 7.62 -24.18 -110.24
N GLN F 225 7.35 -23.13 -109.45
CA GLN F 225 7.48 -23.29 -108.01
C GLN F 225 6.36 -24.12 -107.42
N LEU F 226 5.22 -24.21 -108.10
CA LEU F 226 4.28 -25.28 -107.80
C LEU F 226 4.99 -26.61 -107.86
N GLN F 227 5.67 -26.89 -108.97
CA GLN F 227 6.47 -28.09 -109.07
C GLN F 227 7.62 -28.10 -108.07
N ASP F 228 7.99 -26.94 -107.51
CA ASP F 228 9.07 -26.94 -106.51
C ASP F 228 8.55 -27.38 -105.15
N VAL F 229 7.37 -26.93 -104.76
CA VAL F 229 6.79 -27.44 -103.53
C VAL F 229 6.43 -28.90 -103.72
N PHE F 230 6.15 -29.31 -104.96
CA PHE F 230 6.14 -30.73 -105.27
C PHE F 230 7.53 -31.33 -105.05
N ASN F 231 8.57 -30.61 -105.46
CA ASN F 231 9.98 -30.91 -105.30
C ASN F 231 10.42 -30.87 -103.85
N LEU F 232 9.49 -30.61 -102.93
CA LEU F 232 9.75 -30.89 -101.52
C LEU F 232 10.33 -32.27 -101.34
N LEU F 233 9.80 -33.25 -102.08
CA LEU F 233 10.27 -34.64 -102.03
C LEU F 233 10.40 -35.10 -103.48
N PRO F 234 11.46 -34.68 -104.17
CA PRO F 234 11.52 -34.80 -105.64
C PRO F 234 12.30 -36.00 -106.19
N LEU F 238 12.52 -42.91 -105.51
CA LEU F 238 11.48 -43.16 -104.52
C LEU F 238 11.42 -42.11 -103.42
N GLN F 239 12.07 -40.95 -103.60
CA GLN F 239 12.26 -39.93 -102.57
C GLN F 239 13.28 -40.38 -101.53
N GLU F 240 13.67 -41.66 -101.60
CA GLU F 240 14.69 -42.27 -100.76
C GLU F 240 14.61 -41.77 -99.31
N PHE F 241 13.46 -42.01 -98.69
CA PHE F 241 13.29 -41.59 -97.31
C PHE F 241 13.92 -42.61 -96.36
N VAL F 242 15.16 -43.00 -96.62
CA VAL F 242 15.79 -44.05 -95.81
C VAL F 242 16.11 -43.53 -94.43
N LYS F 243 16.64 -42.31 -94.34
CA LYS F 243 16.70 -41.62 -93.07
C LYS F 243 15.34 -41.68 -92.40
N ALA F 244 14.33 -41.19 -93.11
CA ALA F 244 12.95 -41.32 -92.64
C ALA F 244 12.50 -42.76 -92.53
N PHE F 245 13.17 -43.69 -93.23
CA PHE F 245 12.76 -45.08 -93.11
C PHE F 245 13.10 -45.64 -91.73
N TYR F 246 14.35 -45.51 -91.29
CA TYR F 246 14.65 -46.00 -89.95
C TYR F 246 14.07 -45.07 -88.88
N LEU F 247 13.94 -43.78 -89.19
CA LEU F 247 13.15 -42.88 -88.37
C LEU F 247 11.78 -43.47 -88.09
N LYS F 248 11.02 -43.73 -89.16
CA LYS F 248 9.72 -44.38 -89.07
C LYS F 248 9.82 -45.76 -88.43
N THR F 249 10.98 -46.42 -88.53
CA THR F 249 11.13 -47.70 -87.85
C THR F 249 11.01 -47.50 -86.34
N ASN F 250 11.76 -46.55 -85.79
CA ASN F 250 11.60 -46.23 -84.38
C ASN F 250 10.21 -45.67 -84.09
N ASP F 251 9.67 -44.89 -85.02
CA ASP F 251 8.33 -44.34 -84.86
C ASP F 251 7.31 -45.46 -84.68
N GLN F 252 7.44 -46.52 -85.48
CA GLN F 252 6.53 -47.65 -85.37
C GLN F 252 6.88 -48.54 -84.20
N MET F 253 8.13 -48.55 -83.75
CA MET F 253 8.40 -49.06 -82.41
C MET F 253 7.48 -48.40 -81.41
N VAL F 254 7.40 -47.08 -81.45
CA VAL F 254 6.53 -46.34 -80.55
C VAL F 254 5.07 -46.71 -80.82
N VAL F 255 4.71 -46.77 -82.09
CA VAL F 255 3.33 -47.01 -82.49
C VAL F 255 2.85 -48.35 -81.97
N VAL F 256 3.66 -49.39 -82.17
CA VAL F 256 3.27 -50.73 -81.76
C VAL F 256 3.42 -50.90 -80.26
N TYR F 257 4.31 -50.15 -79.62
CA TYR F 257 4.30 -50.14 -78.15
C TYR F 257 2.97 -49.60 -77.65
N LEU F 258 2.53 -48.49 -78.24
CA LEU F 258 1.21 -47.94 -77.91
C LEU F 258 0.12 -48.99 -78.13
N ALA F 259 0.02 -49.47 -79.37
CA ALA F 259 -0.97 -50.49 -79.71
C ALA F 259 -0.94 -51.64 -78.71
N SER F 260 0.22 -52.28 -78.57
CA SER F 260 0.35 -53.45 -77.72
C SER F 260 -0.07 -53.17 -76.29
N LEU F 261 0.62 -52.23 -75.63
CA LEU F 261 0.33 -51.95 -74.23
C LEU F 261 -1.12 -51.54 -74.04
N ILE F 262 -1.56 -50.51 -74.75
CA ILE F 262 -2.88 -49.94 -74.55
C ILE F 262 -3.96 -50.98 -74.83
N ARG F 263 -3.84 -51.71 -75.94
CA ARG F 263 -4.91 -52.63 -76.33
C ARG F 263 -4.88 -53.91 -75.50
N SER F 264 -3.73 -54.32 -74.97
CA SER F 264 -3.73 -55.39 -74.00
C SER F 264 -4.41 -54.95 -72.71
N VAL F 265 -4.18 -53.69 -72.34
CA VAL F 265 -4.94 -53.10 -71.23
C VAL F 265 -6.43 -53.19 -71.52
N VAL F 266 -6.82 -52.81 -72.74
CA VAL F 266 -8.22 -52.88 -73.16
C VAL F 266 -8.74 -54.30 -73.01
N ALA F 267 -7.94 -55.26 -73.46
CA ALA F 267 -8.30 -56.67 -73.36
C ALA F 267 -8.63 -57.02 -71.92
N LEU F 268 -7.62 -56.92 -71.04
CA LEU F 268 -7.80 -57.17 -69.62
C LEU F 268 -9.02 -56.42 -69.08
N HIS F 269 -9.19 -55.17 -69.51
CA HIS F 269 -10.24 -54.32 -68.98
C HIS F 269 -11.61 -54.95 -69.21
N ASN F 270 -11.98 -55.15 -70.47
CA ASN F 270 -13.27 -55.77 -70.73
C ASN F 270 -13.33 -57.17 -70.14
N LEU F 271 -12.24 -57.93 -70.27
CA LEU F 271 -12.19 -59.30 -69.77
C LEU F 271 -12.74 -59.38 -68.36
N ILE F 272 -12.10 -58.66 -67.43
CA ILE F 272 -12.36 -58.90 -66.01
C ILE F 272 -13.83 -58.69 -65.70
N ASN F 273 -14.33 -57.48 -65.88
CA ASN F 273 -15.68 -57.19 -65.40
C ASN F 273 -16.77 -57.73 -66.32
N ASN F 274 -16.55 -57.75 -67.64
CA ASN F 274 -17.53 -58.40 -68.50
C ASN F 274 -17.70 -59.86 -68.11
N LYS F 275 -16.59 -60.56 -67.83
CA LYS F 275 -16.70 -61.95 -67.38
C LYS F 275 -17.35 -62.04 -66.00
N ILE F 276 -17.07 -61.07 -65.13
CA ILE F 276 -17.70 -61.07 -63.82
C ILE F 276 -19.21 -61.03 -63.96
N ALA F 277 -19.72 -60.01 -64.66
CA ALA F 277 -21.16 -59.89 -64.87
C ALA F 277 -21.71 -61.11 -65.60
N ASN F 278 -20.96 -61.61 -66.58
CA ASN F 278 -21.37 -62.80 -67.33
C ASN F 278 -21.63 -63.96 -66.39
N ARG F 279 -20.62 -64.35 -65.61
CA ARG F 279 -20.74 -65.50 -64.74
C ARG F 279 -21.80 -65.27 -63.66
N ASP F 280 -21.90 -64.03 -63.16
CA ASP F 280 -22.94 -63.72 -62.19
C ASP F 280 -24.32 -64.04 -62.76
N ALA F 281 -24.71 -63.33 -63.82
CA ALA F 281 -26.02 -63.55 -64.42
C ALA F 281 -26.16 -64.95 -65.01
N GLU F 282 -25.06 -65.67 -65.20
CA GLU F 282 -25.11 -67.00 -65.78
C GLU F 282 -25.46 -68.05 -64.73
N LYS F 283 -24.60 -68.21 -63.72
CA LYS F 283 -24.80 -69.29 -62.78
C LYS F 283 -25.58 -68.87 -61.54
N LYS F 284 -25.48 -67.61 -61.12
CA LYS F 284 -26.26 -67.18 -59.97
C LYS F 284 -27.72 -66.93 -60.33
N GLU F 285 -28.06 -67.00 -61.61
CA GLU F 285 -29.46 -66.98 -62.02
C GLU F 285 -30.14 -68.32 -61.80
N GLY F 286 -29.40 -69.41 -61.97
CA GLY F 286 -29.95 -70.74 -61.76
C GLY F 286 -29.46 -71.38 -60.47
N VAL G 1 -2.17 38.56 -135.16
CA VAL G 1 -2.09 37.21 -134.63
C VAL G 1 -2.73 36.21 -135.62
N PRO G 2 -3.85 36.55 -136.31
CA PRO G 2 -4.08 35.90 -137.60
C PRO G 2 -3.03 36.27 -138.62
N GLY G 3 -2.58 37.53 -138.62
CA GLY G 3 -1.49 37.96 -139.47
C GLY G 3 -0.17 37.30 -139.15
N PHE G 4 -0.04 36.77 -137.94
CA PHE G 4 1.15 35.99 -137.56
C PHE G 4 1.31 34.75 -138.42
N LEU G 5 0.25 33.98 -138.62
CA LEU G 5 0.39 32.87 -139.55
C LEU G 5 0.09 33.27 -140.99
N GLN G 6 -0.46 34.48 -141.23
CA GLN G 6 -0.44 35.02 -142.59
C GLN G 6 0.99 35.27 -143.07
N GLN G 7 1.89 35.66 -142.17
CA GLN G 7 3.29 35.84 -142.56
C GLN G 7 4.15 34.60 -142.33
N SER G 8 3.81 33.76 -141.36
CA SER G 8 4.53 32.51 -141.13
C SER G 8 3.80 31.30 -141.72
N GLN G 9 2.94 31.51 -142.71
CA GLN G 9 2.18 30.41 -143.29
C GLN G 9 3.07 29.52 -144.15
N ASN G 10 3.70 30.10 -145.17
CA ASN G 10 4.50 29.34 -146.11
C ASN G 10 5.77 28.82 -145.44
N SER G 11 5.86 27.50 -145.29
CA SER G 11 6.96 26.85 -144.59
C SER G 11 7.59 25.75 -145.45
N GLY G 12 7.64 25.95 -146.75
CA GLY G 12 8.24 24.99 -147.65
C GLY G 12 7.37 24.72 -148.87
N PRO G 13 7.81 23.82 -149.73
CA PRO G 13 6.93 23.32 -150.81
C PRO G 13 6.13 22.09 -150.38
N GLY G 14 4.82 22.13 -150.56
CA GLY G 14 3.97 21.04 -150.12
C GLY G 14 3.65 21.02 -148.64
N GLN G 15 4.26 21.90 -147.86
CA GLN G 15 3.95 22.21 -146.47
C GLN G 15 2.68 23.07 -146.37
N PRO G 16 2.38 24.03 -147.32
CA PRO G 16 1.02 24.56 -147.36
C PRO G 16 -0.11 23.57 -147.67
N ALA G 17 0.17 22.30 -147.96
CA ALA G 17 -0.90 21.30 -147.95
C ALA G 17 -1.47 21.07 -146.56
N VAL G 18 -0.76 21.46 -145.50
CA VAL G 18 -1.37 21.59 -144.18
C VAL G 18 -1.44 23.03 -143.70
N TRP G 19 -0.72 23.98 -144.33
CA TRP G 19 -0.86 25.37 -143.89
C TRP G 19 -2.02 26.14 -144.54
N HIS G 20 -2.44 25.80 -145.77
CA HIS G 20 -3.69 26.34 -146.31
C HIS G 20 -4.90 25.80 -145.55
N ARG G 21 -4.73 24.68 -144.88
CA ARG G 21 -5.75 24.19 -143.98
C ARG G 21 -5.63 24.81 -142.59
N LEU G 22 -4.40 25.10 -142.15
CA LEU G 22 -4.19 25.76 -140.87
C LEU G 22 -4.69 27.21 -140.88
N GLU G 23 -4.67 27.87 -142.04
CA GLU G 23 -5.25 29.20 -142.12
C GLU G 23 -6.77 29.20 -142.09
N GLU G 24 -7.41 28.02 -142.02
CA GLU G 24 -8.82 27.91 -141.73
C GLU G 24 -9.14 27.15 -140.45
N LEU G 25 -8.17 26.43 -139.87
CA LEU G 25 -8.38 25.78 -138.57
C LEU G 25 -8.73 26.79 -137.48
N TYR G 26 -7.93 27.83 -137.32
CA TYR G 26 -8.18 28.80 -136.27
C TYR G 26 -9.33 29.74 -136.61
N THR G 27 -9.76 29.81 -137.86
CA THR G 27 -11.02 30.48 -138.18
C THR G 27 -12.18 29.62 -137.71
N LYS G 28 -12.13 28.32 -138.01
CA LYS G 28 -12.99 27.34 -137.36
C LYS G 28 -12.74 27.25 -135.85
N LYS G 29 -11.60 27.76 -135.39
CA LYS G 29 -11.23 27.98 -133.99
C LYS G 29 -11.01 26.68 -133.23
N LEU G 30 -10.92 25.56 -133.94
CA LEU G 30 -10.84 24.24 -133.32
C LEU G 30 -9.47 24.03 -132.66
N TRP G 31 -9.43 23.06 -131.75
CA TRP G 31 -8.20 22.73 -131.04
C TRP G 31 -7.95 21.23 -130.90
N HIS G 32 -8.87 20.37 -131.32
CA HIS G 32 -8.55 18.94 -131.36
C HIS G 32 -7.60 18.65 -132.51
N GLN G 33 -8.03 18.94 -133.74
CA GLN G 33 -7.15 18.76 -134.88
C GLN G 33 -6.06 19.82 -134.94
N LEU G 34 -6.10 20.85 -134.09
CA LEU G 34 -4.97 21.75 -133.96
C LEU G 34 -3.96 21.27 -132.93
N THR G 35 -4.42 20.56 -131.89
CA THR G 35 -3.51 19.73 -131.11
C THR G 35 -2.86 18.67 -131.99
N LEU G 36 -3.66 18.05 -132.86
CA LEU G 36 -3.14 17.11 -133.84
C LEU G 36 -2.33 17.80 -134.94
N GLN G 37 -2.48 19.11 -135.12
CA GLN G 37 -1.64 19.85 -136.06
C GLN G 37 -0.30 20.19 -135.43
N VAL G 38 -0.24 20.37 -134.12
CA VAL G 38 1.03 20.36 -133.40
C VAL G 38 1.70 19.01 -133.57
N LEU G 39 0.92 17.93 -133.38
CA LEU G 39 1.46 16.58 -133.55
C LEU G 39 1.84 16.28 -135.00
N ASP G 40 1.22 16.95 -135.97
CA ASP G 40 1.51 16.74 -137.38
C ASP G 40 2.69 17.58 -137.85
N PHE G 41 2.87 18.77 -137.29
CA PHE G 41 4.12 19.51 -137.46
C PHE G 41 5.28 18.79 -136.81
N VAL G 42 5.01 17.97 -135.79
CA VAL G 42 6.00 16.99 -135.37
C VAL G 42 6.14 15.88 -136.41
N GLN G 43 5.02 15.45 -137.01
CA GLN G 43 5.03 14.32 -137.93
C GLN G 43 5.69 14.67 -139.25
N ASP G 44 5.27 15.76 -139.88
CA ASP G 44 5.99 16.26 -141.04
C ASP G 44 7.31 16.86 -140.56
N PRO G 45 8.42 16.64 -141.29
CA PRO G 45 9.73 17.03 -140.75
C PRO G 45 9.97 18.54 -140.72
N CYS G 46 9.39 19.19 -139.71
CA CYS G 46 9.63 20.60 -139.48
C CYS G 46 10.98 20.77 -138.81
N PHE G 47 11.76 21.73 -139.32
CA PHE G 47 13.08 22.04 -138.80
C PHE G 47 13.05 23.10 -137.71
N ALA G 48 11.94 23.14 -136.95
CA ALA G 48 11.72 24.01 -135.79
C ALA G 48 11.80 25.50 -136.11
N GLN G 49 10.90 25.98 -136.97
CA GLN G 49 10.71 27.43 -137.12
C GLN G 49 9.26 27.89 -136.98
N GLY G 50 8.27 27.06 -137.29
CA GLY G 50 6.89 27.45 -137.08
C GLY G 50 6.49 27.35 -135.63
N ASP G 51 7.01 26.33 -134.95
CA ASP G 51 6.74 26.18 -133.52
C ASP G 51 7.53 27.19 -132.70
N GLY G 52 8.79 27.42 -133.07
CA GLY G 52 9.66 28.38 -132.40
C GLY G 52 9.21 29.81 -132.50
N LEU G 53 8.29 30.11 -133.41
CA LEU G 53 7.60 31.38 -133.47
C LEU G 53 6.20 31.32 -132.87
N ILE G 54 5.47 30.21 -133.04
CA ILE G 54 4.10 30.09 -132.56
C ILE G 54 4.08 29.88 -131.04
N LYS G 55 5.26 29.76 -130.42
CA LYS G 55 5.35 29.63 -128.96
C LYS G 55 4.73 30.81 -128.21
N LEU G 56 4.76 32.01 -128.79
CA LEU G 56 4.02 33.12 -128.18
C LEU G 56 2.51 32.90 -128.34
N TYR G 57 2.09 32.31 -129.45
CA TYR G 57 0.68 31.92 -129.54
C TYR G 57 0.35 30.71 -128.68
N GLU G 58 1.35 29.95 -128.24
CA GLU G 58 1.11 28.86 -127.30
C GLU G 58 0.87 29.44 -125.90
N ASN G 59 1.63 30.49 -125.56
CA ASN G 59 1.27 31.34 -124.44
C ASN G 59 -0.15 31.90 -124.60
N PHE G 60 -0.52 32.27 -125.83
CA PHE G 60 -1.89 32.76 -126.07
C PHE G 60 -2.94 31.66 -125.92
N ILE G 61 -2.56 30.41 -126.24
CA ILE G 61 -3.43 29.25 -125.99
C ILE G 61 -3.67 29.10 -124.50
N SER G 62 -2.58 29.20 -123.71
CA SER G 62 -2.70 29.21 -122.25
C SER G 62 -3.54 30.38 -121.75
N GLU G 63 -3.52 31.51 -122.47
CA GLU G 63 -4.33 32.65 -122.08
C GLU G 63 -5.82 32.46 -122.34
N PHE G 64 -6.22 32.28 -123.60
CA PHE G 64 -7.65 32.31 -123.91
C PHE G 64 -8.21 31.03 -124.53
N GLU G 65 -7.42 29.98 -124.70
CA GLU G 65 -8.03 28.70 -125.09
C GLU G 65 -8.51 27.96 -123.86
N HIS G 66 -7.59 27.72 -122.91
CA HIS G 66 -7.82 27.27 -121.53
C HIS G 66 -8.71 26.03 -121.41
N ARG G 67 -8.62 25.11 -122.37
CA ARG G 67 -9.33 23.85 -122.16
C ARG G 67 -8.50 22.61 -122.47
N VAL G 68 -7.60 22.68 -123.45
CA VAL G 68 -6.91 21.49 -123.93
C VAL G 68 -5.78 21.12 -122.97
N ASN G 69 -5.61 19.81 -122.75
CA ASN G 69 -4.54 19.25 -121.95
C ASN G 69 -3.18 19.73 -122.48
N PRO G 70 -2.23 20.11 -121.61
CA PRO G 70 -0.93 20.61 -122.09
C PRO G 70 0.05 19.57 -122.64
N LEU G 71 -0.45 18.40 -123.04
CA LEU G 71 0.28 17.38 -123.78
C LEU G 71 1.03 18.00 -124.96
N SER G 72 0.28 18.66 -125.85
CA SER G 72 0.87 19.30 -127.01
C SER G 72 1.74 20.50 -126.65
N LEU G 73 1.54 21.11 -125.48
CA LEU G 73 2.40 22.24 -125.11
C LEU G 73 3.76 21.75 -124.62
N VAL G 74 3.79 20.65 -123.87
CA VAL G 74 5.04 20.00 -123.53
C VAL G 74 5.73 19.48 -124.79
N GLU G 75 4.94 18.87 -125.70
CA GLU G 75 5.43 18.48 -127.03
C GLU G 75 6.07 19.66 -127.76
N ILE G 76 5.42 20.82 -127.71
CA ILE G 76 5.89 21.91 -128.55
C ILE G 76 7.10 22.59 -127.92
N ILE G 77 7.26 22.57 -126.59
CA ILE G 77 8.53 23.11 -126.09
C ILE G 77 9.67 22.12 -126.33
N LEU G 78 9.40 20.80 -126.24
CA LEU G 78 10.47 19.85 -126.56
C LEU G 78 10.67 19.67 -128.07
N HIS G 79 9.88 20.35 -128.90
CA HIS G 79 10.19 20.46 -130.33
C HIS G 79 10.65 21.84 -130.76
N VAL G 80 10.48 22.87 -129.92
CA VAL G 80 11.16 24.13 -130.12
C VAL G 80 12.62 24.02 -129.67
N VAL G 81 12.95 23.03 -128.81
CA VAL G 81 14.32 22.85 -128.32
C VAL G 81 15.33 22.49 -129.44
N ARG G 82 14.84 22.19 -130.65
CA ARG G 82 15.70 22.11 -131.82
C ARG G 82 16.09 23.49 -132.34
N GLN G 83 15.17 24.46 -132.28
CA GLN G 83 15.52 25.85 -132.53
C GLN G 83 16.34 26.41 -131.37
N MET G 84 16.03 25.98 -130.15
CA MET G 84 16.64 26.54 -128.95
C MET G 84 18.05 26.03 -128.74
N THR G 85 18.20 24.69 -128.65
CA THR G 85 19.43 23.99 -128.24
C THR G 85 19.94 24.49 -126.89
N ASP G 86 19.02 24.82 -125.99
CA ASP G 86 19.33 25.26 -124.64
C ASP G 86 18.17 24.95 -123.71
N PRO G 87 18.33 24.05 -122.74
CA PRO G 87 17.20 23.62 -121.92
C PRO G 87 16.96 24.49 -120.69
N ASN G 88 17.93 25.31 -120.32
CA ASN G 88 17.90 26.03 -119.04
C ASN G 88 16.83 27.10 -118.98
N VAL G 89 16.34 27.56 -120.13
CA VAL G 89 15.20 28.46 -120.16
C VAL G 89 13.94 27.62 -120.35
N ALA G 90 14.09 26.46 -120.99
CA ALA G 90 12.97 25.56 -121.21
C ALA G 90 12.49 24.91 -119.92
N LEU G 91 13.35 24.78 -118.91
CA LEU G 91 12.93 24.18 -117.65
C LEU G 91 11.98 25.09 -116.87
N THR G 92 12.38 26.35 -116.69
CA THR G 92 11.51 27.32 -116.04
C THR G 92 10.28 27.60 -116.87
N PHE G 93 10.41 27.60 -118.20
CA PHE G 93 9.25 27.75 -119.06
C PHE G 93 8.31 26.56 -118.92
N LEU G 94 8.84 25.36 -118.74
CA LEU G 94 7.99 24.19 -118.68
C LEU G 94 7.29 24.08 -117.33
N GLU G 95 7.95 24.45 -116.23
CA GLU G 95 7.25 24.47 -114.96
C GLU G 95 6.30 25.65 -114.85
N LYS G 96 6.60 26.76 -115.55
CA LYS G 96 5.64 27.83 -115.77
C LYS G 96 4.37 27.31 -116.44
N THR G 97 4.52 26.59 -117.55
CA THR G 97 3.37 26.00 -118.22
C THR G 97 2.73 24.87 -117.43
N ARG G 98 3.45 24.28 -116.49
CA ARG G 98 2.84 23.34 -115.57
C ARG G 98 1.89 24.05 -114.63
N GLU G 99 2.34 25.14 -114.02
CA GLU G 99 1.53 25.83 -113.03
C GLU G 99 0.52 26.80 -113.62
N LYS G 100 0.55 27.07 -114.93
CA LYS G 100 -0.41 28.00 -115.52
C LYS G 100 -1.38 27.38 -116.50
N VAL G 101 -1.19 26.11 -116.89
CA VAL G 101 -2.11 25.44 -117.80
C VAL G 101 -2.76 24.30 -117.03
N LYS G 102 -4.07 24.37 -116.86
CA LYS G 102 -4.80 23.47 -115.99
C LYS G 102 -5.46 22.35 -116.79
N SER G 103 -5.60 21.20 -116.12
CA SER G 103 -6.37 20.07 -116.60
C SER G 103 -6.71 19.20 -115.40
N SER G 104 -7.59 18.23 -115.62
CA SER G 104 -7.93 17.27 -114.58
C SER G 104 -7.05 16.03 -114.62
N ASP G 105 -6.28 15.83 -115.68
CA ASP G 105 -5.53 14.61 -115.88
C ASP G 105 -4.21 14.65 -115.10
N GLU G 106 -3.46 13.56 -115.21
CA GLU G 106 -2.14 13.43 -114.56
C GLU G 106 -1.12 14.24 -115.36
N ALA G 107 -0.77 15.42 -114.84
CA ALA G 107 0.13 16.31 -115.54
C ALA G 107 1.50 16.43 -114.89
N VAL G 108 1.60 16.23 -113.58
CA VAL G 108 2.88 16.31 -112.89
C VAL G 108 3.83 15.22 -113.37
N ILE G 109 3.29 14.08 -113.78
CA ILE G 109 4.13 12.98 -114.22
C ILE G 109 4.69 13.25 -115.62
N LEU G 110 3.88 13.79 -116.53
CA LEU G 110 4.39 14.14 -117.85
C LEU G 110 5.35 15.31 -117.78
N CYS G 111 5.10 16.27 -116.87
CA CYS G 111 6.01 17.40 -116.71
C CYS G 111 7.36 16.98 -116.15
N LYS G 112 7.36 16.18 -115.08
CA LYS G 112 8.63 15.77 -114.50
C LYS G 112 9.36 14.71 -115.33
N THR G 113 8.65 13.94 -116.16
CA THR G 113 9.37 13.07 -117.09
C THR G 113 9.92 13.85 -118.27
N ALA G 114 9.28 14.94 -118.70
CA ALA G 114 9.93 15.77 -119.72
C ALA G 114 11.15 16.50 -119.15
N ILE G 115 11.09 16.89 -117.87
CA ILE G 115 12.26 17.48 -117.22
C ILE G 115 13.37 16.43 -117.08
N GLY G 116 13.00 15.17 -116.79
CA GLY G 116 13.97 14.09 -116.82
C GLY G 116 14.55 13.84 -118.20
N ALA G 117 13.75 14.02 -119.24
CA ALA G 117 14.21 13.75 -120.60
C ALA G 117 15.15 14.84 -121.10
N LEU G 118 14.92 16.09 -120.71
CA LEU G 118 15.82 17.17 -121.07
C LEU G 118 16.82 17.49 -119.96
N LYS G 119 16.88 16.65 -118.93
CA LYS G 119 17.83 16.78 -117.84
C LYS G 119 19.25 16.36 -118.22
N LEU G 120 19.43 15.72 -119.39
CA LEU G 120 20.73 15.16 -119.76
C LEU G 120 21.83 16.22 -119.93
N ASN G 121 21.46 17.49 -120.04
CA ASN G 121 22.42 18.58 -120.13
C ASN G 121 22.79 19.16 -118.76
N ILE G 122 22.53 18.45 -117.66
CA ILE G 122 22.73 19.04 -116.34
C ILE G 122 23.96 18.52 -115.62
N GLY G 123 24.53 17.39 -116.05
CA GLY G 123 25.53 16.79 -115.17
C GLY G 123 24.88 16.06 -114.01
N ASP G 124 24.34 14.87 -114.30
CA ASP G 124 23.43 14.11 -113.46
C ASP G 124 24.02 13.73 -112.09
N LEU G 125 23.16 13.02 -111.31
CA LEU G 125 23.27 12.53 -109.92
C LEU G 125 23.01 13.66 -108.91
N GLN G 126 22.63 14.85 -109.39
CA GLN G 126 22.35 15.95 -108.48
C GLN G 126 20.87 16.29 -108.33
N VAL G 127 20.10 16.22 -109.41
CA VAL G 127 18.68 16.56 -109.41
C VAL G 127 17.83 15.37 -109.88
N THR G 128 18.50 14.37 -110.45
CA THR G 128 17.87 13.16 -110.96
C THR G 128 17.13 12.42 -109.87
N LYS G 129 17.81 12.11 -108.77
CA LYS G 129 17.24 11.28 -107.72
C LYS G 129 15.96 11.88 -107.15
N GLU G 130 16.01 13.18 -106.82
CA GLU G 130 14.86 13.97 -106.37
C GLU G 130 13.66 13.90 -107.30
N THR G 131 13.79 14.42 -108.53
CA THR G 131 12.54 14.51 -109.29
C THR G 131 12.19 13.24 -110.07
N ILE G 132 13.19 12.45 -110.49
CA ILE G 132 12.95 11.10 -110.98
C ILE G 132 12.27 10.24 -109.93
N GLU G 133 12.61 10.44 -108.65
CA GLU G 133 11.93 9.73 -107.58
C GLU G 133 10.52 10.27 -107.37
N ASP G 134 10.33 11.58 -107.56
CA ASP G 134 9.01 12.19 -107.50
C ASP G 134 8.06 11.63 -108.56
N VAL G 135 8.61 11.26 -109.72
CA VAL G 135 7.80 10.62 -110.77
C VAL G 135 7.15 9.33 -110.25
N GLU G 136 7.94 8.43 -109.65
CA GLU G 136 7.32 7.21 -109.12
C GLU G 136 6.56 7.47 -107.82
N GLU G 137 6.85 8.58 -107.13
CA GLU G 137 5.96 9.03 -106.07
C GLU G 137 4.56 9.32 -106.60
N MET G 138 4.45 9.78 -107.85
CA MET G 138 3.14 10.00 -108.45
C MET G 138 2.80 8.98 -109.53
N LEU G 139 3.36 7.76 -109.46
CA LEU G 139 3.04 6.71 -110.41
C LEU G 139 2.09 5.67 -109.85
N ASN G 140 1.94 5.61 -108.52
CA ASN G 140 1.19 4.54 -107.87
C ASN G 140 -0.30 4.60 -108.19
N ASN G 141 -0.83 5.81 -108.39
CA ASN G 141 -2.27 6.02 -108.49
C ASN G 141 -2.86 5.34 -109.72
N LEU G 142 -2.49 5.81 -110.90
CA LEU G 142 -2.90 5.18 -112.15
C LEU G 142 -1.90 5.50 -113.26
N PRO G 143 -1.02 4.58 -113.62
CA PRO G 143 -0.17 4.79 -114.80
C PRO G 143 -0.90 4.54 -116.12
N GLY G 144 -2.07 5.16 -116.32
CA GLY G 144 -2.84 4.94 -117.53
C GLY G 144 -2.23 5.55 -118.78
N VAL G 145 -1.38 6.56 -118.61
CA VAL G 145 -0.73 7.19 -119.76
C VAL G 145 0.30 6.25 -120.37
N THR G 146 1.28 5.82 -119.57
CA THR G 146 2.20 4.71 -119.77
C THR G 146 3.21 4.96 -120.91
N SER G 147 3.07 6.06 -121.65
CA SER G 147 4.23 6.65 -122.30
C SER G 147 5.02 7.50 -121.33
N VAL G 148 4.36 7.95 -120.25
CA VAL G 148 5.09 8.52 -119.12
C VAL G 148 5.90 7.43 -118.43
N HIS G 149 5.45 6.17 -118.49
CA HIS G 149 6.27 5.07 -117.98
C HIS G 149 7.42 4.73 -118.93
N SER G 150 7.28 5.03 -120.22
CA SER G 150 8.38 4.85 -121.16
C SER G 150 9.45 5.90 -120.98
N ARG G 151 9.02 7.16 -120.86
CA ARG G 151 9.97 8.22 -120.48
C ARG G 151 10.52 7.99 -119.09
N PHE G 152 9.75 7.35 -118.21
CA PHE G 152 10.22 6.95 -116.90
C PHE G 152 11.30 5.88 -117.00
N TYR G 153 11.15 4.96 -117.95
CA TYR G 153 12.26 4.07 -118.27
C TYR G 153 13.48 4.85 -118.74
N ASP G 154 13.29 5.84 -119.61
CA ASP G 154 14.44 6.52 -120.21
C ASP G 154 15.22 7.33 -119.16
N LEU G 155 14.50 8.03 -118.28
CA LEU G 155 15.18 8.69 -117.17
C LEU G 155 15.72 7.68 -116.16
N SER G 156 15.05 6.54 -115.99
CA SER G 156 15.54 5.51 -115.09
C SER G 156 16.73 4.75 -115.68
N SER G 157 16.93 4.79 -116.99
CA SER G 157 18.05 4.12 -117.63
C SER G 157 19.26 5.01 -117.76
N LYS G 158 19.05 6.31 -117.96
CA LYS G 158 20.14 7.25 -117.72
C LYS G 158 20.48 7.30 -116.24
N TYR G 159 19.49 7.04 -115.38
CA TYR G 159 19.71 6.89 -113.95
C TYR G 159 20.37 5.58 -113.59
N TYR G 160 20.23 4.56 -114.44
CA TYR G 160 21.08 3.37 -114.35
C TYR G 160 22.51 3.71 -114.76
N GLN G 161 22.65 4.53 -115.81
CA GLN G 161 23.97 5.01 -116.20
C GLN G 161 24.55 6.02 -115.22
N THR G 162 23.76 6.51 -114.25
CA THR G 162 24.33 6.98 -113.00
C THR G 162 24.66 5.72 -112.21
N ILE G 163 25.96 5.45 -112.10
CA ILE G 163 26.47 4.12 -111.75
C ILE G 163 26.04 3.72 -110.34
N GLY G 164 25.84 2.42 -110.12
CA GLY G 164 25.53 1.92 -108.80
C GLY G 164 24.68 0.66 -108.66
N ASN G 165 23.95 0.25 -109.70
CA ASN G 165 23.18 -0.99 -109.59
C ASN G 165 23.17 -1.64 -110.97
N HIS G 166 24.11 -2.55 -111.20
CA HIS G 166 24.49 -2.97 -112.54
C HIS G 166 23.64 -4.10 -113.10
N ALA G 167 22.68 -4.62 -112.35
CA ALA G 167 21.64 -5.47 -112.92
C ALA G 167 20.24 -4.94 -112.63
N SER G 168 20.14 -3.70 -112.16
CA SER G 168 18.88 -2.97 -112.21
C SER G 168 18.50 -2.57 -113.62
N TYR G 169 19.43 -2.70 -114.57
CA TYR G 169 19.12 -2.57 -115.98
C TYR G 169 18.24 -3.70 -116.48
N TYR G 170 18.22 -4.85 -115.80
CA TYR G 170 17.37 -5.96 -116.20
C TYR G 170 15.91 -5.74 -115.78
N LYS G 171 15.69 -5.32 -114.53
CA LYS G 171 14.34 -4.98 -114.08
C LYS G 171 13.86 -3.69 -114.75
N ASP G 172 14.75 -2.72 -114.88
CA ASP G 172 14.43 -1.51 -115.63
C ASP G 172 14.20 -1.82 -117.10
N ALA G 173 14.85 -2.85 -117.63
CA ALA G 173 14.58 -3.29 -118.99
C ALA G 173 13.27 -4.05 -119.09
N LEU G 174 12.81 -4.63 -117.99
CA LEU G 174 11.42 -5.10 -117.97
C LEU G 174 10.46 -3.93 -118.02
N ARG G 175 10.80 -2.82 -117.34
CA ARG G 175 10.00 -1.60 -117.47
C ARG G 175 10.04 -1.04 -118.89
N PHE G 176 11.15 -1.24 -119.59
CA PHE G 176 11.26 -0.88 -121.00
C PHE G 176 10.47 -1.84 -121.89
N LEU G 177 10.54 -3.13 -121.57
CA LEU G 177 9.89 -4.19 -122.33
C LEU G 177 8.39 -4.24 -122.09
N GLY G 178 7.91 -3.53 -121.07
CA GLY G 178 6.49 -3.43 -120.83
C GLY G 178 6.03 -2.00 -120.63
N CYS G 179 6.87 -1.04 -121.02
CA CYS G 179 6.42 0.34 -121.12
C CYS G 179 5.36 0.44 -122.21
N VAL G 180 5.71 0.04 -123.42
CA VAL G 180 4.76 -0.37 -124.44
C VAL G 180 5.25 -1.68 -125.02
N ASP G 181 4.38 -2.70 -125.01
CA ASP G 181 4.80 -4.05 -125.38
C ASP G 181 5.17 -4.13 -126.86
N ILE G 182 4.32 -3.58 -127.73
CA ILE G 182 4.74 -3.38 -129.11
C ILE G 182 5.85 -2.33 -129.12
N LYS G 183 6.94 -2.64 -129.81
CA LYS G 183 8.18 -1.91 -129.62
C LYS G 183 8.26 -0.62 -130.43
N ASP G 184 7.25 -0.34 -131.25
CA ASP G 184 6.87 0.91 -131.93
C ASP G 184 8.02 1.75 -132.49
N LEU G 185 9.08 1.07 -132.94
CA LEU G 185 10.20 1.64 -133.68
C LEU G 185 10.89 0.46 -134.34
N PRO G 186 11.61 0.67 -135.44
CA PRO G 186 12.19 -0.47 -136.19
C PRO G 186 13.22 -1.28 -135.41
N VAL G 187 13.61 -2.39 -136.03
CA VAL G 187 14.25 -3.50 -135.33
C VAL G 187 15.69 -3.19 -134.94
N SER G 188 16.38 -2.37 -135.74
CA SER G 188 17.84 -2.28 -135.68
C SER G 188 18.34 -1.61 -134.38
N GLU G 189 17.76 -0.46 -134.03
CA GLU G 189 18.19 0.26 -132.84
C GLU G 189 17.92 -0.55 -131.58
N GLN G 190 16.74 -1.14 -131.48
CA GLN G 190 16.49 -1.91 -130.28
C GLN G 190 17.11 -3.30 -130.30
N GLN G 191 17.55 -3.80 -131.46
CA GLN G 191 18.32 -5.04 -131.39
C GLN G 191 19.76 -4.78 -131.02
N GLU G 192 20.27 -3.57 -131.29
CA GLU G 192 21.50 -3.18 -130.63
C GLU G 192 21.27 -2.88 -129.16
N ARG G 193 20.07 -2.44 -128.79
CA ARG G 193 19.72 -2.36 -127.38
C ARG G 193 19.59 -3.74 -126.74
N ALA G 194 19.24 -4.78 -127.52
CA ALA G 194 19.18 -6.13 -127.00
C ALA G 194 20.59 -6.72 -126.86
N PHE G 195 21.47 -6.39 -127.81
CA PHE G 195 22.91 -6.62 -127.70
C PHE G 195 23.45 -6.10 -126.38
N THR G 196 23.34 -4.78 -126.17
CA THR G 196 23.85 -4.21 -124.93
C THR G 196 22.98 -4.54 -123.72
N LEU G 197 21.76 -5.02 -123.93
CA LEU G 197 20.96 -5.57 -122.84
C LEU G 197 21.56 -6.86 -122.32
N GLY G 198 21.88 -7.78 -123.23
CA GLY G 198 22.61 -8.98 -122.86
C GLY G 198 23.90 -8.67 -122.15
N LEU G 199 24.63 -7.67 -122.64
CA LEU G 199 25.91 -7.29 -122.00
C LEU G 199 25.69 -6.71 -120.61
N ALA G 200 24.86 -5.65 -120.50
CA ALA G 200 24.65 -4.92 -119.26
C ALA G 200 23.85 -5.71 -118.22
N GLY G 201 23.21 -6.81 -118.60
CA GLY G 201 22.63 -7.68 -117.61
C GLY G 201 23.57 -8.81 -117.27
N LEU G 202 24.42 -9.19 -118.24
CA LEU G 202 25.38 -10.26 -118.10
C LEU G 202 26.41 -9.92 -117.03
N LEU G 203 27.14 -8.83 -117.26
CA LEU G 203 28.38 -8.61 -116.51
C LEU G 203 28.11 -8.13 -115.09
N GLY G 204 27.20 -7.19 -114.91
CA GLY G 204 26.78 -6.83 -113.58
C GLY G 204 25.94 -7.91 -112.94
N GLU G 205 25.92 -7.92 -111.60
CA GLU G 205 25.20 -8.96 -110.88
C GLU G 205 24.54 -8.42 -109.61
N GLY G 206 23.28 -8.02 -109.72
CA GLY G 206 22.35 -7.94 -108.62
C GLY G 206 21.32 -9.04 -108.79
N VAL G 207 21.05 -9.38 -110.06
CA VAL G 207 20.17 -10.50 -110.38
C VAL G 207 20.97 -11.80 -110.23
N PHE G 208 20.27 -12.87 -109.86
CA PHE G 208 20.87 -14.18 -109.71
C PHE G 208 20.25 -15.23 -110.61
N ASN G 209 18.97 -15.12 -110.93
CA ASN G 209 18.33 -15.98 -111.93
C ASN G 209 18.36 -15.30 -113.30
N PHE G 210 19.59 -15.11 -113.79
CA PHE G 210 19.79 -14.29 -114.97
C PHE G 210 19.27 -14.96 -116.24
N GLY G 211 19.44 -16.27 -116.36
CA GLY G 211 18.89 -16.96 -117.50
C GLY G 211 17.41 -17.25 -117.35
N GLU G 212 16.57 -16.22 -117.39
CA GLU G 212 15.16 -16.44 -117.04
C GLU G 212 14.17 -16.17 -118.15
N LEU G 213 14.05 -14.90 -118.56
CA LEU G 213 13.01 -14.51 -119.53
C LEU G 213 13.55 -14.44 -120.95
N LEU G 214 14.57 -15.25 -121.24
CA LEU G 214 15.12 -15.33 -122.59
C LEU G 214 14.10 -15.81 -123.62
N MET G 215 13.07 -16.53 -123.18
CA MET G 215 11.95 -16.99 -124.00
C MET G 215 11.05 -15.85 -124.47
N HIS G 216 11.21 -14.63 -123.94
CA HIS G 216 10.31 -13.54 -124.27
C HIS G 216 10.51 -13.11 -125.72
N PRO G 217 9.42 -12.91 -126.48
CA PRO G 217 9.56 -12.77 -127.94
C PRO G 217 10.14 -11.45 -128.39
N VAL G 218 9.83 -10.34 -127.72
CA VAL G 218 10.24 -9.03 -128.21
C VAL G 218 11.74 -8.78 -128.08
N LEU G 219 12.45 -9.62 -127.34
CA LEU G 219 13.90 -9.56 -127.29
C LEU G 219 14.58 -10.59 -128.16
N GLU G 220 14.00 -11.78 -128.30
CA GLU G 220 14.63 -12.80 -129.12
C GLU G 220 14.42 -12.54 -130.60
N SER G 221 13.31 -11.88 -130.97
CA SER G 221 13.14 -11.40 -132.33
C SER G 221 14.14 -10.30 -132.67
N LEU G 222 14.66 -9.61 -131.66
CA LEU G 222 15.79 -8.71 -131.85
C LEU G 222 17.10 -9.47 -131.92
N ARG G 223 17.21 -10.57 -131.15
CA ARG G 223 18.46 -11.32 -131.10
C ARG G 223 18.69 -12.15 -132.36
N ASN G 224 17.64 -12.52 -133.09
CA ASN G 224 17.78 -13.40 -134.27
C ASN G 224 18.69 -12.84 -135.37
N THR G 225 19.01 -11.55 -135.34
CA THR G 225 20.00 -10.97 -136.25
C THR G 225 21.15 -10.32 -135.49
N ASP G 226 21.35 -10.65 -134.22
CA ASP G 226 22.49 -10.17 -133.45
C ASP G 226 23.72 -11.01 -133.80
N ARG G 227 24.85 -10.80 -133.12
CA ARG G 227 25.97 -11.73 -133.25
C ARG G 227 25.57 -13.10 -132.72
N GLN G 228 26.02 -14.15 -133.38
CA GLN G 228 25.40 -15.46 -133.19
C GLN G 228 25.96 -16.23 -132.01
N TRP G 229 26.72 -15.60 -131.12
CA TRP G 229 27.12 -16.25 -129.88
C TRP G 229 26.79 -15.45 -128.63
N LEU G 230 26.22 -14.23 -128.77
CA LEU G 230 25.66 -13.58 -127.59
C LEU G 230 24.39 -14.30 -127.14
N ILE G 231 23.57 -14.71 -128.11
CA ILE G 231 22.47 -15.64 -127.88
C ILE G 231 22.98 -16.89 -127.16
N ASP G 232 24.12 -17.40 -127.63
CA ASP G 232 24.59 -18.68 -127.13
C ASP G 232 25.23 -18.53 -125.74
N THR G 233 25.82 -17.38 -125.41
CA THR G 233 26.35 -17.22 -124.06
C THR G 233 25.24 -16.87 -123.06
N LEU G 234 24.18 -16.18 -123.53
CA LEU G 234 22.97 -16.07 -122.71
C LEU G 234 22.34 -17.44 -122.49
N TYR G 235 22.44 -18.33 -123.48
CA TYR G 235 22.07 -19.73 -123.25
C TYR G 235 23.06 -20.47 -122.36
N ALA G 236 24.32 -20.05 -122.33
CA ALA G 236 25.28 -20.64 -121.42
C ALA G 236 25.05 -20.21 -119.99
N PHE G 237 24.32 -19.12 -119.78
CA PHE G 237 23.84 -18.79 -118.44
C PHE G 237 22.35 -19.06 -118.26
N ASN G 238 21.68 -19.57 -119.28
CA ASN G 238 20.31 -20.08 -119.14
C ASN G 238 20.30 -21.58 -118.85
N SER G 239 20.87 -22.39 -119.75
CA SER G 239 21.18 -23.80 -119.47
C SER G 239 22.08 -23.92 -118.25
N GLY G 240 23.27 -23.34 -118.33
CA GLY G 240 23.93 -22.89 -117.13
C GLY G 240 25.41 -23.13 -116.94
N ASN G 241 25.93 -24.29 -117.34
CA ASN G 241 27.38 -24.37 -117.46
C ASN G 241 27.83 -25.10 -118.72
N VAL G 242 27.03 -26.08 -119.16
CA VAL G 242 27.58 -27.06 -120.10
C VAL G 242 27.39 -26.50 -121.51
N GLU G 243 28.18 -25.48 -121.80
CA GLU G 243 28.62 -25.01 -123.10
C GLU G 243 29.99 -24.43 -122.78
N ARG G 244 31.03 -25.27 -122.84
CA ARG G 244 32.35 -24.86 -122.37
C ARG G 244 32.91 -23.74 -123.23
N PHE G 245 32.71 -23.86 -124.54
CA PHE G 245 33.13 -22.81 -125.45
C PHE G 245 32.33 -21.53 -125.27
N GLN G 246 31.13 -21.57 -124.70
CA GLN G 246 30.36 -20.35 -124.52
C GLN G 246 30.58 -19.68 -123.16
N THR G 247 30.62 -20.48 -122.09
CA THR G 247 31.04 -19.96 -120.78
C THR G 247 32.53 -19.63 -120.77
N LEU G 248 33.25 -19.96 -121.83
CA LEU G 248 34.57 -19.42 -122.08
C LEU G 248 34.58 -18.37 -123.19
N LYS G 249 33.57 -18.34 -124.07
CA LYS G 249 33.50 -17.38 -125.16
C LYS G 249 33.07 -16.02 -124.66
N THR G 250 32.44 -16.00 -123.49
CA THR G 250 32.38 -14.74 -122.75
C THR G 250 33.77 -14.22 -122.39
N ALA G 251 34.77 -15.09 -122.19
CA ALA G 251 36.16 -14.65 -122.00
C ALA G 251 36.93 -14.57 -123.30
N TRP G 252 36.37 -15.06 -124.40
CA TRP G 252 37.06 -14.98 -125.68
C TRP G 252 36.71 -13.67 -126.39
N GLY G 253 35.42 -13.43 -126.62
CA GLY G 253 34.99 -12.30 -127.43
C GLY G 253 34.64 -11.04 -126.66
N GLN G 254 33.70 -11.14 -125.73
CA GLN G 254 33.15 -9.94 -125.09
C GLN G 254 34.11 -9.44 -124.02
N GLN G 255 34.93 -8.46 -124.38
CA GLN G 255 35.96 -7.86 -123.54
C GLN G 255 35.58 -6.71 -122.58
N PRO G 256 34.78 -5.68 -122.95
CA PRO G 256 34.58 -4.58 -121.99
C PRO G 256 33.71 -4.99 -120.81
N ASP G 257 34.16 -4.58 -119.60
CA ASP G 257 33.53 -4.86 -118.31
C ASP G 257 33.44 -6.36 -118.01
N LEU G 258 34.35 -7.14 -118.60
CA LEU G 258 34.38 -8.59 -118.44
C LEU G 258 35.19 -9.04 -117.22
N ALA G 259 36.48 -8.68 -117.22
CA ALA G 259 37.48 -9.25 -116.32
C ALA G 259 37.35 -8.78 -114.88
N ALA G 260 36.41 -7.87 -114.57
CA ALA G 260 36.24 -7.47 -113.19
C ALA G 260 35.52 -8.54 -112.38
N ASN G 261 34.42 -9.08 -112.91
CA ASN G 261 33.70 -10.12 -112.21
C ASN G 261 33.27 -11.23 -113.16
N GLU G 262 34.13 -11.60 -114.10
CA GLU G 262 33.92 -12.90 -114.72
C GLU G 262 34.25 -14.02 -113.74
N ALA G 263 35.03 -13.74 -112.69
CA ALA G 263 35.13 -14.67 -111.57
C ALA G 263 33.78 -14.84 -110.87
N GLN G 264 32.98 -13.79 -110.79
CA GLN G 264 31.63 -13.95 -110.27
C GLN G 264 30.70 -14.59 -111.28
N LEU G 265 30.98 -14.41 -112.58
CA LEU G 265 30.21 -15.12 -113.60
C LEU G 265 30.46 -16.62 -113.52
N LEU G 266 31.70 -17.01 -113.30
CA LEU G 266 32.07 -18.39 -113.08
C LEU G 266 31.78 -18.85 -111.66
N ARG G 267 31.41 -17.93 -110.77
CA ARG G 267 30.75 -18.29 -109.53
C ARG G 267 29.29 -18.65 -109.79
N LYS G 268 28.65 -17.91 -110.69
CA LYS G 268 27.26 -18.21 -111.03
C LYS G 268 27.11 -19.43 -111.92
N ILE G 269 28.14 -19.82 -112.68
CA ILE G 269 28.07 -21.12 -113.37
C ILE G 269 28.02 -22.24 -112.35
N GLN G 270 28.59 -22.05 -111.16
CA GLN G 270 28.62 -23.04 -110.10
C GLN G 270 27.34 -23.03 -109.29
N LEU G 271 26.85 -21.82 -108.99
CA LEU G 271 25.54 -21.65 -108.36
C LEU G 271 24.43 -22.25 -109.21
N LEU G 272 24.54 -22.08 -110.53
CA LEU G 272 23.57 -22.62 -111.46
C LEU G 272 23.83 -24.10 -111.75
N CYS G 273 25.09 -24.53 -111.61
CA CYS G 273 25.42 -25.93 -111.78
C CYS G 273 24.88 -26.77 -110.63
N LEU G 274 24.75 -26.18 -109.44
CA LEU G 274 24.13 -26.88 -108.33
C LEU G 274 22.69 -27.26 -108.63
N MET G 275 21.90 -26.27 -109.09
CA MET G 275 20.50 -26.55 -109.42
C MET G 275 20.38 -27.44 -110.65
N GLU G 276 21.28 -27.30 -111.63
CA GLU G 276 21.48 -28.31 -112.66
C GLU G 276 21.64 -29.74 -112.14
N MET G 277 22.66 -29.95 -111.30
CA MET G 277 23.05 -31.30 -110.91
C MET G 277 22.04 -31.95 -109.97
N THR G 278 21.26 -31.15 -109.24
CA THR G 278 20.24 -31.75 -108.40
C THR G 278 18.85 -31.68 -109.00
N PHE G 279 18.68 -31.04 -110.16
CA PHE G 279 17.39 -31.09 -110.83
C PHE G 279 17.39 -32.11 -111.96
N THR G 280 18.37 -32.03 -112.87
CA THR G 280 18.41 -32.86 -114.07
C THR G 280 18.52 -34.34 -113.73
N ARG G 281 19.14 -34.67 -112.60
CA ARG G 281 18.95 -35.99 -112.01
C ARG G 281 17.89 -35.84 -110.93
N PRO G 282 16.70 -36.40 -111.12
CA PRO G 282 15.73 -36.44 -110.02
C PRO G 282 16.10 -37.41 -108.94
N ALA G 283 16.95 -38.39 -109.27
CA ALA G 283 17.22 -39.55 -108.44
C ALA G 283 17.97 -39.16 -107.16
N ASN G 284 18.18 -40.16 -106.33
CA ASN G 284 18.85 -40.03 -105.04
C ASN G 284 20.37 -40.00 -105.27
N HIS G 285 21.13 -40.41 -104.25
CA HIS G 285 22.54 -40.05 -104.05
C HIS G 285 22.63 -38.53 -103.99
N ARG G 286 21.80 -37.96 -103.13
CA ARG G 286 21.81 -36.54 -102.82
C ARG G 286 22.87 -36.18 -101.80
N GLN G 287 23.65 -37.17 -101.36
CA GLN G 287 24.96 -36.91 -100.76
C GLN G 287 26.00 -37.09 -101.85
N LEU G 288 25.96 -36.18 -102.82
CA LEU G 288 26.86 -36.23 -103.96
C LEU G 288 28.29 -36.01 -103.55
N THR G 289 29.19 -36.75 -104.18
CA THR G 289 30.61 -36.46 -104.05
C THR G 289 30.93 -35.13 -104.72
N PHE G 290 32.02 -34.51 -104.27
CA PHE G 290 32.54 -33.25 -104.78
C PHE G 290 33.11 -33.34 -106.20
N GLU G 291 33.09 -34.53 -106.79
CA GLU G 291 33.91 -34.84 -107.97
C GLU G 291 33.38 -34.16 -109.23
N GLU G 292 32.06 -34.25 -109.46
CA GLU G 292 31.47 -33.54 -110.58
C GLU G 292 31.58 -32.03 -110.39
N ILE G 293 31.52 -31.57 -109.14
CA ILE G 293 31.67 -30.16 -108.82
C ILE G 293 33.05 -29.67 -109.23
N ALA G 294 34.09 -30.35 -108.75
CA ALA G 294 35.46 -29.97 -109.04
C ALA G 294 35.87 -30.27 -110.47
N LYS G 295 35.13 -31.10 -111.19
CA LYS G 295 35.44 -31.33 -112.59
C LYS G 295 34.77 -30.31 -113.50
N SER G 296 33.44 -30.20 -113.42
CA SER G 296 32.68 -29.40 -114.38
C SER G 296 32.40 -27.99 -113.90
N ALA G 297 32.63 -27.68 -112.62
CA ALA G 297 32.38 -26.36 -112.08
C ALA G 297 33.62 -25.48 -112.08
N LYS G 298 34.73 -25.97 -112.65
CA LYS G 298 36.08 -25.38 -112.65
C LYS G 298 36.45 -24.77 -111.29
N ILE G 299 36.36 -25.63 -110.27
CA ILE G 299 36.62 -25.26 -108.89
C ILE G 299 37.54 -26.32 -108.31
N THR G 300 38.12 -26.03 -107.15
CA THR G 300 39.03 -26.96 -106.48
C THR G 300 38.42 -27.42 -105.16
N VAL G 301 39.11 -28.39 -104.55
CA VAL G 301 38.66 -29.02 -103.32
C VAL G 301 38.62 -28.01 -102.18
N ASN G 302 39.60 -27.11 -102.14
CA ASN G 302 39.63 -26.08 -101.12
C ASN G 302 38.61 -24.97 -101.36
N GLU G 303 37.91 -24.98 -102.49
CA GLU G 303 36.96 -23.93 -102.80
C GLU G 303 35.54 -24.40 -103.02
N VAL G 304 35.26 -25.70 -102.93
CA VAL G 304 33.86 -26.15 -102.95
C VAL G 304 33.11 -25.64 -101.72
N GLU G 305 33.82 -25.48 -100.61
CA GLU G 305 33.22 -25.00 -99.37
C GLU G 305 32.79 -23.54 -99.51
N LEU G 306 33.63 -22.73 -100.15
CA LEU G 306 33.24 -21.37 -100.48
C LEU G 306 32.16 -21.36 -101.55
N LEU G 307 32.21 -22.31 -102.50
CA LEU G 307 31.20 -22.44 -103.55
C LEU G 307 29.80 -22.64 -103.00
N VAL G 308 29.68 -23.32 -101.87
CA VAL G 308 28.36 -23.50 -101.28
C VAL G 308 28.10 -22.62 -100.07
N MET G 309 29.11 -22.02 -99.43
CA MET G 309 28.81 -21.02 -98.41
C MET G 309 28.43 -19.68 -99.02
N LYS G 310 29.01 -19.34 -100.17
CA LYS G 310 28.51 -18.22 -100.94
C LYS G 310 27.10 -18.49 -101.47
N ALA G 311 26.76 -19.77 -101.69
CA ALA G 311 25.39 -20.11 -102.05
C ALA G 311 24.45 -20.08 -100.84
N LEU G 312 24.97 -20.33 -99.64
CA LEU G 312 24.21 -20.07 -98.42
C LEU G 312 23.92 -18.59 -98.27
N SER G 313 24.85 -17.75 -98.68
CA SER G 313 24.59 -16.31 -98.72
C SER G 313 23.58 -15.96 -99.81
N VAL G 314 23.65 -16.66 -100.95
CA VAL G 314 22.67 -16.51 -102.04
C VAL G 314 21.29 -16.93 -101.55
N GLY G 315 21.15 -18.17 -101.11
CA GLY G 315 19.93 -18.62 -100.50
C GLY G 315 18.97 -19.38 -101.39
N LEU G 316 19.43 -19.98 -102.48
CA LEU G 316 18.57 -20.84 -103.27
C LEU G 316 18.81 -22.32 -103.01
N VAL G 317 19.93 -22.67 -102.38
CA VAL G 317 20.22 -24.05 -102.00
C VAL G 317 21.04 -24.02 -100.72
N LYS G 318 20.71 -24.90 -99.79
CA LYS G 318 21.22 -24.87 -98.41
C LYS G 318 21.64 -26.25 -97.95
N GLY G 319 22.49 -26.92 -98.74
CA GLY G 319 22.91 -28.29 -98.49
C GLY G 319 23.58 -28.55 -97.15
N SER G 320 23.45 -29.77 -96.64
CA SER G 320 24.13 -30.20 -95.42
C SER G 320 25.38 -30.99 -95.82
N ILE G 321 26.36 -30.27 -96.37
CA ILE G 321 27.46 -30.88 -97.10
C ILE G 321 28.35 -31.72 -96.20
N ASP G 322 28.60 -32.96 -96.63
CA ASP G 322 29.46 -33.88 -95.91
C ASP G 322 30.91 -33.42 -96.01
N GLU G 323 31.64 -33.60 -94.90
CA GLU G 323 33.03 -33.21 -94.83
C GLU G 323 33.90 -34.27 -94.14
N VAL G 324 33.38 -35.49 -93.95
CA VAL G 324 34.23 -36.62 -93.58
C VAL G 324 34.51 -37.41 -94.86
N ASP G 325 33.57 -37.37 -95.80
CA ASP G 325 33.76 -37.97 -97.10
C ASP G 325 33.98 -36.90 -98.17
N LYS G 326 33.96 -35.62 -97.77
CA LYS G 326 34.05 -34.42 -98.60
C LYS G 326 32.89 -34.29 -99.56
N ARG G 327 31.81 -35.02 -99.32
CA ARG G 327 30.70 -35.09 -100.27
C ARG G 327 29.85 -33.83 -100.20
N VAL G 328 29.49 -33.29 -101.36
CA VAL G 328 28.68 -32.08 -101.44
C VAL G 328 27.23 -32.53 -101.43
N HIS G 329 26.57 -32.41 -100.28
CA HIS G 329 25.22 -32.94 -100.13
C HIS G 329 24.18 -32.01 -100.75
N MET G 330 23.17 -32.62 -101.37
CA MET G 330 22.07 -31.91 -102.03
C MET G 330 20.88 -31.86 -101.08
N THR G 331 20.48 -30.66 -100.68
CA THR G 331 19.15 -30.44 -100.12
C THR G 331 18.28 -29.71 -101.15
N TRP G 332 17.18 -29.13 -100.66
CA TRP G 332 16.24 -28.33 -101.45
C TRP G 332 16.93 -27.25 -102.27
N VAL G 333 16.42 -27.03 -103.48
CA VAL G 333 17.02 -26.12 -104.44
C VAL G 333 15.92 -25.24 -105.04
N GLN G 334 16.32 -24.22 -105.79
CA GLN G 334 15.42 -23.45 -106.66
C GLN G 334 15.57 -24.02 -108.07
N PRO G 335 14.53 -24.69 -108.61
CA PRO G 335 14.76 -25.67 -109.67
C PRO G 335 15.20 -25.16 -111.05
N ARG G 336 14.34 -24.42 -111.76
CA ARG G 336 14.54 -24.03 -113.17
C ARG G 336 13.78 -22.76 -113.50
N VAL G 337 13.59 -22.54 -114.80
CA VAL G 337 12.66 -21.53 -115.30
C VAL G 337 11.56 -22.23 -116.10
N LEU G 338 11.95 -22.98 -117.13
CA LEU G 338 10.98 -23.69 -117.95
C LEU G 338 11.60 -24.96 -118.49
N ASP G 339 10.87 -26.07 -118.36
CA ASP G 339 11.16 -27.31 -119.07
C ASP G 339 9.86 -27.71 -119.72
N LEU G 340 9.56 -27.13 -120.90
CA LEU G 340 8.27 -27.35 -121.54
C LEU G 340 8.12 -28.80 -121.98
N GLN G 341 9.21 -29.45 -122.37
CA GLN G 341 9.15 -30.88 -122.61
C GLN G 341 8.89 -31.66 -121.33
N GLN G 342 9.33 -31.15 -120.18
CA GLN G 342 8.97 -31.78 -118.92
C GLN G 342 7.71 -31.19 -118.31
N ILE G 343 7.24 -30.03 -118.78
CA ILE G 343 5.89 -29.62 -118.48
C ILE G 343 4.89 -30.54 -119.20
N LYS G 344 5.30 -31.09 -120.34
CA LYS G 344 4.47 -32.11 -120.96
C LYS G 344 4.72 -33.50 -120.39
N GLY G 345 5.97 -33.83 -120.07
CA GLY G 345 6.32 -35.17 -119.64
C GLY G 345 6.55 -35.29 -118.14
N MET G 346 5.95 -34.36 -117.40
CA MET G 346 5.77 -34.51 -115.96
C MET G 346 4.63 -35.44 -115.62
N LYS G 347 3.97 -36.04 -116.61
CA LYS G 347 2.93 -37.02 -116.35
C LYS G 347 3.46 -38.20 -115.56
N ASP G 348 4.72 -38.60 -115.83
CA ASP G 348 5.41 -39.65 -115.10
C ASP G 348 5.68 -39.30 -113.63
N ARG G 349 5.33 -38.10 -113.18
CA ARG G 349 5.28 -37.73 -111.78
C ARG G 349 3.88 -37.31 -111.34
N LEU G 350 3.18 -36.54 -112.18
CA LEU G 350 1.86 -36.01 -111.84
C LEU G 350 0.79 -37.08 -111.91
N GLU G 351 0.67 -37.72 -113.07
CA GLU G 351 -0.31 -38.79 -113.25
C GLU G 351 0.12 -40.02 -112.46
N PHE G 352 1.43 -40.25 -112.37
CA PHE G 352 2.03 -41.14 -111.38
C PHE G 352 1.44 -40.94 -110.00
N TRP G 353 1.56 -39.72 -109.49
CA TRP G 353 1.00 -39.33 -108.19
C TRP G 353 -0.49 -39.57 -108.13
N CYS G 354 -1.23 -38.97 -109.07
CA CYS G 354 -2.68 -39.08 -109.20
C CYS G 354 -3.19 -40.52 -109.15
N THR G 355 -2.80 -41.35 -110.13
CA THR G 355 -3.34 -42.69 -110.18
C THR G 355 -2.72 -43.60 -109.14
N ASP G 356 -1.52 -43.31 -108.63
CA ASP G 356 -0.93 -44.26 -107.72
C ASP G 356 -1.33 -43.99 -106.27
N VAL G 357 -1.37 -42.73 -105.86
CA VAL G 357 -1.95 -42.40 -104.56
C VAL G 357 -3.45 -42.66 -104.59
N LYS G 358 -4.09 -42.53 -105.76
CA LYS G 358 -5.49 -42.92 -105.89
C LYS G 358 -5.67 -44.43 -105.73
N SER G 359 -4.81 -45.21 -106.39
CA SER G 359 -4.91 -46.65 -106.33
C SER G 359 -4.59 -47.17 -104.93
N MET G 360 -3.58 -46.60 -104.29
CA MET G 360 -3.26 -47.02 -102.94
C MET G 360 -4.27 -46.49 -101.93
N GLU G 361 -4.97 -45.39 -102.23
CA GLU G 361 -6.12 -44.99 -101.45
C GLU G 361 -7.23 -46.03 -101.58
N MET G 362 -7.47 -46.48 -102.81
CA MET G 362 -8.43 -47.55 -103.06
C MET G 362 -8.00 -48.85 -102.42
N LEU G 363 -6.70 -49.08 -102.26
CA LEU G 363 -6.22 -50.31 -101.65
C LEU G 363 -6.35 -50.29 -100.14
N VAL G 364 -6.02 -49.15 -99.51
CA VAL G 364 -6.24 -48.99 -98.07
C VAL G 364 -7.73 -49.11 -97.75
N GLU G 365 -8.55 -48.38 -98.51
CA GLU G 365 -10.00 -48.48 -98.37
C GLU G 365 -10.53 -49.85 -98.78
N HIS G 366 -9.83 -50.57 -99.65
CA HIS G 366 -10.31 -51.85 -100.11
C HIS G 366 -9.96 -52.97 -99.14
N GLN G 367 -8.89 -52.78 -98.38
CA GLN G 367 -8.58 -53.68 -97.28
C GLN G 367 -9.40 -53.36 -96.04
N ALA G 368 -9.76 -52.09 -95.84
CA ALA G 368 -10.72 -51.71 -94.82
C ALA G 368 -12.09 -51.43 -95.44
N HIS G 369 -12.45 -52.19 -96.47
CA HIS G 369 -13.69 -52.07 -97.21
C HIS G 369 -14.94 -52.26 -96.38
N ASP G 370 -15.17 -53.47 -95.88
CA ASP G 370 -16.43 -53.73 -95.17
C ASP G 370 -16.29 -53.50 -93.67
N ILE G 371 -15.78 -52.32 -93.34
CA ILE G 371 -16.02 -51.67 -92.05
C ILE G 371 -16.49 -50.26 -92.39
N LEU G 372 -16.99 -50.11 -93.62
CA LEU G 372 -17.88 -49.03 -94.05
C LEU G 372 -18.93 -48.75 -92.99
N THR G 373 -19.61 -49.82 -92.54
CA THR G 373 -20.41 -49.85 -91.31
C THR G 373 -21.62 -48.93 -91.30
N MET H 1 -48.82 15.86 -121.79
CA MET H 1 -47.46 15.47 -122.11
C MET H 1 -47.41 14.04 -122.63
N VAL H 2 -46.38 13.74 -123.41
CA VAL H 2 -46.24 12.44 -124.05
C VAL H 2 -45.38 11.52 -123.18
N LEU H 3 -45.84 10.29 -122.98
CA LEU H 3 -45.27 9.36 -122.01
C LEU H 3 -44.01 8.71 -122.58
N GLU H 4 -42.87 9.02 -121.99
CA GLU H 4 -41.61 8.35 -122.30
C GLU H 4 -40.62 8.60 -121.16
N SER H 5 -39.66 7.68 -121.05
CA SER H 5 -38.48 7.84 -120.20
C SER H 5 -37.31 8.30 -121.06
N THR H 6 -37.36 9.57 -121.49
CA THR H 6 -36.30 10.18 -122.29
C THR H 6 -34.94 10.09 -121.61
N MET H 7 -34.04 9.33 -122.24
CA MET H 7 -32.73 9.06 -121.68
C MET H 7 -31.72 10.00 -122.31
N VAL H 8 -30.98 10.73 -121.47
CA VAL H 8 -29.95 11.64 -121.93
C VAL H 8 -28.59 11.05 -121.61
N CYS H 9 -27.70 11.07 -122.59
CA CYS H 9 -26.32 10.69 -122.40
C CYS H 9 -25.46 11.94 -122.35
N VAL H 10 -24.35 11.87 -121.62
CA VAL H 10 -23.37 12.95 -121.60
C VAL H 10 -22.28 12.62 -122.61
N ASP H 11 -21.97 13.60 -123.46
CA ASP H 11 -20.96 13.46 -124.51
C ASP H 11 -19.57 13.68 -123.91
N ASN H 12 -19.22 12.92 -122.88
CA ASN H 12 -17.97 13.14 -122.17
C ASN H 12 -16.81 12.36 -122.78
N SER H 13 -16.60 12.53 -124.07
CA SER H 13 -15.46 11.92 -124.74
C SER H 13 -14.53 13.01 -125.24
N GLU H 14 -13.48 12.59 -125.96
CA GLU H 14 -12.32 13.42 -126.23
C GLU H 14 -12.59 14.61 -127.14
N TYR H 15 -13.74 14.66 -127.82
CA TYR H 15 -14.02 15.69 -128.80
C TYR H 15 -15.11 16.66 -128.36
N MET H 16 -15.11 17.03 -127.07
CA MET H 16 -16.01 18.06 -126.56
C MET H 16 -15.22 19.02 -125.66
N ARG H 17 -14.05 19.45 -126.15
CA ARG H 17 -13.13 20.27 -125.37
C ARG H 17 -12.58 21.49 -126.12
N ASN H 18 -13.02 21.77 -127.34
CA ASN H 18 -12.40 22.88 -128.03
C ASN H 18 -13.15 24.18 -127.74
N GLY H 19 -12.70 25.27 -128.35
CA GLY H 19 -13.25 26.58 -128.10
C GLY H 19 -13.84 27.24 -129.32
N ASP H 20 -14.58 26.47 -130.11
CA ASP H 20 -14.99 26.93 -131.44
C ASP H 20 -16.22 27.82 -131.45
N PHE H 21 -17.24 27.56 -130.62
CA PHE H 21 -18.42 28.40 -130.66
C PHE H 21 -18.42 29.44 -129.54
N LEU H 22 -18.60 28.94 -128.34
CA LEU H 22 -18.17 29.50 -127.06
C LEU H 22 -16.73 29.06 -126.89
N PRO H 23 -15.99 29.46 -125.85
CA PRO H 23 -14.68 28.83 -125.64
C PRO H 23 -14.76 27.42 -125.06
N THR H 24 -15.93 26.80 -125.04
CA THR H 24 -16.12 25.46 -124.48
C THR H 24 -17.28 24.81 -125.23
N ARG H 25 -17.28 23.47 -125.29
CA ARG H 25 -18.44 22.69 -125.70
C ARG H 25 -19.12 22.01 -124.53
N LEU H 26 -18.47 22.03 -123.36
CA LEU H 26 -19.14 21.61 -122.12
C LEU H 26 -20.35 22.47 -121.84
N GLN H 27 -20.30 23.75 -122.23
CA GLN H 27 -21.49 24.60 -122.13
C GLN H 27 -22.62 24.08 -123.01
N ALA H 28 -22.30 23.65 -124.23
CA ALA H 28 -23.29 23.10 -125.15
C ALA H 28 -23.95 21.84 -124.59
N GLN H 29 -23.13 20.82 -124.27
CA GLN H 29 -23.69 19.56 -123.76
C GLN H 29 -24.32 19.74 -122.38
N GLN H 30 -23.77 20.63 -121.56
CA GLN H 30 -24.18 20.80 -120.17
C GLN H 30 -25.49 21.57 -120.08
N ASP H 31 -25.62 22.67 -120.83
CA ASP H 31 -26.90 23.37 -120.88
C ASP H 31 -27.94 22.62 -121.70
N ALA H 32 -27.54 21.68 -122.56
CA ALA H 32 -28.55 20.84 -123.18
C ALA H 32 -29.13 19.83 -122.20
N VAL H 33 -28.27 19.23 -121.36
CA VAL H 33 -28.77 18.40 -120.27
C VAL H 33 -29.61 19.24 -119.30
N ASN H 34 -29.22 20.50 -119.10
CA ASN H 34 -30.02 21.43 -118.30
C ASN H 34 -31.42 21.62 -118.87
N ILE H 35 -31.53 21.93 -120.16
CA ILE H 35 -32.86 22.23 -120.71
C ILE H 35 -33.72 20.97 -120.78
N VAL H 36 -33.11 19.81 -121.09
CA VAL H 36 -33.93 18.58 -121.13
C VAL H 36 -34.33 18.14 -119.72
N CYS H 37 -33.46 18.36 -118.72
CA CYS H 37 -33.80 17.89 -117.38
C CYS H 37 -34.80 18.83 -116.74
N HIS H 38 -34.74 20.12 -117.05
CA HIS H 38 -35.77 21.02 -116.55
C HIS H 38 -37.09 20.83 -117.31
N SER H 39 -37.01 20.38 -118.57
CA SER H 39 -38.24 20.01 -119.28
C SER H 39 -38.89 18.78 -118.69
N LYS H 40 -38.11 17.81 -118.20
CA LYS H 40 -38.67 16.65 -117.51
C LYS H 40 -38.87 16.88 -116.02
N THR H 41 -38.43 18.02 -115.51
CA THR H 41 -38.78 18.49 -114.17
C THR H 41 -40.13 19.20 -114.18
N ARG H 42 -40.36 20.02 -115.19
CA ARG H 42 -41.64 20.72 -115.33
C ARG H 42 -42.71 19.82 -115.96
N SER H 43 -42.30 18.86 -116.79
CA SER H 43 -43.24 18.12 -117.63
C SER H 43 -44.11 17.18 -116.81
N ASN H 44 -43.49 16.35 -115.98
CA ASN H 44 -44.25 15.39 -115.18
C ASN H 44 -43.37 14.99 -114.01
N PRO H 45 -43.85 15.06 -112.77
CA PRO H 45 -43.04 14.61 -111.63
C PRO H 45 -43.14 13.12 -111.36
N GLU H 46 -43.05 12.30 -112.41
CA GLU H 46 -42.95 10.85 -112.28
C GLU H 46 -41.94 10.24 -113.26
N ASN H 47 -41.14 11.06 -113.93
CA ASN H 47 -40.17 10.57 -114.91
C ASN H 47 -38.97 9.94 -114.22
N ASN H 48 -37.95 9.63 -115.02
CA ASN H 48 -36.69 9.16 -114.47
C ASN H 48 -35.58 9.58 -115.45
N VAL H 49 -34.91 10.67 -115.12
CA VAL H 49 -33.83 11.22 -115.92
C VAL H 49 -32.67 11.46 -114.97
N GLY H 50 -31.67 10.59 -115.03
CA GLY H 50 -30.45 10.80 -114.31
C GLY H 50 -29.32 11.06 -115.30
N LEU H 51 -28.49 10.06 -115.52
CA LEU H 51 -27.36 10.21 -116.43
C LEU H 51 -26.98 8.86 -116.99
N ILE H 52 -26.28 8.91 -118.13
CA ILE H 52 -25.49 7.78 -118.60
C ILE H 52 -24.31 8.36 -119.36
N THR H 53 -23.16 7.70 -119.23
CA THR H 53 -21.96 8.10 -119.93
C THR H 53 -21.66 7.14 -121.08
N LEU H 54 -20.90 7.64 -122.05
CA LEU H 54 -20.39 6.84 -123.15
C LEU H 54 -18.90 6.58 -123.04
N ALA H 55 -18.18 7.30 -122.18
CA ALA H 55 -16.72 7.22 -122.12
C ALA H 55 -16.34 5.95 -121.38
N ASN H 56 -16.01 4.91 -122.14
CA ASN H 56 -15.24 3.71 -121.77
C ASN H 56 -15.99 2.75 -120.85
N ASP H 57 -17.13 3.19 -120.32
CA ASP H 57 -17.97 2.38 -119.44
C ASP H 57 -19.33 3.04 -119.42
N CYS H 58 -20.29 2.36 -118.80
CA CYS H 58 -21.62 2.92 -118.59
C CYS H 58 -21.81 3.03 -117.09
N GLU H 59 -21.26 4.09 -116.51
CA GLU H 59 -21.32 4.32 -115.07
C GLU H 59 -22.62 5.03 -114.75
N VAL H 60 -23.57 4.30 -114.16
CA VAL H 60 -24.79 4.90 -113.63
C VAL H 60 -24.40 5.50 -112.28
N LEU H 61 -24.17 6.82 -112.24
CA LEU H 61 -23.64 7.45 -111.04
C LEU H 61 -24.69 7.54 -109.95
N THR H 62 -25.76 8.27 -110.20
CA THR H 62 -26.86 8.36 -109.25
C THR H 62 -28.06 7.60 -109.82
N THR H 63 -29.16 7.62 -109.08
CA THR H 63 -30.34 6.89 -109.48
C THR H 63 -31.00 7.58 -110.67
N LEU H 64 -31.58 6.79 -111.57
CA LEU H 64 -32.42 7.32 -112.63
C LEU H 64 -33.69 7.80 -111.95
N THR H 65 -33.73 9.08 -111.58
CA THR H 65 -34.57 9.61 -110.52
C THR H 65 -35.39 10.77 -111.03
N PRO H 66 -36.49 11.13 -110.34
CA PRO H 66 -37.21 12.37 -110.71
C PRO H 66 -36.42 13.66 -110.53
N ASP H 67 -35.68 13.83 -109.43
CA ASP H 67 -34.93 15.07 -109.20
C ASP H 67 -33.76 15.20 -110.18
N THR H 68 -33.12 16.37 -110.23
CA THR H 68 -32.07 16.57 -111.23
C THR H 68 -30.81 17.26 -110.73
N GLY H 69 -30.83 17.86 -109.53
CA GLY H 69 -29.77 18.78 -109.15
C GLY H 69 -28.46 18.11 -108.82
N ARG H 70 -28.52 16.87 -108.33
CA ARG H 70 -27.31 16.10 -108.12
C ARG H 70 -26.62 15.79 -109.44
N ILE H 71 -27.41 15.43 -110.46
CA ILE H 71 -26.88 15.19 -111.79
C ILE H 71 -26.35 16.50 -112.40
N LEU H 72 -27.00 17.62 -112.10
CA LEU H 72 -26.50 18.90 -112.60
C LEU H 72 -25.25 19.36 -111.88
N SER H 73 -24.98 18.82 -110.69
CA SER H 73 -23.68 18.98 -110.08
C SER H 73 -22.65 18.03 -110.68
N LYS H 74 -23.09 16.88 -111.16
CA LYS H 74 -22.17 15.93 -111.78
C LYS H 74 -21.79 16.36 -113.21
N LEU H 75 -22.65 17.14 -113.88
CA LEU H 75 -22.28 17.72 -115.17
C LEU H 75 -21.07 18.64 -115.04
N HIS H 76 -20.96 19.34 -113.93
CA HIS H 76 -19.71 20.02 -113.61
C HIS H 76 -18.65 18.94 -113.39
N THR H 77 -17.46 19.19 -113.97
CA THR H 77 -16.41 18.22 -114.32
C THR H 77 -17.00 16.93 -114.88
N VAL H 78 -17.65 17.04 -116.04
CA VAL H 78 -18.15 15.88 -116.76
C VAL H 78 -17.04 15.01 -117.34
N GLN H 79 -15.81 15.54 -117.39
CA GLN H 79 -14.58 14.93 -117.88
C GLN H 79 -14.73 14.46 -119.33
N PRO H 80 -14.67 15.37 -120.30
CA PRO H 80 -14.75 14.92 -121.71
C PRO H 80 -13.40 14.47 -122.27
N LYS H 81 -12.93 13.32 -121.80
CA LYS H 81 -11.83 12.63 -122.45
C LYS H 81 -12.08 11.14 -122.29
N GLY H 82 -12.29 10.46 -123.41
CA GLY H 82 -12.54 9.04 -123.37
C GLY H 82 -13.00 8.55 -124.72
N LYS H 83 -13.43 7.30 -124.74
CA LYS H 83 -13.83 6.63 -125.98
C LYS H 83 -15.34 6.77 -126.13
N ILE H 84 -15.77 7.44 -127.19
CA ILE H 84 -17.19 7.60 -127.46
C ILE H 84 -17.73 6.29 -128.01
N THR H 85 -18.91 5.89 -127.57
CA THR H 85 -19.56 4.69 -128.07
C THR H 85 -21.06 4.92 -128.16
N PHE H 86 -21.59 4.79 -129.38
CA PHE H 86 -23.02 4.98 -129.62
C PHE H 86 -23.81 3.71 -129.35
N CYS H 87 -23.14 2.56 -129.24
CA CYS H 87 -23.82 1.29 -129.04
C CYS H 87 -24.14 0.98 -127.58
N THR H 88 -23.28 1.38 -126.65
CA THR H 88 -23.45 0.94 -125.27
C THR H 88 -24.47 1.77 -124.49
N GLY H 89 -24.60 3.06 -124.84
CA GLY H 89 -25.55 3.92 -124.15
C GLY H 89 -26.99 3.48 -124.33
N ILE H 90 -27.37 3.21 -125.58
CA ILE H 90 -28.73 2.75 -125.89
C ILE H 90 -29.00 1.38 -125.28
N ARG H 91 -28.01 0.49 -125.22
CA ARG H 91 -28.25 -0.85 -124.70
C ARG H 91 -28.37 -0.85 -123.18
N VAL H 92 -27.46 -0.16 -122.48
CA VAL H 92 -27.59 -0.06 -121.02
C VAL H 92 -28.77 0.81 -120.65
N ALA H 93 -29.18 1.74 -121.52
CA ALA H 93 -30.41 2.48 -121.27
C ALA H 93 -31.62 1.60 -121.47
N HIS H 94 -31.55 0.63 -122.39
CA HIS H 94 -32.65 -0.29 -122.56
C HIS H 94 -32.81 -1.21 -121.36
N LEU H 95 -31.71 -1.65 -120.77
CA LEU H 95 -31.88 -2.49 -119.60
C LEU H 95 -32.19 -1.68 -118.34
N ALA H 96 -31.65 -0.45 -118.25
CA ALA H 96 -32.02 0.46 -117.16
C ALA H 96 -33.48 0.89 -117.25
N LEU H 97 -34.00 1.01 -118.47
CA LEU H 97 -35.40 1.32 -118.69
C LEU H 97 -36.26 0.08 -118.71
N LYS H 98 -35.66 -1.10 -118.58
CA LYS H 98 -36.34 -2.27 -118.07
C LYS H 98 -36.11 -2.44 -116.56
N HIS H 99 -35.46 -1.48 -115.92
CA HIS H 99 -35.37 -1.45 -114.47
C HIS H 99 -36.12 -0.25 -113.91
N ARG H 100 -37.33 -0.02 -114.43
CA ARG H 100 -38.18 1.12 -113.99
C ARG H 100 -39.21 0.65 -112.96
N GLN H 101 -39.62 1.55 -112.06
CA GLN H 101 -40.63 1.24 -111.02
C GLN H 101 -42.01 1.70 -111.50
N GLY H 102 -42.24 3.02 -111.53
CA GLY H 102 -43.52 3.57 -112.00
C GLY H 102 -43.75 3.26 -113.48
N LYS H 103 -44.43 2.14 -113.75
CA LYS H 103 -44.70 1.71 -115.14
C LYS H 103 -45.68 2.68 -115.82
N ASN H 104 -45.24 3.93 -116.04
CA ASN H 104 -46.07 4.92 -116.70
C ASN H 104 -45.46 5.44 -117.99
N HIS H 105 -44.22 5.10 -118.28
CA HIS H 105 -43.46 5.77 -119.34
C HIS H 105 -42.89 4.77 -120.33
N LYS H 106 -42.82 5.18 -121.60
CA LYS H 106 -42.16 4.41 -122.65
C LYS H 106 -40.68 4.75 -122.69
N MET H 107 -39.99 4.33 -123.75
CA MET H 107 -38.53 4.42 -123.81
C MET H 107 -38.12 5.38 -124.90
N ARG H 108 -37.49 6.49 -124.50
CA ARG H 108 -36.96 7.47 -125.43
C ARG H 108 -35.51 7.74 -125.04
N ILE H 109 -34.70 8.12 -126.03
CA ILE H 109 -33.26 8.25 -125.85
C ILE H 109 -32.81 9.48 -126.64
N ILE H 110 -31.98 10.33 -126.02
CA ILE H 110 -31.15 11.28 -126.75
C ILE H 110 -29.70 10.97 -126.44
N ALA H 111 -28.89 10.87 -127.49
CA ALA H 111 -27.50 10.41 -127.40
C ALA H 111 -26.59 11.50 -127.96
N PHE H 112 -26.00 12.28 -127.06
CA PHE H 112 -25.13 13.39 -127.46
C PHE H 112 -23.83 12.81 -128.01
N VAL H 113 -23.62 12.96 -129.32
CA VAL H 113 -22.45 12.44 -130.01
C VAL H 113 -21.71 13.60 -130.65
N GLY H 114 -20.43 13.74 -130.33
CA GLY H 114 -19.60 14.78 -130.93
C GLY H 114 -18.43 14.25 -131.70
N SER H 115 -18.58 13.07 -132.30
CA SER H 115 -17.43 12.40 -132.90
C SER H 115 -17.92 11.52 -134.04
N PRO H 116 -17.04 11.18 -134.98
CA PRO H 116 -17.33 10.07 -135.91
C PRO H 116 -17.24 8.75 -135.16
N VAL H 117 -18.34 8.39 -134.50
CA VAL H 117 -18.41 7.38 -133.44
C VAL H 117 -18.09 6.00 -134.01
N GLU H 118 -17.78 5.05 -133.14
CA GLU H 118 -17.29 3.73 -133.54
C GLU H 118 -18.40 2.71 -133.35
N ASP H 119 -19.05 2.34 -134.46
CA ASP H 119 -20.20 1.45 -134.48
C ASP H 119 -20.37 0.91 -135.90
N ASN H 120 -20.31 -0.41 -136.07
CA ASN H 120 -20.39 -1.03 -137.39
C ASN H 120 -21.74 -0.75 -138.05
N GLU H 121 -21.75 -0.86 -139.38
CA GLU H 121 -23.01 -0.82 -140.12
C GLU H 121 -23.91 -1.97 -139.71
N LYS H 122 -23.32 -3.14 -139.47
CA LYS H 122 -24.05 -4.26 -138.88
C LYS H 122 -24.49 -3.94 -137.46
N ASP H 123 -23.67 -3.20 -136.72
CA ASP H 123 -24.03 -2.86 -135.35
C ASP H 123 -25.19 -1.88 -135.30
N LEU H 124 -25.15 -0.83 -136.12
CA LEU H 124 -26.26 0.13 -136.13
C LEU H 124 -27.54 -0.51 -136.66
N VAL H 125 -27.44 -1.37 -137.68
CA VAL H 125 -28.68 -1.94 -138.21
C VAL H 125 -29.26 -2.96 -137.24
N LYS H 126 -28.40 -3.67 -136.48
CA LYS H 126 -28.93 -4.57 -135.46
C LYS H 126 -29.52 -3.83 -134.29
N LEU H 127 -28.84 -2.77 -133.80
CA LEU H 127 -29.40 -1.94 -132.72
C LEU H 127 -30.72 -1.32 -133.09
N ALA H 128 -30.82 -0.84 -134.32
CA ALA H 128 -32.03 -0.17 -134.78
C ALA H 128 -33.18 -1.15 -134.98
N LYS H 129 -32.92 -2.36 -135.51
CA LYS H 129 -34.06 -3.28 -135.56
C LYS H 129 -34.32 -3.99 -134.23
N ARG H 130 -33.37 -4.03 -133.30
CA ARG H 130 -33.72 -4.43 -131.94
C ARG H 130 -34.60 -3.40 -131.28
N LEU H 131 -34.42 -2.12 -131.60
CA LEU H 131 -35.37 -1.13 -131.09
C LEU H 131 -36.67 -1.11 -131.90
N LYS H 132 -36.68 -1.68 -133.10
CA LYS H 132 -37.95 -2.00 -133.74
C LYS H 132 -38.68 -3.10 -132.97
N LYS H 133 -37.95 -4.15 -132.58
CA LYS H 133 -38.56 -5.29 -131.88
C LYS H 133 -38.85 -4.98 -130.43
N GLU H 134 -38.29 -3.92 -129.89
CA GLU H 134 -38.40 -3.59 -128.47
C GLU H 134 -39.08 -2.26 -128.21
N LYS H 135 -39.69 -1.65 -129.25
CA LYS H 135 -40.66 -0.55 -129.15
C LYS H 135 -40.05 0.69 -128.51
N VAL H 136 -39.02 1.26 -129.15
CA VAL H 136 -38.30 2.41 -128.64
C VAL H 136 -38.22 3.45 -129.75
N ASN H 137 -38.47 4.73 -129.41
CA ASN H 137 -38.33 5.84 -130.33
C ASN H 137 -37.26 6.78 -129.78
N VAL H 138 -36.20 7.01 -130.56
CA VAL H 138 -35.00 7.69 -130.11
C VAL H 138 -34.89 9.02 -130.84
N ASP H 139 -34.50 10.08 -130.13
CA ASP H 139 -34.31 11.42 -130.70
C ASP H 139 -32.80 11.66 -130.82
N ILE H 140 -32.28 11.49 -132.03
CA ILE H 140 -30.84 11.36 -132.26
C ILE H 140 -30.23 12.74 -132.48
N ILE H 141 -29.22 13.08 -131.69
CA ILE H 141 -28.64 14.42 -131.64
C ILE H 141 -27.14 14.34 -131.94
N ASN H 142 -26.62 15.35 -132.64
CA ASN H 142 -25.18 15.56 -132.80
C ASN H 142 -24.81 16.90 -132.18
N PHE H 143 -23.92 16.86 -131.20
CA PHE H 143 -23.25 18.07 -130.76
C PHE H 143 -21.82 18.03 -131.26
N GLY H 144 -21.00 18.98 -130.81
CA GLY H 144 -19.63 19.11 -131.24
C GLY H 144 -19.47 19.30 -132.73
N GLU H 145 -18.95 18.28 -133.39
CA GLU H 145 -19.09 18.15 -134.83
C GLU H 145 -19.13 16.67 -135.16
N GLU H 146 -19.72 16.34 -136.29
CA GLU H 146 -19.62 15.01 -136.85
C GLU H 146 -19.05 15.16 -138.25
N GLU H 147 -18.34 14.12 -138.70
CA GLU H 147 -17.75 14.11 -140.03
C GLU H 147 -18.84 14.22 -141.10
N VAL H 148 -18.52 14.98 -142.17
CA VAL H 148 -19.49 15.27 -143.23
C VAL H 148 -19.88 13.97 -143.94
N ASN H 149 -21.14 13.93 -144.41
CA ASN H 149 -21.82 12.72 -144.88
C ASN H 149 -21.83 11.64 -143.80
N THR H 150 -22.59 11.92 -142.74
CA THR H 150 -22.66 11.07 -141.56
C THR H 150 -23.27 9.72 -141.88
N GLU H 151 -22.72 8.65 -141.31
CA GLU H 151 -23.13 7.30 -141.67
C GLU H 151 -23.83 6.55 -140.57
N LYS H 152 -23.40 6.71 -139.31
CA LYS H 152 -23.89 5.84 -138.25
C LYS H 152 -25.26 6.27 -137.72
N LEU H 153 -25.34 7.49 -137.21
CA LEU H 153 -26.53 7.94 -136.51
C LEU H 153 -27.65 8.25 -137.47
N THR H 154 -27.32 8.65 -138.70
CA THR H 154 -28.32 8.86 -139.74
C THR H 154 -28.95 7.55 -140.19
N ALA H 155 -28.17 6.47 -140.25
CA ALA H 155 -28.77 5.20 -140.61
C ALA H 155 -29.49 4.55 -139.43
N PHE H 156 -29.10 4.89 -138.20
CA PHE H 156 -29.89 4.52 -137.03
C PHE H 156 -31.25 5.21 -137.06
N VAL H 157 -31.25 6.50 -137.43
CA VAL H 157 -32.47 7.25 -137.76
C VAL H 157 -33.28 6.54 -138.84
N ASN H 158 -32.59 6.02 -139.87
CA ASN H 158 -33.25 5.37 -140.99
C ASN H 158 -34.00 4.10 -140.56
N THR H 159 -33.29 3.17 -139.93
CA THR H 159 -33.85 1.85 -139.64
C THR H 159 -34.30 1.68 -138.19
N LEU H 160 -34.60 2.78 -137.49
CA LEU H 160 -34.83 2.68 -136.04
C LEU H 160 -36.17 2.06 -135.67
N ASN H 161 -37.25 2.42 -136.35
CA ASN H 161 -38.57 2.08 -135.82
C ASN H 161 -39.61 2.04 -136.95
N GLY H 162 -40.88 1.99 -136.55
CA GLY H 162 -42.01 1.76 -137.42
C GLY H 162 -43.17 1.36 -136.54
N LYS H 163 -44.41 1.38 -137.08
CA LYS H 163 -45.64 1.10 -136.33
C LYS H 163 -45.78 2.06 -135.16
N ASP H 164 -46.02 3.35 -135.47
CA ASP H 164 -45.78 4.50 -134.60
C ASP H 164 -44.28 4.66 -134.33
N GLY H 165 -43.59 5.24 -135.30
CA GLY H 165 -42.20 5.61 -135.22
C GLY H 165 -42.08 7.05 -134.76
N THR H 166 -41.84 7.95 -135.71
CA THR H 166 -41.78 9.43 -135.62
C THR H 166 -40.94 9.96 -134.46
N GLY H 167 -39.86 9.26 -134.13
CA GLY H 167 -38.91 9.81 -133.19
C GLY H 167 -37.54 10.01 -133.83
N SER H 168 -37.20 9.14 -134.77
CA SER H 168 -35.83 9.03 -135.26
C SER H 168 -35.56 10.10 -136.30
N HIS H 169 -34.82 11.14 -135.90
CA HIS H 169 -34.31 12.19 -136.79
C HIS H 169 -32.97 12.67 -136.23
N LEU H 170 -32.13 13.22 -137.11
CA LEU H 170 -30.77 13.64 -136.74
C LEU H 170 -30.45 15.02 -137.31
N VAL H 171 -30.02 15.93 -136.45
CA VAL H 171 -29.45 17.21 -136.85
C VAL H 171 -27.93 17.07 -136.91
N THR H 172 -27.36 17.33 -138.09
CA THR H 172 -25.91 17.41 -138.24
C THR H 172 -25.43 18.79 -137.81
N VAL H 173 -24.27 18.85 -137.18
CA VAL H 173 -23.72 20.07 -136.63
C VAL H 173 -22.39 20.38 -137.33
N PRO H 174 -22.20 21.60 -137.83
CA PRO H 174 -20.87 22.00 -138.36
C PRO H 174 -20.04 22.64 -137.26
N PRO H 175 -18.70 22.65 -137.40
CA PRO H 175 -17.88 23.36 -136.42
C PRO H 175 -17.57 24.82 -136.76
N GLY H 176 -18.59 25.67 -136.90
CA GLY H 176 -18.38 27.03 -137.36
C GLY H 176 -18.24 28.05 -136.25
N PRO H 177 -18.24 29.35 -136.60
CA PRO H 177 -18.47 30.39 -135.59
C PRO H 177 -19.96 30.60 -135.34
N SER H 178 -20.42 30.17 -134.16
CA SER H 178 -21.81 30.35 -133.72
C SER H 178 -21.80 30.29 -132.20
N LEU H 179 -22.96 30.06 -131.59
CA LEU H 179 -23.01 30.02 -130.14
C LEU H 179 -23.70 28.74 -129.67
N ALA H 180 -23.55 28.46 -128.38
CA ALA H 180 -23.87 27.16 -127.79
C ALA H 180 -25.36 26.97 -127.58
N ASP H 181 -26.08 28.05 -127.28
CA ASP H 181 -27.53 27.95 -127.28
C ASP H 181 -28.11 27.91 -128.69
N ALA H 182 -27.31 28.21 -129.71
CA ALA H 182 -27.68 27.99 -131.10
C ALA H 182 -27.10 26.68 -131.62
N LEU H 183 -26.37 25.97 -130.78
CA LEU H 183 -26.04 24.58 -131.02
C LEU H 183 -26.82 23.62 -130.16
N ILE H 184 -27.61 24.11 -129.22
CA ILE H 184 -28.70 23.32 -128.66
C ILE H 184 -30.02 23.72 -129.24
N SER H 185 -30.14 24.93 -129.79
CA SER H 185 -31.38 25.40 -130.37
C SER H 185 -31.68 24.76 -131.71
N SER H 186 -30.66 24.40 -132.47
CA SER H 186 -30.86 23.62 -133.68
C SER H 186 -31.23 22.16 -133.39
N PRO H 187 -30.72 21.49 -132.35
CA PRO H 187 -31.34 20.21 -131.95
C PRO H 187 -32.42 20.25 -130.86
N ILE H 188 -32.85 21.41 -130.35
CA ILE H 188 -33.94 21.35 -129.36
C ILE H 188 -35.27 21.08 -130.05
N LEU H 189 -35.42 21.49 -131.32
CA LEU H 189 -36.63 21.23 -132.07
C LEU H 189 -36.83 19.75 -132.34
N ALA H 190 -35.94 19.17 -133.14
CA ALA H 190 -36.04 17.79 -133.59
C ALA H 190 -34.77 17.06 -133.18
N GLY H 191 -34.85 16.35 -132.07
CA GLY H 191 -33.75 15.49 -131.66
C GLY H 191 -33.57 14.34 -132.62
N ALA I 1 -65.32 -18.71 -88.16
CA ALA I 1 -65.11 -19.97 -87.47
C ALA I 1 -63.74 -20.55 -87.79
N VAL I 2 -62.69 -19.88 -87.34
CA VAL I 2 -61.33 -20.28 -87.63
C VAL I 2 -60.91 -21.34 -86.62
N ASP I 3 -61.85 -21.80 -85.81
CA ASP I 3 -61.59 -22.83 -84.82
C ASP I 3 -61.19 -24.10 -85.57
N THR I 4 -59.91 -24.45 -85.50
CA THR I 4 -59.36 -25.55 -86.27
C THR I 4 -58.18 -26.15 -85.50
N ALA I 5 -57.46 -27.05 -86.16
CA ALA I 5 -56.14 -27.50 -85.71
C ALA I 5 -55.13 -26.91 -86.70
N GLU I 6 -54.67 -25.71 -86.39
CA GLU I 6 -54.07 -24.83 -87.37
C GLU I 6 -52.56 -25.08 -87.51
N GLN I 7 -51.93 -24.29 -88.39
CA GLN I 7 -50.52 -24.49 -88.73
C GLN I 7 -49.92 -23.17 -89.17
N VAL I 8 -48.59 -23.08 -89.09
CA VAL I 8 -47.83 -21.93 -89.57
C VAL I 8 -46.65 -22.45 -90.38
N TYR I 9 -46.55 -22.00 -91.63
CA TYR I 9 -45.41 -22.36 -92.48
C TYR I 9 -44.34 -21.29 -92.32
N ILE I 10 -43.45 -21.51 -91.37
CA ILE I 10 -42.40 -20.55 -91.07
C ILE I 10 -41.37 -20.54 -92.19
N SER I 11 -40.53 -19.51 -92.18
CA SER I 11 -39.34 -19.44 -93.03
C SER I 11 -38.13 -19.34 -92.12
N SER I 12 -37.25 -20.35 -92.20
CA SER I 12 -36.11 -20.41 -91.29
C SER I 12 -35.24 -19.17 -91.37
N LEU I 13 -35.20 -18.51 -92.53
CA LEU I 13 -34.44 -17.27 -92.65
C LEU I 13 -34.98 -16.21 -91.71
N ALA I 14 -36.30 -16.10 -91.59
CA ALA I 14 -36.86 -15.16 -90.64
C ALA I 14 -36.51 -15.55 -89.21
N LEU I 15 -36.47 -16.86 -88.93
CA LEU I 15 -35.96 -17.33 -87.64
C LEU I 15 -34.54 -16.84 -87.41
N LEU I 16 -33.73 -16.86 -88.46
CA LEU I 16 -32.36 -16.36 -88.36
C LEU I 16 -32.35 -14.87 -88.07
N LYS I 17 -33.23 -14.11 -88.72
CA LYS I 17 -33.32 -12.68 -88.43
C LYS I 17 -33.68 -12.45 -86.97
N MET I 18 -34.65 -13.22 -86.46
CA MET I 18 -35.09 -13.03 -85.09
C MET I 18 -33.96 -13.33 -84.11
N LEU I 19 -33.30 -14.47 -84.28
CA LEU I 19 -32.17 -14.79 -83.41
C LEU I 19 -31.06 -13.76 -83.56
N LYS I 20 -30.87 -13.25 -84.77
CA LYS I 20 -29.81 -12.28 -85.02
C LYS I 20 -30.06 -10.99 -84.25
N HIS I 21 -31.32 -10.53 -84.23
CA HIS I 21 -31.59 -9.26 -83.60
C HIS I 21 -31.80 -9.36 -82.09
N GLY I 22 -32.47 -10.41 -81.62
CA GLY I 22 -32.71 -10.53 -80.19
C GLY I 22 -31.50 -11.06 -79.45
N ARG I 23 -30.68 -11.84 -80.16
CA ARG I 23 -29.49 -12.42 -79.56
C ARG I 23 -28.57 -11.36 -78.99
N ALA I 24 -28.41 -10.24 -79.70
CA ALA I 24 -27.51 -9.18 -79.27
C ALA I 24 -28.17 -7.82 -79.44
N GLY I 25 -29.44 -7.71 -79.09
CA GLY I 25 -30.08 -6.42 -79.04
C GLY I 25 -29.84 -5.77 -77.69
N VAL I 26 -30.71 -4.85 -77.31
CA VAL I 26 -30.69 -4.30 -75.96
C VAL I 26 -31.16 -5.41 -75.02
N PRO I 27 -30.86 -5.34 -73.72
CA PRO I 27 -31.35 -6.38 -72.80
C PRO I 27 -32.88 -6.48 -72.77
N MET I 28 -33.58 -5.51 -73.36
CA MET I 28 -35.03 -5.50 -73.38
C MET I 28 -35.56 -6.44 -74.47
N GLU I 29 -36.84 -6.32 -74.75
CA GLU I 29 -37.51 -7.12 -75.78
C GLU I 29 -37.62 -6.32 -77.07
N VAL I 30 -37.74 -7.05 -78.19
CA VAL I 30 -37.87 -6.43 -79.50
C VAL I 30 -39.18 -6.87 -80.13
N MET I 31 -39.61 -6.14 -81.15
CA MET I 31 -40.92 -6.32 -81.74
C MET I 31 -40.94 -5.71 -83.13
N GLY I 32 -41.62 -6.40 -84.06
CA GLY I 32 -41.75 -5.92 -85.41
C GLY I 32 -42.98 -6.41 -86.15
N LEU I 33 -43.01 -6.27 -87.47
CA LEU I 33 -44.16 -6.64 -88.28
C LEU I 33 -43.77 -7.72 -89.27
N MET I 34 -44.66 -8.69 -89.46
CA MET I 34 -44.36 -9.85 -90.28
C MET I 34 -44.39 -9.49 -91.76
N LEU I 35 -43.92 -10.43 -92.57
CA LEU I 35 -43.99 -10.29 -94.03
C LEU I 35 -44.13 -11.71 -94.60
N GLY I 36 -45.38 -12.11 -94.82
CA GLY I 36 -45.68 -13.45 -95.29
C GLY I 36 -46.95 -13.48 -96.11
N GLU I 37 -47.83 -14.42 -95.82
CA GLU I 37 -49.12 -14.45 -96.50
C GLU I 37 -50.13 -15.23 -95.67
N PHE I 38 -51.34 -14.71 -95.57
CA PHE I 38 -52.49 -15.45 -95.03
C PHE I 38 -52.93 -16.43 -96.10
N VAL I 39 -52.13 -17.48 -96.29
CA VAL I 39 -52.31 -18.37 -97.42
C VAL I 39 -53.63 -19.14 -97.30
N ASP I 40 -53.94 -19.64 -96.11
CA ASP I 40 -55.15 -20.42 -95.92
C ASP I 40 -55.66 -20.21 -94.50
N ASP I 41 -56.64 -21.02 -94.11
CA ASP I 41 -57.26 -20.91 -92.80
C ASP I 41 -56.61 -21.86 -91.79
N TYR I 42 -56.62 -23.16 -92.08
CA TYR I 42 -56.07 -24.14 -91.17
C TYR I 42 -54.55 -24.18 -91.16
N THR I 43 -53.89 -23.36 -91.99
CA THR I 43 -52.47 -23.10 -91.86
C THR I 43 -52.21 -21.64 -92.20
N VAL I 44 -50.94 -21.25 -92.13
CA VAL I 44 -50.49 -19.96 -92.64
C VAL I 44 -49.04 -20.10 -93.04
N ARG I 45 -48.55 -19.14 -93.82
CA ARG I 45 -47.18 -19.17 -94.31
C ARG I 45 -46.47 -17.88 -93.94
N VAL I 46 -45.17 -17.99 -93.71
CA VAL I 46 -44.31 -16.84 -93.44
C VAL I 46 -43.07 -16.98 -94.31
N ILE I 47 -42.60 -15.85 -94.85
CA ILE I 47 -41.41 -15.85 -95.69
C ILE I 47 -40.41 -14.84 -95.16
N ASP I 48 -40.83 -13.59 -95.01
CA ASP I 48 -39.91 -12.48 -94.81
C ASP I 48 -40.12 -11.81 -93.46
N VAL I 49 -39.04 -11.24 -92.94
CA VAL I 49 -39.06 -10.41 -91.74
C VAL I 49 -37.99 -9.34 -91.91
N PHE I 50 -38.40 -8.07 -91.79
CA PHE I 50 -37.46 -6.96 -91.80
C PHE I 50 -36.94 -6.71 -90.39
N ALA I 51 -35.80 -6.02 -90.30
CA ALA I 51 -35.37 -5.53 -89.00
C ALA I 51 -36.17 -4.29 -88.63
N MET I 52 -36.21 -3.99 -87.34
CA MET I 52 -37.04 -2.88 -86.90
C MET I 52 -36.19 -1.69 -86.47
N PRO I 53 -36.70 -0.47 -86.65
CA PRO I 53 -36.03 0.69 -86.08
C PRO I 53 -35.90 0.57 -84.57
N GLN I 54 -35.00 1.37 -84.01
CA GLN I 54 -34.61 1.26 -82.62
C GLN I 54 -35.39 2.22 -81.72
N SER I 55 -36.48 2.77 -82.21
CA SER I 55 -37.28 3.71 -81.42
C SER I 55 -37.69 3.05 -80.10
N GLY I 56 -37.62 3.83 -79.03
CA GLY I 56 -37.98 3.33 -77.71
C GLY I 56 -39.41 2.84 -77.69
N THR I 57 -39.59 1.54 -77.67
CA THR I 57 -40.89 0.90 -77.82
C THR I 57 -40.90 -0.37 -76.98
N GLY I 58 -41.85 -1.25 -77.24
CA GLY I 58 -41.98 -2.50 -76.52
C GLY I 58 -42.93 -3.42 -77.24
N VAL I 59 -43.82 -4.07 -76.49
CA VAL I 59 -44.88 -4.87 -77.12
C VAL I 59 -46.08 -3.96 -77.35
N SER I 60 -45.86 -2.65 -77.26
CA SER I 60 -46.92 -1.68 -77.52
C SER I 60 -47.38 -1.77 -78.98
N VAL I 61 -48.66 -1.43 -79.20
CA VAL I 61 -49.20 -1.45 -80.55
C VAL I 61 -48.79 -0.22 -81.34
N GLU I 62 -48.65 0.93 -80.66
CA GLU I 62 -48.52 2.21 -81.34
C GLU I 62 -47.10 2.51 -81.78
N ALA I 63 -46.26 1.48 -81.95
CA ALA I 63 -44.87 1.63 -82.36
C ALA I 63 -44.70 1.77 -83.88
N VAL I 64 -45.74 2.19 -84.59
CA VAL I 64 -45.70 2.23 -86.05
C VAL I 64 -44.81 3.36 -86.52
N ASP I 65 -43.99 3.06 -87.54
CA ASP I 65 -43.17 4.07 -88.21
C ASP I 65 -43.55 4.11 -89.68
N PRO I 66 -44.22 5.17 -90.15
CA PRO I 66 -44.72 5.17 -91.53
C PRO I 66 -43.64 5.10 -92.59
N VAL I 67 -42.69 6.04 -92.56
CA VAL I 67 -41.70 6.16 -93.64
C VAL I 67 -40.83 4.92 -93.71
N PHE I 68 -40.51 4.32 -92.56
CA PHE I 68 -39.73 3.10 -92.54
C PHE I 68 -40.41 2.00 -93.35
N GLN I 69 -41.67 1.71 -93.02
CA GLN I 69 -42.40 0.67 -93.73
C GLN I 69 -42.58 1.03 -95.20
N ALA I 70 -42.83 2.32 -95.49
CA ALA I 70 -43.00 2.75 -96.87
C ALA I 70 -41.77 2.44 -97.69
N LYS I 71 -40.60 2.88 -97.23
CA LYS I 71 -39.37 2.65 -97.97
C LYS I 71 -39.04 1.16 -98.04
N MET I 72 -39.26 0.43 -96.95
CA MET I 72 -39.00 -1.01 -96.96
C MET I 72 -39.82 -1.71 -98.02
N LEU I 73 -41.13 -1.45 -98.04
CA LEU I 73 -42.01 -2.09 -99.02
C LEU I 73 -41.68 -1.64 -100.43
N ASP I 74 -41.34 -0.37 -100.62
CA ASP I 74 -40.99 0.10 -101.96
C ASP I 74 -39.72 -0.57 -102.47
N MET I 75 -38.74 -0.76 -101.60
CA MET I 75 -37.52 -1.45 -102.01
C MET I 75 -37.79 -2.93 -102.28
N LEU I 76 -38.63 -3.56 -101.47
CA LEU I 76 -38.94 -4.96 -101.70
C LEU I 76 -39.68 -5.16 -103.01
N LYS I 77 -40.57 -4.22 -103.35
CA LYS I 77 -41.21 -4.26 -104.66
C LYS I 77 -40.19 -4.05 -105.77
N GLN I 78 -39.26 -3.10 -105.56
CA GLN I 78 -38.11 -3.00 -106.44
C GLN I 78 -37.23 -4.24 -106.38
N THR I 79 -37.32 -5.01 -105.31
CA THR I 79 -36.61 -6.28 -105.20
C THR I 79 -37.50 -7.38 -105.77
N GLY I 80 -37.15 -8.63 -105.48
CA GLY I 80 -37.84 -9.75 -106.11
C GLY I 80 -39.29 -9.89 -105.66
N ARG I 81 -39.52 -9.82 -104.35
CA ARG I 81 -40.80 -10.21 -103.79
C ARG I 81 -41.62 -9.02 -103.33
N PRO I 82 -42.64 -8.60 -104.08
CA PRO I 82 -43.60 -7.61 -103.59
C PRO I 82 -44.81 -8.26 -102.92
N GLU I 83 -44.56 -9.04 -101.87
CA GLU I 83 -45.64 -9.71 -101.16
C GLU I 83 -46.04 -8.93 -99.91
N MET I 84 -47.27 -9.15 -99.46
CA MET I 84 -47.93 -8.28 -98.49
C MET I 84 -47.61 -8.70 -97.05
N VAL I 85 -47.48 -7.70 -96.17
CA VAL I 85 -47.38 -7.96 -94.75
C VAL I 85 -48.70 -8.49 -94.23
N VAL I 86 -48.64 -9.46 -93.31
CA VAL I 86 -49.84 -10.12 -92.80
C VAL I 86 -49.84 -10.27 -91.29
N GLY I 87 -48.80 -9.81 -90.60
CA GLY I 87 -48.77 -9.99 -89.15
C GLY I 87 -47.69 -9.18 -88.45
N TRP I 88 -47.08 -9.76 -87.42
CA TRP I 88 -46.06 -9.04 -86.67
C TRP I 88 -45.13 -10.03 -85.98
N TYR I 89 -43.88 -9.61 -85.78
CA TYR I 89 -42.87 -10.40 -85.09
C TYR I 89 -42.41 -9.63 -83.84
N HIS I 90 -41.80 -10.38 -82.92
CA HIS I 90 -41.42 -9.79 -81.63
C HIS I 90 -40.64 -10.85 -80.85
N SER I 91 -39.95 -10.39 -79.80
CA SER I 91 -39.16 -11.27 -78.95
C SER I 91 -39.26 -10.79 -77.51
N HIS I 92 -38.81 -11.65 -76.59
CA HIS I 92 -38.69 -11.31 -75.18
C HIS I 92 -37.36 -11.83 -74.63
N PRO I 93 -36.23 -11.32 -75.12
CA PRO I 93 -34.93 -11.84 -74.67
C PRO I 93 -34.67 -11.66 -73.19
N GLY I 94 -35.34 -10.72 -72.53
CA GLY I 94 -35.03 -10.43 -71.14
C GLY I 94 -35.59 -11.39 -70.11
N PHE I 95 -36.91 -11.38 -69.93
CA PHE I 95 -37.55 -12.06 -68.82
C PHE I 95 -37.93 -13.48 -69.23
N GLY I 96 -38.81 -14.11 -68.46
CA GLY I 96 -39.22 -15.49 -68.73
C GLY I 96 -40.07 -15.63 -69.98
N CYS I 97 -40.05 -14.60 -70.81
CA CYS I 97 -40.43 -14.64 -72.23
C CYS I 97 -41.78 -15.34 -72.45
N TRP I 98 -42.84 -14.65 -72.00
CA TRP I 98 -44.18 -15.08 -72.33
C TRP I 98 -45.01 -13.86 -72.71
N LEU I 99 -46.26 -14.12 -73.07
CA LEU I 99 -47.11 -13.12 -73.72
C LEU I 99 -47.54 -12.09 -72.69
N SER I 100 -46.71 -11.07 -72.51
CA SER I 100 -46.89 -10.08 -71.46
C SER I 100 -48.08 -9.17 -71.77
N GLY I 101 -48.24 -8.14 -70.96
CA GLY I 101 -49.36 -7.22 -71.06
C GLY I 101 -49.55 -6.55 -72.40
N VAL I 102 -48.59 -5.71 -72.82
CA VAL I 102 -48.75 -5.00 -74.09
C VAL I 102 -48.95 -5.97 -75.24
N ASP I 103 -48.48 -7.20 -75.12
CA ASP I 103 -48.85 -8.24 -76.06
C ASP I 103 -50.35 -8.46 -76.06
N ILE I 104 -50.95 -8.57 -74.87
CA ILE I 104 -52.39 -8.77 -74.74
C ILE I 104 -53.08 -7.43 -74.99
N ASN I 105 -52.32 -6.44 -75.42
CA ASN I 105 -52.88 -5.22 -75.99
C ASN I 105 -52.67 -5.14 -77.50
N THR I 106 -51.42 -5.28 -77.95
CA THR I 106 -51.12 -5.09 -79.36
C THR I 106 -51.70 -6.21 -80.22
N GLN I 107 -51.81 -7.42 -79.67
CA GLN I 107 -52.27 -8.55 -80.49
C GLN I 107 -53.71 -8.36 -80.92
N GLN I 108 -54.53 -7.74 -80.07
CA GLN I 108 -55.89 -7.40 -80.48
C GLN I 108 -55.94 -6.06 -81.19
N SER I 109 -55.06 -5.12 -80.83
CA SER I 109 -55.04 -3.85 -81.54
C SER I 109 -54.66 -4.03 -83.00
N PHE I 110 -54.00 -5.14 -83.33
CA PHE I 110 -53.59 -5.42 -84.70
C PHE I 110 -54.33 -6.60 -85.32
N GLU I 111 -54.78 -7.57 -84.53
CA GLU I 111 -55.55 -8.67 -85.09
C GLU I 111 -56.88 -8.21 -85.67
N ALA I 112 -57.32 -7.00 -85.28
CA ALA I 112 -58.41 -6.35 -86.01
C ALA I 112 -57.87 -5.60 -87.23
N LEU I 113 -56.72 -4.94 -87.07
CA LEU I 113 -56.02 -4.39 -88.21
C LEU I 113 -55.66 -5.49 -89.20
N SER I 114 -54.96 -6.52 -88.72
CA SER I 114 -54.71 -7.73 -89.49
C SER I 114 -55.93 -8.64 -89.36
N GLU I 115 -55.77 -9.91 -89.74
CA GLU I 115 -56.80 -10.91 -89.52
C GLU I 115 -56.45 -11.85 -88.36
N ARG I 116 -55.26 -12.45 -88.39
CA ARG I 116 -54.78 -13.24 -87.26
C ARG I 116 -53.56 -12.61 -86.61
N ALA I 117 -52.49 -12.35 -87.37
CA ALA I 117 -51.24 -11.79 -86.85
C ALA I 117 -50.79 -12.54 -85.60
N VAL I 118 -50.63 -13.85 -85.74
CA VAL I 118 -50.35 -14.72 -84.61
C VAL I 118 -49.09 -14.25 -83.88
N ALA I 119 -49.05 -14.50 -82.58
CA ALA I 119 -47.96 -14.01 -81.76
C ALA I 119 -46.61 -14.50 -82.26
N VAL I 120 -45.58 -13.73 -81.97
CA VAL I 120 -44.19 -14.08 -82.25
C VAL I 120 -43.37 -13.56 -81.09
N VAL I 121 -42.81 -14.47 -80.29
CA VAL I 121 -41.96 -14.12 -79.16
C VAL I 121 -40.83 -15.13 -79.12
N VAL I 122 -39.67 -14.70 -78.62
CA VAL I 122 -38.51 -15.57 -78.51
C VAL I 122 -37.51 -14.93 -77.55
N ASP I 123 -36.87 -15.77 -76.73
CA ASP I 123 -35.80 -15.34 -75.82
C ASP I 123 -34.52 -16.09 -76.18
N PRO I 124 -33.61 -15.47 -76.93
CA PRO I 124 -32.37 -16.16 -77.30
C PRO I 124 -31.56 -16.65 -76.12
N ILE I 125 -31.65 -15.95 -74.98
CA ILE I 125 -30.79 -16.26 -73.86
C ILE I 125 -31.15 -17.58 -73.20
N GLN I 126 -32.39 -18.05 -73.38
CA GLN I 126 -32.83 -19.21 -72.63
C GLN I 126 -32.23 -20.51 -73.17
N SER I 127 -31.77 -20.51 -74.42
CA SER I 127 -31.18 -21.71 -74.99
C SER I 127 -30.24 -21.35 -76.12
N VAL I 128 -29.23 -22.21 -76.30
CA VAL I 128 -28.34 -22.14 -77.46
C VAL I 128 -28.44 -23.39 -78.31
N LYS I 129 -28.55 -24.56 -77.70
CA LYS I 129 -28.86 -25.78 -78.41
C LYS I 129 -30.02 -26.51 -77.75
N GLY I 130 -30.08 -26.47 -76.42
CA GLY I 130 -31.02 -27.27 -75.67
C GLY I 130 -32.46 -27.07 -76.07
N LYS I 131 -32.98 -25.87 -75.82
CA LYS I 131 -34.34 -25.56 -76.20
C LYS I 131 -34.34 -24.72 -77.48
N VAL I 132 -35.54 -24.49 -78.02
CA VAL I 132 -35.72 -23.69 -79.22
C VAL I 132 -36.53 -22.47 -78.86
N VAL I 133 -36.32 -21.98 -77.63
CA VAL I 133 -37.24 -21.07 -76.94
C VAL I 133 -37.76 -19.99 -77.87
N ILE I 134 -39.08 -20.00 -78.07
CA ILE I 134 -39.77 -19.12 -79.00
C ILE I 134 -41.24 -19.21 -78.63
N ASP I 135 -42.01 -18.17 -78.92
CA ASP I 135 -43.44 -18.20 -78.59
C ASP I 135 -44.25 -17.68 -79.77
N ALA I 136 -45.45 -18.23 -79.92
CA ALA I 136 -46.35 -17.92 -81.01
C ALA I 136 -47.75 -18.38 -80.64
N PHE I 137 -48.73 -17.51 -80.84
CA PHE I 137 -50.07 -17.74 -80.31
C PHE I 137 -51.08 -16.95 -81.13
N ARG I 138 -52.25 -17.54 -81.30
CA ARG I 138 -53.42 -16.85 -81.85
C ARG I 138 -54.29 -16.40 -80.69
N LEU I 139 -54.42 -15.08 -80.52
CA LEU I 139 -55.17 -14.55 -79.40
C LEU I 139 -56.66 -14.88 -79.53
N ILE I 140 -57.30 -15.08 -78.38
CA ILE I 140 -58.74 -15.26 -78.30
C ILE I 140 -59.33 -14.04 -77.59
N ASN I 141 -60.51 -13.64 -78.02
CA ASN I 141 -61.22 -12.51 -77.45
C ASN I 141 -62.54 -13.00 -76.83
N ALA I 142 -63.11 -12.16 -75.97
CA ALA I 142 -64.29 -12.52 -75.17
C ALA I 142 -65.54 -12.74 -75.99
N ASN I 143 -65.48 -12.66 -77.32
CA ASN I 143 -66.67 -12.80 -78.16
C ASN I 143 -66.95 -14.24 -78.56
N MET I 144 -65.92 -15.09 -78.58
CA MET I 144 -66.06 -16.47 -79.03
C MET I 144 -66.66 -17.41 -78.00
N MET I 145 -67.29 -16.87 -76.95
CA MET I 145 -67.85 -17.67 -75.86
C MET I 145 -69.19 -18.30 -76.19
N VAL I 146 -69.54 -18.41 -77.48
CA VAL I 146 -70.87 -18.89 -77.86
C VAL I 146 -71.07 -20.34 -77.45
N LEU I 147 -70.17 -21.22 -77.87
CA LEU I 147 -70.30 -22.65 -77.68
C LEU I 147 -69.06 -23.21 -76.96
N GLY I 148 -69.20 -24.43 -76.43
CA GLY I 148 -68.08 -25.14 -75.86
C GLY I 148 -66.93 -25.23 -76.86
N HIS I 149 -65.75 -24.79 -76.45
CA HIS I 149 -64.65 -24.53 -77.37
C HIS I 149 -63.76 -25.76 -77.46
N GLU I 150 -63.92 -26.54 -78.53
CA GLU I 150 -63.01 -27.62 -78.87
C GLU I 150 -62.89 -27.65 -80.39
N PRO I 151 -62.02 -26.82 -80.97
CA PRO I 151 -61.95 -26.74 -82.44
C PRO I 151 -61.61 -28.06 -83.08
N ARG I 152 -60.39 -28.56 -82.82
CA ARG I 152 -59.95 -29.91 -83.12
C ARG I 152 -60.56 -30.47 -84.40
N GLN I 153 -60.67 -29.63 -85.44
CA GLN I 153 -61.28 -30.09 -86.68
C GLN I 153 -60.49 -31.23 -87.30
N THR I 154 -59.21 -31.34 -86.97
CA THR I 154 -58.42 -32.54 -87.15
C THR I 154 -57.78 -32.86 -85.81
N THR I 155 -57.32 -34.10 -85.66
CA THR I 155 -56.82 -34.58 -84.39
C THR I 155 -55.40 -35.07 -84.53
N SER I 156 -54.74 -35.26 -83.38
CA SER I 156 -53.34 -35.62 -83.23
C SER I 156 -52.41 -34.51 -83.71
N ASN I 157 -52.95 -33.42 -84.26
CA ASN I 157 -52.21 -32.18 -84.40
C ASN I 157 -52.46 -31.31 -83.17
N LEU I 158 -53.73 -31.00 -82.90
CA LEU I 158 -54.12 -30.57 -81.57
C LEU I 158 -54.07 -31.71 -80.56
N GLY I 159 -53.83 -32.94 -81.02
CA GLY I 159 -53.64 -34.07 -80.13
C GLY I 159 -52.19 -34.20 -79.70
N HIS I 160 -51.27 -34.22 -80.66
CA HIS I 160 -49.85 -34.14 -80.30
C HIS I 160 -49.49 -32.78 -79.72
N LEU I 161 -50.31 -31.76 -79.96
CA LEU I 161 -50.09 -30.45 -79.38
C LEU I 161 -50.39 -30.43 -77.88
N ASN I 162 -51.03 -31.48 -77.35
CA ASN I 162 -51.35 -31.51 -75.93
C ASN I 162 -50.11 -31.59 -75.05
N LYS I 163 -48.93 -31.82 -75.65
CA LYS I 163 -47.75 -32.09 -74.82
C LYS I 163 -47.18 -30.82 -74.19
N GLN I 167 -46.85 -22.60 -69.63
CA GLN I 167 -46.09 -21.40 -69.36
C GLN I 167 -46.76 -20.75 -68.15
N ALA I 168 -45.98 -20.45 -67.10
CA ALA I 168 -46.54 -20.09 -65.80
C ALA I 168 -47.76 -19.18 -65.91
N LEU I 169 -47.54 -17.95 -66.36
CA LEU I 169 -48.65 -17.02 -66.49
C LEU I 169 -49.38 -17.16 -67.81
N ILE I 170 -48.78 -17.79 -68.81
CA ILE I 170 -49.45 -17.97 -70.10
C ILE I 170 -50.27 -19.24 -70.13
N HIS I 171 -49.81 -20.32 -69.50
CA HIS I 171 -50.74 -21.40 -69.20
C HIS I 171 -51.69 -20.98 -68.08
N GLY I 172 -51.31 -19.96 -67.29
CA GLY I 172 -52.28 -19.22 -66.53
C GLY I 172 -53.05 -18.20 -67.32
N LEU I 173 -52.84 -18.17 -68.64
CA LEU I 173 -53.53 -17.27 -69.56
C LEU I 173 -53.95 -18.02 -70.80
N ASN I 174 -54.28 -19.31 -70.67
CA ASN I 174 -54.74 -20.08 -71.81
C ASN I 174 -55.98 -19.44 -72.44
N ARG I 175 -56.85 -18.88 -71.61
CA ARG I 175 -57.87 -17.98 -72.13
C ARG I 175 -57.18 -16.81 -72.82
N HIS I 176 -57.63 -16.51 -74.04
CA HIS I 176 -57.02 -15.52 -74.93
C HIS I 176 -55.72 -16.03 -75.55
N TYR I 177 -55.24 -17.20 -75.12
CA TYR I 177 -53.98 -17.75 -75.63
C TYR I 177 -54.13 -19.25 -75.85
N TYR I 178 -54.54 -19.63 -77.06
CA TYR I 178 -54.49 -21.02 -77.49
C TYR I 178 -53.39 -21.16 -78.53
N SER I 179 -52.51 -22.12 -78.33
CA SER I 179 -51.34 -22.25 -79.18
C SER I 179 -51.70 -22.98 -80.47
N ILE I 180 -50.91 -22.73 -81.50
CA ILE I 180 -51.13 -23.29 -82.82
C ILE I 180 -49.95 -24.19 -83.16
N THR I 181 -50.23 -25.35 -83.74
CA THR I 181 -49.17 -26.25 -84.16
C THR I 181 -48.27 -25.55 -85.19
N ILE I 182 -46.97 -25.58 -84.95
CA ILE I 182 -46.00 -24.94 -85.81
C ILE I 182 -45.16 -26.01 -86.48
N ASN I 183 -44.36 -25.57 -87.47
CA ASN I 183 -43.44 -26.46 -88.16
C ASN I 183 -42.44 -25.61 -88.92
N TYR I 184 -41.36 -26.26 -89.34
CA TYR I 184 -40.42 -25.64 -90.25
C TYR I 184 -40.77 -26.00 -91.69
N ARG I 185 -40.32 -25.17 -92.61
CA ARG I 185 -40.59 -25.34 -94.02
C ARG I 185 -39.86 -26.58 -94.55
N LYS I 186 -40.29 -27.06 -95.72
CA LYS I 186 -39.48 -28.01 -96.48
C LYS I 186 -38.28 -27.25 -97.02
N ASN I 187 -37.18 -27.28 -96.29
CA ASN I 187 -36.07 -26.36 -96.52
C ASN I 187 -34.97 -26.95 -97.39
N GLU I 188 -35.21 -28.12 -98.00
CA GLU I 188 -34.16 -28.76 -98.79
C GLU I 188 -33.61 -27.83 -99.85
N LEU I 189 -34.47 -27.00 -100.44
CA LEU I 189 -34.08 -25.94 -101.36
C LEU I 189 -32.83 -25.23 -100.86
N GLU I 190 -32.74 -25.02 -99.55
CA GLU I 190 -31.51 -24.58 -98.93
C GLU I 190 -30.89 -25.63 -98.02
N GLN I 191 -31.69 -26.44 -97.32
CA GLN I 191 -31.12 -27.45 -96.43
C GLN I 191 -29.99 -28.21 -97.10
N LYS I 192 -30.12 -28.46 -98.40
CA LYS I 192 -29.02 -28.98 -99.20
C LYS I 192 -27.74 -28.19 -98.93
N MET I 193 -27.78 -26.90 -99.28
CA MET I 193 -26.61 -25.99 -99.09
C MET I 193 -26.45 -25.68 -97.60
N LEU I 194 -27.39 -26.15 -96.77
CA LEU I 194 -27.34 -25.92 -95.30
C LEU I 194 -26.55 -27.05 -94.65
N LEU I 195 -26.20 -28.07 -95.42
CA LEU I 195 -25.42 -29.24 -94.90
C LEU I 195 -24.23 -29.50 -95.82
N ASN I 196 -24.42 -29.38 -97.13
CA ASN I 196 -23.33 -29.61 -98.12
C ASN I 196 -22.12 -28.74 -97.75
N LEU I 197 -22.28 -27.42 -97.75
CA LEU I 197 -21.18 -26.48 -97.40
C LEU I 197 -20.73 -26.73 -95.97
N HIS I 198 -21.68 -26.97 -95.06
CA HIS I 198 -21.37 -27.24 -93.63
C HIS I 198 -20.47 -28.46 -93.52
N LYS I 199 -20.97 -29.64 -93.90
CA LYS I 199 -20.20 -30.91 -93.83
C LYS I 199 -18.84 -30.76 -94.52
N LYS I 200 -18.82 -30.18 -95.72
CA LYS I 200 -17.56 -30.00 -96.50
C LYS I 200 -16.55 -29.17 -95.70
N SER I 201 -17.01 -28.12 -95.01
CA SER I 201 -16.10 -27.24 -94.23
C SER I 201 -15.91 -27.76 -92.79
N TRP I 202 -16.99 -27.85 -92.02
CA TRP I 202 -16.94 -28.29 -90.60
C TRP I 202 -16.11 -29.58 -90.45
N MET I 203 -15.78 -30.24 -91.57
CA MET I 203 -14.98 -31.46 -91.50
C MET I 203 -13.73 -31.22 -92.33
N GLU I 204 -12.74 -30.59 -91.72
CA GLU I 204 -11.42 -30.33 -92.31
C GLU I 204 -11.51 -29.73 -93.71
N GLY I 205 -12.61 -29.07 -94.04
CA GLY I 205 -12.70 -28.33 -95.29
C GLY I 205 -12.26 -29.15 -96.48
N LEU I 206 -11.10 -28.78 -97.02
CA LEU I 206 -10.41 -29.59 -98.03
C LEU I 206 -10.26 -31.04 -97.60
N THR I 207 -10.17 -31.31 -96.29
CA THR I 207 -10.02 -32.63 -95.69
C THR I 207 -8.70 -33.29 -96.00
N LEU I 208 -7.77 -32.60 -96.66
CA LEU I 208 -6.46 -33.17 -96.97
C LEU I 208 -5.39 -32.66 -96.02
N GLN I 209 -5.74 -32.45 -94.76
CA GLN I 209 -4.93 -31.60 -93.88
C GLN I 209 -4.19 -32.40 -92.81
N ASP I 210 -4.90 -33.17 -92.00
CA ASP I 210 -4.23 -34.06 -91.05
C ASP I 210 -4.08 -35.46 -91.63
N TYR I 211 -3.59 -35.53 -92.87
CA TYR I 211 -3.60 -36.78 -93.62
C TYR I 211 -2.37 -36.91 -94.50
N VAL I 221 -1.58 -33.39 -83.04
CA VAL I 221 -2.21 -33.61 -84.33
C VAL I 221 -2.07 -35.06 -84.76
N VAL I 222 -0.89 -35.64 -84.51
CA VAL I 222 -0.61 -37.06 -84.88
C VAL I 222 0.52 -37.60 -83.99
N LYS I 223 1.15 -36.72 -83.21
CA LYS I 223 2.27 -37.14 -82.32
C LYS I 223 2.13 -36.41 -80.97
N GLU I 224 2.41 -35.10 -80.97
CA GLU I 224 2.32 -34.27 -79.74
C GLU I 224 0.96 -34.51 -79.05
N MET I 225 -0.06 -34.86 -79.84
CA MET I 225 -1.38 -35.11 -79.31
C MET I 225 -1.42 -36.45 -78.59
N LEU I 226 -0.85 -37.49 -79.22
CA LEU I 226 -0.83 -38.80 -78.61
C LEU I 226 0.25 -38.91 -77.54
N GLU I 227 1.32 -38.12 -77.62
CA GLU I 227 2.24 -38.00 -76.50
C GLU I 227 1.47 -37.65 -75.23
N LEU I 228 0.81 -36.49 -75.25
CA LEU I 228 0.00 -36.09 -74.11
C LEU I 228 -1.12 -37.10 -73.85
N ALA I 229 -1.65 -37.67 -74.94
CA ALA I 229 -2.73 -38.68 -74.84
C ALA I 229 -2.23 -39.89 -74.04
N LYS I 230 -1.22 -40.57 -74.57
CA LYS I 230 -0.62 -41.75 -73.88
C LYS I 230 0.02 -41.29 -72.57
N ASN I 231 0.66 -40.12 -72.59
CA ASN I 231 1.30 -39.54 -71.37
C ASN I 231 0.26 -39.49 -70.24
N TYR I 232 -0.91 -38.93 -70.54
CA TYR I 232 -2.00 -38.84 -69.52
C TYR I 232 -2.71 -40.19 -69.41
N ASN I 233 -2.61 -41.03 -70.45
CA ASN I 233 -3.24 -42.37 -70.42
C ASN I 233 -2.61 -43.19 -69.29
N LYS I 234 -1.28 -43.10 -69.16
CA LYS I 234 -0.54 -43.84 -68.10
C LYS I 234 -0.88 -43.21 -66.74
N ALA I 235 -1.38 -41.98 -66.73
CA ALA I 235 -1.74 -41.31 -65.49
C ALA I 235 -3.23 -41.45 -65.18
N VAL I 236 -4.06 -41.62 -66.20
CA VAL I 236 -5.49 -41.78 -65.99
C VAL I 236 -5.88 -43.20 -65.65
N GLU I 237 -5.39 -44.19 -66.39
CA GLU I 237 -5.84 -45.55 -66.13
C GLU I 237 -5.46 -46.04 -64.75
N GLU I 238 -4.49 -45.40 -64.11
CA GLU I 238 -4.04 -45.91 -62.83
C GLU I 238 -4.93 -45.51 -61.66
N GLU I 239 -6.06 -44.85 -61.91
CA GLU I 239 -7.04 -44.64 -60.84
C GLU I 239 -8.28 -45.52 -61.01
N ASP I 240 -8.88 -45.52 -62.20
CA ASP I 240 -9.88 -46.54 -62.49
C ASP I 240 -9.33 -47.94 -62.25
N LYS I 241 -8.02 -48.13 -62.40
CA LYS I 241 -7.42 -49.39 -62.02
C LYS I 241 -7.45 -49.63 -60.52
N MET I 242 -7.74 -48.62 -59.72
CA MET I 242 -7.91 -48.86 -58.30
C MET I 242 -9.30 -49.39 -57.97
N THR I 243 -10.21 -49.38 -58.93
CA THR I 243 -11.56 -49.88 -58.71
C THR I 243 -11.61 -51.39 -58.50
N PRO I 244 -10.82 -52.22 -59.20
CA PRO I 244 -10.79 -53.64 -58.82
C PRO I 244 -10.29 -53.85 -57.41
N GLU I 245 -9.34 -53.05 -56.95
CA GLU I 245 -9.02 -53.03 -55.53
C GLU I 245 -10.24 -52.67 -54.71
N GLN I 246 -11.12 -51.83 -55.25
CA GLN I 246 -12.41 -51.55 -54.64
C GLN I 246 -13.45 -52.58 -55.04
N LEU I 247 -13.27 -53.26 -56.17
CA LEU I 247 -14.08 -54.43 -56.47
C LEU I 247 -13.68 -55.62 -55.62
N ALA I 248 -12.78 -55.41 -54.66
CA ALA I 248 -12.49 -56.40 -53.62
C ALA I 248 -13.62 -56.35 -52.59
N ILE I 249 -14.76 -56.89 -52.99
CA ILE I 249 -16.00 -56.82 -52.23
C ILE I 249 -16.49 -58.23 -51.94
N LYS I 250 -15.53 -59.11 -51.63
CA LYS I 250 -15.67 -60.55 -51.75
C LYS I 250 -16.99 -61.13 -51.23
N ASN I 251 -17.23 -61.07 -49.92
CA ASN I 251 -18.24 -61.96 -49.34
C ASN I 251 -19.65 -61.49 -49.66
N VAL I 252 -20.07 -60.38 -49.06
CA VAL I 252 -21.21 -59.61 -49.57
C VAL I 252 -20.92 -58.15 -49.29
N GLY I 253 -20.40 -57.44 -50.28
CA GLY I 253 -20.04 -56.05 -50.06
C GLY I 253 -20.22 -55.11 -51.23
N LYS I 254 -20.87 -55.55 -52.29
CA LYS I 254 -20.88 -54.80 -53.55
C LYS I 254 -22.26 -54.23 -53.83
N GLN I 255 -22.38 -52.91 -53.67
CA GLN I 255 -23.41 -52.10 -54.32
C GLN I 255 -22.93 -51.84 -55.73
N ASP I 256 -23.51 -50.82 -56.40
CA ASP I 256 -23.11 -50.43 -57.75
C ASP I 256 -21.58 -50.52 -57.90
N PRO I 257 -21.10 -51.16 -58.97
CA PRO I 257 -19.67 -51.53 -59.03
C PRO I 257 -18.72 -50.39 -59.29
N LYS I 258 -19.17 -49.15 -59.10
CA LYS I 258 -18.46 -47.97 -59.58
C LYS I 258 -18.14 -48.15 -61.06
N ARG I 259 -19.22 -48.26 -61.84
CA ARG I 259 -19.11 -48.65 -63.24
C ARG I 259 -18.50 -47.50 -64.02
N HIS I 260 -17.24 -47.19 -63.71
CA HIS I 260 -16.48 -46.14 -64.37
C HIS I 260 -15.20 -46.69 -64.96
N LEU I 261 -15.09 -48.02 -65.03
CA LEU I 261 -13.95 -48.66 -65.67
C LEU I 261 -13.86 -48.27 -67.14
N GLU I 262 -15.00 -47.97 -67.76
CA GLU I 262 -15.04 -47.41 -69.11
C GLU I 262 -14.74 -45.92 -69.02
N GLU I 263 -15.02 -45.18 -70.08
CA GLU I 263 -14.78 -43.75 -70.23
C GLU I 263 -13.30 -43.48 -70.37
N HIS I 264 -12.47 -44.49 -70.45
CA HIS I 264 -11.06 -44.38 -70.80
C HIS I 264 -10.70 -45.27 -71.97
N VAL I 265 -11.30 -46.46 -72.06
CA VAL I 265 -10.99 -47.41 -73.12
C VAL I 265 -11.28 -46.80 -74.49
N ASP I 266 -12.54 -46.42 -74.70
CA ASP I 266 -12.95 -45.82 -75.97
C ASP I 266 -11.99 -44.71 -76.38
N VAL I 267 -11.56 -43.90 -75.42
CA VAL I 267 -10.58 -42.85 -75.71
C VAL I 267 -9.27 -43.48 -76.17
N LEU I 268 -8.82 -44.50 -75.44
CA LEU I 268 -7.64 -45.24 -75.86
C LEU I 268 -7.82 -45.80 -77.26
N MET I 269 -9.04 -46.29 -77.54
CA MET I 269 -9.34 -46.82 -78.86
C MET I 269 -9.03 -45.73 -79.86
N THR I 270 -9.79 -44.63 -79.80
CA THR I 270 -9.59 -43.50 -80.71
C THR I 270 -8.12 -43.14 -80.83
N SER I 271 -7.40 -43.11 -79.72
CA SER I 271 -6.01 -42.69 -79.72
C SER I 271 -5.18 -43.57 -80.65
N ASN I 272 -5.11 -44.86 -80.33
CA ASN I 272 -4.25 -45.71 -81.16
C ASN I 272 -4.86 -45.98 -82.52
N ILE I 273 -6.19 -45.88 -82.64
CA ILE I 273 -6.84 -45.88 -83.94
C ILE I 273 -6.21 -44.82 -84.83
N VAL I 274 -6.22 -43.57 -84.37
CA VAL I 274 -5.65 -42.47 -85.14
C VAL I 274 -4.15 -42.67 -85.33
N GLN I 275 -3.48 -43.25 -84.34
CA GLN I 275 -2.07 -43.58 -84.49
C GLN I 275 -1.85 -44.47 -85.71
N CYS I 276 -2.66 -45.53 -85.83
CA CYS I 276 -2.54 -46.43 -86.96
C CYS I 276 -2.97 -45.75 -88.25
N LEU I 277 -4.02 -44.94 -88.18
CA LEU I 277 -4.46 -44.16 -89.33
C LEU I 277 -3.31 -43.37 -89.92
N ALA I 278 -2.69 -42.53 -89.08
CA ALA I 278 -1.58 -41.69 -89.53
C ALA I 278 -0.40 -42.53 -89.99
N ALA I 279 -0.11 -43.62 -89.28
CA ALA I 279 0.92 -44.54 -89.75
C ALA I 279 0.64 -44.96 -91.19
N MET I 280 -0.62 -45.28 -91.49
CA MET I 280 -1.02 -45.55 -92.85
C MET I 280 -0.76 -44.36 -93.75
N LEU I 281 -1.41 -43.24 -93.44
CA LEU I 281 -1.40 -42.07 -94.30
C LEU I 281 0.01 -41.63 -94.63
N ASP I 282 0.98 -41.97 -93.78
CA ASP I 282 2.36 -41.65 -94.10
C ASP I 282 2.80 -42.36 -95.37
N THR I 283 2.85 -43.69 -95.34
CA THR I 283 3.24 -44.44 -96.53
C THR I 283 2.26 -44.26 -97.67
N VAL I 284 0.99 -43.98 -97.37
CA VAL I 284 -0.01 -43.82 -98.42
C VAL I 284 0.23 -42.52 -99.18
N VAL I 285 0.17 -41.40 -98.48
CA VAL I 285 0.36 -40.10 -99.10
C VAL I 285 1.80 -39.96 -99.57
N PHE I 286 2.75 -40.02 -98.64
CA PHE I 286 4.15 -40.01 -99.03
C PHE I 286 4.37 -41.16 -100.00
N LYS I 287 4.59 -40.84 -101.26
CA LYS I 287 4.38 -41.76 -102.36
C LYS I 287 3.04 -42.47 -102.21
N MET J 1 3.66 -131.60 -100.82
CA MET J 1 2.66 -130.87 -101.58
C MET J 1 3.28 -129.70 -102.33
N TYR J 2 3.01 -129.64 -103.64
CA TYR J 2 3.41 -128.56 -104.54
C TYR J 2 4.92 -128.36 -104.56
N GLU J 3 5.63 -129.34 -105.14
CA GLU J 3 7.08 -129.46 -105.07
C GLU J 3 7.80 -128.27 -105.72
N GLN J 4 7.41 -127.91 -106.94
CA GLN J 4 8.17 -126.99 -107.81
C GLN J 4 8.16 -125.53 -107.34
N LEU J 5 7.62 -125.19 -106.17
CA LEU J 5 7.83 -123.85 -105.60
C LEU J 5 9.30 -123.61 -105.31
N LYS J 6 10.05 -124.66 -104.97
CA LYS J 6 11.44 -124.55 -104.57
C LYS J 6 12.42 -124.54 -105.74
N GLY J 7 11.96 -124.19 -106.94
CA GLY J 7 12.78 -124.25 -108.15
C GLY J 7 13.89 -123.21 -108.25
N GLU J 8 14.02 -122.30 -107.30
CA GLU J 8 15.07 -121.29 -107.30
C GLU J 8 15.69 -121.19 -105.92
N TRP J 9 15.97 -122.34 -105.32
CA TRP J 9 16.22 -122.40 -103.89
C TRP J 9 17.66 -122.00 -103.54
N ASN J 10 18.65 -122.53 -104.25
CA ASN J 10 20.02 -122.49 -103.75
C ASN J 10 21.07 -121.96 -104.71
N ARG J 11 20.70 -121.41 -105.86
CA ARG J 11 21.67 -120.87 -106.80
C ARG J 11 21.53 -119.37 -107.03
N LYS J 12 20.38 -118.81 -106.66
CA LYS J 12 20.08 -117.41 -106.35
C LYS J 12 19.99 -116.45 -107.53
N SER J 13 20.71 -116.71 -108.64
CA SER J 13 20.65 -115.91 -109.86
C SER J 13 21.35 -116.55 -111.03
N PRO J 14 20.65 -117.27 -111.91
CA PRO J 14 21.19 -117.51 -113.25
C PRO J 14 20.78 -116.43 -114.25
N ASN J 15 19.75 -115.65 -113.94
CA ASN J 15 19.12 -114.69 -114.84
C ASN J 15 18.36 -113.67 -114.00
N LEU J 16 17.53 -112.88 -114.66
CA LEU J 16 16.53 -112.03 -114.02
C LEU J 16 15.12 -112.57 -114.19
N SER J 17 14.83 -113.16 -115.36
CA SER J 17 13.50 -113.63 -115.70
C SER J 17 13.26 -115.09 -115.35
N LYS J 18 14.29 -115.85 -114.96
CA LYS J 18 14.01 -117.14 -114.35
C LYS J 18 13.55 -116.96 -112.90
N CYS J 19 14.06 -115.93 -112.24
CA CYS J 19 13.38 -115.41 -111.08
C CYS J 19 11.98 -114.88 -111.42
N GLY J 20 11.74 -114.50 -112.68
CA GLY J 20 10.39 -114.23 -113.13
C GLY J 20 9.54 -115.47 -113.30
N GLU J 21 10.16 -116.61 -113.63
CA GLU J 21 9.43 -117.88 -113.56
C GLU J 21 9.03 -118.20 -112.13
N GLU J 22 9.95 -117.95 -111.20
CA GLU J 22 9.61 -118.06 -109.78
C GLU J 22 8.57 -117.02 -109.36
N LEU J 23 8.58 -115.85 -110.01
CA LEU J 23 7.55 -114.84 -109.77
C LEU J 23 6.19 -115.32 -110.24
N GLY J 24 6.14 -116.01 -111.38
CA GLY J 24 4.89 -116.63 -111.81
C GLY J 24 4.45 -117.75 -110.88
N ARG J 25 5.42 -118.45 -110.29
CA ARG J 25 5.06 -119.49 -109.32
C ARG J 25 4.48 -118.88 -108.05
N LEU J 26 5.10 -117.80 -107.56
CA LEU J 26 4.53 -117.06 -106.43
C LEU J 26 3.24 -116.35 -106.80
N LYS J 27 3.05 -116.04 -108.09
CA LYS J 27 1.77 -115.56 -108.57
C LYS J 27 0.70 -116.63 -108.42
N LEU J 28 1.05 -117.87 -108.75
CA LEU J 28 0.14 -118.98 -108.47
C LEU J 28 -0.07 -119.22 -106.98
N VAL J 29 0.95 -118.91 -106.16
CA VAL J 29 0.77 -118.94 -104.70
C VAL J 29 -0.24 -117.88 -104.26
N LEU J 30 -0.23 -116.71 -104.93
CA LEU J 30 -1.23 -115.70 -104.64
C LEU J 30 -2.61 -116.05 -105.20
N LEU J 31 -2.67 -116.82 -106.29
CA LEU J 31 -3.94 -117.34 -106.78
C LEU J 31 -4.56 -118.31 -105.77
N GLU J 32 -3.76 -119.27 -105.31
CA GLU J 32 -4.30 -120.37 -104.52
C GLU J 32 -4.41 -120.08 -103.04
N LEU J 33 -3.51 -119.25 -102.49
CA LEU J 33 -3.24 -119.26 -101.06
C LEU J 33 -3.64 -117.97 -100.36
N ASN J 34 -3.08 -116.82 -100.77
CA ASN J 34 -3.37 -115.49 -100.20
C ASN J 34 -3.17 -115.41 -98.69
N PHE J 35 -1.91 -115.27 -98.25
CA PHE J 35 -1.46 -115.33 -96.86
C PHE J 35 -2.29 -114.52 -95.86
N LEU J 36 -2.84 -113.36 -96.24
CA LEU J 36 -3.45 -112.51 -95.21
C LEU J 36 -4.84 -112.92 -94.70
N PRO J 37 -5.83 -113.33 -95.52
CA PRO J 37 -7.09 -113.80 -94.91
C PRO J 37 -7.01 -115.19 -94.28
N THR J 38 -5.91 -115.92 -94.47
CA THR J 38 -5.72 -117.23 -93.86
C THR J 38 -5.62 -117.09 -92.35
N THR J 39 -6.62 -117.63 -91.63
CA THR J 39 -6.76 -117.33 -90.21
C THR J 39 -5.86 -118.20 -89.34
N GLY J 40 -6.08 -119.51 -89.36
CA GLY J 40 -5.35 -120.40 -88.47
C GLY J 40 -5.05 -121.76 -89.07
N THR J 41 -5.16 -122.81 -88.25
CA THR J 41 -4.86 -124.20 -88.61
C THR J 41 -3.46 -124.32 -89.18
N LYS J 42 -2.43 -124.19 -88.35
CA LYS J 42 -1.09 -123.86 -88.81
C LYS J 42 -0.33 -125.01 -89.47
N LEU J 43 -0.99 -125.65 -90.44
CA LEU J 43 -0.34 -126.46 -91.46
C LEU J 43 -0.64 -125.93 -92.86
N THR J 44 -1.62 -125.03 -92.99
CA THR J 44 -1.81 -124.24 -94.20
C THR J 44 -0.97 -122.96 -94.18
N LYS J 45 -0.17 -122.77 -93.13
CA LYS J 45 0.80 -121.69 -93.06
C LYS J 45 2.23 -122.21 -93.04
N GLN J 46 2.44 -123.51 -93.21
CA GLN J 46 3.81 -124.02 -93.31
C GLN J 46 4.41 -123.80 -94.69
N GLN J 47 3.60 -123.89 -95.75
CA GLN J 47 4.03 -123.41 -97.05
C GLN J 47 4.17 -121.89 -97.06
N LEU J 48 3.54 -121.21 -96.11
CA LEU J 48 3.80 -119.79 -95.88
C LEU J 48 5.07 -119.52 -95.08
N ILE J 49 5.50 -120.47 -94.23
CA ILE J 49 6.85 -120.40 -93.66
C ILE J 49 7.88 -120.54 -94.78
N LEU J 50 7.64 -121.48 -95.70
CA LEU J 50 8.43 -121.58 -96.92
C LEU J 50 8.37 -120.29 -97.75
N ALA J 51 7.20 -119.63 -97.77
CA ALA J 51 7.08 -118.36 -98.48
C ALA J 51 7.86 -117.25 -97.79
N ARG J 52 7.89 -117.26 -96.45
CA ARG J 52 8.72 -116.31 -95.70
C ARG J 52 10.19 -116.51 -96.05
N ASP J 53 10.63 -117.78 -96.10
CA ASP J 53 12.00 -118.14 -96.47
C ASP J 53 12.38 -117.65 -97.86
N ILE J 54 11.64 -118.10 -98.88
CA ILE J 54 11.99 -117.74 -100.25
C ILE J 54 11.60 -116.32 -100.60
N LEU J 55 10.86 -115.61 -99.75
CA LEU J 55 10.70 -114.18 -100.02
C LEU J 55 11.67 -113.31 -99.23
N GLU J 56 12.29 -113.83 -98.18
CA GLU J 56 13.56 -113.25 -97.73
C GLU J 56 14.62 -113.41 -98.82
N ILE J 57 14.66 -114.58 -99.46
CA ILE J 57 15.61 -114.78 -100.55
C ILE J 57 15.20 -113.95 -101.76
N GLY J 58 13.91 -113.63 -101.89
CA GLY J 58 13.47 -112.68 -102.90
C GLY J 58 13.84 -111.24 -102.58
N ALA J 59 13.90 -110.89 -101.30
CA ALA J 59 14.43 -109.58 -100.93
C ALA J 59 15.92 -109.49 -101.25
N GLN J 60 16.63 -110.61 -101.06
CA GLN J 60 18.00 -110.70 -101.56
C GLN J 60 18.06 -110.57 -103.07
N TRP J 61 17.04 -111.08 -103.79
CA TRP J 61 16.95 -110.81 -105.22
C TRP J 61 16.69 -109.34 -105.50
N SER J 62 15.91 -108.66 -104.63
CA SER J 62 15.60 -107.25 -104.84
C SER J 62 16.82 -106.36 -104.66
N ILE J 63 17.72 -106.73 -103.75
CA ILE J 63 19.00 -106.01 -103.68
C ILE J 63 19.96 -106.51 -104.76
N LEU J 64 19.77 -107.72 -105.27
CA LEU J 64 20.63 -108.21 -106.34
C LEU J 64 20.32 -107.53 -107.67
N ARG J 65 19.06 -107.20 -107.93
CA ARG J 65 18.67 -106.56 -109.17
C ARG J 65 18.51 -105.06 -109.03
N LYS J 66 18.82 -104.50 -107.86
CA LYS J 66 18.86 -103.07 -107.53
C LYS J 66 17.46 -102.43 -107.59
N ASP J 67 16.40 -103.23 -107.63
CA ASP J 67 15.06 -102.69 -107.84
C ASP J 67 14.49 -102.21 -106.50
N ILE J 68 14.36 -100.90 -106.36
CA ILE J 68 13.86 -100.25 -105.14
C ILE J 68 12.34 -100.39 -105.00
N PRO J 69 11.51 -100.25 -106.07
CA PRO J 69 10.11 -100.67 -105.91
C PRO J 69 9.94 -102.13 -105.56
N SER J 70 10.78 -103.02 -106.08
CA SER J 70 10.74 -104.40 -105.63
C SER J 70 11.33 -104.56 -104.25
N PHE J 71 12.31 -103.73 -103.88
CA PHE J 71 12.85 -103.74 -102.52
C PHE J 71 11.79 -103.37 -101.49
N GLU J 72 11.12 -102.23 -101.69
CA GLU J 72 10.05 -101.83 -100.79
C GLU J 72 8.86 -102.78 -100.90
N ARG J 73 8.68 -103.41 -102.05
CA ARG J 73 7.61 -104.38 -102.24
C ARG J 73 7.80 -105.62 -101.35
N TYR J 74 8.92 -106.31 -101.53
CA TYR J 74 9.19 -107.49 -100.71
C TYR J 74 9.48 -107.14 -99.26
N MET J 75 9.93 -105.90 -98.98
CA MET J 75 10.11 -105.49 -97.60
C MET J 75 8.78 -105.22 -96.92
N ALA J 76 7.81 -104.66 -97.64
CA ALA J 76 6.46 -104.55 -97.11
C ALA J 76 5.80 -105.92 -96.98
N GLN J 77 6.20 -106.87 -97.83
CA GLN J 77 5.80 -108.26 -97.62
C GLN J 77 6.35 -108.82 -96.31
N LEU J 78 7.62 -108.57 -96.01
CA LEU J 78 8.19 -109.03 -94.74
C LEU J 78 7.56 -108.33 -93.54
N LYS J 79 7.28 -107.03 -93.71
CA LYS J 79 6.55 -106.25 -92.72
C LYS J 79 5.18 -106.84 -92.44
N CYS J 80 4.49 -107.27 -93.50
CA CYS J 80 3.23 -107.99 -93.32
C CYS J 80 3.43 -109.39 -92.78
N TYR J 81 4.61 -109.98 -92.96
CA TYR J 81 4.88 -111.31 -92.43
C TYR J 81 5.10 -111.29 -90.94
N TYR J 82 5.50 -110.16 -90.39
CA TYR J 82 5.55 -110.04 -88.94
C TYR J 82 4.25 -109.46 -88.37
N PHE J 83 3.26 -109.25 -89.23
CA PHE J 83 2.06 -108.48 -88.90
C PHE J 83 0.80 -109.32 -88.79
N ASP J 84 0.71 -110.40 -89.58
CA ASP J 84 -0.46 -111.28 -89.48
C ASP J 84 -0.50 -111.94 -88.12
N TYR J 85 -1.73 -112.14 -87.62
CA TYR J 85 -1.98 -112.30 -86.19
C TYR J 85 -1.45 -113.61 -85.61
N LYS J 86 -1.10 -114.58 -86.43
CA LYS J 86 -0.39 -115.76 -85.96
C LYS J 86 1.09 -115.43 -85.82
N GLU J 87 1.40 -114.69 -84.75
CA GLU J 87 2.77 -114.27 -84.49
C GLU J 87 3.65 -115.44 -84.07
N GLN J 88 3.05 -116.51 -83.53
CA GLN J 88 3.79 -117.69 -83.08
C GLN J 88 4.26 -118.48 -84.30
N LEU J 89 5.30 -117.97 -84.94
CA LEU J 89 5.93 -118.56 -86.10
C LEU J 89 7.29 -119.15 -85.73
N PRO J 90 7.84 -120.06 -86.54
CA PRO J 90 9.26 -120.40 -86.42
C PRO J 90 10.13 -119.16 -86.61
N GLU J 91 11.20 -119.09 -85.83
CA GLU J 91 12.02 -117.89 -85.72
C GLU J 91 12.72 -117.60 -87.06
N SER J 92 12.53 -116.39 -87.56
CA SER J 92 12.90 -116.07 -88.93
C SER J 92 14.42 -115.96 -89.06
N ALA J 93 14.95 -116.52 -90.15
CA ALA J 93 16.39 -116.61 -90.33
C ALA J 93 17.00 -115.24 -90.63
N TYR J 94 16.49 -114.55 -91.65
CA TYR J 94 17.02 -113.25 -92.04
C TYR J 94 16.37 -112.10 -91.28
N MET J 95 15.80 -112.39 -90.11
CA MET J 95 15.09 -111.39 -89.29
C MET J 95 16.01 -110.26 -88.88
N HIS J 96 17.25 -110.58 -88.52
CA HIS J 96 18.16 -109.61 -87.93
C HIS J 96 18.58 -108.55 -88.94
N GLN J 97 18.73 -108.94 -90.21
CA GLN J 97 19.19 -108.00 -91.22
C GLN J 97 18.12 -107.57 -92.20
N LEU J 98 16.90 -108.10 -92.12
CA LEU J 98 15.86 -107.45 -92.91
C LEU J 98 15.48 -106.12 -92.30
N LEU J 99 15.41 -106.07 -90.95
CA LEU J 99 15.36 -104.81 -90.22
C LEU J 99 16.54 -103.92 -90.56
N GLY J 100 17.72 -104.49 -90.77
CA GLY J 100 18.90 -103.70 -91.11
C GLY J 100 18.90 -103.16 -92.53
N LEU J 101 18.43 -103.96 -93.48
CA LEU J 101 18.18 -103.51 -94.84
C LEU J 101 17.22 -102.32 -94.86
N ASN J 102 16.08 -102.49 -94.18
CA ASN J 102 15.09 -101.42 -94.09
C ASN J 102 15.65 -100.19 -93.40
N LEU J 103 16.41 -100.40 -92.32
CA LEU J 103 16.95 -99.30 -91.55
C LEU J 103 18.04 -98.55 -92.30
N LEU J 104 18.89 -99.27 -93.03
CA LEU J 104 19.95 -98.60 -93.76
C LEU J 104 19.42 -97.95 -95.02
N PHE J 105 18.35 -98.51 -95.61
CA PHE J 105 17.67 -97.81 -96.69
C PHE J 105 17.01 -96.53 -96.20
N LEU J 106 16.40 -96.59 -95.02
CA LEU J 106 15.81 -95.43 -94.37
C LEU J 106 16.87 -94.37 -94.09
N LEU J 107 18.01 -94.81 -93.56
CA LEU J 107 19.15 -93.95 -93.29
C LEU J 107 19.73 -93.34 -94.57
N SER J 108 19.57 -94.03 -95.69
CA SER J 108 20.02 -93.50 -96.96
C SER J 108 19.05 -92.47 -97.53
N GLN J 109 17.75 -92.70 -97.38
CA GLN J 109 16.75 -91.80 -97.94
C GLN J 109 16.36 -90.66 -97.00
N ASN J 110 17.03 -90.54 -95.85
CA ASN J 110 16.94 -89.39 -94.94
C ASN J 110 15.54 -89.20 -94.35
N ARG J 111 15.03 -90.22 -93.65
CA ARG J 111 13.75 -90.11 -92.96
C ARG J 111 13.94 -89.48 -91.58
N VAL J 112 12.81 -89.21 -90.92
CA VAL J 112 12.86 -88.42 -89.68
C VAL J 112 12.05 -89.07 -88.55
N ALA J 113 11.06 -89.91 -88.88
CA ALA J 113 10.26 -90.54 -87.84
C ALA J 113 10.08 -92.04 -88.01
N GLU J 114 10.27 -92.58 -89.22
CA GLU J 114 10.24 -94.01 -89.39
C GLU J 114 11.44 -94.68 -88.75
N PHE J 115 12.54 -93.92 -88.61
CA PHE J 115 13.65 -94.30 -87.72
C PHE J 115 13.17 -94.61 -86.31
N HIS J 116 12.27 -93.79 -85.79
CA HIS J 116 11.83 -93.98 -84.41
C HIS J 116 10.70 -94.99 -84.28
N THR J 117 9.85 -95.14 -85.29
CA THR J 117 8.93 -96.30 -85.23
C THR J 117 9.70 -97.60 -85.41
N GLU J 118 10.87 -97.56 -86.06
CA GLU J 118 11.79 -98.69 -86.04
C GLU J 118 12.41 -98.89 -84.66
N LEU J 119 12.69 -97.80 -83.95
CA LEU J 119 13.15 -97.89 -82.57
C LEU J 119 12.05 -98.26 -81.59
N GLU J 120 10.81 -98.32 -82.05
CA GLU J 120 9.69 -98.70 -81.20
C GLU J 120 9.12 -100.09 -81.50
N ARG J 121 9.22 -100.59 -82.75
CA ARG J 121 8.58 -101.86 -83.06
C ARG J 121 9.31 -103.05 -82.42
N LEU J 122 10.64 -103.02 -82.35
CA LEU J 122 11.42 -104.07 -81.70
C LEU J 122 12.60 -103.43 -80.99
N PRO J 123 12.39 -102.87 -79.78
CA PRO J 123 13.47 -102.14 -79.12
C PRO J 123 14.42 -103.03 -78.32
N ALA J 124 13.90 -104.16 -77.82
CA ALA J 124 14.61 -104.95 -76.83
C ALA J 124 15.75 -105.76 -77.42
N LYS J 125 15.80 -105.92 -78.74
CA LYS J 125 16.88 -106.64 -79.39
C LYS J 125 17.88 -105.70 -80.06
N ASP J 126 17.97 -104.46 -79.59
CA ASP J 126 18.82 -103.46 -80.22
C ASP J 126 20.13 -103.22 -79.49
N ILE J 127 20.11 -103.20 -78.16
CA ILE J 127 21.32 -102.89 -77.40
C ILE J 127 22.05 -104.16 -76.96
N GLN J 128 21.33 -105.24 -76.71
CA GLN J 128 21.95 -106.47 -76.19
C GLN J 128 22.66 -107.27 -77.26
N THR J 129 22.18 -107.21 -78.50
CA THR J 129 22.58 -108.13 -79.54
C THR J 129 22.26 -107.50 -80.90
N ASN J 130 22.24 -108.33 -81.95
CA ASN J 130 21.81 -107.98 -83.30
C ASN J 130 22.68 -106.89 -83.92
N VAL J 131 23.92 -107.25 -84.27
CA VAL J 131 24.89 -106.34 -84.85
C VAL J 131 24.39 -105.70 -86.15
N TYR J 132 23.52 -106.39 -86.90
CA TYR J 132 22.86 -105.79 -88.06
C TYR J 132 21.94 -104.63 -87.70
N ILE J 133 21.53 -104.52 -86.43
CA ILE J 133 20.78 -103.39 -85.93
C ILE J 133 21.58 -102.58 -84.92
N LYS J 134 22.31 -103.26 -84.02
CA LYS J 134 23.14 -102.60 -83.01
C LYS J 134 24.23 -101.74 -83.62
N HIS J 135 24.78 -102.15 -84.76
CA HIS J 135 25.79 -101.34 -85.42
C HIS J 135 25.18 -100.15 -86.20
N PRO J 136 24.04 -100.28 -86.92
CA PRO J 136 23.46 -99.06 -87.51
C PRO J 136 22.90 -98.04 -86.53
N VAL J 137 22.39 -98.43 -85.35
CA VAL J 137 21.77 -97.41 -84.50
C VAL J 137 22.82 -96.58 -83.76
N SER J 138 23.86 -97.23 -83.22
CA SER J 138 24.98 -96.47 -82.69
C SER J 138 25.79 -95.82 -83.80
N LEU J 139 25.73 -96.38 -85.01
CA LEU J 139 26.28 -95.72 -86.17
C LEU J 139 25.53 -94.43 -86.49
N GLU J 140 24.22 -94.41 -86.28
CA GLU J 140 23.45 -93.19 -86.47
C GLU J 140 23.77 -92.18 -85.38
N GLN J 141 23.98 -92.67 -84.15
CA GLN J 141 24.46 -91.81 -83.07
C GLN J 141 25.82 -91.21 -83.41
N TYR J 142 26.66 -91.96 -84.12
CA TYR J 142 27.95 -91.42 -84.53
C TYR J 142 27.85 -90.52 -85.75
N LEU J 143 26.87 -90.77 -86.63
CA LEU J 143 26.66 -89.92 -87.80
C LEU J 143 26.16 -88.54 -87.40
N MET J 144 25.19 -88.48 -86.48
CA MET J 144 24.75 -87.19 -85.97
C MET J 144 25.43 -86.84 -84.68
N GLU J 145 26.53 -87.53 -84.37
CA GLU J 145 27.48 -87.06 -83.36
C GLU J 145 28.48 -86.12 -84.00
N GLY J 146 28.81 -86.31 -85.27
CA GLY J 146 29.89 -85.53 -85.85
C GLY J 146 31.05 -86.30 -86.42
N SER J 147 30.81 -87.42 -87.10
CA SER J 147 31.91 -88.16 -87.73
C SER J 147 31.44 -88.81 -89.02
N TYR J 148 31.91 -88.29 -90.16
CA TYR J 148 31.85 -89.01 -91.43
C TYR J 148 33.05 -89.90 -91.66
N ASN J 149 33.87 -90.12 -90.64
CA ASN J 149 35.01 -91.01 -90.71
C ASN J 149 34.75 -92.33 -90.00
N LYS J 150 33.80 -92.33 -89.08
CA LYS J 150 33.22 -93.56 -88.56
C LYS J 150 32.54 -94.36 -89.67
N VAL J 151 32.12 -93.70 -90.77
CA VAL J 151 31.72 -94.37 -92.00
C VAL J 151 32.78 -95.37 -92.45
N PHE J 152 34.03 -94.94 -92.50
CA PHE J 152 35.08 -95.78 -93.05
C PHE J 152 35.65 -96.72 -92.01
N LEU J 153 35.68 -96.28 -90.75
CA LEU J 153 35.95 -97.17 -89.62
C LEU J 153 34.97 -98.34 -89.59
N ALA J 154 33.69 -98.06 -89.84
CA ALA J 154 32.66 -99.08 -89.88
C ALA J 154 32.81 -99.95 -91.12
N LYS J 155 32.97 -99.32 -92.30
CA LYS J 155 33.19 -99.99 -93.59
C LYS J 155 34.45 -100.85 -93.64
N GLY J 156 35.31 -100.73 -92.64
CA GLY J 156 36.16 -101.83 -92.22
C GLY J 156 35.44 -103.17 -92.25
N ASN J 157 34.24 -103.26 -91.68
CA ASN J 157 33.41 -104.45 -91.91
C ASN J 157 31.92 -104.14 -91.91
N ILE J 158 31.34 -103.76 -93.06
CA ILE J 158 29.90 -103.86 -93.30
C ILE J 158 29.61 -104.27 -94.76
N PRO J 159 29.88 -105.50 -95.22
CA PRO J 159 29.09 -105.99 -96.35
C PRO J 159 27.67 -106.36 -95.94
N ALA J 160 27.57 -107.28 -94.97
CA ALA J 160 26.35 -107.69 -94.27
C ALA J 160 25.24 -108.10 -95.24
N GLU J 161 25.59 -109.09 -96.08
CA GLU J 161 24.84 -109.59 -97.23
C GLU J 161 24.21 -108.48 -98.08
N SER J 162 25.08 -107.72 -98.76
CA SER J 162 24.71 -106.72 -99.77
C SER J 162 24.05 -105.49 -99.15
N TYR J 163 24.62 -105.00 -98.05
CA TYR J 163 24.46 -103.59 -97.72
C TYR J 163 25.41 -102.72 -98.52
N THR J 164 26.11 -103.28 -99.52
CA THR J 164 27.12 -102.54 -100.27
C THR J 164 26.47 -101.45 -101.11
N PHE J 165 25.33 -101.75 -101.74
CA PHE J 165 24.59 -100.73 -102.47
C PHE J 165 24.09 -99.63 -101.52
N PHE J 166 23.63 -100.01 -100.33
CA PHE J 166 23.12 -99.02 -99.40
C PHE J 166 24.22 -98.18 -98.77
N ILE J 167 25.41 -98.75 -98.56
CA ILE J 167 26.51 -97.91 -98.09
C ILE J 167 27.13 -97.11 -99.23
N ASP J 168 26.88 -97.49 -100.48
CA ASP J 168 27.16 -96.57 -101.59
C ASP J 168 26.20 -95.40 -101.61
N ILE J 169 24.91 -95.66 -101.34
CA ILE J 169 23.97 -94.56 -101.17
C ILE J 169 24.29 -93.75 -99.91
N LEU J 170 24.92 -94.39 -98.92
CA LEU J 170 25.40 -93.69 -97.74
C LEU J 170 26.61 -92.82 -98.09
N LEU J 171 27.46 -93.27 -99.01
CA LEU J 171 28.49 -92.37 -99.54
C LEU J 171 27.86 -91.21 -100.31
N ASP J 172 26.76 -91.48 -101.01
CA ASP J 172 26.05 -90.42 -101.71
C ASP J 172 25.45 -89.41 -100.73
N THR J 173 24.93 -89.90 -99.59
CA THR J 173 24.40 -88.98 -98.60
C THR J 173 25.49 -88.38 -97.72
N ILE J 174 26.73 -88.89 -97.82
CA ILE J 174 27.88 -88.10 -97.40
C ILE J 174 28.09 -86.95 -98.35
N ARG J 175 28.13 -87.22 -99.66
CA ARG J 175 28.62 -86.22 -100.61
C ARG J 175 27.59 -85.12 -100.90
N ASP J 176 26.30 -85.43 -100.99
CA ASP J 176 25.36 -84.33 -101.21
C ASP J 176 25.08 -83.56 -99.92
N GLU J 177 25.27 -84.20 -98.76
CA GLU J 177 25.30 -83.41 -97.54
C GLU J 177 26.60 -82.64 -97.39
N ILE J 178 27.65 -83.00 -98.11
CA ILE J 178 28.79 -82.10 -98.25
C ILE J 178 28.41 -80.94 -99.17
N ALA J 179 27.64 -81.23 -100.22
CA ALA J 179 27.16 -80.19 -101.15
C ALA J 179 26.33 -79.14 -100.43
N GLY J 180 25.49 -79.57 -99.50
CA GLY J 180 24.93 -78.64 -98.53
C GLY J 180 25.98 -78.09 -97.57
N CYS J 181 26.44 -78.94 -96.65
CA CYS J 181 27.37 -78.61 -95.58
C CYS J 181 28.84 -78.60 -96.01
N ILE J 182 29.23 -77.76 -96.96
CA ILE J 182 30.64 -77.52 -97.23
C ILE J 182 31.03 -76.08 -96.90
N GLU J 183 30.18 -75.10 -97.26
CA GLU J 183 30.20 -73.77 -96.67
C GLU J 183 28.74 -73.40 -96.38
N LYS J 184 28.22 -73.86 -95.25
CA LYS J 184 26.93 -73.37 -94.78
C LYS J 184 27.07 -71.92 -94.32
N ALA J 185 27.94 -71.70 -93.34
CA ALA J 185 28.33 -70.35 -92.94
C ALA J 185 29.84 -70.30 -92.69
N TYR J 186 30.62 -70.92 -93.58
CA TYR J 186 32.07 -70.89 -93.43
C TYR J 186 32.66 -69.63 -94.06
N GLU J 187 33.88 -69.30 -93.61
CA GLU J 187 34.70 -68.33 -94.30
C GLU J 187 35.06 -68.82 -95.69
N LYS J 188 35.91 -69.84 -95.75
CA LYS J 188 36.51 -70.33 -96.99
C LYS J 188 37.20 -71.66 -96.68
N ILE J 189 37.22 -72.59 -97.64
CA ILE J 189 38.05 -73.77 -97.47
C ILE J 189 39.11 -73.76 -98.57
N LEU J 190 39.96 -74.77 -98.57
CA LEU J 190 41.04 -74.85 -99.54
C LEU J 190 41.03 -76.28 -100.06
N PHE J 191 42.07 -76.66 -100.80
CA PHE J 191 42.17 -78.00 -101.37
C PHE J 191 42.21 -79.07 -100.30
N THR J 192 42.83 -78.78 -99.16
CA THR J 192 43.05 -79.78 -98.14
C THR J 192 41.82 -80.07 -97.30
N GLU J 193 40.96 -79.08 -97.05
CA GLU J 193 39.72 -79.38 -96.36
C GLU J 193 38.72 -80.08 -97.27
N ALA J 194 38.79 -79.81 -98.58
CA ALA J 194 38.10 -80.66 -99.54
C ALA J 194 38.61 -82.09 -99.46
N THR J 195 39.93 -82.26 -99.32
CA THR J 195 40.53 -83.59 -99.22
C THR J 195 40.18 -84.28 -97.89
N ARG J 196 39.90 -83.51 -96.84
CA ARG J 196 39.53 -84.12 -95.56
C ARG J 196 38.04 -84.45 -95.49
N ILE J 197 37.18 -83.46 -95.71
CA ILE J 197 35.75 -83.67 -95.60
C ILE J 197 35.23 -84.47 -96.79
N LEU J 198 35.52 -84.02 -98.00
CA LEU J 198 35.40 -84.88 -99.17
C LEU J 198 36.44 -85.98 -99.14
N PHE J 199 36.36 -86.91 -100.09
CA PHE J 199 37.37 -87.95 -100.27
C PHE J 199 37.56 -88.09 -101.78
N PHE J 200 38.43 -89.03 -102.18
CA PHE J 200 38.82 -89.25 -103.58
C PHE J 200 39.41 -87.98 -104.19
N ASN J 201 40.66 -87.64 -103.85
CA ASN J 201 41.27 -86.32 -103.87
C ASN J 201 40.81 -85.27 -104.90
N THR J 202 40.76 -85.61 -106.20
CA THR J 202 40.13 -84.74 -107.20
C THR J 202 39.62 -85.59 -108.35
N PRO J 203 38.34 -85.87 -108.40
CA PRO J 203 37.74 -86.38 -109.62
C PRO J 203 37.20 -85.22 -110.43
N LYS J 204 36.45 -85.52 -111.49
CA LYS J 204 35.59 -84.52 -112.09
C LYS J 204 34.28 -84.34 -111.34
N LYS J 205 34.13 -84.90 -110.15
CA LYS J 205 32.91 -84.81 -109.34
C LYS J 205 32.94 -83.66 -108.35
N MET J 206 34.07 -83.38 -107.70
CA MET J 206 34.17 -82.11 -107.00
C MET J 206 34.40 -80.95 -107.96
N THR J 207 35.01 -81.22 -109.12
CA THR J 207 35.02 -80.25 -110.21
C THR J 207 33.61 -80.03 -110.73
N ASP J 208 32.81 -81.10 -110.78
CA ASP J 208 31.40 -80.99 -111.13
C ASP J 208 30.62 -80.22 -110.08
N TYR J 209 31.01 -80.34 -108.81
CA TYR J 209 30.42 -79.52 -107.76
C TYR J 209 30.69 -78.05 -107.99
N ALA J 210 31.97 -77.72 -108.24
CA ALA J 210 32.40 -76.36 -108.53
C ALA J 210 31.82 -75.81 -109.83
N LYS J 211 31.36 -76.67 -110.73
CA LYS J 211 30.72 -76.22 -111.97
C LYS J 211 29.24 -76.58 -112.04
N LYS J 212 28.65 -76.98 -110.91
CA LYS J 212 27.27 -77.42 -110.87
C LYS J 212 26.42 -76.70 -109.84
N ARG J 213 27.00 -76.18 -108.76
CA ARG J 213 26.20 -75.50 -107.74
C ARG J 213 26.21 -73.97 -107.86
N GLY J 214 26.85 -73.42 -108.88
CA GLY J 214 27.01 -71.98 -108.92
C GLY J 214 28.13 -71.54 -108.02
N TRP J 215 29.35 -71.95 -108.35
CA TRP J 215 30.49 -71.91 -107.45
C TRP J 215 31.67 -71.21 -108.10
N VAL J 216 32.46 -70.51 -107.28
CA VAL J 216 33.65 -69.80 -107.73
C VAL J 216 34.85 -70.59 -107.21
N LEU J 217 35.51 -71.32 -108.12
CA LEU J 217 36.76 -72.03 -107.81
C LEU J 217 37.89 -71.01 -107.77
N GLY J 218 38.09 -70.43 -106.60
CA GLY J 218 39.14 -69.44 -106.37
C GLY J 218 40.55 -70.00 -106.55
N PRO J 219 41.56 -69.11 -106.47
CA PRO J 219 42.94 -69.54 -106.75
C PRO J 219 43.52 -70.44 -105.67
N ASN J 220 43.48 -71.76 -105.94
CA ASN J 220 43.60 -72.85 -104.96
C ASN J 220 42.81 -72.49 -103.72
N ASN J 221 41.53 -72.16 -103.91
CA ASN J 221 40.77 -71.39 -102.94
C ASN J 221 39.29 -71.61 -103.23
N TYR J 222 38.47 -71.35 -102.23
CA TYR J 222 37.04 -71.59 -102.34
C TYR J 222 36.29 -70.45 -101.69
N TYR J 223 35.14 -70.12 -102.26
CA TYR J 223 34.17 -69.23 -101.67
C TYR J 223 32.80 -69.70 -102.11
N SER J 224 31.80 -69.52 -101.25
CA SER J 224 30.44 -69.81 -101.67
C SER J 224 30.00 -68.86 -102.77
N PHE J 225 30.20 -67.57 -102.56
CA PHE J 225 30.01 -66.51 -103.55
C PHE J 225 30.99 -65.41 -103.23
N ALA J 226 30.80 -64.23 -103.79
CA ALA J 226 31.54 -63.07 -103.33
C ALA J 226 30.93 -62.45 -102.07
N SER J 227 29.74 -62.89 -101.66
CA SER J 227 29.16 -62.45 -100.39
C SER J 227 28.52 -63.55 -99.57
N GLN J 228 28.33 -64.77 -100.11
CA GLN J 228 27.97 -66.02 -99.43
C GLN J 228 26.51 -66.04 -98.94
N GLN J 229 25.82 -64.91 -98.98
CA GLN J 229 24.50 -64.77 -98.38
C GLN J 229 23.50 -64.08 -99.30
N GLN J 230 23.93 -63.67 -100.50
CA GLN J 230 23.15 -62.91 -101.49
C GLN J 230 22.61 -61.60 -100.93
N LYS J 231 23.34 -60.97 -99.99
CA LYS J 231 23.14 -59.61 -99.49
C LYS J 231 21.74 -59.38 -98.93
N PRO J 232 21.46 -59.80 -97.69
CA PRO J 232 20.09 -59.67 -97.16
C PRO J 232 19.72 -58.28 -96.61
N THR J 236 14.18 -53.47 -97.83
CA THR J 236 14.34 -52.17 -97.16
C THR J 236 13.01 -51.45 -96.89
N ILE J 237 11.88 -52.15 -96.90
CA ILE J 237 10.60 -51.54 -96.51
C ILE J 237 9.85 -52.48 -95.58
N PRO J 238 9.96 -52.32 -94.26
CA PRO J 238 9.07 -53.06 -93.34
C PRO J 238 7.79 -52.33 -92.95
N SER J 239 7.40 -51.28 -93.66
CA SER J 239 6.33 -50.39 -93.20
C SER J 239 4.96 -50.70 -93.78
N THR J 240 4.85 -50.70 -95.11
CA THR J 240 3.54 -50.69 -95.76
C THR J 240 2.84 -52.05 -95.70
N GLU J 241 3.58 -53.15 -95.63
CA GLU J 241 2.94 -54.45 -95.46
C GLU J 241 2.30 -54.56 -94.09
N LEU J 242 2.96 -54.03 -93.06
CA LEU J 242 2.34 -53.97 -91.75
C LEU J 242 1.29 -52.87 -91.67
N ALA J 243 1.30 -51.92 -92.61
CA ALA J 243 0.18 -51.00 -92.71
C ALA J 243 -1.08 -51.70 -93.24
N LYS J 244 -0.94 -52.58 -94.24
CA LYS J 244 -2.07 -53.43 -94.63
C LYS J 244 -2.50 -54.35 -93.49
N GLN J 245 -1.53 -54.83 -92.70
CA GLN J 245 -1.85 -55.57 -91.49
C GLN J 245 -2.68 -54.73 -90.52
N VAL J 246 -2.33 -53.45 -90.38
CA VAL J 246 -3.11 -52.51 -89.57
C VAL J 246 -4.52 -52.35 -90.14
N ILE J 247 -4.66 -52.41 -91.47
CA ILE J 247 -5.99 -52.32 -92.10
C ILE J 247 -6.87 -53.48 -91.64
N GLU J 248 -6.43 -54.71 -91.87
CA GLU J 248 -7.29 -55.83 -91.43
C GLU J 248 -7.28 -56.00 -89.92
N TYR J 249 -6.31 -55.46 -89.22
CA TYR J 249 -6.23 -55.53 -87.77
C TYR J 249 -7.26 -54.63 -87.11
N ALA J 250 -7.30 -53.36 -87.54
CA ALA J 250 -8.38 -52.46 -87.13
C ALA J 250 -9.73 -52.94 -87.61
N ARG J 251 -9.76 -53.62 -88.77
CA ARG J 251 -10.99 -54.20 -89.27
C ARG J 251 -11.52 -55.31 -88.37
N GLN J 252 -10.63 -56.15 -87.86
CA GLN J 252 -11.08 -57.21 -86.96
C GLN J 252 -11.37 -56.68 -85.57
N LEU J 253 -10.72 -55.59 -85.16
CA LEU J 253 -11.14 -54.90 -83.95
C LEU J 253 -12.48 -54.18 -84.13
N GLU J 254 -12.84 -53.85 -85.37
CA GLU J 254 -14.18 -53.46 -85.74
C GLU J 254 -15.02 -54.74 -85.87
N MET J 255 -16.36 -54.55 -85.86
CA MET J 255 -17.43 -55.55 -85.97
C MET J 255 -17.56 -56.34 -84.67
N ILE J 256 -16.67 -56.07 -83.71
CA ILE J 256 -16.65 -56.76 -82.43
C ILE J 256 -16.62 -55.70 -81.34
N VAL J 257 -17.08 -56.09 -80.16
CA VAL J 257 -17.07 -55.19 -79.00
C VAL J 257 -16.63 -56.00 -77.77
N MET K 1 -9.22 -84.25 -60.87
CA MET K 1 -9.44 -85.67 -61.14
C MET K 1 -8.17 -86.35 -61.65
N SER K 2 -8.17 -87.67 -61.61
CA SER K 2 -7.05 -88.47 -62.10
C SER K 2 -7.55 -89.68 -62.89
N GLU K 3 -8.69 -89.53 -63.57
CA GLU K 3 -9.31 -90.64 -64.30
C GLU K 3 -8.49 -90.91 -65.55
N LYS K 4 -7.39 -91.64 -65.35
CA LYS K 4 -6.48 -92.03 -66.42
C LYS K 4 -5.87 -93.37 -66.04
N LYS K 5 -4.76 -93.73 -66.69
CA LYS K 5 -3.99 -94.90 -66.29
C LYS K 5 -3.13 -94.64 -65.07
N GLN K 6 -2.77 -93.38 -64.82
CA GLN K 6 -1.83 -93.00 -63.77
C GLN K 6 -2.20 -93.50 -62.37
N PRO K 7 -3.51 -93.75 -62.03
CA PRO K 7 -3.82 -94.39 -60.75
C PRO K 7 -3.00 -95.64 -60.45
N VAL K 8 -2.34 -96.20 -61.47
CA VAL K 8 -1.42 -97.31 -61.26
C VAL K 8 -0.37 -96.95 -60.23
N ASP K 9 0.18 -95.74 -60.30
CA ASP K 9 1.29 -95.32 -59.45
C ASP K 9 0.92 -95.36 -57.97
N GLU K 40 12.94 -75.29 -46.03
CA GLU K 40 13.39 -74.14 -46.80
C GLU K 40 14.71 -73.64 -46.26
N ASP K 41 15.11 -74.18 -45.11
CA ASP K 41 16.42 -73.90 -44.53
C ASP K 41 17.51 -73.98 -45.59
N ASN K 42 17.67 -75.16 -46.17
CA ASN K 42 18.43 -75.34 -47.39
C ASN K 42 17.54 -75.76 -48.55
N TRP K 43 16.36 -76.33 -48.25
CA TRP K 43 15.40 -76.70 -49.29
C TRP K 43 15.11 -75.54 -50.23
N ASP K 44 15.05 -74.32 -49.71
CA ASP K 44 14.90 -73.15 -50.58
C ASP K 44 16.14 -72.95 -51.44
N ASP K 45 17.32 -72.95 -50.82
CA ASP K 45 18.59 -72.82 -51.51
C ASP K 45 19.02 -74.12 -52.20
N ASP K 46 18.15 -75.14 -52.23
CA ASP K 46 18.56 -76.46 -52.68
C ASP K 46 18.65 -76.55 -54.20
N ASN K 47 17.74 -75.88 -54.92
CA ASN K 47 17.83 -75.89 -56.37
C ASN K 47 19.14 -75.25 -56.84
N VAL K 48 19.52 -74.14 -56.22
CA VAL K 48 20.81 -73.53 -56.51
C VAL K 48 21.94 -74.45 -56.05
N GLU K 49 21.74 -75.18 -54.95
CA GLU K 49 22.77 -76.10 -54.48
C GLU K 49 23.09 -77.15 -55.53
N ASP K 50 22.06 -77.77 -56.11
CA ASP K 50 22.32 -78.69 -57.21
C ASP K 50 22.81 -77.96 -58.45
N ASP K 51 22.49 -76.68 -58.59
CA ASP K 51 23.18 -75.84 -59.55
C ASP K 51 24.58 -75.47 -59.08
N PHE K 52 24.83 -75.50 -57.77
CA PHE K 52 26.16 -75.36 -57.20
C PHE K 52 26.89 -76.69 -57.11
N SER K 53 26.24 -77.79 -57.48
CA SER K 53 26.81 -79.13 -57.42
C SER K 53 27.81 -79.38 -58.52
N ASN K 54 28.27 -78.34 -59.21
CA ASN K 54 29.25 -78.51 -60.28
C ASN K 54 30.36 -77.46 -60.24
N GLN K 55 30.56 -76.79 -59.11
CA GLN K 55 31.55 -75.71 -59.01
C GLN K 55 32.21 -75.77 -57.63
N LEU K 56 33.37 -76.42 -57.54
CA LEU K 56 34.29 -76.34 -56.42
C LEU K 56 33.57 -76.33 -55.08
N ARG K 57 32.85 -77.41 -54.75
CA ARG K 57 31.68 -77.36 -53.89
C ARG K 57 31.81 -76.34 -52.77
N ALA K 58 32.76 -76.54 -51.86
CA ALA K 58 33.32 -75.41 -51.11
C ALA K 58 34.83 -75.35 -51.31
N GLU K 61 40.02 -73.57 -50.69
CA GLU K 61 41.46 -73.35 -50.58
C GLU K 61 42.19 -73.24 -51.89
N LYS K 62 41.87 -74.07 -52.89
CA LYS K 62 42.56 -73.95 -54.17
C LYS K 62 42.22 -72.63 -54.82
N HIS K 63 41.04 -72.09 -54.51
CA HIS K 63 40.76 -70.70 -54.80
C HIS K 63 41.84 -69.80 -54.18
N GLY K 64 42.07 -69.94 -52.89
CA GLY K 64 43.09 -69.15 -52.22
C GLY K 64 44.51 -69.63 -52.47
N TYR K 65 44.67 -70.92 -52.80
CA TYR K 65 46.00 -71.41 -53.14
C TYR K 65 46.43 -70.93 -54.52
N LYS K 66 45.48 -70.60 -55.38
CA LYS K 66 45.80 -69.99 -56.66
C LYS K 66 46.51 -68.65 -56.49
N MET K 67 46.37 -68.02 -55.33
CA MET K 67 47.12 -66.77 -55.08
C MET K 67 48.61 -67.01 -55.16
N GLU K 68 49.10 -68.06 -54.50
CA GLU K 68 50.52 -68.37 -54.49
C GLU K 68 50.97 -69.23 -55.66
N THR K 69 50.04 -69.69 -56.51
CA THR K 69 50.47 -70.35 -57.73
C THR K 69 51.20 -69.40 -58.67
N SER K 70 51.07 -68.09 -58.45
CA SER K 70 51.77 -67.11 -59.27
C SER K 70 52.09 -65.87 -58.44
N SER L 2 3.47 3.53 -15.33
CA SER L 2 4.13 4.49 -14.47
C SER L 2 3.18 5.10 -13.44
N ALA L 3 3.05 6.42 -13.49
CA ALA L 3 2.24 7.18 -12.55
C ALA L 3 1.24 8.03 -13.34
N GLY L 4 -0.06 7.75 -13.18
CA GLY L 4 -0.57 6.73 -12.28
C GLY L 4 -0.89 7.28 -10.92
N PHE L 5 0.07 7.11 -10.01
CA PHE L 5 -0.02 7.56 -8.62
C PHE L 5 0.10 9.07 -8.48
N ASP L 6 0.39 9.78 -9.58
CA ASP L 6 0.61 11.22 -9.70
C ASP L 6 1.71 11.80 -8.82
N ARG L 7 2.55 10.95 -8.20
CA ARG L 7 3.74 11.29 -7.41
C ARG L 7 3.69 12.54 -6.52
N HIS L 8 2.53 12.78 -5.88
CA HIS L 8 2.30 14.03 -5.16
C HIS L 8 3.11 14.12 -3.88
N ILE L 9 3.23 13.02 -3.15
CA ILE L 9 3.99 13.01 -1.90
C ILE L 9 5.17 12.06 -2.03
N THR L 10 5.97 11.96 -0.96
CA THR L 10 7.19 11.15 -0.99
C THR L 10 6.83 9.76 -0.49
N ILE L 11 6.47 8.89 -1.44
CA ILE L 11 6.23 7.48 -1.19
C ILE L 11 7.07 6.71 -2.21
N PHE L 12 6.98 5.39 -2.14
CA PHE L 12 7.60 4.53 -3.13
C PHE L 12 6.58 4.11 -4.18
N SER L 13 6.94 4.28 -5.44
CA SER L 13 6.09 3.92 -6.57
C SER L 13 6.41 2.48 -6.95
N PRO L 14 5.65 1.85 -7.83
CA PRO L 14 6.09 0.52 -8.31
C PRO L 14 7.26 0.63 -9.27
N GLU L 15 8.11 -0.39 -9.24
CA GLU L 15 9.30 -0.57 -10.10
C GLU L 15 10.17 0.65 -10.42
N GLY L 16 10.85 1.26 -9.45
CA GLY L 16 10.72 1.04 -8.01
C GLY L 16 11.02 2.35 -7.34
N ARG L 17 11.16 3.39 -8.16
CA ARG L 17 11.75 4.63 -7.72
C ARG L 17 10.70 5.56 -7.13
N LEU L 18 11.16 6.68 -6.59
CA LEU L 18 10.30 7.78 -6.19
C LEU L 18 10.61 8.98 -7.08
N TYR L 19 9.60 9.80 -7.35
CA TYR L 19 9.71 10.79 -8.40
C TYR L 19 9.98 12.19 -7.88
N GLN L 20 9.84 12.40 -6.57
CA GLN L 20 10.04 13.73 -6.00
C GLN L 20 11.51 14.16 -6.06
N VAL L 21 12.42 13.27 -5.68
CA VAL L 21 13.83 13.63 -5.69
C VAL L 21 14.37 13.70 -7.11
N GLU L 22 13.95 12.79 -7.98
CA GLU L 22 14.36 12.91 -9.36
C GLU L 22 13.55 13.96 -10.14
N TYR L 23 12.64 14.68 -9.47
CA TYR L 23 12.24 15.99 -9.98
C TYR L 23 13.07 17.10 -9.37
N ALA L 24 13.57 16.89 -8.15
CA ALA L 24 14.41 17.89 -7.51
C ALA L 24 15.78 17.98 -8.15
N PHE L 25 16.20 16.93 -8.85
CA PHE L 25 17.51 16.93 -9.48
C PHE L 25 17.63 17.88 -10.66
N LYS L 26 16.53 18.39 -11.19
CA LYS L 26 16.58 19.43 -12.20
C LYS L 26 16.07 20.78 -11.73
N ALA L 27 15.73 20.91 -10.44
CA ALA L 27 15.65 22.24 -9.84
C ALA L 27 16.99 22.96 -9.90
N ILE L 28 18.09 22.20 -9.95
CA ILE L 28 19.37 22.75 -10.35
C ILE L 28 19.29 23.26 -11.78
N ASN L 29 18.61 22.50 -12.66
CA ASN L 29 18.61 22.85 -14.07
C ASN L 29 17.76 24.07 -14.37
N GLN L 30 16.85 24.45 -13.46
CA GLN L 30 16.20 25.75 -13.67
C GLN L 30 17.07 26.93 -13.25
N GLY L 31 18.26 26.69 -12.71
CA GLY L 31 19.13 27.81 -12.37
C GLY L 31 19.72 28.48 -13.58
N GLY L 32 20.05 27.70 -14.62
CA GLY L 32 20.74 28.22 -15.78
C GLY L 32 22.16 28.62 -15.46
N LEU L 33 22.97 27.68 -14.98
CA LEU L 33 24.25 28.06 -14.40
C LEU L 33 25.18 26.86 -14.43
N THR L 34 26.49 27.14 -14.37
CA THR L 34 27.51 26.11 -14.58
C THR L 34 28.58 26.31 -13.53
N SER L 35 29.04 25.20 -12.97
CA SER L 35 30.08 25.20 -11.95
C SER L 35 31.05 24.06 -12.21
N VAL L 36 32.34 24.33 -12.00
CA VAL L 36 33.40 23.36 -12.24
C VAL L 36 34.40 23.45 -11.10
N ALA L 37 34.74 22.30 -10.51
CA ALA L 37 35.77 22.20 -9.50
C ALA L 37 36.82 21.19 -9.97
N VAL L 38 38.07 21.45 -9.61
CA VAL L 38 39.21 20.65 -10.06
C VAL L 38 40.18 20.48 -8.89
N ARG L 39 40.63 19.25 -8.67
CA ARG L 39 41.70 18.97 -7.73
C ARG L 39 42.76 18.20 -8.51
N GLY L 40 43.95 18.79 -8.65
CA GLY L 40 45.04 18.08 -9.26
C GLY L 40 46.17 17.76 -8.32
N LYS L 41 46.47 18.72 -7.45
CA LYS L 41 47.71 18.75 -6.68
C LYS L 41 47.40 19.47 -5.38
N ASP L 42 48.37 20.17 -4.80
CA ASP L 42 48.17 20.88 -3.54
C ASP L 42 47.33 22.16 -3.63
N CYS L 43 46.55 22.32 -4.70
CA CYS L 43 45.62 23.44 -4.83
C CYS L 43 44.24 22.90 -5.17
N ALA L 44 43.28 23.82 -5.24
CA ALA L 44 41.90 23.49 -5.60
C ALA L 44 41.22 24.77 -6.08
N VAL L 45 40.48 24.65 -7.19
CA VAL L 45 40.02 25.80 -7.97
C VAL L 45 38.52 25.65 -8.20
N ILE L 46 37.76 26.71 -7.92
CA ILE L 46 36.36 26.81 -8.31
C ILE L 46 36.22 27.82 -9.42
N VAL L 47 35.36 27.54 -10.39
CA VAL L 47 35.05 28.49 -11.46
C VAL L 47 33.56 28.42 -11.77
N THR L 48 32.93 29.59 -11.94
CA THR L 48 31.49 29.72 -12.11
C THR L 48 31.23 31.09 -12.72
N GLN L 49 30.42 31.14 -13.77
CA GLN L 49 30.09 32.37 -14.43
C GLN L 49 28.87 33.04 -13.84
N LYS L 50 28.63 34.27 -14.25
CA LYS L 50 27.48 35.04 -13.80
C LYS L 50 26.67 35.41 -15.05
N LYS L 51 25.37 35.56 -14.88
CA LYS L 51 24.49 35.88 -15.98
C LYS L 51 23.81 37.16 -15.50
N VAL L 52 24.46 38.29 -15.76
CA VAL L 52 23.91 39.60 -15.44
C VAL L 52 23.58 40.35 -16.72
N PRO L 53 22.32 40.42 -17.14
CA PRO L 53 21.99 41.22 -18.33
C PRO L 53 21.81 42.70 -18.06
N ASP L 54 21.73 43.12 -16.80
CA ASP L 54 21.31 44.47 -16.48
C ASP L 54 22.51 45.31 -16.07
N LYS L 55 22.50 46.58 -16.50
CA LYS L 55 23.43 47.58 -16.03
C LYS L 55 22.95 48.27 -14.76
N LEU L 56 21.66 48.19 -14.45
CA LEU L 56 21.15 48.71 -13.20
C LEU L 56 21.43 47.76 -12.05
N LEU L 57 21.71 46.51 -12.36
CA LEU L 57 21.98 45.50 -11.35
C LEU L 57 23.45 45.60 -10.95
N ASP L 58 23.74 45.28 -9.68
CA ASP L 58 25.08 45.44 -9.15
C ASP L 58 25.97 44.29 -9.66
N SER L 59 27.20 44.21 -9.17
CA SER L 59 28.08 43.12 -9.54
C SER L 59 28.72 42.42 -8.35
N SER L 60 28.79 43.07 -7.20
CA SER L 60 29.39 42.46 -6.02
C SER L 60 28.43 41.47 -5.37
N THR L 61 27.15 41.81 -5.31
CA THR L 61 26.17 40.97 -4.63
C THR L 61 25.54 39.92 -5.52
N VAL L 62 26.14 39.62 -6.68
CA VAL L 62 25.71 38.52 -7.52
C VAL L 62 26.61 37.30 -7.28
N THR L 63 27.47 37.41 -6.28
CA THR L 63 28.48 36.40 -5.97
C THR L 63 27.84 35.11 -5.49
N HIS L 64 28.22 34.00 -6.11
CA HIS L 64 27.77 32.69 -5.68
C HIS L 64 28.78 32.00 -4.78
N LEU L 65 30.05 32.40 -4.83
CA LEU L 65 31.05 31.83 -3.93
C LEU L 65 30.80 32.31 -2.52
N PHE L 66 30.46 31.39 -1.64
CA PHE L 66 30.12 31.71 -0.27
C PHE L 66 31.18 31.14 0.65
N LYS L 67 31.96 32.02 1.24
CA LYS L 67 33.01 31.63 2.17
C LYS L 67 32.39 31.07 3.44
N ILE L 68 32.41 29.74 3.59
CA ILE L 68 31.70 29.12 4.70
C ILE L 68 32.44 29.40 6.00
N THR L 69 33.73 29.06 6.03
CA THR L 69 34.57 29.33 7.18
C THR L 69 35.87 29.88 6.60
N GLU L 70 36.85 30.14 7.45
CA GLU L 70 38.11 30.72 7.01
C GLU L 70 38.98 29.76 6.22
N ASN L 71 38.63 28.47 6.17
CA ASN L 71 39.40 27.55 5.36
C ASN L 71 38.54 26.73 4.42
N ILE L 72 37.24 27.03 4.35
CA ILE L 72 36.30 26.22 3.59
C ILE L 72 35.49 27.18 2.73
N GLY L 73 35.50 26.96 1.41
CA GLY L 73 34.66 27.69 0.50
C GLY L 73 33.63 26.79 -0.17
N CYS L 74 32.70 27.42 -0.86
CA CYS L 74 31.70 26.67 -1.61
C CYS L 74 31.18 27.54 -2.73
N VAL L 75 30.41 26.92 -3.61
CA VAL L 75 29.69 27.59 -4.69
C VAL L 75 28.32 26.91 -4.79
N MET L 76 27.33 27.67 -5.25
CA MET L 76 25.98 27.16 -5.33
C MET L 76 25.42 27.33 -6.73
N THR L 77 24.52 26.41 -7.09
CA THR L 77 23.71 26.54 -8.30
C THR L 77 22.27 26.24 -7.92
N GLY L 78 21.40 26.14 -8.92
CA GLY L 78 20.00 25.93 -8.63
C GLY L 78 19.32 27.23 -8.19
N MET L 79 18.17 27.08 -7.56
CA MET L 79 17.44 28.25 -7.09
C MET L 79 18.15 28.88 -5.88
N THR L 80 17.97 30.18 -5.75
CA THR L 80 18.82 30.97 -4.87
C THR L 80 18.46 30.83 -3.38
N ALA L 81 17.17 30.74 -3.07
CA ALA L 81 16.73 30.72 -1.68
C ALA L 81 17.17 29.45 -0.95
N ASP L 82 16.98 28.28 -1.60
CA ASP L 82 17.49 27.02 -1.07
C ASP L 82 18.99 27.07 -0.86
N SER L 83 19.70 27.71 -1.80
CA SER L 83 21.16 27.77 -1.75
C SER L 83 21.61 28.59 -0.55
N ARG L 84 21.00 29.77 -0.36
CA ARG L 84 21.44 30.65 0.70
C ARG L 84 21.06 30.10 2.07
N SER L 85 19.88 29.47 2.16
CA SER L 85 19.49 28.84 3.41
C SER L 85 20.38 27.65 3.76
N GLN L 86 20.78 26.88 2.74
CA GLN L 86 21.72 25.79 2.93
C GLN L 86 23.08 26.31 3.40
N VAL L 87 23.47 27.48 2.88
CA VAL L 87 24.74 28.08 3.25
C VAL L 87 24.72 28.55 4.70
N GLN L 88 23.62 29.16 5.15
CA GLN L 88 23.58 29.56 6.56
C GLN L 88 23.48 28.35 7.48
N ARG L 89 22.84 27.27 7.03
CA ARG L 89 22.88 26.03 7.82
C ARG L 89 24.30 25.49 7.92
N ALA L 90 25.05 25.58 6.81
CA ALA L 90 26.44 25.12 6.83
C ALA L 90 27.30 25.94 7.76
N ARG L 91 27.11 27.27 7.75
CA ARG L 91 27.88 28.15 8.63
C ARG L 91 27.54 27.89 10.08
N TYR L 92 26.25 27.72 10.37
CA TYR L 92 25.80 27.46 11.72
C TYR L 92 26.33 26.14 12.24
N GLU L 93 26.38 25.13 11.39
CA GLU L 93 26.85 23.84 11.87
C GLU L 93 28.36 23.77 11.95
N ALA L 94 29.07 24.54 11.12
CA ALA L 94 30.51 24.66 11.28
C ALA L 94 30.86 25.38 12.58
N ALA L 95 30.08 26.41 12.91
CA ALA L 95 30.29 27.11 14.17
C ALA L 95 29.94 26.22 15.34
N ASN L 96 28.93 25.36 15.16
CA ASN L 96 28.60 24.38 16.19
C ASN L 96 29.72 23.38 16.40
N TRP L 97 30.38 22.96 15.31
CA TRP L 97 31.57 22.12 15.43
C TRP L 97 32.65 22.84 16.21
N LYS L 98 32.90 24.10 15.86
CA LYS L 98 33.95 24.88 16.50
C LYS L 98 33.66 25.10 17.98
N TYR L 99 32.39 25.22 18.34
CA TYR L 99 32.04 25.36 19.74
C TYR L 99 32.17 24.04 20.51
N LYS L 100 31.68 22.95 19.91
CA LYS L 100 31.59 21.71 20.64
C LYS L 100 32.95 21.03 20.76
N TYR L 101 33.73 21.05 19.69
CA TYR L 101 34.88 20.16 19.62
C TYR L 101 36.21 20.87 19.66
N GLY L 102 36.22 22.21 19.62
CA GLY L 102 37.40 22.96 19.97
C GLY L 102 38.36 23.25 18.83
N TYR L 103 38.11 22.72 17.64
CA TYR L 103 39.03 22.89 16.53
C TYR L 103 38.25 23.03 15.23
N GLU L 104 38.97 23.33 14.15
CA GLU L 104 38.35 23.60 12.86
C GLU L 104 37.81 22.33 12.23
N ILE L 105 36.63 22.44 11.65
CA ILE L 105 35.92 21.27 11.11
C ILE L 105 36.59 20.80 9.83
N PRO L 106 36.77 19.49 9.64
CA PRO L 106 37.20 19.02 8.33
C PRO L 106 36.02 19.06 7.37
N VAL L 107 36.32 19.20 6.08
CA VAL L 107 35.27 19.43 5.09
C VAL L 107 34.42 18.17 4.88
N ASP L 108 34.87 17.00 5.33
CA ASP L 108 34.12 15.77 5.15
C ASP L 108 32.91 15.73 6.08
N MET L 109 33.14 16.03 7.37
CA MET L 109 32.07 15.96 8.35
C MET L 109 30.99 16.99 8.06
N LEU L 110 31.38 18.13 7.48
CA LEU L 110 30.41 19.18 7.14
C LEU L 110 29.48 18.71 6.04
N CYS L 111 30.04 18.05 5.01
CA CYS L 111 29.22 17.52 3.93
C CYS L 111 28.32 16.40 4.44
N LYS L 112 28.83 15.61 5.39
CA LYS L 112 28.03 14.56 6.00
C LYS L 112 26.85 15.15 6.76
N ARG L 113 27.11 16.24 7.49
CA ARG L 113 26.05 16.85 8.29
C ARG L 113 25.01 17.52 7.41
N ILE L 114 25.45 18.17 6.33
CA ILE L 114 24.52 18.80 5.39
C ILE L 114 23.68 17.76 4.66
N ALA L 115 24.32 16.66 4.23
CA ALA L 115 23.61 15.54 3.62
C ALA L 115 22.59 14.94 4.57
N ASP L 116 22.94 14.81 5.86
CA ASP L 116 22.00 14.28 6.83
C ASP L 116 20.81 15.20 7.03
N ILE L 117 21.05 16.52 7.03
CA ILE L 117 19.94 17.48 7.10
C ILE L 117 19.03 17.34 5.90
N SER L 118 19.60 17.16 4.72
CA SER L 118 18.78 16.98 3.54
C SER L 118 18.04 15.65 3.55
N GLN L 119 18.61 14.63 4.18
CA GLN L 119 17.94 13.34 4.28
C GLN L 119 16.78 13.40 5.26
N VAL L 120 16.97 14.10 6.38
CA VAL L 120 15.87 14.31 7.32
C VAL L 120 14.77 15.14 6.67
N TYR L 121 15.14 16.10 5.83
CA TYR L 121 14.14 16.83 5.06
C TYR L 121 13.49 15.96 4.01
N THR L 122 14.13 14.86 3.65
CA THR L 122 13.58 13.93 2.66
C THR L 122 12.79 12.83 3.35
N GLN L 123 13.30 12.32 4.48
CA GLN L 123 12.65 11.23 5.19
C GLN L 123 11.28 11.60 5.69
N ASN L 124 11.17 12.72 6.39
CA ASN L 124 9.88 13.22 6.80
C ASN L 124 9.28 14.04 5.68
N ALA L 125 7.98 13.87 5.47
CA ALA L 125 7.27 14.59 4.43
C ALA L 125 6.86 15.96 4.95
N GLU L 126 6.02 16.65 4.17
CA GLU L 126 5.50 17.99 4.46
C GLU L 126 6.65 18.99 4.63
N MET L 127 7.67 18.84 3.77
CA MET L 127 8.67 19.89 3.56
C MET L 127 9.31 19.71 2.20
N ARG L 128 9.55 20.81 1.52
CA ARG L 128 10.15 20.77 0.20
C ARG L 128 11.63 20.38 0.32
N PRO L 129 12.14 19.52 -0.58
CA PRO L 129 13.50 18.99 -0.39
C PRO L 129 14.64 19.84 -0.92
N LEU L 130 14.58 21.17 -0.73
CA LEU L 130 15.67 22.14 -0.90
C LEU L 130 16.48 21.97 -2.20
N GLY L 131 15.81 22.20 -3.33
CA GLY L 131 16.38 21.79 -4.59
C GLY L 131 17.58 22.59 -5.10
N CYS L 132 18.73 22.49 -4.41
CA CYS L 132 19.96 23.13 -4.81
C CYS L 132 21.12 22.17 -4.62
N CYS L 133 22.16 22.33 -5.44
CA CYS L 133 23.36 21.50 -5.32
C CYS L 133 24.55 22.32 -4.85
N MET L 134 25.39 21.70 -4.03
CA MET L 134 26.48 22.38 -3.35
C MET L 134 27.80 21.66 -3.57
N ILE L 135 28.82 22.41 -3.98
CA ILE L 135 30.18 21.90 -4.15
C ILE L 135 31.05 22.57 -3.10
N LEU L 136 31.81 21.79 -2.33
CA LEU L 136 32.70 22.36 -1.32
C LEU L 136 34.16 22.12 -1.66
N ILE L 137 35.01 23.01 -1.13
CA ILE L 137 36.45 22.86 -1.18
C ILE L 137 37.06 23.24 0.17
N GLY L 138 38.23 22.67 0.45
CA GLY L 138 38.95 22.99 1.66
C GLY L 138 40.27 22.24 1.69
N ILE L 139 41.16 22.72 2.56
CA ILE L 139 42.44 22.08 2.78
C ILE L 139 42.37 21.33 4.10
N ASP L 140 42.86 20.10 4.13
CA ASP L 140 43.00 19.38 5.38
C ASP L 140 44.43 18.90 5.53
N GLU L 141 44.93 18.97 6.75
CA GLU L 141 46.21 18.36 7.06
C GLU L 141 46.12 16.84 6.97
N GLU L 142 47.22 16.24 6.53
CA GLU L 142 47.43 14.79 6.29
C GLU L 142 46.56 14.24 5.16
N GLN L 143 45.80 15.08 4.46
CA GLN L 143 45.00 14.66 3.32
C GLN L 143 45.10 15.60 2.13
N GLY L 144 45.74 16.76 2.28
CA GLY L 144 45.84 17.72 1.20
C GLY L 144 44.59 18.53 1.01
N PRO L 145 44.24 18.79 -0.25
CA PRO L 145 43.01 19.54 -0.54
C PRO L 145 41.88 18.55 -0.73
N GLN L 146 40.66 19.07 -0.63
CA GLN L 146 39.50 18.25 -0.91
C GLN L 146 38.50 18.98 -1.77
N VAL L 147 37.79 18.21 -2.57
CA VAL L 147 36.64 18.65 -3.34
C VAL L 147 35.52 17.66 -3.12
N TYR L 148 34.37 18.16 -2.71
CA TYR L 148 33.20 17.36 -2.37
C TYR L 148 31.98 17.92 -3.05
N LYS L 149 30.99 17.06 -3.20
CA LYS L 149 29.72 17.44 -3.78
C LYS L 149 28.63 16.93 -2.85
N CYS L 150 27.62 17.74 -2.65
CA CYS L 150 26.47 17.36 -1.85
C CYS L 150 25.22 17.42 -2.71
N ASP L 151 24.41 16.39 -2.61
CA ASP L 151 23.23 16.30 -3.45
C ASP L 151 22.01 16.84 -2.71
N PRO L 152 20.96 17.21 -3.43
CA PRO L 152 19.69 17.52 -2.74
C PRO L 152 19.07 16.30 -2.10
N ALA L 153 19.38 15.11 -2.62
CA ALA L 153 18.92 13.86 -2.03
C ALA L 153 19.59 13.53 -0.70
N GLY L 154 20.75 14.11 -0.42
CA GLY L 154 21.55 13.69 0.71
C GLY L 154 22.65 12.69 0.38
N TYR L 155 23.03 12.58 -0.88
CA TYR L 155 24.08 11.69 -1.36
C TYR L 155 25.34 12.53 -1.55
N TYR L 156 26.19 12.55 -0.53
CA TYR L 156 27.46 13.23 -0.74
C TYR L 156 28.45 12.32 -1.46
N CYS L 157 29.32 12.94 -2.23
CA CYS L 157 30.51 12.29 -2.72
C CYS L 157 31.56 13.37 -2.95
N GLY L 158 32.76 12.92 -3.31
CA GLY L 158 33.84 13.86 -3.50
C GLY L 158 35.03 13.29 -4.22
N PHE L 159 35.59 14.07 -5.12
CA PHE L 159 36.40 13.51 -6.18
C PHE L 159 37.20 14.62 -6.86
N LYS L 160 37.97 14.21 -7.86
CA LYS L 160 39.07 15.01 -8.38
C LYS L 160 38.59 16.20 -9.20
N ALA L 161 37.85 15.94 -10.26
CA ALA L 161 37.36 16.96 -11.19
C ALA L 161 35.85 16.94 -11.13
N THR L 162 35.25 18.04 -10.72
CA THR L 162 33.88 18.03 -10.23
C THR L 162 33.12 19.16 -10.88
N ALA L 163 31.87 18.87 -11.25
CA ALA L 163 31.07 19.80 -12.03
C ALA L 163 29.60 19.51 -11.81
N ALA L 164 28.81 20.57 -11.59
CA ALA L 164 27.36 20.43 -11.49
C ALA L 164 26.66 21.69 -11.93
N GLY L 165 25.43 21.55 -12.41
CA GLY L 165 24.67 22.65 -12.95
C GLY L 165 23.70 22.29 -14.07
N VAL L 166 23.97 22.81 -15.26
CA VAL L 166 23.16 22.55 -16.45
C VAL L 166 23.85 21.63 -17.44
N LYS L 167 25.09 21.94 -17.83
CA LYS L 167 25.76 21.30 -18.97
C LYS L 167 26.93 20.40 -18.60
N GLN L 168 26.79 19.56 -17.60
CA GLN L 168 27.94 18.93 -16.96
C GLN L 168 28.06 17.46 -17.27
N THR L 169 27.11 16.87 -17.99
CA THR L 169 27.44 15.68 -18.78
C THR L 169 28.56 15.99 -19.75
N GLU L 170 28.50 17.16 -20.40
CA GLU L 170 29.54 17.57 -21.33
C GLU L 170 30.82 17.93 -20.58
N SER L 171 30.68 18.54 -19.41
CA SER L 171 31.85 18.90 -18.62
C SER L 171 32.56 17.66 -18.11
N THR L 172 31.81 16.67 -17.60
CA THR L 172 32.43 15.41 -17.22
C THR L 172 32.92 14.60 -18.40
N SER L 173 32.36 14.81 -19.60
CA SER L 173 32.94 14.18 -20.79
C SER L 173 34.30 14.79 -21.11
N PHE L 174 34.42 16.12 -21.01
CA PHE L 174 35.71 16.76 -21.19
C PHE L 174 36.69 16.43 -20.06
N LEU L 175 36.19 16.21 -18.86
CA LEU L 175 37.07 15.87 -17.75
C LEU L 175 37.45 14.40 -17.71
N GLU L 176 36.69 13.54 -18.39
CA GLU L 176 37.21 12.21 -18.66
C GLU L 176 38.22 12.23 -19.79
N LYS L 177 37.97 13.05 -20.80
CA LYS L 177 38.92 13.20 -21.89
C LYS L 177 40.11 14.06 -21.53
N LYS L 178 40.13 14.65 -20.33
CA LYS L 178 41.23 15.49 -19.91
C LYS L 178 41.95 14.95 -18.67
N VAL L 179 41.23 14.50 -17.65
CA VAL L 179 41.89 13.81 -16.54
C VAL L 179 41.90 12.33 -16.94
N LYS L 180 42.82 12.03 -17.84
CA LYS L 180 43.26 10.67 -18.14
C LYS L 180 44.76 10.62 -18.35
N LYS L 181 45.38 11.74 -18.67
CA LYS L 181 46.81 11.86 -18.83
C LYS L 181 47.44 12.23 -17.49
N LYS L 182 48.56 11.59 -17.18
CA LYS L 182 49.05 11.52 -15.81
C LYS L 182 49.98 12.67 -15.44
N PHE L 183 49.85 13.82 -16.09
CA PHE L 183 50.72 14.94 -15.77
C PHE L 183 50.36 15.51 -14.40
N ASP L 184 51.29 16.24 -13.81
CA ASP L 184 50.97 16.97 -12.60
C ASP L 184 50.15 18.22 -12.95
N TRP L 185 49.70 18.92 -11.92
CA TRP L 185 48.74 19.99 -12.11
C TRP L 185 49.30 21.16 -11.31
N THR L 186 50.16 21.94 -11.94
CA THR L 186 50.95 22.96 -11.23
C THR L 186 50.21 24.28 -11.12
N PHE L 187 48.94 24.25 -10.71
CA PHE L 187 48.10 25.36 -10.26
C PHE L 187 47.73 26.35 -11.37
N GLU L 188 48.61 26.54 -12.35
CA GLU L 188 48.24 27.26 -13.54
C GLU L 188 47.77 26.27 -14.58
N GLN L 189 48.23 25.03 -14.45
CA GLN L 189 47.59 23.94 -15.17
C GLN L 189 46.14 23.79 -14.73
N THR L 190 45.88 23.94 -13.42
CA THR L 190 44.53 23.83 -12.91
C THR L 190 43.66 24.99 -13.38
N VAL L 191 44.16 26.23 -13.21
CA VAL L 191 43.42 27.40 -13.66
C VAL L 191 43.17 27.38 -15.17
N GLU L 192 44.20 26.99 -15.94
CA GLU L 192 44.06 26.92 -17.39
C GLU L 192 43.05 25.85 -17.81
N THR L 193 43.08 24.68 -17.16
CA THR L 193 42.14 23.62 -17.52
C THR L 193 40.72 23.96 -17.09
N ALA L 194 40.55 24.68 -15.98
CA ALA L 194 39.22 25.09 -15.57
C ALA L 194 38.63 26.12 -16.54
N ILE L 195 39.40 27.16 -16.84
CA ILE L 195 38.95 28.18 -17.79
C ILE L 195 38.68 27.57 -19.16
N THR L 196 39.56 26.67 -19.63
CA THR L 196 39.35 26.13 -20.96
C THR L 196 38.28 25.04 -20.99
N CYS L 197 38.03 24.35 -19.88
CA CYS L 197 36.93 23.38 -19.87
C CYS L 197 35.59 24.10 -19.89
N LEU L 198 35.46 25.19 -19.12
CA LEU L 198 34.26 26.01 -19.24
C LEU L 198 34.19 26.71 -20.58
N SER L 199 35.35 27.00 -21.18
CA SER L 199 35.40 27.67 -22.46
C SER L 199 35.12 26.72 -23.63
N THR L 200 35.21 25.41 -23.40
CA THR L 200 34.83 24.45 -24.42
C THR L 200 33.40 23.92 -24.21
N VAL L 201 32.93 23.87 -22.96
CA VAL L 201 31.55 23.48 -22.72
C VAL L 201 30.60 24.59 -23.17
N LEU L 202 30.83 25.81 -22.70
CA LEU L 202 29.94 26.89 -23.08
C LEU L 202 30.30 27.52 -24.41
N SER L 203 31.59 27.48 -24.77
CA SER L 203 32.14 27.99 -26.03
C SER L 203 31.82 29.48 -26.22
N ILE L 204 32.37 30.30 -25.33
CA ILE L 204 32.07 31.73 -25.32
C ILE L 204 33.33 32.58 -25.49
N ASP L 205 34.38 32.30 -24.70
CA ASP L 205 35.70 32.93 -24.78
C ASP L 205 35.59 34.44 -24.57
N PHE L 206 35.26 34.79 -23.34
CA PHE L 206 34.61 36.04 -22.94
C PHE L 206 35.52 36.89 -22.06
N LYS L 207 34.96 37.98 -21.53
CA LYS L 207 35.67 38.97 -20.74
C LYS L 207 36.08 38.35 -19.39
N PRO L 208 37.05 38.93 -18.69
CA PRO L 208 37.31 38.47 -17.31
C PRO L 208 36.26 38.86 -16.28
N SER L 209 35.15 39.50 -16.66
CA SER L 209 34.18 40.01 -15.71
C SER L 209 32.95 39.12 -15.53
N GLU L 210 32.90 37.95 -16.15
CA GLU L 210 31.73 37.09 -16.02
C GLU L 210 31.95 35.91 -15.09
N ILE L 211 33.09 35.27 -15.14
CA ILE L 211 33.34 34.13 -14.26
C ILE L 211 33.87 34.63 -12.92
N GLU L 212 33.64 33.79 -11.91
CA GLU L 212 34.18 33.97 -10.58
C GLU L 212 35.10 32.80 -10.29
N VAL L 213 36.25 33.09 -9.69
CA VAL L 213 37.25 32.07 -9.45
C VAL L 213 37.49 32.06 -7.95
N GLY L 214 37.30 30.89 -7.36
CA GLY L 214 37.64 30.72 -5.97
C GLY L 214 38.71 29.67 -5.88
N VAL L 215 39.78 29.99 -5.18
CA VAL L 215 40.91 29.09 -5.08
C VAL L 215 41.23 28.87 -3.61
N VAL L 216 41.93 27.78 -3.34
CA VAL L 216 42.55 27.52 -2.06
C VAL L 216 43.77 26.64 -2.35
N THR L 217 44.83 26.87 -1.58
CA THR L 217 46.14 26.37 -1.93
C THR L 217 46.84 25.99 -0.63
N VAL L 218 47.69 24.96 -0.66
CA VAL L 218 48.51 24.77 0.52
C VAL L 218 49.78 25.61 0.35
N GLU L 219 49.60 26.91 0.47
CA GLU L 219 50.56 27.93 0.87
C GLU L 219 49.89 28.99 1.73
N ASN L 220 48.62 29.29 1.45
CA ASN L 220 47.75 30.15 2.24
C ASN L 220 46.46 29.35 2.34
N PRO L 221 46.21 28.66 3.45
CA PRO L 221 44.99 27.84 3.54
C PRO L 221 43.70 28.62 3.66
N LYS L 222 43.76 29.96 3.72
CA LYS L 222 42.55 30.77 3.70
C LYS L 222 41.88 30.70 2.34
N PHE L 223 40.55 30.73 2.36
CA PHE L 223 39.81 30.81 1.10
C PHE L 223 39.95 32.18 0.47
N ARG L 224 40.06 32.19 -0.85
CA ARG L 224 40.52 33.37 -1.56
C ARG L 224 39.77 33.49 -2.87
N ILE L 225 39.26 34.68 -3.14
CA ILE L 225 38.47 34.98 -4.34
C ILE L 225 39.33 35.91 -5.18
N LEU L 226 39.44 35.62 -6.47
CA LEU L 226 40.39 36.34 -7.27
C LEU L 226 39.83 37.67 -7.74
N THR L 227 40.74 38.56 -8.12
CA THR L 227 40.44 39.91 -8.55
C THR L 227 40.47 39.98 -10.08
N GLU L 228 39.80 41.00 -10.63
CA GLU L 228 39.68 41.20 -12.08
C GLU L 228 41.03 41.26 -12.78
N ALA L 229 42.03 41.84 -12.09
CA ALA L 229 43.36 41.98 -12.69
C ALA L 229 44.02 40.62 -12.87
N GLU L 230 44.02 39.80 -11.82
CA GLU L 230 44.69 38.51 -11.92
C GLU L 230 43.87 37.48 -12.68
N ILE L 231 42.53 37.61 -12.68
CA ILE L 231 41.70 36.83 -13.58
C ILE L 231 42.02 37.15 -15.04
N ASP L 232 42.19 38.45 -15.34
CA ASP L 232 42.60 38.87 -16.68
C ASP L 232 43.99 38.36 -17.00
N ALA L 233 44.85 38.31 -15.98
CA ALA L 233 46.22 37.81 -16.16
C ALA L 233 46.21 36.34 -16.54
N HIS L 234 45.41 35.52 -15.84
CA HIS L 234 45.30 34.11 -16.20
C HIS L 234 44.65 33.92 -17.56
N LEU L 235 43.67 34.77 -17.91
CA LEU L 235 42.96 34.60 -19.17
C LEU L 235 43.85 34.93 -20.36
N VAL L 236 44.65 36.00 -20.26
CA VAL L 236 45.59 36.26 -21.33
C VAL L 236 46.82 35.35 -21.24
N ALA L 237 47.07 34.76 -20.06
CA ALA L 237 48.15 33.79 -19.97
C ALA L 237 47.80 32.49 -20.66
N LEU L 238 46.52 32.17 -20.79
CA LEU L 238 46.12 31.03 -21.60
C LEU L 238 45.73 31.44 -23.02
N ALA L 239 45.99 32.68 -23.42
CA ALA L 239 45.58 33.18 -24.73
C ALA L 239 46.78 32.97 -25.64
N GLU L 240 46.71 31.94 -26.47
CA GLU L 240 47.71 31.76 -27.52
C GLU L 240 47.05 31.73 -28.90
N SER M 7 -2.24 4.47 2.11
CA SER M 7 -0.84 4.90 2.28
C SER M 7 -0.03 3.95 3.14
N LEU M 8 -0.27 3.98 4.44
CA LEU M 8 0.37 3.02 5.32
C LEU M 8 -0.57 2.68 6.47
N THR M 9 -1.75 3.26 6.47
CA THR M 9 -2.62 3.09 7.62
C THR M 9 -3.65 1.99 7.46
N THR M 10 -3.87 1.51 6.22
CA THR M 10 -4.99 0.62 5.95
C THR M 10 -4.52 -0.58 5.14
N PHE M 11 -5.06 -1.75 5.48
CA PHE M 11 -4.78 -2.97 4.76
C PHE M 11 -5.46 -2.99 3.41
N SER M 12 -4.96 -3.91 2.58
CA SER M 12 -5.46 -4.17 1.25
C SER M 12 -6.80 -4.90 1.39
N PRO M 13 -7.52 -5.15 0.29
CA PRO M 13 -8.63 -6.10 0.35
C PRO M 13 -8.21 -7.51 0.75
N SER M 14 -7.12 -8.05 0.21
CA SER M 14 -6.68 -9.35 0.68
C SER M 14 -5.17 -9.48 0.87
N GLY M 15 -4.38 -8.66 0.16
CA GLY M 15 -2.96 -8.94 0.06
C GLY M 15 -2.13 -8.40 1.21
N LYS M 16 -1.05 -7.71 0.88
CA LYS M 16 -0.04 -7.29 1.85
C LYS M 16 0.20 -5.79 1.76
N LEU M 17 1.32 -5.35 2.34
CA LEU M 17 1.64 -3.94 2.55
C LEU M 17 2.48 -3.49 1.36
N VAL M 18 1.79 -2.93 0.37
CA VAL M 18 2.33 -2.62 -0.94
C VAL M 18 3.49 -1.62 -0.85
N GLN M 19 3.45 -0.74 0.14
CA GLN M 19 4.56 0.19 0.30
C GLN M 19 5.80 -0.45 0.89
N ILE M 20 5.68 -1.59 1.55
CA ILE M 20 6.83 -2.36 1.99
C ILE M 20 7.32 -3.27 0.88
N GLU M 21 6.39 -3.81 0.08
CA GLU M 21 6.79 -4.60 -1.08
C GLU M 21 7.56 -3.75 -2.09
N TYR M 22 7.15 -2.48 -2.25
CA TYR M 22 7.88 -1.60 -3.17
C TYR M 22 9.25 -1.25 -2.63
N ALA M 23 9.37 -1.11 -1.31
CA ALA M 23 10.69 -0.86 -0.73
C ALA M 23 11.59 -2.09 -0.88
N LEU M 24 11.02 -3.29 -0.76
CA LEU M 24 11.77 -4.52 -1.03
C LEU M 24 12.20 -4.61 -2.48
N ALA M 25 11.34 -4.19 -3.40
CA ALA M 25 11.72 -4.14 -4.81
C ALA M 25 12.85 -3.13 -5.05
N ALA M 26 12.82 -2.01 -4.35
CA ALA M 26 13.89 -1.03 -4.46
C ALA M 26 15.19 -1.57 -3.86
N VAL M 27 15.09 -2.42 -2.86
CA VAL M 27 16.26 -3.13 -2.35
C VAL M 27 16.80 -4.11 -3.39
N ALA M 28 15.90 -4.89 -4.00
CA ALA M 28 16.30 -5.87 -4.99
C ALA M 28 16.87 -5.25 -6.25
N GLY M 29 16.50 -4.00 -6.52
CA GLY M 29 17.08 -3.23 -7.61
C GLY M 29 18.38 -2.54 -7.27
N GLY M 30 19.05 -2.94 -6.19
CA GLY M 30 20.23 -2.24 -5.74
C GLY M 30 21.52 -2.96 -6.10
N ALA M 31 22.61 -2.47 -5.53
CA ALA M 31 23.92 -3.02 -5.84
C ALA M 31 24.10 -4.37 -5.14
N PRO M 32 24.74 -5.33 -5.79
CA PRO M 32 24.81 -6.68 -5.21
C PRO M 32 25.82 -6.76 -4.09
N SER M 33 25.67 -7.84 -3.32
CA SER M 33 26.52 -8.11 -2.17
C SER M 33 26.40 -9.59 -1.85
N VAL M 34 27.34 -10.07 -1.06
CA VAL M 34 27.34 -11.46 -0.65
C VAL M 34 28.00 -11.55 0.72
N GLY M 35 27.49 -12.45 1.54
CA GLY M 35 28.03 -12.64 2.86
C GLY M 35 27.91 -14.07 3.32
N ILE M 36 29.01 -14.61 3.87
CA ILE M 36 29.14 -16.04 4.12
C ILE M 36 29.60 -16.23 5.56
N LYS M 37 28.91 -17.09 6.30
CA LYS M 37 29.29 -17.50 7.63
C LYS M 37 30.06 -18.80 7.53
N ALA M 38 31.31 -18.79 7.98
CA ALA M 38 32.14 -19.97 7.98
C ALA M 38 32.23 -20.51 9.40
N ALA M 39 33.16 -21.43 9.61
CA ALA M 39 33.29 -22.12 10.90
C ALA M 39 33.91 -21.21 11.94
N ASN M 40 34.91 -20.42 11.56
CA ASN M 40 35.61 -19.56 12.51
C ASN M 40 35.29 -18.09 12.33
N GLY M 41 34.97 -17.65 11.12
CA GLY M 41 34.71 -16.26 10.86
C GLY M 41 33.58 -16.07 9.86
N VAL M 42 33.25 -14.80 9.65
CA VAL M 42 32.22 -14.39 8.70
C VAL M 42 32.87 -13.45 7.70
N VAL M 43 32.55 -13.62 6.43
CA VAL M 43 33.08 -12.80 5.35
C VAL M 43 31.94 -11.97 4.77
N LEU M 44 32.15 -10.67 4.67
CA LEU M 44 31.25 -9.79 3.94
C LEU M 44 31.97 -9.24 2.72
N ALA M 45 31.21 -9.06 1.64
CA ALA M 45 31.73 -8.52 0.40
C ALA M 45 30.62 -7.81 -0.36
N THR M 46 30.93 -6.62 -0.85
CA THR M 46 30.01 -5.81 -1.62
C THR M 46 30.56 -5.63 -3.03
N GLU M 47 29.86 -4.81 -3.82
CA GLU M 47 30.23 -4.59 -5.21
C GLU M 47 30.04 -3.12 -5.47
N LYS M 48 31.13 -2.37 -5.55
CA LYS M 48 31.11 -0.93 -5.47
C LYS M 48 31.72 -0.33 -6.74
N LYS M 49 30.89 -0.07 -7.74
CA LYS M 49 31.37 0.49 -8.99
C LYS M 49 31.13 2.01 -8.96
N GLN M 50 32.19 2.77 -9.21
CA GLN M 50 32.04 4.18 -9.51
C GLN M 50 31.39 4.36 -10.88
N LYS M 51 30.65 5.46 -11.03
CA LYS M 51 30.02 5.73 -12.31
C LYS M 51 31.04 6.20 -13.33
N SER M 52 31.94 7.09 -12.93
CA SER M 52 32.97 7.58 -13.82
C SER M 52 34.34 7.11 -13.33
N ILE M 53 35.38 7.57 -14.04
CA ILE M 53 36.75 7.33 -13.62
C ILE M 53 37.23 8.41 -12.66
N LEU M 54 36.35 9.32 -12.28
CA LEU M 54 36.72 10.49 -11.49
C LEU M 54 36.67 10.23 -9.99
N TYR M 55 35.81 9.32 -9.54
CA TYR M 55 35.51 9.17 -8.13
C TYR M 55 36.69 8.59 -7.36
N ASP M 56 36.71 8.88 -6.06
CA ASP M 56 37.73 8.41 -5.15
C ASP M 56 37.15 7.26 -4.34
N GLU M 57 38.02 6.32 -3.97
CA GLU M 57 37.58 5.11 -3.30
C GLU M 57 37.97 5.09 -1.82
N ARG M 58 38.33 6.24 -1.26
CA ARG M 58 38.75 6.35 0.11
C ARG M 58 37.78 7.17 0.94
N SER M 59 36.71 7.67 0.32
CA SER M 59 35.77 8.59 0.97
C SER M 59 34.54 7.86 1.48
N VAL M 60 33.82 7.18 0.62
CA VAL M 60 32.60 6.49 1.01
C VAL M 60 33.01 5.07 1.32
N HIS M 61 32.43 4.47 2.35
CA HIS M 61 32.80 3.11 2.70
C HIS M 61 31.55 2.27 2.87
N LYS M 62 31.50 1.13 2.16
CA LYS M 62 30.37 0.21 2.34
C LYS M 62 30.51 -0.65 3.59
N VAL M 63 31.59 -1.41 3.69
CA VAL M 63 31.83 -2.22 4.88
C VAL M 63 32.09 -1.29 6.05
N GLU M 64 31.31 -1.46 7.13
CA GLU M 64 31.36 -0.51 8.20
C GLU M 64 31.21 -1.25 9.53
N PRO M 65 32.10 -0.99 10.48
CA PRO M 65 32.01 -1.64 11.79
C PRO M 65 31.01 -0.95 12.71
N ILE M 66 30.38 -1.76 13.55
CA ILE M 66 29.47 -1.24 14.56
C ILE M 66 30.14 -1.23 15.92
N THR M 67 30.93 -2.25 16.21
CA THR M 67 31.78 -2.28 17.38
C THR M 67 33.11 -2.81 16.86
N LYS M 68 34.03 -3.20 17.74
CA LYS M 68 35.31 -3.72 17.27
C LYS M 68 35.22 -5.15 16.77
N HIS M 69 34.05 -5.80 16.90
CA HIS M 69 33.95 -7.21 16.53
C HIS M 69 32.64 -7.50 15.79
N ILE M 70 32.01 -6.49 15.19
CA ILE M 70 30.68 -6.64 14.60
C ILE M 70 30.71 -5.92 13.25
N GLY M 71 30.60 -6.68 12.16
CA GLY M 71 30.57 -6.08 10.84
C GLY M 71 29.15 -5.98 10.31
N LEU M 72 29.01 -5.18 9.25
CA LEU M 72 27.68 -4.84 8.76
C LEU M 72 27.79 -4.24 7.37
N VAL M 73 27.11 -4.84 6.41
CA VAL M 73 27.00 -4.31 5.06
C VAL M 73 25.52 -4.19 4.71
N TYR M 74 25.25 -3.68 3.52
CA TYR M 74 23.89 -3.45 3.12
C TYR M 74 23.78 -3.64 1.61
N SER M 75 22.57 -3.44 1.10
CA SER M 75 22.28 -3.48 -0.34
C SER M 75 21.05 -2.60 -0.54
N GLY M 76 21.29 -1.34 -0.86
CA GLY M 76 20.23 -0.35 -0.89
C GLY M 76 20.71 1.07 -1.02
N MET M 77 20.28 1.96 -0.13
CA MET M 77 20.66 3.37 -0.19
C MET M 77 21.48 3.80 1.02
N GLY M 78 22.76 4.10 0.76
CA GLY M 78 23.64 4.81 1.67
C GLY M 78 23.10 5.95 2.52
N PRO M 79 22.34 6.88 1.93
CA PRO M 79 21.69 7.93 2.75
C PRO M 79 20.74 7.45 3.84
N ASP M 80 20.10 6.29 3.69
CA ASP M 80 19.34 5.77 4.82
C ASP M 80 20.20 4.86 5.67
N TYR M 81 21.17 4.23 5.00
CA TYR M 81 22.10 3.31 5.63
C TYR M 81 22.87 4.01 6.73
N ARG M 82 23.41 5.20 6.44
CA ARG M 82 24.16 5.98 7.42
C ARG M 82 23.30 6.41 8.59
N VAL M 83 22.02 6.68 8.34
CA VAL M 83 21.10 7.09 9.39
C VAL M 83 20.90 5.94 10.38
N LEU M 84 20.52 4.78 9.87
CA LEU M 84 20.30 3.67 10.78
C LEU M 84 21.60 3.09 11.32
N VAL M 85 22.72 3.32 10.63
CA VAL M 85 24.04 3.03 11.19
C VAL M 85 24.30 3.86 12.43
N HIS M 86 24.05 5.18 12.33
CA HIS M 86 24.27 6.09 13.45
C HIS M 86 23.36 5.74 14.62
N ARG M 87 22.12 5.36 14.31
CA ARG M 87 21.20 4.88 15.34
C ARG M 87 21.73 3.64 16.03
N ALA M 88 22.26 2.68 15.26
CA ALA M 88 22.80 1.44 15.81
C ALA M 88 24.06 1.70 16.63
N ARG M 89 24.87 2.68 16.21
CA ARG M 89 26.04 3.13 16.97
C ARG M 89 25.64 3.59 18.35
N LYS M 90 24.73 4.57 18.38
CA LYS M 90 24.30 5.16 19.65
C LYS M 90 23.63 4.12 20.53
N LEU M 91 22.90 3.19 19.92
CA LEU M 91 22.21 2.16 20.69
C LEU M 91 23.18 1.15 21.28
N ALA M 92 24.18 0.73 20.50
CA ALA M 92 25.18 -0.18 21.02
C ALA M 92 26.03 0.46 22.10
N GLN M 93 26.33 1.75 21.97
CA GLN M 93 27.04 2.42 23.04
C GLN M 93 26.18 2.63 24.28
N GLN M 94 24.86 2.73 24.11
CA GLN M 94 23.98 2.76 25.27
C GLN M 94 23.92 1.44 25.99
N TYR M 95 23.90 0.33 25.23
CA TYR M 95 24.00 -1.00 25.84
C TYR M 95 25.29 -1.13 26.63
N TYR M 96 26.40 -0.66 26.05
CA TYR M 96 27.68 -0.76 26.75
C TYR M 96 27.76 0.20 27.92
N LEU M 97 26.98 1.28 27.92
CA LEU M 97 26.83 2.08 29.13
C LEU M 97 26.09 1.32 30.21
N VAL M 98 24.99 0.66 29.84
CA VAL M 98 24.14 -0.01 30.82
C VAL M 98 24.86 -1.20 31.43
N TYR M 99 25.41 -2.08 30.58
CA TYR M 99 25.90 -3.37 31.05
C TYR M 99 27.40 -3.48 31.16
N GLN M 100 28.15 -2.50 30.63
CA GLN M 100 29.63 -2.49 30.62
C GLN M 100 30.18 -3.78 30.01
N GLU M 101 29.62 -4.13 28.86
CA GLU M 101 29.96 -5.37 28.19
C GLU M 101 29.56 -5.18 26.73
N PRO M 102 30.36 -5.67 25.78
CA PRO M 102 30.03 -5.48 24.36
C PRO M 102 28.76 -6.23 23.96
N ILE M 103 27.90 -5.54 23.23
CA ILE M 103 26.52 -5.99 23.01
C ILE M 103 26.51 -7.23 22.12
N PRO M 104 25.71 -8.24 22.44
CA PRO M 104 25.55 -9.37 21.50
C PRO M 104 24.68 -9.03 20.31
N THR M 105 24.97 -9.75 19.21
CA THR M 105 24.45 -9.44 17.89
C THR M 105 22.95 -9.69 17.81
N ALA M 106 22.45 -10.67 18.55
CA ALA M 106 21.02 -10.92 18.60
C ALA M 106 20.28 -9.73 19.21
N GLN M 107 20.86 -9.14 20.26
CA GLN M 107 20.24 -7.98 20.88
C GLN M 107 20.32 -6.76 19.95
N LEU M 108 21.43 -6.64 19.20
CA LEU M 108 21.49 -5.60 18.16
C LEU M 108 20.39 -5.77 17.14
N VAL M 109 20.18 -6.99 16.65
CA VAL M 109 19.21 -7.23 15.59
C VAL M 109 17.80 -7.02 16.08
N GLN M 110 17.52 -7.39 17.34
CA GLN M 110 16.23 -7.06 17.98
C GLN M 110 15.98 -5.57 17.99
N ARG M 111 16.95 -4.79 18.45
CA ARG M 111 16.69 -3.37 18.61
C ARG M 111 16.65 -2.63 17.27
N VAL M 112 17.54 -2.98 16.35
CA VAL M 112 17.51 -2.40 15.00
C VAL M 112 16.20 -2.75 14.29
N ALA M 113 15.72 -3.98 14.48
CA ALA M 113 14.44 -4.39 13.92
C ALA M 113 13.29 -3.62 14.56
N SER M 114 13.42 -3.30 15.85
CA SER M 114 12.42 -2.46 16.52
C SER M 114 12.38 -1.06 15.91
N VAL M 115 13.55 -0.52 15.57
CA VAL M 115 13.62 0.82 14.99
C VAL M 115 12.99 0.84 13.60
N MET M 116 13.39 -0.13 12.76
CA MET M 116 12.85 -0.22 11.41
C MET M 116 11.34 -0.46 11.43
N GLN M 117 10.89 -1.30 12.37
CA GLN M 117 9.46 -1.53 12.56
C GLN M 117 8.75 -0.25 12.98
N GLU M 118 9.40 0.56 13.80
CA GLU M 118 8.78 1.80 14.24
C GLU M 118 8.65 2.79 13.09
N TYR M 119 9.57 2.72 12.12
CA TYR M 119 9.36 3.52 10.91
C TYR M 119 8.33 2.92 9.98
N THR M 120 8.13 1.60 10.00
CA THR M 120 7.04 1.03 9.21
C THR M 120 5.67 1.35 9.78
N GLN M 121 5.59 1.80 11.03
CA GLN M 121 4.32 2.24 11.57
C GLN M 121 3.86 3.52 10.90
N SER M 122 2.55 3.78 11.06
CA SER M 122 1.84 4.84 10.37
C SER M 122 2.37 6.23 10.77
N GLY M 123 2.21 7.22 9.88
CA GLY M 123 1.82 7.05 8.48
C GLY M 123 2.38 8.08 7.53
N GLY M 124 3.42 8.79 7.96
CA GLY M 124 3.93 9.86 7.13
C GLY M 124 5.34 9.60 6.64
N VAL M 125 6.05 8.69 7.28
CA VAL M 125 7.44 8.41 6.94
C VAL M 125 7.47 7.20 6.03
N ARG M 126 8.44 7.18 5.15
CA ARG M 126 8.54 6.01 4.31
C ARG M 126 9.44 4.99 4.98
N PRO M 127 9.36 3.72 4.59
CA PRO M 127 10.30 2.73 5.12
C PRO M 127 11.70 2.97 4.55
N PHE M 128 12.66 2.28 5.14
CA PHE M 128 14.01 2.26 4.59
C PHE M 128 14.04 1.45 3.30
N GLY M 129 14.85 1.91 2.34
CA GLY M 129 15.10 1.06 1.20
C GLY M 129 16.43 0.35 1.37
N VAL M 130 16.60 -0.33 2.49
CA VAL M 130 17.89 -0.86 2.93
C VAL M 130 17.65 -2.26 3.48
N SER M 131 18.41 -3.25 3.01
CA SER M 131 18.48 -4.56 3.62
C SER M 131 19.86 -4.74 4.22
N LEU M 132 19.91 -5.10 5.49
CA LEU M 132 21.17 -5.28 6.17
C LEU M 132 21.68 -6.70 6.04
N LEU M 133 22.95 -6.88 6.37
CA LEU M 133 23.57 -8.18 6.58
C LEU M 133 24.47 -8.00 7.80
N ILE M 134 23.97 -8.38 8.96
CA ILE M 134 24.65 -8.16 10.23
C ILE M 134 25.38 -9.42 10.64
N CYS M 135 26.57 -9.27 11.19
CA CYS M 135 27.38 -10.40 11.63
C CYS M 135 28.26 -9.97 12.78
N GLY M 136 28.80 -10.95 13.47
CA GLY M 136 29.67 -10.68 14.60
C GLY M 136 30.07 -12.00 15.24
N TRP M 137 31.13 -11.91 16.05
CA TRP M 137 31.69 -13.07 16.73
C TRP M 137 31.49 -12.90 18.23
N ASN M 138 30.32 -13.28 18.72
CA ASN M 138 29.97 -13.18 20.14
C ASN M 138 30.03 -14.57 20.74
N GLU M 139 30.85 -14.72 21.79
CA GLU M 139 30.97 -15.95 22.59
C GLU M 139 31.40 -17.14 21.74
N GLY M 140 32.49 -16.98 20.98
CA GLY M 140 33.01 -18.08 20.21
C GLY M 140 32.32 -18.29 18.89
N ARG M 141 31.06 -18.69 18.91
CA ARG M 141 30.36 -18.98 17.68
C ARG M 141 30.02 -17.69 16.95
N PRO M 142 30.44 -17.52 15.70
CA PRO M 142 30.07 -16.32 14.95
C PRO M 142 28.64 -16.44 14.41
N TYR M 143 28.09 -15.32 14.01
CA TYR M 143 26.69 -15.27 13.60
C TYR M 143 26.58 -14.55 12.27
N LEU M 144 25.36 -14.58 11.72
CA LEU M 144 25.04 -13.83 10.52
C LEU M 144 23.53 -13.61 10.49
N PHE M 145 23.12 -12.35 10.48
CA PHE M 145 21.73 -11.98 10.61
C PHE M 145 21.39 -11.01 9.49
N GLN M 146 20.45 -11.39 8.65
CA GLN M 146 19.95 -10.50 7.63
C GLN M 146 18.65 -9.88 8.12
N SER M 147 18.50 -8.58 7.90
CA SER M 147 17.23 -7.94 8.14
C SER M 147 16.64 -7.48 6.83
N ASP M 148 15.54 -6.74 6.92
CA ASP M 148 14.83 -6.25 5.74
C ASP M 148 14.08 -4.99 6.14
N PRO M 149 13.56 -4.23 5.17
CA PRO M 149 12.71 -3.08 5.52
C PRO M 149 11.45 -3.42 6.30
N SER M 150 10.94 -4.66 6.23
CA SER M 150 9.68 -4.97 6.89
C SER M 150 9.82 -5.16 8.39
N GLY M 151 11.02 -5.03 8.94
CA GLY M 151 11.22 -5.28 10.35
C GLY M 151 11.64 -6.69 10.69
N ALA M 152 11.51 -7.63 9.76
CA ALA M 152 11.83 -9.01 10.02
C ALA M 152 13.33 -9.23 10.05
N TYR M 153 13.73 -10.43 10.45
CA TYR M 153 15.12 -10.84 10.42
C TYR M 153 15.22 -12.34 10.30
N PHE M 154 16.42 -12.80 9.95
CA PHE M 154 16.64 -14.20 9.63
C PHE M 154 17.99 -14.58 10.22
N ALA M 155 18.48 -15.75 9.82
CA ALA M 155 19.81 -16.22 10.20
C ALA M 155 20.33 -17.08 9.06
N TRP M 156 21.49 -16.75 8.52
CA TRP M 156 21.97 -17.40 7.32
C TRP M 156 23.30 -18.10 7.58
N LYS M 157 23.59 -19.08 6.72
CA LYS M 157 24.94 -19.62 6.61
C LYS M 157 25.72 -18.92 5.52
N ALA M 158 25.04 -18.58 4.44
CA ALA M 158 25.59 -17.77 3.36
C ALA M 158 24.42 -17.27 2.54
N THR M 159 24.50 -16.03 2.09
CA THR M 159 23.37 -15.41 1.41
C THR M 159 23.89 -14.30 0.51
N ALA M 160 22.97 -13.68 -0.21
CA ALA M 160 23.30 -12.57 -1.09
C ALA M 160 22.11 -11.64 -1.19
N MET M 161 22.38 -10.43 -1.65
CA MET M 161 21.35 -9.40 -1.80
C MET M 161 21.79 -8.43 -2.88
N GLY M 162 20.85 -8.04 -3.73
CA GLY M 162 21.13 -7.07 -4.78
C GLY M 162 20.65 -7.50 -6.15
N LYS M 163 21.41 -7.17 -7.18
CA LYS M 163 21.10 -7.66 -8.52
C LYS M 163 21.52 -9.12 -8.63
N ASN M 164 20.63 -9.95 -9.20
CA ASN M 164 20.86 -11.37 -9.45
C ASN M 164 21.17 -12.13 -8.17
N TYR M 165 20.50 -11.74 -7.08
CA TYR M 165 20.65 -12.46 -5.83
C TYR M 165 20.12 -13.89 -5.96
N VAL M 166 19.14 -14.11 -6.83
CA VAL M 166 18.62 -15.44 -7.09
C VAL M 166 19.70 -16.30 -7.76
N ASN M 167 20.40 -15.72 -8.73
CA ASN M 167 21.43 -16.44 -9.46
C ASN M 167 22.65 -16.69 -8.58
N GLY M 168 23.02 -15.68 -7.79
CA GLY M 168 24.11 -15.84 -6.86
C GLY M 168 23.78 -16.83 -5.76
N LYS M 169 22.50 -16.89 -5.36
CA LYS M 169 22.09 -17.81 -4.32
C LYS M 169 22.07 -19.24 -4.83
N THR M 170 21.63 -19.44 -6.07
CA THR M 170 21.74 -20.76 -6.66
C THR M 170 23.19 -21.18 -6.88
N PHE M 171 24.10 -20.22 -7.07
CA PHE M 171 25.51 -20.61 -7.04
C PHE M 171 25.99 -20.91 -5.62
N LEU M 172 25.48 -20.18 -4.62
CA LEU M 172 25.87 -20.39 -3.23
C LEU M 172 25.41 -21.74 -2.72
N GLU M 173 24.27 -22.21 -3.22
CA GLU M 173 23.73 -23.49 -2.77
C GLU M 173 24.61 -24.61 -3.30
N LYS M 174 25.12 -24.43 -4.52
CA LYS M 174 25.97 -25.43 -5.15
C LYS M 174 27.41 -25.34 -4.61
N ARG M 175 27.95 -24.13 -4.52
CA ARG M 175 29.36 -23.95 -4.20
C ARG M 175 29.64 -24.11 -2.71
N TYR M 176 28.91 -23.39 -1.87
CA TYR M 176 29.21 -23.38 -0.45
C TYR M 176 28.73 -24.66 0.24
N ASN M 177 29.19 -24.82 1.49
CA ASN M 177 28.88 -25.95 2.33
C ASN M 177 28.87 -25.48 3.78
N GLU M 178 29.02 -26.42 4.71
CA GLU M 178 28.99 -26.13 6.13
C GLU M 178 30.38 -25.76 6.67
N ASP M 179 31.40 -26.48 6.24
CA ASP M 179 32.72 -26.40 6.84
C ASP M 179 33.72 -25.72 5.92
N LEU M 180 34.11 -24.49 6.24
CA LEU M 180 35.24 -23.87 5.57
C LEU M 180 36.02 -23.01 6.55
N GLU M 181 37.12 -22.44 6.07
CA GLU M 181 37.88 -21.41 6.76
C GLU M 181 37.63 -20.07 6.09
N LEU M 182 38.21 -19.03 6.69
CA LEU M 182 37.93 -17.67 6.25
C LEU M 182 38.47 -17.42 4.85
N GLU M 183 39.62 -18.02 4.53
CA GLU M 183 40.24 -17.79 3.22
C GLU M 183 39.44 -18.44 2.11
N ASP M 184 39.02 -19.69 2.33
CA ASP M 184 38.15 -20.37 1.37
C ASP M 184 36.80 -19.68 1.27
N ALA M 185 36.33 -19.08 2.36
CA ALA M 185 35.11 -18.29 2.33
C ALA M 185 35.27 -17.04 1.46
N ILE M 186 36.41 -16.36 1.57
CA ILE M 186 36.68 -15.19 0.73
C ILE M 186 36.81 -15.62 -0.73
N HIS M 187 37.39 -16.79 -0.96
CA HIS M 187 37.55 -17.30 -2.33
C HIS M 187 36.20 -17.57 -2.97
N THR M 188 35.30 -18.26 -2.26
CA THR M 188 33.99 -18.53 -2.83
C THR M 188 33.12 -17.27 -2.85
N ALA M 189 33.39 -16.32 -1.96
CA ALA M 189 32.65 -15.06 -1.95
C ALA M 189 33.02 -14.19 -3.14
N ILE M 190 34.30 -14.09 -3.46
CA ILE M 190 34.70 -13.33 -4.63
C ILE M 190 34.30 -14.09 -5.90
N LEU M 191 34.20 -15.42 -5.82
CA LEU M 191 33.68 -16.17 -6.95
C LEU M 191 32.21 -15.85 -7.21
N THR M 192 31.37 -15.89 -6.18
CA THR M 192 29.96 -15.62 -6.40
C THR M 192 29.67 -14.14 -6.63
N LEU M 193 30.52 -13.22 -6.15
CA LEU M 193 30.36 -11.83 -6.55
C LEU M 193 30.88 -11.58 -7.96
N LYS M 194 31.91 -12.29 -8.38
CA LYS M 194 32.45 -12.19 -9.73
C LYS M 194 31.56 -12.88 -10.75
N GLU M 195 30.64 -13.72 -10.30
CA GLU M 195 29.66 -14.31 -11.19
C GLU M 195 28.73 -13.25 -11.78
N SER M 196 28.40 -12.22 -10.99
CA SER M 196 27.34 -11.30 -11.35
C SER M 196 27.81 -9.87 -11.61
N PHE M 197 29.02 -9.52 -11.18
CA PHE M 197 29.52 -8.16 -11.34
C PHE M 197 30.00 -7.95 -12.78
N GLU M 198 30.47 -6.74 -13.08
CA GLU M 198 30.99 -6.46 -14.40
C GLU M 198 32.35 -7.14 -14.60
N GLY M 199 32.84 -7.08 -15.85
CA GLY M 199 34.03 -7.83 -16.20
C GLY M 199 35.30 -7.26 -15.60
N GLN M 200 35.36 -5.95 -15.40
CA GLN M 200 36.53 -5.30 -14.82
C GLN M 200 36.34 -5.22 -13.31
N MET M 201 36.95 -6.14 -12.59
CA MET M 201 36.91 -6.15 -11.13
C MET M 201 38.33 -5.96 -10.59
N THR M 202 38.53 -4.88 -9.86
CA THR M 202 39.85 -4.43 -9.45
C THR M 202 39.94 -4.39 -7.93
N GLU M 203 41.02 -3.78 -7.43
CA GLU M 203 41.23 -3.57 -6.00
C GLU M 203 40.30 -2.52 -5.41
N ASP M 204 39.51 -1.84 -6.23
CA ASP M 204 38.62 -0.81 -5.73
C ASP M 204 37.17 -1.08 -6.02
N ASN M 205 36.86 -1.95 -6.99
CA ASN M 205 35.47 -2.20 -7.32
C ASN M 205 34.81 -3.05 -6.23
N ILE M 206 35.60 -3.86 -5.55
CA ILE M 206 35.13 -4.61 -4.40
C ILE M 206 35.63 -3.93 -3.14
N GLU M 207 35.08 -4.34 -2.00
CA GLU M 207 35.45 -3.74 -0.71
C GLU M 207 35.04 -4.73 0.36
N VAL M 208 36.01 -5.36 1.03
CA VAL M 208 35.78 -6.58 1.79
C VAL M 208 36.24 -6.42 3.24
N GLY M 209 35.36 -6.74 4.18
CA GLY M 209 35.72 -6.82 5.59
C GLY M 209 35.41 -8.20 6.13
N ILE M 210 36.22 -8.67 7.07
CA ILE M 210 36.04 -9.99 7.67
C ILE M 210 35.77 -9.86 9.16
N CYS M 211 35.53 -10.99 9.83
CA CYS M 211 35.29 -11.00 11.27
C CYS M 211 35.97 -12.25 11.83
N ASN M 212 37.20 -12.09 12.29
CA ASN M 212 37.81 -13.17 13.04
C ASN M 212 37.27 -13.19 14.47
N GLU M 213 37.58 -14.28 15.19
CA GLU M 213 37.27 -14.30 16.61
C GLU M 213 38.15 -13.33 17.38
N ALA M 214 39.32 -12.99 16.84
CA ALA M 214 40.16 -11.95 17.40
C ALA M 214 39.57 -10.56 17.19
N GLY M 215 38.48 -10.43 16.45
CA GLY M 215 37.80 -9.16 16.27
C GLY M 215 37.44 -8.92 14.82
N PHE M 216 36.68 -7.84 14.62
CA PHE M 216 36.40 -7.39 13.27
C PHE M 216 37.68 -6.89 12.61
N ARG M 217 37.76 -7.09 11.30
CA ARG M 217 38.90 -6.61 10.55
C ARG M 217 38.36 -6.16 9.21
N ARG M 218 38.68 -4.94 8.84
CA ARG M 218 38.30 -4.39 7.56
C ARG M 218 39.56 -4.38 6.71
N LEU M 219 39.59 -5.24 5.69
CA LEU M 219 40.78 -5.43 4.88
C LEU M 219 41.11 -4.19 4.05
N THR M 220 42.37 -4.09 3.66
CA THR M 220 42.85 -2.96 2.91
C THR M 220 42.86 -3.27 1.42
N PRO M 221 42.94 -2.24 0.56
CA PRO M 221 43.20 -2.51 -0.86
C PRO M 221 44.53 -3.21 -1.16
N THR M 222 45.50 -3.17 -0.25
CA THR M 222 46.75 -3.91 -0.46
C THR M 222 46.52 -5.41 -0.46
N GLU M 223 45.96 -5.94 0.62
CA GLU M 223 45.71 -7.37 0.68
C GLU M 223 44.52 -7.79 -0.16
N VAL M 224 43.58 -6.88 -0.44
CA VAL M 224 42.50 -7.21 -1.35
C VAL M 224 43.03 -7.35 -2.77
N LYS M 225 43.97 -6.49 -3.17
CA LYS M 225 44.59 -6.61 -4.48
C LYS M 225 45.53 -7.79 -4.55
N ASP M 226 46.19 -8.12 -3.44
CA ASP M 226 46.99 -9.33 -3.35
C ASP M 226 46.13 -10.59 -3.45
N TYR M 227 44.93 -10.55 -2.90
CA TYR M 227 44.18 -11.80 -2.88
C TYR M 227 43.43 -12.02 -4.19
N LEU M 228 42.73 -10.99 -4.67
CA LEU M 228 41.94 -11.07 -5.89
C LEU M 228 42.75 -10.82 -7.15
N ALA M 229 44.09 -10.91 -7.08
CA ALA M 229 44.93 -10.92 -8.27
C ALA M 229 44.82 -12.31 -8.91
N ALA M 230 43.70 -12.53 -9.60
CA ALA M 230 43.28 -13.80 -10.18
C ALA M 230 43.33 -14.93 -9.16
N ILE M 231 42.59 -14.75 -8.07
CA ILE M 231 42.21 -15.84 -7.20
C ILE M 231 41.33 -16.80 -8.00
N ALA M 232 41.90 -17.95 -8.36
CA ALA M 232 41.41 -18.84 -9.43
C ALA M 232 41.09 -18.08 -10.70
N ARG N 3 -15.98 1.36 -1.24
CA ARG N 3 -17.06 2.33 -1.28
C ARG N 3 -17.03 3.25 -0.08
N TYR N 4 -16.99 2.62 1.08
CA TYR N 4 -16.87 3.26 2.38
C TYR N 4 -15.63 2.72 3.09
N ASP N 5 -14.56 2.64 2.32
CA ASP N 5 -13.29 1.98 2.62
C ASP N 5 -12.36 2.75 3.54
N SER N 6 -12.06 3.99 3.12
CA SER N 6 -10.85 4.78 3.37
C SER N 6 -9.97 4.50 4.60
N ARG N 7 -10.52 4.59 5.79
CA ARG N 7 -9.80 4.30 7.02
C ARG N 7 -10.55 3.37 7.95
N THR N 8 -9.83 2.90 8.97
CA THR N 8 -10.30 1.93 9.96
C THR N 8 -11.59 2.40 10.62
N THR N 9 -11.78 3.71 10.67
CA THR N 9 -12.93 4.38 11.22
C THR N 9 -13.42 5.14 10.00
N ILE N 10 -14.72 5.17 9.75
CA ILE N 10 -15.83 4.85 10.62
C ILE N 10 -16.53 3.65 9.97
N PHE N 11 -17.63 3.20 10.59
CA PHE N 11 -18.44 2.05 10.20
C PHE N 11 -18.86 2.03 8.75
N SER N 12 -19.27 0.85 8.29
CA SER N 12 -19.81 0.56 6.98
C SER N 12 -21.32 0.61 7.06
N PRO N 13 -22.02 0.75 5.94
CA PRO N 13 -23.48 0.89 6.02
C PRO N 13 -24.20 -0.45 6.09
N GLU N 14 -23.97 -1.19 7.17
CA GLU N 14 -24.93 -2.21 7.57
C GLU N 14 -25.22 -2.45 9.07
N GLY N 15 -24.32 -2.23 10.07
CA GLY N 15 -22.92 -1.81 10.04
C GLY N 15 -21.89 -2.82 10.52
N ARG N 16 -20.89 -3.01 9.68
CA ARG N 16 -19.77 -3.91 9.90
C ARG N 16 -18.49 -3.09 9.94
N LEU N 17 -17.35 -3.79 9.98
CA LEU N 17 -16.07 -3.14 9.93
C LEU N 17 -15.22 -3.72 8.83
N TYR N 18 -14.24 -2.90 8.45
CA TYR N 18 -13.42 -3.10 7.27
C TYR N 18 -12.09 -3.73 7.66
N GLN N 19 -11.34 -3.05 8.52
CA GLN N 19 -10.04 -3.54 8.95
C GLN N 19 -10.13 -4.76 9.84
N VAL N 20 -11.26 -4.97 10.52
CA VAL N 20 -11.38 -6.13 11.40
C VAL N 20 -11.41 -7.41 10.56
N GLU N 21 -12.33 -7.46 9.61
CA GLU N 21 -12.40 -8.59 8.69
C GLU N 21 -11.13 -8.70 7.87
N TYR N 22 -10.52 -7.57 7.53
CA TYR N 22 -9.35 -7.69 6.68
C TYR N 22 -8.12 -8.09 7.48
N ALA N 23 -8.10 -7.79 8.77
CA ALA N 23 -7.08 -8.36 9.65
C ALA N 23 -7.29 -9.85 9.83
N MET N 24 -8.55 -10.29 9.89
CA MET N 24 -8.83 -11.72 9.93
C MET N 24 -8.37 -12.41 8.65
N GLU N 25 -8.60 -11.77 7.51
CA GLU N 25 -8.13 -12.34 6.26
C GLU N 25 -6.63 -12.16 6.10
N ALA N 26 -6.00 -11.33 6.93
CA ALA N 26 -4.55 -11.33 7.07
C ALA N 26 -4.07 -12.42 8.00
N ILE N 27 -4.90 -12.87 8.94
CA ILE N 27 -4.59 -14.05 9.75
C ILE N 27 -4.56 -15.29 8.90
N GLY N 28 -5.52 -15.41 7.97
CA GLY N 28 -5.79 -16.69 7.30
C GLY N 28 -4.62 -17.29 6.52
N HIS N 29 -3.71 -16.45 6.03
CA HIS N 29 -2.53 -16.95 5.31
C HIS N 29 -1.29 -16.96 6.19
N ALA N 30 -1.31 -17.75 7.26
CA ALA N 30 -0.15 -17.77 8.14
C ALA N 30 0.08 -19.18 8.68
N GLY N 31 1.00 -19.28 9.63
CA GLY N 31 1.31 -20.56 10.23
C GLY N 31 0.23 -21.08 11.15
N THR N 32 0.08 -22.40 11.18
CA THR N 32 -1.02 -23.05 11.88
C THR N 32 -0.58 -23.43 13.28
N CYS N 33 -1.41 -23.10 14.28
CA CYS N 33 -1.16 -23.47 15.66
C CYS N 33 -2.37 -24.21 16.21
N LEU N 34 -2.18 -24.86 17.35
CA LEU N 34 -3.27 -25.46 18.12
C LEU N 34 -2.82 -25.79 19.52
N GLY N 35 -3.82 -25.99 20.38
CA GLY N 35 -3.59 -26.56 21.68
C GLY N 35 -4.61 -27.65 21.92
N ILE N 36 -4.34 -28.48 22.92
CA ILE N 36 -5.14 -29.67 23.14
C ILE N 36 -5.76 -29.68 24.52
N LEU N 37 -6.82 -30.47 24.65
CA LEU N 37 -7.49 -30.66 25.93
C LEU N 37 -6.68 -31.63 26.78
N ALA N 38 -6.01 -31.12 27.82
CA ALA N 38 -5.34 -32.02 28.74
C ALA N 38 -5.34 -31.41 30.13
N ASN N 39 -5.62 -32.24 31.12
CA ASN N 39 -5.29 -31.91 32.50
C ASN N 39 -3.89 -32.43 32.79
N ASP N 40 -3.30 -31.89 33.87
CA ASP N 40 -1.94 -32.18 34.31
C ASP N 40 -0.95 -31.95 33.18
N GLY N 41 -1.08 -30.80 32.53
CA GLY N 41 -0.26 -30.45 31.39
C GLY N 41 -1.08 -29.91 30.23
N VAL N 42 -0.41 -29.17 29.34
CA VAL N 42 -1.01 -28.62 28.13
C VAL N 42 0.11 -28.42 27.12
N LEU N 43 -0.24 -28.51 25.83
CA LEU N 43 0.74 -28.55 24.75
C LEU N 43 0.41 -27.53 23.68
N LEU N 44 1.36 -27.34 22.77
CA LEU N 44 1.20 -26.48 21.62
C LEU N 44 1.82 -27.13 20.39
N ALA N 45 1.25 -26.81 19.24
CA ALA N 45 1.72 -27.29 17.96
C ALA N 45 1.92 -26.07 17.07
N ALA N 46 2.88 -26.18 16.16
CA ALA N 46 3.20 -25.05 15.32
C ALA N 46 3.83 -25.53 14.02
N GLU N 47 3.61 -24.76 12.96
CA GLU N 47 4.09 -25.09 11.63
C GLU N 47 5.27 -24.18 11.32
N ARG N 48 6.32 -24.77 10.76
CA ARG N 48 7.51 -23.98 10.44
C ARG N 48 7.31 -23.27 9.11
N ARG N 49 7.27 -21.95 9.14
CA ARG N 49 7.40 -21.17 7.91
C ARG N 49 8.88 -21.09 7.54
N ASN N 50 9.14 -21.06 6.23
CA ASN N 50 10.47 -20.93 5.64
C ASN N 50 11.41 -22.04 6.13
N ILE N 51 11.18 -23.24 5.61
CA ILE N 51 11.91 -24.42 6.06
C ILE N 51 13.17 -24.65 5.23
N HIS N 52 13.63 -23.61 4.53
CA HIS N 52 14.80 -23.70 3.66
C HIS N 52 16.07 -24.10 4.43
N LYS N 53 16.98 -24.77 3.72
CA LYS N 53 18.11 -25.48 4.31
C LYS N 53 19.25 -24.57 4.79
N LEU N 54 19.21 -23.28 4.48
CA LEU N 54 20.33 -22.39 4.78
C LEU N 54 20.01 -21.45 5.93
N LEU N 55 19.22 -21.92 6.87
CA LEU N 55 18.96 -21.18 8.09
C LEU N 55 19.85 -21.73 9.21
N ASP N 56 19.56 -21.30 10.44
CA ASP N 56 20.40 -21.65 11.58
C ASP N 56 19.68 -22.45 12.66
N GLU N 57 18.39 -22.18 12.89
CA GLU N 57 17.56 -22.83 13.94
C GLU N 57 18.16 -22.68 15.34
N VAL N 58 18.91 -21.61 15.58
CA VAL N 58 19.63 -21.44 16.84
C VAL N 58 18.76 -20.69 17.84
N PHE N 59 17.50 -20.47 17.51
CA PHE N 59 16.68 -19.58 18.32
C PHE N 59 15.87 -20.33 19.35
N PHE N 60 15.68 -21.65 19.15
CA PHE N 60 14.94 -22.61 19.95
C PHE N 60 13.43 -22.36 19.97
N SER N 61 13.00 -21.26 19.36
CA SER N 61 11.63 -20.79 19.43
C SER N 61 11.38 -19.73 18.36
N GLU N 62 10.51 -20.01 17.39
CA GLU N 62 10.13 -18.99 16.41
C GLU N 62 8.69 -18.54 16.56
N LYS N 63 7.81 -19.41 17.05
CA LYS N 63 6.43 -19.08 17.33
C LYS N 63 6.10 -19.05 18.80
N ILE N 64 6.73 -19.92 19.60
CA ILE N 64 6.51 -19.95 21.03
C ILE N 64 7.18 -18.74 21.65
N TYR N 65 6.53 -18.14 22.65
CA TYR N 65 7.20 -17.14 23.46
C TYR N 65 6.88 -17.41 24.93
N LYS N 66 7.87 -17.95 25.65
CA LYS N 66 7.75 -18.21 27.09
C LYS N 66 7.68 -16.86 27.78
N LEU N 67 6.47 -16.46 28.15
CA LEU N 67 6.29 -15.05 28.47
C LEU N 67 6.60 -14.70 29.92
N ASN N 68 6.03 -15.39 30.92
CA ASN N 68 6.37 -15.04 32.29
C ASN N 68 7.28 -16.07 32.94
N GLU N 69 6.75 -17.16 33.49
CA GLU N 69 7.52 -18.35 33.84
C GLU N 69 6.73 -19.58 33.49
N ASP N 70 5.43 -19.50 33.73
CA ASP N 70 4.49 -20.61 33.63
C ASP N 70 3.45 -20.35 32.54
N MET N 71 3.85 -19.57 31.54
CA MET N 71 3.03 -19.27 30.39
C MET N 71 3.93 -19.11 29.18
N ALA N 72 3.52 -19.72 28.08
CA ALA N 72 4.09 -19.44 26.78
C ALA N 72 2.95 -19.05 25.85
N CYS N 73 3.31 -18.62 24.65
CA CYS N 73 2.29 -18.25 23.69
C CYS N 73 2.80 -18.52 22.29
N SER N 74 1.96 -19.14 21.47
CA SER N 74 2.23 -19.21 20.05
C SER N 74 1.77 -17.91 19.40
N VAL N 75 1.90 -17.82 18.08
CA VAL N 75 1.60 -16.58 17.38
C VAL N 75 1.30 -16.94 15.92
N ALA N 76 0.56 -16.07 15.25
CA ALA N 76 0.18 -16.25 13.86
C ALA N 76 -0.24 -14.89 13.32
N GLY N 77 0.18 -14.62 12.09
CA GLY N 77 -0.15 -13.35 11.49
C GLY N 77 1.11 -12.66 11.03
N ILE N 78 1.01 -11.34 10.93
CA ILE N 78 2.16 -10.54 10.55
C ILE N 78 3.17 -10.56 11.68
N THR N 79 4.43 -10.88 11.35
CA THR N 79 5.37 -11.36 12.34
C THR N 79 5.85 -10.23 13.26
N SER N 80 6.18 -9.07 12.68
CA SER N 80 6.93 -8.06 13.40
C SER N 80 6.07 -7.19 14.30
N ASP N 81 4.74 -7.20 14.12
CA ASP N 81 3.85 -6.59 15.11
C ASP N 81 3.91 -7.36 16.42
N ALA N 82 4.16 -8.66 16.33
CA ALA N 82 4.13 -9.52 17.49
C ALA N 82 5.30 -9.28 18.42
N ASN N 83 6.41 -8.74 17.93
CA ASN N 83 7.50 -8.42 18.82
C ASN N 83 7.13 -7.27 19.74
N VAL N 84 6.53 -6.23 19.15
CA VAL N 84 5.92 -5.12 19.88
C VAL N 84 4.88 -5.63 20.87
N LEU N 85 4.11 -6.64 20.47
CA LEU N 85 3.09 -7.14 21.39
C LEU N 85 3.68 -8.01 22.50
N THR N 86 4.67 -8.85 22.19
CA THR N 86 5.21 -9.77 23.19
C THR N 86 6.02 -9.04 24.23
N ASN N 87 6.82 -8.04 23.81
CA ASN N 87 7.56 -7.21 24.75
C ASN N 87 6.62 -6.49 25.69
N GLU N 88 5.57 -5.90 25.14
CA GLU N 88 4.61 -5.15 25.95
C GLU N 88 3.83 -6.08 26.87
N LEU N 89 3.55 -7.30 26.42
CA LEU N 89 2.82 -8.26 27.24
C LEU N 89 3.67 -8.73 28.41
N ARG N 90 4.94 -9.06 28.12
CA ARG N 90 5.89 -9.41 29.17
C ARG N 90 6.04 -8.27 30.16
N LEU N 91 6.06 -7.04 29.65
CA LEU N 91 6.20 -5.88 30.51
C LEU N 91 4.95 -5.67 31.37
N ILE N 92 3.77 -5.99 30.84
CA ILE N 92 2.54 -5.89 31.62
C ILE N 92 2.54 -6.90 32.75
N ALA N 93 2.82 -8.17 32.43
CA ALA N 93 2.85 -9.22 33.45
C ALA N 93 3.95 -8.98 34.47
N GLN N 94 5.08 -8.42 34.02
CA GLN N 94 6.18 -8.16 34.92
C GLN N 94 5.86 -6.99 35.82
N ARG N 95 5.11 -5.99 35.31
CA ARG N 95 4.66 -4.89 36.15
C ARG N 95 3.66 -5.37 37.19
N TYR N 96 2.82 -6.34 36.82
CA TYR N 96 1.91 -6.94 37.79
C TYR N 96 2.68 -7.66 38.90
N LEU N 97 3.69 -8.44 38.51
CA LEU N 97 4.49 -9.16 39.50
C LEU N 97 5.26 -8.18 40.39
N LEU N 98 5.74 -7.09 39.81
CA LEU N 98 6.34 -6.01 40.60
C LEU N 98 5.35 -5.43 41.59
N GLN N 99 4.08 -5.31 41.19
CA GLN N 99 3.12 -4.64 42.03
C GLN N 99 2.62 -5.51 43.17
N TYR N 100 2.50 -6.82 42.97
CA TYR N 100 1.91 -7.68 43.99
C TYR N 100 2.83 -8.75 44.55
N GLN N 101 3.91 -9.12 43.85
CA GLN N 101 4.72 -10.30 44.15
C GLN N 101 3.84 -11.54 44.22
N GLU N 102 3.07 -11.73 43.16
CA GLU N 102 2.29 -12.90 42.91
C GLU N 102 2.20 -13.00 41.40
N PRO N 103 2.30 -14.19 40.82
CA PRO N 103 2.22 -14.32 39.37
C PRO N 103 0.85 -13.94 38.85
N ILE N 104 0.84 -13.57 37.58
CA ILE N 104 -0.35 -12.97 36.97
C ILE N 104 -1.36 -14.07 36.66
N PRO N 105 -2.64 -13.90 37.06
CA PRO N 105 -3.61 -15.00 36.99
C PRO N 105 -4.23 -15.18 35.62
N CYS N 106 -3.58 -14.60 34.61
CA CYS N 106 -3.69 -14.87 33.17
C CYS N 106 -4.93 -14.32 32.49
N GLU N 107 -6.02 -14.06 33.25
CA GLU N 107 -7.16 -13.53 32.53
C GLU N 107 -7.11 -12.02 32.44
N GLN N 108 -6.61 -11.37 33.48
CA GLN N 108 -6.38 -9.93 33.37
C GLN N 108 -5.19 -9.63 32.48
N LEU N 109 -4.28 -10.59 32.31
CA LEU N 109 -3.25 -10.49 31.28
C LEU N 109 -3.84 -10.50 29.88
N VAL N 110 -4.75 -11.45 29.62
CA VAL N 110 -5.40 -11.54 28.32
C VAL N 110 -6.23 -10.29 28.04
N THR N 111 -6.95 -9.80 29.05
CA THR N 111 -7.77 -8.61 28.83
C THR N 111 -6.91 -7.36 28.68
N ALA N 112 -5.74 -7.34 29.32
CA ALA N 112 -4.80 -6.24 29.09
C ALA N 112 -4.31 -6.20 27.65
N LEU N 113 -3.96 -7.36 27.09
CA LEU N 113 -3.52 -7.34 25.70
C LEU N 113 -4.68 -7.02 24.76
N CYS N 114 -5.89 -7.49 25.10
CA CYS N 114 -7.05 -7.16 24.30
C CYS N 114 -7.37 -5.67 24.35
N ASP N 115 -7.13 -5.02 25.49
CA ASP N 115 -7.31 -3.58 25.57
C ASP N 115 -6.22 -2.83 24.80
N ILE N 116 -5.01 -3.38 24.77
CA ILE N 116 -3.95 -2.81 23.95
C ILE N 116 -4.32 -2.85 22.47
N LYS N 117 -4.88 -3.98 22.01
CA LYS N 117 -5.28 -4.10 20.62
C LYS N 117 -6.50 -3.24 20.31
N GLN N 118 -7.43 -3.19 21.26
CA GLN N 118 -8.64 -2.44 21.06
C GLN N 118 -8.39 -0.93 21.05
N ALA N 119 -7.33 -0.47 21.72
CA ALA N 119 -6.94 0.93 21.65
C ALA N 119 -6.57 1.37 20.23
N TYR N 120 -6.09 0.45 19.40
CA TYR N 120 -5.89 0.75 17.99
C TYR N 120 -7.06 0.34 17.13
N THR N 121 -8.01 -0.43 17.66
CA THR N 121 -9.24 -0.59 16.88
C THR N 121 -10.11 0.66 16.92
N GLN N 122 -10.18 1.35 18.06
CA GLN N 122 -11.09 2.50 18.12
C GLN N 122 -10.52 3.74 17.43
N PHE N 123 -9.29 4.10 17.76
CA PHE N 123 -8.76 5.41 17.38
C PHE N 123 -8.54 5.53 15.87
N GLY N 124 -8.16 6.72 15.44
CA GLY N 124 -7.92 6.95 14.04
C GLY N 124 -6.87 8.01 13.78
N GLY N 125 -6.01 7.78 12.80
CA GLY N 125 -6.05 6.57 12.00
C GLY N 125 -4.78 5.76 12.19
N LYS N 126 -4.96 4.59 12.79
CA LYS N 126 -3.88 3.66 13.04
C LYS N 126 -4.28 2.27 12.57
N ARG N 127 -3.28 1.49 12.23
CA ARG N 127 -3.51 0.13 11.81
C ARG N 127 -3.85 -0.74 13.02
N PRO N 128 -4.93 -1.51 12.99
CA PRO N 128 -5.18 -2.46 14.07
C PRO N 128 -4.20 -3.61 13.98
N PHE N 129 -3.94 -4.24 15.12
CA PHE N 129 -3.02 -5.37 15.11
C PHE N 129 -3.69 -6.57 14.46
N GLY N 130 -3.18 -7.01 13.32
CA GLY N 130 -3.73 -8.15 12.64
C GLY N 130 -3.15 -9.47 13.10
N VAL N 131 -3.07 -9.68 14.41
CA VAL N 131 -2.38 -10.84 14.97
C VAL N 131 -3.31 -11.54 15.94
N SER N 132 -3.62 -12.80 15.66
CA SER N 132 -4.17 -13.69 16.67
C SER N 132 -3.06 -14.58 17.22
N LEU N 133 -3.22 -15.01 18.46
CA LEU N 133 -2.18 -15.75 19.13
C LEU N 133 -2.81 -16.52 20.28
N LEU N 134 -2.13 -17.57 20.71
CA LEU N 134 -2.66 -18.47 21.72
C LEU N 134 -2.12 -18.16 23.10
N TYR N 135 -2.57 -18.94 24.08
CA TYR N 135 -2.15 -18.86 25.46
C TYR N 135 -2.27 -20.21 26.13
N ILE N 136 -1.17 -20.67 26.70
CA ILE N 136 -1.20 -21.76 27.66
C ILE N 136 -0.69 -21.21 28.99
N GLY N 137 -1.11 -21.83 30.07
CA GLY N 137 -0.68 -21.35 31.36
C GLY N 137 -1.40 -22.04 32.50
N TRP N 138 -1.02 -21.64 33.71
CA TRP N 138 -1.48 -22.26 34.93
C TRP N 138 -1.69 -21.16 35.95
N ASP N 139 -2.58 -21.40 36.92
CA ASP N 139 -2.89 -20.37 37.90
C ASP N 139 -3.16 -21.00 39.25
N LYS N 140 -3.68 -20.22 40.18
CA LYS N 140 -4.19 -20.72 41.44
C LYS N 140 -5.69 -20.89 41.42
N HIS N 141 -6.37 -20.49 40.35
CA HIS N 141 -7.80 -20.37 40.40
C HIS N 141 -8.53 -21.27 39.41
N TYR N 142 -7.88 -21.71 38.32
CA TYR N 142 -8.56 -22.65 37.44
C TYR N 142 -7.71 -23.82 36.97
N GLY N 143 -6.39 -23.78 37.09
CA GLY N 143 -5.54 -24.84 36.57
C GLY N 143 -5.00 -24.48 35.20
N PHE N 144 -5.06 -25.42 34.27
CA PHE N 144 -4.54 -25.20 32.93
C PHE N 144 -5.63 -24.54 32.09
N GLN N 145 -5.22 -23.63 31.22
CA GLN N 145 -6.16 -22.76 30.53
C GLN N 145 -5.74 -22.60 29.07
N LEU N 146 -6.68 -22.12 28.26
CA LEU N 146 -6.46 -21.88 26.85
C LEU N 146 -7.31 -20.69 26.43
N TYR N 147 -6.71 -19.77 25.68
CA TYR N 147 -7.36 -18.55 25.29
C TYR N 147 -6.96 -18.15 23.88
N GLN N 148 -7.85 -17.42 23.24
CA GLN N 148 -7.79 -17.07 21.82
C GLN N 148 -7.94 -15.57 21.69
N SER N 149 -6.84 -14.89 21.39
CA SER N 149 -6.95 -13.46 21.18
C SER N 149 -7.32 -13.23 19.73
N ASP N 150 -8.03 -12.13 19.50
CA ASP N 150 -8.56 -11.81 18.19
C ASP N 150 -8.38 -10.32 17.95
N PRO N 151 -8.27 -9.89 16.68
CA PRO N 151 -7.94 -8.48 16.43
C PRO N 151 -9.05 -7.51 16.79
N SER N 152 -10.27 -8.00 17.00
CA SER N 152 -11.32 -7.14 17.50
C SER N 152 -11.11 -6.75 18.95
N GLY N 153 -10.36 -7.55 19.70
CA GLY N 153 -10.29 -7.42 21.14
C GLY N 153 -11.11 -8.46 21.89
N ASN N 154 -11.92 -9.23 21.18
CA ASN N 154 -12.62 -10.35 21.78
C ASN N 154 -11.65 -11.49 22.09
N TYR N 155 -11.89 -12.14 23.22
CA TYR N 155 -11.12 -13.30 23.63
C TYR N 155 -12.08 -14.39 24.06
N GLY N 156 -11.87 -15.59 23.52
CA GLY N 156 -12.68 -16.73 23.87
C GLY N 156 -11.93 -17.85 24.56
N GLY N 157 -12.35 -18.21 25.76
CA GLY N 157 -11.70 -19.33 26.41
C GLY N 157 -12.14 -20.64 25.79
N TRP N 158 -11.25 -21.25 25.01
CA TRP N 158 -11.56 -22.51 24.36
C TRP N 158 -10.93 -23.65 25.13
N LYS N 159 -11.25 -24.86 24.69
CA LYS N 159 -10.46 -26.02 25.02
C LYS N 159 -9.79 -26.64 23.80
N ALA N 160 -10.16 -26.19 22.60
CA ALA N 160 -9.54 -26.65 21.36
C ALA N 160 -9.68 -25.53 20.34
N THR N 161 -8.55 -24.97 19.93
CA THR N 161 -8.53 -23.65 19.32
C THR N 161 -8.44 -23.69 17.80
N CYS N 162 -8.30 -22.50 17.22
CA CYS N 162 -8.45 -22.29 15.79
C CYS N 162 -7.49 -21.23 15.31
N ILE N 163 -6.71 -21.55 14.29
CA ILE N 163 -5.91 -20.61 13.52
C ILE N 163 -6.50 -20.69 12.11
N GLY N 164 -5.89 -20.04 11.12
CA GLY N 164 -6.53 -19.67 9.88
C GLY N 164 -6.89 -20.74 8.86
N ASN N 165 -6.73 -20.37 7.58
CA ASN N 165 -7.30 -21.11 6.44
C ASN N 165 -6.83 -22.55 6.34
N ASN N 166 -5.65 -22.86 6.87
CA ASN N 166 -5.19 -24.25 6.92
C ASN N 166 -5.87 -25.06 8.02
N SER N 167 -6.68 -24.44 8.88
CA SER N 167 -7.06 -25.08 10.14
C SER N 167 -8.57 -25.18 10.35
N ALA N 168 -9.39 -24.80 9.37
CA ALA N 168 -10.82 -25.08 9.49
C ALA N 168 -11.11 -26.57 9.49
N ALA N 169 -10.43 -27.32 8.60
CA ALA N 169 -10.52 -28.78 8.64
C ALA N 169 -9.88 -29.35 9.90
N ALA N 170 -8.92 -28.64 10.49
CA ALA N 170 -8.35 -29.08 11.76
C ALA N 170 -9.37 -28.98 12.88
N VAL N 171 -10.13 -27.88 12.90
CA VAL N 171 -11.19 -27.71 13.89
C VAL N 171 -12.33 -28.69 13.65
N SER N 172 -12.60 -29.02 12.37
CA SER N 172 -13.59 -30.05 12.07
C SER N 172 -13.15 -31.42 12.59
N MET N 173 -11.87 -31.75 12.44
CA MET N 173 -11.35 -33.00 13.00
C MET N 173 -11.36 -32.96 14.52
N LEU N 174 -11.10 -31.78 15.10
CA LEU N 174 -11.15 -31.65 16.57
C LEU N 174 -12.57 -31.79 17.11
N LYS N 175 -13.57 -31.42 16.33
CA LYS N 175 -14.93 -31.62 16.81
C LYS N 175 -15.39 -33.06 16.60
N GLN N 176 -15.11 -33.63 15.42
CA GLN N 176 -15.54 -34.98 15.12
C GLN N 176 -14.73 -36.02 15.89
N ASP N 177 -13.54 -35.67 16.34
CA ASP N 177 -12.67 -36.47 17.19
C ASP N 177 -12.47 -35.81 18.55
N TYR N 178 -13.55 -35.28 19.10
CA TYR N 178 -13.49 -34.60 20.39
C TYR N 178 -13.20 -35.59 21.51
N LYS N 179 -12.35 -35.17 22.43
CA LYS N 179 -11.95 -35.99 23.56
C LYS N 179 -12.38 -35.30 24.85
N GLU N 180 -12.64 -36.12 25.87
CA GLU N 180 -12.96 -35.59 27.19
C GLU N 180 -12.66 -36.66 28.22
N GLY N 181 -11.91 -36.29 29.25
CA GLY N 181 -11.57 -37.25 30.28
C GLY N 181 -10.16 -37.74 30.16
N GLU N 182 -9.68 -37.96 28.95
CA GLU N 182 -8.31 -38.41 28.76
C GLU N 182 -7.40 -37.19 28.79
N MET N 183 -6.65 -37.06 29.89
CA MET N 183 -5.73 -35.97 30.11
C MET N 183 -4.30 -36.36 29.76
N THR N 184 -4.11 -37.60 29.33
CA THR N 184 -2.79 -38.12 29.03
C THR N 184 -2.17 -37.38 27.84
N LEU N 185 -0.98 -36.83 28.07
CA LEU N 185 -0.31 -35.98 27.11
C LEU N 185 0.00 -36.73 25.82
N LYS N 186 0.26 -38.03 25.92
CA LYS N 186 0.63 -38.81 24.75
C LYS N 186 -0.55 -38.99 23.81
N SER N 187 -1.76 -39.12 24.37
CA SER N 187 -2.96 -39.19 23.55
C SER N 187 -3.20 -37.90 22.78
N ALA N 188 -3.03 -36.76 23.46
CA ALA N 188 -3.21 -35.48 22.81
C ALA N 188 -2.11 -35.21 21.79
N LEU N 189 -0.89 -35.68 22.05
CA LEU N 189 0.19 -35.51 21.08
C LEU N 189 -0.04 -36.38 19.86
N ALA N 190 -0.51 -37.60 20.04
CA ALA N 190 -0.85 -38.44 18.89
C ALA N 190 -2.01 -37.85 18.10
N LEU N 191 -2.96 -37.25 18.81
CA LEU N 191 -4.06 -36.56 18.14
C LEU N 191 -3.56 -35.36 17.35
N ALA N 192 -2.62 -34.59 17.92
CA ALA N 192 -2.07 -33.43 17.25
C ALA N 192 -1.25 -33.84 16.04
N ILE N 193 -0.52 -34.96 16.16
CA ILE N 193 0.23 -35.51 15.04
C ILE N 193 -0.73 -35.90 13.93
N LYS N 194 -1.89 -36.45 14.30
CA LYS N 194 -2.89 -36.86 13.31
C LYS N 194 -3.50 -35.65 12.62
N VAL N 195 -3.74 -34.58 13.39
CA VAL N 195 -4.34 -33.37 12.86
C VAL N 195 -3.37 -32.70 11.90
N LEU N 196 -2.13 -32.46 12.35
CA LEU N 196 -1.14 -31.84 11.47
C LEU N 196 -0.75 -32.74 10.31
N ASN N 197 -0.88 -34.06 10.44
CA ASN N 197 -0.68 -34.92 9.28
C ASN N 197 -1.76 -34.69 8.24
N LYS N 198 -3.01 -34.51 8.67
CA LYS N 198 -4.02 -34.29 7.64
C LYS N 198 -3.96 -32.88 7.07
N THR N 199 -3.84 -31.88 7.94
CA THR N 199 -4.03 -30.50 7.51
C THR N 199 -2.81 -29.95 6.80
N MET N 200 -1.62 -30.21 7.34
CA MET N 200 -0.42 -29.75 6.66
C MET N 200 -0.14 -30.64 5.46
N ASP N 201 0.41 -30.04 4.42
CA ASP N 201 0.78 -30.76 3.22
C ASP N 201 2.19 -31.32 3.28
N VAL N 202 2.80 -31.36 4.45
CA VAL N 202 4.11 -31.98 4.58
C VAL N 202 3.94 -33.49 4.39
N SER N 203 4.57 -34.02 3.36
CA SER N 203 4.46 -35.45 3.05
C SER N 203 5.21 -36.27 4.07
N LYS N 204 4.51 -37.23 4.69
CA LYS N 204 5.00 -38.16 5.71
C LYS N 204 5.46 -37.45 6.99
N LEU N 205 5.16 -36.16 7.11
CA LEU N 205 5.33 -35.33 8.31
C LEU N 205 6.80 -35.34 8.77
N SER N 206 7.63 -34.67 7.97
CA SER N 206 9.02 -34.43 8.35
C SER N 206 9.09 -33.62 9.64
N ALA N 207 9.92 -34.07 10.59
CA ALA N 207 9.92 -33.43 11.90
C ALA N 207 10.57 -32.06 11.91
N GLU N 208 11.28 -31.68 10.84
CA GLU N 208 11.84 -30.35 10.76
C GLU N 208 10.77 -29.31 10.48
N LYS N 209 9.62 -29.71 9.98
CA LYS N 209 8.55 -28.81 9.60
C LYS N 209 7.53 -28.60 10.70
N VAL N 210 7.77 -29.16 11.88
CA VAL N 210 6.81 -29.06 12.97
C VAL N 210 7.51 -28.41 14.15
N GLU N 211 6.74 -28.11 15.20
CA GLU N 211 7.26 -27.49 16.40
C GLU N 211 6.27 -27.80 17.52
N ILE N 212 6.77 -28.32 18.64
CA ILE N 212 5.92 -28.75 19.74
C ILE N 212 6.52 -28.23 21.04
N ALA N 213 5.68 -27.56 21.84
CA ALA N 213 6.06 -27.14 23.17
C ALA N 213 4.93 -27.46 24.15
N THR N 214 5.31 -27.92 25.33
CA THR N 214 4.36 -28.36 26.35
C THR N 214 4.58 -27.58 27.64
N LEU N 215 3.63 -27.72 28.56
CA LEU N 215 3.63 -26.95 29.81
C LEU N 215 3.00 -27.86 30.86
N THR N 216 3.82 -28.38 31.75
CA THR N 216 3.37 -29.28 32.82
C THR N 216 3.61 -28.63 34.18
N ARG N 217 2.96 -29.21 35.17
CA ARG N 217 3.07 -28.80 36.58
C ARG N 217 3.95 -29.76 37.34
N GLU N 218 5.13 -29.28 37.73
CA GLU N 218 6.12 -30.14 38.39
C GLU N 218 6.42 -29.57 39.77
N ASN N 219 5.76 -30.13 40.79
CA ASN N 219 6.07 -29.98 42.20
C ASN N 219 5.91 -28.59 42.81
N GLY N 220 5.86 -27.54 41.98
CA GLY N 220 5.74 -26.18 42.46
C GLY N 220 6.48 -25.24 41.54
N LYS N 221 6.67 -25.64 40.29
CA LYS N 221 7.55 -24.93 39.36
C LYS N 221 6.82 -24.52 38.10
N THR N 222 5.96 -25.41 37.58
CA THR N 222 5.26 -25.28 36.30
C THR N 222 6.27 -25.06 35.17
N VAL N 223 7.06 -26.10 34.95
CA VAL N 223 8.06 -26.06 33.90
C VAL N 223 7.41 -26.14 32.52
N ILE N 224 8.04 -25.46 31.57
CA ILE N 224 7.61 -25.42 30.17
C ILE N 224 8.60 -26.19 29.33
N ARG N 225 8.15 -27.26 28.71
CA ARG N 225 9.01 -28.18 27.97
C ARG N 225 8.86 -27.93 26.47
N VAL N 226 9.76 -27.13 25.92
CA VAL N 226 9.84 -26.98 24.47
C VAL N 226 10.72 -28.12 23.97
N LEU N 227 10.11 -29.23 23.62
CA LEU N 227 10.85 -30.47 23.48
C LEU N 227 11.64 -30.53 22.17
N LYS N 228 12.64 -31.42 22.15
CA LYS N 228 13.60 -31.54 21.07
C LYS N 228 13.05 -32.46 19.98
N GLN N 229 13.92 -32.87 19.04
CA GLN N 229 13.46 -33.47 17.79
C GLN N 229 13.38 -34.99 17.81
N LYS N 230 14.17 -35.68 18.63
CA LYS N 230 14.22 -37.14 18.59
C LYS N 230 12.91 -37.76 19.07
N GLU N 231 12.31 -37.18 20.11
CA GLU N 231 11.01 -37.65 20.57
C GLU N 231 9.93 -37.34 19.56
N VAL N 232 10.11 -36.28 18.76
CA VAL N 232 9.20 -36.02 17.66
C VAL N 232 9.35 -37.10 16.61
N GLU N 233 10.59 -37.56 16.36
CA GLU N 233 10.83 -38.64 15.40
C GLU N 233 10.13 -39.92 15.84
N GLN N 234 10.30 -40.29 17.11
CA GLN N 234 9.65 -41.52 17.57
C GLN N 234 8.14 -41.36 17.69
N LEU N 235 7.64 -40.13 17.88
CA LEU N 235 6.21 -39.87 17.80
C LEU N 235 5.68 -40.06 16.38
N ILE N 236 6.45 -39.62 15.37
CA ILE N 236 6.08 -39.83 13.98
C ILE N 236 6.09 -41.30 13.62
N LYS N 237 7.07 -42.03 14.13
CA LYS N 237 7.13 -43.47 13.89
C LYS N 237 5.99 -44.20 14.57
N LYS N 238 5.61 -43.75 15.77
CA LYS N 238 4.45 -44.28 16.47
C LYS N 238 3.17 -44.02 15.67
N HIS N 239 3.04 -42.80 15.15
CA HIS N 239 1.83 -42.45 14.40
C HIS N 239 1.77 -43.19 13.06
N GLU N 240 2.92 -43.49 12.47
CA GLU N 240 2.90 -44.23 11.23
C GLU N 240 2.63 -45.71 11.51
N GLU N 241 3.04 -46.19 12.68
CA GLU N 241 2.57 -47.50 13.13
C GLU N 241 1.07 -47.50 13.40
N GLU N 242 0.50 -46.37 13.83
CA GLU N 242 -0.95 -46.32 13.97
C GLU N 242 -1.65 -46.21 12.62
N GLU N 243 -0.97 -45.68 11.61
CA GLU N 243 -1.47 -45.79 10.24
C GLU N 243 -1.40 -47.22 9.73
N ALA N 244 -0.37 -47.97 10.13
CA ALA N 244 -0.33 -49.41 9.83
C ALA N 244 -1.48 -50.14 10.51
N LYS N 245 -1.82 -49.74 11.72
CA LYS N 245 -3.01 -50.26 12.39
C LYS N 245 -4.28 -49.89 11.64
N ALA N 246 -4.30 -48.69 11.04
CA ALA N 246 -5.46 -48.29 10.25
C ALA N 246 -5.56 -49.06 8.95
N GLU N 247 -4.44 -49.55 8.40
CA GLU N 247 -4.50 -50.40 7.21
C GLU N 247 -4.42 -51.88 7.53
N ARG N 248 -4.56 -52.26 8.81
CA ARG N 248 -4.98 -53.62 9.16
C ARG N 248 -6.40 -53.95 8.72
N GLU N 249 -7.22 -52.96 8.35
CA GLU N 249 -8.56 -53.17 7.80
C GLU N 249 -8.55 -53.60 6.33
N LYS N 250 -7.41 -54.00 5.79
CA LYS N 250 -7.34 -54.53 4.42
C LYS N 250 -6.66 -55.89 4.42
N SER O 1 -24.67 15.98 1.10
CA SER O 1 -24.94 14.98 0.03
C SER O 1 -23.65 14.22 -0.31
N TYR O 2 -22.88 13.85 0.72
CA TYR O 2 -21.60 13.10 0.52
C TYR O 2 -21.71 11.73 1.18
N ASP O 3 -20.76 11.42 2.07
CA ASP O 3 -20.75 10.11 2.78
C ASP O 3 -20.22 10.32 4.21
N ARG O 4 -18.90 10.45 4.35
CA ARG O 4 -18.26 10.66 5.68
C ARG O 4 -18.48 12.11 6.12
N ALA O 5 -18.55 12.35 7.44
CA ALA O 5 -18.46 11.26 8.43
C ALA O 5 -19.63 11.37 9.42
N ILE O 6 -19.33 11.55 10.71
CA ILE O 6 -20.38 11.68 11.77
C ILE O 6 -20.48 13.14 12.19
N THR O 7 -19.81 14.04 11.46
CA THR O 7 -19.83 15.45 11.75
C THR O 7 -20.74 16.21 10.78
N VAL O 8 -21.18 15.58 9.70
CA VAL O 8 -21.88 16.29 8.65
C VAL O 8 -23.35 15.99 8.79
N PHE O 9 -24.18 16.99 8.58
CA PHE O 9 -25.61 16.74 8.52
C PHE O 9 -26.01 16.24 7.14
N SER O 10 -27.18 15.63 7.06
CA SER O 10 -27.75 15.23 5.79
C SER O 10 -28.29 16.46 5.07
N PRO O 11 -28.59 16.37 3.77
CA PRO O 11 -29.29 17.47 3.11
C PRO O 11 -30.71 17.67 3.61
N ASP O 12 -31.30 16.67 4.26
CA ASP O 12 -32.63 16.81 4.84
C ASP O 12 -32.62 16.77 6.37
N GLY O 13 -31.44 16.85 6.99
CA GLY O 13 -31.40 17.08 8.43
C GLY O 13 -31.25 15.83 9.30
N HIS O 14 -30.47 14.86 8.88
CA HIS O 14 -30.25 13.68 9.71
C HIS O 14 -28.76 13.48 9.96
N LEU O 15 -28.48 12.61 10.93
CA LEU O 15 -27.15 12.03 11.07
C LEU O 15 -27.26 10.57 10.66
N PHE O 16 -26.56 10.21 9.59
CA PHE O 16 -26.65 8.84 9.08
C PHE O 16 -26.03 7.84 10.03
N GLN O 17 -24.94 8.21 10.67
CA GLN O 17 -24.16 7.21 11.39
C GLN O 17 -24.72 6.86 12.74
N VAL O 18 -25.52 7.72 13.34
CA VAL O 18 -26.18 7.31 14.56
C VAL O 18 -27.22 6.27 14.21
N GLU O 19 -28.02 6.54 13.18
CA GLU O 19 -29.00 5.55 12.72
C GLU O 19 -28.34 4.27 12.22
N TYR O 20 -27.11 4.38 11.71
CA TYR O 20 -26.47 3.21 11.13
C TYR O 20 -25.75 2.41 12.18
N ALA O 21 -25.29 3.06 13.25
CA ALA O 21 -24.76 2.33 14.38
C ALA O 21 -25.83 1.76 15.27
N GLN O 22 -27.07 2.25 15.15
CA GLN O 22 -28.22 1.57 15.74
C GLN O 22 -28.54 0.26 15.06
N GLU O 23 -28.14 0.07 13.80
CA GLU O 23 -28.48 -1.16 13.12
C GLU O 23 -27.74 -2.36 13.70
N ALA O 24 -26.51 -2.16 14.17
CA ALA O 24 -25.77 -3.24 14.80
C ALA O 24 -26.41 -3.67 16.11
N VAL O 25 -27.02 -2.71 16.82
CA VAL O 25 -27.84 -3.05 17.97
C VAL O 25 -29.11 -3.78 17.53
N LYS O 26 -29.73 -3.33 16.43
CA LYS O 26 -30.98 -3.90 15.95
C LYS O 26 -30.81 -5.34 15.47
N LYS O 27 -29.60 -5.71 15.13
CA LYS O 27 -29.25 -7.05 14.67
C LYS O 27 -28.36 -7.74 15.69
N GLY O 28 -28.68 -7.62 16.97
CA GLY O 28 -27.91 -8.37 17.94
C GLY O 28 -28.76 -9.31 18.75
N SER O 29 -28.20 -9.86 19.82
CA SER O 29 -28.96 -10.80 20.62
C SER O 29 -29.99 -10.06 21.46
N THR O 30 -31.02 -10.80 21.85
CA THR O 30 -32.13 -10.24 22.58
C THR O 30 -31.87 -10.33 24.07
N ALA O 31 -32.35 -9.32 24.79
CA ALA O 31 -32.33 -9.33 26.24
C ALA O 31 -33.48 -8.47 26.69
N VAL O 32 -34.28 -8.99 27.62
CA VAL O 32 -35.42 -8.25 28.12
C VAL O 32 -35.20 -7.98 29.59
N GLY O 33 -36.07 -7.16 30.13
CA GLY O 33 -36.03 -6.84 31.54
C GLY O 33 -37.30 -6.14 31.94
N VAL O 34 -37.88 -6.57 33.06
CA VAL O 34 -39.06 -5.94 33.62
C VAL O 34 -38.72 -5.56 35.05
N ARG O 35 -39.57 -4.73 35.63
CA ARG O 35 -39.54 -4.53 37.06
C ARG O 35 -40.82 -5.06 37.68
N GLY O 36 -40.67 -5.88 38.70
CA GLY O 36 -41.72 -6.07 39.68
C GLY O 36 -41.70 -4.94 40.67
N ARG O 37 -42.56 -5.06 41.68
CA ARG O 37 -42.67 -3.97 42.63
C ARG O 37 -41.59 -4.06 43.70
N ASP O 38 -41.14 -5.26 44.03
CA ASP O 38 -40.06 -5.43 44.99
C ASP O 38 -38.85 -6.18 44.44
N ILE O 39 -39.04 -7.06 43.47
CA ILE O 39 -37.94 -7.80 42.86
C ILE O 39 -37.84 -7.41 41.39
N VAL O 40 -36.63 -7.12 40.94
CA VAL O 40 -36.41 -6.79 39.55
C VAL O 40 -35.82 -8.01 38.87
N VAL O 41 -36.09 -8.13 37.57
CA VAL O 41 -35.71 -9.33 36.83
C VAL O 41 -35.34 -8.95 35.40
N LEU O 42 -34.34 -9.63 34.85
CA LEU O 42 -33.95 -9.47 33.46
C LEU O 42 -33.22 -10.74 33.03
N GLY O 43 -32.88 -10.80 31.75
CA GLY O 43 -32.17 -11.95 31.25
C GLY O 43 -31.96 -11.85 29.76
N VAL O 44 -31.01 -12.65 29.28
CA VAL O 44 -30.61 -12.65 27.89
C VAL O 44 -30.99 -13.99 27.28
N GLU O 45 -31.13 -14.00 25.97
CA GLU O 45 -31.31 -15.23 25.21
C GLU O 45 -30.01 -15.53 24.48
N LYS O 46 -30.03 -16.62 23.70
CA LYS O 46 -28.94 -17.02 22.80
C LYS O 46 -27.65 -17.27 23.56
N LYS O 47 -27.69 -18.31 24.41
CA LYS O 47 -26.46 -18.80 25.04
C LYS O 47 -25.47 -19.27 23.98
N SER O 48 -25.97 -19.92 22.92
CA SER O 48 -25.22 -20.28 21.70
C SER O 48 -23.97 -21.11 22.01
N VAL O 49 -24.15 -22.20 22.77
CA VAL O 49 -23.03 -23.03 23.18
C VAL O 49 -22.55 -23.85 21.97
N ALA O 50 -21.24 -23.72 21.66
CA ALA O 50 -20.55 -24.42 20.57
C ALA O 50 -19.90 -25.73 21.02
N LYS O 51 -20.46 -26.37 22.06
CA LYS O 51 -20.21 -27.76 22.41
C LYS O 51 -18.82 -28.09 22.99
N LEU O 52 -17.94 -27.12 23.18
CA LEU O 52 -16.57 -27.45 23.49
C LEU O 52 -15.82 -26.42 24.32
N GLN O 53 -16.47 -25.50 25.01
CA GLN O 53 -15.73 -24.45 25.71
C GLN O 53 -16.41 -24.23 27.05
N ASP O 54 -15.91 -23.24 27.77
CA ASP O 54 -16.57 -22.68 28.92
C ASP O 54 -17.34 -21.45 28.48
N GLU O 55 -18.31 -21.04 29.31
CA GLU O 55 -19.11 -19.86 29.03
C GLU O 55 -19.21 -18.91 30.22
N ARG O 56 -18.47 -19.17 31.29
CA ARG O 56 -18.57 -18.30 32.47
C ARG O 56 -17.89 -16.95 32.25
N THR O 57 -17.17 -16.77 31.14
CA THR O 57 -16.50 -15.52 30.85
C THR O 57 -17.26 -14.68 29.84
N VAL O 58 -18.25 -15.26 29.18
CA VAL O 58 -18.97 -14.60 28.10
C VAL O 58 -20.28 -13.99 28.62
N ARG O 59 -20.37 -13.81 29.94
CA ARG O 59 -21.60 -13.39 30.60
C ARG O 59 -21.99 -11.96 30.22
N LYS O 60 -23.19 -11.82 29.67
CA LYS O 60 -23.66 -10.54 29.17
C LYS O 60 -24.34 -9.70 30.23
N ILE O 61 -24.55 -10.25 31.43
CA ILE O 61 -25.16 -9.53 32.54
C ILE O 61 -24.13 -9.39 33.63
N CYS O 62 -23.76 -8.15 33.95
CA CYS O 62 -22.84 -7.96 35.08
C CYS O 62 -23.34 -6.85 35.97
N ALA O 63 -22.53 -6.44 36.94
CA ALA O 63 -22.92 -5.41 37.88
C ALA O 63 -21.78 -4.44 38.11
N LEU O 64 -22.17 -3.23 38.50
CA LEU O 64 -21.23 -2.18 38.84
C LEU O 64 -21.17 -1.96 40.34
N ASP O 65 -22.32 -2.11 41.00
CA ASP O 65 -22.50 -1.91 42.41
C ASP O 65 -23.27 -3.11 42.94
N ASP O 66 -23.57 -3.10 44.24
CA ASP O 66 -24.48 -4.07 44.82
C ASP O 66 -25.95 -3.75 44.57
N ASN O 67 -26.25 -2.62 43.93
CA ASN O 67 -27.64 -2.23 43.70
C ASN O 67 -28.05 -2.27 42.24
N VAL O 68 -27.10 -2.22 41.32
CA VAL O 68 -27.42 -1.96 39.93
C VAL O 68 -26.95 -3.18 39.13
N CYS O 69 -27.55 -3.36 37.96
CA CYS O 69 -27.27 -4.51 37.12
C CYS O 69 -27.12 -4.03 35.68
N MET O 70 -26.43 -4.84 34.89
CA MET O 70 -26.17 -4.49 33.51
C MET O 70 -26.87 -5.44 32.56
N ALA O 71 -26.92 -5.00 31.32
CA ALA O 71 -27.27 -5.75 30.12
C ALA O 71 -26.82 -4.89 28.96
N PHE O 72 -26.71 -5.50 27.79
CA PHE O 72 -26.39 -4.75 26.58
C PHE O 72 -26.87 -5.52 25.37
N ALA O 73 -26.63 -4.94 24.20
CA ALA O 73 -26.78 -5.58 22.91
C ALA O 73 -25.70 -5.00 22.01
N GLY O 74 -25.83 -5.21 20.71
CA GLY O 74 -24.83 -4.70 19.81
C GLY O 74 -23.56 -5.52 19.87
N LEU O 75 -22.42 -4.85 19.65
CA LEU O 75 -21.18 -5.57 19.77
C LEU O 75 -20.62 -5.48 21.19
N THR O 76 -19.88 -6.53 21.56
CA THR O 76 -19.56 -6.76 22.97
C THR O 76 -18.35 -5.98 23.45
N ALA O 77 -17.46 -5.58 22.53
CA ALA O 77 -16.23 -4.89 22.93
C ALA O 77 -16.55 -3.51 23.48
N ASP O 78 -17.47 -2.80 22.82
CA ASP O 78 -17.91 -1.50 23.33
C ASP O 78 -18.59 -1.64 24.69
N ALA O 79 -19.30 -2.75 24.89
CA ALA O 79 -19.86 -3.05 26.19
C ALA O 79 -18.76 -3.26 27.23
N ARG O 80 -17.64 -3.89 26.83
CA ARG O 80 -16.54 -4.11 27.77
C ARG O 80 -15.91 -2.80 28.20
N ILE O 81 -15.72 -1.88 27.25
CA ILE O 81 -15.15 -0.56 27.57
C ILE O 81 -16.09 0.23 28.47
N VAL O 82 -17.37 0.28 28.11
CA VAL O 82 -18.34 1.07 28.87
C VAL O 82 -18.53 0.52 30.28
N ILE O 83 -18.51 -0.80 30.43
CA ILE O 83 -18.63 -1.41 31.75
C ILE O 83 -17.38 -1.15 32.59
N ASN O 84 -16.19 -1.24 31.97
CA ASN O 84 -14.95 -0.94 32.68
C ASN O 84 -14.94 0.50 33.19
N ARG O 85 -15.35 1.45 32.35
CA ARG O 85 -15.40 2.84 32.77
C ARG O 85 -16.52 3.10 33.77
N ALA O 86 -17.61 2.34 33.65
CA ALA O 86 -18.75 2.51 34.53
C ALA O 86 -18.48 2.04 35.95
N ARG O 87 -17.72 0.94 36.10
CA ARG O 87 -17.29 0.50 37.42
C ARG O 87 -16.47 1.59 38.11
N VAL O 88 -15.52 2.16 37.37
CA VAL O 88 -14.67 3.25 37.86
C VAL O 88 -15.52 4.45 38.25
N GLU O 89 -16.52 4.76 37.43
CA GLU O 89 -17.35 5.93 37.68
C GLU O 89 -18.23 5.73 38.90
N CYS O 90 -18.79 4.53 39.05
CA CYS O 90 -19.62 4.21 40.20
C CYS O 90 -18.80 4.26 41.47
N GLN O 91 -17.55 3.80 41.39
CA GLN O 91 -16.69 3.85 42.55
C GLN O 91 -16.24 5.29 42.86
N SER O 92 -16.05 6.10 41.82
CA SER O 92 -15.69 7.50 42.03
C SER O 92 -16.86 8.30 42.58
N HIS O 93 -18.09 7.92 42.23
CA HIS O 93 -19.23 8.49 42.91
C HIS O 93 -19.24 8.10 44.37
N ARG O 94 -18.92 6.82 44.65
CA ARG O 94 -18.76 6.38 46.04
C ARG O 94 -17.63 7.13 46.77
N LEU O 95 -16.63 7.61 46.04
CA LEU O 95 -15.54 8.37 46.66
C LEU O 95 -16.04 9.67 47.26
N THR O 96 -16.75 10.49 46.48
CA THR O 96 -17.22 11.72 47.08
C THR O 96 -18.52 11.50 47.82
N VAL O 97 -19.60 11.29 47.09
CA VAL O 97 -20.90 11.11 47.73
C VAL O 97 -20.95 9.76 48.44
N GLU O 98 -21.36 9.75 49.69
CA GLU O 98 -21.35 8.55 50.51
C GLU O 98 -22.63 7.74 50.40
N ASP O 99 -23.44 8.00 49.38
CA ASP O 99 -24.65 7.22 49.19
C ASP O 99 -24.33 5.92 48.48
N PRO O 100 -25.24 4.95 48.50
CA PRO O 100 -25.29 4.01 47.39
C PRO O 100 -25.68 4.72 46.10
N VAL O 101 -25.07 4.30 45.00
CA VAL O 101 -25.17 5.05 43.75
C VAL O 101 -26.57 4.96 43.16
N THR O 102 -27.17 6.12 42.88
CA THR O 102 -28.45 6.14 42.20
C THR O 102 -28.31 5.74 40.74
N VAL O 103 -29.34 5.07 40.22
CA VAL O 103 -29.30 4.56 38.85
C VAL O 103 -29.31 5.71 37.83
N GLU O 104 -29.99 6.81 38.18
CA GLU O 104 -30.15 7.92 37.26
C GLU O 104 -28.84 8.64 37.01
N TYR O 105 -28.00 8.69 38.04
CA TYR O 105 -26.70 9.33 37.91
C TYR O 105 -25.79 8.54 36.97
N ILE O 106 -25.78 7.21 37.10
CA ILE O 106 -24.86 6.43 36.30
C ILE O 106 -25.38 6.35 34.87
N THR O 107 -26.70 6.42 34.67
CA THR O 107 -27.23 6.49 33.30
C THR O 107 -26.93 7.83 32.64
N ARG O 108 -27.02 8.93 33.39
CA ARG O 108 -26.61 10.22 32.84
C ARG O 108 -25.14 10.21 32.49
N TYR O 109 -24.32 9.51 33.29
CA TYR O 109 -22.89 9.39 32.97
C TYR O 109 -22.67 8.59 31.69
N ILE O 110 -23.39 7.48 31.53
CA ILE O 110 -23.21 6.63 30.36
C ILE O 110 -23.63 7.37 29.10
N ALA O 111 -24.78 8.05 29.16
CA ALA O 111 -25.25 8.80 28.01
C ALA O 111 -24.37 10.00 27.71
N SER O 112 -23.81 10.63 28.74
CA SER O 112 -22.95 11.79 28.53
C SER O 112 -21.62 11.38 27.93
N LEU O 113 -21.02 10.30 28.45
CA LEU O 113 -19.80 9.73 27.88
C LEU O 113 -20.02 9.30 26.44
N LYS O 114 -21.17 8.67 26.18
CA LYS O 114 -21.46 8.16 24.85
C LYS O 114 -21.64 9.30 23.86
N GLN O 115 -22.25 10.40 24.31
CA GLN O 115 -22.49 11.51 23.39
C GLN O 115 -21.24 12.34 23.18
N ARG O 116 -20.49 12.64 24.25
CA ARG O 116 -19.22 13.34 24.03
C ARG O 116 -18.19 12.45 23.33
N TYR O 117 -18.41 11.14 23.30
CA TYR O 117 -17.59 10.29 22.46
C TYR O 117 -18.04 10.41 21.02
N THR O 118 -19.36 10.52 20.79
CA THR O 118 -19.88 10.65 19.43
C THR O 118 -19.64 12.01 18.79
N GLN O 119 -19.54 13.08 19.59
CA GLN O 119 -19.39 14.42 19.02
C GLN O 119 -18.01 14.63 18.41
N SER O 120 -17.01 13.95 18.95
CA SER O 120 -15.61 14.29 18.72
C SER O 120 -15.16 13.84 17.33
N ASN O 121 -13.87 14.01 17.08
CA ASN O 121 -13.30 13.89 15.73
C ASN O 121 -12.96 12.44 15.39
N GLY O 122 -13.87 11.80 14.66
CA GLY O 122 -13.56 10.52 14.05
C GLY O 122 -13.57 9.36 15.00
N ARG O 123 -14.16 9.52 16.18
CA ARG O 123 -14.29 8.41 17.11
C ARG O 123 -15.56 7.64 16.78
N ARG O 124 -15.42 6.34 16.60
CA ARG O 124 -16.54 5.51 16.18
C ARG O 124 -17.54 5.41 17.31
N PRO O 125 -18.83 5.61 17.06
CA PRO O 125 -19.82 5.55 18.14
C PRO O 125 -19.97 4.13 18.70
N PHE O 126 -20.28 4.08 19.99
CA PHE O 126 -20.44 2.79 20.65
C PHE O 126 -21.75 2.18 20.16
N GLY O 127 -21.65 1.07 19.43
CA GLY O 127 -22.84 0.44 18.89
C GLY O 127 -23.47 -0.53 19.87
N ILE O 128 -23.86 -0.04 21.04
CA ILE O 128 -24.54 -0.85 22.04
C ILE O 128 -25.82 -0.14 22.45
N SER O 129 -26.58 -0.81 23.30
CA SER O 129 -27.72 -0.21 23.98
C SER O 129 -27.91 -0.98 25.27
N ALA O 130 -27.64 -0.33 26.39
CA ALA O 130 -27.60 -1.01 27.67
C ALA O 130 -28.95 -0.94 28.38
N LEU O 131 -29.11 -1.82 29.35
CA LEU O 131 -30.25 -1.79 30.26
C LEU O 131 -29.69 -1.72 31.67
N ILE O 132 -30.12 -0.71 32.41
CA ILE O 132 -29.50 -0.34 33.67
C ILE O 132 -30.63 -0.40 34.70
N VAL O 133 -30.68 -1.49 35.46
CA VAL O 133 -31.79 -1.76 36.36
C VAL O 133 -31.29 -1.72 37.79
N GLY O 134 -32.00 -0.99 38.64
CA GLY O 134 -31.63 -0.90 40.03
C GLY O 134 -32.75 -0.29 40.85
N PHE O 135 -32.64 -0.47 42.17
CA PHE O 135 -33.67 0.00 43.08
C PHE O 135 -32.94 0.45 44.35
N ASP O 136 -32.80 1.75 44.52
CA ASP O 136 -32.04 2.29 45.66
C ASP O 136 -32.93 3.10 46.59
N PHE O 137 -33.56 4.16 46.08
CA PHE O 137 -34.21 5.15 46.94
C PHE O 137 -35.54 4.56 47.39
N ASP O 138 -35.57 4.15 48.67
CA ASP O 138 -36.70 3.50 49.33
C ASP O 138 -37.10 2.19 48.61
N GLY O 139 -36.12 1.53 48.00
CA GLY O 139 -36.36 0.31 47.23
C GLY O 139 -37.26 0.46 46.02
N THR O 140 -37.12 1.57 45.29
CA THR O 140 -38.01 1.86 44.18
C THR O 140 -37.42 1.31 42.89
N PRO O 141 -38.07 0.34 42.23
CA PRO O 141 -37.47 -0.28 41.05
C PRO O 141 -37.48 0.64 39.84
N ARG O 142 -36.34 0.73 39.17
CA ARG O 142 -36.19 1.52 37.97
C ARG O 142 -35.41 0.73 36.93
N LEU O 143 -35.70 1.02 35.67
CA LEU O 143 -34.89 0.47 34.57
C LEU O 143 -34.88 1.49 33.46
N TYR O 144 -33.69 1.79 32.96
CA TYR O 144 -33.50 2.78 31.93
C TYR O 144 -32.82 2.07 30.78
N GLN O 145 -32.97 2.60 29.57
CA GLN O 145 -32.24 2.07 28.43
C GLN O 145 -31.39 3.18 27.82
N THR O 146 -30.45 2.78 26.99
CA THR O 146 -29.59 3.74 26.32
C THR O 146 -29.79 3.67 24.81
N ASP O 147 -28.92 4.38 24.10
CA ASP O 147 -28.95 4.49 22.66
C ASP O 147 -27.58 4.98 22.22
N PRO O 148 -27.12 4.64 21.01
CA PRO O 148 -25.87 5.23 20.49
C PRO O 148 -25.88 6.74 20.41
N SER O 149 -27.05 7.37 20.30
CA SER O 149 -27.11 8.81 20.44
C SER O 149 -26.77 9.25 21.87
N GLY O 150 -27.19 8.47 22.86
CA GLY O 150 -26.91 8.87 24.23
C GLY O 150 -28.13 9.39 24.93
N THR O 151 -29.27 8.72 24.74
CA THR O 151 -30.54 9.14 25.31
C THR O 151 -30.99 8.11 26.35
N TYR O 152 -30.75 8.42 27.62
CA TYR O 152 -31.33 7.59 28.67
C TYR O 152 -32.83 7.82 28.70
N HIS O 153 -33.59 6.75 28.90
CA HIS O 153 -35.00 6.81 28.56
C HIS O 153 -35.75 5.76 29.41
N ALA O 154 -36.39 6.23 30.48
CA ALA O 154 -36.90 5.34 31.50
C ALA O 154 -38.16 4.64 31.03
N TRP O 155 -38.21 3.33 31.24
CA TRP O 155 -39.34 2.50 30.87
C TRP O 155 -39.83 1.73 32.09
N LYS O 156 -40.80 0.86 31.85
CA LYS O 156 -41.23 -0.11 32.84
C LYS O 156 -40.96 -1.55 32.42
N ALA O 157 -40.92 -1.80 31.12
CA ALA O 157 -40.42 -3.06 30.57
C ALA O 157 -39.73 -2.72 29.26
N ASN O 158 -38.98 -3.69 28.73
CA ASN O 158 -38.08 -3.37 27.62
C ASN O 158 -37.82 -4.65 26.83
N ALA O 159 -37.46 -4.45 25.56
CA ALA O 159 -37.06 -5.50 24.64
C ALA O 159 -36.11 -4.92 23.62
N ILE O 160 -34.93 -5.52 23.49
CA ILE O 160 -33.95 -5.09 22.49
C ILE O 160 -33.45 -6.26 21.67
N GLY O 161 -32.49 -5.99 20.78
CA GLY O 161 -31.89 -7.03 19.96
C GLY O 161 -32.75 -7.40 18.76
N ARG O 162 -32.58 -8.63 18.30
CA ARG O 162 -33.24 -9.10 17.07
C ARG O 162 -34.74 -9.29 17.29
N GLY O 163 -35.54 -8.68 16.41
CA GLY O 163 -36.99 -8.86 16.46
C GLY O 163 -37.60 -8.30 17.72
N ALA O 164 -37.04 -7.20 18.23
CA ALA O 164 -37.47 -6.61 19.50
C ALA O 164 -38.89 -6.07 19.44
N LYS O 165 -39.38 -5.73 18.25
CA LYS O 165 -40.76 -5.29 18.10
C LYS O 165 -41.75 -6.37 18.50
N SER O 166 -41.50 -7.62 18.09
CA SER O 166 -42.36 -8.74 18.46
C SER O 166 -42.33 -9.01 19.95
N VAL O 167 -41.13 -8.96 20.53
CA VAL O 167 -40.95 -9.27 21.93
C VAL O 167 -41.60 -8.20 22.79
N ARG O 168 -41.42 -6.93 22.41
CA ARG O 168 -42.07 -5.83 23.12
C ARG O 168 -43.57 -5.84 22.89
N GLU O 169 -44.01 -6.35 21.74
CA GLU O 169 -45.44 -6.53 21.48
C GLU O 169 -46.05 -7.59 22.39
N PHE O 170 -45.26 -8.60 22.78
CA PHE O 170 -45.79 -9.52 23.78
C PHE O 170 -45.86 -8.90 25.17
N LEU O 171 -44.86 -8.10 25.54
CA LEU O 171 -44.95 -7.41 26.84
C LEU O 171 -46.09 -6.40 26.85
N GLU O 172 -46.41 -5.87 25.67
CA GLU O 172 -47.55 -4.98 25.46
C GLU O 172 -48.84 -5.74 25.70
N LYS O 173 -48.94 -6.92 25.10
CA LYS O 173 -50.08 -7.79 25.26
C LYS O 173 -50.04 -8.58 26.55
N ASN O 174 -49.08 -8.31 27.44
CA ASN O 174 -49.19 -8.98 28.73
C ASN O 174 -49.36 -7.89 29.77
N TYR O 175 -48.26 -7.24 30.21
CA TYR O 175 -48.16 -6.08 31.10
C TYR O 175 -49.35 -5.67 31.95
N THR O 176 -49.79 -6.51 32.87
CA THR O 176 -50.95 -6.09 33.64
C THR O 176 -50.59 -5.35 34.92
N ASP O 177 -51.45 -4.37 35.25
CA ASP O 177 -51.29 -3.55 36.46
C ASP O 177 -51.43 -4.42 37.71
N GLU O 178 -52.10 -5.55 37.59
CA GLU O 178 -52.38 -6.48 38.65
C GLU O 178 -51.71 -7.81 38.32
N THR O 182 -45.88 -8.98 44.64
CA THR O 182 -46.05 -10.36 44.14
C THR O 182 -44.86 -10.71 43.23
N ASP O 183 -43.96 -11.57 43.71
CA ASP O 183 -42.76 -11.99 42.93
C ASP O 183 -43.09 -13.28 42.17
N ASP O 184 -44.32 -13.78 42.32
CA ASP O 184 -44.75 -15.04 41.64
C ASP O 184 -45.22 -14.69 40.22
N LEU O 185 -45.88 -13.55 40.05
CA LEU O 185 -46.37 -13.12 38.75
C LEU O 185 -45.17 -12.60 37.97
N THR O 186 -44.20 -11.98 38.68
CA THR O 186 -42.99 -11.52 38.04
C THR O 186 -42.12 -12.68 37.57
N ILE O 187 -41.96 -13.74 38.39
CA ILE O 187 -41.24 -14.93 37.92
C ILE O 187 -41.94 -15.55 36.71
N LYS O 188 -43.27 -15.70 36.79
CA LYS O 188 -44.03 -16.26 35.68
C LYS O 188 -44.02 -15.34 34.47
N LEU O 189 -43.88 -14.03 34.69
CA LEU O 189 -43.79 -13.08 33.60
C LEU O 189 -42.44 -13.20 32.89
N VAL O 190 -41.38 -13.44 33.65
CA VAL O 190 -40.08 -13.76 33.06
C VAL O 190 -40.16 -15.06 32.28
N ILE O 191 -40.87 -16.06 32.81
CA ILE O 191 -41.05 -17.33 32.11
C ILE O 191 -41.81 -17.12 30.81
N LYS O 192 -42.83 -16.25 30.84
CA LYS O 192 -43.60 -15.96 29.64
C LYS O 192 -42.82 -15.13 28.64
N ALA O 193 -41.93 -14.25 29.11
CA ALA O 193 -41.09 -13.48 28.22
C ALA O 193 -40.05 -14.35 27.53
N LEU O 194 -39.42 -15.25 28.29
CA LEU O 194 -38.44 -16.16 27.72
C LEU O 194 -39.09 -17.23 26.85
N LEU O 195 -40.35 -17.57 27.15
CA LEU O 195 -41.13 -18.40 26.23
C LEU O 195 -41.50 -17.61 24.99
N GLU O 196 -41.63 -16.30 25.11
CA GLU O 196 -41.89 -15.41 23.99
C GLU O 196 -40.63 -14.97 23.26
N VAL O 197 -39.48 -15.61 23.53
CA VAL O 197 -38.22 -15.26 22.88
C VAL O 197 -38.30 -15.62 21.40
N VAL O 198 -37.31 -15.16 20.62
CA VAL O 198 -37.30 -15.39 19.18
C VAL O 198 -37.17 -16.86 18.83
N GLN O 199 -36.53 -17.65 19.70
CA GLN O 199 -36.39 -19.07 19.48
C GLN O 199 -37.02 -19.91 20.58
N SER O 200 -36.75 -19.57 21.85
CA SER O 200 -37.24 -20.25 23.05
C SER O 200 -36.93 -21.75 22.98
N GLY O 201 -35.65 -22.03 22.77
CA GLY O 201 -35.16 -23.41 22.72
C GLY O 201 -35.23 -24.16 24.03
N GLY O 202 -35.31 -23.45 25.15
CA GLY O 202 -35.44 -24.04 26.45
C GLY O 202 -34.12 -24.20 27.18
N LYS O 203 -33.02 -24.30 26.43
CA LYS O 203 -31.71 -24.40 27.04
C LYS O 203 -30.83 -23.18 26.81
N ASN O 204 -31.18 -22.31 25.86
CA ASN O 204 -30.41 -21.10 25.60
C ASN O 204 -30.89 -19.93 26.43
N ILE O 205 -31.66 -20.19 27.48
CA ILE O 205 -32.25 -19.15 28.30
C ILE O 205 -31.34 -18.87 29.48
N GLU O 206 -31.00 -17.60 29.70
CA GLU O 206 -30.13 -17.19 30.79
C GLU O 206 -30.77 -15.99 31.47
N LEU O 207 -31.11 -16.15 32.75
CA LEU O 207 -31.84 -15.12 33.47
C LEU O 207 -31.24 -14.92 34.86
N ALA O 208 -31.24 -13.66 35.30
CA ALA O 208 -30.74 -13.30 36.62
C ALA O 208 -31.64 -12.22 37.20
N VAL O 209 -31.87 -12.29 38.51
CA VAL O 209 -32.85 -11.43 39.15
C VAL O 209 -32.18 -10.70 40.30
N MET O 210 -32.90 -9.73 40.84
CA MET O 210 -32.46 -9.03 42.05
C MET O 210 -33.69 -8.62 42.83
N ARG O 211 -33.70 -8.93 44.13
CA ARG O 211 -34.85 -8.63 44.97
C ARG O 211 -34.68 -7.32 45.74
N ARG O 212 -33.91 -6.37 45.19
CA ARG O 212 -33.76 -4.98 45.62
C ARG O 212 -33.09 -4.83 46.98
N ASP O 213 -32.71 -5.91 47.64
CA ASP O 213 -31.89 -5.87 48.85
C ASP O 213 -30.73 -6.83 48.71
N GLN O 214 -30.91 -7.85 47.87
CA GLN O 214 -29.92 -8.90 47.69
C GLN O 214 -28.91 -8.51 46.63
N SER O 215 -28.11 -9.47 46.21
CA SER O 215 -27.20 -9.35 45.10
C SER O 215 -27.75 -10.19 43.95
N LEU O 216 -26.96 -10.31 42.89
CA LEU O 216 -27.41 -10.99 41.69
C LEU O 216 -27.47 -12.49 41.92
N LYS O 217 -28.55 -13.11 41.44
CA LYS O 217 -28.76 -14.54 41.58
C LYS O 217 -28.82 -15.13 40.18
N ILE O 218 -27.89 -16.02 39.88
CA ILE O 218 -27.90 -16.75 38.62
C ILE O 218 -28.69 -18.03 38.83
N LEU O 219 -29.67 -18.28 37.97
CA LEU O 219 -30.62 -19.34 38.22
C LEU O 219 -30.01 -20.67 37.75
N ASN O 220 -30.82 -21.72 37.73
CA ASN O 220 -30.36 -23.05 37.39
C ASN O 220 -31.35 -23.65 36.40
N PRO O 221 -30.88 -24.18 35.23
CA PRO O 221 -31.82 -24.58 34.17
C PRO O 221 -32.53 -25.91 34.41
N GLU O 222 -33.03 -26.09 35.62
CA GLU O 222 -34.02 -27.07 36.01
C GLU O 222 -35.24 -26.41 36.59
N GLU O 223 -35.02 -25.33 37.36
CA GLU O 223 -36.09 -24.46 37.83
C GLU O 223 -36.81 -23.81 36.65
N ILE O 224 -36.04 -23.40 35.63
CA ILE O 224 -36.59 -22.84 34.41
C ILE O 224 -37.35 -23.90 33.63
N GLU O 225 -36.94 -25.17 33.75
CA GLU O 225 -37.65 -26.25 33.08
C GLU O 225 -39.02 -26.46 33.69
N LYS O 226 -39.13 -26.39 35.02
CA LYS O 226 -40.43 -26.47 35.67
C LYS O 226 -41.26 -25.22 35.39
N TYR O 227 -40.60 -24.08 35.20
CA TYR O 227 -41.30 -22.87 34.77
C TYR O 227 -41.90 -23.05 33.38
N VAL O 228 -41.14 -23.64 32.46
CA VAL O 228 -41.64 -23.94 31.13
C VAL O 228 -42.75 -24.99 31.20
N ALA O 229 -42.64 -25.92 32.16
CA ALA O 229 -43.66 -26.94 32.32
C ALA O 229 -44.97 -26.34 32.82
N GLU O 230 -44.91 -25.37 33.72
CA GLU O 230 -46.16 -24.78 34.20
C GLU O 230 -46.70 -23.79 33.17
N ILE O 231 -45.84 -23.20 32.34
CA ILE O 231 -46.31 -22.43 31.20
C ILE O 231 -47.05 -23.32 30.20
N GLU O 232 -46.52 -24.51 29.93
CA GLU O 232 -47.21 -25.45 29.04
C GLU O 232 -48.49 -25.98 29.67
N LYS O 233 -48.51 -26.09 31.01
CA LYS O 233 -49.71 -26.50 31.71
C LYS O 233 -50.79 -25.45 31.62
N GLU O 234 -50.41 -24.17 31.77
CA GLU O 234 -51.37 -23.08 31.61
C GLU O 234 -51.82 -22.96 30.16
N LYS O 235 -50.95 -23.26 29.20
CA LYS O 235 -51.36 -23.27 27.80
C LYS O 235 -52.35 -24.40 27.53
N GLU O 236 -52.21 -25.54 28.22
CA GLU O 236 -53.23 -26.58 28.09
C GLU O 236 -54.52 -26.19 28.81
N GLU O 237 -54.40 -25.48 29.94
CA GLU O 237 -55.56 -24.98 30.68
C GLU O 237 -56.31 -23.86 29.94
N ASN O 238 -55.65 -23.19 29.00
CA ASN O 238 -56.36 -22.26 28.12
C ASN O 238 -57.38 -22.96 27.24
N GLU O 239 -57.13 -24.22 26.89
CA GLU O 239 -58.11 -25.01 26.15
C GLU O 239 -59.02 -25.79 27.08
N ASP P 2 -19.53 22.23 -0.08
CA ASP P 2 -19.76 22.98 1.14
C ASP P 2 -19.19 22.27 2.37
N ARG P 3 -19.25 20.92 2.37
CA ARG P 3 -18.56 19.92 3.19
C ARG P 3 -17.56 20.53 4.18
N GLY P 4 -18.01 21.04 5.32
CA GLY P 4 -17.00 21.44 6.28
C GLY P 4 -17.27 22.79 6.91
N VAL P 5 -17.01 22.92 8.21
CA VAL P 5 -17.39 24.12 8.95
C VAL P 5 -16.47 25.30 8.70
N ASN P 6 -15.49 25.16 7.82
CA ASN P 6 -14.42 26.14 7.65
C ASN P 6 -14.31 26.49 6.18
N THR P 7 -15.46 26.74 5.55
CA THR P 7 -15.52 27.15 4.15
C THR P 7 -16.85 27.86 3.95
N PHE P 8 -16.80 29.08 3.44
CA PHE P 8 -18.02 29.83 3.18
C PHE P 8 -18.70 29.34 1.90
N SER P 9 -19.71 30.06 1.47
CA SER P 9 -20.38 29.83 0.21
C SER P 9 -20.01 30.92 -0.79
N PRO P 10 -20.20 30.66 -2.08
CA PRO P 10 -20.13 31.75 -3.06
C PRO P 10 -21.15 32.86 -2.83
N GLU P 11 -22.30 32.52 -2.25
CA GLU P 11 -23.37 33.51 -1.97
C GLU P 11 -23.38 33.84 -0.47
N GLY P 12 -24.39 33.36 0.26
CA GLY P 12 -24.50 33.60 1.71
C GLY P 12 -25.13 32.43 2.44
N ARG P 13 -24.48 31.27 2.40
CA ARG P 13 -25.02 30.03 3.05
C ARG P 13 -24.26 29.77 4.35
N LEU P 14 -24.96 29.28 5.37
CA LEU P 14 -24.35 28.98 6.69
C LEU P 14 -23.86 27.52 6.71
N PHE P 15 -24.53 26.65 5.94
CA PHE P 15 -24.12 25.22 5.83
C PHE P 15 -24.02 24.58 7.22
N GLN P 16 -22.79 24.54 7.77
CA GLN P 16 -22.53 23.92 9.10
C GLN P 16 -23.51 24.48 10.14
N VAL P 17 -24.28 25.50 9.78
CA VAL P 17 -25.24 26.11 10.69
C VAL P 17 -26.64 26.02 10.10
N GLU P 18 -26.78 26.25 8.79
CA GLU P 18 -28.08 26.12 8.12
C GLU P 18 -28.60 24.70 8.24
N TYR P 19 -27.71 23.71 8.14
CA TYR P 19 -28.16 22.34 8.31
C TYR P 19 -28.52 22.08 9.77
N ALA P 20 -27.95 22.86 10.69
CA ALA P 20 -28.39 22.77 12.08
C ALA P 20 -29.76 23.42 12.28
N ILE P 21 -29.99 24.57 11.64
CA ILE P 21 -31.30 25.23 11.68
C ILE P 21 -32.37 24.37 11.01
N GLU P 22 -31.97 23.58 10.02
CA GLU P 22 -32.86 22.56 9.49
C GLU P 22 -33.08 21.45 10.49
N ALA P 23 -32.03 21.08 11.23
CA ALA P 23 -32.13 19.98 12.17
C ALA P 23 -32.93 20.36 13.41
N ILE P 24 -33.17 21.65 13.62
CA ILE P 24 -34.12 22.04 14.68
C ILE P 24 -35.51 21.53 14.36
N LYS P 25 -35.91 21.58 13.08
CA LYS P 25 -37.33 21.57 12.71
C LYS P 25 -38.02 20.25 13.02
N LEU P 26 -37.25 19.17 13.06
CA LEU P 26 -37.70 17.82 13.36
C LEU P 26 -38.08 17.59 14.81
N GLY P 27 -37.71 18.48 15.73
CA GLY P 27 -37.91 18.25 17.13
C GLY P 27 -39.36 18.47 17.53
N SER P 28 -39.63 18.27 18.81
CA SER P 28 -40.99 18.50 19.27
C SER P 28 -41.22 19.98 19.48
N THR P 29 -42.48 20.39 19.45
CA THR P 29 -42.82 21.79 19.55
C THR P 29 -42.79 22.24 21.01
N ALA P 30 -42.75 23.57 21.19
CA ALA P 30 -42.85 24.22 22.48
C ALA P 30 -43.24 25.67 22.26
N ILE P 31 -43.98 26.22 23.22
CA ILE P 31 -44.54 27.55 23.11
C ILE P 31 -44.39 28.24 24.45
N GLY P 32 -43.73 29.40 24.45
CA GLY P 32 -43.60 30.23 25.62
C GLY P 32 -44.13 31.60 25.27
N ILE P 33 -44.78 32.25 26.23
CA ILE P 33 -45.46 33.52 26.02
C ILE P 33 -45.12 34.47 27.16
N GLN P 34 -44.56 35.63 26.84
CA GLN P 34 -44.32 36.65 27.86
C GLN P 34 -45.59 37.42 28.14
N THR P 35 -45.90 37.55 29.43
CA THR P 35 -46.95 38.43 29.90
C THR P 35 -46.39 39.15 31.11
N SER P 36 -46.76 40.42 31.29
CA SER P 36 -46.24 41.21 32.41
C SER P 36 -46.62 40.60 33.76
N GLU P 37 -47.72 39.86 33.80
CA GLU P 37 -48.06 39.07 34.98
C GLU P 37 -47.02 37.99 35.21
N GLY P 38 -46.45 37.46 34.14
CA GLY P 38 -45.45 36.42 34.26
C GLY P 38 -45.31 35.66 32.96
N VAL P 39 -44.28 34.84 32.91
CA VAL P 39 -43.96 34.07 31.71
C VAL P 39 -44.54 32.67 31.88
N CYS P 40 -45.34 32.26 30.91
CA CYS P 40 -45.83 30.90 30.83
C CYS P 40 -45.11 30.18 29.69
N LEU P 41 -45.18 28.85 29.73
CA LEU P 41 -44.40 28.04 28.80
C LEU P 41 -45.07 26.68 28.70
N ALA P 42 -45.00 26.08 27.52
CA ALA P 42 -45.59 24.77 27.29
C ALA P 42 -44.76 24.01 26.28
N VAL P 43 -44.99 22.70 26.20
CA VAL P 43 -44.19 21.80 25.37
C VAL P 43 -45.06 20.59 25.08
N GLU P 44 -44.67 19.80 24.09
CA GLU P 44 -45.26 18.51 23.82
C GLU P 44 -44.19 17.44 24.00
N LYS P 45 -44.57 16.33 24.60
CA LYS P 45 -43.59 15.29 24.89
C LYS P 45 -43.44 14.32 23.73
N ARG P 46 -44.55 14.05 23.03
CA ARG P 46 -44.67 13.00 22.01
C ARG P 46 -44.27 11.66 22.63
N ILE P 47 -45.13 11.22 23.54
CA ILE P 47 -44.95 9.92 24.18
C ILE P 47 -45.23 8.81 23.18
N THR P 48 -44.29 7.88 23.06
CA THR P 48 -44.40 6.77 22.12
C THR P 48 -45.06 5.54 22.75
N SER P 49 -44.55 5.09 23.89
CA SER P 49 -44.96 3.84 24.49
C SER P 49 -45.74 4.08 25.78
N PRO P 50 -46.58 3.13 26.20
CA PRO P 50 -47.07 3.16 27.59
C PRO P 50 -45.98 2.89 28.61
N LEU P 51 -44.93 2.17 28.23
CA LEU P 51 -43.77 1.98 29.10
C LEU P 51 -42.92 3.23 29.23
N MET P 52 -43.06 4.16 28.29
CA MET P 52 -42.35 5.43 28.33
C MET P 52 -42.89 6.28 29.47
N GLU P 53 -42.13 6.33 30.56
CA GLU P 53 -42.61 6.97 31.78
C GLU P 53 -42.59 8.48 31.56
N PRO P 54 -43.72 9.17 31.76
CA PRO P 54 -43.83 10.54 31.26
C PRO P 54 -43.04 11.57 32.03
N SER P 55 -42.86 11.38 33.33
CA SER P 55 -42.14 12.36 34.14
C SER P 55 -40.62 12.25 34.00
N SER P 56 -40.12 11.29 33.23
CA SER P 56 -38.68 11.17 33.07
C SER P 56 -38.17 11.96 31.87
N ILE P 57 -39.00 12.14 30.86
CA ILE P 57 -38.64 13.00 29.73
C ILE P 57 -38.55 14.44 30.23
N GLU P 58 -37.38 15.03 30.09
CA GLU P 58 -37.18 16.41 30.48
C GLU P 58 -37.35 17.33 29.29
N LYS P 59 -38.25 18.30 29.43
CA LYS P 59 -38.28 19.44 28.53
C LYS P 59 -38.09 20.75 29.29
N ILE P 60 -38.85 20.95 30.35
CA ILE P 60 -38.66 22.09 31.24
C ILE P 60 -37.78 21.64 32.38
N VAL P 61 -36.59 22.23 32.48
CA VAL P 61 -35.71 22.01 33.60
C VAL P 61 -35.57 23.31 34.38
N GLU P 62 -34.93 23.22 35.53
CA GLU P 62 -34.86 24.34 36.46
C GLU P 62 -33.41 24.81 36.52
N ILE P 63 -33.18 26.03 36.07
CA ILE P 63 -31.85 26.60 36.10
C ILE P 63 -31.62 27.33 37.42
N ASP P 64 -32.51 28.25 37.74
CA ASP P 64 -32.42 29.04 38.95
C ASP P 64 -33.76 28.92 39.67
N ALA P 65 -33.90 29.59 40.81
CA ALA P 65 -35.18 29.72 41.48
C ALA P 65 -36.17 30.60 40.73
N HIS P 66 -35.73 31.35 39.73
CA HIS P 66 -36.68 32.08 38.90
C HIS P 66 -36.36 31.96 37.40
N ILE P 67 -35.51 31.02 37.00
CA ILE P 67 -35.13 30.91 35.59
C ILE P 67 -35.43 29.51 35.08
N GLY P 68 -36.38 29.43 34.14
CA GLY P 68 -36.78 28.17 33.54
C GLY P 68 -36.10 27.96 32.19
N CYS P 69 -36.50 26.88 31.53
CA CYS P 69 -35.93 26.53 30.23
C CYS P 69 -36.83 25.58 29.47
N ALA P 70 -36.55 25.46 28.17
CA ALA P 70 -37.12 24.44 27.33
C ALA P 70 -36.09 24.12 26.26
N MET P 71 -36.10 22.88 25.76
CA MET P 71 -35.10 22.44 24.80
C MET P 71 -35.76 22.05 23.48
N SER P 72 -34.92 21.64 22.52
CA SER P 72 -35.41 21.28 21.20
C SER P 72 -34.47 20.25 20.60
N GLY P 73 -34.97 19.54 19.59
CA GLY P 73 -34.17 18.74 18.68
C GLY P 73 -33.27 17.69 19.29
N LEU P 74 -31.97 17.89 19.17
CA LEU P 74 -31.02 17.00 19.81
C LEU P 74 -31.08 17.13 21.33
N ILE P 75 -30.97 16.00 22.02
CA ILE P 75 -31.18 15.96 23.46
C ILE P 75 -29.91 16.37 24.20
N ALA P 76 -28.78 15.87 23.74
CA ALA P 76 -27.59 15.91 24.58
C ALA P 76 -26.82 17.22 24.47
N ASP P 77 -26.86 17.89 23.32
CA ASP P 77 -26.36 19.27 23.26
C ASP P 77 -27.13 20.17 24.23
N ALA P 78 -28.44 19.96 24.33
CA ALA P 78 -29.24 20.62 25.35
C ALA P 78 -28.78 20.25 26.75
N LYS P 79 -28.39 18.97 26.95
CA LYS P 79 -27.92 18.56 28.27
C LYS P 79 -26.61 19.28 28.63
N THR P 80 -25.71 19.40 27.64
CA THR P 80 -24.47 20.14 27.83
C THR P 80 -24.72 21.59 28.20
N LEU P 81 -25.57 22.27 27.42
CA LEU P 81 -25.83 23.68 27.68
C LEU P 81 -26.55 23.90 29.00
N ILE P 82 -27.46 23.00 29.37
CA ILE P 82 -28.14 23.11 30.65
C ILE P 82 -27.18 22.94 31.81
N ASP P 83 -26.30 21.94 31.74
CA ASP P 83 -25.29 21.71 32.77
C ASP P 83 -24.40 22.93 32.98
N LYS P 84 -23.89 23.49 31.88
CA LYS P 84 -22.99 24.64 31.99
C LYS P 84 -23.74 25.87 32.47
N ALA P 85 -24.96 26.06 32.00
CA ALA P 85 -25.78 27.19 32.41
C ALA P 85 -26.06 27.14 33.90
N ARG P 86 -26.36 25.95 34.42
CA ARG P 86 -26.51 25.78 35.87
C ARG P 86 -25.23 26.17 36.60
N VAL P 87 -24.07 25.70 36.09
CA VAL P 87 -22.78 25.98 36.75
C VAL P 87 -22.46 27.47 36.78
N GLU P 88 -22.74 28.19 35.70
CA GLU P 88 -22.31 29.58 35.61
C GLU P 88 -23.16 30.58 36.39
N THR P 89 -24.46 30.34 36.49
CA THR P 89 -25.32 31.14 37.37
C THR P 89 -24.92 31.01 38.83
N GLN P 90 -24.51 29.80 39.23
CA GLN P 90 -23.99 29.59 40.56
C GLN P 90 -22.68 30.33 40.76
N ASN P 91 -21.88 30.46 39.71
CA ASN P 91 -20.66 31.25 39.78
C ASN P 91 -20.98 32.73 39.94
N HIS P 92 -22.03 33.19 39.27
CA HIS P 92 -22.48 34.56 39.41
C HIS P 92 -22.94 34.83 40.83
N TRP P 93 -23.70 33.89 41.39
CA TRP P 93 -24.13 34.01 42.78
C TRP P 93 -22.97 33.96 43.74
N PHE P 94 -21.93 33.20 43.38
CA PHE P 94 -20.70 33.19 44.15
C PHE P 94 -20.06 34.57 44.20
N THR P 95 -19.73 35.13 43.04
CA THR P 95 -18.99 36.39 43.07
C THR P 95 -19.86 37.64 43.17
N TYR P 96 -21.17 37.51 43.27
CA TYR P 96 -21.97 38.73 43.31
C TYR P 96 -23.10 38.71 44.33
N ASN P 97 -23.31 37.61 45.07
CA ASN P 97 -24.42 37.43 46.02
C ASN P 97 -25.79 37.71 45.41
N GLU P 98 -25.95 37.58 44.09
CA GLU P 98 -27.19 37.93 43.44
C GLU P 98 -27.45 36.99 42.27
N THR P 99 -28.61 37.17 41.65
CA THR P 99 -29.07 36.32 40.57
C THR P 99 -28.64 36.88 39.22
N MET P 100 -27.93 36.05 38.46
CA MET P 100 -27.60 36.39 37.08
C MET P 100 -28.87 36.52 36.26
N THR P 101 -29.09 37.71 35.72
CA THR P 101 -30.31 37.97 34.98
C THR P 101 -30.30 37.21 33.66
N VAL P 102 -31.48 37.07 33.07
CA VAL P 102 -31.71 36.09 32.03
C VAL P 102 -31.00 36.50 30.75
N GLU P 103 -30.89 37.81 30.50
CA GLU P 103 -30.09 38.28 29.38
C GLU P 103 -28.63 37.94 29.57
N SER P 104 -28.13 38.09 30.80
CA SER P 104 -26.77 37.72 31.08
C SER P 104 -26.57 36.21 31.05
N VAL P 105 -27.60 35.45 31.45
CA VAL P 105 -27.57 33.99 31.31
C VAL P 105 -27.42 33.60 29.84
N THR P 106 -28.22 34.21 28.97
CA THR P 106 -28.22 33.74 27.60
C THR P 106 -27.02 34.27 26.81
N GLN P 107 -26.50 35.44 27.19
CA GLN P 107 -25.20 35.82 26.66
C GLN P 107 -24.11 34.87 27.12
N ALA P 108 -24.18 34.41 28.38
CA ALA P 108 -23.21 33.45 28.89
C ALA P 108 -23.33 32.09 28.19
N VAL P 109 -24.51 31.76 27.70
CA VAL P 109 -24.67 30.53 26.94
C VAL P 109 -24.19 30.73 25.51
N SER P 110 -24.58 31.83 24.90
CA SER P 110 -24.19 32.07 23.53
C SER P 110 -22.79 32.62 23.39
N ASN P 111 -22.02 32.70 24.47
CA ASN P 111 -20.57 32.86 24.32
C ASN P 111 -19.95 31.62 23.68
N LEU P 112 -20.52 30.44 23.94
CA LEU P 112 -20.00 29.22 23.33
C LEU P 112 -21.09 28.38 22.70
N ALA P 113 -22.24 29.01 22.41
CA ALA P 113 -23.39 28.30 21.79
C ALA P 113 -23.13 28.14 20.28
N LEU P 114 -22.20 28.94 19.75
CA LEU P 114 -21.84 28.88 18.30
C LEU P 114 -20.32 28.80 18.17
N GLN P 115 -19.62 28.60 19.29
CA GLN P 115 -18.13 28.50 19.30
C GLN P 115 -17.71 27.05 19.04
N PHE P 116 -17.87 26.59 17.79
CA PHE P 116 -17.50 25.20 17.43
C PHE P 116 -16.19 25.21 16.63
N GLY P 117 -15.17 24.51 17.15
CA GLY P 117 -13.89 24.43 16.50
C GLY P 117 -13.28 23.10 16.81
N GLU P 118 -12.88 22.39 15.77
CA GLU P 118 -12.28 21.07 15.93
C GLU P 118 -10.77 21.16 16.05
N GLU P 119 -10.17 22.17 15.43
CA GLU P 119 -8.76 22.47 15.58
C GLU P 119 -8.60 23.88 16.13
N ASP P 120 -7.40 24.15 16.64
CA ASP P 120 -6.98 25.43 17.21
C ASP P 120 -7.89 25.93 18.34
N SER P 127 -17.26 20.73 19.64
CA SER P 127 -16.42 20.83 18.46
C SER P 127 -17.23 21.23 17.23
N ARG P 128 -18.21 20.39 16.91
CA ARG P 128 -19.22 20.72 15.93
C ARG P 128 -20.21 21.76 16.45
N PRO P 129 -20.94 22.43 15.56
CA PRO P 129 -22.02 23.30 16.02
C PRO P 129 -23.16 22.51 16.64
N PHE P 130 -23.82 23.14 17.60
CA PHE P 130 -24.85 22.48 18.38
C PHE P 130 -26.17 22.46 17.63
N GLY P 131 -27.03 21.52 18.01
CA GLY P 131 -28.25 21.25 17.27
C GLY P 131 -29.51 21.47 18.08
N VAL P 132 -29.58 22.56 18.84
CA VAL P 132 -30.68 22.76 19.77
C VAL P 132 -31.14 24.21 19.74
N ALA P 133 -32.46 24.40 19.80
CA ALA P 133 -33.08 25.69 20.02
C ALA P 133 -33.58 25.76 21.46
N LEU P 134 -33.42 26.93 22.08
CA LEU P 134 -33.74 27.08 23.49
C LEU P 134 -34.70 28.23 23.70
N LEU P 135 -35.65 28.03 24.60
CA LEU P 135 -36.57 29.06 25.02
C LEU P 135 -36.31 29.37 26.48
N PHE P 136 -36.02 30.63 26.79
CA PHE P 136 -35.66 31.03 28.14
C PHE P 136 -36.70 31.99 28.70
N GLY P 137 -37.19 31.68 29.89
CA GLY P 137 -38.08 32.57 30.61
C GLY P 137 -37.53 32.82 32.00
N GLY P 138 -37.72 34.04 32.48
CA GLY P 138 -37.29 34.35 33.83
C GLY P 138 -37.80 35.70 34.26
N VAL P 139 -37.58 35.99 35.54
CA VAL P 139 -38.04 37.22 36.15
C VAL P 139 -36.80 37.93 36.72
N ASP P 140 -36.34 38.96 36.01
CA ASP P 140 -35.25 39.79 36.48
C ASP P 140 -35.84 40.98 37.24
N GLU P 141 -35.03 42.02 37.47
CA GLU P 141 -35.54 43.23 38.11
C GLU P 141 -36.51 43.99 37.23
N LYS P 142 -36.44 43.81 35.91
CA LYS P 142 -37.36 44.46 34.99
C LYS P 142 -38.66 43.69 34.80
N GLY P 143 -39.02 42.83 35.76
CA GLY P 143 -40.22 42.04 35.65
C GLY P 143 -39.92 40.72 34.98
N PRO P 144 -40.90 40.18 34.27
CA PRO P 144 -40.67 38.94 33.52
C PRO P 144 -39.94 39.18 32.21
N GLN P 145 -39.23 38.16 31.77
CA GLN P 145 -38.52 38.17 30.49
C GLN P 145 -38.73 36.86 29.76
N LEU P 146 -38.90 36.93 28.44
CA LEU P 146 -38.95 35.75 27.60
C LEU P 146 -37.92 35.90 26.49
N PHE P 147 -37.09 34.88 26.32
CA PHE P 147 -35.89 34.97 25.52
C PHE P 147 -35.77 33.74 24.61
N HIS P 148 -35.26 33.95 23.41
CA HIS P 148 -35.12 32.89 22.42
C HIS P 148 -33.77 32.99 21.75
N MET P 149 -33.01 31.91 21.79
CA MET P 149 -31.73 31.84 21.10
C MET P 149 -31.82 30.78 20.01
N ASP P 150 -30.70 30.54 19.36
CA ASP P 150 -30.63 29.59 18.26
C ASP P 150 -29.28 28.88 18.30
N PRO P 151 -29.00 27.90 17.45
CA PRO P 151 -27.63 27.35 17.37
C PRO P 151 -26.58 28.36 16.98
N SER P 152 -26.92 29.35 16.15
CA SER P 152 -25.92 30.27 15.66
C SER P 152 -25.57 31.36 16.66
N GLY P 153 -26.08 31.29 17.89
CA GLY P 153 -25.84 32.33 18.86
C GLY P 153 -26.56 33.63 18.61
N THR P 154 -27.34 33.74 17.54
CA THR P 154 -28.04 34.98 17.24
C THR P 154 -29.21 35.09 18.21
N PHE P 155 -28.93 35.62 19.38
CA PHE P 155 -29.90 35.67 20.45
C PHE P 155 -30.71 36.96 20.39
N VAL P 156 -32.03 36.82 20.56
CA VAL P 156 -32.93 37.96 20.49
C VAL P 156 -34.01 37.75 21.54
N GLN P 157 -34.61 38.85 22.01
CA GLN P 157 -35.84 38.77 22.80
C GLN P 157 -37.06 38.53 21.90
N CYS P 158 -37.98 37.71 22.39
CA CYS P 158 -39.24 37.42 21.73
C CYS P 158 -40.36 37.51 22.76
N ASP P 159 -41.50 38.05 22.34
CA ASP P 159 -42.65 38.19 23.25
C ASP P 159 -43.41 36.88 23.38
N ALA P 160 -43.58 36.14 22.30
CA ALA P 160 -44.14 34.80 22.40
C ALA P 160 -43.60 33.97 21.24
N ARG P 161 -42.54 33.21 21.51
CA ARG P 161 -41.85 32.46 20.48
C ARG P 161 -42.27 31.00 20.52
N ALA P 162 -42.40 30.41 19.34
CA ALA P 162 -42.69 29.00 19.17
C ALA P 162 -41.58 28.38 18.33
N ILE P 163 -41.21 27.15 18.67
CA ILE P 163 -40.02 26.53 18.09
C ILE P 163 -40.40 25.28 17.31
N GLY P 164 -39.39 24.62 16.76
CA GLY P 164 -39.44 23.22 16.37
C GLY P 164 -40.44 22.93 15.28
N SER P 165 -41.17 21.84 15.44
CA SER P 165 -42.14 21.40 14.44
C SER P 165 -43.37 22.29 14.45
N ALA P 166 -43.91 22.52 13.24
CA ALA P 166 -45.14 23.28 12.99
C ALA P 166 -45.09 24.70 13.56
N SER P 167 -43.91 25.31 13.54
CA SER P 167 -43.80 26.61 14.16
C SER P 167 -44.37 27.72 13.28
N GLU P 168 -44.63 27.45 11.99
CA GLU P 168 -45.16 28.48 11.11
C GLU P 168 -46.59 28.82 11.48
N GLY P 169 -47.46 27.80 11.47
CA GLY P 169 -48.83 28.01 11.90
C GLY P 169 -48.93 28.35 13.37
N ALA P 170 -47.96 27.90 14.17
CA ALA P 170 -47.90 28.30 15.57
C ALA P 170 -47.69 29.80 15.69
N GLN P 171 -46.76 30.36 14.91
CA GLN P 171 -46.53 31.80 14.91
C GLN P 171 -47.72 32.55 14.33
N SER P 172 -48.35 32.02 13.29
CA SER P 172 -49.44 32.73 12.64
C SER P 172 -50.66 32.80 13.55
N SER P 173 -51.15 31.64 13.99
CA SER P 173 -52.26 31.59 14.92
C SER P 173 -51.90 32.16 16.29
N LEU P 174 -50.61 32.28 16.61
CA LEU P 174 -50.21 32.96 17.82
C LEU P 174 -50.31 34.47 17.68
N GLN P 175 -49.86 35.01 16.54
CA GLN P 175 -50.01 36.42 16.22
C GLN P 175 -51.45 36.81 16.00
N GLU P 176 -52.33 35.84 15.76
CA GLU P 176 -53.75 36.15 15.66
C GLU P 176 -54.30 36.57 17.02
N VAL P 177 -53.95 35.83 18.07
CA VAL P 177 -54.62 36.00 19.36
C VAL P 177 -53.85 36.91 20.31
N TYR P 178 -52.54 37.04 20.13
CA TYR P 178 -51.70 37.68 21.12
C TYR P 178 -51.71 39.19 20.95
N HIS P 179 -51.62 39.88 22.08
CA HIS P 179 -51.25 41.28 22.10
C HIS P 179 -50.48 41.55 23.39
N LYS P 180 -50.28 42.83 23.69
CA LYS P 180 -49.34 43.20 24.73
C LYS P 180 -49.95 43.13 26.12
N SER P 181 -51.25 43.35 26.25
CA SER P 181 -51.92 43.45 27.54
C SER P 181 -52.76 42.22 27.85
N MET P 182 -52.25 41.05 27.47
CA MET P 182 -52.89 39.78 27.77
C MET P 182 -52.78 39.47 29.27
N THR P 183 -53.55 38.49 29.72
CA THR P 183 -53.45 38.03 31.08
C THR P 183 -52.74 36.67 31.11
N LEU P 184 -52.69 36.06 32.28
CA LEU P 184 -51.94 34.81 32.44
C LEU P 184 -52.73 33.63 31.91
N LYS P 185 -53.89 33.37 32.53
CA LYS P 185 -54.66 32.16 32.25
C LYS P 185 -55.22 32.16 30.84
N GLU P 186 -55.58 33.33 30.33
CA GLU P 186 -55.97 33.48 28.94
C GLU P 186 -54.85 33.07 28.01
N ALA P 187 -53.61 33.44 28.34
CA ALA P 187 -52.48 33.02 27.52
C ALA P 187 -52.21 31.54 27.66
N ILE P 188 -52.47 30.98 28.84
CA ILE P 188 -52.29 29.55 29.06
C ILE P 188 -53.24 28.74 28.21
N LYS P 189 -54.53 29.06 28.26
CA LYS P 189 -55.44 28.31 27.42
C LYS P 189 -55.28 28.65 25.95
N SER P 190 -54.84 29.86 25.61
CA SER P 190 -54.55 30.19 24.22
C SER P 190 -53.35 29.41 23.70
N SER P 191 -52.44 29.08 24.60
CA SER P 191 -51.30 28.25 24.23
C SER P 191 -51.73 26.82 24.03
N LEU P 192 -52.54 26.29 24.93
CA LEU P 192 -52.83 24.87 24.77
C LEU P 192 -53.86 24.65 23.67
N ILE P 193 -54.62 25.69 23.29
CA ILE P 193 -55.41 25.66 22.05
C ILE P 193 -54.49 25.52 20.84
N ILE P 194 -53.42 26.33 20.80
CA ILE P 194 -52.48 26.21 19.68
C ILE P 194 -51.80 24.84 19.70
N LEU P 195 -51.52 24.32 20.91
CA LEU P 195 -50.95 22.99 21.08
C LEU P 195 -51.84 21.91 20.51
N LYS P 196 -53.10 21.87 20.94
CA LYS P 196 -53.99 20.84 20.41
C LYS P 196 -54.58 21.19 19.07
N GLN P 197 -54.08 22.25 18.43
CA GLN P 197 -54.21 22.35 16.99
C GLN P 197 -52.97 21.85 16.26
N VAL P 198 -51.80 21.87 16.91
CA VAL P 198 -50.59 21.41 16.25
C VAL P 198 -50.15 20.02 16.68
N MET P 199 -50.69 19.47 17.76
CA MET P 199 -50.33 18.10 18.04
C MET P 199 -51.20 17.14 17.25
N GLU P 200 -50.86 15.86 17.34
CA GLU P 200 -51.57 14.81 16.63
C GLU P 200 -52.45 13.96 17.52
N GLU P 201 -52.09 13.79 18.79
CA GLU P 201 -52.82 12.89 19.67
C GLU P 201 -53.85 13.67 20.46
N LYS P 202 -54.68 12.93 21.20
CA LYS P 202 -55.68 13.54 22.05
C LYS P 202 -54.99 14.23 23.23
N LEU P 203 -55.44 15.44 23.55
CA LEU P 203 -54.86 16.18 24.66
C LEU P 203 -55.39 15.61 25.96
N ASN P 204 -54.47 15.20 26.84
CA ASN P 204 -54.84 14.62 28.11
C ASN P 204 -53.81 15.02 29.14
N ALA P 205 -53.82 14.33 30.28
CA ALA P 205 -53.00 14.66 31.43
C ALA P 205 -51.52 14.42 31.18
N THR P 206 -51.17 13.57 30.22
CA THR P 206 -49.79 13.11 30.07
C THR P 206 -49.04 13.70 28.89
N ASN P 207 -49.72 14.37 27.96
CA ASN P 207 -49.06 14.87 26.76
C ASN P 207 -48.16 16.06 27.08
N ILE P 208 -48.74 17.12 27.61
CA ILE P 208 -48.08 18.40 27.69
C ILE P 208 -47.70 18.68 29.14
N GLU P 209 -46.92 19.73 29.34
CA GLU P 209 -46.59 20.19 30.68
C GLU P 209 -46.38 21.70 30.62
N LEU P 210 -46.84 22.39 31.64
CA LEU P 210 -46.74 23.84 31.69
C LEU P 210 -45.60 24.27 32.59
N ALA P 211 -45.20 25.53 32.43
CA ALA P 211 -44.20 26.12 33.30
C ALA P 211 -44.46 27.61 33.35
N THR P 212 -44.96 28.07 34.50
CA THR P 212 -45.32 29.47 34.70
C THR P 212 -44.48 30.05 35.83
N VAL P 213 -43.92 31.23 35.60
CA VAL P 213 -43.13 31.90 36.62
C VAL P 213 -43.75 33.27 36.85
N GLN P 214 -43.97 33.61 38.11
CA GLN P 214 -44.51 34.89 38.52
C GLN P 214 -43.53 35.60 39.43
N PRO P 215 -43.56 36.94 39.48
CA PRO P 215 -42.67 37.64 40.42
C PRO P 215 -43.04 37.37 41.86
N GLY P 216 -44.32 37.19 42.17
CA GLY P 216 -44.74 36.79 43.49
C GLY P 216 -44.80 35.30 43.73
N GLN P 217 -44.56 34.51 42.68
CA GLN P 217 -44.56 33.05 42.71
C GLN P 217 -43.32 32.54 41.98
N ASN P 218 -42.16 33.05 42.43
CA ASN P 218 -40.91 32.72 41.77
C ASN P 218 -40.61 31.23 41.84
N PHE P 219 -40.84 30.64 43.01
CA PHE P 219 -40.64 29.21 43.21
C PHE P 219 -41.72 28.39 42.49
N HIS P 220 -41.35 27.15 42.12
CA HIS P 220 -42.22 26.15 41.49
C HIS P 220 -42.81 26.65 40.17
N MET P 221 -41.93 26.71 39.17
CA MET P 221 -42.36 27.09 37.83
C MET P 221 -43.00 25.90 37.10
N PHE P 222 -44.07 25.35 37.69
CA PHE P 222 -44.68 24.13 37.15
C PHE P 222 -46.12 24.04 37.63
N THR P 223 -46.94 23.31 36.86
CA THR P 223 -48.30 22.94 37.23
C THR P 223 -48.41 21.42 37.16
N LYS P 224 -48.79 20.79 38.27
CA LYS P 224 -48.78 19.33 38.36
C LYS P 224 -50.20 18.83 38.62
N GLU P 225 -50.84 18.35 37.54
CA GLU P 225 -52.15 17.70 37.50
C GLU P 225 -53.32 18.57 37.97
N GLU P 226 -53.07 19.84 38.30
CA GLU P 226 -54.06 20.88 38.14
C GLU P 226 -54.12 21.28 36.68
N LEU P 227 -53.09 20.89 35.93
CA LEU P 227 -53.07 20.95 34.48
C LEU P 227 -54.21 20.15 33.88
N GLU P 228 -54.62 19.08 34.56
CA GLU P 228 -55.82 18.35 34.18
C GLU P 228 -57.05 19.24 34.27
N GLU P 229 -57.15 19.99 35.35
CA GLU P 229 -58.25 20.94 35.52
C GLU P 229 -58.19 22.06 34.50
N VAL P 230 -56.98 22.45 34.08
CA VAL P 230 -56.86 23.48 33.04
C VAL P 230 -57.30 22.94 31.69
N ILE P 231 -56.94 21.69 31.38
CA ILE P 231 -57.30 21.12 30.08
C ILE P 231 -58.81 20.87 30.01
N LYS P 232 -59.40 20.38 31.10
CA LYS P 232 -60.83 20.11 31.04
C LYS P 232 -61.69 21.38 31.02
N ASP P 233 -61.11 22.57 31.14
CA ASP P 233 -61.84 23.82 31.02
C ASP P 233 -61.92 24.31 29.59
N ILE P 234 -61.49 23.52 28.62
CA ILE P 234 -61.61 23.92 27.23
C ILE P 234 -62.77 23.14 26.61
N ASN Q 1 -13.07 25.41 -10.66
CA ASN Q 1 -13.78 25.69 -9.42
C ASN Q 1 -13.41 24.69 -8.31
N GLN Q 2 -12.59 23.70 -8.65
CA GLN Q 2 -12.21 22.71 -7.66
C GLN Q 2 -11.03 23.18 -6.82
N TYR Q 3 -10.45 24.31 -7.18
CA TYR Q 3 -9.46 25.00 -6.38
C TYR Q 3 -10.12 26.00 -5.45
N ASP Q 4 -11.43 26.17 -5.57
CA ASP Q 4 -12.16 27.22 -4.85
C ASP Q 4 -12.87 26.67 -3.60
N ASN Q 5 -12.08 26.16 -2.65
CA ASN Q 5 -12.63 25.63 -1.39
C ASN Q 5 -11.90 26.23 -0.17
N ASP Q 6 -10.57 26.44 -0.22
CA ASP Q 6 -9.93 26.76 1.04
C ASP Q 6 -9.17 28.08 0.96
N VAL Q 7 -8.72 28.56 2.14
CA VAL Q 7 -8.05 29.85 2.24
C VAL Q 7 -6.62 29.76 1.71
N THR Q 8 -6.02 28.59 1.84
CA THR Q 8 -4.60 28.42 1.55
C THR Q 8 -4.34 28.50 0.05
N VAL Q 9 -5.31 28.09 -0.76
CA VAL Q 9 -5.09 27.89 -2.19
C VAL Q 9 -5.10 29.26 -2.87
N TRP Q 10 -4.00 29.60 -3.53
CA TRP Q 10 -4.03 30.70 -4.48
C TRP Q 10 -4.75 30.27 -5.74
N SER Q 11 -5.51 31.18 -6.32
CA SER Q 11 -6.17 30.89 -7.57
C SER Q 11 -5.19 30.97 -8.74
N PRO Q 12 -5.50 30.33 -9.88
CA PRO Q 12 -4.72 30.58 -11.09
C PRO Q 12 -4.90 31.97 -11.69
N GLN Q 13 -5.76 32.81 -11.14
CA GLN Q 13 -5.80 34.23 -11.45
C GLN Q 13 -5.35 35.06 -10.26
N GLY Q 14 -4.93 34.40 -9.20
CA GLY Q 14 -4.36 35.01 -8.02
C GLY Q 14 -5.36 35.55 -7.02
N ARG Q 15 -6.66 35.52 -7.33
CA ARG Q 15 -7.67 36.04 -6.41
C ARG Q 15 -8.23 34.90 -5.59
N ILE Q 16 -7.83 34.84 -4.32
CA ILE Q 16 -8.33 33.87 -3.36
C ILE Q 16 -9.81 34.16 -3.11
N HIS Q 17 -10.67 33.25 -3.56
CA HIS Q 17 -12.10 33.49 -3.59
C HIS Q 17 -12.77 33.35 -2.24
N GLN Q 18 -12.09 32.77 -1.24
CA GLN Q 18 -12.65 32.76 0.11
C GLN Q 18 -12.77 34.19 0.65
N ILE Q 19 -11.85 35.06 0.25
CA ILE Q 19 -11.92 36.45 0.62
C ILE Q 19 -13.09 37.13 -0.06
N GLU Q 20 -13.30 36.82 -1.33
CA GLU Q 20 -14.44 37.34 -2.08
C GLU Q 20 -15.76 36.86 -1.50
N TYR Q 21 -15.81 35.61 -1.05
CA TYR Q 21 -17.02 35.08 -0.44
C TYR Q 21 -17.29 35.72 0.91
N ALA Q 22 -16.24 36.03 1.65
CA ALA Q 22 -16.43 36.73 2.92
C ALA Q 22 -16.90 38.16 2.69
N MET Q 23 -16.42 38.80 1.63
CA MET Q 23 -16.92 40.11 1.23
C MET Q 23 -18.41 40.06 0.92
N GLU Q 24 -18.83 39.05 0.15
CA GLU Q 24 -20.23 38.88 -0.17
C GLU Q 24 -21.08 38.52 1.05
N ALA Q 25 -20.48 37.85 2.04
CA ALA Q 25 -21.20 37.62 3.29
C ALA Q 25 -21.36 38.91 4.08
N VAL Q 26 -20.39 39.83 3.94
CA VAL Q 26 -20.55 41.15 4.55
C VAL Q 26 -21.63 41.95 3.84
N LYS Q 27 -21.78 41.77 2.53
CA LYS Q 27 -22.76 42.54 1.76
C LYS Q 27 -24.22 42.23 2.11
N GLN Q 28 -24.49 41.19 2.89
CA GLN Q 28 -25.85 40.83 3.25
C GLN Q 28 -26.21 41.21 4.68
N GLY Q 29 -25.55 42.19 5.28
CA GLY Q 29 -25.92 42.67 6.58
C GLY Q 29 -26.97 43.76 6.51
N SER Q 30 -27.13 44.46 7.62
CA SER Q 30 -28.01 45.61 7.62
C SER Q 30 -27.27 46.85 7.14
N ALA Q 31 -28.04 47.82 6.69
CA ALA Q 31 -27.44 49.07 6.27
C ALA Q 31 -27.05 49.89 7.48
N THR Q 32 -25.96 50.62 7.34
CA THR Q 32 -25.46 51.48 8.40
C THR Q 32 -24.62 52.57 7.76
N VAL Q 33 -24.54 53.71 8.43
CA VAL Q 33 -23.92 54.90 7.86
C VAL Q 33 -23.17 55.60 8.97
N GLY Q 34 -21.90 55.90 8.70
CA GLY Q 34 -21.09 56.65 9.63
C GLY Q 34 -20.39 57.80 8.93
N LEU Q 35 -20.38 58.96 9.58
CA LEU Q 35 -19.89 60.19 9.01
C LEU Q 35 -19.56 61.15 10.13
N LYS Q 36 -18.55 61.97 9.89
CA LYS Q 36 -18.02 62.85 10.92
C LYS Q 36 -18.00 64.28 10.43
N SER Q 37 -18.11 65.19 11.38
CA SER Q 37 -17.83 66.59 11.21
C SER Q 37 -16.39 66.83 11.66
N LYS Q 38 -16.02 68.10 11.81
CA LYS Q 38 -14.71 68.41 12.36
C LYS Q 38 -14.65 68.15 13.86
N THR Q 39 -15.79 68.14 14.55
CA THR Q 39 -15.79 68.02 15.99
C THR Q 39 -16.61 66.85 16.51
N HIS Q 40 -17.50 66.28 15.71
CA HIS Q 40 -18.36 65.20 16.18
C HIS Q 40 -18.49 64.12 15.13
N ALA Q 41 -18.41 62.88 15.59
CA ALA Q 41 -18.52 61.70 14.74
C ALA Q 41 -19.79 60.93 15.08
N VAL Q 42 -20.60 60.65 14.07
CA VAL Q 42 -21.92 60.03 14.24
C VAL Q 42 -21.99 58.81 13.32
N LEU Q 43 -22.36 57.67 13.89
CA LEU Q 43 -22.64 56.48 13.10
C LEU Q 43 -24.06 56.01 13.41
N VAL Q 44 -24.82 55.73 12.35
CA VAL Q 44 -26.24 55.40 12.44
C VAL Q 44 -26.46 54.08 11.71
N ALA Q 45 -27.13 53.14 12.36
CA ALA Q 45 -27.39 51.82 11.79
C ALA Q 45 -28.90 51.59 11.68
N LEU Q 46 -29.23 50.43 11.13
CA LEU Q 46 -30.62 50.03 10.91
C LEU Q 46 -30.90 48.69 11.56
N LYS Q 47 -32.00 48.63 12.29
CA LYS Q 47 -32.41 47.42 12.98
C LYS Q 47 -33.38 46.61 12.13
N ARG Q 48 -33.43 45.30 12.41
CA ARG Q 48 -34.39 44.39 11.83
C ARG Q 48 -34.86 43.44 12.92
N ALA Q 49 -35.88 42.66 12.59
CA ALA Q 49 -36.48 41.73 13.54
C ALA Q 49 -36.73 40.39 12.86
N GLN Q 50 -36.93 39.36 13.69
CA GLN Q 50 -37.29 38.04 13.17
C GLN Q 50 -38.76 37.95 12.84
N SER Q 51 -39.60 38.58 13.66
CA SER Q 51 -41.03 38.61 13.42
C SER Q 51 -41.55 39.96 13.91
N GLU Q 52 -42.88 40.11 13.87
CA GLU Q 52 -43.50 41.36 14.31
C GLU Q 52 -43.39 41.54 15.81
N LEU Q 53 -43.66 40.50 16.58
CA LEU Q 53 -43.76 40.64 18.03
C LEU Q 53 -42.39 40.78 18.68
N ALA Q 54 -41.36 40.22 18.06
CA ALA Q 54 -40.06 40.19 18.69
C ALA Q 54 -39.40 41.56 18.63
N ALA Q 55 -38.39 41.73 19.48
CA ALA Q 55 -37.59 42.94 19.49
C ALA Q 55 -36.58 42.91 18.35
N HIS Q 56 -35.86 44.02 18.19
CA HIS Q 56 -34.96 44.18 17.06
C HIS Q 56 -33.53 43.87 17.45
N GLN Q 57 -32.83 43.18 16.56
CA GLN Q 57 -31.43 42.83 16.78
C GLN Q 57 -30.55 44.08 16.70
N LYS Q 58 -29.86 44.39 17.79
CA LYS Q 58 -29.11 45.64 17.87
C LYS Q 58 -27.76 45.56 17.15
N LYS Q 59 -27.31 46.72 16.68
CA LYS Q 59 -26.09 46.91 15.90
C LYS Q 59 -25.08 47.81 16.58
N ILE Q 60 -25.47 49.00 17.01
CA ILE Q 60 -24.53 49.87 17.71
C ILE Q 60 -24.30 49.32 19.11
N LEU Q 61 -23.07 48.96 19.41
CA LEU Q 61 -22.75 48.49 20.74
C LEU Q 61 -21.58 49.29 21.29
N HIS Q 62 -21.51 49.35 22.61
CA HIS Q 62 -20.50 50.14 23.29
C HIS Q 62 -19.18 49.39 23.31
N VAL Q 63 -18.08 50.13 23.33
CA VAL Q 63 -16.76 49.52 23.51
C VAL Q 63 -16.05 50.17 24.69
N ASP Q 64 -15.89 51.49 24.63
CA ASP Q 64 -15.07 52.18 25.61
C ASP Q 64 -15.61 53.61 25.70
N ASN Q 65 -15.02 54.40 26.60
CA ASN Q 65 -15.49 55.75 26.92
C ASN Q 65 -15.40 56.69 25.72
N HIS Q 66 -14.60 56.35 24.73
CA HIS Q 66 -14.47 57.18 23.54
C HIS Q 66 -14.47 56.34 22.27
N ILE Q 67 -14.74 55.04 22.36
CA ILE Q 67 -14.73 54.15 21.20
C ILE Q 67 -16.07 53.44 21.12
N GLY Q 68 -16.68 53.49 19.94
CA GLY Q 68 -17.87 52.70 19.68
C GLY Q 68 -17.88 52.17 18.26
N ILE Q 69 -18.40 50.97 18.05
CA ILE Q 69 -18.33 50.34 16.74
C ILE Q 69 -19.72 50.06 16.21
N SER Q 70 -19.87 50.16 14.90
CA SER Q 70 -21.01 49.56 14.24
C SER Q 70 -20.58 48.18 13.77
N ILE Q 71 -21.51 47.45 13.13
CA ILE Q 71 -21.26 46.05 12.81
C ILE Q 71 -22.20 45.61 11.68
N ALA Q 72 -21.76 44.63 10.91
CA ALA Q 72 -22.58 43.96 9.91
C ALA Q 72 -21.99 42.59 9.62
N GLY Q 73 -22.87 41.59 9.50
CA GLY Q 73 -22.42 40.26 9.13
C GLY Q 73 -22.70 39.18 10.15
N LEU Q 74 -21.66 38.51 10.63
CA LEU Q 74 -21.82 37.52 11.67
C LEU Q 74 -21.83 38.19 13.04
N THR Q 75 -22.43 37.51 14.01
CA THR Q 75 -22.51 38.05 15.36
C THR Q 75 -21.58 37.37 16.35
N ALA Q 76 -21.23 36.11 16.11
CA ALA Q 76 -20.25 35.44 16.97
C ALA Q 76 -18.88 36.07 16.80
N ASP Q 77 -18.46 36.30 15.55
CA ASP Q 77 -17.21 37.00 15.31
C ASP Q 77 -17.30 38.45 15.75
N ALA Q 78 -18.49 39.04 15.68
CA ALA Q 78 -18.71 40.40 16.17
C ALA Q 78 -18.43 40.50 17.66
N ARG Q 79 -19.00 39.58 18.43
CA ARG Q 79 -18.78 39.60 19.87
C ARG Q 79 -17.38 39.14 20.21
N LEU Q 80 -16.77 38.32 19.35
CA LEU Q 80 -15.40 37.89 19.56
C LEU Q 80 -14.43 39.07 19.44
N LEU Q 81 -14.56 39.82 18.35
CA LEU Q 81 -13.77 41.02 18.17
C LEU Q 81 -14.17 42.12 19.15
N CYS Q 82 -15.41 42.10 19.64
CA CYS Q 82 -15.81 43.02 20.70
C CYS Q 82 -15.06 42.74 21.99
N ASN Q 83 -15.01 41.47 22.39
CA ASN Q 83 -14.29 41.10 23.62
C ASN Q 83 -12.80 41.36 23.47
N PHE Q 84 -12.24 41.05 22.30
CA PHE Q 84 -10.84 41.37 22.05
C PHE Q 84 -10.60 42.88 22.05
N MET Q 85 -11.57 43.65 21.55
CA MET Q 85 -11.46 45.10 21.51
C MET Q 85 -11.46 45.69 22.91
N ARG Q 86 -12.43 45.27 23.72
CA ARG Q 86 -12.53 45.71 25.11
C ARG Q 86 -11.31 45.28 25.90
N GLN Q 87 -10.81 44.07 25.59
CA GLN Q 87 -9.63 43.57 26.28
C GLN Q 87 -8.40 44.42 25.97
N GLU Q 88 -8.17 44.74 24.69
CA GLU Q 88 -7.00 45.54 24.33
C GLU Q 88 -7.14 46.99 24.81
N CYS Q 89 -8.39 47.46 24.94
CA CYS Q 89 -8.62 48.77 25.50
C CYS Q 89 -8.28 48.78 26.97
N LEU Q 90 -8.80 47.82 27.73
CA LEU Q 90 -8.52 47.87 29.16
C LEU Q 90 -7.10 47.46 29.45
N ASP Q 91 -6.44 46.78 28.50
CA ASP Q 91 -5.02 46.49 28.63
C ASP Q 91 -4.20 47.76 28.61
N SER Q 92 -4.38 48.57 27.58
CA SER Q 92 -3.62 49.81 27.55
C SER Q 92 -4.12 50.83 28.57
N ARG Q 93 -5.41 50.80 28.90
CA ARG Q 93 -5.96 51.62 29.98
C ARG Q 93 -5.38 51.25 31.33
N PHE Q 94 -5.01 49.98 31.51
CA PHE Q 94 -4.31 49.57 32.72
C PHE Q 94 -2.87 50.02 32.67
N VAL Q 95 -2.17 49.70 31.59
CA VAL Q 95 -0.72 49.85 31.57
C VAL Q 95 -0.34 51.32 31.43
N PHE Q 96 -0.77 51.96 30.35
CA PHE Q 96 -0.30 53.30 30.08
C PHE Q 96 -1.09 54.37 30.81
N ASP Q 97 -2.25 54.02 31.36
CA ASP Q 97 -3.18 54.93 32.03
C ASP Q 97 -3.56 56.10 31.14
N ARG Q 98 -3.85 55.79 29.87
CA ARG Q 98 -4.33 56.77 28.93
C ARG Q 98 -5.38 56.13 28.04
N PRO Q 99 -6.25 56.93 27.42
CA PRO Q 99 -7.10 56.39 26.37
C PRO Q 99 -6.28 56.07 25.12
N LEU Q 100 -6.72 55.06 24.41
CA LEU Q 100 -6.03 54.62 23.21
C LEU Q 100 -6.28 55.54 22.01
N PRO Q 101 -5.25 55.84 21.24
CA PRO Q 101 -5.46 56.34 19.89
C PRO Q 101 -6.11 55.25 19.05
N VAL Q 102 -6.86 55.67 18.05
CA VAL Q 102 -7.71 54.70 17.37
C VAL Q 102 -6.91 53.90 16.34
N SER Q 103 -5.91 54.54 15.73
CA SER Q 103 -5.18 53.93 14.62
C SER Q 103 -4.37 52.71 15.05
N ARG Q 104 -3.73 52.78 16.22
CA ARG Q 104 -2.99 51.60 16.69
C ARG Q 104 -3.93 50.48 17.09
N LEU Q 105 -5.13 50.83 17.57
CA LEU Q 105 -6.11 49.79 17.89
C LEU Q 105 -6.58 49.08 16.63
N VAL Q 106 -6.80 49.83 15.56
CA VAL Q 106 -7.28 49.21 14.33
C VAL Q 106 -6.16 48.47 13.62
N SER Q 107 -4.91 48.91 13.81
CA SER Q 107 -3.77 48.12 13.35
C SER Q 107 -3.70 46.80 14.10
N LEU Q 108 -4.00 46.82 15.40
CA LEU Q 108 -4.07 45.57 16.15
C LEU Q 108 -5.24 44.71 15.69
N ILE Q 109 -6.31 45.34 15.23
CA ILE Q 109 -7.45 44.59 14.68
C ILE Q 109 -7.06 43.89 13.39
N GLY Q 110 -6.32 44.59 12.53
CA GLY Q 110 -5.85 43.99 11.31
C GLY Q 110 -4.87 42.86 11.57
N SER Q 111 -3.97 43.07 12.53
CA SER Q 111 -3.02 42.01 12.89
C SER Q 111 -3.71 40.85 13.58
N LYS Q 112 -4.84 41.10 14.23
CA LYS Q 112 -5.63 40.02 14.82
C LYS Q 112 -6.31 39.21 13.73
N THR Q 113 -6.90 39.88 12.77
CA THR Q 113 -7.64 39.20 11.72
C THR Q 113 -6.72 38.73 10.59
N GLN Q 114 -5.41 38.94 10.71
CA GLN Q 114 -4.50 38.44 9.69
C GLN Q 114 -4.36 36.93 9.79
N ILE Q 115 -4.14 36.42 11.01
CA ILE Q 115 -3.91 34.97 11.20
C ILE Q 115 -5.05 34.08 10.68
N PRO Q 116 -6.33 34.35 10.91
CA PRO Q 116 -7.36 33.49 10.28
C PRO Q 116 -7.51 33.67 8.78
N THR Q 117 -6.71 34.51 8.14
CA THR Q 117 -6.75 34.69 6.70
C THR Q 117 -5.52 34.13 6.03
N GLN Q 118 -4.64 33.50 6.78
CA GLN Q 118 -3.46 32.97 6.11
C GLN Q 118 -3.17 31.52 6.44
N ARG Q 119 -3.31 31.11 7.69
CA ARG Q 119 -3.08 29.71 8.00
C ARG Q 119 -4.32 28.90 7.65
N TYR Q 120 -4.23 27.59 7.82
CA TYR Q 120 -5.39 26.74 7.61
C TYR Q 120 -6.00 26.44 8.97
N GLY Q 121 -7.33 26.46 9.02
CA GLY Q 121 -8.06 26.03 10.20
C GLY Q 121 -8.91 27.09 10.84
N ARG Q 122 -8.96 28.31 10.31
CA ARG Q 122 -9.91 29.32 10.77
C ARG Q 122 -10.50 30.01 9.56
N ARG Q 123 -11.67 30.48 9.72
CA ARG Q 123 -12.30 31.21 8.64
C ARG Q 123 -12.00 32.70 8.73
N PRO Q 124 -12.05 33.41 7.61
CA PRO Q 124 -12.02 34.88 7.67
C PRO Q 124 -13.26 35.40 8.37
N TYR Q 125 -13.08 36.49 9.09
CA TYR Q 125 -14.15 37.02 9.93
C TYR Q 125 -15.14 37.83 9.13
N GLY Q 126 -16.39 37.37 9.07
CA GLY Q 126 -17.47 38.12 8.48
C GLY Q 126 -17.86 39.22 9.43
N VAL Q 127 -17.49 40.45 9.11
CA VAL Q 127 -17.51 41.54 10.09
C VAL Q 127 -17.66 42.85 9.34
N GLY Q 128 -18.35 43.81 9.98
CA GLY Q 128 -18.70 45.04 9.30
C GLY Q 128 -18.41 46.30 10.08
N LEU Q 129 -17.25 46.34 10.75
CA LEU Q 129 -16.93 47.38 11.73
C LEU Q 129 -16.93 48.77 11.12
N LEU Q 130 -17.58 49.70 11.81
CA LEU Q 130 -17.46 51.13 11.53
C LEU Q 130 -17.05 51.77 12.84
N ILE Q 131 -15.82 52.27 12.92
CA ILE Q 131 -15.25 52.66 14.20
C ILE Q 131 -15.17 54.17 14.29
N ALA Q 132 -15.68 54.71 15.39
CA ALA Q 132 -15.62 56.13 15.72
C ALA Q 132 -14.83 56.33 16.99
N GLY Q 133 -13.96 57.33 17.02
CA GLY Q 133 -13.11 57.48 18.19
C GLY Q 133 -12.58 58.89 18.34
N TYR Q 134 -11.78 59.07 19.39
CA TYR Q 134 -11.12 60.35 19.68
C TYR Q 134 -9.71 60.12 20.20
N ASP Q 135 -8.74 60.42 19.36
CA ASP Q 135 -7.37 60.65 19.79
C ASP Q 135 -7.20 62.15 20.03
N ASP Q 136 -5.96 62.62 20.12
CA ASP Q 136 -5.71 64.04 20.33
C ASP Q 136 -6.11 64.89 19.13
N MET Q 137 -6.17 64.31 17.93
CA MET Q 137 -6.44 65.06 16.71
C MET Q 137 -7.86 64.91 16.21
N GLY Q 138 -8.83 64.64 17.07
CA GLY Q 138 -10.21 64.78 16.68
C GLY Q 138 -10.87 63.47 16.30
N PRO Q 139 -12.06 63.55 15.70
CA PRO Q 139 -12.80 62.33 15.38
C PRO Q 139 -12.17 61.56 14.23
N HIS Q 140 -12.35 60.25 14.26
CA HIS Q 140 -11.89 59.38 13.18
C HIS Q 140 -13.01 58.41 12.85
N ILE Q 141 -13.23 58.17 11.57
CA ILE Q 141 -14.20 57.19 11.10
C ILE Q 141 -13.44 56.17 10.26
N PHE Q 142 -13.17 55.01 10.85
CA PHE Q 142 -12.49 53.94 10.14
C PHE Q 142 -13.52 52.87 9.77
N GLN Q 143 -13.20 52.10 8.73
CA GLN Q 143 -13.93 50.89 8.44
C GLN Q 143 -12.97 49.73 8.25
N THR Q 144 -13.49 48.52 8.45
CA THR Q 144 -12.70 47.31 8.25
C THR Q 144 -13.24 46.55 7.05
N CYS Q 145 -12.68 45.36 6.86
CA CYS Q 145 -13.15 44.41 5.86
C CYS Q 145 -12.70 43.02 6.30
N PRO Q 146 -13.32 41.96 5.79
CA PRO Q 146 -12.82 40.62 6.12
C PRO Q 146 -11.44 40.33 5.55
N SER Q 147 -10.96 41.13 4.61
CA SER Q 147 -9.60 41.02 4.11
C SER Q 147 -8.62 41.80 4.96
N ALA Q 148 -9.07 42.38 6.08
CA ALA Q 148 -8.28 43.16 7.03
C ALA Q 148 -7.63 44.38 6.41
N ASN Q 149 -8.13 44.86 5.28
CA ASN Q 149 -7.56 46.04 4.64
C ASN Q 149 -8.37 47.24 5.11
N TYR Q 150 -8.06 47.68 6.32
CA TYR Q 150 -8.87 48.70 6.95
C TYR Q 150 -8.63 50.04 6.28
N PHE Q 151 -9.70 50.82 6.22
CA PHE Q 151 -9.67 52.09 5.52
C PHE Q 151 -9.95 53.21 6.49
N ASP Q 152 -9.41 54.38 6.19
CA ASP Q 152 -9.87 55.60 6.82
C ASP Q 152 -10.63 56.41 5.79
N CYS Q 153 -11.71 57.04 6.24
CA CYS Q 153 -12.54 57.82 5.36
C CYS Q 153 -12.88 59.13 6.06
N ARG Q 154 -13.84 59.82 5.48
CA ARG Q 154 -14.59 60.86 6.15
C ARG Q 154 -16.07 60.54 6.23
N ALA Q 155 -16.59 59.68 5.36
CA ALA Q 155 -17.95 59.16 5.46
C ALA Q 155 -18.06 57.88 4.64
N MET Q 156 -18.36 56.75 5.29
CA MET Q 156 -18.62 55.49 4.62
C MET Q 156 -20.00 54.95 5.00
N SER Q 157 -20.35 53.86 4.33
CA SER Q 157 -21.64 53.20 4.52
C SER Q 157 -21.50 51.79 3.96
N ILE Q 158 -21.75 50.78 4.79
CA ILE Q 158 -21.68 49.39 4.37
C ILE Q 158 -22.97 48.68 4.75
N GLY Q 159 -23.23 47.59 4.04
CA GLY Q 159 -24.40 46.76 4.27
C GLY Q 159 -25.17 46.58 2.98
N ALA Q 160 -26.44 46.21 3.12
CA ALA Q 160 -27.30 46.00 1.96
C ALA Q 160 -27.74 47.32 1.37
N ARG Q 161 -27.80 47.36 0.02
CA ARG Q 161 -28.13 48.51 -0.84
C ARG Q 161 -27.53 49.84 -0.39
N SER Q 162 -26.28 49.81 0.06
CA SER Q 162 -25.65 50.96 0.69
C SER Q 162 -25.04 51.91 -0.33
N GLN Q 163 -25.30 51.69 -1.62
CA GLN Q 163 -24.62 52.45 -2.65
C GLN Q 163 -25.32 53.77 -2.89
N SER Q 164 -26.65 53.80 -2.81
CA SER Q 164 -27.39 55.05 -2.86
C SER Q 164 -27.01 55.96 -1.69
N ALA Q 165 -26.73 55.34 -0.54
CA ALA Q 165 -26.14 56.05 0.58
C ALA Q 165 -24.82 56.67 0.19
N ARG Q 166 -24.00 55.93 -0.57
CA ARG Q 166 -22.70 56.44 -0.98
C ARG Q 166 -22.84 57.60 -1.96
N THR Q 167 -23.86 57.55 -2.82
CA THR Q 167 -24.13 58.68 -3.71
C THR Q 167 -24.53 59.92 -2.93
N TYR Q 168 -25.33 59.72 -1.88
CA TYR Q 168 -25.71 60.85 -1.01
C TYR Q 168 -24.48 61.39 -0.30
N LEU Q 169 -23.59 60.49 0.12
CA LEU Q 169 -22.35 60.90 0.78
C LEU Q 169 -21.43 61.62 -0.19
N GLU Q 170 -21.46 61.24 -1.48
CA GLU Q 170 -20.71 61.98 -2.49
C GLU Q 170 -21.24 63.39 -2.65
N ARG Q 171 -22.56 63.53 -2.72
CA ARG Q 171 -23.12 64.85 -2.96
C ARG Q 171 -23.31 65.67 -1.69
N HIS Q 172 -22.88 65.16 -0.52
CA HIS Q 172 -22.86 66.03 0.65
C HIS Q 172 -21.58 65.94 1.47
N MET Q 173 -20.52 65.27 0.99
CA MET Q 173 -19.29 65.20 1.76
C MET Q 173 -18.58 66.55 1.87
N SER Q 174 -18.86 67.46 0.94
CA SER Q 174 -18.35 68.82 1.10
C SER Q 174 -19.14 69.56 2.16
N GLU Q 175 -20.42 69.27 2.27
CA GLU Q 175 -21.30 69.94 3.21
C GLU Q 175 -21.19 69.41 4.62
N PHE Q 176 -20.64 68.20 4.78
CA PHE Q 176 -20.57 67.55 6.09
C PHE Q 176 -19.69 68.28 7.09
N MET Q 177 -18.64 68.95 6.62
CA MET Q 177 -17.52 69.28 7.49
C MET Q 177 -17.82 70.43 8.46
N GLU Q 178 -18.87 71.20 8.21
CA GLU Q 178 -19.05 72.46 8.94
C GLU Q 178 -20.07 72.40 10.08
N CYS Q 179 -20.99 71.45 10.05
CA CYS Q 179 -22.21 71.55 10.82
C CYS Q 179 -22.07 70.96 12.22
N ASN Q 180 -23.05 71.27 13.06
CA ASN Q 180 -23.04 70.75 14.43
C ASN Q 180 -23.78 69.40 14.44
N LEU Q 181 -24.17 68.91 15.61
CA LEU Q 181 -24.61 67.53 15.76
C LEU Q 181 -25.95 67.25 15.06
N ASN Q 182 -26.91 68.17 15.17
CA ASN Q 182 -28.29 67.85 14.85
C ASN Q 182 -28.51 67.64 13.35
N GLU Q 183 -28.10 68.60 12.52
CA GLU Q 183 -28.26 68.39 11.09
C GLU Q 183 -27.29 67.35 10.55
N LEU Q 184 -26.19 67.09 11.26
CA LEU Q 184 -25.29 66.00 10.90
C LEU Q 184 -26.01 64.65 11.03
N VAL Q 185 -26.66 64.43 12.18
CA VAL Q 185 -27.44 63.21 12.41
C VAL Q 185 -28.58 63.11 11.40
N LYS Q 186 -29.22 64.24 11.07
CA LYS Q 186 -30.27 64.11 10.07
C LYS Q 186 -29.74 63.97 8.64
N HIS Q 187 -28.47 64.31 8.37
CA HIS Q 187 -27.87 63.86 7.11
C HIS Q 187 -27.64 62.36 7.12
N GLY Q 188 -27.26 61.82 8.28
CA GLY Q 188 -27.08 60.38 8.39
C GLY Q 188 -28.37 59.62 8.12
N LEU Q 189 -29.46 60.09 8.70
CA LEU Q 189 -30.72 59.43 8.35
C LEU Q 189 -31.32 59.88 7.02
N ARG Q 190 -30.88 61.01 6.44
CA ARG Q 190 -31.10 61.25 5.02
C ARG Q 190 -30.14 60.48 4.13
N ALA Q 191 -29.34 59.60 4.70
CA ALA Q 191 -28.78 58.49 3.95
C ALA Q 191 -29.58 57.21 4.22
N LEU Q 192 -29.99 57.01 5.47
CA LEU Q 192 -30.72 55.79 5.79
C LEU Q 192 -32.11 55.72 5.16
N ARG Q 193 -32.75 56.87 4.92
CA ARG Q 193 -34.06 56.82 4.29
C ARG Q 193 -33.97 56.59 2.79
N GLU Q 194 -32.75 56.53 2.24
CA GLU Q 194 -32.49 56.04 0.89
C GLU Q 194 -31.85 54.67 0.91
N THR Q 195 -31.42 54.18 2.06
CA THR Q 195 -31.07 52.77 2.16
C THR Q 195 -32.31 51.86 2.25
N LEU Q 196 -33.52 52.41 2.10
CA LEU Q 196 -34.73 51.64 2.23
C LEU Q 196 -35.51 51.71 0.93
N PRO Q 197 -36.29 50.68 0.62
CA PRO Q 197 -37.24 50.80 -0.49
C PRO Q 197 -38.33 51.82 -0.18
N ALA Q 198 -38.87 52.41 -1.25
CA ALA Q 198 -39.60 53.66 -1.12
C ALA Q 198 -41.02 53.48 -0.59
N GLU Q 199 -41.52 52.25 -0.52
CA GLU Q 199 -42.89 52.01 -0.13
C GLU Q 199 -43.08 51.87 1.38
N GLN Q 200 -42.03 52.09 2.17
CA GLN Q 200 -42.13 52.04 3.62
C GLN Q 200 -41.23 53.12 4.18
N ASP Q 201 -41.51 53.53 5.41
CA ASP Q 201 -40.80 54.64 6.01
C ASP Q 201 -40.11 54.20 7.31
N LEU Q 202 -38.96 54.83 7.58
CA LEU Q 202 -38.20 54.62 8.80
C LEU Q 202 -38.99 55.09 10.01
N THR Q 203 -39.26 54.16 10.92
CA THR Q 203 -39.98 54.43 12.15
C THR Q 203 -39.01 54.65 13.31
N THR Q 204 -39.55 54.64 14.54
CA THR Q 204 -38.69 54.84 15.71
C THR Q 204 -37.85 53.61 16.00
N LYS Q 205 -38.52 52.46 16.21
CA LYS Q 205 -37.97 51.27 16.83
C LYS Q 205 -36.90 50.57 16.01
N ASN Q 206 -36.68 50.99 14.77
CA ASN Q 206 -35.79 50.29 13.87
C ASN Q 206 -34.49 51.02 13.59
N VAL Q 207 -34.28 52.19 14.19
CA VAL Q 207 -33.11 53.00 13.88
C VAL Q 207 -32.31 53.18 15.17
N SER Q 208 -31.00 53.37 15.03
CA SER Q 208 -30.13 53.57 16.18
C SER Q 208 -29.01 54.53 15.85
N ILE Q 209 -28.66 55.38 16.81
CA ILE Q 209 -27.73 56.48 16.60
C ILE Q 209 -26.75 56.46 17.77
N GLY Q 210 -25.46 56.53 17.47
CA GLY Q 210 -24.46 56.62 18.51
C GLY Q 210 -23.50 57.77 18.28
N ILE Q 211 -23.49 58.77 19.16
CA ILE Q 211 -22.65 59.95 19.01
C ILE Q 211 -21.48 59.85 19.98
N VAL Q 212 -20.28 60.11 19.48
CA VAL Q 212 -19.14 60.40 20.35
C VAL Q 212 -18.66 61.81 19.99
N GLY Q 213 -18.29 62.58 21.01
CA GLY Q 213 -17.90 63.95 20.83
C GLY Q 213 -16.54 64.21 21.46
N LYS Q 214 -15.97 65.37 21.10
CA LYS Q 214 -14.63 65.71 21.58
C LYS Q 214 -14.65 65.98 23.07
N ASP Q 215 -15.79 66.44 23.59
CA ASP Q 215 -16.02 66.49 25.02
C ASP Q 215 -17.13 65.56 25.45
N LEU Q 216 -17.76 64.84 24.52
CA LEU Q 216 -18.93 64.03 24.81
C LEU Q 216 -18.57 62.56 24.78
N GLU Q 217 -18.91 61.86 25.86
CA GLU Q 217 -18.66 60.42 25.94
C GLU Q 217 -19.57 59.67 24.98
N PHE Q 218 -19.10 58.50 24.53
CA PHE Q 218 -19.83 57.72 23.54
C PHE Q 218 -21.14 57.20 24.13
N THR Q 219 -22.25 57.47 23.46
CA THR Q 219 -23.55 57.15 24.01
C THR Q 219 -24.46 56.65 22.90
N ILE Q 220 -25.19 55.60 23.20
CA ILE Q 220 -26.13 54.99 22.27
C ILE Q 220 -27.50 55.54 22.62
N TYR Q 221 -28.37 55.65 21.63
CA TYR Q 221 -29.71 56.18 21.82
C TYR Q 221 -30.72 55.27 21.14
N ASP Q 222 -31.91 55.19 21.74
CA ASP Q 222 -32.95 54.30 21.26
C ASP Q 222 -34.33 54.86 21.57
N ASP Q 223 -34.95 55.42 20.52
CA ASP Q 223 -36.36 55.79 20.39
C ASP Q 223 -36.76 57.03 21.18
N ASP Q 224 -36.03 57.38 22.24
CA ASP Q 224 -36.50 58.37 23.20
C ASP Q 224 -35.69 59.64 23.20
N ASP Q 225 -34.38 59.51 23.02
CA ASP Q 225 -33.58 60.60 22.49
C ASP Q 225 -33.42 60.47 20.99
N VAL Q 226 -34.24 59.62 20.37
CA VAL Q 226 -34.34 59.56 18.92
C VAL Q 226 -35.65 60.16 18.40
N SER Q 227 -36.75 60.11 19.18
CA SER Q 227 -37.90 60.96 18.89
C SER Q 227 -37.57 62.45 18.75
N PRO Q 228 -36.58 63.04 19.46
CA PRO Q 228 -36.11 64.36 19.04
C PRO Q 228 -35.38 64.36 17.70
N PHE Q 229 -34.71 63.27 17.35
CA PHE Q 229 -33.92 63.23 16.13
C PHE Q 229 -34.78 62.96 14.91
N LEU Q 230 -35.95 62.36 15.09
CA LEU Q 230 -36.78 61.99 13.94
C LEU Q 230 -37.66 63.12 13.45
N GLU Q 231 -37.94 64.11 14.27
CA GLU Q 231 -38.63 65.29 13.76
C GLU Q 231 -37.62 66.28 13.22
N GLY Q 232 -38.11 67.19 12.39
CA GLY Q 232 -37.22 68.01 11.58
C GLY Q 232 -36.98 67.42 10.22
N LEU Q 233 -37.97 66.74 9.63
CA LEU Q 233 -37.86 66.12 8.33
C LEU Q 233 -39.07 66.47 7.49
N GLU Q 234 -38.89 66.35 6.18
CA GLU Q 234 -39.99 66.37 5.21
C GLU Q 234 -40.12 64.99 4.58
N GLU Q 235 -41.14 64.84 3.74
CA GLU Q 235 -41.30 63.59 3.00
C GLU Q 235 -40.26 63.48 1.89
N ARG Q 236 -40.14 62.26 1.36
CA ARG Q 236 -39.32 62.04 0.19
C ARG Q 236 -39.96 62.68 -1.04
N PRO Q 237 -39.15 63.13 -2.02
CA PRO Q 237 -39.74 63.75 -3.23
C PRO Q 237 -40.44 62.78 -4.17
N GLN Q 238 -41.68 62.43 -3.84
CA GLN Q 238 -42.47 61.55 -4.69
C GLN Q 238 -43.02 62.30 -5.91
N THR R 5 -2.19 22.51 -14.15
CA THR R 5 -2.94 21.55 -15.00
C THR R 5 -2.41 20.13 -14.76
N GLY R 6 -2.67 19.58 -13.57
CA GLY R 6 -2.21 18.22 -13.22
C GLY R 6 -1.88 18.12 -11.74
N TYR R 7 -1.06 19.04 -11.23
CA TYR R 7 -0.66 19.04 -9.80
C TYR R 7 -0.08 20.42 -9.44
N ASP R 8 -0.91 21.31 -8.89
CA ASP R 8 -0.47 22.67 -8.49
C ASP R 8 -1.19 23.09 -7.21
N LEU R 9 -1.67 22.11 -6.44
CA LEU R 9 -2.36 22.40 -5.19
C LEU R 9 -1.42 22.76 -4.05
N SER R 10 -0.54 21.84 -3.67
CA SER R 10 0.24 22.08 -2.46
C SER R 10 1.50 22.87 -2.76
N ALA R 11 2.03 23.52 -1.71
CA ALA R 11 3.27 24.25 -1.78
C ALA R 11 4.48 23.39 -1.44
N SER R 12 4.27 22.11 -1.18
CA SER R 12 5.35 21.19 -0.90
C SER R 12 5.71 20.35 -2.12
N THR R 13 4.74 20.15 -3.00
CA THR R 13 4.89 19.19 -4.09
C THR R 13 5.64 19.82 -5.25
N PHE R 14 6.31 18.97 -6.01
CA PHE R 14 6.95 19.35 -7.25
C PHE R 14 6.09 18.95 -8.44
N SER R 15 6.52 19.35 -9.60
CA SER R 15 5.84 19.17 -10.85
C SER R 15 6.55 18.08 -11.64
N PRO R 16 5.93 17.55 -12.69
CA PRO R 16 6.69 16.67 -13.60
C PRO R 16 7.83 17.35 -14.32
N ASP R 17 7.90 18.67 -14.37
CA ASP R 17 9.06 19.33 -14.94
C ASP R 17 9.89 20.09 -13.91
N GLY R 18 9.44 20.16 -12.66
CA GLY R 18 10.34 20.43 -11.55
C GLY R 18 10.17 21.75 -10.83
N ARG R 19 9.09 22.49 -11.04
CA ARG R 19 8.92 23.77 -10.37
C ARG R 19 7.63 23.77 -9.57
N VAL R 20 7.54 24.73 -8.66
CA VAL R 20 6.38 24.89 -7.79
C VAL R 20 5.45 25.94 -8.38
N PHE R 21 4.24 25.51 -8.75
CA PHE R 21 3.29 26.41 -9.39
C PHE R 21 2.63 27.35 -8.41
N GLN R 22 2.66 27.03 -7.11
CA GLN R 22 2.18 27.94 -6.09
C GLN R 22 3.00 29.22 -6.07
N VAL R 23 4.32 29.09 -6.21
CA VAL R 23 5.19 30.25 -6.16
C VAL R 23 5.01 31.12 -7.38
N GLU R 24 4.76 30.52 -8.55
CA GLU R 24 4.52 31.29 -9.77
C GLU R 24 3.22 32.08 -9.67
N TYR R 25 2.17 31.42 -9.19
CA TYR R 25 0.87 32.06 -9.04
C TYR R 25 0.91 33.17 -8.00
N ALA R 26 1.74 33.00 -6.97
CA ALA R 26 1.90 34.08 -6.01
C ALA R 26 2.75 35.20 -6.57
N MET R 27 3.71 34.88 -7.45
CA MET R 27 4.51 35.92 -8.10
C MET R 27 3.68 36.80 -9.02
N LYS R 28 2.79 36.20 -9.80
CA LYS R 28 1.96 37.01 -10.68
C LYS R 28 0.70 37.53 -10.00
N ALA R 29 0.57 37.34 -8.68
CA ALA R 29 -0.45 38.05 -7.95
C ALA R 29 -0.09 39.52 -7.79
N VAL R 30 1.18 39.81 -7.53
CA VAL R 30 1.64 41.19 -7.35
C VAL R 30 1.68 41.94 -8.67
N GLU R 31 1.62 41.23 -9.80
CA GLU R 31 1.63 41.87 -11.10
C GLU R 31 0.40 42.74 -11.31
N ASN R 32 -0.73 42.33 -10.73
CA ASN R 32 -1.92 43.16 -10.85
C ASN R 32 -1.91 44.33 -9.88
N SER R 33 -0.97 44.39 -8.94
CA SER R 33 -0.95 45.43 -7.93
C SER R 33 -0.42 46.73 -8.53
N SER R 34 -0.43 47.78 -7.72
CA SER R 34 -0.04 49.12 -8.15
C SER R 34 1.44 49.18 -8.49
N THR R 35 1.80 50.14 -9.33
CA THR R 35 3.18 50.26 -9.78
C THR R 35 4.00 50.98 -8.72
N ALA R 36 5.10 50.36 -8.31
CA ALA R 36 6.00 50.91 -7.30
C ALA R 36 7.44 50.75 -7.76
N ILE R 37 8.17 51.86 -7.85
CA ILE R 37 9.54 51.84 -8.32
C ILE R 37 10.46 52.35 -7.20
N GLY R 38 11.75 52.22 -7.45
CA GLY R 38 12.76 52.79 -6.56
C GLY R 38 14.06 52.92 -7.30
N ILE R 39 14.88 53.85 -6.82
CA ILE R 39 16.17 54.17 -7.43
C ILE R 39 17.01 54.85 -6.36
N ARG R 40 18.33 54.59 -6.40
CA ARG R 40 19.24 55.27 -5.50
C ARG R 40 20.11 56.23 -6.28
N CYS R 41 20.60 57.23 -5.56
CA CYS R 41 21.56 58.20 -6.07
C CYS R 41 22.87 58.00 -5.33
N LYS R 42 23.83 58.90 -5.55
CA LYS R 42 25.12 58.73 -4.90
C LYS R 42 25.11 59.13 -3.43
N ASP R 43 24.03 59.76 -2.94
CA ASP R 43 23.93 60.01 -1.51
C ASP R 43 22.51 59.75 -0.97
N GLY R 44 21.80 58.80 -1.56
CA GLY R 44 20.50 58.47 -1.00
C GLY R 44 19.71 57.55 -1.89
N VAL R 45 18.57 57.10 -1.34
CA VAL R 45 17.67 56.17 -2.01
C VAL R 45 16.30 56.85 -2.02
N VAL R 46 15.64 56.84 -3.17
CA VAL R 46 14.34 57.47 -3.36
C VAL R 46 13.31 56.43 -3.73
N PHE R 47 12.17 56.44 -3.04
CA PHE R 47 11.03 55.58 -3.37
C PHE R 47 9.94 56.40 -4.06
N GLY R 48 9.02 55.69 -4.69
CA GLY R 48 7.90 56.30 -5.36
C GLY R 48 6.86 55.28 -5.76
N VAL R 49 5.60 55.54 -5.43
CA VAL R 49 4.51 54.57 -5.63
C VAL R 49 3.37 55.26 -6.34
N GLU R 50 2.95 54.71 -7.47
CA GLU R 50 1.70 55.13 -8.10
C GLU R 50 0.53 54.59 -7.29
N LYS R 51 -0.17 55.47 -6.57
CA LYS R 51 -1.25 55.03 -5.70
C LYS R 51 -2.56 55.59 -6.25
N LEU R 52 -3.60 54.79 -6.23
CA LEU R 52 -4.84 55.16 -6.89
C LEU R 52 -5.98 55.29 -5.90
N VAL R 53 -6.82 56.31 -6.11
CA VAL R 53 -8.05 56.43 -5.34
C VAL R 53 -9.06 55.50 -6.00
N LEU R 54 -9.89 54.84 -5.18
CA LEU R 54 -10.91 53.94 -5.71
C LEU R 54 -11.93 54.60 -6.61
N SER R 55 -12.85 55.39 -6.05
CA SER R 55 -13.53 56.40 -6.86
C SER R 55 -13.49 57.77 -6.22
N LYS R 56 -14.16 57.90 -5.07
CA LYS R 56 -14.17 59.18 -4.35
C LYS R 56 -14.29 58.92 -2.84
N LEU R 57 -13.87 57.75 -2.37
CA LEU R 57 -14.24 57.30 -1.05
C LEU R 57 -13.05 57.26 -0.12
N TYR R 58 -11.89 57.65 -0.61
CA TYR R 58 -10.64 57.52 0.10
C TYR R 58 -10.48 58.79 0.94
N GLU R 59 -9.30 59.05 1.52
CA GLU R 59 -9.10 60.30 2.24
C GLU R 59 -7.76 60.96 1.90
N GLU R 60 -6.99 60.38 0.98
CA GLU R 60 -5.65 60.83 0.56
C GLU R 60 -4.72 61.00 1.76
N GLY R 61 -4.31 59.85 2.29
CA GLY R 61 -3.55 59.83 3.52
C GLY R 61 -3.88 58.63 4.39
N SER R 62 -4.66 57.71 3.84
CA SER R 62 -4.87 56.42 4.46
C SER R 62 -3.86 55.41 3.91
N ASN R 63 -3.82 54.23 4.55
CA ASN R 63 -3.18 52.96 4.17
C ASN R 63 -1.90 53.06 3.35
N LYS R 64 -0.99 53.93 3.77
CA LYS R 64 0.17 54.30 2.98
C LYS R 64 1.13 53.12 2.86
N ARG R 65 1.40 52.71 1.62
CA ARG R 65 2.29 51.58 1.38
C ARG R 65 3.73 51.92 1.73
N LEU R 66 4.08 53.19 1.79
CA LEU R 66 5.39 53.59 2.32
C LEU R 66 5.35 53.42 3.83
N PHE R 67 5.89 52.31 4.31
CA PHE R 67 5.98 52.04 5.73
C PHE R 67 7.25 52.70 6.29
N ASN R 68 7.61 52.38 7.53
CA ASN R 68 8.83 52.92 8.10
C ASN R 68 9.34 51.93 9.15
N VAL R 69 10.25 51.06 8.72
CA VAL R 69 10.58 49.87 9.52
C VAL R 69 11.56 50.23 10.65
N ASP R 70 12.75 50.68 10.28
CA ASP R 70 13.75 51.10 11.25
C ASP R 70 13.94 52.61 11.10
N ARG R 71 14.85 53.16 11.91
CA ARG R 71 15.13 54.59 11.89
C ARG R 71 15.67 55.04 10.53
N HIS R 72 16.28 54.12 9.78
CA HIS R 72 16.88 54.43 8.50
C HIS R 72 16.43 53.49 7.39
N VAL R 73 15.42 52.66 7.61
CA VAL R 73 14.96 51.68 6.63
C VAL R 73 13.44 51.75 6.58
N GLY R 74 12.89 51.78 5.37
CA GLY R 74 11.46 51.68 5.19
C GLY R 74 11.15 50.88 3.94
N MET R 75 9.91 50.45 3.85
CA MET R 75 9.45 49.59 2.77
C MET R 75 8.67 50.39 1.73
N ALA R 76 8.54 49.79 0.55
CA ALA R 76 7.85 50.39 -0.58
C ALA R 76 6.94 49.34 -1.21
N VAL R 77 6.10 48.73 -0.38
CA VAL R 77 5.41 47.48 -0.69
C VAL R 77 4.43 47.65 -1.84
N ALA R 78 4.08 46.52 -2.44
CA ALA R 78 3.05 46.44 -3.46
C ALA R 78 2.55 44.99 -3.47
N GLY R 79 1.24 44.84 -3.62
CA GLY R 79 0.63 43.53 -3.50
C GLY R 79 -0.50 43.55 -2.48
N LEU R 80 -0.67 42.43 -1.79
CA LEU R 80 -1.66 42.37 -0.72
C LEU R 80 -1.16 43.19 0.46
N LEU R 81 -2.00 44.10 0.95
CA LEU R 81 -1.51 45.11 1.87
C LEU R 81 -1.30 44.55 3.27
N ALA R 82 -2.23 43.72 3.74
CA ALA R 82 -2.17 43.22 5.11
C ALA R 82 -1.01 42.26 5.30
N ASP R 83 -0.71 41.44 4.28
CA ASP R 83 0.46 40.59 4.30
C ASP R 83 1.74 41.43 4.39
N ALA R 84 1.76 42.56 3.67
CA ALA R 84 2.87 43.49 3.77
C ALA R 84 2.95 44.14 5.14
N ARG R 85 1.80 44.36 5.80
CA ARG R 85 1.80 44.92 7.13
C ARG R 85 2.40 43.94 8.13
N SER R 86 2.02 42.67 8.02
CA SER R 86 2.58 41.63 8.88
C SER R 86 4.07 41.45 8.63
N LEU R 87 4.49 41.51 7.36
CA LEU R 87 5.89 41.36 7.06
C LEU R 87 6.69 42.56 7.56
N ALA R 88 6.09 43.76 7.50
CA ALA R 88 6.73 44.94 8.06
C ALA R 88 6.88 44.83 9.57
N ASP R 89 5.89 44.24 10.23
CA ASP R 89 6.00 44.01 11.67
C ASP R 89 7.12 43.01 11.98
N ILE R 90 7.27 41.99 11.15
CA ILE R 90 8.37 41.03 11.32
C ILE R 90 9.71 41.70 11.12
N ALA R 91 9.79 42.61 10.14
CA ALA R 91 11.03 43.35 9.92
C ALA R 91 11.34 44.29 11.07
N ARG R 92 10.32 44.95 11.63
CA ARG R 92 10.50 45.77 12.83
C ARG R 92 11.00 44.92 14.00
N GLU R 93 10.47 43.70 14.12
CA GLU R 93 10.89 42.79 15.18
C GLU R 93 12.35 42.35 15.00
N GLU R 94 12.76 42.14 13.75
CA GLU R 94 14.12 41.69 13.50
C GLU R 94 15.12 42.81 13.77
N ALA R 95 14.79 44.03 13.32
CA ALA R 95 15.61 45.18 13.67
C ALA R 95 15.62 45.45 15.16
N SER R 96 14.52 45.12 15.84
CA SER R 96 14.46 45.24 17.30
C SER R 96 15.42 44.29 17.97
N ASN R 97 15.45 43.02 17.52
CA ASN R 97 16.40 42.06 18.09
C ASN R 97 17.83 42.48 17.83
N PHE R 98 18.11 43.01 16.64
CA PHE R 98 19.48 43.38 16.35
C PHE R 98 19.92 44.58 17.18
N ARG R 99 19.05 45.60 17.30
CA ARG R 99 19.35 46.76 18.13
C ARG R 99 19.48 46.36 19.59
N SER R 100 18.72 45.36 20.03
CA SER R 100 18.81 44.95 21.41
C SER R 100 20.01 44.08 21.68
N ASN R 101 20.51 43.38 20.66
CA ASN R 101 21.60 42.45 20.89
C ASN R 101 22.98 42.98 20.53
N PHE R 102 23.08 44.03 19.71
CA PHE R 102 24.40 44.47 19.29
C PHE R 102 24.67 45.96 19.40
N GLY R 103 23.66 46.77 19.68
CA GLY R 103 23.88 48.15 20.06
C GLY R 103 24.12 49.12 18.92
N TYR R 104 23.87 48.72 17.67
CA TYR R 104 24.06 49.62 16.55
C TYR R 104 23.08 49.25 15.44
N ASN R 105 23.10 50.04 14.37
CA ASN R 105 22.12 49.92 13.30
C ASN R 105 22.36 48.67 12.45
N ILE R 106 21.27 48.02 12.08
CA ILE R 106 21.31 46.79 11.31
C ILE R 106 21.83 47.05 9.90
N PRO R 107 22.80 46.28 9.41
CA PRO R 107 23.17 46.37 8.00
C PRO R 107 22.08 45.76 7.15
N LEU R 108 21.90 46.31 5.96
CA LEU R 108 20.71 45.99 5.16
C LEU R 108 20.82 44.61 4.55
N LYS R 109 22.05 44.15 4.32
CA LYS R 109 22.27 42.79 3.82
C LYS R 109 21.77 41.76 4.82
N HIS R 110 22.11 41.93 6.10
CA HIS R 110 21.72 40.97 7.11
C HIS R 110 20.21 40.99 7.34
N LEU R 111 19.62 42.19 7.32
CA LEU R 111 18.18 42.35 7.46
C LEU R 111 17.46 41.67 6.29
N ALA R 112 17.96 41.92 5.08
CA ALA R 112 17.37 41.33 3.88
C ALA R 112 17.50 39.83 3.88
N ASP R 113 18.60 39.29 4.43
CA ASP R 113 18.77 37.85 4.46
C ASP R 113 17.84 37.20 5.46
N ARG R 114 17.65 37.83 6.63
CA ARG R 114 16.67 37.32 7.59
C ARG R 114 15.26 37.36 7.04
N VAL R 115 14.91 38.46 6.36
CA VAL R 115 13.58 38.58 5.79
C VAL R 115 13.39 37.57 4.65
N ALA R 116 14.43 37.35 3.84
CA ALA R 116 14.37 36.36 2.78
C ALA R 116 14.22 34.95 3.34
N MET R 117 14.87 34.67 4.47
CA MET R 117 14.69 33.36 5.07
C MET R 117 13.29 33.19 5.65
N TYR R 118 12.72 34.29 6.15
CA TYR R 118 11.37 34.23 6.68
C TYR R 118 10.35 33.99 5.56
N VAL R 119 10.54 34.68 4.43
CA VAL R 119 9.67 34.48 3.27
C VAL R 119 9.85 33.08 2.70
N HIS R 120 11.10 32.59 2.65
CA HIS R 120 11.35 31.26 2.15
C HIS R 120 10.73 30.20 3.04
N ALA R 121 10.79 30.42 4.36
CA ALA R 121 10.14 29.53 5.30
C ALA R 121 8.63 29.54 5.16
N TYR R 122 8.05 30.66 4.72
CA TYR R 122 6.64 30.56 4.36
C TYR R 122 6.40 29.97 2.97
N THR R 123 7.42 29.85 2.14
CA THR R 123 7.24 29.13 0.88
C THR R 123 7.46 27.63 1.00
N LEU R 124 8.10 27.17 2.08
CA LEU R 124 8.50 25.77 2.16
C LEU R 124 7.32 24.82 2.38
N TYR R 125 6.63 24.96 3.50
CA TYR R 125 5.75 23.90 3.97
C TYR R 125 4.44 23.85 3.18
N SER R 126 3.65 22.82 3.45
CA SER R 126 2.39 22.62 2.77
C SER R 126 1.19 23.18 3.53
N ALA R 127 1.35 23.50 4.82
CA ALA R 127 0.23 24.07 5.57
C ALA R 127 -0.05 25.51 5.20
N VAL R 128 0.96 26.23 4.72
CA VAL R 128 0.88 27.67 4.55
C VAL R 128 1.08 28.01 3.09
N ARG R 129 0.68 29.19 2.74
CA ARG R 129 0.91 29.65 1.40
C ARG R 129 2.13 30.55 1.35
N PRO R 130 2.71 30.73 0.17
CA PRO R 130 3.71 31.78 -0.01
C PRO R 130 3.06 33.15 0.08
N PHE R 131 3.89 34.13 0.42
CA PHE R 131 3.45 35.52 0.51
C PHE R 131 3.02 36.05 -0.85
N GLY R 132 2.11 37.03 -0.81
CA GLY R 132 1.67 37.71 -2.01
C GLY R 132 2.18 39.15 -2.06
N CYS R 133 3.44 39.35 -1.68
CA CYS R 133 4.00 40.69 -1.60
C CYS R 133 5.32 40.78 -2.34
N SER R 134 5.63 41.99 -2.78
CA SER R 134 6.93 42.30 -3.35
C SER R 134 7.25 43.74 -3.00
N PHE R 135 8.36 43.95 -2.30
CA PHE R 135 8.63 45.21 -1.64
C PHE R 135 10.09 45.60 -1.86
N MET R 136 10.40 46.83 -1.48
CA MET R 136 11.71 47.42 -1.66
C MET R 136 12.30 47.72 -0.29
N LEU R 137 13.63 47.72 -0.23
CA LEU R 137 14.33 48.06 1.01
C LEU R 137 15.50 48.95 0.70
N GLY R 138 15.48 50.16 1.26
CA GLY R 138 16.53 51.12 1.07
C GLY R 138 17.17 51.45 2.39
N SER R 139 18.36 52.04 2.36
CA SER R 139 19.10 52.36 3.57
C SER R 139 20.09 53.46 3.24
N TYR R 140 20.77 53.93 4.28
CA TYR R 140 21.95 54.75 4.11
C TYR R 140 22.80 54.69 5.38
N SER R 141 24.11 54.73 5.20
CA SER R 141 25.03 54.78 6.32
C SER R 141 26.24 55.60 5.95
N VAL R 142 26.89 56.15 6.98
CA VAL R 142 28.05 57.00 6.77
C VAL R 142 29.28 56.19 6.37
N ASN R 143 29.34 54.91 6.73
CA ASN R 143 30.46 54.06 6.38
C ASN R 143 30.12 53.05 5.30
N ASP R 144 28.92 53.12 4.74
CA ASP R 144 28.43 52.13 3.79
C ASP R 144 27.82 52.74 2.54
N GLY R 145 27.37 54.00 2.59
CA GLY R 145 26.74 54.59 1.44
C GLY R 145 25.28 54.25 1.37
N ALA R 146 24.76 54.19 0.14
CA ALA R 146 23.35 53.90 -0.10
C ALA R 146 23.22 52.46 -0.59
N GLN R 147 22.21 51.76 -0.08
CA GLN R 147 21.94 50.38 -0.46
C GLN R 147 20.45 50.21 -0.70
N LEU R 148 20.13 49.65 -1.86
CA LEU R 148 18.76 49.39 -2.27
C LEU R 148 18.65 47.93 -2.65
N TYR R 149 17.78 47.20 -1.96
CA TYR R 149 17.58 45.79 -2.18
C TYR R 149 16.16 45.51 -2.70
N MET R 150 15.84 44.23 -2.82
CA MET R 150 14.67 43.78 -3.57
C MET R 150 14.36 42.34 -3.25
N ILE R 151 13.12 42.08 -2.85
CA ILE R 151 12.68 40.76 -2.42
C ILE R 151 11.46 40.38 -3.24
N ASP R 152 11.55 39.29 -3.96
CA ASP R 152 10.47 38.74 -4.76
C ASP R 152 9.51 37.97 -3.85
N PRO R 153 8.37 37.49 -4.36
CA PRO R 153 7.54 36.59 -3.53
C PRO R 153 8.22 35.26 -3.18
N SER R 154 9.18 34.79 -3.97
CA SER R 154 9.81 33.52 -3.65
C SER R 154 10.78 33.64 -2.49
N GLY R 155 11.60 34.68 -2.48
CA GLY R 155 12.57 34.87 -1.43
C GLY R 155 13.97 35.09 -1.95
N VAL R 156 14.09 35.39 -3.23
CA VAL R 156 15.37 35.72 -3.84
C VAL R 156 15.63 37.20 -3.60
N SER R 157 16.68 37.51 -2.85
CA SER R 157 16.91 38.86 -2.35
C SER R 157 18.29 39.32 -2.77
N TYR R 158 18.35 40.24 -3.72
CA TYR R 158 19.62 40.83 -4.12
C TYR R 158 19.40 42.28 -4.53
N GLY R 159 20.47 42.92 -4.98
CA GLY R 159 20.54 44.36 -5.05
C GLY R 159 20.54 44.96 -6.45
N TYR R 160 20.13 46.22 -6.50
CA TYR R 160 19.86 46.94 -7.73
C TYR R 160 20.43 48.33 -7.62
N TRP R 161 20.40 49.06 -8.73
CA TRP R 161 20.37 50.50 -8.64
C TRP R 161 18.94 51.03 -8.71
N GLY R 162 18.18 50.53 -9.69
CA GLY R 162 16.79 50.90 -9.83
C GLY R 162 15.93 49.67 -10.02
N CYS R 163 14.65 49.81 -9.69
CA CYS R 163 13.72 48.71 -9.82
C CYS R 163 12.32 49.25 -10.08
N ALA R 164 11.40 48.32 -10.33
CA ALA R 164 10.01 48.64 -10.54
C ALA R 164 9.20 47.41 -10.16
N ILE R 165 8.07 47.63 -9.49
CA ILE R 165 7.17 46.57 -9.05
C ILE R 165 5.75 47.01 -9.37
N GLY R 166 5.07 46.26 -10.23
CA GLY R 166 3.69 46.54 -10.55
C GLY R 166 3.38 46.06 -11.95
N LYS R 167 2.40 46.72 -12.56
CA LYS R 167 2.07 46.46 -13.96
C LYS R 167 3.26 46.80 -14.84
N ALA R 168 3.66 48.07 -14.85
CA ALA R 168 4.72 48.57 -15.74
C ALA R 168 6.11 48.31 -15.16
N ARG R 169 6.41 47.03 -14.97
CA ARG R 169 7.74 46.66 -14.47
C ARG R 169 8.80 46.86 -15.54
N GLN R 170 8.54 46.36 -16.75
CA GLN R 170 9.42 46.67 -17.88
C GLN R 170 9.25 48.11 -18.32
N ALA R 171 8.00 48.60 -18.35
CA ALA R 171 7.72 49.89 -18.96
C ALA R 171 8.18 51.06 -18.09
N ALA R 172 8.57 50.81 -16.84
CA ALA R 172 9.27 51.84 -16.09
C ALA R 172 10.78 51.74 -16.34
N LYS R 173 11.35 50.53 -16.24
CA LYS R 173 12.79 50.36 -16.37
C LYS R 173 13.29 50.51 -17.80
N THR R 174 12.39 50.68 -18.76
CA THR R 174 12.79 51.07 -20.11
C THR R 174 13.43 52.45 -20.08
N GLU R 175 12.88 53.37 -19.28
CA GLU R 175 13.40 54.72 -19.22
C GLU R 175 13.96 55.06 -17.85
N ILE R 176 13.95 54.10 -16.92
CA ILE R 176 14.74 54.28 -15.72
C ILE R 176 16.22 54.18 -16.05
N GLU R 177 16.58 53.22 -16.90
CA GLU R 177 17.99 52.94 -17.12
C GLU R 177 18.69 53.97 -17.98
N LYS R 178 17.96 54.87 -18.63
CA LYS R 178 18.57 55.97 -19.36
C LYS R 178 18.84 57.17 -18.48
N LEU R 179 18.60 57.06 -17.18
CA LEU R 179 19.00 58.09 -16.23
C LEU R 179 20.48 57.98 -15.91
N GLN R 180 21.14 59.14 -15.88
CA GLN R 180 22.52 59.26 -15.43
C GLN R 180 22.53 59.18 -13.90
N MET R 181 22.49 57.94 -13.39
CA MET R 181 22.09 57.72 -12.01
C MET R 181 23.19 58.03 -11.00
N LYS R 182 24.45 58.00 -11.43
CA LYS R 182 25.53 58.13 -10.45
C LYS R 182 25.79 59.59 -10.12
N GLU R 183 25.81 60.45 -11.13
CA GLU R 183 26.24 61.83 -11.00
C GLU R 183 25.17 62.75 -10.45
N MET R 184 24.03 62.24 -10.05
CA MET R 184 22.94 63.07 -9.58
C MET R 184 22.80 62.90 -8.07
N THR R 185 22.57 64.01 -7.38
CA THR R 185 22.08 63.92 -6.02
C THR R 185 20.58 63.67 -6.07
N CYS R 186 20.02 63.26 -4.93
CA CYS R 186 18.66 62.78 -4.93
C CYS R 186 17.62 63.88 -5.07
N ARG R 187 18.00 65.13 -4.85
CA ARG R 187 17.03 66.22 -4.97
C ARG R 187 16.62 66.46 -6.41
N ASP R 188 17.45 66.07 -7.37
CA ASP R 188 17.02 65.98 -8.77
C ASP R 188 16.15 64.75 -8.96
N ILE R 189 16.56 63.63 -8.34
CA ILE R 189 15.93 62.33 -8.49
C ILE R 189 14.48 62.36 -7.99
N VAL R 190 14.14 63.31 -7.10
CA VAL R 190 12.75 63.47 -6.65
C VAL R 190 11.84 63.76 -7.83
N LYS R 191 12.15 64.82 -8.59
CA LYS R 191 11.33 65.11 -9.75
C LYS R 191 11.57 64.11 -10.88
N GLU R 192 12.72 63.43 -10.89
CA GLU R 192 12.92 62.34 -11.85
C GLU R 192 11.93 61.20 -11.62
N VAL R 193 11.79 60.74 -10.38
CA VAL R 193 10.82 59.70 -10.04
C VAL R 193 9.40 60.21 -10.30
N ALA R 194 9.18 61.50 -10.04
CA ALA R 194 7.89 62.12 -10.34
C ALA R 194 7.56 61.98 -11.82
N LYS R 195 8.53 62.26 -12.69
CA LYS R 195 8.24 62.16 -14.12
C LYS R 195 8.13 60.70 -14.55
N ILE R 196 8.83 59.78 -13.88
CA ILE R 196 8.77 58.37 -14.28
C ILE R 196 7.42 57.78 -13.95
N ILE R 197 6.94 58.03 -12.72
CA ILE R 197 5.60 57.60 -12.32
C ILE R 197 4.54 58.33 -13.14
N TYR R 198 4.76 59.60 -13.46
CA TYR R 198 3.76 60.35 -14.20
C TYR R 198 3.67 59.91 -15.66
N ILE R 199 4.74 59.28 -16.19
CA ILE R 199 4.69 58.82 -17.57
C ILE R 199 3.70 57.67 -17.70
N VAL R 200 3.77 56.72 -16.78
CA VAL R 200 2.97 55.51 -16.89
C VAL R 200 1.53 55.79 -16.45
N HIS R 201 0.57 55.49 -17.33
CA HIS R 201 -0.85 55.38 -17.04
C HIS R 201 -1.46 56.67 -16.47
N ASP R 202 -1.59 57.67 -17.34
CA ASP R 202 -2.22 58.91 -16.91
C ASP R 202 -3.73 58.73 -16.71
N GLU R 203 -4.43 58.18 -17.70
CA GLU R 203 -5.89 58.14 -17.67
C GLU R 203 -6.48 56.89 -18.33
N VAL R 204 -5.66 55.92 -18.75
CA VAL R 204 -6.06 54.98 -19.80
C VAL R 204 -7.06 53.95 -19.28
N LYS R 205 -6.66 53.16 -18.29
CA LYS R 205 -7.55 52.15 -17.75
C LYS R 205 -8.36 52.67 -16.56
N ASP R 206 -7.75 53.47 -15.72
CA ASP R 206 -8.38 54.01 -14.53
C ASP R 206 -8.67 55.49 -14.74
N LYS R 207 -9.13 56.15 -13.69
CA LYS R 207 -9.50 57.55 -13.75
C LYS R 207 -8.43 58.45 -13.16
N ALA R 208 -7.98 58.17 -11.94
CA ALA R 208 -7.05 59.07 -11.29
C ALA R 208 -6.17 58.28 -10.33
N PHE R 209 -4.96 58.78 -10.15
CA PHE R 209 -3.98 58.20 -9.24
C PHE R 209 -3.39 59.33 -8.40
N GLU R 210 -2.48 58.97 -7.51
CA GLU R 210 -1.89 59.96 -6.63
C GLU R 210 -0.50 59.45 -6.23
N LEU R 211 0.40 60.40 -6.03
CA LEU R 211 1.82 60.11 -5.89
C LEU R 211 2.25 60.20 -4.43
N GLU R 212 3.03 59.21 -4.00
CA GLU R 212 3.80 59.32 -2.78
C GLU R 212 5.26 59.07 -3.08
N LEU R 213 6.13 59.74 -2.32
CA LEU R 213 7.57 59.67 -2.53
C LEU R 213 8.24 59.53 -1.18
N SER R 214 8.94 58.42 -0.96
CA SER R 214 9.74 58.31 0.25
C SER R 214 11.18 58.69 -0.05
N TRP R 215 11.96 58.82 1.03
CA TRP R 215 13.18 59.60 0.94
C TRP R 215 14.14 59.33 2.10
N VAL R 216 15.31 58.79 1.77
CA VAL R 216 16.35 58.50 2.74
C VAL R 216 17.67 58.89 2.10
N GLY R 217 18.64 59.28 2.91
CA GLY R 217 19.96 59.53 2.37
C GLY R 217 20.79 60.37 3.32
N GLU R 218 21.82 60.97 2.74
CA GLU R 218 22.70 61.84 3.51
C GLU R 218 22.03 63.15 3.87
N LEU R 219 21.08 63.63 3.05
CA LEU R 219 20.46 64.93 3.31
C LEU R 219 19.54 64.87 4.52
N THR R 220 19.05 63.69 4.87
CA THR R 220 18.28 63.52 6.08
C THR R 220 19.15 63.13 7.25
N ASN R 221 20.48 63.16 7.05
CA ASN R 221 21.49 62.77 8.03
C ASN R 221 21.31 61.35 8.52
N GLY R 222 20.82 60.47 7.65
CA GLY R 222 20.58 59.09 8.01
C GLY R 222 19.16 58.79 8.41
N ARG R 223 18.25 59.77 8.35
CA ARG R 223 16.88 59.49 8.69
C ARG R 223 16.12 59.03 7.46
N HIS R 224 14.97 58.41 7.67
CA HIS R 224 14.09 58.03 6.57
C HIS R 224 12.68 58.52 6.87
N GLU R 225 12.14 59.32 5.96
CA GLU R 225 10.79 59.83 6.10
C GLU R 225 10.27 60.16 4.70
N ILE R 226 8.95 60.37 4.61
CA ILE R 226 8.36 60.90 3.39
C ILE R 226 8.83 62.34 3.19
N VAL R 227 8.99 62.72 1.92
CA VAL R 227 9.28 64.11 1.57
C VAL R 227 8.15 65.02 2.01
N PRO R 228 8.45 66.25 2.32
CA PRO R 228 7.41 67.28 2.27
C PRO R 228 7.15 67.56 0.81
N LYS R 229 6.29 66.76 0.15
CA LYS R 229 6.17 66.84 -1.30
C LYS R 229 5.52 68.14 -1.71
N ASP R 230 4.59 68.63 -0.90
CA ASP R 230 4.02 69.96 -1.07
C ASP R 230 5.09 71.04 -1.06
N ILE R 231 6.13 70.88 -0.23
CA ILE R 231 7.32 71.72 -0.36
C ILE R 231 8.04 71.36 -1.64
N ARG R 232 8.28 72.38 -2.48
CA ARG R 232 8.93 72.42 -3.78
C ARG R 232 8.06 71.83 -4.90
N GLU R 233 6.97 71.14 -4.52
CA GLU R 233 5.81 70.75 -5.34
C GLU R 233 6.21 70.21 -6.71
N GLU R 234 7.20 69.32 -6.70
CA GLU R 234 8.02 69.11 -7.88
C GLU R 234 7.36 68.27 -8.96
N ALA R 235 6.30 67.54 -8.63
CA ALA R 235 5.60 66.78 -9.64
C ALA R 235 4.88 67.64 -10.68
N GLU R 236 3.86 68.36 -10.21
CA GLU R 236 2.80 68.87 -11.07
C GLU R 236 3.25 69.99 -11.99
N LYS R 237 4.07 70.92 -11.48
CA LYS R 237 4.62 71.96 -12.34
C LYS R 237 5.62 71.42 -13.35
N TYR R 238 6.07 70.18 -13.18
CA TYR R 238 6.86 69.49 -14.18
C TYR R 238 6.06 68.39 -14.88
N ALA R 239 5.06 67.83 -14.20
CA ALA R 239 4.18 66.86 -14.84
C ALA R 239 3.39 67.51 -15.96
N LYS R 240 2.97 68.75 -15.76
CA LYS R 240 2.30 69.48 -16.83
C LYS R 240 3.26 69.91 -17.92
N GLU R 241 4.56 69.90 -17.64
CA GLU R 241 5.59 70.10 -18.66
C GLU R 241 6.17 68.80 -19.20
N SER R 242 5.69 67.65 -18.73
CA SER R 242 6.14 66.35 -19.21
C SER R 242 5.17 65.73 -20.20
N LEU R 243 4.06 66.40 -20.49
CA LEU R 243 3.11 65.93 -21.49
C LEU R 243 3.48 66.39 -22.90
N LYS R 244 4.56 67.12 -23.06
CA LYS R 244 4.97 67.63 -24.36
C LYS R 244 6.49 67.65 -24.46
N THR S 1 45.23 36.78 38.69
CA THR S 1 44.48 37.74 39.51
C THR S 1 44.55 39.12 38.89
N THR S 2 45.70 39.77 39.01
CA THR S 2 45.83 41.17 38.65
C THR S 2 45.97 41.30 37.15
N ILE S 3 44.97 41.93 36.53
CA ILE S 3 44.92 42.08 35.08
C ILE S 3 44.87 43.57 34.74
N MET S 4 45.35 43.90 33.55
CA MET S 4 45.56 45.30 33.23
C MET S 4 45.50 45.50 31.73
N ALA S 5 44.91 46.61 31.30
CA ALA S 5 44.81 46.93 29.89
C ALA S 5 44.95 48.43 29.69
N VAL S 6 45.88 48.85 28.83
CA VAL S 6 46.11 50.26 28.59
C VAL S 6 46.13 50.45 27.08
N GLN S 7 45.33 51.40 26.59
CA GLN S 7 45.38 51.71 25.18
C GLN S 7 46.33 52.87 24.93
N PHE S 8 46.72 53.00 23.66
CA PHE S 8 47.49 54.14 23.20
C PHE S 8 46.96 54.51 21.82
N ASP S 9 47.71 55.35 21.10
CA ASP S 9 47.23 55.89 19.84
C ASP S 9 47.10 54.82 18.77
N GLY S 10 48.15 54.02 18.56
CA GLY S 10 48.09 53.02 17.52
C GLY S 10 47.20 51.84 17.87
N GLY S 11 47.35 51.31 19.07
CA GLY S 11 46.58 50.15 19.49
C GLY S 11 46.44 50.09 20.98
N VAL S 12 46.35 48.87 21.50
CA VAL S 12 46.16 48.63 22.92
C VAL S 12 47.29 47.72 23.39
N VAL S 13 47.48 47.67 24.70
CA VAL S 13 48.45 46.80 25.35
C VAL S 13 47.78 46.18 26.56
N LEU S 14 47.86 44.86 26.69
CA LEU S 14 47.26 44.18 27.82
C LEU S 14 48.36 43.68 28.75
N GLY S 15 47.96 42.95 29.77
CA GLY S 15 48.88 42.39 30.73
C GLY S 15 48.18 41.76 31.91
N ALA S 16 48.77 40.71 32.46
CA ALA S 16 48.19 40.02 33.60
C ALA S 16 49.30 39.29 34.35
N ASP S 17 48.99 38.90 35.58
CA ASP S 17 49.83 37.92 36.27
C ASP S 17 49.34 36.53 35.89
N SER S 18 49.83 35.48 36.56
CA SER S 18 49.18 34.21 36.29
C SER S 18 48.56 33.58 37.53
N ARG S 19 49.42 32.97 38.36
CA ARG S 19 49.28 32.51 39.75
C ARG S 19 47.85 32.27 40.21
N THR S 20 47.12 31.39 39.54
CA THR S 20 45.79 31.03 39.98
C THR S 20 45.87 30.22 41.27
N THR S 21 45.32 30.79 42.34
CA THR S 21 45.38 30.20 43.67
C THR S 21 43.99 29.72 44.07
N THR S 22 43.97 28.82 45.05
CA THR S 22 42.75 28.39 45.71
C THR S 22 43.00 28.37 47.22
N GLY S 23 42.38 29.31 47.93
CA GLY S 23 42.69 29.50 49.33
C GLY S 23 44.08 30.02 49.56
N SER S 24 44.91 29.26 50.26
CA SER S 24 46.29 29.64 50.50
C SER S 24 47.30 28.81 49.73
N TYR S 25 46.86 27.78 49.02
CA TYR S 25 47.75 26.98 48.20
C TYR S 25 47.67 27.40 46.74
N ILE S 26 48.82 27.49 46.09
CA ILE S 26 48.85 27.76 44.65
C ILE S 26 48.55 26.46 43.93
N ALA S 27 47.45 26.43 43.18
CA ALA S 27 47.16 25.25 42.38
C ALA S 27 47.98 25.24 41.10
N ASN S 28 48.18 26.41 40.50
CA ASN S 28 48.87 26.53 39.22
C ASN S 28 49.71 27.79 39.21
N ARG S 29 50.96 27.66 38.76
CA ARG S 29 51.94 28.72 38.90
C ARG S 29 51.97 29.63 37.68
N VAL S 30 51.58 29.10 36.52
CA VAL S 30 51.63 29.85 35.27
C VAL S 30 50.38 29.51 34.46
N THR S 31 49.72 30.53 33.95
CA THR S 31 48.38 30.39 33.40
C THR S 31 48.24 31.36 32.24
N ASP S 32 47.63 30.90 31.15
CA ASP S 32 47.18 31.85 30.15
C ASP S 32 45.91 32.53 30.65
N LYS S 33 46.08 33.61 31.41
CA LYS S 33 44.94 34.33 31.99
C LYS S 33 44.21 35.18 30.96
N LEU S 34 44.90 35.64 29.93
CA LEU S 34 44.27 36.40 28.86
C LEU S 34 43.97 35.45 27.71
N THR S 35 42.85 35.70 27.04
CA THR S 35 42.35 34.71 26.10
C THR S 35 42.06 35.32 24.74
N PRO S 36 42.58 34.75 23.66
CA PRO S 36 42.18 35.19 22.32
C PRO S 36 40.76 34.76 22.03
N ILE S 37 40.01 35.62 21.35
CA ILE S 37 38.67 35.25 20.93
C ILE S 37 38.68 35.28 19.42
N HIS S 38 38.90 36.46 18.88
CA HIS S 38 39.17 36.65 17.46
C HIS S 38 40.67 36.91 17.35
N ASP S 39 41.15 37.03 16.12
CA ASP S 39 42.57 37.29 15.91
C ASP S 39 43.02 38.69 16.30
N ARG S 40 42.09 39.61 16.60
CA ARG S 40 42.48 40.98 16.94
C ARG S 40 41.90 41.47 18.26
N ILE S 41 41.12 40.66 18.95
CA ILE S 41 40.38 41.07 20.14
C ILE S 41 40.71 40.09 21.26
N PHE S 42 41.13 40.62 22.41
CA PHE S 42 41.39 39.80 23.57
C PHE S 42 40.38 40.07 24.67
N CYS S 43 40.41 39.19 25.67
CA CYS S 43 39.78 39.43 26.94
C CYS S 43 40.67 38.82 28.02
N CYS S 44 40.74 39.50 29.16
CA CYS S 44 41.47 38.99 30.32
C CYS S 44 40.51 38.89 31.50
N ARG S 45 40.67 37.82 32.25
CA ARG S 45 39.67 37.40 33.21
C ARG S 45 40.24 37.40 34.61
N SER S 46 39.34 37.36 35.59
CA SER S 46 39.67 37.25 37.01
C SER S 46 38.44 36.68 37.71
N GLY S 47 38.45 36.73 39.04
CA GLY S 47 37.36 36.14 39.78
C GLY S 47 37.46 34.63 39.74
N SER S 48 36.31 33.96 39.68
CA SER S 48 36.29 32.53 39.53
C SER S 48 36.75 32.12 38.13
N ALA S 49 37.17 30.87 38.01
CA ALA S 49 37.80 30.44 36.77
C ALA S 49 36.82 29.79 35.80
N ALA S 50 36.00 28.86 36.31
CA ALA S 50 35.10 28.09 35.44
C ALA S 50 34.06 28.98 34.79
N ASP S 51 33.59 29.99 35.54
CA ASP S 51 32.63 30.95 35.01
C ASP S 51 33.18 31.69 33.81
N THR S 52 34.38 32.26 33.97
CA THR S 52 34.99 33.04 32.90
C THR S 52 35.40 32.18 31.73
N GLN S 53 35.82 30.94 31.99
CA GLN S 53 36.18 30.03 30.90
C GLN S 53 34.95 29.65 30.08
N ALA S 54 33.84 29.30 30.73
CA ALA S 54 32.64 28.95 30.00
C ALA S 54 32.06 30.14 29.24
N VAL S 55 32.11 31.32 29.86
CA VAL S 55 31.63 32.53 29.22
C VAL S 55 32.48 32.86 28.01
N ALA S 56 33.82 32.73 28.14
CA ALA S 56 34.71 33.02 27.04
C ALA S 56 34.54 32.03 25.90
N ASP S 57 34.25 30.76 26.21
CA ASP S 57 34.01 29.80 25.15
C ASP S 57 32.72 30.09 24.39
N ALA S 58 31.64 30.42 25.11
CA ALA S 58 30.39 30.72 24.44
C ALA S 58 30.46 32.03 23.65
N VAL S 59 31.18 33.03 24.18
CA VAL S 59 31.39 34.28 23.47
C VAL S 59 32.22 34.04 22.21
N THR S 60 33.23 33.15 22.31
CA THR S 60 34.02 32.79 21.15
C THR S 60 33.15 32.14 20.08
N TYR S 61 32.22 31.30 20.51
CA TYR S 61 31.26 30.67 19.62
C TYR S 61 30.40 31.70 18.89
N GLN S 62 29.70 32.51 19.67
CA GLN S 62 28.76 33.47 19.11
C GLN S 62 29.46 34.51 18.26
N LEU S 63 30.63 34.98 18.69
CA LEU S 63 31.33 36.02 17.97
C LEU S 63 31.93 35.48 16.68
N GLY S 64 32.47 34.26 16.70
CA GLY S 64 32.99 33.67 15.49
C GLY S 64 31.91 33.40 14.47
N PHE S 65 30.77 32.89 14.94
CA PHE S 65 29.65 32.62 14.05
C PHE S 65 29.10 33.91 13.43
N HIS S 66 28.96 34.96 14.24
CA HIS S 66 28.46 36.24 13.77
C HIS S 66 29.42 36.89 12.77
N SER S 67 30.72 36.90 13.08
CA SER S 67 31.69 37.53 12.20
C SER S 67 31.95 36.75 10.93
N ILE S 68 31.73 35.43 10.93
CA ILE S 68 31.77 34.69 9.67
C ILE S 68 30.54 35.00 8.84
N GLU S 69 29.37 35.12 9.49
CA GLU S 69 28.17 35.44 8.74
C GLU S 69 28.19 36.85 8.17
N LEU S 70 28.91 37.77 8.81
CA LEU S 70 29.01 39.10 8.23
C LEU S 70 29.97 39.12 7.07
N ASN S 71 30.94 38.19 7.06
CA ASN S 71 32.10 38.20 6.16
C ASN S 71 32.85 39.52 6.28
N GLU S 72 32.97 40.01 7.51
CA GLU S 72 33.73 41.20 7.84
C GLU S 72 34.36 41.00 9.21
N PRO S 73 35.50 41.63 9.48
CA PRO S 73 36.10 41.56 10.81
C PRO S 73 35.20 42.20 11.85
N PRO S 74 35.12 41.64 13.05
CA PRO S 74 34.14 42.09 14.03
C PRO S 74 34.58 43.36 14.74
N LEU S 75 33.61 43.96 15.44
CA LEU S 75 33.88 45.11 16.28
C LEU S 75 34.25 44.67 17.69
N VAL S 76 34.80 45.60 18.44
CA VAL S 76 35.16 45.31 19.82
C VAL S 76 33.96 45.53 20.72
N HIS S 77 33.22 46.60 20.43
CA HIS S 77 32.00 46.93 21.15
C HIS S 77 30.97 45.81 21.02
N THR S 78 31.00 45.08 19.90
CA THR S 78 30.16 43.89 19.74
C THR S 78 30.46 42.83 20.78
N ALA S 79 31.75 42.52 20.95
CA ALA S 79 32.14 41.52 21.93
C ALA S 79 31.88 42.00 23.35
N ALA S 80 32.05 43.31 23.58
CA ALA S 80 31.70 43.88 24.87
C ALA S 80 30.21 43.77 25.15
N SER S 81 29.38 43.94 24.13
CA SER S 81 27.94 43.79 24.33
C SER S 81 27.56 42.35 24.61
N LEU S 82 28.25 41.41 23.95
CA LEU S 82 27.99 40.00 24.18
C LEU S 82 28.37 39.58 25.60
N PHE S 83 29.55 40.01 26.05
CA PHE S 83 29.95 39.78 27.44
C PHE S 83 29.00 40.46 28.42
N LYS S 84 28.48 41.63 28.06
CA LYS S 84 27.54 42.35 28.93
C LYS S 84 26.27 41.55 29.12
N GLU S 85 25.72 41.03 28.02
CA GLU S 85 24.49 40.24 28.07
C GLU S 85 24.70 38.96 28.86
N MET S 86 25.78 38.23 28.58
CA MET S 86 25.98 36.97 29.30
C MET S 86 26.35 37.17 30.76
N CYS S 87 27.05 38.26 31.10
CA CYS S 87 27.34 38.54 32.51
C CYS S 87 26.08 38.96 33.24
N TYR S 88 25.27 39.80 32.62
CA TYR S 88 24.12 40.38 33.29
C TYR S 88 23.03 39.34 33.47
N ARG S 89 22.88 38.44 32.50
CA ARG S 89 21.84 37.43 32.56
C ARG S 89 22.06 36.48 33.74
N TYR S 90 23.30 36.08 34.01
CA TYR S 90 23.46 35.24 35.19
C TYR S 90 24.41 35.88 36.20
N ARG S 91 24.10 37.08 36.66
CA ARG S 91 24.74 37.68 37.82
C ARG S 91 24.52 36.99 39.16
N GLU S 92 23.33 36.45 39.41
CA GLU S 92 23.07 35.38 40.36
C GLU S 92 24.02 34.19 40.31
N ASP S 93 24.62 33.84 39.19
CA ASP S 93 25.54 32.72 39.22
C ASP S 93 26.95 32.95 38.74
N LEU S 94 27.28 34.06 38.10
CA LEU S 94 28.63 34.18 37.59
C LEU S 94 29.45 35.21 38.36
N MET S 95 30.76 35.02 38.30
CA MET S 95 31.74 35.93 38.87
C MET S 95 32.80 36.24 37.81
N ALA S 96 32.54 37.25 36.99
CA ALA S 96 33.38 37.57 35.86
C ALA S 96 33.98 38.96 36.04
N GLY S 97 35.28 39.07 35.82
CA GLY S 97 35.96 40.35 35.85
C GLY S 97 36.50 40.66 34.47
N ILE S 98 35.67 40.40 33.47
CA ILE S 98 36.11 40.38 32.08
C ILE S 98 36.44 41.79 31.62
N ILE S 99 37.60 41.95 30.99
CA ILE S 99 38.03 43.23 30.44
C ILE S 99 38.30 43.00 28.96
N ILE S 100 37.62 43.75 28.11
CA ILE S 100 37.72 43.54 26.68
C ILE S 100 38.63 44.63 26.11
N ALA S 101 39.56 44.22 25.26
CA ALA S 101 40.37 45.15 24.52
C ALA S 101 40.65 44.56 23.15
N GLY S 102 41.08 45.43 22.23
CA GLY S 102 41.42 44.97 20.91
C GLY S 102 41.40 46.08 19.88
N TRP S 103 42.23 45.95 18.86
CA TRP S 103 42.27 46.94 17.79
C TRP S 103 41.12 46.67 16.84
N ASP S 104 40.63 47.73 16.22
CA ASP S 104 39.58 47.61 15.24
C ASP S 104 39.93 48.43 14.02
N PRO S 105 39.55 47.98 12.82
CA PRO S 105 39.81 48.78 11.63
C PRO S 105 38.99 50.05 11.59
N GLN S 106 37.75 50.01 12.04
CA GLN S 106 36.92 51.20 11.94
C GLN S 106 37.24 52.19 13.06
N GLU S 107 37.51 51.68 14.26
CA GLU S 107 37.58 52.51 15.46
C GLU S 107 38.92 52.45 16.19
N GLY S 108 39.91 51.76 15.65
CA GLY S 108 41.21 51.72 16.31
C GLY S 108 41.23 50.80 17.53
N GLY S 109 42.10 51.14 18.48
CA GLY S 109 42.22 50.37 19.70
C GLY S 109 41.22 50.86 20.73
N GLN S 110 40.56 49.91 21.38
CA GLN S 110 39.55 50.22 22.39
C GLN S 110 39.73 49.32 23.59
N VAL S 111 39.29 49.80 24.76
CA VAL S 111 39.33 49.03 25.99
C VAL S 111 37.98 49.16 26.67
N TYR S 112 37.32 48.02 26.90
CA TYR S 112 36.07 47.96 27.64
C TYR S 112 36.27 47.15 28.92
N SER S 113 35.49 47.49 29.94
CA SER S 113 35.60 46.83 31.22
C SER S 113 34.24 46.32 31.67
N VAL S 114 34.20 45.07 32.12
CA VAL S 114 32.98 44.49 32.66
C VAL S 114 33.33 43.95 34.04
N PRO S 115 32.95 44.62 35.11
CA PRO S 115 33.25 44.13 36.46
C PRO S 115 32.26 43.07 36.90
N MET S 116 32.30 42.69 38.18
CA MET S 116 31.51 41.58 38.71
C MET S 116 30.00 41.78 38.56
N GLY S 117 29.54 43.01 38.41
CA GLY S 117 28.12 43.26 38.29
C GLY S 117 27.59 42.93 36.90
N GLY S 118 28.14 43.56 35.87
CA GLY S 118 27.61 43.37 34.54
C GLY S 118 27.42 44.66 33.76
N MET S 119 27.95 45.75 34.28
CA MET S 119 27.95 47.01 33.55
C MET S 119 29.10 47.04 32.53
N MET S 120 28.95 47.91 31.55
CA MET S 120 29.88 48.03 30.44
C MET S 120 30.23 49.50 30.28
N VAL S 121 31.52 49.81 30.20
CA VAL S 121 31.95 51.19 30.06
C VAL S 121 33.22 51.23 29.22
N ARG S 122 33.41 52.34 28.51
CA ARG S 122 34.65 52.56 27.79
C ARG S 122 35.58 53.43 28.61
N GLN S 123 36.82 52.97 28.76
CA GLN S 123 37.87 53.64 29.51
C GLN S 123 39.14 53.66 28.66
N SER S 124 40.08 54.49 29.09
CA SER S 124 41.40 54.55 28.45
C SER S 124 42.38 53.59 29.09
N PHE S 125 42.11 53.18 30.32
CA PHE S 125 42.91 52.21 31.04
C PHE S 125 41.99 51.50 32.04
N ALA S 126 42.39 50.30 32.45
CA ALA S 126 41.55 49.53 33.36
C ALA S 126 42.41 48.70 34.30
N ILE S 127 41.86 48.44 35.49
CA ILE S 127 42.45 47.50 36.43
C ILE S 127 41.52 46.31 36.55
N GLY S 128 41.95 45.30 37.32
CA GLY S 128 41.09 44.17 37.58
C GLY S 128 41.81 43.12 38.40
N GLY S 129 41.06 42.41 39.23
CA GLY S 129 41.64 41.46 40.13
C GLY S 129 41.69 41.97 41.56
N SER S 130 41.84 41.04 42.50
CA SER S 130 41.78 41.40 43.91
C SER S 130 43.01 42.20 44.31
N GLY S 131 44.14 41.97 43.66
CA GLY S 131 45.34 42.72 43.96
C GLY S 131 45.59 43.84 42.96
N SER S 132 44.51 44.44 42.46
CA SER S 132 44.62 45.55 41.52
C SER S 132 44.43 46.91 42.18
N SER S 133 44.06 46.93 43.46
CA SER S 133 43.71 48.18 44.14
C SER S 133 44.90 49.12 44.25
N TYR S 134 46.10 48.58 44.22
CA TYR S 134 47.33 49.28 44.55
C TYR S 134 47.84 50.06 43.35
N ILE S 135 47.97 49.35 42.23
CA ILE S 135 48.26 50.01 40.98
C ILE S 135 47.07 50.84 40.51
N TYR S 136 45.87 50.57 41.01
CA TYR S 136 44.78 51.52 40.87
C TYR S 136 45.00 52.74 41.75
N GLY S 137 45.78 52.59 42.81
CA GLY S 137 46.23 53.73 43.59
C GLY S 137 47.08 54.69 42.80
N TYR S 138 48.03 54.19 42.02
CA TYR S 138 48.90 55.13 41.33
C TYR S 138 48.77 55.17 39.82
N VAL S 139 47.77 54.49 39.25
CA VAL S 139 47.56 54.57 37.82
C VAL S 139 47.03 55.93 37.42
N ASP S 140 46.45 56.69 38.36
CA ASP S 140 46.13 58.07 38.07
C ASP S 140 47.27 59.01 38.44
N ALA S 141 48.42 58.47 38.84
CA ALA S 141 49.58 59.31 39.08
C ALA S 141 50.60 59.20 37.96
N THR S 142 50.92 57.97 37.55
CA THR S 142 52.02 57.82 36.60
C THR S 142 51.56 57.92 35.15
N TYR S 143 50.29 57.66 34.88
CA TYR S 143 49.79 57.64 33.51
C TYR S 143 49.85 59.02 32.87
N ARG S 144 50.16 59.04 31.59
CA ARG S 144 50.22 60.25 30.80
C ARG S 144 49.45 59.97 29.53
N GLU S 145 48.62 60.92 29.13
CA GLU S 145 47.78 60.74 27.96
C GLU S 145 48.62 60.85 26.69
N GLY S 146 48.51 59.84 25.83
CA GLY S 146 49.23 59.82 24.58
C GLY S 146 50.62 59.21 24.69
N MET S 147 50.67 57.96 25.15
CA MET S 147 51.92 57.24 25.23
C MET S 147 52.24 56.58 23.91
N THR S 148 53.42 55.98 23.86
CA THR S 148 53.82 55.14 22.75
C THR S 148 53.59 53.70 23.17
N LYS S 149 54.07 52.76 22.36
CA LYS S 149 53.94 51.35 22.73
C LYS S 149 54.90 51.01 23.86
N GLU S 150 56.14 51.45 23.75
CA GLU S 150 57.16 51.11 24.74
C GLU S 150 56.88 51.75 26.09
N GLU S 151 56.28 52.94 26.09
CA GLU S 151 55.89 53.57 27.35
C GLU S 151 54.77 52.80 28.03
N CYS S 152 53.84 52.25 27.23
CA CYS S 152 52.79 51.42 27.79
C CYS S 152 53.35 50.11 28.33
N LEU S 153 54.32 49.53 27.63
CA LEU S 153 54.94 48.29 28.09
C LEU S 153 55.70 48.50 29.38
N GLN S 154 56.52 49.56 29.46
CA GLN S 154 57.23 49.88 30.69
C GLN S 154 56.28 50.20 31.83
N PHE S 155 55.18 50.91 31.52
CA PHE S 155 54.19 51.31 32.50
C PHE S 155 53.51 50.09 33.13
N THR S 156 52.95 49.23 32.29
CA THR S 156 52.29 48.03 32.78
C THR S 156 53.29 47.07 33.40
N ALA S 157 54.55 47.09 32.95
CA ALA S 157 55.59 46.28 33.57
C ALA S 157 55.82 46.69 35.01
N ASN S 158 55.97 47.99 35.25
CA ASN S 158 56.14 48.48 36.61
C ASN S 158 54.88 48.21 37.44
N ALA S 159 53.72 48.37 36.80
CA ALA S 159 52.44 48.14 37.47
C ALA S 159 52.30 46.71 37.95
N LEU S 160 52.31 45.76 37.01
CA LEU S 160 52.17 44.36 37.36
C LEU S 160 53.31 43.85 38.22
N ALA S 161 54.51 44.46 38.09
CA ALA S 161 55.61 44.14 38.99
C ALA S 161 55.26 44.48 40.43
N LEU S 162 54.75 45.69 40.68
CA LEU S 162 54.45 46.08 42.05
C LEU S 162 53.23 45.35 42.59
N ALA S 163 52.26 45.07 41.72
CA ALA S 163 51.09 44.31 42.13
C ALA S 163 51.47 42.89 42.53
N MET S 164 52.33 42.25 41.75
CA MET S 164 52.81 40.92 42.10
C MET S 164 53.68 40.97 43.35
N GLU S 165 54.42 42.05 43.55
CA GLU S 165 55.29 42.18 44.72
C GLU S 165 54.49 42.37 46.00
N ARG S 166 53.36 43.07 45.93
CA ARG S 166 52.71 43.46 47.17
C ARG S 166 51.62 42.47 47.59
N ASP S 167 50.72 42.13 46.68
CA ASP S 167 49.63 41.25 47.05
C ASP S 167 50.11 39.82 47.23
N GLY S 168 49.53 39.14 48.23
CA GLY S 168 49.90 37.76 48.49
C GLY S 168 49.37 36.81 47.44
N SER S 169 48.14 37.04 46.99
CA SER S 169 47.56 36.19 45.97
C SER S 169 48.20 36.44 44.61
N SER S 170 48.52 37.69 44.31
CA SER S 170 49.19 37.99 43.05
C SER S 170 50.65 37.56 43.12
N GLY S 171 51.27 37.45 41.96
CA GLY S 171 52.61 36.93 41.84
C GLY S 171 52.74 36.13 40.56
N GLY S 172 53.74 35.26 40.52
CA GLY S 172 53.93 34.36 39.38
C GLY S 172 54.89 34.93 38.34
N VAL S 173 54.35 35.31 37.18
CA VAL S 173 55.16 35.81 36.07
C VAL S 173 54.32 36.80 35.29
N ILE S 174 54.99 37.67 34.53
CA ILE S 174 54.34 38.74 33.79
C ILE S 174 54.14 38.29 32.36
N ARG S 175 52.91 38.38 31.88
CA ARG S 175 52.55 38.15 30.49
C ARG S 175 52.07 39.45 29.86
N LEU S 176 52.53 39.74 28.65
CA LEU S 176 52.11 40.95 27.98
C LEU S 176 51.50 40.60 26.64
N ALA S 177 50.72 41.54 26.11
CA ALA S 177 50.10 41.37 24.81
C ALA S 177 49.99 42.75 24.19
N ALA S 178 50.44 42.87 22.94
CA ALA S 178 50.39 44.14 22.23
C ALA S 178 49.58 43.95 20.96
N ILE S 179 48.49 44.68 20.84
CA ILE S 179 47.58 44.56 19.71
C ILE S 179 47.58 45.90 19.01
N ALA S 180 47.85 45.87 17.71
CA ALA S 180 47.84 47.08 16.90
C ALA S 180 47.31 46.70 15.53
N GLU S 181 47.45 47.63 14.59
CA GLU S 181 47.10 47.36 13.21
C GLU S 181 48.05 46.32 12.62
N SER S 182 49.29 46.30 13.09
CA SER S 182 50.33 45.47 12.49
C SER S 182 50.17 44.00 12.86
N GLY S 183 50.21 43.69 14.16
CA GLY S 183 50.22 42.30 14.57
C GLY S 183 49.82 42.12 16.02
N VAL S 184 49.91 40.87 16.45
CA VAL S 184 49.66 40.47 17.83
C VAL S 184 51.00 40.05 18.43
N GLU S 185 51.39 40.69 19.51
CA GLU S 185 52.72 40.49 20.09
C GLU S 185 52.63 40.07 21.55
N ARG S 186 52.88 38.79 21.82
CA ARG S 186 52.86 38.27 23.18
C ARG S 186 54.29 38.03 23.61
N GLN S 187 54.57 38.24 24.90
CA GLN S 187 55.91 38.01 25.41
C GLN S 187 55.84 37.71 26.90
N VAL S 188 56.91 37.10 27.42
CA VAL S 188 56.98 36.66 28.80
C VAL S 188 58.18 37.34 29.45
N LEU S 189 57.92 38.25 30.38
CA LEU S 189 58.96 39.05 31.02
C LEU S 189 59.10 38.68 32.49
N LEU S 190 60.24 39.05 33.04
CA LEU S 190 60.47 38.96 34.48
C LEU S 190 61.44 40.05 34.91
N GLY S 191 61.08 40.76 35.97
CA GLY S 191 61.88 41.89 36.44
C GLY S 191 61.06 42.91 37.20
N THR T 1 44.69 8.75 48.55
CA THR T 1 44.60 8.93 47.10
C THR T 1 45.56 9.99 46.62
N THR T 2 46.53 9.58 45.80
CA THR T 2 47.54 10.48 45.27
C THR T 2 47.84 10.09 43.83
N ILE T 3 47.27 10.80 42.89
CA ILE T 3 47.53 10.56 41.49
C ILE T 3 48.43 11.65 40.97
N ALA T 4 49.18 11.33 39.91
CA ALA T 4 50.13 12.26 39.34
C ALA T 4 50.17 12.09 37.82
N GLY T 5 50.70 13.11 37.14
CA GLY T 5 50.90 13.03 35.71
C GLY T 5 52.15 13.79 35.32
N VAL T 6 52.71 13.41 34.16
CA VAL T 6 53.97 13.99 33.70
C VAL T 6 54.04 13.79 32.18
N VAL T 7 54.89 14.58 31.53
CA VAL T 7 55.14 14.50 30.10
C VAL T 7 56.64 14.30 29.92
N TYR T 8 57.04 13.14 29.39
CA TYR T 8 58.44 12.90 29.07
C TYR T 8 58.69 13.32 27.63
N LYS T 9 59.81 12.88 27.04
CA LYS T 9 60.22 13.35 25.71
C LYS T 9 59.28 12.90 24.60
N ASP T 10 58.44 11.90 24.83
CA ASP T 10 57.51 11.46 23.80
C ASP T 10 56.06 11.46 24.23
N GLY T 11 55.76 11.06 25.46
CA GLY T 11 54.38 10.83 25.87
C GLY T 11 54.15 11.17 27.30
N ILE T 12 53.29 10.39 27.96
CA ILE T 12 52.77 10.68 29.29
C ILE T 12 52.92 9.45 30.17
N VAL T 13 53.41 9.63 31.39
CA VAL T 13 53.47 8.59 32.41
C VAL T 13 52.54 9.01 33.54
N LEU T 14 51.55 8.17 33.83
CA LEU T 14 50.58 8.38 34.90
C LEU T 14 50.81 7.39 36.04
N GLY T 15 50.50 7.83 37.26
CA GLY T 15 50.59 6.95 38.41
C GLY T 15 49.37 7.11 39.30
N ALA T 16 49.22 6.14 40.22
CA ALA T 16 48.10 6.13 41.15
C ALA T 16 48.44 5.24 42.36
N ASP T 17 47.61 5.38 43.40
CA ASP T 17 47.67 4.55 44.60
C ASP T 17 46.25 4.10 44.93
N THR T 18 46.08 2.85 45.36
CA THR T 18 44.76 2.22 45.23
C THR T 18 44.14 1.90 46.58
N ARG T 19 44.24 2.79 47.55
CA ARG T 19 43.56 2.59 48.81
C ARG T 19 42.25 3.38 48.73
N ALA T 20 41.15 2.66 48.60
CA ALA T 20 39.83 3.28 48.54
C ALA T 20 39.24 3.21 49.94
N THR T 21 39.43 4.30 50.70
CA THR T 21 38.91 4.38 52.05
C THR T 21 37.44 4.78 52.01
N GLU T 22 36.69 4.26 52.97
CA GLU T 22 35.30 4.63 53.20
C GLU T 22 35.21 5.20 54.61
N GLY T 23 35.36 6.51 54.72
CA GLY T 23 35.38 7.16 56.01
C GLY T 23 36.75 7.11 56.65
N MET T 24 36.90 6.28 57.68
CA MET T 24 38.13 6.19 58.44
C MET T 24 38.73 4.81 58.37
N VAL T 25 38.09 3.89 57.66
CA VAL T 25 38.51 2.50 57.59
C VAL T 25 38.91 2.22 56.15
N VAL T 26 40.02 1.50 55.99
CA VAL T 26 40.46 1.10 54.65
C VAL T 26 39.43 0.11 54.11
N ALA T 27 38.70 0.52 53.07
CA ALA T 27 37.69 -0.37 52.53
C ALA T 27 38.21 -1.20 51.37
N ASP T 28 39.27 -0.77 50.71
CA ASP T 28 39.81 -1.50 49.58
C ASP T 28 41.32 -1.42 49.60
N LYS T 29 41.94 -2.47 49.10
CA LYS T 29 43.37 -2.50 48.91
C LYS T 29 43.74 -2.58 47.44
N ASN T 30 42.77 -2.65 46.53
CA ASN T 30 43.07 -2.69 45.11
C ASN T 30 41.89 -2.13 44.33
N CYS T 31 42.02 -0.88 43.90
CA CYS T 31 40.98 -0.16 43.19
C CYS T 31 41.61 0.50 41.97
N SER T 32 41.16 0.11 40.78
CA SER T 32 41.72 0.64 39.54
C SER T 32 41.29 2.09 39.43
N LYS T 33 42.21 3.00 39.71
CA LYS T 33 41.92 4.42 39.57
C LYS T 33 42.30 4.97 38.22
N ILE T 34 43.01 4.21 37.40
CA ILE T 34 43.36 4.63 36.05
C ILE T 34 42.28 4.08 35.13
N HIS T 35 41.51 4.97 34.52
CA HIS T 35 40.33 4.60 33.75
C HIS T 35 40.57 4.71 32.25
N PHE T 36 39.80 3.92 31.50
CA PHE T 36 39.89 3.91 30.05
C PHE T 36 39.10 5.05 29.43
N ILE T 37 39.68 5.65 28.39
CA ILE T 37 38.98 6.65 27.60
C ILE T 37 39.06 6.21 26.15
N SER T 38 40.28 5.93 25.70
CA SER T 38 40.54 5.63 24.30
C SER T 38 41.82 4.78 24.26
N PRO T 39 42.17 4.21 23.10
CA PRO T 39 43.50 3.59 22.98
C PRO T 39 44.68 4.53 23.21
N ASN T 40 44.52 5.85 23.13
CA ASN T 40 45.63 6.75 23.41
C ASN T 40 45.40 7.67 24.59
N ILE T 41 44.16 7.93 24.98
CA ILE T 41 43.84 8.87 26.05
C ILE T 41 43.35 8.04 27.21
N TYR T 42 43.89 8.30 28.39
CA TYR T 42 43.44 7.73 29.65
C TYR T 42 43.07 8.83 30.63
N CYS T 43 42.60 8.41 31.80
CA CYS T 43 42.08 9.34 32.78
C CYS T 43 42.19 8.72 34.16
N CYS T 44 42.39 9.58 35.15
CA CYS T 44 42.43 9.20 36.54
C CYS T 44 41.40 10.03 37.31
N GLY T 45 40.90 9.45 38.40
CA GLY T 45 39.87 10.10 39.18
C GLY T 45 40.28 10.17 40.64
N ALA T 46 39.63 11.08 41.35
CA ALA T 46 39.90 11.30 42.76
C ALA T 46 38.65 11.85 43.42
N GLY T 47 38.60 11.78 44.74
CA GLY T 47 37.45 12.29 45.45
C GLY T 47 36.37 11.25 45.45
N THR T 48 35.16 11.66 45.07
CA THR T 48 34.03 10.74 45.01
C THR T 48 34.24 9.74 43.88
N ALA T 49 34.25 8.45 44.22
CA ALA T 49 34.70 7.44 43.28
C ALA T 49 33.68 7.18 42.19
N ALA T 50 32.41 6.98 42.57
CA ALA T 50 31.38 6.63 41.60
C ALA T 50 31.08 7.78 40.64
N ASP T 51 31.23 9.03 41.10
CA ASP T 51 31.06 10.17 40.19
C ASP T 51 32.11 10.16 39.09
N THR T 52 33.38 9.95 39.49
CA THR T 52 34.46 9.86 38.52
C THR T 52 34.27 8.69 37.58
N ASP T 53 33.81 7.55 38.11
CA ASP T 53 33.58 6.34 37.33
C ASP T 53 32.51 6.56 36.27
N MET T 54 31.33 7.02 36.68
CA MET T 54 30.22 7.19 35.75
C MET T 54 30.53 8.27 34.72
N THR T 55 31.17 9.36 35.14
CA THR T 55 31.51 10.42 34.22
C THR T 55 32.53 9.95 33.19
N THR T 56 33.57 9.23 33.64
CA THR T 56 34.60 8.80 32.71
C THR T 56 34.08 7.71 31.78
N GLN T 57 33.10 6.91 32.21
CA GLN T 57 32.53 5.94 31.29
C GLN T 57 31.63 6.59 30.26
N LEU T 58 30.90 7.63 30.67
CA LEU T 58 30.07 8.37 29.72
C LEU T 58 30.92 9.08 28.68
N ILE T 59 32.00 9.74 29.12
CA ILE T 59 32.84 10.46 28.18
C ILE T 59 33.62 9.50 27.28
N SER T 60 34.03 8.34 27.81
CA SER T 60 34.65 7.33 26.96
C SER T 60 33.67 6.75 25.94
N SER T 61 32.39 6.60 26.33
CA SER T 61 31.38 6.18 25.38
C SER T 61 31.19 7.22 24.28
N ASN T 62 31.16 8.50 24.66
CA ASN T 62 30.95 9.56 23.69
C ASN T 62 32.12 9.68 22.73
N LEU T 63 33.33 9.44 23.23
CA LEU T 63 34.47 9.52 22.34
C LEU T 63 34.63 8.28 21.48
N GLU T 64 34.21 7.11 21.98
CA GLU T 64 34.15 5.93 21.12
C GLU T 64 33.15 6.11 20.00
N LEU T 65 31.98 6.68 20.34
CA LEU T 65 30.95 6.99 19.35
C LEU T 65 31.47 7.97 18.31
N HIS T 66 32.10 9.06 18.76
CA HIS T 66 32.60 10.06 17.82
C HIS T 66 33.73 9.51 16.96
N SER T 67 34.60 8.70 17.55
CA SER T 67 35.73 8.18 16.80
C SER T 67 35.29 7.15 15.78
N LEU T 68 34.30 6.33 16.12
CA LEU T 68 33.81 5.36 15.15
C LEU T 68 32.96 6.05 14.08
N SER T 69 32.35 7.18 14.40
CA SER T 69 31.63 7.92 13.37
C SER T 69 32.62 8.61 12.43
N THR T 70 33.72 9.12 12.98
CA THR T 70 34.69 9.86 12.19
C THR T 70 35.54 8.91 11.35
N GLY T 71 36.21 7.98 12.01
CA GLY T 71 37.11 7.07 11.34
C GLY T 71 38.59 7.34 11.55
N ARG T 72 38.97 8.03 12.61
CA ARG T 72 40.39 8.24 12.90
C ARG T 72 40.56 8.41 14.41
N LEU T 73 41.78 8.74 14.82
CA LEU T 73 42.15 8.79 16.22
C LEU T 73 41.61 10.05 16.89
N PRO T 74 41.13 9.97 18.13
CA PRO T 74 40.52 11.13 18.79
C PRO T 74 41.56 12.15 19.21
N ARG T 75 41.06 13.33 19.57
CA ARG T 75 41.86 14.43 20.09
C ARG T 75 41.54 14.66 21.55
N VAL T 76 42.54 15.12 22.30
CA VAL T 76 42.41 15.28 23.74
C VAL T 76 41.52 16.48 24.07
N VAL T 77 41.62 17.55 23.27
CA VAL T 77 40.89 18.79 23.51
C VAL T 77 39.38 18.61 23.43
N THR T 78 38.91 17.66 22.62
CA THR T 78 37.48 17.35 22.57
C THR T 78 37.02 16.73 23.89
N ALA T 79 37.83 15.83 24.46
CA ALA T 79 37.54 15.24 25.75
C ALA T 79 37.53 16.31 26.84
N ASN T 80 38.49 17.24 26.75
CA ASN T 80 38.58 18.34 27.70
C ASN T 80 37.34 19.22 27.63
N ARG T 81 36.88 19.51 26.40
CA ARG T 81 35.73 20.38 26.22
C ARG T 81 34.45 19.72 26.72
N MET T 82 34.30 18.41 26.46
CA MET T 82 33.14 17.68 26.97
C MET T 82 33.14 17.63 28.49
N LEU T 83 34.30 17.37 29.08
CA LEU T 83 34.39 17.28 30.53
C LEU T 83 34.13 18.61 31.21
N LYS T 84 34.71 19.70 30.69
CA LYS T 84 34.50 20.99 31.33
C LYS T 84 33.08 21.48 31.13
N GLN T 85 32.47 21.15 30.00
CA GLN T 85 31.09 21.55 29.75
C GLN T 85 30.13 20.77 30.62
N MET T 86 30.40 19.48 30.83
CA MET T 86 29.57 18.66 31.69
C MET T 86 29.67 19.09 33.15
N LEU T 87 30.90 19.28 33.63
CA LEU T 87 31.07 19.67 35.02
C LEU T 87 30.59 21.08 35.29
N PHE T 88 30.64 21.97 34.30
CA PHE T 88 30.02 23.28 34.51
C PHE T 88 28.51 23.18 34.46
N ARG T 89 27.99 22.26 33.63
CA ARG T 89 26.57 22.01 33.56
C ARG T 89 26.04 21.40 34.85
N TYR T 90 26.85 20.67 35.60
CA TYR T 90 26.41 20.24 36.93
C TYR T 90 26.72 21.25 38.03
N GLN T 91 27.26 22.41 37.68
CA GLN T 91 27.46 23.55 38.59
C GLN T 91 28.35 23.20 39.78
N GLY T 92 29.27 22.26 39.63
CA GLY T 92 30.15 21.95 40.74
C GLY T 92 29.51 21.13 41.83
N TYR T 93 28.33 20.57 41.58
CA TYR T 93 27.71 19.66 42.54
C TYR T 93 28.43 18.34 42.59
N ILE T 94 28.75 17.79 41.43
CA ILE T 94 29.47 16.53 41.32
C ILE T 94 30.93 16.77 41.61
N GLY T 95 31.47 16.07 42.61
CA GLY T 95 32.89 16.17 42.86
C GLY T 95 33.64 15.08 42.11
N ALA T 96 34.35 15.48 41.07
CA ALA T 96 35.12 14.55 40.25
C ALA T 96 36.45 15.22 39.91
N ALA T 97 37.51 14.82 40.60
CA ALA T 97 38.82 15.41 40.42
C ALA T 97 39.57 14.57 39.39
N LEU T 98 39.72 15.09 38.18
CA LEU T 98 40.19 14.30 37.06
C LEU T 98 41.55 14.76 36.56
N VAL T 99 42.35 13.78 36.11
CA VAL T 99 43.58 14.02 35.38
C VAL T 99 43.42 13.40 34.01
N LEU T 100 43.59 14.21 32.96
CA LEU T 100 43.35 13.74 31.60
C LEU T 100 44.68 13.75 30.86
N GLY T 101 45.02 12.63 30.24
CA GLY T 101 46.24 12.55 29.48
C GLY T 101 46.12 11.69 28.24
N GLY T 102 46.73 12.12 27.15
CA GLY T 102 46.72 11.34 25.93
C GLY T 102 47.73 11.89 24.96
N VAL T 103 47.97 11.12 23.90
CA VAL T 103 48.89 11.50 22.83
C VAL T 103 48.10 11.54 21.53
N ASP T 104 48.01 12.72 20.94
CA ASP T 104 47.34 12.91 19.67
C ASP T 104 48.35 12.89 18.53
N VAL T 105 47.90 13.33 17.36
CA VAL T 105 48.82 13.60 16.25
C VAL T 105 49.73 14.77 16.61
N THR T 106 49.20 15.73 17.35
CA THR T 106 49.99 16.89 17.75
C THR T 106 50.99 16.54 18.83
N GLY T 107 50.75 15.46 19.57
CA GLY T 107 51.68 15.01 20.58
C GLY T 107 51.04 14.83 21.93
N PRO T 108 51.85 14.87 22.98
CA PRO T 108 51.32 14.67 24.34
C PRO T 108 50.66 15.94 24.85
N HIS T 109 49.55 15.74 25.57
CA HIS T 109 48.78 16.84 26.13
C HIS T 109 48.21 16.37 27.46
N LEU T 110 48.50 17.11 28.52
CA LEU T 110 48.07 16.78 29.86
C LEU T 110 47.12 17.85 30.40
N TYR T 111 45.97 17.40 30.91
CA TYR T 111 45.01 18.28 31.54
C TYR T 111 44.61 17.76 32.91
N SER T 112 44.47 18.67 33.87
CA SER T 112 43.92 18.35 35.18
C SER T 112 42.59 19.07 35.30
N ILE T 113 41.61 18.41 35.91
CA ILE T 113 40.27 18.96 36.00
C ILE T 113 39.85 19.04 37.45
N TYR T 114 39.52 20.24 37.91
CA TYR T 114 38.92 20.52 39.21
C TYR T 114 37.40 20.53 39.09
N PRO T 115 36.68 19.98 40.09
CA PRO T 115 35.28 19.56 39.87
C PRO T 115 34.28 20.68 39.60
N HIS T 116 34.66 21.94 39.63
CA HIS T 116 33.76 22.99 39.18
C HIS T 116 33.84 23.18 37.67
N GLY T 117 34.99 22.92 37.07
CA GLY T 117 35.14 23.12 35.64
C GLY T 117 36.38 23.89 35.26
N SER T 118 37.29 24.09 36.21
CA SER T 118 38.54 24.78 35.93
C SER T 118 39.57 23.77 35.47
N THR T 119 40.14 24.00 34.29
CA THR T 119 41.09 23.11 33.65
C THR T 119 42.38 23.86 33.38
N ASP T 120 43.47 23.10 33.32
CA ASP T 120 44.81 23.63 33.02
C ASP T 120 45.60 22.64 32.19
N LYS T 121 46.39 23.17 31.25
CA LYS T 121 47.38 22.38 30.55
C LYS T 121 48.69 22.55 31.30
N LEU T 122 49.31 21.44 31.68
CA LEU T 122 50.51 21.50 32.50
C LEU T 122 51.48 20.41 32.06
N PRO T 123 52.77 20.60 32.30
CA PRO T 123 53.72 19.49 32.10
C PRO T 123 53.64 18.44 33.19
N TYR T 124 53.19 18.80 34.38
CA TYR T 124 53.09 17.84 35.47
C TYR T 124 52.01 18.29 36.45
N VAL T 125 51.19 17.35 36.89
CA VAL T 125 50.11 17.62 37.83
C VAL T 125 50.13 16.58 38.93
N THR T 126 49.58 16.94 40.08
CA THR T 126 49.23 16.00 41.15
C THR T 126 47.83 16.33 41.64
N MET T 127 47.06 15.29 41.93
CA MET T 127 45.70 15.45 42.42
C MET T 127 45.44 14.45 43.53
N GLY T 128 44.49 14.77 44.39
CA GLY T 128 44.09 13.87 45.44
C GLY T 128 44.29 14.47 46.81
N SER T 129 44.30 13.64 47.85
CA SER T 129 44.50 14.12 49.20
C SER T 129 45.96 14.27 49.56
N GLY T 130 46.79 13.32 49.15
CA GLY T 130 48.20 13.37 49.45
C GLY T 130 49.01 13.84 48.27
N SER T 131 48.38 14.65 47.41
CA SER T 131 49.02 15.15 46.20
C SER T 131 50.22 16.05 46.49
N LEU T 132 50.30 16.59 47.71
CA LEU T 132 51.31 17.58 48.04
C LEU T 132 52.70 16.97 48.08
N ALA T 133 52.81 15.71 48.52
CA ALA T 133 54.12 15.06 48.60
C ALA T 133 54.64 14.76 47.20
N ALA T 134 53.77 14.27 46.32
CA ALA T 134 54.17 14.05 44.94
C ALA T 134 54.48 15.36 44.23
N MET T 135 53.78 16.44 44.57
CA MET T 135 54.10 17.74 44.00
C MET T 135 55.41 18.28 44.55
N ALA T 136 55.77 17.87 45.78
CA ALA T 136 57.06 18.23 46.34
C ALA T 136 58.18 17.55 45.56
N VAL T 137 58.01 16.25 45.29
CA VAL T 137 59.02 15.51 44.54
C VAL T 137 59.12 16.03 43.12
N PHE T 138 57.98 16.39 42.51
CA PHE T 138 58.00 16.99 41.18
C PHE T 138 58.71 18.32 41.16
N GLU T 139 58.39 19.22 42.08
CA GLU T 139 59.01 20.54 42.07
C GLU T 139 60.48 20.49 42.46
N ASP T 140 60.87 19.47 43.22
CA ASP T 140 62.29 19.31 43.49
C ASP T 140 63.03 18.82 42.25
N LYS T 141 62.57 17.73 41.64
CA LYS T 141 63.41 17.03 40.67
C LYS T 141 62.77 16.89 39.29
N PHE T 142 62.18 17.96 38.76
CA PHE T 142 61.68 17.94 37.39
C PHE T 142 62.58 18.76 36.49
N ARG T 143 62.76 18.29 35.26
CA ARG T 143 63.45 19.01 34.22
C ARG T 143 62.70 18.68 32.93
N PRO T 144 62.67 19.59 31.96
CA PRO T 144 61.93 19.31 30.74
C PRO T 144 62.62 18.29 29.85
N ASP T 145 61.80 17.51 29.16
CA ASP T 145 62.21 16.46 28.22
C ASP T 145 63.10 15.41 28.90
N MET T 146 62.51 14.71 29.87
CA MET T 146 63.18 13.58 30.47
C MET T 146 63.07 12.36 29.57
N GLU T 147 63.80 11.33 29.93
CA GLU T 147 63.74 10.07 29.21
C GLU T 147 62.69 9.17 29.85
N GLU T 148 62.67 7.89 29.45
CA GLU T 148 61.59 7.01 29.88
C GLU T 148 61.76 6.52 31.30
N GLU T 149 62.87 5.82 31.57
CA GLU T 149 63.11 5.25 32.89
C GLU T 149 63.30 6.34 33.94
N GLU T 150 63.83 7.49 33.51
CA GLU T 150 63.94 8.66 34.37
C GLU T 150 62.57 9.14 34.83
N ALA T 151 61.62 9.22 33.89
CA ALA T 151 60.27 9.69 34.22
C ALA T 151 59.54 8.66 35.08
N LYS T 152 59.75 7.38 34.79
CA LYS T 152 59.13 6.33 35.58
C LYS T 152 59.64 6.33 37.01
N ASN T 153 60.96 6.50 37.18
CA ASN T 153 61.54 6.61 38.51
C ASN T 153 61.02 7.84 39.25
N LEU T 154 60.81 8.95 38.53
CA LEU T 154 60.31 10.16 39.17
C LEU T 154 58.88 9.99 39.66
N VAL T 155 58.00 9.45 38.81
CA VAL T 155 56.60 9.29 39.20
C VAL T 155 56.46 8.24 40.30
N SER T 156 57.24 7.16 40.22
CA SER T 156 57.24 6.14 41.27
C SER T 156 57.73 6.73 42.59
N GLU T 157 58.77 7.56 42.53
CA GLU T 157 59.30 8.23 43.70
C GLU T 157 58.28 9.18 44.32
N ALA T 158 57.54 9.89 43.46
CA ALA T 158 56.56 10.86 43.93
C ALA T 158 55.40 10.17 44.64
N ILE T 159 54.85 9.13 44.01
CA ILE T 159 53.74 8.41 44.64
C ILE T 159 54.22 7.62 45.86
N ALA T 160 55.49 7.20 45.86
CA ALA T 160 56.07 6.53 47.03
C ALA T 160 56.17 7.49 48.20
N ALA T 161 56.54 8.74 47.93
CA ALA T 161 56.55 9.75 48.98
C ALA T 161 55.14 10.06 49.45
N GLY T 162 54.17 10.02 48.53
CA GLY T 162 52.78 10.16 48.92
C GLY T 162 52.30 9.03 49.82
N ILE T 163 52.86 7.83 49.64
CA ILE T 163 52.51 6.71 50.50
C ILE T 163 53.23 6.82 51.84
N PHE T 164 54.46 7.32 51.85
CA PHE T 164 55.11 7.59 53.13
C PHE T 164 54.55 8.82 53.84
N ASN T 165 53.76 9.63 53.16
CA ASN T 165 52.90 10.59 53.82
C ASN T 165 51.52 9.97 53.97
N ASP T 166 50.60 10.70 54.60
CA ASP T 166 49.41 10.05 55.12
C ASP T 166 48.40 9.80 54.00
N LEU T 167 47.58 8.76 54.22
CA LEU T 167 46.52 8.33 53.29
C LEU T 167 47.07 8.01 51.90
N GLY T 168 48.17 7.26 51.86
CA GLY T 168 48.62 6.74 50.59
C GLY T 168 47.93 5.45 50.24
N SER T 169 48.69 4.39 49.99
CA SER T 169 48.11 3.07 49.85
C SER T 169 49.15 2.02 50.24
N GLY T 170 48.64 0.88 50.70
CA GLY T 170 49.45 -0.33 50.79
C GLY T 170 49.87 -0.86 49.43
N SER T 171 49.09 -0.55 48.40
CA SER T 171 49.22 -1.10 47.07
C SER T 171 50.57 -0.85 46.44
N ASN T 172 50.83 -1.64 45.40
CA ASN T 172 52.06 -1.68 44.62
C ASN T 172 51.99 -0.78 43.39
N ILE T 173 52.35 0.51 43.55
CA ILE T 173 51.88 1.69 42.82
C ILE T 173 51.63 1.44 41.35
N ASP T 174 50.45 1.83 40.85
CA ASP T 174 50.09 1.49 39.49
C ASP T 174 50.65 2.55 38.57
N LEU T 175 51.10 2.11 37.40
CA LEU T 175 51.66 2.98 36.40
C LEU T 175 51.05 2.64 35.06
N CYS T 176 51.20 3.58 34.13
CA CYS T 176 50.74 3.42 32.78
C CYS T 176 51.47 4.40 31.89
N VAL T 177 51.95 3.93 30.76
CA VAL T 177 52.83 4.72 29.91
C VAL T 177 52.21 4.77 28.53
N ILE T 178 52.05 5.98 28.01
CA ILE T 178 51.46 6.22 26.70
C ILE T 178 52.52 6.89 25.85
N SER T 179 52.79 6.32 24.69
CA SER T 179 53.72 6.90 23.73
C SER T 179 52.93 7.17 22.44
N LYS T 180 53.66 7.53 21.38
CA LYS T 180 53.03 7.73 20.08
C LYS T 180 52.56 6.42 19.46
N ASN T 181 53.17 5.31 19.83
CA ASN T 181 52.84 4.01 19.23
C ASN T 181 52.57 2.93 20.27
N LYS T 182 53.28 2.98 21.39
CA LYS T 182 53.33 1.88 22.35
C LYS T 182 52.61 2.27 23.63
N LEU T 183 51.56 1.52 23.95
CA LEU T 183 50.80 1.69 25.18
C LEU T 183 51.18 0.56 26.13
N ASP T 184 51.57 0.90 27.36
CA ASP T 184 51.86 -0.09 28.37
C ASP T 184 51.04 0.21 29.62
N PHE T 185 50.83 -0.82 30.44
CA PHE T 185 49.95 -0.69 31.60
C PHE T 185 50.35 -1.75 32.62
N LEU T 186 50.81 -1.32 33.78
CA LEU T 186 51.55 -2.18 34.70
C LEU T 186 50.92 -2.08 36.08
N ARG T 187 50.16 -3.11 36.48
CA ARG T 187 49.55 -3.08 37.82
C ARG T 187 50.59 -3.38 38.90
N PRO T 188 51.24 -4.59 38.96
CA PRO T 188 52.05 -4.80 40.18
C PRO T 188 53.50 -4.33 40.02
N TYR T 189 53.67 -3.01 40.05
CA TYR T 189 54.94 -2.40 39.66
C TYR T 189 56.03 -2.64 40.70
N THR T 190 55.80 -2.19 41.94
CA THR T 190 56.79 -2.35 43.00
C THR T 190 56.08 -2.52 44.34
N VAL T 191 56.36 -3.62 45.03
CA VAL T 191 55.71 -3.96 46.30
C VAL T 191 56.64 -3.67 47.46
N PRO T 192 56.52 -2.54 48.15
CA PRO T 192 57.41 -2.32 49.29
C PRO T 192 56.94 -2.99 50.58
N ASN T 193 55.62 -3.19 50.71
CA ASN T 193 55.01 -3.58 51.98
C ASN T 193 54.46 -5.01 51.92
N LYS T 194 55.27 -5.97 52.36
CA LYS T 194 54.82 -7.33 52.50
C LYS T 194 54.01 -7.49 53.79
N LYS T 195 52.93 -8.27 53.71
CA LYS T 195 52.17 -8.62 54.90
C LYS T 195 52.95 -9.54 55.82
N GLY T 196 52.91 -9.24 57.11
CA GLY T 196 53.53 -10.11 58.10
C GLY T 196 52.92 -11.50 58.12
N THR T 197 53.80 -12.50 58.19
CA THR T 197 53.42 -13.91 58.27
C THR T 197 52.67 -14.21 59.57
N ARG T 198 51.69 -15.11 59.47
CA ARG T 198 50.94 -15.53 60.65
C ARG T 198 51.86 -16.23 61.64
N LEU T 199 51.53 -16.09 62.93
CA LEU T 199 52.34 -16.69 64.03
C LEU T 199 51.70 -18.03 64.45
N GLY T 200 50.42 -18.22 64.14
CA GLY T 200 49.71 -19.46 64.50
C GLY T 200 48.60 -19.79 63.51
N ARG T 201 47.62 -20.58 63.94
CA ARG T 201 46.47 -20.97 63.07
C ARG T 201 45.16 -20.83 63.87
N TYR T 202 44.44 -19.73 63.64
CA TYR T 202 43.18 -19.48 64.33
C TYR T 202 42.05 -20.13 63.54
N ARG T 203 42.34 -21.38 63.20
CA ARG T 203 41.54 -22.20 62.32
C ARG T 203 40.43 -22.88 63.12
N CYS T 204 39.23 -22.86 62.61
CA CYS T 204 38.14 -23.47 63.35
C CYS T 204 38.03 -24.96 63.01
N GLU T 205 37.17 -25.64 63.76
CA GLU T 205 37.02 -27.08 63.63
C GLU T 205 35.63 -27.43 63.11
N LYS T 206 35.48 -28.69 62.71
CA LYS T 206 34.25 -29.17 62.07
C LYS T 206 33.18 -29.44 63.13
N GLY T 207 32.54 -28.37 63.58
CA GLY T 207 31.49 -28.52 64.58
C GLY T 207 31.56 -27.61 65.79
N THR T 208 32.41 -26.59 65.75
CA THR T 208 32.60 -25.72 66.90
C THR T 208 31.49 -24.68 67.04
N THR T 209 30.46 -24.76 66.20
CA THR T 209 29.37 -23.80 66.17
C THR T 209 28.04 -24.52 66.13
N ALA T 210 27.13 -24.16 67.04
CA ALA T 210 25.85 -24.82 67.15
C ALA T 210 24.96 -24.44 65.98
N VAL T 211 24.34 -25.46 65.36
CA VAL T 211 23.43 -25.25 64.19
C VAL T 211 22.07 -25.89 64.53
N LEU T 212 20.98 -25.15 64.27
CA LEU T 212 19.61 -25.65 64.57
C LEU T 212 18.99 -26.23 63.29
N THR T 213 18.57 -25.36 62.37
CA THR T 213 17.94 -25.80 61.09
C THR T 213 19.01 -25.94 59.99
N GLU T 214 18.87 -26.96 59.14
CA GLU T 214 19.81 -27.21 58.02
C GLU T 214 19.00 -27.47 56.74
N LYS T 215 19.53 -27.08 55.58
CA LYS T 215 18.81 -27.28 54.33
C LYS T 215 19.81 -27.70 53.26
N ILE T 216 19.38 -28.58 52.36
CA ILE T 216 20.15 -28.99 51.19
C ILE T 216 19.27 -28.80 49.96
N THR T 217 19.81 -28.16 48.93
CA THR T 217 19.09 -27.99 47.68
C THR T 217 19.97 -28.37 46.48
N PRO T 218 19.68 -29.47 45.80
CA PRO T 218 20.50 -29.89 44.66
C PRO T 218 20.29 -28.97 43.46
N LEU T 219 21.20 -29.08 42.49
CA LEU T 219 21.14 -28.26 41.29
C LEU T 219 21.55 -29.11 40.09
N GLU T 220 21.75 -28.44 38.95
CA GLU T 220 22.18 -29.07 37.72
C GLU T 220 23.62 -28.68 37.37
N SER U 1 22.78 6.20 63.09
CA SER U 1 22.56 6.86 61.81
C SER U 1 21.31 6.34 61.12
N ILE U 2 21.11 6.83 59.90
CA ILE U 2 20.06 6.30 59.05
C ILE U 2 20.36 4.86 58.68
N MET U 3 21.64 4.52 58.52
CA MET U 3 22.04 3.13 58.37
C MET U 3 21.78 2.32 59.64
N SER U 4 21.81 2.97 60.81
CA SER U 4 21.52 2.31 62.07
C SER U 4 20.07 2.48 62.49
N TYR U 5 19.15 2.61 61.54
CA TYR U 5 17.76 2.74 61.90
C TYR U 5 17.14 1.38 62.20
N ASN U 6 17.41 0.39 61.36
CA ASN U 6 16.90 -0.97 61.57
C ASN U 6 18.00 -1.99 61.76
N GLY U 7 19.25 -1.55 61.92
CA GLY U 7 20.31 -2.51 62.13
C GLY U 7 20.64 -3.23 60.85
N GLY U 8 21.30 -4.38 60.99
CA GLY U 8 21.66 -5.18 59.84
C GLY U 8 23.13 -5.47 59.65
N ALA U 9 23.42 -6.69 59.21
CA ALA U 9 24.78 -7.11 58.91
C ALA U 9 24.73 -8.23 57.90
N VAL U 10 25.47 -8.09 56.81
CA VAL U 10 25.55 -9.11 55.78
C VAL U 10 27.03 -9.41 55.53
N MET U 11 27.39 -10.69 55.62
CA MET U 11 28.73 -11.13 55.30
C MET U 11 28.69 -12.12 54.15
N ALA U 12 29.61 -11.97 53.20
CA ALA U 12 29.84 -12.94 52.15
C ALA U 12 31.31 -13.29 52.15
N MET U 13 31.63 -14.55 51.90
CA MET U 13 33.02 -15.00 51.98
C MET U 13 33.29 -15.99 50.87
N LYS U 14 34.37 -15.77 50.13
CA LYS U 14 34.75 -16.65 49.03
C LYS U 14 35.66 -17.73 49.59
N GLY U 15 35.35 -18.98 49.28
CA GLY U 15 36.18 -20.11 49.64
C GLY U 15 37.06 -20.58 48.50
N LYS U 16 37.38 -21.87 48.49
CA LYS U 16 38.21 -22.42 47.44
C LYS U 16 37.41 -22.63 46.16
N ASN U 17 36.38 -23.48 46.20
CA ASN U 17 35.56 -23.77 45.03
C ASN U 17 34.11 -23.43 45.30
N CYS U 18 33.84 -22.80 46.43
CA CYS U 18 32.49 -22.56 46.92
C CYS U 18 32.49 -21.20 47.60
N VAL U 19 31.29 -20.72 47.92
CA VAL U 19 31.14 -19.40 48.48
C VAL U 19 30.05 -19.45 49.55
N ALA U 20 30.25 -18.69 50.62
CA ALA U 20 29.35 -18.70 51.77
C ALA U 20 28.90 -17.28 52.05
N ILE U 21 27.60 -17.10 52.24
CA ILE U 21 27.00 -15.82 52.58
C ILE U 21 26.15 -16.00 53.81
N ALA U 22 26.21 -15.04 54.73
CA ALA U 22 25.44 -15.14 55.97
C ALA U 22 24.93 -13.75 56.36
N ALA U 23 23.84 -13.72 57.11
CA ALA U 23 23.27 -12.48 57.61
C ALA U 23 22.56 -12.71 58.93
N ASP U 24 22.10 -11.62 59.53
CA ASP U 24 21.37 -11.67 60.78
C ASP U 24 19.88 -11.82 60.53
N ARG U 25 19.15 -12.05 61.62
CA ARG U 25 17.72 -12.30 61.56
C ARG U 25 16.85 -11.18 62.12
N ARG U 26 17.44 -10.25 62.88
CA ARG U 26 16.66 -9.29 63.64
C ARG U 26 16.01 -8.24 62.74
N PHE U 27 14.74 -7.94 63.03
CA PHE U 27 14.08 -6.78 62.44
C PHE U 27 13.47 -5.95 63.55
N GLY U 28 13.66 -4.65 63.49
CA GLY U 28 13.00 -3.79 64.45
C GLY U 28 13.32 -2.33 64.20
N ILE U 29 12.57 -1.48 64.89
CA ILE U 29 12.78 -0.05 64.90
C ILE U 29 13.91 0.18 65.90
N GLN U 30 14.47 1.41 65.93
CA GLN U 30 15.78 1.82 66.43
C GLN U 30 16.28 1.07 67.65
N ALA U 31 15.42 0.87 68.64
CA ALA U 31 15.77 0.04 69.78
C ALA U 31 14.76 -1.05 70.07
N GLN U 32 13.61 -1.05 69.41
CA GLN U 32 12.57 -2.02 69.69
C GLN U 32 12.55 -3.02 68.53
N MET U 33 12.86 -4.27 68.84
CA MET U 33 12.77 -5.31 67.83
C MET U 33 11.33 -5.76 67.66
N VAL U 34 11.08 -6.46 66.56
CA VAL U 34 9.74 -6.93 66.27
C VAL U 34 9.77 -8.43 66.02
N THR U 35 10.59 -8.86 65.07
CA THR U 35 10.60 -10.26 64.66
C THR U 35 12.02 -10.73 64.39
N THR U 36 12.14 -12.05 64.30
CA THR U 36 13.41 -12.74 64.06
C THR U 36 13.43 -13.50 62.74
N ASP U 37 12.51 -13.23 61.83
CA ASP U 37 12.44 -14.02 60.60
C ASP U 37 12.35 -13.12 59.38
N PHE U 38 13.05 -11.99 59.44
CA PHE U 38 13.07 -11.04 58.34
C PHE U 38 14.12 -11.45 57.31
N GLN U 39 13.72 -11.50 56.04
CA GLN U 39 14.56 -12.05 54.99
C GLN U 39 15.41 -10.95 54.37
N LYS U 40 16.71 -11.20 54.28
CA LYS U 40 17.60 -10.23 53.67
C LYS U 40 18.45 -10.85 52.56
N ILE U 41 18.39 -12.16 52.36
CA ILE U 41 19.16 -12.82 51.32
C ILE U 41 18.19 -13.42 50.33
N PHE U 42 18.24 -12.95 49.10
CA PHE U 42 17.27 -13.34 48.11
C PHE U 42 17.89 -14.18 47.00
N PRO U 43 17.14 -15.15 46.47
CA PRO U 43 17.63 -15.88 45.30
C PRO U 43 17.45 -15.10 44.01
N MET U 44 18.54 -14.96 43.27
CA MET U 44 18.56 -14.32 41.96
C MET U 44 19.16 -15.36 41.01
N GLY U 45 18.32 -16.22 40.45
CA GLY U 45 18.82 -17.29 39.61
C GLY U 45 19.44 -18.41 40.43
N ASP U 46 20.16 -19.30 39.74
CA ASP U 46 20.74 -20.46 40.38
C ASP U 46 22.18 -20.20 40.81
N ARG U 47 22.50 -20.68 42.02
CA ARG U 47 23.84 -20.60 42.62
C ARG U 47 24.34 -19.16 42.71
N LEU U 48 23.41 -18.25 42.97
CA LEU U 48 23.76 -16.83 43.09
C LEU U 48 22.68 -16.14 43.90
N TYR U 49 23.07 -15.59 45.04
CA TYR U 49 22.22 -14.85 45.96
C TYR U 49 22.69 -13.41 46.05
N ILE U 50 21.85 -12.58 46.65
CA ILE U 50 22.22 -11.19 46.94
C ILE U 50 21.80 -10.91 48.38
N GLY U 51 22.60 -10.09 49.06
CA GLY U 51 22.29 -9.66 50.41
C GLY U 51 22.16 -8.15 50.48
N LEU U 52 21.19 -7.69 51.28
CA LEU U 52 20.87 -6.28 51.41
C LEU U 52 20.82 -5.88 52.88
N ALA U 53 21.43 -4.74 53.20
CA ALA U 53 21.50 -4.27 54.57
C ALA U 53 21.28 -2.78 54.60
N GLY U 54 20.69 -2.28 55.69
CA GLY U 54 20.43 -0.87 55.82
C GLY U 54 18.95 -0.65 56.11
N LEU U 55 18.37 0.36 55.48
CA LEU U 55 16.94 0.60 55.67
C LEU U 55 16.13 -0.46 54.95
N ALA U 56 15.15 -1.03 55.65
CA ALA U 56 14.47 -2.22 55.16
C ALA U 56 13.57 -1.88 53.99
N THR U 57 13.13 -0.62 53.95
CA THR U 57 12.33 -0.09 52.85
C THR U 57 13.10 -0.21 51.54
N ASP U 58 14.33 0.28 51.53
CA ASP U 58 15.15 0.18 50.34
C ASP U 58 15.56 -1.26 50.07
N VAL U 59 15.61 -2.10 51.11
CA VAL U 59 15.92 -3.51 50.92
C VAL U 59 14.84 -4.19 50.07
N GLN U 60 13.58 -4.10 50.54
CA GLN U 60 12.52 -4.75 49.77
C GLN U 60 12.22 -4.04 48.45
N THR U 61 12.34 -2.72 48.41
CA THR U 61 12.05 -1.98 47.19
C THR U 61 13.07 -2.28 46.10
N VAL U 62 14.36 -2.19 46.45
CA VAL U 62 15.42 -2.49 45.49
C VAL U 62 15.43 -3.97 45.14
N ALA U 63 15.05 -4.85 46.08
CA ALA U 63 14.99 -6.27 45.76
C ALA U 63 13.89 -6.58 44.75
N GLN U 64 12.73 -5.95 44.89
CA GLN U 64 11.66 -6.18 43.92
C GLN U 64 11.96 -5.52 42.58
N ARG U 65 12.59 -4.34 42.61
CA ARG U 65 12.98 -3.65 41.38
C ARG U 65 14.02 -4.45 40.62
N LEU U 66 14.97 -5.03 41.37
CA LEU U 66 16.01 -5.82 40.76
C LEU U 66 15.46 -7.13 40.23
N LYS U 67 14.48 -7.71 40.92
CA LYS U 67 13.83 -8.91 40.41
C LYS U 67 13.07 -8.63 39.12
N PHE U 68 12.45 -7.45 39.05
CA PHE U 68 11.78 -6.96 37.85
C PHE U 68 12.74 -6.91 36.67
N ARG U 69 13.85 -6.19 36.84
CA ARG U 69 14.83 -6.06 35.76
C ARG U 69 15.52 -7.39 35.46
N LEU U 70 15.71 -8.23 36.48
CA LEU U 70 16.37 -9.52 36.30
C LEU U 70 15.54 -10.46 35.46
N ASN U 71 14.23 -10.53 35.73
CA ASN U 71 13.39 -11.38 34.94
C ASN U 71 13.20 -10.84 33.54
N LEU U 72 13.19 -9.51 33.38
CA LEU U 72 13.17 -8.96 32.02
C LEU U 72 14.42 -9.31 31.23
N TYR U 73 15.59 -9.31 31.88
CA TYR U 73 16.81 -9.70 31.21
C TYR U 73 16.82 -11.19 30.87
N GLU U 74 16.42 -12.03 31.82
CA GLU U 74 16.44 -13.47 31.57
C GLU U 74 15.32 -13.94 30.66
N LEU U 75 14.35 -13.09 30.37
CA LEU U 75 13.36 -13.43 29.36
C LEU U 75 13.71 -12.85 28.00
N LYS U 76 14.43 -11.73 27.96
CA LYS U 76 14.90 -11.25 26.65
C LYS U 76 16.01 -12.13 26.11
N GLU U 77 16.81 -12.73 26.98
CA GLU U 77 17.87 -13.63 26.56
C GLU U 77 17.73 -14.94 27.31
N GLY U 78 17.68 -16.05 26.57
CA GLY U 78 17.35 -17.34 27.15
C GLY U 78 18.38 -17.84 28.15
N ARG U 79 19.60 -17.34 28.06
CA ARG U 79 20.68 -17.74 28.94
C ARG U 79 20.48 -17.13 30.32
N GLN U 80 21.24 -17.62 31.29
CA GLN U 80 21.23 -17.03 32.60
C GLN U 80 22.35 -16.00 32.72
N ILE U 81 22.30 -15.23 33.78
CA ILE U 81 23.00 -13.96 33.88
C ILE U 81 24.37 -14.20 34.50
N LYS U 82 25.35 -13.49 33.99
CA LYS U 82 26.67 -13.52 34.58
C LYS U 82 26.71 -12.54 35.76
N PRO U 83 27.56 -12.79 36.75
CA PRO U 83 27.51 -11.96 37.97
C PRO U 83 28.00 -10.54 37.78
N TYR U 84 28.98 -10.33 36.89
CA TYR U 84 29.43 -8.98 36.57
C TYR U 84 28.32 -8.15 35.95
N THR U 85 27.50 -8.81 35.12
CA THR U 85 26.33 -8.17 34.52
C THR U 85 25.36 -7.71 35.59
N LEU U 86 25.12 -8.57 36.59
CA LEU U 86 24.24 -8.23 37.71
C LEU U 86 24.83 -7.10 38.53
N MET U 87 26.16 -7.12 38.71
CA MET U 87 26.83 -6.07 39.46
C MET U 87 26.67 -4.72 38.78
N SER U 88 26.85 -4.71 37.46
CA SER U 88 26.69 -3.49 36.68
C SER U 88 25.24 -3.02 36.68
N MET U 89 24.31 -3.98 36.69
CA MET U 89 22.88 -3.65 36.75
C MET U 89 22.52 -2.99 38.07
N VAL U 90 23.02 -3.53 39.18
CA VAL U 90 22.78 -2.93 40.49
C VAL U 90 23.45 -1.58 40.58
N ALA U 91 24.61 -1.42 39.94
CA ALA U 91 25.30 -0.14 39.94
C ALA U 91 24.51 0.91 39.17
N ASN U 92 23.90 0.52 38.05
CA ASN U 92 23.11 1.46 37.26
C ASN U 92 21.83 1.81 38.01
N LEU U 93 21.21 0.82 38.66
CA LEU U 93 20.00 1.05 39.43
C LEU U 93 20.24 1.98 40.60
N LEU U 94 21.39 1.84 41.28
CA LEU U 94 21.69 2.74 42.38
C LEU U 94 22.11 4.10 41.88
N TYR U 95 22.79 4.18 40.74
CA TYR U 95 23.28 5.46 40.29
C TYR U 95 22.19 6.29 39.63
N GLU U 96 21.06 5.67 39.25
CA GLU U 96 19.92 6.45 38.79
C GLU U 96 19.37 7.35 39.90
N LYS U 97 19.51 6.93 41.16
CA LYS U 97 19.23 7.81 42.29
C LYS U 97 20.55 8.34 42.84
N ARG U 98 21.17 9.21 42.04
CA ARG U 98 22.40 9.84 42.48
C ARG U 98 22.14 10.83 43.60
N PHE U 99 21.08 11.62 43.47
CA PHE U 99 20.74 12.61 44.46
C PHE U 99 19.50 12.25 45.24
N GLY U 100 18.87 11.12 44.90
CA GLY U 100 17.74 10.61 45.66
C GLY U 100 18.02 9.27 46.32
N PRO U 101 19.15 9.14 47.01
CA PRO U 101 19.79 7.83 47.15
C PRO U 101 19.03 6.87 48.05
N TYR U 102 19.08 5.60 47.68
CA TYR U 102 18.66 4.55 48.60
C TYR U 102 19.68 4.44 49.73
N TYR U 103 19.23 3.92 50.86
CA TYR U 103 20.14 3.66 51.98
C TYR U 103 20.29 2.16 52.12
N THR U 104 21.23 1.63 51.34
CA THR U 104 21.46 0.20 51.28
C THR U 104 22.89 -0.02 50.83
N GLU U 105 23.40 -1.21 51.15
CA GLU U 105 24.74 -1.64 50.77
C GLU U 105 24.61 -3.07 50.25
N PRO U 106 24.32 -3.24 48.97
CA PRO U 106 24.09 -4.57 48.43
C PRO U 106 25.35 -5.39 48.37
N VAL U 107 25.20 -6.69 48.62
CA VAL U 107 26.28 -7.65 48.56
C VAL U 107 25.85 -8.78 47.65
N ILE U 108 26.64 -9.05 46.61
CA ILE U 108 26.35 -10.06 45.62
C ILE U 108 27.35 -11.19 45.83
N ALA U 109 26.84 -12.42 45.92
CA ALA U 109 27.69 -13.59 46.03
C ALA U 109 27.07 -14.67 45.16
N GLY U 110 27.85 -15.16 44.21
CA GLY U 110 27.34 -16.16 43.29
C GLY U 110 28.47 -16.88 42.59
N LEU U 111 28.10 -17.95 41.92
CA LEU U 111 29.03 -18.77 41.18
C LEU U 111 29.00 -18.42 39.70
N ASP U 112 29.91 -18.99 38.99
CA ASP U 112 29.98 -18.87 37.55
C ASP U 112 28.89 -19.74 36.93
N PRO U 113 28.23 -19.29 35.87
CA PRO U 113 27.21 -20.14 35.23
C PRO U 113 27.81 -21.24 34.37
N LYS U 114 29.02 -21.04 33.86
CA LYS U 114 29.68 -22.05 33.04
C LYS U 114 30.62 -22.94 33.86
N THR U 115 31.50 -22.32 34.63
CA THR U 115 32.44 -23.03 35.47
C THR U 115 31.95 -23.03 36.91
N PHE U 116 32.82 -23.44 37.83
CA PHE U 116 32.57 -23.40 39.26
C PHE U 116 33.27 -22.24 39.94
N LYS U 117 33.57 -21.19 39.21
CA LYS U 117 34.30 -20.08 39.77
C LYS U 117 33.41 -19.28 40.72
N PRO U 118 33.85 -19.05 41.95
CA PRO U 118 33.06 -18.24 42.87
C PRO U 118 33.22 -16.76 42.55
N PHE U 119 32.38 -15.95 43.17
CA PHE U 119 32.38 -14.52 42.92
C PHE U 119 31.78 -13.84 44.13
N ILE U 120 32.43 -12.76 44.57
CA ILE U 120 31.89 -11.87 45.59
C ILE U 120 32.19 -10.45 45.16
N CYS U 121 31.29 -9.55 45.55
CA CYS U 121 31.47 -8.13 45.36
C CYS U 121 30.50 -7.41 46.29
N SER U 122 30.73 -6.11 46.45
CA SER U 122 29.87 -5.28 47.25
C SER U 122 29.80 -3.91 46.59
N LEU U 123 28.75 -3.18 46.93
CA LEU U 123 28.51 -1.86 46.35
C LEU U 123 28.27 -0.86 47.46
N ASP U 124 28.40 0.40 47.10
CA ASP U 124 28.08 1.47 48.02
C ASP U 124 26.70 2.03 47.74
N LEU U 125 26.33 3.06 48.51
CA LEU U 125 24.99 3.63 48.44
C LEU U 125 24.74 4.49 47.22
N ILE U 126 25.72 4.63 46.32
CA ILE U 126 25.53 5.39 45.09
C ILE U 126 25.90 4.52 43.91
N GLY U 127 26.47 3.35 44.18
CA GLY U 127 26.80 2.44 43.11
C GLY U 127 28.29 2.27 42.85
N CYS U 128 29.08 2.19 43.92
CA CYS U 128 30.51 1.99 43.77
C CYS U 128 30.83 0.52 43.99
N PRO U 129 31.15 -0.24 42.95
CA PRO U 129 31.46 -1.66 43.11
C PRO U 129 32.84 -1.89 43.70
N MET U 130 33.02 -3.11 44.21
CA MET U 130 34.29 -3.50 44.82
C MET U 130 34.34 -5.01 44.81
N VAL U 131 35.18 -5.57 43.93
CA VAL U 131 35.41 -7.01 43.86
C VAL U 131 36.65 -7.36 44.66
N THR U 132 36.53 -8.38 45.51
CA THR U 132 37.68 -8.84 46.29
C THR U 132 37.80 -10.35 46.15
N ASP U 133 38.68 -10.94 46.95
CA ASP U 133 38.90 -12.38 46.88
C ASP U 133 38.61 -13.12 48.18
N ASP U 134 38.61 -12.43 49.31
CA ASP U 134 38.47 -13.06 50.61
C ASP U 134 37.05 -12.95 51.17
N PHE U 135 36.55 -11.73 51.34
CA PHE U 135 35.26 -11.50 52.00
C PHE U 135 34.85 -10.05 51.75
N VAL U 136 33.53 -9.82 51.77
CA VAL U 136 32.98 -8.48 51.83
C VAL U 136 31.90 -8.44 52.91
N VAL U 137 31.77 -7.28 53.55
CA VAL U 137 30.81 -7.07 54.62
C VAL U 137 30.04 -5.79 54.35
N SER U 138 28.91 -5.66 55.05
CA SER U 138 28.07 -4.48 54.95
C SER U 138 27.24 -4.38 56.22
N GLY U 139 26.51 -3.29 56.34
CA GLY U 139 25.63 -3.06 57.46
C GLY U 139 26.17 -2.03 58.44
N THR U 140 25.60 -2.07 59.65
CA THR U 140 26.00 -1.13 60.69
C THR U 140 27.39 -1.46 61.25
N CYS U 141 27.52 -2.65 61.81
CA CYS U 141 28.81 -3.13 62.29
C CYS U 141 29.72 -3.41 61.11
N ALA U 142 30.89 -2.77 61.12
CA ALA U 142 31.90 -3.07 60.11
C ALA U 142 33.19 -3.58 60.72
N GLU U 143 33.77 -2.86 61.69
CA GLU U 143 35.12 -3.13 62.19
C GLU U 143 35.21 -4.48 62.87
N GLN U 144 34.10 -4.92 63.47
CA GLN U 144 34.02 -6.23 64.10
C GLN U 144 34.23 -7.33 63.07
N MET U 145 33.46 -7.29 61.99
CA MET U 145 33.56 -8.32 60.97
C MET U 145 34.86 -8.21 60.19
N TYR U 146 35.40 -6.99 60.03
CA TYR U 146 36.72 -6.85 59.44
C TYR U 146 37.79 -7.50 60.30
N GLY U 147 37.75 -7.26 61.61
CA GLY U 147 38.74 -7.86 62.50
C GLY U 147 38.64 -9.37 62.53
N MET U 148 37.40 -9.89 62.55
CA MET U 148 37.20 -11.34 62.59
C MET U 148 37.64 -12.00 61.30
N CYS U 149 37.22 -11.47 60.14
CA CYS U 149 37.57 -12.12 58.89
C CYS U 149 39.04 -11.93 58.52
N GLU U 150 39.65 -10.79 58.87
CA GLU U 150 41.09 -10.66 58.72
C GLU U 150 41.87 -11.47 59.74
N SER U 151 41.20 -11.97 60.78
CA SER U 151 41.81 -12.89 61.71
C SER U 151 41.70 -14.35 61.27
N LEU U 152 40.61 -14.72 60.61
CA LEU U 152 40.25 -16.13 60.44
C LEU U 152 40.30 -16.65 59.03
N TRP U 153 40.59 -15.82 58.03
CA TRP U 153 40.42 -16.27 56.65
C TRP U 153 41.64 -17.07 56.20
N GLU U 154 41.39 -18.13 55.45
CA GLU U 154 42.44 -18.87 54.79
C GLU U 154 42.16 -18.90 53.28
N PRO U 155 43.20 -19.04 52.45
CA PRO U 155 42.95 -18.97 51.00
C PRO U 155 42.24 -20.19 50.45
N ASN U 156 42.64 -21.38 50.87
CA ASN U 156 42.16 -22.62 50.31
C ASN U 156 41.32 -23.30 51.37
N MET U 157 40.00 -23.31 51.19
CA MET U 157 39.11 -23.72 52.27
C MET U 157 38.14 -24.76 51.75
N ASP U 158 38.14 -25.92 52.40
CA ASP U 158 37.05 -26.87 52.26
C ASP U 158 35.75 -26.25 52.79
N PRO U 159 34.58 -26.66 52.26
CA PRO U 159 33.32 -25.99 52.63
C PRO U 159 32.94 -26.13 54.10
N ASP U 160 33.43 -27.17 54.78
CA ASP U 160 33.11 -27.34 56.19
C ASP U 160 33.80 -26.29 57.05
N HIS U 161 35.11 -26.12 56.86
CA HIS U 161 35.83 -25.07 57.59
C HIS U 161 35.38 -23.69 57.15
N LEU U 162 34.91 -23.56 55.90
CA LEU U 162 34.31 -22.32 55.45
C LEU U 162 33.06 -22.02 56.27
N PHE U 163 32.21 -23.03 56.45
CA PHE U 163 31.00 -22.88 57.23
C PHE U 163 31.32 -22.54 58.68
N GLU U 164 32.33 -23.19 59.24
CA GLU U 164 32.66 -22.93 60.64
C GLU U 164 33.32 -21.58 60.84
N THR U 165 34.12 -21.14 59.85
CA THR U 165 34.78 -19.85 59.91
C THR U 165 33.76 -18.72 59.84
N ILE U 166 32.85 -18.77 58.85
CA ILE U 166 31.83 -17.74 58.75
C ILE U 166 30.87 -17.80 59.94
N SER U 167 30.68 -19.01 60.50
CA SER U 167 29.83 -19.17 61.67
C SER U 167 30.42 -18.46 62.88
N GLN U 168 31.71 -18.72 63.17
CA GLN U 168 32.35 -18.12 64.33
C GLN U 168 32.49 -16.61 64.16
N ALA U 169 32.78 -16.17 62.94
CA ALA U 169 32.91 -14.74 62.67
C ALA U 169 31.59 -14.01 62.88
N MET U 170 30.51 -14.54 62.31
CA MET U 170 29.20 -13.92 62.46
C MET U 170 28.73 -13.94 63.91
N LEU U 171 28.96 -15.07 64.60
CA LEU U 171 28.50 -15.18 65.99
C LEU U 171 29.21 -14.19 66.89
N ASN U 172 30.53 -14.09 66.77
CA ASN U 172 31.25 -13.20 67.68
C ASN U 172 31.03 -11.73 67.32
N ALA U 173 31.02 -11.40 66.02
CA ALA U 173 30.83 -10.00 65.64
C ALA U 173 29.39 -9.54 65.86
N VAL U 174 28.43 -10.46 65.82
CA VAL U 174 27.06 -10.08 66.11
C VAL U 174 26.82 -9.98 67.60
N ASP U 175 27.37 -10.91 68.39
CA ASP U 175 27.23 -10.86 69.84
C ASP U 175 27.91 -9.64 70.43
N ARG U 176 28.97 -9.15 69.79
CA ARG U 176 29.49 -7.86 70.25
C ARG U 176 28.62 -6.71 69.75
N ASP U 177 27.91 -6.87 68.64
CA ASP U 177 27.09 -5.79 68.15
C ASP U 177 25.80 -5.71 68.96
N ALA U 178 25.24 -4.50 69.03
CA ALA U 178 24.03 -4.23 69.80
C ALA U 178 22.78 -4.33 68.95
N VAL U 179 22.69 -3.50 67.92
CA VAL U 179 21.42 -3.34 67.20
C VAL U 179 21.15 -4.43 66.20
N SER U 180 22.10 -5.33 65.96
CA SER U 180 21.92 -6.41 65.00
C SER U 180 22.23 -7.73 65.68
N GLY U 181 21.23 -8.60 65.78
CA GLY U 181 21.40 -9.86 66.46
C GLY U 181 20.26 -10.82 66.21
N MET U 182 19.91 -11.56 67.27
CA MET U 182 18.69 -12.39 67.34
C MET U 182 18.67 -13.47 66.27
N GLY U 183 19.78 -14.17 66.12
CA GLY U 183 19.84 -15.30 65.22
C GLY U 183 20.61 -14.97 63.95
N VAL U 184 21.10 -16.02 63.29
CA VAL U 184 21.92 -15.91 62.09
C VAL U 184 21.39 -16.93 61.09
N ILE U 185 21.21 -16.50 59.84
CA ILE U 185 20.96 -17.40 58.72
C ILE U 185 22.19 -17.45 57.82
N VAL U 186 22.51 -18.66 57.36
CA VAL U 186 23.72 -18.92 56.58
C VAL U 186 23.35 -19.69 55.32
N HIS U 187 23.77 -19.18 54.17
CA HIS U 187 23.64 -19.89 52.89
C HIS U 187 25.03 -20.28 52.42
N ILE U 188 25.28 -21.58 52.32
CA ILE U 188 26.54 -22.09 51.79
C ILE U 188 26.24 -22.90 50.54
N ILE U 189 26.67 -22.38 49.40
CA ILE U 189 26.28 -22.92 48.11
C ILE U 189 27.53 -23.42 47.40
N GLU U 190 27.31 -24.29 46.43
CA GLU U 190 28.37 -24.82 45.59
C GLU U 190 27.75 -25.31 44.29
N LYS U 191 28.56 -25.97 43.47
CA LYS U 191 28.10 -26.43 42.17
C LYS U 191 27.07 -27.54 42.31
N ASP U 192 27.21 -28.38 43.32
CA ASP U 192 26.38 -29.57 43.43
C ASP U 192 25.05 -29.29 44.12
N LYS U 193 25.05 -28.46 45.16
CA LYS U 193 23.89 -28.40 46.02
C LYS U 193 23.88 -27.05 46.71
N ILE U 194 22.81 -26.81 47.47
CA ILE U 194 22.59 -25.54 48.15
C ILE U 194 22.20 -25.89 49.58
N THR U 195 22.94 -25.35 50.54
CA THR U 195 22.72 -25.65 51.94
C THR U 195 22.37 -24.36 52.68
N THR U 196 21.35 -24.41 53.53
CA THR U 196 20.91 -23.28 54.33
C THR U 196 20.82 -23.72 55.77
N ARG U 197 21.66 -23.17 56.63
CA ARG U 197 21.62 -23.53 58.04
C ARG U 197 21.40 -22.32 58.92
N THR U 198 20.71 -22.54 60.03
CA THR U 198 20.46 -21.52 61.04
C THR U 198 21.16 -21.92 62.33
N LEU U 199 21.81 -20.96 62.95
CA LEU U 199 22.66 -21.22 64.11
C LEU U 199 21.95 -20.86 65.40
N LYS U 200 22.39 -21.47 66.49
CA LYS U 200 21.87 -21.17 67.81
C LYS U 200 22.62 -19.97 68.35
N ALA U 201 22.18 -18.79 67.96
CA ALA U 201 22.82 -17.56 68.41
C ALA U 201 22.19 -17.10 69.71
N ARG U 202 22.91 -16.25 70.42
CA ARG U 202 22.40 -15.69 71.67
C ARG U 202 21.24 -14.75 71.40
N MET U 203 20.12 -15.01 72.06
CA MET U 203 18.89 -14.25 71.90
C MET U 203 18.85 -12.99 72.74
N ASP U 204 20.00 -12.52 73.21
CA ASP U 204 20.08 -11.38 74.10
C ASP U 204 20.14 -10.05 73.33
N MET V 1 -0.39 7.50 69.36
CA MET V 1 -0.84 7.85 70.71
C MET V 1 -1.39 6.59 71.36
N GLU V 2 -2.58 6.15 70.94
CA GLU V 2 -3.19 4.98 71.53
C GLU V 2 -2.61 3.72 70.87
N TYR V 3 -3.18 2.56 71.19
CA TYR V 3 -2.88 1.36 70.42
C TYR V 3 -4.10 0.46 70.22
N LEU V 4 -4.18 -0.13 69.02
CA LEU V 4 -5.13 -1.17 68.63
C LEU V 4 -4.38 -2.50 68.56
N ILE V 5 -4.78 -3.50 69.37
CA ILE V 5 -4.07 -4.78 69.37
C ILE V 5 -4.62 -5.77 68.35
N GLY V 6 -3.72 -6.69 67.92
CA GLY V 6 -3.85 -7.65 66.84
C GLY V 6 -3.47 -9.12 67.04
N ILE V 7 -3.86 -9.79 68.12
CA ILE V 7 -3.33 -11.11 68.48
C ILE V 7 -3.71 -12.18 67.46
N GLN V 8 -2.72 -12.90 66.93
CA GLN V 8 -2.93 -14.00 66.00
C GLN V 8 -3.04 -15.34 66.74
N GLY V 9 -3.93 -16.20 66.24
CA GLY V 9 -4.13 -17.54 66.77
C GLY V 9 -3.75 -18.65 65.80
N PRO V 10 -4.19 -19.87 66.09
CA PRO V 10 -3.99 -20.97 65.11
C PRO V 10 -4.86 -20.81 63.88
N ASP V 11 -6.14 -20.44 64.05
CA ASP V 11 -7.06 -20.35 62.92
C ASP V 11 -7.96 -19.13 63.09
N TYR V 12 -7.45 -18.11 63.77
CA TYR V 12 -8.17 -16.87 63.98
C TYR V 12 -7.18 -15.75 64.25
N VAL V 13 -7.64 -14.53 64.06
CA VAL V 13 -6.89 -13.32 64.37
C VAL V 13 -7.78 -12.48 65.27
N LEU V 14 -7.24 -12.07 66.40
CA LEU V 14 -7.98 -11.32 67.41
C LEU V 14 -7.51 -9.88 67.38
N VAL V 15 -8.32 -9.04 66.78
CA VAL V 15 -8.03 -7.61 66.70
C VAL V 15 -8.98 -6.88 67.62
N ALA V 16 -8.49 -5.76 68.15
CA ALA V 16 -9.22 -4.95 69.11
C ALA V 16 -8.66 -3.54 69.11
N SER V 17 -9.45 -2.58 68.65
CA SER V 17 -9.05 -1.19 68.72
C SER V 17 -9.76 -0.47 69.87
N ASP V 18 -9.60 0.85 69.93
CA ASP V 18 -10.29 1.67 70.91
C ASP V 18 -11.38 2.46 70.23
N ARG V 19 -11.99 3.36 70.99
CA ARG V 19 -13.07 4.18 70.47
C ARG V 19 -12.82 5.65 70.79
N VAL V 20 -11.55 6.09 70.80
CA VAL V 20 -11.18 7.41 71.28
C VAL V 20 -10.70 8.27 70.12
N ALA V 21 -11.22 9.50 70.06
CA ALA V 21 -10.93 10.47 69.02
C ALA V 21 -10.61 11.82 69.64
N ALA V 22 -9.71 11.80 70.62
CA ALA V 22 -9.40 12.99 71.40
C ALA V 22 -8.53 13.96 70.62
N SER V 23 -8.52 15.23 71.08
CA SER V 23 -7.63 16.25 70.50
C SER V 23 -7.00 17.07 71.62
N ASN V 24 -5.91 16.54 72.19
CA ASN V 24 -4.84 17.27 72.86
C ASN V 24 -5.21 17.86 74.22
N ILE V 25 -6.49 18.02 74.54
CA ILE V 25 -6.91 18.29 75.91
C ILE V 25 -8.11 17.41 76.23
N VAL V 26 -9.11 17.45 75.35
CA VAL V 26 -10.41 16.84 75.61
C VAL V 26 -10.59 15.59 74.76
N GLN V 27 -11.46 14.71 75.24
CA GLN V 27 -11.81 13.49 74.53
C GLN V 27 -13.10 13.80 73.79
N MET V 28 -12.98 14.08 72.49
CA MET V 28 -14.12 14.60 71.76
C MET V 28 -15.14 13.50 71.48
N LYS V 29 -14.66 12.28 71.24
CA LYS V 29 -15.55 11.21 70.83
C LYS V 29 -15.13 9.91 71.49
N ASP V 30 -16.07 9.26 72.16
CA ASP V 30 -15.83 8.06 72.94
C ASP V 30 -16.46 6.82 72.31
N ASP V 31 -16.87 6.91 71.04
CA ASP V 31 -17.40 5.77 70.32
C ASP V 31 -16.84 5.72 68.90
N HIS V 32 -15.59 6.13 68.76
CA HIS V 32 -14.94 6.20 67.46
C HIS V 32 -14.68 4.79 66.94
N ASP V 33 -14.58 4.65 65.61
CA ASP V 33 -14.39 3.35 65.00
C ASP V 33 -13.24 3.46 64.03
N LYS V 34 -12.21 2.65 64.24
CA LYS V 34 -11.01 2.62 63.41
C LYS V 34 -10.95 1.35 62.57
N MET V 35 -12.05 0.63 62.50
CA MET V 35 -12.13 -0.69 61.88
C MET V 35 -12.70 -0.59 60.48
N PHE V 36 -11.96 -1.11 59.50
CA PHE V 36 -12.23 -0.85 58.09
C PHE V 36 -12.36 -2.22 57.43
N LYS V 37 -13.60 -2.69 57.25
CA LYS V 37 -13.85 -4.01 56.69
C LYS V 37 -13.51 -3.99 55.20
N MET V 38 -12.33 -4.51 54.86
CA MET V 38 -11.93 -4.55 53.46
C MET V 38 -12.77 -5.54 52.67
N SER V 39 -12.76 -6.80 53.09
CA SER V 39 -13.53 -7.84 52.43
C SER V 39 -14.22 -8.67 53.48
N GLU V 40 -14.76 -9.81 53.06
CA GLU V 40 -15.48 -10.71 53.96
C GLU V 40 -14.57 -11.40 54.96
N LYS V 41 -13.26 -11.38 54.74
CA LYS V 41 -12.36 -11.99 55.71
C LYS V 41 -11.09 -11.17 55.90
N ILE V 42 -11.11 -9.89 55.55
CA ILE V 42 -9.93 -9.05 55.62
C ILE V 42 -10.31 -7.74 56.30
N LEU V 43 -9.67 -7.47 57.44
CA LEU V 43 -9.82 -6.24 58.20
C LEU V 43 -8.60 -5.35 58.03
N LEU V 44 -8.74 -4.11 58.50
CA LEU V 44 -7.67 -3.13 58.46
C LEU V 44 -7.84 -2.16 59.62
N LEU V 45 -6.72 -1.86 60.27
CA LEU V 45 -6.66 -0.90 61.35
C LEU V 45 -5.67 0.20 60.98
N CYS V 46 -5.82 1.35 61.62
CA CYS V 46 -4.98 2.49 61.27
C CYS V 46 -4.83 3.43 62.45
N VAL V 47 -3.60 3.88 62.68
CA VAL V 47 -3.28 4.85 63.72
C VAL V 47 -2.22 5.78 63.13
N GLY V 48 -2.44 7.07 63.25
CA GLY V 48 -1.39 8.02 62.91
C GLY V 48 -1.91 9.44 62.97
N GLU V 49 -1.41 10.26 62.06
CA GLU V 49 -2.00 11.57 61.86
C GLU V 49 -3.40 11.40 61.30
N ALA V 50 -4.38 11.84 62.06
CA ALA V 50 -5.76 11.37 61.90
C ALA V 50 -6.48 11.99 60.71
N GLY V 51 -5.79 12.80 59.91
CA GLY V 51 -6.33 13.27 58.65
C GLY V 51 -5.89 12.34 57.54
N ASP V 52 -4.85 11.56 57.81
CA ASP V 52 -4.32 10.65 56.81
C ASP V 52 -5.02 9.30 56.87
N THR V 53 -5.60 8.98 58.03
CA THR V 53 -6.23 7.68 58.26
C THR V 53 -7.40 7.49 57.32
N VAL V 54 -8.26 8.52 57.24
CA VAL V 54 -9.47 8.45 56.43
C VAL V 54 -9.14 8.39 54.95
N GLN V 55 -8.09 9.09 54.51
CA GLN V 55 -7.75 9.06 53.10
C GLN V 55 -7.13 7.72 52.71
N PHE V 56 -6.34 7.14 53.62
CA PHE V 56 -5.92 5.75 53.45
C PHE V 56 -7.06 4.78 53.37
N ALA V 57 -8.07 4.95 54.24
CA ALA V 57 -9.22 4.07 54.19
C ALA V 57 -9.92 4.16 52.85
N GLU V 58 -10.05 5.38 52.33
CA GLU V 58 -10.65 5.59 51.01
C GLU V 58 -9.86 4.87 49.93
N TYR V 59 -8.55 5.12 49.90
CA TYR V 59 -7.69 4.61 48.84
C TYR V 59 -7.60 3.09 48.87
N ILE V 60 -7.21 2.53 50.01
CA ILE V 60 -7.01 1.10 50.12
C ILE V 60 -8.33 0.34 50.03
N GLN V 61 -9.31 0.73 50.86
CA GLN V 61 -10.61 0.07 50.91
C GLN V 61 -11.29 0.06 49.55
N LYS V 62 -11.35 1.21 48.90
CA LYS V 62 -12.07 1.27 47.65
C LYS V 62 -11.28 0.64 46.50
N ASN V 63 -9.94 0.67 46.54
CA ASN V 63 -9.23 0.02 45.44
C ASN V 63 -9.25 -1.51 45.58
N VAL V 64 -9.33 -2.01 46.81
CA VAL V 64 -9.49 -3.45 47.00
C VAL V 64 -10.89 -3.90 46.58
N GLN V 65 -11.91 -3.10 46.95
CA GLN V 65 -13.26 -3.36 46.44
C GLN V 65 -13.34 -3.28 44.92
N LEU V 66 -12.55 -2.40 44.31
CA LEU V 66 -12.47 -2.34 42.85
C LEU V 66 -11.88 -3.61 42.26
N TYR V 67 -10.81 -4.13 42.89
CA TYR V 67 -10.22 -5.40 42.46
C TYR V 67 -11.22 -6.54 42.57
N LYS V 68 -11.94 -6.56 43.69
CA LYS V 68 -12.97 -7.55 43.97
C LYS V 68 -14.07 -7.53 42.93
N MET V 69 -14.50 -6.33 42.54
CA MET V 69 -15.49 -6.25 41.48
C MET V 69 -14.91 -6.57 40.12
N ARG V 70 -13.60 -6.36 39.94
CA ARG V 70 -13.03 -6.61 38.63
C ARG V 70 -12.93 -8.09 38.33
N ASN V 71 -12.13 -8.83 39.10
CA ASN V 71 -11.75 -10.17 38.63
C ASN V 71 -12.73 -11.29 38.98
N GLY V 72 -12.88 -11.62 40.25
CA GLY V 72 -13.90 -12.60 40.57
C GLY V 72 -13.84 -13.20 41.95
N TYR V 73 -12.96 -12.68 42.80
CA TYR V 73 -12.56 -13.40 44.00
C TYR V 73 -11.92 -12.41 44.96
N GLU V 74 -11.67 -12.87 46.17
CA GLU V 74 -11.17 -12.04 47.24
C GLU V 74 -9.65 -12.08 47.18
N LEU V 75 -9.03 -10.96 47.55
CA LEU V 75 -7.58 -10.92 47.64
C LEU V 75 -7.05 -11.86 48.71
N SER V 76 -5.78 -12.24 48.53
CA SER V 76 -5.02 -12.81 49.61
C SER V 76 -4.65 -11.71 50.61
N PRO V 77 -4.38 -12.07 51.87
CA PRO V 77 -3.84 -11.07 52.79
C PRO V 77 -2.45 -10.61 52.40
N THR V 78 -1.66 -11.49 51.79
CA THR V 78 -0.28 -11.18 51.44
C THR V 78 -0.19 -10.12 50.35
N ALA V 79 -0.98 -10.26 49.28
CA ALA V 79 -0.94 -9.29 48.20
C ALA V 79 -1.51 -7.96 48.64
N ALA V 80 -2.53 -7.99 49.51
CA ALA V 80 -3.09 -6.76 50.05
C ALA V 80 -2.07 -6.02 50.91
N ALA V 81 -1.36 -6.78 51.76
CA ALA V 81 -0.32 -6.20 52.59
C ALA V 81 0.79 -5.57 51.75
N ASN V 82 1.21 -6.27 50.70
CA ASN V 82 2.25 -5.72 49.84
C ASN V 82 1.75 -4.51 49.09
N PHE V 83 0.48 -4.49 48.72
CA PHE V 83 -0.09 -3.36 48.01
C PHE V 83 -0.15 -2.11 48.89
N THR V 84 -0.56 -2.29 50.16
CA THR V 84 -0.48 -1.21 51.13
C THR V 84 0.95 -0.73 51.37
N ARG V 85 1.89 -1.68 51.52
CA ARG V 85 3.30 -1.32 51.74
C ARG V 85 3.85 -0.56 50.55
N ARG V 86 3.48 -0.98 49.35
CA ARG V 86 3.93 -0.32 48.13
C ARG V 86 3.38 1.09 48.03
N ASN V 87 2.11 1.30 48.41
CA ASN V 87 1.57 2.66 48.31
C ASN V 87 2.13 3.59 49.37
N LEU V 88 2.46 3.05 50.55
CA LEU V 88 3.22 3.83 51.53
C LEU V 88 4.60 4.21 51.01
N ALA V 89 5.31 3.23 50.46
CA ALA V 89 6.69 3.44 50.03
C ALA V 89 6.76 4.34 48.81
N ASP V 90 5.71 4.36 48.00
CA ASP V 90 5.70 5.30 46.89
C ASP V 90 5.31 6.70 47.33
N CYS V 91 4.33 6.83 48.22
CA CYS V 91 3.90 8.15 48.63
C CYS V 91 4.86 8.82 49.62
N LEU V 92 5.85 8.08 50.13
CA LEU V 92 6.74 8.66 51.14
C LEU V 92 7.69 9.69 50.56
N ARG V 93 8.42 9.35 49.50
CA ARG V 93 9.44 10.25 48.98
C ARG V 93 8.83 11.25 47.99
N SER V 94 8.03 12.16 48.54
CA SER V 94 7.44 13.21 47.74
C SER V 94 7.35 14.48 48.58
N ARG V 95 6.67 15.49 48.03
CA ARG V 95 6.31 16.68 48.80
C ARG V 95 5.11 16.45 49.70
N THR V 96 4.38 15.35 49.49
CA THR V 96 3.18 15.03 50.25
C THR V 96 3.43 13.64 50.82
N PRO V 97 4.02 13.53 52.01
CA PRO V 97 4.17 12.21 52.62
C PRO V 97 2.99 11.88 53.50
N TYR V 98 2.84 10.59 53.76
CA TYR V 98 1.81 10.09 54.65
C TYR V 98 2.46 9.59 55.92
N HIS V 99 1.87 9.87 57.07
CA HIS V 99 2.40 9.39 58.34
C HIS V 99 1.36 8.57 59.11
N VAL V 100 1.27 7.28 58.79
CA VAL V 100 0.31 6.38 59.43
C VAL V 100 1.07 5.15 59.90
N ASN V 101 0.43 4.42 60.81
CA ASN V 101 1.00 3.22 61.40
C ASN V 101 -0.08 2.14 61.37
N LEU V 102 0.07 1.18 60.48
CA LEU V 102 -0.97 0.22 60.16
C LEU V 102 -0.65 -1.15 60.74
N LEU V 103 -1.68 -2.00 60.72
CA LEU V 103 -1.51 -3.44 60.71
C LEU V 103 -2.72 -4.10 60.09
N LEU V 104 -2.48 -5.21 59.40
CA LEU V 104 -3.48 -5.88 58.57
C LEU V 104 -3.79 -7.27 59.06
N ALA V 105 -5.07 -7.62 58.98
CA ALA V 105 -5.59 -8.89 59.48
C ALA V 105 -6.49 -9.49 58.41
N GLY V 106 -6.10 -10.65 57.90
CA GLY V 106 -6.82 -11.28 56.82
C GLY V 106 -7.01 -12.76 57.08
N TYR V 107 -7.60 -13.47 56.13
CA TYR V 107 -7.84 -14.89 56.30
C TYR V 107 -7.92 -15.51 54.91
N ASP V 108 -7.06 -16.48 54.63
CA ASP V 108 -7.10 -17.18 53.35
C ASP V 108 -7.76 -18.54 53.53
N GLU V 109 -8.31 -19.04 52.42
CA GLU V 109 -8.83 -20.40 52.41
C GLU V 109 -7.70 -21.42 52.51
N HIS V 110 -6.53 -21.10 51.99
CA HIS V 110 -5.42 -22.03 51.98
C HIS V 110 -4.37 -21.68 53.04
N GLU V 111 -4.00 -20.40 53.13
CA GLU V 111 -3.03 -19.98 54.13
C GLU V 111 -3.64 -19.83 55.51
N GLY V 112 -4.97 -19.79 55.62
CA GLY V 112 -5.60 -19.58 56.90
C GLY V 112 -5.45 -18.14 57.32
N PRO V 113 -5.30 -17.90 58.61
CA PRO V 113 -5.15 -16.53 59.12
C PRO V 113 -3.76 -15.97 58.85
N ALA V 114 -3.68 -14.64 58.80
CA ALA V 114 -2.44 -13.95 58.54
C ALA V 114 -2.49 -12.57 59.17
N LEU V 115 -1.39 -12.17 59.78
CA LEU V 115 -1.26 -10.86 60.41
C LEU V 115 -0.03 -10.15 59.85
N TYR V 116 -0.21 -8.89 59.45
CA TYR V 116 0.91 -8.07 59.02
C TYR V 116 1.05 -6.83 59.90
N TYR V 117 2.09 -6.04 59.59
CA TYR V 117 2.52 -4.95 60.47
C TYR V 117 3.29 -3.90 59.69
N MET V 118 2.70 -2.72 59.55
CA MET V 118 3.37 -1.61 58.88
C MET V 118 4.06 -0.70 59.90
N ASP V 119 4.50 0.45 59.42
CA ASP V 119 5.15 1.52 60.15
C ASP V 119 5.01 2.74 59.25
N TYR V 120 5.39 3.92 59.75
CA TYR V 120 5.36 5.08 58.86
C TYR V 120 6.53 5.12 57.89
N LEU V 121 7.35 4.07 57.83
CA LEU V 121 8.40 3.92 56.83
C LEU V 121 8.27 2.66 56.00
N ALA V 122 7.04 2.13 55.86
CA ALA V 122 6.68 1.12 54.84
C ALA V 122 7.45 -0.19 54.99
N ALA V 123 7.43 -0.75 56.19
CA ALA V 123 8.13 -1.99 56.47
C ALA V 123 7.12 -3.09 56.69
N LEU V 124 7.28 -4.18 55.95
CA LEU V 124 6.47 -5.38 56.12
C LEU V 124 6.93 -6.18 57.35
N ALA V 125 6.00 -6.94 57.91
CA ALA V 125 6.31 -7.86 59.00
C ALA V 125 5.24 -8.93 59.05
N LYS V 126 5.64 -10.14 59.39
CA LYS V 126 4.71 -11.27 59.52
C LYS V 126 4.75 -11.70 60.99
N ALA V 127 3.87 -11.13 61.79
CA ALA V 127 4.13 -11.20 63.21
C ALA V 127 3.14 -12.11 63.93
N PRO V 128 3.55 -12.72 65.04
CA PRO V 128 2.59 -13.50 65.83
C PRO V 128 1.76 -12.52 66.61
N PHE V 129 2.42 -11.42 66.96
CA PHE V 129 1.83 -10.26 67.62
C PHE V 129 2.80 -9.10 67.49
N ALA V 130 2.28 -7.96 67.07
CA ALA V 130 3.03 -6.75 66.81
C ALA V 130 2.38 -5.60 67.57
N ALA V 131 3.05 -4.44 67.61
CA ALA V 131 2.44 -3.31 68.31
C ALA V 131 2.97 -1.95 67.87
N HIS V 132 2.31 -0.90 68.37
CA HIS V 132 2.66 0.50 68.13
C HIS V 132 2.28 1.32 69.35
N GLY V 133 2.89 2.48 69.52
CA GLY V 133 2.57 3.27 70.70
C GLY V 133 3.32 3.04 71.99
N TYR V 134 2.60 3.29 73.08
CA TYR V 134 3.09 3.18 74.44
C TYR V 134 2.46 1.96 75.09
N GLY V 135 1.21 1.74 74.69
CA GLY V 135 0.57 0.46 74.85
C GLY V 135 1.32 -0.65 74.16
N ALA V 136 2.10 -0.33 73.11
CA ALA V 136 3.09 -1.27 72.61
C ALA V 136 3.92 -1.88 73.71
N PHE V 137 4.53 -1.02 74.52
CA PHE V 137 5.43 -1.42 75.59
C PHE V 137 4.70 -2.31 76.58
N LEU V 138 3.60 -1.77 77.12
CA LEU V 138 2.88 -2.50 78.18
C LEU V 138 2.23 -3.78 77.64
N THR V 139 1.57 -3.75 76.48
CA THR V 139 0.83 -4.93 76.07
C THR V 139 1.77 -6.01 75.57
N LEU V 140 2.95 -5.62 75.08
CA LEU V 140 3.85 -6.64 74.58
C LEU V 140 4.58 -7.35 75.70
N SER V 141 4.86 -6.70 76.85
CA SER V 141 5.41 -7.50 77.95
C SER V 141 4.45 -8.59 78.45
N ILE V 142 3.20 -8.21 78.74
CA ILE V 142 2.19 -9.19 79.18
C ILE V 142 1.91 -10.25 78.11
N LEU V 143 1.82 -9.84 76.84
CA LEU V 143 1.55 -10.83 75.81
C LEU V 143 2.74 -11.74 75.53
N ASP V 144 3.96 -11.22 75.57
CA ASP V 144 5.07 -12.11 75.30
C ASP V 144 5.39 -12.99 76.50
N ARG V 145 4.82 -12.68 77.67
CA ARG V 145 4.91 -13.60 78.78
C ARG V 145 3.98 -14.80 78.62
N TYR V 146 2.78 -14.57 78.10
CA TYR V 146 1.68 -15.53 78.15
C TYR V 146 1.22 -15.85 76.73
N TYR V 147 2.09 -16.45 75.93
CA TYR V 147 1.73 -16.79 74.57
C TYR V 147 1.93 -18.26 74.29
N THR V 148 0.99 -18.83 73.54
CA THR V 148 1.02 -20.21 73.15
C THR V 148 0.60 -20.26 71.69
N PRO V 149 1.35 -20.97 70.83
CA PRO V 149 0.93 -21.05 69.42
C PRO V 149 -0.35 -21.85 69.24
N THR V 150 -0.59 -22.84 70.09
CA THR V 150 -1.82 -23.62 70.06
C THR V 150 -2.75 -23.15 71.18
N ILE V 151 -3.24 -21.94 71.05
CA ILE V 151 -4.03 -21.33 72.11
C ILE V 151 -5.48 -21.22 71.61
N SER V 152 -6.42 -21.44 72.51
CA SER V 152 -7.81 -21.39 72.08
C SER V 152 -8.30 -19.95 72.18
N ARG V 153 -9.44 -19.70 71.54
CA ARG V 153 -9.88 -18.33 71.34
C ARG V 153 -10.40 -17.71 72.63
N GLU V 154 -10.96 -18.52 73.51
CA GLU V 154 -11.46 -18.01 74.78
C GLU V 154 -10.29 -17.73 75.72
N ARG V 155 -9.21 -18.50 75.62
CA ARG V 155 -7.97 -18.16 76.30
C ARG V 155 -7.42 -16.84 75.79
N ALA V 156 -7.59 -16.57 74.49
CA ALA V 156 -7.10 -15.31 73.94
C ALA V 156 -7.96 -14.15 74.44
N VAL V 157 -9.28 -14.37 74.57
CA VAL V 157 -10.17 -13.35 75.11
C VAL V 157 -9.86 -13.08 76.57
N GLU V 158 -9.60 -14.15 77.34
CA GLU V 158 -9.20 -13.99 78.74
C GLU V 158 -7.85 -13.29 78.87
N LEU V 159 -6.92 -13.60 77.98
CA LEU V 159 -5.61 -12.95 77.98
C LEU V 159 -5.74 -11.48 77.66
N LEU V 160 -6.64 -11.15 76.74
CA LEU V 160 -6.88 -9.77 76.38
C LEU V 160 -7.57 -9.02 77.51
N ARG V 161 -8.51 -9.68 78.20
CA ARG V 161 -9.11 -9.17 79.43
C ARG V 161 -8.06 -8.81 80.48
N LYS V 162 -7.13 -9.74 80.73
CA LYS V 162 -6.08 -9.51 81.70
C LYS V 162 -5.14 -8.39 81.28
N CYS V 163 -4.83 -8.33 79.98
CA CYS V 163 -3.90 -7.34 79.46
C CYS V 163 -4.49 -5.94 79.54
N LEU V 164 -5.78 -5.81 79.23
CA LEU V 164 -6.48 -4.54 79.41
C LEU V 164 -6.61 -4.15 80.87
N GLU V 165 -6.89 -5.11 81.75
CA GLU V 165 -6.96 -4.81 83.18
C GLU V 165 -5.61 -4.34 83.72
N GLU V 166 -4.51 -4.73 83.09
CA GLU V 166 -3.21 -4.14 83.38
C GLU V 166 -2.87 -2.92 82.52
N LEU V 167 -3.69 -2.62 81.52
CA LEU V 167 -3.56 -1.36 80.80
C LEU V 167 -4.19 -0.21 81.57
N GLN V 168 -5.29 -0.49 82.26
CA GLN V 168 -5.95 0.53 83.06
C GLN V 168 -5.29 0.77 84.41
N LYS V 169 -4.07 0.28 84.64
CA LYS V 169 -3.43 0.33 85.95
C LYS V 169 -2.23 1.28 86.03
N ARG V 170 -1.39 1.38 85.00
CA ARG V 170 -0.22 2.29 85.02
C ARG V 170 -0.09 3.07 83.74
N PHE V 171 -1.18 3.57 83.21
CA PHE V 171 -1.11 4.39 82.03
C PHE V 171 -1.62 5.79 82.29
N ILE V 172 -1.03 6.70 81.54
CA ILE V 172 -1.30 8.10 81.77
C ILE V 172 -2.54 8.53 81.01
N LEU V 173 -2.82 7.92 79.87
CA LEU V 173 -3.97 8.30 79.05
C LEU V 173 -5.23 7.63 79.58
N ASN V 174 -6.35 7.83 78.90
CA ASN V 174 -7.64 7.40 79.47
C ASN V 174 -8.01 5.98 79.03
N LEU V 175 -8.25 5.80 77.72
CA LEU V 175 -8.65 4.56 77.04
C LEU V 175 -9.83 3.84 77.70
N PRO V 176 -11.05 4.40 77.70
CA PRO V 176 -12.12 3.77 78.49
C PRO V 176 -12.74 2.51 77.90
N THR V 177 -12.97 2.47 76.59
CA THR V 177 -13.70 1.38 75.95
C THR V 177 -12.92 0.82 74.76
N PHE V 178 -12.85 -0.51 74.65
CA PHE V 178 -12.26 -1.15 73.48
C PHE V 178 -13.29 -2.02 72.78
N SER V 179 -13.39 -1.88 71.46
CA SER V 179 -14.18 -2.77 70.62
C SER V 179 -13.31 -3.91 70.11
N VAL V 180 -13.94 -5.08 69.91
CA VAL V 180 -13.20 -6.32 69.62
C VAL V 180 -13.84 -7.05 68.45
N ARG V 181 -13.04 -7.39 67.44
CA ARG V 181 -13.45 -8.25 66.35
C ARG V 181 -12.75 -9.61 66.42
N ILE V 182 -13.18 -10.51 65.53
CA ILE V 182 -12.53 -11.80 65.34
C ILE V 182 -12.73 -12.20 63.88
N ILE V 183 -11.79 -12.97 63.35
CA ILE V 183 -11.86 -13.48 61.98
C ILE V 183 -11.74 -15.00 62.05
N ASP V 184 -12.59 -15.71 61.30
CA ASP V 184 -12.61 -17.16 61.33
C ASP V 184 -12.74 -17.67 59.89
N LYS V 185 -13.09 -18.95 59.76
CA LYS V 185 -13.37 -19.50 58.44
C LYS V 185 -14.63 -18.93 57.83
N ASN V 186 -15.52 -18.36 58.65
CA ASN V 186 -16.72 -17.73 58.15
C ASN V 186 -16.44 -16.31 57.70
N GLY V 187 -16.00 -15.46 58.62
CA GLY V 187 -15.81 -14.06 58.30
C GLY V 187 -15.49 -13.24 59.52
N ILE V 188 -16.01 -12.02 59.55
CA ILE V 188 -15.78 -11.11 60.67
C ILE V 188 -16.98 -11.21 61.61
N HIS V 189 -16.73 -11.71 62.81
CA HIS V 189 -17.75 -11.78 63.84
C HIS V 189 -17.36 -10.75 64.90
N ASP V 190 -18.27 -9.86 65.21
CA ASP V 190 -18.01 -8.83 66.20
C ASP V 190 -18.35 -9.32 67.60
N LEU V 191 -17.36 -9.27 68.49
CA LEU V 191 -17.63 -9.60 69.88
C LEU V 191 -18.17 -8.37 70.60
N ASP V 192 -18.48 -8.53 71.88
CA ASP V 192 -19.08 -7.46 72.64
C ASP V 192 -18.05 -6.37 72.96
N ASN V 193 -18.57 -5.17 73.22
CA ASN V 193 -17.72 -4.02 73.46
C ASN V 193 -17.13 -4.14 74.87
N ILE V 194 -15.81 -3.97 74.99
CA ILE V 194 -15.10 -4.32 76.22
C ILE V 194 -14.67 -3.05 76.94
N SER V 195 -15.39 -2.72 78.02
CA SER V 195 -15.03 -1.62 78.90
C SER V 195 -14.88 -2.17 80.32
N PHE V 196 -14.26 -1.40 81.21
CA PHE V 196 -14.23 -1.76 82.62
C PHE V 196 -14.56 -0.58 83.53
N PRO V 197 -15.40 -0.78 84.55
CA PRO V 197 -15.31 0.05 85.75
C PRO V 197 -14.03 -0.27 86.51
N LYS V 198 -13.25 0.78 86.77
CA LYS V 198 -11.88 0.61 87.25
C LYS V 198 -11.84 0.27 88.73
N GLN V 199 -12.32 1.18 89.57
CA GLN V 199 -12.24 0.96 91.01
C GLN V 199 -13.51 0.28 91.50
N THR W 1 -13.88 33.69 70.84
CA THR W 1 -14.57 32.81 69.91
C THR W 1 -14.93 31.50 70.59
N THR W 2 -16.22 31.26 70.76
CA THR W 2 -16.70 30.02 71.34
C THR W 2 -18.07 29.72 70.73
N THR W 3 -18.17 28.60 70.03
CA THR W 3 -19.43 28.14 69.47
C THR W 3 -19.72 26.75 70.04
N LEU W 4 -20.98 26.37 69.99
CA LEU W 4 -21.37 25.01 70.35
C LEU W 4 -22.57 24.61 69.52
N ALA W 5 -22.85 23.32 69.51
CA ALA W 5 -24.03 22.77 68.87
C ALA W 5 -24.35 21.43 69.51
N PHE W 6 -25.65 21.16 69.67
CA PHE W 6 -26.07 19.85 70.14
C PHE W 6 -27.46 19.57 69.59
N LYS W 7 -27.66 18.33 69.19
CA LYS W 7 -28.92 17.87 68.64
C LYS W 7 -29.67 17.07 69.70
N PHE W 8 -30.98 17.03 69.57
CA PHE W 8 -31.80 16.31 70.52
C PHE W 8 -33.05 15.86 69.77
N ARG W 9 -34.09 15.50 70.53
CA ARG W 9 -35.34 15.01 69.95
C ARG W 9 -35.97 16.02 68.99
N HIS W 10 -36.08 17.27 69.41
CA HIS W 10 -36.65 18.28 68.54
C HIS W 10 -35.53 19.09 67.87
N GLY W 11 -34.77 18.40 67.04
CA GLY W 11 -33.83 19.08 66.18
C GLY W 11 -32.53 19.45 66.87
N VAL W 12 -31.91 20.50 66.34
CA VAL W 12 -30.54 20.89 66.67
C VAL W 12 -30.57 22.30 67.21
N ILE W 13 -29.78 22.56 68.25
CA ILE W 13 -29.57 23.91 68.77
C ILE W 13 -28.18 24.34 68.33
N VAL W 14 -28.07 25.57 67.83
CA VAL W 14 -26.79 26.19 67.50
C VAL W 14 -26.73 27.59 68.09
N ALA W 15 -25.67 27.87 68.85
CA ALA W 15 -25.46 29.21 69.39
C ALA W 15 -24.00 29.60 69.19
N ALA W 16 -23.76 30.91 69.21
CA ALA W 16 -22.42 31.46 68.99
C ALA W 16 -22.36 32.87 69.55
N ASP W 17 -21.14 33.35 69.74
CA ASP W 17 -20.90 34.75 70.08
C ASP W 17 -20.71 35.56 68.80
N SER W 18 -20.31 36.83 68.95
CA SER W 18 -20.13 37.71 67.79
C SER W 18 -18.89 38.57 67.92
N ARG W 19 -17.93 38.19 68.76
CA ARG W 19 -16.70 38.95 68.92
C ARG W 19 -15.62 38.36 68.02
N ALA W 20 -14.93 39.24 67.29
CA ALA W 20 -13.80 38.82 66.47
C ALA W 20 -12.71 39.84 66.66
N THR W 21 -11.72 39.48 67.47
CA THR W 21 -10.65 40.39 67.86
C THR W 21 -9.57 40.40 66.80
N ALA W 22 -8.51 41.14 67.08
CA ALA W 22 -7.31 41.13 66.24
C ALA W 22 -6.15 41.23 67.20
N GLY W 23 -5.63 40.07 67.59
CA GLY W 23 -4.57 40.05 68.59
C GLY W 23 -5.14 40.35 69.95
N ALA W 24 -4.69 41.45 70.54
CA ALA W 24 -5.24 41.95 71.80
C ALA W 24 -6.31 43.00 71.60
N TYR W 25 -6.62 43.36 70.36
CA TYR W 25 -7.51 44.47 70.05
C TYR W 25 -8.80 43.94 69.44
N ILE W 26 -9.93 44.38 69.96
CA ILE W 26 -11.22 43.95 69.44
C ILE W 26 -11.56 44.75 68.19
N ALA W 27 -11.84 44.04 67.10
CA ALA W 27 -12.26 44.73 65.88
C ALA W 27 -13.73 45.15 65.97
N SER W 28 -14.63 44.18 66.14
CA SER W 28 -16.06 44.40 66.10
C SER W 28 -16.76 43.63 67.21
N GLN W 29 -18.04 43.95 67.39
CA GLN W 29 -18.88 43.28 68.37
C GLN W 29 -20.03 42.48 67.77
N THR W 30 -20.28 42.61 66.48
CA THR W 30 -21.47 42.04 65.84
C THR W 30 -21.11 41.20 64.64
N VAL W 31 -20.09 40.37 64.76
CA VAL W 31 -19.67 39.50 63.67
C VAL W 31 -20.58 38.29 63.61
N LYS W 32 -21.43 38.23 62.58
CA LYS W 32 -22.38 37.12 62.42
C LYS W 32 -21.58 35.87 62.08
N LYS W 33 -21.40 35.00 63.06
CA LYS W 33 -20.50 33.87 62.87
C LYS W 33 -21.15 32.67 62.20
N VAL W 34 -22.44 32.45 62.44
CA VAL W 34 -23.09 31.26 61.89
C VAL W 34 -23.48 31.54 60.44
N ILE W 35 -22.69 31.01 59.51
CA ILE W 35 -22.85 31.35 58.10
C ILE W 35 -23.99 30.53 57.51
N GLU W 36 -24.99 31.21 56.96
CA GLU W 36 -26.19 30.56 56.47
C GLU W 36 -25.91 30.01 55.08
N ILE W 37 -25.67 28.70 55.01
CA ILE W 37 -25.31 28.07 53.74
C ILE W 37 -26.54 27.91 52.87
N ASN W 38 -27.61 27.34 53.42
CA ASN W 38 -28.79 27.01 52.65
C ASN W 38 -30.03 27.33 53.47
N PRO W 39 -31.23 27.18 52.93
CA PRO W 39 -32.41 27.11 53.79
C PRO W 39 -32.55 25.80 54.56
N TYR W 40 -31.56 24.92 54.47
CA TYR W 40 -31.54 23.70 55.25
C TYR W 40 -30.17 23.38 55.84
N LEU W 41 -29.15 24.20 55.61
CA LEU W 41 -27.86 24.01 56.23
C LEU W 41 -27.44 25.25 56.98
N LEU W 42 -26.68 25.03 58.05
CA LEU W 42 -26.05 26.10 58.82
C LEU W 42 -24.59 25.75 59.04
N GLY W 43 -23.70 26.62 58.58
CA GLY W 43 -22.30 26.44 58.89
C GLY W 43 -21.85 27.50 59.87
N THR W 44 -20.73 27.27 60.53
CA THR W 44 -20.25 28.19 61.56
C THR W 44 -18.91 28.79 61.15
N MET W 45 -18.36 29.57 62.05
CA MET W 45 -17.05 30.20 61.86
C MET W 45 -16.22 29.89 63.10
N ALA W 46 -15.20 29.05 62.94
CA ALA W 46 -14.46 28.53 64.09
C ALA W 46 -12.97 28.57 63.73
N GLY W 47 -12.37 29.71 63.98
CA GLY W 47 -10.96 29.91 63.73
C GLY W 47 -10.75 30.43 62.32
N GLY W 48 -10.38 31.69 62.20
CA GLY W 48 -10.25 32.33 60.91
C GLY W 48 -11.60 32.75 60.35
N ALA W 49 -11.70 33.96 59.85
CA ALA W 49 -12.96 34.40 59.26
C ALA W 49 -13.01 34.08 57.78
N ALA W 50 -11.95 34.45 57.06
CA ALA W 50 -11.93 34.39 55.61
C ALA W 50 -11.95 32.96 55.12
N ASP W 51 -11.23 32.07 55.81
CA ASP W 51 -11.12 30.69 55.38
C ASP W 51 -12.46 29.98 55.50
N CYS W 52 -13.11 30.15 56.65
CA CYS W 52 -14.42 29.56 56.89
C CYS W 52 -15.45 30.12 55.93
N SER W 53 -15.42 31.46 55.73
CA SER W 53 -16.36 32.13 54.85
C SER W 53 -16.22 31.64 53.42
N PHE W 54 -14.98 31.58 52.92
CA PHE W 54 -14.74 31.18 51.54
C PHE W 54 -15.13 29.74 51.31
N TRP W 55 -14.64 28.84 52.15
CA TRP W 55 -14.87 27.43 51.90
C TRP W 55 -16.33 27.05 52.12
N GLU W 56 -17.03 27.70 53.05
CA GLU W 56 -18.45 27.40 53.18
C GLU W 56 -19.26 28.00 52.04
N ARG W 57 -18.85 29.15 51.50
CA ARG W 57 -19.55 29.68 50.33
C ARG W 57 -19.36 28.79 49.12
N LEU W 58 -18.15 28.25 48.97
CA LEU W 58 -17.89 27.30 47.89
C LEU W 58 -18.66 26.00 48.10
N LEU W 59 -18.81 25.58 49.35
CA LEU W 59 -19.60 24.40 49.65
C LEU W 59 -21.07 24.62 49.34
N ALA W 60 -21.56 25.83 49.59
CA ALA W 60 -22.95 26.18 49.25
C ALA W 60 -23.17 26.15 47.74
N ARG W 61 -22.20 26.69 46.98
CA ARG W 61 -22.18 26.56 45.53
C ARG W 61 -22.29 25.11 45.09
N GLN W 62 -21.48 24.23 45.70
CA GLN W 62 -21.47 22.82 45.30
C GLN W 62 -22.80 22.15 45.65
N CYS W 63 -23.39 22.51 46.79
CA CYS W 63 -24.65 21.92 47.21
C CYS W 63 -25.78 22.34 46.29
N ARG W 64 -25.80 23.61 45.87
CA ARG W 64 -26.82 24.06 44.94
C ARG W 64 -26.68 23.38 43.60
N ILE W 65 -25.44 23.15 43.15
CA ILE W 65 -25.21 22.38 41.92
C ILE W 65 -25.72 20.96 42.07
N TYR W 66 -25.46 20.33 43.21
CA TYR W 66 -25.89 18.97 43.47
C TYR W 66 -27.40 18.82 43.44
N GLU W 67 -28.11 19.74 44.10
CA GLU W 67 -29.57 19.68 44.10
C GLU W 67 -30.13 19.94 42.70
N LEU W 68 -29.59 20.94 42.00
CA LEU W 68 -30.09 21.22 40.66
C LEU W 68 -29.73 20.14 39.65
N ARG W 69 -28.78 19.26 39.96
CA ARG W 69 -28.53 18.14 39.08
C ARG W 69 -29.34 16.91 39.45
N ASN W 70 -29.68 16.74 40.72
CA ASN W 70 -30.39 15.54 41.11
C ASN W 70 -31.84 15.74 41.47
N LYS W 71 -32.32 17.00 41.56
CA LYS W 71 -33.69 17.33 41.97
C LYS W 71 -34.01 16.76 43.35
N GLU W 72 -33.00 16.66 44.20
CA GLU W 72 -33.13 16.02 45.50
C GLU W 72 -32.11 16.61 46.45
N ARG W 73 -32.57 16.99 47.64
CA ARG W 73 -31.80 17.84 48.53
C ARG W 73 -30.64 17.03 49.11
N ILE W 74 -29.50 17.70 49.31
CA ILE W 74 -28.28 17.00 49.69
C ILE W 74 -28.39 16.53 51.14
N SER W 75 -27.64 15.49 51.49
CA SER W 75 -27.57 15.07 52.88
C SER W 75 -26.53 15.91 53.60
N VAL W 76 -26.39 15.66 54.90
CA VAL W 76 -25.48 16.44 55.71
C VAL W 76 -24.07 15.86 55.62
N ALA W 77 -23.98 14.53 55.71
CA ALA W 77 -22.70 13.82 55.65
C ALA W 77 -21.98 14.05 54.34
N ALA W 78 -22.73 14.12 53.23
CA ALA W 78 -22.12 14.40 51.94
C ALA W 78 -21.48 15.79 51.91
N ALA W 79 -22.15 16.76 52.51
CA ALA W 79 -21.64 18.13 52.52
C ALA W 79 -20.39 18.24 53.40
N SER W 80 -20.43 17.61 54.58
CA SER W 80 -19.26 17.60 55.46
C SER W 80 -18.09 16.89 54.79
N LYS W 81 -18.39 15.85 54.03
CA LYS W 81 -17.37 15.09 53.34
C LYS W 81 -16.74 15.92 52.22
N LEU W 82 -17.58 16.63 51.46
CA LEU W 82 -17.09 17.51 50.40
C LEU W 82 -16.22 18.62 50.96
N LEU W 83 -16.61 19.17 52.11
CA LEU W 83 -15.83 20.20 52.75
C LEU W 83 -14.48 19.66 53.20
N ALA W 84 -14.46 18.44 53.73
CA ALA W 84 -13.21 17.85 54.19
C ALA W 84 -12.29 17.53 53.02
N ASN W 85 -12.85 17.06 51.92
CA ASN W 85 -12.06 16.77 50.72
C ASN W 85 -11.49 18.03 50.12
N MET W 86 -12.24 19.13 50.13
CA MET W 86 -11.71 20.38 49.61
C MET W 86 -10.67 21.00 50.54
N VAL W 87 -10.81 20.81 51.85
CA VAL W 87 -9.85 21.37 52.79
C VAL W 87 -8.55 20.57 52.82
N TYR W 88 -8.62 19.26 52.61
CA TYR W 88 -7.43 18.42 52.74
C TYR W 88 -6.36 18.74 51.71
N GLN W 89 -6.72 19.30 50.58
CA GLN W 89 -5.79 19.59 49.51
C GLN W 89 -4.85 20.76 49.79
N TYR W 90 -4.86 21.38 50.96
CA TYR W 90 -3.89 22.42 51.31
C TYR W 90 -3.30 22.15 52.68
N LYS W 91 -3.10 20.87 53.00
CA LYS W 91 -2.62 20.50 54.32
C LYS W 91 -1.16 20.88 54.48
N GLY W 92 -0.84 21.48 55.62
CA GLY W 92 0.51 21.92 55.89
C GLY W 92 0.82 23.31 55.38
N MET W 93 -0.02 23.86 54.50
CA MET W 93 0.20 25.19 53.98
C MET W 93 -0.32 26.29 54.88
N GLY W 94 -0.88 25.95 56.04
CA GLY W 94 -1.23 26.97 57.01
C GLY W 94 -2.68 27.42 56.95
N LEU W 95 -3.61 26.48 56.94
CA LEU W 95 -5.03 26.79 57.08
C LEU W 95 -5.51 26.53 58.50
N SER W 96 -6.16 27.52 59.09
CA SER W 96 -6.84 27.35 60.37
C SER W 96 -8.34 27.39 60.13
N MET W 97 -9.04 26.29 60.42
CA MET W 97 -10.47 26.19 60.14
C MET W 97 -11.03 25.06 60.97
N GLY W 98 -12.00 25.35 61.82
CA GLY W 98 -12.55 24.31 62.69
C GLY W 98 -14.06 24.23 62.74
N THR W 99 -14.71 24.44 61.60
CA THR W 99 -16.14 24.71 61.54
C THR W 99 -16.96 23.48 61.91
N MET W 100 -18.28 23.69 62.02
CA MET W 100 -19.23 22.63 62.27
C MET W 100 -20.29 22.64 61.18
N ILE W 101 -20.86 21.46 60.95
CA ILE W 101 -21.89 21.29 59.93
C ILE W 101 -23.14 20.73 60.59
N CYS W 102 -24.26 21.40 60.36
CA CYS W 102 -25.56 21.02 60.91
C CYS W 102 -26.60 20.98 59.81
N GLY W 103 -27.61 20.15 59.99
CA GLY W 103 -28.69 20.12 59.02
C GLY W 103 -29.64 18.97 59.30
N TRP W 104 -30.71 18.96 58.53
CA TRP W 104 -31.72 17.91 58.61
C TRP W 104 -31.61 16.95 57.44
N ASP W 105 -31.94 15.69 57.69
CA ASP W 105 -31.66 14.63 56.73
C ASP W 105 -32.94 13.86 56.44
N LYS W 106 -32.85 12.96 55.46
CA LYS W 106 -33.81 11.87 55.35
C LYS W 106 -33.72 10.97 56.58
N ARG W 107 -32.52 10.81 57.12
CA ARG W 107 -32.34 10.06 58.35
C ARG W 107 -32.79 10.85 59.56
N GLY W 108 -32.87 12.17 59.44
CA GLY W 108 -33.35 13.02 60.49
C GLY W 108 -32.30 14.04 60.88
N PRO W 109 -31.87 13.98 62.14
CA PRO W 109 -30.84 14.91 62.60
C PRO W 109 -29.47 14.51 62.05
N GLY W 110 -28.67 15.53 61.75
CA GLY W 110 -27.31 15.32 61.29
C GLY W 110 -26.34 16.34 61.87
N LEU W 111 -25.24 15.89 62.45
CA LEU W 111 -24.29 16.79 63.11
C LEU W 111 -22.86 16.33 62.86
N TYR W 112 -22.11 17.09 62.06
CA TYR W 112 -20.74 16.75 61.76
C TYR W 112 -19.82 17.91 62.11
N TYR W 113 -18.53 17.60 62.09
CA TYR W 113 -17.49 18.48 62.61
C TYR W 113 -16.25 18.39 61.74
N VAL W 114 -15.96 19.45 61.00
CA VAL W 114 -14.91 19.44 59.99
C VAL W 114 -13.82 20.42 60.40
N ASP W 115 -12.60 19.92 60.52
CA ASP W 115 -11.41 20.70 60.85
C ASP W 115 -10.57 21.00 59.63
N SER W 116 -9.70 21.99 59.78
CA SER W 116 -8.62 22.14 58.82
C SER W 116 -7.61 21.01 58.91
N GLU W 117 -7.55 20.31 60.04
CA GLU W 117 -6.82 19.05 60.06
C GLU W 117 -7.64 17.90 59.51
N GLY W 118 -8.90 18.12 59.17
CA GLY W 118 -9.65 17.08 58.47
C GLY W 118 -10.17 15.98 59.37
N ASN W 119 -10.58 16.31 60.59
CA ASN W 119 -11.06 15.31 61.53
C ASN W 119 -12.58 15.18 61.45
N ARG W 120 -13.05 14.84 60.24
CA ARG W 120 -14.47 14.68 59.98
C ARG W 120 -15.05 13.54 60.82
N ILE W 121 -15.86 13.90 61.81
CA ILE W 121 -16.45 12.92 62.72
C ILE W 121 -17.91 13.28 62.98
N SER W 122 -18.69 12.25 63.25
CA SER W 122 -20.06 12.47 63.68
C SER W 122 -20.06 12.73 65.19
N GLY W 123 -21.25 12.88 65.75
CA GLY W 123 -21.37 13.05 67.18
C GLY W 123 -22.69 13.71 67.51
N ALA W 124 -22.83 14.03 68.79
CA ALA W 124 -24.03 14.62 69.33
C ALA W 124 -23.81 15.99 69.92
N THR W 125 -22.64 16.23 70.52
CA THR W 125 -22.27 17.53 71.05
C THR W 125 -20.91 17.92 70.54
N PHE W 126 -20.73 19.21 70.25
CA PHE W 126 -19.45 19.73 69.84
C PHE W 126 -19.35 21.16 70.34
N SER W 127 -18.11 21.63 70.47
CA SER W 127 -17.84 23.00 70.83
C SER W 127 -16.43 23.36 70.39
N VAL W 128 -16.30 24.48 69.68
CA VAL W 128 -15.02 24.86 69.11
C VAL W 128 -14.68 26.25 69.63
N GLY W 129 -13.40 26.54 69.71
CA GLY W 129 -12.90 27.86 70.06
C GLY W 129 -11.95 27.80 71.23
N SER W 130 -11.43 28.99 71.57
CA SER W 130 -10.52 29.11 72.70
C SER W 130 -11.21 28.80 74.02
N GLY W 131 -12.38 29.39 74.24
CA GLY W 131 -13.09 29.10 75.47
C GLY W 131 -14.14 28.04 75.30
N SER W 132 -13.83 27.03 74.48
CA SER W 132 -14.82 25.99 74.23
C SER W 132 -14.98 25.06 75.42
N VAL W 133 -13.93 24.92 76.25
CA VAL W 133 -13.95 23.98 77.35
C VAL W 133 -14.98 24.37 78.39
N TYR W 134 -15.24 25.68 78.51
CA TYR W 134 -16.21 26.18 79.48
C TYR W 134 -17.60 25.77 79.04
N ALA W 135 -17.84 25.90 77.74
CA ALA W 135 -19.08 25.47 77.14
C ALA W 135 -19.25 23.97 77.24
N TYR W 136 -18.16 23.21 77.05
CA TYR W 136 -18.21 21.75 77.22
C TYR W 136 -18.63 21.37 78.63
N GLY W 137 -18.05 22.04 79.63
CA GLY W 137 -18.36 21.80 81.01
C GLY W 137 -19.81 22.03 81.37
N VAL W 138 -20.28 23.26 81.14
CA VAL W 138 -21.65 23.55 81.57
C VAL W 138 -22.67 22.87 80.65
N MET W 139 -22.33 22.61 79.38
CA MET W 139 -23.24 21.90 78.50
C MET W 139 -23.37 20.44 78.87
N ASP W 140 -22.25 19.76 79.16
CA ASP W 140 -22.32 18.37 79.60
C ASP W 140 -22.79 18.24 81.04
N ARG W 141 -22.88 19.35 81.78
CA ARG W 141 -23.78 19.38 82.91
C ARG W 141 -25.22 19.29 82.43
N GLY W 142 -25.67 20.28 81.66
CA GLY W 142 -27.09 20.37 81.44
C GLY W 142 -27.66 19.54 80.30
N TYR W 143 -26.90 18.59 79.76
CA TYR W 143 -27.32 17.91 78.55
C TYR W 143 -28.21 16.71 78.86
N SER W 144 -29.23 16.53 78.02
CA SER W 144 -29.99 15.29 77.96
C SER W 144 -30.47 15.12 76.53
N TYR W 145 -31.21 14.04 76.28
CA TYR W 145 -31.80 13.87 74.96
C TYR W 145 -33.27 14.25 74.91
N ASP W 146 -34.00 14.09 76.01
CA ASP W 146 -35.44 14.31 76.04
C ASP W 146 -35.79 15.71 76.49
N LEU W 147 -34.95 16.69 76.16
CA LEU W 147 -35.17 18.04 76.65
C LEU W 147 -36.31 18.69 75.90
N GLU W 148 -36.82 19.77 76.48
CA GLU W 148 -37.83 20.58 75.85
C GLU W 148 -37.16 21.63 74.97
N VAL W 149 -37.95 22.57 74.47
CA VAL W 149 -37.42 23.60 73.59
C VAL W 149 -36.83 24.74 74.39
N GLU W 150 -37.64 25.34 75.27
CA GLU W 150 -37.18 26.46 76.06
C GLU W 150 -36.08 26.06 77.04
N GLN W 151 -36.09 24.79 77.46
CA GLN W 151 -35.01 24.26 78.26
C GLN W 151 -33.70 24.27 77.49
N ALA W 152 -33.74 23.86 76.22
CA ALA W 152 -32.53 23.87 75.40
C ALA W 152 -32.08 25.29 75.09
N TYR W 153 -33.04 26.20 74.89
CA TYR W 153 -32.71 27.61 74.67
C TYR W 153 -31.99 28.19 75.87
N ASP W 154 -32.52 27.94 77.07
CA ASP W 154 -31.89 28.43 78.28
C ASP W 154 -30.54 27.76 78.53
N LEU W 155 -30.42 26.48 78.17
CA LEU W 155 -29.16 25.77 78.35
C LEU W 155 -28.05 26.36 77.47
N ALA W 156 -28.34 26.52 76.18
CA ALA W 156 -27.36 27.07 75.25
C ALA W 156 -27.03 28.51 75.61
N ARG W 157 -28.05 29.28 75.99
CA ARG W 157 -27.85 30.69 76.29
C ARG W 157 -27.02 30.86 77.56
N ARG W 158 -27.33 30.07 78.60
CA ARG W 158 -26.51 30.03 79.81
C ARG W 158 -25.10 29.58 79.51
N ALA W 159 -24.94 28.63 78.58
CA ALA W 159 -23.61 28.12 78.23
C ALA W 159 -22.75 29.19 77.58
N ILE W 160 -23.33 29.90 76.62
CA ILE W 160 -22.59 30.96 75.93
C ILE W 160 -22.34 32.11 76.89
N TYR W 161 -23.26 32.33 77.84
CA TYR W 161 -23.07 33.35 78.85
C TYR W 161 -21.88 33.02 79.75
N GLN W 162 -21.76 31.75 80.15
CA GLN W 162 -20.63 31.32 80.97
C GLN W 162 -19.33 31.44 80.19
N ALA W 163 -19.38 31.09 78.90
CA ALA W 163 -18.18 31.15 78.07
C ALA W 163 -17.68 32.58 77.92
N THR W 164 -18.56 33.51 77.53
CA THR W 164 -18.15 34.91 77.42
C THR W 164 -17.87 35.55 78.76
N TYR W 165 -18.42 35.02 79.85
CA TYR W 165 -18.09 35.57 81.16
C TYR W 165 -16.69 35.19 81.58
N ARG W 166 -16.28 33.95 81.28
CA ARG W 166 -14.95 33.55 81.71
C ARG W 166 -13.87 33.92 80.69
N ASP W 167 -14.10 33.65 79.40
CA ASP W 167 -13.07 33.88 78.39
C ASP W 167 -12.93 35.36 78.07
N ALA W 168 -11.73 35.72 77.62
CA ALA W 168 -11.45 37.08 77.23
C ALA W 168 -11.68 37.28 75.74
N TYR W 169 -11.52 36.22 74.95
CA TYR W 169 -11.68 36.29 73.51
C TYR W 169 -13.10 36.09 73.06
N SER W 170 -14.08 36.30 73.92
CA SER W 170 -15.46 36.05 73.54
C SER W 170 -16.34 37.16 74.07
N GLY W 171 -17.41 37.43 73.35
CA GLY W 171 -18.31 38.50 73.73
C GLY W 171 -19.22 38.83 72.56
N GLY W 172 -19.86 39.98 72.68
CA GLY W 172 -20.72 40.43 71.61
C GLY W 172 -22.10 39.81 71.73
N ALA W 173 -22.85 39.88 70.63
CA ALA W 173 -24.21 39.39 70.65
C ALA W 173 -24.22 37.87 70.67
N VAL W 174 -25.15 37.30 71.42
CA VAL W 174 -25.30 35.86 71.53
C VAL W 174 -26.36 35.46 70.50
N ASN W 175 -25.91 34.87 69.40
CA ASN W 175 -26.85 34.30 68.46
C ASN W 175 -27.37 32.97 68.97
N LEU W 176 -28.50 32.55 68.41
CA LEU W 176 -29.14 31.30 68.82
C LEU W 176 -29.97 30.81 67.65
N TYR W 177 -29.53 29.74 67.01
CA TYR W 177 -30.26 29.17 65.88
C TYR W 177 -30.79 27.80 66.22
N HIS W 178 -31.88 27.42 65.56
CA HIS W 178 -32.60 26.20 65.87
C HIS W 178 -32.92 25.50 64.57
N VAL W 179 -32.40 24.30 64.39
CA VAL W 179 -32.61 23.53 63.17
C VAL W 179 -33.83 22.65 63.38
N ARG W 180 -34.77 22.74 62.47
CA ARG W 180 -36.01 21.99 62.58
C ARG W 180 -36.01 20.89 61.53
N GLU W 181 -37.15 20.21 61.43
CA GLU W 181 -37.31 19.20 60.40
C GLU W 181 -37.48 19.82 59.02
N ASP W 182 -38.18 20.94 58.93
CA ASP W 182 -38.46 21.60 57.67
C ASP W 182 -37.34 22.56 57.23
N GLY W 183 -36.86 23.40 58.14
CA GLY W 183 -35.83 24.37 57.83
C GLY W 183 -35.39 25.02 59.13
N TRP W 184 -34.28 25.74 59.04
CA TRP W 184 -33.74 26.37 60.24
C TRP W 184 -34.46 27.66 60.54
N ILE W 185 -34.44 28.06 61.80
CA ILE W 185 -35.17 29.24 62.24
C ILE W 185 -34.34 29.96 63.30
N ARG W 186 -34.06 31.23 63.05
CA ARG W 186 -33.39 32.08 64.02
C ARG W 186 -34.29 32.33 65.22
N VAL W 187 -33.74 32.15 66.42
CA VAL W 187 -34.54 32.29 67.63
C VAL W 187 -34.51 33.74 68.12
N SER W 188 -33.33 34.22 68.48
CA SER W 188 -33.21 35.53 69.11
C SER W 188 -31.77 36.01 69.00
N SER W 189 -31.59 37.31 69.25
CA SER W 189 -30.28 37.97 69.24
C SER W 189 -30.16 38.74 70.54
N ASP W 190 -29.48 38.14 71.51
CA ASP W 190 -29.42 38.66 72.87
C ASP W 190 -28.01 39.15 73.20
N ASN W 191 -27.93 40.31 73.83
CA ASN W 191 -26.67 40.89 74.24
C ASN W 191 -26.20 40.23 75.53
N VAL W 192 -24.88 40.35 75.79
CA VAL W 192 -24.29 39.77 76.99
C VAL W 192 -24.80 40.48 78.24
N ALA W 193 -24.81 41.82 78.23
CA ALA W 193 -25.14 42.58 79.42
C ALA W 193 -26.61 42.42 79.82
N ASP W 194 -27.49 42.23 78.84
CA ASP W 194 -28.88 41.90 79.12
C ASP W 194 -29.00 40.56 79.82
N LEU W 195 -28.19 39.59 79.39
CA LEU W 195 -28.17 38.29 80.05
C LEU W 195 -27.53 38.37 81.42
N HIS W 196 -26.60 39.30 81.61
CA HIS W 196 -25.97 39.48 82.90
C HIS W 196 -26.95 40.04 83.91
N GLU W 197 -27.73 41.04 83.50
CA GLU W 197 -28.79 41.55 84.35
C GLU W 197 -29.86 40.51 84.61
N LYS W 198 -30.18 39.70 83.61
CA LYS W 198 -31.27 38.74 83.77
C LYS W 198 -30.87 37.54 84.62
N TYR W 199 -29.62 37.09 84.49
CA TYR W 199 -29.19 35.84 85.09
C TYR W 199 -28.23 36.04 86.26
N SER W 200 -27.83 37.28 86.54
CA SER W 200 -27.03 37.55 87.72
C SER W 200 -27.82 37.46 89.00
N GLY W 201 -29.15 37.58 88.93
CA GLY W 201 -29.98 37.53 90.11
C GLY W 201 -30.79 38.80 90.30
N ARG X 1 16.98 41.78 54.66
CA ARG X 1 17.02 41.70 53.22
C ARG X 1 15.98 42.60 52.56
N PHE X 2 15.68 42.40 51.27
CA PHE X 2 14.51 42.97 50.63
C PHE X 2 13.24 42.67 51.42
N SER X 3 12.58 43.70 51.90
CA SER X 3 11.30 43.44 52.54
C SER X 3 10.16 43.83 51.60
N PRO X 4 9.15 42.99 51.42
CA PRO X 4 8.18 43.25 50.36
C PRO X 4 7.15 44.26 50.78
N TYR X 5 7.06 44.55 52.07
CA TYR X 5 6.05 45.42 52.63
C TYR X 5 6.72 46.62 53.27
N VAL X 6 6.00 47.73 53.34
CA VAL X 6 6.43 48.86 54.16
C VAL X 6 5.16 49.56 54.65
N PHE X 7 5.27 50.20 55.80
CA PHE X 7 4.10 50.77 56.45
C PHE X 7 4.06 52.24 56.04
N ASN X 8 3.09 52.58 55.20
CA ASN X 8 2.93 53.96 54.76
C ASN X 8 1.99 54.75 55.64
N GLY X 9 1.13 54.07 56.39
CA GLY X 9 0.23 54.74 57.29
C GLY X 9 -0.91 55.42 56.55
N GLY X 10 -1.74 56.11 57.33
CA GLY X 10 -2.92 56.75 56.83
C GLY X 10 -4.11 56.48 57.73
N THR X 11 -5.15 57.27 57.51
CA THR X 11 -6.32 57.22 58.37
C THR X 11 -7.57 57.44 57.52
N ILE X 12 -8.48 56.48 57.55
CA ILE X 12 -9.70 56.52 56.78
C ILE X 12 -10.85 56.39 57.75
N LEU X 13 -11.87 57.22 57.55
CA LEU X 13 -13.04 57.25 58.40
C LEU X 13 -14.27 57.01 57.53
N ALA X 14 -15.29 56.42 58.14
CA ALA X 14 -16.57 56.26 57.46
C ALA X 14 -17.69 56.38 58.45
N ILE X 15 -18.79 56.98 58.01
CA ILE X 15 -20.00 57.15 58.81
C ILE X 15 -21.18 56.82 57.94
N ALA X 16 -21.99 55.86 58.35
CA ALA X 16 -23.18 55.48 57.61
C ALA X 16 -24.33 56.28 58.21
N GLY X 17 -24.98 57.11 57.39
CA GLY X 17 -26.10 57.91 57.83
C GLY X 17 -27.42 57.29 57.44
N GLU X 18 -28.48 58.07 57.61
CA GLU X 18 -29.79 57.63 57.16
C GLU X 18 -29.87 57.57 55.64
N ASP X 19 -29.34 58.58 54.96
CA ASP X 19 -29.33 58.58 53.51
C ASP X 19 -28.03 59.11 52.96
N PHE X 20 -26.93 58.92 53.68
CA PHE X 20 -25.65 59.44 53.26
C PHE X 20 -24.52 58.61 53.83
N ALA X 21 -23.40 58.61 53.12
CA ALA X 21 -22.20 57.88 53.52
C ALA X 21 -21.01 58.80 53.34
N ILE X 22 -20.45 59.24 54.47
CA ILE X 22 -19.34 60.18 54.48
C ILE X 22 -18.05 59.39 54.65
N VAL X 23 -17.11 59.58 53.74
CA VAL X 23 -15.78 58.99 53.84
C VAL X 23 -14.76 60.11 53.76
N ALA X 24 -13.90 60.19 54.77
CA ALA X 24 -12.87 61.22 54.81
C ALA X 24 -11.54 60.58 55.16
N SER X 25 -10.46 61.26 54.75
CA SER X 25 -9.12 60.72 54.91
C SER X 25 -8.10 61.84 54.80
N ASP X 26 -7.02 61.72 55.59
CA ASP X 26 -5.91 62.64 55.48
C ASP X 26 -5.12 62.36 54.20
N THR X 27 -4.28 63.31 53.81
CA THR X 27 -3.48 63.17 52.60
C THR X 27 -1.98 63.21 52.87
N ARG X 28 -1.56 62.73 54.04
CA ARG X 28 -0.15 62.57 54.31
C ARG X 28 0.36 61.19 53.92
N LEU X 29 1.42 61.15 53.14
CA LEU X 29 2.09 59.90 52.78
C LEU X 29 3.53 59.99 53.27
N SER X 30 3.89 59.12 54.21
CA SER X 30 5.21 59.20 54.82
C SER X 30 5.88 57.84 54.79
N GLU X 31 7.13 57.80 55.24
CA GLU X 31 7.87 56.54 55.33
C GLU X 31 8.97 56.70 56.37
N GLY X 32 8.88 55.96 57.46
CA GLY X 32 9.91 56.01 58.49
C GLY X 32 9.97 57.32 59.24
N PHE X 33 11.00 58.11 58.97
CA PHE X 33 11.14 59.42 59.60
C PHE X 33 11.31 60.48 58.53
N SER X 34 10.44 60.43 57.53
CA SER X 34 10.45 61.38 56.44
C SER X 34 9.01 61.63 56.03
N ILE X 35 8.83 62.64 55.18
CA ILE X 35 7.54 62.95 54.57
C ILE X 35 7.72 62.91 53.07
N HIS X 36 6.94 62.08 52.40
CA HIS X 36 7.02 62.10 50.95
C HIS X 36 6.17 63.21 50.35
N THR X 37 4.94 63.36 50.83
CA THR X 37 4.07 64.41 50.32
C THR X 37 3.07 64.83 51.36
N ARG X 38 2.33 65.88 51.03
CA ARG X 38 1.20 66.35 51.82
C ARG X 38 -0.05 66.42 50.96
N ASP X 39 -0.08 65.69 49.86
CA ASP X 39 -1.29 65.59 49.05
C ASP X 39 -1.30 64.21 48.39
N SER X 40 -2.10 63.31 48.95
CA SER X 40 -2.36 61.99 48.42
C SER X 40 -3.69 61.50 48.98
N PRO X 41 -4.81 61.75 48.29
CA PRO X 41 -6.11 61.43 48.88
C PRO X 41 -6.37 59.93 48.84
N LYS X 42 -6.71 59.37 49.99
CA LYS X 42 -6.99 57.94 50.05
C LYS X 42 -8.34 57.60 49.45
N CYS X 43 -9.22 58.58 49.28
CA CYS X 43 -10.56 58.34 48.79
C CYS X 43 -10.56 58.21 47.27
N TYR X 44 -11.51 57.44 46.76
CA TYR X 44 -11.69 57.26 45.31
C TYR X 44 -13.17 57.15 45.00
N LYS X 45 -13.62 57.88 43.97
CA LYS X 45 -15.03 57.92 43.60
C LYS X 45 -15.26 56.92 42.48
N LEU X 46 -15.95 55.83 42.80
CA LEU X 46 -16.17 54.78 41.79
C LEU X 46 -17.38 55.14 40.92
N THR X 47 -18.56 55.19 41.54
CA THR X 47 -19.80 55.51 40.85
C THR X 47 -20.38 56.76 41.49
N ASP X 48 -21.63 57.07 41.12
CA ASP X 48 -22.33 58.17 41.76
C ASP X 48 -22.76 57.86 43.18
N LYS X 49 -22.68 56.59 43.61
CA LYS X 49 -23.12 56.22 44.94
C LYS X 49 -22.11 55.34 45.65
N THR X 50 -20.85 55.37 45.24
CA THR X 50 -19.86 54.49 45.87
C THR X 50 -18.53 55.21 45.93
N VAL X 51 -17.95 55.29 47.12
CA VAL X 51 -16.62 55.84 47.34
C VAL X 51 -15.81 54.83 48.12
N ILE X 52 -14.61 54.52 47.65
CA ILE X 52 -13.73 53.55 48.29
C ILE X 52 -12.51 54.29 48.81
N GLY X 53 -12.03 53.88 49.98
CA GLY X 53 -10.77 54.37 50.52
C GLY X 53 -9.82 53.22 50.75
N CYS X 54 -8.53 53.48 50.55
CA CYS X 54 -7.51 52.44 50.63
C CYS X 54 -6.29 53.01 51.32
N SER X 55 -5.93 52.43 52.46
CA SER X 55 -4.74 52.81 53.21
C SER X 55 -3.86 51.59 53.38
N GLY X 56 -2.68 51.81 53.94
CA GLY X 56 -1.71 50.76 54.10
C GLY X 56 -0.58 50.93 53.12
N PHE X 57 -0.10 49.84 52.53
CA PHE X 57 0.93 49.95 51.52
C PHE X 57 0.36 50.58 50.26
N HIS X 58 1.03 51.63 49.77
CA HIS X 58 0.40 52.52 48.80
C HIS X 58 0.37 51.90 47.40
N GLY X 59 1.43 51.19 47.01
CA GLY X 59 1.48 50.60 45.69
C GLY X 59 0.42 49.54 45.49
N ASP X 60 0.17 48.74 46.53
CA ASP X 60 -0.91 47.79 46.49
C ASP X 60 -2.26 48.50 46.44
N CYS X 61 -2.36 49.67 47.07
CA CYS X 61 -3.58 50.47 47.01
C CYS X 61 -3.85 50.94 45.58
N LEU X 62 -2.80 51.40 44.89
CA LEU X 62 -2.93 51.87 43.52
C LEU X 62 -3.32 50.74 42.59
N THR X 63 -2.64 49.58 42.75
CA THR X 63 -2.93 48.41 41.93
C THR X 63 -4.36 47.94 42.13
N LEU X 64 -4.79 47.88 43.39
CA LEU X 64 -6.13 47.42 43.74
C LEU X 64 -7.19 48.38 43.23
N THR X 65 -6.90 49.68 43.30
CA THR X 65 -7.82 50.69 42.78
C THR X 65 -8.03 50.53 41.28
N LYS X 66 -6.94 50.30 40.55
CA LYS X 66 -7.06 50.19 39.09
C LYS X 66 -7.76 48.89 38.69
N ILE X 67 -7.52 47.80 39.42
CA ILE X 67 -8.19 46.53 39.12
C ILE X 67 -9.69 46.63 39.39
N ILE X 68 -10.05 47.32 40.48
CA ILE X 68 -11.46 47.53 40.80
C ILE X 68 -12.12 48.39 39.72
N GLU X 69 -11.42 49.40 39.22
CA GLU X 69 -11.96 50.23 38.14
C GLU X 69 -12.17 49.42 36.86
N ALA X 70 -11.24 48.50 36.58
CA ALA X 70 -11.38 47.63 35.42
C ALA X 70 -12.59 46.73 35.54
N ARG X 71 -12.79 46.13 36.71
CA ARG X 71 -13.93 45.23 36.84
C ARG X 71 -15.25 45.98 36.89
N LEU X 72 -15.25 47.20 37.42
CA LEU X 72 -16.42 48.07 37.31
C LEU X 72 -16.78 48.28 35.85
N LYS X 73 -15.79 48.60 35.02
CA LYS X 73 -16.08 48.76 33.59
C LYS X 73 -16.50 47.44 32.95
N MET X 74 -16.01 46.31 33.45
CA MET X 74 -16.44 45.04 32.88
C MET X 74 -17.90 44.74 33.19
N TYR X 75 -18.32 44.98 34.44
CA TYR X 75 -19.72 44.77 34.79
C TYR X 75 -20.63 45.72 34.03
N LYS X 76 -20.21 46.99 33.90
CA LYS X 76 -21.05 47.97 33.20
C LYS X 76 -21.15 47.63 31.72
N HIS X 77 -20.02 47.32 31.09
CA HIS X 77 -19.97 47.00 29.67
C HIS X 77 -20.46 45.60 29.37
N SER X 78 -20.79 44.80 30.39
CA SER X 78 -21.43 43.52 30.16
C SER X 78 -22.91 43.55 30.44
N ASN X 79 -23.37 44.29 31.46
CA ASN X 79 -24.72 44.08 31.96
C ASN X 79 -25.57 45.34 31.97
N ASN X 80 -25.15 46.39 31.27
CA ASN X 80 -25.90 47.62 30.99
C ASN X 80 -26.29 48.41 32.23
N LYS X 81 -25.69 48.16 33.38
CA LYS X 81 -26.05 48.87 34.60
C LYS X 81 -24.86 48.85 35.55
N ALA X 82 -24.82 49.85 36.43
CA ALA X 82 -23.75 49.91 37.40
C ALA X 82 -23.97 48.89 38.51
N MET X 83 -22.91 48.64 39.27
CA MET X 83 -22.97 47.73 40.41
C MET X 83 -23.71 48.37 41.59
N THR X 84 -24.08 47.53 42.56
CA THR X 84 -24.61 48.01 43.82
C THR X 84 -23.44 48.30 44.75
N THR X 85 -23.70 48.49 46.03
CA THR X 85 -22.59 48.62 46.97
C THR X 85 -22.13 47.24 47.44
N GLY X 86 -23.08 46.38 47.83
CA GLY X 86 -22.75 45.06 48.30
C GLY X 86 -22.12 44.18 47.24
N ALA X 87 -22.44 44.43 45.96
CA ALA X 87 -21.78 43.72 44.88
C ALA X 87 -20.31 44.09 44.81
N ILE X 88 -20.01 45.38 44.99
CA ILE X 88 -18.62 45.83 45.00
C ILE X 88 -17.88 45.25 46.21
N ALA X 89 -18.57 45.14 47.34
CA ALA X 89 -17.99 44.55 48.54
C ALA X 89 -17.67 43.08 48.31
N ALA X 90 -18.62 42.35 47.72
CA ALA X 90 -18.43 40.94 47.42
C ALA X 90 -17.28 40.74 46.43
N MET X 91 -17.20 41.61 45.43
CA MET X 91 -16.15 41.49 44.44
C MET X 91 -14.78 41.74 45.06
N LEU X 92 -14.69 42.73 45.95
CA LEU X 92 -13.43 43.00 46.62
C LEU X 92 -13.03 41.85 47.54
N SER X 93 -14.02 41.21 48.18
CA SER X 93 -13.73 40.05 49.02
C SER X 93 -13.21 38.88 48.18
N THR X 94 -13.78 38.68 46.99
CA THR X 94 -13.28 37.65 46.10
C THR X 94 -11.85 37.95 45.64
N ILE X 95 -11.53 39.23 45.44
CA ILE X 95 -10.19 39.59 45.01
C ILE X 95 -9.19 39.36 46.14
N LEU X 96 -9.51 39.86 47.33
CA LEU X 96 -8.65 39.70 48.51
C LEU X 96 -8.46 38.25 48.89
N TYR X 97 -9.42 37.37 48.59
CA TYR X 97 -9.04 35.98 48.79
C TYR X 97 -8.28 35.44 47.58
N SER X 98 -8.49 36.01 46.39
CA SER X 98 -7.75 35.53 45.22
C SER X 98 -6.27 35.85 45.27
N ARG X 99 -5.84 36.72 46.19
CA ARG X 99 -4.42 36.75 46.53
C ARG X 99 -4.20 36.43 48.00
N ARG X 100 -4.77 35.31 48.45
CA ARG X 100 -4.67 34.91 49.86
C ARG X 100 -3.21 34.67 50.27
N PHE X 101 -2.48 33.89 49.49
CA PHE X 101 -1.14 33.45 49.90
C PHE X 101 -0.04 34.41 49.54
N PHE X 102 -0.37 35.63 49.10
CA PHE X 102 0.56 36.74 49.15
C PHE X 102 -0.27 38.00 49.32
N PRO X 103 -0.56 38.36 50.56
CA PRO X 103 -1.67 39.29 50.80
C PRO X 103 -1.28 40.72 50.45
N TYR X 104 -2.29 41.50 50.13
CA TYR X 104 -2.15 42.94 50.13
C TYR X 104 -2.07 43.42 51.56
N TYR X 105 -1.15 44.33 51.82
CA TYR X 105 -1.06 44.93 53.14
C TYR X 105 -1.82 46.26 53.12
N VAL X 106 -3.15 46.09 53.00
CA VAL X 106 -4.07 47.18 52.72
C VAL X 106 -5.32 47.00 53.56
N TYR X 107 -5.68 48.02 54.34
CA TYR X 107 -7.00 48.11 54.94
C TYR X 107 -7.96 48.78 53.96
N ASN X 108 -9.20 48.31 53.94
CA ASN X 108 -10.16 48.78 52.96
C ASN X 108 -11.49 49.09 53.63
N ILE X 109 -12.07 50.22 53.21
CA ILE X 109 -13.38 50.65 53.67
C ILE X 109 -14.14 51.12 52.45
N ILE X 110 -15.30 50.53 52.20
CA ILE X 110 -16.17 50.96 51.12
C ILE X 110 -17.41 51.58 51.75
N GLY X 111 -17.66 52.83 51.42
CA GLY X 111 -18.91 53.47 51.77
C GLY X 111 -19.76 53.69 50.55
N GLY X 112 -21.05 53.92 50.76
CA GLY X 112 -21.93 54.15 49.64
C GLY X 112 -23.38 53.96 50.03
N LEU X 113 -24.23 54.11 49.03
CA LEU X 113 -25.66 53.98 49.21
C LEU X 113 -26.11 52.58 48.76
N ASP X 114 -27.13 52.06 49.45
CA ASP X 114 -27.74 50.81 49.04
C ASP X 114 -28.79 51.08 47.97
N GLU X 115 -29.61 50.09 47.71
CA GLU X 115 -30.65 50.24 46.71
C GLU X 115 -31.89 50.88 47.30
N GLU X 116 -32.00 50.91 48.62
CA GLU X 116 -33.07 51.67 49.26
C GLU X 116 -32.77 53.16 49.36
N GLY X 117 -31.56 53.59 49.04
CA GLY X 117 -31.19 54.97 49.21
C GLY X 117 -30.74 55.31 50.61
N LYS X 118 -30.15 54.36 51.32
CA LYS X 118 -29.66 54.55 52.66
C LYS X 118 -28.16 54.32 52.70
N GLY X 119 -27.53 54.79 53.76
CA GLY X 119 -26.10 54.65 53.88
C GLY X 119 -25.71 53.23 54.22
N ALA X 120 -24.55 52.82 53.72
CA ALA X 120 -24.06 51.46 53.97
C ALA X 120 -22.54 51.52 53.87
N VAL X 121 -21.87 51.13 54.95
CA VAL X 121 -20.41 51.07 55.01
C VAL X 121 -19.99 49.62 55.16
N TYR X 122 -19.22 49.13 54.20
CA TYR X 122 -18.69 47.77 54.24
C TYR X 122 -17.21 47.84 54.54
N SER X 123 -16.82 47.38 55.72
CA SER X 123 -15.42 47.34 56.10
C SER X 123 -14.74 46.11 55.55
N PHE X 124 -13.43 46.03 55.75
CA PHE X 124 -12.63 44.91 55.30
C PHE X 124 -11.50 44.67 56.27
N ASP X 125 -10.72 43.66 55.96
CA ASP X 125 -9.50 43.26 56.62
C ASP X 125 -8.50 42.96 55.51
N PRO X 126 -7.20 42.80 55.80
CA PRO X 126 -6.26 42.49 54.71
C PRO X 126 -6.51 41.17 54.02
N VAL X 127 -7.24 40.25 54.64
CA VAL X 127 -7.38 38.90 54.10
C VAL X 127 -8.72 38.64 53.44
N GLY X 128 -9.74 39.46 53.66
CA GLY X 128 -10.94 39.29 52.86
C GLY X 128 -12.28 39.02 53.53
N SER X 129 -12.49 39.50 54.75
CA SER X 129 -13.82 39.49 55.34
C SER X 129 -14.47 40.86 55.22
N TYR X 130 -15.79 40.89 55.36
CA TYR X 130 -16.51 42.15 55.26
C TYR X 130 -17.83 42.03 56.02
N GLN X 131 -18.41 43.19 56.31
CA GLN X 131 -19.63 43.31 57.11
C GLN X 131 -20.19 44.72 56.98
N ARG X 132 -21.50 44.84 57.13
CA ARG X 132 -22.21 46.10 56.97
C ARG X 132 -22.34 46.78 58.33
N ASP X 133 -21.48 47.76 58.58
CA ASP X 133 -21.47 48.46 59.86
C ASP X 133 -21.76 49.94 59.65
N SER X 134 -21.95 50.65 60.76
CA SER X 134 -22.35 52.05 60.74
C SER X 134 -21.16 53.00 60.72
N PHE X 135 -20.01 52.55 61.20
CA PHE X 135 -18.84 53.41 61.31
C PHE X 135 -17.61 52.54 61.46
N LYS X 136 -16.54 52.94 60.78
CA LYS X 136 -15.23 52.30 60.90
C LYS X 136 -14.14 53.36 60.80
N ALA X 137 -13.03 53.07 61.47
CA ALA X 137 -11.83 53.87 61.36
C ALA X 137 -10.69 52.91 61.07
N GLY X 138 -10.08 53.08 59.90
CA GLY X 138 -9.02 52.17 59.46
C GLY X 138 -7.69 52.90 59.37
N GLY X 139 -6.62 52.16 59.58
CA GLY X 139 -5.28 52.72 59.47
C GLY X 139 -4.59 52.84 60.80
N SER X 140 -3.65 53.79 60.88
CA SER X 140 -2.83 53.93 62.08
C SER X 140 -3.63 54.51 63.23
N ALA X 141 -4.54 55.43 62.94
CA ALA X 141 -5.33 56.09 63.97
C ALA X 141 -6.66 55.41 64.22
N SER X 142 -6.70 54.09 64.07
CA SER X 142 -7.93 53.33 64.30
C SER X 142 -8.33 53.37 65.76
N ALA X 143 -7.38 53.08 66.64
CA ALA X 143 -7.67 53.01 68.06
C ALA X 143 -7.87 54.38 68.67
N MET X 144 -7.35 55.43 68.04
CA MET X 144 -7.63 56.78 68.52
C MET X 144 -9.02 57.26 68.16
N LEU X 145 -9.75 56.53 67.32
CA LEU X 145 -11.02 57.03 66.81
C LEU X 145 -12.21 56.14 67.08
N GLN X 146 -12.02 54.82 67.18
CA GLN X 146 -13.15 53.94 67.46
C GLN X 146 -13.89 54.17 68.79
N PRO X 147 -13.23 54.40 69.95
CA PRO X 147 -14.04 54.56 71.17
C PRO X 147 -14.84 55.85 71.20
N LEU X 148 -14.35 56.91 70.56
CA LEU X 148 -15.11 58.14 70.53
C LEU X 148 -16.34 58.00 69.64
N LEU X 149 -16.22 57.23 68.55
CA LEU X 149 -17.39 56.92 67.74
C LEU X 149 -18.34 56.00 68.46
N ASP X 150 -17.82 55.14 69.33
CA ASP X 150 -18.68 54.35 70.21
C ASP X 150 -19.44 55.26 71.17
N ASN X 151 -18.80 56.36 71.57
CA ASN X 151 -19.47 57.28 72.47
C ASN X 151 -20.52 58.12 71.74
N GLN X 152 -20.24 58.52 70.51
CA GLN X 152 -21.12 59.48 69.83
C GLN X 152 -22.10 58.83 68.86
N VAL X 153 -21.63 57.95 67.98
CA VAL X 153 -22.54 57.32 67.03
C VAL X 153 -23.40 56.27 67.74
N GLY X 154 -22.75 55.36 68.47
CA GLY X 154 -23.48 54.28 69.10
C GLY X 154 -24.22 54.66 70.36
N PHE X 155 -23.89 55.83 70.94
CA PHE X 155 -24.42 56.29 72.24
C PHE X 155 -24.17 55.26 73.33
N LYS X 156 -23.01 54.60 73.26
CA LYS X 156 -22.76 53.52 74.20
C LYS X 156 -22.25 54.05 75.53
N ASN X 157 -22.41 53.21 76.55
CA ASN X 157 -21.89 53.40 77.91
C ASN X 157 -22.44 54.66 78.57
N MET X 158 -23.64 55.06 78.16
CA MET X 158 -24.26 56.26 78.69
C MET X 158 -25.56 55.87 79.37
N GLN X 159 -26.11 56.80 80.14
CA GLN X 159 -27.31 56.54 80.91
C GLN X 159 -28.29 57.68 80.71
N ASN X 160 -29.54 57.31 80.43
CA ASN X 160 -30.66 58.23 80.23
C ASN X 160 -30.39 59.19 79.08
N VAL X 161 -29.67 58.71 78.07
CA VAL X 161 -29.37 59.47 76.87
C VAL X 161 -30.14 58.81 75.74
N GLU X 162 -31.12 59.53 75.20
CA GLU X 162 -31.94 58.95 74.15
C GLU X 162 -31.17 58.87 72.85
N HIS X 163 -31.75 58.16 71.90
CA HIS X 163 -31.09 57.92 70.62
C HIS X 163 -31.70 58.83 69.57
N VAL X 164 -30.95 59.84 69.16
CA VAL X 164 -31.35 60.76 68.11
C VAL X 164 -30.65 60.28 66.83
N PRO X 165 -31.31 60.27 65.68
CA PRO X 165 -30.60 59.91 64.44
C PRO X 165 -29.56 60.96 64.07
N LEU X 166 -28.43 60.49 63.56
CA LEU X 166 -27.29 61.34 63.27
C LEU X 166 -27.55 62.12 61.98
N SER X 167 -27.57 63.45 62.08
CA SER X 167 -27.82 64.29 60.92
C SER X 167 -26.55 64.48 60.11
N LEU X 168 -26.60 65.39 59.15
CA LEU X 168 -25.48 65.59 58.24
C LEU X 168 -24.45 66.55 58.81
N ASP X 169 -24.88 67.77 59.15
CA ASP X 169 -23.94 68.80 59.60
C ASP X 169 -23.36 68.46 60.96
N ARG X 170 -24.12 67.72 61.77
CA ARG X 170 -23.57 67.14 62.99
C ARG X 170 -22.43 66.17 62.67
N ALA X 171 -22.63 65.32 61.67
CA ALA X 171 -21.58 64.42 61.22
C ALA X 171 -20.37 65.18 60.68
N MET X 172 -20.61 66.35 60.09
CA MET X 172 -19.50 67.15 59.56
C MET X 172 -18.66 67.69 60.71
N ARG X 173 -19.34 68.19 61.74
CA ARG X 173 -18.65 68.72 62.91
C ARG X 173 -17.96 67.62 63.70
N LEU X 174 -18.55 66.42 63.70
CA LEU X 174 -17.90 65.23 64.25
C LEU X 174 -16.61 64.87 63.53
N VAL X 175 -16.64 64.83 62.19
CA VAL X 175 -15.48 64.40 61.41
C VAL X 175 -14.33 65.39 61.56
N LYS X 176 -14.67 66.69 61.56
CA LYS X 176 -13.64 67.71 61.75
C LYS X 176 -13.02 67.63 63.15
N ASP X 177 -13.84 67.43 64.17
CA ASP X 177 -13.32 67.33 65.53
C ASP X 177 -12.49 66.07 65.73
N VAL X 178 -12.91 64.93 65.17
CA VAL X 178 -12.16 63.71 65.40
C VAL X 178 -10.85 63.73 64.64
N PHE X 179 -10.79 64.40 63.48
CA PHE X 179 -9.51 64.47 62.79
C PHE X 179 -8.56 65.45 63.44
N ILE X 180 -9.07 66.54 64.04
CA ILE X 180 -8.19 67.44 64.78
C ILE X 180 -7.64 66.72 66.01
N SER X 181 -8.54 66.05 66.75
CA SER X 181 -8.15 65.38 67.97
C SER X 181 -7.22 64.20 67.71
N ALA X 182 -7.40 63.50 66.59
CA ALA X 182 -6.47 62.42 66.27
C ALA X 182 -5.16 62.93 65.67
N ALA X 183 -5.19 64.06 64.95
CA ALA X 183 -3.95 64.58 64.41
C ALA X 183 -3.07 65.21 65.46
N GLU X 184 -3.62 65.52 66.64
CA GLU X 184 -2.78 66.01 67.72
C GLU X 184 -1.86 64.92 68.25
N ARG X 185 -2.35 63.68 68.31
CA ARG X 185 -1.55 62.63 68.93
C ARG X 185 -0.94 61.66 67.94
N ASP X 186 -1.42 61.61 66.71
CA ASP X 186 -0.88 60.68 65.73
C ASP X 186 0.32 61.31 65.05
N VAL X 187 1.22 60.46 64.57
CA VAL X 187 2.32 60.91 63.76
C VAL X 187 2.03 60.74 62.27
N TYR X 188 1.05 59.91 61.91
CA TYR X 188 0.71 59.68 60.51
C TYR X 188 -0.54 60.43 60.10
N THR X 189 -0.82 61.56 60.73
CA THR X 189 -2.07 62.24 60.46
C THR X 189 -1.88 63.74 60.48
N GLY X 190 -2.26 64.39 59.39
CA GLY X 190 -2.35 65.84 59.38
C GLY X 190 -2.22 66.41 57.99
N ASP X 191 -2.04 67.72 57.98
CA ASP X 191 -1.69 68.63 56.88
C ASP X 191 -2.85 68.90 55.93
N ALA X 192 -3.94 68.14 56.00
CA ALA X 192 -5.14 68.31 55.18
C ALA X 192 -6.23 67.35 55.63
N LEU X 193 -7.37 67.43 54.94
CA LEU X 193 -8.49 66.53 55.16
C LEU X 193 -9.40 66.60 53.95
N ARG X 194 -9.63 65.47 53.33
CA ARG X 194 -10.45 65.37 52.13
C ARG X 194 -11.74 64.68 52.51
N ILE X 195 -12.82 65.44 52.55
CA ILE X 195 -14.10 64.96 53.04
C ILE X 195 -14.96 64.70 51.82
N CYS X 196 -15.43 63.47 51.68
CA CYS X 196 -16.31 63.07 50.58
C CYS X 196 -17.68 62.77 51.13
N ILE X 197 -18.71 63.38 50.53
CA ILE X 197 -20.08 63.18 50.96
C ILE X 197 -20.85 62.59 49.80
N VAL X 198 -21.53 61.48 50.05
CA VAL X 198 -22.32 60.79 49.05
C VAL X 198 -23.78 61.02 49.42
N THR X 199 -24.50 61.73 48.57
CA THR X 199 -25.93 61.95 48.76
C THR X 199 -26.69 61.23 47.66
N LYS X 200 -28.00 61.47 47.61
CA LYS X 200 -28.83 60.94 46.54
C LYS X 200 -28.78 61.83 45.30
N GLU X 201 -27.86 62.80 45.27
CA GLU X 201 -27.81 63.76 44.19
C GLU X 201 -26.41 63.88 43.61
N GLY X 202 -25.47 63.10 44.09
CA GLY X 202 -24.12 63.11 43.57
C GLY X 202 -23.14 62.97 44.70
N ILE X 203 -21.91 63.40 44.43
CA ILE X 203 -20.82 63.37 45.40
C ILE X 203 -20.35 64.79 45.62
N ARG X 204 -20.24 65.20 46.88
CA ARG X 204 -19.64 66.48 47.20
C ARG X 204 -18.28 66.21 47.82
N GLU X 205 -17.36 67.14 47.60
CA GLU X 205 -16.07 67.10 48.27
C GLU X 205 -15.80 68.42 48.98
N GLU X 206 -14.85 68.38 49.91
CA GLU X 206 -14.55 69.52 50.74
C GLU X 206 -13.16 69.34 51.33
N THR X 207 -12.34 70.40 51.26
CA THR X 207 -10.96 70.36 51.69
C THR X 207 -10.80 71.27 52.91
N VAL X 208 -10.42 70.67 54.04
CA VAL X 208 -10.19 71.37 55.28
C VAL X 208 -8.76 71.07 55.73
N SER X 209 -7.98 72.12 55.97
CA SER X 209 -6.60 71.92 56.37
C SER X 209 -6.52 71.49 57.82
N LEU X 210 -5.29 71.26 58.27
CA LEU X 210 -4.98 70.93 59.65
C LEU X 210 -3.73 71.69 60.05
N ARG X 211 -3.12 71.27 61.14
CA ARG X 211 -1.81 71.78 61.50
C ARG X 211 -0.75 71.25 60.54
N LYS X 212 0.25 72.09 60.28
CA LYS X 212 1.22 71.86 59.22
C LYS X 212 2.42 71.05 59.68
N ASP X 213 2.40 70.51 60.89
CA ASP X 213 3.50 69.66 61.33
C ASP X 213 3.05 68.20 61.42
N THR Y 1 17.68 42.23 41.72
CA THR Y 1 18.99 42.30 42.33
C THR Y 1 18.90 42.27 43.84
N GLN Y 2 19.51 41.27 44.45
CA GLN Y 2 19.51 41.16 45.90
C GLN Y 2 20.54 42.09 46.52
N ASN Y 3 21.75 42.08 46.00
CA ASN Y 3 22.84 42.89 46.53
C ASN Y 3 23.32 43.88 45.48
N PRO Y 4 23.11 45.18 45.69
CA PRO Y 4 23.58 46.18 44.71
C PRO Y 4 25.10 46.28 44.68
N MET Y 5 25.67 46.08 43.49
CA MET Y 5 27.12 46.15 43.37
C MET Y 5 27.57 47.60 43.31
N VAL Y 6 27.20 48.30 42.25
CA VAL Y 6 27.73 49.62 41.94
C VAL Y 6 26.58 50.60 42.06
N THR Y 7 26.56 51.37 43.13
CA THR Y 7 25.48 52.29 43.41
C THR Y 7 25.85 53.69 42.98
N GLY Y 8 24.84 54.46 42.59
CA GLY Y 8 24.94 55.90 42.48
C GLY Y 8 24.69 56.59 43.79
N THR Y 9 24.18 57.81 43.69
CA THR Y 9 23.81 58.60 44.86
C THR Y 9 22.68 59.54 44.46
N SER Y 10 22.46 60.58 45.26
CA SER Y 10 21.21 61.32 45.30
C SER Y 10 20.94 62.08 44.00
N VAL Y 11 19.66 62.17 43.65
CA VAL Y 11 19.19 62.84 42.45
C VAL Y 11 18.25 63.96 42.89
N LEU Y 12 18.41 65.14 42.31
CA LEU Y 12 17.60 66.30 42.66
C LEU Y 12 16.78 66.77 41.48
N GLY Y 13 15.51 67.08 41.72
CA GLY Y 13 14.62 67.59 40.70
C GLY Y 13 13.55 68.50 41.25
N VAL Y 14 13.22 69.56 40.52
CA VAL Y 14 12.25 70.55 40.98
C VAL Y 14 11.62 71.21 39.76
N LYS Y 15 10.32 71.44 39.83
CA LYS Y 15 9.64 72.13 38.75
C LYS Y 15 9.94 73.62 38.81
N PHE Y 16 9.65 74.30 37.71
CA PHE Y 16 9.56 75.76 37.68
C PHE Y 16 8.53 76.14 36.61
N GLU Y 17 8.51 77.40 36.24
CA GLU Y 17 7.51 77.91 35.31
C GLU Y 17 7.80 77.40 33.91
N GLY Y 18 7.13 76.32 33.53
CA GLY Y 18 7.28 75.77 32.19
C GLY Y 18 8.53 74.94 31.99
N GLY Y 19 8.95 74.19 33.00
CA GLY Y 19 10.11 73.34 32.84
C GLY Y 19 10.46 72.63 34.13
N VAL Y 20 11.29 71.61 33.98
CA VAL Y 20 11.79 70.80 35.08
C VAL Y 20 13.30 70.69 34.92
N VAL Y 21 14.04 70.98 35.98
CA VAL Y 21 15.49 70.82 36.00
C VAL Y 21 15.85 69.60 36.85
N ILE Y 22 16.77 68.78 36.35
CA ILE Y 22 17.27 67.60 37.06
C ILE Y 22 18.79 67.63 37.01
N ALA Y 23 19.43 67.39 38.15
CA ALA Y 23 20.89 67.30 38.18
C ALA Y 23 21.34 66.16 39.09
N ALA Y 24 22.27 65.36 38.58
CA ALA Y 24 22.91 64.30 39.34
C ALA Y 24 24.38 64.27 39.00
N ASP Y 25 25.17 63.70 39.90
CA ASP Y 25 26.61 63.70 39.70
C ASP Y 25 27.03 62.49 38.87
N MET Y 26 28.34 62.24 38.82
CA MET Y 26 28.94 61.35 37.81
C MET Y 26 29.89 60.36 38.47
N LEU Y 27 29.44 59.70 39.53
CA LEU Y 27 30.30 58.83 40.31
C LEU Y 27 29.72 57.43 40.39
N GLY Y 28 30.60 56.44 40.27
CA GLY Y 28 30.23 55.03 40.21
C GLY Y 28 30.80 54.19 41.33
N SER Y 29 30.69 54.66 42.57
CA SER Y 29 31.41 54.04 43.68
C SER Y 29 30.96 52.61 43.94
N TYR Y 30 31.94 51.75 44.24
CA TYR Y 30 31.71 50.36 44.60
C TYR Y 30 32.13 50.21 46.06
N GLY Y 31 31.16 50.12 46.95
CA GLY Y 31 31.47 50.04 48.36
C GLY Y 31 31.87 51.43 48.82
N SER Y 32 33.15 51.61 49.10
CA SER Y 32 33.69 52.93 49.37
C SER Y 32 34.65 53.36 48.27
N LEU Y 33 35.06 52.47 47.39
CA LEU Y 33 36.02 52.80 46.35
C LEU Y 33 35.29 53.46 45.20
N ALA Y 34 35.70 54.68 44.87
CA ALA Y 34 35.05 55.44 43.79
C ALA Y 34 35.59 54.95 42.45
N ARG Y 35 35.03 53.83 41.99
CA ARG Y 35 35.65 53.09 40.91
C ARG Y 35 35.36 53.72 39.55
N PHE Y 36 34.17 54.28 39.34
CA PHE Y 36 33.78 54.81 38.03
C PHE Y 36 33.40 56.28 38.18
N ARG Y 37 34.42 57.14 38.10
CA ARG Y 37 34.23 58.56 38.38
C ARG Y 37 33.91 59.37 37.15
N ASN Y 38 33.51 58.72 36.05
CA ASN Y 38 33.02 59.46 34.90
C ASN Y 38 31.95 58.60 34.22
N ILE Y 39 30.69 58.78 34.66
CA ILE Y 39 29.55 58.07 34.11
C ILE Y 39 28.40 59.04 33.99
N SER Y 40 27.42 58.66 33.17
CA SER Y 40 26.25 59.49 32.90
C SER Y 40 25.04 58.85 33.56
N ARG Y 41 24.30 59.63 34.35
CA ARG Y 41 23.19 59.08 35.13
C ARG Y 41 21.87 59.77 34.80
N ILE Y 42 21.77 60.40 33.62
CA ILE Y 42 20.53 60.99 33.17
C ILE Y 42 20.34 60.64 31.70
N MET Y 43 19.22 59.98 31.38
CA MET Y 43 18.83 59.74 30.00
C MET Y 43 17.88 60.84 29.53
N ARG Y 44 18.20 61.43 28.39
CA ARG Y 44 17.35 62.41 27.73
C ARG Y 44 16.41 61.66 26.80
N VAL Y 45 15.20 61.39 27.28
CA VAL Y 45 14.18 60.72 26.48
C VAL Y 45 13.74 61.72 25.42
N ASN Y 46 13.02 61.26 24.40
CA ASN Y 46 12.91 61.82 23.05
C ASN Y 46 12.84 63.34 22.88
N ASN Y 47 11.75 63.98 23.31
CA ASN Y 47 11.66 65.43 23.26
C ASN Y 47 10.98 66.07 24.44
N SER Y 48 10.26 65.32 25.28
CA SER Y 48 9.51 65.91 26.38
C SER Y 48 10.00 65.41 27.73
N THR Y 49 10.01 64.10 27.94
CA THR Y 49 10.35 63.56 29.24
C THR Y 49 11.85 63.25 29.32
N MET Y 50 12.28 62.87 30.51
CA MET Y 50 13.70 62.76 30.83
C MET Y 50 13.87 62.01 32.14
N LEU Y 51 14.87 61.14 32.20
CA LEU Y 51 15.00 60.14 33.25
C LEU Y 51 16.32 60.30 33.96
N GLY Y 52 16.29 60.17 35.28
CA GLY Y 52 17.50 60.08 36.08
C GLY Y 52 17.29 59.11 37.22
N ALA Y 53 18.36 58.40 37.58
CA ALA Y 53 18.19 57.28 38.48
C ALA Y 53 19.37 57.13 39.44
N SER Y 54 19.17 56.24 40.40
CA SER Y 54 20.15 55.91 41.44
C SER Y 54 20.23 54.40 41.53
N GLY Y 55 20.91 53.87 42.55
CA GLY Y 55 20.95 52.43 42.72
C GLY Y 55 21.90 51.78 41.72
N ASP Y 56 21.56 50.55 41.33
CA ASP Y 56 22.42 49.77 40.45
C ASP Y 56 22.49 50.38 39.06
N TYR Y 57 23.72 50.65 38.63
CA TYR Y 57 23.92 51.33 37.35
C TYR Y 57 23.60 50.40 36.18
N ALA Y 58 23.81 49.10 36.38
CA ALA Y 58 23.54 48.11 35.34
C ALA Y 58 22.05 48.03 35.03
N ASP Y 59 21.23 48.09 36.08
CA ASP Y 59 19.78 48.08 35.91
C ASP Y 59 19.32 49.34 35.20
N PHE Y 60 20.01 50.45 35.45
CA PHE Y 60 19.71 51.68 34.74
C PHE Y 60 20.07 51.57 33.28
N GLN Y 61 21.17 50.87 32.97
CA GLN Y 61 21.52 50.58 31.58
C GLN Y 61 20.45 49.72 30.93
N TYR Y 62 19.91 48.76 31.68
CA TYR Y 62 18.87 47.87 31.19
C TYR Y 62 17.59 48.62 30.89
N LEU Y 63 17.16 49.46 31.81
CA LEU Y 63 15.95 50.24 31.61
C LEU Y 63 16.14 51.32 30.56
N LYS Y 64 17.37 51.84 30.43
CA LYS Y 64 17.72 52.71 29.33
C LYS Y 64 17.49 52.04 27.99
N GLN Y 65 17.94 50.80 27.88
CA GLN Y 65 17.77 50.02 26.65
C GLN Y 65 16.31 49.79 26.34
N VAL Y 66 15.54 49.34 27.34
CA VAL Y 66 14.14 48.99 27.10
C VAL Y 66 13.30 50.22 26.77
N LEU Y 67 13.48 51.28 27.54
CA LEU Y 67 12.75 52.52 27.29
C LEU Y 67 13.13 53.15 25.96
N GLY Y 68 14.43 53.10 25.60
CA GLY Y 68 14.85 53.58 24.29
C GLY Y 68 14.20 52.83 23.17
N GLN Y 69 14.08 51.51 23.31
CA GLN Y 69 13.44 50.73 22.25
C GLN Y 69 11.95 51.03 22.14
N MET Y 70 11.27 51.20 23.29
CA MET Y 70 9.84 51.50 23.25
C MET Y 70 9.55 52.86 22.64
N VAL Y 71 10.36 53.87 23.00
CA VAL Y 71 10.19 55.20 22.42
C VAL Y 71 10.48 55.17 20.93
N ILE Y 72 11.52 54.42 20.52
CA ILE Y 72 11.83 54.23 19.10
C ILE Y 72 10.66 53.57 18.39
N ASP Y 73 10.00 52.61 19.04
CA ASP Y 73 8.87 51.91 18.43
C ASP Y 73 7.68 52.86 18.21
N GLU Y 74 7.35 53.67 19.21
CA GLU Y 74 6.23 54.58 19.04
C GLU Y 74 6.56 55.67 18.01
N GLU Y 75 7.80 56.14 17.99
CA GLU Y 75 8.20 57.10 16.96
C GLU Y 75 8.20 56.49 15.57
N LEU Y 76 8.37 55.18 15.47
CA LEU Y 76 8.25 54.49 14.19
C LEU Y 76 6.82 54.09 13.86
N LEU Y 77 5.89 54.26 14.80
CA LEU Y 77 4.50 54.12 14.43
C LEU Y 77 4.06 55.22 13.46
N GLY Y 78 4.65 56.41 13.56
CA GLY Y 78 4.33 57.47 12.63
C GLY Y 78 2.93 58.05 12.76
N ASP Y 79 2.30 57.91 13.92
CA ASP Y 79 0.94 58.37 14.11
C ASP Y 79 0.87 59.80 14.63
N GLY Y 80 1.99 60.39 14.98
CA GLY Y 80 2.02 61.69 15.59
C GLY Y 80 1.76 61.68 17.08
N HIS Y 81 1.68 60.51 17.68
CA HIS Y 81 1.39 60.36 19.10
C HIS Y 81 2.65 59.89 19.81
N SER Y 82 2.91 60.46 20.98
CA SER Y 82 4.09 60.15 21.76
C SER Y 82 3.67 59.64 23.13
N TYR Y 83 4.64 59.35 23.98
CA TYR Y 83 4.35 59.04 25.37
C TYR Y 83 4.29 60.33 26.17
N SER Y 84 3.21 60.51 26.91
CA SER Y 84 3.20 61.52 27.95
C SER Y 84 4.15 61.08 29.06
N PRO Y 85 4.70 62.01 29.83
CA PRO Y 85 5.57 61.63 30.94
C PRO Y 85 4.84 60.81 31.99
N ARG Y 86 3.54 61.08 32.16
CA ARG Y 86 2.75 60.32 33.11
C ARG Y 86 2.53 58.89 32.63
N ALA Y 87 2.49 58.67 31.31
CA ALA Y 87 2.41 57.33 30.78
C ALA Y 87 3.69 56.55 31.04
N ILE Y 88 4.84 57.22 30.86
CA ILE Y 88 6.14 56.64 31.20
C ILE Y 88 6.20 56.31 32.68
N HIS Y 89 5.67 57.20 33.51
CA HIS Y 89 5.61 57.00 34.94
C HIS Y 89 4.76 55.78 35.30
N SER Y 90 3.62 55.64 34.62
CA SER Y 90 2.74 54.51 34.85
C SER Y 90 3.37 53.19 34.43
N TRP Y 91 3.98 53.17 33.23
CA TRP Y 91 4.62 51.96 32.73
C TRP Y 91 5.77 51.54 33.64
N LEU Y 92 6.56 52.51 34.10
CA LEU Y 92 7.70 52.19 34.95
C LEU Y 92 7.24 51.71 36.31
N THR Y 93 6.16 52.28 36.84
CA THR Y 93 5.61 51.83 38.11
C THR Y 93 5.10 50.39 38.02
N ARG Y 94 4.37 50.08 36.94
CA ARG Y 94 3.89 48.71 36.73
C ARG Y 94 5.05 47.74 36.53
N ALA Y 95 6.10 48.20 35.86
CA ALA Y 95 7.28 47.38 35.65
C ALA Y 95 7.97 47.05 36.96
N MET Y 96 8.15 48.05 37.83
CA MET Y 96 8.82 47.79 39.10
C MET Y 96 7.95 46.92 40.01
N TYR Y 97 6.65 47.14 40.00
CA TYR Y 97 5.79 46.32 40.85
C TYR Y 97 5.76 44.87 40.40
N SER Y 98 5.67 44.64 39.08
CA SER Y 98 5.72 43.28 38.59
C SER Y 98 7.11 42.66 38.71
N ARG Y 99 8.15 43.49 38.73
CA ARG Y 99 9.49 43.04 39.03
C ARG Y 99 9.58 42.53 40.48
N ARG Y 100 9.14 43.35 41.43
CA ARG Y 100 9.28 43.01 42.84
C ARG Y 100 8.28 41.98 43.31
N SER Y 101 7.20 41.77 42.54
CA SER Y 101 6.23 40.74 42.90
C SER Y 101 6.82 39.35 42.73
N LYS Y 102 7.77 39.22 41.83
CA LYS Y 102 8.48 37.97 41.61
C LYS Y 102 9.69 37.83 42.52
N MET Y 103 9.79 38.68 43.54
CA MET Y 103 10.84 38.67 44.57
C MET Y 103 12.24 38.84 43.99
N ASN Y 104 12.35 39.45 42.82
CA ASN Y 104 13.64 39.78 42.22
C ASN Y 104 13.58 41.27 41.87
N PRO Y 105 13.86 42.15 42.83
CA PRO Y 105 13.65 43.57 42.60
C PRO Y 105 14.80 44.19 41.81
N LEU Y 106 14.47 45.27 41.11
CA LEU Y 106 15.48 46.15 40.52
C LEU Y 106 15.90 47.19 41.54
N TRP Y 107 17.15 47.12 41.96
CA TRP Y 107 17.67 48.03 42.94
C TRP Y 107 17.90 49.38 42.27
N ASN Y 108 16.90 50.25 42.31
CA ASN Y 108 17.05 51.57 41.72
C ASN Y 108 16.31 52.58 42.57
N THR Y 109 16.42 53.84 42.14
CA THR Y 109 15.63 54.93 42.70
C THR Y 109 15.58 55.94 41.56
N MET Y 110 14.45 56.01 40.88
CA MET Y 110 14.37 56.67 39.59
C MET Y 110 13.57 57.95 39.66
N VAL Y 111 13.97 58.92 38.85
CA VAL Y 111 13.30 60.20 38.75
C VAL Y 111 12.94 60.45 37.29
N ILE Y 112 11.67 60.75 37.04
CA ILE Y 112 11.19 61.03 35.70
C ILE Y 112 10.77 62.49 35.68
N GLY Y 113 11.38 63.26 34.79
CA GLY Y 113 11.05 64.67 34.64
C GLY Y 113 10.59 64.90 33.22
N GLY Y 114 9.50 65.64 33.07
CA GLY Y 114 8.96 65.88 31.74
C GLY Y 114 8.14 67.14 31.70
N TYR Y 115 8.08 67.72 30.51
CA TYR Y 115 7.23 68.88 30.24
C TYR Y 115 6.52 68.61 28.92
N ALA Y 116 5.21 68.44 28.99
CA ALA Y 116 4.42 68.20 27.79
C ALA Y 116 3.07 68.90 27.94
N ASP Y 117 2.70 69.62 26.88
CA ASP Y 117 1.38 70.24 26.71
C ASP Y 117 1.12 71.27 27.81
N GLY Y 118 2.08 72.17 27.99
CA GLY Y 118 1.90 73.28 28.90
C GLY Y 118 2.20 72.94 30.35
N GLU Y 119 1.98 71.69 30.74
CA GLU Y 119 2.12 71.27 32.13
C GLU Y 119 3.41 70.49 32.32
N SER Y 120 4.13 70.80 33.39
CA SER Y 120 5.31 70.06 33.78
C SER Y 120 4.90 68.77 34.49
N PHE Y 121 5.85 67.84 34.59
CA PHE Y 121 5.61 66.62 35.34
C PHE Y 121 6.93 66.17 35.95
N LEU Y 122 6.84 65.69 37.18
CA LEU Y 122 8.00 65.19 37.91
C LEU Y 122 7.53 64.05 38.78
N GLY Y 123 7.84 62.83 38.35
CA GLY Y 123 7.36 61.64 39.03
C GLY Y 123 8.45 60.89 39.73
N TYR Y 124 8.07 60.08 40.71
CA TYR Y 124 9.00 59.30 41.51
C TYR Y 124 8.61 57.83 41.41
N VAL Y 125 9.62 56.97 41.36
CA VAL Y 125 9.41 55.54 41.35
C VAL Y 125 10.42 54.93 42.31
N ASP Y 126 9.93 54.17 43.27
CA ASP Y 126 10.78 53.50 44.23
C ASP Y 126 11.04 52.08 43.73
N MET Y 127 11.89 51.36 44.46
CA MET Y 127 12.05 49.94 44.20
C MET Y 127 10.78 49.19 44.55
N LEU Y 128 10.14 49.58 45.65
CA LEU Y 128 8.93 48.89 46.09
C LEU Y 128 7.67 49.29 45.33
N GLY Y 129 7.77 50.17 44.34
CA GLY Y 129 6.58 50.62 43.65
C GLY Y 129 5.91 51.84 44.22
N VAL Y 130 6.47 52.44 45.25
CA VAL Y 130 5.88 53.64 45.83
C VAL Y 130 6.07 54.80 44.87
N ALA Y 131 4.96 55.41 44.45
CA ALA Y 131 5.01 56.34 43.35
C ALA Y 131 3.98 57.44 43.56
N TYR Y 132 4.40 58.68 43.31
CA TYR Y 132 3.58 59.85 43.56
C TYR Y 132 4.09 61.00 42.72
N GLU Y 133 3.40 62.13 42.80
CA GLU Y 133 3.82 63.37 42.18
C GLU Y 133 4.26 64.34 43.27
N ALA Y 134 5.14 65.27 42.90
CA ALA Y 134 5.69 66.20 43.88
C ALA Y 134 6.24 67.40 43.13
N PRO Y 135 6.19 68.60 43.73
CA PRO Y 135 6.86 69.75 43.13
C PRO Y 135 8.36 69.73 43.28
N SER Y 136 8.91 68.90 44.16
CA SER Y 136 10.36 68.77 44.29
C SER Y 136 10.69 67.39 44.84
N LEU Y 137 11.57 66.67 44.14
CA LEU Y 137 11.98 65.35 44.57
C LEU Y 137 13.43 65.35 44.99
N ALA Y 138 13.76 64.40 45.87
CA ALA Y 138 15.10 64.26 46.41
C ALA Y 138 15.25 62.79 46.78
N THR Y 139 16.26 62.14 46.24
CA THR Y 139 16.45 60.72 46.44
C THR Y 139 17.61 60.43 47.39
N GLY Y 140 17.69 59.16 47.78
CA GLY Y 140 18.77 58.67 48.64
C GLY Y 140 18.89 59.40 49.95
N TYR Y 141 20.05 60.01 50.16
CA TYR Y 141 20.25 60.90 51.30
C TYR Y 141 19.80 62.32 51.02
N GLY Y 142 19.46 62.61 49.77
CA GLY Y 142 18.92 63.92 49.45
C GLY Y 142 17.59 64.18 50.10
N ALA Y 143 16.77 63.14 50.28
CA ALA Y 143 15.51 63.27 51.00
C ALA Y 143 15.74 63.58 52.47
N TYR Y 144 16.91 63.29 53.01
CA TYR Y 144 17.27 63.69 54.36
C TYR Y 144 17.95 65.03 54.41
N LEU Y 145 18.66 65.42 53.36
CA LEU Y 145 19.52 66.58 53.45
C LEU Y 145 19.01 67.77 52.64
N ALA Y 146 18.79 67.61 51.34
CA ALA Y 146 18.44 68.74 50.51
C ALA Y 146 16.94 68.91 50.35
N GLN Y 147 16.14 67.97 50.84
CA GLN Y 147 14.69 68.12 50.85
C GLN Y 147 14.18 69.32 51.64
N PRO Y 148 14.65 69.63 52.88
CA PRO Y 148 14.06 70.78 53.58
C PRO Y 148 14.39 72.12 52.95
N LEU Y 149 15.45 72.23 52.17
CA LEU Y 149 15.72 73.48 51.47
C LEU Y 149 14.72 73.69 50.35
N LEU Y 150 14.43 72.62 49.61
CA LEU Y 150 13.40 72.63 48.58
C LEU Y 150 12.05 72.98 49.17
N ARG Y 151 11.68 72.30 50.26
CA ARG Y 151 10.39 72.55 50.88
C ARG Y 151 10.33 73.88 51.59
N GLU Y 152 11.48 74.46 51.96
CA GLU Y 152 11.50 75.81 52.49
C GLU Y 152 11.19 76.82 51.41
N VAL Y 153 11.87 76.72 50.27
CA VAL Y 153 11.70 77.73 49.24
C VAL Y 153 10.36 77.58 48.54
N LEU Y 154 9.86 76.36 48.40
CA LEU Y 154 8.53 76.20 47.83
C LEU Y 154 7.45 76.68 48.78
N GLU Y 155 7.68 76.58 50.09
CA GLU Y 155 6.77 77.23 51.03
C GLU Y 155 6.97 78.75 51.00
N LYS Y 156 8.21 79.21 50.91
CA LYS Y 156 8.47 80.64 50.85
C LYS Y 156 8.05 81.25 49.53
N GLN Y 157 8.07 80.47 48.45
CA GLN Y 157 7.69 80.97 47.13
C GLN Y 157 7.16 79.83 46.29
N PRO Y 158 5.86 79.80 45.98
CA PRO Y 158 5.28 78.61 45.36
C PRO Y 158 5.65 78.42 43.90
N VAL Y 159 5.85 79.50 43.14
CA VAL Y 159 6.31 79.39 41.77
C VAL Y 159 7.78 79.78 41.73
N LEU Y 160 8.43 79.46 40.61
CA LEU Y 160 9.84 79.78 40.46
C LEU Y 160 10.14 80.20 39.04
N SER Y 161 11.36 80.70 38.86
CA SER Y 161 11.96 80.93 37.56
C SER Y 161 13.07 79.90 37.34
N GLN Y 162 13.58 79.86 36.12
CA GLN Y 162 14.59 78.87 35.78
C GLN Y 162 15.92 79.18 36.45
N THR Y 163 16.24 80.47 36.56
CA THR Y 163 17.50 80.91 37.16
C THR Y 163 17.53 80.61 38.65
N GLU Y 164 16.43 80.89 39.35
CA GLU Y 164 16.34 80.61 40.78
C GLU Y 164 16.44 79.12 41.04
N ALA Y 165 15.81 78.34 40.17
CA ALA Y 165 15.86 76.88 40.29
C ALA Y 165 17.27 76.36 40.08
N ARG Y 166 17.96 76.89 39.07
CA ARG Y 166 19.32 76.44 38.76
C ARG Y 166 20.28 76.82 39.88
N ASP Y 167 20.15 78.03 40.42
CA ASP Y 167 20.98 78.44 41.54
C ASP Y 167 20.74 77.57 42.77
N LEU Y 168 19.47 77.20 43.00
CA LEU Y 168 19.12 76.40 44.16
C LEU Y 168 19.66 74.99 44.01
N VAL Y 169 19.58 74.45 42.79
CA VAL Y 169 20.16 73.14 42.49
C VAL Y 169 21.67 73.15 42.72
N GLU Y 170 22.35 74.23 42.30
CA GLU Y 170 23.79 74.36 42.52
C GLU Y 170 24.12 74.38 44.01
N ARG Y 171 23.31 75.08 44.80
CA ARG Y 171 23.56 75.14 46.24
C ARG Y 171 23.33 73.79 46.90
N CYS Y 172 22.25 73.09 46.49
CA CYS Y 172 21.97 71.77 47.04
C CYS Y 172 23.04 70.75 46.67
N MET Y 173 23.53 70.80 45.44
CA MET Y 173 24.62 69.90 45.06
C MET Y 173 25.90 70.23 45.79
N ARG Y 174 26.12 71.51 46.09
CA ARG Y 174 27.24 71.89 46.94
C ARG Y 174 27.12 71.30 48.34
N VAL Y 175 25.90 71.33 48.90
CA VAL Y 175 25.66 70.80 50.23
C VAL Y 175 25.87 69.29 50.24
N LEU Y 176 25.35 68.61 49.22
CA LEU Y 176 25.56 67.18 49.07
C LEU Y 176 27.03 66.86 48.89
N TYR Y 177 27.80 67.74 48.24
CA TYR Y 177 29.23 67.53 48.20
C TYR Y 177 29.86 67.72 49.58
N TYR Y 178 29.29 68.60 50.40
CA TYR Y 178 29.86 68.79 51.74
C TYR Y 178 29.68 67.58 52.64
N ARG Y 179 28.49 66.96 52.68
CA ARG Y 179 28.40 65.98 53.75
C ARG Y 179 27.73 64.66 53.34
N ASP Y 180 27.87 64.27 52.09
CA ASP Y 180 27.58 62.91 51.67
C ASP Y 180 28.89 62.20 51.39
N ALA Y 181 29.06 61.02 51.98
CA ALA Y 181 30.30 60.28 51.77
C ALA Y 181 30.40 59.67 50.39
N ARG Y 182 29.29 59.58 49.66
CA ARG Y 182 29.27 58.87 48.40
C ARG Y 182 29.21 59.84 47.23
N SER Y 183 29.74 61.04 47.43
CA SER Y 183 29.51 62.19 46.57
C SER Y 183 30.81 62.57 45.88
N TYR Y 184 30.71 63.44 44.87
CA TYR Y 184 31.89 63.76 44.08
C TYR Y 184 31.71 65.12 43.43
N ASN Y 185 32.82 65.84 43.29
CA ASN Y 185 32.79 67.21 42.80
C ASN Y 185 32.82 67.24 41.26
N ARG Y 186 31.80 66.62 40.67
CA ARG Y 186 31.59 66.64 39.23
C ARG Y 186 30.14 66.25 39.00
N PHE Y 187 29.35 67.16 38.45
CA PHE Y 187 27.94 66.90 38.23
C PHE Y 187 27.50 67.55 36.93
N GLN Y 188 26.38 67.06 36.42
CA GLN Y 188 25.79 67.57 35.19
C GLN Y 188 24.34 67.98 35.46
N ILE Y 189 23.95 69.12 34.90
CA ILE Y 189 22.61 69.65 35.07
C ILE Y 189 21.82 69.38 33.79
N ALA Y 190 20.62 68.83 33.92
CA ALA Y 190 19.79 68.56 32.76
C ALA Y 190 18.46 69.29 32.92
N THR Y 191 17.98 69.86 31.82
CA THR Y 191 16.85 70.78 31.88
C THR Y 191 15.94 70.50 30.70
N VAL Y 192 14.64 70.49 30.97
CA VAL Y 192 13.64 70.39 29.91
C VAL Y 192 12.83 71.67 29.93
N THR Y 193 12.48 72.16 28.76
CA THR Y 193 11.57 73.27 28.58
C THR Y 193 10.65 72.92 27.42
N GLU Y 194 9.95 73.92 26.91
CA GLU Y 194 9.26 73.71 25.65
C GLU Y 194 10.21 73.77 24.47
N LYS Y 195 11.42 74.28 24.67
CA LYS Y 195 12.40 74.40 23.61
C LYS Y 195 13.12 73.08 23.34
N GLY Y 196 12.85 72.03 24.12
CA GLY Y 196 13.51 70.76 23.94
C GLY Y 196 14.10 70.28 25.24
N VAL Y 197 15.03 69.34 25.14
CA VAL Y 197 15.70 68.75 26.29
C VAL Y 197 17.18 69.08 26.18
N GLU Y 198 17.78 69.58 27.26
CA GLU Y 198 19.18 69.97 27.24
C GLU Y 198 19.96 69.39 28.40
N ILE Y 199 21.10 68.78 28.10
CA ILE Y 199 22.02 68.24 29.10
C ILE Y 199 23.23 69.16 29.17
N GLU Y 200 23.46 69.78 30.31
CA GLU Y 200 24.65 70.62 30.46
C GLU Y 200 25.87 69.75 30.77
N GLY Y 201 27.04 70.39 30.78
CA GLY Y 201 28.29 69.69 30.93
C GLY Y 201 28.62 69.35 32.36
N PRO Y 202 29.79 68.74 32.55
CA PRO Y 202 30.22 68.37 33.92
C PRO Y 202 30.66 69.54 34.76
N LEU Y 203 29.70 70.21 35.40
CA LEU Y 203 30.03 71.31 36.29
C LEU Y 203 30.67 70.80 37.58
N SER Y 204 31.12 71.76 38.39
CA SER Y 204 31.73 71.48 39.68
C SER Y 204 31.20 72.42 40.75
N THR Y 205 31.76 72.37 41.95
CA THR Y 205 31.28 73.16 43.07
C THR Y 205 32.36 74.16 43.52
N GLU Y 206 31.90 75.18 44.24
CA GLU Y 206 32.79 76.13 44.91
C GLU Y 206 32.63 75.97 46.42
N THR Y 207 33.70 75.56 47.08
CA THR Y 207 33.63 75.12 48.46
C THR Y 207 34.23 76.15 49.40
N ASN Y 208 33.94 75.97 50.69
CA ASN Y 208 34.49 76.81 51.74
C ASN Y 208 35.05 75.92 52.83
N TRP Y 209 36.17 76.34 53.41
CA TRP Y 209 36.81 75.60 54.49
C TRP Y 209 37.39 76.53 55.55
N ASP Y 210 36.76 77.68 55.76
CA ASP Y 210 37.34 78.63 56.71
C ASP Y 210 37.07 78.27 58.16
N ILE Y 211 36.30 77.21 58.41
CA ILE Y 211 36.18 76.69 59.77
C ILE Y 211 37.37 75.86 60.18
N ALA Y 212 38.21 75.44 59.22
CA ALA Y 212 39.36 74.61 59.56
C ALA Y 212 40.45 75.40 60.25
N HIS Y 213 40.47 76.72 60.10
CA HIS Y 213 41.45 77.55 60.76
C HIS Y 213 41.13 77.75 62.24
N MET Y 214 39.91 77.39 62.65
CA MET Y 214 39.53 77.26 64.03
C MET Y 214 40.04 75.94 64.61
N ILE Y 215 40.02 75.86 65.94
CA ILE Y 215 40.53 74.70 66.64
C ILE Y 215 39.55 73.53 66.60
N SER Z 1 51.27 67.43 133.26
CA SER Z 1 49.91 66.89 133.23
C SER Z 1 49.84 65.64 132.36
N SER Z 2 50.45 64.56 132.84
CA SER Z 2 50.50 63.29 132.14
C SER Z 2 49.50 62.34 132.79
N ALA Z 3 48.39 62.09 132.11
CA ALA Z 3 47.37 61.15 132.58
C ALA Z 3 47.18 60.06 131.54
N GLY Z 4 47.29 58.81 131.98
CA GLY Z 4 47.10 57.66 131.11
C GLY Z 4 48.31 57.38 130.22
N PHE Z 5 48.13 57.48 128.91
CA PHE Z 5 49.19 57.14 127.96
C PHE Z 5 49.51 58.31 127.02
N ASP Z 6 49.17 59.53 127.45
CA ASP Z 6 49.26 60.73 126.60
C ASP Z 6 50.66 61.09 126.17
N ARG Z 7 51.69 60.49 126.76
CA ARG Z 7 53.07 60.64 126.31
C ARG Z 7 53.43 59.73 125.15
N HIS Z 8 52.54 58.87 124.72
CA HIS Z 8 52.89 57.82 123.77
C HIS Z 8 52.13 57.89 122.47
N ILE Z 9 50.82 58.13 122.50
CA ILE Z 9 49.97 58.02 121.33
C ILE Z 9 49.10 59.26 121.20
N THR Z 10 48.27 59.26 120.16
CA THR Z 10 47.43 60.42 119.81
C THR Z 10 46.11 60.35 120.54
N ILE Z 11 46.12 60.81 121.78
CA ILE Z 11 44.92 60.99 122.59
C ILE Z 11 44.92 62.41 123.12
N PHE Z 12 43.85 62.77 123.82
CA PHE Z 12 43.74 64.09 124.42
C PHE Z 12 44.12 64.04 125.89
N SER Z 13 44.91 65.02 126.30
CA SER Z 13 45.46 65.14 127.64
C SER Z 13 44.46 65.94 128.47
N PRO Z 14 44.70 66.15 129.77
CA PRO Z 14 43.95 67.20 130.47
C PRO Z 14 44.28 68.56 129.90
N GLU Z 15 43.28 69.46 130.01
CA GLU Z 15 43.32 70.88 129.64
C GLU Z 15 43.31 71.12 128.14
N GLY Z 16 43.37 70.05 127.34
CA GLY Z 16 43.11 70.18 125.93
C GLY Z 16 44.27 69.93 124.99
N ARG Z 17 45.41 69.53 125.54
CA ARG Z 17 46.56 69.31 124.67
C ARG Z 17 46.60 67.87 124.19
N LEU Z 18 47.41 67.67 123.16
CA LEU Z 18 47.92 66.36 122.78
C LEU Z 18 49.42 66.54 122.53
N TYR Z 19 50.23 65.54 122.90
CA TYR Z 19 51.66 65.78 123.00
C TYR Z 19 52.47 65.31 121.81
N GLN Z 20 51.92 64.40 120.99
CA GLN Z 20 52.72 63.82 119.91
C GLN Z 20 52.99 64.84 118.81
N VAL Z 21 51.96 65.58 118.40
CA VAL Z 21 52.13 66.53 117.32
C VAL Z 21 52.87 67.78 117.81
N GLU Z 22 52.67 68.15 119.07
CA GLU Z 22 53.47 69.25 119.57
C GLU Z 22 54.87 68.82 119.99
N TYR Z 23 55.19 67.54 119.88
CA TYR Z 23 56.58 67.13 119.75
C TYR Z 23 57.06 67.17 118.31
N ALA Z 24 56.14 67.08 117.36
CA ALA Z 24 56.50 67.08 115.95
C ALA Z 24 56.76 68.47 115.39
N PHE Z 25 56.43 69.54 116.12
CA PHE Z 25 56.79 70.85 115.62
C PHE Z 25 58.26 71.18 115.82
N LYS Z 26 58.98 70.39 116.61
CA LYS Z 26 60.43 70.41 116.63
C LYS Z 26 61.06 69.17 116.04
N ALA Z 27 60.27 68.31 115.39
CA ALA Z 27 60.85 67.32 114.50
C ALA Z 27 61.52 67.95 113.28
N ILE Z 28 61.12 69.15 112.91
CA ILE Z 28 61.82 69.92 111.88
C ILE Z 28 63.18 70.39 112.41
N ASN Z 29 63.27 70.67 113.70
CA ASN Z 29 64.45 71.32 114.27
C ASN Z 29 65.68 70.44 114.31
N GLN Z 30 65.55 69.12 114.19
CA GLN Z 30 66.77 68.32 114.12
C GLN Z 30 67.36 68.32 112.71
N GLY Z 31 66.71 68.95 111.74
CA GLY Z 31 67.29 69.03 110.41
C GLY Z 31 68.50 69.96 110.35
N GLY Z 32 68.45 71.04 111.12
CA GLY Z 32 69.50 72.05 111.08
C GLY Z 32 69.55 72.81 109.77
N LEU Z 33 68.48 73.53 109.45
CA LEU Z 33 68.31 74.04 108.10
C LEU Z 33 67.30 75.17 108.14
N THR Z 34 67.38 76.07 107.15
CA THR Z 34 66.64 77.33 107.17
C THR Z 34 66.04 77.57 105.79
N SER Z 35 64.81 78.07 105.77
CA SER Z 35 64.05 78.30 104.55
C SER Z 35 63.34 79.63 104.63
N VAL Z 36 63.33 80.37 103.52
CA VAL Z 36 62.74 81.70 103.43
C VAL Z 36 61.96 81.81 102.14
N ALA Z 37 60.72 82.27 102.22
CA ALA Z 37 59.92 82.57 101.04
C ALA Z 37 59.45 84.02 101.12
N VAL Z 38 59.29 84.64 99.96
CA VAL Z 38 58.90 86.05 99.84
C VAL Z 38 57.97 86.21 98.66
N ARG Z 39 56.83 86.85 98.89
CA ARG Z 39 55.93 87.24 97.81
C ARG Z 39 55.60 88.71 98.03
N GLY Z 40 56.08 89.58 97.14
CA GLY Z 40 55.78 90.99 97.18
C GLY Z 40 54.94 91.50 96.03
N LYS Z 41 55.20 90.94 94.84
CA LYS Z 41 54.73 91.50 93.59
C LYS Z 41 54.50 90.33 92.65
N ASP Z 42 54.59 90.52 91.34
CA ASP Z 42 54.33 89.44 90.38
C ASP Z 42 55.44 88.38 90.28
N CYS Z 43 56.35 88.31 91.26
CA CYS Z 43 57.32 87.25 91.38
C CYS Z 43 57.19 86.57 92.75
N ALA Z 44 57.90 85.47 92.91
CA ALA Z 44 57.94 84.74 94.17
C ALA Z 44 59.25 83.97 94.25
N VAL Z 45 59.92 84.06 95.40
CA VAL Z 45 61.33 83.71 95.54
C VAL Z 45 61.47 82.74 96.71
N ILE Z 46 62.16 81.63 96.48
CA ILE Z 46 62.58 80.71 97.53
C ILE Z 46 64.09 80.84 97.68
N VAL Z 47 64.59 80.73 98.92
CA VAL Z 47 66.02 80.62 99.17
C VAL Z 47 66.23 79.68 100.35
N THR Z 48 67.25 78.83 100.26
CA THR Z 48 67.55 77.80 101.25
C THR Z 48 69.00 77.41 101.07
N GLN Z 49 69.74 77.28 102.18
CA GLN Z 49 71.15 76.91 102.09
C GLN Z 49 71.33 75.40 102.19
N LYS Z 50 72.53 74.95 101.89
CA LYS Z 50 72.94 73.58 102.15
C LYS Z 50 73.89 73.56 103.33
N LYS Z 51 74.19 72.36 103.81
CA LYS Z 51 75.25 72.15 104.81
C LYS Z 51 75.98 70.88 104.38
N VAL Z 52 77.01 71.06 103.55
CA VAL Z 52 77.82 69.96 103.05
C VAL Z 52 79.25 70.15 103.53
N PRO Z 53 79.67 69.43 104.57
CA PRO Z 53 81.05 69.54 105.06
C PRO Z 53 82.06 68.67 104.30
N ASP Z 54 81.62 67.81 103.40
CA ASP Z 54 82.44 66.78 102.80
C ASP Z 54 82.81 67.14 101.37
N LYS Z 55 84.03 66.76 100.98
CA LYS Z 55 84.46 66.85 99.59
C LYS Z 55 84.11 65.60 98.79
N LEU Z 56 83.81 64.50 99.48
CA LEU Z 56 83.33 63.27 98.86
C LEU Z 56 81.86 63.33 98.53
N LEU Z 57 81.15 64.34 99.00
CA LEU Z 57 79.71 64.45 98.80
C LEU Z 57 79.46 65.39 97.64
N ASP Z 58 78.38 65.11 96.91
CA ASP Z 58 78.03 65.85 95.70
C ASP Z 58 77.41 67.21 96.03
N SER Z 59 76.90 67.89 95.01
CA SER Z 59 76.10 69.09 95.21
C SER Z 59 74.81 69.11 94.39
N SER Z 60 74.71 68.37 93.30
CA SER Z 60 73.49 68.38 92.49
C SER Z 60 72.38 67.61 93.18
N THR Z 61 72.70 66.46 93.75
CA THR Z 61 71.72 65.58 94.36
C THR Z 61 71.39 65.96 95.79
N VAL Z 62 71.90 67.10 96.27
CA VAL Z 62 71.63 67.56 97.63
C VAL Z 62 70.62 68.71 97.61
N THR Z 63 70.07 69.02 96.44
CA THR Z 63 69.12 70.11 96.30
C THR Z 63 67.80 69.77 96.97
N HIS Z 64 67.32 70.67 97.84
CA HIS Z 64 66.03 70.49 98.46
C HIS Z 64 64.89 71.05 97.62
N LEU Z 65 65.21 71.91 96.66
CA LEU Z 65 64.20 72.44 95.75
C LEU Z 65 63.68 71.32 94.87
N PHE Z 66 62.39 71.04 94.96
CA PHE Z 66 61.78 69.92 94.25
C PHE Z 66 60.69 70.45 93.32
N LYS Z 67 60.95 70.38 92.02
CA LYS Z 67 59.98 70.75 91.01
C LYS Z 67 58.82 69.77 91.06
N ILE Z 68 57.72 70.21 91.64
CA ILE Z 68 56.56 69.34 91.79
C ILE Z 68 55.88 69.15 90.45
N THR Z 69 55.51 70.26 89.81
CA THR Z 69 54.94 70.24 88.48
C THR Z 69 55.64 71.36 87.71
N GLU Z 70 55.23 71.58 86.45
CA GLU Z 70 55.85 72.59 85.62
C GLU Z 70 55.55 74.02 86.06
N ASN Z 71 54.60 74.22 86.96
CA ASN Z 71 54.33 75.55 87.46
C ASN Z 71 54.31 75.57 88.99
N ILE Z 72 54.88 74.56 89.64
CA ILE Z 72 54.87 74.46 91.09
C ILE Z 72 56.22 73.93 91.55
N GLY Z 73 56.87 74.68 92.44
CA GLY Z 73 58.07 74.22 93.12
C GLY Z 73 57.82 74.14 94.62
N CYS Z 74 58.79 73.58 95.31
CA CYS Z 74 58.73 73.49 96.77
C CYS Z 74 60.15 73.37 97.31
N VAL Z 75 60.25 73.46 98.64
CA VAL Z 75 61.50 73.24 99.34
C VAL Z 75 61.10 72.57 100.65
N MET Z 76 61.99 71.74 101.17
CA MET Z 76 61.70 70.98 102.37
C MET Z 76 62.75 71.20 103.43
N THR Z 77 62.34 71.05 104.68
CA THR Z 77 63.25 70.94 105.81
C THR Z 77 62.80 69.77 106.67
N GLY Z 78 63.34 69.63 107.87
CA GLY Z 78 63.02 68.46 108.64
C GLY Z 78 63.77 67.26 108.10
N MET Z 79 63.34 66.09 108.52
CA MET Z 79 64.02 64.87 108.08
C MET Z 79 63.66 64.54 106.64
N THR Z 80 64.61 63.90 105.96
CA THR Z 80 64.59 63.85 104.50
C THR Z 80 63.52 62.88 103.98
N ALA Z 81 63.37 61.74 104.64
CA ALA Z 81 62.51 60.68 104.14
C ALA Z 81 61.04 61.09 104.14
N ASP Z 82 60.59 61.71 105.24
CA ASP Z 82 59.24 62.26 105.31
C ASP Z 82 59.00 63.30 104.23
N SER Z 83 60.02 64.12 103.98
CA SER Z 83 59.91 65.19 103.00
C SER Z 83 59.76 64.64 101.59
N ARG Z 84 60.60 63.66 101.25
CA ARG Z 84 60.59 63.11 99.90
C ARG Z 84 59.32 62.32 99.65
N SER Z 85 58.85 61.60 100.68
CA SER Z 85 57.60 60.86 100.56
C SER Z 85 56.44 61.81 100.37
N GLN Z 86 56.47 62.95 101.08
CA GLN Z 86 55.46 63.98 100.89
C GLN Z 86 55.51 64.54 99.48
N VAL Z 87 56.72 64.65 98.93
CA VAL Z 87 56.91 65.16 97.57
C VAL Z 87 56.30 64.21 96.54
N GLN Z 88 56.55 62.90 96.68
CA GLN Z 88 55.95 61.96 95.73
C GLN Z 88 54.44 61.89 95.87
N ARG Z 89 53.92 62.06 97.10
CA ARG Z 89 52.48 62.12 97.28
C ARG Z 89 51.89 63.36 96.60
N ALA Z 90 52.60 64.48 96.69
CA ALA Z 90 52.15 65.70 96.05
C ALA Z 90 52.14 65.58 94.54
N ARG Z 91 53.18 64.96 93.98
CA ARG Z 91 53.26 64.78 92.53
C ARG Z 91 52.18 63.83 92.04
N TYR Z 92 51.93 62.77 92.81
CA TYR Z 92 50.89 61.82 92.46
C TYR Z 92 49.50 62.45 92.50
N GLU Z 93 49.25 63.30 93.50
CA GLU Z 93 47.95 63.96 93.57
C GLU Z 93 47.80 65.04 92.50
N ALA Z 94 48.92 65.67 92.09
CA ALA Z 94 48.84 66.66 91.01
C ALA Z 94 48.54 65.97 89.68
N ALA Z 95 49.14 64.83 89.43
CA ALA Z 95 48.84 64.09 88.21
C ALA Z 95 47.42 63.55 88.25
N ASN Z 96 46.93 63.18 89.44
CA ASN Z 96 45.53 62.77 89.59
C ASN Z 96 44.59 63.93 89.29
N TRP Z 97 44.96 65.15 89.70
CA TRP Z 97 44.18 66.33 89.36
C TRP Z 97 44.11 66.52 87.86
N LYS Z 98 45.27 66.49 87.20
CA LYS Z 98 45.31 66.72 85.76
C LYS Z 98 44.55 65.63 85.00
N TYR Z 99 44.50 64.41 85.56
CA TYR Z 99 43.73 63.37 84.91
C TYR Z 99 42.23 63.56 85.12
N LYS Z 100 41.82 63.90 86.34
CA LYS Z 100 40.40 63.94 86.61
C LYS Z 100 39.75 65.20 86.08
N TYR Z 101 40.44 66.34 86.17
CA TYR Z 101 39.79 67.62 86.02
C TYR Z 101 40.22 68.36 84.77
N GLY Z 102 41.21 67.86 84.04
CA GLY Z 102 41.46 68.33 82.70
C GLY Z 102 42.33 69.56 82.59
N TYR Z 103 42.72 70.17 83.70
CA TYR Z 103 43.53 71.38 83.65
C TYR Z 103 44.52 71.34 84.79
N GLU Z 104 45.45 72.31 84.77
CA GLU Z 104 46.54 72.34 85.72
C GLU Z 104 46.05 72.64 87.13
N ILE Z 105 46.66 71.98 88.10
CA ILE Z 105 46.19 72.07 89.49
C ILE Z 105 46.57 73.43 90.06
N PRO Z 106 45.67 74.10 90.77
CA PRO Z 106 46.07 75.29 91.53
C PRO Z 106 46.86 74.89 92.75
N VAL Z 107 47.79 75.77 93.14
CA VAL Z 107 48.69 75.49 94.25
C VAL Z 107 47.94 75.43 95.58
N ASP Z 108 46.73 75.99 95.64
CA ASP Z 108 45.95 75.97 96.86
C ASP Z 108 45.35 74.59 97.12
N MET Z 109 44.74 74.00 96.08
CA MET Z 109 44.09 72.71 96.20
C MET Z 109 45.07 71.61 96.57
N LEU Z 110 46.29 71.68 96.04
CA LEU Z 110 47.30 70.67 96.35
C LEU Z 110 47.71 70.74 97.82
N CYS Z 111 47.94 71.94 98.35
CA CYS Z 111 48.32 72.05 99.74
C CYS Z 111 47.18 71.70 100.67
N LYS Z 112 45.94 71.95 100.24
CA LYS Z 112 44.78 71.50 101.01
C LYS Z 112 44.72 69.98 101.07
N ARG Z 113 45.01 69.32 99.94
CA ARG Z 113 44.96 67.87 99.91
C ARG Z 113 46.10 67.25 100.71
N ILE Z 114 47.29 67.87 100.65
CA ILE Z 114 48.42 67.40 101.45
C ILE Z 114 48.14 67.57 102.94
N ALA Z 115 47.51 68.68 103.33
CA ALA Z 115 47.11 68.86 104.72
C ALA Z 115 46.10 67.81 105.15
N ASP Z 116 45.16 67.50 104.27
CA ASP Z 116 44.17 66.45 104.56
C ASP Z 116 44.83 65.09 104.75
N ILE Z 117 45.81 64.76 103.90
CA ILE Z 117 46.59 63.52 104.06
C ILE Z 117 47.33 63.53 105.39
N SER Z 118 47.84 64.69 105.80
CA SER Z 118 48.53 64.79 107.08
C SER Z 118 47.55 64.58 108.23
N GLN Z 119 46.29 64.98 108.05
CA GLN Z 119 45.27 64.69 109.05
C GLN Z 119 44.99 63.19 109.10
N VAL Z 120 44.94 62.54 107.94
CA VAL Z 120 44.72 61.09 107.89
C VAL Z 120 45.85 60.36 108.61
N TYR Z 121 47.09 60.80 108.40
CA TYR Z 121 48.21 60.31 109.20
C TYR Z 121 48.14 60.73 110.66
N THR Z 122 47.37 61.76 110.99
CA THR Z 122 47.29 62.20 112.36
C THR Z 122 46.18 61.47 113.11
N GLN Z 123 45.11 61.09 112.41
CA GLN Z 123 43.89 60.63 113.06
C GLN Z 123 44.06 59.26 113.70
N ASN Z 124 44.52 58.28 112.95
CA ASN Z 124 44.77 56.97 113.54
C ASN Z 124 46.11 56.99 114.25
N ALA Z 125 46.18 56.29 115.38
CA ALA Z 125 47.44 56.08 116.07
C ALA Z 125 48.16 54.88 115.43
N GLU Z 126 49.27 54.46 116.04
CA GLU Z 126 50.18 53.44 115.49
C GLU Z 126 50.66 53.79 114.08
N MET Z 127 50.79 55.08 113.82
CA MET Z 127 51.25 55.62 112.56
C MET Z 127 52.12 56.81 112.88
N ARG Z 128 53.25 56.91 112.22
CA ARG Z 128 54.16 57.98 112.61
C ARG Z 128 53.71 59.30 111.95
N PRO Z 129 53.69 60.40 112.72
CA PRO Z 129 53.15 61.65 112.17
C PRO Z 129 54.11 62.56 111.41
N LEU Z 130 54.94 61.99 110.51
CA LEU Z 130 55.58 62.64 109.36
C LEU Z 130 56.15 64.05 109.59
N GLY Z 131 57.18 64.16 110.41
CA GLY Z 131 57.66 65.46 110.85
C GLY Z 131 58.42 66.30 109.84
N CYS Z 132 57.72 66.78 108.82
CA CYS Z 132 58.33 67.67 107.83
C CYS Z 132 57.38 68.82 107.53
N CYS Z 133 57.97 69.97 107.19
CA CYS Z 133 57.23 71.17 106.84
C CYS Z 133 57.45 71.51 105.38
N MET Z 134 56.37 71.84 104.68
CA MET Z 134 56.39 71.99 103.24
C MET Z 134 55.88 73.37 102.87
N ILE Z 135 56.71 74.09 102.10
CA ILE Z 135 56.39 75.41 101.58
C ILE Z 135 56.12 75.24 100.09
N LEU Z 136 55.02 75.83 99.62
CA LEU Z 136 54.67 75.79 98.22
C LEU Z 136 54.64 77.18 97.60
N ILE Z 137 54.96 77.22 96.30
CA ILE Z 137 54.89 78.42 95.50
C ILE Z 137 54.25 78.10 94.16
N GLY Z 138 53.54 79.07 93.61
CA GLY Z 138 52.91 78.87 92.32
C GLY Z 138 52.31 80.15 91.79
N ILE Z 139 52.04 80.14 90.49
CA ILE Z 139 51.42 81.26 89.79
C ILE Z 139 49.98 80.86 89.51
N ASP Z 140 49.04 81.75 89.81
CA ASP Z 140 47.65 81.58 89.41
C ASP Z 140 47.20 82.79 88.60
N GLU Z 141 46.39 82.53 87.58
CA GLU Z 141 45.79 83.60 86.82
C GLU Z 141 44.74 84.29 87.69
N GLU Z 142 44.63 85.60 87.49
CA GLU Z 142 43.74 86.53 88.19
C GLU Z 142 44.03 86.64 89.69
N GLN Z 143 45.10 86.01 90.17
CA GLN Z 143 45.55 86.23 91.54
C GLN Z 143 47.05 86.45 91.65
N GLY Z 144 47.81 86.19 90.59
CA GLY Z 144 49.24 86.37 90.65
C GLY Z 144 49.94 85.18 91.25
N PRO Z 145 51.02 85.43 91.97
CA PRO Z 145 51.72 84.36 92.65
C PRO Z 145 51.14 84.07 94.03
N GLN Z 146 51.46 82.89 94.52
CA GLN Z 146 51.04 82.44 95.84
C GLN Z 146 52.22 81.79 96.55
N VAL Z 147 52.22 81.94 97.86
CA VAL Z 147 53.18 81.30 98.75
C VAL Z 147 52.40 80.64 99.88
N TYR Z 148 52.64 79.35 100.10
CA TYR Z 148 51.86 78.53 101.01
C TYR Z 148 52.81 77.73 101.90
N LYS Z 149 52.32 77.34 103.07
CA LYS Z 149 53.10 76.54 103.99
C LYS Z 149 52.20 75.47 104.59
N CYS Z 150 52.71 74.25 104.73
CA CYS Z 150 51.94 73.19 105.36
C CYS Z 150 52.67 72.74 106.62
N ASP Z 151 51.89 72.55 107.69
CA ASP Z 151 52.36 72.14 109.00
C ASP Z 151 52.33 70.62 109.13
N PRO Z 152 53.04 70.07 110.10
CA PRO Z 152 52.82 68.65 110.45
C PRO Z 152 51.45 68.38 111.01
N ALA Z 153 50.83 69.35 111.69
CA ALA Z 153 49.51 69.13 112.28
C ALA Z 153 48.41 69.07 111.24
N GLY Z 154 48.69 69.50 110.01
CA GLY Z 154 47.67 69.63 109.00
C GLY Z 154 47.03 70.99 108.97
N TYR Z 155 47.71 72.01 109.48
CA TYR Z 155 47.21 73.37 109.44
C TYR Z 155 48.03 74.09 108.38
N TYR Z 156 47.45 74.23 107.20
CA TYR Z 156 48.05 75.04 106.17
C TYR Z 156 47.64 76.50 106.30
N CYS Z 157 48.48 77.37 105.77
CA CYS Z 157 48.15 78.77 105.56
C CYS Z 157 49.05 79.28 104.45
N GLY Z 158 48.86 80.55 104.11
CA GLY Z 158 49.65 81.12 103.05
C GLY Z 158 49.62 82.63 103.04
N PHE Z 159 50.79 83.22 102.82
CA PHE Z 159 51.05 84.60 103.23
C PHE Z 159 52.34 85.08 102.57
N LYS Z 160 52.64 86.36 102.79
CA LYS Z 160 53.59 87.09 101.96
C LYS Z 160 55.04 86.71 102.26
N ALA Z 161 55.47 86.88 103.51
CA ALA Z 161 56.84 86.62 103.90
C ALA Z 161 56.85 85.43 104.83
N THR Z 162 57.50 84.35 104.40
CA THR Z 162 57.25 83.01 104.87
C THR Z 162 58.56 82.31 105.20
N ALA Z 163 58.61 81.62 106.34
CA ALA Z 163 59.85 81.03 106.81
C ALA Z 163 59.56 79.93 107.82
N ALA Z 164 60.25 78.79 107.67
CA ALA Z 164 60.17 77.67 108.62
C ALA Z 164 61.47 76.85 108.59
N GLY Z 165 61.77 76.22 109.72
CA GLY Z 165 63.01 75.48 109.88
C GLY Z 165 63.54 75.52 111.30
N VAL Z 166 64.71 76.13 111.48
CA VAL Z 166 65.34 76.23 112.80
C VAL Z 166 65.16 77.62 113.42
N LYS Z 167 65.62 78.67 112.73
CA LYS Z 167 65.84 79.98 113.35
C LYS Z 167 64.81 81.02 112.95
N GLN Z 168 63.55 80.64 112.78
CA GLN Z 168 62.59 81.49 112.08
C GLN Z 168 61.68 82.27 112.99
N THR Z 169 61.78 82.11 114.31
CA THR Z 169 61.34 83.19 115.19
C THR Z 169 62.12 84.47 114.89
N GLU Z 170 63.43 84.33 114.71
CA GLU Z 170 64.25 85.49 114.37
C GLU Z 170 64.01 85.96 112.94
N SER Z 171 63.82 85.01 112.01
CA SER Z 171 63.55 85.39 110.64
C SER Z 171 62.19 86.07 110.50
N THR Z 172 61.18 85.53 111.17
CA THR Z 172 59.89 86.22 111.20
C THR Z 172 59.92 87.51 111.99
N SER Z 173 60.84 87.65 112.95
CA SER Z 173 61.02 88.95 113.59
C SER Z 173 61.59 89.95 112.59
N PHE Z 174 62.56 89.49 111.79
CA PHE Z 174 63.14 90.32 110.75
C PHE Z 174 62.12 90.66 109.67
N LEU Z 175 61.20 89.74 109.40
CA LEU Z 175 60.20 89.98 108.37
C LEU Z 175 59.01 90.78 108.89
N GLU Z 176 58.80 90.83 110.20
CA GLU Z 176 57.90 91.84 110.75
C GLU Z 176 58.54 93.21 110.73
N LYS Z 177 59.82 93.29 111.10
CA LYS Z 177 60.53 94.57 111.06
C LYS Z 177 60.89 95.00 109.66
N LYS Z 178 60.72 94.14 108.66
CA LYS Z 178 61.06 94.46 107.29
C LYS Z 178 59.84 94.55 106.39
N VAL Z 179 58.89 93.62 106.51
CA VAL Z 179 57.64 93.76 105.76
C VAL Z 179 56.68 94.56 106.63
N LYS Z 180 56.95 95.85 106.71
CA LYS Z 180 56.08 96.85 107.29
C LYS Z 180 56.12 98.12 106.47
N LYS Z 181 57.19 98.33 105.72
CA LYS Z 181 57.34 99.48 104.86
C LYS Z 181 56.75 99.11 103.51
N LYS Z 182 56.04 100.06 102.92
CA LYS Z 182 55.10 99.80 101.84
C LYS Z 182 55.74 99.87 100.46
N PHE Z 183 57.04 99.59 100.36
CA PHE Z 183 57.68 99.64 99.05
C PHE Z 183 57.22 98.50 98.16
N ASP Z 184 57.41 98.67 96.87
CA ASP Z 184 57.19 97.59 95.93
C ASP Z 184 58.37 96.62 95.97
N TRP Z 185 58.21 95.51 95.27
CA TRP Z 185 59.15 94.40 95.39
C TRP Z 185 59.53 94.03 93.96
N THR Z 186 60.48 94.77 93.40
CA THR Z 186 60.77 94.71 91.97
C THR Z 186 61.85 93.68 91.68
N PHE Z 187 61.68 92.48 92.23
CA PHE Z 187 62.37 91.22 91.93
C PHE Z 187 63.84 91.19 92.34
N GLU Z 188 64.53 92.33 92.27
CA GLU Z 188 65.83 92.41 92.87
C GLU Z 188 65.71 92.92 94.28
N GLN Z 189 64.63 93.65 94.57
CA GLN Z 189 64.24 93.89 95.95
C GLN Z 189 63.94 92.57 96.64
N THR Z 190 63.29 91.64 95.93
CA THR Z 190 62.96 90.36 96.52
C THR Z 190 64.21 89.51 96.75
N VAL Z 191 65.06 89.40 95.71
CA VAL Z 191 66.30 88.64 95.85
C VAL Z 191 67.22 89.26 96.90
N GLU Z 192 67.32 90.59 96.92
CA GLU Z 192 68.17 91.27 97.88
C GLU Z 192 67.68 91.09 99.29
N THR Z 193 66.36 91.20 99.51
CA THR Z 193 65.82 91.01 100.85
C THR Z 193 65.92 89.57 101.29
N ALA Z 194 65.80 88.60 100.38
CA ALA Z 194 65.96 87.21 100.76
C ALA Z 194 67.40 86.90 101.15
N ILE Z 195 68.36 87.28 100.32
CA ILE Z 195 69.77 87.01 100.61
C ILE Z 195 70.21 87.76 101.86
N THR Z 196 69.76 89.01 102.02
CA THR Z 196 70.15 89.75 103.20
C THR Z 196 69.41 89.30 104.45
N CYS Z 197 68.19 88.76 104.32
CA CYS Z 197 67.51 88.28 105.52
C CYS Z 197 68.19 87.02 106.03
N LEU Z 198 68.55 86.11 105.11
CA LEU Z 198 69.33 84.94 105.53
C LEU Z 198 70.73 85.35 105.99
N SER Z 199 71.26 86.45 105.46
CA SER Z 199 72.58 86.95 105.82
C SER Z 199 72.58 87.69 107.15
N THR Z 200 71.44 88.20 107.60
CA THR Z 200 71.36 88.82 108.91
C THR Z 200 70.90 87.85 109.98
N VAL Z 201 70.14 86.82 109.60
CA VAL Z 201 69.75 85.79 110.57
C VAL Z 201 70.95 84.92 110.92
N LEU Z 202 71.61 84.37 109.91
CA LEU Z 202 72.69 83.44 110.18
C LEU Z 202 74.03 84.14 110.35
N SER Z 203 74.21 85.29 109.71
CA SER Z 203 75.40 86.15 109.79
C SER Z 203 76.67 85.40 109.37
N ILE Z 204 76.71 85.04 108.08
CA ILE Z 204 77.83 84.32 107.50
C ILE Z 204 78.45 85.08 106.34
N ASP Z 205 77.61 85.55 105.39
CA ASP Z 205 78.01 86.35 104.23
C ASP Z 205 79.01 85.60 103.34
N PHE Z 206 78.49 84.56 102.71
CA PHE Z 206 79.24 83.42 102.21
C PHE Z 206 79.24 83.38 100.68
N LYS Z 207 79.78 82.31 100.13
CA LYS Z 207 79.95 82.11 98.70
C LYS Z 207 78.57 81.90 98.04
N PRO Z 208 78.46 82.02 96.72
CA PRO Z 208 77.21 81.57 96.07
C PRO Z 208 77.03 80.07 95.96
N SER Z 209 77.88 79.25 96.58
CA SER Z 209 77.82 77.81 96.40
C SER Z 209 77.04 77.11 97.50
N GLU Z 210 76.46 77.84 98.44
CA GLU Z 210 75.81 77.22 99.58
C GLU Z 210 74.29 77.34 99.57
N ILE Z 211 73.75 78.43 99.05
CA ILE Z 211 72.31 78.62 99.03
C ILE Z 211 71.77 78.14 97.69
N GLU Z 212 70.57 77.59 97.73
CA GLU Z 212 69.79 77.31 96.54
C GLU Z 212 68.63 78.29 96.47
N VAL Z 213 68.40 78.84 95.29
CA VAL Z 213 67.41 79.90 95.10
C VAL Z 213 66.41 79.43 94.06
N GLY Z 214 65.15 79.32 94.46
CA GLY Z 214 64.07 78.96 93.56
C GLY Z 214 63.18 80.16 93.31
N VAL Z 215 62.91 80.44 92.04
CA VAL Z 215 62.17 81.63 91.68
C VAL Z 215 61.04 81.22 90.75
N VAL Z 216 60.01 82.06 90.71
CA VAL Z 216 58.97 81.98 89.70
C VAL Z 216 58.38 83.40 89.59
N THR Z 217 57.95 83.73 88.39
CA THR Z 217 57.61 85.10 88.02
C THR Z 217 56.48 85.00 87.02
N VAL Z 218 55.61 86.01 86.96
CA VAL Z 218 54.69 86.05 85.84
C VAL Z 218 55.38 86.82 84.71
N GLU Z 219 56.39 86.19 84.14
CA GLU Z 219 56.82 86.33 82.76
C GLU Z 219 57.21 84.99 82.15
N ASN Z 220 57.73 84.07 82.94
CA ASN Z 220 57.90 82.67 82.57
C ASN Z 220 57.27 81.87 83.70
N PRO Z 221 56.08 81.29 83.51
CA PRO Z 221 55.43 80.55 84.60
C PRO Z 221 56.09 79.21 84.94
N LYS Z 222 57.11 78.77 84.20
CA LYS Z 222 57.83 77.57 84.56
C LYS Z 222 58.66 77.79 85.82
N PHE Z 223 58.72 76.75 86.65
CA PHE Z 223 59.55 76.80 87.83
C PHE Z 223 61.02 76.81 87.46
N ARG Z 224 61.79 77.57 88.22
CA ARG Z 224 63.16 77.88 87.81
C ARG Z 224 64.09 77.89 89.00
N ILE Z 225 65.17 77.14 88.90
CA ILE Z 225 66.21 77.07 89.92
C ILE Z 225 67.42 77.80 89.35
N LEU Z 226 68.00 78.69 90.15
CA LEU Z 226 68.98 79.60 89.57
C LEU Z 226 70.33 78.93 89.42
N THR Z 227 71.13 79.49 88.52
CA THR Z 227 72.47 79.04 88.22
C THR Z 227 73.48 79.82 89.04
N GLU Z 228 74.64 79.20 89.29
CA GLU Z 228 75.74 79.78 90.07
C GLU Z 228 76.18 81.15 89.58
N ALA Z 229 76.16 81.37 88.26
CA ALA Z 229 76.64 82.63 87.70
C ALA Z 229 75.71 83.78 88.05
N GLU Z 230 74.40 83.60 87.86
CA GLU Z 230 73.49 84.68 88.18
C GLU Z 230 73.24 84.83 89.67
N ILE Z 231 73.38 83.75 90.44
CA ILE Z 231 73.42 83.87 91.90
C ILE Z 231 74.60 84.72 92.35
N ASP Z 232 75.77 84.49 91.74
CA ASP Z 232 76.92 85.33 92.00
C ASP Z 232 76.68 86.77 91.56
N ALA Z 233 75.94 86.93 90.46
CA ALA Z 233 75.60 88.25 89.95
C ALA Z 233 74.72 89.00 90.94
N HIS Z 234 73.71 88.34 91.49
CA HIS Z 234 72.84 88.95 92.49
C HIS Z 234 73.60 89.24 93.79
N LEU Z 235 74.53 88.35 94.14
CA LEU Z 235 75.25 88.49 95.40
C LEU Z 235 76.21 89.66 95.34
N VAL Z 236 76.96 89.79 94.25
CA VAL Z 236 77.80 90.97 94.12
C VAL Z 236 76.99 92.21 93.74
N ALA Z 237 75.75 92.04 93.25
CA ALA Z 237 74.89 93.19 93.04
C ALA Z 237 74.40 93.76 94.35
N LEU Z 238 74.33 92.94 95.40
CA LEU Z 238 74.04 93.46 96.72
C LEU Z 238 75.29 93.64 97.58
N ALA Z 239 76.47 93.54 96.98
CA ALA Z 239 77.73 93.64 97.73
C ALA Z 239 78.27 95.05 97.57
N GLU Z 240 77.97 95.91 98.53
CA GLU Z 240 78.56 97.24 98.60
C GLU Z 240 79.12 97.55 99.98
N GLU AA 1 47.21 49.48 107.04
CA GLU AA 1 47.18 49.50 108.49
C GLU AA 1 46.75 48.15 109.02
N ARG AA 2 47.02 47.90 110.30
CA ARG AA 2 46.60 46.63 110.92
C ARG AA 2 45.08 46.58 111.07
N GLY AA 3 44.47 47.68 111.47
CA GLY AA 3 43.07 47.67 111.82
C GLY AA 3 42.83 46.98 113.15
N TYR AA 4 43.39 47.58 114.21
CA TYR AA 4 43.26 47.03 115.55
C TYR AA 4 41.81 47.10 116.02
N SER AA 5 41.12 48.19 115.71
CA SER AA 5 39.69 48.40 115.91
C SER AA 5 39.22 48.35 117.35
N PHE AA 6 40.08 48.56 118.34
CA PHE AA 6 39.53 48.75 119.67
C PHE AA 6 39.49 50.24 119.95
N SER AA 7 38.50 50.63 120.75
CA SER AA 7 38.32 52.03 121.09
C SER AA 7 38.94 52.34 122.43
N LEU AA 8 39.54 53.52 122.49
CA LEU AA 8 40.16 53.99 123.72
C LEU AA 8 39.12 54.55 124.68
N THR AA 9 37.87 54.72 124.24
CA THR AA 9 36.86 55.42 125.01
C THR AA 9 36.07 54.40 125.81
N THR AA 10 36.38 54.29 127.10
CA THR AA 10 35.70 53.37 128.00
C THR AA 10 35.28 54.11 129.27
N PHE AA 11 34.34 53.53 129.99
CA PHE AA 11 33.68 54.23 131.09
C PHE AA 11 34.59 54.31 132.31
N SER AA 12 34.48 55.42 133.02
CA SER AA 12 35.23 55.65 134.23
C SER AA 12 34.57 54.88 135.37
N PRO AA 13 35.22 54.75 136.52
CA PRO AA 13 34.50 54.28 137.71
C PRO AA 13 33.36 55.20 138.12
N SER AA 14 33.51 56.50 137.85
CA SER AA 14 32.36 57.39 137.97
C SER AA 14 31.35 57.19 136.85
N GLY AA 15 31.78 56.66 135.71
CA GLY AA 15 30.91 56.44 134.59
C GLY AA 15 30.95 57.51 133.52
N LYS AA 16 32.06 58.23 133.41
CA LYS AA 16 32.22 59.32 132.46
C LYS AA 16 33.17 58.94 131.34
N LEU AA 17 33.18 59.75 130.29
CA LEU AA 17 34.11 59.56 129.17
C LEU AA 17 35.09 60.73 129.18
N VAL AA 18 36.24 60.48 129.79
CA VAL AA 18 37.24 61.50 130.07
C VAL AA 18 37.84 62.09 128.80
N GLN AA 19 37.91 61.30 127.74
CA GLN AA 19 38.39 61.84 126.46
C GLN AA 19 37.39 62.78 125.83
N ILE AA 20 36.10 62.55 126.04
CA ILE AA 20 35.10 63.49 125.53
C ILE AA 20 35.07 64.74 126.36
N GLU AA 21 35.25 64.61 127.68
CA GLU AA 21 35.36 65.78 128.54
C GLU AA 21 36.60 66.60 128.21
N TYR AA 22 37.70 65.93 127.88
CA TYR AA 22 38.91 66.63 127.46
C TYR AA 22 38.73 67.29 126.11
N ALA AA 23 37.96 66.67 125.21
CA ALA AA 23 37.69 67.27 123.92
C ALA AA 23 36.83 68.51 124.07
N LEU AA 24 35.87 68.48 125.00
CA LEU AA 24 35.08 69.67 125.30
C LEU AA 24 35.95 70.77 125.87
N ALA AA 25 36.92 70.42 126.71
CA ALA AA 25 37.88 71.42 127.19
C ALA AA 25 38.75 71.96 126.07
N ALA AA 26 39.12 71.12 125.11
CA ALA AA 26 39.91 71.56 123.96
C ALA AA 26 39.11 72.48 123.06
N VAL AA 27 37.80 72.26 122.95
CA VAL AA 27 36.93 73.19 122.26
C VAL AA 27 36.86 74.51 123.02
N ALA AA 28 36.71 74.42 124.35
CA ALA AA 28 36.60 75.62 125.19
C ALA AA 28 37.88 76.45 125.15
N GLY AA 29 39.02 75.85 124.86
CA GLY AA 29 40.23 76.61 124.65
C GLY AA 29 40.40 77.18 123.27
N GLY AA 30 39.36 77.19 122.44
CA GLY AA 30 39.47 77.61 121.06
C GLY AA 30 39.00 79.03 120.83
N ALA AA 31 38.91 79.39 119.55
CA ALA AA 31 38.56 80.75 119.16
C ALA AA 31 37.08 81.00 119.37
N PRO AA 32 36.69 82.19 119.82
CA PRO AA 32 35.28 82.42 120.17
C PRO AA 32 34.42 82.58 118.93
N SER AA 33 33.11 82.45 119.15
CA SER AA 33 32.12 82.67 118.10
C SER AA 33 30.79 82.98 118.75
N VAL AA 34 29.89 83.55 117.96
CA VAL AA 34 28.55 83.90 118.44
C VAL AA 34 27.60 83.81 117.26
N GLY AA 35 26.40 83.31 117.54
CA GLY AA 35 25.38 83.15 116.52
C GLY AA 35 24.00 83.38 117.09
N ILE AA 36 23.19 84.21 116.43
CA ILE AA 36 21.94 84.71 116.99
C ILE AA 36 20.82 84.49 115.99
N LYS AA 37 19.73 83.90 116.44
CA LYS AA 37 18.56 83.64 115.62
C LYS AA 37 17.57 84.78 115.80
N ALA AA 38 17.30 85.51 114.73
CA ALA AA 38 16.38 86.63 114.74
C ALA AA 38 15.04 86.16 114.18
N ALA AA 39 14.15 87.12 113.91
CA ALA AA 39 12.79 86.77 113.52
C ALA AA 39 12.71 86.38 112.04
N ASN AA 40 13.52 87.00 111.20
CA ASN AA 40 13.53 86.68 109.77
C ASN AA 40 14.73 85.85 109.35
N GLY AA 41 15.87 86.03 110.00
CA GLY AA 41 17.07 85.31 109.62
C GLY AA 41 17.95 85.00 110.82
N VAL AA 42 19.08 84.36 110.53
CA VAL AA 42 20.06 84.02 111.55
C VAL AA 42 21.38 84.68 111.16
N VAL AA 43 22.12 85.15 112.16
CA VAL AA 43 23.41 85.81 111.99
C VAL AA 43 24.50 84.95 112.61
N LEU AA 44 25.56 84.68 111.85
CA LEU AA 44 26.74 84.01 112.36
C LEU AA 44 27.93 84.96 112.29
N ALA AA 45 28.77 84.94 113.32
CA ALA AA 45 29.86 85.88 113.43
C ALA AA 45 30.99 85.26 114.25
N THR AA 46 32.20 85.32 113.73
CA THR AA 46 33.37 84.73 114.38
C THR AA 46 34.38 85.82 114.72
N GLU AA 47 35.51 85.39 115.27
CA GLU AA 47 36.55 86.30 115.74
C GLU AA 47 37.88 85.73 115.27
N LYS AA 48 38.47 86.34 114.25
CA LYS AA 48 39.54 85.72 113.47
C LYS AA 48 40.78 86.62 113.51
N LYS AA 49 41.65 86.37 114.49
CA LYS AA 49 42.86 87.15 114.65
C LYS AA 49 44.05 86.37 114.08
N GLN AA 50 44.75 86.98 113.15
CA GLN AA 50 46.00 86.44 112.66
C GLN AA 50 47.05 86.53 113.77
N LYS AA 51 48.03 85.62 113.70
CA LYS AA 51 49.08 85.62 114.72
C LYS AA 51 50.03 86.80 114.51
N SER AA 52 50.34 87.10 113.26
CA SER AA 52 51.20 88.23 112.92
C SER AA 52 50.44 89.16 111.98
N ILE AA 53 51.13 90.20 111.52
CA ILE AA 53 50.57 91.09 110.51
C ILE AA 53 50.84 90.57 109.10
N LEU AA 54 51.42 89.38 108.98
CA LEU AA 54 51.80 88.81 107.70
C LEU AA 54 50.66 88.08 107.01
N TYR AA 55 49.72 87.56 107.79
CA TYR AA 55 48.73 86.62 107.25
C TYR AA 55 47.70 87.32 106.37
N ASP AA 56 47.18 86.55 105.42
CA ASP AA 56 46.16 86.99 104.49
C ASP AA 56 44.79 86.49 104.92
N GLU AA 57 43.77 87.29 104.62
CA GLU AA 57 42.40 87.00 105.04
C GLU AA 57 41.52 86.63 103.85
N ARG AA 58 42.12 86.16 102.75
CA ARG AA 58 41.37 85.78 101.57
C ARG AA 58 41.52 84.30 101.24
N SER AA 59 42.27 83.54 102.05
CA SER AA 59 42.53 82.13 101.76
C SER AA 59 41.65 81.25 102.63
N VAL AA 60 41.69 81.44 103.94
CA VAL AA 60 40.92 80.65 104.88
C VAL AA 60 39.65 81.41 105.16
N HIS AA 61 38.52 80.72 105.26
CA HIS AA 61 37.24 81.36 105.53
C HIS AA 61 36.58 80.59 106.67
N LYS AA 62 36.29 81.27 107.79
CA LYS AA 62 35.59 80.62 108.88
C LYS AA 62 34.12 80.36 108.57
N VAL AA 63 33.35 81.42 108.28
CA VAL AA 63 31.96 81.23 107.91
C VAL AA 63 31.91 80.52 106.56
N GLU AA 64 31.23 79.38 106.53
CA GLU AA 64 31.29 78.55 105.36
C GLU AA 64 29.91 78.01 104.99
N PRO AA 65 29.47 78.24 103.77
CA PRO AA 65 28.17 77.72 103.34
C PRO AA 65 28.24 76.22 103.07
N ILE AA 66 27.13 75.56 103.34
CA ILE AA 66 26.99 74.14 103.16
C ILE AA 66 26.12 73.83 101.96
N THR AA 67 25.12 74.66 101.74
CA THR AA 67 24.25 74.59 100.60
C THR AA 67 24.12 76.03 100.12
N LYS AA 68 23.18 76.32 99.23
CA LYS AA 68 22.92 77.70 98.91
C LYS AA 68 22.14 78.43 100.01
N HIS AA 69 21.69 77.74 101.06
CA HIS AA 69 20.83 78.38 102.05
C HIS AA 69 21.17 77.96 103.47
N ILE AA 70 22.37 77.41 103.72
CA ILE AA 70 22.71 76.84 105.02
C ILE AA 70 24.12 77.25 105.40
N GLY AA 71 24.26 77.96 106.52
CA GLY AA 71 25.54 78.34 107.06
C GLY AA 71 26.02 77.43 108.17
N LEU AA 72 27.33 77.51 108.46
CA LEU AA 72 27.96 76.60 109.41
C LEU AA 72 29.31 77.15 109.84
N VAL AA 73 29.47 77.37 111.15
CA VAL AA 73 30.70 77.88 111.75
C VAL AA 73 31.12 76.92 112.85
N TYR AA 74 32.24 77.24 113.50
CA TYR AA 74 32.79 76.32 114.49
C TYR AA 74 33.60 77.11 115.51
N SER AA 75 34.18 76.36 116.44
CA SER AA 75 35.08 76.94 117.45
C SER AA 75 35.99 75.80 117.87
N GLY AA 76 37.17 75.72 117.25
CA GLY AA 76 38.08 74.63 117.50
C GLY AA 76 39.21 74.58 116.49
N MET AA 77 39.41 73.41 115.87
CA MET AA 77 40.50 73.22 114.93
C MET AA 77 39.99 73.00 113.49
N GLY AA 78 40.32 73.97 112.63
CA GLY AA 78 40.23 73.87 111.19
C GLY AA 78 40.57 72.54 110.53
N PRO AA 79 41.69 71.90 110.91
CA PRO AA 79 42.00 70.58 110.34
C PRO AA 79 40.98 69.48 110.60
N ASP AA 80 40.16 69.57 111.66
CA ASP AA 80 39.02 68.66 111.73
C ASP AA 80 37.79 69.26 111.09
N TYR AA 81 37.71 70.59 111.17
CA TYR AA 81 36.56 71.33 110.69
C TYR AA 81 36.33 71.11 109.20
N ARG AA 82 37.40 71.20 108.41
CA ARG AA 82 37.31 71.01 106.96
C ARG AA 82 36.92 69.59 106.59
N VAL AA 83 37.35 68.61 107.39
CA VAL AA 83 37.02 67.22 107.16
C VAL AA 83 35.52 67.01 107.31
N LEU AA 84 34.99 67.46 108.44
CA LEU AA 84 33.55 67.29 108.66
C LEU AA 84 32.73 68.21 107.76
N VAL AA 85 33.30 69.33 107.31
CA VAL AA 85 32.65 70.16 106.31
C VAL AA 85 32.48 69.38 105.02
N HIS AA 86 33.55 68.75 104.53
CA HIS AA 86 33.50 67.95 103.30
C HIS AA 86 32.54 66.78 103.42
N ARG AA 87 32.52 66.14 104.60
CA ARG AA 87 31.58 65.04 104.84
C ARG AA 87 30.14 65.55 104.78
N ALA AA 88 29.88 66.72 105.36
CA ALA AA 88 28.53 67.28 105.35
C ALA AA 88 28.12 67.71 103.96
N ARG AA 89 29.09 68.18 103.16
CA ARG AA 89 28.85 68.53 101.77
C ARG AA 89 28.38 67.31 100.98
N LYS AA 90 29.16 66.22 101.05
CA LYS AA 90 28.81 65.03 100.28
C LYS AA 90 27.51 64.41 100.77
N LEU AA 91 27.25 64.51 102.08
CA LEU AA 91 26.01 64.01 102.66
C LEU AA 91 24.80 64.78 102.13
N ALA AA 92 24.88 66.10 102.14
CA ALA AA 92 23.80 66.92 101.64
C ALA AA 92 23.59 66.72 100.14
N GLN AA 93 24.68 66.52 99.39
CA GLN AA 93 24.49 66.26 97.97
C GLN AA 93 23.94 64.88 97.70
N GLN AA 94 24.17 63.91 98.59
CA GLN AA 94 23.47 62.63 98.48
C GLN AA 94 21.98 62.77 98.75
N TYR AA 95 21.62 63.61 99.73
CA TYR AA 95 20.21 63.90 99.97
C TYR AA 95 19.58 64.53 98.73
N TYR AA 96 20.27 65.48 98.11
CA TYR AA 96 19.71 66.13 96.94
C TYR AA 96 19.69 65.21 95.73
N LEU AA 97 20.55 64.19 95.69
CA LEU AA 97 20.40 63.14 94.70
C LEU AA 97 19.14 62.33 94.91
N VAL AA 98 18.87 61.95 96.17
CA VAL AA 98 17.74 61.05 96.44
C VAL AA 98 16.41 61.75 96.22
N TYR AA 99 16.22 62.93 96.79
CA TYR AA 99 14.91 63.55 96.86
C TYR AA 99 14.70 64.72 95.93
N GLN AA 100 15.76 65.24 95.32
CA GLN AA 100 15.72 66.41 94.42
C GLN AA 100 15.08 67.59 95.14
N GLU AA 101 15.57 67.86 96.34
CA GLU AA 101 15.04 68.91 97.18
C GLU AA 101 16.10 69.24 98.22
N PRO AA 102 16.26 70.51 98.58
CA PRO AA 102 17.29 70.88 99.56
C PRO AA 102 17.03 70.31 100.94
N ILE AA 103 18.09 69.81 101.56
CA ILE AA 103 17.98 69.07 102.80
C ILE AA 103 17.65 70.02 103.94
N PRO AA 104 16.74 69.67 104.84
CA PRO AA 104 16.49 70.51 106.01
C PRO AA 104 17.55 70.33 107.09
N THR AA 105 17.72 71.41 107.86
CA THR AA 105 18.84 71.53 108.79
C THR AA 105 18.72 70.52 109.93
N ALA AA 106 17.50 70.17 110.31
CA ALA AA 106 17.30 69.12 111.30
C ALA AA 106 17.85 67.79 110.79
N GLN AA 107 17.59 67.49 109.52
CA GLN AA 107 18.08 66.25 108.92
C GLN AA 107 19.60 66.28 108.78
N LEU AA 108 20.16 67.45 108.45
CA LEU AA 108 21.61 67.63 108.47
C LEU AA 108 22.18 67.28 109.84
N VAL AA 109 21.58 67.83 110.89
CA VAL AA 109 22.15 67.67 112.21
C VAL AA 109 21.99 66.23 112.68
N GLN AA 110 20.90 65.56 112.31
CA GLN AA 110 20.77 64.12 112.56
C GLN AA 110 21.90 63.32 111.93
N ARG AA 111 22.13 63.53 110.64
CA ARG AA 111 23.08 62.67 109.95
C ARG AA 111 24.52 63.00 110.33
N VAL AA 112 24.84 64.29 110.43
CA VAL AA 112 26.17 64.73 110.86
C VAL AA 112 26.45 64.30 112.29
N ALA AA 113 25.45 64.42 113.17
CA ALA AA 113 25.58 63.95 114.55
C ALA AA 113 25.79 62.44 114.61
N SER AA 114 25.15 61.71 113.70
CA SER AA 114 25.32 60.26 113.66
C SER AA 114 26.75 59.90 113.23
N VAL AA 115 27.28 60.62 112.25
CA VAL AA 115 28.67 60.43 111.83
C VAL AA 115 29.64 60.75 112.97
N MET AA 116 29.40 61.88 113.64
CA MET AA 116 30.28 62.33 114.71
C MET AA 116 30.24 61.37 115.90
N GLN AA 117 29.03 60.91 116.25
CA GLN AA 117 28.85 59.90 117.30
C GLN AA 117 29.54 58.59 116.92
N GLU AA 118 29.51 58.23 115.64
CA GLU AA 118 30.21 57.05 115.18
C GLU AA 118 31.71 57.20 115.38
N TYR AA 119 32.24 58.40 115.12
CA TYR AA 119 33.65 58.68 115.41
C TYR AA 119 33.96 58.68 116.90
N THR AA 120 32.98 58.99 117.74
CA THR AA 120 33.20 58.86 119.18
C THR AA 120 33.38 57.41 119.60
N GLN AA 121 32.72 56.48 118.92
CA GLN AA 121 32.69 55.08 119.35
C GLN AA 121 33.74 54.22 118.65
N SER AA 122 34.05 54.50 117.39
CA SER AA 122 34.92 53.65 116.59
C SER AA 122 36.36 53.66 117.09
N GLY AA 123 37.16 52.77 116.50
CA GLY AA 123 38.37 52.26 117.13
C GLY AA 123 39.57 53.18 117.14
N GLY AA 124 39.99 53.58 118.34
CA GLY AA 124 41.27 54.25 118.57
C GLY AA 124 41.43 55.65 118.02
N VAL AA 125 40.49 56.14 117.25
CA VAL AA 125 40.59 57.46 116.63
C VAL AA 125 40.08 58.50 117.62
N ARG AA 126 40.65 59.68 117.55
CA ARG AA 126 40.23 60.65 118.54
C ARG AA 126 38.99 61.39 118.06
N PRO AA 127 38.17 61.90 118.97
CA PRO AA 127 36.99 62.67 118.52
C PRO AA 127 37.45 64.01 117.97
N PHE AA 128 36.54 64.65 117.25
CA PHE AA 128 36.83 65.97 116.70
C PHE AA 128 36.72 67.03 117.78
N GLY AA 129 37.71 67.91 117.83
CA GLY AA 129 37.61 69.09 118.68
C GLY AA 129 36.94 70.28 118.01
N VAL AA 130 35.66 70.12 117.67
CA VAL AA 130 34.90 71.10 116.91
C VAL AA 130 33.49 71.20 117.49
N SER AA 131 33.05 72.40 117.83
CA SER AA 131 31.67 72.68 118.22
C SER AA 131 31.03 73.54 117.14
N LEU AA 132 30.03 73.00 116.47
CA LEU AA 132 29.41 73.67 115.35
C LEU AA 132 28.27 74.57 115.80
N LEU AA 133 27.92 75.51 114.93
CA LEU AA 133 26.74 76.36 115.09
C LEU AA 133 26.07 76.41 113.72
N ILE AA 134 25.12 75.52 113.51
CA ILE AA 134 24.51 75.35 112.19
C ILE AA 134 23.20 76.12 112.19
N CYS AA 135 22.88 76.73 111.05
CA CYS AA 135 21.60 77.40 110.90
C CYS AA 135 21.20 77.45 109.43
N GLY AA 136 19.96 77.83 109.20
CA GLY AA 136 19.44 77.90 107.85
C GLY AA 136 17.98 78.32 107.87
N TRP AA 137 17.52 78.76 106.71
CA TRP AA 137 16.18 79.30 106.53
C TRP AA 137 15.43 78.30 105.67
N ASN AA 138 14.87 77.28 106.33
CA ASN AA 138 14.13 76.23 105.64
C ASN AA 138 12.65 76.37 105.97
N GLU AA 139 11.85 76.59 104.92
CA GLU AA 139 10.38 76.67 105.00
C GLU AA 139 9.93 77.80 105.92
N GLY AA 140 10.47 78.99 105.69
CA GLY AA 140 10.03 80.16 106.41
C GLY AA 140 10.67 80.32 107.77
N ARG AA 141 10.46 79.36 108.66
CA ARG AA 141 11.02 79.47 109.99
C ARG AA 141 12.51 79.17 109.95
N PRO AA 142 13.36 80.05 110.46
CA PRO AA 142 14.79 79.75 110.56
C PRO AA 142 15.07 78.93 111.82
N TYR AA 143 16.26 78.33 111.83
CA TYR AA 143 16.67 77.43 112.90
C TYR AA 143 18.07 77.84 113.35
N LEU AA 144 18.52 77.24 114.45
CA LEU AA 144 19.86 77.48 114.94
C LEU AA 144 20.25 76.28 115.77
N PHE AA 145 21.26 75.55 115.34
CA PHE AA 145 21.64 74.27 115.94
C PHE AA 145 23.11 74.30 116.32
N GLN AA 146 23.39 74.02 117.59
CA GLN AA 146 24.74 73.80 118.08
C GLN AA 146 25.00 72.30 118.25
N SER AA 147 26.21 71.85 117.90
CA SER AA 147 26.63 70.50 118.23
C SER AA 147 27.81 70.54 119.21
N ASP AA 148 28.34 69.37 119.53
CA ASP AA 148 29.48 69.23 120.41
C ASP AA 148 30.26 67.98 120.05
N PRO AA 149 31.51 67.83 120.53
CA PRO AA 149 32.29 66.61 120.25
C PRO AA 149 31.64 65.30 120.68
N SER AA 150 30.67 65.31 121.61
CA SER AA 150 30.06 64.07 122.05
C SER AA 150 29.06 63.52 121.05
N GLY AA 151 28.80 64.20 119.94
CA GLY AA 151 27.80 63.78 119.00
C GLY AA 151 26.41 64.28 119.32
N ALA AA 152 26.22 64.93 120.47
CA ALA AA 152 24.94 65.50 120.83
C ALA AA 152 24.69 66.77 120.04
N TYR AA 153 23.50 67.34 120.21
CA TYR AA 153 23.17 68.59 119.57
C TYR AA 153 22.05 69.29 120.35
N PHE AA 154 21.84 70.56 120.03
CA PHE AA 154 20.89 71.36 120.77
C PHE AA 154 20.16 72.28 119.79
N ALA AA 155 19.44 73.25 120.32
CA ALA AA 155 18.84 74.30 119.50
C ALA AA 155 18.73 75.57 120.33
N TRP AA 156 19.32 76.65 119.83
CA TRP AA 156 19.49 77.85 120.62
C TRP AA 156 18.78 79.03 119.98
N LYS AA 157 18.40 80.00 120.81
CA LYS AA 157 17.98 81.29 120.27
C LYS AA 157 19.20 82.14 119.97
N ALA AA 158 20.23 82.01 120.80
CA ALA AA 158 21.53 82.62 120.70
C ALA AA 158 22.42 81.94 121.71
N THR AA 159 23.69 81.81 121.36
CA THR AA 159 24.66 81.10 122.18
C THR AA 159 26.05 81.56 121.77
N ALA AA 160 27.06 80.99 122.42
CA ALA AA 160 28.44 81.32 122.11
C ALA AA 160 29.33 80.14 122.51
N MET AA 161 30.48 80.04 121.86
CA MET AA 161 31.40 78.96 122.13
C MET AA 161 32.81 79.43 121.82
N GLY AA 162 33.73 79.20 122.76
CA GLY AA 162 35.09 79.65 122.61
C GLY AA 162 35.64 80.20 123.90
N LYS AA 163 36.44 81.26 123.79
CA LYS AA 163 36.97 81.95 124.95
C LYS AA 163 35.90 82.81 125.59
N ASN AA 164 35.72 82.63 126.91
CA ASN AA 164 34.77 83.38 127.75
C ASN AA 164 33.33 83.24 127.24
N TYR AA 165 32.99 82.02 126.82
CA TYR AA 165 31.66 81.74 126.30
C TYR AA 165 30.59 81.90 127.37
N VAL AA 166 30.92 81.65 128.64
CA VAL AA 166 29.95 81.88 129.71
C VAL AA 166 29.70 83.37 129.91
N ASN AA 167 30.74 84.20 129.76
CA ASN AA 167 30.57 85.64 129.95
C ASN AA 167 29.79 86.24 128.79
N GLY AA 168 30.11 85.82 127.57
CA GLY AA 168 29.33 86.25 126.43
C GLY AA 168 27.90 85.74 126.48
N LYS AA 169 27.69 84.54 127.05
CA LYS AA 169 26.36 83.99 127.19
C LYS AA 169 25.52 84.78 128.18
N THR AA 170 26.12 85.13 129.33
CA THR AA 170 25.42 85.97 130.29
C THR AA 170 25.18 87.38 129.77
N PHE AA 171 26.02 87.87 128.86
CA PHE AA 171 25.66 89.12 128.19
C PHE AA 171 24.52 88.92 127.20
N LEU AA 172 24.49 87.76 126.53
CA LEU AA 172 23.43 87.47 125.56
C LEU AA 172 22.08 87.36 126.23
N GLU AA 173 22.04 86.78 127.43
CA GLU AA 173 20.77 86.57 128.11
C GLU AA 173 20.17 87.90 128.53
N LYS AA 174 21.00 88.87 128.92
CA LYS AA 174 20.49 90.16 129.34
C LYS AA 174 20.21 91.05 128.14
N ARG AA 175 21.09 91.05 127.14
CA ARG AA 175 20.95 91.95 126.01
C ARG AA 175 19.95 91.43 124.98
N TYR AA 176 20.19 90.22 124.47
CA TYR AA 176 19.36 89.70 123.39
C TYR AA 176 18.01 89.22 123.90
N ASN AA 177 17.07 89.09 122.97
CA ASN AA 177 15.69 88.73 123.28
C ASN AA 177 15.16 87.89 122.12
N GLU AA 178 13.83 87.81 122.01
CA GLU AA 178 13.16 86.96 121.04
C GLU AA 178 12.95 87.65 119.70
N ASP AA 179 12.53 88.90 119.72
CA ASP AA 179 12.03 89.57 118.53
C ASP AA 179 12.98 90.69 118.13
N LEU AA 180 13.70 90.48 117.04
CA LEU AA 180 14.50 91.53 116.44
C LEU AA 180 14.53 91.33 114.93
N GLU AA 181 15.28 92.19 114.25
CA GLU AA 181 15.59 92.03 112.85
C GLU AA 181 17.05 91.69 112.68
N LEU AA 182 17.43 91.48 111.41
CA LEU AA 182 18.77 90.98 111.10
C LEU AA 182 19.82 92.03 111.45
N GLU AA 183 19.50 93.31 111.27
CA GLU AA 183 20.47 94.37 111.53
C GLU AA 183 20.74 94.51 113.02
N ASP AA 184 19.68 94.48 113.83
CA ASP AA 184 19.85 94.52 115.28
C ASP AA 184 20.50 93.24 115.79
N ALA AA 185 20.28 92.12 115.11
CA ALA AA 185 20.98 90.88 115.44
C ALA AA 185 22.48 91.01 115.20
N ILE AA 186 22.87 91.61 114.07
CA ILE AA 186 24.29 91.85 113.79
C ILE AA 186 24.85 92.84 114.80
N HIS AA 187 24.05 93.82 115.20
CA HIS AA 187 24.47 94.83 116.18
C HIS AA 187 24.80 94.19 117.52
N THR AA 188 23.88 93.35 118.03
CA THR AA 188 24.15 92.70 119.30
C THR AA 188 25.21 91.60 119.18
N ALA AA 189 25.36 91.02 117.98
CA ALA AA 189 26.40 90.00 117.79
C ALA AA 189 27.79 90.62 117.82
N ILE AA 190 27.96 91.75 117.13
CA ILE AA 190 29.24 92.43 117.16
C ILE AA 190 29.49 93.06 118.52
N LEU AA 191 28.41 93.44 119.23
CA LEU AA 191 28.56 93.92 120.60
C LEU AA 191 29.06 92.82 121.53
N THR AA 192 28.46 91.63 121.46
CA THR AA 192 28.87 90.58 122.37
C THR AA 192 30.19 89.92 121.95
N LEU AA 193 30.56 90.00 120.67
CA LEU AA 193 31.90 89.56 120.31
C LEU AA 193 32.96 90.59 120.69
N LYS AA 194 32.64 91.88 120.57
CA LYS AA 194 33.55 92.93 120.97
C LYS AA 194 33.62 93.12 122.48
N GLU AA 195 32.70 92.52 123.24
CA GLU AA 195 32.84 92.48 124.68
C GLU AA 195 34.06 91.65 125.10
N SER AA 196 34.35 90.57 124.36
CA SER AA 196 35.33 89.60 124.80
C SER AA 196 36.58 89.57 123.95
N PHE AA 197 36.57 90.15 122.76
CA PHE AA 197 37.70 90.06 121.85
C PHE AA 197 38.80 91.04 122.25
N GLU AA 198 39.86 91.08 121.42
CA GLU AA 198 40.96 92.00 121.64
C GLU AA 198 40.57 93.44 121.32
N GLY AA 199 41.50 94.35 121.62
CA GLY AA 199 41.21 95.77 121.48
C GLY AA 199 41.16 96.23 120.04
N GLN AA 200 42.02 95.67 119.19
CA GLN AA 200 42.09 96.11 117.80
C GLN AA 200 41.19 95.20 116.96
N MET AA 201 39.97 95.64 116.73
CA MET AA 201 39.00 94.89 115.95
C MET AA 201 38.70 95.65 114.66
N THR AA 202 39.01 95.04 113.54
CA THR AA 202 38.95 95.70 112.24
C THR AA 202 37.97 94.97 111.35
N GLU AA 203 37.97 95.35 110.07
CA GLU AA 203 37.15 94.71 109.05
C GLU AA 203 37.59 93.29 108.72
N ASP AA 204 38.73 92.83 109.26
CA ASP AA 204 39.25 91.51 108.98
C ASP AA 204 39.39 90.65 110.24
N ASN AA 205 39.28 91.25 111.42
CA ASN AA 205 39.35 90.46 112.65
C ASN AA 205 38.09 89.64 112.82
N ILE AA 206 36.97 90.13 112.31
CA ILE AA 206 35.73 89.39 112.37
C ILE AA 206 35.42 88.87 110.97
N GLU AA 207 34.47 87.95 110.89
CA GLU AA 207 34.07 87.36 109.61
C GLU AA 207 32.63 86.91 109.78
N VAL AA 208 31.69 87.56 109.10
CA VAL AA 208 30.28 87.48 109.43
C VAL AA 208 29.50 87.00 108.22
N GLY AA 209 28.71 85.93 108.40
CA GLY AA 209 27.74 85.50 107.41
C GLY AA 209 26.35 85.48 108.00
N ILE AA 210 25.37 85.82 107.17
CA ILE AA 210 23.97 85.88 107.58
C ILE AA 210 23.17 84.80 106.86
N CYS AA 211 21.89 84.71 107.13
CA CYS AA 211 21.02 83.71 106.50
C CYS AA 211 19.69 84.42 106.26
N ASN AA 212 19.53 84.98 105.07
CA ASN AA 212 18.25 85.55 104.71
C ASN AA 212 17.24 84.44 104.48
N GLU AA 213 15.95 84.82 104.47
CA GLU AA 213 14.96 83.89 103.95
C GLU AA 213 15.06 83.77 102.43
N ALA AA 214 15.63 84.77 101.77
CA ALA AA 214 15.99 84.64 100.36
C ALA AA 214 17.16 83.69 100.14
N GLY AA 215 17.87 83.29 101.19
CA GLY AA 215 18.96 82.34 101.04
C GLY AA 215 20.12 82.71 101.94
N PHE AA 216 21.13 81.83 102.01
CA PHE AA 216 22.34 82.16 102.73
C PHE AA 216 23.09 83.29 102.03
N ARG AA 217 23.75 84.12 102.82
CA ARG AA 217 24.58 85.18 102.30
C ARG AA 217 25.80 85.26 103.19
N ARG AA 218 26.97 85.33 102.59
CA ARG AA 218 28.21 85.54 103.34
C ARG AA 218 28.69 86.95 103.03
N LEU AA 219 28.69 87.80 104.05
CA LEU AA 219 29.04 89.19 103.84
C LEU AA 219 30.52 89.37 103.56
N THR AA 220 30.84 90.49 102.95
CA THR AA 220 32.17 90.92 102.57
C THR AA 220 32.71 91.91 103.59
N PRO AA 221 34.05 92.08 103.65
CA PRO AA 221 34.60 93.17 104.47
C PRO AA 221 34.19 94.56 104.02
N THR AA 222 33.65 94.73 102.82
CA THR AA 222 33.08 96.01 102.40
C THR AA 222 31.89 96.38 103.27
N GLU AA 223 30.87 95.51 103.31
CA GLU AA 223 29.71 95.81 104.13
C GLU AA 223 29.99 95.64 105.61
N VAL AA 224 30.99 94.81 105.96
CA VAL AA 224 31.40 94.74 107.35
C VAL AA 224 32.05 96.05 107.78
N LYS AA 225 32.84 96.66 106.89
CA LYS AA 225 33.45 97.94 107.22
C LYS AA 225 32.46 99.08 107.18
N ASP AA 226 31.39 98.94 106.39
CA ASP AA 226 30.28 99.88 106.54
C ASP AA 226 29.57 99.71 107.87
N TYR AA 227 29.44 98.47 108.34
CA TYR AA 227 28.60 98.28 109.52
C TYR AA 227 29.40 98.44 110.79
N LEU AA 228 30.55 97.76 110.88
CA LEU AA 228 31.37 97.73 112.08
C LEU AA 228 32.32 98.91 112.18
N ALA AA 229 32.12 99.97 111.39
CA ALA AA 229 32.81 101.24 111.62
C ALA AA 229 32.10 101.93 112.79
N ALA AA 230 32.41 101.46 114.00
CA ALA AA 230 31.87 101.92 115.27
C ALA AA 230 30.33 101.90 115.27
N ILE AA 231 29.79 100.70 115.03
CA ILE AA 231 28.38 100.43 115.29
C ILE AA 231 28.16 100.55 116.80
N ALA AA 232 27.43 101.60 117.19
CA ALA AA 232 27.32 102.11 118.56
C ALA AA 232 28.69 102.32 119.20
N SER BA 1 50.93 48.18 121.14
CA SER BA 1 49.98 47.37 120.40
C SER BA 1 49.20 46.45 121.33
N ARG BA 2 49.89 45.84 122.30
CA ARG BA 2 49.21 45.05 123.31
C ARG BA 2 49.43 45.64 124.70
N ARG BA 3 49.83 46.90 124.78
CA ARG BA 3 49.85 47.62 126.04
C ARG BA 3 48.92 48.83 126.01
N TYR BA 4 47.98 48.85 125.06
CA TYR BA 4 46.93 49.87 124.95
C TYR BA 4 45.57 49.24 125.04
N ASP BA 5 45.52 47.96 125.37
CA ASP BA 5 44.28 47.22 125.46
C ASP BA 5 43.61 47.47 126.80
N SER BA 6 42.38 48.00 126.76
CA SER BA 6 41.59 48.16 127.96
C SER BA 6 41.03 46.79 128.35
N ARG BA 7 40.17 46.74 129.37
CA ARG BA 7 39.66 45.42 129.73
C ARG BA 7 38.59 44.97 128.73
N THR BA 8 37.58 45.84 128.52
CA THR BA 8 36.52 45.86 127.50
C THR BA 8 35.51 44.75 127.67
N THR BA 9 35.95 43.50 127.80
CA THR BA 9 34.97 42.42 127.90
C THR BA 9 35.47 41.33 128.84
N ILE BA 10 36.46 41.64 129.64
CA ILE BA 10 37.20 40.67 130.46
C ILE BA 10 36.65 40.71 131.88
N PHE BA 11 36.62 39.56 132.56
CA PHE BA 11 35.98 39.50 133.87
C PHE BA 11 36.88 40.19 134.90
N SER BA 12 36.34 40.41 136.09
CA SER BA 12 37.04 41.11 137.15
C SER BA 12 37.98 40.16 137.86
N PRO BA 13 38.92 40.65 138.67
CA PRO BA 13 39.67 39.74 139.54
C PRO BA 13 38.92 39.26 140.77
N GLU BA 14 37.60 39.46 140.83
CA GLU BA 14 36.77 39.05 141.96
C GLU BA 14 35.45 38.40 141.54
N GLY BA 15 35.20 38.18 140.25
CA GLY BA 15 34.04 37.44 139.79
C GLY BA 15 32.91 38.25 139.21
N ARG BA 16 33.11 39.54 138.95
CA ARG BA 16 32.01 40.36 138.46
C ARG BA 16 32.36 40.88 137.07
N LEU BA 17 31.53 41.77 136.56
CA LEU BA 17 31.68 42.36 135.23
C LEU BA 17 31.96 43.84 135.36
N TYR BA 18 32.59 44.40 134.34
CA TYR BA 18 33.14 45.74 134.42
C TYR BA 18 32.30 46.77 133.67
N GLN BA 19 32.13 46.56 132.36
CA GLN BA 19 31.42 47.53 131.54
C GLN BA 19 29.93 47.54 131.86
N VAL BA 20 29.39 46.43 132.35
CA VAL BA 20 27.97 46.37 132.66
C VAL BA 20 27.66 47.23 133.88
N GLU BA 21 28.40 47.02 134.97
CA GLU BA 21 28.22 47.83 136.17
C GLU BA 21 28.53 49.29 135.91
N TYR BA 22 29.57 49.58 135.12
CA TYR BA 22 29.87 50.99 134.88
C TYR BA 22 28.88 51.60 133.90
N ALA BA 23 28.25 50.80 133.05
CA ALA BA 23 27.16 51.30 132.22
C ALA BA 23 25.95 51.64 133.08
N MET BA 24 25.65 50.80 134.08
CA MET BA 24 24.54 51.08 134.99
C MET BA 24 24.80 52.36 135.78
N GLU BA 25 26.04 52.55 136.23
CA GLU BA 25 26.35 53.80 136.91
C GLU BA 25 26.50 54.96 135.94
N ALA BA 26 26.56 54.71 134.64
CA ALA BA 26 26.36 55.78 133.67
C ALA BA 26 24.87 56.08 133.44
N ILE BA 27 24.02 55.06 133.61
CA ILE BA 27 22.57 55.25 133.48
C ILE BA 27 22.04 56.13 134.61
N GLY BA 28 22.51 55.87 135.84
CA GLY BA 28 21.89 56.45 137.02
C GLY BA 28 21.89 57.97 137.08
N HIS BA 29 22.86 58.59 136.40
CA HIS BA 29 22.96 60.06 136.35
C HIS BA 29 22.37 60.57 135.04
N ALA BA 30 21.06 60.39 134.88
CA ALA BA 30 20.40 60.83 133.66
C ALA BA 30 18.97 61.22 133.99
N GLY BA 31 18.18 61.49 132.94
CA GLY BA 31 16.80 61.86 133.12
C GLY BA 31 15.93 60.70 133.58
N THR BA 32 14.85 61.04 134.28
CA THR BA 32 13.99 60.05 134.90
C THR BA 32 12.73 59.91 134.07
N CYS BA 33 12.40 58.67 133.72
CA CYS BA 33 11.17 58.35 132.99
C CYS BA 33 10.38 57.34 133.80
N LEU BA 34 9.10 57.16 133.42
CA LEU BA 34 8.28 56.08 133.96
C LEU BA 34 7.04 55.90 133.11
N GLY BA 35 6.43 54.72 133.27
CA GLY BA 35 5.13 54.45 132.70
C GLY BA 35 4.22 53.88 133.78
N ILE BA 36 2.94 53.79 133.46
CA ILE BA 36 1.95 53.44 134.46
C ILE BA 36 1.20 52.17 134.09
N LEU BA 37 0.54 51.61 135.10
CA LEU BA 37 -0.40 50.51 134.94
C LEU BA 37 -1.72 51.08 134.47
N ALA BA 38 -2.05 50.87 133.20
CA ALA BA 38 -3.33 51.30 132.67
C ALA BA 38 -3.73 50.27 131.63
N ASN BA 39 -4.99 49.87 131.64
CA ASN BA 39 -5.41 48.85 130.68
C ASN BA 39 -5.73 49.49 129.34
N ASP BA 40 -6.79 50.29 129.28
CA ASP BA 40 -7.25 50.90 128.04
C ASP BA 40 -6.43 52.13 127.64
N GLY BA 41 -5.15 51.88 127.35
CA GLY BA 41 -4.21 52.95 127.12
C GLY BA 41 -2.96 52.78 127.96
N VAL BA 42 -1.86 53.44 127.59
CA VAL BA 42 -0.65 53.44 128.41
C VAL BA 42 0.09 54.74 128.15
N LEU BA 43 0.83 55.20 129.15
CA LEU BA 43 1.40 56.54 129.18
C LEU BA 43 2.89 56.48 129.48
N LEU BA 44 3.54 57.63 129.27
CA LEU BA 44 4.94 57.83 129.61
C LEU BA 44 5.11 59.19 130.25
N ALA BA 45 6.08 59.27 131.15
CA ALA BA 45 6.46 60.52 131.80
C ALA BA 45 7.95 60.72 131.57
N ALA BA 46 8.37 61.99 131.52
CA ALA BA 46 9.77 62.28 131.24
C ALA BA 46 10.12 63.66 131.77
N GLU BA 47 11.39 63.80 132.16
CA GLU BA 47 11.93 64.99 132.79
C GLU BA 47 12.85 65.70 131.80
N ARG BA 48 12.69 67.02 131.69
CA ARG BA 48 13.50 67.80 130.77
C ARG BA 48 14.90 68.01 131.31
N ARG BA 49 15.89 67.45 130.61
CA ARG BA 49 17.29 67.81 130.80
C ARG BA 49 17.58 69.09 130.02
N ASN BA 50 18.46 69.91 130.58
CA ASN BA 50 18.85 71.22 130.03
C ASN BA 50 17.63 72.13 129.85
N ILE BA 51 17.15 72.63 130.98
CA ILE BA 51 15.97 73.47 131.01
C ILE BA 51 16.31 74.94 130.86
N HIS BA 52 17.49 75.25 130.31
CA HIS BA 52 17.86 76.64 130.05
C HIS BA 52 16.91 77.32 129.08
N LYS BA 53 16.71 78.62 129.30
CA LYS BA 53 15.63 79.38 128.69
C LYS BA 53 15.86 79.74 127.23
N LEU BA 54 17.05 79.53 126.68
CA LEU BA 54 17.34 79.98 125.32
C LEU BA 54 17.38 78.81 124.37
N LEU BA 55 16.45 77.89 124.54
CA LEU BA 55 16.24 76.81 123.59
C LEU BA 55 15.05 77.13 122.72
N ASP BA 56 14.71 76.18 121.86
CA ASP BA 56 13.68 76.38 120.85
C ASP BA 56 12.44 75.55 121.12
N GLU BA 57 12.62 74.30 121.57
CA GLU BA 57 11.54 73.35 121.87
C GLU BA 57 10.64 73.11 120.66
N VAL BA 58 11.25 73.13 119.49
CA VAL BA 58 10.55 73.01 118.21
C VAL BA 58 10.58 71.59 117.68
N PHE BA 59 10.99 70.63 118.51
CA PHE BA 59 11.15 69.28 118.01
C PHE BA 59 9.92 68.42 118.26
N PHE BA 60 9.02 68.88 119.14
CA PHE BA 60 7.80 68.24 119.64
C PHE BA 60 8.06 66.99 120.48
N SER BA 61 9.32 66.59 120.65
CA SER BA 61 9.67 65.30 121.25
C SER BA 61 11.14 65.39 121.63
N GLU BA 62 11.45 65.21 122.91
CA GLU BA 62 12.83 65.15 123.34
C GLU BA 62 13.22 63.80 123.93
N LYS BA 63 12.30 63.09 124.55
CA LYS BA 63 12.57 61.75 125.04
C LYS BA 63 11.78 60.68 124.32
N ILE BA 64 10.57 61.00 123.88
CA ILE BA 64 9.76 60.05 123.15
C ILE BA 64 10.33 59.89 121.74
N TYR BA 65 10.25 58.67 121.21
CA TYR BA 65 10.49 58.43 119.79
C TYR BA 65 9.38 57.52 119.27
N LYS BA 66 8.49 58.11 118.48
CA LYS BA 66 7.38 57.39 117.88
C LYS BA 66 7.93 56.45 116.82
N LEU BA 67 8.07 55.18 117.19
CA LEU BA 67 8.98 54.34 116.42
C LEU BA 67 8.32 53.61 115.25
N ASN BA 68 7.19 52.91 115.43
CA ASN BA 68 6.55 52.29 114.28
C ASN BA 68 5.28 53.01 113.87
N GLU BA 69 4.13 52.71 114.47
CA GLU BA 69 2.93 53.54 114.42
C GLU BA 69 2.26 53.56 115.77
N ASP BA 70 2.29 52.38 116.40
CA ASP BA 70 1.59 52.09 117.64
C ASP BA 70 2.56 51.80 118.77
N MET BA 71 3.79 52.25 118.63
CA MET BA 71 4.83 52.09 119.62
C MET BA 71 5.68 53.35 119.67
N ALA BA 72 5.94 53.80 120.88
CA ALA BA 72 6.97 54.79 121.12
C ALA BA 72 7.88 54.28 122.23
N CYS BA 73 8.92 55.06 122.52
CA CYS BA 73 9.88 54.67 123.54
C CYS BA 73 10.48 55.91 124.19
N SER BA 74 10.59 55.87 125.51
CA SER BA 74 11.40 56.83 126.24
C SER BA 74 12.83 56.31 126.27
N VAL BA 75 13.73 57.09 126.87
CA VAL BA 75 15.16 56.80 126.81
C VAL BA 75 15.85 57.50 127.97
N ALA BA 76 17.05 57.04 128.33
CA ALA BA 76 17.86 57.66 129.37
C ALA BA 76 19.31 57.22 129.14
N GLY BA 77 20.22 58.20 129.13
CA GLY BA 77 21.63 57.94 128.89
C GLY BA 77 22.24 58.83 127.84
N ILE BA 78 23.28 58.34 127.14
CA ILE BA 78 23.95 59.14 126.12
C ILE BA 78 23.05 59.23 124.89
N THR BA 79 22.94 60.43 124.32
CA THR BA 79 21.83 60.74 123.43
C THR BA 79 21.98 60.15 122.03
N SER BA 80 23.02 60.57 121.30
CA SER BA 80 23.18 60.06 119.93
C SER BA 80 23.59 58.59 119.89
N ASP BA 81 24.26 58.12 120.95
CA ASP BA 81 24.43 56.69 121.21
C ASP BA 81 23.10 55.95 121.17
N ALA BA 82 22.04 56.58 121.69
CA ALA BA 82 20.69 56.04 121.58
C ALA BA 82 20.03 56.38 120.25
N ASN BA 83 20.42 57.47 119.59
CA ASN BA 83 19.77 57.84 118.33
C ASN BA 83 20.11 56.81 117.25
N VAL BA 84 21.33 56.32 117.28
CA VAL BA 84 21.74 55.19 116.43
C VAL BA 84 20.87 53.98 116.73
N LEU BA 85 20.56 53.75 118.02
CA LEU BA 85 19.74 52.62 118.41
C LEU BA 85 18.31 52.79 117.95
N THR BA 86 17.80 54.03 117.94
CA THR BA 86 16.45 54.28 117.47
C THR BA 86 16.36 54.06 115.96
N ASN BA 87 17.39 54.48 115.24
CA ASN BA 87 17.47 54.24 113.80
C ASN BA 87 17.43 52.76 113.49
N GLU BA 88 18.28 51.99 114.16
CA GLU BA 88 18.31 50.54 113.94
C GLU BA 88 17.01 49.87 114.38
N LEU BA 89 16.40 50.37 115.45
CA LEU BA 89 15.17 49.78 115.95
C LEU BA 89 14.03 49.97 114.95
N ARG BA 90 13.85 51.21 114.50
CA ARG BA 90 12.85 51.49 113.47
C ARG BA 90 13.13 50.71 112.20
N LEU BA 91 14.41 50.57 111.84
CA LEU BA 91 14.73 49.88 110.60
C LEU BA 91 14.45 48.38 110.71
N ILE BA 92 14.66 47.80 111.90
CA ILE BA 92 14.32 46.41 112.12
C ILE BA 92 12.82 46.20 112.07
N ALA BA 93 12.06 47.07 112.76
CA ALA BA 93 10.61 46.94 112.75
C ALA BA 93 10.04 47.16 111.35
N GLN BA 94 10.67 48.03 110.57
CA GLN BA 94 10.14 48.29 109.25
C GLN BA 94 10.52 47.17 108.28
N ARG BA 95 11.69 46.52 108.45
CA ARG BA 95 11.95 45.37 107.61
C ARG BA 95 11.11 44.16 108.01
N TYR BA 96 10.73 44.07 109.30
CA TYR BA 96 9.74 43.07 109.70
C TYR BA 96 8.43 43.29 108.99
N LEU BA 97 7.96 44.53 108.98
CA LEU BA 97 6.72 44.86 108.30
C LEU BA 97 6.84 44.65 106.81
N LEU BA 98 8.03 44.90 106.25
CA LEU BA 98 8.32 44.57 104.86
C LEU BA 98 8.21 43.08 104.62
N GLN BA 99 8.62 42.28 105.59
CA GLN BA 99 8.64 40.84 105.39
C GLN BA 99 7.25 40.24 105.50
N TYR BA 100 6.40 40.75 106.40
CA TYR BA 100 5.11 40.11 106.64
C TYR BA 100 3.87 40.93 106.28
N GLN BA 101 3.98 42.26 106.17
CA GLN BA 101 2.84 43.20 106.08
C GLN BA 101 1.85 42.98 107.23
N GLU BA 102 2.40 42.91 108.44
CA GLU BA 102 1.64 42.86 109.65
C GLU BA 102 2.55 43.50 110.68
N PRO BA 103 2.05 44.32 111.60
CA PRO BA 103 2.92 45.00 112.54
C PRO BA 103 3.61 44.06 113.52
N ILE BA 104 4.69 44.58 114.09
CA ILE BA 104 5.65 43.78 114.86
C ILE BA 104 5.11 43.56 116.27
N PRO BA 105 5.11 42.32 116.77
CA PRO BA 105 4.46 42.01 118.05
C PRO BA 105 5.29 42.33 119.28
N CYS BA 106 6.31 43.17 119.10
CA CYS BA 106 6.98 44.00 120.10
C CYS BA 106 7.92 43.24 121.02
N GLU BA 107 7.73 41.93 121.20
CA GLU BA 107 8.69 41.26 122.07
C GLU BA 107 9.87 40.75 121.29
N GLN BA 108 9.64 40.28 120.07
CA GLN BA 108 10.78 39.95 119.23
C GLN BA 108 11.51 41.22 118.78
N LEU BA 109 10.83 42.36 118.75
CA LEU BA 109 11.51 43.64 118.62
C LEU BA 109 12.43 43.91 119.81
N VAL BA 110 11.92 43.69 121.03
CA VAL BA 110 12.75 43.90 122.22
C VAL BA 110 13.93 42.94 122.26
N THR BA 111 13.72 41.68 121.85
CA THR BA 111 14.83 40.75 121.82
C THR BA 111 15.83 41.11 120.72
N ALA BA 112 15.36 41.68 119.61
CA ALA BA 112 16.25 42.14 118.56
C ALA BA 112 17.18 43.24 119.07
N LEU BA 113 16.62 44.25 119.75
CA LEU BA 113 17.47 45.31 120.26
C LEU BA 113 18.38 44.81 121.37
N CYS BA 114 17.87 43.91 122.22
CA CYS BA 114 18.69 43.36 123.29
C CYS BA 114 19.84 42.52 122.77
N ASP BA 115 19.64 41.83 121.64
CA ASP BA 115 20.74 41.05 121.09
C ASP BA 115 21.72 41.93 120.34
N ILE BA 116 21.26 43.04 119.75
CA ILE BA 116 22.18 44.08 119.25
C ILE BA 116 23.07 44.59 120.37
N LYS BA 117 22.50 44.83 121.55
CA LYS BA 117 23.30 45.31 122.67
C LYS BA 117 24.24 44.22 123.18
N GLN BA 118 23.74 42.98 123.20
CA GLN BA 118 24.52 41.86 123.71
C GLN BA 118 25.72 41.55 122.81
N ALA BA 119 25.58 41.74 121.50
CA ALA BA 119 26.69 41.49 120.57
C ALA BA 119 27.88 42.41 120.84
N TYR BA 120 27.64 43.59 121.40
CA TYR BA 120 28.74 44.40 121.89
C TYR BA 120 29.01 44.18 123.38
N THR BA 121 28.20 43.37 124.06
CA THR BA 121 28.69 42.91 125.36
C THR BA 121 29.72 41.79 125.24
N GLN BA 122 29.55 40.84 124.30
CA GLN BA 122 30.57 39.80 124.26
C GLN BA 122 31.80 40.19 123.43
N PHE BA 123 31.66 40.15 122.11
CA PHE BA 123 32.80 40.46 121.26
C PHE BA 123 32.66 41.88 120.70
N GLY BA 124 33.57 42.22 119.81
CA GLY BA 124 33.65 43.51 119.18
C GLY BA 124 34.56 44.49 119.91
N GLY BA 125 34.72 44.31 121.22
CA GLY BA 125 35.47 45.17 122.14
C GLY BA 125 35.30 46.65 121.99
N LYS BA 126 34.07 47.13 122.06
CA LYS BA 126 33.77 48.53 121.89
C LYS BA 126 32.99 48.97 123.10
N ARG BA 127 32.75 50.26 123.18
CA ARG BA 127 31.97 50.76 124.28
C ARG BA 127 30.53 50.25 124.16
N PRO BA 128 30.01 49.59 125.18
CA PRO BA 128 28.63 49.07 125.15
C PRO BA 128 27.62 50.21 125.17
N PHE BA 129 26.44 49.92 124.63
CA PHE BA 129 25.39 50.94 124.60
C PHE BA 129 24.90 51.13 126.03
N GLY BA 130 25.37 52.19 126.67
CA GLY BA 130 25.13 52.40 128.09
C GLY BA 130 23.82 53.12 128.35
N VAL BA 131 22.77 52.67 127.67
CA VAL BA 131 21.49 53.36 127.65
C VAL BA 131 20.40 52.36 127.98
N SER BA 132 19.66 52.63 129.04
CA SER BA 132 18.38 51.99 129.25
C SER BA 132 17.28 52.85 128.66
N LEU BA 133 16.19 52.20 128.24
CA LEU BA 133 15.12 52.88 127.54
C LEU BA 133 13.85 52.06 127.68
N LEU BA 134 12.72 52.74 127.53
CA LEU BA 134 11.42 52.15 127.77
C LEU BA 134 10.79 51.61 126.49
N TYR BA 135 9.58 51.08 126.66
CA TYR BA 135 8.76 50.62 125.55
C TYR BA 135 7.29 50.75 125.93
N ILE BA 136 6.50 51.36 125.07
CA ILE BA 136 5.06 51.25 125.10
C ILE BA 136 4.61 50.66 123.78
N GLY BA 137 3.45 50.01 123.80
CA GLY BA 137 2.95 49.46 122.57
C GLY BA 137 1.74 48.58 122.77
N TRP BA 138 1.26 48.08 121.65
CA TRP BA 138 0.02 47.33 121.54
C TRP BA 138 0.22 46.24 120.51
N ASP BA 139 -0.54 45.15 120.64
CA ASP BA 139 -0.38 44.04 119.73
C ASP BA 139 -1.73 43.41 119.48
N LYS BA 140 -1.70 42.21 118.90
CA LYS BA 140 -2.87 41.37 118.79
C LYS BA 140 -2.88 40.25 119.81
N HIS BA 141 -1.84 40.15 120.64
CA HIS BA 141 -1.68 38.97 121.49
C HIS BA 141 -1.72 39.25 122.98
N TYR BA 142 -1.37 40.46 123.42
CA TYR BA 142 -1.46 40.78 124.83
C TYR BA 142 -2.07 42.16 125.10
N GLY BA 143 -2.18 43.02 124.12
CA GLY BA 143 -2.72 44.33 124.38
C GLY BA 143 -1.60 45.29 124.70
N PHE BA 144 -1.83 46.12 125.71
CA PHE BA 144 -0.90 47.18 126.07
C PHE BA 144 0.23 46.60 126.91
N GLN BA 145 1.44 47.07 126.67
CA GLN BA 145 2.64 46.40 127.17
C GLN BA 145 3.66 47.44 127.65
N LEU BA 146 4.61 46.96 128.46
CA LEU BA 146 5.73 47.77 128.90
C LEU BA 146 6.95 46.88 129.07
N TYR BA 147 8.10 47.39 128.64
CA TYR BA 147 9.33 46.63 128.64
C TYR BA 147 10.49 47.54 128.96
N GLN BA 148 11.55 46.95 129.50
CA GLN BA 148 12.71 47.68 130.01
C GLN BA 148 13.98 47.00 129.51
N SER BA 149 14.68 47.65 128.59
CA SER BA 149 15.97 47.10 128.19
C SER BA 149 17.06 47.56 129.15
N ASP BA 150 18.13 46.78 129.18
CA ASP BA 150 19.28 47.02 130.04
C ASP BA 150 20.52 46.78 129.19
N PRO BA 151 21.68 47.33 129.59
CA PRO BA 151 22.90 47.11 128.79
C PRO BA 151 23.37 45.68 128.75
N SER BA 152 22.96 44.84 129.71
CA SER BA 152 23.38 43.45 129.71
C SER BA 152 22.71 42.66 128.59
N GLY BA 153 21.56 43.12 128.10
CA GLY BA 153 20.71 42.34 127.23
C GLY BA 153 19.51 41.72 127.90
N ASN BA 154 19.45 41.74 129.23
CA ASN BA 154 18.24 41.33 129.92
C ASN BA 154 17.14 42.37 129.73
N TYR BA 155 15.91 41.88 129.52
CA TYR BA 155 14.75 42.74 129.51
C TYR BA 155 13.71 42.14 130.44
N GLY BA 156 13.09 42.99 131.26
CA GLY BA 156 11.90 42.63 132.00
C GLY BA 156 10.65 43.24 131.40
N GLY BA 157 9.61 42.43 131.26
CA GLY BA 157 8.31 43.02 130.99
C GLY BA 157 7.76 43.57 132.30
N TRP BA 158 7.72 44.88 132.42
CA TRP BA 158 7.25 45.47 133.66
C TRP BA 158 5.81 45.94 133.50
N LYS BA 159 5.19 46.26 134.63
CA LYS BA 159 3.99 47.07 134.66
C LYS BA 159 4.22 48.43 135.27
N ALA BA 160 5.31 48.60 136.01
CA ALA BA 160 5.77 49.91 136.46
C ALA BA 160 7.28 49.84 136.60
N THR BA 161 7.97 50.68 135.85
CA THR BA 161 9.38 50.48 135.53
C THR BA 161 10.29 51.19 136.53
N CYS BA 162 11.57 51.28 136.18
CA CYS BA 162 12.57 51.85 137.07
C CYS BA 162 13.69 52.49 136.26
N ILE BA 163 14.01 53.75 136.59
CA ILE BA 163 15.20 54.40 136.07
C ILE BA 163 16.02 54.64 137.35
N GLY BA 164 17.16 55.33 137.26
CA GLY BA 164 18.22 55.23 138.24
C GLY BA 164 17.99 55.88 139.60
N ASN BA 165 19.07 56.44 140.17
CA ASN BA 165 19.12 56.87 141.57
C ASN BA 165 18.06 57.93 141.89
N ASN BA 166 17.62 58.68 140.89
CA ASN BA 166 16.53 59.63 141.05
C ASN BA 166 15.17 58.95 141.10
N SER BA 167 15.10 57.65 140.80
CA SER BA 167 13.83 56.96 140.62
C SER BA 167 13.69 55.71 141.47
N ALA BA 168 14.66 55.39 142.33
CA ALA BA 168 14.49 54.29 143.27
C ALA BA 168 13.39 54.62 144.28
N ALA BA 169 13.40 55.86 144.79
CA ALA BA 169 12.30 56.32 145.63
C ALA BA 169 10.99 56.42 144.86
N ALA BA 170 11.06 56.67 143.55
CA ALA BA 170 9.87 56.65 142.72
C ALA BA 170 9.25 55.25 142.68
N VAL BA 171 10.07 54.22 142.52
CA VAL BA 171 9.56 52.85 142.50
C VAL BA 171 9.07 52.45 143.89
N SER BA 172 9.70 52.98 144.95
CA SER BA 172 9.16 52.77 146.29
C SER BA 172 7.77 53.38 146.45
N MET BA 173 7.57 54.56 145.86
CA MET BA 173 6.24 55.15 145.86
C MET BA 173 5.28 54.36 144.98
N LEU BA 174 5.78 53.76 143.90
CA LEU BA 174 4.95 52.91 143.07
C LEU BA 174 4.49 51.66 143.79
N LYS BA 175 5.33 51.11 144.66
CA LYS BA 175 4.91 49.92 145.38
C LYS BA 175 4.03 50.26 146.58
N GLN BA 176 4.36 51.33 147.30
CA GLN BA 176 3.52 51.78 148.41
C GLN BA 176 2.22 52.42 147.94
N ASP BA 177 2.16 52.81 146.68
CA ASP BA 177 0.94 53.31 146.05
C ASP BA 177 0.61 52.44 144.84
N TYR BA 178 0.63 51.12 145.04
CA TYR BA 178 0.27 50.21 143.96
C TYR BA 178 -1.21 50.31 143.63
N LYS BA 179 -1.51 50.25 142.34
CA LYS BA 179 -2.87 50.32 141.85
C LYS BA 179 -3.14 49.09 141.01
N GLU BA 180 -4.40 48.66 141.01
CA GLU BA 180 -4.86 47.58 140.14
C GLU BA 180 -6.36 47.68 139.96
N GLY BA 181 -6.81 47.60 138.71
CA GLY BA 181 -8.23 47.71 138.44
C GLY BA 181 -8.63 49.03 137.85
N GLU BA 182 -8.10 50.12 138.40
CA GLU BA 182 -8.43 51.45 137.90
C GLU BA 182 -7.56 51.72 136.68
N MET BA 183 -8.18 51.64 135.51
CA MET BA 183 -7.47 51.90 134.27
C MET BA 183 -7.71 53.31 133.78
N THR BA 184 -8.43 54.11 134.56
CA THR BA 184 -8.73 55.49 134.21
C THR BA 184 -7.43 56.26 134.12
N LEU BA 185 -7.15 56.76 132.92
CA LEU BA 185 -5.86 57.38 132.60
C LEU BA 185 -5.60 58.61 133.46
N LYS BA 186 -6.66 59.31 133.86
CA LYS BA 186 -6.52 60.53 134.66
C LYS BA 186 -6.04 60.21 136.07
N SER BA 187 -6.46 59.08 136.63
CA SER BA 187 -5.95 58.63 137.92
C SER BA 187 -4.46 58.31 137.82
N ALA BA 188 -4.06 57.68 136.72
CA ALA BA 188 -2.66 57.35 136.53
C ALA BA 188 -1.83 58.60 136.29
N LEU BA 189 -2.42 59.60 135.63
CA LEU BA 189 -1.73 60.87 135.43
C LEU BA 189 -1.56 61.63 136.74
N ALA BA 190 -2.58 61.57 137.61
CA ALA BA 190 -2.46 62.15 138.94
C ALA BA 190 -1.40 61.43 139.77
N LEU BA 191 -1.31 60.10 139.60
CA LEU BA 191 -0.28 59.32 140.28
C LEU BA 191 1.11 59.73 139.80
N ALA BA 192 1.29 59.84 138.49
CA ALA BA 192 2.58 60.25 137.94
C ALA BA 192 2.94 61.67 138.34
N ILE BA 193 1.93 62.54 138.44
CA ILE BA 193 2.14 63.90 138.94
C ILE BA 193 2.64 63.85 140.37
N LYS BA 194 2.09 62.95 141.17
CA LYS BA 194 2.52 62.78 142.55
C LYS BA 194 3.94 62.23 142.64
N VAL BA 195 4.26 61.29 141.76
CA VAL BA 195 5.58 60.66 141.78
C VAL BA 195 6.66 61.66 141.41
N LEU BA 196 6.49 62.36 140.29
CA LEU BA 196 7.46 63.37 139.93
C LEU BA 196 7.40 64.59 140.81
N ASN BA 197 6.29 64.81 141.52
CA ASN BA 197 6.29 65.85 142.54
C ASN BA 197 7.22 65.51 143.69
N LYS BA 198 7.21 64.26 144.15
CA LYS BA 198 8.14 63.93 145.24
C LYS BA 198 9.58 63.85 144.72
N THR BA 199 9.79 63.10 143.64
CA THR BA 199 11.13 62.65 143.27
C THR BA 199 11.97 63.74 142.62
N MET BA 200 11.38 64.52 141.73
CA MET BA 200 12.12 65.60 141.09
C MET BA 200 12.31 66.76 142.07
N ASP BA 201 13.45 67.43 141.92
CA ASP BA 201 13.74 68.62 142.72
C ASP BA 201 13.19 69.88 142.09
N VAL BA 202 12.33 69.75 141.07
CA VAL BA 202 11.69 70.90 140.48
C VAL BA 202 10.70 71.44 141.51
N SER BA 203 10.93 72.67 141.98
CA SER BA 203 10.10 73.21 143.04
C SER BA 203 8.72 73.55 142.48
N LYS BA 204 7.69 72.96 143.10
CA LYS BA 204 6.27 73.14 142.79
C LYS BA 204 5.89 72.70 141.38
N LEU BA 205 6.77 71.92 140.72
CA LEU BA 205 6.51 71.20 139.47
C LEU BA 205 6.09 72.17 138.35
N SER BA 206 7.08 72.94 137.90
CA SER BA 206 6.90 73.71 136.68
C SER BA 206 6.65 72.80 135.49
N ALA BA 207 5.66 73.16 134.66
CA ALA BA 207 5.31 72.26 133.57
C ALA BA 207 6.30 72.30 132.42
N GLU BA 208 7.20 73.28 132.39
CA GLU BA 208 8.19 73.32 131.33
C GLU BA 208 9.27 72.26 131.53
N LYS BA 209 9.38 71.73 132.75
CA LYS BA 209 10.42 70.76 133.12
C LYS BA 209 9.95 69.32 133.01
N VAL BA 210 8.74 69.08 132.50
CA VAL BA 210 8.18 67.75 132.43
C VAL BA 210 7.72 67.47 131.01
N GLU BA 211 7.39 66.21 130.77
CA GLU BA 211 6.93 65.75 129.46
C GLU BA 211 6.13 64.47 129.66
N ILE BA 212 4.95 64.42 129.06
CA ILE BA 212 4.04 63.28 129.20
C ILE BA 212 3.52 62.94 127.82
N ALA BA 213 3.59 61.66 127.47
CA ALA BA 213 3.00 61.14 126.24
C ALA BA 213 2.25 59.86 126.51
N THR BA 214 1.09 59.70 125.86
CA THR BA 214 0.22 58.56 126.10
C THR BA 214 -0.03 57.83 124.77
N LEU BA 215 -0.73 56.71 124.86
CA LEU BA 215 -0.92 55.83 123.70
C LEU BA 215 -2.25 55.12 123.91
N THR BA 216 -3.27 55.53 123.18
CA THR BA 216 -4.60 54.94 123.32
C THR BA 216 -5.03 54.21 122.07
N ARG BA 217 -6.03 53.35 122.23
CA ARG BA 217 -6.60 52.52 121.18
C ARG BA 217 -7.89 53.15 120.70
N GLU BA 218 -7.90 53.69 119.48
CA GLU BA 218 -9.07 54.40 118.98
C GLU BA 218 -9.52 53.72 117.69
N ASN BA 219 -10.54 52.87 117.80
CA ASN BA 219 -11.33 52.32 116.69
C ASN BA 219 -10.60 51.41 115.70
N GLY BA 220 -9.28 51.48 115.64
CA GLY BA 220 -8.52 50.70 114.70
C GLY BA 220 -7.24 51.41 114.33
N LYS BA 221 -6.83 52.36 115.17
CA LYS BA 221 -5.75 53.27 114.81
C LYS BA 221 -4.54 53.15 115.72
N THR BA 222 -4.77 53.10 117.04
CA THR BA 222 -3.76 53.11 118.11
C THR BA 222 -2.87 54.36 117.97
N VAL BA 223 -3.51 55.50 118.18
CA VAL BA 223 -2.83 56.77 118.09
C VAL BA 223 -1.97 57.02 119.32
N ILE BA 224 -0.91 57.78 119.11
CA ILE BA 224 0.04 58.16 120.15
C ILE BA 224 -0.14 59.64 120.43
N ARG BA 225 -0.53 59.96 121.66
CA ARG BA 225 -0.87 61.32 122.04
C ARG BA 225 0.32 61.96 122.75
N VAL BA 226 1.12 62.70 121.99
CA VAL BA 226 2.13 63.57 122.59
C VAL BA 226 1.44 64.87 122.93
N LEU BA 227 0.92 64.96 124.15
CA LEU BA 227 -0.03 66.00 124.47
C LEU BA 227 0.66 67.36 124.70
N LYS BA 228 -0.17 68.41 124.70
CA LYS BA 228 0.27 69.80 124.73
C LYS BA 228 0.45 70.23 126.19
N GLN BA 229 0.58 71.54 126.43
CA GLN BA 229 1.01 72.07 127.71
C GLN BA 229 -0.15 72.48 128.62
N LYS BA 230 -1.29 72.90 128.06
CA LYS BA 230 -2.37 73.46 128.86
C LYS BA 230 -3.02 72.41 129.75
N GLU BA 231 -3.20 71.21 129.21
CA GLU BA 231 -3.74 70.11 130.01
C GLU BA 231 -2.76 69.69 131.10
N VAL BA 232 -1.46 69.85 130.87
CA VAL BA 232 -0.47 69.63 131.93
C VAL BA 232 -0.65 70.67 133.02
N GLU BA 233 -0.88 71.93 132.63
CA GLU BA 233 -1.06 73.00 133.60
C GLU BA 233 -2.28 72.75 134.48
N GLN BA 234 -3.41 72.42 133.88
CA GLN BA 234 -4.59 72.13 134.71
C GLN BA 234 -4.49 70.79 135.45
N LEU BA 235 -3.68 69.85 134.97
CA LEU BA 235 -3.40 68.64 135.76
C LEU BA 235 -2.59 68.98 137.02
N ILE BA 236 -1.64 69.90 136.89
CA ILE BA 236 -0.87 70.34 138.06
C ILE BA 236 -1.75 71.13 139.03
N LYS BA 237 -2.65 71.97 138.50
CA LYS BA 237 -3.59 72.68 139.36
C LYS BA 237 -4.53 71.71 140.08
N LYS BA 238 -4.93 70.63 139.39
CA LYS BA 238 -5.69 69.56 140.02
C LYS BA 238 -4.91 68.89 141.13
N HIS BA 239 -3.62 68.63 140.88
CA HIS BA 239 -2.79 67.95 141.85
C HIS BA 239 -2.50 68.84 143.06
N GLU BA 240 -2.40 70.14 142.85
CA GLU BA 240 -2.18 71.02 144.00
C GLU BA 240 -3.47 71.27 144.76
N GLU BA 241 -4.62 71.15 144.09
CA GLU BA 241 -5.88 71.03 144.81
C GLU BA 241 -5.92 69.73 145.62
N GLU BA 242 -5.33 68.67 145.11
CA GLU BA 242 -5.21 67.45 145.89
C GLU BA 242 -4.21 67.59 147.03
N GLU BA 243 -3.24 68.49 146.91
CA GLU BA 243 -2.39 68.83 148.05
C GLU BA 243 -3.18 69.60 149.11
N ALA BA 244 -4.09 70.47 148.67
CA ALA BA 244 -5.01 71.13 149.61
C ALA BA 244 -5.91 70.09 150.29
N LYS BA 245 -6.32 69.06 149.55
CA LYS BA 245 -7.04 67.95 150.14
C LYS BA 245 -6.17 67.14 151.09
N ALA BA 246 -4.87 67.03 150.81
CA ALA BA 246 -3.95 66.35 151.72
C ALA BA 246 -3.76 67.13 153.02
N GLU BA 247 -3.85 68.46 152.97
CA GLU BA 247 -3.76 69.26 154.18
C GLU BA 247 -5.12 69.68 154.71
N ARG BA 248 -6.20 69.06 154.22
CA ARG BA 248 -7.44 68.97 154.98
C ARG BA 248 -7.33 68.15 156.27
N GLU BA 249 -6.24 67.39 156.47
CA GLU BA 249 -5.93 66.78 157.75
C GLU BA 249 -5.30 67.75 158.76
N LYS BA 250 -5.40 69.06 158.54
CA LYS BA 250 -4.95 70.04 159.51
C LYS BA 250 -6.07 71.03 159.83
N SER CA 1 38.14 40.09 112.55
CA SER CA 1 38.16 39.55 113.91
C SER CA 1 39.18 40.30 114.77
N TYR CA 2 39.38 39.83 116.00
CA TYR CA 2 40.48 40.33 116.84
C TYR CA 2 41.48 39.23 117.13
N ASP CA 3 42.66 39.39 116.56
CA ASP CA 3 43.75 38.45 116.80
C ASP CA 3 44.29 38.54 118.23
N ARG CA 4 43.52 38.18 119.26
CA ARG CA 4 44.19 38.06 120.56
C ARG CA 4 43.63 36.85 121.31
N ALA CA 5 44.47 36.37 122.23
CA ALA CA 5 44.31 35.11 122.97
C ALA CA 5 43.50 35.18 124.25
N ILE CA 6 42.17 35.22 124.15
CA ILE CA 6 41.33 35.42 125.33
C ILE CA 6 41.43 34.22 126.31
N THR CA 7 42.06 33.15 125.83
CA THR CA 7 42.11 31.79 126.34
C THR CA 7 43.38 31.40 127.09
N VAL CA 8 44.44 32.24 127.11
CA VAL CA 8 45.81 31.96 127.60
C VAL CA 8 45.91 30.99 128.77
N PHE CA 9 46.92 30.12 128.75
CA PHE CA 9 47.06 29.29 129.93
C PHE CA 9 47.71 30.05 131.07
N SER CA 10 47.50 29.50 132.25
CA SER CA 10 48.14 29.95 133.46
C SER CA 10 49.58 29.48 133.50
N PRO CA 11 50.40 30.06 134.39
CA PRO CA 11 51.72 29.47 134.63
C PRO CA 11 51.66 28.10 135.30
N ASP CA 12 50.54 27.72 135.91
CA ASP CA 12 50.39 26.41 136.53
C ASP CA 12 49.38 25.50 135.82
N GLY CA 13 48.92 25.85 134.63
CA GLY CA 13 48.15 24.86 133.88
C GLY CA 13 46.64 25.01 134.01
N HIS CA 14 46.15 26.22 134.03
CA HIS CA 14 44.73 26.52 134.10
C HIS CA 14 44.29 27.38 132.93
N LEU CA 15 42.97 27.48 132.84
CA LEU CA 15 42.29 28.47 132.00
C LEU CA 15 41.77 29.51 132.96
N PHE CA 16 42.24 30.75 132.81
CA PHE CA 16 41.83 31.75 133.77
C PHE CA 16 40.35 32.06 133.67
N GLN CA 17 39.83 32.14 132.44
CA GLN CA 17 38.48 32.64 132.24
C GLN CA 17 37.30 31.64 132.16
N VAL CA 18 37.50 30.36 131.79
CA VAL CA 18 36.40 29.38 131.77
C VAL CA 18 35.91 28.94 133.15
N GLU CA 19 36.83 28.54 134.03
CA GLU CA 19 36.48 28.16 135.40
C GLU CA 19 35.89 29.33 136.16
N TYR CA 20 36.29 30.52 135.77
CA TYR CA 20 35.93 31.76 136.39
C TYR CA 20 34.62 32.28 135.84
N ALA CA 21 34.31 31.90 134.60
CA ALA CA 21 33.03 32.18 134.00
C ALA CA 21 31.99 31.20 134.50
N GLN CA 22 32.45 30.11 135.12
CA GLN CA 22 31.55 29.28 135.92
C GLN CA 22 31.08 30.02 137.16
N GLU CA 23 31.83 31.01 137.65
CA GLU CA 23 31.43 31.75 138.85
C GLU CA 23 30.18 32.58 138.58
N ALA CA 24 30.05 33.11 137.35
CA ALA CA 24 28.88 33.87 136.98
C ALA CA 24 27.64 32.99 136.96
N VAL CA 25 27.82 31.72 136.59
CA VAL CA 25 26.76 30.72 136.74
C VAL CA 25 26.49 30.48 138.21
N LYS CA 26 27.55 30.39 139.01
CA LYS CA 26 27.45 30.10 140.44
C LYS CA 26 26.75 31.22 141.20
N LYS CA 27 26.72 32.42 140.64
CA LYS CA 27 26.06 33.57 141.24
C LYS CA 27 24.82 33.97 140.43
N GLY CA 28 24.07 32.96 140.00
CA GLY CA 28 22.81 33.19 139.33
C GLY CA 28 21.68 32.52 140.07
N SER CA 29 20.50 32.45 139.46
CA SER CA 29 19.36 31.83 140.12
C SER CA 29 19.50 30.31 140.14
N THR CA 30 18.80 29.70 141.08
CA THR CA 30 18.86 28.26 141.28
C THR CA 30 17.81 27.58 140.42
N ALA CA 31 18.13 26.40 139.92
CA ALA CA 31 17.15 25.59 139.20
C ALA CA 31 17.51 24.11 139.30
N VAL CA 32 16.52 23.28 139.65
CA VAL CA 32 16.74 21.85 139.77
C VAL CA 32 15.91 21.11 138.72
N GLY CA 33 16.18 19.82 138.61
CA GLY CA 33 15.46 18.93 137.72
C GLY CA 33 15.75 17.46 137.99
N VAL CA 34 14.72 16.63 138.03
CA VAL CA 34 14.91 15.20 138.19
C VAL CA 34 14.20 14.51 137.03
N ARG CA 35 14.49 13.22 136.87
CA ARG CA 35 13.66 12.39 136.01
C ARG CA 35 12.98 11.36 136.89
N GLY CA 36 11.66 11.26 136.75
CA GLY CA 36 10.92 10.08 137.09
C GLY CA 36 11.01 9.06 135.98
N ARG CA 37 10.27 7.98 136.15
CA ARG CA 37 10.34 6.90 135.17
C ARG CA 37 9.46 7.20 133.96
N ASP CA 38 8.36 7.92 134.16
CA ASP CA 38 7.49 8.32 133.06
C ASP CA 38 7.29 9.83 132.96
N ILE CA 39 7.39 10.56 134.06
CA ILE CA 39 7.23 12.00 134.05
C ILE CA 39 8.54 12.65 134.48
N VAL CA 40 8.97 13.64 133.74
CA VAL CA 40 10.17 14.41 134.05
C VAL CA 40 9.71 15.72 134.66
N VAL CA 41 10.55 16.28 135.52
CA VAL CA 41 10.14 17.48 136.25
C VAL CA 41 11.36 18.36 136.47
N LEU CA 42 11.15 19.67 136.37
CA LEU CA 42 12.15 20.67 136.68
C LEU CA 42 11.45 21.98 136.99
N GLY CA 43 12.25 22.95 137.40
CA GLY CA 43 11.71 24.26 137.70
C GLY CA 43 12.82 25.14 138.24
N VAL CA 44 12.57 26.44 138.20
CA VAL CA 44 13.54 27.42 138.62
C VAL CA 44 12.98 28.08 139.87
N GLU CA 45 13.86 28.61 140.71
CA GLU CA 45 13.39 29.43 141.81
C GLU CA 45 13.71 30.90 141.53
N LYS CA 46 13.34 31.75 142.48
CA LYS CA 46 13.66 33.17 142.54
C LYS CA 46 13.14 33.92 141.31
N LYS CA 47 11.82 33.90 141.15
CA LYS CA 47 11.19 34.78 140.16
C LYS CA 47 11.44 36.24 140.49
N SER CA 48 11.39 36.57 141.78
CA SER CA 48 11.76 37.87 142.38
C SER CA 48 10.99 39.01 141.74
N VAL CA 49 9.68 38.78 141.68
CA VAL CA 49 8.62 39.63 141.12
C VAL CA 49 8.38 40.80 142.06
N ALA CA 50 8.32 42.02 141.52
CA ALA CA 50 8.07 43.13 142.44
C ALA CA 50 6.57 43.34 142.68
N LYS CA 51 5.77 42.26 142.56
CA LYS CA 51 4.41 42.03 143.04
C LYS CA 51 3.36 42.86 142.33
N LEU CA 52 3.76 43.63 141.32
CA LEU CA 52 2.91 44.65 140.74
C LEU CA 52 3.22 44.85 139.26
N GLN CA 53 3.84 43.87 138.60
CA GLN CA 53 4.29 44.00 137.22
C GLN CA 53 3.94 42.70 136.49
N ASP CA 54 4.37 42.57 135.24
CA ASP CA 54 4.27 41.25 134.62
C ASP CA 54 5.56 40.45 134.69
N GLU CA 55 5.38 39.14 134.57
CA GLU CA 55 6.44 38.14 134.56
C GLU CA 55 6.33 37.09 133.45
N ARG CA 56 5.39 37.22 132.50
CA ARG CA 56 5.27 36.18 131.49
C ARG CA 56 6.38 36.22 130.44
N THR CA 57 7.22 37.25 130.45
CA THR CA 57 8.28 37.34 129.47
C THR CA 57 9.62 36.92 130.04
N VAL CA 58 9.72 36.77 131.35
CA VAL CA 58 10.98 36.50 132.02
C VAL CA 58 11.12 34.99 132.27
N ARG CA 59 10.32 34.19 131.58
CA ARG CA 59 10.22 32.76 131.82
C ARG CA 59 11.53 32.08 131.43
N LYS CA 60 12.16 31.42 132.39
CA LYS CA 60 13.46 30.81 132.15
C LYS CA 60 13.35 29.41 131.60
N ILE CA 61 12.15 28.85 131.52
CA ILE CA 61 11.93 27.52 130.99
C ILE CA 61 11.13 27.65 129.71
N CYS CA 62 11.74 27.25 128.59
CA CYS CA 62 11.06 27.23 127.31
C CYS CA 62 11.35 25.91 126.62
N ALA CA 63 10.96 25.78 125.36
CA ALA CA 63 11.16 24.53 124.64
C ALA CA 63 11.67 24.83 123.25
N LEU CA 64 12.37 23.84 122.69
CA LEU CA 64 12.89 23.92 121.34
C LEU CA 64 12.09 23.06 120.39
N ASP CA 65 11.60 21.93 120.88
CA ASP CA 65 10.85 20.97 120.11
C ASP CA 65 9.62 20.62 120.94
N ASP CA 66 8.79 19.71 120.44
CA ASP CA 66 7.71 19.16 121.26
C ASP CA 66 8.20 18.09 122.22
N ASN CA 67 9.47 17.71 122.17
CA ASN CA 67 9.98 16.66 123.03
C ASN CA 67 10.94 17.16 124.09
N VAL CA 68 11.56 18.31 123.89
CA VAL CA 68 12.69 18.70 124.71
C VAL CA 68 12.33 20.00 125.42
N CYS CA 69 13.02 20.23 126.55
CA CYS CA 69 12.77 21.38 127.39
C CYS CA 69 14.10 21.98 127.78
N MET CA 70 14.06 23.25 128.16
CA MET CA 70 15.23 24.00 128.52
C MET CA 70 15.21 24.41 129.98
N ALA CA 71 16.37 24.85 130.44
CA ALA CA 71 16.58 25.55 131.70
C ALA CA 71 17.96 26.16 131.60
N PHE CA 72 18.23 27.13 132.45
CA PHE CA 72 19.55 27.75 132.54
C PHE CA 72 19.70 28.42 133.90
N ALA CA 73 20.87 29.03 134.08
CA ALA CA 73 21.14 29.93 135.18
C ALA CA 73 22.09 31.00 134.65
N GLY CA 74 22.70 31.76 135.56
CA GLY CA 74 23.60 32.80 135.10
C GLY CA 74 22.83 33.99 134.54
N LEU CA 75 23.42 34.65 133.56
CA LEU CA 75 22.74 35.75 132.90
C LEU CA 75 21.94 35.23 131.71
N THR CA 76 20.86 35.94 131.42
CA THR CA 76 19.80 35.45 130.55
C THR CA 76 20.04 35.67 129.06
N ALA CA 77 20.88 36.64 128.69
CA ALA CA 77 21.08 36.97 127.28
C ALA CA 77 21.82 35.86 126.53
N ASP CA 78 22.86 35.30 127.14
CA ASP CA 78 23.56 34.18 126.51
C ASP CA 78 22.65 32.98 126.37
N ALA CA 79 21.76 32.79 127.32
CA ALA CA 79 20.73 31.77 127.21
C ALA CA 79 19.80 32.05 126.04
N ARG CA 80 19.47 33.33 125.83
CA ARG CA 80 18.59 33.69 124.72
C ARG CA 80 19.23 33.39 123.37
N ILE CA 81 20.51 33.70 123.23
CA ILE CA 81 21.22 33.40 121.99
C ILE CA 81 21.31 31.90 121.77
N VAL CA 82 21.69 31.16 122.82
CA VAL CA 82 21.85 29.71 122.70
C VAL CA 82 20.51 29.04 122.38
N ILE CA 83 19.42 29.56 122.95
CA ILE CA 83 18.10 29.01 122.68
C ILE CA 83 17.68 29.33 121.23
N ASN CA 84 17.95 30.55 120.76
CA ASN CA 84 17.63 30.89 119.37
C ASN CA 84 18.37 30.00 118.38
N ARG CA 85 19.66 29.77 118.63
CA ARG CA 85 20.44 28.92 117.76
C ARG CA 85 20.04 27.47 117.91
N ALA CA 86 19.59 27.09 119.10
CA ALA CA 86 19.18 25.73 119.35
C ALA CA 86 17.86 25.42 118.65
N ARG CA 87 16.93 26.38 118.64
CA ARG CA 87 15.70 26.24 117.86
C ARG CA 87 16.03 26.06 116.39
N VAL CA 88 16.93 26.90 115.88
CA VAL CA 88 17.38 26.79 114.50
C VAL CA 88 17.99 25.42 114.23
N GLU CA 89 18.81 24.94 115.17
CA GLU CA 89 19.50 23.67 114.99
C GLU CA 89 18.55 22.50 115.03
N CYS CA 90 17.59 22.50 115.96
CA CYS CA 90 16.64 21.40 116.03
C CYS CA 90 15.75 21.37 114.79
N GLN CA 91 15.40 22.54 114.28
CA GLN CA 91 14.60 22.56 113.06
C GLN CA 91 15.42 22.16 111.83
N SER CA 92 16.70 22.53 111.81
CA SER CA 92 17.55 22.10 110.71
C SER CA 92 17.84 20.61 110.78
N HIS CA 93 17.88 20.04 112.00
CA HIS CA 93 17.92 18.59 112.13
C HIS CA 93 16.64 17.96 111.60
N ARG CA 94 15.50 18.56 111.92
CA ARG CA 94 14.22 18.11 111.36
C ARG CA 94 14.16 18.22 109.83
N LEU CA 95 14.94 19.14 109.25
CA LEU CA 95 14.97 19.27 107.79
C LEU CA 95 15.52 18.03 107.09
N THR CA 96 16.70 17.57 107.49
CA THR CA 96 17.23 16.38 106.83
C THR CA 96 16.67 15.14 107.47
N VAL CA 97 17.09 14.87 108.69
CA VAL CA 97 16.66 13.66 109.39
C VAL CA 97 15.20 13.85 109.80
N GLU CA 98 14.37 12.86 109.47
CA GLU CA 98 12.94 12.97 109.69
C GLU CA 98 12.52 12.44 111.06
N ASP CA 99 13.45 12.28 111.99
CA ASP CA 99 13.08 11.82 113.32
C ASP CA 99 12.58 12.96 114.18
N PRO CA 100 11.92 12.65 115.30
CA PRO CA 100 11.99 13.58 116.43
C PRO CA 100 13.41 13.66 116.95
N VAL CA 101 13.81 14.87 117.35
CA VAL CA 101 15.20 15.15 117.64
C VAL CA 101 15.65 14.45 118.93
N THR CA 102 16.73 13.70 118.84
CA THR CA 102 17.31 13.08 120.04
C THR CA 102 17.97 14.14 120.92
N VAL CA 103 17.90 13.93 122.24
CA VAL CA 103 18.44 14.91 123.18
C VAL CA 103 19.96 14.97 123.08
N GLU CA 104 20.59 13.85 122.73
CA GLU CA 104 22.03 13.74 122.69
C GLU CA 104 22.61 14.56 121.55
N TYR CA 105 21.86 14.63 120.44
CA TYR CA 105 22.31 15.42 119.30
C TYR CA 105 22.31 16.91 119.61
N ILE CA 106 21.26 17.40 120.25
CA ILE CA 106 21.16 18.83 120.47
C ILE CA 106 22.11 19.25 121.59
N THR CA 107 22.39 18.34 122.53
CA THR CA 107 23.38 18.65 123.55
C THR CA 107 24.79 18.65 122.97
N ARG CA 108 25.09 17.71 122.05
CA ARG CA 108 26.38 17.77 121.37
C ARG CA 108 26.53 19.05 120.56
N TYR CA 109 25.44 19.53 119.95
CA TYR CA 109 25.54 20.80 119.22
C TYR CA 109 25.81 21.96 120.15
N ILE CA 110 25.10 22.01 121.28
CA ILE CA 110 25.26 23.11 122.22
C ILE CA 110 26.67 23.12 122.82
N ALA CA 111 27.15 21.93 123.22
CA ALA CA 111 28.47 21.83 123.80
C ALA CA 111 29.56 22.08 122.77
N SER CA 112 29.33 21.69 121.52
CA SER CA 112 30.31 21.90 120.47
C SER CA 112 30.39 23.37 120.11
N LEU CA 113 29.23 24.02 119.99
CA LEU CA 113 29.18 25.46 119.77
C LEU CA 113 29.85 26.20 120.91
N LYS CA 114 29.63 25.76 122.16
CA LYS CA 114 30.22 26.47 123.29
C LYS CA 114 31.73 26.34 123.28
N GLN CA 115 32.27 25.18 122.89
CA GLN CA 115 33.72 25.05 122.94
C GLN CA 115 34.38 25.75 121.77
N ARG CA 116 33.85 25.58 120.56
CA ARG CA 116 34.43 26.36 119.46
C ARG CA 116 34.12 27.85 119.56
N TYR CA 117 33.15 28.26 120.39
CA TYR CA 117 32.98 29.67 120.67
C TYR CA 117 34.00 30.18 121.66
N THR CA 118 34.35 29.37 122.65
CA THR CA 118 35.35 29.80 123.61
C THR CA 118 36.74 29.76 123.01
N GLN CA 119 36.95 28.88 122.03
CA GLN CA 119 38.28 28.72 121.45
C GLN CA 119 38.68 29.91 120.59
N SER CA 120 37.71 30.58 119.98
CA SER CA 120 38.01 31.47 118.87
C SER CA 120 38.61 32.81 119.33
N ASN CA 121 38.82 33.67 118.35
CA ASN CA 121 39.58 34.90 118.49
C ASN CA 121 38.67 36.02 118.96
N GLY CA 122 38.69 36.28 120.27
CA GLY CA 122 38.07 37.48 120.79
C GLY CA 122 36.56 37.40 120.82
N ARG CA 123 36.03 36.44 121.56
CA ARG CA 123 34.59 36.31 121.75
C ARG CA 123 34.36 35.89 123.19
N ARG CA 124 33.54 36.63 123.91
CA ARG CA 124 33.35 36.38 125.33
C ARG CA 124 32.58 35.08 125.53
N PRO CA 125 33.02 34.20 126.42
CA PRO CA 125 32.31 32.93 126.64
C PRO CA 125 30.93 33.13 127.24
N PHE CA 126 30.03 32.21 126.88
CA PHE CA 126 28.65 32.26 127.33
C PHE CA 126 28.58 31.90 128.81
N GLY CA 127 28.19 32.86 129.64
CA GLY CA 127 28.13 32.57 131.06
C GLY CA 127 26.82 31.97 131.51
N ILE CA 128 26.48 30.81 130.94
CA ILE CA 128 25.31 30.05 131.32
C ILE CA 128 25.72 28.62 131.61
N SER CA 129 24.74 27.83 132.04
CA SER CA 129 24.87 26.38 132.17
C SER CA 129 23.46 25.83 132.04
N ALA CA 130 23.20 25.12 130.96
CA ALA CA 130 21.85 24.72 130.63
C ALA CA 130 21.51 23.34 131.19
N LEU CA 131 20.21 23.08 131.26
CA LEU CA 131 19.65 21.78 131.58
C LEU CA 131 18.71 21.37 130.46
N ILE CA 132 18.97 20.20 129.88
CA ILE CA 132 18.34 19.80 128.64
C ILE CA 132 17.63 18.48 128.92
N VAL CA 133 16.32 18.53 129.11
CA VAL CA 133 15.55 17.38 129.57
C VAL CA 133 14.61 16.96 128.45
N GLY CA 134 14.62 15.67 128.14
CA GLY CA 134 13.77 15.12 127.12
C GLY CA 134 13.72 13.61 127.19
N PHE CA 135 12.73 13.04 126.52
CA PHE CA 135 12.49 11.60 126.52
C PHE CA 135 11.99 11.27 125.12
N ASP CA 136 12.87 10.68 124.30
CA ASP CA 136 12.51 10.40 122.92
C ASP CA 136 12.49 8.92 122.60
N PHE CA 137 13.61 8.21 122.79
CA PHE CA 137 13.73 6.85 122.28
C PHE CA 137 13.00 5.91 123.22
N ASP CA 138 11.84 5.45 122.76
CA ASP CA 138 10.92 4.57 123.50
C ASP CA 138 10.48 5.21 124.82
N GLY CA 139 10.41 6.54 124.84
CA GLY CA 139 10.06 7.27 126.05
C GLY CA 139 11.02 7.12 127.21
N THR CA 140 12.32 7.10 126.93
CA THR CA 140 13.30 6.87 127.97
C THR CA 140 13.72 8.23 128.51
N PRO CA 141 13.47 8.54 129.77
CA PRO CA 141 13.75 9.90 130.28
C PRO CA 141 15.25 10.16 130.43
N ARG CA 142 15.67 11.30 129.92
CA ARG CA 142 17.06 11.73 129.98
C ARG CA 142 17.10 13.19 130.38
N LEU CA 143 18.18 13.57 131.06
CA LEU CA 143 18.43 14.97 131.34
C LEU CA 143 19.93 15.17 131.35
N TYR CA 144 20.38 16.19 130.64
CA TYR CA 144 21.80 16.46 130.53
C TYR CA 144 22.04 17.88 131.05
N GLN CA 145 23.26 18.14 131.48
CA GLN CA 145 23.67 19.48 131.87
C GLN CA 145 24.85 19.91 131.02
N THR CA 146 25.11 21.20 131.05
CA THR CA 146 26.21 21.80 130.33
C THR CA 146 27.19 22.41 131.31
N ASP CA 147 28.13 23.16 130.74
CA ASP CA 147 29.19 23.82 131.47
C ASP CA 147 29.71 24.90 130.54
N PRO CA 148 30.24 26.01 131.06
CA PRO CA 148 30.88 27.01 130.20
C PRO CA 148 32.03 26.46 129.36
N SER CA 149 32.68 25.38 129.81
CA SER CA 149 33.61 24.69 128.94
C SER CA 149 32.90 24.03 127.77
N GLY CA 150 31.70 23.49 128.00
CA GLY CA 150 31.05 22.83 126.89
C GLY CA 150 31.09 21.33 127.02
N THR CA 151 30.86 20.85 128.23
CA THR CA 151 30.92 19.44 128.56
C THR CA 151 29.52 18.98 128.91
N TYR CA 152 28.86 18.34 127.95
CA TYR CA 152 27.59 17.69 128.24
C TYR CA 152 27.82 16.50 129.14
N HIS CA 153 26.94 16.30 130.11
CA HIS CA 153 27.29 15.45 131.24
C HIS CA 153 25.99 14.92 131.84
N ALA CA 154 25.65 13.68 131.50
CA ALA CA 154 24.33 13.14 131.79
C ALA CA 154 24.20 12.75 133.25
N TRP CA 155 23.11 13.16 133.88
CA TRP CA 155 22.81 12.87 135.27
C TRP CA 155 21.44 12.21 135.36
N LYS CA 156 20.99 11.98 136.59
CA LYS CA 156 19.62 11.59 136.90
C LYS CA 156 18.86 12.62 137.69
N ALA CA 157 19.57 13.44 138.46
CA ALA CA 157 19.04 14.65 139.08
C ALA CA 157 20.14 15.69 139.08
N ASN CA 158 19.78 16.93 139.39
CA ASN CA 158 20.71 18.02 139.14
C ASN CA 158 20.35 19.18 140.07
N ALA CA 159 21.36 20.00 140.36
CA ALA CA 159 21.19 21.24 141.12
C ALA CA 159 22.27 22.21 140.68
N ILE CA 160 21.87 23.39 140.24
CA ILE CA 160 22.79 24.45 139.84
C ILE CA 160 22.41 25.75 140.52
N GLY CA 161 23.13 26.81 140.13
CA GLY CA 161 22.86 28.14 140.66
C GLY CA 161 23.45 28.35 142.05
N ARG CA 162 22.81 29.25 142.79
CA ARG CA 162 23.31 29.65 144.09
C ARG CA 162 23.11 28.54 145.12
N GLY CA 163 24.19 28.18 145.81
CA GLY CA 163 24.10 27.20 146.88
C GLY CA 163 23.74 25.80 146.45
N ALA CA 164 24.18 25.37 145.26
CA ALA CA 164 23.80 24.07 144.73
C ALA CA 164 24.37 22.93 145.56
N LYS CA 165 25.45 23.18 146.30
CA LYS CA 165 26.00 22.19 147.22
C LYS CA 165 24.99 21.86 148.31
N SER CA 166 24.31 22.88 148.84
CA SER CA 166 23.28 22.70 149.87
C SER CA 166 22.09 21.93 149.28
N VAL CA 167 21.75 22.26 148.04
CA VAL CA 167 20.60 21.65 147.39
C VAL CA 167 20.91 20.18 147.14
N ARG CA 168 22.14 19.90 146.72
CA ARG CA 168 22.58 18.52 146.53
C ARG CA 168 22.70 17.80 147.88
N GLU CA 169 22.98 18.54 148.96
CA GLU CA 169 22.95 17.94 150.28
C GLU CA 169 21.54 17.53 150.69
N PHE CA 170 20.53 18.26 150.23
CA PHE CA 170 19.14 17.84 150.44
C PHE CA 170 18.84 16.65 149.52
N LEU CA 171 19.41 16.72 148.31
CA LEU CA 171 19.30 15.66 147.33
C LEU CA 171 19.97 14.38 147.83
N GLU CA 172 20.93 14.51 148.75
CA GLU CA 172 21.58 13.35 149.37
C GLU CA 172 20.56 12.52 150.13
N LYS CA 173 19.77 13.18 150.97
CA LYS CA 173 18.68 12.54 151.72
C LYS CA 173 17.44 12.35 150.84
N ASN CA 174 17.58 12.63 149.54
CA ASN CA 174 16.58 12.44 148.50
C ASN CA 174 17.01 11.42 147.43
N TYR CA 175 18.23 10.87 147.49
CA TYR CA 175 18.67 9.82 146.55
C TYR CA 175 18.22 8.39 146.84
N THR CA 176 17.04 8.22 147.43
CA THR CA 176 16.50 6.88 147.55
C THR CA 176 15.64 6.56 146.33
N ASP CA 177 15.76 5.31 145.87
CA ASP CA 177 15.05 4.87 144.66
C ASP CA 177 13.55 4.93 144.86
N GLU CA 181 8.02 6.83 144.13
CA GLU CA 181 7.98 7.48 142.84
C GLU CA 181 6.60 7.67 142.21
N THR CA 182 5.82 8.53 142.84
CA THR CA 182 4.49 8.93 142.41
C THR CA 182 4.71 10.21 141.62
N ASP CA 183 3.70 10.64 140.87
CA ASP CA 183 3.93 11.88 140.15
C ASP CA 183 3.87 13.06 141.10
N ASP CA 184 2.86 13.05 141.96
CA ASP CA 184 2.68 14.14 142.91
C ASP CA 184 3.77 14.13 143.98
N LEU CA 185 4.18 12.95 144.46
CA LEU CA 185 5.20 12.93 145.50
C LEU CA 185 6.57 13.30 144.96
N THR CA 186 6.93 12.88 143.74
CA THR CA 186 8.21 13.30 143.19
C THR CA 186 8.24 14.79 142.86
N ILE CA 187 7.16 15.31 142.27
CA ILE CA 187 7.06 16.75 142.00
C ILE CA 187 7.09 17.56 143.29
N LYS CA 188 6.32 17.15 144.30
CA LYS CA 188 6.30 17.86 145.57
C LYS CA 188 7.63 17.73 146.31
N LEU CA 189 8.36 16.63 146.08
CA LEU CA 189 9.66 16.47 146.69
C LEU CA 189 10.68 17.40 146.03
N VAL CA 190 10.57 17.60 144.72
CA VAL CA 190 11.34 18.63 144.01
C VAL CA 190 10.96 20.00 144.56
N ILE CA 191 9.67 20.19 144.83
CA ILE CA 191 9.16 21.43 145.41
C ILE CA 191 9.76 21.63 146.78
N LYS CA 192 9.96 20.53 147.52
CA LYS CA 192 10.57 20.58 148.85
C LYS CA 192 12.05 20.90 148.74
N ALA CA 193 12.68 20.50 147.63
CA ALA CA 193 14.08 20.86 147.40
C ALA CA 193 14.18 22.36 147.16
N LEU CA 194 13.24 22.90 146.38
CA LEU CA 194 13.17 24.33 146.10
C LEU CA 194 12.71 25.08 147.35
N LEU CA 195 12.00 24.40 148.23
CA LEU CA 195 11.67 24.83 149.57
C LEU CA 195 12.91 24.83 150.47
N GLU CA 196 13.91 24.03 150.16
CA GLU CA 196 15.15 24.06 150.92
C GLU CA 196 16.10 25.16 150.47
N VAL CA 197 15.63 26.10 149.65
CA VAL CA 197 16.38 27.25 149.12
C VAL CA 197 16.71 28.22 150.23
N VAL CA 198 17.55 29.22 149.91
CA VAL CA 198 18.05 30.22 150.84
C VAL CA 198 16.94 31.11 151.40
N GLN CA 199 15.83 31.29 150.67
CA GLN CA 199 14.76 32.12 151.19
C GLN CA 199 13.45 31.37 151.36
N SER CA 200 13.00 30.60 150.36
CA SER CA 200 11.77 29.81 150.39
C SER CA 200 10.53 30.63 150.77
N GLY CA 201 10.28 31.69 149.99
CA GLY CA 201 9.12 32.54 150.25
C GLY CA 201 7.77 31.90 150.02
N GLY CA 202 7.68 30.82 149.23
CA GLY CA 202 6.42 30.12 149.06
C GLY CA 202 5.62 30.50 147.83
N LYS CA 203 5.79 31.72 147.32
CA LYS CA 203 5.10 32.18 146.13
C LYS CA 203 5.99 32.37 144.91
N ASN CA 204 7.31 32.37 145.08
CA ASN CA 204 8.24 32.53 143.97
C ASN CA 204 8.64 31.22 143.32
N ILE CA 205 7.88 30.15 143.54
CA ILE CA 205 8.21 28.84 143.01
C ILE CA 205 7.53 28.66 141.67
N GLU CA 206 8.32 28.28 140.65
CA GLU CA 206 7.82 28.10 139.29
C GLU CA 206 8.36 26.78 138.76
N LEU CA 207 7.44 25.86 138.43
CA LEU CA 207 7.82 24.51 138.03
C LEU CA 207 7.00 24.08 136.82
N ALA CA 208 7.64 23.34 135.91
CA ALA CA 208 6.97 22.82 134.73
C ALA CA 208 7.46 21.41 134.45
N VAL CA 209 6.53 20.55 134.02
CA VAL CA 209 6.78 19.12 133.89
C VAL CA 209 6.42 18.70 132.47
N MET CA 210 6.79 17.48 132.14
CA MET CA 210 6.40 16.85 130.88
C MET CA 210 6.24 15.37 131.13
N ARG CA 211 5.12 14.80 130.71
CA ARG CA 211 4.82 13.40 130.96
C ARG CA 211 5.21 12.50 129.79
N ARG CA 212 6.24 12.89 129.03
CA ARG CA 212 6.94 12.13 127.99
C ARG CA 212 6.08 11.84 126.76
N ASP CA 213 4.82 12.24 126.74
CA ASP CA 213 3.99 12.20 125.55
C ASP CA 213 3.28 13.51 125.29
N GLN CA 214 3.04 14.31 126.31
CA GLN CA 214 2.31 15.56 126.20
C GLN CA 214 3.27 16.69 125.86
N SER CA 215 2.79 17.92 125.99
CA SER CA 215 3.60 19.12 125.87
C SER CA 215 3.76 19.73 127.26
N LEU CA 216 4.35 20.92 127.30
CA LEU CA 216 4.67 21.54 128.58
C LEU CA 216 3.42 22.02 129.27
N LYS CA 217 3.36 21.77 130.58
CA LYS CA 217 2.23 22.15 131.41
C LYS CA 217 2.74 23.15 132.44
N ILE CA 218 2.21 24.36 132.41
CA ILE CA 218 2.53 25.36 133.40
C ILE CA 218 1.52 25.23 134.52
N LEU CA 219 2.01 25.11 135.75
CA LEU CA 219 1.12 24.75 136.86
C LEU CA 219 0.42 25.99 137.39
N ASN CA 220 -0.27 25.81 138.51
CA ASN CA 220 -1.08 26.85 139.12
C ASN CA 220 -0.76 26.83 140.61
N PRO CA 221 -0.43 27.97 141.22
CA PRO CA 221 0.09 27.97 142.59
C PRO CA 221 -0.98 27.77 143.67
N GLU CA 222 -1.84 26.79 143.46
CA GLU CA 222 -2.71 26.22 144.47
C GLU CA 222 -2.47 24.74 144.66
N GLU CA 223 -2.19 24.03 143.57
CA GLU CA 223 -1.75 22.64 143.66
C GLU CA 223 -0.41 22.56 144.41
N ILE CA 224 0.48 23.52 144.15
CA ILE CA 224 1.75 23.60 144.87
C ILE CA 224 1.52 23.95 146.33
N GLU CA 225 0.45 24.71 146.61
CA GLU CA 225 0.13 25.05 147.99
C GLU CA 225 -0.34 23.82 148.74
N LYS CA 226 -1.16 22.98 148.10
CA LYS CA 226 -1.57 21.72 148.71
C LYS CA 226 -0.41 20.75 148.80
N TYR CA 227 0.54 20.81 147.86
CA TYR CA 227 1.75 20.02 147.95
C TYR CA 227 2.59 20.44 149.16
N VAL CA 228 2.76 21.75 149.36
CA VAL CA 228 3.47 22.25 150.53
C VAL CA 228 2.73 21.94 151.82
N ALA CA 229 1.40 21.94 151.79
CA ALA CA 229 0.61 21.64 152.98
C ALA CA 229 0.74 20.18 153.38
N GLU CA 230 0.76 19.28 152.40
CA GLU CA 230 0.91 17.87 152.71
C GLU CA 230 2.35 17.51 153.02
N ILE CA 231 3.31 18.29 152.50
CA ILE CA 231 4.70 18.15 152.93
C ILE CA 231 4.82 18.54 154.40
N GLU CA 232 4.13 19.62 154.80
CA GLU CA 232 4.10 20.01 156.19
C GLU CA 232 3.34 18.99 157.04
N LYS CA 233 2.35 18.33 156.44
CA LYS CA 233 1.62 17.28 157.13
C LYS CA 233 2.49 16.05 157.39
N GLU CA 234 3.31 15.65 156.41
CA GLU CA 234 4.24 14.55 156.62
C GLU CA 234 5.34 14.93 157.60
N LYS CA 235 5.75 16.19 157.62
CA LYS CA 235 6.72 16.65 158.61
C LYS CA 235 6.15 16.63 160.02
N GLU CA 236 4.85 16.88 160.17
CA GLU CA 236 4.19 16.74 161.47
C GLU CA 236 4.05 15.27 161.88
N GLU CA 237 3.82 14.39 160.91
CA GLU CA 237 3.75 12.95 161.21
C GLU CA 237 5.09 12.38 161.65
N ASN CA 238 6.21 13.06 161.33
CA ASN CA 238 7.50 12.71 161.89
C ASN CA 238 7.53 12.92 163.40
N GLU CA 239 6.76 13.87 163.91
CA GLU CA 239 6.63 14.08 165.34
C GLU CA 239 5.45 13.30 165.92
N TYR DA 1 51.59 40.20 129.41
CA TYR DA 1 50.86 39.45 130.42
C TYR DA 1 51.67 38.27 130.96
N ASP DA 2 52.90 38.58 131.38
CA ASP DA 2 53.97 37.61 131.63
C ASP DA 2 54.17 36.64 130.46
N ARG DA 3 54.59 37.25 129.33
CA ARG DA 3 54.94 36.64 128.02
C ARG DA 3 53.69 36.15 127.26
N GLY DA 4 53.59 36.55 126.00
CA GLY DA 4 52.48 36.13 125.12
C GLY DA 4 52.71 34.73 124.57
N VAL DA 5 51.69 34.14 123.95
CA VAL DA 5 51.84 32.77 123.38
C VAL DA 5 52.78 32.85 122.17
N ASN DA 6 53.81 33.71 122.22
CA ASN DA 6 54.71 33.79 121.08
C ASN DA 6 56.12 34.16 121.51
N THR DA 7 56.65 33.51 122.53
CA THR DA 7 57.97 33.88 123.02
C THR DA 7 58.67 32.65 123.56
N PHE DA 8 59.96 32.51 123.22
CA PHE DA 8 60.79 31.46 123.78
C PHE DA 8 61.20 31.80 125.21
N SER DA 9 62.07 31.02 125.75
CA SER DA 9 62.70 31.22 127.03
C SER DA 9 64.10 31.78 126.82
N PRO DA 10 64.68 32.41 127.85
CA PRO DA 10 66.11 32.75 127.77
C PRO DA 10 66.99 31.52 127.66
N GLU DA 11 66.62 30.43 128.31
CA GLU DA 11 67.44 29.23 128.24
C GLU DA 11 66.84 28.14 127.35
N GLY DA 12 65.52 28.02 127.28
CA GLY DA 12 64.93 26.83 126.71
C GLY DA 12 63.84 27.10 125.69
N ARG DA 13 62.78 26.30 125.81
CA ARG DA 13 61.64 26.21 124.90
C ARG DA 13 60.59 27.28 125.13
N LEU DA 14 59.38 27.02 124.63
CA LEU DA 14 58.23 27.96 124.79
C LEU DA 14 57.64 27.78 126.20
N PHE DA 15 56.86 28.75 126.68
CA PHE DA 15 56.27 28.67 128.04
C PHE DA 15 54.82 28.16 127.97
N GLN DA 16 54.21 28.25 126.78
CA GLN DA 16 52.79 27.80 126.60
C GLN DA 16 52.76 26.28 126.40
N VAL DA 17 53.74 25.74 125.67
CA VAL DA 17 53.82 24.31 125.39
C VAL DA 17 54.27 23.57 126.65
N GLU DA 18 55.25 24.14 127.37
CA GLU DA 18 55.65 23.61 128.66
C GLU DA 18 54.49 23.61 129.64
N TYR DA 19 53.64 24.65 129.58
CA TYR DA 19 52.49 24.71 130.48
C TYR DA 19 51.42 23.73 130.06
N ALA DA 20 51.37 23.37 128.79
CA ALA DA 20 50.45 22.33 128.34
C ALA DA 20 50.92 20.96 128.82
N ILE DA 21 52.23 20.73 128.79
CA ILE DA 21 52.79 19.50 129.33
C ILE DA 21 52.55 19.42 130.83
N GLU DA 22 52.53 20.55 131.50
CA GLU DA 22 52.07 20.57 132.89
C GLU DA 22 50.57 20.33 132.99
N ALA DA 23 49.81 20.83 132.02
CA ALA DA 23 48.35 20.75 132.03
C ALA DA 23 47.83 19.34 131.82
N ILE DA 24 48.64 18.46 131.24
CA ILE DA 24 48.20 17.07 131.06
C ILE DA 24 48.02 16.38 132.40
N LYS DA 25 48.81 16.77 133.40
CA LYS DA 25 49.00 16.00 134.63
C LYS DA 25 47.72 15.89 135.45
N LEU DA 26 46.82 16.86 135.35
CA LEU DA 26 45.58 16.78 136.11
C LEU DA 26 44.61 15.74 135.56
N GLY DA 27 44.84 15.22 134.36
CA GLY DA 27 43.89 14.32 133.76
C GLY DA 27 43.94 12.94 134.39
N SER DA 28 42.97 12.12 134.02
CA SER DA 28 42.96 10.77 134.55
C SER DA 28 43.91 9.88 133.75
N THR DA 29 44.36 8.82 134.40
CA THR DA 29 45.44 8.01 133.87
C THR DA 29 44.90 7.04 132.82
N ALA DA 30 45.80 6.54 131.98
CA ALA DA 30 45.46 5.55 130.98
C ALA DA 30 46.72 4.80 130.59
N ILE DA 31 46.56 3.51 130.28
CA ILE DA 31 47.68 2.63 129.98
C ILE DA 31 47.32 1.77 128.79
N GLY DA 32 48.15 1.84 127.75
CA GLY DA 32 48.01 0.98 126.60
C GLY DA 32 49.29 0.18 126.46
N ILE DA 33 49.16 -1.05 125.97
CA ILE DA 33 50.30 -1.96 125.87
C ILE DA 33 50.28 -2.61 124.50
N GLN DA 34 51.36 -2.46 123.75
CA GLN DA 34 51.50 -3.16 122.48
C GLN DA 34 51.96 -4.58 122.75
N THR DA 35 51.29 -5.53 122.12
CA THR DA 35 51.67 -6.93 122.17
C THR DA 35 51.48 -7.45 120.76
N SER DA 36 52.37 -8.36 120.32
CA SER DA 36 52.30 -8.90 118.97
C SER DA 36 51.00 -9.66 118.71
N GLU DA 37 50.38 -10.18 119.75
CA GLU DA 37 49.05 -10.77 119.60
C GLU DA 37 48.01 -9.70 119.31
N GLY DA 38 48.20 -8.50 119.86
CA GLY DA 38 47.26 -7.41 119.66
C GLY DA 38 47.45 -6.33 120.68
N VAL DA 39 46.81 -5.19 120.43
CA VAL DA 39 46.91 -4.05 121.33
C VAL DA 39 45.76 -4.08 122.33
N CYS DA 40 46.11 -3.92 123.60
CA CYS DA 40 45.14 -3.73 124.68
C CYS DA 40 45.28 -2.32 125.24
N LEU DA 41 44.24 -1.88 125.95
CA LEU DA 41 44.17 -0.49 126.38
C LEU DA 41 43.21 -0.38 127.55
N ALA DA 42 43.54 0.49 128.51
CA ALA DA 42 42.72 0.67 129.70
C ALA DA 42 42.79 2.11 130.19
N VAL DA 43 41.84 2.47 131.04
CA VAL DA 43 41.64 3.86 131.47
C VAL DA 43 40.86 3.84 132.78
N GLU DA 44 40.88 4.95 133.51
CA GLU DA 44 40.07 5.15 134.71
C GLU DA 44 39.14 6.33 134.46
N LYS DA 45 37.86 6.16 134.82
CA LYS DA 45 36.84 7.16 134.52
C LYS DA 45 36.77 8.28 135.54
N ARG DA 46 37.10 8.02 136.81
CA ARG DA 46 37.04 8.96 137.94
C ARG DA 46 35.60 9.47 138.09
N ILE DA 47 34.73 8.53 138.46
CA ILE DA 47 33.32 8.82 138.65
C ILE DA 47 33.08 9.43 140.03
N THR DA 48 32.33 10.52 140.08
CA THR DA 48 32.10 11.28 141.30
C THR DA 48 30.79 10.90 141.98
N SER DA 49 29.70 10.88 141.23
CA SER DA 49 28.38 10.67 141.80
C SER DA 49 27.78 9.36 141.31
N PRO DA 50 26.89 8.74 142.07
CA PRO DA 50 26.13 7.61 141.53
C PRO DA 50 25.18 8.02 140.40
N LEU DA 51 24.81 9.29 140.33
CA LEU DA 51 24.04 9.81 139.20
C LEU DA 51 24.89 9.83 137.95
N MET DA 52 26.20 9.96 138.12
CA MET DA 52 27.12 10.03 137.00
C MET DA 52 27.18 8.66 136.35
N GLU DA 53 26.46 8.54 135.23
CA GLU DA 53 26.24 7.27 134.58
C GLU DA 53 27.56 6.79 133.98
N PRO DA 54 27.95 5.54 134.21
CA PRO DA 54 29.31 5.12 133.82
C PRO DA 54 29.51 5.01 132.32
N SER DA 55 28.53 4.52 131.58
CA SER DA 55 28.76 4.23 130.18
C SER DA 55 28.63 5.46 129.29
N SER DA 56 28.32 6.63 129.85
CA SER DA 56 28.27 7.81 129.01
C SER DA 56 29.61 8.52 128.89
N ILE DA 57 30.46 8.42 129.91
CA ILE DA 57 31.79 9.01 129.84
C ILE DA 57 32.62 8.24 128.83
N GLU DA 58 33.13 8.94 127.83
CA GLU DA 58 33.97 8.33 126.82
C GLU DA 58 35.45 8.60 127.10
N LYS DA 59 36.25 7.55 127.03
CA LYS DA 59 37.70 7.65 126.95
C LYS DA 59 38.25 6.94 125.73
N ILE DA 60 37.81 5.71 125.50
CA ILE DA 60 38.11 5.01 124.26
C ILE DA 60 37.01 5.36 123.26
N VAL DA 61 37.42 5.96 122.15
CA VAL DA 61 36.52 6.22 121.05
C VAL DA 61 36.94 5.34 119.89
N GLU DA 62 36.15 5.36 118.83
CA GLU DA 62 36.30 4.41 117.74
C GLU DA 62 36.69 5.17 116.49
N ILE DA 63 37.97 5.12 116.16
CA ILE DA 63 38.48 5.85 115.01
C ILE DA 63 38.15 5.10 113.73
N ASP DA 64 38.55 3.84 113.67
CA ASP DA 64 38.32 3.05 112.48
C ASP DA 64 37.79 1.70 112.95
N ALA DA 65 37.65 0.74 112.03
CA ALA DA 65 37.29 -0.63 112.38
C ALA DA 65 38.41 -1.37 113.10
N HIS DA 66 39.62 -0.82 113.12
CA HIS DA 66 40.72 -1.47 113.82
C HIS DA 66 41.62 -0.48 114.55
N ILE DA 67 41.12 0.73 114.83
CA ILE DA 67 41.94 1.75 115.48
C ILE DA 67 41.23 2.27 116.72
N GLY DA 68 41.89 2.12 117.88
CA GLY DA 68 41.37 2.58 119.15
C GLY DA 68 41.96 3.93 119.51
N CYS DA 69 41.63 4.38 120.72
CA CYS DA 69 42.16 5.65 121.22
C CYS DA 69 42.09 5.73 122.73
N ALA DA 70 42.82 6.72 123.26
CA ALA DA 70 42.73 7.14 124.65
C ALA DA 70 43.12 8.60 124.73
N MET DA 71 42.47 9.34 125.63
CA MET DA 71 42.63 10.78 125.76
C MET DA 71 43.04 11.12 127.19
N SER DA 72 43.12 12.42 127.47
CA SER DA 72 43.64 12.91 128.74
C SER DA 72 43.00 14.27 129.01
N GLY DA 73 42.86 14.58 130.29
CA GLY DA 73 42.55 15.92 130.79
C GLY DA 73 41.32 16.59 130.20
N LEU DA 74 41.55 17.54 129.29
CA LEU DA 74 40.47 18.16 128.54
C LEU DA 74 39.79 17.16 127.62
N ILE DA 75 38.47 17.24 127.53
CA ILE DA 75 37.67 16.27 126.82
C ILE DA 75 37.26 16.77 125.45
N ALA DA 76 36.77 18.01 125.36
CA ALA DA 76 36.09 18.45 124.15
C ALA DA 76 37.06 18.73 123.01
N ASP DA 77 38.22 19.31 123.31
CA ASP DA 77 39.26 19.49 122.30
C ASP DA 77 39.72 18.15 121.76
N ALA DA 78 39.85 17.16 122.64
CA ALA DA 78 40.15 15.80 122.24
C ALA DA 78 39.07 15.24 121.32
N LYS DA 79 37.80 15.54 121.62
CA LYS DA 79 36.71 15.09 120.78
C LYS DA 79 36.74 15.74 119.40
N THR DA 80 37.17 17.01 119.36
CA THR DA 80 37.30 17.72 118.10
C THR DA 80 38.40 17.08 117.25
N LEU DA 81 39.53 16.80 117.87
CA LEU DA 81 40.63 16.10 117.21
C LEU DA 81 40.21 14.73 116.71
N ILE DA 82 39.43 14.01 117.52
CA ILE DA 82 38.92 12.69 117.13
C ILE DA 82 38.04 12.80 115.90
N ASP DA 83 37.12 13.78 115.91
CA ASP DA 83 36.21 14.00 114.80
C ASP DA 83 36.96 14.27 113.50
N LYS DA 84 37.91 15.19 113.53
CA LYS DA 84 38.61 15.55 112.30
C LYS DA 84 39.53 14.43 111.85
N ALA DA 85 40.14 13.71 112.80
CA ALA DA 85 40.97 12.57 112.47
C ALA DA 85 40.15 11.48 111.79
N ARG DA 86 38.93 11.23 112.29
CA ARG DA 86 38.02 10.30 111.63
C ARG DA 86 37.71 10.74 110.21
N VAL DA 87 37.44 12.04 110.03
CA VAL DA 87 37.17 12.58 108.70
C VAL DA 87 38.37 12.36 107.76
N GLU DA 88 39.59 12.55 108.27
CA GLU DA 88 40.74 12.44 107.38
C GLU DA 88 41.08 10.99 107.07
N THR DA 89 40.89 10.08 108.02
CA THR DA 89 41.01 8.66 107.73
C THR DA 89 39.95 8.19 106.75
N GLN DA 90 38.76 8.76 106.84
CA GLN DA 90 37.71 8.42 105.91
C GLN DA 90 38.02 8.98 104.52
N ASN DA 91 38.71 10.12 104.48
CA ASN DA 91 39.18 10.68 103.22
C ASN DA 91 40.25 9.78 102.60
N HIS DA 92 41.07 9.17 103.45
CA HIS DA 92 42.06 8.21 102.96
C HIS DA 92 41.37 7.01 102.34
N TRP DA 93 40.32 6.50 103.00
CA TRP DA 93 39.55 5.42 102.40
C TRP DA 93 38.89 5.85 101.10
N PHE DA 94 38.42 7.09 101.04
CA PHE DA 94 37.82 7.63 99.82
C PHE DA 94 38.80 7.61 98.66
N THR DA 95 39.98 8.19 98.86
CA THR DA 95 40.92 8.26 97.75
C THR DA 95 41.88 7.09 97.65
N TYR DA 96 41.75 6.05 98.48
CA TYR DA 96 42.72 4.98 98.41
C TYR DA 96 42.13 3.57 98.54
N ASN DA 97 40.81 3.42 98.70
CA ASN DA 97 40.13 2.13 98.93
C ASN DA 97 40.70 1.35 100.12
N GLU DA 98 41.42 1.99 101.04
CA GLU DA 98 42.18 1.20 102.00
C GLU DA 98 42.26 1.96 103.32
N THR DA 99 43.02 1.40 104.25
CA THR DA 99 43.11 1.88 105.62
C THR DA 99 44.35 2.74 105.76
N MET DA 100 44.15 4.00 106.13
CA MET DA 100 45.23 4.88 106.54
C MET DA 100 45.91 4.27 107.75
N THR DA 101 47.19 3.93 107.60
CA THR DA 101 47.88 3.25 108.69
C THR DA 101 48.11 4.22 109.84
N VAL DA 102 48.37 3.63 111.01
CA VAL DA 102 48.22 4.35 112.28
C VAL DA 102 49.27 5.45 112.41
N GLU DA 103 50.46 5.23 111.84
CA GLU DA 103 51.48 6.28 111.83
C GLU DA 103 51.03 7.44 110.96
N SER DA 104 50.44 7.14 109.81
CA SER DA 104 49.93 8.20 108.94
C SER DA 104 48.73 8.89 109.55
N VAL DA 105 47.93 8.17 110.34
CA VAL DA 105 46.86 8.80 111.14
C VAL DA 105 47.44 9.83 112.08
N THR DA 106 48.46 9.46 112.82
CA THR DA 106 48.94 10.37 113.84
C THR DA 106 49.79 11.48 113.24
N GLN DA 107 50.40 11.23 112.09
CA GLN DA 107 51.01 12.32 111.34
C GLN DA 107 49.95 13.31 110.86
N ALA DA 108 48.81 12.81 110.38
CA ALA DA 108 47.70 13.68 109.99
C ALA DA 108 47.11 14.44 111.17
N VAL DA 109 47.28 13.93 112.39
CA VAL DA 109 46.87 14.67 113.58
C VAL DA 109 47.93 15.69 113.97
N SER DA 110 49.18 15.27 114.00
CA SER DA 110 50.26 16.12 114.44
C SER DA 110 50.81 17.03 113.35
N ASN DA 111 50.15 17.09 112.18
CA ASN DA 111 50.39 18.23 111.31
C ASN DA 111 49.81 19.50 111.88
N LEU DA 112 48.81 19.38 112.77
CA LEU DA 112 48.21 20.52 113.43
C LEU DA 112 48.00 20.32 114.92
N ALA DA 113 48.69 19.35 115.53
CA ALA DA 113 48.92 19.40 116.97
C ALA DA 113 49.51 20.76 117.37
N LEU DA 114 50.52 21.22 116.65
CA LEU DA 114 50.95 22.62 116.75
C LEU DA 114 50.79 23.28 115.38
N GLN DA 115 49.58 23.71 115.10
CA GLN DA 115 49.26 24.81 114.19
C GLN DA 115 48.51 25.91 114.92
N PHE DA 116 48.87 26.10 116.19
CA PHE DA 116 48.16 27.04 117.03
C PHE DA 116 48.48 28.46 116.61
N GLY DA 117 47.44 29.24 116.37
CA GLY DA 117 47.65 30.55 115.81
C GLY DA 117 46.46 31.47 115.96
N GLU DA 118 46.72 32.64 116.54
CA GLU DA 118 45.67 33.62 116.83
C GLU DA 118 45.71 34.75 115.83
N GLU DA 119 46.89 35.01 115.30
CA GLU DA 119 47.19 35.93 114.21
C GLU DA 119 47.90 35.17 113.10
N ASP DA 120 47.94 35.79 111.92
CA ASP DA 120 48.43 35.23 110.67
C ASP DA 120 47.74 33.91 110.33
N SER DA 127 43.28 27.82 118.02
CA SER DA 127 44.10 29.03 118.11
C SER DA 127 45.18 28.87 119.17
N ARG DA 128 44.81 28.35 120.31
CA ARG DA 128 45.77 28.04 121.36
C ARG DA 128 46.31 26.64 121.14
N PRO DA 129 47.44 26.29 121.77
CA PRO DA 129 47.86 24.89 121.78
C PRO DA 129 46.89 24.05 122.59
N PHE DA 130 46.82 22.78 122.22
CA PHE DA 130 45.86 21.86 122.78
C PHE DA 130 46.39 21.25 124.06
N GLY DA 131 45.48 20.85 124.94
CA GLY DA 131 45.86 20.45 126.28
C GLY DA 131 45.57 19.00 126.55
N VAL DA 132 45.85 18.15 125.58
CA VAL DA 132 45.50 16.74 125.66
C VAL DA 132 46.68 15.91 125.13
N ALA DA 133 46.96 14.82 125.82
CA ALA DA 133 47.87 13.80 125.36
C ALA DA 133 47.06 12.60 124.92
N LEU DA 134 47.39 12.04 123.76
CA LEU DA 134 46.56 11.01 123.16
C LEU DA 134 47.38 9.74 122.98
N LEU DA 135 46.75 8.62 123.30
CA LEU DA 135 47.30 7.30 123.02
C LEU DA 135 46.47 6.70 121.90
N PHE DA 136 47.14 6.29 120.84
CA PHE DA 136 46.48 5.70 119.69
C PHE DA 136 46.95 4.26 119.55
N GLY DA 137 46.00 3.36 119.38
CA GLY DA 137 46.32 1.97 119.11
C GLY DA 137 45.59 1.52 117.87
N GLY DA 138 46.25 0.66 117.10
CA GLY DA 138 45.66 0.18 115.86
C GLY DA 138 46.47 -0.95 115.29
N VAL DA 139 45.89 -1.60 114.29
CA VAL DA 139 46.50 -2.77 113.66
C VAL DA 139 46.64 -2.43 112.19
N ASP DA 140 47.85 -2.10 111.76
CA ASP DA 140 48.14 -1.86 110.36
C ASP DA 140 48.66 -3.13 109.71
N GLU DA 141 49.21 -3.00 108.50
CA GLU DA 141 49.79 -4.14 107.80
C GLU DA 141 51.06 -4.65 108.46
N LYS DA 142 51.73 -3.80 109.25
CA LYS DA 142 52.91 -4.21 110.00
C LYS DA 142 52.56 -4.78 111.36
N GLY DA 143 51.34 -5.29 111.53
CA GLY DA 143 50.91 -5.90 112.75
C GLY DA 143 50.20 -4.91 113.64
N PRO DA 144 50.28 -5.10 114.95
CA PRO DA 144 49.72 -4.12 115.88
C PRO DA 144 50.60 -2.89 115.97
N GLN DA 145 50.00 -1.79 116.40
CA GLN DA 145 50.76 -0.57 116.70
C GLN DA 145 50.20 0.09 117.94
N LEU DA 146 51.11 0.63 118.76
CA LEU DA 146 50.74 1.50 119.86
C LEU DA 146 51.52 2.79 119.72
N PHE DA 147 50.79 3.91 119.74
CA PHE DA 147 51.33 5.20 119.39
C PHE DA 147 50.97 6.23 120.43
N HIS DA 148 51.93 7.10 120.75
CA HIS DA 148 51.77 8.12 121.78
C HIS DA 148 52.17 9.47 121.23
N MET DA 149 51.24 10.42 121.31
CA MET DA 149 51.51 11.80 120.92
C MET DA 149 51.32 12.69 122.13
N ASP DA 150 51.50 13.99 121.92
CA ASP DA 150 51.51 14.96 123.00
C ASP DA 150 50.94 16.27 122.47
N PRO DA 151 50.75 17.27 123.34
CA PRO DA 151 50.43 18.61 122.81
C PRO DA 151 51.47 19.18 121.88
N SER DA 152 52.74 18.90 122.10
CA SER DA 152 53.77 19.55 121.29
C SER DA 152 53.91 18.91 119.92
N GLY DA 153 53.10 17.91 119.59
CA GLY DA 153 53.29 17.20 118.35
C GLY DA 153 54.47 16.25 118.33
N THR DA 154 55.21 16.12 119.43
CA THR DA 154 56.36 15.23 119.44
C THR DA 154 55.85 13.81 119.50
N PHE DA 155 55.58 13.26 118.33
CA PHE DA 155 54.98 11.95 118.21
C PHE DA 155 56.05 10.88 118.10
N VAL DA 156 55.88 9.81 118.87
CA VAL DA 156 56.86 8.73 118.99
C VAL DA 156 56.07 7.44 119.13
N GLN DA 157 56.72 6.33 118.78
CA GLN DA 157 56.19 5.00 119.05
C GLN DA 157 56.61 4.53 120.43
N CYS DA 158 55.64 4.05 121.20
CA CYS DA 158 55.86 3.53 122.54
C CYS DA 158 55.35 2.10 122.59
N ASP DA 159 56.10 1.24 123.29
CA ASP DA 159 55.69 -0.15 123.42
C ASP DA 159 54.60 -0.33 124.46
N ALA DA 160 54.73 0.33 125.61
CA ALA DA 160 53.68 0.34 126.62
C ALA DA 160 53.79 1.66 127.39
N ARG DA 161 53.00 2.64 126.98
CA ARG DA 161 53.07 3.98 127.53
C ARG DA 161 51.98 4.19 128.58
N ALA DA 162 52.32 4.91 129.64
CA ALA DA 162 51.36 5.34 130.65
C ALA DA 162 51.40 6.86 130.70
N ILE DA 163 50.24 7.47 130.88
CA ILE DA 163 50.14 8.92 130.79
C ILE DA 163 49.63 9.54 132.07
N GLY DA 164 49.47 10.86 132.05
CA GLY DA 164 48.63 11.57 132.99
C GLY DA 164 49.11 11.52 134.43
N SER DA 165 48.13 11.36 135.33
CA SER DA 165 48.41 11.34 136.75
C SER DA 165 49.14 10.06 137.14
N ALA DA 166 50.06 10.21 138.10
CA ALA DA 166 50.85 9.12 138.70
C ALA DA 166 51.60 8.29 137.68
N SER DA 167 52.03 8.92 136.59
CA SER DA 167 52.66 8.21 135.49
C SER DA 167 54.09 7.78 135.81
N GLU DA 168 54.70 8.35 136.85
CA GLU DA 168 56.08 7.98 137.19
C GLU DA 168 56.15 6.55 137.72
N GLY DA 169 55.40 6.26 138.78
CA GLY DA 169 55.37 4.91 139.31
C GLY DA 169 54.75 3.92 138.34
N ALA DA 170 53.82 4.39 137.50
CA ALA DA 170 53.24 3.54 136.47
C ALA DA 170 54.27 3.13 135.44
N GLN DA 171 55.07 4.08 134.96
CA GLN DA 171 56.14 3.76 134.02
C GLN DA 171 57.22 2.89 134.66
N SER DA 172 57.55 3.12 135.93
CA SER DA 172 58.59 2.33 136.59
C SER DA 172 58.15 0.88 136.77
N SER DA 173 57.03 0.67 137.49
CA SER DA 173 56.51 -0.66 137.71
C SER DA 173 56.03 -1.32 136.42
N LEU DA 174 55.80 -0.56 135.35
CA LEU DA 174 55.56 -1.16 134.06
C LEU DA 174 56.87 -1.65 133.44
N GLN DA 175 57.95 -0.89 133.61
CA GLN DA 175 59.26 -1.32 133.15
C GLN DA 175 59.76 -2.52 133.91
N GLU DA 176 59.20 -2.77 135.09
CA GLU DA 176 59.58 -3.94 135.86
C GLU DA 176 59.04 -5.21 135.20
N VAL DA 177 57.80 -5.17 134.71
CA VAL DA 177 57.12 -6.38 134.26
C VAL DA 177 57.16 -6.57 132.75
N TYR DA 178 57.45 -5.53 131.98
CA TYR DA 178 57.28 -5.62 130.53
C TYR DA 178 58.45 -6.36 129.91
N HIS DA 179 58.15 -7.11 128.86
CA HIS DA 179 59.15 -7.56 127.91
C HIS DA 179 58.51 -7.68 126.53
N LYS DA 180 59.27 -8.27 125.59
CA LYS DA 180 58.89 -8.24 124.19
C LYS DA 180 57.91 -9.34 123.85
N SER DA 181 58.03 -10.48 124.52
CA SER DA 181 57.27 -11.68 124.21
C SER DA 181 56.10 -11.86 125.15
N MET DA 182 55.42 -10.77 125.50
CA MET DA 182 54.22 -10.90 126.32
C MET DA 182 53.08 -11.55 125.56
N THR DA 183 52.08 -11.99 126.32
CA THR DA 183 50.84 -12.53 125.82
C THR DA 183 49.73 -11.53 126.10
N LEU DA 184 48.51 -11.90 125.73
CA LEU DA 184 47.41 -10.95 125.81
C LEU DA 184 46.90 -10.78 127.23
N LYS DA 185 46.37 -11.87 127.81
CA LYS DA 185 45.69 -11.78 129.10
C LYS DA 185 46.65 -11.48 130.24
N GLU DA 186 47.90 -11.94 130.13
CA GLU DA 186 48.92 -11.56 131.08
C GLU DA 186 49.16 -10.06 131.07
N ALA DA 187 49.20 -9.45 129.88
CA ALA DA 187 49.36 -8.01 129.82
C ALA DA 187 48.12 -7.28 130.30
N ILE DA 188 46.94 -7.89 130.11
CA ILE DA 188 45.70 -7.28 130.57
C ILE DA 188 45.66 -7.21 132.09
N LYS DA 189 45.91 -8.35 132.74
CA LYS DA 189 45.90 -8.34 134.20
C LYS DA 189 47.11 -7.60 134.77
N SER DA 190 48.24 -7.62 134.07
CA SER DA 190 49.40 -6.85 134.51
C SER DA 190 49.16 -5.36 134.39
N SER DA 191 48.26 -4.95 133.50
CA SER DA 191 47.87 -3.55 133.43
C SER DA 191 46.90 -3.20 134.54
N LEU DA 192 45.91 -4.05 134.77
CA LEU DA 192 44.90 -3.65 135.75
C LEU DA 192 45.40 -3.79 137.18
N ILE DA 193 46.46 -4.57 137.42
CA ILE DA 193 47.16 -4.51 138.70
C ILE DA 193 47.72 -3.11 138.93
N ILE DA 194 48.38 -2.55 137.90
CA ILE DA 194 48.92 -1.20 137.97
C ILE DA 194 47.81 -0.18 138.13
N LEU DA 195 46.65 -0.46 137.51
CA LEU DA 195 45.49 0.41 137.64
C LEU DA 195 44.99 0.45 139.08
N LYS DA 196 44.80 -0.71 139.70
CA LYS DA 196 44.35 -0.69 141.08
C LYS DA 196 45.47 -0.43 142.06
N GLN DA 197 46.69 -0.19 141.57
CA GLN DA 197 47.72 0.46 142.36
C GLN DA 197 47.74 1.97 142.20
N VAL DA 198 47.25 2.51 141.09
CA VAL DA 198 47.28 3.96 140.93
C VAL DA 198 45.93 4.62 141.21
N MET DA 199 44.85 3.86 141.25
CA MET DA 199 43.58 4.49 141.57
C MET DA 199 43.43 4.66 143.08
N GLU DA 200 42.35 5.31 143.49
CA GLU DA 200 42.11 5.60 144.89
C GLU DA 200 40.98 4.76 145.48
N GLU DA 201 40.04 4.31 144.66
CA GLU DA 201 38.90 3.52 145.10
C GLU DA 201 39.16 2.03 144.83
N LYS DA 202 38.23 1.22 145.33
CA LYS DA 202 38.24 -0.21 145.02
C LYS DA 202 37.85 -0.44 143.57
N LEU DA 203 38.53 -1.39 142.93
CA LEU DA 203 38.27 -1.70 141.53
C LEU DA 203 37.01 -2.56 141.43
N ASN DA 204 36.06 -2.12 140.62
CA ASN DA 204 34.83 -2.85 140.38
C ASN DA 204 34.45 -2.68 138.92
N ALA DA 205 33.19 -3.00 138.59
CA ALA DA 205 32.76 -3.06 137.20
C ALA DA 205 32.66 -1.69 136.54
N THR DA 206 32.55 -0.62 137.32
CA THR DA 206 32.25 0.69 136.76
C THR DA 206 33.42 1.64 136.74
N ASN DA 207 34.56 1.27 137.31
CA ASN DA 207 35.69 2.20 137.35
C ASN DA 207 36.38 2.24 136.00
N ILE DA 208 36.89 1.10 135.55
CA ILE DA 208 37.76 1.04 134.39
C ILE DA 208 36.99 0.48 133.21
N GLU DA 209 37.62 0.51 132.04
CA GLU DA 209 37.09 -0.12 130.84
C GLU DA 209 38.27 -0.55 129.99
N LEU DA 210 38.15 -1.71 129.35
CA LEU DA 210 39.21 -2.25 128.52
C LEU DA 210 38.88 -2.07 127.06
N ALA DA 211 39.93 -2.07 126.24
CA ALA DA 211 39.76 -1.97 124.80
C ALA DA 211 40.90 -2.76 124.18
N THR DA 212 40.57 -3.91 123.60
CA THR DA 212 41.57 -4.80 123.03
C THR DA 212 41.26 -5.00 121.56
N VAL DA 213 42.27 -4.93 120.71
CA VAL DA 213 42.09 -5.16 119.29
C VAL DA 213 43.07 -6.24 118.84
N GLN DA 214 42.57 -7.22 118.11
CA GLN DA 214 43.37 -8.28 117.53
C GLN DA 214 43.28 -8.19 116.01
N PRO DA 215 44.28 -8.69 115.29
CA PRO DA 215 44.17 -8.71 113.82
C PRO DA 215 43.06 -9.59 113.31
N GLY DA 216 42.79 -10.71 113.96
CA GLY DA 216 41.67 -11.53 113.55
C GLY DA 216 40.37 -11.12 114.18
N GLN DA 217 40.43 -10.24 115.18
CA GLN DA 217 39.27 -9.72 115.88
C GLN DA 217 39.33 -8.20 115.82
N ASN DA 218 39.44 -7.70 114.58
CA ASN DA 218 39.58 -6.27 114.35
C ASN DA 218 38.37 -5.51 114.86
N PHE DA 219 37.18 -6.03 114.59
CA PHE DA 219 35.93 -5.49 115.10
C PHE DA 219 35.86 -5.69 116.62
N HIS DA 220 35.03 -4.85 117.27
CA HIS DA 220 34.74 -4.89 118.70
C HIS DA 220 36.02 -4.69 119.53
N MET DA 221 36.51 -3.45 119.50
CA MET DA 221 37.66 -3.09 120.32
C MET DA 221 37.24 -2.79 121.76
N PHE DA 222 36.54 -3.74 122.38
CA PHE DA 222 35.94 -3.52 123.68
C PHE DA 222 35.71 -4.87 124.33
N THR DA 223 35.65 -4.86 125.66
CA THR DA 223 35.18 -5.98 126.48
C THR DA 223 34.01 -5.50 127.31
N LYS DA 224 32.86 -6.17 127.18
CA LYS DA 224 31.63 -5.72 127.83
C LYS DA 224 31.18 -6.76 128.86
N GLU DA 225 31.46 -6.46 130.13
CA GLU DA 225 31.05 -7.18 131.35
C GLU DA 225 31.58 -8.59 131.46
N GLU DA 226 32.39 -9.05 130.51
CA GLU DA 226 33.38 -10.06 130.79
C GLU DA 226 34.54 -9.46 131.56
N LEU DA 227 34.67 -8.14 131.50
CA LEU DA 227 35.61 -7.38 132.31
C LEU DA 227 35.42 -7.61 133.80
N GLU DA 228 34.19 -7.90 134.23
CA GLU DA 228 33.92 -8.29 135.60
C GLU DA 228 34.61 -9.60 135.94
N GLU DA 229 34.51 -10.57 135.03
CA GLU DA 229 35.20 -11.85 135.18
C GLU DA 229 36.71 -11.67 135.11
N VAL DA 230 37.18 -10.71 134.33
CA VAL DA 230 38.61 -10.41 134.27
C VAL DA 230 39.09 -9.83 135.60
N ILE DA 231 38.29 -8.97 136.22
CA ILE DA 231 38.67 -8.34 137.47
C ILE DA 231 38.70 -9.38 138.59
N LYS DA 232 37.72 -10.28 138.62
CA LYS DA 232 37.65 -11.26 139.70
C LYS DA 232 38.74 -12.33 139.62
N ASP DA 233 39.58 -12.34 138.57
CA ASP DA 233 40.69 -13.28 138.45
C ASP DA 233 41.96 -12.81 139.14
N ILE DA 234 41.91 -11.75 139.91
CA ILE DA 234 43.08 -11.35 140.69
C ILE DA 234 42.80 -11.64 142.17
N ASN EA 1 65.92 44.52 130.59
CA ASN EA 1 65.39 43.22 130.18
C ASN EA 1 63.97 43.31 129.62
N GLN EA 2 63.39 44.51 129.66
CA GLN EA 2 62.04 44.74 129.17
C GLN EA 2 61.98 44.99 127.67
N TYR EA 3 63.11 45.12 126.99
CA TYR EA 3 63.10 45.15 125.54
C TYR EA 3 63.23 43.76 124.94
N ASP EA 4 63.50 42.76 125.76
CA ASP EA 4 63.80 41.42 125.30
C ASP EA 4 62.53 40.58 125.38
N ASN EA 5 61.54 40.98 124.63
CA ASN EA 5 60.29 40.24 124.68
C ASN EA 5 59.80 39.80 123.31
N ASP EA 6 59.90 40.66 122.31
CA ASP EA 6 59.24 40.39 121.05
C ASP EA 6 60.24 40.44 119.89
N VAL EA 7 59.76 40.03 118.72
CA VAL EA 7 60.62 39.95 117.55
C VAL EA 7 60.86 41.34 116.98
N THR EA 8 59.90 42.25 117.14
CA THR EA 8 59.96 43.56 116.49
C THR EA 8 61.02 44.44 117.12
N VAL EA 9 61.27 44.27 118.41
CA VAL EA 9 62.09 45.20 119.17
C VAL EA 9 63.56 44.94 118.89
N TRP EA 10 64.25 45.95 118.37
CA TRP EA 10 65.71 45.95 118.37
C TRP EA 10 66.20 46.24 119.77
N SER EA 11 67.30 45.59 120.13
CA SER EA 11 67.88 45.88 121.43
C SER EA 11 68.66 47.20 121.35
N PRO EA 12 68.89 47.84 122.49
CA PRO EA 12 69.82 48.98 122.50
C PRO EA 12 71.28 48.61 122.27
N GLN EA 13 71.60 47.32 122.14
CA GLN EA 13 72.90 46.91 121.66
C GLN EA 13 72.80 46.26 120.29
N GLY EA 14 71.62 46.25 119.68
CA GLY EA 14 71.42 45.79 118.32
C GLY EA 14 71.31 44.29 118.14
N ARG EA 15 71.48 43.50 119.19
CA ARG EA 15 71.42 42.05 119.08
C ARG EA 15 70.01 41.62 119.46
N ILE EA 16 69.21 41.26 118.45
CA ILE EA 16 67.87 40.75 118.70
C ILE EA 16 67.97 39.41 119.41
N HIS EA 17 67.56 39.39 120.68
CA HIS EA 17 67.80 38.23 121.52
C HIS EA 17 66.79 37.10 121.29
N GLN EA 18 65.69 37.36 120.58
CA GLN EA 18 64.79 36.26 120.21
C GLN EA 18 65.48 35.28 119.26
N ILE EA 19 66.38 35.78 118.43
CA ILE EA 19 67.15 34.92 117.54
C ILE EA 19 68.13 34.08 118.34
N GLU EA 20 68.78 34.68 119.33
CA GLU EA 20 69.68 33.95 120.23
C GLU EA 20 68.92 32.89 121.01
N TYR EA 21 67.68 33.19 121.42
CA TYR EA 21 66.91 32.20 122.15
C TYR EA 21 66.53 31.04 121.24
N ALA EA 22 66.26 31.33 119.97
CA ALA EA 22 65.98 30.25 119.03
C ALA EA 22 67.23 29.42 118.73
N MET EA 23 68.40 30.09 118.66
CA MET EA 23 69.66 29.38 118.52
C MET EA 23 69.93 28.43 119.68
N GLU EA 24 69.72 28.90 120.90
CA GLU EA 24 69.90 28.05 122.07
C GLU EA 24 68.86 26.94 122.12
N ALA EA 25 67.67 27.17 121.56
CA ALA EA 25 66.71 26.10 121.44
C ALA EA 25 67.15 25.07 120.40
N VAL EA 26 67.89 25.50 119.38
CA VAL EA 26 68.48 24.56 118.43
C VAL EA 26 69.59 23.77 119.11
N LYS EA 27 70.33 24.42 120.01
CA LYS EA 27 71.45 23.79 120.71
C LYS EA 27 71.01 22.67 121.64
N GLN EA 28 69.70 22.55 121.91
CA GLN EA 28 69.18 21.53 122.79
C GLN EA 28 68.52 20.40 122.03
N GLY EA 29 68.89 20.20 120.76
CA GLY EA 29 68.43 19.07 120.00
C GLY EA 29 69.35 17.88 120.17
N SER EA 30 69.20 16.91 119.27
CA SER EA 30 70.10 15.78 119.23
C SER EA 30 71.32 16.13 118.39
N ALA EA 31 72.38 15.36 118.59
CA ALA EA 31 73.60 15.59 117.81
C ALA EA 31 73.44 15.03 116.40
N THR EA 32 74.09 15.70 115.46
CA THR EA 32 74.08 15.32 114.05
C THR EA 32 75.31 15.90 113.37
N VAL EA 33 75.76 15.22 112.32
CA VAL EA 33 77.03 15.51 111.66
C VAL EA 33 76.84 15.33 110.16
N GLY EA 34 77.24 16.31 109.37
CA GLY EA 34 77.20 16.19 107.92
C GLY EA 34 78.51 16.58 107.28
N LEU EA 35 78.92 15.78 106.31
CA LEU EA 35 80.22 15.86 105.65
C LEU EA 35 80.19 15.15 104.30
N LYS EA 36 80.99 15.64 103.37
CA LYS EA 36 80.95 15.14 102.00
C LYS EA 36 82.35 14.71 101.60
N SER EA 37 82.41 13.74 100.70
CA SER EA 37 83.60 13.40 99.96
C SER EA 37 83.53 14.13 98.63
N LYS EA 38 84.41 13.79 97.69
CA LYS EA 38 84.28 14.36 96.36
C LYS EA 38 83.12 13.74 95.60
N THR EA 39 82.69 12.53 95.98
CA THR EA 39 81.67 11.82 95.23
C THR EA 39 80.49 11.38 96.07
N HIS EA 40 80.60 11.36 97.40
CA HIS EA 40 79.52 10.89 98.25
C HIS EA 40 79.38 11.78 99.47
N ALA EA 41 78.14 12.11 99.80
CA ALA EA 41 77.82 12.94 100.95
C ALA EA 41 77.07 12.11 101.98
N VAL EA 42 77.56 12.13 103.21
CA VAL EA 42 77.02 11.29 104.27
C VAL EA 42 76.68 12.19 105.45
N LEU EA 43 75.45 12.07 105.94
CA LEU EA 43 75.07 12.75 107.16
C LEU EA 43 74.56 11.71 108.15
N VAL EA 44 75.05 11.83 109.38
CA VAL EA 44 74.78 10.87 110.44
C VAL EA 44 74.24 11.64 111.62
N ALA EA 45 73.10 11.19 112.16
CA ALA EA 45 72.48 11.83 113.30
C ALA EA 45 72.39 10.83 114.45
N LEU EA 46 71.88 11.31 115.57
CA LEU EA 46 71.75 10.51 116.78
C LEU EA 46 70.30 10.53 117.26
N LYS EA 47 69.77 9.36 117.57
CA LYS EA 47 68.41 9.25 118.07
C LYS EA 47 68.42 9.24 119.59
N ARG EA 48 67.29 9.61 120.19
CA ARG EA 48 67.11 9.49 121.62
C ARG EA 48 65.70 8.98 121.87
N ALA EA 49 65.41 8.63 123.12
CA ALA EA 49 64.12 8.10 123.48
C ALA EA 49 63.65 8.72 124.78
N GLN EA 50 62.36 8.61 125.03
CA GLN EA 50 61.82 9.09 126.29
C GLN EA 50 62.03 8.07 127.39
N SER EA 51 61.90 6.79 127.06
CA SER EA 51 62.11 5.71 128.01
C SER EA 51 62.71 4.52 127.27
N GLU EA 52 62.85 3.40 127.98
CA GLU EA 52 63.42 2.19 127.40
C GLU EA 52 62.47 1.54 126.41
N LEU EA 53 61.19 1.44 126.75
CA LEU EA 53 60.25 0.67 125.94
C LEU EA 53 59.88 1.39 124.66
N ALA EA 54 59.92 2.72 124.67
CA ALA EA 54 59.45 3.48 123.54
C ALA EA 54 60.48 3.42 122.41
N ALA EA 55 60.01 3.74 121.21
CA ALA EA 55 60.93 3.82 120.09
C ALA EA 55 61.72 5.12 120.17
N HIS EA 56 62.67 5.27 119.26
CA HIS EA 56 63.57 6.40 119.31
C HIS EA 56 63.05 7.45 118.36
N GLN EA 57 63.10 8.70 118.79
CA GLN EA 57 62.65 9.79 117.94
C GLN EA 57 63.61 9.97 116.77
N LYS EA 58 63.09 9.81 115.56
CA LYS EA 58 63.94 9.81 114.38
C LYS EA 58 64.25 11.24 113.96
N LYS EA 59 65.41 11.41 113.34
CA LYS EA 59 65.89 12.73 112.93
C LYS EA 59 66.10 12.81 111.43
N ILE EA 60 66.81 11.86 110.85
CA ILE EA 60 67.03 11.85 109.41
C ILE EA 60 65.73 11.42 108.75
N LEU EA 61 65.19 12.30 107.91
CA LEU EA 61 63.98 12.00 107.15
C LEU EA 61 64.21 12.26 105.67
N HIS EA 62 63.40 11.58 104.87
CA HIS EA 62 63.52 11.64 103.42
C HIS EA 62 62.89 12.94 102.93
N VAL EA 63 63.40 13.45 101.81
CA VAL EA 63 62.78 14.60 101.17
C VAL EA 63 62.46 14.30 99.72
N ASP EA 64 63.49 13.91 98.97
CA ASP EA 64 63.38 13.79 97.52
C ASP EA 64 64.38 12.73 97.07
N ASN EA 65 64.40 12.47 95.76
CA ASN EA 65 65.20 11.39 95.19
C ASN EA 65 66.70 11.60 95.36
N HIS EA 66 67.14 12.82 95.63
CA HIS EA 66 68.55 13.08 95.84
C HIS EA 66 68.79 14.04 97.01
N ILE EA 67 67.75 14.39 97.77
CA ILE EA 67 67.86 15.33 98.87
C ILE EA 67 67.34 14.69 100.15
N GLY EA 68 68.13 14.76 101.20
CA GLY EA 68 67.68 14.35 102.52
C GLY EA 68 68.25 15.28 103.57
N ILE EA 69 67.46 15.52 104.61
CA ILE EA 69 67.83 16.51 105.61
C ILE EA 69 67.96 15.82 106.98
N SER EA 70 68.88 16.34 107.79
CA SER EA 70 68.87 16.06 109.21
C SER EA 70 68.16 17.20 109.93
N ILE EA 71 68.08 17.11 111.26
CA ILE EA 71 67.23 18.03 112.02
C ILE EA 71 67.69 18.04 113.47
N ALA EA 72 67.47 19.17 114.15
CA ALA EA 72 67.65 19.31 115.58
C ALA EA 72 66.78 20.46 116.07
N GLY EA 73 66.15 20.27 117.22
CA GLY EA 73 65.35 21.32 117.84
C GLY EA 73 63.90 20.92 117.99
N LEU EA 74 63.01 21.70 117.39
CA LEU EA 74 61.58 21.40 117.37
C LEU EA 74 61.25 20.45 116.22
N THR EA 75 60.13 19.75 116.38
CA THR EA 75 59.68 18.79 115.37
C THR EA 75 58.49 19.30 114.58
N ALA EA 76 57.67 20.19 115.16
CA ALA EA 76 56.57 20.78 114.41
C ALA EA 76 57.08 21.67 113.29
N ASP EA 77 58.06 22.53 113.59
CA ASP EA 77 58.67 23.33 112.54
C ASP EA 77 59.45 22.47 111.56
N ALA EA 78 60.00 21.36 112.05
CA ALA EA 78 60.69 20.40 111.20
C ALA EA 78 59.77 19.80 110.15
N ARG EA 79 58.61 19.30 110.58
CA ARG EA 79 57.66 18.72 109.63
C ARG EA 79 56.99 19.79 108.79
N LEU EA 80 56.88 21.01 109.30
CA LEU EA 80 56.32 22.11 108.51
C LEU EA 80 57.23 22.47 107.34
N LEU EA 81 58.51 22.68 107.63
CA LEU EA 81 59.48 22.92 106.59
C LEU EA 81 59.74 21.70 105.73
N CYS EA 82 59.49 20.50 106.27
CA CYS EA 82 59.56 19.28 105.47
C CYS EA 82 58.47 19.27 104.40
N ASN EA 83 57.24 19.61 104.79
CA ASN EA 83 56.14 19.64 103.84
C ASN EA 83 56.36 20.73 102.80
N PHE EA 84 56.85 21.89 103.23
CA PHE EA 84 57.22 22.94 102.29
C PHE EA 84 58.36 22.51 101.37
N MET EA 85 59.31 21.74 101.91
CA MET EA 85 60.46 21.27 101.14
C MET EA 85 60.03 20.30 100.04
N ARG EA 86 59.23 19.29 100.40
CA ARG EA 86 58.73 18.35 99.42
C ARG EA 86 57.87 19.03 98.38
N GLN EA 87 57.08 20.02 98.81
CA GLN EA 87 56.22 20.75 97.88
C GLN EA 87 57.05 21.52 96.87
N GLU EA 88 58.06 22.23 97.35
CA GLU EA 88 58.92 23.00 96.44
C GLU EA 88 59.78 22.11 95.56
N CYS EA 89 60.09 20.90 96.01
CA CYS EA 89 60.80 19.96 95.15
C CYS EA 89 59.90 19.48 94.02
N LEU EA 90 58.70 19.01 94.36
CA LEU EA 90 57.84 18.46 93.32
C LEU EA 90 57.24 19.53 92.43
N ASP EA 91 57.26 20.81 92.85
CA ASP EA 91 56.84 21.88 91.97
C ASP EA 91 57.76 22.02 90.77
N SER EA 92 59.06 22.13 91.02
CA SER EA 92 59.99 22.22 89.91
C SER EA 92 60.16 20.90 89.18
N ARG EA 93 59.98 19.78 89.89
CA ARG EA 93 59.96 18.48 89.22
C ARG EA 93 58.78 18.38 88.26
N PHE EA 94 57.68 19.07 88.57
CA PHE EA 94 56.56 19.15 87.66
C PHE EA 94 56.88 20.11 86.51
N VAL EA 95 57.31 21.32 86.82
CA VAL EA 95 57.38 22.37 85.82
C VAL EA 95 58.56 22.15 84.88
N PHE EA 96 59.77 22.12 85.43
CA PHE EA 96 60.94 22.08 84.58
C PHE EA 96 61.32 20.67 84.17
N ASP EA 97 60.73 19.66 84.81
CA ASP EA 97 61.04 18.24 84.60
C ASP EA 97 62.53 17.96 84.78
N ARG EA 98 63.10 18.53 85.83
CA ARG EA 98 64.49 18.25 86.19
C ARG EA 98 64.59 18.18 87.70
N PRO EA 99 65.63 17.51 88.23
CA PRO EA 99 65.91 17.67 89.65
C PRO EA 99 66.46 19.05 89.93
N LEU EA 100 66.15 19.54 91.13
CA LEU EA 100 66.57 20.87 91.53
C LEU EA 100 68.05 20.95 91.90
N PRO EA 101 68.74 22.01 91.49
CA PRO EA 101 70.00 22.38 92.12
C PRO EA 101 69.75 22.77 93.56
N VAL EA 102 70.76 22.57 94.39
CA VAL EA 102 70.56 22.65 95.83
C VAL EA 102 70.55 24.10 96.30
N SER EA 103 71.35 24.95 95.66
CA SER EA 103 71.53 26.32 96.11
C SER EA 103 70.25 27.14 95.99
N ARG EA 104 69.50 26.98 94.90
CA ARG EA 104 68.24 27.71 94.80
C ARG EA 104 67.19 27.18 95.78
N LEU EA 105 67.25 25.89 96.12
CA LEU EA 105 66.32 25.38 97.12
C LEU EA 105 66.61 25.96 98.49
N VAL EA 106 67.88 26.08 98.84
CA VAL EA 106 68.20 26.61 100.15
C VAL EA 106 68.00 28.13 100.19
N SER EA 107 68.16 28.80 99.05
CA SER EA 107 67.76 30.20 98.97
C SER EA 107 66.26 30.39 99.14
N LEU EA 108 65.45 29.48 98.58
CA LEU EA 108 64.01 29.54 98.82
C LEU EA 108 63.64 29.24 100.26
N ILE EA 109 64.42 28.39 100.92
CA ILE EA 109 64.17 28.12 102.34
C ILE EA 109 64.48 29.34 103.18
N GLY EA 110 65.57 30.03 102.86
CA GLY EA 110 65.89 31.26 103.57
C GLY EA 110 64.88 32.36 103.32
N SER EA 111 64.41 32.49 102.08
CA SER EA 111 63.40 33.48 101.78
C SER EA 111 62.05 33.13 102.41
N LYS EA 112 61.80 31.83 102.63
CA LYS EA 112 60.61 31.41 103.34
C LYS EA 112 60.70 31.77 104.81
N THR EA 113 61.84 31.50 105.43
CA THR EA 113 62.01 31.72 106.85
C THR EA 113 62.36 33.16 107.18
N GLN EA 114 62.44 34.02 106.17
CA GLN EA 114 62.67 35.43 106.43
C GLN EA 114 61.46 36.08 107.06
N ILE EA 115 60.27 35.81 106.47
CA ILE EA 115 59.03 36.41 106.96
C ILE EA 115 58.73 36.14 108.43
N PRO EA 116 58.89 34.91 108.97
CA PRO EA 116 58.69 34.76 110.43
C PRO EA 116 59.77 35.37 111.29
N THR EA 117 60.78 36.01 110.70
CA THR EA 117 61.84 36.69 111.44
C THR EA 117 61.76 38.19 111.34
N GLN EA 118 60.75 38.74 110.71
CA GLN EA 118 60.71 40.19 110.61
C GLN EA 118 59.42 40.84 111.03
N ARG EA 119 58.28 40.28 110.69
CA ARG EA 119 57.02 40.87 111.12
C ARG EA 119 56.72 40.49 112.56
N TYR EA 120 55.61 41.02 113.05
CA TYR EA 120 55.14 40.67 114.38
C TYR EA 120 54.07 39.60 114.19
N GLY EA 121 54.12 38.59 115.03
CA GLY EA 121 53.09 37.59 115.07
C GLY EA 121 53.56 36.19 114.73
N ARG EA 122 54.85 35.97 114.45
CA ARG EA 122 55.38 34.63 114.30
C ARG EA 122 56.72 34.51 115.02
N ARG EA 123 57.03 33.29 115.47
CA ARG EA 123 58.30 33.00 116.12
C ARG EA 123 59.33 32.54 115.10
N PRO EA 124 60.61 32.70 115.40
CA PRO EA 124 61.65 32.06 114.58
C PRO EA 124 61.55 30.55 114.68
N TYR EA 125 61.86 29.88 113.58
CA TYR EA 125 61.67 28.44 113.49
C TYR EA 125 62.83 27.73 114.16
N GLY EA 126 62.54 26.98 115.22
CA GLY EA 126 63.53 26.14 115.86
C GLY EA 126 63.78 24.94 114.97
N VAL EA 127 64.93 24.94 114.30
CA VAL EA 127 65.16 24.02 113.19
C VAL EA 127 66.67 23.81 113.05
N GLY EA 128 67.05 22.60 112.63
CA GLY EA 128 68.45 22.23 112.64
C GLY EA 128 68.95 21.57 111.36
N LEU EA 129 68.50 22.08 110.21
CA LEU EA 129 68.69 21.42 108.93
C LEU EA 129 70.16 21.21 108.56
N LEU EA 130 70.46 20.00 108.10
CA LEU EA 130 71.72 19.68 107.44
C LEU EA 130 71.32 19.07 106.11
N ILE EA 131 71.57 19.77 105.01
CA ILE EA 131 70.98 19.41 103.73
C ILE EA 131 72.07 18.84 102.83
N ALA EA 132 71.78 17.67 102.27
CA ALA EA 132 72.64 16.98 101.31
C ALA EA 132 71.94 16.84 99.97
N GLY EA 133 72.66 17.09 98.88
CA GLY EA 133 72.00 17.05 97.59
C GLY EA 133 73.00 16.81 96.48
N TYR EA 134 72.46 16.79 95.26
CA TYR EA 134 73.27 16.63 94.06
C TYR EA 134 72.75 17.49 92.93
N ASP EA 135 73.48 18.54 92.65
CA ASP EA 135 73.39 19.26 91.39
C ASP EA 135 74.40 18.66 90.42
N ASP EA 136 74.69 19.37 89.32
CA ASP EA 136 75.67 18.89 88.36
C ASP EA 136 77.09 18.89 88.92
N MET EA 137 77.37 19.69 89.94
CA MET EA 137 78.73 19.86 90.45
C MET EA 137 78.98 19.09 91.75
N GLY EA 138 78.28 17.99 91.99
CA GLY EA 138 78.69 17.10 93.05
C GLY EA 138 77.93 17.28 94.34
N PRO EA 139 78.43 16.68 95.41
CA PRO EA 139 77.71 16.74 96.68
C PRO EA 139 77.81 18.11 97.31
N HIS EA 140 76.76 18.46 98.07
CA HIS EA 140 76.76 19.72 98.80
C HIS EA 140 76.29 19.44 100.22
N ILE EA 141 76.96 20.05 101.18
CA ILE EA 141 76.57 19.97 102.58
C ILE EA 141 76.30 21.38 103.04
N PHE EA 142 75.03 21.75 103.12
CA PHE EA 142 74.61 23.06 103.59
C PHE EA 142 74.04 22.90 104.98
N GLN EA 143 74.08 23.97 105.76
CA GLN EA 143 73.34 24.04 107.00
C GLN EA 143 72.52 25.31 107.06
N THR EA 144 71.47 25.30 107.87
CA THR EA 144 70.64 26.48 108.07
C THR EA 144 70.80 26.99 109.49
N CYS EA 145 69.99 27.98 109.81
CA CYS EA 145 69.89 28.53 111.15
C CYS EA 145 68.53 29.19 111.28
N PRO EA 146 68.03 29.40 112.51
CA PRO EA 146 66.76 30.15 112.64
C PRO EA 146 66.87 31.60 112.20
N SER EA 147 68.08 32.14 112.04
CA SER EA 147 68.27 33.47 111.49
C SER EA 147 68.35 33.45 109.97
N ALA EA 148 68.13 32.29 109.35
CA ALA EA 148 68.15 32.07 107.89
C ALA EA 148 69.50 32.42 107.24
N ASN EA 149 70.59 32.45 108.00
CA ASN EA 149 71.90 32.75 107.41
C ASN EA 149 72.58 31.42 107.10
N TYR EA 150 72.16 30.83 105.98
CA TYR EA 150 72.61 29.48 105.66
C TYR EA 150 74.06 29.47 105.22
N PHE EA 151 74.74 28.40 105.57
CA PHE EA 151 76.17 28.26 105.33
C PHE EA 151 76.43 27.08 104.41
N ASP EA 152 77.52 27.16 103.66
CA ASP EA 152 78.10 26.01 103.01
C ASP EA 152 79.41 25.67 103.70
N CYS EA 153 79.66 24.38 103.86
CA CYS EA 153 80.85 23.90 104.52
C CYS EA 153 81.42 22.76 103.68
N ARG EA 154 82.34 22.05 104.31
CA ARG EA 154 82.72 20.71 103.90
C ARG EA 154 82.46 19.69 104.99
N ALA EA 155 82.37 20.12 106.25
CA ALA EA 155 81.95 19.25 107.36
C ALA EA 155 81.49 20.10 108.53
N MET EA 156 80.22 19.98 108.92
CA MET EA 156 79.68 20.63 110.10
C MET EA 156 79.08 19.62 111.07
N SER EA 157 78.67 20.15 112.22
CA SER EA 157 78.08 19.37 113.31
C SER EA 157 77.36 20.33 114.22
N ILE EA 158 76.06 20.14 114.40
CA ILE EA 158 75.26 21.00 115.27
C ILE EA 158 74.49 20.12 116.24
N GLY EA 159 74.10 20.71 117.38
CA GLY EA 159 73.33 20.05 118.40
C GLY EA 159 74.03 20.18 119.74
N ALA EA 160 73.67 19.29 120.66
CA ALA EA 160 74.26 19.30 122.00
C ALA EA 160 75.67 18.72 121.95
N ARG EA 161 76.57 19.33 122.73
CA ARG EA 161 78.00 19.08 122.89
C ARG EA 161 78.72 18.77 121.58
N SER EA 162 78.39 19.51 120.52
CA SER EA 162 78.86 19.21 119.19
C SER EA 162 80.21 19.85 118.89
N GLN EA 163 80.86 20.43 119.91
CA GLN EA 163 82.05 21.21 119.64
C GLN EA 163 83.27 20.30 119.54
N SER EA 164 83.29 19.23 120.36
CA SER EA 164 84.33 18.21 120.22
C SER EA 164 84.25 17.54 118.86
N ALA EA 165 83.02 17.38 118.35
CA ALA EA 165 82.81 16.97 116.97
C ALA EA 165 83.45 17.94 116.00
N ARG EA 166 83.36 19.24 116.28
CA ARG EA 166 83.95 20.24 115.40
C ARG EA 166 85.47 20.18 115.45
N THR EA 167 86.04 19.87 116.62
CA THR EA 167 87.48 19.67 116.72
C THR EA 167 87.93 18.47 115.91
N TYR EA 168 87.12 17.40 115.92
CA TYR EA 168 87.40 16.23 115.11
C TYR EA 168 87.33 16.56 113.63
N LEU EA 169 86.35 17.37 113.25
CA LEU EA 169 86.22 17.78 111.86
C LEU EA 169 87.37 18.68 111.42
N GLU EA 170 87.89 19.50 112.34
CA GLU EA 170 89.08 20.29 112.05
C GLU EA 170 90.29 19.41 111.81
N ARG EA 171 90.50 18.43 112.67
CA ARG EA 171 91.69 17.60 112.54
C ARG EA 171 91.49 16.42 111.58
N HIS EA 172 90.37 16.32 110.89
CA HIS EA 172 90.27 15.34 109.81
C HIS EA 172 89.64 15.87 108.53
N MET EA 173 89.43 17.19 108.40
CA MET EA 173 88.88 17.73 107.17
C MET EA 173 89.84 17.62 106.00
N SER EA 174 91.14 17.50 106.28
CA SER EA 174 92.09 17.22 105.21
C SER EA 174 91.99 15.78 104.78
N GLU EA 175 91.68 14.88 105.71
CA GLU EA 175 91.60 13.46 105.39
C GLU EA 175 90.28 13.09 104.75
N PHE EA 176 89.26 13.93 104.90
CA PHE EA 176 87.92 13.61 104.41
C PHE EA 176 87.83 13.51 102.89
N MET EA 177 88.62 14.29 102.17
CA MET EA 177 88.29 14.58 100.77
C MET EA 177 88.56 13.42 99.83
N GLU EA 178 89.35 12.44 100.24
CA GLU EA 178 89.85 11.46 99.29
C GLU EA 178 89.11 10.13 99.31
N CYS EA 179 88.43 9.80 100.40
CA CYS EA 179 88.08 8.42 100.69
C CYS EA 179 86.72 8.05 100.11
N ASN EA 180 86.45 6.74 100.08
CA ASN EA 180 85.18 6.25 99.58
C ASN EA 180 84.19 6.18 100.75
N LEU EA 181 83.08 5.46 100.57
CA LEU EA 181 81.94 5.56 101.48
C LEU EA 181 82.24 5.02 102.87
N ASN EA 182 82.92 3.87 102.96
CA ASN EA 182 82.94 3.09 104.20
C ASN EA 182 83.74 3.77 105.30
N GLU EA 183 84.99 4.14 105.03
CA GLU EA 183 85.75 4.83 106.06
C GLU EA 183 85.27 6.24 106.29
N LEU EA 184 84.58 6.84 105.32
CA LEU EA 184 83.93 8.13 105.51
C LEU EA 184 82.85 8.05 106.57
N VAL EA 185 81.95 7.06 106.43
CA VAL EA 185 80.88 6.84 107.41
C VAL EA 185 81.47 6.51 108.78
N LYS EA 186 82.57 5.73 108.81
CA LYS EA 186 83.14 5.49 110.12
C LYS EA 186 83.92 6.67 110.67
N HIS EA 187 84.33 7.65 109.84
CA HIS EA 187 84.77 8.92 110.40
C HIS EA 187 83.60 9.69 111.00
N GLY EA 188 82.43 9.60 110.35
CA GLY EA 188 81.24 10.25 110.88
C GLY EA 188 80.87 9.73 112.25
N LEU EA 189 80.88 8.41 112.42
CA LEU EA 189 80.64 7.91 113.76
C LEU EA 189 81.87 7.98 114.67
N ARG EA 190 83.08 8.18 114.14
CA ARG EA 190 84.19 8.65 114.95
C ARG EA 190 84.13 10.14 115.24
N ALA EA 191 83.06 10.82 114.85
CA ALA EA 191 82.66 12.07 115.49
C ALA EA 191 81.54 11.85 116.48
N LEU EA 192 80.59 10.99 116.13
CA LEU EA 192 79.45 10.77 117.02
C LEU EA 192 79.84 10.05 118.31
N ARG EA 193 80.88 9.22 118.29
CA ARG EA 193 81.27 8.57 119.54
C ARG EA 193 82.02 9.51 120.47
N GLU EA 194 82.31 10.73 120.02
CA GLU EA 194 82.78 11.81 120.87
C GLU EA 194 81.70 12.84 121.13
N THR EA 195 80.56 12.75 120.44
CA THR EA 195 79.40 13.52 120.89
C THR EA 195 78.73 12.92 122.13
N LEU EA 196 79.28 11.86 122.72
CA LEU EA 196 78.71 11.16 123.86
C LEU EA 196 79.69 11.16 125.01
N PRO EA 197 79.22 11.13 126.25
CA PRO EA 197 80.12 10.88 127.38
C PRO EA 197 80.73 9.49 127.35
N ALA EA 198 81.91 9.38 127.95
CA ALA EA 198 82.83 8.27 127.69
C ALA EA 198 82.46 6.98 128.40
N GLU EA 199 81.53 6.99 129.36
CA GLU EA 199 81.22 5.81 130.16
C GLU EA 199 80.16 4.93 129.51
N GLN EA 200 79.75 5.26 128.29
CA GLN EA 200 78.80 4.45 127.54
C GLN EA 200 79.21 4.50 126.08
N ASP EA 201 78.75 3.51 125.32
CA ASP EA 201 79.16 3.36 123.93
C ASP EA 201 77.94 3.40 123.03
N LEU EA 202 78.15 3.92 121.83
CA LEU EA 202 77.14 4.00 120.79
C LEU EA 202 76.73 2.60 120.33
N THR EA 203 75.46 2.26 120.51
CA THR EA 203 74.90 0.99 120.09
C THR EA 203 74.23 1.11 118.73
N THR EA 204 73.44 0.09 118.36
CA THR EA 204 72.75 0.11 117.08
C THR EA 204 71.58 1.07 117.07
N LYS EA 205 70.62 0.87 117.99
CA LYS EA 205 69.28 1.43 117.89
C LYS EA 205 69.20 2.94 118.01
N ASN EA 206 70.29 3.62 118.35
CA ASN EA 206 70.23 5.04 118.62
C ASN EA 206 70.90 5.88 117.54
N VAL EA 207 71.42 5.25 116.49
CA VAL EA 207 72.16 5.96 115.47
C VAL EA 207 71.45 5.76 114.13
N SER EA 208 71.62 6.74 113.24
CA SER EA 208 71.00 6.68 111.92
C SER EA 208 71.91 7.33 110.90
N ILE EA 209 71.97 6.74 109.71
CA ILE EA 209 72.93 7.11 108.67
C ILE EA 209 72.18 7.23 107.35
N GLY EA 210 72.39 8.33 106.65
CA GLY EA 210 71.81 8.52 105.33
C GLY EA 210 72.82 8.92 104.28
N ILE EA 211 73.03 8.06 103.27
CA ILE EA 211 74.03 8.31 102.24
C ILE EA 211 73.30 8.74 100.98
N VAL EA 212 73.77 9.80 100.34
CA VAL EA 212 73.41 10.12 98.97
C VAL EA 212 74.69 10.14 98.14
N GLY EA 213 74.61 9.61 96.92
CA GLY EA 213 75.77 9.50 96.06
C GLY EA 213 75.50 10.11 94.69
N LYS EA 214 76.59 10.33 93.94
CA LYS EA 214 76.47 10.95 92.63
C LYS EA 214 75.78 10.04 91.63
N ASP EA 215 75.91 8.73 91.83
CA ASP EA 215 75.08 7.76 91.11
C ASP EA 215 74.16 7.01 92.05
N LEU EA 216 74.23 7.28 93.35
CA LEU EA 216 73.50 6.50 94.34
C LEU EA 216 72.33 7.33 94.86
N GLU EA 217 71.15 6.74 94.82
CA GLU EA 217 69.96 7.39 95.33
C GLU EA 217 70.00 7.47 96.86
N PHE EA 218 69.34 8.48 97.41
CA PHE EA 218 69.35 8.73 98.85
C PHE EA 218 68.64 7.63 99.63
N THR EA 219 69.31 7.10 100.64
CA THR EA 219 68.76 5.94 101.34
C THR EA 219 69.09 6.07 102.82
N ILE EA 220 68.09 5.79 103.66
CA ILE EA 220 68.21 5.86 105.11
C ILE EA 220 68.47 4.44 105.62
N TYR EA 221 69.21 4.33 106.72
CA TYR EA 221 69.55 3.03 107.28
C TYR EA 221 69.31 3.00 108.78
N ASP EA 222 68.92 1.83 109.27
CA ASP EA 222 68.58 1.64 110.68
C ASP EA 222 68.90 0.21 111.12
N ASP EA 223 70.02 0.07 111.83
CA ASP EA 223 70.47 -1.07 112.63
C ASP EA 223 70.94 -2.29 111.83
N ASP EA 224 70.51 -2.43 110.58
CA ASP EA 224 70.68 -3.70 109.88
C ASP EA 224 71.64 -3.60 108.70
N ASP EA 225 71.60 -2.49 107.97
CA ASP EA 225 72.75 -2.07 107.19
C ASP EA 225 73.60 -1.08 107.98
N VAL EA 226 73.38 -1.03 109.29
CA VAL EA 226 74.25 -0.30 110.21
C VAL EA 226 75.09 -1.25 111.06
N SER EA 227 74.61 -2.46 111.37
CA SER EA 227 75.51 -3.49 111.86
C SER EA 227 76.74 -3.77 110.98
N PRO EA 228 76.70 -3.62 109.64
CA PRO EA 228 77.98 -3.55 108.91
C PRO EA 228 78.76 -2.28 109.19
N PHE EA 229 78.07 -1.18 109.49
CA PHE EA 229 78.77 0.08 109.69
C PHE EA 229 79.35 0.19 111.09
N LEU EA 230 78.81 -0.57 112.05
CA LEU EA 230 79.27 -0.47 113.41
C LEU EA 230 80.47 -1.37 113.68
N GLU EA 231 80.68 -2.37 112.86
CA GLU EA 231 81.92 -3.11 112.96
C GLU EA 231 82.94 -2.43 112.08
N GLY EA 232 84.22 -2.69 112.35
CA GLY EA 232 85.26 -1.87 111.76
C GLY EA 232 85.63 -0.74 112.67
N LEU EA 233 85.58 -0.94 113.98
CA LEU EA 233 85.91 0.08 114.97
C LEU EA 233 86.85 -0.47 116.01
N GLU EA 234 87.53 0.44 116.68
CA GLU EA 234 88.26 0.10 117.89
C GLU EA 234 87.60 0.80 119.08
N GLU EA 235 88.12 0.50 120.27
CA GLU EA 235 87.67 1.15 121.47
C GLU EA 235 88.19 2.58 121.55
N ARG EA 236 87.59 3.35 122.45
CA ARG EA 236 88.10 4.67 122.74
C ARG EA 236 89.44 4.54 123.47
N PRO EA 237 90.34 5.52 123.31
CA PRO EA 237 91.64 5.45 124.00
C PRO EA 237 91.55 5.70 125.49
N GLN EA 238 91.17 4.67 126.25
CA GLN EA 238 91.09 4.78 127.70
C GLN EA 238 92.49 4.72 128.32
N THR FA 5 64.41 55.47 127.24
CA THR FA 5 63.81 54.94 128.46
C THR FA 5 62.33 55.29 128.51
N GLY FA 6 61.50 54.52 127.80
CA GLY FA 6 60.10 54.83 127.62
C GLY FA 6 59.69 55.13 126.20
N TYR FA 7 60.61 55.55 125.34
CA TYR FA 7 60.25 55.98 124.00
C TYR FA 7 61.08 55.31 122.91
N ASP FA 8 62.04 54.46 123.27
CA ASP FA 8 62.80 53.71 122.29
C ASP FA 8 62.17 52.39 121.90
N LEU FA 9 60.94 52.11 122.32
CA LEU FA 9 60.37 50.79 122.09
C LEU FA 9 59.80 50.68 120.69
N SER FA 10 58.80 51.50 120.38
CA SER FA 10 58.07 51.36 119.14
C SER FA 10 58.75 52.15 118.02
N ALA FA 11 58.45 51.74 116.79
CA ALA FA 11 58.94 52.44 115.61
C ALA FA 11 57.98 53.50 115.11
N SER FA 12 56.86 53.71 115.79
CA SER FA 12 55.91 54.75 115.41
C SER FA 12 56.01 56.00 116.26
N THR FA 13 56.49 55.88 117.49
CA THR FA 13 56.41 56.97 118.46
C THR FA 13 57.54 57.95 118.26
N PHE FA 14 57.30 59.20 118.64
CA PHE FA 14 58.35 60.19 118.67
C PHE FA 14 58.89 60.35 120.09
N SER FA 15 59.95 61.13 120.19
CA SER FA 15 60.66 61.34 121.43
C SER FA 15 60.36 62.73 121.99
N PRO FA 16 60.70 62.98 123.25
CA PRO FA 16 60.65 64.37 123.75
C PRO FA 16 61.63 65.31 123.08
N ASP FA 17 62.64 64.81 122.36
CA ASP FA 17 63.51 65.70 121.61
C ASP FA 17 63.37 65.52 120.11
N GLY FA 18 62.59 64.55 119.65
CA GLY FA 18 62.02 64.60 118.32
C GLY FA 18 62.53 63.57 117.33
N ARG FA 19 63.25 62.54 117.76
CA ARG FA 19 63.77 61.53 116.85
C ARG FA 19 63.30 60.14 117.22
N VAL FA 20 63.45 59.22 116.26
CA VAL FA 20 63.05 57.82 116.43
C VAL FA 20 64.30 57.03 116.80
N PHE FA 21 64.30 56.46 118.01
CA PHE FA 21 65.47 55.74 118.50
C PHE FA 21 65.62 54.37 117.86
N GLN FA 22 64.54 53.82 117.29
CA GLN FA 22 64.61 52.57 116.56
C GLN FA 22 65.53 52.67 115.35
N VAL FA 23 65.43 53.78 114.62
CA VAL FA 23 66.23 53.97 113.42
C VAL FA 23 67.70 54.14 113.78
N GLU FA 24 67.97 54.79 114.91
CA GLU FA 24 69.34 54.95 115.38
C GLU FA 24 69.93 53.60 115.77
N TYR FA 25 69.15 52.79 116.48
CA TYR FA 25 69.60 51.48 116.91
C TYR FA 25 69.82 50.56 115.71
N ALA FA 26 69.03 50.73 114.66
CA ALA FA 26 69.25 49.96 113.44
C ALA FA 26 70.45 50.46 112.67
N MET FA 27 70.72 51.77 112.72
CA MET FA 27 71.92 52.30 112.07
C MET FA 27 73.19 51.79 112.72
N LYS FA 28 73.22 51.75 114.05
CA LYS FA 28 74.41 51.24 114.71
C LYS FA 28 74.42 49.73 114.86
N ALA FA 29 73.45 49.05 114.25
CA ALA FA 29 73.57 47.61 114.09
C ALA FA 29 74.61 47.26 113.05
N VAL FA 30 74.65 48.02 111.96
CA VAL FA 30 75.58 47.81 110.86
C VAL FA 30 77.02 48.18 111.26
N GLU FA 31 77.18 48.92 112.36
CA GLU FA 31 78.51 49.32 112.82
C GLU FA 31 79.39 48.12 113.21
N ASN FA 32 78.78 47.06 113.74
CA ASN FA 32 79.54 45.86 114.07
C ASN FA 32 79.83 44.97 112.87
N SER FA 33 79.22 45.25 111.72
CA SER FA 33 79.37 44.38 110.57
C SER FA 33 80.72 44.58 109.88
N SER FA 34 80.95 43.75 108.86
CA SER FA 34 82.19 43.71 108.11
C SER FA 34 82.39 45.00 107.31
N THR FA 35 83.65 45.28 106.99
CA THR FA 35 83.98 46.51 106.30
C THR FA 35 83.73 46.32 104.81
N ALA FA 36 82.94 47.22 104.21
CA ALA FA 36 82.62 47.18 102.79
C ALA FA 36 82.75 48.57 102.20
N ILE FA 37 83.60 48.71 101.19
CA ILE FA 37 83.84 50.00 100.55
C ILE FA 37 83.45 49.92 99.08
N GLY FA 38 83.47 51.08 98.43
CA GLY FA 38 83.29 51.14 96.99
C GLY FA 38 83.82 52.47 96.46
N ILE FA 39 84.20 52.45 95.19
CA ILE FA 39 84.79 53.62 94.54
C ILE FA 39 84.59 53.44 93.03
N ARG FA 40 84.37 54.54 92.33
CA ARG FA 40 84.27 54.53 90.89
C ARG FA 40 85.47 55.21 90.24
N CYS FA 41 85.71 54.84 88.99
CA CYS FA 41 86.73 55.44 88.13
C CYS FA 41 86.00 56.16 87.01
N LYS FA 42 86.75 56.65 86.03
CA LYS FA 42 86.12 57.39 84.94
C LYS FA 42 85.42 56.51 83.93
N ASP FA 43 85.59 55.19 83.97
CA ASP FA 43 84.80 54.33 83.11
C ASP FA 43 84.33 53.08 83.86
N GLY FA 44 84.07 53.19 85.15
CA GLY FA 44 83.54 52.06 85.88
C GLY FA 44 83.52 52.27 87.37
N VAL FA 45 82.88 51.32 88.05
CA VAL FA 45 82.71 51.34 89.49
C VAL FA 45 83.29 50.04 90.03
N VAL FA 46 84.08 50.13 91.09
CA VAL FA 46 84.72 48.97 91.69
C VAL FA 46 84.23 48.83 93.12
N PHE FA 47 83.80 47.63 93.49
CA PHE FA 47 83.41 47.32 94.86
C PHE FA 47 84.49 46.50 95.54
N GLY FA 48 84.38 46.44 96.87
CA GLY FA 48 85.31 45.68 97.68
C GLY FA 48 84.85 45.54 99.11
N VAL FA 49 84.87 44.32 99.63
CA VAL FA 49 84.33 44.01 100.95
C VAL FA 49 85.40 43.25 101.71
N GLU FA 50 85.77 43.75 102.88
CA GLU FA 50 86.61 42.99 103.79
C GLU FA 50 85.78 41.87 104.38
N LYS FA 51 86.07 40.65 103.96
CA LYS FA 51 85.31 39.48 104.37
C LYS FA 51 86.20 38.58 105.20
N LEU FA 52 85.65 38.03 106.28
CA LEU FA 52 86.42 37.29 107.26
C LEU FA 52 86.01 35.83 107.35
N VAL FA 53 86.99 34.95 107.48
CA VAL FA 53 86.72 33.54 107.76
C VAL FA 53 86.44 33.44 109.26
N LEU FA 54 85.49 32.56 109.64
CA LEU FA 54 85.14 32.39 111.05
C LEU FA 54 86.26 31.92 111.96
N SER FA 55 86.64 30.66 111.86
CA SER FA 55 87.95 30.19 112.30
C SER FA 55 88.62 29.36 111.23
N LYS FA 56 87.99 28.20 110.95
CA LYS FA 56 88.47 27.27 109.93
C LYS FA 56 87.29 26.52 109.32
N LEU FA 57 86.11 27.10 109.36
CA LEU FA 57 84.90 26.32 109.10
C LEU FA 57 84.22 26.75 107.83
N TYR FA 58 84.77 27.73 107.13
CA TYR FA 58 84.11 28.31 105.97
C TYR FA 58 84.53 27.47 104.76
N GLU FA 59 84.27 27.94 103.54
CA GLU FA 59 84.73 27.21 102.37
C GLU FA 59 85.37 28.14 101.33
N GLU FA 60 85.48 29.43 101.65
CA GLU FA 60 86.03 30.50 100.81
C GLU FA 60 85.33 30.58 99.44
N GLY FA 61 84.10 31.07 99.46
CA GLY FA 61 83.27 31.07 98.28
C GLY FA 61 81.79 30.84 98.52
N SER FA 62 81.38 30.84 99.79
CA SER FA 62 79.97 30.87 100.16
C SER FA 62 79.48 32.29 100.39
N ASN FA 63 78.15 32.41 100.55
CA ASN FA 63 77.35 33.53 101.04
C ASN FA 63 77.86 34.94 100.73
N LYS FA 64 78.25 35.16 99.48
CA LYS FA 64 78.97 36.36 99.08
C LYS FA 64 78.06 37.59 99.18
N ARG FA 65 78.49 38.56 99.99
CA ARG FA 65 77.72 39.79 100.19
C ARG FA 65 77.69 40.68 98.95
N LEU FA 66 78.63 40.52 98.03
CA LEU FA 66 78.54 41.18 96.74
C LEU FA 66 77.49 40.46 95.92
N PHE FA 67 76.29 41.02 95.87
CA PHE FA 67 75.22 40.44 95.07
C PHE FA 67 75.33 40.96 93.65
N ASN FA 68 74.32 40.70 92.83
CA ASN FA 68 74.33 41.19 91.46
C ASN FA 68 72.87 41.31 91.03
N VAL FA 69 72.33 42.52 91.13
CA VAL FA 69 70.87 42.70 91.05
C VAL FA 69 70.40 42.68 89.61
N ASP FA 70 70.89 43.62 88.80
CA ASP FA 70 70.54 43.68 87.40
C ASP FA 70 71.77 43.31 86.58
N ARG FA 71 71.62 43.36 85.24
CA ARG FA 71 72.70 43.04 84.31
C ARG FA 71 73.89 43.97 84.48
N HIS FA 72 73.65 45.17 85.00
CA HIS FA 72 74.66 46.20 85.19
C HIS FA 72 74.65 46.78 86.59
N VAL FA 73 73.92 46.17 87.53
CA VAL FA 73 73.79 46.68 88.89
C VAL FA 73 73.95 45.52 89.86
N GLY FA 74 74.76 45.74 90.91
CA GLY FA 74 74.85 44.78 91.99
C GLY FA 74 75.02 45.51 93.31
N MET FA 75 74.80 44.76 94.39
CA MET FA 75 74.84 45.33 95.73
C MET FA 75 76.16 44.96 96.39
N ALA FA 76 76.49 45.70 97.45
CA ALA FA 76 77.72 45.50 98.19
C ALA FA 76 77.42 45.54 99.68
N VAL FA 77 76.47 44.70 100.08
CA VAL FA 77 75.78 44.82 101.36
C VAL FA 77 76.74 44.57 102.54
N ALA FA 78 76.31 45.05 103.71
CA ALA FA 78 77.00 44.79 104.96
C ALA FA 78 75.98 44.96 106.06
N GLY FA 79 76.03 44.07 107.04
CA GLY FA 79 75.00 44.03 108.07
C GLY FA 79 74.42 42.65 108.21
N LEU FA 80 73.12 42.59 108.53
CA LEU FA 80 72.42 41.32 108.60
C LEU FA 80 72.23 40.76 107.21
N LEU FA 81 72.62 39.50 107.01
CA LEU FA 81 72.75 38.98 105.66
C LEU FA 81 71.40 38.65 105.05
N ALA FA 82 70.50 38.02 105.82
CA ALA FA 82 69.23 37.57 105.28
C ALA FA 82 68.33 38.75 104.92
N ASP FA 83 68.38 39.81 105.73
CA ASP FA 83 67.66 41.04 105.41
C ASP FA 83 68.17 41.64 104.11
N ALA FA 84 69.48 41.59 103.90
CA ALA FA 84 70.06 42.04 102.64
C ALA FA 84 69.64 41.14 101.48
N ARG FA 85 69.47 39.84 101.74
CA ARG FA 85 69.01 38.93 100.69
C ARG FA 85 67.59 39.26 100.27
N SER FA 86 66.72 39.50 101.26
CA SER FA 86 65.34 39.88 100.97
C SER FA 86 65.26 41.20 100.24
N LEU FA 87 66.08 42.16 100.66
CA LEU FA 87 66.07 43.47 100.01
C LEU FA 87 66.61 43.35 98.58
N ALA FA 88 67.60 42.49 98.38
CA ALA FA 88 68.12 42.22 97.05
C ALA FA 88 67.07 41.57 96.16
N ASP FA 89 66.25 40.70 96.73
CA ASP FA 89 65.15 40.10 95.99
C ASP FA 89 64.12 41.15 95.59
N ILE FA 90 63.87 42.12 96.47
CA ILE FA 90 62.98 43.23 96.14
C ILE FA 90 63.55 44.08 95.02
N ALA FA 91 64.86 44.29 95.05
CA ALA FA 91 65.51 45.06 94.00
C ALA FA 91 65.48 44.33 92.65
N ARG FA 92 65.69 43.00 92.67
CA ARG FA 92 65.53 42.20 91.46
C ARG FA 92 64.12 42.28 90.93
N GLU FA 93 63.14 42.29 91.83
CA GLU FA 93 61.74 42.38 91.43
C GLU FA 93 61.45 43.75 90.80
N GLU FA 94 62.04 44.82 91.35
CA GLU FA 94 61.78 46.15 90.82
C GLU FA 94 62.43 46.34 89.45
N ALA FA 95 63.67 45.86 89.29
CA ALA FA 95 64.30 45.88 87.98
C ALA FA 95 63.54 45.00 87.00
N SER FA 96 62.92 43.94 87.51
CA SER FA 96 62.08 43.07 86.68
C SER FA 96 60.86 43.84 86.18
N ASN FA 97 60.20 44.60 87.07
CA ASN FA 97 59.05 45.40 86.65
C ASN FA 97 59.43 46.45 85.64
N PHE FA 98 60.59 47.08 85.81
CA PHE FA 98 60.96 48.12 84.86
C PHE FA 98 61.29 47.55 83.50
N ARG FA 99 62.06 46.45 83.47
CA ARG FA 99 62.36 45.81 82.20
C ARG FA 99 61.10 45.25 81.55
N SER FA 100 60.14 44.79 82.34
CA SER FA 100 58.91 44.26 81.78
C SER FA 100 57.96 45.35 81.32
N ASN FA 101 58.04 46.53 81.91
CA ASN FA 101 57.08 47.57 81.58
C ASN FA 101 57.61 48.58 80.58
N PHE FA 102 58.93 48.68 80.40
CA PHE FA 102 59.47 49.68 79.52
C PHE FA 102 60.52 49.19 78.53
N GLY FA 103 61.02 47.98 78.67
CA GLY FA 103 61.81 47.38 77.61
C GLY FA 103 63.27 47.79 77.57
N TYR FA 104 63.79 48.43 78.62
CA TYR FA 104 65.18 48.85 78.63
C TYR FA 104 65.69 48.86 80.07
N ASN FA 105 66.97 49.19 80.21
CA ASN FA 105 67.66 49.08 81.49
C ASN FA 105 67.21 50.17 82.46
N ILE FA 106 67.06 49.78 83.72
CA ILE FA 106 66.59 50.69 84.76
C ILE FA 106 67.63 51.78 85.03
N PRO FA 107 67.24 53.05 85.04
CA PRO FA 107 68.17 54.09 85.49
C PRO FA 107 68.36 53.98 87.00
N LEU FA 108 69.58 54.29 87.45
CA LEU FA 108 69.95 53.97 88.82
C LEU FA 108 69.31 54.91 89.83
N LYS FA 109 69.03 56.15 89.40
CA LYS FA 109 68.34 57.11 90.27
C LYS FA 109 66.95 56.64 90.63
N HIS FA 110 66.18 56.18 89.64
CA HIS FA 110 64.82 55.74 89.90
C HIS FA 110 64.80 54.47 90.72
N LEU FA 111 65.73 53.55 90.45
CA LEU FA 111 65.83 52.31 91.21
C LEU FA 111 66.16 52.61 92.66
N ALA FA 112 67.11 53.50 92.90
CA ALA FA 112 67.48 53.85 94.26
C ALA FA 112 66.36 54.58 94.98
N ASP FA 113 65.56 55.37 94.26
CA ASP FA 113 64.47 56.07 94.91
C ASP FA 113 63.32 55.13 95.26
N ARG FA 114 63.03 54.15 94.38
CA ARG FA 114 62.02 53.15 94.71
C ARG FA 114 62.46 52.31 95.90
N VAL FA 115 63.74 51.93 95.94
CA VAL FA 115 64.24 51.14 97.07
C VAL FA 115 64.21 51.97 98.35
N ALA FA 116 64.54 53.26 98.26
CA ALA FA 116 64.46 54.14 99.42
C ALA FA 116 63.03 54.30 99.91
N MET FA 117 62.07 54.33 99.00
CA MET FA 117 60.67 54.39 99.42
C MET FA 117 60.23 53.10 100.08
N TYR FA 118 60.77 51.97 99.62
CA TYR FA 118 60.44 50.69 100.21
C TYR FA 118 61.00 50.60 101.63
N VAL FA 119 62.24 51.08 101.82
CA VAL FA 119 62.85 51.11 103.14
C VAL FA 119 62.11 52.07 104.04
N HIS FA 120 61.67 53.21 103.49
CA HIS FA 120 60.92 54.18 104.28
C HIS FA 120 59.57 53.64 104.71
N ALA FA 121 58.90 52.90 103.83
CA ALA FA 121 57.64 52.26 104.18
C ALA FA 121 57.83 51.18 105.25
N TYR FA 122 58.99 50.53 105.28
CA TYR FA 122 59.24 49.69 106.44
C TYR FA 122 59.72 50.44 107.67
N THR FA 123 60.13 51.71 107.54
CA THR FA 123 60.45 52.47 108.74
C THR FA 123 59.25 53.17 109.36
N LEU FA 124 58.15 53.32 108.62
CA LEU FA 124 57.04 54.13 109.14
C LEU FA 124 56.28 53.42 110.26
N TYR FA 125 55.68 52.28 109.96
CA TYR FA 125 54.66 51.70 110.83
C TYR FA 125 55.25 51.03 112.06
N SER FA 126 54.35 50.62 112.95
CA SER FA 126 54.70 49.96 114.20
C SER FA 126 54.69 48.44 114.11
N ALA FA 127 54.13 47.87 113.04
CA ALA FA 127 54.12 46.42 112.91
C ALA FA 127 55.49 45.87 112.56
N VAL FA 128 56.33 46.68 111.93
CA VAL FA 128 57.58 46.22 111.34
C VAL FA 128 58.72 46.96 112.01
N ARG FA 129 59.89 46.41 111.87
CA ARG FA 129 61.08 47.05 112.37
C ARG FA 129 61.79 47.76 111.24
N PRO FA 130 62.67 48.71 111.53
CA PRO FA 130 63.56 49.22 110.47
C PRO FA 130 64.55 48.15 110.04
N PHE FA 131 65.02 48.30 108.81
CA PHE FA 131 66.01 47.40 108.25
C PHE FA 131 67.33 47.49 108.99
N GLY FA 132 68.08 46.39 108.98
CA GLY FA 132 69.40 46.40 109.55
C GLY FA 132 70.45 46.29 108.47
N CYS FA 133 70.26 46.99 107.36
CA CYS FA 133 71.18 46.90 106.24
C CYS FA 133 71.60 48.28 105.78
N SER FA 134 72.78 48.34 105.18
CA SER FA 134 73.27 49.54 104.52
C SER FA 134 74.13 49.06 103.36
N PHE FA 135 73.78 49.46 102.15
CA PHE FA 135 74.36 48.83 100.97
C PHE FA 135 74.76 49.87 99.93
N MET FA 136 75.45 49.38 98.92
CA MET FA 136 75.99 50.18 97.85
C MET FA 136 75.34 49.78 96.54
N LEU FA 137 75.28 50.73 95.60
CA LEU FA 137 74.71 50.45 94.28
C LEU FA 137 75.56 51.10 93.21
N GLY FA 138 76.10 50.28 92.31
CA GLY FA 138 76.91 50.80 91.22
C GLY FA 138 76.28 50.46 89.90
N SER FA 139 76.70 51.15 88.85
CA SER FA 139 76.14 50.97 87.52
C SER FA 139 77.13 51.44 86.48
N TYR FA 140 76.77 51.25 85.22
CA TYR FA 140 77.44 51.92 84.11
C TYR FA 140 76.52 51.92 82.91
N SER FA 141 76.58 52.99 82.13
CA SER FA 141 75.80 53.08 80.91
C SER FA 141 76.59 53.88 79.88
N VAL FA 142 76.27 53.62 78.61
CA VAL FA 142 76.99 54.27 77.52
C VAL FA 142 76.59 55.74 77.37
N ASN FA 143 75.38 56.11 77.79
CA ASN FA 143 74.93 57.49 77.69
C ASN FA 143 74.88 58.18 79.04
N ASP FA 144 75.32 57.50 80.11
CA ASP FA 144 75.17 58.01 81.46
C ASP FA 144 76.44 57.95 82.28
N GLY FA 145 77.39 57.10 81.92
CA GLY FA 145 78.61 57.00 82.70
C GLY FA 145 78.47 56.09 83.90
N ALA FA 146 79.21 56.41 84.95
CA ALA FA 146 79.24 55.63 86.17
C ALA FA 146 78.44 56.35 87.24
N GLN FA 147 77.64 55.59 87.98
CA GLN FA 147 76.81 56.13 89.05
C GLN FA 147 76.97 55.24 90.26
N LEU FA 148 77.27 55.87 91.40
CA LEU FA 148 77.46 55.17 92.66
C LEU FA 148 76.56 55.82 93.70
N TYR FA 149 75.66 55.03 94.26
CA TYR FA 149 74.71 55.49 95.25
C TYR FA 149 74.95 54.79 96.58
N MET FA 150 74.08 55.07 97.55
CA MET FA 150 74.31 54.74 98.95
C MET FA 150 73.01 54.87 99.71
N ILE FA 151 72.62 53.80 100.41
CA ILE FA 151 71.34 53.77 101.11
C ILE FA 151 71.59 53.39 102.56
N ASP FA 152 71.19 54.27 103.47
CA ASP FA 152 71.29 54.06 104.91
C ASP FA 152 70.11 53.20 105.38
N PRO FA 153 70.09 52.79 106.66
CA PRO FA 153 68.86 52.13 107.17
C PRO FA 153 67.64 53.03 107.19
N SER FA 154 67.80 54.35 107.26
CA SER FA 154 66.62 55.21 107.30
C SER FA 154 65.96 55.33 105.94
N GLY FA 155 66.75 55.51 104.89
CA GLY FA 155 66.19 55.67 103.58
C GLY FA 155 66.67 56.92 102.85
N VAL FA 156 67.75 57.51 103.34
CA VAL FA 156 68.34 58.67 102.69
C VAL FA 156 69.30 58.16 101.62
N SER FA 157 68.99 58.44 100.36
CA SER FA 157 69.69 57.83 99.22
C SER FA 157 70.20 58.92 98.29
N TYR FA 158 71.50 59.14 98.27
CA TYR FA 158 72.10 60.07 97.32
C TYR FA 158 73.49 59.53 96.96
N GLY FA 159 74.22 60.30 96.14
CA GLY FA 159 75.35 59.75 95.43
C GLY FA 159 76.72 60.22 95.85
N TYR FA 160 77.72 59.40 95.53
CA TYR FA 160 79.08 59.53 96.00
C TYR FA 160 80.03 59.31 94.84
N TRP FA 161 81.29 59.57 95.09
CA TRP FA 161 82.32 58.93 94.30
C TRP FA 161 82.82 57.69 95.01
N GLY FA 162 83.10 57.82 96.30
CA GLY FA 162 83.51 56.70 97.12
C GLY FA 162 82.74 56.66 98.42
N CYS FA 163 82.68 55.48 99.00
CA CYS FA 163 82.01 55.26 100.27
C CYS FA 163 82.68 54.11 101.00
N ALA FA 164 82.23 53.91 102.24
CA ALA FA 164 82.71 52.83 103.08
C ALA FA 164 81.63 52.49 104.08
N ILE FA 165 81.44 51.20 104.34
CA ILE FA 165 80.44 50.73 105.28
C ILE FA 165 81.10 49.66 106.16
N GLY FA 166 81.15 49.92 107.46
CA GLY FA 166 81.68 48.95 108.40
C GLY FA 166 82.25 49.66 109.62
N LYS FA 167 83.21 48.98 110.27
CA LYS FA 167 83.94 49.57 111.38
C LYS FA 167 84.72 50.80 110.94
N ALA FA 168 85.68 50.60 110.03
CA ALA FA 168 86.57 51.67 109.59
C ALA FA 168 85.92 52.50 108.49
N ARG FA 169 84.78 53.10 108.85
CA ARG FA 169 84.07 53.96 107.90
C ARG FA 169 84.82 55.27 107.71
N GLN FA 170 85.23 55.91 108.80
CA GLN FA 170 86.11 57.07 108.71
C GLN FA 170 87.51 56.66 108.30
N ALA FA 171 88.01 55.56 108.85
CA ALA FA 171 89.42 55.19 108.70
C ALA FA 171 89.73 54.64 107.32
N ALA FA 172 88.72 54.35 106.49
CA ALA FA 172 88.98 54.08 105.09
C ALA FA 172 88.97 55.39 104.31
N LYS FA 173 87.94 56.21 104.50
CA LYS FA 173 87.78 57.45 103.74
C LYS FA 173 88.77 58.53 104.15
N THR FA 174 89.58 58.29 105.19
CA THR FA 174 90.70 59.17 105.46
C THR FA 174 91.67 59.17 104.29
N GLU FA 175 91.92 58.00 103.72
CA GLU FA 175 92.85 57.88 102.62
C GLU FA 175 92.17 57.42 101.33
N ILE FA 176 90.85 57.25 101.33
CA ILE FA 176 90.15 57.10 100.06
C ILE FA 176 90.11 58.42 99.29
N GLU FA 177 89.88 59.53 99.99
CA GLU FA 177 89.64 60.77 99.27
C GLU FA 177 90.92 61.40 98.72
N LYS FA 178 92.08 60.91 99.12
CA LYS FA 178 93.34 61.36 98.57
C LYS FA 178 93.72 60.57 97.31
N LEU FA 179 92.85 59.70 96.83
CA LEU FA 179 93.06 59.07 95.54
C LEU FA 179 92.68 60.02 94.42
N GLN FA 180 93.54 60.07 93.39
CA GLN FA 180 93.23 60.82 92.17
C GLN FA 180 92.25 60.01 91.33
N MET FA 181 90.98 60.15 91.68
CA MET FA 181 89.97 59.19 91.27
C MET FA 181 89.52 59.37 89.83
N LYS FA 182 89.67 60.56 89.27
CA LYS FA 182 89.11 60.81 87.94
C LYS FA 182 90.02 60.26 86.84
N GLU FA 183 91.31 60.50 86.98
CA GLU FA 183 92.29 60.23 85.93
C GLU FA 183 92.70 58.77 85.85
N MET FA 184 92.12 57.89 86.64
CA MET FA 184 92.53 56.50 86.67
C MET FA 184 91.45 55.65 86.01
N THR FA 185 91.90 54.69 85.21
CA THR FA 185 91.01 53.61 84.82
C THR FA 185 90.91 52.62 85.95
N CYS FA 186 89.90 51.75 85.87
CA CYS FA 186 89.57 50.90 87.01
C CYS FA 186 90.58 49.78 87.19
N ARG FA 187 91.40 49.49 86.19
CA ARG FA 187 92.38 48.43 86.31
C ARG FA 187 93.50 48.80 87.26
N ASP FA 188 93.73 50.10 87.47
CA ASP FA 188 94.57 50.56 88.58
C ASP FA 188 93.80 50.47 89.88
N ILE FA 189 92.52 50.84 89.83
CA ILE FA 189 91.65 50.92 91.00
C ILE FA 189 91.47 49.55 91.66
N VAL FA 190 91.69 48.46 90.91
CA VAL FA 190 91.64 47.12 91.49
C VAL FA 190 92.69 46.98 92.58
N LYS FA 191 93.95 47.26 92.26
CA LYS FA 191 94.97 47.18 93.30
C LYS FA 191 94.87 48.34 94.28
N GLU FA 192 94.25 49.46 93.87
CA GLU FA 192 93.97 50.52 94.84
C GLU FA 192 93.04 50.04 95.95
N VAL FA 193 91.91 49.42 95.58
CA VAL FA 193 90.98 48.87 96.56
C VAL FA 193 91.66 47.75 97.36
N ALA FA 194 92.51 46.97 96.69
CA ALA FA 194 93.29 45.93 97.35
C ALA FA 194 94.16 46.52 98.46
N LYS FA 195 94.84 47.63 98.17
CA LYS FA 195 95.70 48.22 99.19
C LYS FA 195 94.86 48.87 100.28
N ILE FA 196 93.67 49.38 99.96
CA ILE FA 196 92.85 50.03 100.98
C ILE FA 196 92.31 49.02 101.97
N ILE FA 197 91.78 47.91 101.45
CA ILE FA 197 91.32 46.82 102.31
C ILE FA 197 92.48 46.19 103.07
N TYR FA 198 93.64 46.06 102.43
CA TYR FA 198 94.75 45.42 103.13
C TYR FA 198 95.35 46.33 104.20
N ILE FA 199 95.17 47.65 104.10
CA ILE FA 199 95.72 48.55 105.11
C ILE FA 199 94.98 48.36 106.44
N VAL FA 200 93.66 48.31 106.39
CA VAL FA 200 92.87 48.28 107.61
C VAL FA 200 92.89 46.87 108.21
N HIS FA 201 93.31 46.79 109.48
CA HIS FA 201 93.15 45.63 110.36
C HIS FA 201 93.79 44.36 109.78
N ASP FA 202 95.12 44.34 109.82
CA ASP FA 202 95.84 43.15 109.37
C ASP FA 202 95.68 41.97 110.34
N GLU FA 203 95.96 42.17 111.62
CA GLU FA 203 96.01 41.05 112.55
C GLU FA 203 95.54 41.37 113.96
N VAL FA 204 95.03 42.56 114.24
CA VAL FA 204 95.01 43.08 115.61
C VAL FA 204 93.95 42.39 116.45
N LYS FA 205 92.69 42.51 116.05
CA LYS FA 205 91.61 41.89 116.79
C LYS FA 205 91.26 40.50 116.29
N ASP FA 206 91.30 40.27 114.98
CA ASP FA 206 90.95 38.98 114.39
C ASP FA 206 92.20 38.29 113.89
N LYS FA 207 91.98 37.14 113.25
CA LYS FA 207 93.07 36.32 112.75
C LYS FA 207 93.28 36.46 111.25
N ALA FA 208 92.23 36.28 110.46
CA ALA FA 208 92.41 36.26 109.01
C ALA FA 208 91.14 36.74 108.33
N PHE FA 209 91.33 37.34 107.17
CA PHE FA 209 90.25 37.86 106.33
C PHE FA 209 90.50 37.37 104.91
N GLU FA 210 89.60 37.73 104.01
CA GLU FA 210 89.72 37.32 102.62
C GLU FA 210 89.01 38.35 101.76
N LEU FA 211 89.53 38.55 100.56
CA LEU FA 211 89.15 39.68 99.71
C LEU FA 211 88.20 39.24 98.60
N GLU FA 212 87.15 40.03 98.41
CA GLU FA 212 86.35 39.98 97.20
C GLU FA 212 86.31 41.37 96.59
N LEU FA 213 86.22 41.40 95.25
CA LEU FA 213 86.24 42.65 94.51
C LEU FA 213 85.18 42.55 93.43
N SER FA 214 84.18 43.41 93.47
CA SER FA 214 83.25 43.44 92.35
C SER FA 214 83.65 44.51 91.36
N TRP FA 215 82.98 44.46 90.20
CA TRP FA 215 83.56 45.07 89.03
C TRP FA 215 82.55 45.29 87.92
N VAL FA 216 82.29 46.56 87.59
CA VAL FA 216 81.38 46.93 86.53
C VAL FA 216 82.01 48.12 85.83
N GLY FA 217 81.74 48.26 84.53
CA GLY FA 217 82.20 49.45 83.86
C GLY FA 217 82.23 49.28 82.36
N GLU FA 218 83.01 50.15 81.73
CA GLU FA 218 83.15 50.07 80.29
C GLU FA 218 84.02 48.88 79.89
N LEU FA 219 84.94 48.46 80.75
CA LEU FA 219 85.85 47.38 80.39
C LEU FA 219 85.13 46.04 80.36
N THR FA 220 84.01 45.92 81.05
CA THR FA 220 83.17 44.75 80.99
C THR FA 220 82.10 44.87 79.91
N ASN FA 221 82.18 45.93 79.11
CA ASN FA 221 81.22 46.27 78.05
C ASN FA 221 79.80 46.42 78.57
N GLY FA 222 79.67 46.90 79.80
CA GLY FA 222 78.37 47.05 80.42
C GLY FA 222 77.94 45.90 81.30
N ARG FA 223 78.79 44.90 81.48
CA ARG FA 223 78.47 43.78 82.33
C ARG FA 223 78.89 44.06 83.77
N HIS FA 224 78.36 43.27 84.69
CA HIS FA 224 78.77 43.34 86.08
C HIS FA 224 79.10 41.94 86.57
N GLU FA 225 80.33 41.77 87.03
CA GLU FA 225 80.77 40.48 87.55
C GLU FA 225 81.91 40.71 88.52
N ILE FA 226 82.22 39.68 89.30
CA ILE FA 226 83.43 39.68 90.11
C ILE FA 226 84.63 39.63 89.18
N VAL FA 227 85.72 40.29 89.57
CA VAL FA 227 86.97 40.17 88.82
C VAL FA 227 87.45 38.73 88.85
N PRO FA 228 88.14 38.29 87.85
CA PRO FA 228 89.01 37.13 88.02
C PRO FA 228 90.21 37.58 88.84
N LYS FA 229 90.08 37.62 90.18
CA LYS FA 229 91.10 38.24 91.00
C LYS FA 229 92.39 37.43 91.00
N ASP FA 230 92.26 36.10 90.94
CA ASP FA 230 93.40 35.22 90.77
C ASP FA 230 94.18 35.56 89.50
N ILE FA 231 93.47 35.95 88.43
CA ILE FA 231 94.12 36.55 87.28
C ILE FA 231 94.64 37.92 87.66
N ARG FA 232 95.94 38.14 87.42
CA ARG FA 232 96.79 39.31 87.66
C ARG FA 232 97.12 39.50 89.13
N GLU FA 233 96.40 38.79 90.01
CA GLU FA 233 96.70 38.50 91.43
C GLU FA 233 97.19 39.74 92.19
N GLU FA 234 96.47 40.84 91.97
CA GLU FA 234 97.07 42.16 92.15
C GLU FA 234 97.14 42.59 93.61
N ALA FA 235 96.40 41.94 94.50
CA ALA FA 235 96.48 42.25 95.92
C ALA FA 235 97.83 41.91 96.51
N GLU FA 236 98.15 40.62 96.53
CA GLU FA 236 99.15 40.06 97.43
C GLU FA 236 100.55 40.49 97.03
N LYS FA 237 100.85 40.51 95.73
CA LYS FA 237 102.14 41.01 95.29
C LYS FA 237 102.31 42.50 95.50
N TYR FA 238 101.24 43.22 95.80
CA TYR FA 238 101.32 44.60 96.23
C TYR FA 238 101.00 44.76 97.70
N ALA FA 239 100.20 43.85 98.28
CA ALA FA 239 99.93 43.88 99.70
C ALA FA 239 101.19 43.59 100.51
N LYS FA 240 102.04 42.69 100.02
CA LYS FA 240 103.31 42.45 100.69
C LYS FA 240 104.29 43.59 100.48
N GLU FA 241 104.06 44.45 99.49
CA GLU FA 241 104.81 45.68 99.33
C GLU FA 241 104.12 46.89 99.95
N SER FA 242 102.95 46.70 100.56
CA SER FA 242 102.23 47.79 101.21
C SER FA 242 102.40 47.79 102.71
N LEU FA 243 103.13 46.84 103.27
CA LEU FA 243 103.40 46.85 104.70
C LEU FA 243 104.62 47.69 105.06
N LYS FA 244 105.27 48.29 104.07
CA LYS FA 244 106.45 49.09 104.31
C LYS FA 244 106.50 50.26 103.33
N THR GA 1 40.75 59.26 58.65
CA THR GA 1 40.90 57.87 58.25
C THR GA 1 42.35 57.60 57.87
N THR GA 2 42.74 58.08 56.69
CA THR GA 2 44.03 57.71 56.13
C THR GA 2 45.12 58.52 56.80
N ILE GA 3 46.00 57.84 57.53
CA ILE GA 3 47.06 58.48 58.29
C ILE GA 3 48.41 57.95 57.83
N MET GA 4 49.43 58.79 58.00
CA MET GA 4 50.74 58.53 57.40
C MET GA 4 51.81 59.26 58.21
N ALA GA 5 52.97 58.62 58.33
CA ALA GA 5 54.10 59.19 59.05
C ALA GA 5 55.38 58.84 58.31
N VAL GA 6 56.16 59.86 57.99
CA VAL GA 6 57.40 59.72 57.23
C VAL GA 6 58.50 60.47 57.97
N GLN GA 7 59.62 59.80 58.21
CA GLN GA 7 60.77 60.43 58.80
C GLN GA 7 61.72 60.92 57.72
N PHE GA 8 62.62 61.81 58.13
CA PHE GA 8 63.70 62.27 57.27
C PHE GA 8 64.93 62.37 58.17
N ASP GA 9 65.98 63.03 57.67
CA ASP GA 9 67.25 63.07 58.37
C ASP GA 9 67.13 63.86 59.68
N GLY GA 10 66.59 65.06 59.61
CA GLY GA 10 66.48 65.89 60.81
C GLY GA 10 65.40 65.40 61.75
N GLY GA 11 64.22 65.10 61.22
CA GLY GA 11 63.08 64.71 62.03
C GLY GA 11 62.09 63.87 61.25
N VAL GA 12 60.81 64.00 61.64
CA VAL GA 12 59.72 63.24 61.06
C VAL GA 12 58.67 64.21 60.52
N VAL GA 13 57.79 63.67 59.68
CA VAL GA 13 56.66 64.39 59.10
C VAL GA 13 55.44 63.48 59.15
N LEU GA 14 54.33 63.99 59.66
CA LEU GA 14 53.09 63.26 59.78
C LEU GA 14 52.09 63.79 58.78
N GLY GA 15 50.85 63.28 58.85
CA GLY GA 15 49.80 63.72 57.97
C GLY GA 15 48.54 62.87 58.08
N ALA GA 16 47.37 63.49 57.88
CA ALA GA 16 46.11 62.79 57.96
C ALA GA 16 45.06 63.54 57.16
N ASP GA 17 43.96 62.84 56.87
CA ASP GA 17 42.73 63.45 56.38
C ASP GA 17 41.88 63.87 57.58
N SER GA 18 40.61 64.25 57.37
CA SER GA 18 39.81 64.44 58.57
C SER GA 18 38.59 63.53 58.65
N ARG GA 19 37.51 63.88 57.93
CA ARG GA 19 36.31 63.10 57.57
C ARG GA 19 35.94 61.91 58.45
N THR GA 20 35.70 62.17 59.73
CA THR GA 20 35.20 61.13 60.61
C THR GA 20 33.76 60.80 60.20
N THR GA 21 33.55 59.58 59.74
CA THR GA 21 32.25 59.18 59.24
C THR GA 21 31.61 58.16 60.17
N THR GA 22 30.29 58.04 60.03
CA THR GA 22 29.55 56.98 60.71
C THR GA 22 28.59 56.38 59.69
N GLY GA 23 28.88 55.15 59.27
CA GLY GA 23 28.12 54.56 58.18
C GLY GA 23 28.41 55.28 56.88
N SER GA 24 27.38 55.88 56.29
CA SER GA 24 27.54 56.65 55.07
C SER GA 24 27.39 58.15 55.28
N TYR GA 25 27.05 58.57 56.49
CA TYR GA 25 26.97 59.99 56.80
C TYR GA 25 28.22 60.49 57.50
N ILE GA 26 28.68 61.67 57.09
CA ILE GA 26 29.79 62.33 57.77
C ILE GA 26 29.23 63.02 58.99
N ALA GA 27 29.70 62.60 60.16
CA ALA GA 27 29.29 63.28 61.39
C ALA GA 27 30.07 64.57 61.61
N ASN GA 28 31.34 64.59 61.24
CA ASN GA 28 32.23 65.71 61.49
C ASN GA 28 33.15 65.87 60.28
N ARG GA 29 33.29 67.10 59.84
CA ARG GA 29 33.93 67.43 58.57
C ARG GA 29 35.41 67.70 58.73
N VAL GA 30 35.84 68.12 59.91
CA VAL GA 30 37.22 68.49 60.16
C VAL GA 30 37.61 67.98 61.53
N THR GA 31 38.76 67.30 61.62
CA THR GA 31 39.11 66.54 62.80
C THR GA 31 40.62 66.60 63.00
N ASP GA 32 41.05 66.81 64.24
CA ASP GA 32 42.44 66.58 64.64
C ASP GA 32 42.69 65.09 64.80
N LYS GA 33 43.06 64.44 63.70
CA LYS GA 33 43.30 63.01 63.76
C LYS GA 33 44.62 62.70 64.43
N LEU GA 34 45.59 63.61 64.33
CA LEU GA 34 46.85 63.44 65.02
C LEU GA 34 46.76 64.23 66.32
N THR GA 35 47.36 63.69 67.37
CA THR GA 35 47.15 64.21 68.71
C THR GA 35 48.47 64.47 69.41
N PRO GA 36 48.67 65.67 69.97
CA PRO GA 36 49.84 65.89 70.81
C PRO GA 36 49.71 65.12 72.11
N ILE GA 37 50.84 64.57 72.56
CA ILE GA 37 50.88 63.90 73.85
C ILE GA 37 51.88 64.65 74.70
N HIS GA 38 53.12 64.63 74.25
CA HIS GA 38 54.16 65.47 74.79
C HIS GA 38 54.36 66.61 73.78
N ASP GA 39 55.23 67.55 74.14
CA ASP GA 39 55.51 68.67 73.24
C ASP GA 39 56.34 68.27 72.03
N ARG GA 40 56.89 67.05 72.00
CA ARG GA 40 57.74 66.65 70.88
C ARG GA 40 57.29 65.34 70.24
N ILE GA 41 56.23 64.71 70.74
CA ILE GA 41 55.82 63.38 70.32
C ILE GA 41 54.35 63.43 69.93
N PHE GA 42 54.04 62.95 68.74
CA PHE GA 42 52.65 62.85 68.30
C PHE GA 42 52.22 61.39 68.18
N CYS GA 43 50.91 61.22 68.02
CA CYS GA 43 50.34 59.95 67.58
C CYS GA 43 49.16 60.25 66.68
N CYS GA 44 49.00 59.42 65.65
CA CYS GA 44 47.85 59.51 64.77
C CYS GA 44 47.11 58.18 64.81
N ARG GA 45 45.77 58.28 64.80
CA ARG GA 45 44.88 57.19 65.14
C ARG GA 45 43.98 56.81 63.97
N SER GA 46 43.37 55.63 64.10
CA SER GA 46 42.38 55.13 63.15
C SER GA 46 41.52 54.12 63.89
N GLY GA 47 40.71 53.37 63.14
CA GLY GA 47 39.79 52.44 63.79
C GLY GA 47 38.63 53.20 64.42
N SER GA 48 38.17 52.71 65.57
CA SER GA 48 37.14 53.42 66.32
C SER GA 48 37.72 54.68 66.94
N ALA GA 49 36.82 55.61 67.30
CA ALA GA 49 37.34 56.90 67.72
C ALA GA 49 37.48 56.99 69.24
N ALA GA 50 36.44 56.58 69.97
CA ALA GA 50 36.41 56.73 71.42
C ALA GA 50 37.49 55.87 72.07
N ASP GA 51 37.73 54.69 71.51
CA ASP GA 51 38.76 53.79 71.99
C ASP GA 51 40.13 54.46 71.92
N THR GA 52 40.45 55.02 70.76
CA THR GA 52 41.74 55.65 70.58
C THR GA 52 41.87 56.93 71.40
N GLN GA 53 40.75 57.63 71.60
CA GLN GA 53 40.78 58.84 72.44
C GLN GA 53 41.11 58.48 73.89
N ALA GA 54 40.44 57.45 74.42
CA ALA GA 54 40.69 57.04 75.79
C ALA GA 54 42.09 56.48 75.96
N VAL GA 55 42.56 55.70 74.98
CA VAL GA 55 43.90 55.15 75.04
C VAL GA 55 44.94 56.26 74.99
N ALA GA 56 44.75 57.24 74.10
CA ALA GA 56 45.70 58.34 73.98
C ALA GA 56 45.72 59.20 75.23
N ASP GA 57 44.56 59.36 75.87
CA ASP GA 57 44.53 60.13 77.12
C ASP GA 57 45.23 59.40 78.25
N ALA GA 58 45.02 58.08 78.37
CA ALA GA 58 45.71 57.35 79.43
C ALA GA 58 47.21 57.27 79.19
N VAL GA 59 47.62 57.15 77.92
CA VAL GA 59 49.04 57.16 77.59
C VAL GA 59 49.63 58.52 77.90
N THR GA 60 48.87 59.60 77.64
CA THR GA 60 49.32 60.95 77.98
C THR GA 60 49.49 61.10 79.48
N TYR GA 61 48.57 60.52 80.25
CA TYR GA 61 48.65 60.53 81.70
C TYR GA 61 49.92 59.85 82.20
N GLN GA 62 50.09 58.57 81.83
CA GLN GA 62 51.21 57.78 82.33
C GLN GA 62 52.54 58.32 81.83
N LEU GA 63 52.59 58.75 80.57
CA LEU GA 63 53.84 59.21 79.97
C LEU GA 63 54.24 60.56 80.53
N GLY GA 64 53.27 61.45 80.76
CA GLY GA 64 53.60 62.73 81.36
C GLY GA 64 54.07 62.58 82.79
N PHE GA 65 53.41 61.70 83.55
CA PHE GA 65 53.82 61.47 84.93
C PHE GA 65 55.21 60.86 85.03
N HIS GA 66 55.49 59.87 84.17
CA HIS GA 66 56.79 59.22 84.16
C HIS GA 66 57.89 60.18 83.73
N SER GA 67 57.65 60.96 82.68
CA SER GA 67 58.67 61.88 82.19
C SER GA 67 58.88 63.06 83.13
N ILE GA 68 57.89 63.43 83.95
CA ILE GA 68 58.15 64.42 84.99
C ILE GA 68 58.97 63.79 86.11
N GLU GA 69 58.68 62.54 86.46
CA GLU GA 69 59.46 61.88 87.50
C GLU GA 69 60.89 61.58 87.09
N LEU GA 70 61.17 61.44 85.79
CA LEU GA 70 62.55 61.22 85.40
C LEU GA 70 63.37 62.50 85.49
N ASN GA 71 62.71 63.66 85.35
CA ASN GA 71 63.36 64.96 85.18
C ASN GA 71 64.32 64.93 83.99
N GLU GA 72 63.89 64.23 82.93
CA GLU GA 72 64.60 64.15 81.67
C GLU GA 72 63.56 64.09 80.57
N PRO GA 73 63.87 64.57 79.36
CA PRO GA 73 62.92 64.44 78.25
C PRO GA 73 62.70 62.98 77.90
N PRO GA 74 61.46 62.61 77.56
CA PRO GA 74 61.16 61.19 77.40
C PRO GA 74 61.63 60.65 76.06
N LEU GA 75 61.63 59.33 75.95
CA LEU GA 75 61.94 58.67 74.70
C LEU GA 75 60.68 58.44 73.88
N VAL GA 76 60.86 58.15 72.60
CA VAL GA 76 59.72 57.85 71.75
C VAL GA 76 59.35 56.37 71.83
N HIS GA 77 60.39 55.52 71.87
CA HIS GA 77 60.22 54.08 72.00
C HIS GA 77 59.50 53.70 73.30
N THR GA 78 59.65 54.51 74.34
CA THR GA 78 58.90 54.34 75.58
C THR GA 78 57.40 54.48 75.34
N ALA GA 79 57.01 55.53 74.63
CA ALA GA 79 55.60 55.76 74.33
C ALA GA 79 55.06 54.67 73.41
N ALA GA 80 55.91 54.19 72.49
CA ALA GA 80 55.52 53.06 71.66
C ALA GA 80 55.28 51.81 72.51
N SER GA 81 56.09 51.64 73.55
CA SER GA 81 55.92 50.51 74.44
C SER GA 81 54.65 50.65 75.27
N LEU GA 82 54.31 51.88 75.64
CA LEU GA 82 53.09 52.12 76.41
C LEU GA 82 51.85 51.80 75.58
N PHE GA 83 51.81 52.28 74.33
CA PHE GA 83 50.72 51.91 73.44
C PHE GA 83 50.67 50.41 73.18
N LYS GA 84 51.83 49.76 73.13
CA LYS GA 84 51.86 48.32 72.92
C LYS GA 84 51.23 47.60 74.10
N GLU GA 85 51.59 48.02 75.32
CA GLU GA 85 51.04 47.40 76.53
C GLU GA 85 49.54 47.60 76.64
N MET GA 86 49.07 48.83 76.44
CA MET GA 86 47.64 49.05 76.59
C MET GA 86 46.82 48.43 75.46
N CYS GA 87 47.35 48.37 74.24
CA CYS GA 87 46.62 47.68 73.20
C CYS GA 87 46.63 46.17 73.39
N TYR GA 88 47.78 45.60 73.73
CA TYR GA 88 47.90 44.16 73.77
C TYR GA 88 47.24 43.53 74.99
N ARG GA 89 47.33 44.17 76.17
CA ARG GA 89 46.76 43.56 77.36
C ARG GA 89 45.25 43.46 77.28
N TYR GA 90 44.62 44.51 76.76
CA TYR GA 90 43.17 44.58 76.55
C TYR GA 90 42.87 44.86 75.07
N ARG GA 91 43.28 43.94 74.19
CA ARG GA 91 42.81 43.99 72.81
C ARG GA 91 41.31 43.81 72.58
N GLU GA 92 40.83 42.70 71.97
CA GLU GA 92 39.51 42.07 72.07
C GLU GA 92 38.24 42.94 72.11
N ASP GA 93 38.35 44.17 72.57
CA ASP GA 93 37.30 45.16 72.61
C ASP GA 93 37.71 46.44 71.89
N LEU GA 94 38.98 46.58 71.54
CA LEU GA 94 39.46 47.81 70.92
C LEU GA 94 39.82 47.57 69.46
N MET GA 95 39.80 48.67 68.71
CA MET GA 95 40.19 48.75 67.30
C MET GA 95 41.14 49.93 67.12
N ALA GA 96 42.43 49.73 67.32
CA ALA GA 96 43.37 50.84 67.31
C ALA GA 96 44.34 50.70 66.15
N GLY GA 97 44.52 51.80 65.42
CA GLY GA 97 45.49 51.89 64.34
C GLY GA 97 46.56 52.92 64.67
N ILE GA 98 47.02 52.89 65.91
CA ILE GA 98 47.86 53.95 66.44
C ILE GA 98 49.23 53.94 65.79
N ILE GA 99 49.68 55.10 65.32
CA ILE GA 99 51.00 55.26 64.72
C ILE GA 99 51.72 56.33 65.51
N ILE GA 100 52.87 55.98 66.07
CA ILE GA 100 53.61 56.90 66.91
C ILE GA 100 54.77 57.45 66.11
N ALA GA 101 54.97 58.76 66.19
CA ALA GA 101 56.14 59.38 65.61
C ALA GA 101 56.58 60.52 66.52
N GLY GA 102 57.82 60.96 66.32
CA GLY GA 102 58.30 62.07 67.10
C GLY GA 102 59.81 62.14 67.16
N TRP GA 103 60.31 63.36 67.28
CA TRP GA 103 61.74 63.58 67.38
C TRP GA 103 62.21 63.29 68.80
N ASP GA 104 63.46 62.85 68.91
CA ASP GA 104 64.11 62.58 70.19
C ASP GA 104 65.50 63.18 70.14
N PRO GA 105 65.99 63.68 71.28
CA PRO GA 105 67.37 64.20 71.28
C PRO GA 105 68.42 63.13 71.11
N GLN GA 106 68.21 61.95 71.68
CA GLN GA 106 69.22 60.91 71.62
C GLN GA 106 69.19 60.16 70.30
N GLU GA 107 68.00 59.95 69.75
CA GLU GA 107 67.82 59.03 68.63
C GLU GA 107 67.24 59.70 67.40
N GLY GA 108 67.06 61.02 67.41
CA GLY GA 108 66.54 61.71 66.25
C GLY GA 108 65.06 61.47 66.07
N GLY GA 109 64.63 61.53 64.82
CA GLY GA 109 63.24 61.30 64.49
C GLY GA 109 62.98 59.81 64.29
N GLN GA 110 61.88 59.34 64.88
CA GLN GA 110 61.51 57.93 64.76
C GLN GA 110 60.02 57.82 64.49
N VAL GA 111 59.65 56.71 63.84
CA VAL GA 111 58.27 56.39 63.53
C VAL GA 111 58.03 54.94 63.92
N TYR GA 112 57.07 54.72 64.82
CA TYR GA 112 56.63 53.39 65.23
C TYR GA 112 55.18 53.17 64.81
N SER GA 113 54.83 51.91 64.55
CA SER GA 113 53.50 51.57 64.11
C SER GA 113 52.92 50.47 64.99
N VAL GA 114 51.67 50.67 65.41
CA VAL GA 114 50.95 49.67 66.19
C VAL GA 114 49.64 49.40 65.46
N PRO GA 115 49.51 48.28 64.78
CA PRO GA 115 48.26 47.98 64.08
C PRO GA 115 47.22 47.37 65.01
N MET GA 116 46.13 46.86 64.44
CA MET GA 116 44.98 46.38 65.22
C MET GA 116 45.32 45.22 66.15
N GLY GA 117 46.39 44.49 65.90
CA GLY GA 117 46.73 43.37 66.75
C GLY GA 117 47.37 43.79 68.05
N GLY GA 118 48.47 44.51 67.98
CA GLY GA 118 49.21 44.85 69.18
C GLY GA 118 50.71 44.64 69.09
N MET GA 119 51.18 44.36 67.88
CA MET GA 119 52.61 44.27 67.63
C MET GA 119 53.20 45.66 67.48
N MET GA 120 54.52 45.74 67.64
CA MET GA 120 55.23 47.01 67.61
C MET GA 120 56.44 46.89 66.69
N VAL GA 121 56.58 47.85 65.78
CA VAL GA 121 57.69 47.82 64.82
C VAL GA 121 58.13 49.26 64.52
N ARG GA 122 59.41 49.41 64.23
CA ARG GA 122 59.98 50.67 63.77
C ARG GA 122 60.08 50.67 62.26
N GLN GA 123 59.62 51.74 61.63
CA GLN GA 123 59.63 51.86 60.19
C GLN GA 123 60.20 53.20 59.77
N SER GA 124 60.55 53.31 58.49
CA SER GA 124 61.01 54.56 57.91
C SER GA 124 59.85 55.35 57.33
N PHE GA 125 58.76 54.66 57.04
CA PHE GA 125 57.52 55.25 56.57
C PHE GA 125 56.39 54.32 57.02
N ALA GA 126 55.19 54.88 57.13
CA ALA GA 126 54.06 54.08 57.59
C ALA GA 126 52.78 54.52 56.93
N ILE GA 127 51.85 53.58 56.79
CA ILE GA 127 50.50 53.90 56.37
C ILE GA 127 49.56 53.61 57.52
N GLY GA 128 48.30 53.94 57.33
CA GLY GA 128 47.28 53.64 58.31
C GLY GA 128 45.93 54.20 57.92
N GLY GA 129 44.88 53.50 58.29
CA GLY GA 129 43.53 53.87 57.91
C GLY GA 129 42.99 52.96 56.82
N SER GA 130 41.67 52.96 56.69
CA SER GA 130 41.04 52.02 55.76
C SER GA 130 41.29 52.43 54.31
N GLY GA 131 41.45 53.72 54.04
CA GLY GA 131 41.73 54.15 52.69
C GLY GA 131 43.20 54.44 52.48
N SER GA 132 44.06 53.69 53.16
CA SER GA 132 45.49 53.86 53.04
C SER GA 132 46.16 52.85 52.13
N SER GA 133 45.43 51.85 51.64
CA SER GA 133 46.01 50.74 50.88
C SER GA 133 46.59 51.21 49.55
N TYR GA 134 46.09 52.31 49.02
CA TYR GA 134 46.36 52.73 47.66
C TYR GA 134 47.69 53.47 47.62
N ILE GA 135 47.82 54.46 48.49
CA ILE GA 135 49.08 55.12 48.69
C ILE GA 135 50.07 54.17 49.36
N TYR GA 136 49.60 53.09 50.00
CA TYR GA 136 50.50 52.00 50.33
C TYR GA 136 50.88 51.22 49.08
N GLY GA 137 50.07 51.32 48.05
CA GLY GA 137 50.44 50.81 46.75
C GLY GA 137 51.66 51.49 46.18
N TYR GA 138 51.72 52.82 46.29
CA TYR GA 138 52.87 53.47 45.65
C TYR GA 138 53.83 54.15 46.61
N VAL GA 139 53.68 53.95 47.93
CA VAL GA 139 54.65 54.52 48.85
C VAL GA 139 55.96 53.75 48.75
N ASP GA 140 55.95 52.53 48.24
CA ASP GA 140 57.18 51.84 47.89
C ASP GA 140 57.60 52.10 46.45
N ALA GA 141 56.90 52.99 45.75
CA ALA GA 141 57.31 53.38 44.41
C ALA GA 141 57.96 54.75 44.38
N THR GA 142 57.35 55.73 45.05
CA THR GA 142 57.82 57.11 44.94
C THR GA 142 58.91 57.42 45.95
N TYR GA 143 58.97 56.65 47.04
CA TYR GA 143 59.91 56.91 48.12
C TYR GA 143 61.36 56.74 47.68
N ARG GA 144 62.20 57.61 48.21
CA ARG GA 144 63.62 57.60 47.97
C ARG GA 144 64.26 57.75 49.33
N GLU GA 145 65.29 56.96 49.60
CA GLU GA 145 65.91 57.01 50.91
C GLU GA 145 66.73 58.27 51.06
N GLY GA 146 66.48 59.01 52.13
CA GLY GA 146 67.20 60.24 52.39
C GLY GA 146 66.59 61.45 51.75
N MET GA 147 65.33 61.72 52.06
CA MET GA 147 64.68 62.92 51.55
C MET GA 147 65.00 64.12 52.43
N THR GA 148 64.54 65.28 51.99
CA THR GA 148 64.61 66.49 52.78
C THR GA 148 63.26 66.71 53.44
N LYS GA 149 63.09 67.88 54.05
CA LYS GA 149 61.81 68.21 54.64
C LYS GA 149 60.78 68.50 53.56
N GLU GA 150 61.17 69.30 52.56
CA GLU GA 150 60.26 69.71 51.52
C GLU GA 150 59.86 68.55 50.63
N GLU GA 151 60.77 67.60 50.43
CA GLU GA 151 60.45 66.40 49.67
C GLU GA 151 59.46 65.52 50.42
N CYS GA 152 59.59 65.45 51.75
CA CYS GA 152 58.62 64.70 52.53
C CYS GA 152 57.26 65.38 52.53
N LEU GA 153 57.23 66.71 52.60
CA LEU GA 153 55.95 67.42 52.56
C LEU GA 153 55.27 67.24 51.22
N GLN GA 154 56.00 67.40 50.13
CA GLN GA 154 55.44 67.17 48.79
C GLN GA 154 55.02 65.71 48.61
N PHE GA 155 55.80 64.79 49.19
CA PHE GA 155 55.55 63.36 49.11
C PHE GA 155 54.22 63.02 49.77
N THR GA 156 54.09 63.40 51.04
CA THR GA 156 52.86 63.16 51.78
C THR GA 156 51.68 63.97 51.23
N ALA GA 157 51.96 65.12 50.61
CA ALA GA 157 50.92 65.90 49.95
C ALA GA 157 50.31 65.13 48.80
N ASN GA 158 51.16 64.55 47.95
CA ASN GA 158 50.68 63.72 46.83
C ASN GA 158 49.96 62.49 47.36
N ALA GA 159 50.48 61.93 48.45
CA ALA GA 159 49.90 60.74 49.06
C ALA GA 159 48.47 61.01 49.54
N LEU GA 160 48.33 61.95 50.47
CA LEU GA 160 47.02 62.27 51.01
C LEU GA 160 46.09 62.87 49.95
N ALA GA 161 46.65 63.51 48.91
CA ALA GA 161 45.83 63.96 47.79
C ALA GA 161 45.15 62.80 47.07
N LEU GA 162 45.93 61.76 46.74
CA LEU GA 162 45.33 60.64 46.00
C LEU GA 162 44.45 59.80 46.91
N ALA GA 163 44.82 59.68 48.19
CA ALA GA 163 43.99 58.95 49.14
C ALA GA 163 42.65 59.63 49.36
N MET GA 164 42.65 60.96 49.52
CA MET GA 164 41.39 61.68 49.64
C MET GA 164 40.58 61.63 48.35
N GLU GA 165 41.26 61.62 47.20
CA GLU GA 165 40.55 61.60 45.93
C GLU GA 165 39.88 60.25 45.67
N ARG GA 166 40.51 59.16 46.09
CA ARG GA 166 40.00 57.86 45.66
C ARG GA 166 39.03 57.24 46.65
N ASP GA 167 39.40 57.19 47.93
CA ASP GA 167 38.54 56.55 48.91
C ASP GA 167 37.32 57.41 49.21
N GLY GA 168 36.19 56.75 49.41
CA GLY GA 168 34.97 57.47 49.73
C GLY GA 168 34.96 58.02 51.14
N SER GA 169 35.47 57.25 52.10
CA SER GA 169 35.50 57.71 53.49
C SER GA 169 36.55 58.79 53.67
N SER GA 170 37.69 58.67 53.00
CA SER GA 170 38.71 59.69 53.12
C SER GA 170 38.28 60.93 52.34
N GLY GA 171 38.92 62.04 52.65
CA GLY GA 171 38.54 63.31 52.09
C GLY GA 171 38.71 64.36 53.15
N GLY GA 172 38.00 65.46 52.98
CA GLY GA 172 38.01 66.49 54.00
C GLY GA 172 39.05 67.58 53.74
N VAL GA 173 40.10 67.59 54.56
CA VAL GA 173 41.12 68.62 54.48
C VAL GA 173 42.44 67.99 54.91
N ILE GA 174 43.53 68.60 54.49
CA ILE GA 174 44.87 68.07 54.72
C ILE GA 174 45.47 68.73 55.94
N ARG GA 175 45.91 67.93 56.90
CA ARG GA 175 46.68 68.42 58.04
C ARG GA 175 48.09 67.87 58.00
N LEU GA 176 49.06 68.73 58.25
CA LEU GA 176 50.46 68.32 58.24
C LEU GA 176 51.09 68.67 59.58
N ALA GA 177 52.20 68.01 59.85
CA ALA GA 177 52.97 68.26 61.07
C ALA GA 177 54.45 68.01 60.78
N ALA GA 178 55.30 68.96 61.16
CA ALA GA 178 56.73 68.81 60.95
C ALA GA 178 57.42 68.88 62.31
N ILE GA 179 58.11 67.81 62.67
CA ILE GA 179 58.76 67.71 63.97
C ILE GA 179 60.26 67.56 63.73
N ALA GA 180 61.04 68.41 64.37
CA ALA GA 180 62.50 68.37 64.26
C ALA GA 180 63.10 68.74 65.62
N GLU GA 181 64.41 68.97 65.64
CA GLU GA 181 65.07 69.45 66.85
C GLU GA 181 64.62 70.85 67.21
N SER GA 182 64.28 71.66 66.22
CA SER GA 182 63.99 73.07 66.45
C SER GA 182 62.62 73.26 67.07
N GLY GA 183 61.57 72.80 66.39
CA GLY GA 183 60.22 73.05 66.84
C GLY GA 183 59.26 72.07 66.20
N VAL GA 184 57.99 72.30 66.48
CA VAL GA 184 56.89 71.52 65.90
C VAL GA 184 56.13 72.45 64.97
N GLU GA 185 56.03 72.06 63.71
CA GLU GA 185 55.47 72.91 62.67
C GLU GA 185 54.31 72.17 62.02
N ARG GA 186 53.10 72.59 62.35
CA ARG GA 186 51.86 72.04 61.85
C ARG GA 186 51.24 72.99 60.84
N GLN GA 187 50.55 72.44 59.85
CA GLN GA 187 49.90 73.31 58.89
C GLN GA 187 48.69 72.62 58.28
N VAL GA 188 47.81 73.44 57.73
CA VAL GA 188 46.52 73.04 57.18
C VAL GA 188 46.38 73.47 55.73
N LEU GA 189 46.29 72.51 54.81
CA LEU GA 189 46.19 72.94 53.42
C LEU GA 189 44.77 72.67 52.98
N LEU GA 190 44.33 73.37 51.93
CA LEU GA 190 43.04 73.05 51.32
C LEU GA 190 43.02 73.40 49.84
N GLY GA 191 42.55 72.46 49.02
CA GLY GA 191 42.53 72.61 47.58
C GLY GA 191 43.85 72.88 46.90
N THR HA 1 13.21 64.46 67.71
CA THR HA 1 14.18 65.13 68.57
C THR HA 1 15.27 65.78 67.72
N THR HA 2 15.33 67.11 67.79
CA THR HA 2 16.30 67.88 67.01
C THR HA 2 16.81 69.03 67.86
N ILE HA 3 17.98 68.87 68.44
CA ILE HA 3 18.62 69.90 69.23
C ILE HA 3 19.76 70.49 68.42
N ALA HA 4 20.11 71.73 68.72
CA ALA HA 4 21.16 72.38 67.95
C ALA HA 4 22.00 73.29 68.84
N GLY HA 5 23.20 73.60 68.36
CA GLY HA 5 24.07 74.54 69.04
C GLY HA 5 24.89 75.31 68.01
N VAL HA 6 25.33 76.50 68.42
CA VAL HA 6 26.08 77.39 67.54
C VAL HA 6 26.89 78.33 68.41
N VAL HA 7 27.92 78.94 67.83
CA VAL HA 7 28.74 79.93 68.51
C VAL HA 7 28.72 81.19 67.67
N TYR HA 8 28.16 82.26 68.23
CA TYR HA 8 28.16 83.57 67.60
C TYR HA 8 29.40 84.32 68.07
N LYS HA 9 29.43 85.65 67.88
CA LYS HA 9 30.63 86.43 68.16
C LYS HA 9 31.00 86.49 69.63
N ASP HA 10 30.08 86.15 70.54
CA ASP HA 10 30.45 86.22 71.95
C ASP HA 10 30.24 84.91 72.71
N GLY HA 11 29.15 84.19 72.46
CA GLY HA 11 28.78 83.06 73.29
C GLY HA 11 28.12 81.95 72.51
N ILE HA 12 27.14 81.29 73.15
CA ILE HA 12 26.53 80.07 72.63
C ILE HA 12 25.01 80.22 72.69
N VAL HA 13 24.34 79.85 71.61
CA VAL HA 13 22.89 79.75 71.55
C VAL HA 13 22.50 78.29 71.36
N LEU HA 14 21.72 77.74 72.28
CA LEU HA 14 21.25 76.37 72.19
C LEU HA 14 19.76 76.34 71.90
N GLY HA 15 19.32 75.30 71.16
CA GLY HA 15 17.91 75.10 70.89
C GLY HA 15 17.50 73.65 71.07
N ALA HA 16 16.19 73.44 71.12
CA ALA HA 16 15.61 72.10 71.29
C ALA HA 16 14.16 72.08 70.82
N ASP HA 17 13.63 70.86 70.67
CA ASP HA 17 12.22 70.63 70.36
C ASP HA 17 11.71 69.54 71.31
N THR HA 18 10.49 69.70 71.81
CA THR HA 18 10.13 69.01 73.05
C THR HA 18 9.02 67.98 72.90
N ARG HA 19 9.06 67.18 71.83
CA ARG HA 19 8.10 66.09 71.67
C ARG HA 19 8.75 64.81 72.17
N ALA HA 20 8.30 64.31 73.32
CA ALA HA 20 8.82 63.08 73.88
C ALA HA 20 7.89 61.95 73.48
N THR HA 21 8.21 61.31 72.38
CA THR HA 21 7.42 60.19 71.88
C THR HA 21 7.79 58.89 72.60
N GLU HA 22 6.80 58.04 72.77
CA GLU HA 22 7.00 56.69 73.30
C GLU HA 22 6.53 55.74 72.20
N GLY HA 23 7.44 55.34 71.35
CA GLY HA 23 7.10 54.50 70.21
C GLY HA 23 6.62 55.33 69.03
N MET HA 24 5.31 55.28 68.77
CA MET HA 24 4.71 55.93 67.62
C MET HA 24 3.68 56.97 68.03
N VAL HA 25 3.44 57.15 69.33
CA VAL HA 25 2.41 58.03 69.82
C VAL HA 25 3.10 59.16 70.58
N VAL HA 26 2.63 60.38 70.36
CA VAL HA 26 3.15 61.55 71.06
C VAL HA 26 2.77 61.42 72.54
N ALA HA 27 3.77 61.21 73.39
CA ALA HA 27 3.47 61.05 74.81
C ALA HA 27 3.55 62.38 75.56
N ASP HA 28 4.27 63.36 75.02
CA ASP HA 28 4.43 64.64 75.69
C ASP HA 28 4.44 65.73 74.63
N LYS HA 29 3.94 66.90 75.02
CA LYS HA 29 4.02 68.07 74.19
C LYS HA 29 4.91 69.14 74.77
N ASN HA 30 5.47 68.91 75.97
CA ASN HA 30 6.38 69.88 76.56
C ASN HA 30 7.32 69.16 77.52
N CYS HA 31 8.56 68.91 77.07
CA CYS HA 31 9.55 68.18 77.86
C CYS HA 31 10.85 68.96 77.82
N SER HA 32 11.28 69.46 78.96
CA SER HA 32 12.51 70.25 79.02
C SER HA 32 13.71 69.36 78.79
N LYS HA 33 14.28 69.39 77.59
CA LYS HA 33 15.50 68.65 77.36
C LYS HA 33 16.75 69.48 77.58
N ILE HA 34 16.63 70.78 77.74
CA ILE HA 34 17.79 71.62 78.03
C ILE HA 34 17.87 71.67 79.55
N HIS HA 35 18.91 71.06 80.09
CA HIS HA 35 19.09 70.85 81.51
C HIS HA 35 20.15 71.76 82.12
N PHE HA 36 20.02 71.97 83.43
CA PHE HA 36 20.96 72.78 84.18
C PHE HA 36 22.19 71.97 84.54
N ILE HA 37 23.34 72.62 84.46
CA ILE HA 37 24.61 72.05 84.90
C ILE HA 37 25.29 72.99 85.90
N SER HA 38 25.46 74.24 85.52
CA SER HA 38 26.21 75.21 86.29
C SER HA 38 25.67 76.58 85.93
N PRO HA 39 26.06 77.62 86.65
CA PRO HA 39 25.72 78.99 86.19
C PRO HA 39 26.26 79.38 84.82
N ASN HA 40 27.26 78.69 84.28
CA ASN HA 40 27.75 79.01 82.95
C ASN HA 40 27.61 77.90 81.92
N ILE HA 41 27.52 76.64 82.34
CA ILE HA 41 27.49 75.50 81.43
C ILE HA 41 26.09 74.91 81.43
N TYR HA 42 25.56 74.65 80.24
CA TYR HA 42 24.33 73.92 80.00
C TYR HA 42 24.58 72.71 79.13
N CYS HA 43 23.50 71.96 78.90
CA CYS HA 43 23.61 70.70 78.21
C CYS HA 43 22.28 70.38 77.57
N CYS HA 44 22.35 69.68 76.45
CA CYS HA 44 21.17 69.18 75.78
C CYS HA 44 21.30 67.69 75.63
N GLY HA 45 20.16 67.00 75.60
CA GLY HA 45 20.16 65.56 75.52
C GLY HA 45 19.28 65.06 74.38
N ALA HA 46 19.55 63.83 73.97
CA ALA HA 46 18.82 63.20 72.89
C ALA HA 46 18.86 61.70 73.07
N GLY HA 47 17.97 61.02 72.39
CA GLY HA 47 17.91 59.57 72.48
C GLY HA 47 17.16 59.14 73.72
N THR HA 48 17.75 58.23 74.50
CA THR HA 48 17.10 57.75 75.70
C THR HA 48 17.08 58.85 76.75
N ALA HA 49 15.88 59.21 77.20
CA ALA HA 49 15.70 60.43 77.99
C ALA HA 49 16.21 60.27 79.40
N ALA HA 50 15.83 59.18 80.09
CA ALA HA 50 16.20 59.00 81.49
C ALA HA 50 17.69 58.79 81.68
N ASP HA 51 18.35 58.17 80.69
CA ASP HA 51 19.80 58.03 80.75
C ASP HA 51 20.48 59.39 80.71
N THR HA 52 20.03 60.24 79.77
CA THR HA 52 20.55 61.60 79.67
C THR HA 52 20.27 62.40 80.93
N ASP HA 53 19.06 62.24 81.49
CA ASP HA 53 18.66 62.95 82.69
C ASP HA 53 19.54 62.58 83.89
N MET HA 54 19.67 61.28 84.16
CA MET HA 54 20.44 60.84 85.32
C MET HA 54 21.91 61.17 85.15
N THR HA 55 22.43 61.03 83.92
CA THR HA 55 23.82 61.34 83.66
C THR HA 55 24.09 62.83 83.84
N THR HA 56 23.21 63.68 83.31
CA THR HA 56 23.43 65.12 83.41
C THR HA 56 23.23 65.60 84.84
N GLN HA 57 22.39 64.91 85.62
CA GLN HA 57 22.25 65.29 87.03
C GLN HA 57 23.47 64.88 87.84
N LEU HA 58 24.06 63.72 87.52
CA LEU HA 58 25.29 63.30 88.20
C LEU HA 58 26.42 64.27 87.89
N ILE HA 59 26.55 64.64 86.62
CA ILE HA 59 27.63 65.53 86.22
C ILE HA 59 27.40 66.95 86.75
N SER HA 60 26.14 67.41 86.83
CA SER HA 60 25.85 68.69 87.45
C SER HA 60 26.16 68.67 88.94
N SER HA 61 25.92 67.54 89.61
CA SER HA 61 26.31 67.38 91.00
C SER HA 61 27.82 67.46 91.16
N ASN HA 62 28.55 66.79 90.27
CA ASN HA 62 30.00 66.77 90.36
C ASN HA 62 30.59 68.13 90.08
N LEU HA 63 29.98 68.90 89.18
CA LEU HA 63 30.51 70.22 88.91
C LEU HA 63 30.12 71.22 89.97
N GLU HA 64 28.96 71.05 90.62
CA GLU HA 64 28.64 71.87 91.78
C GLU HA 64 29.62 71.60 92.91
N LEU HA 65 29.95 70.32 93.12
CA LEU HA 65 30.96 69.94 94.10
C LEU HA 65 32.31 70.56 93.80
N HIS HA 66 32.75 70.46 92.54
CA HIS HA 66 34.03 71.00 92.15
C HIS HA 66 34.07 72.52 92.24
N SER HA 67 32.98 73.19 91.85
CA SER HA 67 32.99 74.64 91.87
C SER HA 67 32.94 75.18 93.29
N LEU HA 68 32.17 74.54 94.16
CA LEU HA 68 32.14 74.99 95.55
C LEU HA 68 33.41 74.58 96.29
N SER HA 69 34.06 73.50 95.86
CA SER HA 69 35.34 73.15 96.48
C SER HA 69 36.42 74.11 96.02
N THR HA 70 36.37 74.50 94.75
CA THR HA 70 37.40 75.37 94.22
C THR HA 70 37.18 76.81 94.67
N GLY HA 71 36.02 77.35 94.37
CA GLY HA 71 35.74 78.73 94.70
C GLY HA 71 35.74 79.67 93.52
N ARG HA 72 35.56 79.17 92.29
CA ARG HA 72 35.51 80.05 91.14
C ARG HA 72 34.64 79.43 90.07
N LEU HA 73 34.60 80.05 88.90
CA LEU HA 73 33.70 79.65 87.84
C LEU HA 73 34.22 78.38 87.16
N PRO HA 74 33.33 77.45 86.80
CA PRO HA 74 33.78 76.17 86.25
C PRO HA 74 34.33 76.29 84.83
N ARG HA 75 35.00 75.21 84.40
CA ARG HA 75 35.53 75.07 83.06
C ARG HA 75 34.78 73.99 82.30
N VAL HA 76 34.67 74.19 80.99
CA VAL HA 76 33.88 73.28 80.16
C VAL HA 76 34.61 71.96 79.96
N VAL HA 77 35.94 72.02 79.82
CA VAL HA 77 36.76 70.83 79.57
C VAL HA 77 36.68 69.81 80.70
N THR HA 78 36.46 70.27 81.94
CA THR HA 78 36.25 69.35 83.05
C THR HA 78 34.95 68.58 82.87
N ALA HA 79 33.89 69.26 82.42
CA ALA HA 79 32.63 68.61 82.14
C ALA HA 79 32.78 67.61 81.01
N ASN HA 80 33.55 68.00 79.98
CA ASN HA 80 33.80 67.13 78.84
C ASN HA 80 34.54 65.88 79.27
N ARG HA 81 35.56 66.03 80.12
CA ARG HA 81 36.37 64.90 80.55
C ARG HA 81 35.56 63.96 81.43
N MET HA 82 34.72 64.52 82.32
CA MET HA 82 33.85 63.69 83.15
C MET HA 82 32.85 62.92 82.31
N LEU HA 83 32.25 63.59 81.33
CA LEU HA 83 31.25 62.93 80.48
C LEU HA 83 31.86 61.84 79.63
N LYS HA 84 33.02 62.10 79.01
CA LYS HA 84 33.61 61.07 78.15
C LYS HA 84 34.15 59.90 78.97
N GLN HA 85 34.64 60.16 80.17
CA GLN HA 85 35.15 59.08 81.00
C GLN HA 85 34.01 58.22 81.52
N MET HA 86 32.88 58.84 81.89
CA MET HA 86 31.71 58.10 82.36
C MET HA 86 31.09 57.27 81.24
N LEU HA 87 30.87 57.90 80.08
CA LEU HA 87 30.22 57.18 78.98
C LEU HA 87 31.12 56.10 78.41
N PHE HA 88 32.44 56.27 78.47
CA PHE HA 88 33.30 55.16 78.09
C PHE HA 88 33.33 54.10 79.19
N ARG HA 89 33.16 54.52 80.45
CA ARG HA 89 33.09 53.57 81.55
C ARG HA 89 31.84 52.70 81.47
N TYR HA 90 30.77 53.19 80.85
CA TYR HA 90 29.63 52.31 80.63
C TYR HA 90 29.75 51.49 79.36
N GLN HA 91 30.87 51.60 78.64
CA GLN HA 91 31.21 50.76 77.49
C GLN HA 91 30.15 50.92 76.38
N GLY HA 92 29.53 52.09 76.31
CA GLY HA 92 28.55 52.30 75.28
C GLY HA 92 27.22 51.63 75.52
N TYR HA 93 26.98 51.10 76.72
CA TYR HA 93 25.67 50.55 77.02
C TYR HA 93 24.62 51.66 77.17
N ILE HA 94 24.96 52.71 77.90
CA ILE HA 94 24.03 53.82 78.07
C ILE HA 94 24.04 54.66 76.80
N GLY HA 95 22.87 54.82 76.20
CA GLY HA 95 22.73 55.69 75.05
C GLY HA 95 22.32 57.07 75.51
N ALA HA 96 23.26 58.01 75.42
CA ALA HA 96 23.03 59.39 75.82
C ALA HA 96 23.70 60.29 74.80
N ALA HA 97 22.91 60.87 73.91
CA ALA HA 97 23.45 61.71 72.85
C ALA HA 97 23.41 63.14 73.37
N LEU HA 98 24.58 63.68 73.71
CA LEU HA 98 24.65 64.93 74.43
C LEU HA 98 25.32 66.03 73.61
N VAL HA 99 24.84 67.25 73.83
CA VAL HA 99 25.47 68.47 73.34
C VAL HA 99 25.85 69.29 74.55
N LEU HA 100 27.13 69.65 74.67
CA LEU HA 100 27.65 70.35 75.83
C LEU HA 100 28.10 71.74 75.43
N GLY HA 101 27.61 72.74 76.16
CA GLY HA 101 27.97 74.13 75.89
C GLY HA 101 28.12 75.02 77.10
N GLY HA 102 29.12 75.89 77.08
CA GLY HA 102 29.32 76.81 78.17
C GLY HA 102 30.29 77.90 77.78
N VAL HA 103 30.36 78.92 78.63
CA VAL HA 103 31.28 80.04 78.43
C VAL HA 103 32.20 80.09 79.64
N ASP HA 104 33.48 79.88 79.40
CA ASP HA 104 34.48 79.94 80.45
C ASP HA 104 35.13 81.32 80.45
N VAL HA 105 36.24 81.44 81.18
CA VAL HA 105 37.08 82.63 81.06
C VAL HA 105 37.67 82.71 79.67
N THR HA 106 37.99 81.56 79.07
CA THR HA 106 38.55 81.56 77.72
C THR HA 106 37.50 81.89 76.68
N GLY HA 107 36.22 81.70 77.00
CA GLY HA 107 35.15 82.05 76.11
C GLY HA 107 34.20 80.89 75.85
N PRO HA 108 33.50 80.95 74.73
CA PRO HA 108 32.55 79.89 74.40
C PRO HA 108 33.27 78.67 73.84
N HIS HA 109 32.78 77.50 74.23
CA HIS HA 109 33.36 76.23 73.81
C HIS HA 109 32.22 75.25 73.67
N LEU HA 110 32.11 74.66 72.49
CA LEU HA 110 31.02 73.73 72.18
C LEU HA 110 31.55 72.32 71.96
N TYR HA 111 30.92 71.37 72.64
CA TYR HA 111 31.22 69.96 72.48
C TYR HA 111 29.94 69.18 72.24
N SER HA 112 30.02 68.22 71.34
CA SER HA 112 28.94 67.26 71.11
C SER HA 112 29.43 65.90 71.55
N PRO HA 115 27.34 58.53 71.95
CA PRO HA 115 27.13 57.71 73.16
C PRO HA 115 28.25 56.72 73.49
N HIS HA 116 29.29 56.57 72.66
CA HIS HA 116 30.42 55.78 73.11
C HIS HA 116 31.42 56.55 73.93
N GLY HA 117 31.61 57.84 73.67
CA GLY HA 117 32.58 58.60 74.41
C GLY HA 117 33.49 59.41 73.50
N SER HA 118 33.13 59.49 72.22
CA SER HA 118 33.89 60.25 71.25
C SER HA 118 33.40 61.70 71.23
N THR HA 119 34.32 62.63 71.46
CA THR HA 119 34.00 64.04 71.55
C THR HA 119 34.79 64.84 70.52
N ASP HA 120 34.22 65.97 70.11
CA ASP HA 120 34.79 66.92 69.17
C ASP HA 120 34.43 68.34 69.58
N LYS HA 121 35.38 69.26 69.38
CA LYS HA 121 35.11 70.68 69.49
C LYS HA 121 34.76 71.23 68.12
N LEU HA 122 33.61 71.88 68.01
CA LEU HA 122 33.07 72.37 66.75
C LEU HA 122 32.40 73.71 66.95
N PRO HA 123 32.31 74.52 65.89
CA PRO HA 123 31.49 75.73 65.99
C PRO HA 123 29.98 75.46 65.93
N TYR HA 124 29.55 74.35 65.33
CA TYR HA 124 28.13 74.04 65.30
C TYR HA 124 27.94 72.55 65.15
N VAL HA 125 27.00 72.00 65.92
CA VAL HA 125 26.67 70.59 65.92
C VAL HA 125 25.15 70.44 65.86
N THR HA 126 24.70 69.28 65.37
CA THR HA 126 23.33 68.85 65.51
C THR HA 126 23.33 67.39 65.95
N MET HA 127 22.40 67.04 66.84
CA MET HA 127 22.31 65.69 67.34
C MET HA 127 20.85 65.29 67.41
N GLY HA 128 20.61 63.98 67.36
CA GLY HA 128 19.26 63.49 67.51
C GLY HA 128 18.79 62.72 66.29
N SER HA 129 17.48 62.54 66.17
CA SER HA 129 16.93 61.81 65.04
C SER HA 129 16.73 62.72 63.84
N GLY HA 130 16.26 63.94 64.06
CA GLY HA 130 16.02 64.85 62.95
C GLY HA 130 17.11 65.89 62.84
N SER HA 131 18.32 65.53 63.26
CA SER HA 131 19.46 66.43 63.26
C SER HA 131 19.87 66.86 61.85
N LEU HA 132 19.46 66.10 60.83
CA LEU HA 132 19.94 66.33 59.48
C LEU HA 132 19.35 67.62 58.90
N ALA HA 133 18.11 67.96 59.25
CA ALA HA 133 17.49 69.17 58.72
C ALA HA 133 18.11 70.43 59.34
N ALA HA 134 18.36 70.39 60.65
CA ALA HA 134 19.04 71.51 61.29
C ALA HA 134 20.48 71.63 60.83
N MET HA 135 21.13 70.50 60.53
CA MET HA 135 22.48 70.58 59.98
C MET HA 135 22.45 71.09 58.55
N ALA HA 136 21.35 70.87 57.84
CA ALA HA 136 21.17 71.44 56.51
C ALA HA 136 21.06 72.95 56.59
N VAL HA 137 20.24 73.43 57.51
CA VAL HA 137 20.07 74.87 57.68
C VAL HA 137 21.38 75.52 58.13
N PHE HA 138 22.14 74.83 58.99
CA PHE HA 138 23.45 75.32 59.41
C PHE HA 138 24.41 75.39 58.23
N GLU HA 139 24.49 74.33 57.43
CA GLU HA 139 25.44 74.33 56.31
C GLU HA 139 25.02 75.29 55.22
N ASP HA 140 23.73 75.59 55.14
CA ASP HA 140 23.29 76.63 54.21
C ASP HA 140 23.70 78.00 54.71
N LYS HA 141 23.35 78.36 55.94
CA LYS HA 141 23.44 79.75 56.33
C LYS HA 141 24.31 79.99 57.56
N PHE HA 142 25.49 79.38 57.62
CA PHE HA 142 26.44 79.70 58.68
C PHE HA 142 27.58 80.53 58.13
N ARG HA 143 28.03 81.48 58.93
CA ARG HA 143 29.21 82.26 58.63
C ARG HA 143 29.86 82.48 59.99
N PRO HA 144 31.18 82.61 60.05
CA PRO HA 144 31.80 82.80 61.36
C PRO HA 144 31.56 84.19 61.92
N ASP HA 145 31.45 84.25 63.25
CA ASP HA 145 31.21 85.46 64.03
C ASP HA 145 29.92 86.18 63.61
N MET HA 146 28.81 85.48 63.82
CA MET HA 146 27.50 86.08 63.62
C MET HA 146 27.13 86.95 64.82
N GLU HA 147 26.05 87.69 64.67
CA GLU HA 147 25.53 88.52 65.75
C GLU HA 147 24.47 87.75 66.55
N GLU HA 148 23.77 88.47 67.42
CA GLU HA 148 22.86 87.83 68.38
C GLU HA 148 21.55 87.43 67.73
N GLU HA 149 20.82 88.41 67.20
CA GLU HA 149 19.52 88.14 66.58
C GLU HA 149 19.65 87.28 65.35
N GLU HA 150 20.78 87.39 64.65
CA GLU HA 150 21.09 86.53 63.52
C GLU HA 150 21.17 85.07 63.96
N ALA HA 151 21.87 84.81 65.07
CA ALA HA 151 22.03 83.45 65.54
C ALA HA 151 20.72 82.90 66.08
N LYS HA 152 19.93 83.74 66.76
CA LYS HA 152 18.64 83.30 67.27
C LYS HA 152 17.69 82.96 66.14
N ASN HA 153 17.64 83.80 65.11
CA ASN HA 153 16.83 83.53 63.93
C ASN HA 153 17.30 82.27 63.21
N LEU HA 154 18.62 82.04 63.16
CA LEU HA 154 19.15 80.86 62.49
C LEU HA 154 18.79 79.58 63.20
N VAL HA 155 18.95 79.55 64.53
CA VAL HA 155 18.65 78.34 65.28
C VAL HA 155 17.14 78.07 65.27
N SER HA 156 16.33 79.14 65.34
CA SER HA 156 14.89 78.99 65.24
C SER HA 156 14.50 78.44 63.87
N GLU HA 157 15.16 78.92 62.82
CA GLU HA 157 14.93 78.44 61.46
C GLU HA 157 15.31 76.97 61.31
N ALA HA 158 16.41 76.56 61.94
CA ALA HA 158 16.88 75.19 61.83
C ALA HA 158 15.94 74.22 62.52
N ILE HA 159 15.56 74.54 63.76
CA ILE HA 159 14.66 73.66 64.49
C ILE HA 159 13.27 73.71 63.87
N ALA HA 160 12.90 74.84 63.26
CA ALA HA 160 11.63 74.93 62.54
C ALA HA 160 11.63 74.01 61.32
N ALA HA 161 12.76 73.93 60.62
CA ALA HA 161 12.86 72.99 59.52
C ALA HA 161 12.83 71.56 60.01
N GLY HA 162 13.41 71.30 61.19
CA GLY HA 162 13.29 69.99 61.80
C GLY HA 162 11.87 69.63 62.17
N ILE HA 163 11.06 70.62 62.51
CA ILE HA 163 9.66 70.37 62.82
C ILE HA 163 8.84 70.18 61.55
N PHE HA 164 9.16 70.91 60.48
CA PHE HA 164 8.49 70.64 59.20
C PHE HA 164 8.98 69.36 58.54
N ASN HA 165 10.07 68.77 58.99
CA ASN HA 165 10.37 67.39 58.66
C ASN HA 165 9.89 66.52 59.83
N ASP HA 166 10.06 65.21 59.72
CA ASP HA 166 9.30 64.30 60.57
C ASP HA 166 9.91 64.23 61.96
N LEU HA 167 9.06 63.92 62.94
CA LEU HA 167 9.42 63.80 64.35
C LEU HA 167 10.03 65.08 64.91
N GLY HA 168 9.39 66.20 64.60
CA GLY HA 168 9.80 67.43 65.26
C GLY HA 168 9.11 67.58 66.60
N SER HA 169 8.40 68.68 66.80
CA SER HA 169 7.54 68.82 67.96
C SER HA 169 6.41 69.77 67.63
N GLY HA 170 5.29 69.58 68.32
CA GLY HA 170 4.26 70.60 68.37
C GLY HA 170 4.68 71.86 69.08
N SER HA 171 5.65 71.73 69.98
CA SER HA 171 6.10 72.74 70.91
C SER HA 171 6.62 74.01 70.23
N ASN HA 172 6.67 75.05 71.05
CA ASN HA 172 7.08 76.41 70.72
C ASN HA 172 8.55 76.65 71.01
N ILE HA 173 9.41 76.32 70.03
CA ILE HA 173 10.81 75.87 70.12
C ILE HA 173 11.59 76.52 71.24
N ASP HA 174 12.26 75.71 72.07
CA ASP HA 174 12.92 76.24 73.24
C ASP HA 174 14.29 76.72 72.83
N LEU HA 175 14.69 77.83 73.42
CA LEU HA 175 15.99 78.42 73.14
C LEU HA 175 16.65 78.75 74.46
N CYS HA 176 17.96 78.95 74.39
CA CYS HA 176 18.72 79.34 75.55
C CYS HA 176 20.03 79.96 75.09
N VAL HA 177 20.38 81.11 75.67
CA VAL HA 177 21.50 81.91 75.20
C VAL HA 177 22.43 82.14 76.37
N ILE HA 178 23.71 81.83 76.19
CA ILE HA 178 24.70 82.00 77.23
C ILE HA 178 25.75 82.97 76.73
N SER HA 179 26.01 84.01 77.51
CA SER HA 179 27.04 84.99 77.24
C SER HA 179 28.05 85.02 78.38
N LYS HA 180 28.95 86.00 78.34
CA LYS HA 180 29.92 86.19 79.41
C LYS HA 180 29.27 86.71 80.68
N ASN HA 181 28.13 87.38 80.57
CA ASN HA 181 27.50 87.99 81.74
C ASN HA 181 26.01 87.64 81.86
N LYS HA 182 25.34 87.51 80.73
CA LYS HA 182 23.90 87.45 80.68
C LYS HA 182 23.48 86.04 80.31
N LEU HA 183 22.76 85.39 81.21
CA LEU HA 183 22.18 84.09 80.97
C LEU HA 183 20.70 84.27 80.71
N ASP HA 184 20.22 83.70 79.60
CA ASP HA 184 18.81 83.73 79.27
C ASP HA 184 18.29 82.34 79.04
N PHE HA 185 16.98 82.18 79.17
CA PHE HA 185 16.33 80.87 79.07
C PHE HA 185 14.88 81.10 78.70
N LEU HA 186 14.48 80.62 77.52
CA LEU HA 186 13.25 81.08 76.88
C LEU HA 186 12.41 79.87 76.46
N ARG HA 187 11.38 79.55 77.24
CA ARG HA 187 10.55 78.43 76.84
C ARG HA 187 9.57 78.82 75.72
N PRO HA 188 8.60 79.78 75.90
CA PRO HA 188 7.61 79.89 74.80
C PRO HA 188 8.01 80.90 73.72
N TYR HA 189 8.99 80.49 72.91
CA TYR HA 189 9.66 81.42 72.01
C TYR HA 189 8.78 81.85 70.85
N THR HA 190 8.33 80.88 70.04
CA THR HA 190 7.50 81.19 68.88
C THR HA 190 6.56 80.02 68.65
N VAL HA 191 5.25 80.30 68.62
CA VAL HA 191 4.24 79.27 68.48
C VAL HA 191 3.74 79.32 67.03
N PRO HA 192 4.21 78.48 66.12
CA PRO HA 192 3.68 78.55 64.75
C PRO HA 192 2.37 77.81 64.57
N ASN HA 193 2.12 76.77 65.38
CA ASN HA 193 1.03 75.83 65.19
C ASN HA 193 0.02 76.04 66.31
N LYS HA 194 -0.98 76.85 66.06
CA LYS HA 194 -2.07 76.98 67.01
C LYS HA 194 -3.02 75.80 66.90
N LYS HA 195 -3.48 75.30 68.05
CA LYS HA 195 -4.52 74.29 68.02
C LYS HA 195 -5.82 74.90 67.54
N GLY HA 196 -6.47 74.24 66.59
CA GLY HA 196 -7.79 74.65 66.15
C GLY HA 196 -8.80 74.53 67.26
N THR HA 197 -9.66 75.51 67.49
CA THR HA 197 -10.69 75.31 68.50
C THR HA 197 -11.64 74.22 68.00
N ARG HA 198 -12.10 73.36 68.90
CA ARG HA 198 -13.08 72.35 68.48
C ARG HA 198 -14.36 73.05 68.06
N LEU HA 199 -15.07 72.53 67.06
CA LEU HA 199 -16.23 73.24 66.58
C LEU HA 199 -17.53 72.63 67.11
N GLY HA 200 -17.54 71.32 67.41
CA GLY HA 200 -18.62 70.87 68.29
C GLY HA 200 -18.12 70.89 69.73
N ARG HA 201 -18.50 69.92 70.56
CA ARG HA 201 -17.73 69.41 71.70
C ARG HA 201 -18.32 68.04 72.06
N TYR HA 202 -17.64 67.27 72.90
CA TYR HA 202 -18.06 65.91 73.24
C TYR HA 202 -18.61 66.01 74.65
N ARG HA 203 -19.90 66.35 74.69
CA ARG HA 203 -20.67 66.70 75.88
C ARG HA 203 -21.28 65.51 76.60
N CYS HA 204 -21.14 65.50 77.92
CA CYS HA 204 -21.64 64.44 78.78
C CYS HA 204 -22.46 65.09 79.88
N GLU HA 205 -23.15 64.29 80.71
CA GLU HA 205 -24.04 64.93 81.67
C GLU HA 205 -23.73 64.53 83.12
N LYS HA 206 -24.28 65.28 84.09
CA LYS HA 206 -24.04 65.09 85.52
C LYS HA 206 -24.90 63.90 85.98
N GLY HA 207 -24.41 62.70 85.70
CA GLY HA 207 -25.17 61.52 86.09
C GLY HA 207 -25.35 60.52 84.97
N THR HA 208 -24.62 60.70 83.88
CA THR HA 208 -24.78 59.87 82.71
C THR HA 208 -24.12 58.50 82.84
N THR HA 209 -23.62 58.16 84.02
CA THR HA 209 -22.91 56.90 84.24
C THR HA 209 -23.43 56.24 85.52
N ALA HA 210 -23.82 54.97 85.41
CA ALA HA 210 -24.39 54.25 86.54
C ALA HA 210 -23.32 53.97 87.58
N VAL HA 211 -23.65 54.23 88.84
CA VAL HA 211 -22.71 54.14 89.96
C VAL HA 211 -23.15 53.00 90.87
N LEU HA 212 -22.18 52.16 91.25
CA LEU HA 212 -22.47 50.99 92.08
C LEU HA 212 -22.18 51.19 93.56
N THR HA 213 -21.08 51.84 93.94
CA THR HA 213 -20.70 51.93 95.35
C THR HA 213 -19.90 53.20 95.61
N GLU HA 214 -20.43 54.07 96.47
CA GLU HA 214 -19.78 55.33 96.81
C GLU HA 214 -19.08 55.21 98.16
N LYS HA 215 -18.18 56.16 98.43
CA LYS HA 215 -17.50 56.33 99.71
C LYS HA 215 -17.13 57.80 99.86
N ILE HA 216 -17.21 58.30 101.08
CA ILE HA 216 -16.76 59.65 101.42
C ILE HA 216 -15.80 59.54 102.59
N THR HA 217 -14.64 60.20 102.48
CA THR HA 217 -13.67 60.22 103.57
C THR HA 217 -13.20 61.64 103.88
N PRO HA 218 -13.56 62.20 105.03
CA PRO HA 218 -13.14 63.56 105.36
C PRO HA 218 -11.66 63.62 105.68
N LEU HA 219 -11.13 64.84 105.70
CA LEU HA 219 -9.71 65.06 105.99
C LEU HA 219 -9.54 66.30 106.84
N GLU HA 220 -8.29 66.72 106.98
CA GLU HA 220 -7.91 67.91 107.73
C GLU HA 220 -7.46 69.02 106.79
N SER IA 1 1.80 41.90 74.52
CA SER IA 1 3.14 42.13 75.03
C SER IA 1 3.30 41.68 76.47
N ILE IA 2 4.48 41.96 77.03
CA ILE IA 2 4.68 41.73 78.45
C ILE IA 2 3.81 42.67 79.26
N MET IA 3 3.58 43.89 78.76
CA MET IA 3 2.58 44.76 79.36
C MET IA 3 1.17 44.21 79.23
N SER IA 4 0.91 43.45 78.17
CA SER IA 4 -0.39 42.82 77.98
C SER IA 4 -0.43 41.41 78.51
N TYR IA 5 0.38 41.12 79.53
CA TYR IA 5 0.36 39.78 80.09
C TYR IA 5 -0.81 39.66 81.05
N ASN IA 6 -1.00 40.67 81.88
CA ASN IA 6 -2.10 40.69 82.83
C ASN IA 6 -3.06 41.84 82.60
N GLY IA 7 -2.91 42.56 81.48
CA GLY IA 7 -3.83 43.65 81.22
C GLY IA 7 -3.55 44.84 82.11
N GLY IA 8 -4.55 45.71 82.23
CA GLY IA 8 -4.40 46.88 83.07
C GLY IA 8 -4.57 48.22 82.38
N ALA IA 9 -5.20 49.15 83.09
CA ALA IA 9 -5.40 50.49 82.57
C ALA IA 9 -5.57 51.44 83.74
N VAL IA 10 -4.80 52.53 83.75
CA VAL IA 10 -4.89 53.53 84.78
C VAL IA 10 -5.06 54.89 84.11
N MET IA 11 -6.11 55.61 84.50
CA MET IA 11 -6.34 56.97 84.05
C MET IA 11 -6.32 57.91 85.23
N ALA IA 12 -5.66 59.05 85.07
CA ALA IA 12 -5.73 60.12 86.05
C ALA IA 12 -6.11 61.40 85.33
N MET IA 13 -6.92 62.24 85.97
CA MET IA 13 -7.40 63.44 85.31
C MET IA 13 -7.42 64.58 86.30
N LYS IA 14 -6.83 65.70 85.92
CA LYS IA 14 -6.78 66.89 86.76
C LYS IA 14 -7.99 67.76 86.46
N GLY IA 15 -8.69 68.16 87.50
CA GLY IA 15 -9.82 69.08 87.40
C GLY IA 15 -9.44 70.50 87.73
N LYS IA 16 -10.42 71.25 88.26
CA LYS IA 16 -10.19 72.65 88.61
C LYS IA 16 -9.41 72.78 89.92
N ASN IA 17 -9.97 72.31 91.02
CA ASN IA 17 -9.32 72.40 92.32
C ASN IA 17 -9.12 71.03 92.93
N CYS IA 18 -9.39 70.00 92.16
CA CYS IA 18 -9.44 68.63 92.60
C CYS IA 18 -8.88 67.76 91.49
N VAL IA 19 -8.66 66.49 91.79
CA VAL IA 19 -8.04 65.59 90.84
C VAL IA 19 -8.73 64.23 90.94
N ALA IA 20 -8.88 63.57 89.80
CA ALA IA 20 -9.61 62.32 89.72
C ALA IA 20 -8.72 61.27 89.06
N ILE IA 21 -8.66 60.11 89.69
CA ILE IA 21 -7.90 58.96 89.22
C ILE IA 21 -8.83 57.76 89.17
N ALA IA 22 -8.72 56.95 88.13
CA ALA IA 22 -9.58 55.79 87.97
C ALA IA 22 -8.75 54.66 87.36
N ALA IA 23 -9.19 53.42 87.62
CA ALA IA 23 -8.53 52.26 87.05
C ALA IA 23 -9.54 51.13 86.88
N ASP IA 24 -9.08 50.05 86.26
CA ASP IA 24 -9.89 48.87 86.04
C ASP IA 24 -9.77 47.89 87.22
N ARG IA 25 -10.62 46.87 87.19
CA ARG IA 25 -10.69 45.89 88.27
C ARG IA 25 -10.19 44.50 87.90
N ARG IA 26 -10.02 44.21 86.61
CA ARG IA 26 -9.76 42.84 86.18
C ARG IA 26 -8.37 42.37 86.56
N PHE IA 27 -8.30 41.13 87.04
CA PHE IA 27 -7.04 40.43 87.21
C PHE IA 27 -7.16 39.07 86.54
N GLY IA 28 -6.15 38.71 85.77
CA GLY IA 28 -6.16 37.37 85.20
C GLY IA 28 -4.93 37.08 84.37
N ILE IA 29 -4.81 35.80 84.03
CA ILE IA 29 -3.78 35.29 83.13
C ILE IA 29 -4.28 35.54 81.71
N GLN IA 30 -3.38 35.36 80.72
CA GLN IA 30 -3.42 35.88 79.35
C GLN IA 30 -4.80 35.98 78.71
N ALA IA 31 -5.60 34.92 78.84
CA ALA IA 31 -6.97 34.91 78.40
C ALA IA 31 -7.93 34.49 79.49
N GLN IA 32 -7.41 34.04 80.63
CA GLN IA 32 -8.22 33.55 81.74
C GLN IA 32 -8.23 34.58 82.85
N MET IA 33 -9.39 35.14 83.14
CA MET IA 33 -9.49 36.04 84.28
C MET IA 33 -9.59 35.24 85.57
N VAL IA 34 -9.35 35.94 86.70
CA VAL IA 34 -9.41 35.26 87.98
C VAL IA 34 -10.35 36.00 88.92
N THR IA 35 -10.10 37.29 89.12
CA THR IA 35 -10.88 38.03 90.09
C THR IA 35 -11.16 39.44 89.58
N THR IA 36 -12.12 40.08 90.25
CA THR IA 36 -12.55 41.43 89.91
C THR IA 36 -12.26 42.45 91.01
N ASP IA 37 -11.41 42.11 91.98
CA ASP IA 37 -11.19 43.01 93.11
C ASP IA 37 -9.70 43.20 93.36
N PHE IA 38 -8.92 43.25 92.30
CA PHE IA 38 -7.49 43.46 92.42
C PHE IA 38 -7.18 44.94 92.54
N GLN IA 39 -6.38 45.30 93.53
CA GLN IA 39 -6.16 46.69 93.85
C GLN IA 39 -4.96 47.20 93.06
N LYS IA 40 -5.16 48.33 92.39
CA LYS IA 40 -4.10 48.95 91.61
C LYS IA 40 -3.89 50.41 91.95
N ILE IA 41 -4.72 50.99 92.80
CA ILE IA 41 -4.61 52.38 93.21
C ILE IA 41 -4.33 52.38 94.69
N PHE IA 42 -3.18 52.87 95.05
CA PHE IA 42 -2.84 52.72 96.44
C PHE IA 42 -2.84 54.07 97.14
N PRO IA 43 -3.26 54.10 98.41
CA PRO IA 43 -3.13 55.33 99.19
C PRO IA 43 -1.71 55.50 99.68
N MET IA 44 -1.13 56.66 99.40
CA MET IA 44 0.19 57.04 99.87
C MET IA 44 -0.04 58.35 100.62
N GLY IA 45 -0.37 58.26 101.89
CA GLY IA 45 -0.70 59.42 102.67
C GLY IA 45 -2.08 59.95 102.36
N ASP IA 46 -2.34 61.16 102.83
CA ASP IA 46 -3.64 61.79 102.71
C ASP IA 46 -3.69 62.69 101.48
N ARG IA 47 -4.83 62.61 100.76
CA ARG IA 47 -5.14 63.41 99.58
C ARG IA 47 -4.08 63.23 98.49
N LEU IA 48 -3.55 62.02 98.37
CA LEU IA 48 -2.55 61.71 97.36
C LEU IA 48 -2.55 60.20 97.13
N TYR IA 49 -2.87 59.78 95.91
CA TYR IA 49 -2.89 58.37 95.53
C TYR IA 49 -1.85 58.11 94.46
N ILE IA 50 -1.59 56.82 94.23
CA ILE IA 50 -0.73 56.39 93.13
C ILE IA 50 -1.44 55.21 92.45
N GLY IA 51 -1.28 55.12 91.14
CA GLY IA 51 -1.83 54.01 90.38
C GLY IA 51 -0.73 53.25 89.67
N LEU IA 52 -0.86 51.93 89.61
CA LEU IA 52 0.15 51.06 89.03
C LEU IA 52 -0.48 50.11 88.02
N ALA IA 53 0.18 49.97 86.87
CA ALA IA 53 -0.32 49.16 85.79
C ALA IA 53 0.82 48.38 85.15
N GLY IA 54 0.50 47.20 84.64
CA GLY IA 54 1.49 46.34 84.02
C GLY IA 54 1.52 44.97 84.64
N LEU IA 55 2.71 44.42 84.83
CA LEU IA 55 2.84 43.11 85.48
C LEU IA 55 2.53 43.22 86.96
N ALA IA 56 1.71 42.28 87.45
CA ALA IA 56 1.13 42.40 88.79
C ALA IA 56 2.21 42.20 89.84
N THR IA 57 3.24 41.44 89.47
CA THR IA 57 4.40 41.21 90.33
C THR IA 57 5.05 42.52 90.67
N ASP IA 58 5.36 43.31 89.63
CA ASP IA 58 5.98 44.60 89.84
C ASP IA 58 5.03 45.59 90.48
N VAL IA 59 3.72 45.41 90.28
CA VAL IA 59 2.75 46.28 90.93
C VAL IA 59 2.82 46.13 92.44
N GLN IA 60 2.65 44.91 92.94
CA GLN IA 60 2.70 44.72 94.39
C GLN IA 60 4.10 44.91 94.95
N THR IA 61 5.14 44.54 94.20
CA THR IA 61 6.49 44.69 94.70
C THR IA 61 6.88 46.14 94.83
N VAL IA 62 6.65 46.93 93.78
CA VAL IA 62 6.95 48.36 93.81
C VAL IA 62 6.05 49.08 94.78
N ALA IA 63 4.80 48.63 94.95
CA ALA IA 63 3.92 49.27 95.93
C ALA IA 63 4.41 49.06 97.36
N GLN IA 64 4.89 47.86 97.67
CA GLN IA 64 5.40 47.63 99.02
C GLN IA 64 6.76 48.30 99.24
N ARG IA 65 7.61 48.31 98.21
CA ARG IA 65 8.90 48.99 98.31
C ARG IA 65 8.73 50.49 98.46
N LEU IA 66 7.78 51.05 97.72
CA LEU IA 66 7.52 52.47 97.79
C LEU IA 66 6.90 52.84 99.12
N LYS IA 67 6.03 51.96 99.65
CA LYS IA 67 5.46 52.21 100.97
C LYS IA 67 6.55 52.15 102.04
N PHE IA 68 7.51 51.23 101.87
CA PHE IA 68 8.69 51.14 102.71
C PHE IA 68 9.48 52.44 102.76
N ARG IA 69 9.89 52.92 101.59
CA ARG IA 69 10.67 54.17 101.54
C ARG IA 69 9.84 55.37 101.95
N LEU IA 70 8.54 55.33 101.68
CA LEU IA 70 7.66 56.45 102.02
C LEU IA 70 7.52 56.58 103.52
N ASN IA 71 7.33 55.46 104.22
CA ASN IA 71 7.22 55.54 105.66
C ASN IA 71 8.55 55.87 106.31
N LEU IA 72 9.67 55.42 105.72
CA LEU IA 72 10.96 55.83 106.26
C LEU IA 72 11.17 57.35 106.12
N TYR IA 73 10.71 57.91 105.01
CA TYR IA 73 10.81 59.35 104.82
C TYR IA 73 9.88 60.09 105.78
N GLU IA 74 8.64 59.61 105.92
CA GLU IA 74 7.67 60.27 106.77
C GLU IA 74 7.93 60.04 108.26
N LEU IA 75 8.81 59.12 108.61
CA LEU IA 75 9.24 58.99 109.99
C LEU IA 75 10.53 59.74 110.29
N LYS IA 76 11.42 59.93 109.32
CA LYS IA 76 12.57 60.79 109.61
C LYS IA 76 12.17 62.25 109.70
N GLU IA 77 11.14 62.66 108.95
CA GLU IA 77 10.62 64.01 109.02
C GLU IA 77 9.12 63.92 109.25
N GLY IA 78 8.65 64.62 110.28
CA GLY IA 78 7.28 64.48 110.75
C GLY IA 78 6.22 64.94 109.78
N ARG IA 79 6.58 65.78 108.82
CA ARG IA 79 5.62 66.29 107.85
C ARG IA 79 5.28 65.20 106.84
N GLN IA 80 4.24 65.46 106.06
CA GLN IA 80 3.93 64.56 104.97
C GLN IA 80 4.59 65.07 103.69
N ILE IA 81 4.57 64.24 102.69
CA ILE IA 81 5.48 64.34 101.57
C ILE IA 81 4.84 65.17 100.46
N LYS IA 82 5.66 65.97 99.81
CA LYS IA 82 5.21 66.70 98.65
C LYS IA 82 5.25 65.78 97.43
N PRO IA 83 4.40 66.02 96.43
CA PRO IA 83 4.30 65.06 95.32
C PRO IA 83 5.51 65.02 94.42
N TYR IA 84 6.20 66.15 94.24
CA TYR IA 84 7.43 66.16 93.46
C TYR IA 84 8.49 65.28 94.09
N THR IA 85 8.56 65.30 95.43
CA THR IA 85 9.46 64.44 96.17
C THR IA 85 9.14 62.97 95.92
N LEU IA 86 7.85 62.63 95.92
CA LEU IA 86 7.43 61.27 95.64
C LEU IA 86 7.77 60.86 94.23
N MET IA 87 7.62 61.80 93.29
CA MET IA 87 7.96 61.54 91.90
C MET IA 87 9.44 61.23 91.74
N SER IA 88 10.28 62.02 92.41
CA SER IA 88 11.71 61.77 92.34
C SER IA 88 12.09 60.46 93.02
N MET IA 89 11.38 60.12 94.10
CA MET IA 89 11.62 58.85 94.78
C MET IA 89 11.26 57.66 93.89
N VAL IA 90 10.11 57.74 93.21
CA VAL IA 90 9.71 56.67 92.30
C VAL IA 90 10.67 56.58 91.12
N ALA IA 91 11.18 57.73 90.68
CA ALA IA 91 12.16 57.73 89.60
C ALA IA 91 13.45 57.06 90.04
N ASN IA 92 13.87 57.31 91.26
CA ASN IA 92 15.08 56.69 91.77
C ASN IA 92 14.87 55.20 91.99
N LEU IA 93 13.70 54.81 92.50
CA LEU IA 93 13.40 53.41 92.73
C LEU IA 93 13.33 52.61 91.44
N LEU IA 94 12.76 53.19 90.39
CA LEU IA 94 12.73 52.49 89.12
C LEU IA 94 14.08 52.51 88.42
N TYR IA 95 14.84 53.59 88.61
CA TYR IA 95 16.09 53.74 87.91
C TYR IA 95 17.20 52.92 88.55
N GLU IA 96 17.01 52.48 89.81
CA GLU IA 96 17.97 51.54 90.40
C GLU IA 96 17.99 50.21 89.64
N LYS IA 97 16.86 49.82 89.04
CA LYS IA 97 16.83 48.70 88.13
C LYS IA 97 16.80 49.24 86.70
N ARG IA 98 17.94 49.80 86.30
CA ARG IA 98 18.09 50.32 84.95
C ARG IA 98 18.14 49.17 83.95
N PHE IA 99 18.88 48.11 84.28
CA PHE IA 99 19.05 46.96 83.42
C PHE IA 99 18.32 45.73 83.94
N GLY IA 100 17.65 45.84 85.08
CA GLY IA 100 16.82 44.79 85.61
C GLY IA 100 15.37 45.19 85.70
N PRO IA 101 14.81 45.74 84.62
CA PRO IA 101 13.69 46.70 84.77
C PRO IA 101 12.39 46.05 85.20
N TYR IA 102 11.65 46.78 86.02
CA TYR IA 102 10.27 46.46 86.30
C TYR IA 102 9.42 46.70 85.06
N TYR IA 103 8.29 46.03 85.00
CA TYR IA 103 7.33 46.24 83.92
C TYR IA 103 6.13 46.94 84.54
N THR IA 104 6.23 48.27 84.61
CA THR IA 104 5.20 49.06 85.24
C THR IA 104 5.25 50.48 84.70
N GLU IA 105 4.13 51.17 84.83
CA GLU IA 105 3.99 52.56 84.42
C GLU IA 105 3.28 53.28 85.55
N PRO IA 106 4.03 53.76 86.54
CA PRO IA 106 3.39 54.39 87.71
C PRO IA 106 2.78 55.72 87.34
N VAL IA 107 1.64 56.00 87.95
CA VAL IA 107 0.93 57.27 87.77
C VAL IA 107 0.68 57.86 89.15
N ILE IA 108 1.13 59.09 89.37
CA ILE IA 108 0.99 59.77 90.64
C ILE IA 108 -0.02 60.89 90.47
N ALA IA 109 -1.01 60.93 91.36
CA ALA IA 109 -2.00 61.99 91.37
C ALA IA 109 -2.27 62.37 92.82
N GLY IA 110 -2.06 63.64 93.13
CA GLY IA 110 -2.25 64.10 94.48
C GLY IA 110 -2.38 65.59 94.51
N LEU IA 111 -2.78 66.09 95.67
CA LEU IA 111 -2.98 67.51 95.89
C LEU IA 111 -1.78 68.12 96.58
N ASP IA 112 -1.81 69.40 96.69
CA ASP IA 112 -0.77 70.08 97.44
C ASP IA 112 -1.01 69.88 98.93
N PRO IA 113 0.05 69.68 99.72
CA PRO IA 113 -0.17 69.53 101.17
C PRO IA 113 -0.44 70.85 101.87
N LYS IA 114 0.01 71.97 101.33
CA LYS IA 114 -0.23 73.26 101.93
C LYS IA 114 -1.46 73.94 101.33
N THR IA 115 -1.52 74.02 100.01
CA THR IA 115 -2.63 74.59 99.29
C THR IA 115 -3.51 73.47 98.76
N PHE IA 116 -4.45 73.80 97.89
CA PHE IA 116 -5.28 72.82 97.23
C PHE IA 116 -4.85 72.57 95.79
N LYS IA 117 -3.59 72.82 95.46
CA LYS IA 117 -3.14 72.68 94.09
C LYS IA 117 -3.02 71.20 93.71
N PRO IA 118 -3.64 70.79 92.60
CA PRO IA 118 -3.53 69.41 92.13
C PRO IA 118 -2.20 69.13 91.45
N PHE IA 119 -1.97 67.85 91.19
CA PHE IA 119 -0.73 67.37 90.59
C PHE IA 119 -1.00 66.04 89.91
N ILE IA 120 -0.50 65.90 88.67
CA ILE IA 120 -0.48 64.64 87.96
C ILE IA 120 0.86 64.48 87.27
N CYS IA 121 1.30 63.24 87.16
CA CYS IA 121 2.50 62.90 86.40
C CYS IA 121 2.46 61.41 86.14
N SER IA 122 3.30 60.96 85.21
CA SER IA 122 3.42 59.54 84.94
C SER IA 122 4.88 59.23 84.61
N LEU IA 123 5.22 57.96 84.76
CA LEU IA 123 6.58 57.49 84.51
C LEU IA 123 6.55 56.29 83.59
N ASP IA 124 7.71 55.99 83.03
CA ASP IA 124 7.91 54.80 82.21
C ASP IA 124 8.59 53.73 83.04
N LEU IA 125 8.88 52.61 82.38
CA LEU IA 125 9.43 51.44 83.04
C LEU IA 125 10.89 51.59 83.43
N ILE IA 126 11.51 52.74 83.18
CA ILE IA 126 12.88 52.99 83.58
C ILE IA 126 13.03 54.23 84.43
N GLY IA 127 11.98 55.04 84.57
CA GLY IA 127 12.07 56.20 85.44
C GLY IA 127 12.06 57.52 84.71
N CYS IA 128 11.25 57.63 83.66
CA CYS IA 128 11.15 58.89 82.94
C CYS IA 128 9.93 59.65 83.41
N PRO IA 129 10.08 60.72 84.18
CA PRO IA 129 8.90 61.46 84.64
C PRO IA 129 8.33 62.29 83.51
N MET IA 130 7.07 62.68 83.68
CA MET IA 130 6.37 63.48 82.69
C MET IA 130 5.21 64.15 83.40
N VAL IA 131 5.33 65.46 83.64
CA VAL IA 131 4.27 66.26 84.24
C VAL IA 131 3.46 66.96 83.17
N THR IA 132 2.13 66.87 83.29
CA THR IA 132 1.22 67.54 82.37
C THR IA 132 0.17 68.31 83.18
N ASP IA 133 -0.84 68.83 82.50
CA ASP IA 133 -1.89 69.60 83.15
C ASP IA 133 -3.29 69.03 83.00
N ASP IA 134 -3.53 68.19 81.99
CA ASP IA 134 -4.88 67.71 81.69
C ASP IA 134 -5.12 66.30 82.22
N PHE IA 135 -4.32 65.33 81.78
CA PHE IA 135 -4.53 63.92 82.10
C PHE IA 135 -3.27 63.15 81.73
N VAL IA 136 -3.04 62.05 82.42
CA VAL IA 136 -2.07 61.05 82.03
C VAL IA 136 -2.72 59.67 82.08
N VAL IA 137 -2.27 58.79 81.20
CA VAL IA 137 -2.81 57.44 81.11
C VAL IA 137 -1.66 56.45 81.08
N SER IA 138 -1.98 55.18 81.36
CA SER IA 138 -1.02 54.10 81.34
C SER IA 138 -1.76 52.78 81.13
N GLY IA 139 -0.99 51.73 80.97
CA GLY IA 139 -1.52 50.39 80.80
C GLY IA 139 -1.39 49.88 79.38
N THR IA 140 -2.19 48.86 79.07
CA THR IA 140 -2.16 48.25 77.74
C THR IA 140 -2.81 49.15 76.71
N CYS IA 141 -4.07 49.44 76.92
CA CYS IA 141 -4.79 50.37 76.07
C CYS IA 141 -4.24 51.78 76.32
N ALA IA 142 -3.80 52.43 75.26
CA ALA IA 142 -3.39 53.83 75.36
C ALA IA 142 -4.22 54.72 74.47
N GLU IA 143 -4.32 54.39 73.17
CA GLU IA 143 -4.91 55.30 72.19
C GLU IA 143 -6.38 55.52 72.47
N GLN IA 144 -7.03 54.52 73.05
CA GLN IA 144 -8.43 54.64 73.46
C GLN IA 144 -8.59 55.75 74.49
N MET IA 145 -7.81 55.68 75.57
CA MET IA 145 -7.96 56.68 76.61
C MET IA 145 -7.43 58.04 76.16
N TYR IA 146 -6.43 58.08 75.29
CA TYR IA 146 -6.01 59.35 74.70
C TYR IA 146 -7.11 59.97 73.86
N GLY IA 147 -7.76 59.18 73.01
CA GLY IA 147 -8.83 59.72 72.18
C GLY IA 147 -10.00 60.22 73.01
N MET IA 148 -10.36 59.46 74.06
CA MET IA 148 -11.47 59.85 74.91
C MET IA 148 -11.15 61.12 75.68
N CYS IA 149 -9.98 61.18 76.33
CA CYS IA 149 -9.68 62.35 77.13
C CYS IA 149 -9.35 63.58 76.30
N GLU IA 150 -8.74 63.42 75.13
CA GLU IA 150 -8.59 64.55 74.21
C GLU IA 150 -9.90 64.94 73.57
N SER IA 151 -10.92 64.09 73.66
CA SER IA 151 -12.27 64.41 73.24
C SER IA 151 -13.09 65.11 74.30
N LEU IA 152 -12.87 64.78 75.57
CA LEU IA 152 -13.82 65.12 76.62
C LEU IA 152 -13.33 66.13 77.65
N TRP IA 153 -12.08 66.57 77.59
CA TRP IA 153 -11.53 67.37 78.68
C TRP IA 153 -11.88 68.83 78.51
N GLU IA 154 -12.20 69.48 79.63
CA GLU IA 154 -12.36 70.91 79.69
C GLU IA 154 -11.41 71.46 80.73
N PRO IA 155 -10.98 72.72 80.63
CA PRO IA 155 -9.96 73.20 81.59
C PRO IA 155 -10.51 73.40 82.99
N ASN IA 156 -11.68 74.02 83.10
CA ASN IA 156 -12.24 74.38 84.39
C ASN IA 156 -13.46 73.53 84.64
N MET IA 157 -13.35 72.57 85.55
CA MET IA 157 -14.36 71.54 85.71
C MET IA 157 -14.74 71.44 87.18
N ASP IA 158 -16.03 71.60 87.46
CA ASP IA 158 -16.59 71.21 88.73
C ASP IA 158 -16.43 69.69 88.91
N PRO IA 159 -16.33 69.22 90.16
CA PRO IA 159 -16.05 67.79 90.39
C PRO IA 159 -17.12 66.85 89.88
N ASP IA 160 -18.36 67.32 89.72
CA ASP IA 160 -19.40 66.44 89.21
C ASP IA 160 -19.18 66.13 87.74
N HIS IA 161 -18.97 67.15 86.91
CA HIS IA 161 -18.66 66.92 85.50
C HIS IA 161 -17.31 66.24 85.34
N LEU IA 162 -16.39 66.46 86.27
CA LEU IA 162 -15.13 65.73 86.29
C LEU IA 162 -15.39 64.24 86.45
N PHE IA 163 -16.24 63.91 87.42
CA PHE IA 163 -16.61 62.53 87.69
C PHE IA 163 -17.32 61.90 86.49
N GLU IA 164 -18.22 62.65 85.87
CA GLU IA 164 -18.97 62.07 84.75
C GLU IA 164 -18.09 61.93 83.52
N THR IA 165 -17.16 62.85 83.34
CA THR IA 165 -16.24 62.80 82.21
C THR IA 165 -15.29 61.62 82.31
N ILE IA 166 -14.66 61.45 83.48
CA ILE IA 166 -13.76 60.31 83.66
C ILE IA 166 -14.54 59.01 83.66
N SER IA 167 -15.81 59.06 84.07
CA SER IA 167 -16.67 57.87 84.06
C SER IA 167 -16.93 57.42 82.63
N GLN IA 168 -17.35 58.35 81.77
CA GLN IA 168 -17.67 58.00 80.38
C GLN IA 168 -16.42 57.56 79.63
N ALA IA 169 -15.29 58.22 79.92
CA ALA IA 169 -14.02 57.89 79.29
C ALA IA 169 -13.58 56.48 79.64
N MET IA 170 -13.59 56.15 80.93
CA MET IA 170 -13.18 54.82 81.37
C MET IA 170 -14.12 53.74 80.85
N ASN IA 172 -16.11 53.71 78.10
CA ASN IA 172 -16.02 53.47 76.67
C ASN IA 172 -14.65 52.91 76.27
N ALA IA 173 -13.58 53.43 76.87
CA ALA IA 173 -12.24 52.95 76.53
C ALA IA 173 -11.98 51.55 77.07
N VAL IA 174 -12.66 51.16 78.13
CA VAL IA 174 -12.50 49.80 78.62
C VAL IA 174 -13.34 48.83 77.78
N ASP IA 175 -14.56 49.24 77.42
CA ASP IA 175 -15.41 48.41 76.57
C ASP IA 175 -14.82 48.21 75.17
N ARG IA 176 -14.06 49.18 74.66
CA ARG IA 176 -13.37 48.89 73.41
C ARG IA 176 -12.17 47.97 73.62
N ASP IA 177 -11.57 47.99 74.81
CA ASP IA 177 -10.41 47.13 75.05
C ASP IA 177 -10.87 45.70 75.31
N ALA IA 178 -9.99 44.76 75.00
CA ALA IA 178 -10.27 43.33 75.16
C ALA IA 178 -9.75 42.79 76.49
N VAL IA 179 -8.45 42.87 76.71
CA VAL IA 179 -7.83 42.16 77.84
C VAL IA 179 -7.98 42.87 79.17
N SER IA 180 -8.51 44.09 79.17
CA SER IA 180 -8.67 44.85 80.40
C SER IA 180 -10.13 45.29 80.49
N GLY IA 181 -10.80 44.84 81.55
CA GLY IA 181 -12.20 45.13 81.74
C GLY IA 181 -12.70 44.78 83.12
N MET IA 182 -13.93 44.26 83.18
CA MET IA 182 -14.54 43.65 84.37
C MET IA 182 -14.66 44.63 85.54
N GLY IA 183 -15.16 45.82 85.26
CA GLY IA 183 -15.44 46.76 86.32
C GLY IA 183 -14.43 47.89 86.37
N VAL IA 184 -14.85 49.00 86.97
CA VAL IA 184 -14.04 50.21 87.10
C VAL IA 184 -14.17 50.71 88.52
N ILE IA 185 -13.05 51.04 89.15
CA ILE IA 185 -13.02 51.78 90.41
C ILE IA 185 -12.52 53.19 90.15
N VAL IA 186 -13.14 54.16 90.81
CA VAL IA 186 -12.86 55.57 90.60
C VAL IA 186 -12.61 56.23 91.95
N HIS IA 187 -11.47 56.90 92.06
CA HIS IA 187 -11.17 57.71 93.24
C HIS IA 187 -11.19 59.18 92.83
N ILE IA 188 -12.12 59.93 93.40
CA ILE IA 188 -12.21 61.36 93.19
C ILE IA 188 -12.01 62.06 94.51
N ILE IA 189 -10.88 62.76 94.63
CA ILE IA 189 -10.45 63.31 95.90
C ILE IA 189 -10.40 64.82 95.76
N GLU IA 190 -10.43 65.49 96.92
CA GLU IA 190 -10.32 66.94 96.97
C GLU IA 190 -9.84 67.32 98.37
N LYS IA 191 -9.83 68.63 98.65
CA LYS IA 191 -9.32 69.11 99.92
C LYS IA 191 -10.22 68.70 101.07
N ASP IA 192 -11.52 68.65 100.84
CA ASP IA 192 -12.47 68.44 101.92
C ASP IA 192 -12.66 66.96 102.20
N LYS IA 193 -12.69 66.14 101.16
CA LYS IA 193 -13.17 64.79 101.33
C LYS IA 193 -12.60 63.89 100.25
N ILE IA 194 -12.88 62.60 100.38
CA ILE IA 194 -12.37 61.56 99.49
C ILE IA 194 -13.55 60.67 99.12
N THR IA 195 -13.79 60.52 97.83
CA THR IA 195 -14.92 59.74 97.35
C THR IA 195 -14.40 58.57 96.52
N THR IA 196 -14.96 57.39 96.75
CA THR IA 196 -14.60 56.19 96.02
C THR IA 196 -15.89 55.56 95.51
N ARG IA 197 -16.05 55.56 94.19
CA ARG IA 197 -17.24 54.97 93.59
C ARG IA 197 -16.87 53.87 92.61
N THR IA 198 -17.75 52.87 92.51
CA THR IA 198 -17.60 51.77 91.58
C THR IA 198 -18.74 51.83 90.58
N LEU IA 199 -18.42 51.63 89.31
CA LEU IA 199 -19.38 51.84 88.25
C LEU IA 199 -19.94 50.52 87.74
N LYS IA 200 -21.13 50.60 87.14
CA LYS IA 200 -21.77 49.43 86.54
C LYS IA 200 -21.21 49.31 85.13
N ALA IA 201 -20.06 48.68 85.03
CA ALA IA 201 -19.44 48.49 83.73
C ALA IA 201 -19.92 47.20 83.11
N ARG IA 202 -19.76 47.09 81.79
CA ARG IA 202 -20.13 45.88 81.09
C ARG IA 202 -19.20 44.76 81.48
N MET IA 203 -19.78 43.64 81.90
CA MET IA 203 -19.03 42.48 82.36
C MET IA 203 -18.62 41.57 81.22
N ASP IA 204 -18.61 42.08 79.99
CA ASP IA 204 -18.32 41.29 78.81
C ASP IA 204 -16.82 41.24 78.50
N MET JA 1 -0.12 20.42 84.66
CA MET JA 1 -0.44 19.05 84.28
C MET JA 1 -1.68 18.52 84.97
N GLU JA 2 -1.56 18.21 86.27
CA GLU JA 2 -2.70 17.66 87.00
C GLU JA 2 -3.66 18.74 87.52
N TYR JA 3 -3.89 18.84 88.84
CA TYR JA 3 -5.13 19.48 89.32
C TYR JA 3 -5.23 19.55 90.85
N LEU JA 4 -5.79 20.66 91.36
CA LEU JA 4 -6.19 20.80 92.77
C LEU JA 4 -7.29 21.85 92.90
N ILE JA 5 -8.46 21.46 93.41
CA ILE JA 5 -9.53 22.44 93.56
C ILE JA 5 -9.42 23.08 94.94
N GLY JA 6 -9.91 24.33 95.06
CA GLY JA 6 -9.74 25.16 96.23
C GLY JA 6 -10.99 25.83 96.78
N ILE JA 7 -12.11 25.12 96.89
CA ILE JA 7 -13.41 25.75 97.15
C ILE JA 7 -13.47 26.40 98.52
N GLN JA 8 -13.81 27.69 98.53
CA GLN JA 8 -14.02 28.43 99.77
C GLN JA 8 -15.50 28.38 100.14
N GLY JA 9 -15.77 28.27 101.43
CA GLY JA 9 -17.13 28.27 101.92
C GLY JA 9 -17.42 29.48 102.79
N PRO JA 10 -18.54 29.43 103.52
CA PRO JA 10 -18.78 30.47 104.52
C PRO JA 10 -17.83 30.33 105.70
N ASP JA 11 -17.64 29.10 106.16
CA ASP JA 11 -16.82 28.84 107.34
C ASP JA 11 -15.96 27.59 107.15
N TYR JA 12 -15.59 27.29 105.91
CA TYR JA 12 -14.74 26.15 105.63
C TYR JA 12 -14.06 26.38 104.29
N VAL JA 13 -12.97 25.66 104.08
CA VAL JA 13 -12.26 25.68 102.82
C VAL JA 13 -12.13 24.23 102.37
N LEU JA 14 -12.54 23.95 101.13
CA LEU JA 14 -12.55 22.60 100.60
C LEU JA 14 -11.44 22.44 99.57
N VAL JA 15 -10.36 21.81 99.97
CA VAL JA 15 -9.24 21.53 99.10
C VAL JA 15 -9.19 20.05 98.81
N ALA JA 16 -8.71 19.71 97.61
CA ALA JA 16 -8.66 18.32 97.17
C ALA JA 16 -7.64 18.22 96.05
N SER JA 17 -6.53 17.54 96.31
CA SER JA 17 -5.58 17.28 95.26
C SER JA 17 -5.71 15.83 94.79
N ASP JA 18 -4.78 15.39 93.96
CA ASP JA 18 -4.72 14.02 93.50
C ASP JA 18 -3.59 13.27 94.19
N ARG JA 19 -3.35 12.05 93.73
CA ARG JA 19 -2.32 11.19 94.30
C ARG JA 19 -1.43 10.65 93.18
N VAL JA 20 -1.18 11.43 92.14
CA VAL JA 20 -0.51 10.95 90.93
C VAL JA 20 0.88 11.57 90.86
N ALA JA 21 1.87 10.73 90.60
CA ALA JA 21 3.28 11.11 90.53
C ALA JA 21 3.91 10.52 89.27
N ALA JA 22 3.25 10.71 88.13
CA ALA JA 22 3.68 10.07 86.90
C ALA JA 22 4.91 10.77 86.32
N SER JA 23 5.61 10.05 85.43
CA SER JA 23 6.75 10.61 84.69
C SER JA 23 6.70 10.18 83.22
N ASN JA 24 5.92 10.93 82.43
CA ASN JA 24 6.05 11.09 80.98
C ASN JA 24 5.64 9.86 80.17
N ILE JA 25 5.59 8.67 80.78
CA ILE JA 25 4.90 7.56 80.12
C ILE JA 25 4.02 6.84 81.14
N VAL JA 26 4.63 6.49 82.26
CA VAL JA 26 4.04 5.60 83.25
C VAL JA 26 3.65 6.40 84.48
N GLN JA 27 2.70 5.85 85.22
CA GLN JA 27 2.26 6.46 86.46
C GLN JA 27 3.03 5.73 87.54
N MET JA 28 4.09 6.36 88.04
CA MET JA 28 5.03 5.67 88.92
C MET JA 28 4.41 5.46 90.29
N LYS JA 29 3.63 6.42 90.75
CA LYS JA 29 3.11 6.38 92.10
C LYS JA 29 1.68 6.88 92.09
N ASP JA 30 0.78 6.07 92.64
CA ASP JA 30 -0.65 6.32 92.65
C ASP JA 30 -1.20 6.62 94.04
N ASP JA 31 -0.34 6.93 95.00
CA ASP JA 31 -0.78 7.34 96.33
C ASP JA 31 0.03 8.52 96.84
N HIS JA 32 0.40 9.41 95.93
CA HIS JA 32 1.24 10.56 96.25
C HIS JA 32 0.46 11.56 97.10
N ASP JA 33 1.19 12.35 97.87
CA ASP JA 33 0.56 13.31 98.77
C ASP JA 33 1.22 14.65 98.57
N LYS JA 34 0.42 15.66 98.21
CA LYS JA 34 0.88 17.02 97.95
C LYS JA 34 0.45 17.97 99.06
N MET JA 35 -0.03 17.45 100.18
CA MET JA 35 -0.63 18.21 101.26
C MET JA 35 0.36 18.44 102.38
N PHE JA 36 0.56 19.70 102.75
CA PHE JA 36 1.66 20.10 103.62
C PHE JA 36 1.06 20.86 104.79
N LYS JA 37 0.87 20.17 105.91
CA LYS JA 37 0.23 20.78 107.07
C LYS JA 37 1.19 21.77 107.69
N MET JA 38 0.97 23.05 107.39
CA MET JA 38 1.82 24.09 107.95
C MET JA 38 1.61 24.25 109.45
N SER JA 39 0.38 24.57 109.84
CA SER JA 39 0.03 24.74 111.24
C SER JA 39 -1.29 24.05 111.50
N GLU JA 40 -1.86 24.34 112.67
CA GLU JA 40 -3.13 23.74 113.09
C GLU JA 40 -4.32 24.26 112.31
N LYS JA 41 -4.18 25.38 111.58
CA LYS JA 41 -5.31 25.85 110.80
C LYS JA 41 -4.91 26.40 109.44
N ILE JA 42 -3.74 26.05 108.92
CA ILE JA 42 -3.26 26.61 107.66
C ILE JA 42 -2.74 25.47 106.80
N LEU JA 43 -3.35 25.28 105.62
CA LEU JA 43 -2.89 24.29 104.66
C LEU JA 43 -2.20 24.96 103.47
N LEU JA 44 -1.53 24.12 102.68
CA LEU JA 44 -0.81 24.54 101.49
C LEU JA 44 -0.74 23.42 100.47
N LEU JA 45 -0.95 23.77 99.20
CA LEU JA 45 -0.85 22.84 98.10
C LEU JA 45 0.20 23.33 97.12
N CYS JA 46 0.72 22.42 96.31
CA CYS JA 46 1.80 22.79 95.40
C CYS JA 46 1.85 21.89 94.17
N VAL JA 47 1.99 22.52 93.00
CA VAL JA 47 2.17 21.84 91.73
C VAL JA 47 3.17 22.66 90.92
N GLY JA 48 4.16 22.00 90.34
CA GLY JA 48 5.04 22.67 89.43
C GLY JA 48 6.16 21.77 88.96
N GLU JA 49 7.34 22.36 88.78
CA GLU JA 49 8.53 21.55 88.55
C GLU JA 49 8.83 20.75 89.81
N ALA JA 50 8.75 19.43 89.71
CA ALA JA 50 8.57 18.60 90.89
C ALA JA 50 9.85 18.42 91.72
N GLY JA 51 10.95 19.06 91.35
CA GLY JA 51 12.11 19.08 92.20
C GLY JA 51 12.07 20.33 93.06
N ASP JA 52 11.30 21.33 92.61
CA ASP JA 52 11.21 22.58 93.33
C ASP JA 52 10.11 22.58 94.36
N THR JA 53 9.12 21.71 94.18
CA THR JA 53 7.96 21.66 95.06
C THR JA 53 8.40 21.27 96.46
N VAL JA 54 9.23 20.23 96.54
CA VAL JA 54 9.69 19.70 97.81
C VAL JA 54 10.61 20.70 98.49
N GLN JA 55 11.42 21.42 97.73
CA GLN JA 55 12.35 22.37 98.34
C GLN JA 55 11.62 23.59 98.85
N PHE JA 56 10.59 24.01 98.12
CA PHE JA 56 9.66 25.01 98.63
C PHE JA 56 8.96 24.56 99.90
N ALA JA 57 8.53 23.29 99.93
CA ALA JA 57 7.89 22.76 101.12
C ALA JA 57 8.82 22.80 102.32
N GLU JA 58 10.10 22.48 102.10
CA GLU JA 58 11.11 22.55 103.16
C GLU JA 58 11.22 23.96 103.70
N TYR JA 59 11.40 24.92 102.78
CA TYR JA 59 11.66 26.29 103.18
C TYR JA 59 10.47 26.91 103.91
N ILE JA 60 9.29 26.84 103.28
CA ILE JA 60 8.11 27.48 103.83
C ILE JA 60 7.64 26.77 105.09
N GLN JA 61 7.44 25.44 105.03
CA GLN JA 61 6.96 24.66 106.16
C GLN JA 61 7.84 24.83 107.38
N LYS JA 62 9.16 24.70 107.20
CA LYS JA 62 10.02 24.77 108.37
C LYS JA 62 10.18 26.20 108.85
N ASN JA 63 10.11 27.20 107.95
CA ASN JA 63 10.24 28.56 108.45
C ASN JA 63 8.98 29.01 109.17
N VAL JA 64 7.82 28.49 108.79
CA VAL JA 64 6.61 28.79 109.53
C VAL JA 64 6.61 28.11 110.90
N GLN JA 65 7.05 26.85 110.95
CA GLN JA 65 7.27 26.19 112.25
C GLN JA 65 8.31 26.93 113.10
N LEU JA 66 9.31 27.52 112.46
CA LEU JA 66 10.28 28.35 113.15
C LEU JA 66 9.65 29.58 113.74
N TYR JA 67 8.77 30.24 112.98
CA TYR JA 67 8.03 31.40 113.47
C TYR JA 67 7.19 31.03 114.69
N LYS JA 68 6.52 29.88 114.60
CA LYS JA 68 5.69 29.37 115.69
C LYS JA 68 6.50 29.13 116.95
N MET JA 69 7.70 28.54 116.80
CA MET JA 69 8.52 28.37 118.00
C MET JA 69 9.11 29.70 118.46
N ARG JA 70 9.26 30.67 117.56
CA ARG JA 70 9.86 31.93 117.96
C ARG JA 70 8.87 32.71 118.83
N ASN JA 71 7.71 33.08 118.29
CA ASN JA 71 6.98 34.08 119.03
C ASN JA 71 6.15 33.42 120.12
N GLY JA 72 5.09 32.67 119.78
CA GLY JA 72 4.30 31.91 120.75
C GLY JA 72 2.98 31.47 120.15
N TYR JA 73 2.79 31.67 118.85
CA TYR JA 73 1.47 31.61 118.24
C TYR JA 73 1.62 31.44 116.74
N GLU JA 74 0.49 31.17 116.10
CA GLU JA 74 0.39 30.81 114.71
C GLU JA 74 0.21 32.09 113.91
N LEU JA 75 0.77 32.09 112.72
CA LEU JA 75 0.60 33.16 111.76
C LEU JA 75 -0.85 33.31 111.32
N SER JA 76 -1.17 34.49 110.83
CA SER JA 76 -2.38 34.62 110.06
C SER JA 76 -2.16 33.94 108.70
N PRO JA 77 -3.23 33.52 108.03
CA PRO JA 77 -3.07 33.00 106.67
C PRO JA 77 -2.58 34.05 105.70
N THR JA 78 -2.98 35.31 105.92
CA THR JA 78 -2.64 36.39 105.00
C THR JA 78 -1.15 36.70 105.00
N ALA JA 79 -0.56 36.80 106.19
CA ALA JA 79 0.87 37.11 106.27
C ALA JA 79 1.70 35.94 105.77
N ALA JA 80 1.24 34.72 106.01
CA ALA JA 80 1.93 33.53 105.50
C ALA JA 80 1.87 33.50 103.98
N ALA JA 81 0.69 33.83 103.42
CA ALA JA 81 0.51 33.92 101.99
C ALA JA 81 1.43 34.96 101.39
N ASN JA 82 1.53 36.11 102.05
CA ASN JA 82 2.39 37.17 101.57
C ASN JA 82 3.86 36.78 101.66
N PHE JA 83 4.22 36.01 102.68
CA PHE JA 83 5.61 35.55 102.83
C PHE JA 83 6.00 34.59 101.72
N THR JA 84 5.09 33.67 101.37
CA THR JA 84 5.30 32.82 100.20
C THR JA 84 5.42 33.64 98.91
N ARG JA 85 4.53 34.63 98.73
CA ARG JA 85 4.58 35.47 97.55
C ARG JA 85 5.89 36.25 97.50
N ARG JA 86 6.34 36.71 98.66
CA ARG JA 86 7.58 37.45 98.78
C ARG JA 86 8.78 36.58 98.43
N ASN JA 87 8.74 35.32 98.84
CA ASN JA 87 9.86 34.44 98.54
C ASN JA 87 9.88 34.02 97.07
N LEU JA 88 8.71 33.90 96.46
CA LEU JA 88 8.65 33.75 95.00
C LEU JA 88 9.20 34.97 94.28
N ALA JA 89 8.77 36.16 94.71
CA ALA JA 89 9.16 37.39 94.02
C ALA JA 89 10.64 37.66 94.19
N ASP JA 90 11.22 37.20 95.29
CA ASP JA 90 12.66 37.33 95.45
C ASP JA 90 13.39 36.26 94.65
N CYS JA 91 12.89 35.03 94.65
CA CYS JA 91 13.56 33.95 93.96
C CYS JA 91 13.39 33.98 92.44
N LEU JA 92 12.49 34.82 91.91
CA LEU JA 92 12.26 34.82 90.46
C LEU JA 92 13.41 35.46 89.70
N ARG JA 93 13.76 36.69 90.06
CA ARG JA 93 14.77 37.45 89.32
C ARG JA 93 16.16 37.11 89.85
N SER JA 94 16.57 35.88 89.59
CA SER JA 94 17.89 35.43 89.95
C SER JA 94 18.39 34.46 88.90
N ARG JA 95 19.53 33.83 89.19
CA ARG JA 95 19.99 32.73 88.36
C ARG JA 95 19.27 31.44 88.69
N THR JA 96 18.57 31.40 89.82
CA THR JA 96 17.87 30.20 90.28
C THR JA 96 16.41 30.56 90.51
N PRO JA 97 15.57 30.46 89.49
CA PRO JA 97 14.14 30.69 89.69
C PRO JA 97 13.40 29.40 90.03
N TYR JA 98 12.22 29.57 90.60
CA TYR JA 98 11.33 28.47 90.92
C TYR JA 98 10.14 28.50 89.98
N HIS JA 99 9.72 27.35 89.49
CA HIS JA 99 8.54 27.30 88.63
C HIS JA 99 7.52 26.37 89.28
N VAL JA 100 6.75 26.92 90.21
CA VAL JA 100 5.74 26.22 90.97
C VAL JA 100 4.45 27.03 90.90
N ASN JA 101 3.33 26.37 91.22
CA ASN JA 101 2.01 27.00 91.18
C ASN JA 101 1.25 26.64 92.45
N LEU JA 102 1.11 27.61 93.35
CA LEU JA 102 0.58 27.37 94.68
C LEU JA 102 -0.82 27.92 94.82
N LEU JA 103 -1.48 27.52 95.90
CA LEU JA 103 -2.58 28.26 96.52
C LEU JA 103 -2.66 27.88 97.99
N LEU JA 104 -3.08 28.84 98.80
CA LEU JA 104 -3.04 28.75 100.24
C LEU JA 104 -4.42 28.78 100.85
N ALA JA 105 -4.59 27.96 101.88
CA ALA JA 105 -5.87 27.75 102.52
C ALA JA 105 -5.66 27.82 104.02
N GLY JA 106 -6.30 28.79 104.66
CA GLY JA 106 -6.11 29.01 106.07
C GLY JA 106 -7.43 29.23 106.76
N TYR JA 107 -7.35 29.51 108.06
CA TYR JA 107 -8.53 29.73 108.87
C TYR JA 107 -8.12 30.58 110.05
N ASP JA 108 -8.71 31.75 110.21
CA ASP JA 108 -8.39 32.59 111.35
C ASP JA 108 -9.49 32.48 112.40
N GLU JA 109 -9.11 32.77 113.64
CA GLU JA 109 -10.11 32.87 114.70
C GLU JA 109 -10.97 34.12 114.51
N HIS JA 110 -10.40 35.18 113.93
CA HIS JA 110 -11.13 36.43 113.78
C HIS JA 110 -11.59 36.67 112.34
N GLU JA 111 -10.68 36.49 111.38
CA GLU JA 111 -11.03 36.64 109.97
C GLU JA 111 -11.78 35.45 109.42
N GLY JA 112 -11.78 34.32 110.13
CA GLY JA 112 -12.42 33.13 109.65
C GLY JA 112 -11.60 32.49 108.55
N PRO JA 113 -12.29 31.88 107.58
CA PRO JA 113 -11.59 31.22 106.48
C PRO JA 113 -11.04 32.23 105.49
N ALA JA 114 -10.01 31.80 104.76
CA ALA JA 114 -9.37 32.65 103.77
C ALA JA 114 -8.75 31.76 102.72
N LEU JA 115 -8.89 32.15 101.46
CA LEU JA 115 -8.32 31.42 100.34
C LEU JA 115 -7.45 32.34 99.51
N TYR JA 116 -6.24 31.90 99.20
CA TYR JA 116 -5.37 32.61 98.30
C TYR JA 116 -5.02 31.73 97.10
N TYR JA 117 -4.25 32.30 96.18
CA TYR JA 117 -4.00 31.73 94.86
C TYR JA 117 -2.69 32.29 94.33
N MET JA 118 -1.67 31.46 94.21
CA MET JA 118 -0.42 31.92 93.65
C MET JA 118 -0.37 31.62 92.15
N ASP JA 119 0.81 31.79 91.57
CA ASP JA 119 1.08 31.52 90.17
C ASP JA 119 2.60 31.39 90.06
N TYR JA 120 3.10 30.99 88.88
CA TYR JA 120 4.54 30.95 88.70
C TYR JA 120 5.15 32.32 88.48
N LEU JA 121 4.36 33.39 88.58
CA LEU JA 121 4.84 34.75 88.57
C LEU JA 121 4.44 35.52 89.82
N ALA JA 122 4.21 34.83 90.95
CA ALA JA 122 4.15 35.42 92.30
C ALA JA 122 3.02 36.44 92.42
N ALA JA 123 1.81 36.02 92.05
CA ALA JA 123 0.67 36.90 92.10
C ALA JA 123 -0.27 36.44 93.20
N LEU JA 124 -0.63 37.38 94.08
CA LEU JA 124 -1.62 37.13 95.10
C LEU JA 124 -3.01 37.20 94.48
N ALA JA 125 -3.96 36.52 95.10
CA ALA JA 125 -5.36 36.58 94.67
C ALA JA 125 -6.22 36.18 95.85
N LYS JA 126 -7.37 36.81 95.96
CA LYS JA 126 -8.31 36.49 97.03
C LYS JA 126 -9.55 35.94 96.34
N ALA JA 127 -9.58 34.63 96.18
CA ALA JA 127 -10.45 34.00 95.22
C ALA JA 127 -11.57 33.23 95.90
N PRO JA 128 -12.70 33.11 95.24
CA PRO JA 128 -13.78 32.27 95.79
C PRO JA 128 -13.52 30.79 95.58
N PHE JA 129 -12.86 30.45 94.47
CA PHE JA 129 -12.46 29.09 94.15
C PHE JA 129 -11.39 29.11 93.08
N ALA JA 130 -10.33 28.33 93.27
CA ALA JA 130 -9.21 28.33 92.35
C ALA JA 130 -8.90 26.91 91.91
N ALA JA 131 -8.05 26.82 90.89
CA ALA JA 131 -7.59 25.54 90.37
C ALA JA 131 -6.29 25.75 89.61
N HIS JA 132 -5.67 24.65 89.21
CA HIS JA 132 -4.44 24.66 88.44
C HIS JA 132 -4.40 23.46 87.51
N GLY JA 133 -3.58 23.56 86.47
CA GLY JA 133 -3.51 22.51 85.47
C GLY JA 133 -4.47 22.66 84.32
N TYR JA 134 -4.92 21.55 83.75
CA TYR JA 134 -5.79 21.57 82.59
C TYR JA 134 -7.22 21.20 82.92
N GLY JA 135 -7.42 20.30 83.88
CA GLY JA 135 -8.71 20.15 84.52
C GLY JA 135 -9.27 21.39 85.18
N ALA JA 136 -8.40 22.33 85.56
CA ALA JA 136 -8.77 23.69 85.95
C ALA JA 136 -9.79 24.31 85.00
N PHE JA 137 -9.46 24.26 83.70
CA PHE JA 137 -10.26 24.86 82.63
C PHE JA 137 -11.68 24.30 82.64
N LEU JA 138 -11.78 22.98 82.56
CA LEU JA 138 -13.08 22.34 82.45
C LEU JA 138 -13.88 22.52 83.73
N THR JA 139 -13.23 22.36 84.87
CA THR JA 139 -13.89 22.34 86.17
C THR JA 139 -14.33 23.70 86.72
N LEU JA 140 -13.72 24.84 86.33
CA LEU JA 140 -14.23 26.06 86.99
C LEU JA 140 -15.56 26.52 86.43
N SER JA 141 -15.85 26.24 85.16
CA SER JA 141 -17.20 26.50 84.63
C SER JA 141 -18.23 25.67 85.37
N ILE JA 142 -17.96 24.37 85.54
CA ILE JA 142 -18.87 23.47 86.26
C ILE JA 142 -19.09 23.97 87.68
N LEU JA 143 -18.03 24.42 88.33
CA LEU JA 143 -18.18 24.91 89.70
C LEU JA 143 -18.90 26.26 89.72
N ASP JA 144 -18.64 27.12 88.73
CA ASP JA 144 -19.24 28.43 88.66
C ASP JA 144 -20.68 28.41 88.18
N ARG JA 145 -21.16 27.28 87.67
CA ARG JA 145 -22.59 27.18 87.40
C ARG JA 145 -23.36 27.02 88.70
N TYR JA 146 -22.81 26.24 89.61
CA TYR JA 146 -23.52 25.75 90.79
C TYR JA 146 -22.76 26.23 92.02
N TYR JA 147 -22.68 27.54 92.19
CA TYR JA 147 -21.98 28.11 93.32
C TYR JA 147 -22.88 29.06 94.08
N THR JA 148 -22.75 29.01 95.40
CA THR JA 148 -23.50 29.83 96.31
C THR JA 148 -22.49 30.23 97.38
N PRO JA 149 -22.41 31.51 97.74
CA PRO JA 149 -21.46 31.91 98.78
C PRO JA 149 -21.84 31.34 100.14
N THR JA 150 -23.14 31.16 100.38
CA THR JA 150 -23.64 30.56 101.61
C THR JA 150 -24.02 29.10 101.35
N ILE JA 151 -23.01 28.28 101.07
CA ILE JA 151 -23.24 26.90 100.69
C ILE JA 151 -22.78 25.98 101.82
N SER JA 152 -23.52 24.91 102.03
CA SER JA 152 -23.19 24.00 103.12
C SER JA 152 -22.17 22.98 102.63
N ARG JA 153 -21.56 22.29 103.60
CA ARG JA 153 -20.41 21.46 103.28
C ARG JA 153 -20.82 20.20 102.55
N GLU JA 154 -22.01 19.68 102.80
CA GLU JA 154 -22.46 18.48 102.11
C GLU JA 154 -22.83 18.82 100.68
N ARG JA 155 -23.37 20.02 100.46
CA ARG JA 155 -23.54 20.52 99.10
C ARG JA 155 -22.20 20.67 98.40
N ALA JA 156 -21.15 21.05 99.14
CA ALA JA 156 -19.84 21.19 98.52
C ALA JA 156 -19.25 19.83 98.17
N VAL JA 157 -19.48 18.83 99.03
CA VAL JA 157 -19.01 17.49 98.75
C VAL JA 157 -19.75 16.89 97.56
N GLU JA 158 -21.08 17.11 97.49
CA GLU JA 158 -21.86 16.65 96.35
C GLU JA 158 -21.46 17.37 95.06
N LEU JA 159 -21.17 18.67 95.16
CA LEU JA 159 -20.73 19.44 94.01
C LEU JA 159 -19.38 18.95 93.51
N LEU JA 160 -18.50 18.60 94.44
CA LEU JA 160 -17.20 18.07 94.07
C LEU JA 160 -17.31 16.67 93.47
N ARG JA 161 -18.23 15.86 94.02
CA ARG JA 161 -18.60 14.56 93.44
C ARG JA 161 -19.01 14.72 91.98
N LYS JA 162 -19.88 15.71 91.72
CA LYS JA 162 -20.35 15.97 90.36
C LYS JA 162 -19.20 16.45 89.48
N CYS JA 163 -18.31 17.25 90.06
CA CYS JA 163 -17.19 17.83 89.33
C CYS JA 163 -16.20 16.75 88.92
N LEU JA 164 -15.94 15.80 89.80
CA LEU JA 164 -15.12 14.64 89.44
C LEU JA 164 -15.80 13.75 88.40
N GLU JA 165 -17.12 13.54 88.53
CA GLU JA 165 -17.82 12.73 87.54
C GLU JA 165 -17.82 13.36 86.15
N GLU JA 166 -17.69 14.68 86.07
CA GLU JA 166 -17.44 15.31 84.78
C GLU JA 166 -15.97 15.48 84.49
N LEU JA 167 -15.11 15.20 85.46
CA LEU JA 167 -13.69 15.15 85.13
C LEU JA 167 -13.31 13.83 84.49
N GLN JA 168 -13.92 12.72 84.91
CA GLN JA 168 -13.61 11.42 84.29
C GLN JA 168 -14.32 11.18 82.96
N LYS JA 169 -14.90 12.21 82.36
CA LYS JA 169 -15.72 12.07 81.15
C LYS JA 169 -15.09 12.65 79.90
N ARG JA 170 -14.43 13.80 80.01
CA ARG JA 170 -13.80 14.43 78.86
C ARG JA 170 -12.42 14.96 79.19
N PHE JA 171 -11.64 14.21 79.95
CA PHE JA 171 -10.29 14.63 80.22
C PHE JA 171 -9.34 13.58 79.69
N ILE JA 172 -8.14 14.01 79.29
CA ILE JA 172 -7.29 13.04 78.62
C ILE JA 172 -6.48 12.25 79.63
N LEU JA 173 -6.14 12.82 80.78
CA LEU JA 173 -5.34 12.04 81.71
C LEU JA 173 -6.23 11.12 82.54
N ASN JA 174 -5.61 10.39 83.47
CA ASN JA 174 -6.31 9.32 84.16
C ASN JA 174 -6.99 9.82 85.44
N LEU JA 175 -6.18 10.26 86.41
CA LEU JA 175 -6.58 10.76 87.73
C LEU JA 175 -7.54 9.84 88.49
N PRO JA 176 -7.10 8.65 88.93
CA PRO JA 176 -8.06 7.69 89.50
C PRO JA 176 -8.54 8.00 90.91
N THR JA 177 -7.68 8.50 91.80
CA THR JA 177 -8.02 8.70 93.20
C THR JA 177 -7.69 10.12 93.61
N PHE JA 178 -8.61 10.78 94.32
CA PHE JA 178 -8.36 12.11 94.86
C PHE JA 178 -8.47 12.07 96.37
N SER JA 179 -7.49 12.65 97.07
CA SER JA 179 -7.58 12.84 98.50
C SER JA 179 -8.19 14.22 98.80
N VAL JA 180 -8.93 14.30 99.91
CA VAL JA 180 -9.76 15.46 100.24
C VAL JA 180 -9.54 15.87 101.70
N ARG JA 181 -9.22 17.14 101.93
CA ARG JA 181 -9.18 17.70 103.27
C ARG JA 181 -10.33 18.67 103.49
N ILE JA 182 -10.48 19.13 104.73
CA ILE JA 182 -11.42 20.19 105.08
C ILE JA 182 -10.82 20.94 106.27
N ILE JA 183 -11.16 22.22 106.38
CA ILE JA 183 -10.72 23.08 107.47
C ILE JA 183 -11.96 23.67 108.14
N ASP JA 184 -11.99 23.68 109.46
CA ASP JA 184 -13.15 24.16 110.19
C ASP JA 184 -12.67 25.01 111.35
N LYS JA 185 -13.57 25.28 112.30
CA LYS JA 185 -13.19 25.99 113.52
C LYS JA 185 -12.29 25.15 114.41
N ASN JA 186 -12.29 23.83 114.21
CA ASN JA 186 -11.41 22.94 114.97
C ASN JA 186 -10.01 22.92 114.37
N GLY JA 187 -9.89 22.47 113.12
CA GLY JA 187 -8.59 22.31 112.50
C GLY JA 187 -8.66 21.63 111.16
N ILE JA 188 -7.69 20.78 110.85
CA ILE JA 188 -7.65 20.06 109.59
C ILE JA 188 -8.23 18.68 109.81
N HIS JA 189 -9.37 18.42 109.18
CA HIS JA 189 -10.02 17.13 109.21
C HIS JA 189 -9.89 16.50 107.83
N ASP JA 190 -9.38 15.28 107.78
CA ASP JA 190 -9.21 14.59 106.51
C ASP JA 190 -10.50 13.85 106.20
N LEU JA 191 -11.07 14.13 105.04
CA LEU JA 191 -12.25 13.40 104.60
C LEU JA 191 -11.81 12.12 103.92
N ASP JA 192 -12.81 11.35 103.48
CA ASP JA 192 -12.53 10.04 102.90
C ASP JA 192 -11.92 10.17 101.50
N ASN JA 193 -11.20 9.12 101.11
CA ASN JA 193 -10.49 9.14 99.84
C ASN JA 193 -11.50 8.96 98.71
N ILE JA 194 -11.41 9.83 97.70
CA ILE JA 194 -12.46 9.95 96.69
C ILE JA 194 -11.92 9.38 95.38
N SER JA 195 -12.36 8.19 95.05
CA SER JA 195 -12.06 7.57 93.77
C SER JA 195 -13.36 7.22 93.07
N PHE JA 196 -13.26 6.94 91.77
CA PHE JA 196 -14.38 6.40 91.05
C PHE JA 196 -13.94 5.20 90.22
N PRO JA 197 -14.68 4.10 90.26
CA PRO JA 197 -14.71 3.21 89.09
C PRO JA 197 -15.50 3.86 87.96
N LYS JA 198 -14.87 3.97 86.80
CA LYS JA 198 -15.44 4.82 85.74
C LYS JA 198 -16.55 4.10 84.98
N GLN JA 199 -16.22 3.02 84.30
CA GLN JA 199 -17.19 2.33 83.46
C GLN JA 199 -17.91 1.20 84.19
N THR KA 1 19.87 -1.18 79.53
CA THR KA 1 19.82 -0.86 80.95
C THR KA 1 18.42 -1.06 81.52
N THR KA 2 18.29 -2.05 82.41
CA THR KA 2 17.01 -2.29 83.05
C THR KA 2 17.27 -2.85 84.44
N THR KA 3 16.85 -2.11 85.46
CA THR KA 3 16.91 -2.54 86.85
C THR KA 3 15.51 -2.53 87.43
N LEU KA 4 15.33 -3.29 88.51
CA LEU KA 4 14.07 -3.23 89.25
C LEU KA 4 14.33 -3.50 90.71
N ALA KA 5 13.33 -3.19 91.52
CA ALA KA 5 13.34 -3.48 92.95
C ALA KA 5 11.91 -3.54 93.44
N PHE KA 6 11.64 -4.48 94.33
CA PHE KA 6 10.33 -4.53 94.98
C PHE KA 6 10.48 -5.16 96.35
N LYS KA 7 9.75 -4.61 97.30
CA LYS KA 7 9.78 -5.12 98.66
C LYS KA 7 8.53 -5.95 98.91
N PHE KA 8 8.64 -6.89 99.84
CA PHE KA 8 7.51 -7.75 100.17
C PHE KA 8 7.67 -8.18 101.61
N ARG KA 9 6.96 -9.23 102.01
CA ARG KA 9 6.97 -9.72 103.38
C ARG KA 9 8.38 -10.11 103.83
N HIS KA 10 9.08 -10.91 103.03
CA HIS KA 10 10.44 -11.31 103.38
C HIS KA 10 11.47 -10.43 102.67
N GLY KA 11 11.46 -9.14 103.03
CA GLY KA 11 12.52 -8.26 102.61
C GLY KA 11 12.37 -7.73 101.19
N VAL KA 12 13.51 -7.40 100.59
CA VAL KA 12 13.59 -6.67 99.34
C VAL KA 12 14.36 -7.52 98.34
N ILE KA 13 13.88 -7.53 97.10
CA ILE KA 13 14.57 -8.15 95.99
C ILE KA 13 15.17 -7.05 95.13
N VAL KA 14 16.43 -7.23 94.73
CA VAL KA 14 17.07 -6.34 93.77
C VAL KA 14 17.73 -7.18 92.70
N ALA KA 15 17.39 -6.90 91.44
CA ALA KA 15 18.01 -7.56 90.31
C ALA KA 15 18.36 -6.52 89.26
N ALA KA 16 19.31 -6.90 88.39
CA ALA KA 16 19.79 -6.01 87.33
C ALA KA 16 20.45 -6.83 86.25
N ASP KA 17 20.60 -6.22 85.08
CA ASP KA 17 21.38 -6.78 84.00
C ASP KA 17 22.84 -6.34 84.12
N SER KA 18 23.65 -6.62 83.09
CA SER KA 18 25.05 -6.23 83.16
C SER KA 18 25.58 -5.69 81.84
N ARG KA 19 24.70 -5.27 80.94
CA ARG KA 19 25.12 -4.69 79.67
C ARG KA 19 25.16 -3.18 79.80
N ALA KA 20 26.24 -2.57 79.34
CA ALA KA 20 26.36 -1.11 79.33
C ALA KA 20 26.95 -0.70 77.99
N THR KA 21 26.09 -0.20 77.11
CA THR KA 21 26.48 0.12 75.75
C THR KA 21 27.11 1.51 75.71
N ALA KA 22 27.45 1.96 74.50
CA ALA KA 22 27.90 3.33 74.24
C ALA KA 22 27.32 3.71 72.89
N GLY KA 23 26.15 4.34 72.90
CA GLY KA 23 25.48 4.65 71.66
C GLY KA 23 24.92 3.40 71.02
N ALA KA 24 25.41 3.04 69.84
CA ALA KA 24 25.04 1.79 69.20
C ALA KA 24 26.03 0.67 69.47
N TYR KA 25 27.08 0.94 70.24
CA TYR KA 25 28.16 -0.02 70.45
C TYR KA 25 28.17 -0.48 71.91
N ILE KA 26 28.20 -1.79 72.10
CA ILE KA 26 28.25 -2.34 73.44
C ILE KA 26 29.68 -2.30 73.95
N ALA KA 27 29.88 -1.70 75.12
CA ALA KA 27 31.21 -1.67 75.71
C ALA KA 27 31.56 -3.02 76.34
N SER KA 28 30.77 -3.46 77.31
CA SER KA 28 31.07 -4.66 78.09
C SER KA 28 29.80 -5.48 78.27
N GLN KA 29 29.98 -6.70 78.78
CA GLN KA 29 28.88 -7.59 79.05
C GLN KA 29 28.70 -7.90 80.53
N THR KA 30 29.64 -7.51 81.36
CA THR KA 30 29.68 -7.90 82.77
C THR KA 30 29.82 -6.69 83.68
N VAL KA 31 29.07 -5.62 83.39
CA VAL KA 31 29.12 -4.43 84.21
C VAL KA 31 28.27 -4.64 85.45
N LYS KA 32 28.93 -4.78 86.61
CA LYS KA 32 28.23 -5.01 87.88
C LYS KA 32 27.50 -3.72 88.23
N LYS KA 33 26.19 -3.71 88.00
CA LYS KA 33 25.43 -2.47 88.12
C LYS KA 33 25.00 -2.16 89.53
N VAL KA 34 24.72 -3.18 90.34
CA VAL KA 34 24.22 -2.95 91.69
C VAL KA 34 25.41 -2.64 92.58
N ILE KA 35 25.61 -1.37 92.89
CA ILE KA 35 26.81 -0.91 93.58
C ILE KA 35 26.63 -1.20 95.06
N GLU KA 36 27.54 -1.97 95.63
CA GLU KA 36 27.42 -2.40 97.02
C GLU KA 36 27.93 -1.28 97.92
N ILE KA 37 26.99 -0.52 98.48
CA ILE KA 37 27.34 0.62 99.29
C ILE KA 37 27.83 0.17 100.66
N ASN KA 38 27.07 -0.67 101.33
CA ASN KA 38 27.35 -1.06 102.71
C ASN KA 38 27.07 -2.55 102.89
N PRO KA 39 27.34 -3.11 104.07
CA PRO KA 39 26.74 -4.41 104.40
C PRO KA 39 25.26 -4.35 104.72
N TYR KA 40 24.63 -3.19 104.60
CA TYR KA 40 23.19 -3.07 104.75
C TYR KA 40 22.56 -2.18 103.70
N LEU KA 41 23.33 -1.61 102.77
CA LEU KA 41 22.78 -0.84 101.68
C LEU KA 41 23.21 -1.42 100.34
N LEU KA 42 22.34 -1.24 99.35
CA LEU KA 42 22.62 -1.59 97.96
C LEU KA 42 22.20 -0.41 97.09
N GLY KA 43 23.14 0.13 96.32
CA GLY KA 43 22.77 1.13 95.35
C GLY KA 43 22.87 0.56 93.96
N THR KA 44 22.25 1.20 92.99
CA THR KA 44 22.21 0.68 91.63
C THR KA 44 22.90 1.66 90.68
N MET KA 45 22.84 1.34 89.40
CA MET KA 45 23.41 2.19 88.35
C MET KA 45 22.31 2.40 87.33
N ALA KA 46 21.77 3.62 87.26
CA ALA KA 46 20.59 3.87 86.46
C ALA KA 46 20.78 5.17 85.69
N GLY KA 47 21.41 5.08 84.52
CA GLY KA 47 21.65 6.22 83.68
C GLY KA 47 22.98 6.84 84.04
N GLY KA 48 23.97 6.71 83.18
CA GLY KA 48 25.30 7.19 83.52
C GLY KA 48 26.07 6.27 84.44
N ALA KA 49 27.34 6.03 84.14
CA ALA KA 49 28.14 5.19 85.02
C ALA KA 49 28.84 6.02 86.08
N ALA KA 50 29.51 7.09 85.65
CA ALA KA 50 30.38 7.86 86.53
C ALA KA 50 29.58 8.59 87.59
N ASP KA 51 28.42 9.13 87.23
CA ASP KA 51 27.62 9.92 88.16
C ASP KA 51 27.07 9.03 89.26
N CYS KA 52 26.49 7.89 88.88
CA CYS KA 52 25.94 6.96 89.84
C CYS KA 52 27.02 6.41 90.75
N SER KA 53 28.15 6.01 90.16
CA SER KA 53 29.27 5.45 90.92
C SER KA 53 29.84 6.45 91.90
N PHE KA 54 30.11 7.67 91.43
CA PHE KA 54 30.74 8.70 92.25
C PHE KA 54 29.82 9.12 93.38
N TRP KA 55 28.57 9.45 93.06
CA TRP KA 55 27.68 9.98 94.08
C TRP KA 55 27.29 8.91 95.08
N GLU KA 56 27.20 7.65 94.66
CA GLU KA 56 26.93 6.61 95.64
C GLU KA 56 28.15 6.36 96.51
N ARG KA 57 29.37 6.51 95.97
CA ARG KA 57 30.55 6.39 96.81
C ARG KA 57 30.63 7.52 97.82
N LEU KA 58 30.26 8.73 97.40
CA LEU KA 58 30.21 9.85 98.32
C LEU KA 58 29.13 9.68 99.38
N LEU KA 59 28.00 9.09 98.99
CA LEU KA 59 26.96 8.81 99.97
C LEU KA 59 27.39 7.73 100.96
N ALA KA 60 28.13 6.73 100.48
CA ALA KA 60 28.64 5.69 101.38
C ALA KA 60 29.64 6.24 102.37
N ARG KA 61 30.54 7.12 101.90
CA ARG KA 61 31.42 7.88 102.77
C ARG KA 61 30.65 8.65 103.84
N GLN KA 62 29.59 9.34 103.41
CA GLN KA 62 28.82 10.16 104.35
C GLN KA 62 28.09 9.30 105.38
N CYS KA 63 27.58 8.14 104.94
CA CYS KA 63 26.88 7.23 105.83
C CYS KA 63 27.83 6.64 106.85
N ARG KA 64 29.04 6.30 106.41
CA ARG KA 64 30.03 5.77 107.34
C ARG KA 64 30.42 6.82 108.36
N ILE KA 65 30.49 8.09 107.92
CA ILE KA 65 30.74 9.18 108.86
C ILE KA 65 29.61 9.28 109.87
N TYR KA 66 28.36 9.15 109.39
CA TYR KA 66 27.19 9.24 110.26
C TYR KA 66 27.17 8.13 111.31
N GLU KA 67 27.49 6.91 110.87
CA GLU KA 67 27.53 5.79 111.80
C GLU KA 67 28.66 5.93 112.81
N LEU KA 68 29.85 6.34 112.34
CA LEU KA 68 30.97 6.51 113.26
C LEU KA 68 30.80 7.70 114.19
N ARG KA 69 29.88 8.61 113.89
CA ARG KA 69 29.59 9.69 114.82
C ARG KA 69 28.47 9.37 115.79
N ASN KA 70 27.51 8.54 115.39
CA ASN KA 70 26.39 8.31 116.29
C ASN KA 70 26.34 6.93 116.91
N LYS KA 71 27.23 6.00 116.50
CA LYS KA 71 27.24 4.61 116.98
C LYS KA 71 25.89 3.92 116.72
N GLU KA 72 25.22 4.34 115.65
CA GLU KA 72 23.89 3.88 115.32
C GLU KA 72 23.68 3.97 113.81
N ARG KA 73 23.19 2.87 113.25
CA ARG KA 73 23.20 2.69 111.81
C ARG KA 73 22.18 3.61 111.17
N ILE KA 74 22.50 4.12 109.98
CA ILE KA 74 21.67 5.13 109.36
C ILE KA 74 20.36 4.51 108.87
N SER KA 75 19.32 5.34 108.76
CA SER KA 75 18.08 4.88 108.16
C SER KA 75 18.17 4.98 106.64
N VAL KA 76 17.10 4.55 105.98
CA VAL KA 76 17.09 4.51 104.53
C VAL KA 76 16.70 5.88 103.98
N ALA KA 77 15.66 6.46 104.60
CA ALA KA 77 15.15 7.77 104.20
C ALA KA 77 16.20 8.87 104.36
N ALA KA 78 17.03 8.76 105.41
CA ALA KA 78 18.10 9.71 105.61
C ALA KA 78 19.12 9.64 104.49
N ALA KA 79 19.42 8.42 104.02
CA ALA KA 79 20.40 8.25 102.96
C ALA KA 79 19.86 8.80 101.65
N SER KA 80 18.58 8.50 101.36
CA SER KA 80 17.95 9.03 100.16
C SER KA 80 17.86 10.54 100.20
N LYS KA 81 17.64 11.10 101.40
CA LYS KA 81 17.55 12.55 101.55
C LYS KA 81 18.90 13.21 101.31
N LEU KA 82 19.96 12.62 101.88
CA LEU KA 82 21.31 13.14 101.67
C LEU KA 82 21.72 13.05 100.21
N LEU KA 83 21.34 11.96 99.55
CA LEU KA 83 21.64 11.83 98.13
C LEU KA 83 20.89 12.86 97.30
N ALA KA 84 19.63 13.13 97.63
CA ALA KA 84 18.87 14.10 96.86
C ALA KA 84 19.40 15.52 97.07
N ASN KA 85 19.79 15.83 98.30
CA ASN KA 85 20.34 17.15 98.58
C ASN KA 85 21.70 17.33 97.91
N MET KA 86 22.52 16.29 97.86
CA MET KA 86 23.80 16.43 97.17
C MET KA 86 23.64 16.48 95.66
N VAL KA 87 22.65 15.79 95.11
CA VAL KA 87 22.47 15.81 93.66
C VAL KA 87 21.82 17.12 93.19
N TYR KA 88 20.98 17.73 94.02
CA TYR KA 88 20.23 18.91 93.62
C TYR KA 88 21.12 20.13 93.34
N GLN KA 89 22.30 20.18 93.91
CA GLN KA 89 23.19 21.32 93.74
C GLN KA 89 23.86 21.40 92.36
N TYR KA 90 23.57 20.55 91.38
CA TYR KA 90 24.07 20.68 90.02
C TYR KA 90 22.96 20.52 89.02
N LYS KA 91 21.78 21.04 89.37
CA LYS KA 91 20.60 20.88 88.52
C LYS KA 91 20.74 21.73 87.26
N GLY KA 92 20.42 21.14 86.12
CA GLY KA 92 20.52 21.82 84.86
C GLY KA 92 21.89 21.77 84.21
N MET KA 93 22.92 21.37 84.96
CA MET KA 93 24.27 21.28 84.39
C MET KA 93 24.51 19.97 83.67
N GLY KA 94 23.53 19.08 83.59
CA GLY KA 94 23.65 17.90 82.77
C GLY KA 94 24.08 16.66 83.52
N LEU KA 95 23.45 16.38 84.65
CA LEU KA 95 23.64 15.12 85.35
C LEU KA 95 22.47 14.21 85.03
N SER KA 96 22.79 13.00 84.60
CA SER KA 96 21.80 11.93 84.42
C SER KA 96 21.99 10.89 85.50
N MET KA 97 20.97 10.70 86.33
CA MET KA 97 21.10 9.79 87.47
C MET KA 97 19.71 9.41 87.94
N GLY KA 98 19.41 8.12 87.92
CA GLY KA 98 18.09 7.68 88.30
C GLY KA 98 18.09 6.53 89.28
N THR KA 99 19.05 6.51 90.20
CA THR KA 99 19.35 5.33 90.99
C THR KA 99 18.23 4.99 91.96
N MET KA 100 18.37 3.82 92.59
CA MET KA 100 17.47 3.37 93.62
C MET KA 100 18.25 3.07 94.89
N ILE KA 101 17.58 3.21 96.02
CA ILE KA 101 18.17 2.95 97.33
C ILE KA 101 17.34 1.90 98.04
N CYS KA 102 17.99 0.86 98.52
CA CYS KA 102 17.32 -0.21 99.22
C CYS KA 102 18.07 -0.46 100.51
N GLY KA 103 17.34 -0.93 101.52
CA GLY KA 103 17.98 -1.26 102.77
C GLY KA 103 16.94 -1.59 103.81
N TRP KA 104 17.43 -1.99 104.97
CA TRP KA 104 16.60 -2.33 106.11
C TRP KA 104 16.62 -1.19 107.12
N ASP KA 105 15.51 -1.00 107.83
CA ASP KA 105 15.32 0.18 108.64
C ASP KA 105 14.98 -0.25 110.06
N LYS KA 106 14.89 0.72 110.97
CA LYS KA 106 14.18 0.52 112.23
C LYS KA 106 12.71 0.25 111.97
N ARG KA 107 12.15 0.88 110.94
CA ARG KA 107 10.79 0.59 110.54
C ARG KA 107 10.68 -0.74 109.82
N GLY KA 108 11.78 -1.23 109.26
CA GLY KA 108 11.80 -2.49 108.58
C GLY KA 108 12.28 -2.31 107.15
N PRO KA 109 11.42 -2.64 106.20
CA PRO KA 109 11.79 -2.46 104.79
C PRO KA 109 11.75 -1.00 104.43
N GLY KA 110 12.67 -0.58 103.56
CA GLY KA 110 12.67 0.79 103.08
C GLY KA 110 13.03 0.84 101.62
N LEU KA 111 12.22 1.53 100.82
CA LEU KA 111 12.42 1.57 99.38
C LEU KA 111 12.10 2.96 98.85
N TYR KA 112 13.14 3.67 98.42
CA TYR KA 112 13.01 5.00 97.89
C TYR KA 112 13.63 5.03 96.50
N TYR KA 113 13.36 6.13 95.81
CA TYR KA 113 13.67 6.28 94.39
C TYR KA 113 14.12 7.70 94.17
N VAL KA 114 15.41 7.89 93.89
CA VAL KA 114 16.00 9.22 93.83
C VAL KA 114 16.47 9.46 92.41
N ASP KA 115 15.99 10.56 91.81
CA ASP KA 115 16.40 10.95 90.47
C ASP KA 115 17.39 12.10 90.51
N SER KA 116 18.09 12.28 89.38
CA SER KA 116 18.80 13.53 89.15
C SER KA 116 17.84 14.69 88.92
N GLU KA 117 16.60 14.39 88.56
CA GLU KA 117 15.54 15.38 88.61
C GLU KA 117 14.97 15.56 89.99
N GLY KA 118 15.42 14.76 90.97
CA GLY KA 118 15.07 14.99 92.35
C GLY KA 118 13.70 14.52 92.75
N ASN KA 119 13.22 13.41 92.19
CA ASN KA 119 11.88 12.93 92.51
C ASN KA 119 11.95 11.89 93.63
N ARG KA 120 12.51 12.31 94.77
CA ARG KA 120 12.63 11.43 95.93
C ARG KA 120 11.26 11.05 96.45
N ILE KA 121 10.89 9.79 96.26
CA ILE KA 121 9.57 9.30 96.65
C ILE KA 121 9.71 7.92 97.28
N SER KA 122 8.79 7.61 98.18
CA SER KA 122 8.72 6.27 98.71
C SER KA 122 7.93 5.39 97.74
N GLY KA 123 7.72 4.14 98.12
CA GLY KA 123 6.91 3.26 97.31
C GLY KA 123 7.22 1.81 97.62
N ALA KA 124 6.63 0.94 96.82
CA ALA KA 124 6.76 -0.50 96.97
C ALA KA 124 7.40 -1.18 95.77
N THR KA 125 7.13 -0.70 94.56
CA THR KA 125 7.77 -1.23 93.36
C THR KA 125 8.36 -0.10 92.54
N PHE KA 126 9.52 -0.34 91.94
CA PHE KA 126 10.15 0.63 91.07
C PHE KA 126 10.93 -0.13 89.99
N SER KA 127 11.17 0.54 88.88
CA SER KA 127 11.98 -0.02 87.80
C SER KA 127 12.54 1.11 86.97
N VAL KA 128 13.84 1.09 86.73
CA VAL KA 128 14.48 2.20 86.03
C VAL KA 128 15.17 1.62 84.80
N GLY KA 129 15.31 2.45 83.78
CA GLY KA 129 16.04 2.11 82.59
C GLY KA 129 15.20 2.28 81.35
N SER KA 130 15.84 2.02 80.20
CA SER KA 130 15.14 2.10 78.92
C SER KA 130 14.04 1.04 78.80
N GLY KA 131 14.36 -0.21 79.14
CA GLY KA 131 13.36 -1.24 79.06
C GLY KA 131 12.70 -1.52 80.38
N SER KA 132 12.46 -0.46 81.16
CA SER KA 132 11.88 -0.66 82.48
C SER KA 132 10.40 -1.00 82.37
N VAL KA 133 9.75 -0.56 81.29
CA VAL KA 133 8.30 -0.74 81.12
C VAL KA 133 7.95 -2.22 80.99
N TYR KA 134 8.87 -3.00 80.44
CA TYR KA 134 8.65 -4.43 80.27
C TYR KA 134 8.65 -5.11 81.62
N ALA KA 135 9.59 -4.69 82.47
CA ALA KA 135 9.66 -5.17 83.84
C ALA KA 135 8.43 -4.75 84.62
N TYR KA 136 7.94 -3.52 84.40
CA TYR KA 136 6.70 -3.07 85.05
C TYR KA 136 5.52 -3.97 84.67
N GLY KA 137 5.39 -4.29 83.40
CA GLY KA 137 4.33 -5.15 82.91
C GLY KA 137 4.33 -6.53 83.53
N VAL KA 138 5.43 -7.25 83.37
CA VAL KA 138 5.44 -8.63 83.87
C VAL KA 138 5.53 -8.67 85.40
N MET KA 139 6.12 -7.64 86.02
CA MET KA 139 6.17 -7.59 87.48
C MET KA 139 4.82 -7.30 88.08
N ASP KA 140 4.09 -6.34 87.51
CA ASP KA 140 2.74 -6.05 87.97
C ASP KA 140 1.73 -7.08 87.52
N ARG KA 141 2.13 -7.98 86.63
CA ARG KA 141 1.45 -9.27 86.58
C ARG KA 141 1.74 -10.03 87.87
N GLY KA 142 3.01 -10.34 88.11
CA GLY KA 142 3.32 -11.29 89.15
C GLY KA 142 3.46 -10.73 90.54
N TYR KA 143 3.04 -9.50 90.81
CA TYR KA 143 3.33 -8.89 92.09
C TYR KA 143 2.29 -9.24 93.14
N SER KA 144 2.76 -9.50 94.36
CA SER KA 144 1.94 -9.53 95.55
C SER KA 144 2.82 -9.11 96.72
N TYR KA 145 2.23 -9.09 97.92
CA TYR KA 145 3.03 -8.85 99.10
C TYR KA 145 3.34 -10.15 99.84
N ASP KA 146 2.44 -11.12 99.74
CA ASP KA 146 2.54 -12.36 100.50
C ASP KA 146 3.24 -13.46 99.73
N LEU KA 147 4.19 -13.11 98.87
CA LEU KA 147 4.85 -14.08 98.04
C LEU KA 147 5.85 -14.89 98.86
N GLU KA 148 6.26 -16.01 98.30
CA GLU KA 148 7.30 -16.81 98.93
C GLU KA 148 8.66 -16.27 98.50
N VAL KA 149 9.71 -17.01 98.84
CA VAL KA 149 11.06 -16.57 98.50
C VAL KA 149 11.42 -16.98 97.08
N GLU KA 150 11.32 -18.28 96.79
CA GLU KA 150 11.66 -18.78 95.46
C GLU KA 150 10.70 -18.26 94.40
N GLN KA 151 9.45 -17.97 94.81
CA GLN KA 151 8.50 -17.31 93.93
C GLN KA 151 8.98 -15.92 93.54
N ALA KA 152 9.50 -15.17 94.51
CA ALA KA 152 10.02 -13.84 94.23
C ALA KA 152 11.28 -13.91 93.38
N TYR KA 153 12.10 -14.95 93.62
CA TYR KA 153 13.27 -15.20 92.80
C TYR KA 153 12.88 -15.43 91.34
N ASP KA 154 11.85 -16.26 91.15
CA ASP KA 154 11.36 -16.57 89.81
C ASP KA 154 10.74 -15.35 89.15
N LEU KA 155 10.09 -14.50 89.95
CA LEU KA 155 9.48 -13.29 89.43
C LEU KA 155 10.53 -12.32 88.90
N ALA KA 156 11.55 -12.04 89.71
CA ALA KA 156 12.59 -11.12 89.29
C ALA KA 156 13.38 -11.67 88.11
N ARG KA 157 13.69 -12.97 88.14
CA ARG KA 157 14.50 -13.56 87.08
C ARG KA 157 13.76 -13.61 85.75
N ARG KA 158 12.49 -14.04 85.79
CA ARG KA 158 11.64 -13.99 84.61
C ARG KA 158 11.46 -12.57 84.10
N ALA KA 159 11.35 -11.61 85.01
CA ALA KA 159 11.15 -10.22 84.62
C ALA KA 159 12.34 -9.66 83.87
N ILE KA 160 13.54 -9.90 84.39
CA ILE KA 160 14.74 -9.39 83.72
C ILE KA 160 14.97 -10.15 82.42
N TYR KA 161 14.59 -11.43 82.36
CA TYR KA 161 14.70 -12.16 81.11
C TYR KA 161 13.78 -11.60 80.03
N GLN KA 162 12.53 -11.30 80.39
CA GLN KA 162 11.61 -10.71 79.42
C GLN KA 162 12.06 -9.31 78.99
N ALA KA 163 12.58 -8.54 79.94
CA ALA KA 163 13.05 -7.19 79.63
C ALA KA 163 14.21 -7.21 78.65
N THR KA 164 15.23 -8.03 78.93
CA THR KA 164 16.34 -8.16 78.01
C THR KA 164 15.95 -8.86 76.72
N TYR KA 165 14.86 -9.63 76.73
CA TYR KA 165 14.41 -10.25 75.49
C TYR KA 165 13.80 -9.21 74.57
N ARG KA 166 13.05 -8.26 75.12
CA ARG KA 166 12.45 -7.29 74.22
C ARG KA 166 13.37 -6.11 73.94
N ASP KA 167 14.00 -5.53 74.96
CA ASP KA 167 14.80 -4.33 74.73
C ASP KA 167 16.12 -4.69 74.07
N ALA KA 168 16.66 -3.72 73.34
CA ALA KA 168 17.94 -3.91 72.69
C ALA KA 168 19.10 -3.45 73.54
N TYR KA 169 18.87 -2.45 74.40
CA TYR KA 169 19.91 -1.88 75.23
C TYR KA 169 20.12 -2.61 76.56
N SER KA 170 19.70 -3.87 76.65
CA SER KA 170 19.81 -4.57 77.91
C SER KA 170 20.26 -5.99 77.63
N GLY KA 171 20.98 -6.57 78.58
CA GLY KA 171 21.49 -7.93 78.41
C GLY KA 171 22.55 -8.25 79.43
N GLY KA 172 23.28 -9.32 79.16
CA GLY KA 172 24.36 -9.73 80.02
C GLY KA 172 23.87 -10.57 81.18
N ALA KA 173 24.71 -10.71 82.19
CA ALA KA 173 24.37 -11.56 83.32
C ALA KA 173 23.33 -10.88 84.20
N VAL KA 174 22.40 -11.68 84.72
CA VAL KA 174 21.35 -11.19 85.60
C VAL KA 174 21.83 -11.39 87.04
N ASN KA 175 22.21 -10.31 87.69
CA ASN KA 175 22.50 -10.41 89.11
C ASN KA 175 21.20 -10.46 89.90
N LEU KA 176 21.31 -10.91 91.14
CA LEU KA 176 20.13 -11.04 91.99
C LEU KA 176 20.55 -10.95 93.44
N TYR KA 177 20.18 -9.86 94.10
CA TYR KA 177 20.51 -9.61 95.49
C TYR KA 177 19.25 -9.60 96.32
N HIS KA 178 19.37 -9.97 97.60
CA HIS KA 178 18.23 -10.12 98.48
C HIS KA 178 18.54 -9.46 99.82
N VAL KA 179 17.74 -8.44 100.17
CA VAL KA 179 17.93 -7.69 101.41
C VAL KA 179 17.09 -8.30 102.51
N ARG KA 180 17.73 -8.62 103.62
CA ARG KA 180 17.13 -9.24 104.78
C ARG KA 180 17.08 -8.22 105.93
N GLU KA 181 16.68 -8.69 107.11
CA GLU KA 181 16.71 -7.81 108.28
C GLU KA 181 18.13 -7.55 108.76
N ASP KA 182 18.99 -8.56 108.70
CA ASP KA 182 20.35 -8.42 109.18
C ASP KA 182 21.27 -7.82 108.12
N GLY KA 183 21.20 -8.32 106.89
CA GLY KA 183 22.05 -7.81 105.84
C GLY KA 183 21.64 -8.41 104.52
N TRP KA 184 22.17 -7.80 103.46
CA TRP KA 184 21.83 -8.24 102.11
C TRP KA 184 22.69 -9.43 101.73
N ILE KA 185 22.18 -10.23 100.79
CA ILE KA 185 22.85 -11.46 100.39
C ILE KA 185 22.68 -11.64 98.90
N ARG KA 186 23.80 -11.80 98.19
CA ARG KA 186 23.75 -12.11 96.78
C ARG KA 186 23.20 -13.52 96.56
N VAL KA 187 22.23 -13.64 95.66
CA VAL KA 187 21.61 -14.94 95.44
C VAL KA 187 22.37 -15.66 94.33
N SER KA 188 22.36 -15.08 93.13
CA SER KA 188 22.91 -15.74 91.96
C SER KA 188 23.20 -14.71 90.87
N SER KA 189 23.99 -15.15 89.89
CA SER KA 189 24.35 -14.38 88.71
C SER KA 189 24.08 -15.26 87.49
N ASP KA 190 22.95 -15.03 86.83
CA ASP KA 190 22.49 -15.92 85.77
C ASP KA 190 22.58 -15.24 84.41
N ASN KA 191 23.09 -15.99 83.43
CA ASN KA 191 23.23 -15.51 82.06
C ASN KA 191 21.88 -15.58 81.34
N VAL KA 192 21.78 -14.79 80.26
CA VAL KA 192 20.55 -14.74 79.48
C VAL KA 192 20.31 -16.06 78.74
N ALA KA 193 21.34 -16.60 78.09
CA ALA KA 193 21.17 -17.79 77.25
C ALA KA 193 20.81 -19.01 78.08
N ASP KA 194 21.32 -19.08 79.31
CA ASP KA 194 20.91 -20.12 80.23
C ASP KA 194 19.43 -20.02 80.57
N LEU KA 195 18.94 -18.79 80.74
CA LEU KA 195 17.51 -18.59 80.98
C LEU KA 195 16.69 -18.87 79.75
N HIS KA 196 17.26 -18.66 78.56
CA HIS KA 196 16.53 -18.95 77.33
C HIS KA 196 16.35 -20.44 77.14
N GLU KA 197 17.41 -21.21 77.40
CA GLU KA 197 17.29 -22.66 77.36
C GLU KA 197 16.37 -23.17 78.47
N LYS KA 198 16.43 -22.56 79.65
CA LYS KA 198 15.65 -23.08 80.77
C LYS KA 198 14.18 -22.75 80.65
N TYR KA 199 13.85 -21.56 80.14
CA TYR KA 199 12.50 -21.04 80.15
C TYR KA 199 11.85 -21.02 78.79
N SER KA 200 12.59 -21.36 77.73
CA SER KA 200 11.98 -21.47 76.41
C SER KA 200 11.12 -22.71 76.28
N GLY KA 201 11.35 -23.72 77.12
CA GLY KA 201 10.57 -24.95 77.04
C GLY KA 201 11.47 -26.15 76.78
N ARG LA 1 35.53 28.27 65.28
CA ARG LA 1 36.55 29.01 66.01
C ARG LA 1 37.60 28.03 66.55
N PHE LA 2 38.42 28.47 67.50
CA PHE LA 2 39.23 27.59 68.32
C PHE LA 2 38.43 26.45 68.95
N SER LA 3 38.78 25.22 68.58
CA SER LA 3 38.18 24.04 69.20
C SER LA 3 39.14 23.44 70.19
N PRO LA 4 38.70 23.08 71.41
CA PRO LA 4 39.65 22.74 72.46
C PRO LA 4 40.18 21.31 72.34
N TYR LA 5 39.53 20.47 71.52
CA TYR LA 5 39.88 19.07 71.39
C TYR LA 5 40.31 18.78 69.96
N VAL LA 6 41.14 17.76 69.81
CA VAL LA 6 41.46 17.20 68.50
C VAL LA 6 41.71 15.71 68.69
N PHE LA 7 41.44 14.94 67.64
CA PHE LA 7 41.50 13.49 67.73
C PHE LA 7 42.87 13.05 67.23
N ASN LA 8 43.71 12.59 68.15
CA ASN LA 8 45.04 12.12 67.80
C ASN LA 8 45.07 10.62 67.53
N GLY LA 9 44.10 9.87 68.02
CA GLY LA 9 44.03 8.45 67.76
C GLY LA 9 45.08 7.67 68.55
N GLY LA 10 45.10 6.37 68.29
CA GLY LA 10 45.97 5.47 69.00
C GLY LA 10 45.24 4.21 69.43
N THR LA 11 46.05 3.21 69.79
CA THR LA 11 45.52 1.89 70.13
C THR LA 11 46.34 1.30 71.25
N ILE LA 12 45.69 0.99 72.37
CA ILE LA 12 46.37 0.43 73.53
C ILE LA 12 45.68 -0.88 73.88
N LEU LA 13 46.49 -1.89 74.18
CA LEU LA 13 45.99 -3.22 74.50
C LEU LA 13 46.50 -3.62 75.88
N ALA LA 14 45.71 -4.46 76.56
CA ALA LA 14 46.12 -5.05 77.83
C ALA LA 14 45.55 -6.45 77.94
N ILE LA 15 46.34 -7.33 78.56
CA ILE LA 15 45.96 -8.72 78.77
C ILE LA 15 46.35 -9.11 80.20
N ALA LA 16 45.38 -9.56 80.98
CA ALA LA 16 45.61 -9.99 82.34
C ALA LA 16 45.85 -11.50 82.32
N GLY LA 17 47.03 -11.91 82.78
CA GLY LA 17 47.39 -13.31 82.83
C GLY LA 17 47.22 -13.87 84.23
N GLU LA 18 47.74 -15.08 84.42
CA GLU LA 18 47.73 -15.67 85.76
C GLU LA 18 48.68 -14.94 86.70
N ASP LA 19 49.86 -14.59 86.21
CA ASP LA 19 50.83 -13.86 87.02
C ASP LA 19 51.54 -12.79 86.19
N PHE LA 20 50.87 -12.24 85.19
CA PHE LA 20 51.52 -11.26 84.33
C PHE LA 20 50.48 -10.34 83.72
N ALA LA 21 50.95 -9.13 83.40
CA ALA LA 21 50.11 -8.11 82.80
C ALA LA 21 50.89 -7.48 81.64
N ILE LA 22 50.44 -7.77 80.42
CA ILE LA 22 51.10 -7.32 79.21
C ILE LA 22 50.35 -6.10 78.72
N VAL LA 23 51.06 -4.99 78.53
CA VAL LA 23 50.49 -3.77 77.97
C VAL LA 23 51.30 -3.38 76.75
N ALA LA 24 50.62 -3.24 75.61
CA ALA LA 24 51.29 -2.86 74.38
C ALA LA 24 50.53 -1.73 73.70
N SER LA 25 51.25 -0.98 72.89
CA SER LA 25 50.69 0.21 72.25
C SER LA 25 51.56 0.60 71.07
N ASP LA 26 50.94 1.08 70.01
CA ASP LA 26 51.69 1.62 68.90
C ASP LA 26 52.29 2.97 69.29
N THR LA 27 53.25 3.43 68.49
CA THR LA 27 53.91 4.69 68.77
C THR LA 27 53.72 5.66 67.62
N ARG LA 28 52.59 5.56 66.93
CA ARG LA 28 52.23 6.54 65.93
C ARG LA 28 51.38 7.64 66.56
N LEU LA 29 51.80 8.88 66.35
CA LEU LA 29 51.04 10.05 66.78
C LEU LA 29 50.72 10.86 65.54
N SER LA 30 49.44 11.00 65.24
CA SER LA 30 49.05 11.64 63.99
C SER LA 30 48.03 12.73 64.28
N GLU LA 31 47.65 13.45 63.23
CA GLU LA 31 46.63 14.49 63.34
C GLU LA 31 45.99 14.71 61.99
N GLY LA 32 44.70 14.40 61.87
CA GLY LA 32 43.97 14.61 60.64
C GLY LA 32 44.42 13.72 59.51
N PHE LA 33 45.12 14.30 58.55
CA PHE LA 33 45.68 13.56 57.43
C PHE LA 33 47.16 13.83 57.32
N SER LA 34 47.85 13.72 58.46
CA SER LA 34 49.29 13.93 58.50
C SER LA 34 49.88 12.98 59.52
N ILE LA 35 51.20 12.92 59.54
CA ILE LA 35 51.95 12.16 60.53
C ILE LA 35 52.91 13.13 61.22
N HIS LA 36 52.78 13.25 62.53
CA HIS LA 36 53.72 14.06 63.27
C HIS LA 36 55.00 13.31 63.58
N THR LA 37 54.87 12.06 64.03
CA THR LA 37 56.05 11.27 64.35
C THR LA 37 55.74 9.80 64.18
N ARG LA 38 56.80 9.00 64.30
CA ARG LA 38 56.70 7.55 64.33
C ARG LA 38 57.35 6.99 65.58
N ASP LA 39 57.49 7.82 66.62
CA ASP LA 39 57.98 7.35 67.90
C ASP LA 39 57.35 8.21 69.00
N SER LA 40 56.33 7.66 69.64
CA SER LA 40 55.68 8.27 70.79
C SER LA 40 54.97 7.17 71.56
N PRO LA 41 55.64 6.55 72.52
CA PRO LA 41 55.06 5.37 73.19
C PRO LA 41 53.98 5.77 74.19
N LYS LA 42 52.81 5.14 74.06
CA LYS LA 42 51.73 5.46 74.99
C LYS LA 42 51.97 4.87 76.37
N CYS LA 43 52.87 3.89 76.49
CA CYS LA 43 53.09 3.24 77.77
C CYS LA 43 54.01 4.07 78.65
N TYR LA 44 53.82 3.94 79.96
CA TYR LA 44 54.65 4.60 80.96
C TYR LA 44 54.82 3.69 82.17
N LYS LA 45 56.05 3.58 82.64
CA LYS LA 45 56.36 2.69 83.75
C LYS LA 45 56.35 3.53 85.03
N LEU LA 46 55.33 3.30 85.86
CA LEU LA 46 55.17 4.07 87.10
C LEU LA 46 56.03 3.49 88.20
N THR LA 47 55.74 2.26 88.61
CA THR LA 47 56.46 1.58 89.65
C THR LA 47 57.05 0.33 89.02
N ASP LA 48 57.59 -0.56 89.85
CA ASP LA 48 58.08 -1.84 89.36
C ASP LA 48 56.97 -2.79 88.95
N LYS LA 49 55.71 -2.50 89.30
CA LYS LA 49 54.61 -3.39 88.99
C LYS LA 49 53.41 -2.65 88.41
N THR LA 50 53.62 -1.49 87.81
CA THR LA 50 52.50 -0.71 87.29
C THR LA 50 52.91 -0.02 86.01
N VAL LA 51 52.13 -0.24 84.97
CA VAL LA 51 52.30 0.42 83.67
C VAL LA 51 50.96 1.02 83.28
N ILE LA 52 50.98 2.30 82.90
CA ILE LA 52 49.77 3.00 82.51
C ILE LA 52 49.89 3.36 81.04
N GLY LA 53 48.77 3.27 80.32
CA GLY LA 53 48.70 3.73 78.97
C GLY LA 53 47.63 4.80 78.84
N CYS LA 54 47.89 5.77 77.97
CA CYS LA 54 47.02 6.92 77.82
C CYS LA 54 46.93 7.24 76.33
N SER LA 55 45.73 7.17 75.78
CA SER LA 55 45.51 7.51 74.39
C SER LA 55 44.47 8.61 74.30
N GLY LA 56 44.28 9.11 73.08
CA GLY LA 56 43.37 10.21 72.88
C GLY LA 56 44.11 11.50 72.63
N PHE LA 57 43.64 12.59 73.20
CA PHE LA 57 44.32 13.88 73.07
C PHE LA 57 45.64 13.85 73.83
N HIS LA 58 46.72 14.23 73.16
CA HIS LA 58 48.07 13.94 73.64
C HIS LA 58 48.49 14.85 74.78
N GLY LA 59 48.11 16.13 74.73
CA GLY LA 59 48.50 17.06 75.77
C GLY LA 59 47.88 16.71 77.12
N ASP LA 60 46.63 16.26 77.10
CA ASP LA 60 46.00 15.77 78.31
C ASP LA 60 46.67 14.50 78.79
N CYS LA 61 47.19 13.68 77.87
CA CYS LA 61 47.92 12.47 78.25
C CYS LA 61 49.20 12.84 78.99
N LEU LA 62 49.92 13.84 78.48
CA LEU LA 62 51.16 14.28 79.13
C LEU LA 62 50.89 14.89 80.50
N THR LA 63 49.87 15.75 80.57
CA THR LA 63 49.51 16.40 81.83
C THR LA 63 49.08 15.38 82.86
N LEU LA 64 48.24 14.43 82.45
CA LEU LA 64 47.73 13.40 83.35
C LEU LA 64 48.84 12.48 83.83
N THR LA 65 49.78 12.13 82.94
CA THR LA 65 50.91 11.30 83.33
C THR LA 65 51.77 11.99 84.38
N LYS LA 66 52.04 13.27 84.19
CA LYS LA 66 52.89 13.98 85.15
C LYS LA 66 52.19 14.18 86.49
N ILE LA 67 50.88 14.44 86.48
CA ILE LA 67 50.14 14.58 87.74
C ILE LA 67 50.07 13.27 88.49
N ILE LA 68 49.89 12.16 87.78
CA ILE LA 68 49.88 10.84 88.42
C ILE LA 68 51.24 10.52 89.03
N GLU LA 69 52.32 10.88 88.33
CA GLU LA 69 53.67 10.68 88.87
C GLU LA 69 53.90 11.52 90.11
N ALA LA 70 53.38 12.74 90.12
CA ALA LA 70 53.50 13.60 91.29
C ALA LA 70 52.75 13.00 92.48
N ARG LA 71 51.55 12.49 92.26
CA ARG LA 71 50.79 11.94 93.37
C ARG LA 71 51.33 10.61 93.85
N LEU LA 72 51.92 9.82 92.94
CA LEU LA 72 52.69 8.64 93.32
C LEU LA 72 53.81 9.01 94.28
N LYS LA 73 54.57 10.04 93.92
CA LYS LA 73 55.64 10.48 94.80
C LYS LA 73 55.08 11.06 96.10
N MET LA 74 53.88 11.63 96.07
CA MET LA 74 53.29 12.15 97.30
C MET LA 74 52.91 11.01 98.25
N TYR LA 75 52.32 9.94 97.71
CA TYR LA 75 51.99 8.80 98.56
C TYR LA 75 53.24 8.11 99.08
N LYS LA 76 54.27 7.97 98.24
CA LYS LA 76 55.49 7.33 98.69
C LYS LA 76 56.21 8.15 99.74
N HIS LA 77 56.36 9.45 99.49
CA HIS LA 77 57.02 10.34 100.40
C HIS LA 77 56.17 10.72 101.61
N SER LA 78 54.91 10.29 101.64
CA SER LA 78 54.12 10.48 102.84
C SER LA 78 53.98 9.22 103.69
N ASN LA 79 53.89 8.05 103.06
CA ASN LA 79 53.45 6.88 103.79
C ASN LA 79 54.41 5.71 103.71
N ASN LA 80 55.64 5.96 103.27
CA ASN LA 80 56.79 5.04 103.30
C ASN LA 80 56.58 3.76 102.47
N LYS LA 81 55.59 3.74 101.59
CA LYS LA 81 55.29 2.56 100.80
C LYS LA 81 54.63 2.98 99.51
N ALA LA 82 54.75 2.15 98.48
CA ALA LA 82 54.12 2.45 97.21
C ALA LA 82 52.61 2.17 97.27
N MET LA 83 51.91 2.71 96.29
CA MET LA 83 50.49 2.48 96.15
C MET LA 83 50.24 1.07 95.62
N THR LA 84 48.99 0.63 95.73
CA THR LA 84 48.59 -0.61 95.09
C THR LA 84 48.21 -0.30 93.64
N THR LA 85 47.58 -1.24 92.97
CA THR LA 85 47.08 -0.93 91.64
C THR LA 85 45.70 -0.28 91.71
N GLY LA 86 44.82 -0.87 92.52
CA GLY LA 86 43.47 -0.34 92.67
C GLY LA 86 43.42 1.03 93.32
N ALA LA 87 44.41 1.36 94.15
CA ALA LA 87 44.49 2.71 94.70
C ALA LA 87 44.79 3.73 93.62
N ILE LA 88 45.70 3.38 92.70
CA ILE LA 88 46.00 4.24 91.57
C ILE LA 88 44.78 4.37 90.66
N ALA LA 89 44.03 3.27 90.50
CA ALA LA 89 42.81 3.30 89.70
C ALA LA 89 41.76 4.21 90.32
N ALA LA 90 41.56 4.07 91.63
CA ALA LA 90 40.61 4.92 92.35
C ALA LA 90 41.03 6.37 92.28
N MET LA 91 42.33 6.64 92.42
CA MET LA 91 42.82 8.01 92.37
C MET LA 91 42.63 8.61 90.99
N LEU LA 92 42.87 7.82 89.95
CA LEU LA 92 42.66 8.31 88.59
C LEU LA 92 41.19 8.56 88.32
N SER LA 93 40.32 7.73 88.89
CA SER LA 93 38.88 7.96 88.75
C SER LA 93 38.46 9.25 89.45
N THR LA 94 39.05 9.51 90.61
CA THR LA 94 38.77 10.78 91.30
C THR LA 94 39.27 11.96 90.50
N ILE LA 95 40.39 11.79 89.80
CA ILE LA 95 40.92 12.89 88.99
C ILE LA 95 40.02 13.15 87.79
N LEU LA 96 39.68 12.09 87.05
CA LEU LA 96 38.82 12.20 85.89
C LEU LA 96 37.43 12.72 86.23
N TYR LA 97 36.96 12.48 87.46
CA TYR LA 97 35.74 13.17 87.81
C TYR LA 97 36.04 14.58 88.33
N SER LA 98 37.24 14.81 88.88
CA SER LA 98 37.56 16.15 89.35
C SER LA 98 37.73 17.14 88.23
N ARG LA 99 37.83 16.67 86.99
CA ARG LA 99 37.60 17.58 85.88
C ARG LA 99 36.44 17.09 85.05
N ARG LA 100 35.30 16.81 85.71
CA ARG LA 100 34.11 16.31 85.04
C ARG LA 100 33.59 17.31 84.02
N PHE LA 101 33.43 18.55 84.44
CA PHE LA 101 32.76 19.56 83.64
C PHE LA 101 33.72 20.27 82.69
N PHE LA 102 34.93 19.75 82.56
CA PHE LA 102 35.78 20.03 81.41
C PHE LA 102 36.63 18.79 81.23
N PRO LA 103 36.13 17.82 80.48
CA PRO LA 103 36.66 16.46 80.57
C PRO LA 103 37.98 16.31 79.87
N TYR LA 104 38.75 15.33 80.33
CA TYR LA 104 39.85 14.83 79.52
C TYR LA 104 39.26 14.01 78.38
N TYR LA 105 39.77 14.22 77.18
CA TYR LA 105 39.38 13.42 76.04
C TYR LA 105 40.43 12.34 75.85
N VAL LA 106 40.45 11.43 76.84
CA VAL LA 106 41.52 10.46 77.02
C VAL LA 106 40.93 9.11 77.41
N TYR LA 107 41.27 8.07 76.67
CA TYR LA 107 41.06 6.70 77.11
C TYR LA 107 42.25 6.25 77.94
N ASN LA 108 41.97 5.49 79.00
CA ASN LA 108 42.99 5.07 79.94
C ASN LA 108 42.87 3.60 80.27
N ILE LA 109 44.00 2.91 80.29
CA ILE LA 109 44.07 1.50 80.68
C ILE LA 109 45.23 1.32 81.63
N ILE LA 110 44.96 0.80 82.82
CA ILE LA 110 46.03 0.50 83.78
C ILE LA 110 46.11 -1.01 83.92
N GLY LA 111 47.29 -1.56 83.62
CA GLY LA 111 47.59 -2.93 83.93
C GLY LA 111 48.61 -3.00 85.06
N GLY LA 112 48.71 -4.15 85.69
CA GLY LA 112 49.68 -4.31 86.77
C GLY LA 112 49.33 -5.49 87.63
N LEU LA 113 50.13 -5.67 88.66
CA LEU LA 113 49.94 -6.76 89.60
C LEU LA 113 49.23 -6.23 90.85
N ASP LA 114 48.41 -7.09 91.43
CA ASP LA 114 47.75 -6.80 92.70
C ASP LA 114 48.68 -7.14 93.86
N GLU LA 115 48.13 -7.18 95.06
CA GLU LA 115 48.94 -7.49 96.22
C GLU LA 115 49.08 -9.00 96.41
N GLU LA 116 48.23 -9.78 95.74
CA GLU LA 116 48.43 -11.22 95.72
C GLU LA 116 49.48 -11.64 94.70
N GLY LA 117 49.94 -10.73 93.85
CA GLY LA 117 50.86 -11.06 92.79
C GLY LA 117 50.22 -11.61 91.55
N LYS LA 118 49.00 -11.19 91.23
CA LYS LA 118 48.31 -11.66 90.04
C LYS LA 118 47.99 -10.49 89.12
N GLY LA 119 47.71 -10.81 87.86
CA GLY LA 119 47.44 -9.79 86.88
C GLY LA 119 46.08 -9.14 87.09
N ALA LA 120 46.01 -7.86 86.76
CA ALA LA 120 44.79 -7.09 86.92
C ALA LA 120 44.80 -5.96 85.92
N VAL LA 121 43.77 -5.89 85.08
CA VAL LA 121 43.61 -4.82 84.09
C VAL LA 121 42.41 -4.00 84.49
N TYR LA 122 42.66 -2.73 84.74
CA TYR LA 122 41.63 -1.77 85.12
C TYR LA 122 41.38 -0.84 83.95
N SER LA 123 40.19 -0.97 83.36
CA SER LA 123 39.80 -0.11 82.26
C SER LA 123 39.28 1.22 82.78
N PHE LA 124 38.99 2.13 81.87
CA PHE LA 124 38.46 3.44 82.22
C PHE LA 124 37.53 3.92 81.11
N ASP LA 125 36.99 5.10 81.34
CA ASP LA 125 36.16 5.84 80.41
C ASP LA 125 36.66 7.29 80.48
N PRO LA 126 36.27 8.17 79.57
CA PRO LA 126 36.75 9.56 79.65
C PRO LA 126 36.28 10.30 80.89
N VAL LA 127 35.24 9.84 81.57
CA VAL LA 127 34.65 10.59 82.67
C VAL LA 127 34.99 10.03 84.04
N GLY LA 128 35.46 8.79 84.16
CA GLY LA 128 35.95 8.36 85.45
C GLY LA 128 35.37 7.15 86.16
N SER LA 129 34.85 6.18 85.40
CA SER LA 129 34.50 4.89 85.96
C SER LA 129 35.58 3.87 85.65
N TYR LA 130 35.59 2.78 86.41
CA TYR LA 130 36.57 1.74 86.18
C TYR LA 130 36.01 0.42 86.70
N GLN LA 131 36.67 -0.65 86.29
CA GLN LA 131 36.24 -2.01 86.60
C GLN LA 131 37.41 -2.93 86.30
N ARG LA 132 37.45 -4.04 87.01
CA ARG LA 132 38.55 -4.98 86.92
C ARG LA 132 38.19 -6.08 85.92
N ASP LA 133 38.71 -5.96 84.70
CA ASP LA 133 38.42 -6.90 83.65
C ASP LA 133 39.70 -7.61 83.22
N SER LA 134 39.53 -8.63 82.37
CA SER LA 134 40.64 -9.48 81.97
C SER LA 134 41.37 -8.99 80.74
N PHE LA 135 40.73 -8.20 79.89
CA PHE LA 135 41.32 -7.75 78.64
C PHE LA 135 40.54 -6.55 78.14
N LYS LA 136 41.25 -5.55 77.63
CA LYS LA 136 40.64 -4.39 77.01
C LYS LA 136 41.50 -3.92 75.85
N ALA LA 137 40.83 -3.32 74.86
CA ALA LA 137 41.47 -2.68 73.73
C ALA LA 137 40.86 -1.30 73.64
N GLY LA 138 41.68 -0.27 73.82
CA GLY LA 138 41.21 1.10 73.83
C GLY LA 138 41.72 1.90 72.66
N GLY LA 139 40.92 2.89 72.26
CA GLY LA 139 41.29 3.79 71.18
C GLY LA 139 40.45 3.61 69.92
N SER LA 140 41.03 3.98 68.78
CA SER LA 140 40.28 3.95 67.53
C SER LA 140 40.05 2.51 67.08
N ALA LA 141 41.02 1.64 67.28
CA ALA LA 141 40.94 0.26 66.84
C ALA LA 141 40.42 -0.66 67.91
N SER LA 142 39.51 -0.17 68.76
CA SER LA 142 38.93 -0.99 69.81
C SER LA 142 38.05 -2.08 69.23
N ALA LA 143 37.18 -1.71 68.30
CA ALA LA 143 36.22 -2.64 67.73
C ALA LA 143 36.89 -3.62 66.78
N MET LA 144 38.07 -3.28 66.25
CA MET LA 144 38.80 -4.24 65.43
C MET LA 144 39.49 -5.31 66.26
N LEU LA 145 39.52 -5.17 67.57
CA LEU LA 145 40.29 -6.05 68.44
C LEU LA 145 39.48 -6.76 69.51
N GLN LA 146 38.40 -6.15 69.98
CA GLN LA 146 37.58 -6.79 71.01
C GLN LA 146 36.97 -8.13 70.62
N PRO LA 147 36.38 -8.36 69.42
CA PRO LA 147 35.78 -9.67 69.17
C PRO LA 147 36.81 -10.78 69.03
N LEU LA 148 38.00 -10.47 68.53
CA LEU LA 148 39.03 -11.50 68.43
C LEU LA 148 39.55 -11.89 69.80
N LEU LA 149 39.64 -10.93 70.72
CA LEU LA 149 39.99 -11.27 72.09
C LEU LA 149 38.87 -12.01 72.78
N ASP LA 150 37.63 -11.75 72.38
CA ASP LA 150 36.51 -12.56 72.85
C ASP LA 150 36.61 -13.98 72.33
N ASN LA 151 37.14 -14.15 71.13
CA ASN LA 151 37.29 -15.49 70.57
C ASN LA 151 38.46 -16.25 71.20
N GLN LA 152 39.55 -15.58 71.48
CA GLN LA 152 40.75 -16.29 71.88
C GLN LA 152 40.97 -16.30 73.39
N VAL LA 153 40.88 -15.14 74.04
CA VAL LA 153 41.09 -15.10 75.48
C VAL LA 153 39.87 -15.69 76.20
N GLY LA 154 38.69 -15.18 75.87
CA GLY LA 154 37.50 -15.62 76.58
C GLY LA 154 36.96 -16.96 76.16
N PHE LA 155 37.40 -17.46 75.00
CA PHE LA 155 36.88 -18.69 74.37
C PHE LA 155 35.38 -18.61 74.20
N LYS LA 156 34.87 -17.43 73.87
CA LYS LA 156 33.45 -17.21 73.80
C LYS LA 156 32.89 -17.68 72.46
N ASN LA 157 31.58 -17.95 72.46
CA ASN LA 157 30.76 -18.28 71.28
C ASN LA 157 31.26 -19.54 70.59
N MET LA 158 31.88 -20.42 71.36
CA MET LA 158 32.45 -21.67 70.85
C MET LA 158 31.81 -22.86 71.53
N GLN LA 159 32.06 -24.03 70.96
CA GLN LA 159 31.47 -25.28 71.42
C GLN LA 159 32.57 -26.33 71.53
N ASN LA 160 32.58 -27.04 72.67
CA ASN LA 160 33.53 -28.12 73.00
C ASN LA 160 34.98 -27.63 72.99
N VAL LA 161 35.19 -26.38 73.37
CA VAL LA 161 36.52 -25.80 73.47
C VAL LA 161 36.79 -25.57 74.95
N GLU LA 162 37.74 -26.32 75.50
CA GLU LA 162 38.06 -26.23 76.91
C GLU LA 162 38.83 -24.94 77.20
N HIS LA 163 38.97 -24.65 78.48
CA HIS LA 163 39.61 -23.41 78.93
C HIS LA 163 41.02 -23.70 79.40
N VAL LA 164 42.00 -23.27 78.62
CA VAL LA 164 43.40 -23.42 79.01
C VAL LA 164 43.85 -22.09 79.60
N PRO LA 165 44.62 -22.08 80.68
CA PRO LA 165 45.14 -20.81 81.19
C PRO LA 165 46.14 -20.21 80.21
N LEU LA 166 46.11 -18.89 80.08
CA LEU LA 166 46.91 -18.20 79.09
C LEU LA 166 48.36 -18.13 79.54
N SER LA 167 49.25 -18.75 78.76
CA SER LA 167 50.67 -18.77 79.06
C SER LA 167 51.30 -17.47 78.57
N LEU LA 168 52.62 -17.41 78.58
CA LEU LA 168 53.30 -16.18 78.23
C LEU LA 168 53.54 -16.04 76.74
N ASP LA 169 54.26 -17.00 76.15
CA ASP LA 169 54.66 -16.86 74.75
C ASP LA 169 53.47 -17.00 73.80
N ARG LA 170 52.44 -17.74 74.23
CA ARG LA 170 51.17 -17.75 73.51
C ARG LA 170 50.54 -16.37 73.49
N ALA LA 171 50.55 -15.68 74.64
CA ALA LA 171 50.07 -14.31 74.70
C ALA LA 171 50.91 -13.38 73.82
N MET LA 172 52.21 -13.68 73.68
CA MET LA 172 53.06 -12.84 72.85
C MET LA 172 52.69 -12.98 71.38
N ARG LA 173 52.46 -14.22 70.93
CA ARG LA 173 52.08 -14.43 69.53
C ARG LA 173 50.68 -13.89 69.27
N LEU LA 174 49.82 -13.93 70.29
CA LEU LA 174 48.51 -13.28 70.20
C LEU LA 174 48.64 -11.79 69.96
N VAL LA 175 49.50 -11.12 70.73
CA VAL LA 175 49.65 -9.67 70.65
C VAL LA 175 50.22 -9.26 69.30
N LYS LA 176 51.20 -10.03 68.81
CA LYS LA 176 51.79 -9.74 67.51
C LYS LA 176 50.78 -9.93 66.37
N ASP LA 177 49.97 -11.00 66.45
CA ASP LA 177 48.97 -11.25 65.42
C ASP LA 177 47.87 -10.20 65.42
N VAL LA 178 47.43 -9.78 66.62
CA VAL LA 178 46.34 -8.82 66.64
C VAL LA 178 46.82 -7.44 66.23
N PHE LA 179 48.09 -7.10 66.50
CA PHE LA 179 48.52 -5.78 66.04
C PHE LA 179 48.82 -5.75 64.54
N ILE LA 180 49.28 -6.86 63.96
CA ILE LA 180 49.44 -6.88 62.51
C ILE LA 180 48.09 -6.83 61.82
N SER LA 181 47.14 -7.65 62.29
CA SER LA 181 45.83 -7.72 61.69
C SER LA 181 45.05 -6.43 61.87
N ALA LA 182 45.24 -5.73 62.99
CA ALA LA 182 44.59 -4.45 63.18
C ALA LA 182 45.30 -3.33 62.43
N ALA LA 183 46.62 -3.43 62.24
CA ALA LA 183 47.35 -2.42 61.50
C ALA LA 183 47.09 -2.52 60.00
N GLU LA 184 46.54 -3.64 59.53
CA GLU LA 184 46.17 -3.74 58.12
C GLU LA 184 45.00 -2.82 57.76
N ARG LA 185 44.02 -2.67 58.64
CA ARG LA 185 42.81 -1.93 58.29
C ARG LA 185 42.71 -0.55 58.92
N ASP LA 186 43.46 -0.26 59.97
CA ASP LA 186 43.35 1.04 60.62
C ASP LA 186 44.24 2.07 59.93
N VAL LA 187 43.84 3.33 60.07
CA VAL LA 187 44.66 4.45 59.62
C VAL LA 187 45.45 5.07 60.76
N TYR LA 188 45.07 4.82 62.02
CA TYR LA 188 45.76 5.38 63.17
C TYR LA 188 46.65 4.37 63.86
N THR LA 189 47.18 3.40 63.13
CA THR LA 189 47.94 2.33 63.77
C THR LA 189 49.11 1.91 62.89
N GLY LA 190 50.30 1.94 63.45
CA GLY LA 190 51.43 1.31 62.79
C GLY LA 190 52.76 1.92 63.20
N ASP LA 191 53.77 1.55 62.41
CA ASP LA 191 55.15 2.02 62.33
C ASP LA 191 56.04 1.52 63.46
N ALA LA 192 55.49 0.92 64.52
CA ALA LA 192 56.22 0.34 65.65
C ALA LA 192 55.25 -0.35 66.58
N LEU LA 193 55.79 -0.94 67.64
CA LEU LA 193 54.98 -1.57 68.67
C LEU LA 193 55.84 -1.72 69.91
N ARG LA 194 55.40 -1.13 71.01
CA ARG LA 194 56.15 -1.17 72.26
C ARG LA 194 55.35 -2.04 73.24
N ILE LA 195 55.88 -3.22 73.52
CA ILE LA 195 55.18 -4.22 74.31
C ILE LA 195 55.80 -4.20 75.69
N CYS LA 196 55.00 -3.93 76.71
CA CYS LA 196 55.47 -3.91 78.09
C CYS LA 196 54.89 -5.10 78.84
N ILE LA 197 55.75 -5.85 79.52
CA ILE LA 197 55.35 -7.02 80.28
C ILE LA 197 55.73 -6.82 81.73
N VAL LA 198 54.76 -7.00 82.63
CA VAL LA 198 54.96 -6.85 84.06
C VAL LA 198 54.93 -8.25 84.65
N THR LA 199 56.05 -8.69 85.20
CA THR LA 199 56.17 -9.96 85.88
C THR LA 199 56.43 -9.72 87.36
N LYS LA 200 56.72 -10.80 88.08
CA LYS LA 200 57.12 -10.70 89.48
C LYS LA 200 58.61 -10.39 89.63
N GLU LA 201 59.29 -10.04 88.54
CA GLU LA 201 60.73 -9.83 88.55
C GLU LA 201 61.13 -8.51 87.92
N GLY LA 202 60.17 -7.70 87.49
CA GLY LA 202 60.47 -6.40 86.92
C GLY LA 202 59.54 -6.10 85.76
N ILE LA 203 60.01 -5.19 84.91
CA ILE LA 203 59.28 -4.75 83.72
C ILE LA 203 60.13 -5.07 82.51
N ARG LA 204 59.54 -5.72 81.53
CA ARG LA 204 60.21 -5.92 80.26
C ARG LA 204 59.58 -5.02 79.20
N GLU LA 205 60.39 -4.61 78.25
CA GLU LA 205 59.91 -3.90 77.08
C GLU LA 205 60.40 -4.62 75.82
N GLU LA 206 59.76 -4.30 74.70
CA GLU LA 206 60.06 -5.00 73.46
C GLU LA 206 59.58 -4.17 72.28
N THR LA 207 60.46 -4.04 71.28
CA THR LA 207 60.21 -3.21 70.11
C THR LA 207 60.11 -4.16 68.92
N VAL LA 208 58.94 -4.18 68.30
CA VAL LA 208 58.66 -4.99 67.13
C VAL LA 208 58.18 -4.05 66.04
N SER LA 209 58.84 -4.08 64.88
CA SER LA 209 58.40 -3.15 63.85
C SER LA 209 57.09 -3.61 63.22
N LEU LA 210 56.59 -2.78 62.30
CA LEU LA 210 55.39 -3.07 61.52
C LEU LA 210 55.62 -2.60 60.09
N ARG LA 211 54.52 -2.49 59.37
CA ARG LA 211 54.52 -1.85 58.06
C ARG LA 211 54.73 -0.35 58.19
N LYS LA 212 55.44 0.21 57.22
CA LYS LA 212 55.91 1.59 57.28
C LYS LA 212 54.93 2.60 56.69
N ASP LA 213 53.72 2.18 56.33
CA ASP LA 213 52.73 3.15 55.84
C ASP LA 213 51.60 3.37 56.84
N THR MA 1 44.05 34.33 72.24
CA THR MA 1 43.67 35.01 71.01
C THR MA 1 42.77 34.12 70.15
N GLN MA 2 41.56 34.61 69.90
CA GLN MA 2 40.63 33.85 69.07
C GLN MA 2 40.94 33.99 67.59
N ASN MA 3 41.17 35.21 67.14
CA ASN MA 3 41.46 35.44 65.72
C ASN MA 3 42.84 36.03 65.55
N PRO MA 4 43.77 35.29 64.94
CA PRO MA 4 45.11 35.81 64.70
C PRO MA 4 45.11 36.91 63.65
N MET MA 5 45.64 38.07 64.01
CA MET MA 5 45.68 39.19 63.05
C MET MA 5 46.83 38.99 62.08
N VAL MA 6 48.06 39.02 62.58
CA VAL MA 6 49.24 39.08 61.73
C VAL MA 6 49.97 37.76 61.94
N THR MA 7 49.88 36.88 60.96
CA THR MA 7 50.46 35.55 61.03
C THR MA 7 51.79 35.51 60.32
N GLY MA 8 52.66 34.64 60.80
CA GLY MA 8 53.83 34.22 60.06
C GLY MA 8 53.51 33.10 59.09
N THR MA 9 54.51 32.28 58.82
CA THR MA 9 54.35 31.12 57.97
C THR MA 9 55.35 30.07 58.42
N SER MA 10 55.62 29.09 57.55
CA SER MA 10 56.22 27.82 57.96
C SER MA 10 57.64 28.00 58.46
N VAL MA 11 58.02 27.19 59.44
CA VAL MA 11 59.34 27.23 60.05
C VAL MA 11 59.98 25.86 59.87
N LEU MA 12 61.25 25.85 59.48
CA LEU MA 12 61.97 24.60 59.26
C LEU MA 12 63.16 24.51 60.21
N GLY MA 13 63.34 23.32 60.79
CA GLY MA 13 64.45 23.05 61.68
C GLY MA 13 64.86 21.59 61.61
N VAL MA 14 66.16 21.32 61.68
CA VAL MA 14 66.65 19.95 61.55
C VAL MA 14 67.99 19.85 62.27
N LYS MA 15 68.19 18.72 62.95
CA LYS MA 15 69.43 18.45 63.63
C LYS MA 15 70.51 18.06 62.62
N PHE MA 16 71.76 18.10 63.08
CA PHE MA 16 72.85 17.45 62.37
C PHE MA 16 73.85 17.00 63.41
N GLU MA 17 75.05 16.63 62.98
CA GLU MA 17 76.06 16.07 63.87
C GLU MA 17 76.61 17.17 64.77
N GLY MA 18 76.06 17.26 65.98
CA GLY MA 18 76.52 18.23 66.94
C GLY MA 18 75.98 19.62 66.69
N GLY MA 19 74.74 19.71 66.23
CA GLY MA 19 74.13 21.00 66.01
C GLY MA 19 72.75 20.86 65.41
N VAL MA 20 72.01 21.96 65.49
CA VAL MA 20 70.66 22.06 64.95
C VAL MA 20 70.61 23.34 64.12
N VAL MA 21 70.16 23.24 62.88
CA VAL MA 21 69.98 24.42 62.04
C VAL MA 21 68.48 24.69 61.92
N ILE MA 22 68.12 25.97 62.05
CA ILE MA 22 66.74 26.43 61.91
C ILE MA 22 66.74 27.64 60.98
N ALA MA 23 65.82 27.65 60.02
CA ALA MA 23 65.66 28.80 59.14
C ALA MA 23 64.19 29.08 58.93
N ALA MA 24 63.82 30.35 59.07
CA ALA MA 24 62.47 30.82 58.79
C ALA MA 24 62.60 32.16 58.08
N ASP MA 25 61.54 32.54 57.37
CA ASP MA 25 61.61 33.77 56.58
C ASP MA 25 61.18 34.97 57.42
N MET MA 26 60.96 36.11 56.76
CA MET MA 26 60.90 37.42 57.41
C MET MA 26 59.68 38.21 56.94
N LEU MA 27 58.51 37.59 56.93
CA LEU MA 27 57.32 38.23 56.37
C LEU MA 27 56.21 38.30 57.41
N GLY MA 28 55.52 39.44 57.42
CA GLY MA 28 54.49 39.74 58.40
C GLY MA 28 53.11 39.99 57.84
N SER MA 29 52.65 39.12 56.95
CA SER MA 29 51.43 39.36 56.17
C SER MA 29 50.19 39.44 57.05
N TYR MA 30 49.31 40.38 56.70
CA TYR MA 30 48.02 40.58 57.34
C TYR MA 30 46.96 40.23 56.31
N GLY MA 31 46.33 39.08 56.46
CA GLY MA 31 45.36 38.66 55.48
C GLY MA 31 46.06 38.17 54.23
N SER MA 32 45.96 38.96 53.16
CA SER MA 32 46.75 38.70 51.97
C SER MA 32 47.78 39.78 51.71
N LEU MA 33 47.69 40.90 52.42
CA LEU MA 33 48.58 42.02 52.20
C LEU MA 33 49.88 41.81 52.98
N ALA MA 34 51.01 41.79 52.28
CA ALA MA 34 52.31 41.57 52.91
C ALA MA 34 52.76 42.89 53.52
N ARG MA 35 52.20 43.19 54.70
CA ARG MA 35 52.30 44.54 55.25
C ARG MA 35 53.65 44.81 55.89
N PHE MA 36 54.26 43.81 56.52
CA PHE MA 36 55.49 43.97 57.29
C PHE MA 36 56.57 43.06 56.73
N ARG MA 37 57.29 43.52 55.72
CA ARG MA 37 58.25 42.69 54.98
C ARG MA 37 59.66 42.74 55.54
N ASN MA 38 59.85 43.25 56.77
CA ASN MA 38 61.16 43.16 57.43
C ASN MA 38 60.94 43.00 58.92
N ILE MA 39 60.85 41.74 59.36
CA ILE MA 39 60.67 41.40 60.76
C ILE MA 39 61.56 40.20 61.06
N SER MA 40 61.81 39.98 62.34
CA SER MA 40 62.66 38.90 62.78
C SER MA 40 61.81 37.85 63.46
N ARG MA 41 61.94 36.60 63.03
CA ARG MA 41 61.07 35.54 63.51
C ARG MA 41 61.84 34.41 64.17
N ILE MA 42 63.08 34.66 64.60
CA ILE MA 42 63.88 33.70 65.35
C ILE MA 42 64.55 34.43 66.50
N MET MA 43 64.29 33.98 67.72
CA MET MA 43 65.03 34.49 68.86
C MET MA 43 66.21 33.61 69.17
N ARG MA 44 67.38 34.23 69.30
CA ARG MA 44 68.60 33.54 69.71
C ARG MA 44 68.63 33.59 71.23
N VAL MA 45 68.18 32.52 71.86
CA VAL MA 45 68.18 32.43 73.32
C VAL MA 45 69.64 32.27 73.72
N ASN MA 46 69.93 32.45 75.00
CA ASN MA 46 71.20 32.86 75.60
C ASN MA 46 72.50 32.30 75.01
N ASN MA 47 72.76 31.01 75.19
CA ASN MA 47 73.95 30.40 74.59
C ASN MA 47 73.73 28.99 74.05
N SER MA 48 72.66 28.30 74.41
CA SER MA 48 72.49 26.92 73.96
C SER MA 48 71.26 26.72 73.11
N THR MA 49 70.10 27.11 73.60
CA THR MA 49 68.84 26.86 72.92
C THR MA 49 68.49 28.06 72.05
N MET MA 50 67.43 27.90 71.27
CA MET MA 50 67.11 28.84 70.20
C MET MA 50 65.69 28.60 69.72
N LEU MA 51 64.96 29.68 69.47
CA LEU MA 51 63.52 29.62 69.28
C LEU MA 51 63.12 30.19 67.93
N GLY MA 52 62.17 29.51 67.29
CA GLY MA 52 61.52 30.04 66.10
C GLY MA 52 60.07 29.65 66.14
N ALA MA 53 59.23 30.54 65.61
CA ALA MA 53 57.80 30.41 65.84
C ALA MA 53 57.00 30.83 64.61
N SER MA 54 55.70 30.55 64.67
CA SER MA 54 54.75 30.89 63.61
C SER MA 54 53.51 31.51 64.22
N GLY MA 55 52.47 31.71 63.42
CA GLY MA 55 51.24 32.23 63.97
C GLY MA 55 51.35 33.72 64.26
N ASP MA 56 50.62 34.16 65.28
CA ASP MA 56 50.55 35.57 65.62
C ASP MA 56 51.89 36.07 66.13
N TYR MA 57 52.39 37.12 65.49
CA TYR MA 57 53.71 37.66 65.81
C TYR MA 57 53.72 38.40 67.14
N ALA MA 58 52.58 39.00 67.53
CA ALA MA 58 52.50 39.74 68.78
C ALA MA 58 52.66 38.82 69.97
N ASP MA 59 52.08 37.63 69.88
CA ASP MA 59 52.23 36.64 70.94
C ASP MA 59 53.66 36.18 71.03
N PHE MA 60 54.35 36.12 69.88
CA PHE MA 60 55.76 35.79 69.88
C PHE MA 60 56.59 36.89 70.53
N GLN MA 61 56.21 38.15 70.33
CA GLN MA 61 56.85 39.25 71.05
C GLN MA 61 56.65 39.11 72.55
N TYR MA 62 55.44 38.69 72.95
CA TYR MA 62 55.12 38.52 74.36
C TYR MA 62 55.96 37.41 74.99
N LEU MA 63 56.04 36.27 74.31
CA LEU MA 63 56.83 35.16 74.84
C LEU MA 63 58.31 35.45 74.78
N LYS MA 64 58.75 36.25 73.80
CA LYS MA 64 60.11 36.77 73.77
C LYS MA 64 60.41 37.57 75.02
N GLN MA 65 59.49 38.44 75.41
CA GLN MA 65 59.65 39.26 76.61
C GLN MA 65 59.73 38.38 77.86
N VAL MA 66 58.81 37.43 78.00
CA VAL MA 66 58.72 36.63 79.21
C VAL MA 66 59.95 35.71 79.33
N LEU MA 67 60.30 35.05 78.24
CA LEU MA 67 61.46 34.17 78.22
C LEU MA 67 62.76 34.94 78.45
N GLY MA 68 62.86 36.14 77.86
CA GLY MA 68 64.01 36.99 78.11
C GLY MA 68 64.16 37.33 79.58
N GLN MA 69 63.04 37.62 80.24
CA GLN MA 69 63.11 37.95 81.66
C GLN MA 69 63.52 36.74 82.49
N MET MA 70 63.01 35.55 82.14
CA MET MA 70 63.37 34.35 82.89
C MET MA 70 64.85 33.99 82.71
N VAL MA 71 65.35 34.10 81.47
CA VAL MA 71 66.75 33.80 81.20
C VAL MA 71 67.66 34.79 81.91
N ILE MA 72 67.27 36.08 81.91
CA ILE MA 72 68.01 37.10 82.64
C ILE MA 72 68.05 36.79 84.13
N ASP MA 73 66.93 36.29 84.68
CA ASP MA 73 66.90 35.95 86.10
C ASP MA 73 67.84 34.80 86.45
N GLU MA 74 67.82 33.73 85.65
CA GLU MA 74 68.71 32.61 85.96
C GLU MA 74 70.17 32.97 85.73
N GLU MA 75 70.45 33.78 84.70
CA GLU MA 75 71.83 34.25 84.50
C GLU MA 75 72.29 35.18 85.61
N LEU MA 76 71.36 35.85 86.27
CA LEU MA 76 71.71 36.66 87.43
C LEU MA 76 71.72 35.86 88.72
N LEU MA 77 71.30 34.59 88.71
CA LEU MA 77 71.54 33.76 89.88
C LEU MA 77 73.02 33.51 90.11
N GLY MA 78 73.82 33.46 89.06
CA GLY MA 78 75.26 33.30 89.21
C GLY MA 78 75.70 31.94 89.72
N ASP MA 79 74.89 30.91 89.55
CA ASP MA 79 75.20 29.58 90.06
C ASP MA 79 75.96 28.72 89.06
N GLY MA 80 76.08 29.19 87.82
CA GLY MA 80 76.65 28.42 86.75
C GLY MA 80 75.70 27.46 86.08
N HIS MA 81 74.43 27.48 86.44
CA HIS MA 81 73.43 26.58 85.90
C HIS MA 81 72.52 27.38 84.99
N SER MA 82 72.18 26.79 83.85
CA SER MA 82 71.34 27.41 82.84
C SER MA 82 70.12 26.55 82.61
N TYR MA 83 69.28 26.97 81.68
CA TYR MA 83 68.17 26.14 81.22
C TYR MA 83 68.63 25.22 80.11
N SER MA 84 68.35 23.93 80.27
CA SER MA 84 68.44 23.02 79.16
C SER MA 84 67.33 23.36 78.16
N PRO MA 85 67.52 23.04 76.87
CA PRO MA 85 66.45 23.31 75.90
C PRO MA 85 65.18 22.52 76.17
N ARG MA 86 65.32 21.33 76.74
CA ARG MA 86 64.17 20.51 77.09
C ARG MA 86 63.37 21.11 78.24
N ALA MA 87 64.05 21.80 79.16
CA ALA MA 87 63.34 22.51 80.22
C ALA MA 87 62.52 23.66 79.69
N ILE MA 88 63.09 24.41 78.74
CA ILE MA 88 62.37 25.48 78.06
C ILE MA 88 61.17 24.92 77.31
N HIS MA 89 61.37 23.76 76.66
CA HIS MA 89 60.29 23.08 75.96
C HIS MA 89 59.16 22.70 76.90
N SER MA 90 59.52 22.19 78.08
CA SER MA 90 58.53 21.81 79.08
C SER MA 90 57.76 23.01 79.59
N TRP MA 91 58.48 24.09 79.91
CA TRP MA 91 57.85 25.31 80.40
C TRP MA 91 56.91 25.89 79.36
N LEU MA 92 57.32 25.88 78.10
CA LEU MA 92 56.52 26.43 77.04
C LEU MA 92 55.28 25.58 76.78
N THR MA 93 55.42 24.25 76.88
CA THR MA 93 54.26 23.38 76.74
C THR MA 93 53.24 23.62 77.84
N ARG MA 94 53.71 23.73 79.09
CA ARG MA 94 52.82 24.01 80.21
C ARG MA 94 52.16 25.37 80.08
N ALA MA 95 52.91 26.36 79.57
CA ALA MA 95 52.37 27.70 79.36
C ALA MA 95 51.25 27.69 78.33
N MET MA 96 51.46 27.02 77.20
CA MET MA 96 50.43 26.98 76.17
C MET MA 96 49.20 26.21 76.62
N TYR MA 97 49.42 25.13 77.35
CA TYR MA 97 48.29 24.34 77.83
C TYR MA 97 47.47 25.13 78.86
N SER MA 98 48.13 25.84 79.76
CA SER MA 98 47.39 26.65 80.71
C SER MA 98 46.72 27.86 80.06
N ARG MA 99 47.26 28.33 78.93
CA ARG MA 99 46.55 29.35 78.16
C ARG MA 99 45.25 28.78 77.59
N ARG MA 100 45.34 27.62 76.92
CA ARG MA 100 44.16 27.12 76.25
C ARG MA 100 43.15 26.47 77.18
N SER MA 101 43.55 26.12 78.42
CA SER MA 101 42.59 25.58 79.36
C SER MA 101 41.60 26.65 79.81
N LYS MA 102 42.04 27.90 79.83
CA LYS MA 102 41.22 29.05 80.16
C LYS MA 102 40.53 29.63 78.94
N MET MA 103 40.51 28.89 77.83
CA MET MA 103 39.84 29.25 76.58
C MET MA 103 40.39 30.55 75.99
N ASN MA 104 41.64 30.88 76.30
CA ASN MA 104 42.34 32.01 75.73
C ASN MA 104 43.67 31.51 75.16
N PRO MA 105 43.65 30.96 73.95
CA PRO MA 105 44.86 30.32 73.42
C PRO MA 105 45.81 31.37 72.87
N LEU MA 106 47.10 31.04 72.89
CA LEU MA 106 48.10 31.79 72.15
C LEU MA 106 48.21 31.20 70.74
N TRP MA 107 47.85 31.98 69.73
CA TRP MA 107 47.88 31.49 68.36
C TRP MA 107 49.33 31.46 67.89
N ASN MA 108 50.01 30.34 68.06
CA ASN MA 108 51.38 30.20 67.62
C ASN MA 108 51.62 28.81 67.07
N THR MA 109 52.85 28.59 66.60
CA THR MA 109 53.32 27.26 66.22
C THR MA 109 54.84 27.36 66.35
N MET MA 110 55.37 26.80 67.44
CA MET MA 110 56.73 27.09 67.86
C MET MA 110 57.68 25.91 67.71
N VAL MA 111 58.94 26.23 67.40
CA VAL MA 111 60.01 25.25 67.25
C VAL MA 111 61.16 25.66 68.15
N ILE MA 112 61.62 24.74 68.98
CA ILE MA 112 62.72 24.99 69.90
C ILE MA 112 63.89 24.13 69.45
N GLY MA 113 65.01 24.77 69.15
CA GLY MA 113 66.20 24.05 68.75
C GLY MA 113 67.34 24.35 69.69
N GLY MA 114 68.05 23.31 70.12
CA GLY MA 114 69.13 23.52 71.06
C GLY MA 114 70.14 22.41 70.97
N TYR MA 115 71.36 22.75 71.36
CA TYR MA 115 72.45 21.80 71.48
C TYR MA 115 73.14 22.07 72.81
N ALA MA 116 73.04 21.13 73.73
CA ALA MA 116 73.68 21.25 75.02
C ALA MA 116 74.18 19.89 75.47
N ASP MA 117 75.43 19.86 75.94
CA ASP MA 117 76.05 18.70 76.58
C ASP MA 117 76.12 17.50 75.64
N GLY MA 118 76.67 17.74 74.45
CA GLY MA 118 76.92 16.68 73.51
C GLY MA 118 75.73 16.29 72.67
N GLU MA 119 74.53 16.44 73.21
CA GLU MA 119 73.31 16.01 72.55
C GLU MA 119 72.56 17.18 71.95
N SER MA 120 72.09 17.00 70.73
CA SER MA 120 71.25 17.98 70.08
C SER MA 120 69.82 17.83 70.61
N PHE MA 121 69.02 18.87 70.39
CA PHE MA 121 67.62 18.79 70.75
C PHE MA 121 66.81 19.62 69.79
N LEU MA 122 65.64 19.12 69.43
CA LEU MA 122 64.75 19.82 68.52
C LEU MA 122 63.32 19.50 68.97
N GLY MA 123 62.72 20.47 69.63
CA GLY MA 123 61.40 20.27 70.22
C GLY MA 123 60.32 21.06 69.52
N TYR MA 124 59.09 20.60 69.67
CA TYR MA 124 57.93 21.22 69.05
C TYR MA 124 56.89 21.56 70.10
N VAL MA 125 56.21 22.68 69.93
CA VAL MA 125 55.11 23.08 70.81
C VAL MA 125 54.01 23.61 69.90
N ASP MA 126 52.82 23.03 70.03
CA ASP MA 126 51.69 23.48 69.24
C ASP MA 126 50.88 24.47 70.08
N MET MA 127 49.85 25.06 69.48
CA MET MA 127 48.90 25.87 70.22
C MET MA 127 48.09 25.04 71.21
N LEU MA 128 47.69 23.83 70.80
CA LEU MA 128 46.87 22.99 71.65
C LEU MA 128 47.64 22.26 72.74
N GLY MA 129 48.94 22.47 72.83
CA GLY MA 129 49.77 21.77 73.79
C GLY MA 129 50.37 20.48 73.30
N VAL MA 130 50.13 20.11 72.04
CA VAL MA 130 50.71 18.88 71.50
C VAL MA 130 52.20 19.14 71.30
N ALA MA 131 53.02 18.32 71.95
CA ALA MA 131 54.44 18.61 72.02
C ALA MA 131 55.20 17.31 72.02
N TYR MA 132 56.26 17.27 71.23
CA TYR MA 132 57.02 16.04 71.04
C TYR MA 132 58.42 16.38 70.58
N GLU MA 133 59.24 15.35 70.43
CA GLU MA 133 60.57 15.46 69.87
C GLU MA 133 60.61 14.82 68.51
N ALA MA 134 61.53 15.29 67.67
CA ALA MA 134 61.62 14.80 66.30
C ALA MA 134 63.01 15.12 65.77
N PRO MA 135 63.56 14.28 64.89
CA PRO MA 135 64.83 14.63 64.23
C PRO MA 135 64.69 15.70 63.16
N SER MA 136 63.47 16.00 62.72
CA SER MA 136 63.23 17.08 61.76
C SER MA 136 61.81 17.57 61.93
N LEU MA 137 61.67 18.88 62.13
CA LEU MA 137 60.36 19.49 62.30
C LEU MA 137 59.99 20.37 61.13
N ALA MA 138 58.69 20.53 60.94
CA ALA MA 138 58.15 21.33 59.84
C ALA MA 138 56.78 21.82 60.28
N THR MA 139 56.58 23.13 60.26
CA THR MA 139 55.35 23.73 60.73
C THR MA 139 54.49 24.24 59.58
N GLY MA 140 53.25 24.60 59.92
CA GLY MA 140 52.29 25.19 58.99
C GLY MA 140 52.05 24.32 57.77
N TYR MA 141 52.35 24.88 56.61
CA TYR MA 141 52.34 24.12 55.37
C TYR MA 141 53.65 23.39 55.11
N GLY MA 142 54.67 23.66 55.91
CA GLY MA 142 55.92 22.93 55.78
C GLY MA 142 55.77 21.45 56.09
N ALA MA 143 54.90 21.11 57.02
CA ALA MA 143 54.60 19.71 57.32
C ALA MA 143 53.90 19.03 56.15
N TYR MA 144 53.29 19.80 55.26
CA TYR MA 144 52.73 19.25 54.03
C TYR MA 144 53.72 19.25 52.88
N LEU MA 145 54.66 20.19 52.87
CA LEU MA 145 55.47 20.38 51.68
C LEU MA 145 56.93 19.95 51.88
N ALA MA 146 57.62 20.51 52.86
CA ALA MA 146 59.04 20.22 53.00
C ALA MA 146 59.32 19.08 53.97
N GLN MA 147 58.30 18.62 54.69
CA GLN MA 147 58.46 17.43 55.52
C GLN MA 147 58.84 16.16 54.75
N PRO MA 148 58.24 15.80 53.59
CA PRO MA 148 58.66 14.54 52.96
C PRO MA 148 60.07 14.57 52.40
N LEU MA 149 60.63 15.76 52.14
CA LEU MA 149 62.04 15.82 51.72
C LEU MA 149 62.95 15.49 52.90
N LEU MA 150 62.63 16.05 54.07
CA LEU MA 150 63.35 15.74 55.31
C LEU MA 150 63.27 14.27 55.63
N ARG MA 151 62.06 13.70 55.59
CA ARG MA 151 61.86 12.31 55.90
C ARG MA 151 62.39 11.39 54.83
N GLU MA 152 62.54 11.88 53.60
CA GLU MA 152 63.17 11.12 52.55
C GLU MA 152 64.66 10.99 52.78
N VAL MA 153 65.34 12.11 53.02
CA VAL MA 153 66.79 12.08 53.14
C VAL MA 153 67.25 11.48 54.47
N LEU MA 154 66.50 11.70 55.56
CA LEU MA 154 66.86 11.09 56.83
C LEU MA 154 66.66 9.58 56.82
N GLU MA 155 65.69 9.09 56.06
CA GLU MA 155 65.61 7.66 55.83
C GLU MA 155 66.72 7.22 54.90
N LYS MA 156 67.04 8.04 53.91
CA LYS MA 156 68.13 7.71 52.99
C LYS MA 156 69.48 7.84 53.66
N GLN MA 157 69.59 8.70 54.69
CA GLN MA 157 70.87 8.86 55.37
C GLN MA 157 70.66 9.29 56.82
N PRO MA 158 70.96 8.42 57.79
CA PRO MA 158 70.58 8.71 59.17
C PRO MA 158 71.42 9.78 59.84
N VAL MA 159 72.69 9.91 59.48
CA VAL MA 159 73.53 10.98 60.01
C VAL MA 159 73.69 12.04 58.94
N LEU MA 160 74.17 13.22 59.36
CA LEU MA 160 74.33 14.30 58.41
C LEU MA 160 75.59 15.09 58.72
N SER MA 161 75.95 15.96 57.79
CA SER MA 161 76.94 16.99 58.00
C SER MA 161 76.23 18.34 58.06
N GLN MA 162 76.99 19.36 58.44
CA GLN MA 162 76.43 20.69 58.60
C GLN MA 162 76.08 21.29 57.25
N THR MA 163 76.92 21.01 56.25
CA THR MA 163 76.75 21.52 54.90
C THR MA 163 75.53 20.91 54.23
N GLU MA 164 75.35 19.58 54.38
CA GLU MA 164 74.20 18.90 53.79
C GLU MA 164 72.91 19.39 54.39
N ALA MA 165 72.90 19.63 55.70
CA ALA MA 165 71.71 20.13 56.36
C ALA MA 165 71.38 21.53 55.88
N ARG MA 166 72.40 22.40 55.78
CA ARG MA 166 72.17 23.76 55.32
C ARG MA 166 71.70 23.79 53.88
N ASP MA 167 72.29 22.96 53.02
CA ASP MA 167 71.86 22.87 51.62
C ASP MA 167 70.43 22.36 51.49
N LEU MA 168 70.04 21.39 52.33
CA LEU MA 168 68.70 20.83 52.25
C LEU MA 168 67.68 21.86 52.70
N VAL MA 169 68.00 22.62 53.75
CA VAL MA 169 67.16 23.71 54.20
C VAL MA 169 67.01 24.76 53.10
N GLU MA 170 68.11 25.08 52.40
CA GLU MA 170 68.06 26.04 51.30
C GLU MA 170 67.13 25.57 50.20
N ARG MA 171 67.18 24.29 49.87
CA ARG MA 171 66.30 23.75 48.82
C ARG MA 171 64.85 23.75 49.25
N CYS MA 172 64.57 23.37 50.51
CA CYS MA 172 63.21 23.37 51.00
C CYS MA 172 62.62 24.78 51.06
N MET MA 173 63.42 25.76 51.47
CA MET MA 173 62.93 27.14 51.47
C MET MA 173 62.72 27.66 50.06
N ARG MA 174 63.52 27.20 49.10
CA ARG MA 174 63.26 27.54 47.70
C ARG MA 174 61.91 26.98 47.24
N VAL MA 175 61.61 25.74 47.63
CA VAL MA 175 60.35 25.09 47.25
C VAL MA 175 59.17 25.81 47.90
N LEU MA 176 59.30 26.17 49.18
CA LEU MA 176 58.28 26.95 49.85
C LEU MA 176 58.08 28.31 49.21
N TYR MA 177 59.15 28.90 48.67
CA TYR MA 177 58.97 30.11 47.90
C TYR MA 177 58.23 29.83 46.60
N TYR MA 178 58.40 28.62 46.03
CA TYR MA 178 57.71 28.32 44.79
C TYR MA 178 56.19 28.22 44.98
N ARG MA 179 55.71 27.55 46.04
CA ARG MA 179 54.27 27.33 45.96
C ARG MA 179 53.54 27.56 47.30
N ASP MA 180 54.03 28.47 48.12
CA ASP MA 180 53.23 29.00 49.22
C ASP MA 180 52.81 30.42 48.88
N ALA MA 181 51.51 30.69 49.03
CA ALA MA 181 51.02 32.01 48.73
C ALA MA 181 51.41 33.02 49.79
N ARG MA 182 51.84 32.56 50.96
CA ARG MA 182 52.11 33.44 52.10
C ARG MA 182 53.61 33.57 52.35
N SER MA 183 54.40 33.43 51.28
CA SER MA 183 55.84 33.23 51.33
C SER MA 183 56.53 34.46 50.73
N TYR MA 184 57.84 34.54 50.93
CA TYR MA 184 58.58 35.72 50.49
C TYR MA 184 60.04 35.36 50.29
N ASN MA 185 60.67 36.01 49.31
CA ASN MA 185 62.05 35.68 48.92
C ASN MA 185 63.06 36.43 49.80
N ARG MA 186 62.98 36.16 51.10
CA ARG MA 186 63.95 36.70 52.06
C ARG MA 186 63.85 35.86 53.31
N PHE MA 187 64.95 35.18 53.65
CA PHE MA 187 64.94 34.31 54.82
C PHE MA 187 66.30 34.40 55.50
N GLN MA 188 66.33 34.02 56.77
CA GLN MA 188 67.53 34.00 57.58
C GLN MA 188 67.75 32.63 58.19
N ILE MA 189 69.00 32.19 58.20
CA ILE MA 189 69.39 30.89 58.72
C ILE MA 189 70.03 31.08 60.08
N ALA MA 190 69.59 30.30 61.06
CA ALA MA 190 70.16 30.36 62.39
C ALA MA 190 70.68 28.99 62.79
N THR MA 191 71.85 28.96 63.42
CA THR MA 191 72.57 27.71 63.63
C THR MA 191 73.16 27.69 65.03
N VAL MA 192 73.01 26.55 65.71
CA VAL MA 192 73.65 26.35 67.00
C VAL MA 192 74.64 25.21 66.87
N THR MA 193 75.77 25.36 67.55
CA THR MA 193 76.77 24.31 67.73
C THR MA 193 77.22 24.42 69.16
N GLU MA 194 78.34 23.77 69.49
CA GLU MA 194 78.95 24.05 70.78
C GLU MA 194 79.72 25.37 70.78
N LYS MA 195 79.97 25.95 69.61
CA LYS MA 195 80.71 27.20 69.50
C LYS MA 195 79.85 28.43 69.80
N GLY MA 196 78.56 28.25 70.03
CA GLY MA 196 77.65 29.33 70.31
C GLY MA 196 76.44 29.27 69.42
N VAL MA 197 75.74 30.40 69.35
CA VAL MA 197 74.54 30.55 68.54
C VAL MA 197 74.82 31.62 67.51
N GLU MA 198 74.50 31.36 66.24
CA GLU MA 198 74.79 32.30 65.19
C GLU MA 198 73.57 32.55 64.32
N ILE MA 199 73.26 33.83 64.09
CA ILE MA 199 72.18 34.26 63.21
C ILE MA 199 72.78 34.78 61.92
N GLU MA 200 72.50 34.11 60.81
CA GLU MA 200 72.98 34.60 59.53
C GLU MA 200 72.07 35.69 59.01
N GLY MA 201 72.49 36.33 57.92
CA GLY MA 201 71.80 37.49 57.39
C GLY MA 201 70.60 37.12 56.55
N PRO MA 202 69.96 38.16 56.00
CA PRO MA 202 68.78 37.94 55.15
C PRO MA 202 69.14 37.39 53.78
N LEU MA 203 69.28 36.07 53.70
CA LEU MA 203 69.55 35.44 52.42
C LEU MA 203 68.30 35.45 51.53
N SER MA 204 68.51 35.00 50.28
CA SER MA 204 67.45 34.92 49.31
C SER MA 204 67.57 33.58 48.57
N THR MA 205 66.72 33.41 47.54
CA THR MA 205 66.66 32.18 46.77
C THR MA 205 67.06 32.46 45.33
N GLU MA 206 67.43 31.39 44.64
CA GLU MA 206 67.67 31.41 43.20
C GLU MA 206 66.62 30.55 42.51
N THR MA 207 65.81 31.16 41.67
CA THR MA 207 64.62 30.52 41.15
C THR MA 207 64.79 30.13 39.68
N ASN MA 208 63.86 29.29 39.24
CA ASN MA 208 63.81 28.84 37.86
C ASN MA 208 62.39 29.01 37.35
N TRP MA 209 62.26 29.40 36.07
CA TRP MA 209 60.94 29.57 35.48
C TRP MA 209 60.92 29.09 34.04
N ASP MA 210 61.72 28.08 33.72
CA ASP MA 210 61.79 27.63 32.34
C ASP MA 210 60.62 26.77 31.90
N ILE MA 211 59.69 26.44 32.81
CA ILE MA 211 58.45 25.79 32.39
C ILE MA 211 57.46 26.79 31.83
N ALA MA 212 57.69 28.08 32.04
CA ALA MA 212 56.78 29.10 31.54
C ALA MA 212 56.87 29.29 30.03
N HIS MA 213 57.98 28.90 29.42
CA HIS MA 213 58.11 29.02 27.97
C HIS MA 213 57.34 27.95 27.21
N MET MA 214 56.86 26.92 27.90
CA MET MA 214 55.89 26.02 27.28
C MET MA 214 54.51 26.65 27.33
N ILE MA 215 53.61 26.11 26.53
CA ILE MA 215 52.26 26.66 26.45
C ILE MA 215 51.45 26.19 27.66
N ALA NA 47 -73.03 -13.03 -53.90
CA ALA NA 47 -72.58 -12.51 -55.18
C ALA NA 47 -73.26 -11.19 -55.51
N ALA NA 48 -73.46 -10.34 -54.50
CA ALA NA 48 -74.11 -9.07 -54.71
C ALA NA 48 -73.29 -8.16 -55.62
N ASP NA 49 -71.96 -8.31 -55.60
CA ASP NA 49 -71.10 -7.56 -56.50
C ASP NA 49 -69.97 -8.43 -57.04
N LYS NA 50 -70.20 -9.74 -57.15
CA LYS NA 50 -69.15 -10.70 -57.47
C LYS NA 50 -68.63 -10.59 -58.89
N GLN NA 51 -69.12 -9.66 -59.70
CA GLN NA 51 -68.60 -9.43 -61.03
C GLN NA 51 -68.15 -8.00 -61.27
N THR NA 52 -68.71 -7.03 -60.54
CA THR NA 52 -68.21 -5.65 -60.64
C THR NA 52 -66.75 -5.58 -60.21
N LEU NA 53 -66.40 -6.32 -59.15
CA LEU NA 53 -65.00 -6.40 -58.74
C LEU NA 53 -64.14 -7.02 -59.84
N GLN NA 54 -64.71 -7.97 -60.58
CA GLN NA 54 -64.06 -8.47 -61.79
C GLN NA 54 -64.26 -7.54 -62.98
N SER NA 55 -64.99 -6.43 -62.81
CA SER NA 55 -65.11 -5.42 -63.85
C SER NA 55 -64.32 -4.16 -63.55
N GLU NA 56 -63.96 -3.93 -62.28
CA GLU NA 56 -63.09 -2.81 -61.92
C GLU NA 56 -61.64 -3.05 -62.31
N GLN NA 57 -61.31 -4.27 -62.73
CA GLN NA 57 -59.95 -4.74 -63.02
C GLN NA 57 -59.11 -3.86 -63.95
N PRO NA 58 -59.69 -3.11 -64.93
CA PRO NA 58 -58.83 -2.37 -65.87
C PRO NA 58 -57.83 -1.38 -65.27
N LEU NA 59 -57.75 -1.22 -63.95
CA LEU NA 59 -56.78 -0.32 -63.35
C LEU NA 59 -56.04 -1.01 -62.21
N GLN NA 60 -54.71 -0.97 -62.27
CA GLN NA 60 -53.85 -1.45 -61.18
C GLN NA 60 -52.55 -0.63 -61.24
N VAL NA 61 -52.52 0.47 -60.50
CA VAL NA 61 -51.41 1.41 -60.55
C VAL NA 61 -51.25 2.08 -59.19
N ALA NA 62 -50.30 3.02 -59.09
CA ALA NA 62 -50.17 3.93 -57.95
C ALA NA 62 -49.82 3.26 -56.63
N ARG NA 63 -48.61 2.71 -56.54
CA ARG NA 63 -48.13 2.21 -55.25
C ARG NA 63 -47.92 3.38 -54.28
N CYS NA 64 -47.57 3.04 -53.04
CA CYS NA 64 -47.42 3.98 -51.94
C CYS NA 64 -46.61 5.22 -52.32
N THR NA 65 -45.33 5.03 -52.64
CA THR NA 65 -44.53 5.99 -53.39
C THR NA 65 -44.49 7.37 -52.72
N LYS NA 66 -43.84 7.39 -51.55
CA LYS NA 66 -43.64 8.62 -50.81
C LYS NA 66 -42.71 9.57 -51.55
N ILE NA 67 -42.87 10.88 -51.28
CA ILE NA 67 -42.10 11.93 -51.94
C ILE NA 67 -40.93 12.33 -51.05
N ILE NA 68 -39.92 12.94 -51.67
CA ILE NA 68 -38.75 13.44 -50.93
C ILE NA 68 -38.61 14.94 -51.10
N ASN NA 69 -38.40 15.39 -52.34
CA ASN NA 69 -38.29 16.82 -52.65
C ASN NA 69 -38.55 17.01 -54.14
N ALA NA 70 -38.23 18.19 -54.66
CA ALA NA 70 -38.52 18.53 -56.05
C ALA NA 70 -37.44 19.45 -56.60
N ASP NA 71 -37.30 19.44 -57.93
CA ASP NA 71 -36.31 20.25 -58.63
C ASP NA 71 -36.95 21.50 -59.21
N SER NA 72 -36.20 22.20 -60.05
CA SER NA 72 -36.65 23.43 -60.70
C SER NA 72 -36.48 23.31 -62.22
N GLU NA 73 -37.05 24.31 -62.92
CA GLU NA 73 -37.15 24.37 -64.38
C GLU NA 73 -38.10 23.31 -64.90
N ASP NA 74 -38.52 22.44 -64.00
CA ASP NA 74 -39.57 21.43 -64.05
C ASP NA 74 -39.63 20.91 -62.63
N PRO NA 75 -40.81 20.58 -62.09
CA PRO NA 75 -40.89 20.21 -60.68
C PRO NA 75 -39.95 19.07 -60.31
N LYS NA 76 -39.99 18.01 -61.12
CA LYS NA 76 -39.13 16.81 -60.93
C LYS NA 76 -39.13 16.39 -59.46
N TYR NA 77 -40.33 16.16 -58.87
CA TYR NA 77 -40.47 15.71 -57.50
C TYR NA 77 -39.70 14.42 -57.29
N ILE NA 78 -39.11 14.29 -56.10
CA ILE NA 78 -38.24 13.18 -55.77
C ILE NA 78 -38.97 12.25 -54.81
N ILE NA 79 -38.82 10.94 -55.01
CA ILE NA 79 -39.73 9.98 -54.41
C ILE NA 79 -38.98 8.73 -53.95
N ASN NA 80 -39.54 8.06 -52.95
CA ASN NA 80 -39.22 6.67 -52.63
C ASN NA 80 -40.52 5.89 -52.56
N VAL NA 81 -40.55 4.69 -53.13
CA VAL NA 81 -41.81 3.97 -53.24
C VAL NA 81 -42.23 3.45 -51.86
N LYS NA 82 -41.50 2.46 -51.34
CA LYS NA 82 -41.66 2.07 -49.95
C LYS NA 82 -40.38 2.21 -49.15
N GLN NA 83 -39.32 1.49 -49.53
CA GLN NA 83 -38.01 1.63 -48.93
C GLN NA 83 -36.86 1.50 -49.91
N PHE NA 84 -37.14 1.35 -51.21
CA PHE NA 84 -36.14 0.81 -52.12
C PHE NA 84 -35.06 1.84 -52.44
N ALA NA 85 -35.44 2.97 -52.99
CA ALA NA 85 -34.46 3.94 -53.42
C ALA NA 85 -35.11 5.31 -53.55
N LYS NA 86 -34.28 6.30 -53.86
CA LYS NA 86 -34.73 7.65 -54.13
C LYS NA 86 -35.04 7.79 -55.61
N PHE NA 87 -36.08 8.56 -55.91
CA PHE NA 87 -36.61 8.62 -57.27
C PHE NA 87 -36.93 10.07 -57.61
N VAL NA 88 -36.05 10.71 -58.38
CA VAL NA 88 -36.35 12.05 -58.88
C VAL NA 88 -37.23 11.91 -60.11
N VAL NA 89 -38.54 11.83 -59.88
CA VAL NA 89 -39.47 11.46 -60.94
C VAL NA 89 -39.90 12.69 -61.72
N ASP NA 90 -40.52 12.44 -62.87
CA ASP NA 90 -41.35 13.44 -63.55
C ASP NA 90 -42.76 12.87 -63.59
N LEU NA 91 -43.70 13.63 -63.04
CA LEU NA 91 -45.05 13.14 -62.81
C LEU NA 91 -45.75 12.81 -64.13
N SER NA 92 -46.91 12.17 -64.00
CA SER NA 92 -47.82 12.03 -65.12
C SER NA 92 -48.59 13.34 -65.27
N ASP NA 93 -48.32 14.05 -66.38
CA ASP NA 93 -48.75 15.44 -66.51
C ASP NA 93 -50.23 15.65 -66.25
N GLN NA 94 -51.03 14.58 -66.21
CA GLN NA 94 -52.42 14.71 -65.82
C GLN NA 94 -52.56 14.71 -64.29
N VAL NA 95 -51.75 15.53 -63.63
CA VAL NA 95 -51.84 15.76 -62.19
C VAL NA 95 -51.54 17.24 -61.94
N ALA NA 96 -51.62 17.63 -60.69
CA ALA NA 96 -51.35 19.03 -60.38
C ALA NA 96 -49.89 19.20 -59.97
N PRO NA 97 -49.20 20.22 -60.46
CA PRO NA 97 -47.79 20.44 -60.08
C PRO NA 97 -47.58 20.78 -58.61
N THR NA 98 -48.65 20.89 -57.83
CA THR NA 98 -48.54 21.24 -56.41
C THR NA 98 -49.33 20.34 -55.48
N ASP NA 99 -50.26 19.51 -55.99
CA ASP NA 99 -51.00 18.57 -55.16
C ASP NA 99 -50.17 17.34 -54.81
N ILE NA 100 -48.87 17.40 -55.06
CA ILE NA 100 -47.94 16.32 -54.78
C ILE NA 100 -46.92 16.83 -53.76
N GLU NA 101 -47.40 17.67 -52.84
CA GLU NA 101 -46.57 18.22 -51.78
C GLU NA 101 -45.65 17.16 -51.20
N GLU NA 102 -44.35 17.45 -51.21
CA GLU NA 102 -43.35 16.50 -50.75
C GLU NA 102 -43.63 16.05 -49.32
N GLY NA 103 -43.38 14.78 -49.06
CA GLY NA 103 -43.76 14.19 -47.78
C GLY NA 103 -45.15 13.61 -47.75
N MET NA 104 -45.67 13.21 -48.90
CA MET NA 104 -46.99 12.59 -48.99
C MET NA 104 -46.87 11.31 -49.81
N ARG NA 105 -47.62 10.28 -49.41
CA ARG NA 105 -47.63 9.04 -50.17
C ARG NA 105 -48.62 9.21 -51.33
N VAL NA 106 -48.10 9.53 -52.49
CA VAL NA 106 -48.92 9.85 -53.65
C VAL NA 106 -48.96 8.67 -54.59
N GLY NA 107 -49.98 8.63 -55.43
CA GLY NA 107 -50.04 7.63 -56.48
C GLY NA 107 -48.92 7.84 -57.49
N VAL NA 108 -48.37 6.74 -57.99
CA VAL NA 108 -47.22 6.80 -58.88
C VAL NA 108 -47.20 5.53 -59.73
N ASP NA 109 -46.87 5.69 -61.00
CA ASP NA 109 -46.90 4.58 -61.95
C ASP NA 109 -46.10 3.40 -61.43
N ARG NA 110 -46.57 2.20 -61.77
CA ARG NA 110 -45.88 0.98 -61.40
C ARG NA 110 -44.65 0.75 -62.28
N ASN NA 111 -44.60 1.36 -63.46
CA ASN NA 111 -43.49 1.17 -64.39
C ASN NA 111 -42.67 2.44 -64.58
N LYS NA 112 -43.30 3.54 -64.98
CA LYS NA 112 -42.59 4.79 -65.21
C LYS NA 112 -42.47 5.63 -63.96
N TYR NA 113 -43.19 5.26 -62.89
CA TYR NA 113 -43.18 5.97 -61.63
C TYR NA 113 -43.65 7.41 -61.74
N GLN NA 114 -44.43 7.74 -62.77
CA GLN NA 114 -45.01 9.06 -62.87
C GLN NA 114 -46.15 9.19 -61.86
N ILE NA 115 -46.30 10.39 -61.30
CA ILE NA 115 -47.19 10.58 -60.17
C ILE NA 115 -48.63 10.48 -60.62
N HIS NA 116 -49.47 9.89 -59.75
CA HIS NA 116 -50.85 9.56 -60.07
C HIS NA 116 -51.72 10.01 -58.89
N ILE NA 117 -52.96 9.53 -58.88
CA ILE NA 117 -53.96 9.91 -57.89
C ILE NA 117 -53.45 9.65 -56.48
N PRO NA 118 -53.24 10.68 -55.67
CA PRO NA 118 -52.70 10.48 -54.32
C PRO NA 118 -53.78 10.21 -53.29
N LEU NA 119 -53.34 9.99 -52.05
CA LEU NA 119 -54.19 9.87 -50.88
C LEU NA 119 -53.29 9.91 -49.65
N PRO NA 120 -53.67 10.64 -48.60
CA PRO NA 120 -53.02 10.47 -47.29
C PRO NA 120 -53.81 9.53 -46.41
N PRO NA 121 -53.72 8.21 -46.60
CA PRO NA 121 -54.41 7.29 -45.69
C PRO NA 121 -53.95 7.43 -44.25
N LYS NA 122 -52.85 8.14 -44.01
CA LYS NA 122 -52.54 8.66 -42.69
C LYS NA 122 -53.41 9.90 -42.48
N ILE NA 123 -54.33 9.82 -41.54
CA ILE NA 123 -55.35 10.85 -41.35
C ILE NA 123 -55.35 11.29 -39.89
N ASP NA 124 -56.33 12.13 -39.53
CA ASP NA 124 -56.47 12.82 -38.25
C ASP NA 124 -56.07 12.03 -37.00
N PRO NA 125 -56.42 10.73 -36.82
CA PRO NA 125 -56.14 10.09 -35.53
C PRO NA 125 -54.65 9.95 -35.23
N THR NA 126 -54.01 11.09 -34.93
CA THR NA 126 -52.62 11.11 -34.51
C THR NA 126 -52.36 12.03 -33.31
N VAL NA 127 -53.25 12.97 -33.02
CA VAL NA 127 -53.09 13.91 -31.91
C VAL NA 127 -54.22 13.66 -30.92
N THR NA 128 -53.87 13.59 -29.63
CA THR NA 128 -54.85 13.38 -28.57
C THR NA 128 -55.82 14.55 -28.47
N TYR NA 140 -62.72 24.71 -13.62
CA TYR NA 140 -61.37 25.21 -13.49
C TYR NA 140 -61.26 26.16 -12.30
N SER NA 141 -61.79 25.72 -11.15
CA SER NA 141 -61.80 26.55 -9.95
C SER NA 141 -60.42 26.83 -9.39
N ASP NA 142 -59.40 26.22 -10.00
CA ASP NA 142 -57.98 26.34 -9.54
C ASP NA 142 -57.40 27.72 -9.87
N VAL NA 143 -58.20 28.64 -10.44
CA VAL NA 143 -57.71 29.97 -10.76
C VAL NA 143 -57.19 30.56 -9.46
N GLY NA 144 -55.89 30.80 -9.40
CA GLY NA 144 -55.24 31.03 -8.13
C GLY NA 144 -54.52 29.77 -7.70
N GLY NA 145 -53.24 29.69 -8.00
CA GLY NA 145 -52.39 28.57 -7.66
C GLY NA 145 -51.12 29.13 -7.05
N CYS NA 146 -49.97 28.79 -7.63
CA CYS NA 146 -48.76 29.54 -7.32
C CYS NA 146 -48.99 31.00 -7.65
N LYS NA 147 -48.89 31.85 -6.61
CA LYS NA 147 -49.55 33.16 -6.63
C LYS NA 147 -49.06 34.04 -7.76
N GLU NA 148 -47.75 34.34 -7.77
CA GLU NA 148 -47.21 35.28 -8.75
C GLU NA 148 -47.52 34.83 -10.18
N GLN NA 149 -47.48 33.52 -10.42
CA GLN NA 149 -47.75 32.99 -11.75
C GLN NA 149 -49.11 33.42 -12.25
N ILE NA 150 -50.08 33.57 -11.34
CA ILE NA 150 -51.47 33.80 -11.73
C ILE NA 150 -51.60 35.13 -12.46
N GLU NA 151 -50.96 36.19 -11.98
CA GLU NA 151 -51.11 37.49 -12.59
C GLU NA 151 -50.49 37.54 -13.98
N LYS NA 152 -49.27 37.03 -14.11
CA LYS NA 152 -48.61 37.05 -15.41
C LYS NA 152 -49.39 36.19 -16.42
N LEU NA 153 -49.86 35.03 -15.98
CA LEU NA 153 -50.69 34.20 -16.85
C LEU NA 153 -51.95 34.92 -17.27
N ARG NA 154 -52.64 35.54 -16.30
CA ARG NA 154 -53.86 36.28 -16.58
C ARG NA 154 -53.62 37.36 -17.62
N GLU NA 155 -52.57 38.15 -17.43
CA GLU NA 155 -52.25 39.20 -18.38
C GLU NA 155 -52.00 38.62 -19.76
N VAL NA 156 -51.00 37.75 -19.88
CA VAL NA 156 -50.61 37.20 -21.18
C VAL NA 156 -51.78 36.56 -21.89
N VAL NA 157 -52.70 35.94 -21.16
CA VAL NA 157 -53.80 35.29 -21.85
C VAL NA 157 -54.87 36.32 -22.23
N GLU NA 158 -55.46 36.97 -21.22
CA GLU NA 158 -56.66 37.75 -21.47
C GLU NA 158 -56.38 39.08 -22.14
N THR NA 159 -55.39 39.84 -21.64
CA THR NA 159 -55.25 41.22 -22.09
C THR NA 159 -55.09 41.36 -23.60
N PRO NA 160 -54.32 40.52 -24.31
CA PRO NA 160 -54.42 40.57 -25.78
C PRO NA 160 -55.75 40.05 -26.29
N LEU NA 161 -56.26 38.96 -25.69
CA LEU NA 161 -57.56 38.42 -26.07
C LEU NA 161 -58.70 39.39 -25.82
N LEU NA 162 -58.52 40.33 -24.90
CA LEU NA 162 -59.62 41.19 -24.48
C LEU NA 162 -59.39 42.66 -24.80
N HIS NA 163 -58.20 43.19 -24.51
CA HIS NA 163 -57.95 44.63 -24.62
C HIS NA 163 -56.58 44.89 -25.25
N PRO NA 164 -56.51 44.85 -26.58
CA PRO NA 164 -55.28 45.30 -27.25
C PRO NA 164 -55.15 46.83 -27.20
N GLU NA 165 -55.21 47.39 -26.00
CA GLU NA 165 -55.06 48.82 -25.79
C GLU NA 165 -53.99 49.07 -24.74
N ARG NA 166 -53.91 48.20 -23.75
CA ARG NA 166 -52.89 48.31 -22.72
C ARG NA 166 -51.49 48.20 -23.29
N PHE NA 167 -51.34 47.70 -24.50
CA PHE NA 167 -50.05 47.55 -25.16
C PHE NA 167 -49.97 48.29 -26.49
N VAL NA 168 -50.98 48.13 -27.34
CA VAL NA 168 -50.94 48.75 -28.66
C VAL NA 168 -50.81 50.27 -28.54
N ASN NA 169 -51.70 50.88 -27.77
CA ASN NA 169 -51.56 52.31 -27.47
C ASN NA 169 -50.26 52.58 -26.73
N LEU NA 170 -49.91 51.69 -25.78
CA LEU NA 170 -48.61 51.74 -25.12
C LEU NA 170 -47.46 51.46 -26.07
N GLY NA 171 -47.74 50.98 -27.28
CA GLY NA 171 -46.69 50.57 -28.19
C GLY NA 171 -45.97 49.30 -27.82
N ILE NA 172 -46.09 48.84 -26.58
CA ILE NA 172 -45.50 47.56 -26.19
C ILE NA 172 -46.34 46.47 -26.82
N GLU NA 173 -45.82 45.26 -26.85
CA GLU NA 173 -46.73 44.36 -27.53
C GLU NA 173 -47.61 43.62 -26.55
N PRO NA 174 -48.79 43.18 -27.00
CA PRO NA 174 -49.62 42.31 -26.18
C PRO NA 174 -48.87 41.05 -25.78
N PRO NA 175 -48.69 40.82 -24.48
CA PRO NA 175 -48.09 39.56 -24.04
C PRO NA 175 -48.96 38.40 -24.49
N LYS NA 176 -48.40 37.56 -25.37
CA LYS NA 176 -49.15 36.47 -25.96
C LYS NA 176 -48.44 35.13 -25.84
N GLY NA 177 -47.34 35.07 -25.10
CA GLY NA 177 -46.62 33.82 -24.93
C GLY NA 177 -45.95 33.76 -23.58
N VAL NA 178 -45.61 32.54 -23.16
CA VAL NA 178 -45.04 32.28 -21.85
C VAL NA 178 -43.93 31.24 -21.98
N LEU NA 179 -42.79 31.50 -21.34
CA LEU NA 179 -41.70 30.53 -21.22
C LEU NA 179 -41.80 29.95 -19.82
N LEU NA 180 -42.67 28.95 -19.67
CA LEU NA 180 -42.91 28.36 -18.36
C LEU NA 180 -41.89 27.28 -18.06
N PHE NA 181 -41.53 27.16 -16.78
CA PHE NA 181 -40.53 26.15 -16.33
C PHE NA 181 -40.86 25.71 -14.90
N GLY NA 182 -40.82 24.40 -14.66
CA GLY NA 182 -41.13 23.85 -13.32
C GLY NA 182 -40.85 22.36 -13.23
N GLY NA 185 -45.00 18.41 -10.22
CA GLY NA 185 -45.98 18.89 -9.24
C GLY NA 185 -46.26 20.38 -9.40
N THR NA 186 -45.72 20.98 -10.47
CA THR NA 186 -45.91 22.44 -10.75
C THR NA 186 -47.34 22.67 -11.28
N GLY NA 187 -47.72 21.93 -12.32
CA GLY NA 187 -49.06 22.07 -12.92
C GLY NA 187 -49.01 22.87 -14.21
N LYS NA 188 -48.38 22.32 -15.26
CA LYS NA 188 -48.28 23.02 -16.57
C LYS NA 188 -49.62 22.93 -17.30
N THR NA 189 -50.39 21.86 -17.03
CA THR NA 189 -51.71 21.66 -17.67
C THR NA 189 -52.79 22.41 -16.88
N LEU NA 190 -52.78 22.25 -15.55
CA LEU NA 190 -53.75 22.92 -14.69
C LEU NA 190 -53.76 24.41 -14.94
N CYS NA 191 -52.60 24.99 -15.27
CA CYS NA 191 -52.57 26.41 -15.62
C CYS NA 191 -53.30 26.65 -16.94
N ALA NA 192 -53.04 25.79 -17.94
CA ALA NA 192 -53.75 25.89 -19.21
C ALA NA 192 -55.26 25.73 -19.02
N ARG NA 193 -55.68 24.96 -18.03
CA ARG NA 193 -57.11 24.76 -17.81
C ARG NA 193 -57.73 25.92 -17.05
N ALA NA 194 -57.03 26.47 -16.06
CA ALA NA 194 -57.45 27.72 -15.45
C ALA NA 194 -57.55 28.82 -16.50
N VAL NA 195 -56.72 28.74 -17.54
CA VAL NA 195 -56.84 29.63 -18.68
C VAL NA 195 -58.08 29.30 -19.50
N ALA NA 196 -58.35 28.00 -19.68
CA ALA NA 196 -59.56 27.57 -20.37
C ALA NA 196 -60.81 28.11 -19.68
N ASN NA 197 -60.73 28.32 -18.36
CA ASN NA 197 -61.76 29.07 -17.67
C ASN NA 197 -61.88 30.51 -18.19
N ARG NA 198 -60.81 31.02 -18.82
CA ARG NA 198 -60.71 32.45 -19.08
C ARG NA 198 -60.52 32.83 -20.53
N THR NA 199 -59.88 31.97 -21.33
CA THR NA 199 -59.65 32.29 -22.76
C THR NA 199 -61.01 32.64 -23.38
N ASP NA 200 -61.96 31.73 -23.21
CA ASP NA 200 -63.36 31.79 -23.68
C ASP NA 200 -64.03 30.51 -23.18
N ALA NA 201 -63.69 29.40 -23.84
CA ALA NA 201 -64.16 28.02 -23.55
C ALA NA 201 -63.44 27.06 -24.50
N CYS NA 202 -62.16 27.30 -24.83
CA CYS NA 202 -61.55 26.39 -25.78
C CYS NA 202 -60.22 25.87 -25.25
N PHE NA 203 -60.03 24.56 -25.35
CA PHE NA 203 -58.88 23.90 -24.74
C PHE NA 203 -58.58 22.64 -25.53
N ILE NA 204 -57.51 22.66 -26.31
CA ILE NA 204 -57.14 21.54 -27.18
C ILE NA 204 -55.77 21.05 -26.77
N ARG NA 205 -55.72 19.82 -26.28
CA ARG NA 205 -54.48 19.23 -25.76
C ARG NA 205 -53.67 18.61 -26.90
N VAL NA 206 -52.46 19.09 -27.10
CA VAL NA 206 -51.53 18.48 -28.04
C VAL NA 206 -50.15 18.36 -27.39
N ILE NA 207 -49.86 17.19 -26.81
CA ILE NA 207 -48.65 17.01 -26.04
C ILE NA 207 -47.49 16.73 -26.98
N GLY NA 208 -46.35 17.39 -26.73
CA GLY NA 208 -45.15 17.16 -27.53
C GLY NA 208 -44.69 15.73 -27.55
N SER NA 209 -45.09 14.92 -26.57
CA SER NA 209 -44.73 13.52 -26.56
C SER NA 209 -45.42 12.76 -27.70
N GLU NA 210 -46.73 12.89 -27.80
CA GLU NA 210 -47.42 12.38 -28.99
C GLU NA 210 -46.88 13.03 -30.24
N LEU NA 211 -46.48 14.30 -30.14
CA LEU NA 211 -45.84 14.99 -31.26
C LEU NA 211 -44.48 14.42 -31.62
N VAL NA 212 -43.98 13.43 -30.87
CA VAL NA 212 -42.81 12.69 -31.30
C VAL NA 212 -43.27 11.65 -32.31
N GLN NA 213 -43.36 12.04 -33.57
CA GLN NA 213 -43.80 11.17 -34.64
C GLN NA 213 -42.66 10.93 -35.60
N LYS NA 214 -42.73 9.80 -36.31
CA LYS NA 214 -41.65 9.34 -37.16
C LYS NA 214 -42.00 9.42 -38.64
N TYR NA 215 -42.69 10.49 -39.04
CA TYR NA 215 -43.03 10.73 -40.44
C TYR NA 215 -42.68 12.16 -40.80
N VAL NA 216 -41.88 12.32 -41.86
CA VAL NA 216 -41.38 13.63 -42.25
C VAL NA 216 -42.53 14.52 -42.69
N GLY NA 217 -42.59 15.73 -42.14
CA GLY NA 217 -43.63 16.68 -42.46
C GLY NA 217 -44.97 16.38 -41.84
N GLU NA 218 -45.23 15.11 -41.47
CA GLU NA 218 -46.44 14.79 -40.72
C GLU NA 218 -46.54 15.62 -39.45
N GLY NA 219 -45.40 15.88 -38.80
CA GLY NA 219 -45.39 16.82 -37.69
C GLY NA 219 -45.75 18.22 -38.16
N ALA NA 220 -45.12 18.69 -39.23
CA ALA NA 220 -45.47 19.99 -39.78
C ALA NA 220 -46.91 20.00 -40.29
N ARG NA 221 -47.37 18.87 -40.83
CA ARG NA 221 -48.76 18.81 -41.29
C ARG NA 221 -49.72 18.93 -40.12
N MET NA 222 -49.41 18.27 -39.00
CA MET NA 222 -50.18 18.48 -37.79
C MET NA 222 -50.08 19.91 -37.30
N VAL NA 223 -48.92 20.55 -37.53
CA VAL NA 223 -48.78 21.96 -37.18
C VAL NA 223 -49.82 22.79 -37.91
N ARG NA 224 -49.89 22.63 -39.23
CA ARG NA 224 -50.90 23.38 -40.00
C ARG NA 224 -52.31 22.98 -39.59
N GLU NA 225 -52.54 21.68 -39.39
CA GLU NA 225 -53.86 21.22 -38.96
C GLU NA 225 -54.32 21.94 -37.71
N LEU NA 226 -53.51 21.90 -36.66
CA LEU NA 226 -53.88 22.52 -35.39
C LEU NA 226 -53.96 24.03 -35.53
N PHE NA 227 -53.01 24.64 -36.25
CA PHE NA 227 -52.99 26.09 -36.37
C PHE NA 227 -54.21 26.62 -37.10
N GLU NA 228 -54.72 25.87 -38.08
CA GLU NA 228 -55.88 26.35 -38.81
C GLU NA 228 -57.20 25.92 -38.17
N MET NA 229 -57.23 24.77 -37.49
CA MET NA 229 -58.39 24.44 -36.68
C MET NA 229 -58.58 25.43 -35.56
N ALA NA 230 -57.48 25.94 -35.00
CA ALA NA 230 -57.56 26.97 -33.97
C ALA NA 230 -58.07 28.27 -34.55
N ARG NA 231 -57.55 28.67 -35.71
CA ARG NA 231 -57.99 29.92 -36.34
C ARG NA 231 -59.44 29.86 -36.80
N THR NA 232 -59.99 28.67 -37.02
CA THR NA 232 -61.43 28.57 -37.25
C THR NA 232 -62.20 28.99 -36.00
N LYS NA 233 -61.89 28.38 -34.87
CA LYS NA 233 -62.48 28.76 -33.60
C LYS NA 233 -61.77 30.01 -33.06
N LYS NA 234 -62.02 30.34 -31.80
CA LYS NA 234 -61.37 31.49 -31.18
C LYS NA 234 -61.20 31.23 -29.69
N ALA NA 235 -60.31 32.00 -29.07
CA ALA NA 235 -59.95 31.84 -27.66
C ALA NA 235 -59.48 30.42 -27.39
N CYS NA 236 -58.68 29.89 -28.31
CA CYS NA 236 -58.28 28.50 -28.27
C CYS NA 236 -57.08 28.30 -27.34
N LEU NA 237 -56.78 27.02 -27.09
CA LEU NA 237 -55.64 26.63 -26.27
C LEU NA 237 -54.99 25.40 -26.90
N ILE NA 238 -53.69 25.48 -27.15
CA ILE NA 238 -52.92 24.39 -27.72
C ILE NA 238 -51.67 24.23 -26.86
N PHE NA 239 -51.53 23.07 -26.24
CA PHE NA 239 -50.62 22.88 -25.11
C PHE NA 239 -49.52 21.90 -25.49
N PHE NA 240 -48.45 22.42 -26.10
CA PHE NA 240 -47.28 21.62 -26.39
C PHE NA 240 -46.36 21.58 -25.17
N ASP NA 241 -46.02 20.38 -24.73
CA ASP NA 241 -45.10 20.21 -23.62
C ASP NA 241 -43.97 19.28 -24.07
N GLU NA 242 -43.11 18.91 -23.12
CA GLU NA 242 -41.96 18.07 -23.37
C GLU NA 242 -41.07 18.68 -24.46
N ILE NA 243 -40.99 20.01 -24.47
CA ILE NA 243 -40.03 20.66 -25.35
C ILE NA 243 -38.62 20.32 -24.92
N ASP NA 244 -38.43 19.83 -23.69
CA ASP NA 244 -37.19 19.15 -23.35
C ASP NA 244 -37.00 17.94 -24.26
N ALA NA 245 -38.05 17.16 -24.48
CA ALA NA 245 -37.98 16.06 -25.43
C ALA NA 245 -38.05 16.54 -26.87
N ILE NA 246 -38.67 17.70 -27.09
CA ILE NA 246 -38.72 18.25 -28.45
C ILE NA 246 -37.37 18.87 -28.81
N GLY NA 247 -36.89 19.80 -27.98
CA GLY NA 247 -35.60 20.42 -28.21
C GLY NA 247 -35.66 21.93 -28.39
N GLY NA 248 -34.71 22.65 -27.78
CA GLY NA 248 -34.69 24.10 -27.89
C GLY NA 248 -33.47 24.63 -28.62
N ALA NA 249 -32.35 23.95 -28.48
CA ALA NA 249 -31.14 24.26 -29.24
C ALA NA 249 -31.07 23.32 -30.43
N ARG NA 250 -30.78 23.87 -31.61
CA ARG NA 250 -30.97 23.14 -32.86
C ARG NA 250 -29.90 22.06 -33.04
N PHE NA 251 -29.95 21.04 -32.18
CA PHE NA 251 -29.01 19.93 -32.25
C PHE NA 251 -29.07 19.27 -33.63
N ASP NA 252 -27.91 19.09 -34.25
CA ASP NA 252 -27.81 18.45 -35.56
C ASP NA 252 -26.88 17.25 -35.48
N ASP NA 253 -27.33 16.14 -36.05
CA ASP NA 253 -26.51 14.94 -36.14
C ASP NA 253 -26.60 14.40 -37.56
N GLY NA 254 -25.53 13.74 -37.99
CA GLY NA 254 -25.50 13.11 -39.30
C GLY NA 254 -26.21 11.78 -39.31
N ALA NA 255 -27.07 11.56 -38.30
CA ALA NA 255 -27.82 10.31 -38.23
C ALA NA 255 -28.94 10.27 -39.25
N GLY NA 256 -29.28 11.40 -39.86
CA GLY NA 256 -30.38 11.43 -40.82
C GLY NA 256 -31.72 11.14 -40.21
N GLY NA 257 -31.87 11.35 -38.91
CA GLY NA 257 -33.07 10.95 -38.18
C GLY NA 257 -34.02 12.09 -37.88
N ASP NA 258 -33.86 12.71 -36.71
CA ASP NA 258 -34.82 13.68 -36.21
C ASP NA 258 -34.72 14.99 -36.96
N ASN NA 259 -35.16 14.99 -38.22
CA ASN NA 259 -35.24 16.19 -39.03
C ASN NA 259 -36.68 16.54 -39.40
N GLU NA 260 -37.61 15.61 -39.26
CA GLU NA 260 -39.02 15.97 -39.28
C GLU NA 260 -39.31 17.02 -38.22
N VAL NA 261 -38.61 16.95 -37.09
CA VAL NA 261 -38.66 18.02 -36.10
C VAL NA 261 -38.14 19.31 -36.71
N GLN NA 262 -37.10 19.23 -37.54
CA GLN NA 262 -36.52 20.43 -38.13
C GLN NA 262 -37.53 21.15 -39.02
N ARG NA 263 -38.04 20.45 -40.03
CA ARG NA 263 -39.03 21.04 -40.92
C ARG NA 263 -40.29 21.44 -40.16
N THR NA 264 -40.71 20.59 -39.23
CA THR NA 264 -41.90 20.88 -38.43
C THR NA 264 -41.74 22.16 -37.63
N MET NA 265 -40.57 22.37 -37.04
CA MET NA 265 -40.38 23.53 -36.19
C MET NA 265 -40.17 24.79 -37.01
N LEU NA 266 -39.58 24.68 -38.21
CA LEU NA 266 -39.54 25.84 -39.08
C LEU NA 266 -40.93 26.22 -39.56
N GLU NA 267 -41.75 25.20 -39.89
CA GLU NA 267 -43.15 25.45 -40.23
C GLU NA 267 -43.89 26.08 -39.06
N LEU NA 268 -43.57 25.65 -37.84
CA LEU NA 268 -44.17 26.25 -36.64
C LEU NA 268 -43.78 27.72 -36.51
N ILE NA 269 -42.47 28.00 -36.63
CA ILE NA 269 -41.97 29.37 -36.66
C ILE NA 269 -42.74 30.20 -37.67
N ASN NA 270 -43.05 29.59 -38.82
CA ASN NA 270 -43.78 30.32 -39.85
C ASN NA 270 -45.22 30.58 -39.46
N GLN NA 271 -45.87 29.61 -38.81
CA GLN NA 271 -47.33 29.64 -38.70
C GLN NA 271 -47.85 30.02 -37.32
N LEU NA 272 -46.98 30.25 -36.33
CA LEU NA 272 -47.49 30.51 -34.99
C LEU NA 272 -47.92 31.96 -34.80
N ASP NA 273 -46.97 32.89 -34.88
CA ASP NA 273 -47.22 34.30 -34.60
C ASP NA 273 -46.57 35.13 -35.69
N GLY NA 274 -47.36 36.01 -36.31
CA GLY NA 274 -47.03 36.52 -37.62
C GLY NA 274 -47.50 35.48 -38.62
N PHE NA 275 -47.91 35.90 -39.82
CA PHE NA 275 -48.57 35.01 -40.77
C PHE NA 275 -49.84 34.43 -40.12
N ASP NA 276 -50.79 35.33 -39.91
CA ASP NA 276 -52.03 35.01 -39.20
C ASP NA 276 -51.68 34.52 -37.80
N PRO NA 277 -51.25 35.41 -36.91
CA PRO NA 277 -50.80 34.98 -35.58
C PRO NA 277 -51.91 34.28 -34.81
N ARG NA 278 -51.54 33.77 -33.63
CA ARG NA 278 -52.51 33.06 -32.80
C ARG NA 278 -53.74 33.93 -32.54
N GLY NA 279 -53.54 35.18 -32.16
CA GLY NA 279 -54.65 36.08 -31.93
C GLY NA 279 -55.63 35.57 -30.90
N ASN NA 280 -56.82 35.16 -31.35
CA ASN NA 280 -57.78 34.55 -30.44
C ASN NA 280 -57.48 33.07 -30.27
N ILE NA 281 -56.22 32.75 -30.02
CA ILE NA 281 -55.74 31.37 -29.91
C ILE NA 281 -54.49 31.42 -29.05
N LYS NA 282 -54.25 30.36 -28.28
CA LYS NA 282 -53.04 30.24 -27.49
C LYS NA 282 -52.38 28.90 -27.76
N VAL NA 283 -51.21 28.93 -28.38
CA VAL NA 283 -50.45 27.74 -28.69
C VAL NA 283 -49.23 27.76 -27.78
N LEU NA 284 -49.17 26.80 -26.86
CA LEU NA 284 -48.28 26.88 -25.72
C LEU NA 284 -47.20 25.79 -25.81
N MET NA 285 -45.95 26.22 -25.96
CA MET NA 285 -44.80 25.33 -25.85
C MET NA 285 -43.98 25.78 -24.65
N ALA NA 286 -43.89 24.91 -23.65
CA ALA NA 286 -43.20 25.24 -22.41
C ALA NA 286 -42.35 24.06 -21.96
N THR NA 287 -41.50 24.33 -20.97
CA THR NA 287 -40.48 23.39 -20.53
C THR NA 287 -40.57 23.18 -19.03
N ASN NA 288 -39.70 22.28 -18.54
CA ASN NA 288 -39.41 22.17 -17.12
C ASN NA 288 -38.32 23.15 -16.71
N ARG NA 289 -37.59 23.71 -17.68
CA ARG NA 289 -36.37 24.46 -17.44
C ARG NA 289 -36.10 25.31 -18.66
N PRO NA 290 -35.68 26.57 -18.50
CA PRO NA 290 -35.34 27.39 -19.67
C PRO NA 290 -33.95 27.06 -20.18
N ASP NA 291 -33.46 25.89 -19.76
CA ASP NA 291 -32.11 25.40 -20.01
C ASP NA 291 -31.66 25.56 -21.46
N THR NA 292 -32.36 24.94 -22.41
CA THR NA 292 -31.98 25.01 -23.82
C THR NA 292 -32.96 25.92 -24.56
N LEU NA 293 -32.60 27.20 -24.65
CA LEU NA 293 -33.39 28.18 -25.37
C LEU NA 293 -32.85 28.35 -26.79
N ASP NA 294 -33.37 29.34 -27.51
CA ASP NA 294 -32.92 29.69 -28.84
C ASP NA 294 -33.23 31.15 -29.10
N PRO NA 295 -32.36 31.86 -29.80
CA PRO NA 295 -32.60 33.28 -30.07
C PRO NA 295 -33.85 33.55 -30.90
N ALA NA 296 -34.55 32.49 -31.31
CA ALA NA 296 -35.77 32.64 -32.09
C ALA NA 296 -37.04 32.61 -31.24
N LEU NA 297 -36.95 32.20 -29.98
CA LEU NA 297 -38.14 32.06 -29.15
C LEU NA 297 -38.34 33.21 -28.16
N MET NA 298 -37.28 33.92 -27.79
CA MET NA 298 -37.42 35.05 -26.88
C MET NA 298 -38.18 36.22 -27.50
N ARG NA 299 -38.63 36.09 -28.75
CA ARG NA 299 -39.34 37.16 -29.41
C ARG NA 299 -40.60 37.51 -28.64
N PRO NA 300 -40.88 38.80 -28.39
CA PRO NA 300 -42.16 39.17 -27.75
C PRO NA 300 -43.38 38.72 -28.53
N GLY NA 301 -43.23 38.30 -29.78
CA GLY NA 301 -44.34 37.76 -30.52
C GLY NA 301 -44.64 36.30 -30.26
N ARG NA 302 -43.63 35.50 -29.92
CA ARG NA 302 -43.80 34.07 -29.72
C ARG NA 302 -44.07 33.71 -28.27
N LEU NA 303 -43.14 34.01 -27.37
CA LEU NA 303 -43.29 33.72 -25.94
C LEU NA 303 -42.65 34.85 -25.16
N ASP NA 304 -43.45 35.59 -24.40
CA ASP NA 304 -42.96 36.83 -23.77
C ASP NA 304 -43.47 36.99 -22.35
N ARG NA 305 -43.48 35.92 -21.56
CA ARG NA 305 -43.68 36.18 -20.13
C ARG NA 305 -42.68 35.46 -19.24
N LYS NA 306 -42.31 34.23 -19.58
CA LYS NA 306 -41.28 33.47 -18.85
C LYS NA 306 -41.65 33.29 -17.37
N ILE NA 307 -42.87 32.82 -17.14
CA ILE NA 307 -43.29 32.51 -15.78
C ILE NA 307 -42.64 31.21 -15.32
N GLU NA 308 -42.65 30.96 -14.02
CA GLU NA 308 -42.20 29.69 -13.48
C GLU NA 308 -42.85 29.44 -12.13
N PHE NA 309 -42.93 28.16 -11.76
CA PHE NA 309 -43.39 27.79 -10.43
C PHE NA 309 -42.74 26.48 -10.04
N SER NA 310 -42.79 26.19 -8.74
CA SER NA 310 -42.21 24.98 -8.17
C SER NA 310 -43.10 24.55 -7.02
N LEU NA 311 -42.56 23.73 -6.12
CA LEU NA 311 -43.34 23.24 -5.00
C LEU NA 311 -43.84 24.41 -4.14
N PRO NA 312 -45.15 24.59 -4.00
CA PRO NA 312 -45.65 25.57 -3.05
C PRO NA 312 -45.40 25.11 -1.62
N ASP NA 313 -45.30 26.09 -0.72
CA ASP NA 313 -44.83 25.76 0.62
C ASP NA 313 -45.86 24.94 1.39
N LEU NA 314 -46.97 25.55 1.78
CA LEU NA 314 -48.12 24.83 2.31
C LEU NA 314 -49.45 25.41 1.87
N GLU NA 315 -49.49 26.63 1.35
CA GLU NA 315 -50.76 27.32 1.13
C GLU NA 315 -51.45 26.81 -0.12
N GLY NA 316 -50.78 26.87 -1.26
CA GLY NA 316 -51.26 26.12 -2.41
C GLY NA 316 -51.41 24.65 -2.09
N ARG NA 317 -50.51 24.13 -1.25
CA ARG NA 317 -50.64 22.76 -0.78
C ARG NA 317 -51.99 22.54 -0.09
N THR NA 318 -52.22 23.24 1.03
CA THR NA 318 -53.49 23.13 1.75
C THR NA 318 -54.68 23.32 0.81
N HIS NA 319 -54.57 24.28 -0.10
CA HIS NA 319 -55.66 24.52 -1.04
C HIS NA 319 -55.95 23.28 -1.87
N ILE NA 320 -54.91 22.66 -2.41
CA ILE NA 320 -55.10 21.44 -3.21
C ILE NA 320 -55.60 20.30 -2.34
N PHE NA 321 -55.17 20.27 -1.08
CA PHE NA 321 -55.69 19.28 -0.14
C PHE NA 321 -57.19 19.38 -0.08
N LYS NA 322 -57.69 20.58 0.21
CA LYS NA 322 -59.13 20.80 0.28
C LYS NA 322 -59.80 20.54 -1.06
N ILE NA 323 -59.13 20.90 -2.16
CA ILE NA 323 -59.65 20.66 -3.50
C ILE NA 323 -59.98 19.19 -3.67
N HIS NA 324 -58.97 18.34 -3.49
CA HIS NA 324 -59.16 16.91 -3.65
C HIS NA 324 -60.06 16.33 -2.57
N ALA NA 325 -60.15 16.99 -1.41
CA ALA NA 325 -61.03 16.51 -0.36
C ALA NA 325 -62.49 16.65 -0.76
N ARG NA 326 -62.94 17.88 -1.04
CA ARG NA 326 -64.30 18.08 -1.49
C ARG NA 326 -64.57 17.34 -2.79
N SER NA 327 -63.53 16.98 -3.54
CA SER NA 327 -63.64 16.15 -4.72
C SER NA 327 -63.95 14.70 -4.40
N MET NA 328 -64.16 14.35 -3.13
CA MET NA 328 -64.46 12.98 -2.75
C MET NA 328 -65.22 13.00 -1.42
N SER NA 329 -65.67 11.83 -0.99
CA SER NA 329 -66.43 11.72 0.24
C SER NA 329 -65.47 11.79 1.42
N VAL NA 330 -65.43 12.95 2.08
CA VAL NA 330 -64.48 13.21 3.15
C VAL NA 330 -65.23 13.73 4.36
N GLU NA 331 -64.53 13.78 5.49
CA GLU NA 331 -65.06 14.36 6.72
C GLU NA 331 -64.72 15.84 6.79
N ARG NA 332 -65.74 16.67 7.01
CA ARG NA 332 -65.52 18.11 7.01
C ARG NA 332 -64.79 18.57 8.27
N ASP NA 333 -64.91 17.83 9.36
CA ASP NA 333 -64.33 18.23 10.64
C ASP NA 333 -62.82 18.06 10.68
N ILE NA 334 -62.19 17.76 9.56
CA ILE NA 334 -60.75 17.56 9.51
C ILE NA 334 -60.10 18.90 9.14
N ARG NA 335 -58.84 19.05 9.54
CA ARG NA 335 -58.06 20.22 9.20
C ARG NA 335 -56.96 19.83 8.22
N PHE NA 336 -56.21 20.83 7.75
CA PHE NA 336 -55.25 20.60 6.69
C PHE NA 336 -53.86 21.08 7.09
N GLU NA 337 -53.80 22.19 7.81
CA GLU NA 337 -52.50 22.71 8.26
C GLU NA 337 -51.74 21.65 9.05
N LEU NA 338 -52.46 20.86 9.85
CA LEU NA 338 -51.83 19.71 10.49
C LEU NA 338 -51.29 18.75 9.44
N LEU NA 339 -52.14 18.34 8.51
CA LEU NA 339 -51.69 17.51 7.41
C LEU NA 339 -50.63 18.23 6.58
N ALA NA 340 -50.73 19.55 6.47
CA ALA NA 340 -49.75 20.31 5.69
C ALA NA 340 -48.35 20.17 6.28
N ARG NA 341 -48.23 20.34 7.60
CA ARG NA 341 -46.95 20.09 8.25
C ARG NA 341 -46.44 18.69 7.92
N LEU NA 342 -47.34 17.72 7.91
CA LEU NA 342 -46.96 16.36 7.54
C LEU NA 342 -46.35 16.32 6.14
N CYS NA 343 -46.87 17.12 5.23
CA CYS NA 343 -46.40 17.12 3.85
C CYS NA 343 -45.08 17.87 3.74
N PRO NA 344 -43.96 17.16 3.60
CA PRO NA 344 -42.68 17.84 3.46
C PRO NA 344 -42.50 18.50 2.10
N ASN NA 345 -42.65 17.70 1.04
CA ASN NA 345 -42.37 18.15 -0.32
C ASN NA 345 -43.09 17.21 -1.28
N SER NA 346 -44.08 17.71 -2.02
CA SER NA 346 -44.89 16.83 -2.89
C SER NA 346 -45.62 17.60 -4.00
N THR NA 347 -45.87 16.88 -5.10
CA THR NA 347 -46.71 17.38 -6.22
C THR NA 347 -48.18 17.14 -5.87
N GLY NA 348 -49.11 17.75 -6.60
CA GLY NA 348 -50.54 17.55 -6.31
C GLY NA 348 -50.93 16.09 -6.50
N ALA NA 349 -50.39 15.42 -7.52
CA ALA NA 349 -50.71 14.00 -7.80
C ALA NA 349 -50.29 13.16 -6.58
N GLU NA 350 -49.11 13.45 -6.01
CA GLU NA 350 -48.65 12.72 -4.80
C GLU NA 350 -49.73 12.93 -3.72
N ILE NA 351 -50.12 14.18 -3.51
CA ILE NA 351 -51.18 14.52 -2.56
C ILE NA 351 -52.48 13.82 -2.94
N ARG NA 352 -52.84 13.89 -4.22
CA ARG NA 352 -53.95 13.10 -4.72
C ARG NA 352 -53.77 11.64 -4.37
N SER NA 353 -52.53 11.15 -4.39
CA SER NA 353 -52.27 9.77 -4.01
C SER NA 353 -52.57 9.54 -2.53
N VAL NA 354 -52.26 10.54 -1.69
CA VAL NA 354 -52.68 10.48 -0.29
C VAL NA 354 -54.19 10.31 -0.22
N CYS NA 355 -54.90 11.10 -1.01
CA CYS NA 355 -56.36 10.98 -1.06
C CYS NA 355 -56.77 9.58 -1.50
N THR NA 356 -56.07 9.03 -2.50
CA THR NA 356 -56.39 7.69 -2.97
C THR NA 356 -56.19 6.66 -1.88
N GLU NA 357 -55.12 6.79 -1.11
CA GLU NA 357 -54.86 5.84 -0.04
C GLU NA 357 -55.89 5.95 1.06
N ALA NA 358 -56.31 7.18 1.37
CA ALA NA 358 -57.44 7.37 2.27
C ALA NA 358 -58.67 6.65 1.74
N GLY NA 359 -58.88 6.73 0.43
CA GLY NA 359 -59.95 5.96 -0.18
C GLY NA 359 -59.75 4.47 -0.05
N MET NA 360 -58.50 4.01 -0.11
CA MET NA 360 -58.23 2.59 0.06
C MET NA 360 -58.60 2.14 1.46
N PHE NA 361 -58.29 2.96 2.46
CA PHE NA 361 -58.72 2.65 3.82
C PHE NA 361 -60.23 2.62 3.92
N ALA NA 362 -60.88 3.66 3.40
CA ALA NA 362 -62.34 3.72 3.38
C ALA NA 362 -62.96 2.60 2.54
N ILE NA 363 -62.17 1.91 1.74
CA ILE NA 363 -62.61 0.69 1.08
C ILE NA 363 -62.42 -0.50 2.00
N ARG NA 364 -61.32 -0.51 2.76
CA ARG NA 364 -61.12 -1.54 3.78
C ARG NA 364 -62.18 -1.43 4.86
N ALA NA 365 -62.26 -0.28 5.51
CA ALA NA 365 -63.28 -0.02 6.53
C ALA NA 365 -64.39 0.84 5.93
N ARG NA 366 -65.62 0.58 6.34
CA ARG NA 366 -66.80 1.21 5.75
C ARG NA 366 -66.87 2.67 6.20
N ARG NA 367 -66.16 3.54 5.49
CA ARG NA 367 -66.16 4.96 5.75
C ARG NA 367 -66.94 5.70 4.69
N LYS NA 368 -67.64 6.76 5.09
CA LYS NA 368 -68.29 7.64 4.13
C LYS NA 368 -67.67 9.03 4.17
N ILE NA 369 -67.66 9.70 5.32
CA ILE NA 369 -66.95 10.97 5.48
C ILE NA 369 -65.54 10.62 5.95
N ALA NA 370 -64.63 10.53 4.99
CA ALA NA 370 -63.26 10.12 5.26
C ALA NA 370 -62.65 10.97 6.38
N THR NA 371 -62.37 10.34 7.51
CA THR NA 371 -61.95 11.07 8.69
C THR NA 371 -60.45 11.30 8.68
N GLU NA 372 -60.03 12.33 9.43
CA GLU NA 372 -58.61 12.61 9.56
C GLU NA 372 -57.85 11.50 10.26
N LYS NA 373 -58.54 10.47 10.75
CA LYS NA 373 -57.86 9.26 11.19
C LYS NA 373 -57.62 8.32 10.03
N ASP NA 374 -58.62 8.18 9.14
CA ASP NA 374 -58.36 7.56 7.84
C ASP NA 374 -57.22 8.27 7.14
N PHE NA 375 -57.28 9.61 7.11
CA PHE NA 375 -56.18 10.38 6.54
C PHE NA 375 -54.92 10.25 7.38
N LEU NA 376 -55.04 9.94 8.67
CA LEU NA 376 -53.87 9.73 9.50
C LEU NA 376 -53.12 8.48 9.08
N GLU NA 377 -53.86 7.39 8.90
CA GLU NA 377 -53.26 6.17 8.36
C GLU NA 377 -52.73 6.41 6.95
N ALA NA 378 -53.47 7.18 6.14
CA ALA NA 378 -53.00 7.51 4.80
C ALA NA 378 -51.71 8.30 4.85
N VAL NA 379 -51.54 9.14 5.88
CA VAL NA 379 -50.32 9.92 6.02
C VAL NA 379 -49.19 9.02 6.49
N ASN NA 380 -49.45 8.19 7.50
CA ASN NA 380 -48.51 7.15 7.87
C ASN NA 380 -47.96 6.47 6.64
N LYS NA 381 -48.87 6.04 5.75
CA LYS NA 381 -48.46 5.48 4.47
C LYS NA 381 -47.61 6.47 3.69
N VAL NA 382 -48.20 7.57 3.24
CA VAL NA 382 -47.60 8.36 2.18
C VAL NA 382 -46.26 8.96 2.62
N ILE NA 383 -46.20 9.40 3.88
CA ILE NA 383 -45.05 10.17 4.35
C ILE NA 383 -44.11 9.35 5.24
N LYS NA 384 -44.55 8.20 5.75
CA LYS NA 384 -43.65 7.30 6.45
C LYS NA 384 -43.56 5.94 5.78
N SER NA 385 -44.70 5.28 5.55
CA SER NA 385 -44.70 4.00 4.84
C SER NA 385 -44.56 4.18 3.33
N TYR NA 386 -44.49 5.42 2.84
CA TYR NA 386 -44.28 5.70 1.43
C TYR NA 386 -43.33 6.90 1.26
N ALA NA 387 -42.68 7.32 2.34
CA ALA NA 387 -41.73 8.45 2.24
C ALA NA 387 -40.62 8.05 1.26
N LYS NA 388 -40.37 6.74 1.18
CA LYS NA 388 -39.36 6.10 0.28
C LYS NA 388 -39.55 4.59 0.39
N PHE NA 389 -39.91 4.14 1.61
CA PHE NA 389 -40.16 2.72 1.95
C PHE NA 389 -40.71 2.68 3.38
N SER NA 390 -39.81 2.73 4.36
CA SER NA 390 -40.14 2.74 5.78
C SER NA 390 -39.01 3.16 6.72
N ALA NA 391 -37.88 3.66 6.23
CA ALA NA 391 -36.61 3.58 6.95
C ALA NA 391 -36.39 4.72 7.95
N THR NA 392 -37.44 5.22 8.60
CA THR NA 392 -37.27 6.30 9.58
C THR NA 392 -37.04 5.86 11.03
N PRO NA 393 -37.80 4.89 11.57
CA PRO NA 393 -37.93 4.81 13.04
C PRO NA 393 -36.71 4.27 13.79
N ARG NA 394 -36.94 3.97 15.07
CA ARG NA 394 -35.99 3.34 15.99
C ARG NA 394 -34.91 4.30 16.51
N TYR NA 395 -35.18 5.60 16.47
CA TYR NA 395 -34.35 6.56 17.21
C TYR NA 395 -35.13 7.87 17.31
N MET NA 396 -35.47 8.27 18.54
CA MET NA 396 -36.16 9.54 18.74
C MET NA 396 -35.17 10.69 18.76
N LYS OA 40 -77.44 -19.97 -57.55
CA LYS OA 40 -77.85 -20.04 -56.16
C LYS OA 40 -76.71 -19.59 -55.25
N GLN OA 41 -76.77 -20.02 -53.98
CA GLN OA 41 -75.71 -19.69 -53.04
C GLN OA 41 -74.39 -20.35 -53.44
N GLU OA 42 -74.44 -21.59 -53.91
CA GLU OA 42 -73.23 -22.25 -54.39
C GLU OA 42 -72.60 -21.48 -55.55
N GLU OA 43 -73.44 -20.94 -56.44
CA GLU OA 43 -72.92 -20.13 -57.53
C GLU OA 43 -72.33 -18.82 -57.02
N GLU OA 44 -72.94 -18.23 -55.99
CA GLU OA 44 -72.37 -17.03 -55.39
C GLU OA 44 -70.99 -17.30 -54.81
N ARG OA 45 -70.84 -18.44 -54.12
CA ARG OA 45 -69.53 -18.80 -53.58
C ARG OA 45 -68.53 -19.07 -54.69
N SER OA 46 -68.98 -19.75 -55.76
CA SER OA 46 -68.10 -19.99 -56.89
C SER OA 46 -67.63 -18.68 -57.52
N LYS OA 47 -68.51 -17.68 -57.58
CA LYS OA 47 -68.12 -16.39 -58.12
C LYS OA 47 -67.14 -15.67 -57.19
N VAL OA 48 -67.39 -15.71 -55.88
CA VAL OA 48 -66.45 -15.13 -54.94
C VAL OA 48 -65.08 -15.79 -55.08
N ASP OA 49 -65.04 -17.07 -55.41
CA ASP OA 49 -63.76 -17.73 -55.69
C ASP OA 49 -63.20 -17.30 -57.04
N ASP OA 50 -64.06 -17.05 -58.02
CA ASP OA 50 -63.61 -16.54 -59.31
C ASP OA 50 -62.87 -15.23 -59.15
N LEU OA 51 -63.35 -14.36 -58.26
CA LEU OA 51 -62.64 -13.11 -57.98
C LEU OA 51 -61.25 -13.37 -57.43
N ARG OA 52 -61.05 -14.50 -56.76
CA ARG OA 52 -59.78 -14.81 -56.12
C ARG OA 52 -58.78 -15.37 -57.10
N GLY OA 53 -57.52 -14.96 -56.93
CA GLY OA 53 -56.41 -15.53 -57.66
C GLY OA 53 -55.81 -16.68 -56.88
N THR OA 54 -55.48 -17.77 -57.58
CA THR OA 54 -55.02 -18.99 -56.94
C THR OA 54 -53.91 -18.75 -55.93
N PRO OA 55 -52.81 -18.04 -56.24
CA PRO OA 55 -51.89 -17.67 -55.17
C PRO OA 55 -52.45 -16.50 -54.37
N MET OA 56 -52.95 -16.78 -53.17
CA MET OA 56 -53.62 -15.78 -52.35
C MET OA 56 -52.59 -15.21 -51.38
N SER OA 57 -51.95 -14.13 -51.82
CA SER OA 57 -51.01 -13.43 -50.94
C SER OA 57 -51.77 -12.78 -49.79
N VAL OA 58 -51.03 -12.11 -48.92
CA VAL OA 58 -51.59 -11.51 -47.71
C VAL OA 58 -51.03 -10.11 -47.57
N GLY OA 59 -51.92 -9.15 -47.34
CA GLY OA 59 -51.52 -7.77 -47.21
C GLY OA 59 -52.30 -7.03 -46.14
N THR OA 60 -51.59 -6.27 -45.31
CA THR OA 60 -52.25 -5.56 -44.23
C THR OA 60 -52.94 -4.31 -44.75
N LEU OA 61 -54.21 -4.13 -44.37
CA LEU OA 61 -54.94 -2.93 -44.73
C LEU OA 61 -54.30 -1.70 -44.10
N GLU OA 62 -54.30 -0.61 -44.85
CA GLU OA 62 -53.73 0.65 -44.39
C GLU OA 62 -54.76 1.61 -43.83
N GLU OA 63 -55.89 1.77 -44.52
CA GLU OA 63 -56.90 2.72 -44.07
C GLU OA 63 -58.23 2.36 -44.71
N ILE OA 64 -59.31 2.74 -44.03
CA ILE OA 64 -60.67 2.49 -44.51
C ILE OA 64 -60.98 3.45 -45.65
N ILE OA 65 -60.83 2.97 -46.89
CA ILE OA 65 -61.18 3.72 -48.09
C ILE OA 65 -62.10 2.81 -48.89
N ASP OA 66 -63.39 3.16 -48.93
CA ASP OA 66 -64.44 2.22 -49.34
C ASP OA 66 -65.00 2.52 -50.72
N ASP OA 67 -64.16 2.94 -51.68
CA ASP OA 67 -64.61 3.03 -53.07
C ASP OA 67 -64.33 1.72 -53.81
N ASN OA 68 -64.75 0.62 -53.21
CA ASN OA 68 -64.56 -0.75 -53.69
C ASN OA 68 -63.10 -1.08 -53.98
N HIS OA 69 -62.17 -0.20 -53.62
CA HIS OA 69 -60.75 -0.49 -53.70
C HIS OA 69 -60.08 0.04 -52.45
N ALA OA 70 -59.08 -0.67 -51.97
CA ALA OA 70 -58.35 -0.30 -50.76
C ALA OA 70 -56.87 -0.07 -51.11
N ILE OA 71 -56.09 0.26 -50.08
CA ILE OA 71 -54.66 0.48 -50.23
C ILE OA 71 -53.96 -0.53 -49.33
N VAL OA 72 -53.62 -1.68 -49.90
CA VAL OA 72 -53.09 -2.83 -49.17
C VAL OA 72 -51.61 -2.67 -48.91
N SER OA 73 -51.05 -3.56 -48.09
CA SER OA 73 -49.62 -3.59 -47.81
C SER OA 73 -49.22 -5.06 -47.61
N THR OA 74 -48.69 -5.67 -48.66
CA THR OA 74 -48.32 -7.08 -48.61
C THR OA 74 -47.04 -7.22 -47.79
N SER OA 75 -46.44 -8.42 -47.82
CA SER OA 75 -45.25 -8.69 -47.04
C SER OA 75 -44.13 -7.70 -47.34
N VAL OA 76 -44.14 -7.08 -48.51
CA VAL OA 76 -43.19 -6.03 -48.86
C VAL OA 76 -43.88 -4.69 -49.06
N GLY OA 77 -45.18 -4.59 -48.81
CA GLY OA 77 -45.87 -3.33 -48.88
C GLY OA 77 -46.30 -2.90 -50.28
N SER OA 78 -47.07 -3.73 -50.95
CA SER OA 78 -47.65 -3.40 -52.24
C SER OA 78 -48.89 -2.55 -51.99
N GLU OA 79 -48.79 -1.24 -52.22
CA GLU OA 79 -49.86 -0.32 -51.84
C GLU OA 79 -50.42 0.40 -53.05
N HIS OA 80 -51.32 -0.27 -53.77
CA HIS OA 80 -52.03 0.36 -54.86
C HIS OA 80 -53.46 0.67 -54.40
N TYR OA 81 -54.29 1.14 -55.30
CA TYR OA 81 -55.72 1.27 -55.03
C TYR OA 81 -56.45 0.03 -55.53
N VAL OA 82 -56.02 -1.11 -54.99
CA VAL OA 82 -56.50 -2.40 -55.46
C VAL OA 82 -57.93 -2.62 -54.99
N SER OA 83 -58.74 -3.25 -55.83
CA SER OA 83 -60.13 -3.48 -55.50
C SER OA 83 -60.25 -4.37 -54.26
N ILE OA 84 -61.35 -4.20 -53.54
CA ILE OA 84 -61.64 -4.97 -52.35
C ILE OA 84 -63.00 -5.64 -52.55
N LEU OA 85 -63.02 -6.96 -52.41
CA LEU OA 85 -64.23 -7.74 -52.66
C LEU OA 85 -65.37 -7.25 -51.78
N SER OA 86 -66.46 -6.81 -52.41
CA SER OA 86 -67.50 -6.09 -51.69
C SER OA 86 -68.41 -6.99 -50.87
N PHE OA 87 -68.90 -8.10 -51.43
CA PHE OA 87 -69.90 -8.92 -50.74
C PHE OA 87 -69.33 -9.56 -49.48
N VAL OA 88 -68.29 -10.37 -49.62
CA VAL OA 88 -67.51 -10.76 -48.45
C VAL OA 88 -67.04 -9.49 -47.76
N ASP OA 89 -67.16 -9.47 -46.44
CA ASP OA 89 -67.10 -8.21 -45.70
C ASP OA 89 -65.81 -7.43 -45.99
N LYS OA 90 -65.97 -6.28 -46.63
CA LYS OA 90 -64.86 -5.42 -46.98
C LYS OA 90 -64.44 -4.50 -45.84
N ASP OA 91 -65.35 -4.20 -44.93
CA ASP OA 91 -65.08 -3.22 -43.88
C ASP OA 91 -65.11 -3.81 -42.48
N LEU OA 92 -65.19 -5.13 -42.35
CA LEU OA 92 -65.13 -5.74 -41.03
C LEU OA 92 -63.76 -5.52 -40.39
N LEU OA 93 -62.70 -5.77 -41.15
CA LEU OA 93 -61.35 -5.62 -40.62
C LEU OA 93 -60.95 -4.15 -40.61
N GLU OA 94 -60.19 -3.78 -39.58
CA GLU OA 94 -59.74 -2.41 -39.41
C GLU OA 94 -58.50 -2.16 -40.25
N PRO OA 95 -58.06 -0.91 -40.36
CA PRO OA 95 -56.71 -0.65 -40.88
C PRO OA 95 -55.67 -1.29 -39.97
N GLY OA 96 -54.51 -1.55 -40.54
CA GLY OA 96 -53.48 -2.26 -39.80
C GLY OA 96 -53.84 -3.68 -39.45
N CYS OA 97 -54.63 -4.34 -40.30
CA CYS OA 97 -55.05 -5.72 -40.08
C CYS OA 97 -54.78 -6.55 -41.32
N SER OA 98 -54.36 -7.80 -41.12
CA SER OA 98 -54.05 -8.68 -42.23
C SER OA 98 -55.32 -9.07 -42.98
N VAL OA 99 -55.24 -9.06 -44.32
CA VAL OA 99 -56.33 -9.50 -45.18
C VAL OA 99 -55.76 -10.39 -46.27
N LEU OA 100 -56.66 -11.03 -47.01
CA LEU OA 100 -56.25 -11.86 -48.14
C LEU OA 100 -55.95 -10.97 -49.35
N LEU OA 101 -54.86 -11.30 -50.05
CA LEU OA 101 -54.40 -10.48 -51.17
C LEU OA 101 -54.18 -11.34 -52.40
N ASN OA 102 -54.30 -10.69 -53.57
CA ASN OA 102 -53.99 -11.32 -54.84
C ASN OA 102 -52.48 -11.30 -55.09
N HIS OA 103 -52.07 -11.98 -56.15
CA HIS OA 103 -50.68 -11.94 -56.61
C HIS OA 103 -50.51 -11.00 -57.81
N LYS OA 104 -51.39 -11.12 -58.80
CA LYS OA 104 -51.22 -10.38 -60.05
C LYS OA 104 -51.41 -8.88 -59.82
N VAL OA 105 -52.51 -8.50 -59.19
CA VAL OA 105 -52.78 -7.10 -58.85
C VAL OA 105 -52.74 -6.86 -57.36
N HIS OA 106 -52.51 -7.90 -56.55
CA HIS OA 106 -52.53 -7.79 -55.09
C HIS OA 106 -53.84 -7.17 -54.59
N ALA OA 107 -54.93 -7.44 -55.31
CA ALA OA 107 -56.23 -6.96 -54.89
C ALA OA 107 -56.62 -7.55 -53.55
N VAL OA 108 -57.43 -6.81 -52.80
CA VAL OA 108 -57.94 -7.31 -51.54
C VAL OA 108 -58.82 -8.52 -51.85
N ILE OA 109 -58.37 -9.69 -51.45
CA ILE OA 109 -59.12 -10.92 -51.74
C ILE OA 109 -60.17 -11.18 -50.68
N GLY OA 110 -59.86 -10.94 -49.41
CA GLY OA 110 -60.86 -11.12 -48.37
C GLY OA 110 -60.27 -10.94 -46.99
N VAL OA 111 -61.15 -11.08 -46.00
CA VAL OA 111 -60.74 -11.04 -44.61
C VAL OA 111 -59.84 -12.23 -44.31
N LEU OA 112 -58.78 -12.00 -43.54
CA LEU OA 112 -57.86 -13.06 -43.18
C LEU OA 112 -58.58 -14.14 -42.37
N MET OA 113 -57.98 -15.33 -42.34
CA MET OA 113 -58.53 -16.43 -41.59
C MET OA 113 -58.41 -16.15 -40.09
N ASP OA 114 -59.09 -16.98 -39.29
CA ASP OA 114 -59.07 -16.82 -37.84
C ASP OA 114 -57.69 -17.17 -37.32
N ASP OA 115 -56.88 -16.16 -37.06
CA ASP OA 115 -55.50 -16.33 -36.61
C ASP OA 115 -55.44 -16.33 -35.09
N THR OA 116 -54.51 -17.10 -34.55
CA THR OA 116 -54.38 -17.31 -33.11
C THR OA 116 -52.93 -17.12 -32.70
N ASP OA 117 -52.71 -16.40 -31.60
CA ASP OA 117 -51.37 -16.21 -31.08
C ASP OA 117 -50.94 -17.41 -30.25
N PRO OA 118 -49.63 -17.61 -30.05
CA PRO OA 118 -49.18 -18.83 -29.37
C PRO OA 118 -49.37 -18.82 -27.86
N LEU OA 119 -50.19 -17.90 -27.35
CA LEU OA 119 -50.33 -17.73 -25.91
C LEU OA 119 -51.75 -17.94 -25.39
N VAL OA 120 -52.69 -18.38 -26.23
CA VAL OA 120 -54.08 -18.51 -25.80
C VAL OA 120 -54.19 -19.47 -24.62
N THR OA 121 -53.52 -20.63 -24.72
CA THR OA 121 -53.58 -21.61 -23.63
C THR OA 121 -53.10 -21.02 -22.32
N VAL OA 122 -52.17 -20.07 -22.38
CA VAL OA 122 -51.69 -19.40 -21.18
C VAL OA 122 -52.58 -18.21 -20.82
N MET OA 123 -52.99 -17.43 -21.83
CA MET OA 123 -53.84 -16.28 -21.57
C MET OA 123 -55.29 -16.70 -21.38
N LYS OA 124 -55.90 -17.29 -22.42
CA LYS OA 124 -57.26 -17.78 -22.27
C LYS OA 124 -57.26 -19.02 -21.41
N VAL OA 125 -57.44 -18.83 -20.10
CA VAL OA 125 -57.29 -19.90 -19.13
C VAL OA 125 -58.59 -20.69 -19.04
N GLU OA 126 -58.49 -22.02 -19.16
CA GLU OA 126 -59.66 -22.87 -19.06
C GLU OA 126 -60.09 -23.04 -17.61
N GLN OA 130 -53.50 -23.97 -7.84
CA GLN OA 130 -53.50 -23.64 -6.39
C GLN OA 130 -54.31 -22.37 -6.15
N GLU OA 131 -55.22 -22.39 -5.16
CA GLU OA 131 -56.11 -21.25 -4.85
C GLU OA 131 -55.46 -20.25 -3.89
N THR OA 132 -56.23 -19.80 -2.89
CA THR OA 132 -55.75 -18.81 -1.89
C THR OA 132 -54.37 -19.21 -1.36
N TYR OA 133 -54.28 -20.35 -0.67
CA TYR OA 133 -52.99 -20.82 -0.10
C TYR OA 133 -53.09 -22.31 0.26
N ALA OA 134 -52.32 -23.14 -0.43
CA ALA OA 134 -52.30 -24.60 -0.16
C ALA OA 134 -51.36 -24.86 1.02
N ASP OA 135 -50.46 -23.91 1.30
CA ASP OA 135 -49.49 -24.01 2.42
C ASP OA 135 -49.24 -22.60 2.96
N ILE OA 136 -50.20 -22.03 3.69
CA ILE OA 136 -50.09 -20.66 4.27
C ILE OA 136 -48.74 -20.54 5.00
N GLY OA 137 -47.97 -19.50 4.69
CA GLY OA 137 -46.65 -19.29 5.31
C GLY OA 137 -45.74 -18.44 4.44
N GLY OA 138 -46.20 -17.24 4.07
CA GLY OA 138 -45.41 -16.32 3.24
C GLY OA 138 -45.78 -14.87 3.49
N LEU OA 139 -46.11 -14.13 2.42
CA LEU OA 139 -46.50 -12.70 2.55
C LEU OA 139 -47.64 -12.58 3.57
N ASP OA 140 -48.63 -13.49 3.49
CA ASP OA 140 -49.80 -13.47 4.41
C ASP OA 140 -50.41 -12.07 4.45
N ASN OA 141 -49.93 -11.16 3.59
CA ASN OA 141 -50.44 -9.79 3.56
C ASN OA 141 -50.56 -9.26 2.15
N GLN OA 142 -49.49 -9.34 1.37
CA GLN OA 142 -49.53 -8.92 -0.02
C GLN OA 142 -50.57 -9.71 -0.81
N ILE OA 143 -50.90 -10.93 -0.37
CA ILE OA 143 -52.09 -11.60 -0.87
C ILE OA 143 -53.30 -10.70 -0.68
N GLN OA 144 -53.52 -10.27 0.57
CA GLN OA 144 -54.67 -9.42 0.86
C GLN OA 144 -54.59 -8.10 0.11
N GLU OA 145 -53.38 -7.56 -0.05
CA GLU OA 145 -53.27 -6.26 -0.70
C GLU OA 145 -53.53 -6.36 -2.20
N ILE OA 146 -53.02 -7.39 -2.85
CA ILE OA 146 -53.34 -7.57 -4.26
C ILE OA 146 -54.82 -7.90 -4.42
N LYS OA 147 -55.41 -8.57 -3.43
CA LYS OA 147 -56.86 -8.76 -3.42
C LYS OA 147 -57.57 -7.41 -3.46
N GLU OA 148 -57.29 -6.56 -2.46
CA GLU OA 148 -57.92 -5.25 -2.37
C GLU OA 148 -57.61 -4.37 -3.58
N SER OA 149 -56.52 -4.63 -4.28
CA SER OA 149 -56.12 -3.81 -5.42
C SER OA 149 -56.65 -4.33 -6.75
N VAL OA 150 -57.05 -5.59 -6.82
CA VAL OA 150 -57.47 -6.15 -8.08
C VAL OA 150 -58.93 -6.60 -8.01
N GLU OA 151 -59.23 -7.54 -7.11
CA GLU OA 151 -60.55 -8.13 -7.10
C GLU OA 151 -61.59 -7.14 -6.59
N LEU OA 152 -61.37 -6.60 -5.39
CA LEU OA 152 -62.26 -5.59 -4.82
C LEU OA 152 -62.56 -4.44 -5.78
N PRO OA 153 -61.58 -3.82 -6.46
CA PRO OA 153 -61.92 -2.81 -7.46
C PRO OA 153 -62.72 -3.40 -8.62
N LEU OA 154 -62.19 -4.46 -9.21
CA LEU OA 154 -62.79 -5.05 -10.41
C LEU OA 154 -64.20 -5.58 -10.12
N THR OA 155 -64.33 -6.37 -9.06
CA THR OA 155 -65.58 -7.09 -8.84
C THR OA 155 -66.67 -6.17 -8.31
N HIS OA 156 -66.35 -5.35 -7.31
CA HIS OA 156 -67.29 -4.39 -6.75
C HIS OA 156 -66.72 -2.99 -6.93
N PRO OA 157 -66.77 -2.43 -8.14
CA PRO OA 157 -66.43 -1.02 -8.35
C PRO OA 157 -67.57 -0.07 -8.03
N GLU OA 158 -68.23 -0.32 -6.90
CA GLU OA 158 -69.24 0.59 -6.39
C GLU OA 158 -68.73 1.43 -5.23
N TYR OA 159 -67.41 1.51 -5.04
CA TYR OA 159 -66.83 2.32 -3.99
C TYR OA 159 -66.21 3.61 -4.50
N TYR OA 160 -65.69 3.60 -5.73
CA TYR OA 160 -64.97 4.77 -6.23
C TYR OA 160 -65.89 5.95 -6.49
N GLU OA 161 -67.20 5.72 -6.59
CA GLU OA 161 -68.19 6.78 -6.48
C GLU OA 161 -68.78 6.88 -5.07
N GLU OA 162 -68.56 5.87 -4.23
CA GLU OA 162 -69.00 5.93 -2.85
C GLU OA 162 -68.10 6.81 -1.98
N MET OA 163 -66.82 6.92 -2.34
CA MET OA 163 -65.91 7.80 -1.62
C MET OA 163 -65.09 8.67 -2.57
N GLY OA 164 -65.65 8.98 -3.73
CA GLY OA 164 -64.99 9.85 -4.69
C GLY OA 164 -63.59 9.41 -5.07
N ILE OA 165 -63.39 8.11 -5.29
CA ILE OA 165 -62.07 7.55 -5.49
C ILE OA 165 -61.97 7.03 -6.92
N LYS OA 166 -60.80 6.47 -7.24
CA LYS OA 166 -60.54 5.84 -8.51
C LYS OA 166 -59.87 4.50 -8.30
N PRO OA 167 -60.22 3.49 -9.09
CA PRO OA 167 -59.62 2.18 -8.91
C PRO OA 167 -58.13 2.22 -9.19
N PRO OA 168 -57.35 1.32 -8.59
CA PRO OA 168 -55.91 1.26 -8.90
C PRO OA 168 -55.67 0.75 -10.31
N LYS OA 169 -55.26 1.65 -11.21
CA LYS OA 169 -55.07 1.29 -12.60
C LYS OA 169 -53.81 0.46 -12.82
N GLY OA 170 -52.95 0.35 -11.82
CA GLY OA 170 -51.74 -0.45 -11.94
C GLY OA 170 -50.93 -0.56 -10.66
N VAL OA 171 -50.46 -1.76 -10.36
CA VAL OA 171 -49.58 -2.01 -9.24
C VAL OA 171 -48.35 -2.77 -9.73
N ILE OA 172 -47.22 -2.54 -9.09
CA ILE OA 172 -45.99 -3.27 -9.39
C ILE OA 172 -45.56 -4.01 -8.14
N LEU OA 173 -45.15 -5.27 -8.32
CA LEU OA 173 -44.67 -6.09 -7.24
C LEU OA 173 -43.35 -6.70 -7.67
N TYR OA 174 -42.37 -6.71 -6.77
CA TYR OA 174 -40.99 -6.96 -7.16
C TYR OA 174 -40.21 -7.45 -5.95
N GLY OA 175 -38.92 -7.72 -6.16
CA GLY OA 175 -38.03 -8.21 -5.10
C GLY OA 175 -36.99 -9.20 -5.61
N PRO OA 176 -36.68 -10.28 -4.86
CA PRO OA 176 -35.69 -11.28 -5.29
C PRO OA 176 -36.22 -12.24 -6.37
N PRO OA 177 -35.36 -13.09 -6.96
CA PRO OA 177 -35.79 -14.04 -8.00
C PRO OA 177 -36.65 -15.17 -7.40
N GLY OA 178 -37.84 -14.83 -6.89
CA GLY OA 178 -38.76 -15.80 -6.29
C GLY OA 178 -38.84 -15.65 -4.78
N THR OA 179 -39.81 -14.87 -4.30
CA THR OA 179 -40.00 -14.65 -2.84
C THR OA 179 -41.49 -14.59 -2.52
N GLY OA 180 -42.32 -14.21 -3.50
CA GLY OA 180 -43.78 -14.11 -3.32
C GLY OA 180 -44.40 -13.06 -4.22
N LYS OA 181 -43.71 -12.72 -5.32
CA LYS OA 181 -44.21 -11.70 -6.28
C LYS OA 181 -45.18 -12.37 -7.27
N THR OA 182 -44.65 -13.16 -8.20
CA THR OA 182 -45.49 -13.86 -9.21
C THR OA 182 -46.26 -15.00 -8.53
N LEU OA 183 -45.69 -15.57 -7.46
CA LEU OA 183 -46.35 -16.67 -6.70
C LEU OA 183 -47.74 -16.19 -6.24
N LEU OA 184 -47.80 -14.99 -5.67
CA LEU OA 184 -49.08 -14.41 -5.19
C LEU OA 184 -50.05 -14.28 -6.37
N ALA OA 185 -49.54 -13.81 -7.52
CA ALA OA 185 -50.37 -13.65 -8.74
C ALA OA 185 -50.91 -15.02 -9.17
N LYS OA 186 -50.07 -16.05 -9.09
CA LYS OA 186 -50.48 -17.43 -9.47
C LYS OA 186 -51.59 -17.90 -8.54
N ALA OA 187 -51.47 -17.56 -7.24
CA ALA OA 187 -52.49 -17.94 -6.23
C ALA OA 187 -53.70 -17.02 -6.36
N VAL OA 188 -53.49 -15.82 -6.91
CA VAL OA 188 -54.59 -14.82 -7.11
C VAL OA 188 -55.39 -15.23 -8.35
N ALA OA 189 -54.76 -16.00 -9.26
CA ALA OA 189 -55.43 -16.46 -10.50
C ALA OA 189 -56.60 -17.37 -10.12
N ASN OA 190 -56.41 -18.22 -9.12
CA ASN OA 190 -57.47 -19.16 -8.64
C ASN OA 190 -58.36 -18.43 -7.64
N GLN OA 191 -57.77 -17.53 -6.84
CA GLN OA 191 -58.53 -16.77 -5.83
C GLN OA 191 -59.10 -15.52 -6.49
N THR OA 192 -60.17 -15.71 -7.27
CA THR OA 192 -60.86 -14.60 -7.90
C THR OA 192 -62.17 -15.10 -8.48
N SER OA 193 -63.15 -14.20 -8.56
CA SER OA 193 -64.43 -14.48 -9.19
C SER OA 193 -64.39 -14.23 -10.70
N ALA OA 194 -63.20 -14.16 -11.29
CA ALA OA 194 -63.04 -13.89 -12.70
C ALA OA 194 -62.04 -14.89 -13.31
N THR OA 195 -62.14 -15.07 -14.63
CA THR OA 195 -61.21 -15.95 -15.32
C THR OA 195 -59.91 -15.18 -15.56
N PHE OA 196 -58.92 -15.47 -14.72
CA PHE OA 196 -57.62 -14.83 -14.83
C PHE OA 196 -56.94 -15.19 -16.15
N LEU OA 197 -55.98 -14.37 -16.56
CA LEU OA 197 -55.17 -14.64 -17.74
C LEU OA 197 -53.69 -14.60 -17.37
N ARG OA 198 -52.94 -15.60 -17.85
CA ARG OA 198 -51.49 -15.66 -17.66
C ARG OA 198 -50.81 -15.21 -18.94
N VAL OA 199 -49.97 -14.19 -18.82
CA VAL OA 199 -49.24 -13.64 -19.96
C VAL OA 199 -47.79 -13.48 -19.54
N VAL OA 200 -46.92 -14.39 -19.99
CA VAL OA 200 -45.50 -14.24 -19.71
C VAL OA 200 -44.98 -13.00 -20.43
N GLY OA 201 -44.23 -12.17 -19.70
CA GLY OA 201 -43.71 -10.95 -20.30
C GLY OA 201 -42.91 -11.19 -21.57
N SER OA 202 -42.23 -12.33 -21.66
CA SER OA 202 -41.49 -12.68 -22.86
C SER OA 202 -42.35 -13.35 -23.92
N GLU OA 203 -43.56 -13.80 -23.55
CA GLU OA 203 -44.49 -14.30 -24.55
C GLU OA 203 -44.77 -13.26 -25.63
N LEU OA 204 -44.67 -11.99 -25.28
CA LEU OA 204 -44.90 -10.89 -26.21
C LEU OA 204 -43.67 -10.56 -27.04
N ILE OA 205 -42.68 -11.45 -27.08
CA ILE OA 205 -41.48 -11.21 -27.85
C ILE OA 205 -41.49 -12.08 -29.10
N GLN OA 206 -42.03 -11.54 -30.20
CA GLN OA 206 -42.00 -12.19 -31.50
C GLN OA 206 -41.51 -11.18 -32.53
N LYS OA 207 -40.47 -11.55 -33.27
CA LYS OA 207 -39.80 -10.61 -34.16
C LYS OA 207 -40.51 -10.43 -35.49
N TYR OA 208 -41.69 -11.02 -35.67
CA TYR OA 208 -42.44 -10.78 -36.90
C TYR OA 208 -42.89 -9.33 -36.97
N LEU OA 209 -43.08 -8.85 -38.20
CA LEU OA 209 -43.39 -7.45 -38.42
C LEU OA 209 -44.68 -7.07 -37.70
N GLY OA 210 -44.56 -6.22 -36.69
CA GLY OA 210 -45.70 -5.83 -35.90
C GLY OA 210 -46.27 -6.92 -35.01
N ASP OA 211 -45.60 -8.08 -34.93
CA ASP OA 211 -46.10 -9.16 -34.08
C ASP OA 211 -46.17 -8.73 -32.62
N GLY OA 212 -45.29 -7.82 -32.21
CA GLY OA 212 -45.42 -7.20 -30.92
C GLY OA 212 -46.74 -6.46 -30.80
N PRO OA 213 -46.92 -5.43 -31.64
CA PRO OA 213 -48.22 -4.78 -31.72
C PRO OA 213 -49.35 -5.71 -32.09
N LYS OA 214 -49.09 -6.77 -32.86
CA LYS OA 214 -50.15 -7.73 -33.18
C LYS OA 214 -50.65 -8.44 -31.93
N LEU OA 215 -49.72 -8.92 -31.10
CA LEU OA 215 -50.12 -9.56 -29.85
C LEU OA 215 -50.76 -8.57 -28.89
N VAL OA 216 -50.28 -7.32 -28.89
CA VAL OA 216 -50.95 -6.28 -28.11
C VAL OA 216 -52.41 -6.17 -28.54
N ARG OA 217 -52.64 -5.99 -29.84
CA ARG OA 217 -54.00 -5.89 -30.37
C ARG OA 217 -54.83 -7.10 -30.00
N GLU OA 218 -54.29 -8.30 -30.18
CA GLU OA 218 -55.05 -9.52 -29.93
C GLU OA 218 -55.42 -9.64 -28.46
N LEU OA 219 -54.42 -9.62 -27.58
CA LEU OA 219 -54.66 -9.78 -26.15
C LEU OA 219 -55.54 -8.65 -25.62
N PHE OA 220 -55.50 -7.48 -26.26
CA PHE OA 220 -56.30 -6.37 -25.75
C PHE OA 220 -57.72 -6.45 -26.24
N ARG OA 221 -57.92 -6.87 -27.50
CA ARG OA 221 -59.26 -7.22 -27.94
C ARG OA 221 -59.85 -8.32 -27.08
N VAL OA 222 -58.99 -9.20 -26.54
CA VAL OA 222 -59.44 -10.16 -25.55
C VAL OA 222 -59.89 -9.44 -24.28
N ALA OA 223 -58.97 -8.72 -23.64
CA ALA OA 223 -59.26 -8.08 -22.36
C ALA OA 223 -60.50 -7.18 -22.45
N GLU OA 224 -60.75 -6.61 -23.62
CA GLU OA 224 -61.86 -5.69 -23.80
C GLU OA 224 -63.08 -6.36 -24.42
N GLU OA 225 -62.90 -7.32 -25.32
CA GLU OA 225 -64.02 -7.95 -26.02
C GLU OA 225 -64.03 -9.45 -25.77
N HIS OA 226 -63.44 -9.90 -24.67
CA HIS OA 226 -63.75 -11.23 -24.15
C HIS OA 226 -64.54 -11.13 -22.86
N ALA OA 227 -64.02 -10.46 -21.84
CA ALA OA 227 -64.71 -10.32 -20.57
C ALA OA 227 -63.93 -9.37 -19.68
N PRO OA 228 -64.45 -9.01 -18.51
CA PRO OA 228 -63.55 -8.40 -17.51
C PRO OA 228 -62.61 -9.48 -16.99
N SER OA 229 -61.38 -9.46 -17.48
CA SER OA 229 -60.43 -10.55 -17.22
C SER OA 229 -59.30 -10.02 -16.36
N ILE OA 230 -58.35 -10.91 -16.08
CA ILE OA 230 -57.18 -10.61 -15.27
C ILE OA 230 -55.97 -10.93 -16.13
N VAL OA 231 -55.49 -9.96 -16.89
CA VAL OA 231 -54.39 -10.15 -17.83
C VAL OA 231 -53.10 -9.94 -17.06
N PHE OA 232 -52.62 -10.97 -16.40
CA PHE OA 232 -51.43 -10.88 -15.56
C PHE OA 232 -50.20 -11.07 -16.44
N ILE OA 233 -49.28 -10.11 -16.36
CA ILE OA 233 -48.03 -10.14 -17.12
C ILE OA 233 -46.88 -9.94 -16.14
N ASP OA 234 -45.99 -10.92 -16.08
CA ASP OA 234 -44.88 -10.94 -15.11
C ASP OA 234 -43.55 -10.73 -15.82
N GLU OA 235 -42.53 -10.42 -15.01
CA GLU OA 235 -41.18 -10.16 -15.50
C GLU OA 235 -41.20 -9.17 -16.66
N ILE OA 236 -41.99 -8.11 -16.51
CA ILE OA 236 -42.13 -7.10 -17.55
C ILE OA 236 -41.03 -6.07 -17.53
N ASP OA 237 -40.03 -6.24 -16.67
CA ASP OA 237 -38.91 -5.32 -16.55
C ASP OA 237 -37.85 -5.52 -17.63
N ALA OA 238 -38.20 -6.15 -18.75
CA ALA OA 238 -37.25 -6.52 -19.80
C ALA OA 238 -37.04 -5.41 -20.81
N ILE OA 239 -36.48 -4.27 -20.40
CA ILE OA 239 -36.14 -3.21 -21.32
C ILE OA 239 -34.75 -2.63 -21.04
N GLY OA 240 -34.03 -3.17 -20.05
CA GLY OA 240 -32.93 -2.42 -19.47
C GLY OA 240 -31.49 -2.63 -19.94
N THR OA 241 -30.96 -3.85 -19.91
CA THR OA 241 -29.51 -3.98 -19.96
C THR OA 241 -29.01 -5.22 -20.70
N LYS OA 242 -29.84 -5.82 -21.55
CA LYS OA 242 -29.45 -7.03 -22.25
C LYS OA 242 -30.01 -7.00 -23.67
N ARG OA 243 -29.72 -8.06 -24.42
CA ARG OA 243 -30.16 -8.17 -25.81
C ARG OA 243 -30.37 -9.64 -26.15
N TYR OA 244 -30.66 -9.90 -27.42
CA TYR OA 244 -30.92 -11.26 -27.88
C TYR OA 244 -30.15 -11.54 -29.16
N ASP OA 245 -30.02 -12.83 -29.47
CA ASP OA 245 -29.55 -13.26 -30.78
C ASP OA 245 -30.72 -13.56 -31.71
N SER OA 246 -31.81 -14.13 -31.18
CA SER OA 246 -33.02 -14.35 -31.94
C SER OA 246 -33.87 -13.08 -31.95
N ASN OA 247 -33.28 -11.95 -32.31
CA ASN OA 247 -33.98 -10.68 -32.29
C ASN OA 247 -33.14 -9.64 -33.02
N SER OA 248 -33.82 -8.66 -33.62
CA SER OA 248 -33.17 -7.59 -34.35
C SER OA 248 -32.93 -6.41 -33.41
N GLY OA 249 -32.54 -5.26 -33.98
CA GLY OA 249 -32.27 -4.08 -33.21
C GLY OA 249 -33.48 -3.55 -32.46
N GLY OA 250 -33.46 -3.68 -31.13
CA GLY OA 250 -34.64 -3.32 -30.34
C GLY OA 250 -34.90 -1.83 -30.27
N GLU OA 251 -33.87 -1.01 -30.54
CA GLU OA 251 -34.07 0.43 -30.58
C GLU OA 251 -35.14 0.83 -31.59
N ARG OA 252 -35.35 -0.01 -32.62
CA ARG OA 252 -36.36 0.27 -33.63
C ARG OA 252 -37.19 -0.96 -33.98
N GLU OA 253 -37.20 -1.98 -33.13
CA GLU OA 253 -38.02 -3.17 -33.32
C GLU OA 253 -39.12 -3.29 -32.27
N ILE OA 254 -38.78 -3.20 -30.99
CA ILE OA 254 -39.76 -3.25 -29.92
C ILE OA 254 -40.04 -1.88 -29.34
N GLN OA 255 -39.43 -0.82 -29.87
CA GLN OA 255 -39.71 0.53 -29.39
C GLN OA 255 -41.12 0.94 -29.76
N ARG OA 256 -41.46 0.89 -31.04
CA ARG OA 256 -42.84 1.16 -31.45
C ARG OA 256 -43.79 0.11 -30.92
N THR OA 257 -43.30 -1.11 -30.70
CA THR OA 257 -44.11 -2.14 -30.05
C THR OA 257 -44.55 -1.69 -28.67
N MET OA 258 -43.59 -1.22 -27.85
CA MET OA 258 -43.93 -0.71 -26.53
C MET OA 258 -44.79 0.54 -26.62
N LEU OA 259 -44.57 1.35 -27.65
CA LEU OA 259 -45.44 2.51 -27.87
C LEU OA 259 -46.88 2.07 -28.05
N GLU OA 260 -47.11 1.08 -28.90
CA GLU OA 260 -48.45 0.53 -29.10
C GLU OA 260 -49.00 -0.04 -27.81
N LEU OA 261 -48.19 -0.82 -27.09
CA LEU OA 261 -48.65 -1.44 -25.86
C LEU OA 261 -49.06 -0.39 -24.83
N LEU OA 262 -48.27 0.68 -24.69
CA LEU OA 262 -48.59 1.73 -23.74
C LEU OA 262 -49.83 2.50 -24.16
N ASN OA 263 -49.90 2.91 -25.44
CA ASN OA 263 -51.08 3.60 -25.95
C ASN OA 263 -52.32 2.74 -25.79
N GLN OA 264 -52.17 1.42 -25.78
CA GLN OA 264 -53.31 0.54 -25.65
C GLN OA 264 -53.74 0.40 -24.18
N LEU OA 265 -52.83 -0.03 -23.31
CA LEU OA 265 -53.21 -0.39 -21.96
C LEU OA 265 -53.75 0.77 -21.13
N ASP OA 266 -52.91 1.76 -20.84
CA ASP OA 266 -53.28 2.82 -19.90
C ASP OA 266 -53.37 4.18 -20.59
N GLY OA 267 -53.40 4.20 -21.91
CA GLY OA 267 -53.54 5.45 -22.64
C GLY OA 267 -54.88 5.50 -23.36
N PHE OA 268 -54.84 5.61 -24.68
CA PHE OA 268 -56.07 5.47 -25.45
C PHE OA 268 -56.63 4.05 -25.30
N ASP OA 269 -57.88 3.88 -25.70
CA ASP OA 269 -58.68 2.70 -25.40
C ASP OA 269 -58.42 2.26 -23.96
N SER OA 270 -58.73 3.17 -23.05
CA SER OA 270 -58.23 3.12 -21.69
C SER OA 270 -58.86 1.95 -20.91
N ARG OA 271 -58.53 1.91 -19.62
CA ARG OA 271 -58.87 0.76 -18.79
C ARG OA 271 -60.36 0.46 -18.81
N GLY OA 272 -61.16 1.38 -18.28
CA GLY OA 272 -62.54 1.04 -18.01
C GLY OA 272 -62.56 0.16 -16.78
N ASP OA 273 -62.77 -1.14 -16.98
CA ASP OA 273 -62.42 -2.17 -15.99
C ASP OA 273 -61.68 -3.26 -16.76
N VAL OA 274 -60.39 -3.04 -17.00
CA VAL OA 274 -59.52 -3.99 -17.69
C VAL OA 274 -58.28 -4.13 -16.84
N LYS OA 275 -58.26 -5.15 -15.97
CA LYS OA 275 -57.18 -5.32 -15.00
C LYS OA 275 -55.98 -5.96 -15.68
N VAL OA 276 -55.01 -5.14 -16.06
CA VAL OA 276 -53.72 -5.61 -16.58
C VAL OA 276 -52.65 -4.92 -15.74
N ILE OA 277 -52.22 -5.58 -14.68
CA ILE OA 277 -51.28 -5.02 -13.72
C ILE OA 277 -49.90 -5.61 -13.98
N MET OA 278 -48.86 -4.79 -13.81
CA MET OA 278 -47.51 -5.13 -14.23
C MET OA 278 -46.61 -5.23 -12.99
N ALA OA 279 -46.30 -6.45 -12.57
CA ALA OA 279 -45.35 -6.70 -11.51
C ALA OA 279 -43.98 -7.04 -12.10
N THR OA 280 -42.98 -7.04 -11.24
CA THR OA 280 -41.58 -7.11 -11.69
C THR OA 280 -40.77 -7.86 -10.66
N ASN OA 281 -39.45 -7.61 -10.70
CA ASN OA 281 -38.46 -8.20 -9.77
C ASN OA 281 -37.44 -7.12 -9.38
N ARG OA 282 -37.14 -6.21 -10.33
CA ARG OA 282 -36.20 -5.08 -10.11
C ARG OA 282 -36.99 -3.77 -9.94
N ILE OA 283 -36.28 -2.64 -9.98
CA ILE OA 283 -36.91 -1.33 -9.83
C ILE OA 283 -36.26 -0.30 -10.75
N GLU OA 284 -35.14 -0.66 -11.36
CA GLU OA 284 -34.18 0.33 -11.85
C GLU OA 284 -34.26 0.58 -13.35
N THR OA 285 -34.05 -0.45 -14.16
CA THR OA 285 -33.68 -0.34 -15.55
C THR OA 285 -34.81 0.15 -16.46
N LEU OA 286 -35.86 0.74 -15.91
CA LEU OA 286 -37.08 0.99 -16.67
C LEU OA 286 -37.14 2.41 -17.20
N ASP OA 287 -37.96 2.59 -18.23
CA ASP OA 287 -38.20 3.91 -18.81
C ASP OA 287 -39.20 4.67 -17.94
N PRO OA 288 -38.84 5.84 -17.41
CA PRO OA 288 -39.76 6.57 -16.51
C PRO OA 288 -40.95 7.18 -17.21
N ALA OA 289 -41.14 6.89 -18.50
CA ALA OA 289 -42.36 7.28 -19.19
C ALA OA 289 -43.61 6.69 -18.54
N LEU OA 290 -43.44 5.71 -17.65
CA LEU OA 290 -44.54 5.11 -16.92
C LEU OA 290 -44.34 5.12 -15.41
N ILE OA 291 -43.15 5.48 -14.93
CA ILE OA 291 -42.94 5.67 -13.49
C ILE OA 291 -43.93 6.68 -12.95
N ARG OA 292 -44.20 7.73 -13.71
CA ARG OA 292 -45.24 8.70 -13.39
C ARG OA 292 -46.57 7.98 -13.19
N PRO OA 293 -47.41 8.44 -12.27
CA PRO OA 293 -48.68 7.75 -12.02
C PRO OA 293 -49.62 7.82 -13.21
N GLY OA 294 -50.79 7.21 -13.07
CA GLY OA 294 -51.69 7.03 -14.20
C GLY OA 294 -51.41 5.73 -14.90
N ARG OA 295 -50.26 5.64 -15.57
CA ARG OA 295 -49.82 4.40 -16.18
C ARG OA 295 -49.92 3.25 -15.20
N ILE OA 296 -49.26 3.37 -14.05
CA ILE OA 296 -49.40 2.44 -12.94
C ILE OA 296 -49.34 3.25 -11.65
N ASP OA 297 -50.24 2.93 -10.72
CA ASP OA 297 -50.41 3.74 -9.52
C ASP OA 297 -49.58 3.22 -8.36
N ARG OA 298 -49.84 1.99 -7.93
CA ARG OA 298 -49.24 1.45 -6.72
C ARG OA 298 -48.03 0.59 -7.04
N LYS OA 299 -47.26 0.28 -6.00
CA LYS OA 299 -46.04 -0.50 -6.12
C LYS OA 299 -45.82 -1.24 -4.82
N ILE OA 300 -45.31 -2.46 -4.92
CA ILE OA 300 -45.11 -3.34 -3.77
C ILE OA 300 -43.81 -4.11 -3.96
N GLU OA 301 -43.12 -4.38 -2.86
CA GLU OA 301 -41.89 -5.16 -2.91
C GLU OA 301 -42.09 -6.48 -2.19
N PHE OA 302 -41.00 -7.23 -2.07
CA PHE OA 302 -41.05 -8.52 -1.38
C PHE OA 302 -39.75 -8.82 -0.67
N PRO OA 303 -39.75 -8.87 0.65
CA PRO OA 303 -38.57 -9.32 1.38
C PRO OA 303 -38.47 -10.84 1.36
N LEU OA 304 -37.57 -11.33 2.06
CA LEU OA 304 -37.68 -12.77 2.15
C LEU OA 304 -38.39 -13.15 3.44
N PRO OA 305 -39.07 -14.30 3.47
CA PRO OA 305 -39.91 -14.64 4.63
C PRO OA 305 -39.11 -14.72 5.91
N ASP OA 306 -39.81 -14.53 7.03
CA ASP OA 306 -39.21 -14.47 8.35
C ASP OA 306 -39.30 -15.82 9.05
N GLU OA 307 -38.74 -15.88 10.26
CA GLU OA 307 -38.77 -17.10 11.07
C GLU OA 307 -40.19 -17.66 11.18
N LYS OA 308 -41.16 -16.80 11.53
CA LYS OA 308 -42.55 -17.24 11.60
C LYS OA 308 -42.99 -17.85 10.28
N THR OA 309 -42.59 -17.25 9.16
CA THR OA 309 -42.86 -17.79 7.85
C THR OA 309 -41.84 -18.84 7.42
N LYS OA 310 -40.63 -18.81 7.99
CA LYS OA 310 -39.65 -19.84 7.69
C LYS OA 310 -40.13 -21.20 8.17
N LYS OA 311 -40.51 -21.30 9.45
CA LYS OA 311 -41.11 -22.53 9.96
C LYS OA 311 -42.35 -22.91 9.16
N ARG OA 312 -43.12 -21.91 8.74
CA ARG OA 312 -44.33 -22.15 7.96
C ARG OA 312 -44.01 -22.89 6.67
N ILE OA 313 -43.16 -22.29 5.83
CA ILE OA 313 -42.88 -22.91 4.54
C ILE OA 313 -42.01 -24.15 4.72
N PHE OA 314 -41.31 -24.26 5.84
CA PHE OA 314 -40.66 -25.53 6.18
C PHE OA 314 -41.69 -26.64 6.32
N GLN OA 315 -42.59 -26.49 7.30
CA GLN OA 315 -43.67 -27.46 7.49
C GLN OA 315 -44.45 -27.69 6.21
N ILE OA 316 -44.53 -26.67 5.35
CA ILE OA 316 -45.13 -26.84 4.04
C ILE OA 316 -44.32 -27.82 3.20
N HIS OA 317 -43.00 -27.64 3.19
CA HIS OA 317 -42.12 -28.45 2.37
C HIS OA 317 -41.58 -29.67 3.09
N THR OA 318 -41.17 -29.51 4.36
CA THR OA 318 -40.74 -30.68 5.14
C THR OA 318 -41.85 -31.70 5.33
N SER OA 319 -43.10 -31.35 5.04
CA SER OA 319 -44.18 -32.31 5.10
C SER OA 319 -44.08 -33.35 3.98
N ARG OA 320 -43.43 -33.00 2.87
CA ARG OA 320 -43.29 -33.91 1.73
C ARG OA 320 -42.36 -35.08 2.03
N MET OA 321 -41.90 -35.20 3.27
CA MET OA 321 -40.98 -36.26 3.66
C MET OA 321 -41.30 -36.65 5.10
N THR OA 322 -41.15 -37.93 5.41
CA THR OA 322 -41.32 -38.40 6.78
C THR OA 322 -40.17 -37.84 7.60
N LEU OA 323 -40.43 -36.72 8.29
CA LEU OA 323 -39.36 -35.93 8.88
C LEU OA 323 -38.70 -36.67 10.03
N ALA OA 324 -37.36 -36.76 9.97
CA ALA OA 324 -36.61 -37.13 11.15
C ALA OA 324 -36.61 -35.92 12.07
N ASP OA 325 -37.56 -35.88 13.00
CA ASP OA 325 -37.85 -34.69 13.79
C ASP OA 325 -36.67 -34.25 14.66
N ASP OA 326 -35.62 -35.08 14.76
CA ASP OA 326 -34.44 -34.68 15.51
C ASP OA 326 -33.63 -33.61 14.78
N VAL OA 327 -33.81 -33.48 13.47
CA VAL OA 327 -33.16 -32.40 12.75
C VAL OA 327 -33.78 -31.08 13.17
N THR OA 328 -32.96 -30.03 13.19
CA THR OA 328 -33.35 -28.74 13.74
C THR OA 328 -33.71 -27.80 12.61
N LEU OA 329 -35.01 -27.68 12.31
CA LEU OA 329 -35.45 -26.69 11.33
C LEU OA 329 -35.00 -25.30 11.72
N ASP OA 330 -35.01 -24.98 13.02
CA ASP OA 330 -34.65 -23.63 13.47
C ASP OA 330 -33.19 -23.31 13.17
N ASP OA 331 -32.31 -24.32 13.20
CA ASP OA 331 -30.93 -24.08 12.79
C ASP OA 331 -30.87 -23.72 11.32
N LEU OA 332 -31.57 -24.49 10.48
CA LEU OA 332 -31.70 -24.12 9.07
C LEU OA 332 -32.38 -22.78 8.92
N ILE OA 333 -33.30 -22.45 9.83
CA ILE OA 333 -34.08 -21.23 9.71
C ILE OA 333 -33.22 -20.00 10.01
N MET OA 334 -32.35 -20.09 11.02
CA MET OA 334 -31.53 -18.95 11.40
C MET OA 334 -30.26 -18.87 10.58
N ALA OA 335 -29.62 -20.01 10.29
CA ALA OA 335 -28.49 -20.02 9.38
C ALA OA 335 -28.93 -19.51 8.02
N LYS OA 336 -29.86 -20.24 7.39
CA LYS OA 336 -30.50 -19.78 6.15
C LYS OA 336 -31.62 -18.84 6.54
N ASP OA 337 -31.25 -17.65 6.97
CA ASP OA 337 -32.19 -16.62 7.38
C ASP OA 337 -32.63 -15.73 6.23
N ASP OA 338 -32.13 -15.97 5.02
CA ASP OA 338 -32.50 -15.24 3.81
C ASP OA 338 -32.94 -16.22 2.74
N LEU OA 339 -33.87 -17.10 3.11
CA LEU OA 339 -34.41 -18.11 2.17
C LEU OA 339 -35.55 -17.47 1.36
N SER OA 340 -35.23 -16.97 0.17
CA SER OA 340 -36.24 -16.32 -0.72
C SER OA 340 -37.48 -17.21 -0.86
N GLY OA 341 -37.27 -18.48 -1.22
CA GLY OA 341 -38.37 -19.45 -1.39
C GLY OA 341 -37.97 -20.63 -2.25
N ALA OA 342 -36.85 -20.49 -2.96
CA ALA OA 342 -36.34 -21.58 -3.84
C ALA OA 342 -35.53 -22.58 -3.02
N ASP OA 343 -34.63 -22.07 -2.16
CA ASP OA 343 -33.79 -22.94 -1.31
C ASP OA 343 -34.68 -23.89 -0.50
N ILE OA 344 -35.72 -23.35 0.15
CA ILE OA 344 -36.66 -24.17 0.96
C ILE OA 344 -37.16 -25.34 0.11
N LYS OA 345 -37.81 -25.05 -1.01
CA LYS OA 345 -38.33 -26.12 -1.92
C LYS OA 345 -37.18 -27.03 -2.34
N ALA OA 346 -36.22 -26.48 -3.10
CA ALA OA 346 -35.07 -27.25 -3.56
C ALA OA 346 -34.40 -27.99 -2.43
N ILE OA 347 -34.22 -27.33 -1.28
CA ILE OA 347 -33.50 -27.95 -0.17
C ILE OA 347 -34.23 -29.18 0.32
N CYS OA 348 -35.55 -29.07 0.53
CA CYS OA 348 -36.30 -30.21 1.05
C CYS OA 348 -36.41 -31.31 0.01
N THR OA 349 -36.64 -30.96 -1.27
CA THR OA 349 -36.69 -31.98 -2.30
C THR OA 349 -35.38 -32.74 -2.39
N GLU OA 350 -34.26 -32.01 -2.38
CA GLU OA 350 -32.96 -32.67 -2.48
C GLU OA 350 -32.61 -33.41 -1.19
N ALA OA 351 -33.14 -32.98 -0.04
CA ALA OA 351 -32.95 -33.75 1.19
C ALA OA 351 -33.68 -35.09 1.10
N GLY OA 352 -34.92 -35.06 0.61
CA GLY OA 352 -35.62 -36.29 0.34
C GLY OA 352 -34.87 -37.18 -0.64
N LEU OA 353 -34.25 -36.56 -1.65
CA LEU OA 353 -33.46 -37.32 -2.62
C LEU OA 353 -32.24 -37.95 -1.95
N MET OA 354 -31.50 -37.16 -1.17
CA MET OA 354 -30.36 -37.67 -0.41
C MET OA 354 -30.76 -38.90 0.41
N ALA OA 355 -31.82 -38.77 1.19
CA ALA OA 355 -32.27 -39.87 2.04
C ALA OA 355 -32.69 -41.07 1.19
N LEU OA 356 -33.72 -40.89 0.37
CA LEU OA 356 -34.28 -41.97 -0.43
C LEU OA 356 -33.31 -42.53 -1.46
N ARG OA 357 -32.13 -41.93 -1.62
CA ARG OA 357 -31.04 -42.65 -2.29
C ARG OA 357 -30.67 -43.89 -1.51
N GLU OA 358 -30.72 -43.81 -0.18
CA GLU OA 358 -30.52 -44.96 0.70
C GLU OA 358 -31.82 -45.68 1.02
N ARG OA 359 -32.96 -45.21 0.49
CA ARG OA 359 -34.26 -45.83 0.73
C ARG OA 359 -34.64 -45.78 2.21
N ARG OA 360 -34.15 -44.77 2.92
CA ARG OA 360 -34.52 -44.56 4.31
C ARG OA 360 -35.81 -43.78 4.41
N MET OA 361 -36.57 -44.02 5.48
CA MET OA 361 -37.79 -43.23 5.70
C MET OA 361 -37.47 -41.91 6.36
N LYS OA 362 -36.71 -41.92 7.44
CA LYS OA 362 -36.27 -40.69 8.07
C LYS OA 362 -35.13 -40.07 7.27
N VAL OA 363 -34.88 -38.79 7.54
CA VAL OA 363 -33.83 -38.04 6.87
C VAL OA 363 -32.94 -37.46 7.95
N THR OA 364 -31.78 -38.09 8.17
CA THR OA 364 -30.86 -37.61 9.19
C THR OA 364 -30.42 -36.18 8.88
N ASN OA 365 -29.88 -35.52 9.90
CA ASN OA 365 -29.53 -34.10 9.76
C ASN OA 365 -28.48 -33.88 8.69
N GLU OA 366 -27.53 -34.81 8.55
CA GLU OA 366 -26.45 -34.65 7.57
C GLU OA 366 -27.00 -34.55 6.16
N ASP OA 367 -28.06 -35.30 5.86
CA ASP OA 367 -28.66 -35.23 4.53
C ASP OA 367 -29.22 -33.83 4.27
N PHE OA 368 -29.84 -33.24 5.29
CA PHE OA 368 -30.32 -31.86 5.15
C PHE OA 368 -29.16 -30.90 4.95
N LYS OA 369 -28.07 -31.10 5.70
CA LYS OA 369 -26.89 -30.26 5.52
C LYS OA 369 -26.39 -30.33 4.08
N LYS OA 370 -26.28 -31.54 3.54
CA LYS OA 370 -25.76 -31.71 2.19
C LYS OA 370 -26.71 -31.11 1.16
N SER OA 371 -28.01 -31.38 1.30
CA SER OA 371 -29.00 -30.81 0.40
C SER OA 371 -28.90 -29.29 0.38
N LYS OA 372 -28.93 -28.66 1.56
CA LYS OA 372 -28.90 -27.20 1.60
C LYS OA 372 -27.60 -26.66 1.04
N GLU OA 373 -26.46 -27.23 1.45
CA GLU OA 373 -25.18 -26.68 1.02
C GLU OA 373 -24.95 -26.86 -0.47
N ASN OA 374 -25.47 -27.94 -1.05
CA ASN OA 374 -25.52 -28.02 -2.50
C ASN OA 374 -26.39 -26.91 -3.06
N VAL OA 375 -27.59 -26.75 -2.51
CA VAL OA 375 -28.45 -25.63 -2.91
C VAL OA 375 -27.78 -24.30 -2.55
N LEU OA 376 -27.14 -24.24 -1.39
CA LEU OA 376 -26.60 -22.99 -0.87
C LEU OA 376 -25.09 -22.98 -1.08
N TYR OA 377 -24.69 -22.58 -2.29
CA TYR OA 377 -23.31 -22.27 -2.61
C TYR OA 377 -22.99 -20.85 -2.14
N LYS OA 378 -21.70 -20.52 -2.16
CA LYS OA 378 -21.21 -19.14 -2.09
C LYS OA 378 -21.84 -18.36 -0.93
N LYS OA 379 -22.17 -19.07 0.14
CA LYS OA 379 -22.80 -18.45 1.31
C LYS OA 379 -21.77 -18.42 2.43
N GLN OA 380 -21.41 -17.20 2.85
CA GLN OA 380 -20.51 -16.97 3.99
C GLN OA 380 -21.07 -15.79 4.76
N GLU OA 381 -21.86 -16.07 5.80
CA GLU OA 381 -22.53 -15.05 6.58
C GLU OA 381 -21.81 -14.74 7.89
N GLY OA 382 -20.70 -15.40 8.18
CA GLY OA 382 -19.93 -15.11 9.37
C GLY OA 382 -19.28 -13.76 9.31
N THR OA 383 -18.24 -13.55 10.13
CA THR OA 383 -17.54 -12.28 10.23
C THR OA 383 -17.15 -11.74 8.86
N PRO OA 384 -17.72 -10.61 8.43
CA PRO OA 384 -18.67 -9.79 9.18
C PRO OA 384 -20.14 -10.11 8.87
N GLU OA 385 -20.99 -10.12 9.90
CA GLU OA 385 -20.54 -9.86 11.30
C GLU OA 385 -21.43 -10.66 12.27
N GLY OA 386 -20.95 -11.81 12.74
CA GLY OA 386 -19.62 -12.32 12.36
C GLY OA 386 -18.60 -12.12 13.46
N LEU OA 387 -18.61 -10.94 14.10
CA LEU OA 387 -17.66 -10.63 15.20
C LEU OA 387 -18.36 -9.76 16.25
N TYR OA 388 -19.46 -10.26 16.82
CA TYR OA 388 -20.24 -9.51 17.84
C TYR OA 388 -21.16 -10.48 18.60
N LEU OA 389 -22.45 -10.14 18.67
CA LEU OA 389 -23.45 -11.01 19.35
C LEU OA 389 -24.86 -10.59 18.91
N TYR PA 14 -35.20 -89.08 -91.46
CA TYR PA 14 -34.01 -89.91 -91.62
C TYR PA 14 -33.20 -89.51 -92.84
N LEU PA 15 -33.77 -89.75 -94.02
CA LEU PA 15 -33.06 -89.44 -95.26
C LEU PA 15 -32.99 -87.93 -95.49
N SER PA 16 -34.13 -87.25 -95.41
CA SER PA 16 -34.19 -85.80 -95.59
C SER PA 16 -35.08 -85.18 -94.51
N LYS PA 17 -34.84 -85.57 -93.25
CA LYS PA 17 -35.69 -85.11 -92.15
C LYS PA 17 -34.91 -84.73 -90.91
N ILE PA 18 -33.59 -84.55 -91.00
CA ILE PA 18 -32.76 -84.32 -89.83
C ILE PA 18 -32.32 -82.87 -89.69
N GLU PA 19 -32.09 -82.15 -90.79
CA GLU PA 19 -31.29 -80.94 -90.74
C GLU PA 19 -32.07 -79.75 -90.20
N GLU PA 20 -33.36 -79.61 -90.57
CA GLU PA 20 -34.12 -78.47 -90.08
C GLU PA 20 -34.51 -78.61 -88.62
N LEU PA 21 -34.68 -79.83 -88.12
CA LEU PA 21 -34.79 -80.00 -86.68
C LEU PA 21 -33.59 -79.41 -85.97
N GLN PA 22 -32.39 -79.75 -86.46
CA GLN PA 22 -31.16 -79.14 -85.96
C GLN PA 22 -31.10 -77.65 -86.24
N LEU PA 23 -31.85 -77.16 -87.23
CA LEU PA 23 -31.88 -75.73 -87.51
C LEU PA 23 -32.70 -74.99 -86.46
N ILE PA 24 -33.85 -75.54 -86.11
CA ILE PA 24 -34.61 -75.05 -84.96
C ILE PA 24 -33.77 -75.16 -83.69
N VAL PA 25 -32.92 -76.19 -83.61
CA VAL PA 25 -31.94 -76.25 -82.53
C VAL PA 25 -31.04 -75.02 -82.56
N ASN PA 26 -30.69 -74.57 -83.77
CA ASN PA 26 -29.88 -73.37 -83.89
C ASN PA 26 -30.64 -72.10 -83.50
N ASP PA 27 -31.90 -72.22 -83.08
CA ASP PA 27 -32.58 -71.06 -82.52
C ASP PA 27 -32.06 -70.71 -81.15
N LYS PA 28 -31.01 -71.38 -80.67
CA LYS PA 28 -30.21 -70.78 -79.61
C LYS PA 28 -29.64 -69.45 -80.06
N SER PA 29 -29.39 -69.30 -81.37
CA SER PA 29 -29.11 -67.99 -81.93
C SER PA 29 -30.31 -67.07 -81.82
N GLN PA 30 -31.51 -67.62 -81.95
CA GLN PA 30 -32.71 -66.86 -81.61
C GLN PA 30 -32.71 -66.51 -80.12
N ASN PA 31 -32.20 -67.41 -79.28
CA ASN PA 31 -32.02 -67.05 -77.87
C ASN PA 31 -30.93 -65.99 -77.71
N LEU PA 32 -29.92 -66.00 -78.59
CA LEU PA 32 -28.97 -64.89 -78.58
C LEU PA 32 -29.66 -63.59 -78.93
N ARG PA 33 -30.62 -63.65 -79.86
CA ARG PA 33 -31.42 -62.46 -80.14
C ARG PA 33 -32.27 -62.07 -78.96
N ARG PA 34 -32.75 -63.05 -78.19
CA ARG PA 34 -33.46 -62.73 -76.95
C ARG PA 34 -32.52 -62.02 -75.97
N LEU PA 35 -31.25 -62.43 -75.94
CA LEU PA 35 -30.29 -61.77 -75.06
C LEU PA 35 -30.03 -60.34 -75.52
N GLN PA 36 -29.81 -60.15 -76.81
CA GLN PA 36 -29.63 -58.80 -77.34
C GLN PA 36 -30.90 -57.98 -77.21
N ALA PA 37 -32.05 -58.65 -77.15
CA ALA PA 37 -33.31 -57.96 -76.89
C ALA PA 37 -33.33 -57.41 -75.47
N GLN PA 38 -32.97 -58.26 -74.50
CA GLN PA 38 -32.74 -57.77 -73.14
C GLN PA 38 -31.80 -56.58 -73.15
N ARG PA 39 -30.68 -56.71 -73.87
CA ARG PA 39 -29.70 -55.64 -73.95
C ARG PA 39 -30.33 -54.33 -74.41
N ASN PA 40 -30.93 -54.34 -75.60
CA ASN PA 40 -31.51 -53.12 -76.14
C ASN PA 40 -32.68 -52.62 -75.31
N GLU PA 41 -33.35 -53.51 -74.57
CA GLU PA 41 -34.30 -53.06 -73.56
C GLU PA 41 -33.63 -52.18 -72.53
N LEU PA 42 -32.59 -52.72 -71.90
CA LEU PA 42 -31.82 -51.97 -70.91
C LEU PA 42 -31.39 -50.62 -71.48
N ASN PA 43 -30.84 -50.64 -72.70
CA ASN PA 43 -30.28 -49.43 -73.28
C ASN PA 43 -31.37 -48.41 -73.60
N ALA PA 44 -32.46 -48.86 -74.24
CA ALA PA 44 -33.55 -47.98 -74.58
C ALA PA 44 -34.15 -47.34 -73.34
N LYS PA 45 -34.26 -48.09 -72.25
CA LYS PA 45 -34.90 -47.53 -71.08
C LYS PA 45 -33.96 -46.66 -70.26
N VAL PA 46 -32.66 -46.97 -70.26
CA VAL PA 46 -31.69 -46.03 -69.70
C VAL PA 46 -31.72 -44.73 -70.48
N ARG PA 47 -31.82 -44.82 -71.81
CA ARG PA 47 -31.93 -43.62 -72.61
C ARG PA 47 -33.24 -42.89 -72.32
N LEU PA 48 -34.30 -43.63 -72.01
CA LEU PA 48 -35.53 -42.99 -71.55
C LEU PA 48 -35.30 -42.22 -70.26
N LEU PA 49 -34.54 -42.81 -69.35
CA LEU PA 49 -34.13 -42.10 -68.14
C LEU PA 49 -33.42 -40.80 -68.50
N ARG PA 50 -32.52 -40.87 -69.48
CA ARG PA 50 -31.81 -39.67 -69.92
C ARG PA 50 -32.75 -38.68 -70.59
N GLU PA 51 -33.82 -39.18 -71.19
CA GLU PA 51 -34.82 -38.30 -71.81
C GLU PA 51 -35.60 -37.57 -70.75
N GLU PA 52 -35.87 -38.24 -69.63
CA GLU PA 52 -36.62 -37.64 -68.53
C GLU PA 52 -36.07 -36.29 -68.11
N LEU PA 53 -34.79 -36.03 -68.36
CA LEU PA 53 -34.08 -34.91 -67.76
C LEU PA 53 -34.55 -33.55 -68.26
N GLN PA 54 -35.46 -33.48 -69.23
CA GLN PA 54 -36.03 -32.19 -69.58
C GLN PA 54 -36.81 -31.60 -68.42
N LEU PA 55 -37.27 -32.44 -67.50
CA LEU PA 55 -37.88 -31.93 -66.27
C LEU PA 55 -36.89 -31.13 -65.44
N LEU PA 56 -35.59 -31.33 -65.66
CA LEU PA 56 -34.56 -30.71 -64.84
C LEU PA 56 -34.13 -29.35 -65.37
N GLN PA 57 -35.00 -28.65 -66.08
CA GLN PA 57 -34.65 -27.37 -66.69
C GLN PA 57 -35.52 -26.22 -66.19
N GLU PA 58 -36.48 -26.49 -65.33
CA GLU PA 58 -37.51 -25.50 -65.06
C GLU PA 58 -37.66 -25.13 -63.60
N GLN PA 59 -37.69 -26.10 -62.69
CA GLN PA 59 -38.05 -25.79 -61.31
C GLN PA 59 -37.56 -26.90 -60.39
N GLY PA 60 -36.61 -26.57 -59.53
CA GLY PA 60 -36.31 -27.38 -58.36
C GLY PA 60 -37.05 -26.87 -57.15
N SER PA 61 -38.37 -27.03 -57.15
CA SER PA 61 -39.27 -26.35 -56.22
C SER PA 61 -38.77 -26.41 -54.78
N TYR PA 62 -38.64 -25.23 -54.18
CA TYR PA 62 -38.08 -25.06 -52.81
C TYR PA 62 -39.08 -25.48 -51.73
N VAL PA 63 -38.59 -25.56 -50.48
CA VAL PA 63 -39.40 -25.95 -49.31
C VAL PA 63 -40.07 -24.71 -48.72
N GLY PA 64 -41.40 -24.70 -48.78
CA GLY PA 64 -42.21 -23.63 -48.18
C GLY PA 64 -42.66 -24.13 -46.84
N GLU PA 65 -42.45 -23.36 -45.78
CA GLU PA 65 -42.85 -23.80 -44.42
C GLU PA 65 -44.38 -23.73 -44.29
N VAL PA 66 -44.94 -24.49 -43.35
CA VAL PA 66 -46.42 -24.45 -43.20
C VAL PA 66 -46.75 -24.34 -41.71
N VAL PA 67 -47.22 -23.18 -41.26
CA VAL PA 67 -47.63 -23.04 -39.87
C VAL PA 67 -48.54 -24.18 -39.45
N ARG PA 68 -49.57 -24.47 -40.25
CA ARG PA 68 -50.50 -25.56 -39.96
C ARG PA 68 -51.40 -25.77 -41.17
N ALA PA 69 -52.20 -26.83 -41.10
CA ALA PA 69 -53.17 -27.15 -42.13
C ALA PA 69 -54.53 -26.52 -41.80
N MET PA 70 -55.44 -26.62 -42.75
CA MET PA 70 -56.82 -26.17 -42.56
C MET PA 70 -57.65 -26.75 -43.70
N ASP PA 71 -58.97 -26.64 -43.56
CA ASP PA 71 -59.88 -27.12 -44.60
C ASP PA 71 -59.92 -26.11 -45.74
N LYS PA 72 -60.89 -26.28 -46.65
CA LYS PA 72 -60.91 -25.56 -47.92
C LYS PA 72 -59.65 -25.83 -48.74
N LYS PA 73 -58.98 -26.95 -48.47
CA LYS PA 73 -57.77 -27.36 -49.20
C LYS PA 73 -56.67 -26.31 -49.06
N LYS PA 74 -56.45 -25.84 -47.84
CA LYS PA 74 -55.57 -24.70 -47.60
C LYS PA 74 -54.70 -24.94 -46.38
N VAL PA 75 -53.66 -24.11 -46.26
CA VAL PA 75 -52.71 -24.18 -45.16
C VAL PA 75 -52.25 -22.77 -44.82
N LEU PA 76 -51.39 -22.65 -43.82
CA LEU PA 76 -50.73 -21.38 -43.49
C LEU PA 76 -49.23 -21.57 -43.78
N VAL PA 77 -48.84 -21.32 -45.02
CA VAL PA 77 -47.48 -21.57 -45.47
C VAL PA 77 -46.61 -20.38 -45.09
N LYS PA 78 -45.58 -20.63 -44.28
CA LYS PA 78 -44.53 -19.66 -44.09
C LYS PA 78 -43.68 -19.64 -45.34
N VAL PA 79 -43.99 -18.75 -46.28
CA VAL PA 79 -43.14 -18.64 -47.46
C VAL PA 79 -41.80 -18.13 -46.97
N HIS PA 80 -40.79 -19.01 -46.99
CA HIS PA 80 -39.62 -18.86 -46.12
C HIS PA 80 -38.96 -17.50 -46.28
N PRO PA 81 -38.55 -17.07 -47.49
CA PRO PA 81 -38.05 -15.70 -47.61
C PRO PA 81 -39.15 -14.69 -47.89
N GLU PA 82 -40.27 -14.81 -47.18
CA GLU PA 82 -41.41 -13.93 -47.39
C GLU PA 82 -42.36 -14.11 -46.21
N GLY PA 83 -43.57 -13.58 -46.33
CA GLY PA 83 -44.59 -13.75 -45.32
C GLY PA 83 -45.39 -15.03 -45.50
N LYS PA 84 -46.46 -15.13 -44.73
CA LYS PA 84 -47.40 -16.24 -44.88
C LYS PA 84 -48.50 -15.85 -45.85
N PHE PA 85 -48.78 -16.73 -46.80
CA PHE PA 85 -49.81 -16.49 -47.81
C PHE PA 85 -50.47 -17.84 -48.10
N VAL PA 86 -51.72 -17.98 -47.67
CA VAL PA 86 -52.48 -19.19 -47.98
C VAL PA 86 -52.55 -19.36 -49.48
N VAL PA 87 -52.08 -20.51 -49.97
CA VAL PA 87 -51.98 -20.76 -51.40
C VAL PA 87 -52.52 -22.17 -51.67
N ASP PA 88 -52.43 -22.58 -52.94
CA ASP PA 88 -53.06 -23.80 -53.39
C ASP PA 88 -52.26 -25.02 -52.91
N VAL PA 89 -52.85 -26.20 -53.15
CA VAL PA 89 -52.28 -27.47 -52.76
C VAL PA 89 -52.32 -28.41 -53.95
N ASP PA 90 -51.90 -29.65 -53.74
CA ASP PA 90 -52.01 -30.68 -54.76
C ASP PA 90 -53.22 -31.56 -54.45
N LYS PA 91 -53.44 -32.57 -55.29
CA LYS PA 91 -54.55 -33.49 -55.13
C LYS PA 91 -54.08 -34.89 -54.74
N ASN PA 92 -52.97 -34.97 -54.03
CA ASN PA 92 -52.35 -36.24 -53.68
C ASN PA 92 -52.52 -36.60 -52.21
N ILE PA 93 -52.22 -35.70 -51.30
CA ILE PA 93 -52.27 -35.97 -49.87
C ILE PA 93 -53.49 -35.30 -49.27
N ASP PA 94 -53.88 -35.77 -48.08
CA ASP PA 94 -55.08 -35.29 -47.42
C ASP PA 94 -54.77 -34.03 -46.60
N ILE PA 95 -55.84 -33.34 -46.20
CA ILE PA 95 -55.69 -32.10 -45.45
C ILE PA 95 -55.03 -32.35 -44.10
N ASN PA 96 -55.45 -33.42 -43.40
CA ASN PA 96 -54.87 -33.73 -42.11
C ASN PA 96 -53.40 -34.09 -42.22
N ASP PA 97 -52.96 -34.54 -43.40
CA ASP PA 97 -51.56 -34.93 -43.58
C ASP PA 97 -50.61 -33.78 -43.28
N VAL PA 98 -51.02 -32.54 -43.55
CA VAL PA 98 -50.15 -31.41 -43.30
C VAL PA 98 -50.11 -31.17 -41.79
N THR PA 99 -49.07 -31.65 -41.16
CA THR PA 99 -48.88 -31.38 -39.75
C THR PA 99 -48.39 -29.94 -39.56
N PRO PA 100 -48.78 -29.30 -38.47
CA PRO PA 100 -48.37 -27.90 -38.25
C PRO PA 100 -46.86 -27.76 -38.14
N ASN PA 101 -46.38 -26.57 -38.49
CA ASN PA 101 -44.96 -26.22 -38.40
C ASN PA 101 -44.09 -27.18 -39.21
N CYS PA 102 -44.51 -27.52 -40.42
CA CYS PA 102 -43.80 -28.49 -41.25
C CYS PA 102 -43.31 -27.82 -42.53
N ARG PA 103 -42.01 -27.80 -42.73
CA ARG PA 103 -41.44 -27.39 -44.00
C ARG PA 103 -41.68 -28.50 -45.03
N VAL PA 104 -42.45 -28.18 -46.06
CA VAL PA 104 -43.00 -29.18 -46.97
C VAL PA 104 -42.66 -28.78 -48.41
N ALA PA 105 -43.17 -29.56 -49.36
CA ALA PA 105 -42.81 -29.40 -50.77
C ALA PA 105 -43.74 -28.37 -51.43
N LEU PA 106 -43.18 -27.22 -51.79
CA LEU PA 106 -43.92 -26.13 -52.42
C LEU PA 106 -43.19 -25.64 -53.66
N ARG PA 107 -43.97 -25.19 -54.65
CA ARG PA 107 -43.42 -24.71 -55.91
C ARG PA 107 -43.58 -23.19 -56.01
N ASN PA 108 -42.49 -22.51 -56.35
CA ASN PA 108 -42.57 -21.09 -56.68
C ASN PA 108 -43.40 -20.85 -57.93
N ASP PA 109 -43.68 -21.90 -58.71
CA ASP PA 109 -44.46 -21.74 -59.94
C ASP PA 109 -45.81 -21.09 -59.66
N SER PA 110 -46.67 -21.79 -58.91
CA SER PA 110 -47.97 -21.27 -58.56
C SER PA 110 -48.29 -21.49 -57.09
N TYR PA 111 -47.32 -21.94 -56.30
CA TYR PA 111 -47.47 -22.14 -54.87
C TYR PA 111 -48.57 -23.14 -54.53
N THR PA 112 -48.92 -24.00 -55.48
CA THR PA 112 -49.76 -25.15 -55.20
C THR PA 112 -48.94 -26.16 -54.42
N LEU PA 113 -49.25 -26.33 -53.14
CA LEU PA 113 -48.50 -27.25 -52.31
C LEU PA 113 -48.45 -28.62 -52.96
N HIS PA 114 -47.27 -29.23 -52.95
CA HIS PA 114 -47.04 -30.49 -53.66
C HIS PA 114 -46.98 -31.69 -52.71
N LYS PA 115 -46.09 -31.66 -51.72
CA LYS PA 115 -45.94 -32.77 -50.81
C LYS PA 115 -45.45 -32.24 -49.47
N ILE PA 116 -45.10 -33.15 -48.56
CA ILE PA 116 -44.76 -32.82 -47.20
C ILE PA 116 -43.37 -33.37 -46.89
N LEU PA 117 -42.48 -32.52 -46.38
CA LEU PA 117 -41.10 -32.88 -46.17
C LEU PA 117 -40.77 -32.95 -44.68
N PRO PA 118 -39.97 -33.93 -44.26
CA PRO PA 118 -39.76 -34.16 -42.82
C PRO PA 118 -38.57 -33.43 -42.22
N ASP PA 122 -33.73 -27.42 -40.20
CA ASP PA 122 -32.78 -27.17 -41.32
C ASP PA 122 -31.37 -27.47 -40.84
N PRO PA 123 -30.93 -26.92 -39.68
CA PRO PA 123 -29.59 -27.15 -39.16
C PRO PA 123 -29.50 -28.23 -38.08
N LEU PA 124 -30.12 -29.40 -38.30
CA LEU PA 124 -30.00 -30.46 -37.30
C LEU PA 124 -28.56 -30.81 -36.97
N VAL PA 125 -27.81 -31.28 -37.96
CA VAL PA 125 -26.48 -31.81 -37.70
C VAL PA 125 -25.49 -30.73 -37.28
N SER PA 126 -25.75 -29.47 -37.64
CA SER PA 126 -24.86 -28.39 -37.23
C SER PA 126 -24.62 -28.42 -35.72
N LEU PA 127 -25.63 -28.84 -34.97
CA LEU PA 127 -25.44 -29.15 -33.56
C LEU PA 127 -25.26 -30.64 -33.31
N MET PA 128 -25.99 -31.49 -34.04
CA MET PA 128 -25.97 -32.93 -33.82
C MET PA 128 -24.67 -33.59 -34.28
N MET PA 129 -23.73 -32.83 -34.84
CA MET PA 129 -22.42 -33.36 -35.18
C MET PA 129 -21.31 -32.76 -34.34
N LYS PA 132 -19.46 -36.17 -31.19
CA LYS PA 132 -18.68 -37.19 -31.88
C LYS PA 132 -17.29 -37.44 -31.32
N VAL PA 133 -17.18 -37.79 -30.04
CA VAL PA 133 -15.88 -38.12 -29.45
C VAL PA 133 -15.99 -39.45 -28.71
N PRO PA 134 -15.68 -40.57 -29.35
CA PRO PA 134 -15.53 -41.82 -28.60
C PRO PA 134 -14.18 -41.90 -27.91
N ASP PA 135 -14.09 -41.33 -26.71
CA ASP PA 135 -12.81 -41.08 -26.07
C ASP PA 135 -12.29 -42.34 -25.36
N SER PA 136 -11.27 -42.16 -24.53
CA SER PA 136 -10.59 -43.26 -23.85
C SER PA 136 -11.21 -43.51 -22.48
N THR PA 137 -10.54 -44.32 -21.67
CA THR PA 137 -11.08 -44.77 -20.39
C THR PA 137 -10.63 -43.85 -19.25
N TYR PA 138 -10.89 -44.29 -18.02
CA TYR PA 138 -10.50 -43.56 -16.81
C TYR PA 138 -9.06 -43.83 -16.42
N GLU PA 139 -8.25 -44.41 -17.32
CA GLU PA 139 -6.92 -44.88 -16.95
C GLU PA 139 -6.05 -43.77 -16.40
N MET PA 140 -6.38 -42.51 -16.70
CA MET PA 140 -5.61 -41.36 -16.25
C MET PA 140 -6.40 -40.48 -15.29
N ILE PA 141 -7.19 -41.10 -14.43
CA ILE PA 141 -7.97 -40.38 -13.43
C ILE PA 141 -7.47 -40.66 -12.02
N GLY PA 142 -7.21 -41.92 -11.70
CA GLY PA 142 -6.37 -42.30 -10.58
C GLY PA 142 -6.58 -41.58 -9.28
N GLY PA 143 -7.72 -41.77 -8.62
CA GLY PA 143 -7.97 -41.23 -7.30
C GLY PA 143 -8.94 -40.06 -7.28
N LEU PA 144 -9.16 -39.41 -8.42
CA LEU PA 144 -10.22 -38.42 -8.53
C LEU PA 144 -11.47 -39.09 -9.10
N ASP PA 145 -11.99 -40.03 -8.32
CA ASP PA 145 -13.11 -40.84 -8.73
C ASP PA 145 -14.38 -40.57 -7.94
N LYS PA 146 -14.30 -39.82 -6.84
CA LYS PA 146 -15.51 -39.45 -6.13
C LYS PA 146 -16.40 -38.56 -6.99
N GLN PA 147 -15.81 -37.59 -7.68
CA GLN PA 147 -16.59 -36.79 -8.61
C GLN PA 147 -17.22 -37.66 -9.68
N ILE PA 148 -16.55 -38.75 -10.06
CA ILE PA 148 -17.13 -39.68 -11.02
C ILE PA 148 -18.32 -40.41 -10.39
N LYS PA 149 -18.20 -40.77 -9.10
CA LYS PA 149 -19.34 -41.34 -8.40
C LYS PA 149 -20.52 -40.39 -8.43
N GLU PA 150 -20.27 -39.11 -8.22
CA GLU PA 150 -21.34 -38.12 -8.26
C GLU PA 150 -21.91 -38.01 -9.66
N ILE PA 151 -21.04 -38.03 -10.67
CA ILE PA 151 -21.46 -38.09 -12.06
C ILE PA 151 -22.48 -39.20 -12.23
N LYS PA 152 -22.15 -40.39 -11.75
CA LYS PA 152 -23.09 -41.50 -11.79
C LYS PA 152 -24.39 -41.13 -11.08
N GLU PA 153 -24.29 -40.79 -9.79
CA GLU PA 153 -25.47 -40.54 -8.97
C GLU PA 153 -26.42 -39.53 -9.60
N VAL PA 154 -25.88 -38.62 -10.41
CA VAL PA 154 -26.68 -37.51 -10.90
C VAL PA 154 -26.99 -37.63 -12.38
N ILE PA 155 -26.36 -38.54 -13.10
CA ILE PA 155 -26.54 -38.69 -14.54
C ILE PA 155 -27.15 -40.04 -14.89
N GLU PA 156 -26.64 -41.12 -14.28
CA GLU PA 156 -27.23 -42.43 -14.45
C GLU PA 156 -28.53 -42.57 -13.69
N LEU PA 157 -28.78 -41.73 -12.69
CA LEU PA 157 -30.06 -41.76 -11.99
C LEU PA 157 -31.16 -41.30 -12.95
N PRO PA 158 -30.94 -40.25 -13.76
CA PRO PA 158 -31.87 -39.99 -14.87
C PRO PA 158 -31.81 -41.04 -15.96
N VAL PA 159 -30.95 -42.06 -15.80
CA VAL PA 159 -30.75 -43.05 -16.85
C VAL PA 159 -31.03 -44.47 -16.37
N LYS PA 160 -30.27 -44.92 -15.36
CA LYS PA 160 -30.21 -46.35 -15.06
C LYS PA 160 -31.56 -46.91 -14.65
N HIS PA 161 -32.07 -46.48 -13.49
CA HIS PA 161 -33.29 -47.04 -12.92
C HIS PA 161 -34.30 -45.93 -12.69
N PRO PA 162 -35.04 -45.54 -13.73
CA PRO PA 162 -36.17 -44.62 -13.53
C PRO PA 162 -37.23 -45.20 -12.60
N GLU PA 163 -37.33 -46.53 -12.51
CA GLU PA 163 -38.33 -47.20 -11.69
C GLU PA 163 -38.06 -47.08 -10.19
N LEU PA 164 -36.98 -46.42 -9.78
CA LEU PA 164 -36.67 -46.27 -8.37
C LEU PA 164 -37.00 -44.90 -7.81
N PHE PA 165 -37.01 -43.86 -8.63
CA PHE PA 165 -37.47 -42.54 -8.19
C PHE PA 165 -38.74 -42.08 -8.88
N GLU PA 166 -39.14 -42.72 -9.98
CA GLU PA 166 -40.54 -42.62 -10.37
C GLU PA 166 -41.42 -43.35 -9.38
N ALA PA 167 -40.90 -44.41 -8.76
CA ALA PA 167 -41.55 -44.97 -7.58
C ALA PA 167 -41.63 -43.95 -6.46
N LEU PA 168 -40.58 -43.13 -6.31
CA LEU PA 168 -40.66 -41.98 -5.43
C LEU PA 168 -41.74 -41.01 -5.90
N GLY PA 169 -41.73 -40.68 -7.19
CA GLY PA 169 -42.69 -39.77 -7.78
C GLY PA 169 -42.19 -38.35 -7.95
N ILE PA 170 -40.95 -38.05 -7.54
CA ILE PA 170 -40.42 -36.70 -7.57
C ILE PA 170 -39.53 -36.55 -8.80
N ALA PA 171 -39.41 -35.31 -9.27
CA ALA PA 171 -38.74 -35.01 -10.54
C ALA PA 171 -37.25 -35.37 -10.48
N GLN PA 172 -36.68 -35.61 -11.66
CA GLN PA 172 -35.28 -35.94 -11.86
C GLN PA 172 -34.45 -34.67 -11.99
N PRO PA 173 -33.14 -34.75 -11.82
CA PRO PA 173 -32.30 -33.54 -11.89
C PRO PA 173 -31.91 -33.19 -13.31
N LYS PA 174 -31.64 -31.90 -13.51
CA LYS PA 174 -31.23 -31.37 -14.81
C LYS PA 174 -29.76 -31.02 -14.87
N GLY PA 175 -29.25 -30.21 -13.96
CA GLY PA 175 -27.91 -29.67 -14.09
C GLY PA 175 -27.13 -29.79 -12.82
N VAL PA 176 -25.81 -29.93 -12.98
CA VAL PA 176 -24.88 -30.11 -11.86
C VAL PA 176 -23.83 -29.04 -11.83
N LEU PA 177 -23.76 -28.19 -12.84
CA LEU PA 177 -22.73 -27.14 -12.94
C LEU PA 177 -21.35 -27.72 -12.64
N LEU PA 178 -20.94 -28.65 -13.51
CA LEU PA 178 -19.65 -29.31 -13.29
C LEU PA 178 -18.52 -28.31 -13.48
N TYR PA 179 -18.47 -27.30 -12.61
CA TYR PA 179 -17.55 -26.20 -12.71
C TYR PA 179 -16.29 -26.51 -11.91
N GLY PA 180 -15.45 -25.49 -11.69
CA GLY PA 180 -14.27 -25.63 -10.89
C GLY PA 180 -13.01 -25.23 -11.63
N PRO PA 181 -11.86 -25.57 -11.09
CA PRO PA 181 -10.60 -25.34 -11.80
C PRO PA 181 -10.61 -26.01 -13.16
N PRO PA 182 -10.47 -25.25 -14.23
CA PRO PA 182 -10.53 -25.84 -15.56
C PRO PA 182 -9.27 -26.64 -15.89
N LYS PA 186 -11.10 -31.55 -16.87
CA LYS PA 186 -12.53 -31.33 -16.67
C LYS PA 186 -13.30 -31.48 -17.97
N THR PA 187 -12.92 -30.72 -19.00
CA THR PA 187 -13.42 -31.00 -20.33
C THR PA 187 -13.02 -32.41 -20.75
N LEU PA 188 -11.70 -32.69 -20.67
CA LEU PA 188 -11.15 -33.97 -21.10
C LEU PA 188 -11.88 -35.15 -20.46
N LEU PA 189 -11.81 -35.25 -19.14
CA LEU PA 189 -12.37 -36.41 -18.45
C LEU PA 189 -13.88 -36.33 -18.37
N ALA PA 190 -14.44 -35.14 -18.14
CA ALA PA 190 -15.90 -35.01 -18.16
C ALA PA 190 -16.49 -35.47 -19.48
N ARG PA 191 -15.71 -35.42 -20.55
CA ARG PA 191 -16.08 -36.01 -21.83
C ARG PA 191 -15.79 -37.50 -21.87
N ALA PA 192 -14.59 -37.92 -21.46
CA ALA PA 192 -14.15 -39.29 -21.67
C ALA PA 192 -14.76 -40.29 -20.68
N VAL PA 193 -15.45 -39.82 -19.65
CA VAL PA 193 -15.88 -40.71 -18.57
C VAL PA 193 -17.24 -41.31 -18.88
N ALA PA 194 -18.27 -40.46 -18.99
CA ALA PA 194 -19.56 -40.96 -19.43
C ALA PA 194 -19.53 -41.33 -20.90
N HIS PA 195 -18.44 -41.01 -21.60
CA HIS PA 195 -18.17 -41.63 -22.89
C HIS PA 195 -18.35 -43.14 -22.82
N HIS PA 196 -17.97 -43.74 -21.69
CA HIS PA 196 -18.14 -45.18 -21.54
C HIS PA 196 -19.58 -45.62 -21.74
N THR PA 197 -20.54 -44.71 -21.58
CA THR PA 197 -21.89 -45.05 -22.01
C THR PA 197 -22.00 -45.06 -23.53
N ASP PA 198 -21.31 -44.13 -24.21
CA ASP PA 198 -21.18 -44.11 -25.66
C ASP PA 198 -22.52 -44.01 -26.38
N CYS PA 199 -23.59 -43.93 -25.63
CA CYS PA 199 -24.93 -43.83 -26.20
C CYS PA 199 -25.63 -42.55 -25.78
N THR PA 200 -25.58 -42.20 -24.51
CA THR PA 200 -26.21 -40.98 -24.02
C THR PA 200 -25.28 -39.78 -24.04
N PHE PA 201 -23.97 -39.99 -24.15
CA PHE PA 201 -23.05 -38.84 -24.15
C PHE PA 201 -23.09 -38.22 -25.54
N ILE PA 202 -23.97 -37.25 -25.70
CA ILE PA 202 -24.04 -36.45 -26.91
C ILE PA 202 -23.70 -35.01 -26.55
N ARG PA 203 -22.41 -34.66 -26.60
CA ARG PA 203 -21.93 -33.33 -26.23
C ARG PA 203 -22.24 -32.32 -27.34
N VAL PA 204 -23.54 -32.17 -27.63
CA VAL PA 204 -23.97 -31.18 -28.61
C VAL PA 204 -23.64 -29.78 -28.09
N SER PA 205 -24.26 -29.38 -26.99
CA SER PA 205 -23.80 -28.33 -26.09
C SER PA 205 -23.93 -26.92 -26.63
N GLY PA 206 -24.20 -26.77 -27.93
CA GLY PA 206 -24.49 -25.47 -28.52
C GLY PA 206 -23.53 -24.35 -28.17
N SER PA 207 -22.43 -24.68 -27.51
CA SER PA 207 -21.63 -23.70 -26.78
C SER PA 207 -20.69 -22.90 -27.68
N GLU PA 208 -20.23 -23.49 -28.78
CA GLU PA 208 -19.26 -22.79 -29.62
C GLU PA 208 -19.85 -21.52 -30.21
N LEU PA 209 -20.85 -21.65 -31.06
CA LEU PA 209 -21.45 -20.51 -31.74
C LEU PA 209 -22.42 -19.84 -30.78
N VAL PA 210 -21.90 -18.88 -30.01
CA VAL PA 210 -22.72 -18.19 -29.02
C VAL PA 210 -23.74 -17.29 -29.70
N GLN PA 211 -23.36 -16.62 -30.79
CA GLN PA 211 -24.22 -15.64 -31.44
C GLN PA 211 -24.93 -16.18 -32.67
N LYS PA 212 -24.57 -17.38 -33.15
CA LYS PA 212 -25.20 -17.96 -34.32
C LYS PA 212 -26.02 -19.20 -34.00
N PHE PA 213 -25.41 -20.21 -33.38
CA PHE PA 213 -26.16 -21.41 -33.05
C PHE PA 213 -27.20 -21.17 -31.98
N ILE PA 214 -26.99 -20.17 -31.12
CA ILE PA 214 -27.83 -19.92 -29.96
C ILE PA 214 -28.77 -18.76 -30.28
N GLY PA 215 -30.07 -18.99 -30.12
CA GLY PA 215 -31.06 -17.96 -30.38
C GLY PA 215 -31.31 -17.75 -31.86
N GLU PA 216 -30.32 -17.20 -32.57
CA GLU PA 216 -30.44 -16.95 -34.00
C GLU PA 216 -30.28 -18.26 -34.78
N GLY PA 217 -31.20 -19.19 -34.49
CA GLY PA 217 -31.14 -20.54 -35.02
C GLY PA 217 -31.59 -21.51 -33.95
N ALA PA 218 -31.28 -21.21 -32.70
CA ALA PA 218 -32.00 -21.78 -31.58
C ALA PA 218 -33.11 -20.81 -31.16
N ARG PA 219 -33.90 -20.43 -32.16
CA ARG PA 219 -35.07 -19.59 -31.94
C ARG PA 219 -35.85 -20.05 -30.73
N MET PA 220 -36.30 -21.29 -30.76
CA MET PA 220 -36.58 -22.05 -29.55
C MET PA 220 -35.81 -23.34 -29.70
N VAL PA 221 -34.91 -23.60 -28.75
CA VAL PA 221 -34.01 -24.75 -28.84
C VAL PA 221 -34.82 -26.04 -28.73
N ARG PA 222 -36.15 -25.89 -28.59
CA ARG PA 222 -37.04 -27.03 -28.51
C ARG PA 222 -36.91 -27.96 -29.71
N GLU PA 223 -36.47 -27.46 -30.86
CA GLU PA 223 -36.10 -28.37 -31.94
C GLU PA 223 -35.00 -29.33 -31.48
N LEU PA 224 -34.00 -28.82 -30.77
CA LEU PA 224 -33.06 -29.70 -30.10
C LEU PA 224 -33.75 -30.49 -28.99
N PHE PA 225 -34.71 -29.89 -28.29
CA PHE PA 225 -35.51 -30.66 -27.35
C PHE PA 225 -36.34 -31.71 -28.07
N VAL PA 226 -36.80 -31.40 -29.29
CA VAL PA 226 -37.45 -32.40 -30.11
C VAL PA 226 -36.51 -33.57 -30.36
N MET PA 227 -35.29 -33.27 -30.81
CA MET PA 227 -34.29 -34.31 -31.01
C MET PA 227 -34.11 -35.14 -29.75
N ALA PA 228 -34.00 -34.48 -28.61
CA ALA PA 228 -33.83 -35.17 -27.34
C ALA PA 228 -35.00 -36.10 -27.06
N ARG PA 229 -36.22 -35.63 -27.34
CA ARG PA 229 -37.38 -36.50 -27.24
C ARG PA 229 -37.31 -37.68 -28.20
N GLU PA 230 -36.59 -37.53 -29.31
CA GLU PA 230 -36.25 -38.67 -30.13
C GLU PA 230 -34.97 -39.36 -29.67
N HIS PA 231 -34.09 -38.63 -28.99
CA HIS PA 231 -32.75 -39.11 -28.65
C HIS PA 231 -32.50 -38.98 -27.15
N ALA PA 232 -33.38 -39.59 -26.35
CA ALA PA 232 -33.22 -39.69 -24.91
C ALA PA 232 -31.77 -39.99 -24.52
N PRO PA 233 -31.03 -40.83 -25.28
CA PRO PA 233 -29.58 -40.88 -25.03
C PRO PA 233 -28.80 -39.72 -25.65
N SER PA 234 -28.92 -38.54 -25.04
CA SER PA 234 -28.20 -37.37 -25.52
C SER PA 234 -27.79 -36.49 -24.33
N ILE PA 235 -26.55 -36.00 -24.38
CA ILE PA 235 -26.00 -35.12 -23.36
C ILE PA 235 -26.35 -33.68 -23.73
N ILE PA 236 -26.47 -32.82 -22.73
CA ILE PA 236 -26.66 -31.38 -22.93
C ILE PA 236 -25.64 -30.66 -22.06
N PHE PA 237 -24.47 -30.39 -22.62
CA PHE PA 237 -23.52 -29.51 -21.96
C PHE PA 237 -23.86 -28.06 -22.30
N MET PA 238 -23.38 -27.13 -21.47
CA MET PA 238 -23.61 -25.73 -21.73
C MET PA 238 -22.50 -24.91 -21.08
N ASP PA 239 -22.36 -23.68 -21.58
CA ASP PA 239 -21.44 -22.70 -20.99
C ASP PA 239 -22.02 -21.31 -21.25
N GLU PA 240 -21.23 -20.28 -20.99
CA GLU PA 240 -21.70 -18.91 -21.15
C GLU PA 240 -21.44 -18.39 -22.57
N SER PA 257 -30.04 -11.20 -22.73
CA SER PA 257 -31.38 -11.70 -22.46
C SER PA 257 -31.68 -12.89 -23.36
N GLU PA 258 -30.94 -12.99 -24.46
CA GLU PA 258 -30.90 -14.25 -25.20
C GLU PA 258 -30.55 -15.39 -24.25
N VAL PA 259 -29.53 -15.16 -23.41
CA VAL PA 259 -29.24 -16.08 -22.32
C VAL PA 259 -30.48 -16.28 -21.45
N GLN PA 260 -31.12 -15.18 -21.06
CA GLN PA 260 -32.32 -15.28 -20.24
C GLN PA 260 -33.48 -15.89 -21.02
N ARG PA 261 -33.56 -15.64 -22.33
CA ARG PA 261 -34.59 -16.28 -23.15
C ARG PA 261 -34.44 -17.80 -23.10
N THR PA 262 -33.25 -18.29 -23.42
CA THR PA 262 -33.02 -19.73 -23.35
C THR PA 262 -33.15 -20.24 -21.93
N MET PA 263 -32.89 -19.40 -20.94
CA MET PA 263 -33.17 -19.77 -19.56
C MET PA 263 -34.66 -20.04 -19.36
N LEU PA 264 -35.51 -19.19 -19.93
CA LEU PA 264 -36.95 -19.44 -19.90
C LEU PA 264 -37.27 -20.74 -20.61
N GLU PA 265 -36.59 -21.00 -21.72
CA GLU PA 265 -36.75 -22.30 -22.39
C GLU PA 265 -36.45 -23.44 -21.43
N LEU PA 266 -35.39 -23.30 -20.64
CA LEU PA 266 -35.07 -24.28 -19.60
C LEU PA 266 -36.22 -24.41 -18.61
N LEU PA 267 -36.69 -23.26 -18.10
CA LEU PA 267 -37.81 -23.25 -17.15
C LEU PA 267 -39.01 -23.98 -17.72
N ASN PA 268 -39.16 -23.98 -19.05
CA ASN PA 268 -40.24 -24.73 -19.67
C ASN PA 268 -39.94 -26.22 -19.73
N GLN PA 269 -38.69 -26.57 -20.04
CA GLN PA 269 -38.37 -27.97 -20.33
C GLN PA 269 -37.89 -28.75 -19.12
N LEU PA 270 -36.76 -28.36 -18.53
CA LEU PA 270 -36.06 -29.25 -17.59
C LEU PA 270 -36.79 -29.45 -16.26
N ASP PA 271 -38.01 -28.95 -16.10
CA ASP PA 271 -38.75 -29.15 -14.85
C ASP PA 271 -39.35 -30.56 -14.79
N GLY PA 272 -38.46 -31.55 -14.82
CA GLY PA 272 -38.89 -32.94 -14.87
C GLY PA 272 -39.74 -33.23 -16.09
N PHE PA 273 -39.26 -32.82 -17.26
CA PHE PA 273 -40.06 -32.90 -18.49
C PHE PA 273 -39.11 -32.99 -19.69
N GLU PA 274 -38.91 -34.21 -20.17
CA GLU PA 274 -38.01 -34.50 -21.28
C GLU PA 274 -38.20 -35.97 -21.65
N ALA PA 275 -37.36 -36.48 -22.55
CA ALA PA 275 -37.46 -37.88 -22.94
C ALA PA 275 -37.21 -38.81 -21.76
N THR PA 276 -36.00 -38.77 -21.19
CA THR PA 276 -35.77 -39.33 -19.87
C THR PA 276 -36.12 -38.33 -18.78
N LYS PA 277 -36.97 -37.37 -19.12
CA LYS PA 277 -37.66 -36.42 -18.26
C LYS PA 277 -36.78 -35.28 -17.73
N ASN PA 278 -35.46 -35.50 -17.77
CA ASN PA 278 -34.44 -34.52 -17.32
C ASN PA 278 -33.30 -34.50 -18.34
N ILE PA 279 -33.13 -35.62 -19.06
CA ILE PA 279 -32.11 -35.79 -20.14
C ILE PA 279 -30.69 -35.60 -19.59
N LYS PA 280 -30.12 -34.40 -19.77
CA LYS PA 280 -28.75 -34.11 -19.38
C LYS PA 280 -28.47 -32.61 -19.38
N VAL PA 281 -29.40 -31.81 -18.86
CA VAL PA 281 -29.34 -30.36 -19.07
C VAL PA 281 -28.40 -29.68 -18.09
N ILE PA 282 -27.11 -29.64 -18.42
CA ILE PA 282 -26.10 -29.12 -17.50
C ILE PA 282 -25.23 -28.09 -18.22
N MET PA 283 -24.84 -27.06 -17.47
CA MET PA 283 -23.82 -26.12 -17.91
C MET PA 283 -22.57 -26.30 -17.06
N ALA PA 284 -21.42 -25.98 -17.62
CA ALA PA 284 -20.19 -25.89 -16.86
C ALA PA 284 -19.38 -24.69 -17.32
N THR PA 285 -18.79 -24.00 -16.35
CA THR PA 285 -17.95 -22.83 -16.60
C THR PA 285 -16.90 -22.80 -15.50
N ASN PA 286 -16.23 -21.65 -15.34
CA ASN PA 286 -15.17 -21.60 -14.35
C ASN PA 286 -14.80 -20.16 -14.03
N ASP PA 289 -18.78 -17.81 -11.11
CA ASP PA 289 -20.11 -17.69 -11.70
C ASP PA 289 -20.59 -16.25 -11.48
N ILE PA 290 -20.31 -15.38 -12.46
CA ILE PA 290 -20.68 -13.97 -12.34
C ILE PA 290 -21.45 -13.47 -13.55
N LEU PA 291 -22.08 -14.37 -14.29
CA LEU PA 291 -22.97 -13.94 -15.35
C LEU PA 291 -24.30 -13.55 -14.73
N ASP PA 292 -25.33 -13.36 -15.55
CA ASP PA 292 -26.66 -13.05 -15.01
C ASP PA 292 -27.11 -14.16 -14.08
N SER PA 293 -27.18 -13.85 -12.78
CA SER PA 293 -27.43 -14.82 -11.71
C SER PA 293 -28.81 -15.39 -11.72
N ALA PA 294 -29.65 -15.07 -12.69
CA ALA PA 294 -30.99 -15.65 -12.73
C ALA PA 294 -30.92 -17.16 -12.78
N LEU PA 295 -30.03 -17.70 -13.63
CA LEU PA 295 -29.85 -19.15 -13.70
C LEU PA 295 -29.52 -19.75 -12.34
N LEU PA 296 -28.80 -19.00 -11.51
CA LEU PA 296 -28.37 -19.51 -10.21
C LEU PA 296 -29.54 -19.92 -9.34
N ARG PA 297 -30.76 -19.60 -9.71
CA ARG PA 297 -31.93 -20.18 -9.06
C ARG PA 297 -31.89 -21.69 -9.22
N PRO PA 298 -31.80 -22.45 -8.14
CA PRO PA 298 -31.72 -23.92 -8.29
C PRO PA 298 -32.89 -24.52 -9.04
N GLY PA 299 -34.02 -23.81 -9.10
CA GLY PA 299 -35.16 -24.29 -9.86
C GLY PA 299 -34.88 -24.36 -11.34
N ARG PA 300 -33.72 -23.86 -11.76
CA ARG PA 300 -33.27 -23.99 -13.13
C ARG PA 300 -32.18 -25.03 -13.31
N ILE PA 301 -31.36 -25.24 -12.30
CA ILE PA 301 -30.38 -26.33 -12.30
C ILE PA 301 -30.19 -26.77 -10.85
N ASP PA 302 -30.30 -28.08 -10.62
CA ASP PA 302 -30.38 -28.58 -9.25
C ASP PA 302 -29.00 -28.62 -8.59
N ARG PA 303 -28.11 -29.47 -9.09
CA ARG PA 303 -26.80 -29.60 -8.49
C ARG PA 303 -25.87 -28.50 -8.98
N LYS PA 304 -24.83 -28.24 -8.19
CA LYS PA 304 -23.81 -27.25 -8.55
C LYS PA 304 -22.50 -27.79 -8.00
N ILE PA 305 -21.71 -28.42 -8.86
CA ILE PA 305 -20.61 -29.28 -8.44
C ILE PA 305 -19.31 -28.78 -9.05
N GLU PA 306 -18.48 -28.15 -8.23
CA GLU PA 306 -17.15 -27.77 -8.65
C GLU PA 306 -16.27 -29.01 -8.83
N PHE PA 307 -15.09 -28.79 -9.39
CA PHE PA 307 -14.15 -29.88 -9.64
C PHE PA 307 -12.95 -29.75 -8.72
N PRO PA 308 -12.94 -30.40 -7.56
CA PRO PA 308 -11.76 -30.38 -6.71
C PRO PA 308 -10.58 -31.03 -7.41
N PRO PA 309 -9.50 -30.30 -7.61
CA PRO PA 309 -8.33 -30.87 -8.30
C PRO PA 309 -7.78 -32.07 -7.55
N PRO PA 310 -7.01 -32.91 -8.23
CA PRO PA 310 -6.44 -34.09 -7.56
C PRO PA 310 -5.43 -33.68 -6.50
N ASN PA 311 -5.31 -34.51 -5.47
CA ASN PA 311 -4.37 -34.27 -4.38
C ASN PA 311 -3.56 -35.53 -4.13
N GLU PA 312 -2.80 -35.52 -3.04
CA GLU PA 312 -1.73 -36.48 -2.78
C GLU PA 312 -2.05 -37.89 -3.24
N GLU PA 313 -3.16 -38.46 -2.75
CA GLU PA 313 -3.57 -39.79 -3.19
C GLU PA 313 -3.83 -39.81 -4.69
N ALA PA 314 -4.79 -39.00 -5.13
CA ALA PA 314 -5.11 -38.91 -6.54
C ALA PA 314 -3.87 -38.54 -7.36
N ARG PA 315 -3.09 -37.56 -6.88
CA ARG PA 315 -1.93 -37.11 -7.63
C ARG PA 315 -0.91 -38.22 -7.79
N LEU PA 316 -0.76 -39.09 -6.79
CA LEU PA 316 0.20 -40.18 -6.90
C LEU PA 316 -0.31 -41.29 -7.82
N ASP PA 317 -1.60 -41.60 -7.75
CA ASP PA 317 -2.15 -42.58 -8.68
C ASP PA 317 -1.97 -42.11 -10.11
N ILE PA 318 -2.29 -40.85 -10.37
CA ILE PA 318 -2.10 -40.31 -11.72
C ILE PA 318 -0.62 -40.15 -12.03
N LEU PA 319 0.23 -40.06 -11.01
CA LEU PA 319 1.68 -40.07 -11.24
C LEU PA 319 2.10 -41.39 -11.88
N LYS PA 320 1.77 -42.49 -11.23
CA LYS PA 320 2.04 -43.80 -11.80
C LYS PA 320 1.39 -43.94 -13.17
N ILE PA 321 0.20 -43.36 -13.33
CA ILE PA 321 -0.53 -43.44 -14.60
C ILE PA 321 0.25 -42.76 -15.71
N HIS PA 322 0.53 -41.46 -15.56
CA HIS PA 322 1.19 -40.71 -16.61
C HIS PA 322 2.65 -41.14 -16.80
N SER PA 323 3.21 -41.87 -15.84
CA SER PA 323 4.52 -42.48 -16.01
C SER PA 323 4.45 -43.92 -16.53
N ARG PA 324 3.24 -44.44 -16.77
CA ARG PA 324 3.07 -45.82 -17.22
C ARG PA 324 3.84 -46.11 -18.52
N LYS PA 325 3.44 -45.50 -19.63
CA LYS PA 325 3.86 -46.00 -20.93
C LYS PA 325 5.23 -45.51 -21.36
N MET PA 326 5.63 -44.30 -20.95
CA MET PA 326 6.95 -43.81 -21.29
C MET PA 326 8.02 -44.71 -20.68
N ASN PA 327 8.99 -45.10 -21.50
CA ASN PA 327 10.07 -45.99 -21.07
C ASN PA 327 11.05 -45.17 -20.23
N LEU PA 328 10.64 -44.90 -18.98
CA LEU PA 328 11.44 -44.09 -18.10
C LEU PA 328 12.65 -44.86 -17.59
N THR PA 329 13.40 -44.22 -16.70
CA THR PA 329 14.34 -44.92 -15.83
C THR PA 329 13.52 -45.45 -14.67
N ARG PA 330 13.01 -46.68 -14.82
CA ARG PA 330 12.01 -47.22 -13.92
C ARG PA 330 12.56 -47.33 -12.49
N GLY PA 331 11.65 -47.65 -11.57
CA GLY PA 331 12.00 -47.71 -10.16
C GLY PA 331 12.28 -46.35 -9.59
N ILE PA 332 11.24 -45.51 -9.48
CA ILE PA 332 11.39 -44.12 -9.10
C ILE PA 332 10.22 -43.71 -8.21
N ASN PA 333 10.52 -42.90 -7.20
CA ASN PA 333 9.50 -42.38 -6.29
C ASN PA 333 8.65 -41.32 -7.00
N LEU PA 334 7.34 -41.56 -7.06
CA LEU PA 334 6.39 -40.61 -7.61
C LEU PA 334 5.61 -39.87 -6.54
N ARG PA 335 5.77 -40.26 -5.27
CA ARG PA 335 5.03 -39.60 -4.19
C ARG PA 335 5.51 -38.16 -4.01
N LYS PA 336 6.82 -37.94 -4.05
CA LYS PA 336 7.33 -36.58 -3.96
C LYS PA 336 6.90 -35.75 -5.16
N ILE PA 337 6.65 -36.39 -6.30
CA ILE PA 337 6.15 -35.66 -7.47
C ILE PA 337 4.70 -35.26 -7.24
N ALA PA 338 3.87 -36.20 -6.80
CA ALA PA 338 2.49 -35.89 -6.44
C ALA PA 338 2.43 -34.75 -5.45
N GLU PA 339 3.30 -34.77 -4.43
CA GLU PA 339 3.29 -33.72 -3.42
C GLU PA 339 3.74 -32.39 -4.01
N LEU PA 340 4.84 -32.41 -4.78
CA LEU PA 340 5.30 -31.19 -5.45
C LEU PA 340 4.21 -30.58 -6.31
N MET PA 341 3.30 -31.39 -6.82
CA MET PA 341 2.09 -30.88 -7.43
C MET PA 341 1.15 -30.39 -6.34
N PRO PA 342 0.91 -29.09 -6.21
CA PRO PA 342 0.07 -28.58 -5.12
C PRO PA 342 -1.41 -28.63 -5.45
N GLY PA 343 -1.87 -29.79 -5.95
CA GLY PA 343 -3.23 -29.90 -6.41
C GLY PA 343 -3.29 -29.54 -7.87
N ALA PA 344 -2.31 -30.02 -8.63
CA ALA PA 344 -2.19 -29.74 -10.05
C ALA PA 344 -3.47 -30.17 -10.78
N SER PA 345 -3.75 -29.50 -11.89
CA SER PA 345 -5.04 -29.63 -12.56
C SER PA 345 -5.09 -30.90 -13.41
N GLY PA 346 -4.84 -32.03 -12.75
CA GLY PA 346 -5.13 -33.33 -13.30
C GLY PA 346 -4.12 -33.84 -14.30
N ALA PA 347 -4.17 -33.30 -15.52
CA ALA PA 347 -3.25 -33.71 -16.57
C ALA PA 347 -1.86 -33.13 -16.38
N GLU PA 348 -1.64 -32.29 -15.37
CA GLU PA 348 -0.33 -31.69 -15.18
C GLU PA 348 0.75 -32.75 -14.96
N VAL PA 349 0.38 -33.94 -14.49
CA VAL PA 349 1.34 -35.02 -14.44
C VAL PA 349 1.83 -35.36 -15.84
N LYS PA 350 0.91 -35.35 -16.81
CA LYS PA 350 1.31 -35.59 -18.19
C LYS PA 350 2.27 -34.51 -18.68
N GLY PA 351 1.97 -33.25 -18.38
CA GLY PA 351 2.85 -32.17 -18.80
C GLY PA 351 4.22 -32.25 -18.18
N VAL PA 352 4.28 -32.60 -16.90
CA VAL PA 352 5.57 -32.80 -16.24
C VAL PA 352 6.32 -33.96 -16.90
N CYS PA 353 5.59 -35.01 -17.28
CA CYS PA 353 6.21 -36.08 -18.06
C CYS PA 353 6.81 -35.54 -19.35
N THR PA 354 6.08 -34.62 -19.99
CA THR PA 354 6.55 -34.00 -21.26
C THR PA 354 7.80 -33.18 -20.97
N GLU PA 355 7.78 -32.38 -19.90
CA GLU PA 355 8.94 -31.53 -19.50
C GLU PA 355 10.14 -32.45 -19.17
N ALA PA 356 9.87 -33.56 -18.48
CA ALA PA 356 10.93 -34.52 -18.09
C ALA PA 356 11.58 -35.09 -19.35
N GLY PA 357 10.80 -35.80 -20.18
CA GLY PA 357 11.29 -36.39 -21.40
C GLY PA 357 12.09 -35.41 -22.24
N MET PA 358 11.70 -34.13 -22.24
CA MET PA 358 12.43 -33.13 -23.00
C MET PA 358 13.83 -32.95 -22.45
N TYR PA 359 13.97 -32.92 -21.12
CA TYR PA 359 15.29 -32.89 -20.52
C TYR PA 359 16.11 -34.09 -20.93
N ALA PA 360 15.49 -35.27 -20.92
CA ALA PA 360 16.22 -36.46 -21.32
C ALA PA 360 16.48 -36.52 -22.82
N LEU PA 361 15.80 -35.70 -23.61
CA LEU PA 361 15.98 -35.71 -25.06
C LEU PA 361 16.95 -34.65 -25.57
N VAL PA 368 13.65 -41.83 -18.45
CA VAL PA 368 13.20 -40.65 -17.72
C VAL PA 368 13.45 -40.91 -16.24
N THR PA 369 14.61 -40.46 -15.76
CA THR PA 369 14.93 -40.54 -14.35
C THR PA 369 13.97 -39.67 -13.54
N GLN PA 370 14.01 -39.86 -12.21
CA GLN PA 370 13.25 -38.99 -11.33
C GLN PA 370 13.70 -37.54 -11.45
N GLU PA 371 15.01 -37.34 -11.65
CA GLU PA 371 15.55 -35.98 -11.85
C GLU PA 371 14.90 -35.30 -13.04
N ASP PA 372 14.56 -36.07 -14.09
CA ASP PA 372 13.85 -35.50 -15.22
C ASP PA 372 12.55 -34.85 -14.79
N PHE PA 373 11.70 -35.59 -14.07
CA PHE PA 373 10.43 -35.03 -13.61
C PHE PA 373 10.66 -33.92 -12.59
N GLU PA 374 11.74 -34.00 -11.82
CA GLU PA 374 12.08 -32.92 -10.90
C GLU PA 374 12.29 -31.61 -11.66
N MET PA 375 13.19 -31.63 -12.65
CA MET PA 375 13.40 -30.44 -13.47
C MET PA 375 12.14 -30.06 -14.23
N ALA PA 376 11.30 -31.05 -14.55
CA ALA PA 376 10.04 -30.78 -15.22
C ALA PA 376 9.15 -29.89 -14.38
N VAL PA 377 8.91 -30.29 -13.13
CA VAL PA 377 8.15 -29.44 -12.21
C VAL PA 377 8.89 -28.13 -11.96
N ALA PA 378 10.22 -28.18 -11.92
CA ALA PA 378 11.00 -26.96 -11.72
C ALA PA 378 10.66 -25.91 -12.77
N LYS PA 379 10.60 -26.32 -14.04
CA LYS PA 379 10.06 -25.42 -15.05
C LYS PA 379 8.60 -25.11 -14.76
N VAL PA 380 7.83 -26.13 -14.40
CA VAL PA 380 6.39 -25.97 -14.19
C VAL PA 380 6.11 -25.09 -12.98
N MET PA 381 6.71 -25.42 -11.84
CA MET PA 381 6.30 -24.85 -10.57
C MET PA 381 6.93 -23.49 -10.27
N GLN PA 382 8.14 -23.23 -10.76
CA GLN PA 382 8.80 -21.95 -10.49
C GLN PA 382 7.85 -20.81 -10.85
N LYS PA 383 7.83 -19.78 -10.00
CA LYS PA 383 6.70 -18.85 -9.95
C LYS PA 383 5.42 -19.66 -9.68
N ASP PA 384 5.33 -20.20 -8.46
CA ASP PA 384 5.93 -19.66 -7.23
C ASP PA 384 7.45 -19.71 -7.01
N SER PA 385 7.97 -18.55 -6.64
CA SER PA 385 9.37 -18.31 -6.32
C SER PA 385 9.41 -17.14 -5.34
N GLU PA 386 10.55 -16.46 -5.28
CA GLU PA 386 10.67 -15.07 -4.79
C GLU PA 386 10.15 -14.92 -3.36
N LYS PA 387 10.93 -15.49 -2.44
CA LYS PA 387 10.79 -15.25 -1.01
C LYS PA 387 11.34 -13.88 -0.67
N ASN PA 388 11.66 -13.64 0.61
CA ASN PA 388 11.97 -12.34 1.21
C ASN PA 388 10.68 -11.59 1.49
N MET PA 389 9.57 -12.32 1.63
CA MET PA 389 8.30 -11.73 2.04
C MET PA 389 7.57 -12.62 3.03
N SER PA 390 8.31 -13.35 3.86
CA SER PA 390 7.70 -14.30 4.81
C SER PA 390 7.08 -13.52 5.96
N ASP QA 1 -45.29 -86.21 -90.63
CA ASP QA 1 -45.19 -85.91 -92.08
C ASP QA 1 -43.78 -85.39 -92.40
N LEU QA 2 -42.97 -86.23 -93.06
CA LEU QA 2 -41.58 -85.84 -93.43
C LEU QA 2 -41.62 -84.87 -94.61
N TYR QA 3 -42.68 -84.93 -95.41
CA TYR QA 3 -42.84 -84.04 -96.60
C TYR QA 3 -43.84 -82.94 -96.27
N SER QA 4 -43.93 -82.56 -94.99
CA SER QA 4 -44.87 -81.50 -94.55
C SER QA 4 -44.38 -80.87 -93.23
N ARG QA 5 -44.56 -81.58 -92.11
CA ARG QA 5 -44.12 -81.08 -90.77
C ARG QA 5 -42.66 -80.63 -90.85
N TYR QA 6 -41.75 -81.54 -91.23
CA TYR QA 6 -40.30 -81.23 -91.33
C TYR QA 6 -40.10 -80.01 -92.22
N LYS QA 7 -40.73 -80.00 -93.40
CA LYS QA 7 -40.61 -78.87 -94.36
C LYS QA 7 -41.17 -77.59 -93.72
N LYS QA 8 -42.30 -77.70 -93.02
CA LYS QA 8 -42.93 -76.57 -92.37
C LYS QA 8 -42.04 -75.90 -91.34
N LEU QA 9 -40.94 -76.56 -90.95
CA LEU QA 9 -40.02 -75.99 -89.98
C LEU QA 9 -39.36 -74.72 -90.48
N GLN QA 10 -39.36 -74.46 -91.78
CA GLN QA 10 -38.80 -73.23 -92.32
C GLN QA 10 -39.86 -72.16 -92.56
N GLN QA 11 -41.15 -72.49 -92.44
CA GLN QA 11 -42.20 -71.54 -92.74
C GLN QA 11 -42.16 -70.30 -91.85
N GLU QA 12 -41.38 -70.32 -90.78
CA GLU QA 12 -41.29 -69.20 -89.85
C GLU QA 12 -39.85 -68.83 -89.49
N LEU QA 13 -38.90 -69.75 -89.66
CA LEU QA 13 -37.52 -69.46 -89.30
C LEU QA 13 -36.94 -68.34 -90.15
N GLU QA 14 -37.49 -68.10 -91.34
CA GLU QA 14 -37.01 -67.00 -92.17
C GLU QA 14 -37.27 -65.65 -91.49
N PHE QA 15 -38.53 -65.39 -91.10
CA PHE QA 15 -38.81 -64.18 -90.36
C PHE QA 15 -38.06 -64.17 -89.03
N LEU QA 16 -37.92 -65.35 -88.42
CA LEU QA 16 -37.11 -65.45 -87.21
C LEU QA 16 -35.72 -64.87 -87.42
N GLU QA 17 -35.02 -65.33 -88.46
CA GLU QA 17 -33.67 -64.87 -88.72
C GLU QA 17 -33.66 -63.41 -89.16
N VAL QA 18 -34.72 -62.96 -89.83
CA VAL QA 18 -34.78 -61.55 -90.23
C VAL QA 18 -34.86 -60.66 -89.02
N GLN QA 19 -35.68 -61.02 -88.03
CA GLN QA 19 -35.76 -60.21 -86.83
C GLN QA 19 -34.49 -60.34 -85.99
N GLU QA 20 -33.89 -61.53 -85.97
CA GLU QA 20 -32.60 -61.69 -85.30
C GLU QA 20 -31.55 -60.79 -85.93
N GLU QA 21 -31.63 -60.60 -87.25
CA GLU QA 21 -30.80 -59.61 -87.92
C GLU QA 21 -31.13 -58.21 -87.46
N TYR QA 22 -32.40 -57.83 -87.56
CA TYR QA 22 -32.81 -56.46 -87.28
C TYR QA 22 -32.49 -56.04 -85.86
N ILE QA 23 -32.43 -56.99 -84.92
CA ILE QA 23 -32.02 -56.63 -83.56
C ILE QA 23 -30.61 -56.06 -83.57
N LYS QA 24 -29.77 -56.45 -84.55
CA LYS QA 24 -28.41 -55.93 -84.60
C LYS QA 24 -28.39 -54.48 -85.09
N ASP QA 25 -29.04 -54.21 -86.21
CA ASP QA 25 -29.10 -52.84 -86.69
C ASP QA 25 -29.84 -51.93 -85.71
N GLU QA 26 -30.74 -52.50 -84.92
CA GLU QA 26 -31.40 -51.66 -83.94
C GLU QA 26 -30.55 -51.47 -82.70
N GLN QA 27 -29.71 -52.44 -82.34
CA GLN QA 27 -28.64 -52.18 -81.41
C GLN QA 27 -27.82 -51.00 -81.87
N LYS QA 28 -27.49 -50.98 -83.17
CA LYS QA 28 -26.74 -49.87 -83.74
C LYS QA 28 -27.50 -48.55 -83.57
N ASN QA 29 -28.79 -48.55 -83.93
CA ASN QA 29 -29.59 -47.34 -83.86
C ASN QA 29 -29.70 -46.83 -82.42
N LEU QA 30 -30.02 -47.73 -81.49
CA LEU QA 30 -30.14 -47.33 -80.10
C LEU QA 30 -28.81 -46.87 -79.54
N LYS QA 31 -27.70 -47.43 -80.02
CA LYS QA 31 -26.40 -46.92 -79.63
C LYS QA 31 -26.21 -45.49 -80.11
N LYS QA 32 -26.57 -45.22 -81.36
CA LYS QA 32 -26.59 -43.85 -81.85
C LYS QA 32 -27.36 -42.95 -80.89
N GLU QA 33 -28.56 -43.36 -80.54
CA GLU QA 33 -29.42 -42.53 -79.70
C GLU QA 33 -28.81 -42.33 -78.32
N PHE QA 34 -28.20 -43.38 -77.76
CA PHE QA 34 -27.58 -43.28 -76.45
C PHE QA 34 -26.39 -42.33 -76.49
N LEU QA 35 -25.61 -42.37 -77.58
CA LEU QA 35 -24.53 -41.41 -77.75
C LEU QA 35 -25.08 -40.00 -77.84
N HIS QA 36 -26.19 -39.83 -78.55
CA HIS QA 36 -26.84 -38.52 -78.59
C HIS QA 36 -27.19 -38.04 -77.19
N ALA QA 37 -27.81 -38.93 -76.41
CA ALA QA 37 -28.18 -38.59 -75.03
C ALA QA 37 -26.95 -38.18 -74.22
N GLN QA 38 -25.92 -39.02 -74.23
CA GLN QA 38 -24.70 -38.71 -73.48
C GLN QA 38 -24.10 -37.38 -73.94
N GLU QA 39 -24.21 -37.08 -75.23
CA GLU QA 39 -23.81 -35.77 -75.73
C GLU QA 39 -24.61 -34.67 -75.05
N GLU QA 40 -25.94 -34.75 -75.14
CA GLU QA 40 -26.81 -33.73 -74.56
C GLU QA 40 -26.73 -33.67 -73.05
N VAL QA 41 -26.07 -34.64 -72.40
CA VAL QA 41 -25.99 -34.67 -70.95
C VAL QA 41 -25.35 -33.40 -70.42
N LYS QA 42 -24.17 -33.07 -70.93
CA LYS QA 42 -23.39 -31.93 -70.44
C LYS QA 42 -22.79 -31.17 -71.60
N ARG QA 43 -23.60 -30.36 -72.27
CA ARG QA 43 -23.07 -29.43 -73.27
C ARG QA 43 -23.52 -27.99 -73.09
N ILE QA 44 -24.72 -27.75 -72.55
CA ILE QA 44 -25.15 -26.40 -72.23
C ILE QA 44 -24.56 -25.93 -70.91
N GLN QA 45 -24.10 -26.86 -70.09
CA GLN QA 45 -24.05 -26.67 -68.65
C GLN QA 45 -22.61 -26.52 -68.19
N SER QA 46 -22.44 -26.29 -66.89
CA SER QA 46 -21.15 -26.21 -66.21
C SER QA 46 -20.41 -24.94 -66.56
N ILE QA 47 -20.97 -24.11 -67.44
CA ILE QA 47 -20.34 -22.82 -67.72
C ILE QA 47 -20.85 -21.75 -66.75
N PRO QA 48 -22.18 -21.49 -66.63
CA PRO QA 48 -22.62 -20.52 -65.62
C PRO QA 48 -23.04 -21.19 -64.33
N LEU QA 49 -22.17 -22.00 -63.73
CA LEU QA 49 -22.55 -22.80 -62.57
C LEU QA 49 -22.69 -21.89 -61.36
N VAL QA 50 -23.93 -21.60 -60.96
CA VAL QA 50 -24.18 -20.85 -59.75
C VAL QA 50 -23.95 -21.74 -58.54
N ILE QA 51 -23.61 -21.11 -57.41
CA ILE QA 51 -23.21 -21.82 -56.21
C ILE QA 51 -24.22 -21.54 -55.11
N GLY QA 52 -24.76 -22.61 -54.53
CA GLY QA 52 -25.54 -22.52 -53.31
C GLY QA 52 -24.86 -23.33 -52.22
N GLN QA 53 -25.62 -24.22 -51.58
CA GLN QA 53 -25.04 -25.20 -50.67
C GLN QA 53 -26.08 -26.27 -50.33
N PHE QA 54 -25.65 -27.51 -50.21
CA PHE QA 54 -26.56 -28.58 -49.84
C PHE QA 54 -27.09 -28.34 -48.43
N LEU QA 55 -28.37 -28.66 -48.21
CA LEU QA 55 -28.91 -28.66 -46.87
C LEU QA 55 -29.49 -30.01 -46.47
N GLU QA 56 -30.41 -30.56 -47.25
CA GLU QA 56 -31.03 -31.83 -46.91
C GLU QA 56 -31.55 -32.51 -48.16
N ALA QA 57 -31.44 -33.83 -48.21
CA ALA QA 57 -31.93 -34.64 -49.31
C ALA QA 57 -33.24 -35.31 -48.92
N VAL QA 58 -34.15 -35.44 -49.87
CA VAL QA 58 -35.43 -36.10 -49.64
C VAL QA 58 -35.45 -37.44 -50.34
N ASP QA 59 -35.30 -37.43 -51.66
CA ASP QA 59 -35.36 -38.66 -52.44
C ASP QA 59 -34.12 -38.81 -53.32
N GLN QA 60 -34.15 -39.77 -54.23
CA GLN QA 60 -33.01 -40.02 -55.11
C GLN QA 60 -32.64 -38.77 -55.88
N ASN QA 61 -31.37 -38.40 -55.81
CA ASN QA 61 -30.77 -37.25 -56.49
C ASN QA 61 -31.63 -35.99 -56.41
N THR QA 62 -32.30 -35.79 -55.27
CA THR QA 62 -33.13 -34.62 -55.07
C THR QA 62 -32.97 -34.15 -53.64
N ALA QA 63 -32.71 -32.87 -53.45
CA ALA QA 63 -32.32 -32.38 -52.14
C ALA QA 63 -32.76 -30.94 -51.95
N ILE QA 64 -33.12 -30.61 -50.72
CA ILE QA 64 -33.29 -29.21 -50.32
C ILE QA 64 -31.90 -28.65 -50.02
N VAL QA 65 -31.54 -27.58 -50.71
CA VAL QA 65 -30.16 -27.10 -50.72
C VAL QA 65 -30.14 -25.60 -50.46
N GLY QA 66 -29.40 -25.20 -49.44
CA GLY QA 66 -29.27 -23.79 -49.14
C GLY QA 66 -28.67 -23.02 -50.30
N SER QA 67 -29.28 -21.89 -50.60
CA SER QA 67 -28.82 -21.03 -51.67
C SER QA 67 -27.82 -20.02 -51.13
N THR QA 68 -27.19 -19.31 -52.07
CA THR QA 68 -26.39 -18.14 -51.74
C THR QA 68 -27.00 -16.89 -52.35
N THR QA 69 -28.18 -17.00 -52.95
CA THR QA 69 -28.88 -15.87 -53.54
C THR QA 69 -29.92 -15.28 -52.60
N GLY QA 70 -30.54 -16.11 -51.75
CA GLY QA 70 -31.56 -15.63 -50.87
C GLY QA 70 -32.77 -16.54 -50.77
N SER QA 71 -32.70 -17.73 -51.39
CA SER QA 71 -33.83 -18.64 -51.36
C SER QA 71 -33.35 -20.07 -51.48
N ASN QA 72 -33.30 -20.79 -50.36
CA ASN QA 72 -33.04 -22.21 -50.39
C ASN QA 72 -34.12 -22.89 -51.23
N TYR QA 73 -33.73 -23.99 -51.87
CA TYR QA 73 -34.65 -24.71 -52.75
C TYR QA 73 -34.45 -26.20 -52.61
N TYR QA 74 -35.47 -26.95 -53.00
CA TYR QA 74 -35.47 -28.41 -52.98
C TYR QA 74 -35.43 -28.89 -54.42
N VAL QA 75 -34.23 -29.11 -54.94
CA VAL QA 75 -34.04 -29.37 -56.36
C VAL QA 75 -33.54 -30.80 -56.55
N ARG QA 76 -33.62 -31.26 -57.80
CA ARG QA 76 -33.02 -32.52 -58.18
C ARG QA 76 -31.56 -32.30 -58.57
N ILE QA 77 -30.78 -33.37 -58.48
CA ILE QA 77 -29.35 -33.31 -58.74
C ILE QA 77 -29.01 -34.30 -59.84
N LEU QA 78 -27.84 -34.10 -60.45
CA LEU QA 78 -27.32 -35.09 -61.38
C LEU QA 78 -27.09 -36.41 -60.66
N SER QA 79 -27.82 -37.44 -61.07
CA SER QA 79 -27.82 -38.71 -60.35
C SER QA 79 -26.45 -39.37 -60.31
N THR QA 80 -25.63 -39.18 -61.35
CA THR QA 80 -24.35 -39.89 -61.41
C THR QA 80 -23.42 -39.48 -60.28
N ILE QA 81 -23.68 -38.34 -59.65
CA ILE QA 81 -22.91 -37.95 -58.46
C ILE QA 81 -22.97 -39.07 -57.44
N ASP QA 82 -21.83 -39.39 -56.85
CA ASP QA 82 -21.78 -40.41 -55.80
C ASP QA 82 -22.71 -40.03 -54.66
N ARG QA 83 -23.66 -40.91 -54.37
CA ARG QA 83 -24.71 -40.61 -53.40
C ARG QA 83 -24.13 -40.29 -52.04
N GLU QA 84 -22.91 -40.75 -51.76
CA GLU QA 84 -22.23 -40.50 -50.50
C GLU QA 84 -21.40 -39.23 -50.53
N LEU QA 85 -21.75 -38.27 -51.39
CA LEU QA 85 -21.05 -37.00 -51.46
C LEU QA 85 -21.94 -35.80 -51.24
N LEU QA 86 -23.26 -35.97 -51.23
CA LEU QA 86 -24.19 -34.86 -51.03
C LEU QA 86 -24.50 -34.63 -49.56
N LYS QA 87 -23.75 -35.25 -48.66
CA LYS QA 87 -24.02 -35.10 -47.24
C LYS QA 87 -23.64 -33.73 -46.67
N PRO QA 88 -22.57 -33.06 -47.11
CA PRO QA 88 -22.18 -31.80 -46.47
C PRO QA 88 -22.79 -30.60 -47.17
N ASN QA 89 -22.77 -29.47 -46.45
CA ASN QA 89 -23.16 -28.20 -47.04
C ASN QA 89 -21.98 -27.62 -47.81
N ALA QA 90 -21.40 -28.41 -48.71
CA ALA QA 90 -20.25 -27.99 -49.48
C ALA QA 90 -20.69 -27.19 -50.69
N SER QA 91 -19.71 -26.80 -51.52
CA SER QA 91 -19.94 -25.88 -52.62
C SER QA 91 -20.64 -26.62 -53.77
N VAL QA 92 -21.96 -26.77 -53.62
CA VAL QA 92 -22.76 -27.29 -54.72
C VAL QA 92 -22.76 -26.28 -55.86
N ALA QA 93 -23.15 -26.75 -57.04
CA ALA QA 93 -23.19 -25.91 -58.23
C ALA QA 93 -24.36 -26.32 -59.09
N LEU QA 94 -25.19 -25.34 -59.46
CA LEU QA 94 -26.42 -25.61 -60.20
C LEU QA 94 -26.55 -24.58 -61.31
N HIS QA 95 -27.58 -24.78 -62.14
CA HIS QA 95 -27.93 -23.80 -63.14
C HIS QA 95 -28.63 -22.60 -62.49
N LYS QA 96 -28.59 -21.46 -63.18
CA LYS QA 96 -29.20 -20.25 -62.64
C LYS QA 96 -30.70 -20.42 -62.47
N HIS QA 97 -31.42 -20.60 -63.57
CA HIS QA 97 -32.88 -20.67 -63.51
C HIS QA 97 -33.35 -22.04 -63.06
N SER QA 98 -32.89 -23.08 -63.75
CA SER QA 98 -33.28 -24.46 -63.41
C SER QA 98 -32.92 -24.79 -61.97
N ASN QA 99 -31.81 -24.23 -61.47
CA ASN QA 99 -31.28 -24.58 -60.16
C ASN QA 99 -31.10 -26.08 -60.04
N ALA QA 100 -30.53 -26.67 -61.08
CA ALA QA 100 -30.34 -28.11 -61.16
C ALA QA 100 -28.92 -28.44 -60.75
N LEU QA 101 -28.78 -29.17 -59.64
CA LEU QA 101 -27.46 -29.48 -59.12
C LEU QA 101 -26.68 -30.32 -60.11
N VAL QA 102 -25.46 -29.87 -60.41
CA VAL QA 102 -24.57 -30.56 -61.32
C VAL QA 102 -23.48 -31.32 -60.56
N ASP QA 103 -22.87 -30.68 -59.56
CA ASP QA 103 -21.88 -31.33 -58.70
C ASP QA 103 -21.64 -30.41 -57.50
N VAL QA 104 -20.95 -30.96 -56.51
CA VAL QA 104 -20.61 -30.24 -55.29
C VAL QA 104 -19.09 -30.15 -55.19
N LEU QA 105 -18.60 -28.99 -54.76
CA LEU QA 105 -17.17 -28.76 -54.60
C LEU QA 105 -16.80 -28.73 -53.13
N PRO QA 106 -15.72 -29.37 -52.73
CA PRO QA 106 -15.32 -29.35 -51.32
C PRO QA 106 -14.96 -27.96 -50.84
N PRO QA 107 -13.98 -27.28 -51.43
CA PRO QA 107 -13.46 -26.07 -50.80
C PRO QA 107 -14.18 -24.80 -51.25
N GLU QA 108 -13.94 -23.73 -50.50
CA GLU QA 108 -14.45 -22.39 -50.77
C GLU QA 108 -13.94 -21.44 -49.71
N ALA QA 109 -13.92 -20.15 -50.06
CA ALA QA 109 -13.80 -19.05 -49.08
C ALA QA 109 -12.57 -19.22 -48.19
N ASP QA 110 -11.41 -19.06 -48.82
CA ASP QA 110 -10.15 -19.13 -48.10
C ASP QA 110 -10.12 -18.14 -46.93
N SER QA 111 -9.14 -18.33 -46.05
CA SER QA 111 -9.01 -17.55 -44.83
C SER QA 111 -8.21 -16.26 -45.04
N SER QA 112 -8.21 -15.76 -46.29
CA SER QA 112 -7.70 -14.44 -46.64
C SER QA 112 -6.18 -14.32 -46.56
N ILE QA 113 -5.49 -15.36 -46.09
CA ILE QA 113 -4.03 -15.35 -46.19
C ILE QA 113 -3.56 -16.61 -46.90
N MET QA 114 -4.29 -17.71 -46.70
CA MET QA 114 -4.03 -19.00 -47.34
C MET QA 114 -2.54 -19.29 -47.49
N MET QA 115 -1.79 -19.02 -46.41
CA MET QA 115 -0.36 -19.37 -46.31
C MET QA 115 0.52 -18.60 -47.27
N LEU QA 116 -0.09 -17.82 -48.18
CA LEU QA 116 0.56 -16.93 -49.13
C LEU QA 116 1.29 -17.70 -50.24
N THR QA 117 1.48 -19.00 -50.04
CA THR QA 117 1.68 -20.00 -51.08
C THR QA 117 2.90 -19.85 -51.97
N SER QA 118 3.57 -18.69 -51.88
CA SER QA 118 4.77 -18.40 -52.70
C SER QA 118 6.04 -18.67 -51.89
N ASP QA 119 6.91 -17.66 -51.78
CA ASP QA 119 8.18 -17.79 -51.02
C ASP QA 119 8.24 -16.73 -49.92
N GLN QA 120 7.16 -16.61 -49.13
CA GLN QA 120 7.11 -15.63 -48.01
C GLN QA 120 8.21 -15.96 -47.00
N LYS QA 121 9.08 -16.91 -47.35
CA LYS QA 121 10.17 -17.34 -46.50
C LYS QA 121 11.24 -16.25 -46.47
N PRO QA 122 11.46 -15.60 -45.33
CA PRO QA 122 12.41 -14.48 -45.29
C PRO QA 122 13.86 -14.85 -45.58
N ASP QA 123 14.13 -16.13 -45.85
CA ASP QA 123 15.45 -16.60 -46.27
C ASP QA 123 16.52 -16.25 -45.23
N VAL QA 124 16.35 -16.87 -44.05
CA VAL QA 124 17.11 -16.56 -42.86
C VAL QA 124 17.63 -17.85 -42.24
N MET QA 125 18.77 -17.76 -41.58
CA MET QA 125 19.36 -18.86 -40.83
C MET QA 125 19.34 -18.53 -39.33
N TYR QA 126 20.01 -19.36 -38.54
CA TYR QA 126 19.88 -19.30 -37.10
C TYR QA 126 20.31 -17.95 -36.55
N ALA QA 127 21.60 -17.64 -36.63
CA ALA QA 127 22.15 -16.48 -35.95
C ALA QA 127 21.68 -15.16 -36.52
N ASP QA 128 21.07 -15.16 -37.70
CA ASP QA 128 20.73 -13.92 -38.39
C ASP QA 128 19.79 -13.04 -37.56
N ILE QA 129 19.01 -13.62 -36.66
CA ILE QA 129 18.11 -12.84 -35.83
C ILE QA 129 18.93 -11.88 -34.98
N GLY QA 130 18.33 -10.73 -34.67
CA GLY QA 130 19.03 -9.72 -33.90
C GLY QA 130 19.19 -10.10 -32.44
N GLY QA 131 19.92 -11.18 -32.18
CA GLY QA 131 20.34 -11.53 -30.84
C GLY QA 131 19.27 -12.01 -29.88
N MET QA 132 18.75 -13.21 -30.09
CA MET QA 132 17.77 -13.82 -29.20
C MET QA 132 18.13 -15.28 -28.91
N ASP QA 133 19.39 -15.50 -28.53
CA ASP QA 133 19.94 -16.86 -28.48
C ASP QA 133 19.09 -17.80 -27.61
N ILE QA 134 18.54 -17.28 -26.50
CA ILE QA 134 17.65 -18.10 -25.68
C ILE QA 134 16.51 -18.63 -26.53
N GLN QA 135 15.70 -17.72 -27.07
CA GLN QA 135 14.59 -18.11 -27.93
C GLN QA 135 15.09 -18.75 -29.21
N LYS QA 136 16.25 -18.30 -29.73
CA LYS QA 136 16.78 -18.87 -30.95
C LYS QA 136 16.99 -20.38 -30.82
N GLN QA 137 17.84 -20.78 -29.88
CA GLN QA 137 18.05 -22.20 -29.64
C GLN QA 137 16.76 -22.91 -29.28
N GLU QA 138 15.98 -22.33 -28.34
CA GLU QA 138 14.76 -22.98 -27.91
C GLU QA 138 13.87 -23.34 -29.09
N VAL QA 139 13.46 -22.34 -29.87
CA VAL QA 139 12.61 -22.59 -31.02
C VAL QA 139 13.27 -23.54 -31.99
N ARG QA 140 14.57 -23.36 -32.25
CA ARG QA 140 15.25 -24.20 -33.23
C ARG QA 140 15.10 -25.67 -32.88
N GLU QA 141 15.67 -26.08 -31.76
CA GLU QA 141 15.70 -27.52 -31.47
C GLU QA 141 14.40 -28.04 -30.89
N ALA QA 142 13.48 -27.18 -30.45
CA ALA QA 142 12.21 -27.63 -29.92
C ALA QA 142 11.09 -27.47 -30.93
N VAL QA 143 11.38 -26.98 -32.13
CA VAL QA 143 10.35 -26.88 -33.16
C VAL QA 143 10.80 -27.64 -34.39
N GLU QA 144 11.91 -27.21 -35.01
CA GLU QA 144 12.23 -27.73 -36.34
C GLU QA 144 12.41 -29.24 -36.31
N LEU QA 145 12.96 -29.77 -35.22
CA LEU QA 145 13.07 -31.20 -35.03
C LEU QA 145 11.70 -31.75 -34.60
N PRO QA 146 11.08 -31.23 -33.53
CA PRO QA 146 9.77 -31.79 -33.13
C PRO QA 146 8.67 -31.57 -34.14
N LEU QA 147 8.73 -30.52 -34.95
CA LEU QA 147 7.66 -30.27 -35.90
C LEU QA 147 7.52 -31.42 -36.89
N THR QA 148 8.60 -32.14 -37.15
CA THR QA 148 8.59 -33.23 -38.12
C THR QA 148 8.67 -34.60 -37.49
N HIS QA 149 8.95 -34.69 -36.19
CA HIS QA 149 9.34 -35.95 -35.60
C HIS QA 149 8.14 -36.76 -35.09
N PHE QA 150 8.37 -38.05 -34.90
CA PHE QA 150 7.41 -38.97 -34.34
C PHE QA 150 7.99 -39.87 -33.24
N GLU QA 151 9.31 -40.02 -33.17
CA GLU QA 151 9.93 -41.01 -32.30
C GLU QA 151 10.86 -40.43 -31.24
N LEU QA 152 11.49 -39.27 -31.48
CA LEU QA 152 12.39 -38.72 -30.46
C LEU QA 152 11.61 -38.30 -29.22
N TYR QA 153 10.54 -37.54 -29.40
CA TYR QA 153 9.58 -37.35 -28.33
C TYR QA 153 9.17 -38.69 -27.73
N LYS QA 154 8.86 -39.66 -28.59
CA LYS QA 154 8.52 -40.99 -28.12
C LYS QA 154 9.73 -41.72 -27.55
N GLN QA 155 10.94 -41.37 -28.00
CA GLN QA 155 12.12 -41.97 -27.39
C GLN QA 155 12.24 -41.59 -25.93
N ILE QA 156 11.55 -40.53 -25.51
CA ILE QA 156 11.30 -40.25 -24.11
C ILE QA 156 9.82 -40.07 -23.80
N GLY QA 157 8.95 -40.58 -24.68
CA GLY QA 157 7.51 -40.51 -24.49
C GLY QA 157 7.03 -39.12 -24.09
N ILE QA 158 7.58 -38.10 -24.72
CA ILE QA 158 7.46 -36.75 -24.17
C ILE QA 158 6.03 -36.23 -24.30
N ASP QA 159 5.64 -35.81 -25.52
CA ASP QA 159 4.28 -35.61 -26.00
C ASP QA 159 4.30 -34.97 -27.38
N PRO QA 160 3.24 -35.07 -28.16
CA PRO QA 160 3.09 -34.18 -29.32
C PRO QA 160 2.86 -32.75 -28.86
N PRO QA 161 3.65 -31.81 -29.36
CA PRO QA 161 3.68 -30.46 -28.78
C PRO QA 161 2.52 -29.60 -29.23
N ARG QA 162 2.43 -28.42 -28.62
CA ARG QA 162 1.36 -27.46 -28.89
C ARG QA 162 1.90 -26.05 -28.68
N GLY QA 163 0.99 -25.07 -28.54
CA GLY QA 163 1.33 -23.67 -28.66
C GLY QA 163 2.45 -23.21 -27.73
N VAL QA 164 3.02 -22.05 -28.09
CA VAL QA 164 4.15 -21.46 -27.40
C VAL QA 164 3.98 -19.94 -27.41
N LEU QA 165 4.88 -19.22 -26.74
CA LEU QA 165 4.68 -17.82 -26.44
C LEU QA 165 5.98 -17.06 -26.51
N MET QA 166 5.90 -15.81 -26.95
CA MET QA 166 7.02 -14.87 -26.87
C MET QA 166 6.50 -13.52 -26.41
N TYR QA 167 7.42 -12.60 -26.10
CA TYR QA 167 7.04 -11.20 -25.71
C TYR QA 167 8.21 -10.26 -26.02
N GLY QA 168 8.00 -9.34 -26.98
CA GLY QA 168 9.06 -8.41 -27.38
C GLY QA 168 8.88 -7.03 -26.80
N PRO QA 169 9.82 -6.57 -25.93
CA PRO QA 169 9.77 -5.22 -25.34
C PRO QA 169 10.62 -4.27 -26.20
N PRO QA 170 10.99 -3.07 -25.69
CA PRO QA 170 11.82 -2.14 -26.47
C PRO QA 170 13.20 -2.78 -26.70
N GLY QA 171 13.80 -2.51 -27.87
CA GLY QA 171 15.11 -3.09 -28.21
C GLY QA 171 15.09 -4.61 -28.24
N CYS QA 172 14.05 -5.21 -28.85
CA CYS QA 172 13.93 -6.70 -28.89
C CYS QA 172 14.22 -7.28 -30.29
N GLY QA 173 13.23 -8.00 -30.84
CA GLY QA 173 13.31 -8.78 -32.09
C GLY QA 173 12.63 -10.12 -31.97
N LYS QA 174 11.74 -10.27 -30.98
CA LYS QA 174 11.01 -11.54 -30.76
C LYS QA 174 10.26 -11.93 -32.04
N THR QA 175 9.62 -10.95 -32.69
CA THR QA 175 8.87 -11.20 -33.95
C THR QA 175 9.85 -11.64 -35.04
N MET QA 176 11.03 -11.01 -35.09
CA MET QA 176 12.04 -11.36 -36.09
C MET QA 176 12.37 -12.85 -36.05
N LEU QA 177 12.51 -13.41 -34.84
CA LEU QA 177 12.71 -14.84 -34.70
C LEU QA 177 11.59 -15.63 -35.37
N ALA QA 178 10.35 -15.18 -35.17
CA ALA QA 178 9.21 -15.85 -35.79
C ALA QA 178 9.35 -15.88 -37.30
N LYS QA 179 9.75 -14.76 -37.89
CA LYS QA 179 9.89 -14.70 -39.35
C LYS QA 179 11.07 -15.57 -39.82
N ALA QA 180 12.12 -15.64 -39.02
CA ALA QA 180 13.21 -16.55 -39.35
C ALA QA 180 12.71 -17.98 -39.46
N VAL QA 181 11.98 -18.43 -38.42
CA VAL QA 181 11.40 -19.77 -38.46
C VAL QA 181 10.44 -19.89 -39.63
N ALA QA 182 9.69 -18.83 -39.91
CA ALA QA 182 8.79 -18.82 -41.06
C ALA QA 182 9.55 -19.10 -42.35
N HIS QA 183 10.78 -18.63 -42.44
CA HIS QA 183 11.61 -19.05 -43.56
C HIS QA 183 11.92 -20.54 -43.46
N HIS QA 184 12.59 -20.93 -42.38
CA HIS QA 184 13.08 -22.30 -42.31
C HIS QA 184 11.95 -23.31 -42.24
N THR QA 185 10.74 -22.88 -41.91
CA THR QA 185 9.59 -23.75 -42.08
C THR QA 185 9.24 -23.82 -43.57
N THR QA 186 8.85 -25.01 -44.02
CA THR QA 186 8.62 -25.26 -45.43
C THR QA 186 7.36 -26.08 -45.63
N ALA QA 187 6.28 -25.69 -44.95
CA ALA QA 187 5.01 -26.41 -45.09
C ALA QA 187 3.85 -25.43 -45.15
N ALA QA 188 2.63 -25.92 -44.94
CA ALA QA 188 1.41 -25.14 -45.15
C ALA QA 188 1.12 -24.19 -43.99
N PHE QA 189 2.01 -23.24 -43.74
CA PHE QA 189 1.81 -22.30 -42.64
C PHE QA 189 1.10 -21.04 -43.12
N ILE QA 190 0.05 -20.65 -42.42
CA ILE QA 190 -0.70 -19.43 -42.70
C ILE QA 190 -0.44 -18.42 -41.59
N ARG QA 191 -0.25 -17.16 -41.96
CA ARG QA 191 0.02 -16.09 -41.03
C ARG QA 191 -1.22 -15.21 -40.90
N VAL QA 192 -1.53 -14.79 -39.67
CA VAL QA 192 -2.64 -13.85 -39.47
C VAL QA 192 -2.36 -12.96 -38.27
N VAL QA 193 -3.26 -12.01 -38.02
CA VAL QA 193 -3.20 -11.13 -36.87
C VAL QA 193 -4.57 -11.15 -36.19
N GLY QA 194 -4.56 -11.36 -34.86
CA GLY QA 194 -5.80 -11.42 -34.12
C GLY QA 194 -6.63 -10.15 -34.18
N SER QA 195 -5.99 -9.02 -34.51
CA SER QA 195 -6.72 -7.77 -34.63
C SER QA 195 -7.82 -7.85 -35.68
N GLU QA 196 -7.65 -8.71 -36.67
CA GLU QA 196 -8.62 -8.81 -37.75
C GLU QA 196 -9.92 -9.48 -37.34
N PHE QA 197 -10.15 -9.72 -36.06
CA PHE QA 197 -11.30 -10.47 -35.61
C PHE QA 197 -12.42 -9.59 -35.05
N VAL QA 198 -12.27 -8.27 -35.11
CA VAL QA 198 -13.16 -7.35 -34.43
C VAL QA 198 -13.87 -6.49 -35.48
N GLN QA 199 -15.15 -6.76 -35.69
CA GLN QA 199 -15.95 -6.05 -36.69
C GLN QA 199 -17.34 -5.85 -36.09
N LYS QA 200 -18.33 -5.53 -36.92
CA LYS QA 200 -19.64 -5.14 -36.43
C LYS QA 200 -20.58 -6.32 -36.19
N TYR QA 201 -20.85 -7.11 -37.24
CA TYR QA 201 -21.91 -8.10 -37.18
C TYR QA 201 -21.51 -9.26 -36.26
N LEU QA 202 -22.37 -10.26 -36.20
CA LEU QA 202 -22.18 -11.38 -35.27
C LEU QA 202 -21.07 -12.30 -35.74
N GLY QA 203 -20.23 -12.70 -34.79
CA GLY QA 203 -19.29 -13.81 -34.96
C GLY QA 203 -18.34 -13.71 -36.14
N GLU QA 204 -18.13 -12.50 -36.66
CA GLU QA 204 -17.31 -12.36 -37.87
C GLU QA 204 -15.92 -12.96 -37.67
N GLY QA 205 -15.13 -12.37 -36.77
CA GLY QA 205 -13.85 -12.95 -36.38
C GLY QA 205 -13.95 -14.31 -35.73
N PRO QA 206 -14.94 -14.57 -34.87
CA PRO QA 206 -15.17 -15.94 -34.42
C PRO QA 206 -15.32 -16.94 -35.56
N ARG QA 207 -16.27 -16.72 -36.48
CA ARG QA 207 -16.39 -17.63 -37.61
C ARG QA 207 -15.12 -17.67 -38.44
N MET QA 208 -14.41 -16.54 -38.52
CA MET QA 208 -13.11 -16.50 -39.19
C MET QA 208 -12.20 -17.58 -38.64
N VAL QA 209 -11.95 -17.53 -37.33
CA VAL QA 209 -11.04 -18.49 -36.71
C VAL QA 209 -11.60 -19.89 -36.79
N ARG QA 210 -12.93 -20.03 -36.76
CA ARG QA 210 -13.54 -21.35 -36.90
C ARG QA 210 -13.20 -21.98 -38.24
N ASP QA 211 -13.51 -21.28 -39.33
CA ASP QA 211 -13.18 -21.76 -40.66
C ASP QA 211 -11.68 -21.92 -40.83
N VAL QA 212 -10.89 -21.09 -40.14
CA VAL QA 212 -9.45 -21.27 -40.13
C VAL QA 212 -9.09 -22.65 -39.59
N PHE QA 213 -9.64 -22.99 -38.42
CA PHE QA 213 -9.42 -24.31 -37.84
C PHE QA 213 -9.85 -25.41 -38.80
N ARG QA 214 -11.01 -25.24 -39.42
CA ARG QA 214 -11.53 -26.25 -40.32
C ARG QA 214 -10.56 -26.50 -41.48
N LEU QA 215 -10.27 -25.44 -42.23
CA LEU QA 215 -9.34 -25.55 -43.36
C LEU QA 215 -7.96 -25.99 -42.91
N ALA QA 216 -7.58 -25.67 -41.67
CA ALA QA 216 -6.27 -26.05 -41.17
C ALA QA 216 -6.17 -27.55 -40.98
N LYS QA 217 -7.13 -28.09 -40.22
CA LYS QA 217 -7.20 -29.56 -39.97
C LYS QA 217 -7.49 -30.26 -41.31
N GLU QA 218 -7.98 -29.51 -42.30
CA GLU QA 218 -8.28 -30.11 -43.60
C GLU QA 218 -7.04 -30.25 -44.46
N ASN QA 219 -6.34 -29.15 -44.74
CA ASN QA 219 -5.21 -29.16 -45.65
C ASN QA 219 -4.11 -30.07 -45.14
N ALA QA 220 -3.53 -29.70 -44.01
CA ALA QA 220 -2.47 -30.47 -43.38
C ALA QA 220 -2.30 -29.97 -41.96
N PRO QA 221 -2.26 -30.87 -40.97
CA PRO QA 221 -2.08 -30.42 -39.59
C PRO QA 221 -0.63 -30.07 -39.30
N ALA QA 222 -0.02 -29.27 -40.18
CA ALA QA 222 1.40 -29.00 -40.08
C ALA QA 222 1.70 -27.78 -39.23
N ILE QA 223 1.29 -26.59 -39.70
CA ILE QA 223 1.72 -25.35 -39.06
C ILE QA 223 0.86 -24.19 -39.52
N ILE QA 224 0.59 -23.25 -38.60
CA ILE QA 224 -0.05 -21.97 -38.88
C ILE QA 224 0.29 -21.07 -37.70
N PHE QA 225 0.27 -19.77 -37.92
CA PHE QA 225 0.60 -18.85 -36.83
C PHE QA 225 -0.20 -17.57 -36.97
N ILE QA 226 -0.47 -16.95 -35.82
CA ILE QA 226 -1.19 -15.69 -35.74
C ILE QA 226 -0.44 -14.79 -34.77
N ASP QA 227 -0.46 -13.48 -35.03
CA ASP QA 227 0.31 -12.55 -34.21
C ASP QA 227 -0.57 -11.39 -33.75
N GLU QA 228 -1.31 -11.61 -32.65
CA GLU QA 228 -1.82 -10.53 -31.82
C GLU QA 228 -2.34 -11.07 -30.51
N ILE QA 229 -1.82 -10.57 -29.39
CA ILE QA 229 -2.23 -11.00 -28.05
C ILE QA 229 -2.85 -9.86 -27.26
N ASP QA 230 -2.19 -8.70 -27.25
CA ASP QA 230 -2.67 -7.60 -26.44
C ASP QA 230 -4.01 -7.10 -26.96
N ALA QA 231 -4.86 -6.65 -26.05
CA ALA QA 231 -6.21 -6.15 -26.34
C ALA QA 231 -7.05 -7.17 -27.09
N ILE QA 232 -6.57 -8.40 -27.22
CA ILE QA 232 -7.27 -9.48 -27.91
C ILE QA 232 -7.51 -10.65 -27.00
N ALA QA 233 -6.44 -11.23 -26.46
CA ALA QA 233 -6.55 -12.27 -25.44
C ALA QA 233 -6.65 -11.61 -24.07
N THR QA 234 -7.86 -11.15 -23.77
CA THR QA 234 -8.15 -10.33 -22.60
C THR QA 234 -8.79 -11.19 -21.52
N LYS QA 235 -8.03 -11.51 -20.47
CA LYS QA 235 -8.57 -12.30 -19.37
C LYS QA 235 -9.64 -11.55 -18.59
N ARG QA 236 -9.66 -10.22 -18.65
CA ARG QA 236 -10.63 -9.42 -17.91
C ARG QA 236 -11.96 -9.49 -18.63
N PHE QA 237 -12.73 -10.52 -18.33
CA PHE QA 237 -14.07 -10.65 -18.88
C PHE QA 237 -15.07 -9.76 -18.15
N ASP QA 238 -14.62 -8.97 -17.18
CA ASP QA 238 -15.50 -8.40 -16.17
C ASP QA 238 -15.49 -6.88 -16.25
N ALA QA 239 -16.28 -6.35 -17.18
CA ALA QA 239 -16.65 -4.93 -17.18
C ALA QA 239 -17.87 -4.81 -18.07
N GLN QA 240 -19.02 -4.47 -17.51
CA GLN QA 240 -20.24 -4.36 -18.31
C GLN QA 240 -20.36 -2.96 -18.92
N THR QA 241 -19.25 -2.49 -19.50
CA THR QA 241 -19.18 -1.19 -20.14
C THR QA 241 -18.28 -1.37 -21.36
N GLY QA 242 -18.89 -1.63 -22.51
CA GLY QA 242 -18.14 -1.82 -23.73
C GLY QA 242 -17.81 -3.27 -24.02
N ALA QA 243 -18.00 -3.67 -25.28
CA ALA QA 243 -17.63 -5.00 -25.76
C ALA QA 243 -18.33 -6.10 -24.98
N ASP QA 244 -19.64 -5.95 -24.78
CA ASP QA 244 -20.41 -7.03 -24.17
C ASP QA 244 -20.36 -8.25 -25.09
N ARG QA 245 -21.03 -8.15 -26.24
CA ARG QA 245 -20.98 -9.22 -27.22
C ARG QA 245 -19.63 -9.24 -27.93
N GLU QA 246 -18.96 -8.10 -28.02
CA GLU QA 246 -17.68 -8.03 -28.72
C GLU QA 246 -16.61 -8.82 -27.98
N VAL QA 247 -16.32 -8.44 -26.73
CA VAL QA 247 -15.36 -9.22 -25.96
C VAL QA 247 -15.91 -10.61 -25.68
N GLN QA 248 -17.24 -10.75 -25.61
CA GLN QA 248 -17.83 -12.07 -25.46
C GLN QA 248 -17.36 -13.00 -26.57
N ARG QA 249 -17.65 -12.64 -27.82
CA ARG QA 249 -17.27 -13.47 -28.95
C ARG QA 249 -15.76 -13.56 -29.10
N ILE QA 250 -15.03 -12.50 -28.77
CA ILE QA 250 -13.57 -12.55 -28.85
C ILE QA 250 -13.02 -13.67 -27.96
N LEU QA 251 -13.30 -13.57 -26.66
CA LEU QA 251 -12.74 -14.53 -25.72
C LEU QA 251 -13.38 -15.90 -25.89
N LEU QA 252 -14.62 -15.96 -26.37
CA LEU QA 252 -15.25 -17.23 -26.65
C LEU QA 252 -14.54 -17.95 -27.78
N GLU QA 253 -14.31 -17.27 -28.90
CA GLU QA 253 -13.53 -17.86 -29.96
C GLU QA 253 -12.16 -18.29 -29.45
N LEU QA 254 -11.52 -17.42 -28.68
CA LEU QA 254 -10.21 -17.73 -28.11
C LEU QA 254 -10.22 -19.06 -27.37
N LEU QA 255 -11.18 -19.24 -26.46
CA LEU QA 255 -11.15 -20.41 -25.59
C LEU QA 255 -11.71 -21.63 -26.28
N ASN QA 256 -12.82 -21.48 -27.01
CA ASN QA 256 -13.39 -22.60 -27.75
C ASN QA 256 -12.45 -23.09 -28.83
N GLN QA 257 -11.55 -22.24 -29.33
CA GLN QA 257 -10.56 -22.66 -30.30
C GLN QA 257 -9.32 -23.18 -29.63
N MET QA 258 -9.04 -22.71 -28.41
CA MET QA 258 -8.13 -23.43 -27.55
C MET QA 258 -8.50 -24.90 -27.50
N ASP QA 259 -9.79 -25.20 -27.35
CA ASP QA 259 -10.31 -26.56 -27.34
C ASP QA 259 -9.66 -27.42 -26.26
N GLY QA 260 -9.02 -26.78 -25.29
CA GLY QA 260 -7.97 -27.44 -24.54
C GLY QA 260 -6.78 -27.53 -25.46
N PHE QA 261 -6.91 -28.38 -26.48
CA PHE QA 261 -6.09 -28.37 -27.68
C PHE QA 261 -6.82 -29.23 -28.72
N ASP QA 262 -6.18 -29.42 -29.86
CA ASP QA 262 -6.69 -30.31 -30.89
C ASP QA 262 -5.68 -31.36 -31.32
N GLN QA 263 -4.40 -31.18 -30.96
CA GLN QA 263 -3.39 -32.23 -30.87
C GLN QA 263 -2.95 -32.77 -32.23
N ASN QA 264 -3.67 -32.43 -33.30
CA ASN QA 264 -3.15 -32.66 -34.64
C ASN QA 264 -3.77 -31.59 -35.54
N VAL QA 265 -3.17 -30.40 -35.49
CA VAL QA 265 -3.50 -29.27 -36.35
C VAL QA 265 -2.50 -28.19 -36.03
N ASN QA 266 -2.23 -27.30 -37.00
CA ASN QA 266 -1.76 -25.95 -36.72
C ASN QA 266 -0.79 -25.94 -35.55
N VAL QA 267 0.29 -26.70 -35.65
CA VAL QA 267 1.09 -27.00 -34.48
C VAL QA 267 1.74 -25.71 -33.97
N LYS QA 268 1.35 -25.30 -32.76
CA LYS QA 268 2.07 -24.30 -31.98
C LYS QA 268 2.08 -22.93 -32.68
N VAL QA 269 0.89 -22.32 -32.71
CA VAL QA 269 0.84 -20.88 -32.94
C VAL QA 269 1.55 -20.18 -31.78
N ILE QA 270 2.13 -19.02 -32.06
CA ILE QA 270 2.76 -18.20 -31.05
C ILE QA 270 2.03 -16.88 -30.98
N MET QA 271 2.48 -16.02 -30.06
CA MET QA 271 2.07 -14.62 -30.06
C MET QA 271 3.06 -13.84 -29.19
N ALA QA 272 3.03 -12.52 -29.36
CA ALA QA 272 3.96 -11.66 -28.63
C ALA QA 272 3.47 -10.22 -28.72
N THR QA 273 3.20 -9.60 -27.57
CA THR QA 273 2.95 -8.17 -27.49
C THR QA 273 3.64 -7.63 -26.24
N ASN QA 274 3.46 -6.33 -26.00
CA ASN QA 274 4.09 -5.69 -24.85
C ASN QA 274 3.65 -6.34 -23.53
N ARG QA 275 2.47 -6.94 -23.50
CA ARG QA 275 1.94 -7.54 -22.29
C ARG QA 275 1.61 -9.01 -22.49
N ALA QA 276 1.73 -9.77 -21.39
CA ALA QA 276 1.25 -11.14 -21.32
C ALA QA 276 0.54 -11.44 -20.02
N ASP QA 277 0.49 -10.48 -19.08
CA ASP QA 277 -0.18 -10.67 -17.81
C ASP QA 277 -1.69 -10.75 -17.94
N THR QA 278 -2.25 -10.25 -19.05
CA THR QA 278 -3.66 -10.36 -19.39
C THR QA 278 -4.03 -11.73 -19.84
N LEU QA 279 -3.14 -12.67 -19.61
CA LEU QA 279 -3.29 -14.02 -20.12
C LEU QA 279 -2.79 -15.00 -19.07
N ASP QA 280 -2.58 -16.23 -19.53
CA ASP QA 280 -2.33 -17.44 -18.75
C ASP QA 280 -3.43 -17.72 -17.71
N PRO QA 281 -4.73 -17.56 -18.02
CA PRO QA 281 -5.73 -18.09 -17.08
C PRO QA 281 -6.16 -19.50 -17.43
N ALA QA 282 -6.19 -19.92 -18.70
CA ALA QA 282 -6.60 -21.29 -19.07
C ALA QA 282 -5.61 -21.87 -20.08
N LEU QA 283 -4.89 -21.00 -20.81
CA LEU QA 283 -3.90 -21.44 -21.82
C LEU QA 283 -2.72 -22.13 -21.10
N LEU QA 284 -2.36 -21.63 -19.92
CA LEU QA 284 -1.25 -22.22 -19.13
C LEU QA 284 -1.82 -23.08 -18.00
N ARG QA 285 -2.41 -24.22 -18.34
CA ARG QA 285 -3.00 -25.15 -17.34
C ARG QA 285 -2.94 -26.58 -17.87
N PRO QA 286 -3.09 -27.62 -17.01
CA PRO QA 286 -3.05 -29.01 -17.46
C PRO QA 286 -4.00 -29.26 -18.64
N GLY QA 287 -3.44 -29.58 -19.81
CA GLY QA 287 -4.24 -29.84 -21.01
C GLY QA 287 -3.94 -28.85 -22.13
N ARG QA 288 -4.11 -27.55 -21.85
CA ARG QA 288 -3.84 -26.49 -22.85
C ARG QA 288 -2.32 -26.31 -23.00
N LEU QA 289 -1.66 -25.83 -21.94
CA LEU QA 289 -0.19 -25.62 -21.95
C LEU QA 289 0.51 -26.96 -22.15
N ASP QA 290 0.72 -27.36 -23.41
CA ASP QA 290 1.38 -28.65 -23.72
C ASP QA 290 2.85 -28.39 -24.11
N ARG QA 291 3.13 -27.24 -24.71
CA ARG QA 291 4.48 -26.89 -25.12
C ARG QA 291 4.68 -25.39 -25.14
N LYS QA 292 4.24 -24.72 -24.08
CA LYS QA 292 4.32 -23.27 -23.99
C LYS QA 292 5.64 -22.87 -23.34
N ILE QA 293 6.45 -22.11 -24.07
CA ILE QA 293 7.76 -21.66 -23.61
C ILE QA 293 7.83 -20.17 -23.86
N GLU QA 294 7.60 -19.38 -22.81
CA GLU QA 294 7.76 -17.93 -22.91
C GLU QA 294 9.13 -17.59 -23.45
N PHE QA 295 9.20 -16.49 -24.21
CA PHE QA 295 10.48 -16.03 -24.81
C PHE QA 295 10.69 -14.54 -24.50
N PRO QA 296 11.12 -14.18 -23.27
CA PRO QA 296 11.35 -12.77 -22.91
C PRO QA 296 12.77 -12.32 -23.21
N LEU QA 297 13.23 -11.25 -22.54
CA LEU QA 297 14.59 -10.70 -22.73
C LEU QA 297 15.63 -11.78 -22.40
N PRO QA 298 16.69 -11.97 -23.22
CA PRO QA 298 17.70 -12.99 -22.96
C PRO QA 298 18.86 -12.45 -22.10
N ASP QA 299 20.03 -13.10 -22.18
CA ASP QA 299 21.22 -12.68 -21.40
C ASP QA 299 21.97 -11.59 -22.17
N ARG QA 300 23.19 -11.90 -22.63
CA ARG QA 300 24.01 -10.93 -23.40
C ARG QA 300 24.56 -11.61 -24.66
N ARG QA 301 25.79 -11.27 -25.05
CA ARG QA 301 26.41 -11.86 -26.24
C ARG QA 301 25.47 -11.75 -27.44
N GLN QA 302 24.26 -11.25 -27.22
CA GLN QA 302 23.40 -10.88 -28.32
C GLN QA 302 23.78 -9.50 -28.83
N LYS QA 303 23.68 -8.51 -27.95
CA LYS QA 303 24.07 -7.13 -28.21
C LYS QA 303 25.37 -7.06 -29.00
N ARG QA 304 26.36 -7.86 -28.59
CA ARG QA 304 27.62 -7.91 -29.32
C ARG QA 304 27.42 -8.46 -30.72
N LEU QA 305 26.78 -9.63 -30.84
CA LEU QA 305 26.53 -10.18 -32.16
C LEU QA 305 25.56 -9.32 -32.96
N ILE QA 306 24.65 -8.63 -32.29
CA ILE QA 306 23.75 -7.73 -33.01
C ILE QA 306 24.53 -6.58 -33.61
N PHE QA 307 25.39 -5.95 -32.81
CA PHE QA 307 26.36 -5.02 -33.36
C PHE QA 307 27.03 -5.61 -34.60
N SER QA 308 27.68 -6.76 -34.42
CA SER QA 308 28.35 -7.43 -35.54
C SER QA 308 27.44 -7.56 -36.76
N THR QA 309 26.12 -7.63 -36.54
CA THR QA 309 25.19 -7.61 -37.66
C THR QA 309 24.89 -6.20 -38.13
N ILE QA 310 24.34 -5.37 -37.25
CA ILE QA 310 23.85 -4.07 -37.68
C ILE QA 310 25.03 -3.13 -37.98
N THR QA 311 26.09 -3.20 -37.19
CA THR QA 311 27.27 -2.42 -37.51
C THR QA 311 27.89 -2.87 -38.82
N SER QA 312 27.72 -4.14 -39.18
CA SER QA 312 28.10 -4.58 -40.51
C SER QA 312 27.06 -4.21 -41.55
N LYS QA 313 25.81 -3.95 -41.14
CA LYS QA 313 24.86 -3.38 -42.08
C LYS QA 313 25.33 -2.02 -42.57
N MET QA 314 25.84 -1.19 -41.67
CA MET QA 314 26.60 -0.02 -42.09
C MET QA 314 28.03 -0.45 -42.43
N ASN QA 315 28.85 0.51 -42.82
CA ASN QA 315 30.12 0.16 -43.44
C ASN QA 315 31.13 -0.35 -42.43
N LEU QA 316 31.52 0.49 -41.47
CA LEU QA 316 32.54 0.12 -40.49
C LEU QA 316 33.81 -0.35 -41.21
N SER QA 317 34.43 0.62 -41.89
CA SER QA 317 35.29 0.32 -43.03
C SER QA 317 36.24 -0.84 -42.79
N GLU QA 318 37.22 -0.67 -41.90
CA GLU QA 318 38.02 -1.80 -41.43
C GLU QA 318 38.38 -1.75 -39.96
N GLU QA 319 38.26 -0.60 -39.28
CA GLU QA 319 38.70 -0.50 -37.89
C GLU QA 319 37.82 0.55 -37.20
N VAL QA 320 36.81 0.06 -36.49
CA VAL QA 320 35.84 0.91 -35.81
C VAL QA 320 35.35 0.17 -34.58
N ASP QA 321 35.40 0.82 -33.43
CA ASP QA 321 35.21 0.13 -32.15
C ASP QA 321 33.84 -0.53 -32.08
N LEU QA 322 33.77 -1.60 -31.28
CA LEU QA 322 32.54 -2.36 -31.05
C LEU QA 322 32.19 -2.46 -29.57
N GLU QA 323 33.16 -2.72 -28.70
CA GLU QA 323 32.84 -3.01 -27.30
C GLU QA 323 32.50 -1.75 -26.52
N ASP QA 324 33.08 -0.60 -26.90
CA ASP QA 324 32.90 0.64 -26.16
C ASP QA 324 31.43 0.99 -25.98
N TYR QA 325 30.55 0.40 -26.78
CA TYR QA 325 29.10 0.55 -26.63
C TYR QA 325 28.42 -0.76 -26.27
N VAL QA 326 29.07 -1.89 -26.52
CA VAL QA 326 28.58 -3.18 -26.03
C VAL QA 326 28.33 -3.09 -24.53
N ALA QA 327 29.37 -2.70 -23.78
CA ALA QA 327 29.26 -2.59 -22.33
C ALA QA 327 28.80 -1.21 -21.87
N ARG QA 328 28.33 -0.35 -22.78
CA ARG QA 328 27.88 0.97 -22.39
C ARG QA 328 26.37 1.06 -22.52
N PRO QA 329 25.63 1.29 -21.43
CA PRO QA 329 24.17 1.30 -21.52
C PRO QA 329 23.61 2.59 -22.09
N ASP QA 330 23.69 2.73 -23.42
CA ASP QA 330 23.06 3.85 -24.10
C ASP QA 330 21.65 3.52 -24.57
N GLY QA 334 18.18 -4.04 -29.73
CA GLY QA 334 17.99 -4.50 -31.12
C GLY QA 334 17.14 -3.54 -31.92
N ALA QA 335 16.10 -2.98 -31.29
CA ALA QA 335 15.18 -2.03 -31.96
C ALA QA 335 15.90 -0.69 -32.18
N ASP QA 336 16.74 -0.29 -31.22
CA ASP QA 336 17.50 0.99 -31.32
C ASP QA 336 18.58 0.86 -32.41
N ILE QA 337 19.21 -0.32 -32.51
CA ILE QA 337 20.28 -0.57 -33.52
C ILE QA 337 19.74 -0.18 -34.90
N ASN QA 338 18.43 -0.36 -35.12
CA ASN QA 338 17.80 -0.02 -36.43
C ASN QA 338 17.90 1.50 -36.59
N SER QA 339 17.50 2.26 -35.56
CA SER QA 339 17.62 3.71 -35.58
C SER QA 339 19.06 4.15 -35.37
N ILE QA 340 19.86 3.35 -34.66
CA ILE QA 340 21.30 3.64 -34.56
C ILE QA 340 21.90 3.77 -35.95
N CYS QA 341 21.77 2.72 -36.76
CA CYS QA 341 22.28 2.75 -38.12
C CYS QA 341 21.58 3.81 -38.95
N GLN QA 342 20.29 4.03 -38.73
CA GLN QA 342 19.60 5.12 -39.42
C GLN QA 342 20.37 6.42 -39.24
N GLU QA 343 20.48 6.88 -37.99
CA GLU QA 343 21.20 8.10 -37.68
C GLU QA 343 22.62 8.08 -38.27
N SER QA 344 23.42 7.11 -37.84
CA SER QA 344 24.84 7.10 -38.17
C SER QA 344 25.06 7.01 -39.69
N GLY QA 345 24.50 5.98 -40.32
CA GLY QA 345 24.71 5.80 -41.74
C GLY QA 345 24.14 6.92 -42.58
N MET QA 346 22.89 7.31 -42.33
CA MET QA 346 22.30 8.36 -43.14
C MET QA 346 22.85 9.74 -42.83
N LEU QA 347 23.65 9.90 -41.76
CA LEU QA 347 24.40 11.14 -41.60
C LEU QA 347 25.77 11.05 -42.26
N ALA QA 348 26.36 9.86 -42.30
CA ALA QA 348 27.49 9.65 -43.20
C ALA QA 348 27.08 9.86 -44.65
N VAL QA 349 25.80 9.64 -44.95
CA VAL QA 349 25.25 9.95 -46.26
C VAL QA 349 24.84 11.41 -46.32
N ARG QA 350 24.57 12.04 -45.18
CA ARG QA 350 24.64 13.50 -45.12
C ARG QA 350 26.07 13.95 -45.40
N GLU QA 351 27.04 13.23 -44.84
CA GLU QA 351 28.43 13.39 -45.26
C GLU QA 351 28.66 12.81 -46.65
N ASN QA 352 27.78 11.91 -47.11
CA ASN QA 352 27.77 11.38 -48.48
C ASN QA 352 29.02 10.54 -48.78
N ARG QA 353 29.32 9.61 -47.87
CA ARG QA 353 30.41 8.66 -48.11
C ARG QA 353 30.06 7.34 -47.44
N TYR QA 354 30.76 6.28 -47.87
CA TYR QA 354 30.48 4.95 -47.34
C TYR QA 354 31.07 4.76 -45.95
N ILE QA 355 32.38 4.95 -45.82
CA ILE QA 355 33.13 4.50 -44.65
C ILE QA 355 32.47 4.97 -43.36
N VAL QA 356 32.08 4.02 -42.52
CA VAL QA 356 31.37 4.30 -41.28
C VAL QA 356 32.37 4.28 -40.14
N LEU QA 357 32.33 5.30 -39.30
CA LEU QA 357 33.33 5.52 -38.26
C LEU QA 357 32.81 5.06 -36.91
N ALA QA 358 33.72 4.99 -35.94
CA ALA QA 358 33.32 4.74 -34.56
C ALA QA 358 32.62 5.95 -33.96
N LYS QA 359 32.93 7.16 -34.46
CA LYS QA 359 32.18 8.34 -34.07
C LYS QA 359 30.72 8.23 -34.50
N ASP QA 360 30.47 7.51 -35.59
CA ASP QA 360 29.08 7.32 -36.05
C ASP QA 360 28.25 6.62 -34.99
N PHE QA 361 28.86 5.75 -34.19
CA PHE QA 361 28.19 5.23 -33.02
C PHE QA 361 27.69 6.36 -32.12
N GLU QA 362 28.59 7.28 -31.78
CA GLU QA 362 28.21 8.42 -30.95
C GLU QA 362 27.09 9.24 -31.58
N LYS QA 363 27.17 9.46 -32.90
CA LYS QA 363 26.11 10.19 -33.59
C LYS QA 363 24.76 9.50 -33.41
N ALA QA 364 24.77 8.19 -33.22
CA ALA QA 364 23.58 7.41 -32.94
C ALA QA 364 23.34 7.20 -31.45
N TYR QA 365 24.19 7.78 -30.60
CA TYR QA 365 24.07 7.62 -29.14
C TYR QA 365 23.82 8.95 -28.44
N LYS QA 366 23.37 9.96 -29.18
CA LYS QA 366 23.11 11.28 -28.59
C LYS QA 366 21.70 11.73 -28.90
N THR QA 367 21.13 11.23 -29.99
CA THR QA 367 19.76 11.55 -30.40
C THR QA 367 18.75 10.54 -29.88
N VAL QA 368 19.00 9.94 -28.72
CA VAL QA 368 18.30 8.75 -28.27
C VAL QA 368 17.64 8.99 -26.91
N ILE QA 369 17.19 7.91 -26.29
CA ILE QA 369 16.53 7.98 -24.95
C ILE QA 369 17.61 8.22 -23.89
N LYS QA 370 18.29 9.36 -23.97
CA LYS QA 370 19.37 9.70 -23.00
C LYS QA 370 18.81 10.60 -21.89
N LYS QA 371 17.48 10.74 -21.84
CA LYS QA 371 16.82 11.58 -20.81
C LYS QA 371 17.31 11.15 -19.41
N ASP QA 372 17.98 12.09 -18.72
CA ASP QA 372 18.53 11.97 -17.35
C ASP QA 372 19.73 11.01 -17.33
N GLU QA 373 20.91 11.53 -17.71
CA GLU QA 373 22.16 10.73 -17.75
C GLU QA 373 22.96 10.99 -16.46
N GLN QA 374 23.45 9.92 -15.82
CA GLN QA 374 23.27 8.55 -16.36
C GLN QA 374 22.96 7.59 -15.21
N GLU QA 375 22.51 8.11 -14.07
CA GLU QA 375 22.20 7.25 -12.91
C GLU QA 375 21.33 8.00 -11.89
N HIS QA 376 20.17 7.43 -11.57
CA HIS QA 376 19.23 7.96 -10.57
C HIS QA 376 19.96 8.44 -9.33
N GLU QA 377 21.25 8.10 -9.18
CA GLU QA 377 22.17 8.75 -8.25
C GLU QA 377 21.91 8.34 -6.80
N PHE QA 378 20.84 7.59 -6.56
CA PHE QA 378 20.44 7.30 -5.20
C PHE QA 378 20.02 5.85 -5.08
N LYS RA 1 -12.26 41.08 -111.27
CA LYS RA 1 -13.25 41.05 -110.20
C LYS RA 1 -13.35 39.65 -109.59
N LEU RA 2 -12.49 39.38 -108.62
CA LEU RA 2 -12.43 38.09 -107.95
C LEU RA 2 -13.28 38.03 -106.69
N LEU RA 3 -14.34 38.85 -106.61
CA LEU RA 3 -15.21 38.84 -105.44
C LEU RA 3 -15.79 37.46 -105.19
N GLU RA 4 -16.16 36.74 -106.27
CA GLU RA 4 -16.65 35.38 -106.11
C GLU RA 4 -15.62 34.49 -105.43
N HIS RA 5 -14.34 34.65 -105.82
CA HIS RA 5 -13.28 33.81 -105.27
C HIS RA 5 -13.24 33.92 -103.75
N LYS RA 6 -12.97 35.12 -103.23
CA LYS RA 6 -12.82 35.28 -101.79
C LYS RA 6 -14.14 35.09 -101.05
N GLU RA 7 -15.27 35.47 -101.67
CA GLU RA 7 -16.55 35.30 -101.01
C GLU RA 7 -16.88 33.82 -100.82
N ILE RA 8 -16.76 33.03 -101.89
CA ILE RA 8 -16.98 31.60 -101.78
C ILE RA 8 -15.91 30.97 -100.90
N ASP RA 9 -14.71 31.55 -100.84
CA ASP RA 9 -13.69 31.04 -99.94
C ASP RA 9 -14.11 31.18 -98.49
N GLY RA 10 -14.59 32.37 -98.12
CA GLY RA 10 -15.08 32.56 -96.76
C GLY RA 10 -16.28 31.68 -96.45
N ARG RA 11 -17.25 31.62 -97.37
CA ARG RA 11 -18.41 30.77 -97.17
C ARG RA 11 -18.03 29.31 -97.02
N LEU RA 12 -17.08 28.83 -97.85
CA LEU RA 12 -16.69 27.43 -97.83
C LEU RA 12 -15.87 27.11 -96.59
N LYS RA 13 -15.03 28.04 -96.13
CA LYS RA 13 -14.29 27.80 -94.90
C LYS RA 13 -15.22 27.79 -93.69
N GLU RA 14 -16.21 28.68 -93.67
CA GLU RA 14 -17.20 28.67 -92.60
C GLU RA 14 -17.98 27.36 -92.60
N LEU RA 15 -18.49 26.96 -93.77
CA LEU RA 15 -19.22 25.71 -93.87
C LEU RA 15 -18.31 24.52 -93.56
N ARG RA 16 -17.02 24.63 -93.84
CA ARG RA 16 -16.09 23.54 -93.54
C ARG RA 16 -15.93 23.38 -92.03
N GLU RA 17 -15.66 24.48 -91.33
CA GLU RA 17 -15.59 24.42 -89.88
C GLU RA 17 -16.90 23.90 -89.30
N GLN RA 18 -18.03 24.39 -89.81
CA GLN RA 18 -19.34 24.01 -89.28
C GLN RA 18 -19.59 22.52 -89.49
N LEU RA 19 -19.44 22.05 -90.73
CA LEU RA 19 -19.67 20.64 -91.02
C LEU RA 19 -18.68 19.74 -90.30
N LYS RA 20 -17.44 20.20 -90.11
CA LYS RA 20 -16.46 19.41 -89.39
C LYS RA 20 -16.87 19.25 -87.92
N GLU RA 21 -17.19 20.37 -87.27
CA GLU RA 21 -17.63 20.28 -85.87
C GLU RA 21 -18.90 19.45 -85.74
N LEU RA 22 -19.84 19.62 -86.67
CA LEU RA 22 -21.13 18.94 -86.56
C LEU RA 22 -21.02 17.47 -86.90
N THR RA 23 -20.13 17.10 -87.82
CA THR RA 23 -19.92 15.69 -88.11
C THR RA 23 -19.11 15.01 -87.02
N LYS RA 24 -18.17 15.73 -86.41
CA LYS RA 24 -17.50 15.20 -85.22
C LYS RA 24 -18.50 15.04 -84.07
N GLN RA 25 -19.48 15.93 -83.98
CA GLN RA 25 -20.52 15.79 -82.97
C GLN RA 25 -21.44 14.62 -83.29
N TYR RA 26 -21.75 14.39 -84.56
CA TYR RA 26 -22.51 13.21 -84.94
C TYR RA 26 -21.73 11.94 -84.65
N GLU RA 27 -20.41 11.99 -84.81
CA GLU RA 27 -19.56 10.86 -84.46
C GLU RA 27 -19.57 10.62 -82.95
N LYS RA 28 -19.47 11.69 -82.16
CA LYS RA 28 -19.59 11.55 -80.72
C LYS RA 28 -20.98 11.08 -80.31
N SER RA 29 -22.00 11.40 -81.11
CA SER RA 29 -23.36 10.95 -80.82
C SER RA 29 -23.48 9.44 -81.06
N GLU RA 30 -23.01 8.98 -82.21
CA GLU RA 30 -22.92 7.53 -82.43
C GLU RA 30 -22.03 6.87 -81.39
N ASN RA 31 -21.03 7.58 -80.89
CA ASN RA 31 -20.16 7.04 -79.85
C ASN RA 31 -20.93 6.86 -78.55
N ASP RA 32 -21.74 7.85 -78.17
CA ASP RA 32 -22.61 7.69 -77.01
C ASP RA 32 -23.65 6.61 -77.25
N LEU RA 33 -24.09 6.43 -78.49
CA LEU RA 33 -24.96 5.31 -78.83
C LEU RA 33 -24.26 3.99 -78.54
N LYS RA 34 -23.00 3.87 -78.95
CA LYS RA 34 -22.21 2.69 -78.61
C LYS RA 34 -22.05 2.54 -77.10
N ALA RA 35 -21.86 3.67 -76.41
CA ALA RA 35 -21.72 3.63 -74.95
C ALA RA 35 -22.96 3.04 -74.31
N LEU RA 36 -24.14 3.44 -74.80
CA LEU RA 36 -25.37 2.72 -74.47
C LEU RA 36 -25.21 1.25 -74.81
N GLN RA 37 -24.79 0.95 -76.04
CA GLN RA 37 -24.60 -0.43 -76.47
C GLN RA 37 -23.50 -1.12 -75.68
N SER RA 38 -22.45 -0.38 -75.31
CA SER RA 38 -21.44 -0.95 -74.41
C SER RA 38 -22.04 -0.98 -73.00
N VAL RA 39 -22.79 -2.05 -72.71
CA VAL RA 39 -23.53 -2.11 -71.46
C VAL RA 39 -22.58 -2.05 -70.27
N GLY RA 40 -23.10 -1.57 -69.14
CA GLY RA 40 -22.34 -1.63 -67.91
C GLY RA 40 -21.90 -3.04 -67.58
N GLN RA 41 -20.85 -3.13 -66.78
CA GLN RA 41 -20.20 -4.40 -66.49
C GLN RA 41 -20.16 -4.58 -64.98
N ILE RA 42 -21.04 -5.44 -64.46
CA ILE RA 42 -21.07 -5.69 -63.03
C ILE RA 42 -19.68 -6.11 -62.56
N VAL RA 43 -19.31 -5.67 -61.36
CA VAL RA 43 -18.02 -5.98 -60.77
C VAL RA 43 -18.25 -7.03 -59.69
N GLY RA 44 -17.81 -8.26 -59.96
CA GLY RA 44 -17.82 -9.32 -58.99
C GLY RA 44 -16.40 -9.69 -58.60
N GLU RA 45 -16.29 -10.77 -57.83
CA GLU RA 45 -15.00 -11.23 -57.34
C GLU RA 45 -14.87 -12.73 -57.51
N VAL RA 46 -13.81 -13.16 -58.18
CA VAL RA 46 -13.50 -14.58 -58.27
C VAL RA 46 -13.00 -15.06 -56.93
N LEU RA 47 -13.76 -15.97 -56.31
CA LEU RA 47 -13.34 -16.49 -55.01
C LEU RA 47 -12.09 -17.35 -55.14
N LYS RA 48 -12.02 -18.17 -56.18
CA LYS RA 48 -10.86 -19.01 -56.40
C LYS RA 48 -10.92 -19.58 -57.81
N GLN RA 49 -9.75 -19.69 -58.43
CA GLN RA 49 -9.64 -20.41 -59.69
C GLN RA 49 -9.61 -21.90 -59.40
N LEU RA 50 -10.72 -22.59 -59.70
CA LEU RA 50 -10.71 -24.05 -59.61
C LEU RA 50 -9.81 -24.63 -60.69
N THR RA 51 -10.04 -24.27 -61.94
CA THR RA 51 -9.21 -24.69 -63.06
C THR RA 51 -9.00 -23.49 -63.97
N GLU RA 52 -8.16 -23.68 -65.00
CA GLU RA 52 -7.81 -22.61 -65.92
C GLU RA 52 -9.01 -22.01 -66.64
N GLU RA 53 -10.19 -22.61 -66.52
CA GLU RA 53 -11.41 -22.02 -67.04
C GLU RA 53 -12.50 -21.88 -66.00
N LYS RA 54 -12.62 -22.83 -65.06
CA LYS RA 54 -13.65 -22.77 -64.03
C LYS RA 54 -13.14 -21.90 -62.90
N PHE RA 55 -13.51 -20.63 -62.95
CA PHE RA 55 -13.14 -19.66 -61.94
C PHE RA 55 -14.29 -19.54 -60.96
N ILE RA 56 -14.10 -20.06 -59.75
CA ILE RA 56 -15.15 -20.01 -58.74
C ILE RA 56 -15.23 -18.60 -58.19
N VAL RA 57 -16.38 -17.95 -58.37
CA VAL RA 57 -16.54 -16.55 -58.06
C VAL RA 57 -17.73 -16.37 -57.12
N LYS RA 58 -17.82 -15.18 -56.54
CA LYS RA 58 -19.04 -14.68 -55.95
C LYS RA 58 -19.21 -13.23 -56.37
N ALA RA 59 -20.44 -12.86 -56.72
CA ALA RA 59 -20.73 -11.47 -56.97
C ALA RA 59 -20.40 -10.65 -55.73
N THR RA 60 -19.64 -9.57 -55.94
CA THR RA 60 -19.22 -8.71 -54.83
C THR RA 60 -20.39 -8.30 -53.94
N ASN RA 61 -21.60 -8.30 -54.48
CA ASN RA 61 -22.80 -7.96 -53.72
C ASN RA 61 -23.93 -8.93 -54.06
N GLY RA 62 -23.60 -10.20 -54.21
CA GLY RA 62 -24.60 -11.19 -54.56
C GLY RA 62 -24.11 -12.61 -54.35
N PRO RA 63 -24.83 -13.58 -54.95
CA PRO RA 63 -24.46 -14.98 -54.79
C PRO RA 63 -23.18 -15.36 -55.52
N ARG RA 64 -22.83 -16.65 -55.46
CA ARG RA 64 -21.57 -17.15 -55.97
C ARG RA 64 -21.80 -18.07 -57.17
N TYR RA 65 -20.84 -18.06 -58.09
CA TYR RA 65 -20.94 -18.79 -59.34
C TYR RA 65 -19.55 -19.21 -59.78
N VAL RA 66 -19.49 -19.98 -60.87
CA VAL RA 66 -18.23 -20.42 -61.46
C VAL RA 66 -18.33 -20.25 -62.96
N VAL RA 67 -17.58 -19.29 -63.51
CA VAL RA 67 -17.59 -19.01 -64.95
C VAL RA 67 -16.15 -18.81 -65.44
N GLY RA 68 -16.00 -18.47 -66.71
CA GLY RA 68 -14.70 -18.28 -67.32
C GLY RA 68 -14.46 -16.84 -67.76
N CYS RA 69 -13.28 -16.63 -68.35
CA CYS RA 69 -12.91 -15.34 -68.90
C CYS RA 69 -13.39 -15.24 -70.34
N ARG RA 70 -13.27 -14.03 -70.92
CA ARG RA 70 -13.71 -13.78 -72.32
C ARG RA 70 -12.76 -14.48 -73.28
N ARG RA 71 -11.62 -13.84 -73.57
CA ARG RA 71 -10.60 -14.45 -74.42
C ARG RA 71 -9.18 -14.34 -73.89
N GLN RA 72 -8.81 -13.14 -73.42
CA GLN RA 72 -7.40 -12.84 -73.19
C GLN RA 72 -7.22 -11.93 -71.99
N LEU RA 73 -7.91 -12.22 -70.89
CA LEU RA 73 -7.73 -11.43 -69.68
C LEU RA 73 -6.45 -11.77 -68.94
N ASP RA 74 -5.62 -12.62 -69.51
CA ASP RA 74 -4.29 -12.96 -68.97
C ASP RA 74 -4.41 -13.59 -67.57
N LYS RA 75 -4.99 -14.80 -67.55
CA LYS RA 75 -5.09 -15.58 -66.32
C LYS RA 75 -3.78 -15.66 -65.56
N SER RA 76 -2.65 -15.48 -66.26
CA SER RA 76 -1.34 -15.47 -65.63
C SER RA 76 -1.33 -14.65 -64.34
N LYS RA 77 -1.66 -13.37 -64.45
CA LYS RA 77 -1.77 -12.54 -63.25
C LYS RA 77 -3.11 -12.65 -62.56
N LEU RA 78 -4.07 -13.39 -63.13
CA LEU RA 78 -5.43 -13.43 -62.61
C LEU RA 78 -5.55 -14.63 -61.66
N LYS RA 79 -5.65 -14.36 -60.38
CA LYS RA 79 -5.75 -15.35 -59.33
C LYS RA 79 -6.80 -14.89 -58.33
N PRO RA 80 -7.35 -15.81 -57.53
CA PRO RA 80 -8.32 -15.41 -56.50
C PRO RA 80 -7.89 -14.20 -55.69
N GLY RA 81 -8.70 -13.15 -55.74
CA GLY RA 81 -8.40 -11.93 -55.04
C GLY RA 81 -8.39 -10.70 -55.93
N THR RA 82 -7.88 -10.83 -57.14
CA THR RA 82 -7.86 -9.70 -58.06
C THR RA 82 -9.28 -9.34 -58.48
N ARG RA 83 -9.50 -8.04 -58.73
CA ARG RA 83 -10.82 -7.58 -59.12
C ARG RA 83 -11.01 -7.80 -60.62
N VAL RA 84 -12.17 -8.34 -60.98
CA VAL RA 84 -12.52 -8.60 -62.36
C VAL RA 84 -13.90 -8.01 -62.64
N ALA RA 85 -14.27 -8.01 -63.91
CA ALA RA 85 -15.61 -7.70 -64.35
C ALA RA 85 -16.26 -8.97 -64.87
N LEU RA 86 -17.56 -8.90 -65.10
CA LEU RA 86 -18.35 -10.07 -65.45
C LEU RA 86 -19.22 -9.77 -66.66
N ASP RA 87 -19.65 -10.84 -67.33
CA ASP RA 87 -20.54 -10.70 -68.47
C ASP RA 87 -21.93 -10.29 -68.02
N MET RA 88 -22.56 -9.43 -68.82
CA MET RA 88 -23.97 -9.14 -68.62
C MET RA 88 -24.81 -10.40 -68.72
N THR RA 89 -24.59 -11.20 -69.76
CA THR RA 89 -25.44 -12.35 -70.02
C THR RA 89 -25.01 -13.57 -69.21
N THR RA 90 -23.79 -14.05 -69.45
CA THR RA 90 -23.35 -15.33 -68.91
C THR RA 90 -22.48 -15.18 -67.67
N LEU RA 91 -22.32 -13.96 -67.16
CA LEU RA 91 -21.51 -13.64 -65.99
C LEU RA 91 -20.03 -13.91 -66.21
N THR RA 92 -19.65 -14.39 -67.39
CA THR RA 92 -18.25 -14.70 -67.66
C THR RA 92 -17.38 -13.47 -67.49
N ILE RA 93 -16.13 -13.71 -67.11
CA ILE RA 93 -15.20 -12.61 -66.87
C ILE RA 93 -14.90 -11.93 -68.20
N MET RA 94 -15.19 -10.63 -68.27
CA MET RA 94 -14.93 -9.85 -69.47
C MET RA 94 -13.69 -8.98 -69.36
N ARG RA 95 -13.32 -8.56 -68.15
CA ARG RA 95 -12.17 -7.70 -67.94
C ARG RA 95 -11.78 -7.64 -66.47
N TYR RA 96 -10.53 -7.93 -66.16
CA TYR RA 96 -10.02 -7.69 -64.82
C TYR RA 96 -9.41 -6.30 -64.77
N LEU RA 97 -9.37 -5.73 -63.56
CA LEU RA 97 -8.97 -4.34 -63.40
C LEU RA 97 -8.28 -4.19 -62.06
N PRO RA 98 -7.50 -3.13 -61.87
CA PRO RA 98 -6.85 -2.92 -60.58
C PRO RA 98 -7.86 -2.78 -59.45
N ARG RA 99 -7.38 -3.02 -58.24
CA ARG RA 99 -8.25 -3.04 -57.08
C ARG RA 99 -8.76 -1.62 -56.76
N GLU RA 100 -9.62 -1.55 -55.75
CA GLU RA 100 -10.22 -0.29 -55.35
C GLU RA 100 -9.16 0.65 -54.79
N VAL RA 101 -9.60 1.88 -54.49
CA VAL RA 101 -8.70 2.91 -53.98
C VAL RA 101 -9.18 3.53 -52.68
N ASP RA 102 -10.35 3.06 -52.23
CA ASP RA 102 -11.03 3.45 -50.96
C ASP RA 102 -11.08 4.96 -50.81
N PRO RA 103 -12.06 5.66 -51.44
CA PRO RA 103 -12.23 7.13 -51.43
C PRO RA 103 -11.45 7.99 -50.43
N LEU RA 104 -11.54 7.67 -49.13
CA LEU RA 104 -10.77 8.37 -48.08
C LEU RA 104 -9.30 8.48 -48.50
N VAL RA 105 -8.76 7.49 -49.24
CA VAL RA 105 -7.37 7.65 -49.64
C VAL RA 105 -7.22 8.86 -50.56
N TYR RA 106 -8.10 8.97 -51.56
CA TYR RA 106 -8.07 10.14 -52.43
C TYR RA 106 -8.26 11.42 -51.64
N ASN RA 107 -9.10 11.38 -50.60
CA ASN RA 107 -9.25 12.53 -49.73
C ASN RA 107 -7.95 12.88 -49.04
N MET RA 108 -7.07 11.90 -48.82
CA MET RA 108 -5.75 12.14 -48.26
C MET RA 108 -4.65 11.93 -49.31
N SER RA 109 -5.00 11.95 -50.60
CA SER RA 109 -4.01 11.83 -51.65
C SER RA 109 -4.20 12.80 -52.80
N HIS RA 110 -5.33 13.50 -52.89
CA HIS RA 110 -5.62 14.37 -54.02
C HIS RA 110 -5.90 15.82 -53.65
N GLU RA 111 -6.00 16.15 -52.36
CA GLU RA 111 -6.24 17.52 -51.95
C GLU RA 111 -5.01 18.41 -52.09
N ASP RA 112 -3.81 17.82 -52.18
CA ASP RA 112 -2.53 18.51 -52.09
C ASP RA 112 -2.46 19.76 -52.95
N PRO RA 113 -2.44 20.94 -52.33
CA PRO RA 113 -2.32 22.20 -53.07
C PRO RA 113 -0.87 22.57 -53.30
N GLY RA 114 -0.50 22.75 -54.57
CA GLY RA 114 0.85 23.18 -54.88
C GLY RA 114 1.12 24.59 -54.37
N ASN RA 115 2.31 24.78 -53.81
CA ASN RA 115 2.66 26.06 -53.19
C ASN RA 115 4.17 26.25 -53.30
N VAL RA 116 4.70 27.17 -52.48
CA VAL RA 116 6.11 27.55 -52.53
C VAL RA 116 7.00 26.35 -52.27
N SER RA 117 8.26 26.48 -52.69
CA SER RA 117 9.29 25.50 -52.38
C SER RA 117 9.80 25.71 -50.96
N TYR RA 118 10.94 25.10 -50.63
CA TYR RA 118 11.34 24.84 -49.25
C TYR RA 118 12.11 26.02 -48.62
N SER RA 119 11.79 27.26 -48.96
CA SER RA 119 12.49 28.41 -48.38
C SER RA 119 11.57 29.47 -47.79
N GLU RA 120 10.31 29.14 -47.47
CA GLU RA 120 9.39 30.16 -47.00
C GLU RA 120 9.54 30.42 -45.50
N ILE RA 121 9.26 29.42 -44.67
CA ILE RA 121 9.24 29.63 -43.22
C ILE RA 121 10.63 29.45 -42.65
N GLY RA 122 11.02 30.38 -41.79
CA GLY RA 122 12.33 30.41 -41.20
C GLY RA 122 12.42 29.58 -39.92
N GLY RA 123 13.50 29.83 -39.17
CA GLY RA 123 13.75 29.11 -37.90
C GLY RA 123 14.23 27.70 -38.15
N LEU RA 124 13.89 27.14 -39.33
CA LEU RA 124 14.30 25.77 -39.70
C LEU RA 124 15.46 25.85 -40.70
N SER RA 125 16.32 26.86 -40.54
CA SER RA 125 17.49 27.04 -41.45
C SER RA 125 18.31 25.74 -41.50
N GLU RA 126 18.68 25.22 -40.33
CA GLU RA 126 19.47 23.97 -40.23
C GLU RA 126 18.53 22.77 -40.41
N GLN RA 127 17.23 22.98 -40.16
CA GLN RA 127 16.23 21.89 -40.30
C GLN RA 127 15.98 21.63 -41.79
N ILE RA 128 16.07 22.68 -42.61
CA ILE RA 128 15.85 22.56 -44.08
C ILE RA 128 16.75 21.43 -44.61
N ARG RA 129 18.02 21.42 -44.19
CA ARG RA 129 18.96 20.38 -44.61
C ARG RA 129 18.70 19.08 -43.88
N GLU RA 130 18.33 19.16 -42.60
CA GLU RA 130 17.98 17.97 -41.83
C GLU RA 130 16.83 17.21 -42.49
N LEU RA 131 15.73 17.92 -42.77
CA LEU RA 131 14.60 17.30 -43.45
C LEU RA 131 14.99 16.74 -44.80
N ARG RA 132 15.93 17.39 -45.50
CA ARG RA 132 16.31 16.89 -46.82
C ARG RA 132 17.14 15.61 -46.71
N GLU RA 133 17.95 15.47 -45.67
CA GLU RA 133 18.78 14.28 -45.49
C GLU RA 133 17.96 13.01 -45.25
N VAL RA 134 16.64 13.12 -45.18
CA VAL RA 134 15.77 11.94 -45.05
C VAL RA 134 14.65 12.07 -46.06
N ILE RA 135 14.50 13.28 -46.61
CA ILE RA 135 13.36 13.62 -47.43
C ILE RA 135 13.65 13.47 -48.91
N GLU RA 136 14.90 13.63 -49.34
CA GLU RA 136 15.33 13.30 -50.68
C GLU RA 136 16.37 12.20 -50.70
N LEU RA 137 16.79 11.70 -49.52
CA LEU RA 137 17.82 10.66 -49.50
C LEU RA 137 17.36 9.39 -50.20
N PRO RA 138 16.19 8.81 -49.89
CA PRO RA 138 15.73 7.67 -50.69
C PRO RA 138 15.04 8.13 -51.97
N LEU RA 139 14.43 9.32 -51.93
CA LEU RA 139 13.70 9.83 -53.08
C LEU RA 139 14.63 10.01 -54.28
N THR RA 140 15.77 10.66 -54.07
CA THR RA 140 16.75 10.83 -55.14
C THR RA 140 17.23 9.47 -55.65
N ASN RA 141 17.80 8.67 -54.75
CA ASN RA 141 18.35 7.39 -55.18
C ASN RA 141 18.61 6.46 -54.00
N PRO RA 142 18.14 5.21 -54.07
CA PRO RA 142 18.56 4.21 -53.09
C PRO RA 142 19.79 3.41 -53.48
N GLU RA 143 20.27 3.57 -54.73
CA GLU RA 143 21.43 2.81 -55.17
C GLU RA 143 22.67 3.07 -54.33
N LEU RA 144 22.73 4.22 -53.65
CA LEU RA 144 23.79 4.45 -52.67
C LEU RA 144 23.80 3.33 -51.63
N PHE RA 145 22.63 2.83 -51.28
CA PHE RA 145 22.49 1.76 -50.30
C PHE RA 145 22.72 0.38 -50.92
N GLN RA 146 23.35 0.33 -52.08
CA GLN RA 146 23.97 -0.89 -52.57
C GLN RA 146 25.48 -0.88 -52.35
N ARG RA 147 26.10 0.29 -52.51
CA ARG RA 147 27.45 0.49 -52.01
C ARG RA 147 27.50 0.33 -50.50
N VAL RA 148 26.59 1.00 -49.79
CA VAL RA 148 26.61 0.94 -48.32
C VAL RA 148 25.82 -0.26 -47.82
N GLY RA 149 24.51 -0.31 -48.10
CA GLY RA 149 23.66 -1.43 -47.73
C GLY RA 149 22.57 -1.11 -46.72
N ILE RA 150 22.61 0.07 -46.07
CA ILE RA 150 21.71 0.33 -44.96
C ILE RA 150 20.26 0.33 -45.42
N ILE RA 151 19.42 -0.37 -44.67
CA ILE RA 151 17.99 -0.49 -45.01
C ILE RA 151 17.30 0.83 -44.73
N PRO RA 152 16.46 1.32 -45.64
CA PRO RA 152 15.85 2.65 -45.48
C PRO RA 152 14.89 2.67 -44.29
N PRO RA 153 14.88 3.76 -43.53
CA PRO RA 153 13.88 3.93 -42.47
C PRO RA 153 12.52 4.28 -43.05
N LYS RA 154 11.56 4.60 -42.19
CA LYS RA 154 10.23 4.98 -42.64
C LYS RA 154 9.91 6.45 -42.44
N GLY RA 155 10.48 7.10 -41.43
CA GLY RA 155 10.24 8.53 -41.26
C GLY RA 155 10.72 9.03 -39.92
N CYS RA 156 10.04 10.07 -39.44
CA CYS RA 156 10.36 10.69 -38.16
C CYS RA 156 9.12 11.37 -37.62
N LEU RA 157 9.30 12.20 -36.61
CA LEU RA 157 8.20 12.81 -35.87
C LEU RA 157 8.52 14.26 -35.58
N LEU RA 158 7.52 15.13 -35.76
CA LEU RA 158 7.65 16.55 -35.48
C LEU RA 158 6.86 16.93 -34.23
N TYR RA 159 7.02 18.18 -33.82
CA TYR RA 159 6.30 18.74 -32.68
C TYR RA 159 6.50 20.25 -32.68
N GLY RA 160 5.89 20.92 -31.72
CA GLY RA 160 5.90 22.36 -31.65
C GLY RA 160 4.52 22.92 -31.43
N PRO RA 161 4.42 24.24 -31.29
CA PRO RA 161 3.12 24.87 -31.05
C PRO RA 161 2.20 24.71 -32.24
N PRO RA 162 0.88 24.72 -32.01
CA PRO RA 162 -0.06 24.30 -33.06
C PRO RA 162 -0.09 25.25 -34.24
N GLY RA 163 -0.09 24.68 -35.44
CA GLY RA 163 -0.20 25.42 -36.68
C GLY RA 163 0.89 26.44 -36.90
N THR RA 164 1.90 26.44 -36.02
CA THR RA 164 2.96 27.43 -36.05
C THR RA 164 4.04 27.15 -37.08
N GLY RA 165 3.81 26.21 -37.99
CA GLY RA 165 4.78 25.96 -39.04
C GLY RA 165 4.95 24.49 -39.35
N LYS RA 166 4.65 23.61 -38.39
CA LYS RA 166 4.67 22.18 -38.69
C LYS RA 166 3.67 21.87 -39.81
N THR RA 167 2.47 22.42 -39.70
CA THR RA 167 1.55 22.44 -40.84
C THR RA 167 2.24 23.04 -42.06
N LEU RA 168 2.85 24.21 -41.89
CA LEU RA 168 3.50 24.87 -43.03
C LEU RA 168 4.76 24.12 -43.47
N LEU RA 169 5.46 23.47 -42.55
CA LEU RA 169 6.57 22.62 -42.96
C LEU RA 169 6.09 21.50 -43.88
N ALA RA 170 5.00 20.84 -43.48
CA ALA RA 170 4.43 19.79 -44.32
C ALA RA 170 4.02 20.35 -45.68
N ARG RA 171 3.38 21.52 -45.69
CA ARG RA 171 2.98 22.14 -46.96
C ARG RA 171 4.20 22.39 -47.83
N ALA RA 172 5.28 22.92 -47.24
CA ALA RA 172 6.47 23.24 -48.02
C ALA RA 172 7.11 21.99 -48.59
N VAL RA 173 7.25 20.95 -47.76
CA VAL RA 173 7.85 19.71 -48.23
C VAL RA 173 6.99 19.10 -49.34
N ALA RA 174 5.67 19.15 -49.17
CA ALA RA 174 4.76 18.65 -50.21
C ALA RA 174 4.98 19.39 -51.51
N SER RA 175 4.85 20.71 -51.50
CA SER RA 175 5.01 21.53 -52.69
C SER RA 175 6.45 21.62 -53.18
N GLN RA 176 7.38 20.97 -52.48
CA GLN RA 176 8.79 21.02 -52.86
C GLN RA 176 9.28 19.69 -53.43
N LEU RA 177 9.03 18.57 -52.73
CA LEU RA 177 9.40 17.27 -53.27
C LEU RA 177 8.49 16.87 -54.42
N ASP RA 178 7.18 16.88 -54.19
CA ASP RA 178 6.16 16.78 -55.24
C ASP RA 178 6.17 15.42 -55.94
N CYS RA 179 6.17 14.33 -55.17
CA CYS RA 179 6.07 13.02 -55.80
C CYS RA 179 4.81 12.24 -55.40
N ASN RA 180 4.65 11.89 -54.13
CA ASN RA 180 3.55 11.00 -53.72
C ASN RA 180 3.02 11.35 -52.33
N PHE RA 181 2.93 12.62 -52.01
CA PHE RA 181 2.52 13.02 -50.66
C PHE RA 181 1.08 12.58 -50.39
N LEU RA 182 0.92 11.56 -49.56
CA LEU RA 182 -0.40 11.13 -49.11
C LEU RA 182 -0.72 11.89 -47.84
N LYS RA 183 -1.50 12.96 -47.97
CA LYS RA 183 -1.73 13.90 -46.88
C LYS RA 183 -2.84 13.37 -45.98
N VAL RA 184 -2.47 12.56 -45.00
CA VAL RA 184 -3.43 11.94 -44.09
C VAL RA 184 -3.26 12.58 -42.72
N VAL RA 185 -4.36 12.71 -41.99
CA VAL RA 185 -4.33 13.24 -40.63
C VAL RA 185 -5.06 12.35 -39.64
N SER RA 186 -5.85 11.38 -40.10
CA SER RA 186 -6.37 10.31 -39.26
C SER RA 186 -7.25 10.81 -38.13
N SER RA 187 -7.96 11.91 -38.32
CA SER RA 187 -8.65 12.57 -37.22
C SER RA 187 -10.00 11.95 -36.89
N SER RA 188 -10.66 11.29 -37.84
CA SER RA 188 -12.01 10.78 -37.63
C SER RA 188 -12.17 9.40 -38.25
N ILE RA 189 -11.20 8.51 -38.01
CA ILE RA 189 -11.28 7.17 -38.57
C ILE RA 189 -12.32 6.35 -37.82
N VAL RA 190 -12.17 6.22 -36.51
CA VAL RA 190 -13.06 5.42 -35.68
C VAL RA 190 -14.35 6.21 -35.49
N ASP RA 191 -15.40 5.82 -36.22
CA ASP RA 191 -16.70 6.46 -36.03
C ASP RA 191 -17.44 5.84 -34.85
N LYS RA 192 -17.81 4.58 -34.96
CA LYS RA 192 -18.27 3.84 -33.79
C LYS RA 192 -17.92 2.37 -33.83
N TYR RA 193 -17.19 1.89 -34.83
CA TYR RA 193 -16.92 0.47 -35.00
C TYR RA 193 -15.44 0.18 -34.76
N ILE RA 194 -15.08 -1.10 -34.88
CA ILE RA 194 -13.85 -1.60 -34.29
C ILE RA 194 -12.72 -1.69 -35.31
N GLY RA 195 -12.90 -2.51 -36.34
CA GLY RA 195 -11.81 -2.83 -37.24
C GLY RA 195 -11.79 -2.01 -38.51
N GLU RA 196 -12.82 -1.19 -38.71
CA GLU RA 196 -12.93 -0.40 -39.94
C GLU RA 196 -11.72 0.50 -40.14
N SER RA 197 -11.27 1.17 -39.07
CA SER RA 197 -10.10 2.02 -39.17
C SER RA 197 -8.86 1.23 -39.57
N ALA RA 198 -8.58 0.15 -38.82
CA ALA RA 198 -7.50 -0.74 -39.19
C ALA RA 198 -7.68 -1.28 -40.60
N ARG RA 199 -8.93 -1.51 -41.02
CA ARG RA 199 -9.18 -2.02 -42.36
C ARG RA 199 -8.70 -1.03 -43.41
N LEU RA 200 -9.17 0.22 -43.34
CA LEU RA 200 -8.73 1.23 -44.28
C LEU RA 200 -7.23 1.46 -44.19
N ILE RA 201 -6.66 1.31 -42.99
CA ILE RA 201 -5.22 1.47 -42.81
C ILE RA 201 -4.47 0.40 -43.59
N ARG RA 202 -4.92 -0.86 -43.47
CA ARG RA 202 -4.33 -1.93 -44.26
C ARG RA 202 -4.47 -1.64 -45.76
N GLU RA 203 -5.63 -1.12 -46.16
CA GLU RA 203 -5.81 -0.76 -47.56
C GLU RA 203 -4.78 0.27 -48.00
N MET RA 204 -4.56 1.30 -47.19
CA MET RA 204 -3.57 2.32 -47.53
C MET RA 204 -2.18 1.71 -47.62
N PHE RA 205 -1.87 0.78 -46.71
CA PHE RA 205 -0.57 0.11 -46.78
C PHE RA 205 -0.41 -0.65 -48.09
N ASN RA 206 -1.44 -1.39 -48.50
CA ASN RA 206 -1.37 -2.08 -49.78
C ASN RA 206 -1.21 -1.09 -50.93
N TYR RA 207 -2.04 -0.05 -50.94
CA TYR RA 207 -1.97 0.97 -51.97
C TYR RA 207 -0.56 1.54 -52.10
N ALA RA 208 0.06 1.86 -50.96
CA ALA RA 208 1.44 2.31 -50.96
C ALA RA 208 2.37 1.22 -51.46
N ARG RA 209 2.05 -0.04 -51.19
CA ARG RA 209 2.89 -1.12 -51.69
C ARG RA 209 2.84 -1.24 -53.20
N ASP RA 210 1.75 -0.78 -53.83
CA ASP RA 210 1.67 -0.81 -55.29
C ASP RA 210 2.81 -0.01 -55.91
N HIS RA 211 2.74 1.31 -55.75
CA HIS RA 211 3.71 2.23 -56.34
C HIS RA 211 4.93 2.33 -55.44
N GLN RA 212 6.08 2.50 -56.05
CA GLN RA 212 7.29 2.53 -55.24
C GLN RA 212 7.40 3.80 -54.42
N PRO RA 213 7.54 5.02 -55.04
CA PRO RA 213 7.99 6.19 -54.29
C PRO RA 213 6.89 6.89 -53.48
N CYS RA 214 6.13 6.10 -52.74
CA CYS RA 214 5.00 6.65 -51.99
C CYS RA 214 5.47 7.46 -50.80
N ILE RA 215 4.71 8.49 -50.46
CA ILE RA 215 5.02 9.39 -49.36
C ILE RA 215 3.82 9.44 -48.43
N ILE RA 216 4.04 9.16 -47.15
CA ILE RA 216 2.98 9.05 -46.16
C ILE RA 216 3.08 10.21 -45.18
N PHE RA 217 2.02 11.02 -45.11
CA PHE RA 217 1.92 12.13 -44.19
C PHE RA 217 0.87 11.82 -43.13
N MET RA 218 1.20 12.07 -41.87
CA MET RA 218 0.28 11.79 -40.76
C MET RA 218 0.47 12.86 -39.69
N ASP RA 219 -0.40 13.87 -39.71
CA ASP RA 219 -0.49 14.86 -38.65
C ASP RA 219 -1.63 14.49 -37.70
N GLU RA 220 -1.66 15.14 -36.54
CA GLU RA 220 -2.68 14.98 -35.51
C GLU RA 220 -3.11 13.52 -35.36
N ILE RA 221 -2.13 12.70 -34.97
CA ILE RA 221 -2.31 11.28 -34.75
C ILE RA 221 -2.84 11.07 -33.33
N ASP RA 222 -3.30 12.16 -32.71
CA ASP RA 222 -3.56 12.21 -31.27
C ASP RA 222 -4.48 11.08 -30.83
N ALA RA 223 -5.72 11.07 -31.32
CA ALA RA 223 -6.68 10.09 -30.87
C ALA RA 223 -6.60 8.77 -31.62
N ILE RA 224 -5.69 8.65 -32.59
CA ILE RA 224 -5.50 7.41 -33.34
C ILE RA 224 -4.21 6.72 -32.94
N GLY RA 225 -3.09 7.44 -32.98
CA GLY RA 225 -1.83 6.85 -32.55
C GLY RA 225 -1.83 6.59 -31.07
N GLY RA 226 -1.83 7.68 -30.29
CA GLY RA 226 -2.05 7.64 -28.85
C GLY RA 226 -1.23 6.64 -28.05
N ARG RA 227 -1.68 6.39 -26.83
CA ARG RA 227 -1.01 5.49 -25.90
C ARG RA 227 -2.00 4.45 -25.42
N ARG RA 228 -1.50 3.24 -25.16
CA ARG RA 228 -2.34 2.11 -24.81
C ARG RA 228 -2.37 1.94 -23.29
N PHE RA 229 -3.50 2.31 -22.69
CA PHE RA 229 -3.74 2.10 -21.27
C PHE RA 229 -4.35 0.72 -21.05
N SER RA 230 -4.91 0.50 -19.86
CA SER RA 230 -5.75 -0.65 -19.61
C SER RA 230 -7.04 -0.52 -20.44
N GLU RA 231 -7.95 -1.48 -20.27
CA GLU RA 231 -9.19 -1.45 -21.04
C GLU RA 231 -9.97 -0.18 -20.69
N GLY RA 232 -10.04 0.74 -21.64
CA GLY RA 232 -10.84 1.94 -21.46
C GLY RA 232 -12.22 1.75 -22.02
N THR RA 233 -12.79 2.81 -22.58
CA THR RA 233 -14.02 2.68 -23.33
C THR RA 233 -13.83 1.70 -24.49
N SER RA 234 -14.94 1.16 -24.99
CA SER RA 234 -14.90 0.39 -26.22
C SER RA 234 -14.09 1.10 -27.29
N ALA RA 235 -14.29 2.42 -27.43
CA ALA RA 235 -13.49 3.20 -28.37
C ALA RA 235 -12.01 3.17 -28.00
N ASP RA 236 -11.69 3.24 -26.71
CA ASP RA 236 -10.30 3.18 -26.28
C ASP RA 236 -9.68 1.83 -26.63
N ARG RA 237 -10.43 0.75 -26.40
CA ARG RA 237 -9.95 -0.57 -26.77
C ARG RA 237 -9.74 -0.68 -28.27
N GLU RA 238 -10.63 -0.08 -29.06
CA GLU RA 238 -10.46 -0.07 -30.51
C GLU RA 238 -9.20 0.71 -30.91
N ILE RA 239 -8.94 1.83 -30.23
CA ILE RA 239 -7.77 2.63 -30.54
C ILE RA 239 -6.51 1.87 -30.25
N GLN RA 240 -6.43 1.25 -29.07
CA GLN RA 240 -5.26 0.44 -28.73
C GLN RA 240 -5.15 -0.78 -29.64
N ARG RA 241 -6.28 -1.33 -30.06
CA ARG RA 241 -6.28 -2.43 -31.03
C ARG RA 241 -5.60 -2.00 -32.31
N THR RA 242 -6.13 -0.96 -32.95
CA THR RA 242 -5.52 -0.46 -34.19
C THR RA 242 -4.09 0.00 -33.96
N LEU RA 243 -3.76 0.41 -32.74
CA LEU RA 243 -2.38 0.75 -32.41
C LEU RA 243 -1.48 -0.47 -32.61
N MET RA 244 -1.77 -1.53 -31.86
CA MET RA 244 -0.99 -2.80 -31.96
C MET RA 244 -0.98 -3.25 -33.43
N GLU RA 245 -2.14 -3.16 -34.10
CA GLU RA 245 -2.25 -3.55 -35.53
C GLU RA 245 -1.29 -2.69 -36.35
N LEU RA 246 -1.27 -1.37 -36.08
CA LEU RA 246 -0.37 -0.44 -36.80
C LEU RA 246 1.08 -0.76 -36.43
N LEU RA 247 1.32 -1.09 -35.15
CA LEU RA 247 2.68 -1.45 -34.68
C LEU RA 247 3.09 -2.78 -35.32
N ASN RA 248 2.13 -3.69 -35.48
CA ASN RA 248 2.39 -5.01 -36.09
C ASN RA 248 2.53 -4.84 -37.61
N GLN RA 249 1.88 -3.80 -38.16
CA GLN RA 249 1.94 -3.52 -39.62
C GLN RA 249 3.31 -2.92 -39.95
N MET RA 250 3.86 -2.12 -39.04
CA MET RA 250 5.19 -1.48 -39.24
C MET RA 250 6.21 -2.56 -39.62
N ASP RA 251 6.28 -3.63 -38.82
CA ASP RA 251 7.21 -4.76 -39.09
C ASP RA 251 6.57 -5.67 -40.15
N GLY RA 252 5.26 -5.92 -40.02
CA GLY RA 252 4.52 -6.78 -40.96
C GLY RA 252 5.25 -8.08 -41.24
N PHE RA 253 5.61 -8.31 -42.51
CA PHE RA 253 6.33 -9.54 -42.92
C PHE RA 253 7.22 -9.23 -44.12
N ASP RA 254 6.82 -8.25 -44.93
CA ASP RA 254 7.58 -7.86 -46.11
C ASP RA 254 7.88 -6.37 -46.07
N THR RA 255 9.11 -6.01 -46.40
CA THR RA 255 9.52 -4.62 -46.39
C THR RA 255 8.73 -3.82 -47.42
N LEU RA 256 7.99 -2.83 -46.95
CA LEU RA 256 7.27 -1.92 -47.82
C LEU RA 256 8.27 -0.97 -48.48
N HIS RA 257 8.60 -1.25 -49.73
CA HIS RA 257 9.73 -0.61 -50.40
C HIS RA 257 9.38 0.82 -50.82
N ARG RA 258 10.30 1.74 -50.56
CA ARG RA 258 10.31 3.08 -51.14
C ARG RA 258 9.17 3.95 -50.63
N VAL RA 259 8.65 3.66 -49.44
CA VAL RA 259 7.61 4.49 -48.84
C VAL RA 259 8.17 5.13 -47.58
N LYS RA 260 7.80 6.38 -47.34
CA LYS RA 260 8.31 7.15 -46.21
C LYS RA 260 7.13 7.77 -45.46
N MET RA 261 7.17 7.68 -44.14
CA MET RA 261 6.10 8.19 -43.30
C MET RA 261 6.43 9.57 -42.74
N ILE RA 262 5.38 10.31 -42.41
CA ILE RA 262 5.51 11.60 -41.76
C ILE RA 262 4.57 11.65 -40.56
N MET RA 263 5.09 11.36 -39.38
CA MET RA 263 4.30 11.40 -38.16
C MET RA 263 4.35 12.79 -37.57
N ALA RA 264 3.18 13.34 -37.24
CA ALA RA 264 3.12 14.69 -36.70
C ALA RA 264 1.87 14.84 -35.84
N THR RA 265 1.94 15.78 -34.91
CA THR RA 265 0.82 16.21 -34.08
C THR RA 265 1.31 17.34 -33.19
N ASN RA 266 0.35 18.06 -32.59
CA ASN RA 266 0.70 19.04 -31.57
C ASN RA 266 1.36 18.37 -30.38
N ARG RA 267 0.79 17.25 -29.91
CA ARG RA 267 1.25 16.55 -28.71
C ARG RA 267 1.69 15.14 -29.08
N PRO RA 268 2.93 14.97 -29.57
CA PRO RA 268 3.45 13.61 -29.79
C PRO RA 268 3.83 12.89 -28.51
N ASP RA 269 3.73 13.54 -27.34
CA ASP RA 269 3.88 12.83 -26.08
C ASP RA 269 2.76 11.81 -25.87
N THR RA 270 1.61 12.03 -26.51
CA THR RA 270 0.46 11.14 -26.34
C THR RA 270 0.72 9.74 -26.88
N LEU RA 271 1.76 9.54 -27.67
CA LEU RA 271 2.01 8.24 -28.25
C LEU RA 271 2.56 7.27 -27.21
N ASP RA 272 2.17 6.00 -27.35
CA ASP RA 272 2.59 4.93 -26.41
C ASP RA 272 4.08 4.63 -26.62
N PRO RA 273 4.84 4.27 -25.56
CA PRO RA 273 6.27 3.97 -25.69
C PRO RA 273 6.53 2.84 -26.69
N ALA RA 274 5.68 1.81 -26.67
CA ALA RA 274 5.82 0.65 -27.60
C ALA RA 274 5.75 1.15 -29.05
N LEU RA 275 5.32 2.40 -29.25
CA LEU RA 275 5.21 2.99 -30.61
C LEU RA 275 6.35 3.99 -30.81
N LEU RA 276 6.71 4.73 -29.76
CA LEU RA 276 7.81 5.74 -29.83
C LEU RA 276 9.16 5.01 -29.69
N ARG RA 277 9.59 4.34 -30.76
CA ARG RA 277 10.89 3.60 -30.74
C ARG RA 277 11.72 4.03 -31.95
N LEU RA 281 10.40 6.05 -36.49
CA LEU RA 281 10.69 7.49 -36.23
C LEU RA 281 12.10 7.62 -35.68
N ASP RA 282 13.10 7.77 -36.56
CA ASP RA 282 14.50 7.90 -36.16
C ASP RA 282 14.70 8.90 -35.04
N ARG RA 283 14.07 10.07 -35.11
CA ARG RA 283 14.20 11.05 -34.04
C ARG RA 283 13.09 12.09 -34.16
N LYS RA 284 12.77 12.70 -33.03
CA LYS RA 284 11.77 13.78 -32.95
C LYS RA 284 12.40 15.06 -33.46
N ILE RA 285 12.39 15.21 -34.79
CA ILE RA 285 12.79 16.48 -35.37
C ILE RA 285 11.83 17.56 -34.89
N HIS RA 286 12.37 18.75 -34.62
CA HIS RA 286 11.58 19.86 -34.11
C HIS RA 286 11.67 21.05 -35.03
N ILE RA 287 10.54 21.75 -35.19
CA ILE RA 287 10.56 23.12 -35.67
C ILE RA 287 10.86 24.00 -34.47
N ASP RA 288 12.10 24.50 -34.39
CA ASP RA 288 12.51 25.25 -33.22
C ASP RA 288 11.96 26.68 -33.29
N LEU RA 289 11.86 27.29 -32.12
CA LEU RA 289 11.31 28.63 -32.00
C LEU RA 289 12.10 29.60 -32.87
N PRO RA 290 11.47 30.27 -33.83
CA PRO RA 290 12.16 31.35 -34.55
C PRO RA 290 12.61 32.42 -33.56
N ASN RA 291 13.92 32.66 -33.53
CA ASN RA 291 14.48 33.73 -32.72
C ASN RA 291 14.72 34.95 -33.61
N GLU RA 292 15.45 35.93 -33.06
CA GLU RA 292 15.68 37.22 -33.70
C GLU RA 292 15.95 37.10 -35.19
N GLN RA 293 16.98 36.34 -35.56
CA GLN RA 293 17.29 36.14 -36.97
C GLN RA 293 16.11 35.51 -37.71
N ALA RA 294 15.57 34.41 -37.17
CA ALA RA 294 14.49 33.72 -37.84
C ALA RA 294 13.21 34.53 -37.83
N ARG RA 295 12.88 35.14 -36.68
CA ARG RA 295 11.71 36.00 -36.60
C ARG RA 295 11.77 37.09 -37.65
N LEU RA 296 12.92 37.74 -37.79
CA LEU RA 296 13.01 38.81 -38.76
C LEU RA 296 12.98 38.28 -40.19
N ASP RA 297 13.57 37.09 -40.42
CA ASP RA 297 13.52 36.50 -41.76
C ASP RA 297 12.08 36.28 -42.20
N ILE RA 298 11.27 35.64 -41.34
CA ILE RA 298 9.88 35.40 -41.71
C ILE RA 298 9.13 36.72 -41.81
N LEU RA 299 9.37 37.64 -40.87
CA LEU RA 299 8.75 38.95 -40.94
C LEU RA 299 9.00 39.62 -42.29
N LYS RA 300 10.25 39.53 -42.79
CA LYS RA 300 10.57 40.02 -44.12
C LYS RA 300 9.68 39.33 -45.15
N ILE RA 301 9.75 38.00 -45.22
CA ILE RA 301 9.08 37.26 -46.27
C ILE RA 301 7.57 37.50 -46.26
N HIS RA 302 7.01 37.88 -45.11
CA HIS RA 302 5.60 38.24 -45.03
C HIS RA 302 5.32 39.63 -45.58
N ALA RA 303 6.35 40.38 -45.99
CA ALA RA 303 6.17 41.79 -46.31
C ALA RA 303 6.76 42.15 -47.67
N GLY RA 304 7.16 41.15 -48.46
CA GLY RA 304 7.69 41.38 -49.78
C GLY RA 304 6.72 42.13 -50.69
N PRO RA 305 5.60 41.49 -51.05
CA PRO RA 305 4.66 42.10 -51.99
C PRO RA 305 3.69 43.07 -51.32
N ILE RA 306 4.24 44.08 -50.66
CA ILE RA 306 3.46 45.16 -50.09
C ILE RA 306 3.70 46.41 -50.92
N THR RA 307 2.68 47.27 -51.03
CA THR RA 307 2.87 48.56 -51.68
C THR RA 307 3.51 49.51 -50.69
N LYS RA 308 4.61 49.08 -50.09
CA LYS RA 308 5.31 49.83 -49.05
C LYS RA 308 6.42 50.66 -49.68
N HIS RA 309 7.33 51.15 -48.85
CA HIS RA 309 8.50 51.90 -49.30
C HIS RA 309 9.69 51.41 -48.49
N GLY RA 310 10.83 52.07 -48.66
CA GLY RA 310 12.00 51.74 -47.87
C GLY RA 310 11.92 52.33 -46.48
N GLU RA 311 10.77 52.13 -45.82
CA GLU RA 311 10.45 52.81 -44.58
C GLU RA 311 10.32 51.86 -43.38
N ILE RA 312 10.02 50.59 -43.60
CA ILE RA 312 9.70 49.70 -42.50
C ILE RA 312 10.91 49.54 -41.59
N ASP RA 313 10.72 49.85 -40.31
CA ASP RA 313 11.79 49.79 -39.30
C ASP RA 313 11.91 48.36 -38.80
N TYR RA 314 13.00 47.70 -39.18
CA TYR RA 314 13.15 46.27 -38.93
C TYR RA 314 13.38 45.97 -37.46
N GLU RA 315 14.46 46.51 -36.89
CA GLU RA 315 14.81 46.22 -35.50
C GLU RA 315 13.72 46.67 -34.53
N ALA RA 316 12.92 47.66 -34.92
CA ALA RA 316 11.78 48.06 -34.10
C ALA RA 316 10.85 46.87 -33.88
N ILE RA 317 10.38 46.26 -34.97
CA ILE RA 317 9.54 45.08 -34.86
C ILE RA 317 10.31 43.94 -34.20
N VAL RA 318 11.61 43.85 -34.44
CA VAL RA 318 12.42 42.78 -33.85
C VAL RA 318 12.31 42.82 -32.34
N LYS RA 319 12.71 43.93 -31.73
CA LYS RA 319 12.65 44.03 -30.28
C LYS RA 319 11.21 44.15 -29.78
N LEU RA 320 10.27 44.53 -30.65
CA LEU RA 320 8.85 44.50 -30.32
C LEU RA 320 8.32 43.09 -30.16
N SER RA 321 9.17 42.07 -30.32
CA SER RA 321 8.72 40.69 -30.40
C SER RA 321 9.19 39.90 -29.18
N ASP RA 322 8.42 38.88 -28.85
CA ASP RA 322 8.75 37.93 -27.79
C ASP RA 322 8.52 36.50 -28.29
N GLY RA 323 8.99 36.23 -29.51
CA GLY RA 323 8.85 34.91 -30.10
C GLY RA 323 7.66 34.79 -31.03
N PHE RA 324 7.92 34.75 -32.34
CA PHE RA 324 6.86 34.71 -33.33
C PHE RA 324 7.36 33.96 -34.56
N ASN RA 325 6.54 33.03 -35.05
CA ASN RA 325 6.91 32.18 -36.16
C ASN RA 325 6.45 32.79 -37.48
N GLY RA 326 6.53 32.01 -38.56
CA GLY RA 326 6.11 32.49 -39.86
C GLY RA 326 4.64 32.85 -39.90
N ALA RA 327 3.79 32.01 -39.31
CA ALA RA 327 2.38 32.38 -39.23
C ALA RA 327 2.17 33.61 -38.36
N ASP RA 328 2.93 33.74 -37.28
CA ASP RA 328 2.77 34.88 -36.38
C ASP RA 328 3.13 36.19 -37.06
N LEU RA 329 4.32 36.26 -37.67
CA LEU RA 329 4.70 37.50 -38.32
C LEU RA 329 3.98 37.69 -39.65
N ARG RA 330 3.43 36.62 -40.22
CA ARG RA 330 2.47 36.78 -41.32
C ARG RA 330 1.25 37.55 -40.82
N ASN RA 331 0.69 37.14 -39.69
CA ASN RA 331 -0.37 37.90 -39.05
C ASN RA 331 0.10 39.32 -38.71
N VAL RA 332 1.38 39.49 -38.38
CA VAL RA 332 1.89 40.82 -38.06
C VAL RA 332 1.81 41.71 -39.29
N CYS RA 333 2.37 41.27 -40.41
CA CYS RA 333 2.27 42.06 -41.64
C CYS RA 333 0.83 42.24 -42.08
N THR RA 334 -0.02 41.24 -41.83
CA THR RA 334 -1.42 41.33 -42.22
C THR RA 334 -2.15 42.38 -41.40
N GLU RA 335 -1.99 42.36 -40.08
CA GLU RA 335 -2.63 43.36 -39.24
C GLU RA 335 -2.01 44.73 -39.44
N ALA RA 336 -0.75 44.78 -39.86
CA ALA RA 336 -0.17 46.06 -40.26
C ALA RA 336 -0.91 46.63 -41.47
N GLY RA 337 -1.00 45.83 -42.54
CA GLY RA 337 -1.78 46.25 -43.70
C GLY RA 337 -3.25 46.45 -43.40
N MET RA 338 -3.76 45.87 -42.32
CA MET RA 338 -5.17 46.04 -41.95
C MET RA 338 -5.40 47.34 -41.20
N PHE RA 339 -4.60 47.61 -40.16
CA PHE RA 339 -4.66 48.90 -39.48
C PHE RA 339 -4.26 50.04 -40.41
N ALA RA 340 -3.55 49.74 -41.50
CA ALA RA 340 -3.43 50.70 -42.59
C ALA RA 340 -4.74 50.77 -43.38
N ILE RA 341 -5.32 49.60 -43.68
CA ILE RA 341 -6.62 49.56 -44.35
C ILE RA 341 -7.71 50.07 -43.42
N ARG RA 342 -7.52 49.97 -42.11
CA ARG RA 342 -8.28 50.84 -41.23
C ARG RA 342 -7.96 52.26 -41.66
N ALA RA 343 -8.94 52.95 -42.25
CA ALA RA 343 -8.81 54.21 -42.98
C ALA RA 343 -8.13 54.05 -44.34
N ASP RA 344 -7.92 52.81 -44.79
CA ASP RA 344 -7.54 52.49 -46.18
C ASP RA 344 -6.24 53.19 -46.60
N HIS RA 345 -5.16 52.82 -45.92
CA HIS RA 345 -3.83 53.18 -46.36
C HIS RA 345 -3.29 52.06 -47.25
N ASP RA 346 -3.23 52.31 -48.56
CA ASP RA 346 -2.78 51.29 -49.50
C ASP RA 346 -1.32 50.92 -49.26
N PHE RA 347 -0.53 51.83 -48.70
CA PHE RA 347 0.85 51.53 -48.36
C PHE RA 347 0.90 50.96 -46.94
N VAL RA 348 2.09 50.63 -46.46
CA VAL RA 348 2.27 50.19 -45.08
C VAL RA 348 3.47 50.91 -44.48
N VAL RA 349 3.25 51.57 -43.36
CA VAL RA 349 4.31 52.13 -42.55
C VAL RA 349 4.58 51.16 -41.40
N GLN RA 350 5.82 51.13 -40.92
CA GLN RA 350 6.14 50.27 -39.78
C GLN RA 350 5.37 50.68 -38.54
N GLU RA 351 4.82 51.90 -38.51
CA GLU RA 351 3.84 52.23 -37.48
C GLU RA 351 2.72 51.19 -37.45
N ASP RA 352 2.19 50.83 -38.62
CA ASP RA 352 1.19 49.78 -38.69
C ASP RA 352 1.77 48.44 -38.25
N PHE RA 353 3.06 48.20 -38.54
CA PHE RA 353 3.72 47.04 -37.98
C PHE RA 353 3.65 47.04 -36.46
N MET RA 354 3.84 48.20 -35.84
CA MET RA 354 3.80 48.28 -34.38
C MET RA 354 2.36 48.14 -33.86
N LYS RA 355 1.38 48.63 -34.60
CA LYS RA 355 -0.01 48.41 -34.22
C LYS RA 355 -0.35 46.93 -34.29
N ALA RA 356 0.16 46.24 -35.31
CA ALA RA 356 0.00 44.79 -35.38
C ALA RA 356 0.71 44.11 -34.22
N VAL RA 357 1.85 44.65 -33.81
CA VAL RA 357 2.53 44.13 -32.61
C VAL RA 357 1.62 44.26 -31.40
N ARG RA 358 0.94 45.40 -31.28
CA ARG RA 358 -0.03 45.58 -30.20
C ARG RA 358 -1.11 44.50 -30.26
N LYS RA 359 -1.69 44.30 -31.44
CA LYS RA 359 -2.78 43.32 -31.57
C LYS RA 359 -2.32 41.91 -31.25
N VAL RA 360 -1.12 41.53 -31.71
CA VAL RA 360 -0.65 40.17 -31.49
C VAL RA 360 -0.21 39.97 -30.04
N ALA RA 361 0.34 41.01 -29.40
CA ALA RA 361 0.61 40.91 -27.97
C ALA RA 361 -0.68 40.80 -27.17
N ASP RA 362 -1.75 41.47 -27.62
CA ASP RA 362 -3.05 41.28 -27.01
C ASP RA 362 -3.55 39.86 -27.21
N SER RA 363 -3.28 39.28 -28.38
CA SER RA 363 -3.65 37.90 -28.62
C SER RA 363 -2.87 36.94 -27.73
N LYS RA 364 -1.59 37.23 -27.48
CA LYS RA 364 -0.77 36.38 -26.62
C LYS RA 364 -1.35 36.28 -25.21
N LYS RA 365 -2.15 37.26 -24.79
CA LYS RA 365 -2.85 37.16 -23.51
C LYS RA 365 -3.72 35.91 -23.46
N LEU RA 366 -4.16 35.43 -24.62
CA LEU RA 366 -5.00 34.25 -24.72
C LEU RA 366 -4.18 32.96 -24.84
N GLU RA 367 -2.92 32.98 -24.40
CA GLU RA 367 -2.05 31.82 -24.42
C GLU RA 367 -1.73 31.39 -22.99
N SER RA 368 -1.44 30.10 -22.82
CA SER RA 368 -1.07 29.55 -21.53
C SER RA 368 -0.54 28.13 -21.72
N LYS RA 369 0.51 27.81 -20.96
CA LYS RA 369 1.11 26.46 -20.92
C LYS RA 369 1.42 25.96 -22.33
N LEU RA 370 2.39 26.62 -22.96
CA LEU RA 370 2.62 26.52 -24.39
C LEU RA 370 3.70 25.50 -24.78
N ASP RA 371 3.93 24.46 -23.97
CA ASP RA 371 4.92 23.46 -24.33
C ASP RA 371 4.70 22.19 -23.52
N TYR RA 372 4.87 21.04 -24.19
CA TYR RA 372 4.76 19.73 -23.57
C TYR RA 372 5.72 18.79 -24.30
N LYS RA 373 6.74 18.31 -23.60
CA LYS RA 373 7.80 17.58 -24.28
C LYS RA 373 7.40 16.12 -24.52
N PRO RA 374 7.62 15.61 -25.72
CA PRO RA 374 7.38 14.18 -25.99
C PRO RA 374 8.63 13.34 -25.76
N VAL RA 375 8.38 12.09 -25.38
CA VAL RA 375 9.44 11.10 -25.17
C VAL RA 375 10.47 11.58 -24.16
N ARG SA 1 -10.76 34.29 -114.22
CA ARG SA 1 -11.97 34.01 -113.47
C ARG SA 1 -12.48 32.59 -113.75
N THR SA 2 -11.65 31.80 -114.44
CA THR SA 2 -12.02 30.41 -114.71
C THR SA 2 -12.13 29.61 -113.43
N ARG SA 3 -11.40 30.02 -112.38
CA ARG SA 3 -11.48 29.32 -111.10
C ARG SA 3 -12.80 29.59 -110.38
N LEU SA 4 -13.60 30.54 -110.86
CA LEU SA 4 -14.88 30.83 -110.22
C LEU SA 4 -15.83 29.65 -110.31
N LEU SA 5 -15.80 28.90 -111.42
CA LEU SA 5 -16.67 27.74 -111.54
C LEU SA 5 -16.28 26.65 -110.55
N ASP SA 6 -14.97 26.37 -110.45
CA ASP SA 6 -14.51 25.40 -109.46
C ASP SA 6 -14.80 25.86 -108.05
N SER SA 7 -14.72 27.17 -107.79
CA SER SA 7 -15.06 27.68 -106.47
C SER SA 7 -16.54 27.52 -106.18
N GLU SA 8 -17.40 27.71 -107.18
CA GLU SA 8 -18.82 27.49 -107.00
C GLU SA 8 -19.11 26.01 -106.75
N ILE SA 9 -18.39 25.13 -107.44
CA ILE SA 9 -18.54 23.69 -107.21
C ILE SA 9 -18.14 23.35 -105.78
N LYS SA 10 -17.01 23.91 -105.32
CA LYS SA 10 -16.55 23.66 -103.96
C LYS SA 10 -17.50 24.26 -102.94
N ILE SA 11 -18.17 25.37 -103.27
CA ILE SA 11 -19.11 25.98 -102.35
C ILE SA 11 -20.38 25.15 -102.26
N MET SA 12 -20.85 24.62 -103.40
CA MET SA 12 -21.97 23.69 -103.37
C MET SA 12 -21.60 22.43 -102.59
N LYS SA 13 -20.34 22.00 -102.70
CA LYS SA 13 -19.87 20.86 -101.92
C LYS SA 13 -19.86 21.19 -100.44
N SER SA 14 -19.43 22.39 -100.06
CA SER SA 14 -19.46 22.80 -98.67
C SER SA 14 -20.89 22.92 -98.15
N GLU SA 15 -21.82 23.37 -99.00
CA GLU SA 15 -23.22 23.43 -98.60
C GLU SA 15 -23.79 22.04 -98.40
N VAL SA 16 -23.48 21.11 -99.30
CA VAL SA 16 -23.91 19.73 -99.14
C VAL SA 16 -23.27 19.10 -97.91
N LEU SA 17 -22.04 19.47 -97.60
CA LEU SA 17 -21.37 18.94 -96.41
C LEU SA 17 -21.98 19.50 -95.14
N ARG SA 18 -22.37 20.77 -95.16
CA ARG SA 18 -23.07 21.35 -94.02
C ARG SA 18 -24.45 20.72 -93.85
N VAL SA 19 -25.13 20.42 -94.96
CA VAL SA 19 -26.42 19.76 -94.89
C VAL SA 19 -26.26 18.32 -94.40
N THR SA 20 -25.17 17.66 -94.77
CA THR SA 20 -24.92 16.31 -94.29
C THR SA 20 -24.56 16.31 -92.82
N HIS SA 21 -23.78 17.29 -92.38
CA HIS SA 21 -23.56 17.47 -90.95
C HIS SA 21 -24.86 17.75 -90.23
N GLU SA 22 -25.74 18.56 -90.84
CA GLU SA 22 -27.05 18.82 -90.26
C GLU SA 22 -27.85 17.54 -90.11
N LEU SA 23 -27.86 16.71 -91.15
CA LEU SA 23 -28.55 15.43 -91.07
C LEU SA 23 -27.95 14.58 -89.96
N GLN SA 24 -26.69 14.19 -90.12
CA GLN SA 24 -26.04 13.26 -89.20
C GLN SA 24 -26.08 13.78 -87.76
N ALA SA 25 -26.09 15.10 -87.56
CA ALA SA 25 -26.16 15.63 -86.21
C ALA SA 25 -27.61 15.69 -85.72
N MET SA 26 -28.43 16.53 -86.35
CA MET SA 26 -29.76 16.83 -85.82
C MET SA 26 -30.74 15.67 -86.01
N LYS SA 27 -30.78 15.09 -87.20
CA LYS SA 27 -31.71 13.99 -87.45
C LYS SA 27 -31.40 12.80 -86.53
N ASP SA 28 -30.14 12.36 -86.53
CA ASP SA 28 -29.74 11.30 -85.62
C ASP SA 28 -29.87 11.72 -84.17
N LYS SA 29 -29.77 13.02 -83.89
CA LYS SA 29 -29.88 13.51 -82.53
C LYS SA 29 -31.31 13.46 -82.05
N ILE SA 30 -32.27 13.62 -82.96
CA ILE SA 30 -33.67 13.36 -82.61
C ILE SA 30 -33.75 12.04 -81.88
N LYS SA 31 -33.29 10.98 -82.54
CA LYS SA 31 -33.33 9.64 -81.96
C LYS SA 31 -32.49 9.54 -80.68
N GLU SA 32 -31.22 9.93 -80.77
CA GLU SA 32 -30.30 9.73 -79.66
C GLU SA 32 -30.72 10.54 -78.44
N ASN SA 33 -30.82 11.85 -78.59
CA ASN SA 33 -31.27 12.72 -77.51
C ASN SA 33 -32.65 12.35 -77.02
N SER SA 34 -33.54 11.88 -77.90
CA SER SA 34 -34.85 11.46 -77.44
C SER SA 34 -34.75 10.24 -76.54
N GLU SA 35 -33.88 9.30 -76.88
CA GLU SA 35 -33.67 8.15 -75.99
C GLU SA 35 -33.06 8.60 -74.67
N LYS SA 36 -32.12 9.53 -74.73
CA LYS SA 36 -31.53 10.07 -73.50
C LYS SA 36 -32.60 10.70 -72.62
N ILE SA 37 -33.49 11.49 -73.22
CA ILE SA 37 -34.57 12.13 -72.47
C ILE SA 37 -35.53 11.10 -71.90
N LYS SA 38 -35.87 10.09 -72.71
CA LYS SA 38 -36.69 8.98 -72.24
C LYS SA 38 -36.11 8.41 -70.96
N VAL SA 39 -34.84 8.01 -71.00
CA VAL SA 39 -34.18 7.55 -69.79
C VAL SA 39 -34.30 8.59 -68.68
N ASN SA 40 -34.17 9.87 -69.04
CA ASN SA 40 -34.35 10.93 -68.07
C ASN SA 40 -35.81 11.06 -67.66
N LYS SA 41 -36.73 11.11 -68.62
CA LYS SA 41 -38.14 11.33 -68.30
C LYS SA 41 -38.83 10.08 -67.82
N THR SA 42 -38.84 9.02 -68.65
CA THR SA 42 -39.65 7.83 -68.38
C THR SA 42 -39.47 7.32 -66.97
N LEU SA 43 -38.29 7.48 -66.41
CA LEU SA 43 -38.03 6.99 -65.07
C LEU SA 43 -37.32 8.07 -64.26
N VAL SA 47 -30.88 7.85 -59.67
CA VAL SA 47 -29.87 8.50 -58.85
C VAL SA 47 -28.97 7.41 -58.28
N SER SA 48 -27.67 7.55 -58.52
CA SER SA 48 -26.76 6.44 -58.28
C SER SA 48 -25.35 7.00 -58.22
N ASN SA 49 -24.43 6.18 -57.72
CA ASN SA 49 -23.12 6.66 -57.33
C ASN SA 49 -22.03 6.20 -58.29
N VAL SA 50 -21.09 7.10 -58.57
CA VAL SA 50 -19.85 6.70 -59.21
C VAL SA 50 -18.99 5.95 -58.20
N ILE SA 51 -18.17 5.03 -58.69
CA ILE SA 51 -17.30 4.23 -57.83
C ILE SA 51 -15.85 4.74 -57.89
N GLU SA 52 -15.25 4.73 -59.07
CA GLU SA 52 -13.91 5.27 -59.25
C GLU SA 52 -13.67 5.44 -60.75
N LEU SA 53 -12.47 5.92 -61.09
CA LEU SA 53 -12.16 6.34 -62.45
C LEU SA 53 -10.94 5.60 -62.97
N LEU SA 54 -11.05 5.11 -64.21
CA LEU SA 54 -9.92 4.66 -64.98
C LEU SA 54 -10.09 5.17 -66.41
N ASP SA 55 -8.99 5.13 -67.17
CA ASP SA 55 -9.04 5.58 -68.56
C ASP SA 55 -8.24 4.67 -69.48
N VAL SA 56 -7.75 3.53 -69.00
CA VAL SA 56 -6.93 2.64 -69.81
C VAL SA 56 -7.77 1.91 -70.84
N LYS SA 77 -12.75 7.39 -68.32
CA LYS SA 77 -13.22 6.51 -69.39
C LYS SA 77 -13.75 5.19 -68.83
N CYS SA 78 -12.86 4.46 -68.16
CA CYS SA 78 -13.22 3.19 -67.54
C CYS SA 78 -13.69 3.46 -66.12
N ALA SA 79 -14.99 3.35 -65.87
CA ALA SA 79 -15.57 3.68 -64.58
C ALA SA 79 -16.56 2.60 -64.18
N VAL SA 80 -16.89 2.59 -62.88
CA VAL SA 80 -17.82 1.64 -62.31
C VAL SA 80 -18.98 2.39 -61.68
N ILE SA 81 -20.15 1.76 -61.68
CA ILE SA 81 -21.39 2.39 -61.26
C ILE SA 81 -21.83 1.78 -59.93
N LYS SA 82 -22.12 2.64 -58.96
CA LYS SA 82 -22.78 2.23 -57.73
C LYS SA 82 -24.22 2.72 -57.80
N THR SA 83 -25.17 1.82 -57.54
CA THR SA 83 -26.56 2.12 -57.81
C THR SA 83 -27.27 2.67 -56.59
N SER SA 84 -28.48 3.18 -56.82
CA SER SA 84 -29.41 3.39 -55.72
C SER SA 84 -29.71 2.10 -54.99
N THR SA 85 -29.67 0.98 -55.70
CA THR SA 85 -29.81 -0.34 -55.11
C THR SA 85 -28.48 -0.90 -54.61
N ARG SA 86 -27.46 -0.06 -54.53
CA ARG SA 86 -26.16 -0.41 -53.93
C ARG SA 86 -25.48 -1.54 -54.70
N GLN SA 87 -25.36 -1.35 -56.02
CA GLN SA 87 -24.84 -2.40 -56.88
C GLN SA 87 -23.74 -1.85 -57.78
N THR SA 88 -22.74 -2.70 -58.06
CA THR SA 88 -21.55 -2.31 -58.78
C THR SA 88 -21.66 -2.63 -60.26
N TYR SA 89 -21.23 -1.69 -61.11
CA TYR SA 89 -21.33 -1.89 -62.55
C TYR SA 89 -20.24 -1.08 -63.24
N PHE SA 90 -19.20 -1.77 -63.71
CA PHE SA 90 -18.14 -1.13 -64.46
C PHE SA 90 -18.60 -0.79 -65.87
N LEU SA 91 -17.92 0.19 -66.49
CA LEU SA 91 -18.05 0.44 -67.91
C LEU SA 91 -16.69 0.84 -68.46
N PRO SA 92 -16.34 0.37 -69.65
CA PRO SA 92 -15.06 0.77 -70.24
C PRO SA 92 -15.08 2.19 -70.76
N VAL SA 93 -16.27 2.67 -71.15
CA VAL SA 93 -16.48 4.03 -71.59
C VAL SA 93 -17.63 4.62 -70.81
N ILE SA 94 -17.46 5.85 -70.33
CA ILE SA 94 -18.51 6.48 -69.53
C ILE SA 94 -19.63 6.99 -70.43
N GLY SA 95 -19.30 7.90 -71.35
CA GLY SA 95 -20.26 8.34 -72.33
C GLY SA 95 -20.88 9.70 -72.09
N LEU SA 96 -22.14 9.71 -71.64
CA LEU SA 96 -22.98 10.89 -71.67
C LEU SA 96 -22.60 11.96 -70.64
N VAL SA 97 -21.46 11.81 -69.95
CA VAL SA 97 -20.96 12.81 -69.02
C VAL SA 97 -19.45 12.91 -69.19
N ASP SA 98 -18.83 13.79 -68.40
CA ASP SA 98 -17.40 14.02 -68.45
C ASP SA 98 -16.75 13.58 -67.15
N ALA SA 99 -15.61 12.89 -67.27
CA ALA SA 99 -14.91 12.39 -66.09
C ALA SA 99 -14.44 13.52 -65.17
N GLU SA 100 -14.14 14.69 -65.72
CA GLU SA 100 -13.80 15.83 -64.87
C GLU SA 100 -15.02 16.33 -64.12
N LYS SA 101 -16.18 16.35 -64.78
CA LYS SA 101 -17.43 16.58 -64.08
C LYS SA 101 -17.73 15.50 -63.04
N LEU SA 102 -16.94 14.43 -63.04
CA LEU SA 102 -17.08 13.34 -62.08
C LEU SA 102 -15.81 13.22 -61.25
N LYS SA 103 -15.79 12.20 -60.41
CA LYS SA 103 -14.67 11.82 -59.57
C LYS SA 103 -15.06 10.50 -58.90
N PRO SA 104 -14.11 9.77 -58.30
CA PRO SA 104 -14.50 8.57 -57.55
C PRO SA 104 -15.50 8.90 -56.45
N GLY SA 105 -16.61 8.16 -56.44
CA GLY SA 105 -17.65 8.36 -55.45
C GLY SA 105 -18.52 9.57 -55.71
N ASP SA 106 -19.29 9.56 -56.80
CA ASP SA 106 -20.12 10.69 -57.19
C ASP SA 106 -21.53 10.21 -57.50
N LEU SA 107 -22.52 10.92 -56.95
CA LEU SA 107 -23.92 10.63 -57.24
C LEU SA 107 -24.27 11.08 -58.65
N VAL SA 108 -24.93 10.21 -59.41
CA VAL SA 108 -25.22 10.47 -60.82
C VAL SA 108 -26.55 9.81 -61.17
N GLY SA 109 -27.41 10.55 -61.85
CA GLY SA 109 -28.64 10.00 -62.37
C GLY SA 109 -28.34 9.20 -63.63
N VAL SA 110 -28.49 7.88 -63.55
CA VAL SA 110 -27.92 6.98 -64.54
C VAL SA 110 -29.01 6.14 -65.18
N ASN SA 111 -28.78 5.74 -66.42
CA ASN SA 111 -29.62 4.77 -67.09
C ASN SA 111 -29.62 3.45 -66.32
N LYS SA 112 -30.79 3.08 -65.80
CA LYS SA 112 -30.93 1.78 -65.15
C LYS SA 112 -30.53 0.65 -66.10
N ASP SA 113 -30.86 0.79 -67.38
CA ASP SA 113 -30.69 -0.28 -68.36
C ASP SA 113 -29.32 -0.24 -69.01
N SER SA 114 -28.97 0.88 -69.65
CA SER SA 114 -27.68 0.99 -70.32
C SER SA 114 -26.52 1.01 -69.34
N TYR SA 115 -26.75 1.44 -68.10
CA TYR SA 115 -25.67 1.68 -67.14
C TYR SA 115 -24.65 2.64 -67.73
N LEU SA 116 -25.16 3.68 -68.39
CA LEU SA 116 -24.38 4.83 -68.79
C LEU SA 116 -24.88 6.02 -67.99
N ILE SA 117 -23.95 6.76 -67.37
CA ILE SA 117 -24.33 7.94 -66.62
C ILE SA 117 -24.92 8.97 -67.55
N LEU SA 118 -26.10 9.47 -67.22
CA LEU SA 118 -26.75 10.51 -68.00
C LEU SA 118 -26.34 11.90 -67.51
N GLU SA 119 -26.52 12.16 -66.21
CA GLU SA 119 -26.19 13.44 -65.63
C GLU SA 119 -25.54 13.22 -64.28
N THR SA 120 -24.84 14.25 -63.81
CA THR SA 120 -24.25 14.26 -62.47
C THR SA 120 -25.24 14.88 -61.49
N LEU SA 121 -25.20 14.40 -60.26
CA LEU SA 121 -26.09 14.91 -59.22
C LEU SA 121 -25.35 15.88 -58.34
N PRO SA 122 -25.60 17.19 -58.43
CA PRO SA 122 -24.92 18.18 -57.59
C PRO SA 122 -25.64 18.45 -56.27
N THR SA 123 -25.90 17.38 -55.51
CA THR SA 123 -26.56 17.49 -54.22
C THR SA 123 -25.67 16.94 -53.11
N GLU SA 124 -24.37 17.26 -53.17
CA GLU SA 124 -23.43 16.85 -52.12
C GLU SA 124 -23.63 17.74 -50.88
N TYR SA 125 -24.80 17.60 -50.28
CA TYR SA 125 -25.19 18.42 -49.15
C TYR SA 125 -26.10 17.60 -48.25
N ASP SA 126 -25.93 17.79 -46.94
CA ASP SA 126 -26.70 17.08 -45.94
C ASP SA 126 -27.96 17.87 -45.61
N SER SA 127 -28.76 17.33 -44.69
CA SER SA 127 -30.06 17.94 -44.42
C SER SA 127 -29.93 19.19 -43.56
N ARG SA 128 -29.50 19.01 -42.30
CA ARG SA 128 -29.33 20.17 -41.43
C ARG SA 128 -27.97 20.82 -41.58
N VAL SA 129 -27.02 20.16 -42.25
CA VAL SA 129 -25.81 20.85 -42.66
C VAL SA 129 -26.15 21.90 -43.72
N LYS SA 130 -27.15 21.62 -44.57
CA LYS SA 130 -27.65 22.64 -45.48
C LYS SA 130 -28.56 23.62 -44.76
N ALA SA 131 -29.39 23.12 -43.83
CA ALA SA 131 -30.21 24.02 -43.02
C ALA SA 131 -29.37 24.97 -42.19
N MET SA 132 -28.08 24.68 -42.01
CA MET SA 132 -27.16 25.59 -41.36
C MET SA 132 -27.12 26.95 -42.05
N GLU SA 133 -27.51 27.00 -43.32
CA GLU SA 133 -27.74 28.27 -44.03
C GLU SA 133 -29.16 28.73 -43.70
N VAL SA 134 -29.27 29.83 -42.97
CA VAL SA 134 -30.56 30.33 -42.51
C VAL SA 134 -30.90 31.60 -43.27
N ASP SA 135 -32.20 31.90 -43.36
CA ASP SA 135 -32.67 33.04 -44.14
C ASP SA 135 -33.76 33.84 -43.44
N GLU SA 136 -33.97 33.64 -42.13
CA GLU SA 136 -34.87 34.53 -41.40
C GLU SA 136 -34.39 35.97 -41.49
N ARG SA 137 -33.16 36.22 -41.05
CA ARG SA 137 -32.45 37.50 -41.13
C ARG SA 137 -33.34 38.68 -40.78
N PRO SA 138 -33.74 38.85 -39.52
CA PRO SA 138 -34.37 40.12 -39.12
C PRO SA 138 -33.37 41.27 -39.27
N THR SA 139 -33.89 42.45 -39.61
CA THR SA 139 -33.03 43.58 -39.89
C THR SA 139 -32.61 44.28 -38.61
N GLU SA 140 -31.40 44.83 -38.62
CA GLU SA 140 -30.83 45.54 -37.47
C GLU SA 140 -29.56 46.22 -37.93
N GLN SA 141 -29.38 47.48 -37.49
CA GLN SA 141 -28.18 48.28 -37.86
C GLN SA 141 -27.35 48.55 -36.60
N TYR SA 142 -26.24 49.29 -36.75
CA TYR SA 142 -25.32 49.61 -35.62
C TYR SA 142 -25.92 50.71 -34.75
N SER SA 143 -26.88 51.48 -35.28
CA SER SA 143 -27.52 52.58 -34.54
C SER SA 143 -28.22 52.04 -33.28
N ASP SA 144 -28.87 50.87 -33.40
CA ASP SA 144 -29.59 50.24 -32.27
C ASP SA 144 -28.61 49.96 -31.12
N ILE SA 145 -27.70 49.00 -31.32
CA ILE SA 145 -26.69 48.63 -30.27
C ILE SA 145 -26.00 49.91 -29.78
N GLY SA 146 -26.21 50.26 -28.51
CA GLY SA 146 -25.59 51.47 -27.92
C GLY SA 146 -24.38 51.13 -27.07
N GLY SA 147 -23.28 51.86 -27.26
CA GLY SA 147 -22.04 51.62 -26.49
C GLY SA 147 -21.05 50.76 -27.25
N LEU SA 148 -21.46 50.25 -28.43
CA LEU SA 148 -20.59 49.39 -29.27
C LEU SA 148 -20.15 50.17 -30.51
N ASP SA 149 -19.43 51.28 -30.31
CA ASP SA 149 -18.95 52.12 -31.44
C ASP SA 149 -17.78 51.39 -32.14
N LYS SA 150 -16.78 50.96 -31.36
CA LYS SA 150 -15.62 50.27 -31.91
C LYS SA 150 -16.06 48.93 -32.50
N GLN SA 151 -17.07 48.32 -31.90
CA GLN SA 151 -17.70 47.16 -32.50
C GLN SA 151 -18.23 47.48 -33.89
N ILE SA 152 -18.96 48.60 -34.03
CA ILE SA 152 -19.41 49.02 -35.36
C ILE SA 152 -18.25 49.05 -36.34
N GLN SA 153 -17.20 49.80 -35.99
CA GLN SA 153 -16.09 50.01 -36.90
C GLN SA 153 -15.43 48.69 -37.30
N GLU SA 154 -15.01 47.91 -36.31
CA GLU SA 154 -14.25 46.69 -36.60
C GLU SA 154 -15.11 45.62 -37.24
N LEU SA 155 -16.37 45.51 -36.82
CA LEU SA 155 -17.28 44.56 -37.47
C LEU SA 155 -17.47 44.90 -38.93
N VAL SA 156 -17.72 46.18 -39.24
CA VAL SA 156 -17.80 46.58 -40.64
C VAL SA 156 -16.51 46.20 -41.36
N GLU SA 157 -15.38 46.65 -40.84
CA GLU SA 157 -14.11 46.54 -41.55
C GLU SA 157 -13.72 45.08 -41.79
N ALA SA 158 -14.07 44.19 -40.86
CA ALA SA 158 -13.67 42.80 -40.95
C ALA SA 158 -14.80 41.87 -41.39
N ILE SA 159 -15.97 42.41 -41.69
CA ILE SA 159 -17.09 41.58 -42.14
C ILE SA 159 -17.51 42.00 -43.54
N VAL SA 160 -17.91 43.26 -43.70
CA VAL SA 160 -18.43 43.69 -44.98
C VAL SA 160 -17.31 43.85 -46.01
N LEU SA 161 -16.11 44.23 -45.55
CA LEU SA 161 -15.01 44.40 -46.50
C LEU SA 161 -14.43 43.05 -46.93
N PRO SA 162 -14.08 42.13 -46.03
CA PRO SA 162 -13.75 40.76 -46.50
C PRO SA 162 -14.90 40.09 -47.24
N MET SA 163 -16.12 40.61 -47.10
CA MET SA 163 -17.22 40.13 -47.93
C MET SA 163 -17.12 40.66 -49.35
N ASN SA 164 -16.77 41.93 -49.51
CA ASN SA 164 -16.72 42.56 -50.83
C ASN SA 164 -15.35 43.14 -51.19
N HIS SA 165 -14.68 43.81 -50.26
CA HIS SA 165 -13.40 44.47 -50.55
C HIS SA 165 -12.25 43.50 -50.29
N LYS SA 166 -12.34 42.31 -50.89
CA LYS SA 166 -11.28 41.33 -50.75
C LYS SA 166 -10.02 41.77 -51.47
N GLU SA 167 -10.16 42.53 -52.56
CA GLU SA 167 -9.02 42.96 -53.35
C GLU SA 167 -8.23 44.07 -52.67
N LYS SA 168 -8.89 44.88 -51.83
CA LYS SA 168 -8.20 45.99 -51.18
C LYS SA 168 -7.01 45.51 -50.37
N PHE SA 169 -7.19 44.42 -49.63
CA PHE SA 169 -6.06 43.79 -48.94
C PHE SA 169 -5.04 43.27 -49.94
N GLU SA 170 -5.51 42.75 -51.07
CA GLU SA 170 -4.60 42.30 -52.13
C GLU SA 170 -3.94 43.48 -52.83
N ASN SA 171 -4.64 44.61 -52.95
CA ASN SA 171 -4.03 45.82 -53.50
C ASN SA 171 -2.80 46.20 -52.69
N LEU SA 172 -2.98 46.40 -51.39
CA LEU SA 172 -1.83 46.51 -50.49
C LEU SA 172 -0.97 45.26 -50.59
N GLY SA 173 -1.60 44.09 -50.50
CA GLY SA 173 -0.90 42.83 -50.69
C GLY SA 173 -0.38 42.18 -49.42
N ILE SA 174 -1.23 42.00 -48.41
CA ILE SA 174 -0.83 41.23 -47.24
C ILE SA 174 -1.77 40.04 -47.02
N GLN SA 175 -3.02 40.34 -46.63
CA GLN SA 175 -4.09 39.37 -46.39
C GLN SA 175 -5.34 40.11 -45.93
N PRO SA 176 -6.54 39.56 -46.15
CA PRO SA 176 -7.71 40.03 -45.41
C PRO SA 176 -7.69 39.47 -43.99
N PRO SA 177 -8.49 40.02 -43.08
CA PRO SA 177 -8.53 39.47 -41.72
C PRO SA 177 -8.97 38.02 -41.72
N LYS SA 178 -8.54 37.29 -40.69
CA LYS SA 178 -8.73 35.84 -40.60
C LYS SA 178 -9.37 35.49 -39.25
N GLY SA 179 -10.70 35.61 -39.18
CA GLY SA 179 -11.44 35.24 -38.00
C GLY SA 179 -11.49 36.30 -36.92
N VAL SA 180 -12.65 36.44 -36.27
CA VAL SA 180 -12.85 37.42 -35.20
C VAL SA 180 -13.35 36.70 -33.96
N LEU SA 181 -13.08 37.30 -32.80
CA LEU SA 181 -13.43 36.72 -31.51
C LEU SA 181 -14.37 37.67 -30.76
N MET SA 182 -15.66 37.32 -30.73
CA MET SA 182 -16.69 38.14 -30.10
C MET SA 182 -16.87 37.71 -28.65
N TYR SA 183 -16.20 38.40 -27.72
CA TYR SA 183 -16.29 38.02 -26.29
C TYR SA 183 -16.89 39.17 -25.47
N GLY SA 184 -17.57 38.83 -24.38
CA GLY SA 184 -18.21 39.81 -23.49
C GLY SA 184 -19.19 39.14 -22.53
N PRO SA 185 -19.39 39.66 -21.30
CA PRO SA 185 -20.31 39.06 -20.33
C PRO SA 185 -21.75 39.10 -20.79
N PRO SA 186 -22.61 38.13 -20.37
CA PRO SA 186 -24.02 38.12 -20.78
C PRO SA 186 -24.69 39.43 -20.45
N GLY SA 187 -24.77 40.33 -21.43
CA GLY SA 187 -25.37 41.67 -21.24
C GLY SA 187 -24.41 42.73 -21.74
N THR SA 188 -23.68 42.38 -22.81
CA THR SA 188 -22.80 43.23 -23.67
C THR SA 188 -23.03 42.73 -25.10
N GLY SA 189 -23.36 41.43 -25.22
CA GLY SA 189 -23.80 40.77 -26.46
C GLY SA 189 -22.74 40.44 -27.47
N LYS SA 190 -22.80 39.21 -27.99
CA LYS SA 190 -21.92 38.88 -29.11
C LYS SA 190 -22.68 38.35 -30.30
N THR SA 191 -23.76 37.59 -30.08
CA THR SA 191 -24.63 37.18 -31.17
C THR SA 191 -25.28 38.38 -31.86
N LEU SA 192 -25.35 39.53 -31.17
CA LEU SA 192 -25.79 40.73 -31.84
C LEU SA 192 -24.91 41.06 -33.03
N LEU SA 193 -23.61 40.73 -32.95
CA LEU SA 193 -22.75 40.90 -34.12
C LEU SA 193 -23.12 39.91 -35.21
N ALA SA 194 -23.57 38.71 -34.85
CA ALA SA 194 -24.09 37.78 -35.85
C ALA SA 194 -25.28 38.38 -36.57
N ARG SA 195 -26.23 38.94 -35.81
CA ARG SA 195 -27.39 39.56 -36.43
C ARG SA 195 -27.01 40.78 -37.27
N ALA SA 196 -25.97 41.50 -36.85
CA ALA SA 196 -25.50 42.65 -37.63
C ALA SA 196 -24.90 42.19 -38.95
N CYS SA 197 -24.03 41.19 -38.91
CA CYS SA 197 -23.50 40.60 -40.13
C CYS SA 197 -24.61 40.04 -41.02
N ALA SA 198 -25.69 39.56 -40.42
CA ALA SA 198 -26.81 39.05 -41.21
C ALA SA 198 -27.54 40.17 -41.92
N ALA SA 199 -27.89 41.23 -41.18
CA ALA SA 199 -28.70 42.30 -41.75
C ALA SA 199 -27.89 43.16 -42.72
N GLN SA 200 -26.80 43.76 -42.23
CA GLN SA 200 -26.05 44.71 -43.04
C GLN SA 200 -25.35 44.02 -44.21
N THR SA 201 -24.84 42.82 -44.00
CA THR SA 201 -24.16 42.07 -45.05
C THR SA 201 -25.06 40.94 -45.54
N LYS SA 202 -25.22 40.85 -46.85
CA LYS SA 202 -26.13 39.88 -47.47
C LYS SA 202 -25.39 38.71 -48.09
N ALA SA 203 -24.24 38.37 -47.52
CA ALA SA 203 -23.43 37.27 -48.03
C ALA SA 203 -24.04 35.94 -47.58
N THR SA 204 -23.31 34.85 -47.79
CA THR SA 204 -23.83 33.52 -47.49
C THR SA 204 -24.01 33.35 -45.99
N PHE SA 205 -25.26 33.40 -45.54
CA PHE SA 205 -25.58 33.10 -44.15
C PHE SA 205 -25.31 31.63 -43.87
N LEU SA 206 -24.48 31.35 -42.87
CA LEU SA 206 -24.21 29.97 -42.47
C LEU SA 206 -23.79 30.01 -41.00
N LYS SA 207 -24.74 29.76 -40.11
CA LYS SA 207 -24.50 29.94 -38.69
C LYS SA 207 -23.69 28.75 -38.13
N LEU SA 208 -23.44 28.83 -36.82
CA LEU SA 208 -22.86 27.73 -36.05
C LEU SA 208 -22.91 28.13 -34.59
N ALA SA 209 -23.04 27.14 -33.71
CA ALA SA 209 -23.23 27.41 -32.28
C ALA SA 209 -22.61 26.28 -31.47
N GLY SA 210 -22.74 26.37 -30.14
CA GLY SA 210 -22.13 25.44 -29.23
C GLY SA 210 -22.95 24.21 -28.90
N PRO SA 211 -24.16 24.39 -28.35
CA PRO SA 211 -24.94 23.23 -27.88
C PRO SA 211 -25.25 22.23 -28.97
N GLN SA 212 -25.43 22.69 -30.21
CA GLN SA 212 -25.78 21.82 -31.31
C GLN SA 212 -24.65 20.90 -31.72
N LEU SA 213 -23.49 20.99 -31.06
CA LEU SA 213 -22.38 20.08 -31.27
C LEU SA 213 -22.45 18.84 -30.37
N VAL SA 214 -23.25 18.89 -29.31
CA VAL SA 214 -23.39 17.76 -28.39
C VAL SA 214 -24.02 16.59 -29.14
N GLN SA 215 -23.33 15.46 -29.16
CA GLN SA 215 -23.81 14.30 -29.89
C GLN SA 215 -23.41 13.01 -29.19
N MET SA 216 -24.30 12.02 -29.30
CA MET SA 216 -23.98 10.66 -28.88
C MET SA 216 -23.27 9.90 -29.99
N PHE SA 217 -23.72 10.09 -31.23
CA PHE SA 217 -23.05 9.50 -32.38
C PHE SA 217 -21.67 10.14 -32.52
N ILE SA 218 -20.64 9.37 -32.20
CA ILE SA 218 -19.28 9.90 -32.17
C ILE SA 218 -18.77 10.06 -33.60
N GLY SA 219 -18.29 11.26 -33.94
CA GLY SA 219 -17.71 11.52 -35.23
C GLY SA 219 -18.61 12.22 -36.23
N ASP SA 220 -19.27 13.30 -35.83
CA ASP SA 220 -20.21 14.00 -36.69
C ASP SA 220 -19.62 15.22 -37.38
N GLY SA 221 -18.93 16.09 -36.66
CA GLY SA 221 -18.46 17.35 -37.21
C GLY SA 221 -17.46 17.22 -38.33
N ALA SA 222 -16.87 16.03 -38.52
CA ALA SA 222 -15.84 15.86 -39.53
C ALA SA 222 -16.42 15.99 -40.94
N LYS SA 223 -17.35 15.10 -41.29
CA LYS SA 223 -17.99 15.17 -42.59
C LYS SA 223 -18.74 16.49 -42.77
N LEU SA 224 -19.37 16.96 -41.70
CA LEU SA 224 -20.01 18.27 -41.70
C LEU SA 224 -19.05 19.34 -42.18
N VAL SA 225 -17.87 19.43 -41.56
CA VAL SA 225 -16.91 20.48 -41.89
C VAL SA 225 -16.40 20.29 -43.31
N ARG SA 226 -16.11 19.06 -43.71
CA ARG SA 226 -15.59 18.82 -45.06
C ARG SA 226 -16.59 19.25 -46.13
N ASP SA 227 -17.83 18.80 -46.00
CA ASP SA 227 -18.84 19.14 -46.98
C ASP SA 227 -19.14 20.63 -46.97
N ALA SA 228 -19.15 21.25 -45.78
CA ALA SA 228 -19.36 22.68 -45.71
C ALA SA 228 -18.21 23.45 -46.35
N PHE SA 229 -16.97 22.95 -46.23
CA PHE SA 229 -15.85 23.60 -46.89
C PHE SA 229 -15.98 23.52 -48.40
N ALA SA 230 -16.35 22.36 -48.93
CA ALA SA 230 -16.59 22.25 -50.36
C ALA SA 230 -17.69 23.20 -50.81
N LEU SA 231 -18.81 23.20 -50.08
CA LEU SA 231 -19.93 24.09 -50.42
C LEU SA 231 -19.51 25.55 -50.36
N ALA SA 232 -18.63 25.90 -49.43
CA ALA SA 232 -18.11 27.27 -49.36
C ALA SA 232 -17.24 27.58 -50.56
N LYS SA 233 -16.44 26.61 -51.00
CA LYS SA 233 -15.75 26.74 -52.27
C LYS SA 233 -16.73 27.04 -53.38
N GLU SA 234 -17.95 26.49 -53.29
CA GLU SA 234 -19.01 26.91 -54.20
C GLU SA 234 -19.62 28.25 -53.81
N LYS SA 235 -19.45 28.70 -52.58
CA LYS SA 235 -20.21 29.81 -52.01
C LYS SA 235 -19.26 30.80 -51.32
N ALA SA 236 -18.24 31.23 -52.07
CA ALA SA 236 -17.12 32.05 -51.57
C ALA SA 236 -17.45 33.03 -50.46
N PRO SA 237 -18.53 33.85 -50.51
CA PRO SA 237 -18.80 34.73 -49.37
C PRO SA 237 -19.25 33.97 -48.13
N SER SA 238 -18.42 33.03 -47.68
CA SER SA 238 -18.81 32.04 -46.68
C SER SA 238 -18.74 32.66 -45.30
N ILE SA 239 -19.86 33.18 -44.83
CA ILE SA 239 -19.97 33.61 -43.44
C ILE SA 239 -20.26 32.41 -42.57
N ILE SA 240 -19.38 32.14 -41.61
CA ILE SA 240 -19.58 31.07 -40.63
C ILE SA 240 -19.46 31.70 -39.26
N PHE SA 241 -20.58 32.14 -38.69
CA PHE SA 241 -20.61 32.71 -37.36
C PHE SA 241 -20.83 31.57 -36.38
N ILE SA 242 -19.82 31.28 -35.57
CA ILE SA 242 -19.86 30.16 -34.63
C ILE SA 242 -20.02 30.76 -33.23
N ASP SA 243 -21.27 30.89 -32.79
CA ASP SA 243 -21.51 31.40 -31.45
C ASP SA 243 -20.98 30.42 -30.42
N GLU SA 244 -20.42 30.96 -29.34
CA GLU SA 244 -19.68 30.21 -28.32
C GLU SA 244 -18.83 29.11 -28.95
N LEU SA 245 -18.09 29.49 -29.99
CA LEU SA 245 -17.22 28.55 -30.70
C LEU SA 245 -16.25 27.85 -29.76
N ASP SA 246 -15.99 28.41 -28.59
CA ASP SA 246 -15.14 27.74 -27.59
C ASP SA 246 -15.83 26.54 -26.95
N ALA SA 247 -17.07 26.23 -27.31
CA ALA SA 247 -17.82 25.17 -26.63
C ALA SA 247 -17.10 23.84 -26.73
N ILE SA 248 -17.00 23.30 -27.94
CA ILE SA 248 -16.22 22.07 -28.14
C ILE SA 248 -14.85 22.34 -28.74
N GLY SA 249 -14.62 23.53 -29.28
CA GLY SA 249 -13.27 23.93 -29.58
C GLY SA 249 -12.71 24.55 -28.34
N THR SA 250 -11.99 23.76 -27.56
CA THR SA 250 -11.67 24.10 -26.18
C THR SA 250 -10.20 23.82 -25.91
N LYS SA 251 -9.73 24.31 -24.77
CA LYS SA 251 -8.33 24.04 -24.38
C LYS SA 251 -8.23 22.52 -24.21
N ARG SA 252 -7.16 21.92 -24.74
CA ARG SA 252 -6.92 20.49 -24.63
C ARG SA 252 -6.68 20.10 -23.18
N PHE SA 253 -7.00 18.86 -22.85
CA PHE SA 253 -6.82 18.32 -21.52
C PHE SA 253 -5.80 17.19 -21.57
N ASP SA 254 -5.31 16.82 -20.39
CA ASP SA 254 -4.28 15.78 -20.29
C ASP SA 254 -4.43 15.11 -18.93
N SER SA 255 -4.97 13.89 -18.94
CA SER SA 255 -5.21 13.15 -17.71
C SER SA 255 -5.04 11.66 -18.02
N GLU SA 256 -5.49 10.82 -17.09
CA GLU SA 256 -5.38 9.37 -17.22
C GLU SA 256 -6.79 8.81 -17.31
N LYS SA 257 -7.25 8.56 -18.54
CA LYS SA 257 -8.58 8.06 -18.85
C LYS SA 257 -9.70 8.97 -18.33
N ALA SA 258 -9.38 10.19 -17.90
CA ALA SA 258 -10.36 11.11 -17.36
C ALA SA 258 -10.72 12.11 -18.45
N GLY SA 259 -11.70 11.76 -19.27
CA GLY SA 259 -12.15 12.62 -20.35
C GLY SA 259 -12.38 11.85 -21.64
N ASP SA 260 -13.42 12.24 -22.36
CA ASP SA 260 -13.75 11.62 -23.63
C ASP SA 260 -12.88 12.20 -24.75
N ARG SA 261 -13.05 11.65 -25.95
CA ARG SA 261 -12.11 11.92 -27.04
C ARG SA 261 -12.76 12.49 -28.29
N GLU SA 262 -14.01 12.14 -28.60
CA GLU SA 262 -14.62 12.53 -29.86
C GLU SA 262 -14.60 14.04 -30.06
N VAL SA 263 -14.72 14.80 -28.96
CA VAL SA 263 -14.55 16.24 -29.06
C VAL SA 263 -13.21 16.58 -29.69
N GLN SA 264 -12.13 15.91 -29.25
CA GLN SA 264 -10.84 16.12 -29.86
C GLN SA 264 -10.82 15.63 -31.30
N ARG SA 265 -11.51 14.52 -31.59
CA ARG SA 265 -11.60 14.03 -32.97
C ARG SA 265 -12.07 15.14 -33.89
N THR SA 266 -13.28 15.64 -33.65
CA THR SA 266 -13.84 16.68 -34.52
C THR SA 266 -13.02 17.97 -34.45
N MET SA 267 -12.53 18.32 -33.26
CA MET SA 267 -11.79 19.56 -33.12
C MET SA 267 -10.52 19.55 -33.94
N LEU SA 268 -9.69 18.53 -33.77
CA LEU SA 268 -8.46 18.41 -34.54
C LEU SA 268 -8.75 18.23 -36.03
N GLU SA 269 -9.83 17.53 -36.36
CA GLU SA 269 -10.21 17.40 -37.76
C GLU SA 269 -10.47 18.77 -38.36
N LEU SA 270 -11.18 19.63 -37.63
CA LEU SA 270 -11.42 20.98 -38.11
C LEU SA 270 -10.13 21.79 -38.12
N LEU SA 271 -9.24 21.53 -37.16
CA LEU SA 271 -7.96 22.22 -37.14
C LEU SA 271 -7.20 21.98 -38.44
N ASN SA 272 -6.95 20.73 -38.77
CA ASN SA 272 -6.21 20.44 -39.99
C ASN SA 272 -7.06 20.60 -41.24
N GLN SA 273 -8.37 20.80 -41.10
CA GLN SA 273 -9.20 21.15 -42.25
C GLN SA 273 -9.02 22.62 -42.59
N LEU SA 274 -9.44 23.50 -41.69
CA LEU SA 274 -9.30 24.94 -41.86
C LEU SA 274 -7.82 25.31 -41.96
N ASP SA 275 -7.07 25.06 -40.89
CA ASP SA 275 -5.64 25.29 -40.91
C ASP SA 275 -4.95 24.10 -41.55
N GLY SA 276 -3.63 24.19 -41.69
CA GLY SA 276 -2.86 23.11 -42.26
C GLY SA 276 -2.87 23.06 -43.77
N PHE SA 277 -3.94 23.57 -44.39
CA PHE SA 277 -4.08 23.51 -45.84
C PHE SA 277 -5.18 24.47 -46.27
N GLN SA 278 -5.47 24.48 -47.57
CA GLN SA 278 -6.53 25.23 -48.22
C GLN SA 278 -6.51 26.71 -47.87
N PRO SA 279 -5.55 27.47 -48.40
CA PRO SA 279 -5.61 28.93 -48.25
C PRO SA 279 -6.70 29.52 -49.13
N ASN SA 280 -7.70 30.15 -48.50
CA ASN SA 280 -8.81 30.72 -49.24
C ASN SA 280 -9.41 31.84 -48.40
N THR SA 281 -9.34 33.07 -48.89
CA THR SA 281 -9.82 34.24 -48.16
C THR SA 281 -11.32 34.18 -47.89
N GLN SA 282 -12.03 33.19 -48.42
CA GLN SA 282 -13.44 33.00 -48.13
C GLN SA 282 -13.72 32.78 -46.66
N VAL SA 283 -12.66 32.58 -45.85
CA VAL SA 283 -12.84 32.33 -44.42
C VAL SA 283 -13.55 33.49 -43.76
N LYS SA 284 -14.66 33.20 -43.09
CA LYS SA 284 -15.36 34.15 -42.22
C LYS SA 284 -15.82 33.35 -41.00
N VAL SA 285 -15.00 33.32 -39.96
CA VAL SA 285 -15.23 32.48 -38.79
C VAL SA 285 -15.13 33.34 -37.54
N ILE SA 286 -16.11 33.21 -36.64
CA ILE SA 286 -16.21 34.07 -35.48
C ILE SA 286 -16.66 33.22 -34.28
N ALA SA 287 -16.23 33.63 -33.09
CA ALA SA 287 -16.63 32.99 -31.83
C ALA SA 287 -17.37 34.01 -30.98
N ALA SA 288 -18.68 33.81 -30.85
CA ALA SA 288 -19.54 34.70 -30.03
C ALA SA 288 -19.79 34.03 -28.67
N THR SA 289 -18.72 33.62 -27.99
CA THR SA 289 -18.83 32.94 -26.67
C THR SA 289 -18.75 33.98 -25.55
N ASN SA 290 -18.70 33.52 -24.29
CA ASN SA 290 -18.63 34.42 -23.11
C ASN SA 290 -17.17 34.60 -22.68
N ARG SA 291 -16.44 33.50 -22.52
CA ARG SA 291 -15.02 33.56 -22.09
C ARG SA 291 -14.13 32.93 -23.18
N VAL SA 292 -12.84 33.29 -23.20
CA VAL SA 292 -11.87 32.76 -24.20
C VAL SA 292 -10.67 32.17 -23.43
N ASP SA 293 -10.78 32.08 -22.11
CA ASP SA 293 -9.68 31.53 -21.26
C ASP SA 293 -9.72 29.99 -21.33
N ILE SA 294 -10.87 29.43 -21.70
CA ILE SA 294 -11.03 27.95 -21.80
C ILE SA 294 -10.60 27.50 -23.20
N LEU SA 295 -10.38 28.45 -24.11
CA LEU SA 295 -9.97 28.14 -25.50
C LEU SA 295 -8.50 27.68 -25.50
N ASP SA 296 -8.14 26.79 -26.43
CA ASP SA 296 -6.78 26.28 -26.54
C ASP SA 296 -5.90 27.28 -27.28
N PRO SA 297 -4.61 27.33 -26.95
CA PRO SA 297 -3.67 28.06 -27.81
C PRO SA 297 -3.67 27.57 -29.24
N ALA SA 298 -4.25 26.39 -29.49
CA ALA SA 298 -4.43 25.88 -30.85
C ALA SA 298 -5.62 26.48 -31.57
N LEU SA 299 -6.23 27.54 -31.02
CA LEU SA 299 -7.49 28.02 -31.56
C LEU SA 299 -7.52 29.51 -31.92
N LEU SA 300 -6.43 30.25 -31.69
CA LEU SA 300 -6.49 31.69 -31.87
C LEU SA 300 -5.25 32.33 -32.48
N ARG SA 301 -4.27 31.55 -32.94
CA ARG SA 301 -2.94 32.11 -33.17
C ARG SA 301 -2.90 33.21 -34.22
N SER SA 302 -3.04 32.88 -35.50
CA SER SA 302 -2.85 33.91 -36.51
C SER SA 302 -3.69 33.77 -37.77
N GLY SA 303 -4.49 32.73 -37.93
CA GLY SA 303 -5.25 32.59 -39.17
C GLY SA 303 -6.67 32.10 -38.94
N ARG SA 304 -6.97 31.78 -37.69
CA ARG SA 304 -8.24 31.18 -37.31
C ARG SA 304 -9.21 32.25 -36.83
N LEU SA 305 -8.86 32.93 -35.74
CA LEU SA 305 -9.60 34.08 -35.22
C LEU SA 305 -8.54 35.16 -35.01
N ASP SA 306 -8.31 35.95 -36.06
CA ASP SA 306 -7.19 36.90 -36.04
C ASP SA 306 -7.36 37.93 -34.94
N ARG SA 307 -8.42 38.73 -35.01
CA ARG SA 307 -8.66 39.78 -34.03
C ARG SA 307 -9.48 39.24 -32.87
N LYS SA 308 -9.21 39.78 -31.68
CA LYS SA 308 -9.91 39.38 -30.46
C LYS SA 308 -10.21 40.66 -29.68
N ILE SA 309 -11.38 41.23 -29.94
CA ILE SA 309 -11.81 42.46 -29.30
C ILE SA 309 -12.96 42.14 -28.36
N GLU SA 310 -13.05 42.88 -27.26
CA GLU SA 310 -13.95 42.57 -26.17
C GLU SA 310 -15.26 43.35 -26.30
N PHE SA 311 -16.27 42.89 -25.56
CA PHE SA 311 -17.55 43.58 -25.41
C PHE SA 311 -17.59 44.21 -24.02
N PRO SA 312 -17.09 45.42 -23.85
CA PRO SA 312 -17.12 46.04 -22.52
C PRO SA 312 -18.55 46.30 -22.07
N MET SA 313 -18.75 46.30 -20.76
CA MET SA 313 -20.05 46.61 -20.22
C MET SA 313 -20.45 48.02 -20.67
N PRO SA 314 -21.69 48.22 -21.15
CA PRO SA 314 -22.13 49.58 -21.49
C PRO SA 314 -21.82 50.55 -20.37
N ASN SA 315 -21.00 51.56 -20.64
CA ASN SA 315 -20.29 52.24 -19.57
C ASN SA 315 -21.22 52.95 -18.59
N GLU SA 316 -21.81 54.07 -18.99
CA GLU SA 316 -22.88 54.66 -18.20
C GLU SA 316 -24.12 54.93 -19.04
N GLU SA 317 -23.94 55.59 -20.18
CA GLU SA 317 -25.05 55.97 -21.04
C GLU SA 317 -25.16 55.10 -22.28
N ALA SA 318 -24.21 54.21 -22.52
CA ALA SA 318 -24.42 53.14 -23.48
C ALA SA 318 -25.54 52.23 -23.02
N ARG SA 319 -25.61 51.97 -21.70
CA ARG SA 319 -26.73 51.23 -21.14
C ARG SA 319 -28.04 51.93 -21.44
N ALA SA 320 -28.10 53.24 -21.18
CA ALA SA 320 -29.30 54.01 -21.48
C ALA SA 320 -29.58 54.03 -22.96
N ARG SA 321 -28.54 53.96 -23.80
CA ARG SA 321 -28.75 53.90 -25.24
C ARG SA 321 -29.49 52.63 -25.62
N ILE SA 322 -28.96 51.48 -25.22
CA ILE SA 322 -29.67 50.21 -25.41
C ILE SA 322 -31.08 50.31 -24.84
N MET SA 323 -31.22 50.92 -23.67
CA MET SA 323 -32.50 50.99 -22.99
C MET SA 323 -33.53 51.73 -23.83
N GLN SA 324 -33.15 52.92 -24.35
CA GLN SA 324 -34.08 53.67 -25.18
C GLN SA 324 -34.30 52.98 -26.52
N ILE SA 325 -33.33 52.20 -26.98
CA ILE SA 325 -33.58 51.34 -28.13
C ILE SA 325 -34.73 50.39 -27.81
N HIS SA 326 -34.79 49.91 -26.57
CA HIS SA 326 -36.01 49.22 -26.13
C HIS SA 326 -37.15 50.20 -25.90
N SER SA 327 -36.83 51.43 -25.47
CA SER SA 327 -37.83 52.41 -25.05
C SER SA 327 -38.20 53.39 -26.14
N ARG SA 328 -38.18 52.97 -27.41
CA ARG SA 328 -38.53 53.86 -28.51
C ARG SA 328 -39.82 53.46 -29.21
N LYS SA 329 -39.93 52.20 -29.65
CA LYS SA 329 -41.16 51.77 -30.31
C LYS SA 329 -42.34 51.81 -29.35
N MET SA 330 -42.24 51.09 -28.24
CA MET SA 330 -43.27 51.14 -27.22
C MET SA 330 -43.53 52.59 -26.81
N ASN SA 331 -44.78 53.01 -26.91
CA ASN SA 331 -45.11 54.42 -26.72
C ASN SA 331 -44.71 54.87 -25.31
N VAL SA 332 -44.05 56.03 -25.24
CA VAL SA 332 -43.47 56.53 -24.01
C VAL SA 332 -44.05 57.91 -23.71
N SER SA 333 -44.37 58.14 -22.45
CA SER SA 333 -44.54 59.51 -22.00
C SER SA 333 -43.18 60.19 -22.03
N PRO SA 334 -42.99 61.22 -22.85
CA PRO SA 334 -41.64 61.81 -23.00
C PRO SA 334 -41.05 62.34 -21.70
N ASP SA 335 -41.80 62.32 -20.59
CA ASP SA 335 -41.25 62.72 -19.31
C ASP SA 335 -40.39 61.59 -18.75
N VAL SA 336 -39.36 61.20 -19.49
CA VAL SA 336 -38.47 60.10 -19.10
C VAL SA 336 -37.05 60.54 -19.45
N ASN SA 337 -36.29 60.96 -18.45
CA ASN SA 337 -34.87 61.23 -18.64
C ASN SA 337 -34.11 59.93 -18.40
N TYR SA 338 -33.57 59.36 -19.47
CA TYR SA 338 -32.82 58.12 -19.35
C TYR SA 338 -31.52 58.31 -18.58
N GLU SA 339 -31.10 59.56 -18.36
CA GLU SA 339 -29.86 59.81 -17.64
C GLU SA 339 -29.97 59.36 -16.18
N GLU SA 340 -31.02 59.80 -15.49
CA GLU SA 340 -31.24 59.36 -14.12
C GLU SA 340 -31.31 57.84 -14.05
N LEU SA 341 -32.05 57.24 -14.98
CA LEU SA 341 -32.19 55.79 -15.04
C LEU SA 341 -30.83 55.11 -15.10
N ALA SA 342 -30.02 55.48 -16.10
CA ALA SA 342 -28.72 54.85 -16.26
C ALA SA 342 -27.83 55.10 -15.05
N ARG SA 343 -27.93 56.28 -14.45
CA ARG SA 343 -27.06 56.59 -13.32
C ARG SA 343 -27.41 55.75 -12.10
N CYS SA 344 -28.69 55.70 -11.74
CA CYS SA 344 -29.12 55.02 -10.53
C CYS SA 344 -29.02 53.51 -10.63
N THR SA 345 -28.53 52.96 -11.73
CA THR SA 345 -28.21 51.54 -11.83
C THR SA 345 -26.89 51.42 -12.59
N ASP SA 346 -25.80 51.56 -11.84
CA ASP SA 346 -24.41 51.48 -12.38
C ASP SA 346 -24.01 50.01 -12.50
N ASP SA 347 -23.07 49.70 -13.40
CA ASP SA 347 -22.61 48.31 -13.64
C ASP SA 347 -23.82 47.43 -13.97
N PHE SA 348 -24.68 47.91 -14.88
CA PHE SA 348 -25.91 47.18 -15.30
C PHE SA 348 -25.76 46.81 -16.78
N ASN SA 349 -25.63 45.50 -17.07
CA ASN SA 349 -25.45 45.03 -18.46
C ASN SA 349 -26.78 45.11 -19.22
N GLY SA 350 -26.68 45.19 -20.55
CA GLY SA 350 -27.80 45.24 -21.52
C GLY SA 350 -29.02 44.49 -21.05
N ALA SA 351 -28.92 43.16 -20.95
CA ALA SA 351 -30.00 42.24 -20.49
C ALA SA 351 -30.80 42.88 -19.34
N GLN SA 352 -30.11 43.26 -18.26
CA GLN SA 352 -30.78 43.93 -17.11
C GLN SA 352 -31.59 45.11 -17.65
N CYS SA 353 -30.92 46.04 -18.36
CA CYS SA 353 -31.58 47.25 -18.94
C CYS SA 353 -32.72 46.84 -19.89
N LYS SA 354 -32.53 45.78 -20.68
CA LYS SA 354 -33.59 45.29 -21.59
C LYS SA 354 -34.73 44.76 -20.72
N ALA SA 355 -34.37 44.06 -19.64
CA ALA SA 355 -35.39 43.54 -18.68
C ALA SA 355 -36.01 44.74 -17.96
N VAL SA 356 -35.25 45.84 -17.81
CA VAL SA 356 -35.80 47.03 -17.17
C VAL SA 356 -36.88 47.64 -18.04
N CYS SA 357 -36.58 47.84 -19.33
CA CYS SA 357 -37.52 48.52 -20.19
C CYS SA 357 -38.75 47.66 -20.46
N VAL SA 358 -38.58 46.35 -20.58
CA VAL SA 358 -39.73 45.47 -20.74
C VAL SA 358 -40.57 45.46 -19.46
N GLU SA 359 -39.91 45.51 -18.31
CA GLU SA 359 -40.63 45.63 -17.05
C GLU SA 359 -41.45 46.92 -17.01
N ALA SA 360 -40.86 48.03 -17.43
CA ALA SA 360 -41.58 49.30 -17.44
C ALA SA 360 -42.75 49.27 -18.40
N GLY SA 361 -42.55 48.67 -19.58
CA GLY SA 361 -43.65 48.49 -20.51
C GLY SA 361 -44.79 47.71 -19.89
N MET SA 362 -44.48 46.56 -19.30
CA MET SA 362 -45.52 45.77 -18.67
C MET SA 362 -46.08 46.43 -17.41
N ILE SA 363 -45.34 47.38 -16.82
CA ILE SA 363 -45.84 48.12 -15.67
C ILE SA 363 -46.92 49.10 -16.11
N ALA SA 364 -46.61 49.90 -17.13
CA ALA SA 364 -47.65 50.73 -17.74
C ALA SA 364 -48.79 49.87 -18.26
N LEU SA 365 -48.50 48.62 -18.64
CA LEU SA 365 -49.53 47.67 -19.00
C LEU SA 365 -50.38 47.25 -17.80
N ARG SA 366 -49.78 47.22 -16.60
CA ARG SA 366 -50.53 46.86 -15.40
C ARG SA 366 -51.75 47.76 -15.25
N ARG SA 367 -51.51 49.07 -15.12
CA ARG SA 367 -52.61 50.02 -15.15
C ARG SA 367 -53.28 50.08 -16.52
N GLY SA 368 -52.63 49.58 -17.55
CA GLY SA 368 -53.18 49.62 -18.89
C GLY SA 368 -52.89 50.90 -19.63
N ALA SA 369 -51.75 51.54 -19.35
CA ALA SA 369 -51.47 52.86 -19.89
C ALA SA 369 -51.23 52.80 -21.40
N THR SA 370 -51.17 53.98 -22.00
CA THR SA 370 -50.81 54.15 -23.40
C THR SA 370 -49.41 54.75 -23.56
N GLU SA 371 -48.68 54.91 -22.47
CA GLU SA 371 -47.42 55.63 -22.47
C GLU SA 371 -46.53 55.05 -21.37
N LEU SA 372 -45.26 55.43 -21.41
CA LEU SA 372 -44.26 54.95 -20.46
C LEU SA 372 -43.76 56.11 -19.61
N THR SA 373 -44.02 56.03 -18.30
CA THR SA 373 -43.65 57.08 -17.38
C THR SA 373 -42.29 56.76 -16.75
N HIS SA 374 -41.50 57.82 -16.52
CA HIS SA 374 -40.22 57.63 -15.85
C HIS SA 374 -40.39 57.01 -14.47
N GLU SA 375 -41.59 57.05 -13.92
CA GLU SA 375 -41.88 56.26 -12.72
C GLU SA 375 -41.70 54.77 -13.01
N ASP SA 376 -42.33 54.27 -14.07
CA ASP SA 376 -42.17 52.87 -14.44
C ASP SA 376 -40.73 52.57 -14.86
N TYR SA 377 -40.06 53.54 -15.49
CA TYR SA 377 -38.65 53.36 -15.82
C TYR SA 377 -37.81 53.17 -14.56
N MET SA 378 -38.06 54.00 -13.55
CA MET SA 378 -37.39 53.83 -12.27
C MET SA 378 -37.79 52.52 -11.59
N GLU SA 379 -39.02 52.07 -11.82
CA GLU SA 379 -39.43 50.77 -11.29
C GLU SA 379 -38.61 49.65 -11.90
N GLY SA 380 -38.43 49.68 -13.21
CA GLY SA 380 -37.54 48.72 -13.86
C GLY SA 380 -36.12 48.82 -13.35
N ILE SA 381 -35.60 50.03 -13.26
CA ILE SA 381 -34.27 50.26 -12.69
C ILE SA 381 -34.17 49.61 -11.31
N LEU SA 382 -35.18 49.82 -10.48
CA LEU SA 382 -35.23 49.36 -9.11
C LEU SA 382 -35.96 48.04 -8.97
N GLU SA 383 -36.10 47.29 -10.07
CA GLU SA 383 -36.65 45.94 -10.02
C GLU SA 383 -35.64 45.03 -9.33
N VAL SA 384 -35.90 43.73 -9.33
CA VAL SA 384 -34.98 42.77 -8.73
C VAL SA 384 -33.57 42.95 -9.30
N GLN SA 385 -33.47 43.52 -10.51
CA GLN SA 385 -32.19 43.69 -11.18
C GLN SA 385 -31.42 42.37 -11.25
N ALA SA 386 -32.16 41.26 -11.30
CA ALA SA 386 -31.61 39.92 -11.16
C ALA SA 386 -30.81 39.80 -9.86
N LYS SA 387 -31.33 40.40 -8.79
CA LYS SA 387 -30.71 40.31 -7.47
C LYS SA 387 -31.74 39.81 -6.46
N LYS SA 388 -31.27 39.02 -5.50
CA LYS SA 388 -32.12 38.33 -4.54
C LYS SA 388 -31.36 38.14 -3.24
N LYS SA 389 -32.09 37.90 -2.14
CA LYS SA 389 -33.55 37.98 -2.08
C LYS SA 389 -34.07 39.02 -1.07
N ALA SA 390 -33.68 39.01 0.22
CA ALA SA 390 -32.85 38.01 0.88
C ALA SA 390 -33.65 37.29 1.96
N ASN SA 391 -32.98 36.51 2.81
CA ASN SA 391 -33.69 35.70 3.79
C ASN SA 391 -34.21 36.54 4.96
N LEU SA 392 -33.35 37.29 5.67
CA LEU SA 392 -31.92 37.47 5.46
C LEU SA 392 -31.10 36.47 6.30
N GLN SA 393 -31.74 35.92 7.33
CA GLN SA 393 -31.23 34.76 8.06
C GLN SA 393 -29.88 35.04 8.72
N TYR SA 394 -29.94 35.82 9.79
CA TYR SA 394 -28.99 35.80 10.90
C TYR SA 394 -27.60 36.31 10.55
N ARG TA 6 -30.05 -60.49 -1.50
CA ARG TA 6 -28.73 -60.89 -1.98
C ARG TA 6 -28.81 -61.43 -3.40
N ASP TA 7 -27.73 -62.09 -3.82
CA ASP TA 7 -27.69 -62.70 -5.14
C ASP TA 7 -28.76 -63.77 -5.27
N LYS TA 8 -29.33 -63.86 -6.47
CA LYS TA 8 -30.34 -64.87 -6.77
C LYS TA 8 -29.73 -66.21 -7.11
N ALA TA 9 -28.40 -66.29 -7.24
CA ALA TA 9 -27.75 -67.55 -7.58
C ALA TA 9 -28.13 -68.71 -6.65
N PRO TA 10 -28.27 -68.52 -5.33
CA PRO TA 10 -28.75 -69.63 -4.50
C PRO TA 10 -30.26 -69.80 -4.52
N VAL TA 11 -31.01 -68.71 -4.69
CA VAL TA 11 -32.46 -68.75 -4.52
C VAL TA 11 -33.23 -68.77 -5.83
N GLN TA 12 -32.58 -68.55 -6.98
CA GLN TA 12 -33.27 -68.66 -8.25
C GLN TA 12 -33.44 -70.11 -8.71
N PRO TA 13 -32.41 -70.96 -8.66
CA PRO TA 13 -32.57 -72.34 -9.14
C PRO TA 13 -33.52 -73.21 -8.33
N GLN TA 14 -34.13 -72.69 -7.26
CA GLN TA 14 -35.07 -73.49 -6.48
C GLN TA 14 -36.39 -73.69 -7.21
N GLN TA 15 -36.60 -73.04 -8.35
CA GLN TA 15 -37.84 -73.16 -9.10
C GLN TA 15 -37.79 -74.26 -10.15
N SER TA 16 -36.61 -74.79 -10.46
CA SER TA 16 -36.47 -75.84 -11.47
C SER TA 16 -37.07 -77.16 -11.01
N PRO TA 17 -36.81 -77.65 -9.80
CA PRO TA 17 -37.42 -78.91 -9.37
C PRO TA 17 -38.90 -78.75 -9.05
N ALA TA 18 -39.62 -79.86 -9.17
CA ALA TA 18 -41.04 -79.92 -8.83
C ALA TA 18 -41.29 -80.61 -7.49
N ALA TA 19 -40.31 -80.58 -6.60
CA ALA TA 19 -40.45 -81.27 -5.32
C ALA TA 19 -41.51 -80.60 -4.46
N ALA TA 20 -42.35 -81.43 -3.84
CA ALA TA 20 -43.36 -80.89 -2.93
C ALA TA 20 -42.75 -80.25 -1.69
N PRO TA 21 -41.82 -80.89 -0.96
CA PRO TA 21 -41.17 -80.16 0.14
C PRO TA 21 -40.41 -78.94 -0.33
N GLY TA 22 -39.73 -79.01 -1.47
CA GLY TA 22 -39.03 -77.87 -2.00
C GLY TA 22 -39.94 -76.71 -2.34
N GLY TA 23 -41.00 -76.98 -3.10
CA GLY TA 23 -41.96 -75.92 -3.38
C GLY TA 23 -42.59 -75.36 -2.13
N THR TA 24 -42.98 -76.23 -1.19
CA THR TA 24 -43.69 -75.81 0.00
C THR TA 24 -42.78 -75.17 1.04
N ASP TA 25 -41.46 -75.25 0.87
CA ASP TA 25 -40.56 -74.45 1.70
C ASP TA 25 -39.98 -73.26 0.96
N GLU TA 26 -40.19 -73.15 -0.36
CA GLU TA 26 -39.78 -71.95 -1.08
C GLU TA 26 -40.90 -70.92 -1.13
N LYS TA 27 -42.15 -71.39 -1.24
CA LYS TA 27 -43.28 -70.48 -1.37
C LYS TA 27 -43.50 -69.65 -0.10
N PRO TA 28 -43.37 -70.22 1.10
CA PRO TA 28 -43.33 -69.35 2.29
C PRO TA 28 -42.10 -68.44 2.31
N SER TA 29 -40.96 -68.92 1.82
CA SER TA 29 -39.83 -68.02 1.60
C SER TA 29 -40.19 -66.95 0.59
N GLY TA 30 -41.03 -67.30 -0.39
CA GLY TA 30 -41.60 -66.30 -1.27
C GLY TA 30 -42.43 -65.27 -0.55
N LYS TA 31 -43.24 -65.70 0.42
CA LYS TA 31 -44.00 -64.74 1.23
C LYS TA 31 -43.06 -63.84 2.01
N GLU TA 32 -41.97 -64.40 2.56
CA GLU TA 32 -41.02 -63.61 3.33
C GLU TA 32 -40.35 -62.56 2.45
N ARG TA 33 -39.81 -62.96 1.30
CA ARG TA 33 -39.17 -62.02 0.39
C ARG TA 33 -40.16 -61.17 -0.39
N ARG TA 34 -41.47 -61.43 -0.24
CA ARG TA 34 -42.49 -60.67 -0.95
C ARG TA 34 -42.76 -59.29 -0.36
N ASP TA 35 -41.95 -58.85 0.60
CA ASP TA 35 -42.13 -57.50 1.14
C ASP TA 35 -41.70 -56.44 0.14
N ALA TA 36 -40.61 -56.70 -0.59
CA ALA TA 36 -40.21 -55.87 -1.72
C ALA TA 36 -40.52 -56.57 -3.04
N GLY TA 37 -41.44 -57.53 -3.03
CA GLY TA 37 -41.74 -58.35 -4.19
C GLY TA 37 -40.64 -59.38 -4.40
N ASP TA 38 -39.49 -58.92 -4.84
CA ASP TA 38 -38.29 -59.74 -4.96
C ASP TA 38 -37.10 -58.81 -4.80
N LYS TA 39 -35.91 -59.28 -5.21
CA LYS TA 39 -34.77 -58.39 -5.34
C LYS TA 39 -35.04 -57.28 -6.35
N ASP TA 40 -36.00 -57.48 -7.23
CA ASP TA 40 -36.25 -56.59 -8.36
C ASP TA 40 -37.70 -56.80 -8.82
N LYS TA 41 -37.99 -56.39 -10.04
CA LYS TA 41 -39.34 -56.39 -10.60
C LYS TA 41 -39.82 -57.77 -11.04
N GLU TA 42 -39.28 -58.83 -10.42
CA GLU TA 42 -39.71 -60.22 -10.65
C GLU TA 42 -39.49 -60.65 -12.10
N GLN TA 43 -38.20 -60.65 -12.49
CA GLN TA 43 -37.78 -61.17 -13.78
C GLN TA 43 -37.72 -62.70 -13.80
N GLU TA 44 -38.17 -63.35 -12.73
CA GLU TA 44 -38.25 -64.80 -12.66
C GLU TA 44 -39.46 -65.36 -13.40
N LEU TA 45 -40.12 -64.56 -14.24
CA LEU TA 45 -41.41 -64.95 -14.81
C LEU TA 45 -41.25 -66.05 -15.84
N SER TA 46 -40.50 -65.79 -16.92
CA SER TA 46 -40.42 -66.74 -18.02
C SER TA 46 -39.72 -68.04 -17.64
N GLU TA 47 -39.14 -68.09 -16.44
CA GLU TA 47 -38.58 -69.33 -15.92
C GLU TA 47 -39.52 -70.06 -14.96
N GLU TA 48 -40.58 -69.39 -14.51
CA GLU TA 48 -41.58 -70.00 -13.63
C GLU TA 48 -42.90 -70.27 -14.35
N ASP TA 49 -43.14 -69.65 -15.50
CA ASP TA 49 -44.35 -69.93 -16.26
C ASP TA 49 -44.41 -71.36 -16.74
N LYS TA 50 -43.26 -72.04 -16.80
CA LYS TA 50 -43.24 -73.46 -17.15
C LYS TA 50 -43.85 -74.32 -16.06
N GLN TA 51 -43.84 -73.85 -14.81
CA GLN TA 51 -44.41 -74.54 -13.66
C GLN TA 51 -45.93 -74.42 -13.57
N LEU TA 52 -46.60 -73.92 -14.61
CA LEU TA 52 -48.05 -73.73 -14.55
C LEU TA 52 -48.78 -75.08 -14.52
N GLN TA 53 -48.20 -76.09 -15.17
CA GLN TA 53 -48.83 -77.41 -15.23
C GLN TA 53 -48.70 -78.18 -13.93
N ASP TA 54 -47.74 -77.85 -13.07
CA ASP TA 54 -47.53 -78.60 -11.84
C ASP TA 54 -48.72 -78.42 -10.89
N GLU TA 55 -48.98 -79.46 -10.10
CA GLU TA 55 -50.09 -79.45 -9.16
C GLU TA 55 -49.59 -79.41 -7.72
N LEU TA 70 -49.08 -80.50 -2.72
CA LEU TA 70 -49.61 -80.28 -1.39
C LEU TA 70 -50.17 -78.87 -1.24
N TYR TA 71 -49.28 -77.91 -0.96
CA TYR TA 71 -49.67 -76.51 -0.85
C TYR TA 71 -49.76 -75.85 -2.22
N ARG TA 72 -50.52 -76.47 -3.13
CA ARG TA 72 -50.83 -75.81 -4.39
C ARG TA 72 -51.68 -74.55 -4.16
N PRO TA 73 -52.39 -74.40 -3.04
CA PRO TA 73 -52.83 -73.04 -2.66
C PRO TA 73 -51.69 -72.05 -2.57
N ALA TA 74 -50.57 -72.41 -1.95
CA ALA TA 74 -49.40 -71.54 -1.94
C ALA TA 74 -48.80 -71.40 -3.33
N LEU TA 75 -48.90 -72.44 -4.16
CA LEU TA 75 -48.44 -72.32 -5.54
C LEU TA 75 -49.24 -71.29 -6.31
N GLU TA 76 -50.56 -71.30 -6.15
CA GLU TA 76 -51.40 -70.29 -6.78
C GLU TA 76 -51.16 -68.92 -6.17
N GLU TA 77 -50.82 -68.86 -4.88
CA GLU TA 77 -50.42 -67.59 -4.28
C GLU TA 77 -49.19 -67.02 -4.98
N LEU TA 78 -48.14 -67.82 -5.11
CA LEU TA 78 -46.94 -67.36 -5.82
C LEU TA 78 -47.25 -66.99 -7.26
N ARG TA 79 -48.08 -67.79 -7.92
CA ARG TA 79 -48.41 -67.56 -9.33
C ARG TA 79 -49.16 -66.24 -9.50
N ARG TA 80 -50.21 -66.03 -8.72
CA ARG TA 80 -50.93 -64.75 -8.77
C ARG TA 80 -50.04 -63.59 -8.37
N GLN TA 81 -49.12 -63.79 -7.42
CA GLN TA 81 -48.20 -62.73 -7.05
C GLN TA 81 -47.36 -62.30 -8.24
N ILE TA 82 -46.68 -63.23 -8.89
CA ILE TA 82 -45.80 -62.86 -9.99
C ILE TA 82 -46.58 -62.34 -11.20
N ARG TA 83 -47.74 -62.93 -11.48
CA ARG TA 83 -48.51 -62.46 -12.63
C ARG TA 83 -49.08 -61.07 -12.41
N SER TA 84 -49.69 -60.83 -11.24
CA SER TA 84 -50.12 -59.47 -10.90
C SER TA 84 -48.92 -58.54 -10.76
N SER TA 85 -47.72 -59.10 -10.59
CA SER TA 85 -46.52 -58.28 -10.55
C SER TA 85 -46.14 -57.80 -11.95
N THR TA 86 -46.36 -58.62 -12.98
CA THR TA 86 -46.01 -58.16 -14.33
C THR TA 86 -47.18 -57.51 -15.06
N THR TA 87 -48.19 -58.30 -15.46
CA THR TA 87 -49.40 -57.79 -16.11
C THR TA 87 -50.39 -58.90 -16.42
N SER TA 88 -51.68 -58.62 -16.26
CA SER TA 88 -52.79 -59.37 -16.87
C SER TA 88 -54.10 -58.74 -16.44
N MET TA 89 -55.20 -59.26 -17.00
CA MET TA 89 -56.54 -58.75 -16.69
C MET TA 89 -57.49 -59.82 -16.17
N THR TA 90 -57.35 -61.07 -16.60
CA THR TA 90 -58.21 -62.16 -16.17
C THR TA 90 -57.42 -63.34 -15.61
N SER TA 91 -56.25 -63.63 -16.17
CA SER TA 91 -55.44 -64.74 -15.71
C SER TA 91 -54.81 -64.49 -14.34
N VAL TA 92 -54.75 -63.24 -13.89
CA VAL TA 92 -54.19 -62.89 -12.60
C VAL TA 92 -55.16 -63.22 -11.47
N PRO TA 93 -56.42 -62.76 -11.48
CA PRO TA 93 -57.31 -63.04 -10.36
C PRO TA 93 -57.79 -64.47 -10.28
N LYS TA 94 -57.56 -65.30 -11.31
CA LYS TA 94 -58.03 -66.68 -11.26
C LYS TA 94 -57.34 -67.44 -10.14
N PRO TA 95 -56.00 -67.42 -10.03
CA PRO TA 95 -55.37 -68.06 -8.86
C PRO TA 95 -55.91 -67.56 -7.53
N LEU TA 96 -56.23 -66.27 -7.40
CA LEU TA 96 -56.78 -65.74 -6.16
C LEU TA 96 -58.16 -66.30 -5.86
N LYS TA 97 -59.09 -66.24 -6.82
CA LYS TA 97 -60.37 -66.90 -6.62
C LYS TA 97 -60.24 -68.41 -6.54
N PHE TA 98 -59.17 -68.97 -7.12
CA PHE TA 98 -58.82 -70.36 -6.90
C PHE TA 98 -58.10 -70.56 -5.56
N LEU TA 99 -57.51 -69.50 -5.01
CA LEU TA 99 -56.84 -69.57 -3.71
C LEU TA 99 -57.81 -69.46 -2.55
N ARG TA 100 -58.78 -68.54 -2.64
CA ARG TA 100 -59.54 -68.13 -1.47
C ARG TA 100 -58.54 -67.73 -0.40
N PRO TA 101 -57.91 -66.55 -0.55
CA PRO TA 101 -56.73 -66.21 0.26
C PRO TA 101 -56.85 -66.64 1.72
N HIS TA 102 -55.84 -67.36 2.17
CA HIS TA 102 -55.87 -68.07 3.43
C HIS TA 102 -54.52 -67.85 4.12
N TYR TA 103 -54.25 -68.67 5.14
CA TYR TA 103 -52.98 -68.63 5.86
C TYR TA 103 -52.73 -67.26 6.48
N ASN TA 118 -52.42 -54.94 8.48
CA ASN TA 118 -51.86 -53.73 7.90
C ASN TA 118 -50.34 -53.73 7.99
N LYS TA 119 -49.71 -54.52 7.11
CA LYS TA 119 -48.26 -54.62 7.03
C LYS TA 119 -47.84 -54.21 5.63
N ARG TA 120 -46.54 -53.98 5.45
CA ARG TA 120 -46.05 -53.58 4.13
C ARG TA 120 -46.20 -54.70 3.12
N PHE TA 121 -45.97 -55.94 3.53
CA PHE TA 121 -46.32 -57.08 2.68
C PHE TA 121 -47.82 -57.24 2.57
N ALA TA 122 -48.52 -57.02 3.69
CA ALA TA 122 -49.98 -56.94 3.63
C ALA TA 122 -50.42 -55.77 2.76
N ALA TA 123 -49.71 -54.64 2.83
CA ALA TA 123 -49.97 -53.57 1.89
C ALA TA 123 -49.83 -54.04 0.45
N ASP TA 124 -48.74 -54.73 0.13
CA ASP TA 124 -48.50 -55.23 -1.21
C ASP TA 124 -49.66 -56.09 -1.67
N ILE TA 125 -49.88 -57.22 -1.00
CA ILE TA 125 -50.86 -58.17 -1.52
C ILE TA 125 -52.30 -57.80 -1.16
N ILE TA 126 -52.53 -56.70 -0.46
CA ILE TA 126 -53.91 -56.28 -0.25
C ILE TA 126 -54.19 -54.99 -1.02
N SER TA 127 -53.59 -53.88 -0.61
CA SER TA 127 -54.09 -52.59 -1.07
C SER TA 127 -54.00 -52.44 -2.58
N VAL TA 128 -52.78 -52.32 -3.10
CA VAL TA 128 -52.63 -52.05 -4.53
C VAL TA 128 -52.93 -53.31 -5.35
N LEU TA 129 -52.35 -54.44 -4.95
CA LEU TA 129 -52.54 -55.67 -5.71
C LEU TA 129 -54.01 -56.08 -5.76
N ALA TA 130 -54.65 -56.27 -4.60
CA ALA TA 130 -56.06 -56.64 -4.58
C ALA TA 130 -56.93 -55.56 -5.19
N MET TA 131 -56.58 -54.27 -5.04
CA MET TA 131 -57.36 -53.22 -5.70
C MET TA 131 -57.42 -53.47 -7.20
N THR TA 132 -56.25 -53.42 -7.87
CA THR TA 132 -56.24 -53.62 -9.32
C THR TA 132 -56.79 -54.99 -9.70
N MET TA 133 -56.47 -56.01 -8.90
CA MET TA 133 -56.79 -57.39 -9.23
C MET TA 133 -58.29 -57.64 -9.17
N SER TA 134 -58.89 -57.44 -8.00
CA SER TA 134 -60.33 -57.59 -7.88
C SER TA 134 -61.09 -56.54 -8.67
N GLY TA 135 -60.45 -55.41 -8.99
CA GLY TA 135 -61.12 -54.42 -9.83
C GLY TA 135 -61.27 -54.90 -11.26
N GLU TA 136 -60.20 -55.37 -11.87
CA GLU TA 136 -60.32 -55.96 -13.20
C GLU TA 136 -61.16 -57.23 -13.19
N ARG TA 137 -61.07 -58.03 -12.12
CA ARG TA 137 -61.95 -59.20 -12.01
C ARG TA 137 -63.42 -58.79 -11.99
N GLU TA 138 -63.78 -57.81 -11.17
CA GLU TA 138 -65.16 -57.39 -11.06
C GLU TA 138 -65.64 -56.69 -12.33
N CYS TA 139 -64.77 -55.94 -13.00
CA CYS TA 139 -65.17 -55.34 -14.27
C CYS TA 139 -65.43 -56.42 -15.33
N LEU TA 140 -64.57 -57.43 -15.38
CA LEU TA 140 -64.78 -58.52 -16.33
C LEU TA 140 -66.05 -59.30 -16.01
N LYS TA 141 -66.32 -59.55 -14.73
CA LYS TA 141 -67.52 -60.28 -14.35
C LYS TA 141 -68.77 -59.42 -14.35
N TYR TA 142 -68.61 -58.09 -14.44
CA TYR TA 142 -69.76 -57.20 -14.50
C TYR TA 142 -70.14 -56.90 -15.94
N ARG TA 143 -69.18 -56.96 -16.86
CA ARG TA 143 -69.47 -56.77 -18.28
C ARG TA 143 -69.55 -58.07 -19.06
N LEU TA 144 -69.16 -59.20 -18.46
CA LEU TA 144 -69.14 -60.47 -19.17
C LEU TA 144 -70.31 -61.36 -18.75
N VAL TA 145 -70.47 -61.60 -17.45
CA VAL TA 145 -71.56 -62.42 -16.93
C VAL TA 145 -72.55 -61.52 -16.20
N GLY TA 146 -73.80 -61.96 -16.14
CA GLY TA 146 -74.84 -61.20 -15.48
C GLY TA 146 -76.11 -61.09 -16.31
N ALA TA 163 -71.03 -65.57 -10.65
CA ALA TA 163 -71.27 -66.40 -9.49
C ALA TA 163 -71.17 -65.59 -8.21
N GLY TA 164 -71.15 -66.29 -7.07
CA GLY TA 164 -71.03 -65.62 -5.78
C GLY TA 164 -69.61 -65.34 -5.34
N GLU TA 165 -68.63 -66.01 -5.95
CA GLU TA 165 -67.24 -65.83 -5.54
C GLU TA 165 -66.78 -64.39 -5.74
N VAL TA 166 -67.30 -63.72 -6.78
CA VAL TA 166 -66.93 -62.33 -7.00
C VAL TA 166 -67.50 -61.43 -5.91
N ALA TA 167 -68.73 -61.70 -5.44
CA ALA TA 167 -69.26 -60.94 -4.32
C ALA TA 167 -68.48 -61.23 -3.05
N LYS TA 168 -68.02 -62.48 -2.88
CA LYS TA 168 -67.17 -62.82 -1.75
C LYS TA 168 -65.88 -62.00 -1.76
N GLU TA 169 -65.19 -61.97 -2.91
CA GLU TA 169 -63.97 -61.17 -3.03
C GLU TA 169 -64.26 -59.69 -2.81
N TRP TA 170 -65.38 -59.20 -3.32
CA TRP TA 170 -65.72 -57.79 -3.18
C TRP TA 170 -65.97 -57.43 -1.72
N GLN TA 171 -66.71 -58.27 -0.99
CA GLN TA 171 -66.92 -58.03 0.43
C GLN TA 171 -65.63 -58.12 1.22
N GLU TA 172 -64.79 -59.10 0.92
CA GLU TA 172 -63.52 -59.24 1.63
C GLU TA 172 -62.63 -58.03 1.41
N LEU TA 173 -62.53 -57.56 0.16
CA LEU TA 173 -61.71 -56.38 -0.10
C LEU TA 173 -62.34 -55.11 0.46
N ASP TA 174 -63.67 -55.06 0.54
CA ASP TA 174 -64.32 -53.90 1.15
C ASP TA 174 -64.01 -53.83 2.64
N ASP TA 175 -64.06 -54.98 3.33
CA ASP TA 175 -63.66 -55.01 4.74
C ASP TA 175 -62.18 -54.69 4.89
N ALA TA 176 -61.36 -55.20 3.98
CA ALA TA 176 -59.92 -54.93 4.04
C ALA TA 176 -59.62 -53.45 3.88
N GLU TA 177 -60.33 -52.76 2.97
CA GLU TA 177 -60.14 -51.32 2.79
C GLU TA 177 -60.81 -50.49 3.87
N LYS TA 178 -61.85 -51.03 4.52
CA LYS TA 178 -62.33 -50.42 5.77
C LYS TA 178 -61.24 -50.43 6.82
N VAL TA 179 -60.52 -51.56 6.95
CA VAL TA 179 -59.34 -51.58 7.82
C VAL TA 179 -58.30 -50.59 7.30
N GLN TA 180 -58.18 -50.48 5.97
CA GLN TA 180 -57.29 -49.48 5.38
C GLN TA 180 -57.83 -48.07 5.59
N ARG TA 181 -59.14 -47.92 5.70
CA ARG TA 181 -59.84 -46.66 5.93
C ARG TA 181 -59.66 -45.68 4.77
N GLU TA 182 -59.44 -46.17 3.55
CA GLU TA 182 -59.17 -45.27 2.42
C GLU TA 182 -60.38 -45.14 1.50
N PRO TA 183 -61.01 -43.96 1.47
CA PRO TA 183 -62.06 -43.70 0.48
C PRO TA 183 -61.51 -43.10 -0.81
N LEU TA 184 -62.43 -42.70 -1.69
CA LEU TA 184 -62.16 -41.84 -2.86
C LEU TA 184 -61.44 -42.59 -3.98
N LEU TA 185 -60.88 -43.77 -3.69
CA LEU TA 185 -60.48 -44.68 -4.74
C LEU TA 185 -61.11 -46.06 -4.56
N THR TA 186 -61.18 -46.54 -3.33
CA THR TA 186 -61.89 -47.78 -3.05
C THR TA 186 -63.39 -47.61 -3.30
N LEU TA 187 -63.98 -46.52 -2.83
CA LEU TA 187 -65.39 -46.27 -3.07
C LEU TA 187 -65.68 -46.13 -4.56
N VAL TA 188 -64.89 -45.28 -5.26
CA VAL TA 188 -65.14 -45.05 -6.68
C VAL TA 188 -64.86 -46.30 -7.52
N LYS TA 189 -64.02 -47.21 -7.03
CA LYS TA 189 -63.80 -48.44 -7.77
C LYS TA 189 -64.89 -49.47 -7.48
N GLU TA 190 -65.42 -49.47 -6.26
CA GLU TA 190 -66.55 -50.32 -5.89
C GLU TA 190 -67.89 -49.66 -6.21
N ILE TA 191 -67.87 -48.57 -6.98
CA ILE TA 191 -69.12 -47.94 -7.42
C ILE TA 191 -69.84 -48.82 -8.44
N VAL TA 192 -69.12 -49.26 -9.48
CA VAL TA 192 -69.74 -49.97 -10.60
C VAL TA 192 -70.28 -51.35 -10.18
N PRO TA 193 -69.73 -52.04 -9.16
CA PRO TA 193 -70.47 -53.26 -8.83
C PRO TA 193 -71.75 -52.97 -8.05
N LEU TA 207 -78.68 -54.33 -4.11
CA LEU TA 207 -77.50 -53.66 -4.64
C LEU TA 207 -76.24 -53.98 -3.85
N LEU TA 208 -75.12 -54.12 -4.55
CA LEU TA 208 -73.83 -54.25 -3.89
C LEU TA 208 -73.46 -52.94 -3.20
N MET TA 209 -73.77 -51.81 -3.84
CA MET TA 209 -73.45 -50.51 -3.26
C MET TA 209 -74.22 -50.27 -1.97
N GLU TA 210 -75.51 -50.62 -1.93
CA GLU TA 210 -76.31 -50.39 -0.74
C GLU TA 210 -75.78 -51.19 0.45
N ILE TA 211 -75.47 -52.47 0.23
CA ILE TA 211 -74.97 -53.30 1.31
C ILE TA 211 -73.58 -52.85 1.73
N GLU TA 212 -72.74 -52.41 0.79
CA GLU TA 212 -71.44 -51.87 1.16
C GLU TA 212 -71.59 -50.63 2.03
N GLN TA 213 -72.54 -49.76 1.69
CA GLN TA 213 -72.77 -48.57 2.52
C GLN TA 213 -73.23 -48.95 3.92
N VAL TA 214 -74.34 -49.69 4.02
CA VAL TA 214 -74.87 -50.01 5.34
C VAL TA 214 -73.96 -50.97 6.10
N ASP TA 215 -72.96 -51.55 5.45
CA ASP TA 215 -71.97 -52.37 6.14
C ASP TA 215 -70.71 -51.58 6.48
N MET TA 216 -70.57 -50.38 5.91
CA MET TA 216 -69.43 -49.51 6.21
C MET TA 216 -69.83 -48.33 7.10
N LEU TA 217 -71.06 -47.84 6.98
CA LEU TA 217 -71.49 -46.61 7.64
C LEU TA 217 -71.89 -46.91 9.08
N GLU TA 218 -70.90 -46.97 9.97
CA GLU TA 218 -71.14 -47.02 11.41
C GLU TA 218 -70.52 -45.86 12.15
N LYS TA 219 -69.22 -45.61 11.94
CA LYS TA 219 -68.47 -44.65 12.74
C LYS TA 219 -68.12 -43.39 11.96
N ASP TA 220 -67.43 -43.53 10.81
CA ASP TA 220 -67.06 -42.37 10.01
C ASP TA 220 -68.31 -41.75 9.40
N ILE TA 221 -68.67 -40.57 9.90
CA ILE TA 221 -69.87 -39.87 9.46
C ILE TA 221 -69.52 -38.78 8.45
N ASP TA 222 -68.54 -37.93 8.78
CA ASP TA 222 -68.16 -36.84 7.90
C ASP TA 222 -67.56 -37.31 6.58
N GLU TA 223 -66.52 -38.15 6.64
CA GLU TA 223 -65.80 -38.55 5.44
C GLU TA 223 -66.73 -39.23 4.44
N ASN TA 224 -67.30 -40.37 4.82
CA ASN TA 224 -68.15 -41.12 3.91
C ASN TA 224 -69.27 -40.24 3.36
N ALA TA 225 -70.14 -39.74 4.25
CA ALA TA 225 -71.29 -38.98 3.79
C ALA TA 225 -70.86 -37.83 2.90
N TYR TA 226 -70.12 -36.86 3.45
CA TYR TA 226 -69.78 -35.68 2.66
C TYR TA 226 -69.07 -36.06 1.37
N ALA TA 227 -67.86 -36.62 1.48
CA ALA TA 227 -67.06 -36.85 0.28
C ALA TA 227 -67.77 -37.81 -0.67
N LYS TA 228 -68.05 -39.04 -0.23
CA LYS TA 228 -68.62 -40.04 -1.10
C LYS TA 228 -69.94 -39.57 -1.71
N VAL TA 229 -70.91 -39.21 -0.86
CA VAL TA 229 -72.20 -38.80 -1.37
C VAL TA 229 -72.12 -37.62 -2.31
N CYS TA 230 -71.39 -36.56 -1.96
CA CYS TA 230 -71.34 -35.39 -2.83
C CYS TA 230 -70.68 -35.71 -4.16
N LEU TA 231 -69.50 -36.34 -4.12
CA LEU TA 231 -68.79 -36.64 -5.37
C LEU TA 231 -69.58 -37.61 -6.23
N TYR TA 232 -70.26 -38.59 -5.62
CA TYR TA 232 -71.03 -39.55 -6.39
C TYR TA 232 -72.30 -38.96 -6.95
N LEU TA 233 -72.98 -38.07 -6.24
CA LEU TA 233 -74.13 -37.38 -6.82
C LEU TA 233 -73.70 -36.45 -7.94
N THR TA 234 -72.53 -35.81 -7.78
CA THR TA 234 -72.01 -34.97 -8.85
C THR TA 234 -71.73 -35.79 -10.10
N SER TA 235 -70.97 -36.88 -9.97
CA SER TA 235 -70.72 -37.76 -11.10
C SER TA 235 -71.93 -38.60 -11.47
N CYS TA 236 -73.03 -38.50 -10.73
CA CYS TA 236 -74.25 -39.22 -11.08
C CYS TA 236 -75.17 -38.35 -11.92
N VAL TA 237 -75.10 -37.03 -11.72
CA VAL TA 237 -75.78 -36.14 -12.66
C VAL TA 237 -74.85 -35.71 -13.80
N ASN TA 238 -73.55 -36.01 -13.68
CA ASN TA 238 -72.58 -35.57 -14.68
C ASN TA 238 -71.99 -36.76 -15.45
N TYR TA 239 -71.67 -37.84 -14.73
CA TYR TA 239 -70.92 -38.96 -15.32
C TYR TA 239 -71.70 -40.28 -15.32
N VAL TA 240 -72.52 -40.53 -14.30
CA VAL TA 240 -73.26 -41.79 -14.20
C VAL TA 240 -74.67 -41.59 -14.76
N PRO TA 241 -75.29 -42.61 -15.35
CA PRO TA 241 -76.70 -42.48 -15.74
C PRO TA 241 -77.62 -42.49 -14.52
N GLU TA 242 -78.92 -42.50 -14.81
CA GLU TA 242 -79.91 -42.29 -13.77
C GLU TA 242 -80.23 -43.52 -12.90
N PRO TA 243 -80.44 -44.74 -13.44
CA PRO TA 243 -81.04 -45.80 -12.62
C PRO TA 243 -80.32 -46.12 -11.32
N GLU TA 244 -78.99 -46.30 -11.34
CA GLU TA 244 -78.27 -46.61 -10.12
C GLU TA 244 -78.29 -45.45 -9.12
N ASN TA 245 -78.51 -44.23 -9.60
CA ASN TA 245 -78.64 -43.11 -8.69
C ASN TA 245 -79.86 -43.26 -7.80
N SER TA 246 -80.87 -44.00 -8.24
CA SER TA 246 -82.03 -44.29 -7.39
C SER TA 246 -81.63 -45.14 -6.18
N ALA TA 247 -80.84 -46.18 -6.39
CA ALA TA 247 -80.37 -46.99 -5.28
C ALA TA 247 -79.40 -46.20 -4.41
N LEU TA 248 -78.58 -45.36 -5.03
CA LEU TA 248 -77.78 -44.39 -4.28
C LEU TA 248 -78.66 -43.60 -3.32
N LEU TA 249 -79.75 -43.03 -3.86
CA LEU TA 249 -80.68 -42.24 -3.08
C LEU TA 249 -81.29 -43.04 -1.94
N ARG TA 250 -81.71 -44.27 -2.21
CA ARG TA 250 -82.33 -45.09 -1.17
C ARG TA 250 -81.36 -45.38 -0.03
N CYS TA 251 -80.14 -45.83 -0.36
CA CYS TA 251 -79.21 -46.17 0.71
C CYS TA 251 -78.69 -44.93 1.44
N ALA TA 252 -78.55 -43.80 0.73
CA ALA TA 252 -78.19 -42.57 1.41
C ALA TA 252 -79.29 -42.11 2.33
N LEU TA 253 -80.55 -42.22 1.90
CA LEU TA 253 -81.69 -41.95 2.77
C LEU TA 253 -81.64 -42.80 4.02
N GLY TA 254 -81.31 -44.09 3.89
CA GLY TA 254 -81.21 -44.95 5.06
C GLY TA 254 -80.09 -44.52 5.99
N VAL TA 255 -78.87 -44.39 5.46
CA VAL TA 255 -77.73 -44.07 6.31
C VAL TA 255 -77.85 -42.66 6.90
N PHE TA 256 -78.66 -41.79 6.30
CA PHE TA 256 -78.86 -40.46 6.84
C PHE TA 256 -80.02 -40.40 7.83
N ARG TA 257 -81.01 -41.27 7.67
CA ARG TA 257 -81.93 -41.53 8.77
C ARG TA 257 -81.16 -42.05 9.98
N LYS TA 258 -80.06 -42.76 9.75
CA LYS TA 258 -79.17 -43.09 10.85
C LYS TA 258 -78.37 -41.88 11.33
N PHE TA 259 -78.33 -40.81 10.53
CA PHE TA 259 -77.47 -39.67 10.80
C PHE TA 259 -78.27 -38.43 11.21
N SER TA 260 -77.55 -37.32 11.35
CA SER TA 260 -78.12 -36.02 11.67
C SER TA 260 -78.03 -35.11 10.44
N ARG TA 261 -78.24 -33.81 10.65
CA ARG TA 261 -78.12 -32.80 9.59
C ARG TA 261 -79.08 -33.09 8.43
N PHE TA 262 -80.36 -32.97 8.74
CA PHE TA 262 -81.50 -33.21 7.85
C PHE TA 262 -81.36 -32.70 6.42
N PRO TA 263 -80.70 -31.57 6.15
CA PRO TA 263 -80.54 -31.11 4.76
C PRO TA 263 -80.08 -32.19 3.77
N GLU TA 264 -79.31 -33.19 4.19
CA GLU TA 264 -78.95 -34.26 3.27
C GLU TA 264 -80.18 -35.01 2.79
N ALA TA 265 -81.05 -35.45 3.72
CA ALA TA 265 -82.32 -36.03 3.35
C ALA TA 265 -83.22 -35.05 2.61
N LEU TA 266 -83.11 -33.75 2.91
CA LEU TA 266 -83.94 -32.78 2.21
C LEU TA 266 -83.60 -32.68 0.73
N ARG TA 267 -82.31 -32.70 0.38
CA ARG TA 267 -81.97 -32.75 -1.04
C ARG TA 267 -82.22 -34.14 -1.63
N LEU TA 268 -82.09 -35.19 -0.81
CA LEU TA 268 -82.52 -36.52 -1.24
C LEU TA 268 -83.98 -36.51 -1.67
N ALA TA 269 -84.82 -35.72 -0.98
CA ALA TA 269 -86.21 -35.54 -1.39
C ALA TA 269 -86.35 -34.58 -2.56
N LEU TA 270 -85.51 -33.55 -2.63
CA LEU TA 270 -85.50 -32.64 -3.78
C LEU TA 270 -85.30 -33.42 -5.08
N MET TA 271 -84.51 -34.48 -5.04
CA MET TA 271 -84.30 -35.29 -6.24
C MET TA 271 -85.26 -36.48 -6.32
N LEU TA 272 -85.44 -37.22 -5.23
CA LEU TA 272 -86.31 -38.39 -5.26
C LEU TA 272 -87.77 -38.00 -5.49
N ASN TA 273 -88.17 -36.83 -5.00
CA ASN TA 273 -89.56 -36.38 -5.02
C ASN TA 273 -90.45 -37.38 -4.29
N ASP TA 274 -90.15 -37.54 -3.01
CA ASP TA 274 -90.77 -38.55 -2.17
C ASP TA 274 -91.61 -37.90 -1.07
N MET TA 275 -92.72 -38.57 -0.73
CA MET TA 275 -93.61 -38.12 0.32
C MET TA 275 -93.36 -38.80 1.66
N GLU TA 276 -92.71 -39.97 1.67
CA GLU TA 276 -92.32 -40.58 2.93
C GLU TA 276 -91.13 -39.86 3.55
N LEU TA 277 -90.16 -39.47 2.72
CA LEU TA 277 -89.01 -38.73 3.21
C LEU TA 277 -89.43 -37.44 3.90
N VAL TA 278 -90.40 -36.73 3.33
CA VAL TA 278 -90.78 -35.45 3.91
C VAL TA 278 -91.48 -35.64 5.25
N GLU TA 279 -92.29 -36.70 5.39
CA GLU TA 279 -92.91 -36.98 6.69
C GLU TA 279 -91.85 -37.36 7.72
N ASP TA 280 -90.88 -38.20 7.32
CA ASP TA 280 -89.83 -38.59 8.24
C ASP TA 280 -89.00 -37.39 8.68
N ILE TA 281 -88.57 -36.55 7.73
CA ILE TA 281 -87.77 -35.39 8.08
C ILE TA 281 -88.56 -34.36 8.87
N PHE TA 282 -89.87 -34.26 8.65
CA PHE TA 282 -90.69 -33.36 9.47
C PHE TA 282 -90.85 -33.85 10.89
N THR TA 283 -91.17 -35.14 11.10
CA THR TA 283 -91.29 -35.62 12.47
C THR TA 283 -89.95 -35.60 13.18
N SER TA 284 -88.84 -35.75 12.44
CA SER TA 284 -87.52 -35.69 13.06
C SER TA 284 -87.04 -34.26 13.30
N CYS TA 285 -87.43 -33.31 12.46
CA CYS TA 285 -87.11 -31.90 12.66
C CYS TA 285 -88.05 -31.24 13.65
N LYS TA 286 -89.14 -31.92 14.02
CA LYS TA 286 -89.84 -31.58 15.24
C LYS TA 286 -89.22 -32.27 16.45
N ASP TA 287 -88.74 -33.51 16.27
CA ASP TA 287 -87.89 -34.12 17.27
C ASP TA 287 -86.63 -33.31 17.52
N VAL TA 288 -86.10 -32.67 16.47
CA VAL TA 288 -84.94 -31.79 16.59
C VAL TA 288 -85.40 -30.35 16.42
N VAL TA 289 -85.76 -29.70 17.52
CA VAL TA 289 -86.27 -28.34 17.48
C VAL TA 289 -85.23 -27.37 16.97
N MET TA 297 -82.67 -21.95 11.37
CA MET TA 297 -83.63 -22.12 12.46
C MET TA 297 -84.89 -22.81 11.95
N LEU TA 298 -85.81 -23.12 12.87
CA LEU TA 298 -87.02 -23.86 12.53
C LEU TA 298 -87.91 -23.07 11.57
N GLY TA 299 -88.14 -21.79 11.86
CA GLY TA 299 -88.77 -20.94 10.88
C GLY TA 299 -88.01 -20.90 9.56
N ARG TA 300 -86.69 -20.72 9.63
CA ARG TA 300 -85.87 -20.78 8.42
C ARG TA 300 -85.90 -22.17 7.81
N HIS TA 301 -86.07 -23.21 8.63
CA HIS TA 301 -86.17 -24.56 8.09
C HIS TA 301 -87.43 -24.75 7.26
N GLY TA 302 -88.59 -24.28 7.75
CA GLY TA 302 -89.77 -24.27 6.89
C GLY TA 302 -89.61 -23.38 5.68
N VAL TA 303 -88.90 -22.25 5.86
CA VAL TA 303 -88.67 -21.33 4.75
C VAL TA 303 -87.97 -22.04 3.59
N PHE TA 304 -86.78 -22.61 3.85
CA PHE TA 304 -86.08 -23.24 2.74
C PHE TA 304 -86.60 -24.64 2.44
N LEU TA 305 -87.47 -25.21 3.27
CA LEU TA 305 -88.22 -26.39 2.83
C LEU TA 305 -89.20 -26.01 1.73
N GLU TA 306 -89.92 -24.91 1.92
CA GLU TA 306 -90.76 -24.38 0.85
C GLU TA 306 -89.92 -23.96 -0.35
N LEU TA 307 -88.74 -23.41 -0.10
CA LEU TA 307 -87.85 -23.01 -1.20
C LEU TA 307 -87.32 -24.22 -1.97
N SER TA 308 -87.22 -25.37 -1.31
CA SER TA 308 -86.62 -26.54 -1.95
C SER TA 308 -87.66 -27.46 -2.55
N GLU TA 309 -88.85 -27.52 -1.95
CA GLU TA 309 -89.87 -28.47 -2.39
C GLU TA 309 -90.42 -28.09 -3.77
N ASP TA 310 -90.76 -29.12 -4.54
CA ASP TA 310 -91.40 -28.93 -5.83
C ASP TA 310 -92.89 -28.66 -5.63
N VAL TA 311 -93.68 -28.71 -6.70
CA VAL TA 311 -95.09 -28.41 -6.56
C VAL TA 311 -95.88 -29.65 -6.15
N GLU TA 312 -95.34 -30.84 -6.37
CA GLU TA 312 -96.10 -32.05 -6.08
C GLU TA 312 -96.15 -32.33 -4.58
N GLU TA 313 -95.01 -32.19 -3.89
CA GLU TA 313 -94.90 -32.67 -2.52
C GLU TA 313 -95.40 -31.67 -1.48
N TYR TA 314 -95.58 -30.40 -1.84
CA TYR TA 314 -96.08 -29.43 -0.86
C TYR TA 314 -97.54 -29.65 -0.50
N GLU TA 315 -98.39 -29.97 -1.48
CA GLU TA 315 -99.79 -30.27 -1.20
C GLU TA 315 -99.96 -31.60 -0.49
N ASP TA 316 -99.21 -32.63 -0.92
CA ASP TA 316 -99.25 -33.91 -0.23
C ASP TA 316 -98.78 -33.75 1.21
N LEU TA 317 -97.72 -32.99 1.43
CA LEU TA 317 -97.22 -32.78 2.80
C LEU TA 317 -98.22 -32.00 3.62
N THR TA 318 -98.81 -30.94 3.07
CA THR TA 318 -99.76 -30.15 3.84
C THR TA 318 -101.03 -30.93 4.17
N GLU TA 319 -101.49 -31.84 3.29
CA GLU TA 319 -102.65 -32.63 3.66
C GLU TA 319 -102.29 -33.76 4.64
N ILE TA 320 -101.15 -34.41 4.46
CA ILE TA 320 -100.76 -35.46 5.41
C ILE TA 320 -100.45 -34.85 6.77
N MET TA 321 -100.09 -33.57 6.82
CA MET TA 321 -100.00 -32.88 8.10
C MET TA 321 -101.38 -32.50 8.64
N SER TA 322 -102.23 -31.85 7.83
CA SER TA 322 -103.58 -31.53 8.27
C SER TA 322 -104.29 -32.75 8.83
N ASN TA 323 -103.86 -33.95 8.43
CA ASN TA 323 -104.30 -35.15 9.14
C ASN TA 323 -103.77 -35.17 10.57
N VAL TA 324 -102.46 -35.03 10.76
CA VAL TA 324 -101.86 -35.08 12.09
C VAL TA 324 -101.28 -33.73 12.50
N ASN TA 327 -98.44 -30.45 15.82
CA ASN TA 327 -98.42 -29.27 16.69
C ASN TA 327 -99.29 -28.12 16.18
N SER TA 328 -99.87 -28.28 15.00
CA SER TA 328 -100.58 -27.24 14.24
C SER TA 328 -99.67 -26.12 13.75
N ASN TA 329 -98.36 -26.36 13.60
CA ASN TA 329 -97.48 -25.32 13.09
C ASN TA 329 -96.74 -25.72 11.81
N PHE TA 330 -96.51 -27.01 11.58
CA PHE TA 330 -95.99 -27.44 10.29
C PHE TA 330 -97.00 -27.23 9.18
N LEU TA 331 -98.28 -27.11 9.53
CA LEU TA 331 -99.28 -26.61 8.58
C LEU TA 331 -99.08 -25.14 8.28
N ALA TA 332 -98.69 -24.36 9.29
CA ALA TA 332 -98.45 -22.94 9.07
C ALA TA 332 -97.21 -22.71 8.23
N LEU TA 333 -96.15 -23.46 8.51
CA LEU TA 333 -94.86 -23.21 7.87
C LEU TA 333 -94.86 -23.67 6.43
N ALA TA 334 -94.98 -24.97 6.20
CA ALA TA 334 -94.66 -25.53 4.89
C ALA TA 334 -95.88 -25.65 3.97
N ARG TA 335 -96.69 -24.61 3.89
CA ARG TA 335 -97.55 -24.46 2.73
C ARG TA 335 -97.53 -23.05 2.16
N GLU TA 336 -97.53 -22.03 3.03
CA GLU TA 336 -97.59 -20.63 2.65
C GLU TA 336 -97.60 -19.78 3.93
N LEU TA 337 -97.54 -18.45 3.77
CA LEU TA 337 -97.83 -17.50 4.83
C LEU TA 337 -96.83 -17.51 5.98
N ASP TA 338 -95.84 -18.41 5.92
CA ASP TA 338 -94.79 -18.44 6.92
C ASP TA 338 -93.39 -18.32 6.33
N ILE TA 339 -93.19 -18.71 5.08
CA ILE TA 339 -91.95 -18.35 4.40
C ILE TA 339 -91.93 -16.86 4.10
N MET TA 340 -93.10 -16.24 3.99
CA MET TA 340 -93.22 -14.82 3.68
C MET TA 340 -93.56 -13.96 4.88
N GLU TA 341 -93.83 -14.55 6.05
CA GLU TA 341 -94.11 -13.73 7.22
C GLU TA 341 -92.87 -13.05 7.80
N PRO TA 342 -91.67 -13.68 7.83
CA PRO TA 342 -90.53 -12.96 8.41
C PRO TA 342 -89.76 -12.17 7.37
N LYS TA 343 -89.97 -12.47 6.09
CA LYS TA 343 -89.10 -11.93 5.05
C LYS TA 343 -89.32 -10.43 4.86
N VAL TA 344 -90.52 -10.04 4.44
CA VAL TA 344 -90.74 -8.63 4.08
C VAL TA 344 -90.49 -7.67 5.24
N PRO TA 345 -90.90 -7.95 6.49
CA PRO TA 345 -90.50 -7.05 7.59
C PRO TA 345 -89.00 -6.90 7.70
N ASP TA 346 -88.24 -7.99 7.72
CA ASP TA 346 -86.80 -7.88 7.79
C ASP TA 346 -86.22 -7.23 6.55
N ASP TA 347 -86.92 -7.30 5.41
CA ASP TA 347 -86.49 -6.57 4.22
C ASP TA 347 -86.57 -5.08 4.46
N ILE TA 348 -87.68 -4.62 5.04
CA ILE TA 348 -87.79 -3.22 5.41
C ILE TA 348 -86.74 -2.86 6.45
N TYR TA 349 -86.40 -3.80 7.33
CA TYR TA 349 -85.51 -3.49 8.45
C TYR TA 349 -84.05 -3.42 8.01
N LYS TA 350 -83.49 -4.55 7.54
CA LYS TA 350 -82.06 -4.63 7.27
C LYS TA 350 -81.71 -4.20 5.85
N THR TA 351 -82.66 -4.19 4.92
CA THR TA 351 -82.41 -3.69 3.58
C THR TA 351 -82.98 -2.29 3.44
N HIS TA 352 -82.19 -1.40 2.84
CA HIS TA 352 -82.52 0.02 2.80
C HIS TA 352 -82.25 0.55 1.39
N LEU TA 353 -83.27 0.52 0.55
CA LEU TA 353 -83.19 1.06 -0.80
C LEU TA 353 -83.65 2.52 -0.77
N GLU TA 354 -83.03 3.35 -1.62
CA GLU TA 354 -83.36 4.76 -1.67
C GLU TA 354 -84.50 4.97 -2.67
N ASN TA 355 -85.09 6.17 -2.66
CA ASN TA 355 -86.22 6.49 -3.51
C ASN TA 355 -85.83 7.05 -4.86
N ASN TA 356 -84.58 7.50 -5.03
CA ASN TA 356 -84.12 8.10 -6.27
C ASN TA 356 -83.92 7.07 -7.39
N ARG TA 357 -83.96 5.78 -7.09
CA ARG TA 357 -83.99 4.77 -8.14
C ARG TA 357 -85.34 4.65 -8.81
N PHE TA 358 -86.43 4.75 -8.04
CA PHE TA 358 -87.76 4.89 -8.60
C PHE TA 358 -87.78 5.99 -9.67
N GLY TA 359 -87.07 7.08 -9.40
CA GLY TA 359 -87.02 8.22 -10.30
C GLY TA 359 -86.08 8.01 -11.47
N GLY TA 360 -84.83 7.63 -11.19
CA GLY TA 360 -83.86 7.37 -12.23
C GLY TA 360 -84.36 6.39 -13.26
N SER TA 361 -84.88 5.25 -12.79
CA SER TA 361 -85.52 4.31 -13.70
C SER TA 361 -86.87 4.83 -14.19
N GLY TA 362 -87.46 5.76 -13.46
CA GLY TA 362 -88.72 6.38 -13.85
C GLY TA 362 -88.58 7.65 -14.65
N SER TA 363 -87.42 8.30 -14.62
CA SER TA 363 -87.21 9.53 -15.39
C SER TA 363 -86.89 9.25 -16.85
N GLN TA 364 -86.88 7.99 -17.28
CA GLN TA 364 -86.86 7.66 -18.68
C GLN TA 364 -88.09 8.26 -19.32
N VAL TA 365 -87.91 9.13 -20.30
CA VAL TA 365 -88.97 9.97 -20.86
C VAL TA 365 -90.21 9.16 -21.18
N ASP TA 366 -91.38 9.75 -20.90
CA ASP TA 366 -92.65 9.05 -21.02
C ASP TA 366 -92.90 8.76 -22.49
N SER TA 367 -93.28 7.51 -22.77
CA SER TA 367 -93.61 7.08 -24.12
C SER TA 367 -94.83 6.16 -24.11
N ALA TA 368 -95.43 5.97 -22.93
CA ALA TA 368 -96.62 5.15 -22.71
C ALA TA 368 -96.37 3.67 -23.00
N ARG TA 369 -95.20 3.35 -23.53
CA ARG TA 369 -94.72 1.97 -23.63
C ARG TA 369 -93.36 1.84 -22.97
N MET TA 370 -92.50 2.86 -23.12
CA MET TA 370 -91.39 3.02 -22.20
C MET TA 370 -91.88 3.38 -20.81
N ASN TA 371 -92.94 4.21 -20.73
CA ASN TA 371 -93.58 4.47 -19.44
C ASN TA 371 -94.23 3.21 -18.90
N LEU TA 372 -94.79 2.37 -19.79
CA LEU TA 372 -95.30 1.07 -19.37
C LEU TA 372 -94.22 0.23 -18.70
N ALA TA 373 -93.09 0.08 -19.39
CA ALA TA 373 -92.01 -0.73 -18.84
C ALA TA 373 -91.44 -0.10 -17.56
N SER TA 374 -91.43 1.22 -17.48
CA SER TA 374 -90.96 1.89 -16.27
C SER TA 374 -91.90 1.64 -15.10
N SER TA 375 -93.21 1.69 -15.36
CA SER TA 375 -94.18 1.33 -14.33
C SER TA 375 -93.95 -0.10 -13.85
N PHE TA 376 -93.69 -1.01 -14.80
CA PHE TA 376 -93.38 -2.39 -14.43
C PHE TA 376 -92.11 -2.47 -13.57
N VAL TA 377 -91.05 -1.77 -13.97
CA VAL TA 377 -89.79 -1.80 -13.23
C VAL TA 377 -90.00 -1.30 -11.81
N ASN TA 378 -90.54 -0.10 -11.66
CA ASN TA 378 -90.70 0.47 -10.33
C ASN TA 378 -91.76 -0.28 -9.52
N GLY TA 379 -92.65 -1.03 -10.20
CA GLY TA 379 -93.49 -1.96 -9.49
C GLY TA 379 -92.69 -3.10 -8.89
N PHE TA 380 -91.68 -3.58 -9.63
CA PHE TA 380 -90.75 -4.54 -9.06
C PHE TA 380 -89.55 -3.87 -8.41
N VAL TA 381 -89.76 -2.99 -7.43
CA VAL TA 381 -88.64 -2.46 -6.66
C VAL TA 381 -88.16 -3.49 -5.63
N ASN TA 382 -89.08 -3.98 -4.81
CA ASN TA 382 -88.74 -4.97 -3.79
C ASN TA 382 -88.67 -6.37 -4.40
N GLN TA 387 -88.19 1.96 1.30
CA GLN TA 387 -88.37 0.52 1.47
C GLN TA 387 -89.80 0.22 1.89
N ASP TA 388 -90.75 0.55 1.03
CA ASP TA 388 -92.16 0.34 1.33
C ASP TA 388 -92.91 0.14 0.01
N LYS TA 389 -94.23 0.12 0.12
CA LYS TA 389 -95.11 -0.03 -1.05
C LYS TA 389 -95.46 1.34 -1.63
N LEU TA 390 -94.42 2.11 -1.90
CA LEU TA 390 -94.59 3.47 -2.42
C LEU TA 390 -95.22 3.44 -3.80
N LEU TA 391 -94.73 2.57 -4.69
CA LEU TA 391 -95.26 2.50 -6.04
C LEU TA 391 -96.69 1.99 -6.07
N THR TA 392 -97.11 1.19 -5.08
CA THR TA 392 -98.50 0.78 -4.99
C THR TA 392 -99.42 1.99 -4.88
N ASP TA 393 -99.14 2.86 -3.90
CA ASP TA 393 -99.98 4.01 -3.60
C ASP TA 393 -99.44 5.30 -4.20
N ASP TA 394 -98.81 5.23 -5.36
CA ASP TA 394 -98.29 6.42 -6.02
C ASP TA 394 -99.39 7.14 -6.78
N GLY TA 395 -100.44 7.56 -6.07
CA GLY TA 395 -101.52 8.31 -6.69
C GLY TA 395 -102.24 7.50 -7.75
N ASN TA 396 -102.53 8.16 -8.86
CA ASN TA 396 -103.21 7.54 -9.99
C ASN TA 396 -102.73 8.19 -11.27
N LYS TA 397 -103.42 7.89 -12.37
CA LYS TA 397 -103.20 8.38 -13.73
C LYS TA 397 -101.98 7.73 -14.38
N TRP TA 398 -101.18 6.96 -13.65
CA TRP TA 398 -100.14 6.17 -14.29
C TRP TA 398 -100.75 4.98 -15.02
N LEU TA 399 -101.73 4.32 -14.40
CA LEU TA 399 -102.49 3.27 -15.06
C LEU TA 399 -103.42 3.83 -16.12
N TYR TA 400 -103.99 5.01 -15.91
CA TYR TA 400 -104.84 5.62 -16.93
C TYR TA 400 -104.03 6.03 -18.15
N LYS TA 401 -102.77 6.43 -17.97
CA LYS TA 401 -101.90 6.70 -19.10
C LYS TA 401 -101.63 5.44 -19.92
N ASN TA 402 -101.69 4.27 -19.29
CA ASN TA 402 -101.36 3.02 -19.97
C ASN TA 402 -102.52 2.58 -20.85
N LYS TA 403 -102.27 1.55 -21.65
CA LYS TA 403 -103.24 1.01 -22.59
C LYS TA 403 -103.59 -0.42 -22.17
N ASP TA 404 -104.37 -1.09 -23.03
CA ASP TA 404 -105.09 -2.30 -22.66
C ASP TA 404 -104.17 -3.34 -22.01
N HIS TA 405 -103.20 -3.85 -22.77
CA HIS TA 405 -102.28 -4.83 -22.19
C HIS TA 405 -101.31 -4.18 -21.23
N GLY TA 406 -100.95 -2.92 -21.46
CA GLY TA 406 -100.25 -2.17 -20.44
C GLY TA 406 -101.04 -2.01 -19.16
N MET TA 407 -102.37 -1.87 -19.27
CA MET TA 407 -103.20 -1.85 -18.08
C MET TA 407 -103.26 -3.21 -17.42
N LEU TA 408 -103.20 -4.29 -18.21
CA LEU TA 408 -103.06 -5.62 -17.63
C LEU TA 408 -101.78 -5.74 -16.82
N SER TA 409 -100.68 -5.20 -17.36
CA SER TA 409 -99.40 -5.29 -16.67
C SER TA 409 -99.36 -4.41 -15.43
N ALA TA 410 -99.94 -3.21 -15.49
CA ALA TA 410 -99.89 -2.27 -14.38
C ALA TA 410 -100.88 -2.61 -13.27
N ALA TA 411 -102.08 -3.07 -13.61
CA ALA TA 411 -103.00 -3.52 -12.58
C ALA TA 411 -102.48 -4.77 -11.89
N ALA TA 412 -101.71 -5.59 -12.61
CA ALA TA 412 -100.99 -6.70 -11.99
C ALA TA 412 -99.66 -6.28 -11.39
N SER TA 413 -99.16 -5.10 -11.78
CA SER TA 413 -97.92 -4.60 -11.17
C SER TA 413 -98.10 -4.35 -9.68
N LEU TA 414 -99.30 -3.92 -9.26
CA LEU TA 414 -99.57 -3.74 -7.84
C LEU TA 414 -99.41 -5.04 -7.06
N GLY TA 415 -99.63 -6.18 -7.70
CA GLY TA 415 -99.35 -7.46 -7.03
C GLY TA 415 -97.87 -7.76 -6.96
N MET TA 416 -97.09 -7.21 -7.91
CA MET TA 416 -95.64 -7.42 -7.88
C MET TA 416 -94.99 -6.67 -6.72
N ILE TA 417 -95.42 -5.43 -6.45
CA ILE TA 417 -94.91 -4.71 -5.30
C ILE TA 417 -95.49 -5.26 -4.00
N LEU TA 418 -96.48 -6.15 -4.09
CA LEU TA 418 -97.19 -6.66 -2.93
C LEU TA 418 -97.29 -8.17 -2.99
N LEU TA 419 -96.16 -8.84 -3.22
CA LEU TA 419 -96.14 -10.29 -3.18
C LEU TA 419 -96.05 -10.75 -1.73
N TRP TA 420 -96.96 -10.23 -0.91
CA TRP TA 420 -97.06 -10.46 0.53
C TRP TA 420 -98.35 -9.76 0.98
N ASP TA 421 -98.62 -9.76 2.29
CA ASP TA 421 -99.75 -9.05 2.87
C ASP TA 421 -101.08 -9.55 2.27
N VAL TA 422 -101.36 -10.81 2.59
CA VAL TA 422 -102.59 -11.47 2.14
C VAL TA 422 -103.78 -10.52 2.29
N ASP TA 423 -104.00 -9.99 3.48
CA ASP TA 423 -105.12 -9.10 3.71
C ASP TA 423 -104.92 -7.77 3.01
N GLY TA 424 -103.70 -7.22 3.05
CA GLY TA 424 -103.40 -6.00 2.34
C GLY TA 424 -103.53 -6.13 0.84
N GLY TA 425 -103.24 -7.31 0.30
CA GLY TA 425 -103.44 -7.52 -1.12
C GLY TA 425 -104.86 -7.25 -1.56
N LEU TA 426 -105.84 -7.83 -0.86
CA LEU TA 426 -107.23 -7.61 -1.22
C LEU TA 426 -107.63 -6.16 -0.98
N THR TA 427 -107.24 -5.58 0.16
CA THR TA 427 -107.61 -4.20 0.46
C THR TA 427 -106.95 -3.20 -0.48
N GLN TA 428 -105.91 -3.59 -1.21
CA GLN TA 428 -105.30 -2.73 -2.22
C GLN TA 428 -105.82 -3.00 -3.62
N ILE TA 429 -106.27 -4.23 -3.90
CA ILE TA 429 -106.67 -4.58 -5.26
C ILE TA 429 -108.17 -4.46 -5.48
N ASP TA 430 -108.98 -4.54 -4.43
CA ASP TA 430 -110.43 -4.45 -4.60
C ASP TA 430 -110.85 -3.13 -5.22
N LYS TA 431 -110.02 -2.09 -5.09
CA LYS TA 431 -110.30 -0.84 -5.79
C LYS TA 431 -110.11 -1.00 -7.29
N TYR TA 432 -109.21 -1.90 -7.69
CA TYR TA 432 -109.07 -2.24 -9.11
C TYR TA 432 -109.73 -3.57 -9.46
N LEU TA 433 -110.23 -4.31 -8.48
CA LEU TA 433 -111.06 -5.47 -8.78
C LEU TA 433 -112.42 -5.02 -9.31
N TYR TA 434 -112.96 -5.81 -10.24
CA TYR TA 434 -114.30 -5.60 -10.81
C TYR TA 434 -114.56 -4.15 -11.20
N SER TA 435 -113.50 -3.44 -11.56
CA SER TA 435 -113.58 -1.99 -11.76
C SER TA 435 -114.16 -1.68 -13.14
N SER TA 436 -114.04 -0.42 -13.56
CA SER TA 436 -114.65 0.02 -14.81
C SER TA 436 -114.01 -0.60 -16.03
N GLU TA 437 -112.67 -0.66 -16.09
CA GLU TA 437 -111.97 -1.20 -17.25
C GLU TA 437 -111.87 -2.71 -17.14
N ASP TA 438 -112.18 -3.39 -18.26
CA ASP TA 438 -112.05 -4.83 -18.31
C ASP TA 438 -110.62 -5.27 -18.00
N TYR TA 439 -109.64 -4.61 -18.62
CA TYR TA 439 -108.26 -4.94 -18.35
C TYR TA 439 -107.89 -4.64 -16.90
N ILE TA 440 -108.49 -3.62 -16.30
CA ILE TA 440 -108.24 -3.33 -14.89
C ILE TA 440 -108.66 -4.52 -14.02
N LYS TA 441 -109.90 -5.00 -14.20
CA LYS TA 441 -110.37 -6.08 -13.35
C LYS TA 441 -109.65 -7.40 -13.64
N SER TA 442 -109.31 -7.65 -14.91
CA SER TA 442 -108.58 -8.86 -15.24
C SER TA 442 -107.18 -8.85 -14.62
N GLY TA 443 -106.42 -7.76 -14.79
CA GLY TA 443 -105.14 -7.65 -14.13
C GLY TA 443 -105.24 -7.59 -12.62
N ALA TA 444 -106.39 -7.16 -12.09
CA ALA TA 444 -106.59 -7.16 -10.65
C ALA TA 444 -106.73 -8.58 -10.12
N LEU TA 445 -107.50 -9.43 -10.82
CA LEU TA 445 -107.52 -10.85 -10.47
C LEU TA 445 -106.16 -11.48 -10.67
N LEU TA 446 -105.43 -11.06 -11.71
CA LEU TA 446 -104.06 -11.53 -11.91
C LEU TA 446 -103.19 -11.22 -10.70
N ALA TA 447 -103.28 -9.98 -10.19
CA ALA TA 447 -102.51 -9.60 -9.02
C ALA TA 447 -102.98 -10.34 -7.78
N CYS TA 448 -104.29 -10.57 -7.66
CA CYS TA 448 -104.81 -11.35 -6.52
C CYS TA 448 -104.23 -12.76 -6.51
N GLY TA 449 -104.07 -13.37 -7.68
CA GLY TA 449 -103.36 -14.63 -7.75
C GLY TA 449 -101.87 -14.51 -7.52
N ILE TA 450 -101.27 -13.39 -7.92
CA ILE TA 450 -99.83 -13.22 -7.80
C ILE TA 450 -99.41 -13.07 -6.34
N VAL TA 451 -100.17 -12.29 -5.56
CA VAL TA 451 -99.70 -11.79 -4.28
C VAL TA 451 -99.32 -12.93 -3.34
N ASN TA 452 -100.10 -14.01 -3.29
CA ASN TA 452 -99.83 -15.10 -2.36
C ASN TA 452 -100.26 -16.41 -2.99
N SER TA 453 -100.00 -17.51 -2.28
CA SER TA 453 -100.32 -18.83 -2.78
C SER TA 453 -100.89 -19.75 -1.71
N GLY TA 454 -101.59 -19.22 -0.71
CA GLY TA 454 -102.15 -20.06 0.35
C GLY TA 454 -103.47 -19.60 0.90
N VAL TA 455 -104.09 -18.62 0.25
CA VAL TA 455 -105.37 -18.09 0.74
C VAL TA 455 -106.53 -18.80 0.06
N ARG TA 456 -106.42 -19.02 -1.25
CA ARG TA 456 -107.41 -19.69 -2.09
C ARG TA 456 -108.82 -19.14 -1.89
N ASN TA 457 -108.92 -17.89 -1.45
CA ASN TA 457 -110.20 -17.21 -1.30
C ASN TA 457 -110.43 -16.17 -2.38
N GLU TA 458 -109.38 -15.69 -3.04
CA GLU TA 458 -109.52 -14.82 -4.19
C GLU TA 458 -109.82 -15.58 -5.47
N CYS TA 459 -109.78 -16.91 -5.44
CA CYS TA 459 -110.07 -17.72 -6.60
C CYS TA 459 -111.57 -17.71 -6.90
N ASP TA 460 -112.38 -17.88 -5.86
CA ASP TA 460 -113.83 -17.96 -5.94
C ASP TA 460 -114.47 -16.79 -6.68
N PRO TA 461 -114.16 -15.53 -6.35
CA PRO TA 461 -114.85 -14.42 -7.04
C PRO TA 461 -114.60 -14.38 -8.53
N ALA TA 462 -113.61 -15.10 -9.03
CA ALA TA 462 -113.32 -15.13 -10.46
C ALA TA 462 -113.79 -16.43 -11.12
N LEU TA 463 -113.65 -17.55 -10.40
CA LEU TA 463 -113.89 -18.86 -10.98
C LEU TA 463 -115.27 -18.95 -11.64
N ALA TA 464 -116.28 -18.32 -11.03
CA ALA TA 464 -117.62 -18.38 -11.58
C ALA TA 464 -117.72 -17.61 -12.89
N LEU TA 465 -117.00 -16.49 -12.99
CA LEU TA 465 -117.15 -15.61 -14.16
C LEU TA 465 -116.48 -16.16 -15.41
N LEU TA 466 -115.33 -16.83 -15.25
CA LEU TA 466 -114.41 -17.15 -16.34
C LEU TA 466 -115.08 -17.57 -17.64
N SER TA 467 -116.21 -18.28 -17.54
CA SER TA 467 -116.88 -18.80 -18.73
C SER TA 467 -117.50 -17.68 -19.55
N ASP TA 468 -117.03 -17.52 -20.79
CA ASP TA 468 -117.63 -16.61 -21.77
C ASP TA 468 -117.95 -17.27 -23.10
N TYR TA 469 -117.19 -18.28 -23.51
CA TYR TA 469 -117.37 -19.11 -24.70
C TYR TA 469 -117.00 -18.41 -26.00
N VAL TA 470 -116.83 -17.09 -26.02
CA VAL TA 470 -116.10 -16.52 -27.16
C VAL TA 470 -115.09 -15.43 -26.79
N LEU TA 471 -115.57 -14.24 -26.43
CA LEU TA 471 -114.70 -13.05 -26.45
C LEU TA 471 -115.10 -12.03 -25.38
N HIS TA 472 -115.39 -12.46 -24.17
CA HIS TA 472 -115.90 -11.49 -23.21
C HIS TA 472 -114.86 -11.14 -22.13
N ASN TA 473 -115.25 -10.23 -21.24
CA ASN TA 473 -114.37 -9.72 -20.18
C ASN TA 473 -113.78 -10.86 -19.36
N SER TA 474 -114.63 -11.80 -18.93
CA SER TA 474 -114.15 -12.89 -18.10
C SER TA 474 -113.17 -13.80 -18.82
N ASN TA 475 -112.96 -13.63 -20.13
CA ASN TA 475 -111.87 -14.36 -20.78
C ASN TA 475 -110.51 -13.80 -20.41
N THR TA 476 -110.35 -12.47 -20.42
CA THR TA 476 -109.12 -11.88 -19.90
C THR TA 476 -109.01 -12.09 -18.39
N MET TA 477 -110.13 -11.95 -17.67
CA MET TA 477 -110.12 -12.29 -16.26
C MET TA 477 -109.76 -13.75 -16.02
N ARG TA 478 -110.07 -14.62 -16.98
CA ARG TA 478 -109.75 -16.05 -16.89
C ARG TA 478 -108.28 -16.29 -17.16
N LEU TA 479 -107.71 -15.62 -18.15
CA LEU TA 479 -106.26 -15.54 -18.27
C LEU TA 479 -105.64 -15.25 -16.91
N GLY TA 480 -105.99 -14.10 -16.33
CA GLY TA 480 -105.42 -13.67 -15.06
C GLY TA 480 -105.62 -14.65 -13.91
N SER TA 481 -106.84 -15.09 -13.68
CA SER TA 481 -107.15 -15.95 -12.54
C SER TA 481 -106.71 -17.39 -12.71
N ILE TA 482 -106.76 -17.94 -13.93
CA ILE TA 482 -106.21 -19.27 -14.16
C ILE TA 482 -104.70 -19.25 -13.94
N PHE TA 483 -104.01 -18.22 -14.41
CA PHE TA 483 -102.57 -18.15 -14.15
C PHE TA 483 -102.30 -17.97 -12.67
N GLY TA 484 -103.06 -17.09 -12.01
CA GLY TA 484 -102.88 -16.88 -10.58
C GLY TA 484 -103.20 -18.08 -9.72
N LEU TA 485 -104.07 -18.98 -10.20
CA LEU TA 485 -104.38 -20.18 -9.44
C LEU TA 485 -103.40 -21.30 -9.74
N GLY TA 486 -102.93 -21.42 -10.99
CA GLY TA 486 -101.81 -22.29 -11.26
C GLY TA 486 -100.58 -21.90 -10.46
N LEU TA 487 -100.39 -20.61 -10.23
CA LEU TA 487 -99.30 -20.15 -9.36
C LEU TA 487 -99.61 -20.41 -7.90
N ALA TA 488 -100.84 -20.13 -7.47
CA ALA TA 488 -101.18 -20.22 -6.05
C ALA TA 488 -101.21 -21.66 -5.58
N TYR TA 489 -102.12 -22.47 -6.11
CA TYR TA 489 -102.24 -23.86 -5.71
C TYR TA 489 -101.87 -24.77 -6.87
N ALA TA 490 -100.89 -25.64 -6.62
CA ALA TA 490 -100.48 -26.68 -7.56
C ALA TA 490 -100.40 -27.97 -6.75
N GLY TA 491 -101.54 -28.65 -6.62
CA GLY TA 491 -101.60 -29.85 -5.83
C GLY TA 491 -100.99 -31.04 -6.53
N SER TA 492 -101.25 -32.22 -5.96
CA SER TA 492 -100.85 -33.46 -6.63
C SER TA 492 -101.55 -33.59 -7.97
N ASN TA 493 -102.87 -33.57 -7.98
CA ASN TA 493 -103.63 -33.44 -9.21
C ASN TA 493 -104.92 -32.67 -8.91
N ARG TA 494 -104.89 -31.35 -9.11
CA ARG TA 494 -106.05 -30.52 -8.81
C ARG TA 494 -107.02 -30.52 -9.99
N GLU TA 495 -108.17 -31.18 -9.81
CA GLU TA 495 -109.08 -31.42 -10.92
C GLU TA 495 -110.20 -30.39 -11.02
N ASP TA 496 -110.59 -29.73 -9.94
CA ASP TA 496 -111.65 -28.72 -10.04
C ASP TA 496 -111.21 -27.58 -10.96
N VAL TA 497 -109.98 -27.09 -10.77
CA VAL TA 497 -109.43 -26.14 -11.71
C VAL TA 497 -109.27 -26.78 -13.08
N LEU TA 498 -109.08 -28.09 -13.16
CA LEU TA 498 -109.04 -28.78 -14.45
C LEU TA 498 -110.43 -28.94 -15.05
N THR TA 499 -111.44 -29.21 -14.22
CA THR TA 499 -112.81 -29.26 -14.72
C THR TA 499 -113.28 -27.90 -15.19
N LEU TA 500 -112.66 -26.82 -14.71
CA LEU TA 500 -113.00 -25.50 -15.22
C LEU TA 500 -112.10 -25.10 -16.39
N LEU TA 501 -110.89 -25.65 -16.47
CA LEU TA 501 -110.02 -25.45 -17.61
C LEU TA 501 -110.48 -26.20 -18.85
N LEU TA 502 -111.27 -27.27 -18.67
CA LEU TA 502 -111.80 -27.98 -19.82
C LEU TA 502 -112.71 -27.04 -20.63
N PRO TA 503 -113.54 -26.20 -20.00
CA PRO TA 503 -114.21 -25.14 -20.75
C PRO TA 503 -113.29 -23.99 -21.17
N VAL TA 504 -112.05 -23.94 -20.67
CA VAL TA 504 -111.12 -22.91 -21.13
C VAL TA 504 -110.46 -23.34 -22.43
N MET TA 505 -110.01 -24.59 -22.50
CA MET TA 505 -109.45 -25.11 -23.74
C MET TA 505 -110.54 -25.44 -24.75
N GLY TA 506 -111.70 -25.90 -24.28
CA GLY TA 506 -112.83 -26.12 -25.16
C GLY TA 506 -113.33 -24.86 -25.82
N ASP TA 507 -113.16 -23.71 -25.16
CA ASP TA 507 -113.41 -22.42 -25.81
C ASP TA 507 -112.27 -22.06 -26.75
N SER TA 508 -111.05 -22.00 -26.20
CA SER TA 508 -109.84 -21.66 -26.96
C SER TA 508 -110.04 -20.37 -27.76
N LYS TA 509 -110.29 -19.30 -27.01
CA LYS TA 509 -110.52 -17.99 -27.60
C LYS TA 509 -109.34 -17.58 -28.48
N SER TA 510 -109.65 -16.82 -29.53
CA SER TA 510 -108.64 -16.43 -30.53
C SER TA 510 -107.41 -15.80 -29.89
N SER TA 511 -107.57 -15.10 -28.77
CA SER TA 511 -106.42 -14.64 -28.01
C SER TA 511 -105.56 -15.83 -27.60
N MET TA 512 -104.30 -15.82 -28.03
CA MET TA 512 -103.40 -16.94 -27.76
C MET TA 512 -103.30 -17.21 -26.26
N GLU TA 513 -103.32 -16.16 -25.45
CA GLU TA 513 -103.15 -16.28 -24.00
C GLU TA 513 -104.14 -17.25 -23.37
N VAL TA 514 -105.32 -17.48 -23.96
CA VAL TA 514 -106.30 -18.38 -23.35
C VAL TA 514 -105.76 -19.80 -23.29
N ALA TA 515 -105.49 -20.39 -24.46
CA ALA TA 515 -104.92 -21.72 -24.48
C ALA TA 515 -103.52 -21.75 -23.90
N GLY TA 516 -102.77 -20.66 -24.04
CA GLY TA 516 -101.48 -20.54 -23.40
C GLY TA 516 -101.57 -20.81 -21.91
N VAL TA 517 -102.36 -20.00 -21.20
CA VAL TA 517 -102.51 -20.18 -19.75
C VAL TA 517 -103.24 -21.46 -19.40
N THR TA 518 -104.10 -21.98 -20.27
CA THR TA 518 -104.71 -23.28 -20.04
C THR TA 518 -103.63 -24.35 -19.89
N ALA TA 519 -102.79 -24.49 -20.92
CA ALA TA 519 -101.72 -25.47 -20.89
C ALA TA 519 -100.72 -25.16 -19.78
N LEU TA 520 -100.44 -23.87 -19.54
CA LEU TA 520 -99.45 -23.51 -18.53
C LEU TA 520 -99.91 -23.88 -17.13
N ALA TA 521 -101.18 -23.60 -16.81
CA ALA TA 521 -101.70 -23.96 -15.49
C ALA TA 521 -101.82 -25.47 -15.34
N CYS TA 522 -102.29 -26.16 -16.39
CA CYS TA 522 -102.32 -27.62 -16.34
C CYS TA 522 -100.95 -28.20 -16.06
N GLY TA 523 -99.91 -27.67 -16.71
CA GLY TA 523 -98.56 -28.16 -16.44
C GLY TA 523 -98.09 -27.80 -15.04
N MET TA 524 -98.17 -26.52 -14.67
CA MET TA 524 -97.64 -26.10 -13.38
C MET TA 524 -98.34 -26.77 -12.21
N ILE TA 525 -99.57 -27.25 -12.43
CA ILE TA 525 -100.19 -28.07 -11.39
C ILE TA 525 -99.88 -29.55 -11.64
N ALA TA 526 -99.37 -29.88 -12.83
CA ALA TA 526 -98.97 -31.24 -13.15
C ALA TA 526 -97.46 -31.41 -13.31
N VAL TA 527 -96.67 -30.36 -13.13
CA VAL TA 527 -95.22 -30.50 -13.17
C VAL TA 527 -94.76 -31.30 -11.96
N GLY TA 528 -93.55 -31.83 -12.03
CA GLY TA 528 -93.02 -32.64 -10.96
C GLY TA 528 -93.78 -33.91 -10.68
N SER TA 529 -94.73 -34.28 -11.55
CA SER TA 529 -95.54 -35.46 -11.35
C SER TA 529 -94.68 -36.72 -11.38
N CYS TA 530 -95.29 -37.84 -11.03
CA CYS TA 530 -94.58 -39.11 -11.06
C CYS TA 530 -94.36 -39.52 -12.51
N ASN TA 531 -93.20 -39.14 -13.05
CA ASN TA 531 -92.90 -39.32 -14.48
C ASN TA 531 -93.98 -38.68 -15.34
N GLY TA 532 -94.45 -37.50 -14.92
CA GLY TA 532 -95.56 -36.89 -15.60
C GLY TA 532 -96.80 -37.76 -15.49
N ASP TA 533 -97.60 -37.74 -16.56
CA ASP TA 533 -98.74 -38.64 -16.69
C ASP TA 533 -99.21 -38.65 -18.13
N VAL TA 534 -99.97 -39.68 -18.47
CA VAL TA 534 -100.56 -39.81 -19.80
C VAL TA 534 -102.07 -39.65 -19.65
N THR TA 535 -102.47 -38.84 -18.67
CA THR TA 535 -103.88 -38.64 -18.35
C THR TA 535 -104.63 -38.05 -19.54
N SER TA 536 -105.96 -38.05 -19.44
CA SER TA 536 -106.82 -37.64 -20.54
C SER TA 536 -106.81 -36.14 -20.77
N THR TA 537 -106.33 -35.35 -19.82
CA THR TA 537 -106.37 -33.90 -19.94
C THR TA 537 -105.47 -33.42 -21.07
N ILE TA 538 -104.17 -33.68 -20.97
CA ILE TA 538 -103.26 -33.30 -22.03
C ILE TA 538 -103.51 -34.10 -23.31
N LEU TA 539 -104.17 -35.25 -23.22
CA LEU TA 539 -104.53 -35.98 -24.43
C LEU TA 539 -105.62 -35.24 -25.21
N GLN TA 540 -106.68 -34.83 -24.51
CA GLN TA 540 -107.68 -33.96 -25.12
C GLN TA 540 -107.05 -32.68 -25.64
N THR TA 541 -106.09 -32.13 -24.90
CA THR TA 541 -105.35 -30.96 -25.35
C THR TA 541 -104.59 -31.21 -26.65
N ILE TA 542 -103.91 -32.34 -26.78
CA ILE TA 542 -103.21 -32.67 -28.02
C ILE TA 542 -104.21 -32.81 -29.17
N MET TA 543 -105.34 -33.45 -28.89
CA MET TA 543 -106.38 -33.58 -29.93
C MET TA 543 -106.84 -32.21 -30.40
N GLU TA 544 -107.22 -31.33 -29.47
CA GLU TA 544 -107.75 -30.03 -29.84
C GLU TA 544 -106.68 -29.08 -30.38
N LYS TA 545 -105.40 -29.36 -30.12
CA LYS TA 545 -104.34 -28.57 -30.73
C LYS TA 545 -104.08 -29.01 -32.15
N SER TA 546 -103.99 -30.32 -32.37
CA SER TA 546 -103.92 -30.85 -33.73
C SER TA 546 -105.18 -30.55 -34.54
N GLU TA 547 -106.28 -30.18 -33.88
CA GLU TA 547 -107.48 -29.80 -34.58
C GLU TA 547 -107.26 -28.57 -35.44
N THR TA 548 -106.71 -27.51 -34.85
CA THR TA 548 -106.50 -26.23 -35.53
C THR TA 548 -105.02 -25.86 -35.48
N GLU TA 549 -104.36 -25.89 -36.64
CA GLU TA 549 -102.97 -25.45 -36.76
C GLU TA 549 -102.94 -24.00 -37.25
N THR TA 553 -98.25 -19.67 -32.37
CA THR TA 553 -98.07 -19.50 -30.93
C THR TA 553 -98.92 -20.51 -30.16
N TYR TA 554 -100.09 -20.88 -30.70
CA TYR TA 554 -100.81 -22.04 -30.18
C TYR TA 554 -99.95 -23.29 -30.27
N ALA TA 555 -99.47 -23.61 -31.49
CA ALA TA 555 -98.60 -24.75 -31.69
C ALA TA 555 -97.23 -24.57 -31.04
N ARG TA 556 -96.95 -23.42 -30.43
CA ARG TA 556 -95.71 -23.19 -29.71
C ARG TA 556 -95.88 -23.19 -28.20
N TRP TA 557 -96.95 -22.57 -27.69
CA TRP TA 557 -97.15 -22.48 -26.25
C TRP TA 557 -98.13 -23.51 -25.69
N LEU TA 558 -98.77 -24.31 -26.55
CA LEU TA 558 -99.49 -25.48 -26.06
C LEU TA 558 -98.51 -26.62 -25.78
N PRO TA 559 -97.51 -26.86 -26.65
CA PRO TA 559 -96.40 -27.75 -26.24
C PRO TA 559 -95.72 -27.30 -24.97
N LEU TA 560 -95.77 -26.01 -24.64
CA LEU TA 560 -95.29 -25.57 -23.33
C LEU TA 560 -95.96 -26.35 -22.21
N GLY TA 561 -97.30 -26.30 -22.16
CA GLY TA 561 -98.02 -27.03 -21.13
C GLY TA 561 -97.91 -28.53 -21.28
N LEU TA 562 -97.81 -29.02 -22.52
CA LEU TA 562 -97.58 -30.45 -22.73
C LEU TA 562 -96.30 -30.91 -22.04
N GLY TA 563 -95.17 -30.30 -22.41
CA GLY TA 563 -93.91 -30.61 -21.77
C GLY TA 563 -93.88 -30.32 -20.28
N LEU TA 564 -94.66 -29.34 -19.82
CA LEU TA 564 -94.78 -29.12 -18.38
C LEU TA 564 -95.44 -30.31 -17.70
N ASN TA 565 -96.53 -30.81 -18.27
CA ASN TA 565 -97.11 -32.04 -17.74
C ASN TA 565 -96.14 -33.21 -17.89
N HIS TA 566 -95.21 -33.13 -18.83
CA HIS TA 566 -94.17 -34.14 -18.94
C HIS TA 566 -93.14 -34.04 -17.84
N LEU TA 567 -93.03 -32.89 -17.17
CA LEU TA 567 -92.01 -32.70 -16.16
C LEU TA 567 -92.22 -33.63 -14.97
N GLY TA 568 -91.16 -33.84 -14.19
CA GLY TA 568 -91.13 -34.83 -13.15
C GLY TA 568 -90.70 -36.19 -13.63
N LYS TA 569 -90.39 -36.32 -14.92
CA LYS TA 569 -90.05 -37.61 -15.50
C LYS TA 569 -88.61 -37.99 -15.18
N GLY TA 570 -88.43 -39.28 -14.88
CA GLY TA 570 -87.10 -39.85 -14.83
C GLY TA 570 -86.96 -40.94 -15.86
N GLU TA 571 -88.06 -41.63 -16.17
CA GLU TA 571 -88.05 -42.68 -17.17
C GLU TA 571 -89.38 -42.78 -17.91
N ALA TA 572 -90.16 -41.70 -17.97
CA ALA TA 572 -91.47 -41.72 -18.59
C ALA TA 572 -91.36 -42.05 -20.08
N ILE TA 573 -92.41 -42.67 -20.62
CA ILE TA 573 -92.43 -43.07 -22.02
C ILE TA 573 -93.27 -42.06 -22.79
N GLU TA 574 -93.40 -40.84 -22.25
CA GLU TA 574 -94.23 -39.83 -22.88
C GLU TA 574 -93.71 -39.39 -24.24
N ALA TA 575 -92.39 -39.28 -24.40
CA ALA TA 575 -91.83 -38.86 -25.69
C ALA TA 575 -92.22 -39.83 -26.80
N ILE TA 576 -92.31 -41.12 -26.50
CA ILE TA 576 -92.67 -42.09 -27.52
C ILE TA 576 -94.13 -41.93 -27.95
N LEU TA 577 -95.05 -41.82 -26.99
CA LEU TA 577 -96.46 -41.64 -27.34
C LEU TA 577 -96.68 -40.33 -28.07
N ALA TA 578 -95.93 -39.28 -27.69
CA ALA TA 578 -96.02 -38.02 -28.40
C ALA TA 578 -95.50 -38.12 -29.82
N ALA TA 579 -94.40 -38.84 -30.04
CA ALA TA 579 -93.94 -39.08 -31.41
C ALA TA 579 -94.96 -39.90 -32.19
N LEU TA 580 -95.66 -40.81 -31.51
CA LEU TA 580 -96.67 -41.61 -32.19
C LEU TA 580 -97.85 -40.75 -32.66
N GLU TA 581 -98.38 -39.91 -31.78
CA GLU TA 581 -99.64 -39.22 -32.08
C GLU TA 581 -99.43 -37.88 -32.77
N VAL TA 582 -98.25 -37.27 -32.63
CA VAL TA 582 -98.08 -35.85 -32.90
C VAL TA 582 -97.32 -35.59 -34.19
N VAL TA 583 -96.29 -36.40 -34.51
CA VAL TA 583 -95.35 -36.06 -35.57
C VAL TA 583 -96.09 -35.67 -36.85
N SER TA 584 -95.70 -34.54 -37.42
CA SER TA 584 -96.38 -33.96 -38.58
C SER TA 584 -95.49 -32.90 -39.23
N GLU TA 585 -96.09 -32.04 -40.05
CA GLU TA 585 -95.46 -30.83 -40.55
C GLU TA 585 -94.81 -30.08 -39.39
N PRO TA 586 -93.75 -29.29 -39.64
CA PRO TA 586 -92.84 -28.90 -38.54
C PRO TA 586 -93.48 -28.20 -37.35
N PHE TA 587 -94.77 -27.88 -37.39
CA PHE TA 587 -95.43 -27.37 -36.21
C PHE TA 587 -95.57 -28.46 -35.15
N ARG TA 588 -96.21 -29.57 -35.49
CA ARG TA 588 -96.30 -30.66 -34.54
C ARG TA 588 -94.99 -31.45 -34.42
N SER TA 589 -94.09 -31.37 -35.40
CA SER TA 589 -92.74 -31.85 -35.18
C SER TA 589 -92.00 -31.01 -34.14
N PHE TA 590 -92.22 -29.70 -34.15
CA PHE TA 590 -91.72 -28.83 -33.09
C PHE TA 590 -92.36 -29.16 -31.76
N ALA TA 591 -93.64 -29.53 -31.76
CA ALA TA 591 -94.28 -30.02 -30.54
C ALA TA 591 -93.62 -31.30 -30.05
N ASN TA 592 -93.30 -32.21 -30.97
CA ASN TA 592 -92.63 -33.45 -30.61
C ASN TA 592 -91.26 -33.20 -30.00
N THR TA 593 -90.48 -32.32 -30.63
CA THR TA 593 -89.17 -32.00 -30.06
C THR TA 593 -89.30 -31.21 -28.76
N LEU TA 594 -90.42 -30.51 -28.55
CA LEU TA 594 -90.69 -29.90 -27.24
C LEU TA 594 -90.90 -30.98 -26.19
N VAL TA 595 -91.74 -31.97 -26.50
CA VAL TA 595 -91.92 -33.12 -25.62
C VAL TA 595 -90.58 -33.78 -25.33
N ASP TA 596 -89.72 -33.90 -26.34
CA ASP TA 596 -88.41 -34.49 -26.16
C ASP TA 596 -87.55 -33.65 -25.23
N VAL TA 597 -87.57 -32.33 -25.40
CA VAL TA 597 -86.80 -31.42 -24.56
C VAL TA 597 -87.27 -31.52 -23.11
N CYS TA 598 -88.57 -31.75 -22.91
CA CYS TA 598 -89.09 -31.83 -21.55
C CYS TA 598 -89.13 -33.25 -21.01
N ALA TA 599 -88.30 -34.15 -21.52
CA ALA TA 599 -88.24 -35.52 -21.03
C ALA TA 599 -86.88 -35.89 -20.47
N TYR TA 600 -85.84 -35.10 -20.71
CA TYR TA 600 -84.46 -35.45 -20.38
C TYR TA 600 -83.77 -34.27 -19.67
N ALA TA 601 -84.41 -33.80 -18.58
CA ALA TA 601 -83.91 -32.65 -17.83
C ALA TA 601 -82.39 -32.64 -17.67
N GLY TA 602 -81.79 -33.82 -17.47
CA GLY TA 602 -80.35 -33.93 -17.52
C GLY TA 602 -79.70 -34.94 -16.60
N SER TA 603 -78.85 -35.76 -17.20
CA SER TA 603 -78.05 -36.80 -16.54
C SER TA 603 -77.03 -37.27 -17.56
N GLY TA 604 -76.44 -38.44 -17.33
CA GLY TA 604 -75.55 -38.97 -18.34
C GLY TA 604 -76.27 -39.82 -19.36
N ASN TA 605 -76.65 -39.20 -20.47
CA ASN TA 605 -77.31 -39.88 -21.58
C ASN TA 605 -76.82 -39.33 -22.91
N VAL TA 606 -75.50 -39.18 -23.06
CA VAL TA 606 -74.90 -38.46 -24.19
C VAL TA 606 -75.37 -38.97 -25.55
N LEU TA 607 -76.05 -40.11 -25.60
CA LEU TA 607 -76.68 -40.56 -26.84
C LEU TA 607 -77.62 -39.51 -27.40
N LYS TA 608 -78.56 -39.02 -26.57
CA LYS TA 608 -79.40 -37.92 -27.00
C LYS TA 608 -78.62 -36.65 -27.25
N VAL TA 609 -77.44 -36.50 -26.66
CA VAL TA 609 -76.61 -35.34 -26.93
C VAL TA 609 -76.06 -35.36 -28.36
N GLN TA 610 -75.55 -36.50 -28.82
CA GLN TA 610 -75.14 -36.58 -30.23
C GLN TA 610 -76.35 -36.54 -31.15
N GLN TA 611 -77.48 -37.09 -30.72
CA GLN TA 611 -78.72 -36.91 -31.46
C GLN TA 611 -79.01 -35.43 -31.70
N LEU TA 612 -78.92 -34.62 -30.64
CA LEU TA 612 -79.13 -33.19 -30.77
C LEU TA 612 -78.05 -32.54 -31.63
N LEU TA 613 -76.79 -32.98 -31.47
CA LEU TA 613 -75.70 -32.45 -32.28
C LEU TA 613 -75.98 -32.60 -33.77
N HIS TA 614 -76.54 -33.75 -34.17
CA HIS TA 614 -76.82 -33.95 -35.59
C HIS TA 614 -78.10 -33.24 -36.01
N ILE TA 615 -79.18 -33.42 -35.25
CA ILE TA 615 -80.46 -32.85 -35.64
C ILE TA 615 -80.49 -31.33 -35.52
N CYS TA 616 -79.45 -30.73 -34.94
CA CYS TA 616 -79.33 -29.27 -35.01
C CYS TA 616 -79.07 -28.81 -36.43
N SER TA 617 -78.54 -29.69 -37.28
CA SER TA 617 -78.34 -29.39 -38.70
C SER TA 617 -79.62 -29.56 -39.52
N GLU TA 618 -80.76 -29.67 -38.86
CA GLU TA 618 -82.03 -29.79 -39.57
C GLU TA 618 -82.39 -28.47 -40.24
N HIS TA 619 -83.06 -28.57 -41.39
CA HIS TA 619 -83.34 -27.37 -42.18
C HIS TA 619 -84.30 -26.42 -41.49
N PHE TA 620 -85.11 -26.92 -40.55
CA PHE TA 620 -86.09 -26.08 -39.88
C PHE TA 620 -85.40 -25.21 -38.84
N ASP TA 621 -85.40 -23.89 -39.06
CA ASP TA 621 -84.68 -22.94 -38.24
C ASP TA 621 -85.44 -22.56 -36.95
N SER TA 622 -86.55 -23.24 -36.67
CA SER TA 622 -87.32 -22.96 -35.47
C SER TA 622 -87.21 -24.04 -34.41
N LYS TA 623 -87.31 -25.32 -34.77
CA LYS TA 623 -87.04 -26.37 -33.80
C LYS TA 623 -85.62 -26.29 -33.28
N GLU TA 624 -84.70 -25.77 -34.10
CA GLU TA 624 -83.35 -25.49 -33.62
C GLU TA 624 -83.37 -24.68 -32.33
N LYS TA 625 -84.26 -23.70 -32.24
CA LYS TA 625 -84.24 -22.75 -31.13
C LYS TA 625 -84.36 -23.46 -29.79
N GLU TA 626 -85.51 -24.08 -29.53
CA GLU TA 626 -85.69 -24.77 -28.25
C GLU TA 626 -84.83 -26.02 -28.16
N GLU TA 627 -84.58 -26.67 -29.31
CA GLU TA 627 -83.83 -27.92 -29.30
C GLU TA 627 -82.41 -27.71 -28.79
N ASP TA 628 -81.77 -26.60 -29.17
CA ASP TA 628 -80.46 -26.27 -28.62
C ASP TA 628 -80.55 -25.50 -27.31
N LYS TA 629 -81.64 -24.76 -27.08
CA LYS TA 629 -81.86 -24.08 -25.81
C LYS TA 629 -81.99 -25.06 -24.65
N ASP TA 630 -82.34 -26.32 -24.93
CA ASP TA 630 -82.36 -27.36 -23.91
C ASP TA 630 -81.01 -27.54 -23.23
N LYS TA 631 -79.94 -26.91 -23.74
CA LYS TA 631 -78.61 -27.09 -23.16
C LYS TA 631 -78.55 -26.66 -21.70
N LYS TA 632 -78.95 -25.43 -21.40
CA LYS TA 632 -78.81 -24.90 -20.05
C LYS TA 632 -79.56 -25.73 -19.01
N GLU TA 633 -80.50 -26.57 -19.44
CA GLU TA 633 -81.13 -27.51 -18.52
C GLU TA 633 -80.37 -28.83 -18.48
N LYS TA 634 -80.00 -29.35 -19.65
CA LYS TA 634 -79.35 -30.67 -19.72
C LYS TA 634 -78.01 -30.68 -18.99
N LYS TA 635 -77.18 -29.66 -19.22
CA LYS TA 635 -75.80 -29.64 -18.75
C LYS TA 635 -75.51 -28.47 -17.82
N ASP TA 636 -76.40 -28.20 -16.84
CA ASP TA 636 -76.24 -27.02 -16.01
C ASP TA 636 -75.21 -27.20 -14.90
N LYS TA 637 -74.94 -28.42 -14.45
CA LYS TA 637 -74.13 -28.61 -13.25
C LYS TA 637 -72.65 -28.33 -13.48
N ASP TA 638 -72.00 -29.09 -14.35
CA ASP TA 638 -70.61 -28.81 -14.74
C ASP TA 638 -70.66 -27.94 -16.00
N LYS TA 639 -71.14 -26.72 -15.82
CA LYS TA 639 -71.43 -25.80 -16.90
C LYS TA 639 -70.19 -25.33 -17.65
N LYS TA 640 -69.01 -25.84 -17.31
CA LYS TA 640 -67.80 -25.46 -18.03
C LYS TA 640 -67.83 -25.87 -19.50
N GLU TA 641 -68.58 -26.92 -19.84
CA GLU TA 641 -68.73 -27.31 -21.24
C GLU TA 641 -69.98 -26.72 -21.89
N ALA TA 642 -70.83 -26.04 -21.12
CA ALA TA 642 -71.97 -25.36 -21.71
C ALA TA 642 -71.60 -24.38 -22.83
N PRO TA 643 -70.53 -23.59 -22.74
CA PRO TA 643 -70.12 -22.77 -23.90
C PRO TA 643 -69.83 -23.66 -25.10
N ALA TA 644 -70.55 -23.39 -26.18
CA ALA TA 644 -70.39 -24.10 -27.44
C ALA TA 644 -70.16 -23.08 -28.54
N ASP TA 645 -70.25 -23.55 -29.79
CA ASP TA 645 -70.04 -22.70 -30.96
C ASP TA 645 -71.36 -22.16 -31.51
N MET TA 646 -72.33 -21.89 -30.64
CA MET TA 646 -73.62 -21.39 -31.07
C MET TA 646 -73.50 -20.00 -31.70
N GLY TA 647 -72.71 -19.11 -31.09
CA GLY TA 647 -72.42 -17.83 -31.73
C GLY TA 647 -71.61 -18.00 -33.00
N ALA TA 648 -70.66 -18.93 -32.99
CA ALA TA 648 -69.92 -19.26 -34.20
C ALA TA 648 -70.79 -19.96 -35.24
N HIS TA 649 -71.96 -20.44 -34.85
CA HIS TA 649 -72.95 -20.88 -35.83
C HIS TA 649 -73.63 -19.65 -36.44
N GLN TA 650 -74.34 -19.86 -37.54
CA GLN TA 650 -74.87 -18.76 -38.33
C GLN TA 650 -76.39 -18.69 -38.36
N GLY TA 651 -77.09 -19.60 -37.69
CA GLY TA 651 -78.53 -19.53 -37.52
C GLY TA 651 -78.90 -18.58 -36.39
N VAL TA 652 -78.95 -17.28 -36.67
CA VAL TA 652 -78.97 -16.20 -35.68
C VAL TA 652 -79.85 -16.53 -34.48
N ALA TA 653 -80.93 -17.29 -34.70
CA ALA TA 653 -81.72 -17.79 -33.58
C ALA TA 653 -80.86 -18.62 -32.62
N VAL TA 654 -79.74 -19.16 -33.08
CA VAL TA 654 -78.88 -19.96 -32.21
C VAL TA 654 -78.01 -19.06 -31.33
N LEU TA 655 -77.66 -17.88 -31.83
CA LEU TA 655 -77.08 -16.88 -30.94
C LEU TA 655 -78.03 -16.53 -29.81
N GLY TA 656 -79.32 -16.38 -30.13
CA GLY TA 656 -80.32 -16.22 -29.10
C GLY TA 656 -80.41 -17.44 -28.19
N ILE TA 657 -80.21 -18.62 -28.77
CA ILE TA 657 -80.19 -19.85 -27.97
C ILE TA 657 -79.13 -19.76 -26.87
N ALA TA 658 -77.90 -19.40 -27.27
CA ALA TA 658 -76.83 -19.26 -26.28
C ALA TA 658 -77.17 -18.15 -25.28
N LEU TA 659 -77.72 -17.03 -25.78
CA LEU TA 659 -78.19 -15.96 -24.90
C LEU TA 659 -79.12 -16.50 -23.82
N ILE TA 660 -80.02 -17.40 -24.18
CA ILE TA 660 -80.89 -18.02 -23.19
C ILE TA 660 -80.06 -18.94 -22.29
N ALA TA 661 -79.14 -19.69 -22.89
CA ALA TA 661 -78.35 -20.68 -22.16
C ALA TA 661 -77.54 -20.06 -21.04
N MET TA 662 -77.23 -18.76 -21.13
CA MET TA 662 -76.60 -18.10 -19.99
C MET TA 662 -77.57 -17.99 -18.82
N GLY TA 663 -78.67 -17.25 -19.01
CA GLY TA 663 -79.78 -17.33 -18.06
C GLY TA 663 -79.72 -16.27 -16.98
N GLU TA 664 -79.79 -16.71 -15.73
CA GLU TA 664 -80.02 -15.81 -14.60
C GLU TA 664 -79.18 -16.11 -13.37
N GLU TA 665 -78.19 -17.00 -13.45
CA GLU TA 665 -77.43 -17.41 -12.27
C GLU TA 665 -76.45 -16.35 -11.83
N ILE TA 666 -75.51 -16.74 -10.94
CA ILE TA 666 -74.60 -15.78 -10.32
C ILE TA 666 -73.80 -14.99 -11.35
N GLY TA 667 -73.80 -15.39 -12.61
CA GLY TA 667 -73.15 -14.64 -13.66
C GLY TA 667 -71.63 -14.66 -13.61
N ALA TA 668 -71.05 -15.82 -13.92
CA ALA TA 668 -69.60 -15.95 -13.96
C ALA TA 668 -69.02 -15.05 -15.04
N GLU TA 669 -67.68 -14.95 -15.05
CA GLU TA 669 -67.01 -14.16 -16.08
C GLU TA 669 -67.22 -14.73 -17.47
N MET TA 670 -67.66 -15.98 -17.59
CA MET TA 670 -67.95 -16.55 -18.90
C MET TA 670 -69.33 -16.12 -19.40
N ALA TA 671 -70.26 -15.88 -18.48
CA ALA TA 671 -71.49 -15.18 -18.85
C ALA TA 671 -71.15 -13.84 -19.47
N LEU TA 672 -70.28 -13.07 -18.81
CA LEU TA 672 -69.78 -11.83 -19.40
C LEU TA 672 -69.02 -12.09 -20.70
N ARG TA 673 -68.38 -13.26 -20.81
CA ARG TA 673 -67.68 -13.61 -22.05
C ARG TA 673 -68.65 -13.67 -23.22
N THR TA 674 -69.79 -14.31 -23.01
CA THR TA 674 -70.83 -14.30 -24.04
C THR TA 674 -71.39 -12.90 -24.25
N PHE TA 675 -71.71 -12.20 -23.15
CA PHE TA 675 -72.35 -10.90 -23.24
C PHE TA 675 -71.46 -9.85 -23.88
N GLY TA 676 -70.15 -10.04 -23.91
CA GLY TA 676 -69.28 -9.09 -24.56
C GLY TA 676 -69.63 -8.88 -26.02
N HIS TA 677 -69.99 -9.96 -26.71
CA HIS TA 677 -70.45 -9.83 -28.09
C HIS TA 677 -71.97 -9.79 -28.19
N LEU TA 678 -72.66 -10.57 -27.36
CA LEU TA 678 -74.11 -10.63 -27.47
C LEU TA 678 -74.77 -9.31 -27.10
N LEU TA 679 -74.05 -8.46 -26.35
CA LEU TA 679 -74.56 -7.11 -26.08
C LEU TA 679 -74.57 -6.28 -27.34
N ARG TA 680 -73.44 -6.22 -28.04
CA ARG TA 680 -73.30 -5.44 -29.26
C ARG TA 680 -73.92 -6.23 -30.40
N TYR TA 681 -75.22 -6.03 -30.61
CA TYR TA 681 -75.91 -6.64 -31.74
C TYR TA 681 -76.90 -5.64 -32.31
N GLY TA 682 -77.29 -5.87 -33.56
CA GLY TA 682 -78.07 -4.88 -34.29
C GLY TA 682 -79.54 -5.18 -34.45
N GLU TA 683 -79.94 -6.44 -34.36
CA GLU TA 683 -81.34 -6.77 -34.58
C GLU TA 683 -82.17 -6.36 -33.37
N PRO TA 684 -83.30 -5.68 -33.57
CA PRO TA 684 -84.12 -5.26 -32.42
C PRO TA 684 -84.74 -6.42 -31.66
N THR TA 685 -84.50 -7.66 -32.09
CA THR TA 685 -85.03 -8.81 -31.37
C THR TA 685 -83.96 -9.49 -30.52
N LEU TA 686 -82.77 -9.71 -31.06
CA LEU TA 686 -81.70 -10.34 -30.30
C LEU TA 686 -80.94 -9.33 -29.45
N ARG TA 687 -80.88 -8.08 -29.88
CA ARG TA 687 -80.46 -7.02 -28.96
C ARG TA 687 -81.51 -6.81 -27.89
N ARG TA 688 -82.71 -7.35 -28.10
CA ARG TA 688 -83.75 -7.34 -27.08
C ARG TA 688 -83.72 -8.61 -26.23
N ALA TA 689 -83.15 -9.69 -26.78
CA ALA TA 689 -83.03 -10.93 -26.03
C ALA TA 689 -81.83 -10.95 -25.08
N VAL TA 690 -80.80 -10.16 -25.37
CA VAL TA 690 -79.59 -10.16 -24.55
C VAL TA 690 -79.75 -9.43 -23.22
N PRO TA 691 -80.45 -8.27 -23.13
CA PRO TA 691 -80.53 -7.62 -21.82
C PRO TA 691 -81.31 -8.43 -20.80
N LEU TA 692 -82.33 -9.16 -21.25
CA LEU TA 692 -83.05 -10.08 -20.37
C LEU TA 692 -82.07 -10.97 -19.60
N ALA TA 693 -81.26 -11.74 -20.34
CA ALA TA 693 -80.32 -12.65 -19.71
C ALA TA 693 -79.21 -11.93 -18.95
N LEU TA 694 -78.69 -10.83 -19.50
CA LEU TA 694 -77.58 -10.14 -18.85
C LEU TA 694 -77.98 -9.57 -17.50
N ALA TA 695 -79.03 -8.75 -17.46
CA ALA TA 695 -79.46 -8.13 -16.22
C ALA TA 695 -80.22 -9.08 -15.31
N LEU TA 696 -80.73 -10.19 -15.84
CA LEU TA 696 -81.29 -11.22 -14.98
C LEU TA 696 -80.21 -12.10 -14.38
N ILE TA 697 -79.02 -12.11 -14.99
CA ILE TA 697 -77.90 -12.89 -14.46
C ILE TA 697 -77.05 -12.09 -13.49
N SER TA 698 -77.31 -10.78 -13.34
CA SER TA 698 -76.59 -9.92 -12.40
C SER TA 698 -77.65 -9.17 -11.58
N VAL TA 699 -78.05 -9.77 -10.46
CA VAL TA 699 -79.07 -9.16 -9.61
C VAL TA 699 -78.45 -8.69 -8.30
N SER TA 714 -68.27 1.50 -12.91
CA SER TA 714 -68.77 0.50 -11.96
C SER TA 714 -69.12 -0.81 -12.67
N HIS TA 715 -69.88 -1.66 -11.98
CA HIS TA 715 -70.00 -3.06 -12.40
C HIS TA 715 -71.28 -3.40 -13.16
N ASP TA 716 -72.44 -3.16 -12.55
CA ASP TA 716 -73.67 -3.80 -13.04
C ASP TA 716 -74.44 -2.91 -14.00
N ALA TA 717 -74.54 -1.62 -13.70
CA ALA TA 717 -75.15 -0.68 -14.64
C ALA TA 717 -74.27 -0.42 -15.86
N ASP TA 718 -73.13 -1.09 -15.95
CA ASP TA 718 -72.21 -0.87 -17.06
C ASP TA 718 -72.81 -1.32 -18.39
N PRO TA 719 -73.40 -2.52 -18.52
CA PRO TA 719 -74.14 -2.82 -19.76
C PRO TA 719 -75.39 -1.97 -19.93
N GLU TA 720 -75.97 -1.46 -18.85
CA GLU TA 720 -77.09 -0.54 -18.99
C GLU TA 720 -76.67 0.73 -19.72
N VAL TA 721 -75.64 1.40 -19.22
CA VAL TA 721 -75.09 2.57 -19.92
C VAL TA 721 -74.57 2.16 -21.30
N SER TA 722 -74.08 0.93 -21.42
CA SER TA 722 -73.64 0.44 -22.73
C SER TA 722 -74.78 0.46 -23.74
N TYR TA 723 -75.95 -0.03 -23.35
CA TYR TA 723 -77.10 0.02 -24.25
C TYR TA 723 -77.57 1.45 -24.47
N ASN TA 724 -77.54 2.27 -23.41
CA ASN TA 724 -77.88 3.68 -23.56
C ASN TA 724 -77.04 4.34 -24.64
N SER TA 725 -75.76 3.96 -24.74
CA SER TA 725 -74.92 4.47 -25.83
C SER TA 725 -75.09 3.68 -27.12
N ILE TA 726 -75.54 2.44 -27.03
CA ILE TA 726 -75.71 1.60 -28.23
C ILE TA 726 -76.84 2.15 -29.08
N PHE TA 727 -78.02 2.33 -28.48
CA PHE TA 727 -79.16 2.83 -29.24
C PHE TA 727 -79.09 4.33 -29.44
N ALA TA 728 -78.74 5.06 -28.38
CA ALA TA 728 -78.68 6.52 -28.45
C ALA TA 728 -77.40 7.05 -27.80
N ALA TA 739 -84.84 1.69 -32.12
CA ALA TA 739 -86.08 2.47 -32.07
C ALA TA 739 -86.72 2.36 -30.69
N ARG TA 740 -88.03 2.10 -30.66
CA ARG TA 740 -88.74 1.96 -29.40
C ARG TA 740 -88.41 0.64 -28.71
N LEU TA 741 -88.16 -0.41 -29.51
CA LEU TA 741 -87.77 -1.69 -28.93
C LEU TA 741 -86.47 -1.57 -28.14
N ALA TA 742 -85.58 -0.68 -28.57
CA ALA TA 742 -84.32 -0.48 -27.85
C ALA TA 742 -84.56 0.09 -26.46
N ALA TA 743 -85.39 1.13 -26.36
CA ALA TA 743 -85.71 1.67 -25.05
C ALA TA 743 -86.48 0.65 -24.20
N MET TA 744 -87.32 -0.17 -24.84
CA MET TA 744 -88.07 -1.16 -24.09
C MET TA 744 -87.14 -2.22 -23.49
N LEU TA 745 -86.18 -2.71 -24.28
CA LEU TA 745 -85.22 -3.68 -23.76
C LEU TA 745 -84.31 -3.04 -22.70
N ARG TA 746 -84.00 -1.75 -22.88
CA ARG TA 746 -83.24 -1.04 -21.85
C ARG TA 746 -83.99 -1.01 -20.53
N GLN TA 747 -85.28 -0.70 -20.56
CA GLN TA 747 -86.07 -0.70 -19.32
C GLN TA 747 -86.25 -2.12 -18.78
N LEU TA 748 -86.30 -3.12 -19.67
CA LEU TA 748 -86.33 -4.50 -19.22
C LEU TA 748 -85.09 -4.85 -18.41
N ALA TA 749 -83.92 -4.45 -18.91
CA ALA TA 749 -82.69 -4.64 -18.15
C ALA TA 749 -82.72 -3.87 -16.84
N GLN TA 750 -83.23 -2.63 -16.88
CA GLN TA 750 -83.36 -1.85 -15.64
C GLN TA 750 -84.21 -2.59 -14.62
N TYR TA 751 -85.25 -3.29 -15.06
CA TYR TA 751 -86.01 -4.13 -14.16
C TYR TA 751 -85.17 -5.27 -13.62
N HIS TA 752 -84.54 -6.03 -14.52
CA HIS TA 752 -83.86 -7.25 -14.10
C HIS TA 752 -82.71 -6.94 -13.15
N ALA TA 753 -82.17 -5.72 -13.22
CA ALA TA 753 -81.14 -5.34 -12.28
C ALA TA 753 -81.66 -5.33 -10.85
N LYS TA 754 -82.71 -4.56 -10.58
CA LYS TA 754 -83.29 -4.49 -9.25
C LYS TA 754 -84.77 -4.84 -9.26
N LYS TA 773 -83.30 -28.11 -8.69
CA LYS TA 773 -84.16 -27.74 -9.81
C LYS TA 773 -85.59 -27.45 -9.37
N GLY TA 774 -85.85 -26.18 -9.04
CA GLY TA 774 -87.20 -25.76 -8.72
C GLY TA 774 -87.98 -25.49 -9.99
N THR TA 775 -89.11 -26.18 -10.17
CA THR TA 775 -89.89 -26.01 -11.39
C THR TA 775 -90.52 -24.64 -11.47
N LEU TA 776 -90.65 -23.96 -10.32
CA LEU TA 776 -91.28 -22.64 -10.30
C LEU TA 776 -90.61 -21.68 -11.27
N THR TA 777 -89.30 -21.81 -11.48
CA THR TA 777 -88.56 -20.94 -12.37
C THR TA 777 -88.12 -21.64 -13.66
N LEU TA 778 -88.70 -22.79 -13.99
CA LEU TA 778 -88.30 -23.52 -15.20
C LEU TA 778 -89.18 -23.19 -16.41
N CYS TA 779 -90.49 -23.01 -16.19
CA CYS TA 779 -91.39 -22.76 -17.32
C CYS TA 779 -91.35 -21.32 -17.82
N PRO TA 780 -91.48 -20.29 -16.96
CA PRO TA 780 -91.83 -18.95 -17.47
C PRO TA 780 -90.93 -18.42 -18.57
N TYR TA 781 -89.61 -18.59 -18.48
CA TYR TA 781 -88.76 -18.04 -19.53
C TYR TA 781 -88.83 -18.84 -20.82
N HIS TA 782 -89.01 -20.17 -20.76
CA HIS TA 782 -89.28 -20.91 -21.97
C HIS TA 782 -90.62 -20.53 -22.58
N SER TA 783 -91.60 -20.18 -21.75
CA SER TA 783 -92.84 -19.63 -22.27
C SER TA 783 -92.59 -18.32 -23.00
N ASP TA 784 -91.83 -17.41 -22.38
CA ASP TA 784 -91.48 -16.14 -22.99
C ASP TA 784 -90.57 -16.28 -24.21
N ARG TA 785 -90.00 -17.47 -24.43
CA ARG TA 785 -89.05 -17.71 -25.52
C ARG TA 785 -89.62 -17.47 -26.91
N GLN TA 786 -90.85 -16.99 -27.05
CA GLN TA 786 -91.41 -16.60 -28.35
C GLN TA 786 -91.64 -15.09 -28.38
N LEU TA 787 -90.65 -14.34 -27.87
CA LEU TA 787 -90.73 -12.90 -27.72
C LEU TA 787 -91.00 -12.17 -29.02
N MET TA 788 -90.70 -12.78 -30.17
CA MET TA 788 -90.89 -12.11 -31.45
C MET TA 788 -92.37 -12.05 -31.83
N SER TA 789 -93.16 -11.36 -31.01
CA SER TA 789 -94.57 -11.16 -31.27
C SER TA 789 -94.97 -9.81 -30.68
N GLN TA 790 -96.27 -9.54 -30.61
CA GLN TA 790 -96.74 -8.23 -30.22
C GLN TA 790 -96.61 -8.03 -28.71
N VAL TA 791 -96.75 -6.77 -28.29
CA VAL TA 791 -96.81 -6.44 -26.87
C VAL TA 791 -97.99 -7.09 -26.17
N ALA TA 792 -98.98 -7.59 -26.93
CA ALA TA 792 -100.02 -8.41 -26.33
C ALA TA 792 -99.45 -9.71 -25.80
N VAL TA 793 -98.51 -10.31 -26.54
CA VAL TA 793 -97.71 -11.40 -25.98
C VAL TA 793 -96.93 -10.91 -24.76
N ALA TA 794 -96.41 -9.69 -24.83
CA ALA TA 794 -95.82 -9.06 -23.66
C ALA TA 794 -96.86 -8.65 -22.62
N GLY TA 795 -98.15 -8.76 -22.94
CA GLY TA 795 -99.18 -8.54 -21.94
C GLY TA 795 -99.22 -9.60 -20.86
N LEU TA 796 -98.91 -10.84 -21.21
CA LEU TA 796 -98.75 -11.92 -20.25
C LEU TA 796 -97.32 -12.04 -19.76
N LEU TA 797 -96.44 -11.11 -20.15
CA LEU TA 797 -95.05 -11.16 -19.74
C LEU TA 797 -94.88 -10.96 -18.24
N THR TA 798 -95.85 -10.33 -17.59
CA THR TA 798 -95.78 -10.05 -16.14
C THR TA 798 -96.30 -11.23 -15.33
N VAL TA 799 -95.74 -12.41 -15.58
CA VAL TA 799 -96.13 -13.62 -14.86
C VAL TA 799 -94.87 -14.33 -14.38
N LEU TA 800 -93.71 -13.74 -14.64
CA LEU TA 800 -92.42 -14.39 -14.36
C LEU TA 800 -92.02 -14.14 -12.91
N VAL TA 801 -92.86 -14.64 -12.00
CA VAL TA 801 -92.57 -14.56 -10.57
C VAL TA 801 -91.73 -15.77 -10.17
N SER TA 802 -90.42 -15.56 -10.02
CA SER TA 802 -89.50 -16.65 -9.73
C SER TA 802 -88.44 -16.29 -8.69
N PHE TA 803 -88.41 -15.04 -8.23
CA PHE TA 803 -87.40 -14.60 -7.27
C PHE TA 803 -88.05 -14.38 -5.91
N LEU TA 804 -87.23 -14.43 -4.86
CA LEU TA 804 -87.70 -14.26 -3.49
C LEU TA 804 -88.29 -12.88 -3.27
ZN ZN UA . -40.88 -8.31 -76.17
PG AGS VA . -46.39 18.16 -16.28
S1G AGS VA . -47.15 18.63 -18.02
O2G AGS VA . -45.95 19.50 -15.51
O3G AGS VA . -45.22 17.29 -16.48
PB AGS VA . -47.10 16.73 -13.98
O1B AGS VA . -46.17 15.57 -14.24
O2B AGS VA . -46.69 17.84 -13.06
O3B AGS VA . -47.50 17.38 -15.41
PA AGS VA . -49.82 17.08 -13.39
O1A AGS VA . -50.30 17.33 -14.80
O2A AGS VA . -49.49 18.26 -12.50
O3A AGS VA . -48.51 16.14 -13.47
O5' AGS VA . -50.89 16.16 -12.64
C5' AGS VA . -50.85 16.01 -11.22
C4' AGS VA . -52.26 15.86 -10.66
O4' AGS VA . -52.35 16.50 -9.40
C3' AGS VA . -53.29 16.49 -11.59
O3' AGS VA . -54.22 15.49 -12.03
C2' AGS VA . -53.95 17.59 -10.79
O2' AGS VA . -55.36 17.38 -10.60
C1' AGS VA . -53.25 17.61 -9.43
N9 AGS VA . -52.50 18.88 -9.27
C8 AGS VA . -51.17 19.01 -9.30
N7 AGS VA . -50.84 20.27 -9.12
C5 AGS VA . -52.01 20.99 -8.99
C6 AGS VA . -52.30 22.34 -8.78
N6 AGS VA . -51.30 23.26 -8.67
N1 AGS VA . -53.60 22.73 -8.68
C2 AGS VA . -54.58 21.83 -8.78
N3 AGS VA . -54.32 20.53 -8.98
C4 AGS VA . -53.05 20.09 -9.08
PG AGS WA . -38.50 -15.00 -11.32
S1G AGS WA . -36.86 -16.01 -11.68
O2G AGS WA . -39.39 -14.97 -12.66
O3G AGS WA . -38.15 -13.63 -10.91
PB AGS WA . -40.54 -16.73 -10.49
O1B AGS WA . -41.80 -15.90 -10.66
O2B AGS WA . -40.10 -17.64 -11.61
O3B AGS WA . -39.32 -15.73 -10.15
PA AGS WA . -41.92 -17.36 -8.14
O1A AGS WA . -43.14 -18.03 -8.74
O2A AGS WA . -41.96 -15.90 -7.78
O3A AGS WA . -40.68 -17.60 -9.15
O5' AGS WA . -41.48 -18.19 -6.84
C5' AGS WA . -42.45 -18.56 -5.85
C4' AGS WA . -41.76 -19.39 -4.77
O4' AGS WA . -42.23 -18.98 -3.49
C3' AGS WA . -42.09 -20.87 -4.93
O3' AGS WA . -40.91 -21.59 -5.31
C2' AGS WA . -42.64 -21.33 -3.59
O2' AGS WA . -41.85 -22.36 -2.98
C1' AGS WA . -42.65 -20.09 -2.69
N9 AGS WA . -44.02 -19.86 -2.18
C8 AGS WA . -45.06 -20.69 -2.30
N7 AGS WA . -46.12 -20.18 -1.73
C5 AGS WA . -45.76 -18.95 -1.21
C6 AGS WA . -46.45 -17.95 -0.49
N6 AGS WA . -47.76 -18.09 -0.19
N1 AGS WA . -45.77 -16.83 -0.13
C2 AGS WA . -44.47 -16.69 -0.44
N3 AGS WA . -43.81 -17.63 -1.11
C4 AGS WA . -44.43 -18.77 -1.51
PG AGS XA . 8.20 -2.90 -32.05
S1G AGS XA . 7.65 -1.87 -30.48
O2G AGS XA . 6.93 -3.75 -32.59
O3G AGS XA . 8.66 -1.99 -33.10
PB AGS XA . 9.32 -5.46 -32.07
O1B AGS XA . 9.99 -6.28 -30.98
O2B AGS XA . 7.91 -5.78 -32.49
O3B AGS XA . 9.38 -3.91 -31.64
PA AGS XA . 10.26 -6.78 -34.35
O1A AGS XA . 10.60 -8.00 -33.53
O2A AGS XA . 8.99 -6.75 -35.17
O3A AGS XA . 10.26 -5.49 -33.38
O5' AGS XA . 11.50 -6.46 -35.33
C5' AGS XA . 11.31 -6.42 -36.74
C4' AGS XA . 11.16 -4.97 -37.21
O4' AGS XA . 11.98 -4.10 -36.41
C3' AGS XA . 11.62 -4.81 -38.65
O3' AGS XA . 10.55 -4.24 -39.43
C2' AGS XA . 12.87 -3.93 -38.61
O2' AGS XA . 12.74 -2.77 -39.43
C1' AGS XA . 13.05 -3.53 -37.16
N9 AGS XA . 14.34 -4.06 -36.65
C8 AGS XA . 14.54 -4.56 -35.42
N7 AGS XA . 15.80 -4.94 -35.30
C5 AGS XA . 16.43 -4.68 -36.50
C6 AGS XA . 17.74 -4.85 -36.98
N6 AGS XA . 18.69 -5.41 -36.18
N1 AGS XA . 18.03 -4.48 -38.24
C2 AGS XA . 17.09 -3.95 -39.03
N3 AGS XA . 15.83 -3.76 -38.60
C4 AGS XA . 15.49 -4.12 -37.34
PG AGS YA . -24.67 35.73 -25.28
S1G AGS YA . -23.20 34.47 -25.26
O2G AGS YA . -25.54 35.57 -23.94
O3G AGS YA . -24.14 37.11 -25.35
PB AGS YA . -27.21 35.56 -26.45
O1B AGS YA . -27.55 36.20 -25.12
O2B AGS YA . -27.80 34.22 -26.81
O3B AGS YA . -25.61 35.45 -26.56
PA AGS YA . -26.83 38.03 -27.72
O1A AGS YA . -25.34 37.78 -27.58
O2A AGS YA . -27.35 38.76 -28.93
O3A AGS YA . -27.58 36.60 -27.62
O5' AGS YA . -27.34 38.80 -26.40
C5' AGS YA . -27.76 40.15 -26.48
C4' AGS YA . -28.32 40.58 -25.13
O4' AGS YA . -27.35 41.40 -24.45
C3' AGS YA . -29.59 41.40 -25.28
O3' AGS YA . -30.68 40.70 -24.65
C2' AGS YA . -29.31 42.75 -24.66
O2' AGS YA . -30.23 43.09 -23.60
C1' AGS YA . -27.90 42.67 -24.09
N9 AGS YA . -27.07 43.75 -24.66
C8 AGS YA . -25.89 44.19 -24.16
N7 AGS YA . -25.42 45.16 -24.91
C5 AGS YA . -26.33 45.36 -25.94
C6 AGS YA . -26.37 46.24 -27.03
N6 AGS YA . -25.37 47.14 -27.24
N1 AGS YA . -27.42 46.19 -27.88
C2 AGS YA . -28.40 45.30 -27.67
N3 AGS YA . -28.38 44.45 -26.63
C4 AGS YA . -27.35 44.46 -25.76
#